data_5VFT
#
_entry.id   5VFT
#
loop_
_entity.id
_entity.type
_entity.pdbx_description
1 polymer '26S proteasome non-ATPase regulatory subunit 1'
2 polymer '26S proteasome non-ATPase regulatory subunit 3'
3 polymer '26S proteasome non-ATPase regulatory subunit 12'
4 polymer '26S proteasome non-ATPase regulatory subunit 11'
5 polymer '26S proteasome non-ATPase regulatory subunit 6'
6 polymer '26S proteasome non-ATPase regulatory subunit 7'
7 polymer 'Proteasome (Prosome, macropain) 26S subunit, non-ATPase, 13, isoform CRA_a'
8 polymer '26S proteasome non-ATPase regulatory subunit 4'
9 polymer '26S proteasome non-ATPase regulatory subunit 14'
10 polymer '26S proteasome non-ATPase regulatory subunit 8'
11 polymer sem1
12 polymer '26S proteasome regulatory subunit 7'
13 polymer '26S proteasome regulatory subunit 4'
14 polymer '26S proteasome regulatory subunit 8'
15 polymer '26S proteasome regulatory subunit 6B'
16 polymer '26S proteasome regulatory subunit 10B'
17 polymer '26S proteasome regulatory subunit 6A'
18 polymer 'Proteasome subunit alpha type-6'
19 polymer 'Proteasome subunit alpha type-2'
20 polymer 'Proteasome subunit alpha type-4'
21 polymer 'Proteasome subunit alpha type-7'
22 polymer 'Proteasome subunit alpha type-5'
23 polymer 'Proteasome subunit alpha type-1'
24 polymer 'Proteasome subunit alpha type-3'
25 polymer 'Proteasome subunit beta type-6'
26 polymer 'Proteasome subunit beta type-7'
27 polymer 'Proteasome subunit beta type-3'
28 polymer 'Proteasome subunit beta type-2'
29 polymer 'Proteasome subunit beta type-5'
30 polymer 'Proteasome subunit beta type-1'
31 polymer 'Proteasome subunit beta type-4'
32 polymer '26S proteasome non-ATPase regulatory subunit 2'
33 non-polymer 'ZINC ION'
#
loop_
_entity_poly.entity_id
_entity_poly.type
_entity_poly.pdbx_seq_one_letter_code
_entity_poly.pdbx_strand_id
1 'polypeptide(L)'
;GIISLLDEDEPQLKEFALHKLNAVVNDFWAEISESVDKIEVLYEDEGFRSRQFAALVASKVFYHLGAFEESLNYALGAGD
LFNVNDNSEYVETIIAKCIDHYTKQCVENADLPEGEKKPIDQRLEGIVNKMFQRCLDDHKYKQAIGIALETRRLDVFEKT
ILESNDVPGMLAYSLKLCMSLMQNKQFRNKVLRVLVKIYMNLEKPDFINVCQCLIFLDDPQAVSDILEKLVKEDNLLMAY
QICFDLYESASQQFLSSVIQNLRTVGTPIASVPGSTNTGTVPGSEKDSDSMETEEKTSSAFVGKTPEASPEPKDQTLKMI
KILSGEMAIELHLQFLIRNNNTDLMILKNTKDAVRNSVCHTATVIANSFMHCGTTSDQFLRDNLEWLARATNWAKFTATA
SLGVIHKGHEKEALQLMATYLPKDTSPGSAYQEGGGLYALGLIHANHGGDIIDYLLNQLKNASNDIVRHGGSLGLGLAAM
GTARQDVYDLLKTNLYQDDAVTGEAAGLALGLVMLGSKNAQAIEDMVGYAQETQHEKILRGLAVGIALVMYGRMEEADAL
IESLCRDKDPILRRSGMYTVAMAYCGSGNNKAIRRLLHVAVSDVNDDVRRAAVESLGFILFRTPEQCPSVVSLLSESYNP
HVRYGAAMALGICCAGTGNKEAINLLEPMTNDPVNYVRQGALIASALIMIQQTEITCPKVNQFRQLYSKVINDKHDDVMA
KFGAILAQGILDAGGHNVTISLQSRTGHTHMPSVVGVLVFTQFWFWFPLSHFLSLAYTPTCVIGLNKDLKMPKVQYKSNC
KPSTFAYPAPLEVPKEKEKEKVSTAVLSITAKAKKKEKEKEKKEEEKMEVDEAEKKEEKEKKKEPEPNFQLLDNPARVMP
AQLKVLTMPETCRYQPFKPLSIGGIIILKDT
;
U
2 'polypeptide(L)'
;PPGGGEQEPPPPPAPQDVEMKEEAATGGGSTGEADGKTAAAAAEHSQRELDTVTLEDIKEHVKQLEKAVSGKEPRFVLRA
LRMLPSTSRRLNHYVLYKAVQGFFTSNNATRDFLLPFLEEPMDTEADLQFRPRTGKAASTPLLPEVEAYLQLLVVIFMMN
SKRYKEAQKISDDLMQKISTQNRRALDLVAAKCYYYHARVYEFLDKLDVVRSFLHARLRTATLRHDADGQATLLNLLLRN
YLHYSLYDQAEKLVSKSVFPEQANNNEWARYLYYTGRIKAIQLEYSEARRTMTNALRKAPQHTAVGFKQTVHKLLIVVEL
LLGEIPDRLQFRQPSLKRSLMPYFLLTQAVRTGNLAKFNQVLDQFGEKFQADGTYTLIIRLRHNVIKTGVRMISLSYSRI
SLADIAQKLQLDSPEDAEFIVAKAIRDGVIEASINHEKGYVQSKEMIDIYSTREPQLAFHQRISFCLDIHNMSVKAMRFP
;
V
3 'polypeptide(L)'
;MADGGSERADGRIVKMEVDYSATVDQRLPECAKLAKEGRLQEVIETLLSLEKQTRTASDMVSTSRILVAVVKMCYEAKEW
DLLNENIMLLSKRRSQLKQAVAKMVQQCCTYVEEITDLPIKLRLIDTLRMVTEGKIYVEIERARLTKTLATIKEQNGDVK
EAASILQELQVETYGSMEKKERVEFILEQMRLCLAVKDYIRTQIISKKINTKFFQEENTEKLKLKYYNLMIQLDQHEGSY
LSICKHYRAIYDTPCIQAESEKWQQALKSVVLYVILAPFDNEQSDLVHRISGDKKLEEIPKYKDLLKLFTTMELMRWSTL
VEDYGMELRKGSLESPATDVFGSTEEGEKRWKDLKNRVVEHNIRIMAKYYTRITMKRMAQLLDLSVDESEAFLSNLVVNK
TIFAKVDRLAGIINFQRPKDPNNLLNDWSQKLNSLMSLVNKTTHLIAKEEMIHNLQ
;
W
4 'polypeptide(L)'
;VQVKEQSILELGSLLAKTGQAAELGGLLKYVRPFLNSISKAKAARLVRSLLDLFLDMEAATGQEVELCLECIEWAKSEKR
TFLRQALEARLVSLYFDTKRYQEALHLGSQLLRELKKMDDKALLVEVQLLESKTYHALSNLPKARAALTSARTTANAIYC
PPKLQATLDMQSGIIHAAEEKDWKTAYSYFYEAFEGYDSIDSPKAITSLKYMLLCKIMLNTPEDVQALVSGKLALRYAGR
QTEALKCVAQASKNRSLADFEKALTDYRAELRDDPIISTHLAKLYDNLLEQNLIRVIEPFSRVQIEHISSLIKLSKADVE
RKLSQMILDKKFHGILDQGEGVLIIFDEPPVDKTYEAALETIQNMSKVVDSLYNKAKKLT
;
X
5 'polypeptide(L)'
;PKNPDLRIAQLRFLLSLPEHRGDAAVRDELMAAVRDNNMAPYYEALCKSLDWQIDVDLLNKMKKANEDELKRLDEELEDA
EKNLGESEIRDAMMAKAEYLCRIGDKEGALTAFRKTYDKTVALGHRLDIVFYLLRIGLFYMDNDLITRNTEKAKSLIEEG
GDWDRRNRLKVYQGLYCVAIRDFKQAAELFLDTVSTFTSYELMDYKTFVTYTVYVSMIALERPDLREKVIKGAEILEVLH
SLPAVRQYLFSLYECRYSVFFQSLAVVEQEMKKDWLFAPHYRYYVREMRIHAYSQLLESYRSLTLGYMAEAFGVGVEFID
QELSRFIAAGRLHCKIDKVNEIVETNRPDSKNWQYQETIKKGDLLLNRVQKLSRVINM
;
Y
6 'polypeptide(L)'
;AVQKVVVHPLVLLSVVDHFNRIGKVGNQKRVVGVLLGSWQKKVLDVSNSFAVPFDEDDKDDSVWFLDHDYLENMYGMFKK
VNARERIVGWYHTGPKLHKNDIAINELMKRYCPNSVLVIIDVKPKDLGLPTEAYISVEEVHDDGTPTSKTFEHVTSEIGA
EEAEEVGVEHLLRDIKDTTVGTLSQRITNQVHGLKGLNSKLLDIRSYLEKVATGKLPINHQIIYQLQDVFNLLPDVSLQE
FVKAFYLKTNDQMVVVYLASLIRSVVALHNLINNKIANRDAEKKEG
;
Z
7 'polypeptide(L)'
;VPGFLQQSQSSGPGQPAVWHRLEELYTKKLWHQLTLQVLDFVQDPCFAQGDGLIKLYENFISEFEHRVNPLSLVEIILHV
VRQMTDPNVALTFLEKTREKVKSSDEAVILCKTAIGALKLNIGDLQVTKETIEDVEEMLNNLPGVTSVHSRFYDLSSKYY
QTIGNHASYYKDALRFLGCVDIKDLPVSEQQERAFTLGLAGLLGEGVFNFGELLMHPVLESLRNTDRQWLIDTLYAFNSG
NVERFQTLKTAWGQQPDLAANEAQLLRKIQLLCLMEMTFTRPANHRQLTFEEIAKSAKITVNEVELLVMKALSVGLVKGS
IDEVDKRVHMTWVQPRVLDLQQIKGMKDRLEFWCTDVKSMEMLVEHQAHDILT
;
a
8 'polypeptide(L)'
;MVLESTMVCVDNSEYMRNGDFLPTRLQAQQDAVNIVCHSKTRSNPENNVGLITLANDCEVLTTLTPDTGRILSKLHTVQP
KGKITFCTGIRVAHLALKHRQGKNHKMRIIAFVGSPVEDNEKDLVKLAKRLKKEKVNVDIINFGEEEVNTEKLTAFVNTL
NGKDGTGSHLVTVPPGPSLADALISSPILAG
;
b
9 'polypeptide(L)'
;AVDTAEQVYISSLALLKMLKHGRAGVPMEVMGLMLGEFVDDYTVRVIDVFAMPQSGTGVSVEAVDPVFQAKMLDMLKQTG
RPEMVVGWYHSHPGFGCWLSGVDINTQQSFEALSERAVAVVVDPIQSVKGKVVIDAFRLINANMMVLGHEPRQTTSNLGH
LNKPSIQALIHGLNRHYYSITINYRKNELEQKMLLNLHKKSWMEGLTLQDYSEHCKHNESVVKEMLELAKNYNKAVEEED
KMTPEQLAIKNVGKQDPKRHLEEHVDVLMTSNIVQCLAAMLDTVVFK
;
c
10 'polypeptide(L)'
;MYEQLKGEWNRKSPNLSKCGEELGRLKLVLLELNFLPTTGTKLTKQQLILARDILEIGAQWSILRKDIPSFERYMAQLKC
YYFDYKEQLPESAYMHQLLGLNLLFLLSQNRVAEFHTELERLPAKDIQTNVYIKHPVSLEQYLMEGSYNKVFLAKGNIPA
ESYTFFIDILLDTIRDEIAGCIEKAYEKILFTEATRILFFNTPKKMTDYAKKRGWVLGPNNYYSFASQQQKPEDTTIPST
ELAKQVIEYARQLEMIV
;
d
11 'polypeptide(L)'
;MSEKKQPVD(UNK)(UNK)(UNK)(UNK)(UNK)(UNK)(UNK)(UNK)(UNK)(UNK)(UNK)(UNK)(UNK)(UNK)
(UNK)(UNK)(UNK)(UNK)(UNK)(UNK)(UNK)(UNK)(UNK)(UNK)(UNK)(UNK)(UNK)(UNK)(UNK)(UNK)
(UNK)(UNK)(UNK)(UNK)(UNK)(UNK)(UNK)(UNK)(UNK)(UNK)(UNK)(UNK)(UNK)(UNK)(UNK)(UNK)
LRAELEKHGYKMETS
;
e
12 'polypeptide(L)'
;APPALWDLAADKQTLQSEQPLQVARCTKIINADSEDPKYIINVKQFAKFVVDLSDQVAPTDIEEGMRVGVDRNKYQIHIP
LPPKIDPTVTMMQVEEKPDVTYSDVGGCKEQIEKLREVVETPLLHPERFVNLGIEPPKGVLLFGPPGTGKTLCARAVANR
TDACFIRVIGSELVQKYVGEGARMVRELFEMARTKKACLIFFDEIDAIGGARFDDGAGGDNEVQRTMLELINQLDGFDPR
GNIKVLMATNRPDTLDPALMRPGRLDRKIEFSLPDLEGRTHIFKIHARSMSVERDIRFELLARLCPNSTGAEIRSVCTEA
GMFAIRARRKIATEKDFLEAVNKVIKSYAKFSATPRYMTYN
;
A
13 'polypeptide(L)'
;EEERSKVDDLRGTPMSVGTLEEIIDDNHAIVSTSVGSEHYVSILSFVDKDLLEPGCSVLLNHKVHAVIGVLMDDTDPLVT
VMKVEKAPQETYADIGGLDNQIQEIKESVELPLTHPEYYEEMGIKPPKGVILYGPPGTGKTLLAKAVANQTSATFLRVVG
SELIQKYLGDGPKLVRELFRVAEEHAPSIVFIDEIDAIGTKRYDSNSGGEREIQRTMLELLNQLDGFDSRGDVKVIMATN
RIETLDPALIRPGRIDRKIEFPLPDEKTKKRIFQIHTSRMTLADDVTLDDLIMAKDDLSGADIKAICTEAGLMALRERRM
KVTNEDFKKSKENVLYKKQEG
;
B
14 'polypeptide(L)'
;LEEGKAGSGLRQYYLSKIEELQLIVNDKSQNLRRLQAQRNELNAKVRLLREELQLLQEQGSYVGEVVRAMDKKKVLVKVH
PEGKFVVDVDKNIDINDVTPNCRVALRNDSYTLHKILPNKVDPLVSLMMVEKVPDSTYEMIGGLDKQIKEIKEVIELPVK
HPELFEALGIAQPKGVLLYGPPGTGKTLLARAVAHHTDCTFIRVSGSELVQKFIGEGARMVRELFVMAREHAPSIIFMDE
IDSIGSSRLEGGSGGDSEVQRTMLELLNQLDGFEATKNIKVIMATNRIDILDSALLRPGRIDRKIEFPPPNEEARLDILK
IHSRKMNLTRGINLRKIAELMPGASGAEVKGVCTEAGMYALRERRVHVTQEDFEMAVAKVMQKD
;
C
15 'polypeptide(L)'
;DLYSRYKKLQQELEFLEVQEEYIKDEQKNLKKEFLHAQEEVKRIQSIPLVIGQFLEAVDQNTAIVGSTTGSNYYVRILST
IDRELLKPNASVALHKHSNALVDVLPPEADSSIMMLTSDQKPDVMYADIGGMDIQKQEVREAVELPLTHFELYKQIGIDP
PRGVLMYGPPGCGKTMLAKAVAHHTTAAFIRVVGSEFVQKYLGEGPRMVRDVFRLAKENAPAIIFIDEIDAIATKRFDAQ
TGADREVQRILLELLNQMDGFDQNVNVKVIMATNRADTLDPALLRPGRLDRKIEFPLPDRRQKRLIFSTITSKMNLSEEV
DLEDYVARPDKISGADINSICQESGMLAVRENRYIVLAKDFEKAYKTVIKKDEQEHEFYK
;
D
16 'polypeptide(L)'
;TKQYEKSENDLKALQSVGQIVGEVLKQLTEEKFIVKATNGPRYVVGCRRQLDKSKLKPGTRVALDMTTLTIMRYLPREVD
PLVYNMSHEDPGNVSYSEIGGLSEQIRELREVIELPLTNPELFQRVGIIPPKGCLLYGPPGTGKTLLARAVASQLDCNFL
KVVSSSIVDKYIGESARLIREMFNYARDHQPCIIFMDEIDAIGGRRFSEGTSADREIQRTLMELLNQMDGFDTLHRVKMI
MATNRPDTLDPALLRPGRLDRKIHIDLPNEQARLDILKIHAGPITKHGEIDYEAIVKLSDGFNGADLRNVCTEAGMFAIR
ADHDFVVQEDFMKAVRKVADSKKLESKLDYKPV
;
E
17 'polypeptide(L)'
;THELQAMKDKIKENSEKIKVNKTLPYLVSNVIELLDVDPNDQEEDGANIDLDSQRKGKCAVIKTSTRQTYFLPVIGLVDA
EKLKPGDLVGVNKDSYLILETLPTEYDSRVKAMEVDERPTEQYSDIGGLDKQIQELVEAIVLPMNHKEKFENLGIQPPKG
VLMYGPPGTGKTLLARACAAQTKATFLKLAGPQLVQMFIGDGAKLVRDAFALAKEKAPSIIFIDELDAIGTKRFDSEKAG
DREVQRTMLELLNQLDGFQPNTQVKVIAATNRVDILDPALLRSGRLDRKIEFPMPNEEARARIMQIHSRKMNVSPDVNYE
ELARCTDDFNGAQCKAVCVEAGMIALRRGATELTHEDYMEGILEVQAKKKANLQYYA
;
F
18 'polypeptide(L)'
;SSAGFDRHITIFSPEGRLYQVEYAFKAINQGGLTSVAVRGKDCAVIVTQKKVPDKLLDSSTVTHLFKITENIGCVMTGMT
ADSRSQVQRARYEAANWKYKYGYEIPVDMLCKRIADISQVYTQNAEMRPLGCCMILIGIDEEQGPQVYKCDPAGYYCGFK
ATAAGVKQTESTSFLEKKVKKKFDWTFEQTVETAITCLSTVLSIDFKPSEIEVGVVTVENPKFRILTEAEIDAHLVALAE
;
G,g
19 'polypeptide(L)'
;ERGYSFSLTTFSPSGKLVQIEYALAAVAGGAPSVGIKAANGVVLATEKKQKSILYDERSVHKVEPITKHIGLVYSGMGPD
YRVLVHRARKLAQQYYLVYQEPIPTAQLVQRVASVMQEYTQSGGVRPFGVSLLICGWNEGRPYLFQSDPSGAYFAWKATA
MGKNYVNGKTFLEKRYNEDLELEDAIHTAILTLKESFEGQMTEDNIEVGICNEAGFRRLTPTEVKDYLAAIA
;
H,h
20 'polypeptide(L)'
;SRRYDSRTTIFSPEGRLYQVEYAMEAIGHAGTCLGILANDGVLLAAERRNIHKLLDEVFFSEKIYKLNEDMACSVAGITS
DANVLTNELRLIAQRYLLQYQEPIPCEQLVTALCDIKQAYTQFGGKRPFGVSLLYIGWDKHYGFQLYQSDPSGNYGGWKA
TCIGNNSAAAVSMLKQDYKEGEMTLKSALALAIKVLNKTMDVSKLSAEKVEIATLTRENGKTVIRVLKQKEVEQLIKKHE
EEEAKAEREK
;
I,i
21 'polypeptide(L)'
;SYDRAITVFSPDGHLFQVEYAQEAVKKGSTAVGVRGRDIVVLGVEKKSVAKLQDERTVRKICALDDNVCMAFAGLTADAR
IVINRARVECQSHRLTVEDPVTVEYITRYIASLKQRYTQSNGRRPFGISALIVGFDFDGTPRLYQTDPSGTYHAWKANAI
GRGAKSVREFLEKNYTDEAIETDDLTIKLVIKALLEVVQSGGKNIELAVMRRDQSLKILNPEEIEKYVAEIEKEKEENEK
KKQ
;
J,j
22 'polypeptide(L)'
;YDRGVNTFSPEGRLFQVEYAIEAIKLGSTAIGIQTSEGVCLAVEKRITSPLMEPSSIEKIVEIDAHIGCAMSGLIADAKT
LIDKARVETQNHWFTYNETMTVESVTQAVSNLALQFGEEDADPGAMSRPFGVALLFGGVDEKGPQLFHMDPSGTFVQCDA
RAIGSASEGAQSSLQEVYHKSMTLKEAIKSSLIILKQVMEEKLNATNIELATVQPGQNFHMFTKEELEEVIKDI
;
K,k
23 'polypeptide(L)'
;NQYDNDVTVWSPQGRIHQIEYAMEAVKQGSATVGLKSKTHAVLVALKRAQSELAAHQKKILHVDNHIGISIAGLTADARL
LCNFMRQECLDSRFVFDRPLPVSRLVSLIGSKTQIPTQRYGRRPYGVGLLIAGYDDMGPHIFQTCPSANYFDCRAMSIGA
RSQSARTYLERHMSEFMECNLNELVKHGLRALRETLPAEQDLTTKNVSIGIVGKDLEFTIYDDDDVSPFLEGLEERPQ
;
L,l
24 'polypeptide(L)'
;SSIGTGYDLSASTFSPDGRVFQVEYAMKAVENSSTAIGIRCKDGVVFGVEKLVLSKLYEEGSNKRLFNVDRHVGMAVAGL
LADARSLADIAREEASNFRSNFGYNIPLKHLADRVAMYVHAYTLYSAVRPFGCSFMLGSYSVNDGAQLYMIDPSGVSYGY
WGCAIGKARQAAKTEIEKLQMKEMTCRDIVKEVAKIIYIVHDEVKDKAFELELSWVGELTNGRHEIVPKDIREEAEKYAK
ESLKE
;
M,m
25 'polypeptide(L)'
;TTIMAVQFDGGVVLGADSRTTTGSYIANRVTDKLTPIHDRIFCCRSGSAADTQAVADAVTYQLGFHSIELNEPPLVHTAA
SLFKEMCYRYREDLMAGIIIAGWDPQEGGQVYSVPMGGMMVRQSFAIGGSGSSYIYGYVDATYREGMTKEECLQFTANAL
ALAMERDGSSGGVIRLAAIAESGVERQVLLG
;
N,n
26 'polypeptide(L)'
;TTIAGVVYKDGIVLGADTRATEGMVVADKNCSKIHFISPNIYCCGAGTAADTDMTTQLISSNLELHSLSTGRLPRVVTAN
RMLKQMLFRYQGYIGAALVLGGVDVTGPHLYSIYPHGSTDKLPYVTMGSGSLAAMAVFEDKFRPDMEEEEAKNLVSEAIA
AGIFNDLGSGSNIDLCVISKNKLDFLRPYTVPNKKGTRLGRYRCEKGTTAVLTEKITPLE
;
O,o
27 'polypeptide(L)'
;SIMSYNGGAVMAMKGKNCVAIAADRRFGIQAQMVTTDFQKIFPMGDRLYIGLAGLATDVQTVAQRLKFRLNLYELKEGRQ
IKPYTLMSMVANLLYEKRFGPYYTEPVIAGLDPKTFKPFICSLDLIGCPMVTDDFVVSGTCAEQMYGMCESLWEPNMDPD
HLFETISQAMLNAVDRDAVSGMGVIVHIIEKDKITTRTLKARMD
;
P,p
28 'polypeptide(L)'
;MEYLIGIQGPDYVLVASDRVAASNIVQMKDDHDKMFKMSEKILLLCVGEAGDTVQFAEYIQKNVQLYKMRNGYELSPTAA
ANFTRRNLADCLRSRTPYHVNLLLAGYDEHEGPALYYMDYLAALAKAPFAAHGYGAFLTLSILDRYYTPTISRERAVELL
RKCLEELQKRFILNLPTFSVRIIDKNGIHDLDNISFPKQ
;
Q,q
29 'polypeptide(L)'
;TTTLAFKFRHGVIVAADSRATAGAYIASQTVKKVIEINPYLLGTMAGGAADCSFWERLLARQCRIYELRNKERISVAAAS
KLLANMVYQYKGMGLSMGTMICGWDKRGPGLYYVDSEGNRISGATFSVGSGSVYAYGVMDRGYSYDLEVEQAYDLARRAI
YQATYRDAYSGGAVNLYHVREDGWIRVSSDNVADLHEKYSG
;
R,r
30 'polypeptide(L)'
;RFSPYVFNGGTILAIAGEDFAIVASDTRLSEGFSIHTRDSPKCYKLTDKTVIGCSGFHGDCLTLTKIIEARLKMYKHSNN
KAMTTGAIAAMLSTILYSRRFFPYYVYNIIGGLDEEGKGAVYSFDPVGSYQRDSFKAGGSASAMLQPLLDNQVGFKNMQN
VEHVPLSLDRAMRLVKDVFISAAERDVYTGDALRICIVTKEGIREETVSLRKD
;
S,s
31 'polypeptide(L)'
;TQNPMVTGTSVLGVKFEGGVVIAADMLGSYGSLARFRNISRIMRVNNSTMLGASGDYADFQYLKQVLGQMVIDEELLGDG
HSYSPRAIHSWLTRAMYSRRSKMNPLWNTMVIGGYADGESFLGYVDMLGVAYEAPSLATGYGAYLAQPLLREVLEKQPVL
SQTEARDLVERCMRVLYYRDARSYNRFQIATVTEKGVEIEGPLSTETNWDIAHMI
;
T,t
32 'polypeptide(L)'
;MEEGGRDKAPVQPQQSPAAAPGGTDEKPSGKERRDAGDKDKEQELSEEDKQLQDELEMLVERLGEKDTSLYRPALEELRR
QIRSSTTSMTSVPKPLKFLRPHYGKLKEIYENMAPGENKRFAADIISVLAMTMSGERECLKYRLVGSQEELASWGHEYVR
HLAGEVAKEWQELDDAEKVQREPLLTLVKEIVPYNMAHNAEHEACDLLMEIEQVDMLEKDIDENAYAKVCLYLTSCVNYV
PEPENSALLRCALGVFRKFSRFPEALRLALMLNDMELVEDIFTSCKDVVVQKQMAFMLGRHGVFLELSEDVEEYEDLTEI
MSNVQLNSNFLALARELDIMEPKVPDDIYKTHLENNRFGGSGSQVDSARMNLASSFVNGFVNAAFGQDKLLTDDGNKWLY
KNKDHGMLSAAASLGMILLWDVDGGLTQIDKYLYSSEDYIKSGALLACGIVNSGVRNECDPALALLSDYVLHNSNTMRLG
SIFGLGLAYAGSNREDVLTLLLPVMGDSKSSMEVAGVTALACGMIAVGSCNGDVTSTILQTIMEKSETELKDTYARWLPL
GLGLNHLGKGEAIEAILAALEVVSEPFRSFANTLVDVCAYAGSGNVLKVQQLLHICSEHFDSKEKEEDKDKKEKKDKDKK
EAPADMGAHQGVAVLGIALIAMGEEIGAEMALRTFGHLLRYGEPTLRRAVPLALALISVSNPRLNILDTLSKFSHDADPE
VSYNSIFAMGMVGSGTNNARLAAMLRQLAQYHAKDPNNLFMVRLAQGLTHLGKGTLTLCPYHSDRQLMSQVAVAGLLTVL
VSFLDVRNIILGKSHYVLYGLVAAMQPRMLVTFDEELRPLPVSVRVGQAVDVVGQAGKPKTITGFQTHTTPVLLAHGERA
ELATEEFLPVTPILEGFVILRKNPNYDL
;
f
#
# COMPACT_ATOMS: atom_id res chain seq x y z
N GLY A 1 126.51 11.49 -71.71
CA GLY A 1 126.84 12.81 -72.20
C GLY A 1 127.97 12.81 -73.20
N ILE A 2 127.70 12.31 -74.40
CA ILE A 2 128.72 12.25 -75.44
C ILE A 2 128.90 13.58 -76.17
N ILE A 3 127.97 14.53 -75.97
CA ILE A 3 128.03 15.80 -76.67
C ILE A 3 129.21 16.65 -76.23
N SER A 4 129.84 16.30 -75.09
CA SER A 4 130.97 17.07 -74.61
C SER A 4 132.18 16.98 -75.55
N LEU A 5 132.19 16.01 -76.47
CA LEU A 5 133.27 15.90 -77.43
C LEU A 5 133.30 17.07 -78.41
N LEU A 6 132.17 17.77 -78.59
CA LEU A 6 132.11 18.84 -79.57
C LEU A 6 132.89 20.09 -79.15
N ASP A 7 133.36 20.15 -77.90
CA ASP A 7 134.12 21.31 -77.46
C ASP A 7 135.47 21.39 -78.16
N GLU A 8 136.02 20.26 -78.59
CA GLU A 8 137.29 20.24 -79.30
C GLU A 8 137.08 20.70 -80.75
N ASP A 9 138.14 21.31 -81.31
CA ASP A 9 137.98 22.09 -82.53
C ASP A 9 137.74 21.20 -83.76
N GLU A 10 138.63 20.24 -84.01
CA GLU A 10 138.65 19.57 -85.30
C GLU A 10 137.38 18.72 -85.50
N PRO A 11 136.84 18.69 -86.72
CA PRO A 11 135.54 18.04 -86.93
C PRO A 11 135.58 16.52 -86.81
N GLN A 12 136.76 15.89 -86.88
CA GLN A 12 136.80 14.43 -86.83
C GLN A 12 136.27 13.90 -85.51
N LEU A 13 136.42 14.66 -84.42
CA LEU A 13 135.80 14.27 -83.16
C LEU A 13 134.28 14.44 -83.18
N LYS A 14 133.77 15.34 -84.04
CA LYS A 14 132.32 15.47 -84.18
C LYS A 14 131.73 14.29 -84.94
N GLU A 15 132.39 13.88 -86.02
CA GLU A 15 131.92 12.71 -86.76
C GLU A 15 132.00 11.45 -85.91
N PHE A 16 133.02 11.38 -85.04
CA PHE A 16 133.10 10.26 -84.10
C PHE A 16 132.05 10.39 -82.99
N ALA A 17 131.64 11.62 -82.69
CA ALA A 17 130.59 11.82 -81.69
C ALA A 17 129.24 11.34 -82.22
N LEU A 18 128.86 11.76 -83.42
CA LEU A 18 127.61 11.29 -84.01
C LEU A 18 127.68 9.79 -84.31
N HIS A 19 128.88 9.26 -84.53
CA HIS A 19 129.04 7.81 -84.65
C HIS A 19 128.72 7.11 -83.34
N LYS A 20 128.94 7.80 -82.22
CA LYS A 20 128.50 7.27 -80.93
C LYS A 20 127.00 7.47 -80.76
N LEU A 21 126.47 8.59 -81.26
CA LEU A 21 125.05 8.90 -81.12
C LEU A 21 124.18 7.81 -81.76
N ASN A 22 124.27 7.66 -83.09
CA ASN A 22 123.30 6.89 -83.85
C ASN A 22 123.17 5.44 -83.39
N ALA A 23 124.07 4.95 -82.54
CA ALA A 23 124.02 3.58 -82.05
C ALA A 23 123.37 3.48 -80.66
N VAL A 24 124.00 4.08 -79.65
CA VAL A 24 123.61 3.85 -78.26
C VAL A 24 122.59 4.88 -77.80
N VAL A 25 122.10 5.72 -78.71
CA VAL A 25 121.17 6.78 -78.36
C VAL A 25 119.87 6.26 -77.78
N ASN A 26 119.60 4.95 -77.87
CA ASN A 26 118.37 4.38 -77.34
C ASN A 26 118.19 4.75 -75.86
N ASP A 27 119.22 4.53 -75.04
CA ASP A 27 119.19 4.97 -73.66
C ASP A 27 119.55 6.45 -73.52
N PHE A 28 120.23 7.02 -74.50
CA PHE A 28 120.67 8.41 -74.47
C PHE A 28 119.69 9.37 -75.14
N TRP A 29 118.51 8.87 -75.54
CA TRP A 29 117.52 9.73 -76.19
C TRP A 29 117.23 10.98 -75.38
N ALA A 30 117.17 10.86 -74.05
CA ALA A 30 116.95 12.01 -73.19
C ALA A 30 118.24 12.70 -72.76
N GLU A 31 119.39 12.07 -72.99
CA GLU A 31 120.66 12.64 -72.52
C GLU A 31 121.05 13.90 -73.29
N ILE A 32 120.72 13.94 -74.58
CA ILE A 32 121.13 15.07 -75.43
C ILE A 32 120.28 16.31 -75.21
N SER A 33 119.23 16.20 -74.38
CA SER A 33 118.24 17.27 -74.23
C SER A 33 118.90 18.61 -73.89
N GLU A 34 119.55 18.69 -72.72
CA GLU A 34 120.13 19.95 -72.28
C GLU A 34 121.25 20.42 -73.19
N SER A 35 121.90 19.52 -73.92
CA SER A 35 123.03 19.86 -74.76
C SER A 35 122.65 20.15 -76.21
N VAL A 36 121.35 20.17 -76.53
CA VAL A 36 120.91 20.52 -77.89
C VAL A 36 121.45 21.88 -78.28
N ASP A 37 121.55 22.81 -77.32
CA ASP A 37 122.14 24.11 -77.61
C ASP A 37 123.58 23.98 -78.08
N LYS A 38 124.29 22.96 -77.61
CA LYS A 38 125.63 22.70 -78.13
C LYS A 38 125.59 22.03 -79.49
N ILE A 39 124.51 21.29 -79.79
CA ILE A 39 124.33 20.74 -81.13
C ILE A 39 124.13 21.87 -82.13
N GLU A 40 123.55 22.99 -81.68
CA GLU A 40 123.36 24.14 -82.55
C GLU A 40 124.68 24.70 -83.07
N VAL A 41 125.78 24.46 -82.35
CA VAL A 41 127.08 24.90 -82.83
C VAL A 41 127.43 24.19 -84.14
N LEU A 42 127.08 22.90 -84.25
CA LEU A 42 127.31 22.18 -85.49
C LEU A 42 126.26 22.49 -86.54
N TYR A 43 125.01 22.72 -86.11
CA TYR A 43 123.93 22.97 -87.06
C TYR A 43 124.06 24.33 -87.72
N GLU A 44 124.67 25.30 -87.03
CA GLU A 44 124.83 26.65 -87.57
C GLU A 44 126.17 26.86 -88.26
N ASP A 45 127.04 25.86 -88.29
CA ASP A 45 128.35 25.98 -88.90
C ASP A 45 128.31 25.42 -90.31
N GLU A 46 128.58 26.28 -91.31
CA GLU A 46 128.53 25.85 -92.70
C GLU A 46 129.78 25.07 -93.10
N GLY A 47 130.94 25.41 -92.52
CA GLY A 47 132.16 24.71 -92.82
C GLY A 47 132.25 23.29 -92.29
N PHE A 48 131.22 22.83 -91.60
CA PHE A 48 131.17 21.47 -91.05
C PHE A 48 130.32 20.61 -91.98
N ARG A 49 130.96 19.64 -92.63
CA ARG A 49 130.28 18.86 -93.67
C ARG A 49 129.26 17.89 -93.11
N SER A 50 129.37 17.51 -91.85
CA SER A 50 128.46 16.56 -91.22
C SER A 50 127.30 17.22 -90.49
N ARG A 51 127.15 18.54 -90.61
CA ARG A 51 126.04 19.24 -89.98
C ARG A 51 124.70 18.63 -90.35
N GLN A 52 124.61 17.99 -91.52
CA GLN A 52 123.42 17.23 -91.89
C GLN A 52 123.10 16.17 -90.84
N PHE A 53 124.02 15.21 -90.67
CA PHE A 53 123.80 14.16 -89.67
C PHE A 53 123.66 14.74 -88.26
N ALA A 54 124.27 15.90 -88.02
CA ALA A 54 124.05 16.58 -86.75
C ALA A 54 122.60 16.98 -86.60
N ALA A 55 121.95 17.35 -87.69
CA ALA A 55 120.51 17.63 -87.66
C ALA A 55 119.69 16.34 -87.61
N LEU A 56 120.26 15.21 -88.02
CA LEU A 56 119.57 13.94 -87.88
C LEU A 56 119.45 13.55 -86.41
N VAL A 57 120.57 13.56 -85.69
CA VAL A 57 120.56 13.19 -84.27
C VAL A 57 119.84 14.24 -83.45
N ALA A 58 119.93 15.52 -83.86
CA ALA A 58 119.16 16.56 -83.19
C ALA A 58 117.67 16.38 -83.44
N SER A 59 117.31 15.84 -84.61
CA SER A 59 115.91 15.50 -84.86
C SER A 59 115.49 14.25 -84.12
N LYS A 60 116.44 13.39 -83.73
CA LYS A 60 116.11 12.19 -82.95
C LYS A 60 115.84 12.54 -81.49
N VAL A 61 116.66 13.40 -80.91
CA VAL A 61 116.43 13.81 -79.52
C VAL A 61 115.18 14.68 -79.44
N PHE A 62 114.94 15.51 -80.46
CA PHE A 62 113.69 16.26 -80.51
C PHE A 62 112.50 15.34 -80.78
N TYR A 63 112.74 14.19 -81.42
CA TYR A 63 111.69 13.20 -81.59
C TYR A 63 111.33 12.55 -80.25
N HIS A 64 112.33 12.36 -79.39
CA HIS A 64 112.07 11.81 -78.06
C HIS A 64 111.50 12.88 -77.13
N LEU A 65 111.92 14.13 -77.28
CA LEU A 65 111.42 15.21 -76.44
C LEU A 65 110.00 15.62 -76.79
N GLY A 66 109.46 15.16 -77.91
CA GLY A 66 108.12 15.52 -78.33
C GLY A 66 108.03 16.67 -79.31
N ALA A 67 109.16 17.25 -79.71
CA ALA A 67 109.16 18.34 -80.67
C ALA A 67 108.95 17.79 -82.08
N PHE A 68 107.94 18.32 -82.76
CA PHE A 68 107.58 17.86 -84.10
C PHE A 68 107.98 18.88 -85.16
N GLU A 69 107.35 20.06 -85.18
CA GLU A 69 107.68 21.06 -86.19
C GLU A 69 109.14 21.47 -86.12
N GLU A 70 109.74 21.44 -84.93
CA GLU A 70 111.18 21.70 -84.82
C GLU A 70 111.97 20.59 -85.50
N SER A 71 111.59 19.34 -85.30
CA SER A 71 112.22 18.24 -86.01
C SER A 71 112.04 18.35 -87.52
N LEU A 72 110.96 18.98 -87.98
CA LEU A 72 110.78 19.21 -89.40
C LEU A 72 111.72 20.30 -89.91
N ASN A 73 111.97 21.33 -89.09
CA ASN A 73 112.91 22.37 -89.48
C ASN A 73 114.31 21.80 -89.62
N TYR A 74 114.74 21.00 -88.65
CA TYR A 74 116.05 20.34 -88.76
C TYR A 74 116.05 19.26 -89.83
N ALA A 75 114.88 18.69 -90.16
CA ALA A 75 114.81 17.77 -91.29
C ALA A 75 115.07 18.49 -92.60
N LEU A 76 114.68 19.77 -92.71
CA LEU A 76 115.01 20.54 -93.89
C LEU A 76 116.49 20.86 -93.95
N GLY A 77 117.10 21.19 -92.82
CA GLY A 77 118.52 21.41 -92.72
C GLY A 77 119.35 20.16 -92.55
N ALA A 78 118.76 18.98 -92.74
CA ALA A 78 119.47 17.72 -92.59
C ALA A 78 120.02 17.19 -93.91
N GLY A 79 119.84 17.91 -95.00
CA GLY A 79 120.47 17.58 -96.27
C GLY A 79 119.99 16.26 -96.85
N ASP A 80 120.87 15.65 -97.65
CA ASP A 80 120.53 14.42 -98.36
C ASP A 80 120.59 13.19 -97.47
N LEU A 81 121.48 13.19 -96.47
CA LEU A 81 121.66 12.02 -95.62
C LEU A 81 120.44 11.72 -94.76
N PHE A 82 119.45 12.61 -94.74
CA PHE A 82 118.24 12.39 -93.94
C PHE A 82 117.24 11.51 -94.69
N ASN A 83 116.74 11.99 -95.83
CA ASN A 83 115.68 11.33 -96.58
C ASN A 83 116.08 9.96 -97.10
N VAL A 84 117.37 9.62 -97.10
CA VAL A 84 117.80 8.36 -97.72
C VAL A 84 117.52 7.17 -96.81
N ASN A 85 117.68 7.34 -95.50
CA ASN A 85 117.58 6.23 -94.56
C ASN A 85 116.29 6.38 -93.74
N ASP A 86 115.43 5.37 -93.83
CA ASP A 86 114.23 5.29 -93.02
C ASP A 86 114.12 3.87 -92.46
N ASN A 87 114.22 3.75 -91.13
CA ASN A 87 114.09 2.47 -90.46
C ASN A 87 113.46 2.70 -89.09
N SER A 88 113.24 1.60 -88.36
CA SER A 88 112.38 1.61 -87.17
C SER A 88 111.07 2.29 -87.56
N GLU A 89 110.52 3.13 -86.69
CA GLU A 89 109.59 4.16 -87.14
C GLU A 89 110.20 5.52 -86.77
N TYR A 90 110.87 6.16 -87.72
CA TYR A 90 111.00 7.61 -87.75
C TYR A 90 110.17 8.25 -88.84
N VAL A 91 109.52 7.45 -89.68
CA VAL A 91 108.99 7.92 -90.96
C VAL A 91 107.57 8.45 -90.80
N GLU A 92 106.65 7.58 -90.36
CA GLU A 92 105.23 7.93 -90.32
C GLU A 92 104.99 9.25 -89.59
N THR A 93 105.78 9.53 -88.57
CA THR A 93 105.61 10.78 -87.83
C THR A 93 106.06 11.98 -88.64
N ILE A 94 107.30 11.94 -89.15
CA ILE A 94 107.85 13.10 -89.85
C ILE A 94 107.13 13.33 -91.17
N ILE A 95 106.68 12.26 -91.83
CA ILE A 95 105.91 12.45 -93.05
C ILE A 95 104.47 12.88 -92.75
N ALA A 96 103.94 12.53 -91.57
CA ALA A 96 102.67 13.11 -91.15
C ALA A 96 102.82 14.60 -90.91
N LYS A 97 103.87 14.99 -90.18
CA LYS A 97 104.15 16.41 -89.96
C LYS A 97 104.49 17.13 -91.27
N CYS A 98 105.25 16.49 -92.14
CA CYS A 98 105.61 17.13 -93.40
C CYS A 98 104.41 17.32 -94.30
N ILE A 99 103.61 16.25 -94.51
CA ILE A 99 102.45 16.36 -95.39
C ILE A 99 101.43 17.34 -94.82
N ASP A 100 101.18 17.26 -93.51
CA ASP A 100 100.26 18.19 -92.84
C ASP A 100 100.69 19.64 -93.07
N HIS A 101 101.89 19.98 -92.62
CA HIS A 101 102.40 21.35 -92.80
C HIS A 101 102.43 21.73 -94.28
N TYR A 102 102.75 20.78 -95.16
CA TYR A 102 102.81 21.07 -96.59
C TYR A 102 101.42 21.39 -97.15
N THR A 103 100.43 20.54 -96.83
CA THR A 103 99.10 20.75 -97.40
C THR A 103 98.43 21.99 -96.81
N LYS A 104 98.72 22.31 -95.54
CA LYS A 104 98.17 23.54 -94.97
C LYS A 104 98.94 24.77 -95.43
N GLN A 105 100.20 24.59 -95.84
CA GLN A 105 100.93 25.67 -96.49
C GLN A 105 100.42 25.89 -97.91
N CYS A 106 100.09 24.80 -98.61
CA CYS A 106 99.50 24.92 -99.94
C CYS A 106 98.12 25.55 -99.88
N VAL A 107 97.32 25.16 -98.87
CA VAL A 107 96.03 25.81 -98.66
C VAL A 107 96.23 27.26 -98.29
N GLU A 108 97.29 27.57 -97.52
CA GLU A 108 97.59 28.95 -97.19
C GLU A 108 97.90 29.77 -98.44
N ASN A 109 98.71 29.21 -99.35
CA ASN A 109 99.05 29.89 -100.59
C ASN A 109 97.92 29.86 -101.61
N ALA A 110 96.93 28.98 -101.42
CA ALA A 110 95.82 28.89 -102.37
C ALA A 110 94.75 29.96 -102.15
N ASP A 111 94.75 30.62 -100.99
CA ASP A 111 93.78 31.67 -100.70
C ASP A 111 94.29 33.06 -101.07
N LEU A 112 95.51 33.17 -101.57
CA LEU A 112 96.12 34.47 -101.89
C LEU A 112 95.42 35.20 -103.06
N PRO A 113 95.13 34.49 -104.17
CA PRO A 113 95.54 33.18 -104.69
C PRO A 113 96.96 33.15 -105.25
N GLU A 114 97.43 34.29 -105.75
CA GLU A 114 98.68 34.37 -106.51
C GLU A 114 99.54 35.50 -105.99
N GLY A 115 100.85 35.30 -106.06
CA GLY A 115 101.83 36.29 -105.63
C GLY A 115 102.10 36.23 -104.14
N GLU A 116 103.28 36.70 -103.76
CA GLU A 116 103.75 36.84 -102.37
C GLU A 116 103.89 35.50 -101.67
N LYS A 117 103.58 34.39 -102.34
CA LYS A 117 103.50 33.07 -101.70
C LYS A 117 104.77 32.75 -100.92
N LYS A 118 104.58 32.09 -99.78
CA LYS A 118 105.68 31.76 -98.88
C LYS A 118 106.67 30.82 -99.59
N PRO A 119 107.94 30.86 -99.20
CA PRO A 119 108.92 29.95 -99.82
C PRO A 119 108.68 28.52 -99.41
N ILE A 120 108.88 27.61 -100.37
CA ILE A 120 108.70 26.18 -100.16
C ILE A 120 110.03 25.49 -100.44
N ASP A 121 110.57 24.81 -99.43
CA ASP A 121 111.84 24.12 -99.60
C ASP A 121 111.68 22.93 -100.54
N GLN A 122 112.73 22.70 -101.33
CA GLN A 122 112.69 21.62 -102.32
C GLN A 122 112.75 20.24 -101.69
N ARG A 123 113.25 20.12 -100.46
CA ARG A 123 113.37 18.81 -99.83
C ARG A 123 112.04 18.34 -99.26
N LEU A 124 111.28 19.25 -98.63
CA LEU A 124 109.99 18.85 -98.08
C LEU A 124 109.01 18.46 -99.18
N GLU A 125 109.02 19.18 -100.30
CA GLU A 125 108.27 18.76 -101.47
C GLU A 125 108.99 17.66 -102.25
N GLY A 126 110.29 17.47 -101.99
CA GLY A 126 111.00 16.36 -102.60
C GLY A 126 110.52 15.02 -102.07
N ILE A 127 110.40 14.91 -100.75
CA ILE A 127 109.86 13.68 -100.15
C ILE A 127 108.37 13.54 -100.36
N VAL A 128 107.72 14.52 -100.98
CA VAL A 128 106.31 14.36 -101.35
C VAL A 128 106.19 13.41 -102.53
N ASN A 129 106.75 13.78 -103.67
CA ASN A 129 106.63 12.93 -104.87
C ASN A 129 107.56 11.72 -104.78
N LYS A 130 108.65 11.83 -104.02
CA LYS A 130 109.56 10.69 -103.87
C LYS A 130 108.93 9.58 -103.05
N MET A 131 108.35 9.93 -101.89
CA MET A 131 107.59 8.94 -101.14
C MET A 131 106.30 8.55 -101.85
N PHE A 132 105.80 9.41 -102.74
CA PHE A 132 104.65 9.04 -103.56
C PHE A 132 105.01 7.99 -104.60
N GLN A 133 106.29 7.79 -104.89
CA GLN A 133 106.70 6.68 -105.73
C GLN A 133 106.29 5.34 -105.12
N ARG A 134 106.16 5.27 -103.79
CA ARG A 134 105.58 4.09 -103.17
C ARG A 134 104.14 3.89 -103.62
N CYS A 135 103.39 4.99 -103.77
CA CYS A 135 102.02 4.89 -104.27
C CYS A 135 101.98 4.57 -105.76
N LEU A 136 102.98 5.04 -106.51
CA LEU A 136 103.02 4.79 -107.95
C LEU A 136 103.49 3.37 -108.26
N ASP A 137 104.51 2.90 -107.54
CA ASP A 137 105.06 1.58 -107.82
C ASP A 137 104.17 0.46 -107.31
N ASP A 138 103.60 0.61 -106.11
CA ASP A 138 102.74 -0.42 -105.55
C ASP A 138 101.37 -0.47 -106.21
N HIS A 139 101.06 0.50 -107.07
CA HIS A 139 99.81 0.52 -107.84
C HIS A 139 98.59 0.54 -106.92
N LYS A 140 98.59 1.47 -105.98
CA LYS A 140 97.45 1.68 -105.08
C LYS A 140 96.82 3.02 -105.44
N TYR A 141 95.62 2.97 -106.05
CA TYR A 141 94.95 4.18 -106.48
C TYR A 141 94.23 4.87 -105.34
N LYS A 142 93.79 4.12 -104.34
CA LYS A 142 93.02 4.72 -103.23
C LYS A 142 93.89 5.68 -102.44
N GLN A 143 95.10 5.26 -102.06
CA GLN A 143 95.99 6.15 -101.34
C GLN A 143 96.58 7.22 -102.26
N ALA A 144 96.88 6.86 -103.51
CA ALA A 144 97.44 7.84 -104.43
C ALA A 144 96.50 9.01 -104.64
N ILE A 145 95.21 8.75 -104.86
CA ILE A 145 94.24 9.83 -104.99
C ILE A 145 94.01 10.50 -103.64
N GLY A 146 94.32 9.84 -102.54
CA GLY A 146 94.22 10.44 -101.23
C GLY A 146 95.22 11.57 -101.04
N ILE A 147 96.51 11.27 -101.25
CA ILE A 147 97.53 12.31 -101.17
C ILE A 147 97.34 13.33 -102.28
N ALA A 148 96.88 12.88 -103.45
CA ALA A 148 96.58 13.81 -104.54
C ALA A 148 95.53 14.82 -104.13
N LEU A 149 94.60 14.44 -103.26
CA LEU A 149 93.64 15.39 -102.71
C LEU A 149 94.26 16.25 -101.62
N GLU A 150 95.30 15.74 -100.94
CA GLU A 150 95.91 16.50 -99.86
C GLU A 150 96.73 17.67 -100.39
N THR A 151 97.54 17.43 -101.41
CA THR A 151 98.49 18.44 -101.88
C THR A 151 97.80 19.72 -102.37
N ARG A 152 96.52 19.64 -102.75
CA ARG A 152 95.76 20.80 -103.21
C ARG A 152 96.41 21.49 -104.40
N ARG A 153 97.16 20.74 -105.21
CA ARG A 153 97.83 21.28 -106.37
C ARG A 153 97.50 20.43 -107.59
N LEU A 154 97.42 21.09 -108.75
CA LEU A 154 96.95 20.45 -109.97
C LEU A 154 98.04 19.79 -110.79
N ASP A 155 99.31 20.00 -110.47
CA ASP A 155 100.38 19.41 -111.28
C ASP A 155 100.61 17.94 -110.93
N VAL A 156 101.03 17.67 -109.69
CA VAL A 156 101.23 16.30 -109.26
C VAL A 156 99.92 15.52 -109.33
N PHE A 157 98.79 16.19 -109.12
CA PHE A 157 97.50 15.53 -109.28
C PHE A 157 97.24 15.16 -110.74
N GLU A 158 97.69 16.00 -111.67
CA GLU A 158 97.60 15.65 -113.08
C GLU A 158 98.46 14.43 -113.41
N LYS A 159 99.51 14.20 -112.61
CA LYS A 159 100.33 13.00 -112.77
C LYS A 159 99.65 11.77 -112.17
N THR A 160 98.85 11.96 -111.11
CA THR A 160 98.13 10.85 -110.51
C THR A 160 97.05 10.31 -111.45
N ILE A 161 96.30 11.21 -112.09
CA ILE A 161 95.32 10.77 -113.07
C ILE A 161 95.98 10.24 -114.34
N LEU A 162 97.27 10.52 -114.52
CA LEU A 162 98.03 10.05 -115.67
C LEU A 162 98.75 8.75 -115.40
N GLU A 163 98.58 8.16 -114.22
CA GLU A 163 99.27 6.92 -113.91
C GLU A 163 98.73 5.78 -114.78
N SER A 164 99.53 4.73 -114.90
CA SER A 164 99.29 3.70 -115.90
C SER A 164 98.08 2.84 -115.54
N ASN A 165 97.78 1.90 -116.42
CA ASN A 165 96.66 0.94 -116.34
C ASN A 165 95.36 1.73 -116.20
N ASP A 166 94.41 1.23 -115.42
CA ASP A 166 93.09 1.85 -115.25
C ASP A 166 92.52 1.39 -113.91
N VAL A 167 91.71 2.16 -113.17
CA VAL A 167 91.25 3.55 -113.41
C VAL A 167 90.57 3.84 -114.76
N PRO A 168 89.62 2.99 -115.21
CA PRO A 168 88.88 3.34 -116.43
C PRO A 168 87.95 4.53 -116.24
N GLY A 169 87.06 4.42 -115.26
CA GLY A 169 86.15 5.48 -114.90
C GLY A 169 86.34 6.06 -113.51
N MET A 170 87.41 5.67 -112.83
CA MET A 170 87.53 5.90 -111.40
C MET A 170 87.60 7.38 -111.02
N LEU A 171 87.88 8.28 -111.97
CA LEU A 171 87.86 9.69 -111.66
C LEU A 171 86.47 10.19 -111.32
N ALA A 172 85.44 9.57 -111.90
CA ALA A 172 84.04 9.93 -111.65
C ALA A 172 83.70 9.83 -110.17
N TYR A 173 83.72 8.61 -109.62
CA TYR A 173 83.37 8.43 -108.22
C TYR A 173 84.44 8.98 -107.28
N SER A 174 85.65 9.20 -107.77
CA SER A 174 86.65 9.90 -106.96
C SER A 174 86.22 11.35 -106.74
N LEU A 175 85.67 11.99 -107.76
CA LEU A 175 85.09 13.33 -107.58
C LEU A 175 83.88 13.27 -106.67
N LYS A 176 83.17 12.14 -106.63
CA LYS A 176 82.12 11.96 -105.63
C LYS A 176 82.70 11.96 -104.23
N LEU A 177 83.88 11.35 -104.05
CA LEU A 177 84.58 11.43 -102.78
C LEU A 177 85.03 12.86 -102.51
N CYS A 178 85.58 13.53 -103.52
CA CYS A 178 85.99 14.92 -103.39
C CYS A 178 84.83 15.80 -102.95
N MET A 179 83.78 15.88 -103.78
CA MET A 179 82.63 16.72 -103.46
C MET A 179 82.01 16.38 -102.11
N SER A 180 82.12 15.12 -101.69
CA SER A 180 81.61 14.74 -100.38
C SER A 180 82.38 15.43 -99.26
N LEU A 181 83.70 15.40 -99.33
CA LEU A 181 84.56 16.04 -98.34
C LEU A 181 84.99 17.44 -98.74
N MET A 182 84.50 17.96 -99.87
CA MET A 182 84.93 19.26 -100.35
C MET A 182 84.54 20.36 -99.37
N GLN A 183 85.43 21.34 -99.20
CA GLN A 183 85.19 22.46 -98.28
C GLN A 183 84.55 23.63 -99.03
N ASN A 184 85.28 24.22 -99.98
CA ASN A 184 84.81 25.38 -100.71
C ASN A 184 84.91 25.11 -102.21
N LYS A 185 84.25 25.96 -102.99
CA LYS A 185 84.20 25.84 -104.44
C LYS A 185 85.37 26.51 -105.13
N GLN A 186 86.30 27.10 -104.39
CA GLN A 186 87.45 27.80 -104.97
C GLN A 186 88.28 26.87 -105.84
N PHE A 187 88.95 25.89 -105.24
CA PHE A 187 89.79 24.97 -105.98
C PHE A 187 89.04 23.75 -106.48
N ARG A 188 87.80 23.54 -106.04
CA ARG A 188 87.01 22.40 -106.48
C ARG A 188 86.86 22.39 -108.00
N ASN A 189 86.18 23.40 -108.54
CA ASN A 189 85.93 23.46 -109.98
C ASN A 189 87.23 23.57 -110.77
N LYS A 190 88.29 24.13 -110.16
CA LYS A 190 89.58 24.21 -110.85
C LYS A 190 90.21 22.84 -111.02
N VAL A 191 90.00 21.94 -110.05
CA VAL A 191 90.45 20.56 -110.22
C VAL A 191 89.50 19.80 -111.14
N LEU A 192 88.21 20.14 -111.10
CA LEU A 192 87.23 19.42 -111.90
C LEU A 192 87.36 19.74 -113.39
N ARG A 193 87.70 20.99 -113.74
CA ARG A 193 87.70 21.40 -115.14
C ARG A 193 88.75 20.66 -115.96
N VAL A 194 89.87 20.28 -115.35
CA VAL A 194 90.91 19.57 -116.09
C VAL A 194 90.61 18.08 -116.23
N LEU A 195 89.74 17.53 -115.38
CA LEU A 195 89.45 16.11 -115.43
C LEU A 195 88.58 15.76 -116.62
N VAL A 196 87.66 16.65 -117.00
CA VAL A 196 86.87 16.39 -118.20
C VAL A 196 87.71 16.59 -119.45
N LYS A 197 88.80 17.36 -119.36
CA LYS A 197 89.69 17.52 -120.50
C LYS A 197 90.56 16.28 -120.69
N ILE A 198 91.01 15.66 -119.59
CA ILE A 198 91.77 14.42 -119.71
C ILE A 198 90.88 13.26 -120.10
N TYR A 199 89.56 13.36 -119.89
CA TYR A 199 88.65 12.37 -120.43
C TYR A 199 88.40 12.58 -121.92
N MET A 200 88.48 13.84 -122.39
CA MET A 200 88.43 14.08 -123.83
C MET A 200 89.70 13.62 -124.51
N ASN A 201 90.85 13.69 -123.82
CA ASN A 201 92.08 13.16 -124.36
C ASN A 201 92.17 11.65 -124.22
N LEU A 202 91.32 11.04 -123.40
CA LEU A 202 91.31 9.60 -123.22
C LEU A 202 90.68 8.93 -124.44
N GLU A 203 91.07 7.67 -124.67
CA GLU A 203 90.64 6.98 -125.88
C GLU A 203 89.15 6.64 -125.82
N LYS A 204 88.66 6.23 -124.65
CA LYS A 204 87.25 5.90 -124.48
C LYS A 204 86.49 7.11 -123.95
N PRO A 205 85.63 7.74 -124.76
CA PRO A 205 84.86 8.88 -124.25
C PRO A 205 83.78 8.43 -123.28
N ASP A 206 83.58 9.22 -122.24
CA ASP A 206 82.57 8.94 -121.22
C ASP A 206 81.84 10.23 -120.89
N PHE A 207 80.51 10.21 -121.01
CA PHE A 207 79.70 11.40 -120.82
C PHE A 207 79.22 11.58 -119.39
N ILE A 208 79.50 10.63 -118.49
CA ILE A 208 79.07 10.81 -117.11
C ILE A 208 80.01 11.75 -116.36
N ASN A 209 81.26 11.86 -116.80
CA ASN A 209 82.18 12.80 -116.17
C ASN A 209 81.89 14.23 -116.59
N VAL A 210 81.61 14.44 -117.89
CA VAL A 210 81.18 15.75 -118.34
C VAL A 210 79.77 16.06 -117.83
N CYS A 211 79.00 15.03 -117.49
CA CYS A 211 77.73 15.25 -116.79
C CYS A 211 77.97 15.72 -115.36
N GLN A 212 78.99 15.19 -114.71
CA GLN A 212 79.30 15.60 -113.34
C GLN A 212 79.76 17.04 -113.30
N CYS A 213 80.59 17.45 -114.26
CA CYS A 213 81.04 18.84 -114.31
C CYS A 213 79.91 19.76 -114.77
N LEU A 214 78.98 19.26 -115.58
CA LEU A 214 77.86 20.07 -116.03
C LEU A 214 76.98 20.47 -114.85
N ILE A 215 76.85 19.59 -113.86
CA ILE A 215 76.04 19.87 -112.68
C ILE A 215 76.88 20.38 -111.51
N PHE A 216 78.20 20.46 -111.66
CA PHE A 216 79.09 20.95 -110.61
C PHE A 216 79.80 22.22 -111.02
N LEU A 217 80.62 22.19 -112.07
CA LEU A 217 81.29 23.40 -112.54
C LEU A 217 80.29 24.49 -112.92
N ASP A 218 79.16 24.09 -113.51
CA ASP A 218 78.01 24.92 -113.86
C ASP A 218 78.38 26.31 -114.37
N ASP A 219 79.02 26.36 -115.54
CA ASP A 219 79.34 27.62 -116.19
C ASP A 219 78.65 27.70 -117.55
N PRO A 220 78.19 28.88 -117.97
CA PRO A 220 77.34 28.95 -119.17
C PRO A 220 78.08 28.60 -120.45
N GLN A 221 79.36 28.94 -120.57
CA GLN A 221 80.06 28.72 -121.83
C GLN A 221 80.50 27.28 -122.01
N ALA A 222 80.73 26.54 -120.92
CA ALA A 222 81.27 25.19 -121.05
C ALA A 222 80.28 24.25 -121.71
N VAL A 223 78.99 24.36 -121.36
CA VAL A 223 77.99 23.50 -121.98
C VAL A 223 77.85 23.83 -123.46
N SER A 224 78.04 25.10 -123.82
CA SER A 224 78.04 25.47 -125.23
C SER A 224 79.30 24.96 -125.92
N ASP A 225 80.39 24.78 -125.18
CA ASP A 225 81.61 24.27 -125.78
C ASP A 225 81.53 22.77 -126.03
N ILE A 226 81.02 22.02 -125.04
CA ILE A 226 80.99 20.57 -125.16
C ILE A 226 79.96 20.14 -126.19
N LEU A 227 78.83 20.85 -126.28
CA LEU A 227 77.80 20.46 -127.23
C LEU A 227 78.15 20.92 -128.65
N GLU A 228 78.82 22.07 -128.78
CA GLU A 228 79.36 22.45 -130.08
C GLU A 228 80.37 21.41 -130.56
N LYS A 229 81.11 20.80 -129.64
CA LYS A 229 81.95 19.67 -129.99
C LYS A 229 81.12 18.42 -130.30
N LEU A 230 79.90 18.32 -129.76
CA LEU A 230 79.02 17.21 -130.12
C LEU A 230 78.43 17.39 -131.51
N VAL A 231 78.04 18.62 -131.86
CA VAL A 231 77.56 18.90 -133.21
C VAL A 231 78.72 18.79 -134.20
N LYS A 232 79.91 19.24 -133.80
CA LYS A 232 81.09 19.06 -134.66
C LYS A 232 81.43 17.58 -134.81
N GLU A 233 81.25 16.80 -133.75
CA GLU A 233 81.48 15.36 -133.80
C GLU A 233 80.38 14.62 -134.55
N ASP A 234 79.29 15.30 -134.90
CA ASP A 234 78.12 14.68 -135.52
C ASP A 234 77.57 13.56 -134.63
N ASN A 235 77.35 13.90 -133.37
CA ASN A 235 76.89 12.95 -132.36
C ASN A 235 75.37 13.04 -132.24
N LEU A 236 74.71 11.89 -132.24
CA LEU A 236 73.26 11.83 -132.13
C LEU A 236 72.83 10.85 -131.04
N LEU A 237 73.15 9.57 -131.22
CA LEU A 237 72.65 8.52 -130.34
C LEU A 237 73.15 8.69 -128.91
N MET A 238 74.47 8.74 -128.72
CA MET A 238 75.01 8.73 -127.38
C MET A 238 75.00 10.10 -126.69
N ALA A 239 74.87 11.19 -127.46
CA ALA A 239 74.66 12.50 -126.85
C ALA A 239 73.28 12.67 -126.26
N TYR A 240 72.37 11.73 -126.56
CA TYR A 240 71.01 11.78 -126.02
C TYR A 240 71.01 11.77 -124.50
N GLN A 241 71.91 10.99 -123.90
CA GLN A 241 72.04 10.95 -122.44
C GLN A 241 72.41 12.34 -121.89
N ILE A 242 73.61 12.83 -122.22
CA ILE A 242 74.10 14.07 -121.65
C ILE A 242 73.17 15.23 -121.96
N CYS A 243 72.47 15.18 -123.09
CA CYS A 243 71.55 16.27 -123.44
C CYS A 243 70.36 16.31 -122.49
N PHE A 244 69.82 15.14 -122.13
CA PHE A 244 68.73 15.12 -121.16
C PHE A 244 69.21 15.41 -119.74
N ASP A 245 70.43 15.00 -119.41
CA ASP A 245 71.01 15.42 -118.15
C ASP A 245 71.17 16.93 -118.10
N LEU A 246 71.41 17.56 -119.26
CA LEU A 246 71.45 19.02 -119.31
C LEU A 246 70.08 19.62 -119.05
N TYR A 247 69.04 19.07 -119.66
CA TYR A 247 67.68 19.57 -119.41
C TYR A 247 67.25 19.31 -117.98
N GLU A 248 67.34 18.04 -117.55
CA GLU A 248 66.90 17.67 -116.21
C GLU A 248 67.67 18.41 -115.13
N SER A 249 68.98 18.15 -115.03
CA SER A 249 69.75 18.47 -113.85
C SER A 249 70.42 19.85 -113.88
N ALA A 250 70.14 20.67 -114.88
CA ALA A 250 70.76 21.99 -114.97
C ALA A 250 69.71 23.09 -114.92
N SER A 251 70.16 24.28 -114.54
CA SER A 251 69.30 25.44 -114.35
C SER A 251 68.72 25.91 -115.68
N GLN A 252 67.65 26.70 -115.59
CA GLN A 252 67.01 27.24 -116.79
C GLN A 252 67.94 28.17 -117.56
N GLN A 253 68.63 29.06 -116.85
CA GLN A 253 69.60 29.93 -117.51
C GLN A 253 70.72 29.13 -118.15
N PHE A 254 71.07 27.99 -117.56
CA PHE A 254 72.02 27.08 -118.20
C PHE A 254 71.46 26.57 -119.53
N LEU A 255 70.16 26.32 -119.61
CA LEU A 255 69.54 25.94 -120.87
C LEU A 255 69.46 27.14 -121.82
N SER A 256 69.20 28.33 -121.28
CA SER A 256 69.16 29.52 -122.12
C SER A 256 70.54 29.85 -122.66
N SER A 257 71.60 29.51 -121.93
CA SER A 257 72.95 29.81 -122.39
C SER A 257 73.37 28.85 -123.50
N VAL A 258 73.04 27.57 -123.37
CA VAL A 258 73.47 26.59 -124.36
C VAL A 258 72.69 26.76 -125.65
N ILE A 259 71.41 27.14 -125.57
CA ILE A 259 70.62 27.35 -126.78
C ILE A 259 71.02 28.65 -127.45
N GLN A 260 71.56 29.61 -126.69
CA GLN A 260 71.93 30.90 -127.25
C GLN A 260 73.16 30.78 -128.14
N ASN A 261 74.19 30.08 -127.66
CA ASN A 261 75.41 29.92 -128.44
C ASN A 261 75.31 28.81 -129.47
N LEU A 262 74.37 27.88 -129.31
CA LEU A 262 74.21 26.81 -130.28
C LEU A 262 73.53 27.29 -131.55
N ARG A 263 72.40 27.99 -131.42
CA ARG A 263 71.63 28.41 -132.57
C ARG A 263 72.27 29.54 -133.35
N THR A 264 73.35 30.12 -132.85
CA THR A 264 74.04 31.21 -133.55
C THR A 264 74.83 30.67 -134.73
N ASP A 314 66.23 18.40 -138.05
CA ASP A 314 66.92 17.25 -137.50
C ASP A 314 67.47 17.56 -136.11
N GLN A 315 68.79 17.77 -136.02
CA GLN A 315 69.39 18.08 -134.73
C GLN A 315 69.05 19.50 -134.29
N THR A 316 68.75 20.39 -135.24
CA THR A 316 68.33 21.74 -134.87
C THR A 316 66.95 21.73 -134.23
N LEU A 317 66.04 20.88 -134.73
CA LEU A 317 64.77 20.69 -134.06
C LEU A 317 64.89 19.76 -132.86
N LYS A 318 65.91 18.90 -132.86
CA LYS A 318 66.13 18.02 -131.71
C LYS A 318 66.48 18.82 -130.47
N MET A 319 67.45 19.73 -130.58
CA MET A 319 67.84 20.55 -129.43
C MET A 319 66.69 21.39 -128.92
N ILE A 320 65.75 21.76 -129.79
CA ILE A 320 64.56 22.48 -129.33
C ILE A 320 63.65 21.54 -128.54
N LYS A 321 63.50 20.30 -129.01
CA LYS A 321 62.63 19.34 -128.30
C LYS A 321 63.24 18.93 -126.97
N ILE A 322 64.57 18.78 -126.91
CA ILE A 322 65.19 18.29 -125.69
C ILE A 322 65.29 19.40 -124.64
N LEU A 323 65.53 20.64 -125.06
CA LEU A 323 65.65 21.74 -124.11
C LEU A 323 64.29 22.23 -123.61
N SER A 324 63.26 22.10 -124.43
CA SER A 324 61.92 22.46 -123.99
C SER A 324 61.30 21.38 -123.10
N GLY A 325 61.70 20.13 -123.30
CA GLY A 325 61.20 19.04 -122.48
C GLY A 325 59.73 18.73 -122.69
N GLU A 326 59.22 18.93 -123.91
CA GLU A 326 57.81 18.64 -124.17
C GLU A 326 57.56 17.14 -124.25
N MET A 327 58.47 16.40 -124.88
CA MET A 327 58.31 14.95 -124.95
C MET A 327 58.28 14.31 -123.56
N ALA A 328 59.03 14.88 -122.62
CA ALA A 328 59.00 14.37 -121.25
C ALA A 328 57.65 14.61 -120.60
N ILE A 329 56.96 15.69 -120.97
CA ILE A 329 55.64 15.97 -120.41
C ILE A 329 54.59 15.04 -121.01
N GLU A 330 54.69 14.75 -122.30
CA GLU A 330 53.71 13.88 -122.94
C GLU A 330 53.86 12.44 -122.47
N LEU A 331 55.10 11.95 -122.36
CA LEU A 331 55.30 10.60 -121.85
C LEU A 331 54.94 10.51 -120.37
N HIS A 332 55.14 11.60 -119.62
CA HIS A 332 54.71 11.63 -118.23
C HIS A 332 53.19 11.60 -118.13
N LEU A 333 52.52 12.33 -119.03
CA LEU A 333 51.06 12.31 -119.06
C LEU A 333 50.54 10.91 -119.38
N GLN A 334 51.12 10.27 -120.39
CA GLN A 334 50.71 8.91 -120.73
C GLN A 334 51.08 7.93 -119.62
N PHE A 335 52.19 8.18 -118.93
CA PHE A 335 52.59 7.34 -117.81
C PHE A 335 51.60 7.45 -116.65
N LEU A 336 51.07 8.66 -116.43
CA LEU A 336 50.17 8.88 -115.31
C LEU A 336 48.76 8.38 -115.59
N ILE A 337 48.30 8.46 -116.84
CA ILE A 337 46.94 8.03 -117.14
C ILE A 337 46.85 6.50 -117.28
N ARG A 338 47.89 5.87 -117.82
CA ARG A 338 47.86 4.42 -118.02
C ARG A 338 48.14 3.66 -116.72
N ASN A 339 49.16 4.08 -115.98
CA ASN A 339 49.65 3.35 -114.81
C ASN A 339 49.01 3.83 -113.50
N ASN A 340 48.04 4.73 -113.57
CA ASN A 340 47.46 5.31 -112.36
C ASN A 340 46.88 4.22 -111.45
N ASN A 341 47.32 4.22 -110.19
CA ASN A 341 46.78 3.34 -109.17
C ASN A 341 46.26 4.22 -108.04
N THR A 342 44.94 4.24 -107.85
CA THR A 342 44.31 5.05 -106.81
C THR A 342 43.20 4.26 -106.17
N ASP A 343 42.74 4.74 -105.01
CA ASP A 343 41.62 4.14 -104.29
C ASP A 343 40.64 5.25 -103.94
N LEU A 344 39.42 5.16 -104.48
CA LEU A 344 38.41 6.17 -104.24
C LEU A 344 37.71 6.00 -102.89
N MET A 345 37.79 4.81 -102.30
CA MET A 345 37.09 4.54 -101.04
C MET A 345 37.54 5.51 -99.95
N ILE A 346 38.84 5.75 -99.84
CA ILE A 346 39.35 6.68 -98.83
C ILE A 346 38.86 8.10 -99.13
N LEU A 347 38.82 8.46 -100.41
CA LEU A 347 38.34 9.78 -100.79
C LEU A 347 36.85 9.95 -100.46
N LYS A 348 36.08 8.86 -100.50
CA LYS A 348 34.67 8.95 -100.13
C LYS A 348 34.49 9.00 -98.62
N ASN A 349 35.33 8.29 -97.87
CA ASN A 349 35.24 8.33 -96.41
C ASN A 349 35.61 9.70 -95.87
N THR A 350 36.50 10.42 -96.55
CA THR A 350 36.79 11.81 -96.19
C THR A 350 35.74 12.76 -96.74
N LYS A 351 35.14 12.42 -97.88
CA LYS A 351 34.09 13.24 -98.47
C LYS A 351 32.91 13.41 -97.50
N ASP A 352 32.24 12.30 -97.17
CA ASP A 352 30.99 12.37 -96.41
C ASP A 352 31.15 12.91 -95.00
N ALA A 353 32.38 13.14 -94.53
CA ALA A 353 32.58 13.77 -93.23
C ALA A 353 31.92 15.14 -93.18
N VAL A 354 32.21 15.99 -94.17
CA VAL A 354 31.58 17.30 -94.33
C VAL A 354 31.74 18.13 -93.06
N ARG A 355 32.97 18.30 -92.61
CA ARG A 355 33.26 19.22 -91.52
C ARG A 355 33.51 20.61 -92.07
N ASN A 356 32.88 21.61 -91.46
CA ASN A 356 32.86 22.97 -92.01
C ASN A 356 34.16 23.74 -91.79
N SER A 357 35.09 23.21 -91.00
CA SER A 357 36.31 23.93 -90.65
C SER A 357 37.52 23.25 -91.27
N VAL A 358 38.32 24.04 -92.01
CA VAL A 358 39.67 23.68 -92.44
C VAL A 358 39.64 22.53 -93.46
N CYS A 359 38.49 21.86 -93.59
CA CYS A 359 38.37 20.77 -94.54
C CYS A 359 38.27 21.26 -95.98
N HIS A 360 38.08 22.57 -96.18
CA HIS A 360 37.94 23.11 -97.52
C HIS A 360 39.13 22.75 -98.41
N THR A 361 40.35 23.03 -97.93
CA THR A 361 41.53 22.69 -98.70
C THR A 361 41.90 21.21 -98.55
N ALA A 362 41.46 20.57 -97.47
CA ALA A 362 41.92 19.24 -97.09
C ALA A 362 41.76 18.19 -98.19
N THR A 363 40.51 17.85 -98.51
CA THR A 363 40.28 16.73 -99.44
C THR A 363 40.77 17.06 -100.84
N VAL A 364 40.57 18.30 -101.29
CA VAL A 364 40.94 18.64 -102.66
C VAL A 364 42.45 18.63 -102.85
N ILE A 365 43.22 19.06 -101.85
CA ILE A 365 44.67 19.07 -102.01
C ILE A 365 45.24 17.66 -101.86
N ALA A 366 44.52 16.78 -101.14
CA ALA A 366 45.01 15.43 -100.95
C ALA A 366 44.80 14.59 -102.20
N ASN A 367 43.60 14.64 -102.79
CA ASN A 367 43.34 13.89 -103.99
C ASN A 367 43.96 14.55 -105.22
N SER A 368 44.28 15.84 -105.14
CA SER A 368 45.04 16.48 -106.22
C SER A 368 46.48 15.98 -106.25
N PHE A 369 47.00 15.50 -105.12
CA PHE A 369 48.35 14.96 -105.10
C PHE A 369 48.39 13.59 -105.78
N MET A 370 47.64 12.63 -105.23
CA MET A 370 47.66 11.27 -105.75
C MET A 370 47.27 11.20 -107.22
N HIS A 371 46.40 12.09 -107.68
CA HIS A 371 45.88 12.04 -109.04
C HIS A 371 46.64 12.94 -110.00
N CYS A 372 47.76 13.55 -109.58
CA CYS A 372 48.45 14.55 -110.38
C CYS A 372 48.69 14.07 -111.81
N GLY A 373 48.30 14.91 -112.77
CA GLY A 373 48.56 14.67 -114.17
C GLY A 373 47.61 13.72 -114.88
N THR A 374 46.51 13.33 -114.24
CA THR A 374 45.62 12.36 -114.88
C THR A 374 44.68 12.99 -115.90
N THR A 375 44.24 14.24 -115.66
CA THR A 375 43.35 14.98 -116.56
C THR A 375 41.96 14.33 -116.65
N SER A 376 41.79 13.19 -115.99
CA SER A 376 40.59 12.37 -116.04
C SER A 376 39.57 12.71 -114.96
N ASP A 377 39.78 13.81 -114.23
CA ASP A 377 39.19 14.02 -112.91
C ASP A 377 37.69 13.77 -112.88
N GLN A 378 37.28 12.88 -111.97
CA GLN A 378 35.89 12.64 -111.63
C GLN A 378 35.47 13.34 -110.34
N PHE A 379 36.36 14.14 -109.73
CA PHE A 379 36.16 14.61 -108.37
C PHE A 379 34.86 15.41 -108.23
N LEU A 380 34.67 16.43 -109.06
CA LEU A 380 33.45 17.22 -108.98
C LEU A 380 32.21 16.38 -109.26
N ARG A 381 32.37 15.22 -109.92
CA ARG A 381 31.24 14.33 -110.13
C ARG A 381 30.97 13.46 -108.90
N ASP A 382 32.01 12.95 -108.26
CA ASP A 382 31.80 12.05 -107.12
C ASP A 382 31.46 12.81 -105.85
N ASN A 383 32.12 13.93 -105.59
CA ASN A 383 31.81 14.81 -104.46
C ASN A 383 31.18 16.09 -104.99
N LEU A 384 30.00 16.42 -104.49
CA LEU A 384 29.25 17.58 -104.97
C LEU A 384 28.85 18.47 -103.80
N GLU A 385 28.02 17.94 -102.89
CA GLU A 385 27.57 18.73 -101.75
C GLU A 385 28.74 19.25 -100.92
N TRP A 386 29.83 18.48 -100.87
CA TRP A 386 31.03 18.97 -100.21
C TRP A 386 31.57 20.21 -100.90
N LEU A 387 31.55 20.21 -102.24
CA LEU A 387 32.00 21.38 -102.98
C LEU A 387 30.98 22.52 -102.96
N ALA A 388 29.70 22.19 -102.75
CA ALA A 388 28.71 23.24 -102.56
C ALA A 388 28.88 23.93 -101.22
N ARG A 389 29.51 23.25 -100.26
CA ARG A 389 29.82 23.86 -98.97
C ARG A 389 30.93 24.90 -99.08
N ALA A 390 31.65 24.92 -100.20
CA ALA A 390 32.80 25.81 -100.35
C ALA A 390 32.39 27.27 -100.28
N THR A 391 33.19 28.06 -99.56
CA THR A 391 32.99 29.49 -99.47
C THR A 391 34.34 30.17 -99.19
N ASN A 392 34.42 31.44 -99.59
CA ASN A 392 35.61 32.27 -99.39
C ASN A 392 36.79 31.62 -100.12
N TRP A 393 37.90 31.32 -99.46
CA TRP A 393 39.07 30.76 -100.11
C TRP A 393 38.87 29.31 -100.54
N ALA A 394 37.75 28.68 -100.16
CA ALA A 394 37.51 27.29 -100.53
C ALA A 394 37.40 27.13 -102.04
N LYS A 395 36.72 28.06 -102.72
CA LYS A 395 36.61 27.97 -104.17
C LYS A 395 37.92 28.37 -104.85
N PHE A 396 38.75 29.16 -104.20
CA PHE A 396 40.13 29.35 -104.66
C PHE A 396 40.84 28.00 -104.75
N THR A 397 40.98 27.32 -103.61
CA THR A 397 41.64 26.01 -103.58
C THR A 397 40.91 25.00 -104.46
N ALA A 398 39.58 25.09 -104.53
CA ALA A 398 38.82 24.15 -105.34
C ALA A 398 39.23 24.20 -106.80
N THR A 399 39.25 25.40 -107.39
CA THR A 399 39.74 25.56 -108.75
C THR A 399 41.26 25.55 -108.83
N ALA A 400 41.95 25.67 -107.70
CA ALA A 400 43.40 25.54 -107.70
C ALA A 400 43.83 24.08 -107.84
N SER A 401 43.07 23.16 -107.22
CA SER A 401 43.31 21.74 -107.42
C SER A 401 43.12 21.36 -108.88
N LEU A 402 42.23 22.06 -109.58
CA LEU A 402 42.04 21.83 -111.01
C LEU A 402 43.36 21.91 -111.77
N GLY A 403 44.26 22.78 -111.33
CA GLY A 403 45.56 22.88 -111.96
C GLY A 403 46.59 21.92 -111.41
N VAL A 404 46.42 21.49 -110.16
CA VAL A 404 47.36 20.53 -109.58
C VAL A 404 47.19 19.16 -110.24
N ILE A 405 45.94 18.73 -110.42
CA ILE A 405 45.70 17.44 -111.05
C ILE A 405 45.95 17.50 -112.55
N HIS A 406 45.85 18.68 -113.15
CA HIS A 406 46.14 18.88 -114.56
C HIS A 406 47.60 19.25 -114.81
N LYS A 407 48.45 19.21 -113.78
CA LYS A 407 49.86 19.51 -113.93
C LYS A 407 50.47 18.72 -115.07
N GLY A 408 51.26 19.39 -115.89
CA GLY A 408 51.64 18.85 -117.18
C GLY A 408 50.56 19.16 -118.20
N HIS A 409 50.56 18.41 -119.30
CA HIS A 409 49.54 18.53 -120.34
C HIS A 409 49.44 19.97 -120.83
N GLU A 410 50.59 20.51 -121.25
CA GLU A 410 50.73 21.93 -121.54
C GLU A 410 49.75 22.39 -122.62
N LYS A 411 49.36 21.51 -123.54
CA LYS A 411 48.60 21.94 -124.71
C LYS A 411 47.16 22.28 -124.38
N GLU A 412 46.37 21.28 -124.01
CA GLU A 412 44.93 21.43 -123.84
C GLU A 412 44.54 21.94 -122.46
N ALA A 413 45.51 22.21 -121.58
CA ALA A 413 45.18 22.62 -120.22
C ALA A 413 44.37 23.92 -120.18
N LEU A 414 44.55 24.79 -121.18
CA LEU A 414 43.83 26.06 -121.18
C LEU A 414 42.38 25.88 -121.62
N GLN A 415 42.15 25.17 -122.73
CA GLN A 415 40.81 25.05 -123.29
C GLN A 415 39.98 23.96 -122.62
N LEU A 416 40.61 22.99 -121.95
CA LEU A 416 39.85 21.92 -121.31
C LEU A 416 39.15 22.39 -120.04
N MET A 417 39.59 23.51 -119.46
CA MET A 417 39.02 24.04 -118.23
C MET A 417 37.85 25.00 -118.47
N ALA A 418 37.41 25.15 -119.72
CA ALA A 418 36.42 26.18 -120.06
C ALA A 418 35.20 26.16 -119.13
N THR A 419 34.79 24.97 -118.69
CA THR A 419 33.69 24.87 -117.73
C THR A 419 34.12 25.40 -116.36
N TYR A 420 35.33 25.09 -115.93
CA TYR A 420 35.88 25.50 -114.65
C TYR A 420 36.69 26.80 -114.74
N LEU A 421 36.69 27.45 -115.91
CA LEU A 421 37.45 28.67 -116.16
C LEU A 421 37.17 29.73 -115.11
N PRO A 422 38.14 30.60 -114.80
CA PRO A 422 37.98 31.57 -113.71
C PRO A 422 36.92 32.63 -113.96
N LYS A 423 35.65 32.24 -113.87
CA LYS A 423 34.55 33.19 -113.91
C LYS A 423 34.41 33.84 -112.52
N ASP A 424 34.32 35.16 -112.38
CA ASP A 424 34.16 36.23 -113.41
C ASP A 424 32.82 36.13 -114.15
N THR A 425 31.81 35.56 -113.48
CA THR A 425 30.42 35.81 -113.82
C THR A 425 29.79 36.87 -112.92
N SER A 426 30.55 37.37 -111.95
CA SER A 426 30.22 38.39 -110.95
C SER A 426 28.99 38.12 -110.08
N PRO A 427 28.79 36.90 -109.53
CA PRO A 427 28.14 36.79 -108.22
C PRO A 427 29.22 36.63 -107.17
N GLY A 428 29.96 37.69 -106.87
CA GLY A 428 31.39 37.54 -106.68
C GLY A 428 31.88 36.49 -105.71
N SER A 429 32.57 35.51 -106.30
CA SER A 429 33.39 34.51 -105.64
C SER A 429 34.86 34.88 -105.70
N ALA A 430 35.19 36.13 -106.06
CA ALA A 430 36.35 36.52 -106.85
C ALA A 430 37.66 35.83 -106.46
N TYR A 431 37.77 35.33 -105.23
CA TYR A 431 38.85 34.40 -104.94
C TYR A 431 38.78 33.19 -105.87
N GLN A 432 37.60 32.88 -106.40
CA GLN A 432 37.47 31.87 -107.45
C GLN A 432 38.32 32.23 -108.67
N GLU A 433 38.00 33.35 -109.32
CA GLU A 433 38.72 33.73 -110.53
C GLU A 433 40.18 34.04 -110.27
N GLY A 434 40.57 34.28 -109.02
CA GLY A 434 41.96 34.41 -108.68
C GLY A 434 42.66 33.07 -108.63
N GLY A 435 41.96 32.06 -108.09
CA GLY A 435 42.51 30.71 -108.04
C GLY A 435 42.55 30.02 -109.39
N GLY A 436 41.71 30.45 -110.33
CA GLY A 436 41.77 29.88 -111.67
C GLY A 436 43.09 30.16 -112.36
N LEU A 437 43.52 31.43 -112.31
CA LEU A 437 44.84 31.77 -112.83
C LEU A 437 45.95 31.16 -111.99
N TYR A 438 45.68 30.90 -110.71
CA TYR A 438 46.62 30.15 -109.89
C TYR A 438 46.79 28.74 -110.41
N ALA A 439 45.68 28.11 -110.82
CA ALA A 439 45.76 26.78 -111.42
C ALA A 439 46.55 26.79 -112.71
N LEU A 440 46.35 27.83 -113.53
CA LEU A 440 47.11 27.96 -114.77
C LEU A 440 48.58 28.26 -114.51
N GLY A 441 48.93 28.74 -113.32
CA GLY A 441 50.31 29.00 -112.98
C GLY A 441 51.02 27.78 -112.45
N LEU A 442 50.28 26.87 -111.82
CA LEU A 442 50.87 25.63 -111.31
C LEU A 442 51.30 24.72 -112.45
N ILE A 443 50.57 24.73 -113.56
CA ILE A 443 50.94 23.91 -114.71
C ILE A 443 52.09 24.54 -115.49
N HIS A 444 52.11 25.87 -115.58
CA HIS A 444 53.03 26.61 -116.43
C HIS A 444 54.34 26.94 -115.72
N ALA A 445 54.56 26.41 -114.52
CA ALA A 445 55.82 26.61 -113.82
C ALA A 445 56.97 26.00 -114.62
N ASN A 446 58.19 26.47 -114.33
CA ASN A 446 59.40 26.15 -115.10
C ASN A 446 59.16 26.66 -116.52
N HIS A 447 59.16 25.81 -117.54
CA HIS A 447 58.96 26.28 -118.90
C HIS A 447 57.51 26.74 -119.08
N GLY A 448 57.21 27.25 -120.26
CA GLY A 448 55.91 27.89 -120.46
C GLY A 448 55.74 28.39 -121.87
N GLY A 449 54.83 29.34 -122.02
CA GLY A 449 54.47 29.82 -123.34
C GLY A 449 53.66 31.10 -123.25
N ASP A 450 52.96 31.41 -124.34
CA ASP A 450 52.18 32.64 -124.42
C ASP A 450 51.09 32.73 -123.36
N ILE A 451 50.78 31.62 -122.68
CA ILE A 451 49.81 31.68 -121.58
C ILE A 451 50.31 32.58 -120.46
N ILE A 452 51.63 32.75 -120.35
CA ILE A 452 52.19 33.67 -119.36
C ILE A 452 51.69 35.09 -119.62
N ASP A 453 51.76 35.53 -120.88
CA ASP A 453 51.21 36.84 -121.23
C ASP A 453 49.69 36.84 -121.19
N TYR A 454 49.07 35.68 -121.38
CA TYR A 454 47.62 35.58 -121.25
C TYR A 454 47.19 35.89 -119.82
N LEU A 455 47.95 35.43 -118.84
CA LEU A 455 47.69 35.80 -117.44
C LEU A 455 48.13 37.22 -117.14
N LEU A 456 49.15 37.71 -117.85
CA LEU A 456 49.63 39.08 -117.62
C LEU A 456 48.58 40.09 -118.05
N ASN A 457 47.93 39.87 -119.20
CA ASN A 457 46.90 40.77 -119.66
C ASN A 457 45.71 40.76 -118.70
N GLN A 458 45.31 39.58 -118.23
CA GLN A 458 44.24 39.49 -117.25
C GLN A 458 44.62 40.09 -115.91
N LEU A 459 45.92 40.20 -115.62
CA LEU A 459 46.35 40.95 -114.45
C LEU A 459 46.15 42.44 -114.65
N LYS A 460 46.30 42.92 -115.88
CA LYS A 460 46.02 44.31 -116.22
C LYS A 460 44.56 44.55 -116.54
N ASN A 461 43.72 43.52 -116.47
CA ASN A 461 42.29 43.66 -116.73
C ASN A 461 41.48 43.11 -115.56
N ALA A 462 40.16 43.05 -115.74
CA ALA A 462 39.21 42.54 -114.74
C ALA A 462 39.36 43.37 -113.46
N SER A 463 39.32 42.74 -112.29
CA SER A 463 39.29 43.44 -111.01
C SER A 463 40.63 43.32 -110.29
N ASN A 464 40.69 43.93 -109.10
CA ASN A 464 41.85 43.88 -108.22
C ASN A 464 41.35 43.92 -106.77
N ASP A 465 42.09 43.33 -105.83
CA ASP A 465 43.36 42.66 -106.08
C ASP A 465 43.18 41.16 -106.26
N ILE A 466 41.91 40.72 -106.27
CA ILE A 466 41.58 39.30 -106.31
C ILE A 466 42.26 38.56 -107.46
N VAL A 467 42.51 39.23 -108.59
CA VAL A 467 43.22 38.59 -109.68
C VAL A 467 44.69 38.38 -109.32
N ARG A 468 45.30 39.33 -108.62
CA ARG A 468 46.74 39.25 -108.36
C ARG A 468 47.10 38.10 -107.45
N HIS A 469 46.16 37.61 -106.63
CA HIS A 469 46.43 36.57 -105.65
C HIS A 469 47.04 35.34 -106.31
N GLY A 470 46.26 34.67 -107.16
CA GLY A 470 46.79 33.52 -107.88
C GLY A 470 47.28 33.86 -109.27
N GLY A 471 46.85 35.02 -109.79
CA GLY A 471 47.28 35.42 -111.11
C GLY A 471 48.74 35.83 -111.16
N SER A 472 49.15 36.74 -110.27
CA SER A 472 50.55 37.12 -110.21
C SER A 472 51.42 35.95 -109.76
N LEU A 473 50.90 35.12 -108.86
CA LEU A 473 51.57 33.85 -108.57
C LEU A 473 51.75 33.01 -109.83
N GLY A 474 50.74 32.98 -110.71
CA GLY A 474 50.91 32.33 -111.99
C GLY A 474 51.92 33.02 -112.88
N LEU A 475 51.96 34.35 -112.84
CA LEU A 475 52.90 35.10 -113.66
C LEU A 475 54.34 34.89 -113.18
N GLY A 476 54.54 34.88 -111.86
CA GLY A 476 55.87 34.69 -111.31
C GLY A 476 56.34 33.25 -111.31
N LEU A 477 55.43 32.30 -111.06
CA LEU A 477 55.83 30.90 -111.02
C LEU A 477 56.15 30.37 -112.41
N ALA A 478 55.48 30.88 -113.45
CA ALA A 478 55.78 30.46 -114.81
C ALA A 478 57.11 31.02 -115.31
N ALA A 479 57.48 32.20 -114.83
CA ALA A 479 58.75 32.82 -115.17
C ALA A 479 59.87 32.45 -114.18
N MET A 480 59.59 31.55 -113.24
CA MET A 480 60.58 31.15 -112.25
C MET A 480 61.85 30.63 -112.92
N GLY A 481 62.99 31.17 -112.50
CA GLY A 481 64.27 30.76 -113.04
C GLY A 481 64.59 31.26 -114.43
N THR A 482 63.66 31.98 -115.06
CA THR A 482 63.88 32.49 -116.41
C THR A 482 64.50 33.89 -116.43
N ALA A 483 64.63 34.54 -115.27
CA ALA A 483 65.19 35.89 -115.16
C ALA A 483 64.44 36.86 -116.06
N ARG A 484 63.12 36.88 -115.94
CA ARG A 484 62.29 37.75 -116.75
C ARG A 484 62.43 39.20 -116.29
N GLN A 485 62.45 40.12 -117.26
CA GLN A 485 62.72 41.53 -116.98
C GLN A 485 61.44 42.33 -116.74
N ASP A 486 60.57 42.40 -117.76
CA ASP A 486 59.37 43.22 -117.66
C ASP A 486 58.53 42.86 -116.46
N VAL A 487 58.57 41.60 -116.01
CA VAL A 487 57.79 41.21 -114.85
C VAL A 487 58.22 41.98 -113.61
N TYR A 488 59.51 42.33 -113.51
CA TYR A 488 59.97 43.10 -112.36
C TYR A 488 59.41 44.52 -112.40
N ASP A 489 59.24 45.08 -113.60
CA ASP A 489 58.70 46.43 -113.72
C ASP A 489 57.20 46.44 -113.47
N LEU A 490 56.44 45.72 -114.30
CA LEU A 490 54.99 45.71 -114.16
C LEU A 490 54.53 45.17 -112.81
N LEU A 491 55.38 44.44 -112.08
CA LEU A 491 55.06 44.08 -110.71
C LEU A 491 55.38 45.17 -109.72
N LYS A 492 56.19 46.17 -110.09
CA LYS A 492 56.39 47.30 -109.20
C LYS A 492 55.18 48.23 -109.21
N THR A 493 54.68 48.55 -110.41
CA THR A 493 53.44 49.33 -110.50
C THR A 493 52.23 48.51 -110.05
N ASN A 494 52.33 47.18 -110.09
CA ASN A 494 51.29 46.34 -109.49
C ASN A 494 51.44 46.27 -107.99
N LEU A 495 52.68 46.30 -107.49
CA LEU A 495 52.93 46.32 -106.05
C LEU A 495 52.39 47.59 -105.38
N TYR A 496 52.25 48.68 -106.14
CA TYR A 496 51.84 49.96 -105.59
C TYR A 496 50.32 50.11 -105.49
N GLN A 497 49.56 49.08 -105.86
CA GLN A 497 48.11 49.15 -105.71
C GLN A 497 47.66 49.15 -104.25
N ASP A 498 48.55 48.88 -103.31
CA ASP A 498 48.34 49.09 -101.89
C ASP A 498 47.14 48.28 -101.37
N ASP A 499 47.36 46.96 -101.29
CA ASP A 499 46.43 46.07 -100.61
C ASP A 499 47.23 45.08 -99.79
N ALA A 500 46.52 44.21 -99.05
CA ALA A 500 47.13 43.34 -98.05
C ALA A 500 47.31 41.91 -98.54
N VAL A 501 46.20 41.21 -98.81
CA VAL A 501 46.28 39.80 -99.20
C VAL A 501 47.10 39.62 -100.46
N THR A 502 47.14 40.63 -101.33
CA THR A 502 48.02 40.59 -102.50
C THR A 502 49.49 40.75 -102.13
N GLY A 503 49.79 40.98 -100.85
CA GLY A 503 51.18 41.12 -100.45
C GLY A 503 52.01 39.88 -100.74
N GLU A 504 51.50 38.71 -100.33
CA GLU A 504 52.20 37.46 -100.61
C GLU A 504 52.23 37.16 -102.10
N ALA A 505 51.22 37.64 -102.84
CA ALA A 505 51.13 37.42 -104.28
C ALA A 505 52.36 37.96 -105.01
N ALA A 506 52.54 39.29 -104.98
CA ALA A 506 53.66 39.89 -105.70
C ALA A 506 55.00 39.55 -105.06
N GLY A 507 55.00 39.20 -103.77
CA GLY A 507 56.26 38.86 -103.13
C GLY A 507 56.83 37.55 -103.61
N LEU A 508 56.01 36.50 -103.62
CA LEU A 508 56.46 35.21 -104.12
C LEU A 508 56.72 35.25 -105.63
N ALA A 509 55.94 36.06 -106.36
CA ALA A 509 56.13 36.16 -107.80
C ALA A 509 57.47 36.83 -108.13
N LEU A 510 57.75 37.96 -107.50
CA LEU A 510 59.02 38.66 -107.76
C LEU A 510 60.20 37.86 -107.24
N GLY A 511 60.00 37.03 -106.23
CA GLY A 511 61.09 36.19 -105.74
C GLY A 511 61.37 35.00 -106.62
N LEU A 512 60.36 34.50 -107.34
CA LEU A 512 60.55 33.37 -108.22
C LEU A 512 61.20 33.78 -109.54
N VAL A 513 60.82 34.94 -110.08
CA VAL A 513 61.37 35.37 -111.37
C VAL A 513 62.84 35.73 -111.23
N MET A 514 63.27 36.18 -110.05
CA MET A 514 64.64 36.59 -109.81
C MET A 514 65.49 35.46 -109.20
N LEU A 515 64.94 34.25 -109.11
CA LEU A 515 65.65 33.14 -108.50
C LEU A 515 67.02 32.93 -109.14
N GLY A 516 68.05 32.86 -108.30
CA GLY A 516 69.42 32.66 -108.74
C GLY A 516 70.08 33.86 -109.37
N SER A 517 69.36 34.96 -109.59
CA SER A 517 69.92 36.13 -110.25
C SER A 517 70.76 37.00 -109.32
N LYS A 518 70.53 36.91 -108.01
CA LYS A 518 71.21 37.72 -106.99
C LYS A 518 71.32 39.19 -107.41
N ASN A 519 70.18 39.74 -107.83
CA ASN A 519 70.14 41.09 -108.36
C ASN A 519 70.32 42.10 -107.22
N ALA A 520 70.29 43.39 -107.59
CA ALA A 520 70.50 44.48 -106.64
C ALA A 520 69.24 45.32 -106.45
N GLN A 521 68.76 45.98 -107.51
CA GLN A 521 67.60 46.86 -107.38
C GLN A 521 66.33 46.11 -107.02
N ALA A 522 66.27 44.81 -107.29
CA ALA A 522 65.08 44.04 -106.91
C ALA A 522 64.94 43.92 -105.40
N ILE A 523 66.01 43.49 -104.73
CA ILE A 523 65.99 43.42 -103.28
C ILE A 523 65.94 44.82 -102.67
N GLU A 524 66.56 45.80 -103.34
CA GLU A 524 66.53 47.17 -102.84
C GLU A 524 65.12 47.74 -102.83
N ASP A 525 64.34 47.44 -103.88
CA ASP A 525 62.96 47.92 -103.91
C ASP A 525 62.04 47.12 -103.00
N MET A 526 62.32 45.81 -102.85
CA MET A 526 61.52 45.01 -101.93
C MET A 526 61.76 45.42 -100.49
N VAL A 527 63.01 45.74 -100.13
CA VAL A 527 63.29 46.24 -98.78
C VAL A 527 62.91 47.70 -98.62
N GLY A 528 62.65 48.41 -99.72
CA GLY A 528 62.25 49.80 -99.66
C GLY A 528 60.75 49.99 -99.58
N TYR A 529 59.99 48.99 -100.03
CA TYR A 529 58.54 49.01 -99.96
C TYR A 529 58.01 48.48 -98.63
N ALA A 530 58.84 47.81 -97.84
CA ALA A 530 58.41 47.19 -96.59
C ALA A 530 58.17 48.19 -95.46
N GLN A 531 58.53 49.46 -95.66
CA GLN A 531 58.38 50.45 -94.59
C GLN A 531 56.98 51.04 -94.57
N GLU A 532 56.61 51.76 -95.63
CA GLU A 532 55.34 52.48 -95.67
C GLU A 532 54.12 51.55 -95.69
N THR A 533 54.32 50.25 -95.94
CA THR A 533 53.19 49.33 -95.97
C THR A 533 52.80 48.90 -94.55
N GLN A 534 51.50 48.77 -94.34
CA GLN A 534 50.95 48.39 -93.05
C GLN A 534 50.63 46.90 -92.95
N HIS A 535 50.90 46.12 -93.98
CA HIS A 535 50.51 44.73 -94.04
C HIS A 535 51.68 43.83 -93.67
N GLU A 536 51.39 42.75 -92.94
CA GLU A 536 52.40 41.74 -92.64
C GLU A 536 52.49 40.65 -93.70
N LYS A 537 51.50 40.55 -94.58
CA LYS A 537 51.56 39.57 -95.66
C LYS A 537 52.50 40.01 -96.77
N ILE A 538 52.55 41.31 -97.05
CA ILE A 538 53.57 41.82 -97.97
C ILE A 538 54.96 41.68 -97.36
N LEU A 539 55.06 41.69 -96.02
CA LEU A 539 56.33 41.43 -95.37
C LEU A 539 56.75 39.98 -95.52
N ARG A 540 55.79 39.05 -95.44
CA ARG A 540 56.12 37.63 -95.56
C ARG A 540 56.34 37.24 -97.03
N GLY A 541 55.52 37.77 -97.94
CA GLY A 541 55.74 37.53 -99.35
C GLY A 541 57.09 38.06 -99.81
N LEU A 542 57.46 39.26 -99.37
CA LEU A 542 58.78 39.80 -99.66
C LEU A 542 59.87 39.11 -98.83
N ALA A 543 59.51 38.53 -97.68
CA ALA A 543 60.48 37.75 -96.91
C ALA A 543 60.96 36.55 -97.71
N VAL A 544 60.03 35.70 -98.17
CA VAL A 544 60.38 34.61 -99.05
C VAL A 544 60.86 35.12 -100.40
N GLY A 545 60.41 36.31 -100.80
CA GLY A 545 60.85 36.87 -102.07
C GLY A 545 62.34 37.16 -102.09
N ILE A 546 62.82 37.91 -101.08
CA ILE A 546 64.26 38.17 -101.00
C ILE A 546 65.01 36.95 -100.50
N ALA A 547 64.31 35.95 -99.97
CA ALA A 547 64.95 34.69 -99.64
C ALA A 547 65.13 33.81 -100.87
N LEU A 548 64.15 33.83 -101.78
CA LEU A 548 64.18 32.97 -102.95
C LEU A 548 65.11 33.50 -104.03
N VAL A 549 65.38 34.81 -104.03
CA VAL A 549 66.25 35.38 -105.06
C VAL A 549 67.68 34.86 -104.92
N MET A 550 68.08 34.47 -103.70
CA MET A 550 69.41 33.97 -103.43
C MET A 550 69.32 32.47 -103.19
N TYR A 551 69.96 31.68 -104.06
CA TYR A 551 69.95 30.23 -103.97
C TYR A 551 71.36 29.71 -104.26
N GLY A 552 71.90 28.93 -103.33
CA GLY A 552 73.23 28.38 -103.52
C GLY A 552 74.33 29.41 -103.47
N ARG A 553 74.12 30.54 -102.78
CA ARG A 553 75.11 31.59 -102.73
C ARG A 553 76.21 31.31 -101.70
N MET A 554 75.97 30.44 -100.73
CA MET A 554 76.94 30.06 -99.70
C MET A 554 77.37 31.33 -98.96
N GLU A 555 78.65 31.69 -98.95
CA GLU A 555 79.13 32.86 -98.23
C GLU A 555 78.87 34.16 -98.97
N GLU A 556 78.47 34.11 -100.24
CA GLU A 556 78.23 35.34 -100.99
C GLU A 556 77.02 36.11 -100.45
N ALA A 557 76.03 35.40 -99.92
CA ALA A 557 74.84 36.03 -99.37
C ALA A 557 74.99 36.47 -97.93
N ASP A 558 76.05 36.02 -97.24
CA ASP A 558 76.20 36.30 -95.81
C ASP A 558 76.33 37.79 -95.53
N ALA A 559 76.69 38.61 -96.52
CA ALA A 559 76.72 40.04 -96.31
C ALA A 559 75.33 40.58 -96.02
N LEU A 560 74.32 40.12 -96.77
CA LEU A 560 72.94 40.50 -96.48
C LEU A 560 72.37 39.71 -95.32
N ILE A 561 72.77 38.44 -95.17
CA ILE A 561 72.27 37.62 -94.07
C ILE A 561 72.61 38.25 -92.72
N GLU A 562 73.78 38.90 -92.62
CA GLU A 562 74.15 39.57 -91.39
C GLU A 562 73.18 40.71 -91.07
N SER A 563 72.76 41.46 -92.09
CA SER A 563 71.83 42.56 -91.85
C SER A 563 70.43 42.06 -91.54
N LEU A 564 70.01 40.98 -92.20
CA LEU A 564 68.66 40.45 -91.95
C LEU A 564 68.56 39.81 -90.58
N CYS A 565 69.63 39.14 -90.13
CA CYS A 565 69.59 38.47 -88.84
C CYS A 565 69.78 39.46 -87.69
N ARG A 566 70.64 40.47 -87.87
CA ARG A 566 70.88 41.45 -86.83
C ARG A 566 69.67 42.34 -86.58
N ASP A 567 68.82 42.51 -87.58
CA ASP A 567 67.65 43.36 -87.42
C ASP A 567 66.68 42.77 -86.40
N LYS A 568 65.93 43.66 -85.75
CA LYS A 568 64.99 43.29 -84.71
C LYS A 568 63.62 42.86 -85.24
N ASP A 569 63.43 42.90 -86.55
CA ASP A 569 62.15 42.50 -87.14
C ASP A 569 62.07 40.98 -87.20
N PRO A 570 61.12 40.35 -86.50
CA PRO A 570 61.04 38.89 -86.54
C PRO A 570 60.73 38.34 -87.93
N ILE A 571 59.91 39.05 -88.71
CA ILE A 571 59.58 38.59 -90.05
C ILE A 571 60.81 38.67 -90.95
N LEU A 572 61.62 39.72 -90.78
CA LEU A 572 62.85 39.82 -91.57
C LEU A 572 63.90 38.83 -91.11
N ARG A 573 63.90 38.47 -89.82
CA ARG A 573 64.78 37.41 -89.36
C ARG A 573 64.39 36.07 -89.99
N ARG A 574 63.08 35.76 -89.97
CA ARG A 574 62.60 34.56 -90.66
C ARG A 574 62.90 34.62 -92.15
N SER A 575 62.94 35.84 -92.72
CA SER A 575 63.36 36.01 -94.10
C SER A 575 64.81 35.55 -94.28
N GLY A 576 65.70 35.99 -93.39
CA GLY A 576 67.07 35.55 -93.44
C GLY A 576 67.26 34.07 -93.17
N MET A 577 66.29 33.44 -92.51
CA MET A 577 66.37 32.00 -92.29
C MET A 577 66.14 31.23 -93.58
N TYR A 578 65.09 31.58 -94.33
CA TYR A 578 64.88 30.98 -95.63
C TYR A 578 65.97 31.40 -96.62
N THR A 579 66.53 32.59 -96.45
CA THR A 579 67.59 33.05 -97.34
C THR A 579 68.88 32.26 -97.09
N VAL A 580 69.25 32.08 -95.82
CA VAL A 580 70.45 31.32 -95.52
C VAL A 580 70.24 29.84 -95.79
N ALA A 581 68.98 29.39 -95.78
CA ALA A 581 68.70 27.98 -96.09
C ALA A 581 68.91 27.70 -97.58
N MET A 582 68.30 28.52 -98.45
CA MET A 582 68.44 28.30 -99.88
C MET A 582 69.85 28.58 -100.36
N ALA A 583 70.59 29.45 -99.68
CA ALA A 583 71.97 29.73 -100.07
C ALA A 583 72.89 28.59 -99.67
N TYR A 584 72.64 27.98 -98.52
CA TYR A 584 73.45 26.88 -98.02
C TYR A 584 72.87 25.50 -98.37
N CYS A 585 71.79 25.46 -99.16
CA CYS A 585 71.21 24.18 -99.58
C CYS A 585 72.27 23.30 -100.22
N GLY A 586 72.35 22.05 -99.74
CA GLY A 586 73.32 21.10 -100.23
C GLY A 586 74.64 21.08 -99.47
N SER A 587 74.94 22.14 -98.73
CA SER A 587 76.21 22.24 -98.01
C SER A 587 75.97 22.02 -96.51
N GLY A 588 76.91 21.31 -95.89
CA GLY A 588 76.85 21.06 -94.46
C GLY A 588 77.78 21.95 -93.67
N ASN A 589 78.18 23.09 -94.25
CA ASN A 589 79.11 23.99 -93.59
C ASN A 589 78.53 24.48 -92.26
N ASN A 590 79.41 24.66 -91.29
CA ASN A 590 79.01 25.12 -89.97
C ASN A 590 78.94 26.64 -89.84
N LYS A 591 79.28 27.38 -90.91
CA LYS A 591 79.12 28.83 -90.85
C LYS A 591 77.65 29.23 -90.82
N ALA A 592 76.80 28.50 -91.56
CA ALA A 592 75.37 28.76 -91.48
C ALA A 592 74.83 28.41 -90.09
N ILE A 593 75.20 27.25 -89.55
CA ILE A 593 74.65 26.81 -88.28
C ILE A 593 75.10 27.70 -87.12
N ARG A 594 76.08 28.58 -87.35
CA ARG A 594 76.44 29.55 -86.33
C ARG A 594 75.27 30.46 -85.97
N ARG A 595 74.86 31.30 -86.91
CA ARG A 595 73.76 32.25 -86.65
C ARG A 595 72.40 31.58 -86.77
N LEU A 596 72.25 30.64 -87.71
CA LEU A 596 70.98 29.96 -87.89
C LEU A 596 70.54 29.28 -86.59
N LEU A 597 71.47 28.56 -85.96
CA LEU A 597 71.16 27.86 -84.72
C LEU A 597 71.17 28.81 -83.53
N HIS A 598 71.91 29.91 -83.63
CA HIS A 598 71.93 30.89 -82.54
C HIS A 598 70.57 31.55 -82.39
N VAL A 599 70.00 32.04 -83.49
CA VAL A 599 68.65 32.60 -83.44
C VAL A 599 67.63 31.50 -83.14
N ALA A 600 67.99 30.24 -83.35
CA ALA A 600 67.14 29.13 -82.93
C ALA A 600 67.23 28.86 -81.44
N VAL A 601 68.12 29.56 -80.72
CA VAL A 601 68.29 29.37 -79.28
C VAL A 601 67.74 30.57 -78.52
N SER A 602 68.36 31.73 -78.70
CA SER A 602 68.14 32.88 -77.84
C SER A 602 66.95 33.75 -78.26
N ASP A 603 66.26 33.42 -79.34
CA ASP A 603 65.16 34.25 -79.80
C ASP A 603 63.89 33.97 -78.98
N VAL A 604 63.07 35.01 -78.81
CA VAL A 604 61.87 34.91 -78.00
C VAL A 604 60.62 34.66 -78.82
N ASN A 605 60.72 34.59 -80.14
CA ASN A 605 59.58 34.40 -81.01
C ASN A 605 59.62 32.98 -81.59
N ASP A 606 58.59 32.19 -81.28
CA ASP A 606 58.60 30.77 -81.61
C ASP A 606 58.43 30.52 -83.10
N ASP A 607 57.77 31.42 -83.83
CA ASP A 607 57.50 31.18 -85.24
C ASP A 607 58.78 31.22 -86.06
N VAL A 608 59.58 32.29 -85.91
CA VAL A 608 60.85 32.36 -86.62
C VAL A 608 61.82 31.30 -86.12
N ARG A 609 61.74 30.95 -84.83
CA ARG A 609 62.51 29.82 -84.32
C ARG A 609 62.10 28.52 -85.02
N ARG A 610 60.81 28.37 -85.32
CA ARG A 610 60.35 27.20 -86.06
C ARG A 610 60.96 27.18 -87.46
N ALA A 611 60.90 28.30 -88.18
CA ALA A 611 61.52 28.39 -89.49
C ALA A 611 63.04 28.27 -89.40
N ALA A 612 63.62 28.53 -88.23
CA ALA A 612 65.06 28.35 -88.05
C ALA A 612 65.43 26.88 -87.99
N VAL A 613 64.67 26.08 -87.23
CA VAL A 613 64.94 24.64 -87.13
C VAL A 613 64.44 23.87 -88.34
N GLU A 614 63.61 24.47 -89.18
CA GLU A 614 63.20 23.83 -90.42
C GLU A 614 64.27 23.86 -91.49
N SER A 615 65.16 24.85 -91.44
CA SER A 615 66.25 24.95 -92.41
C SER A 615 67.23 23.78 -92.34
N LEU A 616 67.19 23.00 -91.25
CA LEU A 616 68.02 21.80 -91.17
C LEU A 616 67.66 20.81 -92.28
N GLY A 617 66.40 20.79 -92.71
CA GLY A 617 66.03 19.95 -93.84
C GLY A 617 66.47 20.50 -95.18
N PHE A 618 66.62 21.82 -95.28
CA PHE A 618 67.04 22.43 -96.54
C PHE A 618 68.53 22.30 -96.75
N ILE A 619 69.33 22.65 -95.74
CA ILE A 619 70.78 22.68 -95.93
C ILE A 619 71.40 21.29 -95.78
N LEU A 620 70.89 20.46 -94.85
CA LEU A 620 71.50 19.19 -94.50
C LEU A 620 70.91 18.01 -95.26
N PHE A 621 70.01 18.25 -96.22
CA PHE A 621 69.33 17.16 -96.91
C PHE A 621 70.29 16.20 -97.61
N ARG A 622 71.53 16.63 -97.86
CA ARG A 622 72.51 15.73 -98.45
C ARG A 622 72.97 14.66 -97.48
N THR A 623 72.94 14.95 -96.18
CA THR A 623 73.33 14.01 -95.13
C THR A 623 72.18 13.88 -94.12
N PRO A 624 71.10 13.19 -94.50
CA PRO A 624 69.94 13.10 -93.61
C PRO A 624 70.18 12.25 -92.37
N GLU A 625 71.21 11.41 -92.35
CA GLU A 625 71.37 10.44 -91.27
C GLU A 625 71.68 11.11 -89.93
N GLN A 626 72.44 12.20 -89.93
CA GLN A 626 72.85 12.83 -88.68
C GLN A 626 71.74 13.67 -88.06
N CYS A 627 70.76 14.11 -88.85
CA CYS A 627 69.71 14.97 -88.30
C CYS A 627 68.91 14.32 -87.17
N PRO A 628 68.45 13.07 -87.26
CA PRO A 628 67.75 12.49 -86.10
C PRO A 628 68.60 12.44 -84.85
N SER A 629 69.92 12.36 -84.98
CA SER A 629 70.79 12.30 -83.80
C SER A 629 70.94 13.67 -83.16
N VAL A 630 71.17 14.70 -83.95
CA VAL A 630 71.42 16.04 -83.40
C VAL A 630 70.11 16.71 -82.97
N VAL A 631 69.01 16.42 -83.65
CA VAL A 631 67.70 16.99 -83.32
C VAL A 631 66.91 16.08 -82.38
N SER A 632 67.54 15.00 -81.90
CA SER A 632 66.87 14.05 -81.01
C SER A 632 66.18 14.74 -79.85
N LEU A 633 66.95 15.39 -78.97
CA LEU A 633 66.35 16.10 -77.85
C LEU A 633 65.53 17.30 -78.31
N LEU A 634 65.92 17.91 -79.43
CA LEU A 634 65.28 19.16 -79.86
C LEU A 634 63.81 18.98 -80.22
N SER A 635 63.33 17.73 -80.30
CA SER A 635 61.91 17.46 -80.45
C SER A 635 61.22 17.24 -79.11
N GLU A 636 61.96 17.32 -78.00
CA GLU A 636 61.42 17.20 -76.66
C GLU A 636 61.15 18.56 -76.01
N SER A 637 61.35 19.65 -76.74
CA SER A 637 61.26 20.99 -76.16
C SER A 637 59.84 21.29 -75.68
N TYR A 638 59.75 22.25 -74.76
CA TYR A 638 58.47 22.57 -74.13
C TYR A 638 57.51 23.20 -75.14
N ASN A 639 58.01 24.08 -76.01
CA ASN A 639 57.01 24.66 -76.90
C ASN A 639 56.77 23.76 -78.10
N PRO A 640 55.52 23.59 -78.51
CA PRO A 640 55.24 22.74 -79.68
C PRO A 640 55.77 23.30 -80.99
N HIS A 641 56.12 24.59 -81.04
CA HIS A 641 56.64 25.18 -82.28
C HIS A 641 57.97 24.56 -82.66
N VAL A 642 58.88 24.42 -81.69
CA VAL A 642 60.18 23.80 -81.98
C VAL A 642 59.99 22.32 -82.30
N ARG A 643 59.13 21.63 -81.55
CA ARG A 643 58.84 20.23 -81.86
C ARG A 643 58.21 20.07 -83.23
N TYR A 644 57.48 21.09 -83.69
CA TYR A 644 56.83 21.03 -85.00
C TYR A 644 57.84 21.21 -86.11
N GLY A 645 58.50 22.36 -86.15
CA GLY A 645 59.48 22.63 -87.20
C GLY A 645 60.59 21.60 -87.25
N ALA A 646 60.96 21.03 -86.10
CA ALA A 646 61.96 19.97 -86.08
C ALA A 646 61.40 18.68 -86.67
N ALA A 647 60.12 18.40 -86.43
CA ALA A 647 59.49 17.24 -87.04
C ALA A 647 59.41 17.41 -88.56
N MET A 648 59.13 18.63 -89.02
CA MET A 648 59.19 18.89 -90.46
C MET A 648 60.61 18.78 -90.98
N ALA A 649 61.60 19.17 -90.17
CA ALA A 649 63.00 19.06 -90.59
C ALA A 649 63.39 17.61 -90.80
N LEU A 650 63.10 16.75 -89.83
CA LEU A 650 63.40 15.33 -89.97
C LEU A 650 62.59 14.70 -91.10
N GLY A 651 61.39 15.21 -91.35
CA GLY A 651 60.55 14.65 -92.40
C GLY A 651 61.08 14.95 -93.79
N ILE A 652 61.38 16.21 -94.06
CA ILE A 652 61.83 16.61 -95.40
C ILE A 652 63.28 16.24 -95.66
N CYS A 653 64.10 16.10 -94.62
CA CYS A 653 65.51 15.78 -94.82
C CYS A 653 65.70 14.30 -95.16
N CYS A 654 65.05 13.42 -94.40
CA CYS A 654 65.18 11.98 -94.58
C CYS A 654 64.14 11.42 -95.55
N ALA A 655 63.33 12.29 -96.17
CA ALA A 655 62.25 11.82 -97.04
C ALA A 655 62.76 10.89 -98.13
N GLY A 656 63.90 11.24 -98.74
CA GLY A 656 64.49 10.40 -99.76
C GLY A 656 65.17 9.15 -99.27
N THR A 657 65.11 8.87 -97.97
CA THR A 657 65.75 7.71 -97.38
C THR A 657 64.73 6.85 -96.66
N GLY A 658 65.10 5.59 -96.43
CA GLY A 658 64.25 4.64 -95.73
C GLY A 658 64.66 4.45 -94.28
N ASN A 659 65.35 5.44 -93.73
CA ASN A 659 65.87 5.32 -92.36
C ASN A 659 64.73 5.14 -91.37
N LYS A 660 64.87 4.14 -90.50
CA LYS A 660 63.87 3.86 -89.48
C LYS A 660 64.03 4.73 -88.24
N GLU A 661 65.18 5.38 -88.08
CA GLU A 661 65.40 6.20 -86.89
C GLU A 661 64.48 7.41 -86.87
N ALA A 662 64.27 8.04 -88.03
CA ALA A 662 63.37 9.19 -88.10
C ALA A 662 61.94 8.77 -87.77
N ILE A 663 61.52 7.59 -88.23
CA ILE A 663 60.20 7.09 -87.90
C ILE A 663 60.11 6.78 -86.41
N ASN A 664 61.21 6.36 -85.79
CA ASN A 664 61.21 6.09 -84.36
C ASN A 664 61.03 7.38 -83.56
N LEU A 665 61.70 8.46 -83.99
CA LEU A 665 61.56 9.72 -83.27
C LEU A 665 60.22 10.39 -83.54
N LEU A 666 59.61 10.11 -84.70
CA LEU A 666 58.29 10.65 -85.01
C LEU A 666 57.16 9.87 -84.35
N GLU A 667 57.46 8.73 -83.70
CA GLU A 667 56.41 7.99 -83.02
C GLU A 667 55.86 8.75 -81.81
N PRO A 668 56.69 9.28 -80.90
CA PRO A 668 56.13 10.11 -79.81
C PRO A 668 55.58 11.43 -80.28
N MET A 669 55.95 11.89 -81.48
CA MET A 669 55.48 13.20 -81.95
C MET A 669 53.97 13.19 -82.19
N THR A 670 53.45 12.11 -82.77
CA THR A 670 52.00 11.98 -82.95
C THR A 670 51.28 11.66 -81.66
N ASN A 671 52.02 11.40 -80.57
CA ASN A 671 51.44 11.19 -79.25
C ASN A 671 51.45 12.44 -78.40
N ASP A 672 51.99 13.55 -78.92
CA ASP A 672 52.08 14.77 -78.13
C ASP A 672 50.69 15.38 -77.92
N PRO A 673 50.44 15.96 -76.74
CA PRO A 673 49.10 16.53 -76.50
C PRO A 673 48.71 17.66 -77.43
N VAL A 674 49.68 18.44 -77.91
CA VAL A 674 49.35 19.57 -78.79
C VAL A 674 48.90 19.04 -80.15
N ASN A 675 48.03 19.80 -80.81
CA ASN A 675 47.40 19.33 -82.03
C ASN A 675 48.34 19.40 -83.23
N TYR A 676 48.77 20.62 -83.60
CA TYR A 676 49.50 20.79 -84.86
C TYR A 676 50.86 20.10 -84.86
N VAL A 677 51.40 19.76 -83.69
CA VAL A 677 52.63 18.98 -83.67
C VAL A 677 52.34 17.53 -84.05
N ARG A 678 51.15 17.03 -83.71
CA ARG A 678 50.71 15.74 -84.25
C ARG A 678 50.45 15.86 -85.74
N GLN A 679 49.89 16.99 -86.18
CA GLN A 679 49.63 17.22 -87.59
C GLN A 679 50.92 17.18 -88.39
N GLY A 680 51.90 17.98 -87.99
CA GLY A 680 53.20 17.93 -88.64
C GLY A 680 53.87 16.57 -88.49
N ALA A 681 53.54 15.84 -87.43
CA ALA A 681 54.01 14.47 -87.32
C ALA A 681 53.34 13.56 -88.34
N LEU A 682 52.09 13.87 -88.73
CA LEU A 682 51.41 13.08 -89.74
C LEU A 682 51.95 13.39 -91.14
N ILE A 683 52.20 14.68 -91.43
CA ILE A 683 52.73 15.05 -92.73
C ILE A 683 54.14 14.52 -92.91
N ALA A 684 54.99 14.73 -91.89
CA ALA A 684 56.38 14.29 -91.99
C ALA A 684 56.48 12.77 -92.04
N SER A 685 55.58 12.07 -91.33
CA SER A 685 55.60 10.62 -91.38
C SER A 685 55.16 10.10 -92.73
N ALA A 686 54.35 10.87 -93.45
CA ALA A 686 54.04 10.53 -94.83
C ALA A 686 55.17 10.91 -95.78
N LEU A 687 56.03 11.85 -95.37
CA LEU A 687 57.19 12.21 -96.18
C LEU A 687 58.30 11.18 -96.07
N ILE A 688 58.42 10.50 -94.94
CA ILE A 688 59.44 9.47 -94.80
C ILE A 688 59.03 8.18 -95.49
N MET A 689 57.73 7.94 -95.65
CA MET A 689 57.21 6.71 -96.22
C MET A 689 56.93 6.82 -97.72
N ILE A 690 57.29 7.94 -98.36
CA ILE A 690 56.94 8.20 -99.74
C ILE A 690 57.40 7.05 -100.64
N GLN A 691 56.46 6.49 -101.41
CA GLN A 691 56.71 5.40 -102.34
C GLN A 691 57.14 4.11 -101.63
N GLN A 692 57.35 4.18 -100.32
CA GLN A 692 57.79 3.04 -99.54
C GLN A 692 56.58 2.25 -99.07
N THR A 693 56.54 0.97 -99.42
CA THR A 693 55.42 0.10 -99.10
C THR A 693 55.65 -0.59 -97.75
N GLU A 694 54.78 -1.55 -97.43
CA GLU A 694 54.85 -2.23 -96.13
C GLU A 694 56.16 -2.99 -95.96
N ILE A 695 56.71 -3.54 -97.04
CA ILE A 695 57.96 -4.29 -96.93
C ILE A 695 59.12 -3.39 -96.58
N THR A 696 59.01 -2.08 -96.80
CA THR A 696 60.07 -1.15 -96.43
C THR A 696 60.11 -0.95 -94.92
N CYS A 697 59.06 -0.34 -94.36
CA CYS A 697 58.94 -0.17 -92.93
C CYS A 697 57.58 -0.69 -92.47
N PRO A 698 57.52 -1.34 -91.29
CA PRO A 698 56.25 -1.91 -90.83
C PRO A 698 55.19 -0.88 -90.50
N LYS A 699 55.56 0.39 -90.36
CA LYS A 699 54.64 1.42 -89.88
C LYS A 699 53.79 2.03 -90.99
N VAL A 700 53.93 1.55 -92.23
CA VAL A 700 53.15 2.08 -93.35
C VAL A 700 51.66 1.92 -93.07
N ASN A 701 51.18 0.68 -93.02
CA ASN A 701 49.75 0.45 -92.80
C ASN A 701 49.31 0.90 -91.42
N GLN A 702 50.22 0.87 -90.43
CA GLN A 702 49.87 1.35 -89.10
C GLN A 702 49.55 2.84 -89.12
N PHE A 703 50.30 3.61 -89.90
CA PHE A 703 50.01 5.03 -90.04
C PHE A 703 48.87 5.29 -91.01
N ARG A 704 48.74 4.46 -92.05
CA ARG A 704 47.63 4.61 -92.99
C ARG A 704 46.29 4.45 -92.29
N GLN A 705 46.16 3.40 -91.47
CA GLN A 705 44.94 3.23 -90.70
C GLN A 705 44.80 4.29 -89.63
N LEU A 706 45.93 4.84 -89.15
CA LEU A 706 45.88 5.91 -88.16
C LEU A 706 45.39 7.21 -88.78
N TYR A 707 45.56 7.38 -90.10
CA TYR A 707 45.10 8.58 -90.77
C TYR A 707 43.59 8.59 -90.89
N SER A 708 43.03 7.59 -91.59
CA SER A 708 41.58 7.48 -91.68
C SER A 708 40.92 7.39 -90.31
N LYS A 709 41.63 6.89 -89.31
CA LYS A 709 41.06 6.77 -87.97
C LYS A 709 40.82 8.14 -87.35
N VAL A 710 41.84 9.01 -87.36
CA VAL A 710 41.70 10.30 -86.68
C VAL A 710 40.81 11.26 -87.47
N ILE A 711 40.73 11.10 -88.79
CA ILE A 711 39.84 11.98 -89.55
C ILE A 711 38.40 11.52 -89.46
N ASN A 712 38.16 10.21 -89.35
CA ASN A 712 36.81 9.71 -89.13
C ASN A 712 36.39 9.83 -87.67
N ASP A 713 37.30 10.19 -86.78
CA ASP A 713 37.00 10.41 -85.37
C ASP A 713 36.75 11.90 -85.15
N LYS A 714 35.52 12.24 -84.80
CA LYS A 714 35.16 13.65 -84.60
C LYS A 714 35.77 14.23 -83.33
N HIS A 715 36.12 13.37 -82.36
CA HIS A 715 36.65 13.87 -81.09
C HIS A 715 38.02 14.53 -81.27
N ASP A 716 38.79 14.11 -82.26
CA ASP A 716 40.10 14.70 -82.48
C ASP A 716 39.97 16.10 -83.07
N ASP A 717 41.01 16.91 -82.90
CA ASP A 717 41.01 18.27 -83.37
C ASP A 717 41.01 18.31 -84.90
N VAL A 718 40.37 19.34 -85.45
CA VAL A 718 40.32 19.51 -86.90
C VAL A 718 41.70 19.86 -87.44
N MET A 719 42.45 20.68 -86.71
CA MET A 719 43.82 21.02 -87.10
C MET A 719 44.66 19.76 -87.25
N ALA A 720 44.83 19.01 -86.16
CA ALA A 720 45.67 17.81 -86.19
C ALA A 720 45.21 16.81 -87.25
N LYS A 721 43.90 16.70 -87.48
CA LYS A 721 43.40 15.76 -88.48
C LYS A 721 43.52 16.29 -89.90
N PHE A 722 43.86 17.57 -90.08
CA PHE A 722 44.10 18.09 -91.43
C PHE A 722 45.32 17.44 -92.06
N GLY A 723 46.37 17.23 -91.28
CA GLY A 723 47.55 16.54 -91.74
C GLY A 723 47.37 15.05 -91.94
N ALA A 724 46.22 14.51 -91.54
CA ALA A 724 45.93 13.10 -91.78
C ALA A 724 45.57 12.86 -93.24
N ILE A 725 44.47 13.47 -93.70
CA ILE A 725 44.11 13.40 -95.11
C ILE A 725 45.23 13.96 -95.98
N LEU A 726 45.93 14.98 -95.47
CA LEU A 726 47.10 15.49 -96.19
C LEU A 726 48.16 14.40 -96.31
N ALA A 727 48.37 13.62 -95.25
CA ALA A 727 49.32 12.51 -95.31
C ALA A 727 48.88 11.46 -96.32
N GLN A 728 47.56 11.25 -96.44
CA GLN A 728 47.06 10.33 -97.46
C GLN A 728 47.36 10.84 -98.86
N GLY A 729 47.41 12.16 -99.04
CA GLY A 729 47.80 12.70 -100.33
C GLY A 729 49.30 12.60 -100.58
N ILE A 730 50.10 12.86 -99.52
CA ILE A 730 51.55 12.71 -99.64
C ILE A 730 51.91 11.28 -100.04
N LEU A 731 51.57 10.31 -99.18
CA LEU A 731 51.96 8.92 -99.41
C LEU A 731 51.47 8.40 -100.76
N ASP A 732 50.29 8.82 -101.20
CA ASP A 732 49.72 8.35 -102.45
C ASP A 732 50.04 9.26 -103.63
N ALA A 733 50.84 10.30 -103.43
CA ALA A 733 51.04 11.35 -104.44
C ALA A 733 51.43 10.76 -105.78
N GLY A 734 50.80 11.27 -106.84
CA GLY A 734 51.03 10.76 -108.17
C GLY A 734 50.57 9.34 -108.38
N GLY A 735 49.55 8.90 -107.64
CA GLY A 735 49.13 7.51 -107.69
C GLY A 735 50.19 6.54 -107.25
N HIS A 736 51.03 6.96 -106.29
CA HIS A 736 52.19 6.22 -105.78
C HIS A 736 53.29 6.10 -106.82
N ASN A 737 53.07 6.57 -108.05
CA ASN A 737 54.07 6.43 -109.10
C ASN A 737 55.19 7.46 -108.99
N VAL A 738 54.90 8.63 -108.43
CA VAL A 738 55.88 9.71 -108.34
C VAL A 738 56.05 10.09 -106.87
N THR A 739 57.14 10.79 -106.59
CA THR A 739 57.47 11.23 -105.25
C THR A 739 58.27 12.52 -105.32
N ILE A 740 58.69 13.00 -104.15
CA ILE A 740 59.52 14.19 -104.08
C ILE A 740 60.99 13.77 -104.00
N SER A 741 61.83 14.43 -104.78
CA SER A 741 63.26 14.19 -104.78
C SER A 741 63.98 15.52 -104.73
N LEU A 742 64.69 15.78 -103.63
CA LEU A 742 65.49 16.99 -103.49
C LEU A 742 66.93 16.81 -103.94
N GLN A 743 67.36 15.58 -104.20
CA GLN A 743 68.74 15.29 -104.58
C GLN A 743 68.75 14.36 -105.78
N SER A 744 69.29 14.84 -106.90
CA SER A 744 69.45 14.00 -108.08
C SER A 744 70.62 13.04 -107.89
N ARG A 745 70.60 11.97 -108.69
CA ARG A 745 71.69 11.00 -108.64
C ARG A 745 73.01 11.63 -109.08
N THR A 746 72.95 12.60 -110.00
CA THR A 746 74.16 13.24 -110.50
C THR A 746 74.91 13.99 -109.41
N GLY A 747 74.23 14.38 -108.33
CA GLY A 747 74.84 15.17 -107.27
C GLY A 747 74.42 16.62 -107.22
N HIS A 748 73.52 17.05 -108.09
CA HIS A 748 73.01 18.42 -108.08
C HIS A 748 71.63 18.46 -107.44
N THR A 749 71.37 19.51 -106.67
CA THR A 749 70.09 19.66 -106.01
C THR A 749 69.01 20.12 -106.99
N HIS A 750 67.78 19.72 -106.71
CA HIS A 750 66.64 20.03 -107.58
C HIS A 750 66.00 21.31 -107.09
N MET A 751 66.08 22.38 -107.89
CA MET A 751 65.59 23.68 -107.44
C MET A 751 64.08 23.74 -107.26
N PRO A 752 63.23 23.30 -108.20
CA PRO A 752 61.79 23.48 -108.00
C PRO A 752 61.22 22.63 -106.88
N SER A 753 61.88 21.51 -106.53
CA SER A 753 61.38 20.69 -105.43
C SER A 753 61.71 21.35 -104.09
N VAL A 754 62.93 21.86 -103.94
CA VAL A 754 63.29 22.58 -102.71
C VAL A 754 62.47 23.85 -102.58
N VAL A 755 62.40 24.64 -103.67
CA VAL A 755 61.57 25.84 -103.66
C VAL A 755 60.11 25.49 -103.38
N GLY A 756 59.65 24.36 -103.93
CA GLY A 756 58.28 23.95 -103.70
C GLY A 756 57.99 23.63 -102.25
N VAL A 757 58.89 22.91 -101.59
CA VAL A 757 58.63 22.48 -100.22
C VAL A 757 58.89 23.61 -99.21
N LEU A 758 59.80 24.54 -99.52
CA LEU A 758 60.10 25.59 -98.56
C LEU A 758 58.99 26.63 -98.54
N VAL A 759 58.34 26.87 -99.68
CA VAL A 759 57.16 27.72 -99.68
C VAL A 759 55.96 26.95 -99.13
N PHE A 760 55.98 25.62 -99.23
CA PHE A 760 54.95 24.77 -98.67
C PHE A 760 55.06 24.62 -97.16
N THR A 761 56.16 25.06 -96.56
CA THR A 761 56.42 24.87 -95.14
C THR A 761 55.21 25.25 -94.29
N GLN A 762 54.83 26.52 -94.31
CA GLN A 762 53.70 27.00 -93.53
C GLN A 762 52.51 27.17 -94.48
N PHE A 763 51.53 26.28 -94.34
CA PHE A 763 50.30 26.36 -95.12
C PHE A 763 49.20 27.14 -94.42
N TRP A 764 49.39 27.47 -93.13
CA TRP A 764 48.33 28.13 -92.37
C TRP A 764 48.12 29.55 -92.87
N PHE A 765 49.19 30.32 -93.02
CA PHE A 765 49.07 31.71 -93.43
C PHE A 765 48.42 31.82 -94.80
N TRP A 766 48.87 31.00 -95.76
CA TRP A 766 48.32 30.99 -97.11
C TRP A 766 47.98 29.54 -97.45
N PHE A 767 46.69 29.24 -97.59
CA PHE A 767 46.22 27.90 -97.90
C PHE A 767 46.68 27.41 -99.28
N PRO A 768 46.63 28.23 -100.33
CA PRO A 768 47.09 27.76 -101.65
C PRO A 768 48.55 27.30 -101.69
N LEU A 769 49.36 27.64 -100.69
CA LEU A 769 50.73 27.14 -100.65
C LEU A 769 50.81 25.62 -100.65
N SER A 770 49.72 24.94 -100.26
CA SER A 770 49.70 23.48 -100.33
C SER A 770 49.73 22.98 -101.77
N HIS A 771 49.34 23.81 -102.74
CA HIS A 771 49.40 23.42 -104.14
C HIS A 771 50.82 23.48 -104.69
N PHE A 772 51.69 24.28 -104.09
CA PHE A 772 53.06 24.42 -104.59
C PHE A 772 53.88 23.16 -104.41
N LEU A 773 53.44 22.24 -103.55
CA LEU A 773 54.17 20.99 -103.36
C LEU A 773 54.07 20.08 -104.58
N SER A 774 53.13 20.35 -105.49
CA SER A 774 53.05 19.56 -106.71
C SER A 774 54.32 19.70 -107.56
N LEU A 775 54.98 20.86 -107.49
CA LEU A 775 56.25 21.02 -108.19
C LEU A 775 57.33 20.12 -107.60
N ALA A 776 57.25 19.83 -106.30
CA ALA A 776 58.24 18.95 -105.68
C ALA A 776 58.09 17.50 -106.14
N TYR A 777 56.93 17.13 -106.68
CA TYR A 777 56.73 15.78 -107.16
C TYR A 777 57.52 15.55 -108.44
N THR A 778 58.36 14.51 -108.44
CA THR A 778 59.13 14.14 -109.61
C THR A 778 58.85 12.70 -109.99
N PRO A 779 58.76 12.39 -111.28
CA PRO A 779 58.44 11.02 -111.69
C PRO A 779 59.61 10.08 -111.45
N THR A 780 59.29 8.89 -110.93
CA THR A 780 60.25 7.79 -110.80
C THR A 780 59.75 6.67 -111.69
N CYS A 781 60.45 6.43 -112.80
CA CYS A 781 60.03 5.43 -113.76
C CYS A 781 61.22 5.02 -114.61
N VAL A 782 61.08 3.86 -115.27
CA VAL A 782 62.06 3.36 -116.20
C VAL A 782 61.50 3.51 -117.61
N ILE A 783 62.14 4.35 -118.42
CA ILE A 783 61.65 4.70 -119.74
C ILE A 783 62.50 3.97 -120.77
N GLY A 784 61.86 3.08 -121.53
CA GLY A 784 62.56 2.26 -122.50
C GLY A 784 62.59 2.83 -123.90
N LEU A 785 62.40 4.14 -124.02
CA LEU A 785 62.43 4.79 -125.33
C LEU A 785 63.80 4.63 -125.97
N ASN A 786 63.83 4.11 -127.20
CA ASN A 786 65.10 3.91 -127.88
C ASN A 786 65.67 5.23 -128.38
N LYS A 787 64.85 6.02 -129.07
CA LYS A 787 65.23 7.32 -129.62
C LYS A 787 64.01 7.90 -130.31
N ASP A 788 64.03 9.22 -130.49
CA ASP A 788 63.01 10.01 -131.19
C ASP A 788 61.60 9.60 -130.79
N LEU A 789 60.69 9.51 -131.78
CA LEU A 789 59.31 9.14 -131.50
C LEU A 789 59.13 7.63 -131.41
N LYS A 790 59.99 6.85 -132.06
CA LYS A 790 59.79 5.41 -132.16
C LYS A 790 59.82 4.76 -130.78
N MET A 791 58.87 3.86 -130.55
CA MET A 791 58.74 3.19 -129.26
C MET A 791 58.99 1.69 -129.40
N PRO A 792 60.11 1.18 -128.89
CA PRO A 792 60.37 -0.27 -128.94
C PRO A 792 59.57 -1.01 -127.88
N LYS A 793 59.47 -2.32 -128.09
CA LYS A 793 58.83 -3.24 -127.13
C LYS A 793 59.93 -4.04 -126.46
N VAL A 794 60.17 -3.77 -125.18
CA VAL A 794 61.27 -4.37 -124.43
C VAL A 794 60.81 -4.68 -123.02
N GLN A 795 61.08 -5.90 -122.55
CA GLN A 795 60.84 -6.30 -121.17
C GLN A 795 62.13 -6.86 -120.60
N TYR A 796 62.49 -6.44 -119.39
CA TYR A 796 63.72 -6.88 -118.75
C TYR A 796 63.41 -7.40 -117.36
N LYS A 797 64.38 -8.13 -116.80
CA LYS A 797 64.20 -8.88 -115.57
C LYS A 797 64.69 -8.11 -114.36
N SER A 798 64.00 -8.28 -113.24
CA SER A 798 64.43 -7.77 -111.94
C SER A 798 64.52 -8.93 -110.96
N ASN A 799 65.55 -8.90 -110.12
CA ASN A 799 65.84 -10.03 -109.23
C ASN A 799 65.09 -9.97 -107.90
N CYS A 800 64.42 -8.87 -107.60
CA CYS A 800 63.72 -8.77 -106.32
C CYS A 800 62.44 -9.61 -106.32
N LYS A 801 62.00 -9.97 -105.12
CA LYS A 801 60.79 -10.74 -104.96
C LYS A 801 59.56 -9.88 -105.27
N PRO A 802 58.43 -10.51 -105.62
CA PRO A 802 57.22 -9.73 -105.89
C PRO A 802 56.69 -8.98 -104.68
N SER A 803 57.12 -9.33 -103.47
CA SER A 803 56.70 -8.58 -102.29
C SER A 803 57.19 -7.13 -102.35
N THR A 804 58.39 -6.92 -102.92
CA THR A 804 58.88 -5.56 -103.14
C THR A 804 58.15 -4.87 -104.29
N PHE A 805 57.61 -5.63 -105.24
CA PHE A 805 56.90 -5.06 -106.38
C PHE A 805 55.47 -4.65 -106.04
N ALA A 806 54.95 -5.06 -104.89
CA ALA A 806 53.59 -4.71 -104.51
C ALA A 806 53.49 -3.21 -104.25
N TYR A 807 52.52 -2.57 -104.90
CA TYR A 807 52.33 -1.12 -104.79
C TYR A 807 50.85 -0.86 -104.51
N PRO A 808 50.44 -0.90 -103.24
CA PRO A 808 49.04 -0.66 -102.84
C PRO A 808 48.63 0.81 -103.00
N THR A 830 61.66 -13.16 -107.71
CA THR A 830 60.86 -13.87 -108.69
C THR A 830 61.64 -14.10 -109.97
N ALA A 831 61.00 -14.74 -110.95
CA ALA A 831 61.62 -15.01 -112.24
C ALA A 831 62.07 -13.73 -112.93
N LYS A 832 61.11 -12.92 -113.38
CA LYS A 832 61.43 -11.66 -114.04
C LYS A 832 60.28 -10.68 -113.83
N ALA A 833 60.63 -9.41 -113.74
CA ALA A 833 59.63 -8.35 -113.67
C ALA A 833 59.09 -8.03 -115.05
N LYS A 834 57.86 -7.52 -115.08
CA LYS A 834 57.21 -7.08 -116.31
C LYS A 834 57.10 -5.56 -116.28
N LYS A 835 57.86 -4.89 -117.13
CA LYS A 835 57.88 -3.44 -117.18
C LYS A 835 57.86 -2.98 -118.63
N LYS A 836 57.57 -1.69 -118.81
CA LYS A 836 57.57 -1.07 -120.13
C LYS A 836 59.02 -0.98 -120.62
N GLU A 837 59.33 -1.16 -121.92
CA GLU A 837 58.46 -1.15 -123.11
C GLU A 837 57.76 0.21 -123.27
N LYS A 838 58.57 1.23 -123.56
CA LYS A 838 58.07 2.58 -123.83
C LYS A 838 58.09 2.86 -125.32
N ASN A 874 54.11 5.14 -122.68
CA ASN A 874 54.00 5.13 -121.22
C ASN A 874 55.01 4.19 -120.58
N PRO A 875 55.92 4.74 -119.76
CA PRO A 875 56.87 3.89 -119.03
C PRO A 875 56.22 3.20 -117.84
N ALA A 876 57.03 2.53 -117.02
CA ALA A 876 56.54 1.81 -115.85
C ALA A 876 57.21 2.34 -114.60
N ARG A 877 56.46 2.35 -113.49
CA ARG A 877 56.98 2.84 -112.24
C ARG A 877 58.05 1.90 -111.68
N VAL A 878 58.96 2.47 -110.88
CA VAL A 878 60.03 1.70 -110.27
C VAL A 878 60.45 2.39 -108.98
N MET A 879 60.97 1.59 -108.02
CA MET A 879 61.50 2.00 -106.74
C MET A 879 63.00 2.27 -106.84
N PRO A 880 63.49 3.33 -106.20
CA PRO A 880 64.95 3.59 -106.23
C PRO A 880 65.79 2.45 -105.71
N ALA A 881 65.25 1.63 -104.81
CA ALA A 881 65.99 0.48 -104.29
C ALA A 881 65.99 -0.69 -105.27
N GLN A 882 65.03 -0.73 -106.20
CA GLN A 882 64.95 -1.80 -107.18
C GLN A 882 65.71 -1.50 -108.47
N LEU A 883 66.35 -0.33 -108.55
CA LEU A 883 67.07 0.04 -109.77
C LEU A 883 68.43 -0.63 -109.86
N LYS A 884 69.03 -0.98 -108.73
CA LYS A 884 70.34 -1.64 -108.75
C LYS A 884 70.22 -3.12 -109.06
N VAL A 885 69.11 -3.76 -108.71
CA VAL A 885 68.97 -5.19 -108.92
C VAL A 885 68.56 -5.54 -110.34
N LEU A 886 67.98 -4.61 -111.09
CA LEU A 886 67.51 -4.91 -112.43
C LEU A 886 68.67 -4.95 -113.42
N THR A 887 68.50 -5.75 -114.47
CA THR A 887 69.53 -5.97 -115.47
C THR A 887 68.94 -5.77 -116.86
N MET A 888 69.74 -5.19 -117.76
CA MET A 888 69.30 -4.99 -119.13
C MET A 888 69.01 -6.33 -119.81
N PRO A 889 68.06 -6.38 -120.74
CA PRO A 889 67.71 -7.65 -121.37
C PRO A 889 68.85 -8.17 -122.24
N GLU A 890 69.19 -9.46 -122.04
CA GLU A 890 70.28 -10.06 -122.79
C GLU A 890 69.84 -10.51 -124.18
N THR A 891 68.67 -11.12 -124.29
CA THR A 891 68.22 -11.73 -125.54
C THR A 891 67.30 -10.83 -126.35
N CYS A 892 66.98 -9.63 -125.87
CA CYS A 892 66.10 -8.74 -126.60
C CYS A 892 66.85 -8.07 -127.74
N ARG A 893 66.09 -7.67 -128.77
CA ARG A 893 66.70 -7.03 -129.93
C ARG A 893 67.27 -5.66 -129.57
N TYR A 894 66.60 -4.94 -128.67
CA TYR A 894 67.02 -3.60 -128.27
C TYR A 894 67.74 -3.69 -126.92
N GLN A 895 69.02 -3.31 -126.91
CA GLN A 895 69.82 -3.32 -125.70
C GLN A 895 70.47 -1.96 -125.49
N PRO A 896 70.55 -1.48 -124.26
CA PRO A 896 71.14 -0.16 -124.02
C PRO A 896 72.64 -0.16 -124.25
N PHE A 897 73.13 0.89 -124.91
CA PHE A 897 74.57 1.03 -125.12
C PHE A 897 75.28 1.47 -123.85
N LYS A 898 74.62 2.31 -123.03
CA LYS A 898 75.08 2.82 -121.75
C LYS A 898 74.66 1.87 -120.63
N PRO A 899 75.54 1.61 -119.66
CA PRO A 899 75.16 0.76 -118.53
C PRO A 899 73.96 1.31 -117.78
N LEU A 900 72.98 0.45 -117.54
CA LEU A 900 71.73 0.84 -116.90
C LEU A 900 71.88 0.75 -115.39
N SER A 901 71.63 1.86 -114.70
CA SER A 901 71.73 1.91 -113.24
C SER A 901 70.46 2.49 -112.63
N ILE A 902 70.18 3.76 -112.89
CA ILE A 902 69.00 4.42 -112.35
C ILE A 902 67.89 4.37 -113.39
N GLY A 903 66.73 4.90 -113.05
CA GLY A 903 65.59 4.96 -113.94
C GLY A 903 65.62 6.19 -114.83
N GLY A 904 64.42 6.64 -115.20
CA GLY A 904 64.30 7.77 -116.10
C GLY A 904 64.41 7.34 -117.54
N ILE A 905 64.65 8.32 -118.40
CA ILE A 905 64.75 8.09 -119.83
C ILE A 905 66.21 7.91 -120.21
N ILE A 906 66.50 6.80 -120.91
CA ILE A 906 67.86 6.45 -121.28
C ILE A 906 67.85 5.94 -122.71
N ILE A 907 69.05 5.84 -123.29
CA ILE A 907 69.21 5.38 -124.67
C ILE A 907 69.01 3.86 -124.71
N LEU A 908 68.40 3.40 -125.79
CA LEU A 908 68.23 1.97 -126.05
C LEU A 908 68.64 1.71 -127.49
N LYS A 909 69.69 0.91 -127.67
CA LYS A 909 70.28 0.69 -128.98
C LYS A 909 69.75 -0.60 -129.60
N ASP A 910 69.47 -0.55 -130.89
CA ASP A 910 69.00 -1.72 -131.62
C ASP A 910 70.18 -2.64 -131.94
N THR A 911 70.05 -3.91 -131.55
CA THR A 911 71.10 -4.89 -131.78
C THR A 911 70.61 -6.01 -132.69
N PRO B 1 100.13 -44.18 -46.80
CA PRO B 1 100.03 -44.36 -48.25
C PRO B 1 98.59 -44.36 -48.82
N PRO B 2 97.63 -45.08 -48.20
CA PRO B 2 96.26 -45.01 -48.75
C PRO B 2 95.63 -43.64 -48.60
N GLY B 3 95.92 -42.92 -47.52
CA GLY B 3 95.38 -41.59 -47.36
C GLY B 3 95.94 -40.62 -48.37
N GLY B 4 97.27 -40.55 -48.48
CA GLY B 4 97.88 -39.68 -49.48
C GLY B 4 97.61 -40.08 -50.91
N GLY B 5 97.31 -41.36 -51.15
CA GLY B 5 96.99 -41.82 -52.48
C GLY B 5 95.57 -41.48 -52.90
N GLU B 6 94.64 -41.52 -51.94
CA GLU B 6 93.25 -41.19 -52.22
C GLU B 6 92.95 -39.70 -52.08
N GLN B 7 93.88 -38.92 -51.55
CA GLN B 7 93.72 -37.46 -51.48
C GLN B 7 94.27 -36.76 -52.72
N GLU B 8 94.87 -37.49 -53.65
CA GLU B 8 95.29 -36.95 -54.94
C GLU B 8 94.11 -36.61 -55.84
N PRO B 9 93.07 -37.44 -55.94
CA PRO B 9 91.94 -37.13 -56.86
C PRO B 9 91.19 -35.85 -56.52
N PRO B 10 90.95 -35.52 -55.24
CA PRO B 10 90.07 -34.36 -54.94
C PRO B 10 90.56 -33.03 -55.50
N PRO B 11 91.85 -32.68 -55.39
CA PRO B 11 92.27 -31.32 -55.80
C PRO B 11 92.03 -31.00 -57.27
N PRO B 12 92.39 -31.87 -58.22
CA PRO B 12 92.36 -31.47 -59.65
C PRO B 12 91.02 -30.94 -60.13
N PRO B 13 89.88 -31.56 -59.75
CA PRO B 13 88.59 -31.06 -60.28
C PRO B 13 88.37 -29.56 -60.14
N ALA B 14 88.88 -28.92 -59.09
CA ALA B 14 88.68 -27.47 -58.98
C ALA B 14 89.43 -26.72 -60.07
N PRO B 15 90.73 -26.93 -60.31
CA PRO B 15 91.33 -26.37 -61.55
C PRO B 15 90.70 -26.91 -62.82
N GLN B 16 90.21 -28.14 -62.82
CA GLN B 16 89.56 -28.68 -64.01
C GLN B 16 88.30 -27.90 -64.38
N ASP B 17 87.76 -27.11 -63.46
CA ASP B 17 86.55 -26.35 -63.72
C ASP B 17 86.86 -24.87 -63.90
N VAL B 18 87.34 -24.22 -62.84
CA VAL B 18 87.51 -22.77 -62.88
C VAL B 18 88.64 -22.39 -63.84
N GLU B 19 89.77 -23.10 -63.79
CA GLU B 19 90.87 -22.79 -64.70
C GLU B 19 90.49 -23.10 -66.14
N MET B 20 89.57 -24.03 -66.35
CA MET B 20 89.08 -24.29 -67.70
C MET B 20 88.16 -23.17 -68.18
N LYS B 21 87.20 -22.76 -67.35
CA LYS B 21 86.20 -21.79 -67.74
C LYS B 21 86.62 -20.35 -67.49
N GLU B 22 87.80 -20.11 -66.91
CA GLU B 22 88.24 -18.73 -66.71
C GLU B 22 88.61 -18.08 -68.04
N GLU B 23 89.50 -18.71 -68.81
CA GLU B 23 89.81 -18.18 -70.13
C GLU B 23 88.80 -18.63 -71.19
N ALA B 24 87.91 -19.57 -70.86
CA ALA B 24 86.85 -19.94 -71.78
C ALA B 24 85.71 -18.93 -71.75
N ALA B 25 85.26 -18.54 -70.55
CA ALA B 25 84.18 -17.58 -70.44
C ALA B 25 84.68 -16.15 -70.66
N THR B 26 85.83 -15.81 -70.08
CA THR B 26 86.37 -14.47 -70.26
C THR B 26 87.00 -14.30 -71.65
N GLY B 27 87.83 -15.24 -72.06
CA GLY B 27 88.44 -15.14 -73.38
C GLY B 27 87.44 -15.37 -74.49
N GLY B 28 86.66 -16.44 -74.39
CA GLY B 28 85.60 -16.68 -75.37
C GLY B 28 84.52 -15.62 -75.33
N GLY B 29 84.26 -15.07 -74.15
CA GLY B 29 83.32 -13.96 -74.06
C GLY B 29 83.90 -12.68 -74.64
N SER B 30 85.20 -12.45 -74.45
CA SER B 30 85.85 -11.31 -75.08
C SER B 30 85.86 -11.42 -76.59
N THR B 31 85.75 -12.62 -77.14
CA THR B 31 85.61 -12.78 -78.58
C THR B 31 84.33 -12.11 -79.08
N GLY B 32 83.20 -12.43 -78.44
CA GLY B 32 81.96 -11.74 -78.77
C GLY B 32 81.99 -10.27 -78.40
N GLU B 33 82.72 -9.92 -77.35
CA GLU B 33 82.88 -8.52 -76.98
C GLU B 33 83.76 -7.77 -77.97
N ALA B 34 84.67 -8.47 -78.64
CA ALA B 34 85.53 -7.86 -79.64
C ALA B 34 84.91 -7.85 -81.03
N ASP B 35 83.82 -8.60 -81.25
CA ASP B 35 83.14 -8.54 -82.55
C ASP B 35 82.39 -7.22 -82.71
N GLY B 36 81.65 -6.84 -81.68
CA GLY B 36 80.88 -5.62 -81.69
C GLY B 36 80.96 -4.93 -80.34
N LYS B 37 80.77 -3.61 -80.34
CA LYS B 37 80.83 -2.77 -79.14
C LYS B 37 82.02 -3.12 -78.24
N THR B 38 83.22 -2.89 -78.76
CA THR B 38 83.55 -1.64 -79.46
C THR B 38 82.83 -0.40 -78.94
N ALA B 39 83.11 -0.04 -77.68
CA ALA B 39 82.52 1.12 -77.04
C ALA B 39 83.33 1.45 -75.81
N ALA B 40 84.66 1.45 -75.98
CA ALA B 40 85.26 1.53 -77.30
C ALA B 40 86.60 0.79 -77.36
N ALA B 41 86.59 -0.48 -76.95
CA ALA B 41 87.04 -0.94 -75.64
C ALA B 41 85.87 -1.55 -74.87
N ALA B 42 86.06 -1.77 -73.58
CA ALA B 42 85.00 -2.32 -72.74
C ALA B 42 84.16 -3.42 -73.43
N ALA B 43 84.69 -4.63 -73.70
CA ALA B 43 85.93 -5.23 -73.19
C ALA B 43 86.06 -5.14 -71.67
N GLU B 44 84.95 -5.39 -70.97
CA GLU B 44 84.99 -5.53 -69.52
C GLU B 44 85.66 -6.83 -69.10
N HIS B 45 85.79 -7.80 -70.02
CA HIS B 45 86.53 -9.02 -69.75
C HIS B 45 88.03 -8.79 -69.65
N SER B 46 88.51 -7.62 -70.06
CA SER B 46 89.92 -7.29 -69.84
C SER B 46 90.18 -7.03 -68.36
N GLN B 47 89.31 -6.26 -67.71
CA GLN B 47 89.41 -6.08 -66.27
C GLN B 47 89.02 -7.35 -65.53
N ARG B 48 88.10 -8.13 -66.11
CA ARG B 48 87.79 -9.44 -65.54
C ARG B 48 88.98 -10.39 -65.69
N GLU B 49 89.75 -10.24 -66.78
CA GLU B 49 90.99 -10.99 -66.91
C GLU B 49 91.98 -10.58 -65.84
N LEU B 50 92.01 -9.29 -65.49
CA LEU B 50 92.84 -8.85 -64.37
C LEU B 50 92.41 -9.53 -63.08
N ASP B 51 91.10 -9.71 -62.88
CA ASP B 51 90.62 -10.38 -61.69
C ASP B 51 90.99 -11.85 -61.69
N THR B 52 91.00 -12.48 -62.86
CA THR B 52 91.36 -13.90 -62.93
C THR B 52 92.87 -14.09 -62.77
N VAL B 53 93.67 -13.22 -63.39
CA VAL B 53 95.12 -13.33 -63.25
C VAL B 53 95.54 -13.08 -61.81
N THR B 54 94.99 -12.04 -61.19
CA THR B 54 95.27 -11.78 -59.78
C THR B 54 94.68 -12.86 -58.88
N LEU B 55 93.64 -13.55 -59.34
CA LEU B 55 93.14 -14.70 -58.58
C LEU B 55 94.12 -15.87 -58.64
N GLU B 56 94.68 -16.13 -59.82
CA GLU B 56 95.65 -17.22 -59.96
C GLU B 56 96.95 -16.91 -59.23
N ASP B 57 97.34 -15.62 -59.14
CA ASP B 57 98.59 -15.24 -58.52
C ASP B 57 98.67 -15.63 -57.05
N ILE B 58 97.55 -16.00 -56.43
CA ILE B 58 97.55 -16.49 -55.06
C ILE B 58 97.37 -18.00 -55.08
N LYS B 59 96.21 -18.45 -55.57
CA LYS B 59 95.88 -19.87 -55.63
C LYS B 59 94.96 -20.11 -56.82
N GLU B 60 95.12 -21.22 -57.54
CA GLU B 60 96.21 -22.18 -57.37
C GLU B 60 97.33 -21.98 -58.38
N HIS B 61 97.24 -20.89 -59.14
CA HIS B 61 97.95 -20.70 -60.41
C HIS B 61 97.50 -21.83 -61.34
N VAL B 62 98.40 -22.39 -62.15
CA VAL B 62 98.14 -23.58 -62.93
C VAL B 62 99.33 -24.52 -62.81
N LYS B 63 100.46 -24.10 -63.37
CA LYS B 63 101.68 -24.89 -63.35
C LYS B 63 102.89 -24.05 -62.93
N GLN B 64 104.08 -24.64 -62.95
CA GLN B 64 104.46 -25.79 -62.14
C GLN B 64 104.23 -27.12 -62.88
N LEU B 65 103.71 -28.11 -62.16
CA LEU B 65 103.23 -29.35 -62.77
C LEU B 65 101.88 -29.71 -62.17
N GLU B 66 101.88 -29.96 -60.86
CA GLU B 66 100.66 -30.31 -60.14
C GLU B 66 100.10 -31.66 -60.61
N LYS B 67 100.55 -32.19 -61.75
CA LYS B 67 100.13 -33.50 -62.25
C LYS B 67 98.62 -33.58 -62.41
N ALA B 68 97.99 -32.46 -62.74
CA ALA B 68 96.55 -32.40 -62.94
C ALA B 68 96.26 -31.76 -64.30
N VAL B 69 95.77 -32.57 -65.23
CA VAL B 69 95.30 -32.13 -66.54
C VAL B 69 96.28 -31.13 -67.18
N SER B 70 97.43 -31.63 -67.60
CA SER B 70 98.37 -30.79 -68.35
C SER B 70 97.99 -30.67 -69.82
N GLY B 71 96.90 -31.32 -70.24
CA GLY B 71 96.34 -31.17 -71.57
C GLY B 71 95.58 -29.88 -71.79
N LYS B 72 95.53 -29.00 -70.79
CA LYS B 72 94.92 -27.68 -70.99
C LYS B 72 95.78 -26.78 -71.86
N GLU B 73 97.08 -27.04 -71.95
CA GLU B 73 97.94 -26.27 -72.84
C GLU B 73 97.58 -26.49 -74.32
N PRO B 74 97.54 -27.71 -74.85
CA PRO B 74 97.14 -27.87 -76.26
C PRO B 74 95.68 -27.58 -76.52
N ARG B 75 94.83 -27.57 -75.50
CA ARG B 75 93.39 -27.36 -75.67
C ARG B 75 93.08 -26.06 -76.39
N PHE B 76 93.36 -24.92 -75.76
CA PHE B 76 93.05 -23.63 -76.35
C PHE B 76 94.07 -23.17 -77.38
N VAL B 77 95.29 -23.71 -77.34
CA VAL B 77 96.35 -23.18 -78.20
C VAL B 77 96.21 -23.72 -79.62
N LEU B 78 95.54 -24.85 -79.80
CA LEU B 78 95.29 -25.42 -81.12
C LEU B 78 93.91 -25.00 -81.61
N ARG B 79 93.49 -25.56 -82.74
CA ARG B 79 92.11 -25.59 -83.23
C ARG B 79 91.42 -24.23 -83.07
N ALA B 80 91.82 -23.30 -83.93
CA ALA B 80 91.11 -22.03 -84.04
C ALA B 80 89.61 -22.31 -84.27
N LEU B 81 89.20 -23.12 -85.25
CA LEU B 81 89.87 -23.43 -86.53
C LEU B 81 88.80 -23.57 -87.61
N ARG B 82 88.85 -22.74 -88.65
CA ARG B 82 89.72 -21.58 -88.73
C ARG B 82 88.84 -20.33 -88.76
N MET B 83 88.02 -20.22 -89.81
CA MET B 83 87.00 -19.17 -89.87
C MET B 83 85.91 -19.44 -88.83
N LEU B 84 85.20 -18.37 -88.45
CA LEU B 84 84.24 -18.43 -87.36
C LEU B 84 83.25 -19.60 -87.44
N PRO B 85 82.58 -19.87 -88.56
CA PRO B 85 81.70 -21.05 -88.59
C PRO B 85 82.43 -22.35 -88.39
N SER B 86 83.70 -22.42 -88.80
CA SER B 86 84.51 -23.60 -88.53
C SER B 86 85.02 -23.63 -87.09
N THR B 87 85.18 -22.46 -86.47
CA THR B 87 85.58 -22.41 -85.07
C THR B 87 84.52 -23.03 -84.16
N SER B 88 83.25 -22.95 -84.57
CA SER B 88 82.18 -23.53 -83.76
C SER B 88 82.35 -25.03 -83.61
N ARG B 89 82.85 -25.69 -84.65
CA ARG B 89 83.17 -27.11 -84.53
C ARG B 89 84.28 -27.33 -83.52
N ARG B 90 85.26 -26.43 -83.48
CA ARG B 90 86.32 -26.55 -82.49
C ARG B 90 85.83 -26.16 -81.10
N LEU B 91 84.83 -25.28 -81.01
CA LEU B 91 84.19 -25.02 -79.73
C LEU B 91 83.55 -26.29 -79.18
N ASN B 92 83.09 -27.18 -80.06
CA ASN B 92 82.65 -28.50 -79.64
C ASN B 92 83.83 -29.44 -79.40
N HIS B 93 84.98 -29.19 -80.03
CA HIS B 93 86.15 -30.03 -79.83
C HIS B 93 86.75 -29.86 -78.44
N TYR B 94 86.56 -28.69 -77.80
CA TYR B 94 86.97 -28.56 -76.41
C TYR B 94 86.18 -29.51 -75.52
N VAL B 95 84.89 -29.70 -75.83
CA VAL B 95 84.09 -30.68 -75.11
C VAL B 95 84.51 -32.10 -75.51
N LEU B 96 84.92 -32.28 -76.76
CA LEU B 96 85.42 -33.58 -77.19
C LEU B 96 86.67 -33.97 -76.41
N TYR B 97 87.59 -33.02 -76.24
CA TYR B 97 88.77 -33.28 -75.42
C TYR B 97 88.43 -33.36 -73.93
N LYS B 98 87.32 -32.75 -73.51
CA LYS B 98 86.85 -32.97 -72.14
C LYS B 98 86.43 -34.42 -71.93
N ALA B 99 85.86 -35.04 -72.95
CA ALA B 99 85.50 -36.46 -72.85
C ALA B 99 86.74 -37.34 -72.99
N VAL B 100 87.66 -36.97 -73.89
CA VAL B 100 88.91 -37.72 -74.02
C VAL B 100 89.71 -37.64 -72.72
N GLN B 101 89.76 -36.46 -72.11
CA GLN B 101 90.41 -36.32 -70.81
C GLN B 101 89.61 -37.01 -69.71
N GLY B 102 88.30 -37.17 -69.89
CA GLY B 102 87.49 -37.90 -68.92
C GLY B 102 87.54 -39.40 -69.04
N PHE B 103 88.25 -39.91 -70.04
CA PHE B 103 88.38 -41.35 -70.26
C PHE B 103 89.78 -41.85 -69.90
N PHE B 104 90.81 -41.40 -70.62
CA PHE B 104 92.17 -41.88 -70.44
C PHE B 104 92.90 -41.03 -69.41
N THR B 105 94.22 -41.19 -69.33
CA THR B 105 95.03 -40.52 -68.32
C THR B 105 94.96 -38.99 -68.41
N SER B 106 94.47 -38.46 -69.53
CA SER B 106 94.26 -37.03 -69.74
C SER B 106 95.55 -36.22 -69.74
N ASN B 107 96.69 -36.86 -70.02
CA ASN B 107 97.97 -36.19 -70.22
C ASN B 107 98.29 -35.22 -69.06
N ASN B 108 98.29 -35.77 -67.84
CA ASN B 108 98.49 -34.97 -66.66
C ASN B 108 99.89 -34.36 -66.58
N ALA B 109 100.81 -34.73 -67.45
CA ALA B 109 102.16 -34.19 -67.45
C ALA B 109 102.53 -33.76 -68.87
N THR B 110 103.01 -32.53 -69.01
CA THR B 110 103.45 -32.00 -70.30
C THR B 110 104.97 -31.84 -70.32
N ARG B 111 105.52 -30.91 -69.54
CA ARG B 111 106.96 -30.67 -69.47
C ARG B 111 107.55 -30.39 -70.84
N ASP B 112 108.46 -31.27 -71.30
CA ASP B 112 109.13 -31.08 -72.58
C ASP B 112 108.19 -31.07 -73.77
N PHE B 113 106.93 -31.49 -73.58
CA PHE B 113 105.94 -31.41 -74.65
C PHE B 113 105.49 -29.98 -74.94
N LEU B 114 105.96 -29.00 -74.17
CA LEU B 114 105.63 -27.61 -74.46
C LEU B 114 106.22 -27.14 -75.78
N LEU B 115 107.31 -27.77 -76.23
CA LEU B 115 107.93 -27.35 -77.49
C LEU B 115 107.01 -27.54 -78.69
N PRO B 116 106.42 -28.72 -78.94
CA PRO B 116 105.40 -28.77 -80.00
C PRO B 116 104.15 -27.98 -79.66
N PHE B 117 103.72 -28.04 -78.39
CA PHE B 117 102.50 -27.34 -77.98
C PHE B 117 102.57 -25.84 -78.29
N LEU B 118 103.52 -25.14 -77.69
CA LEU B 118 103.63 -23.70 -77.88
C LEU B 118 103.78 -23.32 -79.36
N GLU B 119 104.28 -24.22 -80.20
CA GLU B 119 104.40 -23.97 -81.63
C GLU B 119 103.20 -24.47 -82.42
N GLU B 120 102.24 -25.11 -81.76
CA GLU B 120 101.03 -25.56 -82.45
C GLU B 120 100.19 -24.41 -83.00
N PRO B 121 99.99 -23.28 -82.31
CA PRO B 121 99.24 -22.17 -82.93
C PRO B 121 99.90 -21.67 -84.21
N MET B 122 101.23 -21.75 -84.31
CA MET B 122 101.89 -21.44 -85.56
C MET B 122 101.75 -22.56 -86.59
N ASP B 123 101.37 -23.76 -86.16
CA ASP B 123 101.05 -24.83 -87.10
C ASP B 123 99.65 -24.70 -87.66
N THR B 124 98.73 -24.07 -86.92
CA THR B 124 97.36 -23.90 -87.40
C THR B 124 97.31 -22.98 -88.62
N GLU B 125 97.86 -21.78 -88.47
CA GLU B 125 97.93 -20.80 -89.57
C GLU B 125 96.57 -20.47 -90.17
N ALA B 126 95.73 -19.71 -89.46
CA ALA B 126 96.04 -19.12 -88.15
C ALA B 126 94.74 -18.99 -87.36
N ASP B 127 94.78 -18.25 -86.26
CA ASP B 127 93.58 -18.03 -85.45
C ASP B 127 92.37 -17.49 -86.26
N LEU B 128 92.53 -16.52 -87.16
CA LEU B 128 93.67 -15.60 -87.24
C LEU B 128 93.32 -14.24 -86.62
N GLN B 129 92.08 -14.11 -86.18
CA GLN B 129 91.53 -12.79 -85.89
C GLN B 129 92.15 -12.18 -84.64
N PHE B 130 92.11 -12.89 -83.52
CA PHE B 130 92.45 -12.32 -82.23
C PHE B 130 93.85 -12.78 -81.82
N ARG B 131 94.80 -11.86 -81.88
CA ARG B 131 96.13 -12.08 -81.32
C ARG B 131 96.11 -12.18 -79.79
N PRO B 132 95.31 -11.39 -79.05
CA PRO B 132 95.27 -11.58 -77.59
C PRO B 132 94.85 -12.97 -77.18
N ARG B 133 93.98 -13.64 -77.93
CA ARG B 133 93.61 -15.01 -77.59
C ARG B 133 94.76 -15.99 -77.80
N THR B 134 95.57 -15.78 -78.85
CA THR B 134 96.72 -16.64 -79.07
C THR B 134 97.80 -16.37 -78.04
N GLY B 135 98.06 -15.09 -77.74
CA GLY B 135 99.04 -14.76 -76.72
C GLY B 135 98.63 -15.19 -75.33
N LYS B 136 97.34 -15.09 -75.02
CA LYS B 136 96.87 -15.50 -73.70
C LYS B 136 96.82 -17.01 -73.54
N ALA B 137 96.45 -17.74 -74.61
CA ALA B 137 96.37 -19.19 -74.51
C ALA B 137 97.75 -19.80 -74.28
N ALA B 138 98.80 -19.18 -74.82
CA ALA B 138 100.16 -19.63 -74.58
C ALA B 138 100.70 -19.15 -73.24
N SER B 139 100.38 -17.91 -72.86
CA SER B 139 100.99 -17.31 -71.67
C SER B 139 100.33 -17.79 -70.38
N THR B 140 99.01 -17.96 -70.39
CA THR B 140 98.30 -18.36 -69.18
C THR B 140 98.85 -19.63 -68.53
N PRO B 141 99.32 -20.65 -69.27
CA PRO B 141 100.10 -21.70 -68.59
C PRO B 141 101.45 -21.21 -68.10
N LEU B 142 102.14 -20.39 -68.89
CA LEU B 142 103.53 -20.06 -68.61
C LEU B 142 103.67 -18.95 -67.57
N LEU B 143 102.78 -17.95 -67.60
CA LEU B 143 102.97 -16.80 -66.72
C LEU B 143 102.85 -17.17 -65.24
N PRO B 144 101.80 -17.87 -64.79
CA PRO B 144 101.81 -18.37 -63.41
C PRO B 144 102.89 -19.39 -63.13
N GLU B 145 103.46 -20.01 -64.17
CA GLU B 145 104.53 -20.97 -63.99
C GLU B 145 105.84 -20.32 -63.58
N VAL B 146 106.02 -19.03 -63.87
CA VAL B 146 107.23 -18.32 -63.45
C VAL B 146 107.37 -18.29 -61.94
N GLU B 147 106.25 -18.42 -61.21
CA GLU B 147 106.28 -18.44 -59.75
C GLU B 147 106.86 -19.72 -59.18
N ALA B 148 107.18 -20.72 -60.01
CA ALA B 148 107.77 -21.95 -59.51
C ALA B 148 109.26 -21.78 -59.20
N TYR B 149 109.98 -21.02 -60.03
CA TYR B 149 111.41 -20.75 -59.85
C TYR B 149 112.23 -22.04 -59.82
N LEU B 150 111.98 -22.91 -60.80
CA LEU B 150 112.78 -24.13 -60.92
C LEU B 150 114.12 -23.85 -61.59
N GLN B 151 114.19 -22.85 -62.46
CA GLN B 151 115.42 -22.37 -63.08
C GLN B 151 116.13 -23.44 -63.90
N LEU B 152 115.40 -24.45 -64.40
CA LEU B 152 116.00 -25.47 -65.25
C LEU B 152 115.12 -25.69 -66.47
N LEU B 153 115.63 -25.32 -67.65
CA LEU B 153 115.12 -25.72 -68.95
C LEU B 153 113.74 -25.14 -69.28
N VAL B 154 113.03 -24.64 -68.27
CA VAL B 154 111.75 -23.98 -68.49
C VAL B 154 111.87 -22.47 -68.51
N VAL B 155 113.06 -21.93 -68.22
CA VAL B 155 113.27 -20.49 -68.30
C VAL B 155 113.29 -20.04 -69.75
N ILE B 156 113.91 -20.84 -70.62
CA ILE B 156 113.88 -20.54 -72.05
C ILE B 156 112.48 -20.72 -72.62
N PHE B 157 111.63 -21.49 -71.95
CA PHE B 157 110.23 -21.57 -72.38
C PHE B 157 109.49 -20.29 -72.04
N MET B 158 109.80 -19.68 -70.89
CA MET B 158 109.29 -18.34 -70.61
C MET B 158 109.82 -17.34 -71.63
N MET B 159 111.06 -17.53 -72.08
CA MET B 159 111.60 -16.69 -73.14
C MET B 159 110.87 -16.91 -74.46
N ASN B 160 110.37 -18.13 -74.69
CA ASN B 160 109.57 -18.38 -75.88
C ASN B 160 108.24 -17.64 -75.81
N SER B 161 107.65 -17.56 -74.61
CA SER B 161 106.47 -16.72 -74.43
C SER B 161 106.82 -15.25 -74.63
N LYS B 162 108.05 -14.86 -74.32
CA LYS B 162 108.50 -13.50 -74.61
C LYS B 162 108.66 -13.27 -76.10
N ARG B 163 109.08 -14.30 -76.85
CA ARG B 163 109.15 -14.19 -78.30
C ARG B 163 107.76 -14.15 -78.92
N TYR B 164 106.82 -14.94 -78.38
CA TYR B 164 105.43 -14.86 -78.83
C TYR B 164 104.85 -13.47 -78.52
N LYS B 165 105.24 -12.90 -77.38
CA LYS B 165 104.85 -11.53 -77.06
C LYS B 165 105.55 -10.51 -77.95
N GLU B 166 106.74 -10.84 -78.46
CA GLU B 166 107.36 -9.97 -79.46
C GLU B 166 106.63 -10.04 -80.79
N ALA B 167 106.12 -11.20 -81.17
CA ALA B 167 105.19 -11.26 -82.29
C ALA B 167 103.92 -10.48 -81.99
N GLN B 168 103.51 -10.47 -80.71
CA GLN B 168 102.45 -9.56 -80.29
C GLN B 168 102.89 -8.11 -80.33
N LYS B 169 104.21 -7.86 -80.20
CA LYS B 169 104.72 -6.49 -80.26
C LYS B 169 104.80 -5.98 -81.70
N ILE B 170 105.20 -6.85 -82.63
CA ILE B 170 105.22 -6.45 -84.04
C ILE B 170 103.80 -6.20 -84.53
N SER B 171 102.87 -7.10 -84.17
CA SER B 171 101.46 -6.83 -84.44
C SER B 171 100.94 -5.64 -83.66
N ASP B 172 101.62 -5.29 -82.56
CA ASP B 172 101.32 -4.04 -81.85
C ASP B 172 101.89 -2.83 -82.56
N ASP B 173 102.76 -3.03 -83.55
CA ASP B 173 103.29 -1.95 -84.37
C ASP B 173 102.61 -1.82 -85.74
N LEU B 174 101.66 -2.69 -86.08
CA LEU B 174 101.13 -2.72 -87.45
C LEU B 174 99.63 -2.47 -87.51
N MET B 175 98.83 -3.48 -87.17
CA MET B 175 97.37 -3.35 -87.12
C MET B 175 96.96 -3.27 -85.65
N GLN B 176 96.14 -2.28 -85.31
CA GLN B 176 95.75 -1.27 -86.29
C GLN B 176 96.20 -1.70 -87.67
N LYS B 177 95.44 -1.36 -88.71
CA LYS B 177 94.31 -0.44 -88.60
C LYS B 177 93.01 -1.18 -88.30
N ILE B 178 92.09 -0.52 -87.59
CA ILE B 178 92.29 0.84 -87.11
C ILE B 178 92.23 0.91 -85.59
N SER B 179 91.03 0.89 -85.04
CA SER B 179 90.83 0.95 -83.60
C SER B 179 91.02 -0.42 -82.95
N THR B 180 92.27 -0.87 -82.86
CA THR B 180 92.58 -2.16 -82.27
C THR B 180 92.02 -2.22 -80.86
N GLN B 181 90.70 -2.30 -80.74
CA GLN B 181 90.08 -2.36 -79.43
C GLN B 181 90.61 -3.50 -78.58
N ASN B 182 91.41 -4.39 -79.15
CA ASN B 182 92.05 -5.47 -78.40
C ASN B 182 93.45 -5.10 -77.91
N ARG B 183 94.02 -3.98 -78.35
CA ARG B 183 95.36 -3.61 -77.93
C ARG B 183 95.41 -3.03 -76.53
N ARG B 184 94.28 -2.54 -76.00
CA ARG B 184 94.24 -2.18 -74.59
C ARG B 184 94.37 -3.42 -73.70
N ALA B 185 93.68 -4.50 -74.07
CA ALA B 185 93.90 -5.77 -73.40
C ALA B 185 95.31 -6.28 -73.67
N LEU B 186 95.87 -5.97 -74.84
CA LEU B 186 97.27 -6.28 -75.09
C LEU B 186 98.19 -5.42 -74.23
N ASP B 187 97.80 -4.17 -73.96
CA ASP B 187 98.57 -3.37 -73.01
C ASP B 187 98.54 -3.98 -71.62
N LEU B 188 97.37 -4.43 -71.16
CA LEU B 188 97.21 -5.13 -69.89
C LEU B 188 98.08 -6.38 -69.82
N VAL B 189 97.81 -7.34 -70.71
CA VAL B 189 98.47 -8.64 -70.64
C VAL B 189 99.97 -8.51 -70.83
N ALA B 190 100.40 -7.65 -71.76
CA ALA B 190 101.83 -7.54 -72.03
C ALA B 190 102.56 -6.86 -70.88
N ALA B 191 101.93 -5.87 -70.24
CA ALA B 191 102.54 -5.26 -69.06
C ALA B 191 102.82 -6.31 -67.99
N LYS B 192 101.92 -7.28 -67.85
CA LYS B 192 102.17 -8.41 -66.95
C LYS B 192 103.46 -9.13 -67.33
N CYS B 193 103.50 -9.71 -68.52
CA CYS B 193 104.69 -10.44 -68.95
C CYS B 193 105.87 -9.52 -69.28
N TYR B 194 105.67 -8.20 -69.36
CA TYR B 194 106.83 -7.31 -69.30
C TYR B 194 107.39 -7.25 -67.89
N TYR B 195 106.55 -7.43 -66.86
CA TYR B 195 107.09 -7.63 -65.52
C TYR B 195 107.62 -9.04 -65.35
N TYR B 196 107.11 -10.00 -66.13
CA TYR B 196 107.74 -11.30 -66.17
C TYR B 196 109.04 -11.26 -66.96
N HIS B 197 109.14 -10.35 -67.93
CA HIS B 197 110.46 -10.03 -68.50
C HIS B 197 111.41 -9.60 -67.39
N ALA B 198 110.93 -8.73 -66.49
CA ALA B 198 111.77 -8.26 -65.40
C ALA B 198 112.19 -9.40 -64.48
N ARG B 199 111.22 -10.23 -64.07
CA ARG B 199 111.53 -11.32 -63.14
C ARG B 199 112.48 -12.34 -63.77
N VAL B 200 112.17 -12.78 -64.99
CA VAL B 200 112.97 -13.82 -65.63
C VAL B 200 114.38 -13.32 -65.91
N TYR B 201 114.52 -12.06 -66.34
CA TYR B 201 115.84 -11.51 -66.55
C TYR B 201 116.57 -11.29 -65.24
N GLU B 202 115.85 -10.88 -64.19
CA GLU B 202 116.47 -10.70 -62.88
C GLU B 202 116.93 -12.01 -62.25
N PHE B 203 116.58 -13.16 -62.84
CA PHE B 203 117.08 -14.44 -62.33
C PHE B 203 118.60 -14.51 -62.36
N LEU B 204 119.23 -13.80 -63.31
CA LEU B 204 120.68 -13.77 -63.43
C LEU B 204 121.25 -12.40 -63.14
N ASP B 205 120.89 -11.38 -63.91
CA ASP B 205 121.45 -10.04 -63.74
C ASP B 205 120.46 -9.03 -64.31
N LYS B 206 120.90 -7.79 -64.44
CA LYS B 206 120.04 -6.73 -64.96
C LYS B 206 119.67 -6.99 -66.42
N LEU B 207 118.55 -6.41 -66.82
CA LEU B 207 117.92 -6.66 -68.10
C LEU B 207 118.36 -5.71 -69.20
N ASP B 208 119.44 -4.95 -68.98
CA ASP B 208 119.78 -3.75 -69.76
C ASP B 208 119.54 -3.88 -71.26
N VAL B 209 119.80 -5.06 -71.83
CA VAL B 209 119.43 -5.30 -73.23
C VAL B 209 117.94 -5.02 -73.44
N VAL B 210 117.12 -5.33 -72.44
CA VAL B 210 115.67 -5.04 -72.52
C VAL B 210 115.35 -3.60 -72.14
N ARG B 211 116.34 -2.82 -71.69
CA ARG B 211 116.09 -1.40 -71.50
C ARG B 211 116.03 -0.66 -72.84
N SER B 212 116.94 -1.00 -73.76
CA SER B 212 116.81 -0.50 -75.12
C SER B 212 115.62 -1.11 -75.83
N PHE B 213 115.27 -2.35 -75.47
CA PHE B 213 114.09 -2.99 -76.06
C PHE B 213 112.82 -2.39 -75.49
N LEU B 214 112.81 -2.07 -74.19
CA LEU B 214 111.67 -1.36 -73.61
C LEU B 214 111.53 0.03 -74.21
N HIS B 215 112.65 0.76 -74.35
CA HIS B 215 112.62 2.05 -75.02
C HIS B 215 112.17 1.91 -76.47
N ALA B 216 112.45 0.78 -77.10
CA ALA B 216 111.94 0.53 -78.45
C ALA B 216 110.42 0.35 -78.42
N ARG B 217 109.92 -0.39 -77.43
CA ARG B 217 108.48 -0.60 -77.31
C ARG B 217 107.78 0.65 -76.78
N LEU B 218 108.40 1.32 -75.80
CA LEU B 218 107.78 2.50 -75.22
C LEU B 218 107.69 3.64 -76.23
N ARG B 219 108.71 3.78 -77.08
CA ARG B 219 108.70 4.85 -78.07
C ARG B 219 107.85 4.51 -79.29
N THR B 220 107.76 3.23 -79.66
CA THR B 220 106.93 2.86 -80.80
C THR B 220 105.45 2.90 -80.47
N ALA B 221 105.08 2.89 -79.20
CA ALA B 221 103.70 3.12 -78.80
C ALA B 221 103.33 4.60 -78.86
N THR B 222 104.30 5.46 -79.10
CA THR B 222 104.06 6.90 -79.22
C THR B 222 103.66 7.27 -80.64
N LEU B 223 102.62 8.08 -80.79
CA LEU B 223 101.80 8.53 -79.66
C LEU B 223 100.51 7.71 -79.55
N ARG B 224 100.30 6.79 -80.50
CA ARG B 224 99.01 6.14 -80.67
C ARG B 224 98.52 5.40 -79.43
N HIS B 225 99.14 4.29 -79.08
CA HIS B 225 98.65 3.39 -78.05
C HIS B 225 99.26 3.65 -76.69
N ASP B 226 99.99 4.76 -76.53
CA ASP B 226 100.54 5.14 -75.24
C ASP B 226 99.50 5.10 -74.13
N ALA B 227 98.23 5.39 -74.45
CA ALA B 227 97.19 5.41 -73.43
C ALA B 227 97.12 4.07 -72.74
N ASP B 228 97.34 4.08 -71.42
CA ASP B 228 97.38 2.90 -70.55
C ASP B 228 98.57 2.00 -70.90
N GLY B 229 99.14 2.18 -72.08
CA GLY B 229 100.37 1.51 -72.47
C GLY B 229 101.61 2.20 -71.91
N GLN B 230 101.67 3.52 -72.07
CA GLN B 230 102.84 4.27 -71.66
C GLN B 230 102.97 4.32 -70.14
N ALA B 231 101.84 4.32 -69.44
CA ALA B 231 101.88 4.35 -67.98
C ALA B 231 102.54 3.08 -67.42
N THR B 232 102.10 1.91 -67.89
CA THR B 232 102.67 0.67 -67.39
C THR B 232 104.11 0.48 -67.84
N LEU B 233 104.42 0.87 -69.09
CA LEU B 233 105.78 0.74 -69.57
C LEU B 233 106.72 1.74 -68.88
N LEU B 234 106.19 2.89 -68.46
CA LEU B 234 107.02 3.84 -67.73
C LEU B 234 107.33 3.34 -66.32
N ASN B 235 106.40 2.63 -65.69
CA ASN B 235 106.71 1.97 -64.42
C ASN B 235 107.69 0.82 -64.63
N LEU B 236 107.52 0.05 -65.71
CA LEU B 236 108.52 -0.94 -66.08
C LEU B 236 109.88 -0.31 -66.30
N LEU B 237 109.90 0.86 -66.94
CA LEU B 237 111.14 1.63 -67.02
C LEU B 237 111.60 2.08 -65.64
N LEU B 238 110.75 2.80 -64.91
CA LEU B 238 111.19 3.48 -63.70
C LEU B 238 111.64 2.51 -62.62
N ARG B 239 110.95 1.37 -62.45
CA ARG B 239 111.26 0.42 -61.39
C ARG B 239 112.71 -0.04 -61.46
N ASN B 240 113.09 -0.73 -62.54
CA ASN B 240 114.45 -1.26 -62.64
C ASN B 240 115.46 -0.17 -63.00
N TYR B 241 115.03 0.90 -63.67
CA TYR B 241 115.92 2.03 -63.86
C TYR B 241 116.20 2.76 -62.55
N LEU B 242 115.29 2.65 -61.59
CA LEU B 242 115.61 3.13 -60.24
C LEU B 242 116.62 2.22 -59.58
N HIS B 243 116.65 0.94 -59.97
CA HIS B 243 117.63 0.00 -59.47
C HIS B 243 118.98 0.14 -60.17
N TYR B 244 119.00 0.66 -61.40
CA TYR B 244 120.22 0.76 -62.19
C TYR B 244 120.34 2.15 -62.78
N SER B 245 121.44 2.83 -62.49
CA SER B 245 121.73 4.18 -62.98
C SER B 245 121.68 4.22 -64.50
N LEU B 246 121.33 5.36 -65.11
CA LEU B 246 121.18 6.67 -64.47
C LEU B 246 120.22 7.57 -65.28
N TYR B 247 120.15 8.84 -64.91
CA TYR B 247 119.59 9.96 -65.66
C TYR B 247 118.07 9.94 -65.70
N ASP B 248 117.41 8.94 -65.11
CA ASP B 248 115.96 8.84 -65.19
C ASP B 248 115.25 10.05 -64.58
N GLN B 249 115.93 10.77 -63.68
CA GLN B 249 115.35 11.96 -63.09
C GLN B 249 115.09 13.02 -64.16
N ALA B 250 116.09 13.27 -65.02
CA ALA B 250 115.91 14.21 -66.12
C ALA B 250 115.27 13.55 -67.33
N GLU B 251 115.22 12.21 -67.38
CA GLU B 251 114.61 11.53 -68.52
C GLU B 251 113.08 11.65 -68.48
N LYS B 252 112.49 11.49 -67.29
CA LYS B 252 111.04 11.62 -67.16
C LYS B 252 110.57 13.05 -67.35
N LEU B 253 111.45 14.03 -67.17
CA LEU B 253 111.11 15.42 -67.49
C LEU B 253 110.69 15.54 -68.95
N VAL B 254 111.60 15.24 -69.88
CA VAL B 254 111.29 15.32 -71.30
C VAL B 254 110.33 14.23 -71.74
N SER B 255 110.17 13.17 -70.94
CA SER B 255 109.21 12.12 -71.29
C SER B 255 107.78 12.63 -71.16
N LYS B 256 107.47 13.30 -70.06
CA LYS B 256 106.19 13.97 -69.87
C LYS B 256 106.04 15.08 -70.93
N SER B 257 104.86 15.35 -71.49
CA SER B 257 103.53 14.75 -71.22
C SER B 257 103.07 14.81 -69.76
N VAL B 258 102.41 13.75 -69.31
CA VAL B 258 102.06 13.60 -67.90
C VAL B 258 102.42 12.19 -67.36
N PHE B 259 101.89 11.09 -67.90
CA PHE B 259 101.09 10.97 -69.13
C PHE B 259 99.64 10.57 -68.87
N PRO B 260 98.68 11.40 -69.33
CA PRO B 260 97.24 11.17 -69.16
C PRO B 260 96.68 10.16 -70.16
N GLU B 261 95.55 9.53 -69.87
CA GLU B 261 94.89 9.57 -68.57
C GLU B 261 95.54 8.54 -67.66
N GLN B 262 95.44 8.75 -66.34
CA GLN B 262 96.06 7.83 -65.40
C GLN B 262 95.32 6.50 -65.40
N ALA B 263 96.04 5.42 -65.71
CA ALA B 263 95.45 4.09 -65.76
C ALA B 263 96.48 3.02 -65.43
N ASN B 264 96.09 1.97 -64.71
CA ASN B 264 94.73 1.82 -64.20
C ASN B 264 94.70 1.98 -62.68
N ASN B 265 93.95 2.96 -62.20
CA ASN B 265 93.75 3.16 -60.76
C ASN B 265 95.08 3.32 -60.04
N ASN B 266 95.41 2.36 -59.17
CA ASN B 266 96.62 2.41 -58.36
C ASN B 266 97.90 2.50 -59.18
N GLU B 267 97.84 2.24 -60.48
CA GLU B 267 99.04 2.34 -61.32
C GLU B 267 99.67 3.72 -61.23
N TRP B 268 98.86 4.77 -61.23
CA TRP B 268 99.41 6.12 -61.14
C TRP B 268 99.90 6.43 -59.73
N ALA B 269 99.29 5.83 -58.71
CA ALA B 269 99.77 6.04 -57.35
C ALA B 269 101.13 5.40 -57.14
N ARG B 270 101.29 4.14 -57.56
CA ARG B 270 102.59 3.50 -57.46
C ARG B 270 103.62 4.19 -58.34
N TYR B 271 103.18 4.74 -59.47
CA TYR B 271 104.09 5.55 -60.28
C TYR B 271 104.54 6.78 -59.52
N LEU B 272 103.65 7.39 -58.75
CA LEU B 272 104.01 8.51 -57.90
C LEU B 272 104.80 8.10 -56.67
N TYR B 273 104.88 6.80 -56.39
CA TYR B 273 105.88 6.33 -55.43
C TYR B 273 107.25 6.15 -56.07
N TYR B 274 107.28 5.55 -57.27
CA TYR B 274 108.50 5.38 -58.04
C TYR B 274 109.13 6.75 -58.35
N THR B 275 108.43 7.55 -59.14
CA THR B 275 108.86 8.93 -59.34
C THR B 275 108.80 9.76 -58.06
N GLY B 276 108.12 9.27 -57.03
CA GLY B 276 108.18 9.93 -55.73
C GLY B 276 109.57 9.87 -55.13
N ARG B 277 110.21 8.71 -55.19
CA ARG B 277 111.61 8.61 -54.78
C ARG B 277 112.49 9.44 -55.71
N ILE B 278 112.15 9.49 -57.00
CA ILE B 278 112.83 10.34 -57.96
C ILE B 278 112.74 11.79 -57.51
N LYS B 279 111.52 12.33 -57.45
CA LYS B 279 111.35 13.73 -57.05
C LYS B 279 111.81 13.96 -55.62
N ALA B 280 111.97 12.90 -54.82
CA ALA B 280 112.60 13.05 -53.52
C ALA B 280 114.11 13.13 -53.62
N ILE B 281 114.70 12.74 -54.76
CA ILE B 281 116.14 12.85 -54.92
C ILE B 281 116.54 14.29 -55.22
N GLN B 282 115.61 15.11 -55.70
CA GLN B 282 115.82 16.55 -55.81
C GLN B 282 115.65 17.27 -54.48
N LEU B 283 115.09 16.60 -53.49
CA LEU B 283 115.01 17.03 -52.09
C LEU B 283 114.04 18.17 -51.84
N GLU B 284 113.33 18.67 -52.84
CA GLU B 284 112.27 19.64 -52.54
C GLU B 284 111.17 18.92 -51.79
N TYR B 285 110.90 19.37 -50.56
CA TYR B 285 110.13 18.56 -49.62
C TYR B 285 108.63 18.78 -49.70
N SER B 286 108.17 19.84 -50.36
CA SER B 286 106.74 20.02 -50.53
C SER B 286 106.21 19.11 -51.63
N GLU B 287 106.92 19.05 -52.76
CA GLU B 287 106.52 18.14 -53.82
C GLU B 287 106.83 16.70 -53.46
N ALA B 288 107.87 16.47 -52.64
CA ALA B 288 108.21 15.10 -52.26
C ALA B 288 107.23 14.55 -51.23
N ARG B 289 106.80 15.37 -50.27
CA ARG B 289 105.83 14.90 -49.29
C ARG B 289 104.45 14.75 -49.91
N ARG B 290 104.14 15.54 -50.94
CA ARG B 290 102.84 15.41 -51.59
C ARG B 290 102.81 14.24 -52.56
N THR B 291 103.94 13.90 -53.19
CA THR B 291 103.97 12.75 -54.08
C THR B 291 104.11 11.43 -53.32
N MET B 292 104.74 11.46 -52.15
CA MET B 292 104.85 10.24 -51.35
C MET B 292 103.53 9.95 -50.64
N THR B 293 102.89 10.98 -50.08
CA THR B 293 101.60 10.77 -49.44
C THR B 293 100.54 10.36 -50.46
N ASN B 294 100.51 11.04 -51.60
CA ASN B 294 99.55 10.67 -52.65
C ASN B 294 99.85 9.32 -53.26
N ALA B 295 101.06 8.79 -53.08
CA ALA B 295 101.36 7.45 -53.55
C ALA B 295 100.67 6.40 -52.68
N LEU B 296 100.79 6.54 -51.36
CA LEU B 296 100.19 5.57 -50.44
C LEU B 296 98.69 5.79 -50.31
N ARG B 297 98.26 7.04 -50.12
CA ARG B 297 96.86 7.34 -49.87
C ARG B 297 95.95 6.96 -51.04
N LYS B 298 96.50 6.87 -52.25
CA LYS B 298 95.73 6.59 -53.45
C LYS B 298 95.68 5.09 -53.77
N ALA B 299 96.23 4.25 -52.90
CA ALA B 299 96.30 2.82 -53.19
C ALA B 299 95.41 2.01 -52.26
N PRO B 300 94.24 1.53 -52.73
CA PRO B 300 93.49 0.42 -52.16
C PRO B 300 93.82 -0.87 -52.92
N GLN B 301 93.23 -2.01 -52.53
CA GLN B 301 92.78 -2.27 -51.17
C GLN B 301 93.80 -3.19 -50.49
N HIS B 302 94.83 -3.55 -51.25
CA HIS B 302 95.73 -4.69 -51.01
C HIS B 302 94.83 -5.93 -50.72
N THR B 303 95.23 -6.95 -49.96
CA THR B 303 96.57 -7.54 -49.87
C THR B 303 96.88 -8.10 -51.27
N ALA B 304 98.14 -8.32 -51.67
CA ALA B 304 99.31 -8.52 -50.83
C ALA B 304 100.58 -7.94 -51.49
N VAL B 305 101.67 -7.72 -50.73
CA VAL B 305 101.69 -7.82 -49.27
C VAL B 305 102.42 -6.63 -48.61
N GLY B 306 103.74 -6.56 -48.78
CA GLY B 306 104.55 -5.64 -48.01
C GLY B 306 105.09 -4.43 -48.74
N PHE B 307 104.93 -4.39 -50.08
CA PHE B 307 105.41 -3.23 -50.80
C PHE B 307 104.48 -2.03 -50.64
N LYS B 308 103.18 -2.29 -50.45
CA LYS B 308 102.27 -1.23 -50.02
C LYS B 308 102.62 -0.75 -48.62
N GLN B 309 103.29 -1.57 -47.83
CA GLN B 309 103.86 -1.10 -46.58
C GLN B 309 105.20 -0.39 -46.79
N THR B 310 105.86 -0.66 -47.92
CA THR B 310 107.15 -0.03 -48.19
C THR B 310 106.98 1.41 -48.62
N VAL B 311 105.94 1.71 -49.40
CA VAL B 311 105.68 3.09 -49.80
C VAL B 311 105.39 3.94 -48.58
N HIS B 312 104.73 3.36 -47.57
CA HIS B 312 104.53 4.08 -46.31
C HIS B 312 105.83 4.24 -45.54
N LYS B 313 106.71 3.24 -45.61
CA LYS B 313 108.02 3.32 -44.97
C LYS B 313 108.79 4.53 -45.48
N LEU B 314 109.10 4.55 -46.78
CA LEU B 314 109.88 5.63 -47.38
C LEU B 314 109.08 6.93 -47.49
N LEU B 315 107.79 6.93 -47.16
CA LEU B 315 106.97 8.12 -47.31
C LEU B 315 107.46 9.25 -46.40
N ILE B 316 107.67 8.93 -45.12
CA ILE B 316 107.90 9.97 -44.12
C ILE B 316 109.39 10.30 -44.05
N VAL B 317 110.17 9.70 -44.94
CA VAL B 317 111.60 10.03 -45.03
C VAL B 317 111.78 11.52 -45.29
N VAL B 318 111.04 12.05 -46.27
CA VAL B 318 111.10 13.49 -46.54
C VAL B 318 110.49 14.28 -45.39
N GLU B 319 109.60 13.66 -44.62
CA GLU B 319 109.07 14.32 -43.43
C GLU B 319 110.11 14.34 -42.32
N LEU B 320 111.01 13.36 -42.29
CA LEU B 320 112.14 13.42 -41.37
C LEU B 320 113.08 14.56 -41.74
N LEU B 321 113.27 14.79 -43.04
CA LEU B 321 114.09 15.90 -43.51
C LEU B 321 113.36 17.24 -43.42
N LEU B 322 112.06 17.24 -43.12
CA LEU B 322 111.34 18.49 -42.88
C LEU B 322 111.66 19.09 -41.53
N GLY B 323 112.01 18.26 -40.55
CA GLY B 323 112.32 18.72 -39.21
C GLY B 323 111.25 18.42 -38.17
N GLU B 324 110.05 18.03 -38.59
CA GLU B 324 108.97 17.71 -37.66
C GLU B 324 108.28 16.45 -38.14
N ILE B 325 108.19 15.45 -37.27
CA ILE B 325 107.53 14.19 -37.60
C ILE B 325 106.78 13.68 -36.36
N PRO B 326 105.59 13.13 -36.53
CA PRO B 326 104.92 12.47 -35.41
C PRO B 326 105.49 11.07 -35.16
N ASP B 327 105.20 10.56 -33.97
CA ASP B 327 105.60 9.20 -33.61
C ASP B 327 104.62 8.22 -34.24
N ARG B 328 105.13 7.32 -35.08
CA ARG B 328 104.30 6.46 -35.91
C ARG B 328 104.05 5.09 -35.30
N LEU B 329 104.46 4.86 -34.04
CA LEU B 329 104.27 3.55 -33.43
C LEU B 329 102.81 3.13 -33.36
N GLN B 330 101.87 4.06 -33.50
CA GLN B 330 100.46 3.71 -33.50
C GLN B 330 99.96 3.25 -34.87
N PHE B 331 100.75 3.44 -35.93
CA PHE B 331 100.39 3.03 -37.27
C PHE B 331 100.97 1.67 -37.64
N ARG B 332 101.65 0.99 -36.71
CA ARG B 332 102.31 -0.27 -37.02
C ARG B 332 101.29 -1.36 -37.28
N GLN B 333 101.51 -2.13 -38.34
CA GLN B 333 100.68 -3.28 -38.67
C GLN B 333 101.36 -4.53 -38.12
N PRO B 334 100.76 -5.73 -38.22
CA PRO B 334 101.48 -6.93 -37.79
C PRO B 334 102.66 -7.27 -38.67
N SER B 335 102.69 -6.79 -39.91
CA SER B 335 103.80 -7.02 -40.84
C SER B 335 104.73 -5.81 -40.91
N LEU B 336 104.20 -4.66 -41.33
CA LEU B 336 105.01 -3.45 -41.47
C LEU B 336 105.83 -3.15 -40.23
N LYS B 337 105.31 -3.47 -39.04
CA LYS B 337 106.08 -3.29 -37.81
C LYS B 337 107.40 -4.04 -37.89
N ARG B 338 107.35 -5.37 -38.00
CA ARG B 338 108.56 -6.19 -38.01
C ARG B 338 109.50 -5.83 -39.14
N SER B 339 109.01 -5.18 -40.20
CA SER B 339 109.88 -4.78 -41.30
C SER B 339 110.65 -3.50 -40.97
N LEU B 340 109.99 -2.51 -40.37
CA LEU B 340 110.60 -1.21 -40.13
C LEU B 340 111.23 -1.06 -38.76
N MET B 341 111.30 -2.13 -37.95
CA MET B 341 111.70 -2.07 -36.55
C MET B 341 112.91 -1.15 -36.31
N PRO B 342 113.96 -1.19 -37.14
CA PRO B 342 115.00 -0.15 -37.00
C PRO B 342 114.51 1.25 -37.35
N TYR B 343 113.68 1.38 -38.39
CA TYR B 343 113.19 2.69 -38.80
C TYR B 343 112.33 3.34 -37.72
N PHE B 344 111.77 2.54 -36.80
CA PHE B 344 111.05 3.08 -35.66
C PHE B 344 111.94 4.00 -34.83
N LEU B 345 112.99 3.44 -34.24
CA LEU B 345 113.91 4.25 -33.44
C LEU B 345 114.59 5.33 -34.26
N LEU B 346 114.64 5.17 -35.58
CA LEU B 346 115.18 6.22 -36.44
C LEU B 346 114.32 7.48 -36.37
N THR B 347 113.02 7.36 -36.68
CA THR B 347 112.15 8.53 -36.63
C THR B 347 111.94 9.00 -35.19
N GLN B 348 112.12 8.12 -34.22
CA GLN B 348 112.13 8.56 -32.82
C GLN B 348 113.37 9.40 -32.52
N ALA B 349 114.50 9.07 -33.14
CA ALA B 349 115.70 9.89 -33.03
C ALA B 349 115.57 11.18 -33.83
N VAL B 350 114.72 11.20 -34.85
CA VAL B 350 114.49 12.44 -35.60
C VAL B 350 113.65 13.42 -34.78
N ARG B 351 112.68 12.90 -34.03
CA ARG B 351 111.88 13.75 -33.17
C ARG B 351 112.74 14.41 -32.10
N THR B 352 113.59 13.63 -31.46
CA THR B 352 114.48 14.17 -30.44
C THR B 352 115.59 15.02 -31.08
N GLY B 353 116.08 15.98 -30.30
CA GLY B 353 117.12 16.86 -30.79
C GLY B 353 118.51 16.45 -30.34
N ASN B 354 118.64 15.22 -29.86
CA ASN B 354 119.92 14.72 -29.38
C ASN B 354 120.75 14.17 -30.54
N LEU B 355 122.03 14.52 -30.55
CA LEU B 355 122.92 14.06 -31.62
C LEU B 355 123.35 12.61 -31.41
N ALA B 356 123.76 12.27 -30.19
CA ALA B 356 124.20 10.90 -29.92
C ALA B 356 123.07 9.89 -30.07
N LYS B 357 121.82 10.33 -29.81
CA LYS B 357 120.69 9.44 -30.02
C LYS B 357 120.52 9.11 -31.49
N PHE B 358 120.75 10.09 -32.37
CA PHE B 358 120.61 9.88 -33.80
C PHE B 358 121.82 9.16 -34.39
N ASN B 359 123.03 9.47 -33.90
CA ASN B 359 124.23 8.85 -34.43
C ASN B 359 124.31 7.37 -34.04
N GLN B 360 123.88 7.03 -32.82
CA GLN B 360 123.85 5.64 -32.40
C GLN B 360 122.84 4.85 -33.24
N VAL B 361 121.74 5.50 -33.63
CA VAL B 361 120.78 4.86 -34.53
C VAL B 361 121.43 4.54 -35.86
N LEU B 362 122.26 5.46 -36.37
CA LEU B 362 122.95 5.23 -37.64
C LEU B 362 123.92 4.06 -37.53
N ASP B 363 124.72 4.02 -36.47
CA ASP B 363 125.73 2.98 -36.34
C ASP B 363 125.10 1.61 -36.14
N GLN B 364 124.00 1.54 -35.39
CA GLN B 364 123.37 0.25 -35.11
C GLN B 364 122.51 -0.22 -36.28
N PHE B 365 121.73 0.69 -36.87
CA PHE B 365 120.76 0.34 -37.91
C PHE B 365 121.32 0.49 -39.32
N GLY B 366 122.61 0.79 -39.45
CA GLY B 366 123.20 0.92 -40.78
C GLY B 366 122.99 -0.29 -41.66
N GLU B 367 122.82 -1.48 -41.06
CA GLU B 367 122.53 -2.68 -41.84
C GLU B 367 121.15 -2.59 -42.47
N LYS B 368 120.16 -2.15 -41.69
CA LYS B 368 118.82 -1.97 -42.25
C LYS B 368 118.80 -0.82 -43.26
N PHE B 369 119.66 0.19 -43.07
CA PHE B 369 119.77 1.24 -44.06
C PHE B 369 120.30 0.70 -45.38
N GLN B 370 121.15 -0.33 -45.33
CA GLN B 370 121.57 -1.00 -46.55
C GLN B 370 120.43 -1.78 -47.18
N ALA B 371 119.50 -2.29 -46.36
CA ALA B 371 118.38 -3.07 -46.89
C ALA B 371 117.37 -2.16 -47.56
N ASP B 372 117.14 -0.96 -47.00
CA ASP B 372 116.20 -0.03 -47.61
C ASP B 372 116.79 0.67 -48.82
N GLY B 373 118.06 1.08 -48.73
CA GLY B 373 118.75 1.76 -49.81
C GLY B 373 118.95 3.24 -49.59
N THR B 374 118.30 3.83 -48.58
CA THR B 374 118.43 5.24 -48.29
C THR B 374 119.55 5.46 -47.28
N TYR B 375 120.58 6.19 -47.70
CA TYR B 375 121.76 6.41 -46.87
C TYR B 375 122.12 7.88 -46.76
N THR B 376 122.41 8.51 -47.91
CA THR B 376 123.09 9.80 -47.94
C THR B 376 122.47 10.83 -47.02
N LEU B 377 121.15 10.80 -46.83
CA LEU B 377 120.48 11.79 -45.99
C LEU B 377 120.67 11.52 -44.49
N ILE B 378 121.24 10.37 -44.12
CA ILE B 378 121.36 10.06 -42.69
C ILE B 378 122.46 10.89 -42.05
N ILE B 379 123.52 11.20 -42.80
CA ILE B 379 124.61 12.00 -42.23
C ILE B 379 124.28 13.49 -42.26
N ARG B 380 123.57 13.96 -43.28
CA ARG B 380 123.21 15.37 -43.36
C ARG B 380 122.07 15.74 -42.42
N LEU B 381 121.33 14.76 -41.92
CA LEU B 381 120.26 15.05 -40.96
C LEU B 381 120.81 15.67 -39.68
N ARG B 382 122.12 15.56 -39.45
CA ARG B 382 122.76 16.29 -38.36
C ARG B 382 122.53 17.79 -38.50
N HIS B 383 122.41 18.30 -39.73
CA HIS B 383 122.04 19.69 -39.93
C HIS B 383 120.58 19.93 -39.59
N ASN B 384 119.73 18.91 -39.78
CA ASN B 384 118.36 19.02 -39.28
C ASN B 384 118.32 18.96 -37.75
N VAL B 385 119.32 18.35 -37.13
CA VAL B 385 119.39 18.35 -35.67
C VAL B 385 119.86 19.69 -35.15
N ILE B 386 120.73 20.38 -35.88
CA ILE B 386 121.20 21.69 -35.42
C ILE B 386 120.12 22.75 -35.67
N LYS B 387 119.31 22.58 -36.71
CA LYS B 387 118.25 23.54 -36.99
C LYS B 387 117.01 23.28 -36.13
N THR B 388 116.63 22.01 -35.97
CA THR B 388 115.55 21.70 -35.02
C THR B 388 116.02 21.86 -33.59
N GLY B 389 117.30 21.60 -33.33
CA GLY B 389 117.83 21.83 -31.99
C GLY B 389 117.81 23.30 -31.62
N VAL B 390 118.13 24.18 -32.57
CA VAL B 390 118.07 25.60 -32.27
C VAL B 390 116.63 26.10 -32.30
N ARG B 391 115.78 25.53 -33.17
CA ARG B 391 114.37 25.84 -33.12
C ARG B 391 113.78 25.44 -31.76
N MET B 392 114.20 24.30 -31.25
CA MET B 392 113.79 23.87 -29.92
C MET B 392 114.17 24.90 -28.86
N ILE B 393 115.48 25.05 -28.62
CA ILE B 393 115.96 25.81 -27.47
C ILE B 393 115.61 27.28 -27.57
N SER B 394 115.76 27.89 -28.74
CA SER B 394 115.49 29.31 -28.91
C SER B 394 114.08 29.65 -28.48
N LEU B 395 113.09 29.13 -29.21
CA LEU B 395 111.69 29.31 -28.80
C LEU B 395 111.47 28.86 -27.36
N SER B 396 112.14 27.79 -26.94
CA SER B 396 112.09 27.30 -25.57
C SER B 396 112.59 28.34 -24.56
N TYR B 397 113.88 28.66 -24.61
CA TYR B 397 114.51 29.44 -23.56
C TYR B 397 114.21 30.93 -23.67
N SER B 398 114.07 31.58 -22.52
CA SER B 398 113.93 33.03 -22.44
C SER B 398 115.13 33.73 -23.06
N ARG B 399 116.26 33.68 -22.36
CA ARG B 399 117.54 34.15 -22.91
C ARG B 399 118.59 33.10 -22.55
N ILE B 400 119.17 32.48 -23.57
CA ILE B 400 120.09 31.36 -23.39
C ILE B 400 121.49 31.82 -23.78
N SER B 401 122.45 31.54 -22.91
CA SER B 401 123.84 31.87 -23.22
C SER B 401 124.37 30.90 -24.28
N LEU B 402 125.28 31.42 -25.12
CA LEU B 402 125.86 30.58 -26.16
C LEU B 402 126.74 29.49 -25.58
N ALA B 403 127.17 29.61 -24.31
CA ALA B 403 127.90 28.53 -23.67
C ALA B 403 126.99 27.43 -23.16
N ASP B 404 125.77 27.78 -22.72
CA ASP B 404 124.85 26.78 -22.18
C ASP B 404 124.18 25.98 -23.30
N ILE B 405 123.80 26.66 -24.39
CA ILE B 405 123.24 25.97 -25.55
C ILE B 405 124.30 25.21 -26.33
N ALA B 406 125.58 25.48 -26.07
CA ALA B 406 126.67 24.83 -26.81
C ALA B 406 126.72 23.33 -26.59
N GLN B 407 126.05 22.81 -25.56
CA GLN B 407 126.04 21.37 -25.33
C GLN B 407 125.21 20.65 -26.37
N LYS B 408 123.97 21.12 -26.60
CA LYS B 408 123.11 20.47 -27.58
C LYS B 408 123.43 20.90 -29.01
N LEU B 409 123.97 22.10 -29.20
CA LEU B 409 124.42 22.52 -30.53
C LEU B 409 125.89 22.17 -30.77
N GLN B 410 126.54 21.54 -29.80
CA GLN B 410 127.80 20.81 -29.92
C GLN B 410 129.00 21.70 -30.28
N LEU B 411 128.75 22.92 -30.76
CA LEU B 411 129.82 23.89 -30.88
C LEU B 411 129.36 25.24 -30.35
N ASP B 412 128.49 25.91 -31.11
CA ASP B 412 127.84 27.16 -30.71
C ASP B 412 128.82 28.15 -30.08
N SER B 413 129.92 28.41 -30.80
CA SER B 413 130.95 29.33 -30.32
C SER B 413 130.40 30.75 -30.26
N PRO B 414 131.15 31.72 -29.74
CA PRO B 414 130.65 33.12 -29.75
C PRO B 414 130.50 33.71 -31.14
N GLU B 415 131.12 33.11 -32.16
CA GLU B 415 131.02 33.62 -33.52
C GLU B 415 129.83 33.03 -34.26
N ASP B 416 129.83 31.70 -34.47
CA ASP B 416 128.77 31.05 -35.24
C ASP B 416 127.39 31.19 -34.61
N ALA B 417 127.31 31.62 -33.35
CA ALA B 417 126.01 31.82 -32.72
C ALA B 417 125.15 32.80 -33.49
N GLU B 418 125.78 33.77 -34.18
CA GLU B 418 125.02 34.70 -35.01
C GLU B 418 124.39 33.98 -36.20
N PHE B 419 125.17 33.15 -36.89
CA PHE B 419 124.70 32.52 -38.12
C PHE B 419 123.67 31.44 -37.88
N ILE B 420 123.76 30.73 -36.75
CA ILE B 420 122.83 29.63 -36.47
C ILE B 420 121.39 30.14 -36.56
N VAL B 421 121.11 31.26 -35.88
CA VAL B 421 119.76 31.82 -35.91
C VAL B 421 119.54 32.62 -37.19
N ALA B 422 120.54 33.38 -37.63
CA ALA B 422 120.37 34.23 -38.81
C ALA B 422 120.12 33.41 -40.06
N LYS B 423 120.97 32.40 -40.31
CA LYS B 423 120.75 31.53 -41.45
C LYS B 423 119.58 30.57 -41.24
N ALA B 424 119.02 30.52 -40.02
CA ALA B 424 117.76 29.82 -39.82
C ALA B 424 116.59 30.69 -40.29
N ILE B 425 116.72 32.00 -40.14
CA ILE B 425 115.71 32.90 -40.72
C ILE B 425 115.72 32.80 -42.23
N ARG B 426 116.91 32.59 -42.83
CA ARG B 426 116.99 32.33 -44.25
C ARG B 426 116.20 31.08 -44.61
N ASP B 427 116.16 30.09 -43.72
CA ASP B 427 115.32 28.91 -43.88
C ASP B 427 113.96 29.06 -43.22
N GLY B 428 113.68 30.22 -42.62
CA GLY B 428 112.39 30.45 -42.00
C GLY B 428 112.13 29.61 -40.77
N VAL B 429 113.01 29.69 -39.77
CA VAL B 429 112.89 28.85 -38.58
C VAL B 429 112.42 29.69 -37.40
N ILE B 430 113.29 30.53 -36.85
CA ILE B 430 113.00 31.27 -35.63
C ILE B 430 113.41 32.73 -35.82
N GLU B 431 112.65 33.63 -35.18
CA GLU B 431 112.86 35.07 -35.28
C GLU B 431 113.78 35.60 -34.17
N ALA B 432 114.37 34.72 -33.37
CA ALA B 432 115.12 35.13 -32.18
C ALA B 432 116.19 36.17 -32.51
N SER B 433 116.24 37.22 -31.70
CA SER B 433 117.22 38.28 -31.83
C SER B 433 118.30 38.10 -30.78
N ILE B 434 119.56 38.36 -31.16
CA ILE B 434 120.68 38.13 -30.27
C ILE B 434 121.61 39.34 -30.34
N ASN B 435 121.85 39.96 -29.18
CA ASN B 435 122.88 40.99 -29.04
C ASN B 435 124.10 40.30 -28.43
N HIS B 436 125.17 40.22 -29.21
CA HIS B 436 126.33 39.38 -28.85
C HIS B 436 127.36 40.23 -28.11
N GLU B 437 127.57 39.90 -26.84
CA GLU B 437 128.69 40.43 -26.06
C GLU B 437 129.41 39.27 -25.38
N LYS B 438 128.72 38.62 -24.44
CA LYS B 438 129.24 37.43 -23.78
C LYS B 438 129.11 36.13 -24.60
N GLY B 439 128.01 35.87 -25.31
CA GLY B 439 126.75 36.60 -25.27
C GLY B 439 125.58 35.83 -24.68
N TYR B 440 124.37 36.25 -25.05
CA TYR B 440 123.15 35.56 -24.66
C TYR B 440 122.13 35.72 -25.79
N VAL B 441 121.34 34.67 -26.01
CA VAL B 441 120.36 34.62 -27.09
C VAL B 441 118.98 34.87 -26.49
N GLN B 442 118.40 36.04 -26.77
CA GLN B 442 117.08 36.41 -26.24
C GLN B 442 116.04 36.24 -27.33
N SER B 443 115.18 35.23 -27.19
CA SER B 443 114.22 34.88 -28.22
C SER B 443 112.86 35.47 -27.89
N LYS B 444 112.39 36.39 -28.75
CA LYS B 444 111.02 36.86 -28.70
C LYS B 444 110.31 36.53 -30.01
N GLU B 445 109.01 36.76 -30.03
CA GLU B 445 108.24 36.62 -31.27
C GLU B 445 107.10 37.63 -31.27
N MET B 446 106.96 38.37 -32.36
CA MET B 446 105.70 39.06 -32.67
C MET B 446 105.36 38.80 -34.13
N ILE B 447 104.32 38.01 -34.36
CA ILE B 447 103.72 37.86 -35.69
C ILE B 447 102.21 37.72 -35.52
N ASP B 448 101.45 38.55 -36.23
CA ASP B 448 100.03 38.32 -36.46
C ASP B 448 99.77 38.61 -37.93
N ILE B 449 99.49 37.55 -38.72
CA ILE B 449 99.32 37.72 -40.15
C ILE B 449 98.86 36.42 -40.80
N TYR B 450 98.61 36.47 -42.10
CA TYR B 450 98.47 35.34 -43.04
C TYR B 450 97.37 34.39 -42.54
N SER B 451 97.57 33.08 -42.68
CA SER B 451 96.54 32.07 -42.45
C SER B 451 95.28 32.36 -43.26
N THR B 452 95.43 33.06 -44.38
CA THR B 452 94.26 33.58 -45.08
C THR B 452 94.27 33.33 -46.59
N ARG B 453 95.18 34.01 -47.30
CA ARG B 453 94.93 34.35 -48.70
C ARG B 453 95.05 33.12 -49.59
N GLU B 454 96.26 32.54 -49.67
CA GLU B 454 96.45 31.37 -50.53
C GLU B 454 95.50 30.22 -50.22
N PRO B 455 95.19 29.86 -48.97
CA PRO B 455 94.27 28.74 -48.74
C PRO B 455 92.89 28.93 -49.36
N GLN B 456 92.26 30.10 -49.16
CA GLN B 456 90.89 30.28 -49.62
C GLN B 456 90.82 30.53 -51.13
N LEU B 457 91.79 31.29 -51.66
CA LEU B 457 91.78 31.55 -53.10
C LEU B 457 92.11 30.31 -53.90
N ALA B 458 92.97 29.43 -53.37
CA ALA B 458 93.23 28.16 -54.04
C ALA B 458 92.03 27.22 -53.90
N PHE B 459 91.37 27.23 -52.74
CA PHE B 459 90.18 26.41 -52.55
C PHE B 459 89.12 26.70 -53.60
N HIS B 460 89.09 27.92 -54.13
CA HIS B 460 88.19 28.24 -55.23
C HIS B 460 88.50 27.39 -56.46
N GLN B 461 89.75 27.45 -56.94
CA GLN B 461 90.12 26.63 -58.08
C GLN B 461 90.14 25.15 -57.73
N ARG B 462 90.50 24.80 -56.49
CA ARG B 462 90.44 23.41 -56.05
C ARG B 462 89.04 22.83 -56.24
N ILE B 463 88.05 23.41 -55.55
CA ILE B 463 86.69 22.87 -55.59
C ILE B 463 86.13 22.92 -57.01
N SER B 464 86.33 24.05 -57.70
CA SER B 464 85.74 24.21 -59.01
C SER B 464 86.33 23.24 -60.03
N PHE B 465 87.66 23.14 -60.07
CA PHE B 465 88.31 22.22 -60.99
C PHE B 465 87.97 20.77 -60.64
N CYS B 466 87.82 20.48 -59.35
CA CYS B 466 87.33 19.16 -58.93
C CYS B 466 85.96 18.87 -59.52
N LEU B 467 84.95 19.67 -59.13
CA LEU B 467 83.59 19.43 -59.60
C LEU B 467 83.50 19.46 -61.12
N ASP B 468 84.40 20.19 -61.78
CA ASP B 468 84.46 20.11 -63.24
C ASP B 468 84.90 18.73 -63.70
N ILE B 469 85.89 18.14 -63.03
CA ILE B 469 86.31 16.78 -63.36
C ILE B 469 85.19 15.79 -63.05
N HIS B 470 84.54 15.95 -61.89
CA HIS B 470 83.40 15.11 -61.56
C HIS B 470 82.28 15.27 -62.57
N ASN B 471 82.15 16.46 -63.16
CA ASN B 471 81.30 16.60 -64.33
C ASN B 471 81.82 15.76 -65.49
N MET B 472 83.10 15.91 -65.84
CA MET B 472 83.67 15.15 -66.96
C MET B 472 83.49 13.65 -66.76
N SER B 473 83.37 13.21 -65.50
CA SER B 473 83.13 11.80 -65.23
C SER B 473 81.66 11.44 -65.38
N VAL B 474 80.80 12.04 -64.54
CA VAL B 474 79.38 11.67 -64.50
C VAL B 474 78.73 11.93 -65.86
N LYS B 475 78.97 13.11 -66.44
CA LYS B 475 78.37 13.44 -67.73
C LYS B 475 78.73 12.41 -68.79
N ALA B 476 79.92 11.82 -68.72
CA ALA B 476 80.40 10.87 -69.72
C ALA B 476 80.11 9.41 -69.36
N MET B 477 79.62 9.13 -68.16
CA MET B 477 79.38 7.76 -67.75
C MET B 477 77.95 7.30 -68.01
N ARG B 478 77.14 8.14 -68.66
CA ARG B 478 75.73 7.87 -68.86
C ARG B 478 75.43 7.15 -70.18
N PHE B 479 76.45 6.71 -70.90
CA PHE B 479 76.23 5.91 -72.11
C PHE B 479 75.20 4.80 -71.94
N PRO B 480 75.21 4.01 -70.85
CA PRO B 480 74.13 3.03 -70.69
C PRO B 480 72.78 3.68 -70.46
N LYS C 221 43.48 82.36 -7.94
CA LYS C 221 44.84 81.99 -8.34
C LYS C 221 45.69 81.60 -7.13
N LEU C 222 45.02 81.19 -6.05
CA LEU C 222 45.74 80.77 -4.85
C LEU C 222 46.43 79.43 -5.05
N LYS C 223 45.82 78.55 -5.86
CA LYS C 223 46.46 77.27 -6.16
C LYS C 223 47.76 77.46 -6.92
N LEU C 224 47.83 78.49 -7.78
CA LEU C 224 49.08 78.82 -8.43
C LEU C 224 50.09 79.37 -7.43
N LYS C 225 49.63 80.01 -6.37
CA LYS C 225 50.52 80.48 -5.31
C LYS C 225 51.00 79.36 -4.40
N TYR C 226 50.25 78.26 -4.32
CA TYR C 226 50.71 77.11 -3.56
C TYR C 226 51.96 76.50 -4.17
N TYR C 227 52.21 76.74 -5.45
CA TYR C 227 53.46 76.28 -6.06
C TYR C 227 54.67 76.92 -5.38
N ASN C 228 54.55 78.20 -5.00
CA ASN C 228 55.60 78.85 -4.25
C ASN C 228 55.80 78.23 -2.87
N LEU C 229 54.79 77.52 -2.36
CA LEU C 229 54.99 76.77 -1.13
C LEU C 229 55.67 75.43 -1.40
N MET C 230 55.35 74.80 -2.53
CA MET C 230 55.91 73.48 -2.83
C MET C 230 57.33 73.55 -3.38
N ILE C 231 57.75 74.71 -3.91
CA ILE C 231 59.14 74.84 -4.36
C ILE C 231 60.09 74.71 -3.19
N GLN C 232 59.65 75.03 -1.98
CA GLN C 232 60.48 74.81 -0.80
C GLN C 232 60.71 73.32 -0.58
N LEU C 233 59.71 72.49 -0.86
CA LEU C 233 59.85 71.05 -0.65
C LEU C 233 60.68 70.40 -1.75
N ASP C 234 60.48 70.81 -3.01
CA ASP C 234 61.21 70.18 -4.11
C ASP C 234 62.67 70.60 -4.13
N GLN C 235 62.96 71.85 -3.75
CA GLN C 235 64.31 72.37 -3.75
C GLN C 235 65.05 72.06 -2.44
N HIS C 236 64.35 71.53 -1.44
CA HIS C 236 64.90 71.46 -0.09
C HIS C 236 66.15 70.59 -0.02
N GLU C 237 66.04 69.33 -0.44
CA GLU C 237 67.15 68.42 -0.20
C GLU C 237 67.83 67.88 -1.47
N GLY C 238 67.19 66.93 -2.16
CA GLY C 238 67.92 66.16 -3.16
C GLY C 238 67.61 66.42 -4.63
N SER C 239 66.58 67.19 -4.95
CA SER C 239 66.11 67.31 -6.33
C SER C 239 66.41 68.71 -6.85
N TYR C 240 67.39 68.80 -7.75
CA TYR C 240 67.58 69.98 -8.59
C TYR C 240 66.86 69.86 -9.93
N LEU C 241 66.41 68.65 -10.30
CA LEU C 241 65.70 68.46 -11.55
C LEU C 241 64.22 68.83 -11.43
N SER C 242 63.61 68.60 -10.26
CA SER C 242 62.19 68.87 -10.08
C SER C 242 61.86 70.35 -10.18
N ILE C 243 62.83 71.23 -9.94
CA ILE C 243 62.59 72.67 -10.02
C ILE C 243 62.60 73.18 -11.45
N CYS C 244 62.98 72.36 -12.42
CA CYS C 244 63.07 72.78 -13.82
C CYS C 244 61.74 73.33 -14.33
N LYS C 245 60.75 72.47 -14.48
CA LYS C 245 59.45 72.90 -15.00
C LYS C 245 58.60 73.58 -13.93
N HIS C 246 58.86 73.32 -12.65
CA HIS C 246 58.02 73.90 -11.61
C HIS C 246 58.38 75.36 -11.34
N TYR C 247 59.65 75.75 -11.49
CA TYR C 247 59.99 77.17 -11.44
C TYR C 247 59.44 77.92 -12.64
N ARG C 248 59.12 77.22 -13.72
CA ARG C 248 58.37 77.82 -14.82
C ARG C 248 56.88 77.87 -14.51
N ALA C 249 56.41 77.03 -13.57
CA ALA C 249 55.01 77.09 -13.16
C ALA C 249 54.76 78.26 -12.22
N ILE C 250 55.71 78.53 -11.31
CA ILE C 250 55.61 79.71 -10.46
C ILE C 250 55.84 80.98 -11.28
N TYR C 251 56.46 80.85 -12.45
CA TYR C 251 56.69 82.00 -13.31
C TYR C 251 55.40 82.52 -13.94
N ASP C 252 54.34 81.72 -13.95
CA ASP C 252 53.07 82.16 -14.52
C ASP C 252 52.34 83.16 -13.62
N THR C 253 52.65 83.18 -12.32
CA THR C 253 52.01 84.18 -11.44
C THR C 253 52.48 85.59 -11.77
N PRO C 254 53.77 85.87 -11.97
CA PRO C 254 54.15 87.23 -12.41
C PRO C 254 53.61 87.59 -13.78
N CYS C 255 53.16 86.62 -14.58
CA CYS C 255 52.57 86.95 -15.88
C CYS C 255 51.26 87.70 -15.70
N ILE C 256 50.47 87.35 -14.70
CA ILE C 256 49.25 88.11 -14.39
C ILE C 256 49.61 89.44 -13.72
N GLN C 257 50.65 89.44 -12.90
CA GLN C 257 51.17 90.65 -12.27
C GLN C 257 51.66 91.61 -13.36
N ALA C 258 51.59 92.94 -13.20
CA ALA C 258 51.17 93.74 -12.03
C ALA C 258 52.10 93.55 -10.82
N GLU C 259 53.39 93.42 -11.10
CA GLU C 259 54.42 93.44 -10.07
C GLU C 259 55.74 93.79 -10.74
N SER C 260 56.68 94.29 -9.93
CA SER C 260 57.99 94.70 -10.43
C SER C 260 59.13 93.90 -9.81
N GLU C 261 59.33 94.02 -8.49
CA GLU C 261 60.47 93.35 -7.86
C GLU C 261 60.31 91.83 -7.92
N LYS C 262 59.13 91.31 -7.55
CA LYS C 262 58.92 89.87 -7.61
C LYS C 262 58.96 89.36 -9.03
N TRP C 263 58.54 90.17 -10.00
CA TRP C 263 58.60 89.76 -11.39
C TRP C 263 60.05 89.66 -11.88
N GLN C 264 60.84 90.71 -11.62
CA GLN C 264 62.22 90.71 -12.09
C GLN C 264 63.05 89.67 -11.35
N GLN C 265 62.80 89.48 -10.06
CA GLN C 265 63.51 88.44 -9.33
C GLN C 265 63.05 87.05 -9.72
N ALA C 266 61.86 86.93 -10.30
CA ALA C 266 61.43 85.64 -10.84
C ALA C 266 62.15 85.32 -12.14
N LEU C 267 62.47 86.35 -12.93
CA LEU C 267 63.21 86.15 -14.18
C LEU C 267 64.61 85.62 -13.89
N LYS C 268 65.29 86.19 -12.89
CA LYS C 268 66.65 85.77 -12.60
C LYS C 268 66.66 84.43 -11.86
N SER C 269 65.76 84.25 -10.89
CA SER C 269 65.74 82.99 -10.16
C SER C 269 65.39 81.82 -11.07
N VAL C 270 64.57 82.04 -12.09
CA VAL C 270 64.25 80.97 -13.03
C VAL C 270 65.32 80.79 -14.09
N VAL C 271 66.17 81.80 -14.34
CA VAL C 271 67.23 81.64 -15.31
C VAL C 271 68.56 81.22 -14.68
N LEU C 272 68.68 81.29 -13.35
CA LEU C 272 69.95 81.00 -12.69
C LEU C 272 70.05 79.60 -12.10
N TYR C 273 68.99 78.79 -12.19
CA TYR C 273 69.06 77.43 -11.66
C TYR C 273 69.54 76.42 -12.70
N VAL C 274 69.93 76.88 -13.90
CA VAL C 274 70.39 75.97 -14.93
C VAL C 274 71.63 75.21 -14.46
N ILE C 275 72.49 75.86 -13.69
CA ILE C 275 73.69 75.20 -13.18
C ILE C 275 73.32 74.15 -12.14
N LEU C 276 72.22 74.35 -11.41
CA LEU C 276 71.84 73.42 -10.34
C LEU C 276 71.55 72.04 -10.90
N ALA C 277 70.73 71.95 -11.95
CA ALA C 277 70.34 70.65 -12.47
C ALA C 277 71.48 70.02 -13.25
N PRO C 278 71.64 68.70 -13.17
CA PRO C 278 72.67 68.02 -13.96
C PRO C 278 72.37 68.12 -15.45
N PHE C 279 73.41 67.87 -16.25
CA PHE C 279 73.28 67.95 -17.69
C PHE C 279 72.40 66.82 -18.21
N ASP C 280 71.42 67.17 -19.04
CA ASP C 280 70.51 66.19 -19.62
C ASP C 280 69.96 66.76 -20.92
N ASN C 281 69.43 65.88 -21.75
CA ASN C 281 68.86 66.31 -23.02
C ASN C 281 67.69 67.26 -22.81
N GLU C 282 66.94 67.08 -21.73
CA GLU C 282 65.83 67.98 -21.43
C GLU C 282 66.30 69.38 -21.03
N GLN C 283 67.52 69.51 -20.53
CA GLN C 283 68.00 70.81 -20.06
C GLN C 283 68.35 71.74 -21.21
N SER C 284 68.59 71.19 -22.41
CA SER C 284 68.96 72.01 -23.55
C SER C 284 67.75 72.76 -24.08
N ASP C 285 66.74 72.02 -24.56
CA ASP C 285 65.52 72.67 -25.05
C ASP C 285 64.80 73.41 -23.94
N LEU C 286 65.07 73.06 -22.67
CA LEU C 286 64.47 73.80 -21.56
C LEU C 286 64.93 75.26 -21.57
N VAL C 287 66.24 75.48 -21.53
CA VAL C 287 66.77 76.83 -21.58
C VAL C 287 66.59 77.49 -22.94
N HIS C 288 66.30 76.69 -23.97
CA HIS C 288 65.95 77.24 -25.27
C HIS C 288 64.52 77.75 -25.33
N ARG C 289 63.62 77.22 -24.50
CA ARG C 289 62.27 77.76 -24.42
C ARG C 289 62.27 79.15 -23.80
N ILE C 290 63.05 79.36 -22.73
CA ILE C 290 63.12 80.67 -22.10
C ILE C 290 64.04 81.62 -22.84
N SER C 291 64.92 81.10 -23.70
CA SER C 291 65.82 81.95 -24.46
C SER C 291 65.08 82.64 -25.60
N GLY C 292 65.37 83.92 -25.80
CA GLY C 292 64.74 84.72 -26.82
C GLY C 292 63.71 85.69 -26.32
N ASP C 293 63.33 85.63 -25.06
CA ASP C 293 62.35 86.57 -24.52
C ASP C 293 62.95 87.96 -24.40
N LYS C 294 62.13 88.98 -24.67
CA LYS C 294 62.60 90.35 -24.66
C LYS C 294 62.88 90.86 -23.26
N LYS C 295 62.24 90.29 -22.23
CA LYS C 295 62.47 90.74 -20.86
C LYS C 295 63.71 90.14 -20.23
N LEU C 296 64.22 89.03 -20.77
CA LEU C 296 65.25 88.27 -20.08
C LEU C 296 66.65 88.86 -20.24
N GLU C 297 66.97 89.37 -21.43
CA GLU C 297 68.35 89.78 -21.73
C GLU C 297 68.75 91.07 -21.01
N GLU C 298 67.84 91.73 -20.30
CA GLU C 298 68.15 93.00 -19.64
C GLU C 298 69.22 92.87 -18.57
N ILE C 299 69.57 91.67 -18.15
CA ILE C 299 70.52 91.44 -17.06
C ILE C 299 71.85 90.99 -17.65
N PRO C 300 72.96 91.66 -17.33
CA PRO C 300 74.26 91.18 -17.84
C PRO C 300 74.64 89.80 -17.34
N LYS C 301 74.10 89.38 -16.18
CA LYS C 301 74.37 88.02 -15.71
C LYS C 301 73.75 86.98 -16.63
N TYR C 302 72.65 87.32 -17.30
CA TYR C 302 72.13 86.43 -18.33
C TYR C 302 73.02 86.41 -19.56
N LYS C 303 73.69 87.52 -19.85
CA LYS C 303 74.64 87.54 -20.96
C LYS C 303 75.83 86.63 -20.69
N ASP C 304 76.31 86.58 -19.45
CA ASP C 304 77.40 85.67 -19.12
C ASP C 304 76.91 84.23 -19.03
N LEU C 305 75.73 84.02 -18.44
CA LEU C 305 75.17 82.68 -18.36
C LEU C 305 74.92 82.10 -19.76
N LEU C 306 74.46 82.95 -20.69
CA LEU C 306 74.29 82.50 -22.06
C LEU C 306 75.63 82.35 -22.77
N LYS C 307 76.61 83.19 -22.43
CA LYS C 307 77.90 83.14 -23.11
C LYS C 307 78.60 81.81 -22.88
N LEU C 308 78.53 81.28 -21.65
CA LEU C 308 79.18 80.02 -21.35
C LEU C 308 78.45 78.85 -21.99
N PHE C 309 77.13 78.92 -22.12
CA PHE C 309 76.37 77.79 -22.65
C PHE C 309 76.52 77.68 -24.15
N THR C 310 76.35 78.78 -24.89
CA THR C 310 76.45 78.72 -26.33
C THR C 310 77.91 78.74 -26.77
N THR C 311 78.22 77.92 -27.78
CA THR C 311 79.53 77.83 -28.40
C THR C 311 80.61 77.32 -27.46
N MET C 312 80.29 77.22 -26.16
CA MET C 312 81.22 76.67 -25.17
C MET C 312 82.54 77.42 -25.20
N GLU C 313 83.60 76.76 -25.69
CA GLU C 313 84.99 77.20 -25.63
C GLU C 313 85.50 77.22 -24.20
N LEU C 314 86.19 78.29 -23.83
CA LEU C 314 86.86 78.35 -22.53
C LEU C 314 86.78 79.76 -21.98
N MET C 315 86.56 79.86 -20.67
CA MET C 315 86.64 81.12 -19.95
C MET C 315 87.23 80.82 -18.57
N ARG C 316 88.06 81.73 -18.08
CA ARG C 316 88.73 81.52 -16.81
C ARG C 316 87.70 81.42 -15.69
N TRP C 317 87.86 80.40 -14.84
CA TRP C 317 86.90 80.18 -13.76
C TRP C 317 86.90 81.34 -12.77
N SER C 318 88.03 82.03 -12.63
CA SER C 318 88.06 83.21 -11.76
C SER C 318 87.15 84.31 -12.30
N THR C 319 87.08 84.45 -13.62
CA THR C 319 86.14 85.41 -14.20
C THR C 319 84.70 85.00 -13.94
N LEU C 320 84.44 83.68 -13.97
CA LEU C 320 83.12 83.19 -13.59
C LEU C 320 82.82 83.48 -12.12
N VAL C 321 83.85 83.45 -11.26
CA VAL C 321 83.66 83.85 -9.87
C VAL C 321 83.40 85.35 -9.78
N GLU C 322 84.02 86.14 -10.67
CA GLU C 322 83.80 87.58 -10.66
C GLU C 322 82.35 87.91 -10.99
N ASP C 323 81.79 87.27 -12.02
CA ASP C 323 80.42 87.56 -12.40
C ASP C 323 79.42 86.95 -11.43
N TYR C 324 79.73 85.79 -10.85
CA TYR C 324 78.87 85.14 -9.88
C TYR C 324 79.20 85.51 -8.44
N GLY C 325 80.25 86.29 -8.21
CA GLY C 325 80.54 86.79 -6.88
C GLY C 325 79.98 88.17 -6.65
N MET C 326 79.66 88.88 -7.74
CA MET C 326 79.04 90.18 -7.64
C MET C 326 77.52 90.09 -7.50
N GLU C 327 76.93 88.93 -7.78
CA GLU C 327 75.49 88.77 -7.63
C GLU C 327 75.05 88.91 -6.17
N LEU C 328 75.96 88.67 -5.22
CA LEU C 328 75.66 88.96 -3.82
C LEU C 328 75.51 90.45 -3.61
N ARG C 329 76.42 91.25 -4.19
CA ARG C 329 76.31 92.69 -4.11
C ARG C 329 75.29 93.24 -5.10
N LYS C 330 75.07 92.54 -6.22
CA LYS C 330 74.11 92.97 -7.21
C LYS C 330 72.69 92.91 -6.64
N GLY C 331 71.81 93.71 -7.23
CA GLY C 331 70.44 93.81 -6.76
C GLY C 331 70.18 95.14 -6.06
N SER C 332 68.93 95.64 -6.02
CA SER C 332 67.69 95.06 -6.57
C SER C 332 67.36 93.66 -6.03
N LEU C 333 67.23 92.70 -6.93
CA LEU C 333 66.74 91.38 -6.55
C LEU C 333 67.79 90.63 -5.73
N GLU C 334 67.41 90.23 -4.52
CA GLU C 334 68.24 89.39 -3.66
C GLU C 334 67.82 87.92 -3.70
N SER C 335 66.74 87.59 -4.42
CA SER C 335 66.17 86.24 -4.37
C SER C 335 67.10 85.16 -4.92
N PRO C 336 67.87 85.38 -6.00
CA PRO C 336 68.80 84.32 -6.42
C PRO C 336 69.88 84.04 -5.40
N ALA C 337 70.42 85.08 -4.75
CA ALA C 337 71.38 84.87 -3.69
C ALA C 337 70.75 84.25 -2.45
N THR C 338 69.43 84.36 -2.30
CA THR C 338 68.75 83.72 -1.19
C THR C 338 68.56 82.22 -1.42
N ASP C 339 68.25 81.83 -2.65
CA ASP C 339 68.06 80.42 -2.96
C ASP C 339 69.40 79.70 -3.08
N VAL C 340 70.41 80.35 -3.67
CA VAL C 340 71.70 79.73 -3.90
C VAL C 340 72.59 79.92 -2.68
N PHE C 341 73.03 81.15 -2.43
CA PHE C 341 73.97 81.45 -1.37
C PHE C 341 73.29 81.84 -0.06
N GLY C 342 71.96 81.81 0.00
CA GLY C 342 71.28 82.13 1.24
C GLY C 342 71.58 81.15 2.35
N SER C 343 71.79 79.89 2.01
CA SER C 343 72.18 78.87 2.97
C SER C 343 73.66 78.53 2.80
N THR C 344 74.35 78.35 3.92
CA THR C 344 75.78 78.08 3.88
C THR C 344 76.07 76.70 3.30
N GLU C 345 75.39 75.68 3.82
CA GLU C 345 75.64 74.32 3.33
C GLU C 345 75.11 74.14 1.91
N GLU C 346 73.95 74.74 1.60
CA GLU C 346 73.42 74.63 0.25
C GLU C 346 74.24 75.47 -0.73
N GLY C 347 74.75 76.61 -0.27
CA GLY C 347 75.62 77.41 -1.13
C GLY C 347 76.90 76.68 -1.49
N GLU C 348 77.52 76.05 -0.49
CA GLU C 348 78.74 75.28 -0.75
C GLU C 348 78.44 74.07 -1.62
N LYS C 349 77.27 73.46 -1.44
CA LYS C 349 76.86 72.36 -2.32
C LYS C 349 76.74 72.83 -3.76
N ARG C 350 76.25 74.05 -3.97
CA ARG C 350 76.16 74.61 -5.32
C ARG C 350 77.47 75.22 -5.78
N TRP C 351 78.44 75.42 -4.88
CA TRP C 351 79.78 75.80 -5.31
C TRP C 351 80.49 74.60 -5.94
N LYS C 352 80.47 73.45 -5.25
CA LYS C 352 81.07 72.25 -5.81
C LYS C 352 80.26 71.72 -6.99
N ASP C 353 78.94 71.91 -6.97
CA ASP C 353 78.14 71.55 -8.13
C ASP C 353 78.49 72.43 -9.33
N LEU C 354 78.67 73.74 -9.08
CA LEU C 354 79.12 74.63 -10.16
C LEU C 354 80.50 74.19 -10.67
N LYS C 355 81.39 73.77 -9.77
CA LYS C 355 82.69 73.27 -10.20
C LYS C 355 82.53 72.02 -11.06
N ASN C 356 81.62 71.12 -10.67
CA ASN C 356 81.41 69.91 -11.45
C ASN C 356 80.72 70.20 -12.77
N ARG C 357 79.89 71.23 -12.83
CA ARG C 357 79.19 71.55 -14.06
C ARG C 357 80.10 72.24 -15.08
N VAL C 358 81.01 73.10 -14.60
CA VAL C 358 81.91 73.77 -15.54
C VAL C 358 83.01 72.84 -16.01
N VAL C 359 83.46 71.92 -15.16
CA VAL C 359 84.48 70.96 -15.59
C VAL C 359 83.85 69.91 -16.51
N GLU C 360 82.59 69.56 -16.28
CA GLU C 360 81.90 68.65 -17.18
C GLU C 360 81.60 69.33 -18.51
N HIS C 361 81.33 70.65 -18.48
CA HIS C 361 81.19 71.40 -19.72
C HIS C 361 82.49 71.41 -20.50
N ASN C 362 83.63 71.47 -19.81
CA ASN C 362 84.93 71.35 -20.48
C ASN C 362 85.11 69.94 -21.02
N ILE C 363 84.85 68.93 -20.18
CA ILE C 363 84.99 67.54 -20.61
C ILE C 363 84.09 67.22 -21.79
N ARG C 364 82.88 67.78 -21.84
CA ARG C 364 81.95 67.45 -22.91
C ARG C 364 82.54 67.75 -24.28
N ILE C 365 83.06 68.96 -24.47
CA ILE C 365 83.63 69.31 -25.77
C ILE C 365 84.97 68.62 -25.97
N MET C 366 85.79 68.57 -24.93
CA MET C 366 87.13 68.00 -25.06
C MET C 366 87.06 66.50 -25.37
N ALA C 367 86.15 65.79 -24.71
CA ALA C 367 86.03 64.34 -24.93
C ALA C 367 85.61 64.04 -26.36
N LYS C 368 84.70 64.85 -26.90
CA LYS C 368 84.30 64.67 -28.30
C LYS C 368 85.45 64.99 -29.24
N TYR C 369 86.40 65.83 -28.82
CA TYR C 369 87.55 66.18 -29.64
C TYR C 369 88.72 65.22 -29.44
N TYR C 370 88.64 64.32 -28.47
CA TYR C 370 89.67 63.30 -28.28
C TYR C 370 89.16 62.00 -28.90
N THR C 371 89.99 61.19 -29.58
CA THR C 371 91.45 61.25 -29.73
C THR C 371 92.17 61.20 -28.37
N ARG C 372 93.19 62.03 -28.17
CA ARG C 372 94.04 61.92 -26.98
C ARG C 372 94.33 63.31 -26.41
N ILE C 373 94.89 63.32 -25.20
CA ILE C 373 95.25 64.53 -24.48
C ILE C 373 96.40 64.17 -23.54
N THR C 374 96.92 65.15 -22.80
CA THR C 374 97.95 64.92 -21.79
C THR C 374 97.41 65.29 -20.42
N MET C 375 98.03 64.70 -19.39
CA MET C 375 97.56 64.92 -18.02
C MET C 375 97.93 66.30 -17.52
N LYS C 376 99.18 66.72 -17.76
CA LYS C 376 99.62 68.03 -17.27
C LYS C 376 98.87 69.16 -17.96
N ARG C 377 98.61 69.02 -19.27
CA ARG C 377 97.84 70.04 -19.97
C ARG C 377 96.40 70.08 -19.49
N MET C 378 95.85 68.93 -19.09
CA MET C 378 94.52 68.91 -18.50
C MET C 378 94.50 69.63 -17.17
N ALA C 379 95.59 69.54 -16.40
CA ALA C 379 95.64 70.20 -15.10
C ALA C 379 95.65 71.72 -15.25
N GLN C 380 96.42 72.23 -16.21
CA GLN C 380 96.49 73.68 -16.42
C GLN C 380 95.28 74.22 -17.16
N LEU C 381 94.60 73.39 -17.96
CA LEU C 381 93.40 73.84 -18.65
C LEU C 381 92.19 73.87 -17.72
N LEU C 382 92.05 72.86 -16.86
CA LEU C 382 90.93 72.81 -15.92
C LEU C 382 91.18 73.66 -14.67
N ASP C 383 92.37 74.23 -14.51
CA ASP C 383 92.69 75.10 -13.38
C ASP C 383 92.52 74.38 -12.05
N LEU C 384 92.97 73.13 -12.00
CA LEU C 384 92.88 72.35 -10.76
C LEU C 384 93.96 71.27 -10.79
N SER C 385 94.20 70.68 -9.63
CA SER C 385 95.29 69.72 -9.47
C SER C 385 95.00 68.44 -10.25
N VAL C 386 96.07 67.68 -10.50
CA VAL C 386 95.95 66.44 -11.25
C VAL C 386 95.08 65.43 -10.53
N ASP C 387 95.17 65.40 -9.19
CA ASP C 387 94.32 64.50 -8.42
C ASP C 387 92.86 64.94 -8.48
N GLU C 388 92.61 66.25 -8.56
CA GLU C 388 91.25 66.72 -8.78
C GLU C 388 90.78 66.40 -10.19
N SER C 389 91.69 66.36 -11.16
CA SER C 389 91.33 65.90 -12.50
C SER C 389 90.90 64.44 -12.48
N GLU C 390 91.65 63.59 -11.76
CA GLU C 390 91.27 62.19 -11.65
C GLU C 390 89.98 62.02 -10.86
N ALA C 391 89.71 62.91 -9.90
CA ALA C 391 88.47 62.84 -9.15
C ALA C 391 87.27 63.22 -10.02
N PHE C 392 87.40 64.33 -10.76
CA PHE C 392 86.33 64.73 -11.67
C PHE C 392 86.19 63.75 -12.83
N LEU C 393 87.30 63.13 -13.25
CA LEU C 393 87.21 62.11 -14.28
C LEU C 393 86.65 60.81 -13.73
N SER C 394 86.77 60.59 -12.41
CA SER C 394 86.23 59.37 -11.81
C SER C 394 84.71 59.42 -11.72
N ASN C 395 84.17 60.50 -11.15
CA ASN C 395 82.71 60.57 -10.98
C ASN C 395 82.00 60.86 -12.29
N LEU C 396 82.70 61.36 -13.31
CA LEU C 396 82.10 61.48 -14.63
C LEU C 396 82.12 60.17 -15.39
N VAL C 397 83.15 59.35 -15.20
CA VAL C 397 83.23 58.07 -15.93
C VAL C 397 82.32 57.01 -15.30
N VAL C 398 81.98 57.13 -14.02
CA VAL C 398 80.99 56.24 -13.44
C VAL C 398 79.58 56.64 -13.86
N ASN C 399 79.40 57.88 -14.33
CA ASN C 399 78.14 58.32 -14.93
C ASN C 399 77.96 57.78 -16.33
N LYS C 400 78.98 57.12 -16.89
CA LYS C 400 78.98 56.51 -18.23
C LYS C 400 78.44 57.48 -19.29
N THR C 401 78.68 58.77 -19.10
CA THR C 401 78.39 59.74 -20.16
C THR C 401 79.49 59.76 -21.21
N ILE C 402 80.73 59.56 -20.80
CA ILE C 402 81.87 59.49 -21.70
C ILE C 402 82.78 58.37 -21.23
N PHE C 403 83.13 57.46 -22.14
CA PHE C 403 84.07 56.39 -21.83
C PHE C 403 85.48 56.90 -22.07
N ALA C 404 86.28 56.94 -21.00
CA ALA C 404 87.60 57.56 -21.03
C ALA C 404 88.69 56.49 -21.03
N LYS C 405 89.94 56.95 -21.14
CA LYS C 405 91.12 56.15 -20.86
C LYS C 405 92.10 57.05 -20.13
N VAL C 406 92.45 56.69 -18.89
CA VAL C 406 93.24 57.56 -18.03
C VAL C 406 94.39 56.79 -17.41
N ASP C 407 95.62 57.15 -17.75
CA ASP C 407 96.82 56.66 -17.10
C ASP C 407 97.71 57.86 -16.80
N ARG C 408 97.92 58.15 -15.51
CA ARG C 408 98.67 59.34 -15.14
C ARG C 408 100.18 59.12 -15.18
N LEU C 409 100.64 57.88 -15.04
CA LEU C 409 102.08 57.64 -14.92
C LEU C 409 102.80 57.90 -16.24
N ALA C 410 102.18 57.51 -17.37
CA ALA C 410 102.79 57.76 -18.67
C ALA C 410 102.50 59.17 -19.18
N GLY C 411 101.51 59.85 -18.62
CA GLY C 411 101.14 61.19 -19.04
C GLY C 411 100.22 61.25 -20.23
N ILE C 412 99.92 60.13 -20.88
CA ILE C 412 99.05 60.09 -22.05
C ILE C 412 97.71 59.54 -21.61
N ILE C 413 96.67 60.38 -21.63
CA ILE C 413 95.31 59.97 -21.35
C ILE C 413 94.46 60.36 -22.56
N ASN C 414 93.31 59.70 -22.70
CA ASN C 414 92.49 59.92 -23.88
C ASN C 414 91.03 59.66 -23.57
N PHE C 415 90.15 60.33 -24.32
CA PHE C 415 88.71 60.18 -24.22
C PHE C 415 88.16 59.68 -25.55
N GLN C 416 86.99 59.05 -25.48
CA GLN C 416 86.31 58.48 -26.64
C GLN C 416 87.29 57.48 -27.33
N ARG C 417 87.35 57.28 -28.65
CA ARG C 417 86.27 57.43 -29.64
C ARG C 417 85.61 56.07 -29.87
N PRO C 418 84.58 56.00 -30.73
CA PRO C 418 84.08 54.67 -31.09
C PRO C 418 85.20 53.73 -31.56
N LYS C 419 85.30 52.47 -31.10
CA LYS C 419 84.33 51.71 -30.28
C LYS C 419 82.99 51.61 -31.02
N ASP C 420 83.03 50.83 -32.08
CA ASP C 420 82.02 50.60 -33.10
C ASP C 420 82.28 49.16 -33.53
N PRO C 421 81.58 48.61 -34.54
CA PRO C 421 82.02 47.28 -35.01
C PRO C 421 83.55 47.05 -35.22
N ASN C 422 84.37 47.99 -35.70
CA ASN C 422 83.98 49.20 -36.42
C ASN C 422 84.15 48.98 -37.91
N ASN C 423 84.58 47.76 -38.26
CA ASN C 423 85.04 47.47 -39.61
C ASN C 423 83.94 47.60 -40.66
N LEU C 424 82.67 47.60 -40.24
CA LEU C 424 81.56 47.73 -41.17
C LEU C 424 80.87 49.09 -41.06
N LEU C 425 80.28 49.41 -39.92
CA LEU C 425 79.55 50.68 -39.79
C LEU C 425 80.46 51.87 -40.06
N ASN C 426 81.47 52.08 -39.22
CA ASN C 426 82.34 53.25 -39.32
C ASN C 426 83.03 53.39 -40.67
N ASP C 427 83.94 52.46 -41.01
CA ASP C 427 84.75 52.66 -42.21
C ASP C 427 83.90 52.57 -43.48
N TRP C 428 83.04 51.56 -43.58
CA TRP C 428 82.28 51.35 -44.79
C TRP C 428 81.14 52.36 -44.92
N SER C 429 80.17 52.31 -44.00
CA SER C 429 78.93 53.05 -44.20
C SER C 429 79.15 54.55 -44.18
N GLN C 430 80.18 55.04 -43.47
CA GLN C 430 80.43 56.48 -43.42
C GLN C 430 81.20 56.95 -44.66
N LYS C 431 82.19 56.19 -45.10
CA LYS C 431 82.95 56.56 -46.29
C LYS C 431 82.04 56.62 -47.51
N LEU C 432 81.25 55.57 -47.72
CA LEU C 432 80.29 55.57 -48.80
C LEU C 432 79.05 56.40 -48.48
N ASN C 433 78.93 56.90 -47.24
CA ASN C 433 77.98 57.98 -46.97
C ASN C 433 78.50 59.29 -47.55
N SER C 434 79.81 59.46 -47.60
CA SER C 434 80.39 60.58 -48.34
C SER C 434 80.34 60.33 -49.84
N LEU C 435 80.39 59.06 -50.26
CA LEU C 435 80.17 58.74 -51.67
C LEU C 435 78.74 58.97 -52.10
N MET C 436 77.80 59.13 -51.16
CA MET C 436 76.48 59.64 -51.50
C MET C 436 76.60 61.02 -52.10
N SER C 437 77.37 61.90 -51.45
CA SER C 437 77.59 63.24 -52.00
C SER C 437 78.53 63.20 -53.20
N LEU C 438 79.31 62.12 -53.35
CA LEU C 438 80.20 62.01 -54.50
C LEU C 438 79.43 61.60 -55.75
N VAL C 439 78.48 60.68 -55.61
CA VAL C 439 77.63 60.35 -56.75
C VAL C 439 76.53 61.39 -56.96
N ASN C 440 76.16 62.13 -55.92
CA ASN C 440 75.27 63.28 -56.09
C ASN C 440 76.01 64.54 -56.48
N LYS C 441 77.33 64.48 -56.62
CA LYS C 441 78.14 65.64 -56.99
C LYS C 441 77.63 66.27 -58.28
N THR C 442 77.79 65.55 -59.40
CA THR C 442 77.39 66.08 -60.70
C THR C 442 75.90 66.41 -60.74
N THR C 443 75.09 65.71 -59.95
CA THR C 443 73.65 65.95 -59.95
C THR C 443 73.33 67.38 -59.52
N HIS C 444 73.79 67.77 -58.32
CA HIS C 444 73.56 69.13 -57.86
C HIS C 444 74.57 70.13 -58.41
N LEU C 445 75.66 69.65 -59.02
CA LEU C 445 76.60 70.54 -59.67
C LEU C 445 75.98 71.17 -60.91
N ILE C 446 75.40 70.35 -61.78
CA ILE C 446 74.79 70.87 -63.00
C ILE C 446 73.53 71.66 -62.67
N ALA C 447 72.89 71.35 -61.54
CA ALA C 447 71.75 72.12 -61.06
C ALA C 447 72.13 73.57 -60.83
N LYS C 448 72.95 73.82 -59.80
CA LYS C 448 73.35 75.18 -59.48
C LYS C 448 74.06 75.86 -60.64
N GLU C 449 74.71 75.08 -61.49
CA GLU C 449 75.31 75.62 -62.70
C GLU C 449 74.25 76.29 -63.55
N GLU C 450 73.21 75.53 -63.91
CA GLU C 450 72.14 76.09 -64.73
C GLU C 450 71.42 77.22 -64.01
N MET C 451 71.39 77.18 -62.68
CA MET C 451 70.70 78.22 -61.92
C MET C 451 71.35 79.58 -62.14
N ILE C 452 72.68 79.66 -61.98
CA ILE C 452 73.37 80.92 -62.15
C ILE C 452 73.47 81.31 -63.64
N HIS C 453 73.39 80.34 -64.54
CA HIS C 453 73.50 80.64 -65.96
C HIS C 453 72.20 81.17 -66.55
N ASN C 454 71.05 80.79 -65.97
CA ASN C 454 69.77 81.19 -66.55
C ASN C 454 69.39 82.62 -66.19
N LEU C 455 69.60 83.03 -64.95
CA LEU C 455 69.08 84.31 -64.47
C LEU C 455 69.85 85.52 -64.96
N GLN C 456 71.02 85.32 -65.58
CA GLN C 456 71.79 86.43 -66.14
C GLN C 456 72.43 86.06 -67.47
N PHE D 300 87.49 52.99 -17.89
CA PHE D 300 88.76 53.33 -18.52
C PHE D 300 89.66 52.10 -18.66
N SER D 301 89.97 51.75 -19.90
CA SER D 301 90.81 50.59 -20.18
C SER D 301 92.18 50.72 -19.53
N ARG D 302 93.02 51.63 -20.02
CA ARG D 302 94.36 51.80 -19.49
C ARG D 302 94.30 52.64 -18.22
N VAL D 303 94.82 52.10 -17.12
CA VAL D 303 94.79 52.78 -15.83
C VAL D 303 95.98 52.29 -15.00
N GLN D 304 96.49 53.19 -14.15
CA GLN D 304 97.53 52.80 -13.20
C GLN D 304 96.94 51.95 -12.08
N ILE D 305 97.78 51.08 -11.52
CA ILE D 305 97.30 50.13 -10.51
C ILE D 305 97.16 50.79 -9.14
N GLU D 306 97.96 51.82 -8.85
CA GLU D 306 97.95 52.40 -7.50
C GLU D 306 96.73 53.29 -7.29
N HIS D 307 96.36 54.08 -8.29
CA HIS D 307 95.20 54.96 -8.15
C HIS D 307 93.88 54.26 -8.44
N ILE D 308 93.90 53.12 -9.13
CA ILE D 308 92.68 52.31 -9.22
C ILE D 308 92.49 51.53 -7.93
N SER D 309 93.58 51.23 -7.21
CA SER D 309 93.46 50.70 -5.87
C SER D 309 93.03 51.77 -4.87
N SER D 310 93.23 53.05 -5.22
CA SER D 310 92.70 54.12 -4.39
C SER D 310 91.21 54.29 -4.58
N LEU D 311 90.70 54.01 -5.78
CA LEU D 311 89.26 54.05 -6.02
C LEU D 311 88.57 52.87 -5.36
N ILE D 312 89.18 51.68 -5.41
CA ILE D 312 88.61 50.50 -4.75
C ILE D 312 88.98 50.43 -3.28
N LYS D 313 89.95 51.23 -2.83
CA LYS D 313 90.38 51.28 -1.44
C LYS D 313 90.86 49.91 -0.96
N LEU D 314 91.98 49.50 -1.54
CA LEU D 314 92.57 48.20 -1.22
C LEU D 314 94.05 48.24 -1.55
N SER D 315 94.80 47.32 -0.95
CA SER D 315 96.23 47.22 -1.20
C SER D 315 96.49 46.72 -2.62
N LYS D 316 97.67 47.07 -3.15
CA LYS D 316 97.99 46.70 -4.52
C LYS D 316 98.27 45.20 -4.67
N ALA D 317 98.65 44.52 -3.58
CA ALA D 317 98.98 43.11 -3.67
C ALA D 317 97.73 42.28 -4.01
N ASP D 318 96.66 42.46 -3.26
CA ASP D 318 95.43 41.74 -3.54
C ASP D 318 94.55 42.44 -4.56
N VAL D 319 94.93 43.63 -5.03
CA VAL D 319 94.27 44.20 -6.20
C VAL D 319 94.82 43.56 -7.47
N GLU D 320 96.13 43.38 -7.55
CA GLU D 320 96.73 42.72 -8.70
C GLU D 320 96.29 41.27 -8.80
N ARG D 321 96.19 40.58 -7.67
CA ARG D 321 95.87 39.15 -7.68
C ARG D 321 94.38 38.91 -7.88
N LYS D 322 93.52 39.80 -7.37
CA LYS D 322 92.08 39.65 -7.57
C LYS D 322 91.69 40.03 -8.99
N LEU D 323 92.26 41.12 -9.52
CA LEU D 323 91.97 41.51 -10.89
C LEU D 323 92.47 40.47 -11.88
N SER D 324 93.69 39.98 -11.68
CA SER D 324 94.18 38.89 -12.51
C SER D 324 93.34 37.63 -12.32
N GLN D 325 92.78 37.44 -11.13
CA GLN D 325 91.84 36.34 -10.92
C GLN D 325 90.55 36.58 -11.71
N MET D 326 90.17 37.85 -11.90
CA MET D 326 89.03 38.15 -12.75
C MET D 326 89.33 37.88 -14.21
N ILE D 327 90.59 38.05 -14.63
CA ILE D 327 91.00 37.64 -15.97
C ILE D 327 90.98 36.11 -16.07
N LEU D 328 91.33 35.42 -14.97
CA LEU D 328 91.23 33.97 -14.96
C LEU D 328 89.79 33.50 -15.16
N ASP D 329 88.82 34.28 -14.68
CA ASP D 329 87.42 33.93 -14.84
C ASP D 329 86.87 34.32 -16.22
N LYS D 330 87.63 35.07 -17.01
CA LYS D 330 87.29 35.53 -18.35
C LYS D 330 86.17 36.55 -18.37
N LYS D 331 85.51 36.82 -17.23
CA LYS D 331 84.46 37.83 -17.20
C LYS D 331 85.02 39.23 -17.38
N PHE D 332 86.27 39.45 -16.96
CA PHE D 332 86.93 40.75 -17.10
C PHE D 332 87.93 40.65 -18.24
N HIS D 333 87.65 41.35 -19.33
CA HIS D 333 88.53 41.35 -20.49
C HIS D 333 89.63 42.38 -20.31
N GLY D 334 90.87 41.94 -20.36
CA GLY D 334 91.99 42.83 -20.21
C GLY D 334 93.16 42.10 -19.56
N ILE D 335 94.17 42.89 -19.20
CA ILE D 335 95.35 42.37 -18.50
C ILE D 335 96.02 43.54 -17.80
N LEU D 336 96.83 43.23 -16.78
CA LEU D 336 97.57 44.24 -16.06
C LEU D 336 99.02 44.27 -16.52
N ASP D 337 99.78 45.22 -15.99
CA ASP D 337 101.22 45.33 -16.25
C ASP D 337 101.91 45.61 -14.92
N GLN D 338 102.78 44.69 -14.50
CA GLN D 338 103.43 44.85 -13.21
C GLN D 338 104.62 45.79 -13.26
N GLY D 339 105.32 45.84 -14.40
CA GLY D 339 106.52 46.64 -14.50
C GLY D 339 106.31 48.12 -14.26
N GLU D 340 105.42 48.74 -15.03
CA GLU D 340 105.09 50.15 -14.86
C GLU D 340 103.82 50.36 -14.03
N GLY D 341 103.19 49.28 -13.56
CA GLY D 341 101.97 49.41 -12.79
C GLY D 341 100.79 49.89 -13.61
N VAL D 342 100.51 49.21 -14.71
CA VAL D 342 99.44 49.60 -15.63
C VAL D 342 98.45 48.45 -15.76
N LEU D 343 97.20 48.80 -16.07
CA LEU D 343 96.15 47.83 -16.35
C LEU D 343 95.44 48.29 -17.62
N ILE D 344 95.36 47.41 -18.61
CA ILE D 344 94.79 47.74 -19.92
C ILE D 344 93.69 46.74 -20.25
N ILE D 345 92.61 47.25 -20.84
CA ILE D 345 91.46 46.45 -21.25
C ILE D 345 91.37 46.45 -22.76
N PHE D 346 91.28 45.26 -23.36
CA PHE D 346 91.12 45.12 -24.79
C PHE D 346 90.36 43.83 -25.08
N ASP D 347 89.57 43.85 -26.17
CA ASP D 347 88.74 42.71 -26.49
C ASP D 347 88.51 42.64 -28.01
N GLU D 348 88.41 41.40 -28.50
CA GLU D 348 88.01 41.12 -29.89
C GLU D 348 87.07 39.93 -29.85
N PRO D 349 85.81 40.15 -29.48
CA PRO D 349 84.95 39.04 -29.04
C PRO D 349 84.70 37.99 -30.11
N PRO D 350 84.28 38.35 -31.32
CA PRO D 350 83.60 37.34 -32.16
C PRO D 350 84.56 36.23 -32.61
N VAL D 351 84.18 34.99 -32.31
CA VAL D 351 84.76 33.79 -32.91
C VAL D 351 83.84 33.18 -33.96
N ASP D 352 82.67 33.78 -34.21
CA ASP D 352 81.53 33.08 -34.79
C ASP D 352 81.88 32.37 -36.10
N LYS D 353 82.68 33.02 -36.95
CA LYS D 353 83.00 32.42 -38.25
C LYS D 353 83.83 31.14 -38.08
N THR D 354 84.73 31.12 -37.10
CA THR D 354 85.50 29.91 -36.84
C THR D 354 84.62 28.78 -36.34
N TYR D 355 83.61 29.12 -35.52
CA TYR D 355 82.66 28.11 -35.07
C TYR D 355 81.93 27.46 -36.24
N GLU D 356 81.45 28.28 -37.18
CA GLU D 356 80.77 27.75 -38.36
C GLU D 356 81.72 26.88 -39.18
N ALA D 357 82.92 27.39 -39.46
CA ALA D 357 83.92 26.63 -40.20
C ALA D 357 84.16 25.27 -39.55
N ALA D 358 84.62 25.28 -38.30
CA ALA D 358 84.94 24.03 -37.61
C ALA D 358 83.75 23.06 -37.60
N LEU D 359 82.54 23.57 -37.32
CA LEU D 359 81.37 22.69 -37.27
C LEU D 359 81.17 21.96 -38.59
N GLU D 360 81.28 22.68 -39.70
CA GLU D 360 81.20 22.07 -41.03
C GLU D 360 82.29 21.02 -41.23
N THR D 361 83.55 21.48 -41.28
CA THR D 361 84.63 20.65 -41.79
C THR D 361 84.94 19.47 -40.86
N ILE D 362 84.90 19.69 -39.54
CA ILE D 362 85.20 18.60 -38.61
C ILE D 362 84.22 17.46 -38.80
N GLN D 363 82.94 17.78 -39.00
CA GLN D 363 81.97 16.74 -39.33
C GLN D 363 82.13 16.25 -40.76
N ASN D 364 82.55 17.13 -41.68
CA ASN D 364 82.77 16.71 -43.07
C ASN D 364 83.84 15.64 -43.17
N MET D 365 84.70 15.51 -42.15
CA MET D 365 85.55 14.34 -42.02
C MET D 365 84.71 13.06 -42.06
N SER D 366 83.82 12.92 -41.08
CA SER D 366 82.89 11.78 -41.05
C SER D 366 82.04 11.69 -42.32
N LYS D 367 81.83 12.80 -43.02
CA LYS D 367 81.12 12.76 -44.30
C LYS D 367 81.86 11.89 -45.30
N VAL D 368 83.15 12.17 -45.52
CA VAL D 368 83.94 11.37 -46.44
C VAL D 368 84.14 9.96 -45.89
N VAL D 369 84.12 9.81 -44.56
CA VAL D 369 84.13 8.49 -43.96
C VAL D 369 82.86 7.73 -44.34
N ASP D 370 81.72 8.44 -44.38
CA ASP D 370 80.49 7.83 -44.84
C ASP D 370 80.55 7.49 -46.33
N SER D 371 81.23 8.31 -47.13
CA SER D 371 81.41 8.00 -48.53
C SER D 371 82.46 6.90 -48.74
N LEU D 372 83.31 6.66 -47.75
CA LEU D 372 84.23 5.52 -47.82
C LEU D 372 83.46 4.21 -47.91
N TYR D 373 82.27 4.14 -47.32
CA TYR D 373 81.51 2.90 -47.34
C TYR D 373 81.01 2.59 -48.75
N ASN D 374 80.39 3.57 -49.42
CA ASN D 374 79.80 3.32 -50.73
C ASN D 374 80.87 3.21 -51.81
N LYS D 375 81.79 4.18 -51.85
CA LYS D 375 82.71 4.24 -52.99
C LYS D 375 83.82 3.20 -52.89
N ALA D 376 84.09 2.68 -51.70
CA ALA D 376 85.00 1.54 -51.58
C ALA D 376 84.28 0.21 -51.59
N LYS D 377 82.95 0.21 -51.64
CA LYS D 377 82.19 -1.02 -51.77
C LYS D 377 82.13 -1.50 -53.22
N LYS D 378 82.09 -0.57 -54.18
CA LYS D 378 82.10 -0.95 -55.59
C LYS D 378 83.42 -1.60 -55.99
N LEU D 379 84.49 -1.36 -55.25
CA LEU D 379 85.77 -1.99 -55.54
C LEU D 379 85.77 -3.45 -55.11
N THR D 380 85.30 -3.71 -53.89
CA THR D 380 85.24 -5.07 -53.37
C THR D 380 84.23 -5.17 -52.23
N PRO E 1 80.49 -10.83 -3.40
CA PRO E 1 80.93 -11.83 -4.38
C PRO E 1 81.82 -11.22 -5.47
N LYS E 2 82.38 -10.04 -5.18
CA LYS E 2 83.21 -9.33 -6.15
C LYS E 2 84.56 -8.98 -5.53
N ASN E 3 84.55 -8.17 -4.47
CA ASN E 3 85.78 -7.74 -3.82
C ASN E 3 86.78 -8.86 -3.54
N PRO E 4 86.38 -10.07 -3.11
CA PRO E 4 87.39 -11.14 -3.00
C PRO E 4 88.11 -11.42 -4.31
N ASP E 5 87.36 -11.53 -5.42
CA ASP E 5 88.01 -11.72 -6.71
C ASP E 5 88.51 -10.41 -7.30
N LEU E 6 87.91 -9.28 -6.91
CA LEU E 6 88.42 -7.98 -7.37
C LEU E 6 89.82 -7.73 -6.84
N ARG E 7 90.09 -8.13 -5.59
CA ARG E 7 91.43 -8.06 -5.05
C ARG E 7 92.38 -9.01 -5.76
N ILE E 8 91.89 -10.17 -6.22
CA ILE E 8 92.72 -11.07 -7.00
C ILE E 8 93.17 -10.40 -8.28
N ALA E 9 92.25 -9.72 -8.98
CA ALA E 9 92.63 -8.99 -10.19
C ALA E 9 93.56 -7.82 -9.87
N GLN E 10 93.34 -7.16 -8.73
CA GLN E 10 94.29 -6.14 -8.28
C GLN E 10 95.64 -6.75 -7.97
N LEU E 11 95.66 -7.98 -7.47
CA LEU E 11 96.92 -8.68 -7.23
C LEU E 11 97.58 -9.10 -8.55
N ARG E 12 96.79 -9.31 -9.61
CA ARG E 12 97.37 -9.54 -10.92
C ARG E 12 98.11 -8.30 -11.42
N PHE E 13 97.54 -7.11 -11.18
CA PHE E 13 98.24 -5.87 -11.51
C PHE E 13 99.45 -5.67 -10.62
N LEU E 14 99.37 -6.11 -9.36
CA LEU E 14 100.52 -5.97 -8.46
C LEU E 14 101.65 -6.92 -8.84
N LEU E 15 101.32 -8.08 -9.41
CA LEU E 15 102.36 -8.99 -9.89
C LEU E 15 102.91 -8.55 -11.24
N SER E 16 102.02 -8.22 -12.18
CA SER E 16 102.40 -7.98 -13.57
C SER E 16 103.43 -6.88 -13.75
N LEU E 17 103.01 -5.61 -13.56
CA LEU E 17 103.87 -4.50 -13.95
C LEU E 17 105.12 -4.40 -13.08
N PRO E 18 105.04 -4.24 -11.76
CA PRO E 18 106.27 -4.18 -10.96
C PRO E 18 106.93 -5.54 -10.84
N GLU E 19 108.25 -5.54 -11.05
CA GLU E 19 109.05 -6.75 -10.90
C GLU E 19 109.75 -6.84 -9.55
N HIS E 20 109.57 -5.85 -8.68
CA HIS E 20 110.29 -5.78 -7.42
C HIS E 20 109.52 -6.37 -6.25
N ARG E 21 108.29 -6.83 -6.46
CA ARG E 21 107.51 -7.47 -5.40
C ARG E 21 107.48 -8.97 -5.66
N GLY E 22 108.24 -9.72 -4.87
CA GLY E 22 108.25 -11.17 -4.93
C GLY E 22 107.68 -11.89 -3.75
N ASP E 23 107.08 -11.19 -2.78
CA ASP E 23 106.70 -11.84 -1.53
C ASP E 23 105.23 -11.61 -1.17
N ALA E 24 104.85 -10.35 -0.93
CA ALA E 24 103.50 -10.06 -0.48
C ALA E 24 102.47 -10.35 -1.57
N ALA E 25 102.83 -10.10 -2.83
CA ALA E 25 101.87 -10.28 -3.91
C ALA E 25 101.52 -11.74 -4.11
N VAL E 26 102.49 -12.64 -3.97
CA VAL E 26 102.20 -14.06 -4.10
C VAL E 26 101.57 -14.63 -2.83
N ARG E 27 101.96 -14.09 -1.67
CA ARG E 27 101.37 -14.52 -0.39
C ARG E 27 99.87 -14.36 -0.37
N ASP E 28 99.39 -13.11 -0.45
CA ASP E 28 97.95 -12.87 -0.41
C ASP E 28 97.24 -13.41 -1.65
N GLU E 29 97.97 -13.71 -2.72
CA GLU E 29 97.36 -14.43 -3.84
C GLU E 29 96.97 -15.84 -3.42
N LEU E 30 97.87 -16.54 -2.72
CA LEU E 30 97.54 -17.84 -2.17
C LEU E 30 96.49 -17.72 -1.07
N MET E 31 96.53 -16.63 -0.28
CA MET E 31 95.51 -16.43 0.74
C MET E 31 94.13 -16.26 0.12
N ALA E 32 94.05 -15.64 -1.06
CA ALA E 32 92.81 -15.57 -1.80
C ALA E 32 92.57 -16.76 -2.71
N ALA E 33 93.60 -17.59 -2.94
CA ALA E 33 93.43 -18.78 -3.75
C ALA E 33 92.81 -19.91 -2.96
N VAL E 34 93.16 -20.04 -1.68
CA VAL E 34 92.60 -21.09 -0.82
C VAL E 34 91.13 -20.86 -0.53
N ARG E 35 90.58 -19.71 -0.89
CA ARG E 35 89.16 -19.42 -0.76
C ARG E 35 88.56 -19.15 -2.13
N ASP E 36 87.25 -19.31 -2.22
CA ASP E 36 86.46 -19.17 -3.44
C ASP E 36 86.75 -20.30 -4.42
N ASN E 37 87.79 -21.09 -4.15
CA ASN E 37 88.10 -22.31 -4.90
C ASN E 37 88.26 -22.03 -6.39
N ASN E 38 89.12 -21.06 -6.71
CA ASN E 38 89.37 -20.71 -8.10
C ASN E 38 90.23 -21.78 -8.78
N MET E 39 89.95 -22.02 -10.07
CA MET E 39 90.70 -22.99 -10.85
C MET E 39 91.38 -22.34 -12.04
N ALA E 40 90.63 -21.91 -13.05
CA ALA E 40 91.27 -21.25 -14.20
C ALA E 40 92.03 -19.99 -13.83
N PRO E 41 91.57 -19.13 -12.90
CA PRO E 41 92.40 -17.97 -12.53
C PRO E 41 93.79 -18.33 -12.03
N TYR E 42 93.93 -19.36 -11.19
CA TYR E 42 95.26 -19.68 -10.70
C TYR E 42 96.12 -20.36 -11.76
N TYR E 43 95.56 -20.77 -12.89
CA TYR E 43 96.38 -21.25 -14.00
C TYR E 43 97.13 -20.11 -14.66
N GLU E 44 96.42 -19.02 -14.99
CA GLU E 44 97.09 -17.84 -15.54
C GLU E 44 98.06 -17.25 -14.52
N ALA E 45 97.67 -17.28 -13.24
CA ALA E 45 98.59 -16.83 -12.19
C ALA E 45 99.76 -17.79 -12.01
N LEU E 46 99.58 -19.07 -12.32
CA LEU E 46 100.68 -20.02 -12.22
C LEU E 46 101.76 -19.78 -13.27
N CYS E 47 101.36 -19.36 -14.47
CA CYS E 47 102.32 -19.04 -15.51
C CYS E 47 103.02 -17.72 -15.25
N LYS E 48 102.27 -16.71 -14.79
CA LYS E 48 102.87 -15.41 -14.50
C LYS E 48 103.69 -15.46 -13.21
N SER E 49 103.10 -15.97 -12.14
CA SER E 49 103.76 -16.03 -10.84
C SER E 49 104.48 -17.37 -10.69
N LEU E 50 104.91 -17.69 -9.48
CA LEU E 50 105.70 -18.89 -9.23
C LEU E 50 104.90 -20.15 -9.57
N ASP E 51 105.64 -21.18 -9.99
CA ASP E 51 105.10 -22.49 -10.36
C ASP E 51 105.07 -23.45 -9.18
N TRP E 52 105.32 -22.95 -7.97
CA TRP E 52 105.29 -23.77 -6.77
C TRP E 52 106.62 -24.51 -6.55
N GLN E 53 106.60 -25.82 -6.80
CA GLN E 53 106.61 -26.84 -5.77
C GLN E 53 105.54 -27.88 -6.08
N ILE E 54 104.34 -27.69 -5.54
CA ILE E 54 103.24 -28.62 -5.76
C ILE E 54 101.92 -27.94 -5.47
N ASP E 55 100.95 -28.09 -6.39
CA ASP E 55 99.55 -27.86 -6.09
C ASP E 55 98.81 -29.18 -6.27
N VAL E 56 98.60 -29.58 -7.53
CA VAL E 56 98.16 -30.92 -7.91
C VAL E 56 96.92 -31.33 -7.11
N ASP E 57 97.07 -32.39 -6.32
CA ASP E 57 95.93 -33.01 -5.63
C ASP E 57 95.19 -32.04 -4.72
N LEU E 58 95.88 -31.03 -4.18
CA LEU E 58 95.24 -30.05 -3.32
C LEU E 58 94.08 -29.37 -4.04
N LEU E 59 94.38 -28.62 -5.09
CA LEU E 59 93.33 -27.94 -5.86
C LEU E 59 92.60 -28.87 -6.81
N ASN E 60 93.12 -30.09 -7.04
CA ASN E 60 92.37 -31.08 -7.80
C ASN E 60 91.30 -31.76 -6.97
N LYS E 61 91.56 -31.99 -5.68
CA LYS E 61 90.49 -32.45 -4.80
C LYS E 61 89.57 -31.32 -4.40
N MET E 62 90.06 -30.08 -4.40
CA MET E 62 89.17 -28.93 -4.20
C MET E 62 88.29 -28.70 -5.42
N LYS E 63 88.81 -28.95 -6.63
CA LYS E 63 87.96 -28.91 -7.81
C LYS E 63 87.13 -30.18 -7.94
N LYS E 64 87.52 -31.26 -7.26
CA LYS E 64 86.69 -32.46 -7.24
C LYS E 64 85.52 -32.31 -6.27
N ALA E 65 85.77 -31.75 -5.10
CA ALA E 65 84.69 -31.48 -4.15
C ALA E 65 83.78 -30.37 -4.68
N ASN E 66 84.37 -29.34 -5.28
CA ASN E 66 83.56 -28.32 -5.92
C ASN E 66 82.82 -28.87 -7.14
N GLU E 67 83.37 -29.89 -7.80
CA GLU E 67 82.62 -30.60 -8.83
C GLU E 67 81.42 -31.33 -8.24
N ASP E 68 81.56 -31.89 -7.04
CA ASP E 68 80.41 -32.46 -6.35
C ASP E 68 79.38 -31.38 -6.03
N GLU E 69 79.84 -30.20 -5.61
CA GLU E 69 78.95 -29.06 -5.49
C GLU E 69 78.51 -28.56 -6.86
N LEU E 70 79.32 -28.77 -7.90
CA LEU E 70 78.89 -28.46 -9.26
C LEU E 70 77.93 -29.52 -9.79
N LYS E 71 78.19 -30.80 -9.52
CA LYS E 71 77.33 -31.87 -9.99
C LYS E 71 76.05 -32.01 -9.16
N ARG E 72 76.02 -31.48 -7.93
CA ARG E 72 74.76 -31.47 -7.20
C ARG E 72 73.80 -30.44 -7.76
N LEU E 73 74.32 -29.34 -8.31
CA LEU E 73 73.48 -28.35 -8.95
C LEU E 73 73.13 -28.77 -10.38
N ASP E 74 74.11 -29.29 -11.12
CA ASP E 74 73.87 -29.66 -12.51
C ASP E 74 73.03 -30.92 -12.64
N GLU E 75 72.99 -31.74 -11.59
CA GLU E 75 72.05 -32.86 -11.56
C GLU E 75 70.75 -32.52 -10.83
N GLU E 76 70.66 -31.33 -10.25
CA GLU E 76 69.39 -30.84 -9.71
C GLU E 76 68.56 -30.10 -10.74
N LEU E 77 69.15 -29.73 -11.87
CA LEU E 77 68.41 -28.96 -12.87
C LEU E 77 67.37 -29.82 -13.59
N GLU E 78 67.69 -31.10 -13.81
CA GLU E 78 66.69 -32.01 -14.35
C GLU E 78 65.72 -32.49 -13.28
N ASP E 79 66.13 -32.48 -12.01
CA ASP E 79 65.21 -32.78 -10.93
C ASP E 79 64.33 -31.58 -10.57
N ALA E 80 64.84 -30.36 -10.79
CA ALA E 80 64.03 -29.18 -10.53
C ALA E 80 63.04 -28.94 -11.66
N GLU E 81 63.45 -29.17 -12.90
CA GLU E 81 62.52 -29.01 -14.02
C GLU E 81 61.46 -30.10 -14.07
N LYS E 82 61.59 -31.15 -13.24
CA LYS E 82 60.51 -32.11 -13.09
C LYS E 82 59.25 -31.42 -12.57
N ASN E 83 59.41 -30.50 -11.61
CA ASN E 83 58.32 -29.65 -11.18
C ASN E 83 58.23 -28.43 -12.09
N LEU E 84 57.27 -27.55 -11.83
CA LEU E 84 57.08 -26.35 -12.64
C LEU E 84 56.83 -25.17 -11.73
N GLY E 85 57.59 -24.09 -11.94
CA GLY E 85 57.45 -22.89 -11.14
C GLY E 85 58.11 -21.69 -11.78
N GLU E 86 58.03 -21.61 -13.10
CA GLU E 86 58.62 -20.52 -13.87
C GLU E 86 60.07 -20.26 -13.49
N SER E 87 60.28 -19.38 -12.53
CA SER E 87 61.62 -19.05 -12.07
C SER E 87 62.09 -19.98 -10.95
N GLU E 88 61.13 -20.48 -10.18
CA GLU E 88 61.44 -21.39 -9.07
C GLU E 88 62.29 -22.57 -9.55
N ILE E 89 63.23 -22.31 -10.44
CA ILE E 89 64.10 -23.34 -10.97
C ILE E 89 65.35 -22.75 -11.60
N ARG E 90 65.19 -21.92 -12.64
CA ARG E 90 66.30 -21.44 -13.43
C ARG E 90 67.09 -20.33 -12.75
N ASP E 91 66.48 -19.59 -11.81
CA ASP E 91 67.24 -18.55 -11.11
C ASP E 91 68.32 -19.16 -10.23
N ALA E 92 68.12 -20.39 -9.75
CA ALA E 92 69.14 -21.05 -8.97
C ALA E 92 70.32 -21.46 -9.86
N MET E 93 70.04 -21.93 -11.07
CA MET E 93 71.11 -22.40 -11.95
C MET E 93 71.78 -21.27 -12.72
N MET E 94 71.17 -20.09 -12.81
CA MET E 94 71.83 -18.98 -13.49
C MET E 94 72.85 -18.30 -12.58
N ALA E 95 72.52 -18.15 -11.30
CA ALA E 95 73.40 -17.44 -10.38
C ALA E 95 74.52 -18.35 -9.87
N LYS E 96 74.18 -19.60 -9.55
CA LYS E 96 75.18 -20.51 -9.00
C LYS E 96 76.15 -21.05 -10.05
N ALA E 97 75.71 -21.15 -11.31
CA ALA E 97 76.65 -21.49 -12.37
C ALA E 97 77.60 -20.35 -12.67
N GLU E 98 77.12 -19.10 -12.54
CA GLU E 98 78.03 -17.96 -12.56
C GLU E 98 78.98 -17.95 -11.38
N TYR E 99 78.56 -18.53 -10.24
CA TYR E 99 79.51 -18.83 -9.18
C TYR E 99 80.36 -20.04 -9.54
N LEU E 100 79.80 -21.00 -10.28
CA LEU E 100 80.60 -22.09 -10.80
C LEU E 100 81.49 -21.63 -11.96
N CYS E 101 81.08 -20.59 -12.67
CA CYS E 101 81.98 -19.97 -13.64
C CYS E 101 82.98 -19.02 -13.00
N ARG E 102 82.63 -18.44 -11.84
CA ARG E 102 83.62 -17.73 -11.06
C ARG E 102 84.82 -18.63 -10.74
N ILE E 103 84.62 -19.94 -10.76
CA ILE E 103 85.73 -20.88 -10.65
C ILE E 103 86.66 -20.75 -11.83
N GLY E 104 86.14 -20.43 -13.02
CA GLY E 104 87.04 -20.07 -14.10
C GLY E 104 86.47 -19.50 -15.39
N ASP E 105 87.30 -18.68 -16.03
CA ASP E 105 87.20 -18.08 -17.37
C ASP E 105 85.83 -17.44 -17.61
N LYS E 106 85.39 -17.46 -18.87
CA LYS E 106 84.14 -16.83 -19.30
C LYS E 106 83.01 -17.80 -19.60
N GLU E 107 83.24 -19.11 -19.50
CA GLU E 107 82.34 -20.05 -20.17
C GLU E 107 80.97 -20.10 -19.51
N GLY E 108 80.91 -20.58 -18.26
CA GLY E 108 79.64 -20.58 -17.55
C GLY E 108 79.03 -19.19 -17.44
N ALA E 109 79.86 -18.16 -17.38
CA ALA E 109 79.39 -16.77 -17.36
C ALA E 109 78.56 -16.45 -18.59
N LEU E 110 79.22 -16.42 -19.76
CA LEU E 110 78.54 -15.99 -20.98
C LEU E 110 77.38 -16.92 -21.34
N THR E 111 77.52 -18.22 -21.04
CA THR E 111 76.46 -19.14 -21.37
C THR E 111 75.27 -19.00 -20.43
N ALA E 112 75.47 -18.53 -19.20
CA ALA E 112 74.36 -18.24 -18.31
C ALA E 112 73.73 -16.88 -18.59
N PHE E 113 74.54 -15.91 -19.06
CA PHE E 113 74.02 -14.59 -19.37
C PHE E 113 72.97 -14.66 -20.48
N ARG E 114 73.29 -15.34 -21.57
CA ARG E 114 72.34 -15.51 -22.65
C ARG E 114 71.28 -16.55 -22.31
N LYS E 115 71.61 -17.47 -21.40
CA LYS E 115 70.61 -18.41 -20.89
C LYS E 115 69.46 -17.67 -20.22
N THR E 116 69.74 -16.96 -19.13
CA THR E 116 68.71 -16.28 -18.37
C THR E 116 68.18 -15.02 -19.06
N TYR E 117 68.77 -14.64 -20.20
CA TYR E 117 68.31 -13.44 -20.89
C TYR E 117 66.85 -13.55 -21.33
N ASP E 118 66.37 -14.77 -21.56
CA ASP E 118 65.01 -15.01 -22.03
C ASP E 118 64.03 -15.29 -20.90
N LYS E 119 64.46 -15.24 -19.64
CA LYS E 119 63.61 -15.61 -18.52
C LYS E 119 63.25 -14.41 -17.64
N THR E 120 64.24 -13.78 -17.00
CA THR E 120 63.97 -12.78 -15.98
C THR E 120 63.10 -11.65 -16.51
N VAL E 121 61.99 -11.39 -15.80
CA VAL E 121 61.07 -10.32 -16.17
C VAL E 121 61.38 -9.00 -15.46
N ALA E 122 62.31 -8.99 -14.52
CA ALA E 122 62.67 -7.80 -13.76
C ALA E 122 64.04 -7.31 -14.19
N LEU E 123 64.21 -5.98 -14.20
CA LEU E 123 65.49 -5.39 -14.57
C LEU E 123 66.54 -5.52 -13.50
N GLY E 124 66.14 -5.75 -12.25
CA GLY E 124 67.12 -5.90 -11.17
C GLY E 124 68.02 -7.10 -11.38
N HIS E 125 67.44 -8.24 -11.78
CA HIS E 125 68.25 -9.42 -12.05
C HIS E 125 69.02 -9.27 -13.35
N ARG E 126 68.45 -8.57 -14.33
CA ARG E 126 69.18 -8.29 -15.56
C ARG E 126 70.39 -7.41 -15.29
N LEU E 127 70.25 -6.43 -14.39
CA LEU E 127 71.37 -5.58 -14.04
C LEU E 127 72.38 -6.33 -13.18
N ASP E 128 71.92 -7.28 -12.37
CA ASP E 128 72.85 -8.17 -11.68
C ASP E 128 73.69 -8.94 -12.69
N ILE E 129 73.06 -9.41 -13.77
CA ILE E 129 73.81 -10.02 -14.86
C ILE E 129 74.82 -9.03 -15.42
N VAL E 130 74.38 -7.79 -15.63
CA VAL E 130 75.29 -6.73 -16.08
C VAL E 130 76.45 -6.57 -15.12
N PHE E 131 76.18 -6.69 -13.82
CA PHE E 131 77.25 -6.63 -12.84
C PHE E 131 78.24 -7.78 -13.01
N TYR E 132 77.75 -8.94 -13.46
CA TYR E 132 78.64 -10.08 -13.67
C TYR E 132 79.53 -9.87 -14.88
N LEU E 133 79.00 -9.28 -15.95
CA LEU E 133 79.84 -8.95 -17.09
C LEU E 133 80.84 -7.84 -16.76
N LEU E 134 80.47 -6.94 -15.85
CA LEU E 134 81.35 -5.84 -15.51
C LEU E 134 82.50 -6.28 -14.61
N ARG E 135 82.24 -7.23 -13.70
CA ARG E 135 83.33 -7.74 -12.86
C ARG E 135 84.25 -8.65 -13.67
N ILE E 136 83.68 -9.52 -14.51
CA ILE E 136 84.50 -10.40 -15.34
C ILE E 136 85.20 -9.62 -16.43
N GLY E 137 84.71 -8.43 -16.78
CA GLY E 137 85.38 -7.57 -17.73
C GLY E 137 86.44 -6.73 -17.04
N LEU E 138 86.28 -6.54 -15.72
CA LEU E 138 87.27 -5.81 -14.95
C LEU E 138 88.49 -6.69 -14.61
N PHE E 139 88.28 -7.99 -14.44
CA PHE E 139 89.38 -8.89 -14.13
C PHE E 139 90.29 -9.08 -15.34
N TYR E 140 89.68 -9.28 -16.50
CA TYR E 140 90.41 -9.49 -17.75
C TYR E 140 90.65 -8.20 -18.53
N MET E 141 90.29 -7.06 -17.95
CA MET E 141 90.44 -5.73 -18.57
C MET E 141 89.95 -5.73 -20.02
N ASP E 142 88.83 -6.41 -20.26
CA ASP E 142 88.20 -6.47 -21.57
C ASP E 142 87.05 -5.47 -21.60
N ASN E 143 87.16 -4.47 -22.47
CA ASN E 143 86.14 -3.43 -22.60
C ASN E 143 85.11 -3.73 -23.67
N ASP E 144 85.18 -4.90 -24.31
CA ASP E 144 84.25 -5.20 -25.39
C ASP E 144 82.86 -5.53 -24.85
N LEU E 145 82.80 -6.40 -23.84
CA LEU E 145 81.52 -6.87 -23.31
C LEU E 145 80.94 -5.95 -22.25
N ILE E 146 81.69 -4.96 -21.77
CA ILE E 146 81.16 -4.06 -20.76
C ILE E 146 80.30 -2.96 -21.37
N THR E 147 80.42 -2.73 -22.67
CA THR E 147 79.57 -1.73 -23.33
C THR E 147 78.19 -2.30 -23.68
N ARG E 148 78.15 -3.56 -24.11
CA ARG E 148 76.91 -4.12 -24.63
C ARG E 148 75.90 -4.37 -23.51
N ASN E 149 76.34 -4.95 -22.40
CA ASN E 149 75.42 -5.24 -21.30
C ASN E 149 74.85 -3.95 -20.71
N THR E 150 75.66 -2.90 -20.64
CA THR E 150 75.17 -1.63 -20.12
C THR E 150 74.28 -0.91 -21.13
N GLU E 151 74.58 -1.03 -22.42
CA GLU E 151 73.72 -0.41 -23.44
C GLU E 151 72.34 -1.03 -23.45
N LYS E 152 72.26 -2.35 -23.23
CA LYS E 152 70.96 -3.03 -23.15
C LYS E 152 70.28 -2.82 -21.81
N ALA E 153 71.04 -2.60 -20.73
CA ALA E 153 70.44 -2.42 -19.42
C ALA E 153 69.86 -1.03 -19.23
N LYS E 154 70.58 -0.01 -19.71
CA LYS E 154 70.13 1.37 -19.51
C LYS E 154 68.78 1.62 -20.16
N SER E 155 68.52 1.01 -21.32
CA SER E 155 67.22 1.17 -21.97
C SER E 155 66.10 0.64 -21.06
N LEU E 156 66.36 -0.45 -20.35
CA LEU E 156 65.39 -0.96 -19.39
C LEU E 156 65.40 -0.17 -18.09
N ILE E 157 66.53 0.43 -17.72
CA ILE E 157 66.62 1.23 -16.50
C ILE E 157 66.06 2.61 -16.72
N GLU E 158 66.30 3.20 -17.89
CA GLU E 158 65.86 4.54 -18.21
C GLU E 158 64.47 4.57 -18.85
N GLU E 159 63.79 3.42 -18.94
CA GLU E 159 62.43 3.40 -19.50
C GLU E 159 61.43 4.35 -18.81
N GLY E 160 61.54 4.68 -17.53
CA GLY E 160 62.33 4.04 -16.49
C GLY E 160 62.68 4.96 -15.33
N GLY E 161 63.22 4.40 -14.26
CA GLY E 161 63.84 5.20 -13.22
C GLY E 161 64.50 4.35 -12.16
N ASP E 162 65.51 4.90 -11.48
CA ASP E 162 66.19 4.23 -10.38
C ASP E 162 66.94 5.29 -9.57
N TRP E 163 67.32 4.90 -8.35
CA TRP E 163 68.14 5.78 -7.51
C TRP E 163 69.52 5.16 -7.27
N ASP E 164 69.61 4.11 -6.44
CA ASP E 164 70.89 3.50 -6.14
C ASP E 164 71.60 2.99 -7.38
N ARG E 165 71.02 2.00 -8.06
CA ARG E 165 71.71 1.32 -9.15
C ARG E 165 72.03 2.24 -10.32
N ARG E 166 71.31 3.36 -10.47
CA ARG E 166 71.71 4.34 -11.48
C ARG E 166 73.03 5.00 -11.10
N ASN E 167 73.22 5.30 -9.82
CA ASN E 167 74.51 5.83 -9.36
C ASN E 167 75.59 4.77 -9.48
N ARG E 168 75.22 3.50 -9.35
CA ARG E 168 76.18 2.41 -9.53
C ARG E 168 76.69 2.38 -10.97
N LEU E 169 75.78 2.53 -11.93
CA LEU E 169 76.19 2.55 -13.33
C LEU E 169 77.04 3.78 -13.65
N LYS E 170 76.76 4.90 -12.98
CA LYS E 170 77.59 6.09 -13.16
C LYS E 170 79.03 5.83 -12.71
N VAL E 171 79.20 4.99 -11.68
CA VAL E 171 80.55 4.62 -11.25
C VAL E 171 81.17 3.68 -12.27
N TYR E 172 80.39 2.73 -12.79
CA TYR E 172 80.88 1.83 -13.82
C TYR E 172 81.39 2.60 -15.04
N GLN E 173 80.50 3.33 -15.71
CA GLN E 173 80.90 4.11 -16.88
C GLN E 173 82.00 5.11 -16.53
N GLY E 174 82.05 5.57 -15.28
CA GLY E 174 83.16 6.40 -14.86
C GLY E 174 84.47 5.65 -14.78
N LEU E 175 84.41 4.38 -14.37
CA LEU E 175 85.61 3.54 -14.35
C LEU E 175 86.04 3.14 -15.75
N TYR E 176 85.09 3.04 -16.69
CA TYR E 176 85.44 2.75 -18.07
C TYR E 176 86.00 3.99 -18.77
N CYS E 177 85.40 5.15 -18.53
CA CYS E 177 85.93 6.39 -19.11
C CYS E 177 87.33 6.70 -18.57
N VAL E 178 87.61 6.30 -17.33
CA VAL E 178 88.95 6.46 -16.78
C VAL E 178 89.87 5.29 -17.10
N ALA E 179 89.32 4.17 -17.59
CA ALA E 179 90.16 3.08 -18.06
C ALA E 179 90.89 3.47 -19.33
N ILE E 180 90.15 3.95 -20.34
CA ILE E 180 90.74 4.66 -21.47
C ILE E 180 90.92 6.10 -21.00
N ARG E 181 91.32 7.00 -21.90
CA ARG E 181 91.52 8.39 -21.51
C ARG E 181 90.25 9.17 -21.78
N ASP E 182 89.51 9.51 -20.72
CA ASP E 182 88.47 10.52 -20.76
C ASP E 182 88.58 11.33 -19.47
N PHE E 183 88.91 12.61 -19.59
CA PHE E 183 89.09 13.43 -18.40
C PHE E 183 87.76 14.01 -17.90
N LYS E 184 86.91 14.49 -18.83
CA LYS E 184 85.70 15.20 -18.42
C LYS E 184 84.61 14.25 -17.94
N GLN E 185 84.38 13.14 -18.67
CA GLN E 185 83.28 12.25 -18.33
C GLN E 185 83.50 11.52 -17.02
N ALA E 186 84.76 11.34 -16.60
CA ALA E 186 85.03 10.66 -15.33
C ALA E 186 84.54 11.49 -14.16
N ALA E 187 84.94 12.76 -14.09
CA ALA E 187 84.54 13.61 -12.97
C ALA E 187 83.09 14.04 -13.09
N GLU E 188 82.58 14.19 -14.32
CA GLU E 188 81.20 14.60 -14.51
C GLU E 188 80.24 13.51 -14.06
N LEU E 189 80.56 12.25 -14.37
CA LEU E 189 79.73 11.14 -13.94
C LEU E 189 79.95 10.76 -12.49
N PHE E 190 81.08 11.17 -11.89
CA PHE E 190 81.34 10.95 -10.48
C PHE E 190 80.83 12.09 -9.61
N LEU E 191 80.12 13.07 -10.20
CA LEU E 191 79.60 14.20 -9.44
C LEU E 191 78.63 13.75 -8.35
N ASP E 192 78.09 12.53 -8.44
CA ASP E 192 77.22 12.02 -7.39
C ASP E 192 77.95 11.93 -6.05
N THR E 193 79.23 11.57 -6.08
CA THR E 193 80.13 11.54 -4.91
C THR E 193 79.52 10.64 -3.85
N VAL E 194 79.20 11.14 -2.65
CA VAL E 194 78.87 10.30 -1.51
C VAL E 194 77.53 9.59 -1.66
N SER E 195 76.70 10.01 -2.61
CA SER E 195 75.38 9.38 -2.77
C SER E 195 75.49 7.91 -3.13
N THR E 196 76.65 7.44 -3.60
CA THR E 196 76.84 6.03 -3.87
C THR E 196 77.13 5.21 -2.63
N PHE E 197 77.55 5.87 -1.55
CA PHE E 197 77.89 5.22 -0.26
C PHE E 197 78.94 4.13 -0.54
N THR E 198 78.83 2.96 0.07
CA THR E 198 79.80 1.89 -0.08
C THR E 198 79.08 0.61 -0.50
N SER E 199 79.64 -0.10 -1.48
CA SER E 199 79.05 -1.32 -1.98
C SER E 199 80.15 -2.32 -2.32
N TYR E 200 79.76 -3.59 -2.44
CA TYR E 200 80.71 -4.62 -2.81
C TYR E 200 81.18 -4.48 -4.24
N GLU E 201 80.32 -3.99 -5.13
CA GLU E 201 80.72 -3.72 -6.51
C GLU E 201 81.51 -2.43 -6.65
N LEU E 202 81.36 -1.50 -5.71
CA LEU E 202 82.11 -0.26 -5.69
C LEU E 202 83.42 -0.37 -4.90
N MET E 203 83.75 -1.57 -4.44
CA MET E 203 84.94 -1.90 -3.65
C MET E 203 85.15 -0.90 -2.52
N ASP E 204 86.39 -0.47 -2.30
CA ASP E 204 86.68 0.47 -1.22
C ASP E 204 86.17 1.85 -1.58
N TYR E 205 85.36 2.42 -0.70
CA TYR E 205 84.80 3.75 -0.97
C TYR E 205 85.89 4.82 -0.96
N LYS E 206 86.91 4.68 -0.12
CA LYS E 206 87.99 5.64 -0.09
C LYS E 206 88.76 5.64 -1.41
N THR E 207 88.94 4.46 -2.01
CA THR E 207 89.58 4.39 -3.32
C THR E 207 88.75 5.08 -4.39
N PHE E 208 87.41 4.94 -4.30
CA PHE E 208 86.54 5.65 -5.24
C PHE E 208 86.65 7.16 -5.04
N VAL E 209 86.78 7.60 -3.79
CA VAL E 209 86.97 9.03 -3.52
C VAL E 209 88.27 9.52 -4.14
N THR E 210 89.32 8.70 -4.06
CA THR E 210 90.59 9.06 -4.69
C THR E 210 90.48 9.04 -6.21
N TYR E 211 89.60 8.19 -6.75
CA TYR E 211 89.46 8.11 -8.20
C TYR E 211 88.82 9.38 -8.76
N THR E 212 87.79 9.90 -8.09
CA THR E 212 87.11 11.08 -8.60
C THR E 212 87.89 12.36 -8.29
N VAL E 213 88.61 12.39 -7.17
CA VAL E 213 89.34 13.60 -6.81
C VAL E 213 90.65 13.70 -7.59
N TYR E 214 91.19 12.56 -8.05
CA TYR E 214 92.39 12.61 -8.89
C TYR E 214 92.04 13.05 -10.30
N VAL E 215 90.87 12.66 -10.81
CA VAL E 215 90.49 12.97 -12.18
C VAL E 215 89.79 14.32 -12.31
N SER E 216 89.39 14.94 -11.19
CA SER E 216 88.69 16.21 -11.23
C SER E 216 89.64 17.41 -11.31
N MET E 217 90.95 17.18 -11.29
CA MET E 217 91.93 18.26 -11.33
C MET E 217 92.47 18.54 -12.72
N ILE E 218 91.99 17.83 -13.74
CA ILE E 218 92.56 17.96 -15.09
C ILE E 218 91.65 18.81 -15.96
N ALA E 219 90.53 18.25 -16.39
CA ALA E 219 89.63 18.90 -17.34
C ALA E 219 88.67 19.87 -16.68
N LEU E 220 88.65 19.95 -15.35
CA LEU E 220 87.75 20.84 -14.65
C LEU E 220 88.42 22.19 -14.42
N GLU E 221 87.67 23.26 -14.64
CA GLU E 221 88.21 24.60 -14.51
C GLU E 221 88.53 24.92 -13.05
N ARG E 222 89.46 25.86 -12.85
CA ARG E 222 89.87 26.22 -11.50
C ARG E 222 88.72 26.76 -10.65
N PRO E 223 87.89 27.70 -11.11
CA PRO E 223 86.69 28.04 -10.33
C PRO E 223 85.74 26.87 -10.18
N ASP E 224 85.64 26.00 -11.19
CA ASP E 224 84.82 24.81 -11.07
C ASP E 224 85.47 23.77 -10.17
N LEU E 225 86.79 23.77 -10.09
CA LEU E 225 87.48 22.84 -9.19
C LEU E 225 87.15 23.15 -7.74
N ARG E 226 87.36 24.41 -7.33
CA ARG E 226 87.00 24.81 -5.97
C ARG E 226 85.49 24.80 -5.75
N GLU E 227 84.70 24.91 -6.81
CA GLU E 227 83.25 24.76 -6.66
C GLU E 227 82.88 23.31 -6.36
N LYS E 228 83.64 22.35 -6.88
CA LYS E 228 83.38 20.96 -6.57
C LYS E 228 83.85 20.59 -5.17
N VAL E 229 85.12 20.88 -4.85
CA VAL E 229 85.69 20.38 -3.61
C VAL E 229 85.30 21.26 -2.42
N ILE E 230 85.43 22.58 -2.56
CA ILE E 230 85.19 23.46 -1.42
C ILE E 230 83.69 23.68 -1.20
N LYS E 231 82.96 23.98 -2.28
CA LYS E 231 81.54 24.25 -2.14
C LYS E 231 80.74 22.96 -1.93
N GLY E 232 81.27 21.83 -2.36
CA GLY E 232 80.59 20.57 -2.16
C GLY E 232 80.53 20.22 -0.68
N ALA E 233 79.33 20.00 -0.16
CA ALA E 233 79.18 19.74 1.26
C ALA E 233 79.51 18.30 1.61
N GLU E 234 79.03 17.34 0.81
CA GLU E 234 79.23 15.93 1.14
C GLU E 234 80.62 15.44 0.74
N ILE E 235 81.17 15.93 -0.36
CA ILE E 235 82.47 15.45 -0.83
C ILE E 235 83.61 16.02 -0.01
N LEU E 236 83.40 17.15 0.67
CA LEU E 236 84.51 17.83 1.35
C LEU E 236 85.07 16.98 2.50
N GLU E 237 84.22 16.28 3.24
CA GLU E 237 84.72 15.51 4.38
C GLU E 237 85.51 14.29 3.94
N VAL E 238 85.03 13.57 2.92
CA VAL E 238 85.71 12.34 2.51
C VAL E 238 87.02 12.67 1.81
N LEU E 239 87.14 13.85 1.21
CA LEU E 239 88.44 14.29 0.71
C LEU E 239 89.29 14.93 1.80
N HIS E 240 88.67 15.31 2.91
CA HIS E 240 89.43 15.85 4.05
C HIS E 240 90.10 14.77 4.86
N SER E 241 89.57 13.54 4.81
CA SER E 241 90.15 12.45 5.59
C SER E 241 91.57 12.14 5.14
N LEU E 242 91.82 12.23 3.83
CA LEU E 242 93.16 12.01 3.30
C LEU E 242 93.83 13.36 3.04
N PRO E 243 94.82 13.76 3.84
CA PRO E 243 95.47 15.05 3.59
C PRO E 243 96.29 15.09 2.33
N ALA E 244 96.63 13.93 1.75
CA ALA E 244 97.50 13.90 0.56
C ALA E 244 96.87 14.66 -0.59
N VAL E 245 95.65 14.29 -0.97
CA VAL E 245 95.00 14.95 -2.11
C VAL E 245 94.43 16.30 -1.69
N ARG E 246 93.93 16.40 -0.46
CA ARG E 246 93.40 17.68 0.01
C ARG E 246 94.47 18.75 0.03
N GLN E 247 95.70 18.39 0.39
CA GLN E 247 96.80 19.34 0.31
C GLN E 247 97.05 19.77 -1.12
N TYR E 248 96.93 18.85 -2.08
CA TYR E 248 97.11 19.22 -3.48
C TYR E 248 95.97 20.09 -3.99
N LEU E 249 94.76 19.92 -3.45
CA LEU E 249 93.63 20.73 -3.88
C LEU E 249 93.75 22.15 -3.38
N PHE E 250 93.99 22.33 -2.09
CA PHE E 250 94.02 23.68 -1.52
C PHE E 250 95.31 24.42 -1.85
N SER E 251 96.41 23.70 -2.08
CA SER E 251 97.64 24.36 -2.51
C SER E 251 97.58 24.74 -3.98
N LEU E 252 96.86 23.97 -4.80
CA LEU E 252 96.66 24.36 -6.19
C LEU E 252 95.88 25.67 -6.29
N TYR E 253 94.88 25.84 -5.42
CA TYR E 253 94.20 27.12 -5.34
C TYR E 253 95.05 28.17 -4.64
N GLU E 254 95.89 27.74 -3.69
CA GLU E 254 96.79 28.67 -3.01
C GLU E 254 97.92 29.14 -3.93
N CYS E 255 98.14 28.46 -5.06
CA CYS E 255 99.08 28.81 -6.11
C CYS E 255 100.54 28.59 -5.72
N ARG E 256 100.82 28.18 -4.49
CA ARG E 256 102.21 27.97 -4.08
C ARG E 256 102.82 26.81 -4.89
N TYR E 257 103.97 27.09 -5.53
CA TYR E 257 104.65 26.12 -6.37
C TYR E 257 105.74 25.35 -5.64
N SER E 258 106.00 25.67 -4.37
CA SER E 258 107.06 25.00 -3.63
C SER E 258 106.63 23.65 -3.07
N VAL E 259 105.33 23.41 -2.89
CA VAL E 259 104.82 22.13 -2.42
C VAL E 259 104.28 21.27 -3.55
N PHE E 260 104.25 21.78 -4.78
CA PHE E 260 103.49 21.11 -5.84
C PHE E 260 104.08 19.76 -6.21
N PHE E 261 105.36 19.71 -6.58
CA PHE E 261 105.96 18.45 -7.02
C PHE E 261 106.12 17.44 -5.89
N GLN E 262 106.13 17.88 -4.63
CA GLN E 262 106.11 16.93 -3.52
C GLN E 262 104.72 16.35 -3.33
N SER E 263 103.69 17.20 -3.35
CA SER E 263 102.32 16.70 -3.29
C SER E 263 101.97 15.91 -4.54
N LEU E 264 102.48 16.33 -5.70
CA LEU E 264 102.31 15.55 -6.91
C LEU E 264 103.10 14.25 -6.86
N ALA E 265 104.21 14.21 -6.10
CA ALA E 265 104.94 12.97 -5.93
C ALA E 265 104.11 11.94 -5.17
N VAL E 266 103.40 12.37 -4.13
CA VAL E 266 102.53 11.46 -3.39
C VAL E 266 101.33 11.06 -4.24
N VAL E 267 100.81 12.02 -5.03
CA VAL E 267 99.69 11.72 -5.92
C VAL E 267 100.13 10.78 -7.03
N GLU E 268 101.31 11.01 -7.59
CA GLU E 268 101.81 10.15 -8.66
C GLU E 268 102.20 8.77 -8.13
N GLN E 269 102.74 8.72 -6.91
CA GLN E 269 103.04 7.42 -6.30
C GLN E 269 101.79 6.60 -6.11
N GLU E 270 100.68 7.24 -5.76
CA GLU E 270 99.40 6.55 -5.72
C GLU E 270 98.90 6.25 -7.13
N MET E 271 99.29 7.06 -8.11
CA MET E 271 98.88 6.83 -9.50
C MET E 271 99.61 5.64 -10.10
N LYS E 272 100.84 5.36 -9.64
CA LYS E 272 101.61 4.26 -10.22
C LYS E 272 101.10 2.91 -9.76
N LYS E 273 100.74 2.79 -8.48
CA LYS E 273 100.39 1.51 -7.89
C LYS E 273 98.94 1.13 -8.10
N ASP E 274 98.15 1.96 -8.78
CA ASP E 274 96.75 1.63 -9.07
C ASP E 274 96.62 1.18 -10.51
N TRP E 275 95.74 0.20 -10.74
CA TRP E 275 95.56 -0.36 -12.06
C TRP E 275 94.90 0.65 -12.99
N LEU E 276 95.08 0.41 -14.30
CA LEU E 276 94.45 1.15 -15.40
C LEU E 276 94.89 2.61 -15.44
N PHE E 277 95.66 3.05 -14.45
CA PHE E 277 96.23 4.40 -14.44
C PHE E 277 97.62 4.47 -15.05
N ALA E 278 98.17 3.32 -15.48
CA ALA E 278 99.54 3.33 -16.02
C ALA E 278 99.66 4.08 -17.34
N PRO E 279 98.80 3.88 -18.34
CA PRO E 279 98.98 4.63 -19.59
C PRO E 279 98.68 6.11 -19.47
N HIS E 280 97.87 6.53 -18.49
CA HIS E 280 97.32 7.87 -18.46
C HIS E 280 98.11 8.85 -17.61
N TYR E 281 99.16 8.41 -16.90
CA TYR E 281 99.87 9.36 -16.05
C TYR E 281 100.86 10.22 -16.83
N ARG E 282 101.38 9.70 -17.95
CA ARG E 282 102.40 10.43 -18.71
C ARG E 282 101.86 11.78 -19.18
N TYR E 283 100.63 11.80 -19.71
CA TYR E 283 99.99 13.05 -20.04
C TYR E 283 99.44 13.77 -18.82
N TYR E 284 99.07 13.02 -17.77
CA TYR E 284 98.48 13.63 -16.58
C TYR E 284 99.46 14.55 -15.87
N VAL E 285 100.75 14.21 -15.88
CA VAL E 285 101.73 15.01 -15.16
C VAL E 285 101.99 16.32 -15.90
N ARG E 286 102.48 16.24 -17.14
CA ARG E 286 102.71 17.42 -17.94
C ARG E 286 101.44 18.27 -18.09
N GLU E 287 100.27 17.66 -17.95
CA GLU E 287 99.05 18.44 -17.92
C GLU E 287 98.92 19.24 -16.63
N MET E 288 99.40 18.69 -15.51
CA MET E 288 99.40 19.46 -14.27
C MET E 288 100.46 20.55 -14.30
N ARG E 289 101.51 20.38 -15.11
CA ARG E 289 102.46 21.46 -15.34
C ARG E 289 101.77 22.64 -16.01
N ILE E 290 101.17 22.39 -17.18
CA ILE E 290 100.48 23.45 -17.91
C ILE E 290 99.23 23.90 -17.16
N HIS E 291 98.71 23.09 -16.24
CA HIS E 291 97.59 23.51 -15.42
C HIS E 291 98.03 24.55 -14.39
N ALA E 292 99.11 24.27 -13.67
CA ALA E 292 99.59 25.21 -12.66
C ALA E 292 100.28 26.41 -13.28
N TYR E 293 100.92 26.22 -14.44
CA TYR E 293 101.59 27.33 -15.10
C TYR E 293 100.63 28.21 -15.89
N SER E 294 99.42 27.73 -16.15
CA SER E 294 98.42 28.56 -16.83
C SER E 294 98.01 29.74 -15.95
N GLN E 295 97.90 29.52 -14.65
CA GLN E 295 97.63 30.60 -13.71
C GLN E 295 98.89 31.31 -13.25
N LEU E 296 100.07 30.78 -13.60
CA LEU E 296 101.32 31.48 -13.30
C LEU E 296 101.52 32.66 -14.25
N LEU E 297 101.36 32.42 -15.56
CA LEU E 297 101.62 33.45 -16.55
C LEU E 297 100.47 34.43 -16.70
N GLU E 298 99.23 33.98 -16.49
CA GLU E 298 98.06 34.81 -16.73
C GLU E 298 97.96 35.99 -15.76
N SER E 299 98.83 36.05 -14.75
CA SER E 299 98.77 37.15 -13.79
C SER E 299 98.98 38.50 -14.46
N TYR E 300 100.07 38.64 -15.20
CA TYR E 300 100.40 39.89 -15.88
C TYR E 300 100.88 39.59 -17.29
N ARG E 301 100.54 40.48 -18.23
CA ARG E 301 101.04 40.33 -19.59
C ARG E 301 102.57 40.35 -19.61
N SER E 302 103.16 41.46 -19.17
CA SER E 302 104.61 41.57 -19.03
C SER E 302 104.95 41.39 -17.56
N LEU E 303 105.60 40.27 -17.24
CA LEU E 303 105.92 39.91 -15.86
C LEU E 303 107.42 39.97 -15.65
N THR E 304 107.83 40.55 -14.53
CA THR E 304 109.23 40.61 -14.15
C THR E 304 109.60 39.36 -13.37
N LEU E 305 110.55 38.58 -13.91
CA LEU E 305 110.94 37.32 -13.27
C LEU E 305 111.61 37.53 -11.93
N GLY E 306 112.09 38.76 -11.65
CA GLY E 306 112.53 39.07 -10.30
C GLY E 306 111.42 38.99 -9.29
N TYR E 307 110.22 39.45 -9.65
CA TYR E 307 109.07 39.30 -8.76
C TYR E 307 108.67 37.84 -8.60
N MET E 308 108.83 37.03 -9.65
CA MET E 308 108.60 35.60 -9.54
C MET E 308 109.59 34.97 -8.56
N ALA E 309 110.86 35.37 -8.65
CA ALA E 309 111.90 34.79 -7.81
C ALA E 309 111.83 35.25 -6.35
N GLU E 310 110.94 36.19 -6.02
CA GLU E 310 110.81 36.70 -4.67
C GLU E 310 110.64 35.58 -3.65
N ALA E 311 109.49 34.90 -3.67
CA ALA E 311 109.32 33.66 -2.92
C ALA E 311 109.13 32.53 -3.93
N PHE E 312 110.19 31.76 -4.15
CA PHE E 312 110.15 30.50 -4.88
C PHE E 312 110.93 29.46 -4.08
N GLY E 313 112.22 29.74 -3.87
CA GLY E 313 113.11 28.83 -3.17
C GLY E 313 113.59 27.59 -3.91
N VAL E 314 114.21 27.74 -5.08
CA VAL E 314 114.59 29.04 -5.66
C VAL E 314 114.22 29.05 -7.14
N GLY E 315 113.65 30.17 -7.60
CA GLY E 315 113.19 30.29 -8.96
C GLY E 315 113.98 31.21 -9.87
N VAL E 316 115.16 31.69 -9.46
CA VAL E 316 115.94 32.60 -10.28
C VAL E 316 116.27 31.95 -11.62
N GLU E 317 117.15 30.96 -11.60
CA GLU E 317 117.55 30.24 -12.81
C GLU E 317 116.78 28.94 -13.02
N PHE E 318 115.93 28.55 -12.06
CA PHE E 318 115.21 27.29 -12.20
C PHE E 318 114.03 27.42 -13.16
N ILE E 319 113.20 28.47 -12.98
CA ILE E 319 112.07 28.65 -13.88
C ILE E 319 112.52 28.89 -15.31
N ASP E 320 113.77 29.30 -15.51
CA ASP E 320 114.27 29.50 -16.86
C ASP E 320 114.35 28.17 -17.61
N GLN E 321 115.07 27.20 -17.04
CA GLN E 321 115.21 25.91 -17.71
C GLN E 321 113.94 25.07 -17.59
N GLU E 322 113.27 25.14 -16.44
CA GLU E 322 112.03 24.42 -16.20
C GLU E 322 110.95 24.78 -17.22
N LEU E 323 110.49 26.03 -17.18
CA LEU E 323 109.41 26.46 -18.08
C LEU E 323 109.82 26.34 -19.54
N SER E 324 111.08 26.66 -19.86
CA SER E 324 111.54 26.56 -21.24
C SER E 324 111.40 25.14 -21.78
N ARG E 325 111.99 24.17 -21.09
CA ARG E 325 111.91 22.78 -21.54
C ARG E 325 110.46 22.30 -21.60
N PHE E 326 109.56 22.92 -20.84
CA PHE E 326 108.14 22.63 -20.98
C PHE E 326 107.51 23.36 -22.16
N ILE E 327 108.07 24.52 -22.55
CA ILE E 327 107.63 25.19 -23.76
C ILE E 327 108.07 24.41 -25.00
N ALA E 328 109.29 23.87 -24.97
CA ALA E 328 109.80 23.11 -26.11
C ALA E 328 108.97 21.86 -26.36
N ALA E 329 108.34 21.33 -25.32
CA ALA E 329 107.53 20.13 -25.43
C ALA E 329 106.17 20.44 -26.07
N GLY E 330 105.70 21.66 -25.89
CA GLY E 330 104.42 22.08 -26.44
C GLY E 330 103.43 22.46 -25.37
N ARG E 331 103.91 22.56 -24.13
CA ARG E 331 103.06 22.91 -23.00
C ARG E 331 103.26 24.39 -22.65
N LEU E 332 102.20 25.18 -22.82
CA LEU E 332 102.20 26.60 -22.46
C LEU E 332 103.31 27.35 -23.23
N HIS E 333 103.05 27.48 -24.53
CA HIS E 333 103.97 28.22 -25.40
C HIS E 333 103.88 29.71 -25.11
N CYS E 334 105.03 30.33 -24.88
CA CYS E 334 105.08 31.77 -24.60
C CYS E 334 106.47 32.29 -24.98
N LYS E 335 106.56 33.60 -25.09
CA LYS E 335 107.82 34.29 -25.40
C LYS E 335 108.22 35.11 -24.18
N ILE E 336 109.31 34.71 -23.54
CA ILE E 336 109.79 35.33 -22.31
C ILE E 336 111.18 35.90 -22.58
N ASP E 337 111.48 37.06 -21.98
CA ASP E 337 112.74 37.76 -22.20
C ASP E 337 113.48 37.90 -20.87
N LYS E 338 114.80 37.83 -20.95
CA LYS E 338 115.68 37.98 -19.79
C LYS E 338 116.69 39.10 -20.06
N VAL E 339 117.19 39.67 -18.96
CA VAL E 339 118.06 40.84 -18.85
C VAL E 339 117.31 42.10 -19.28
N ASN E 340 116.18 41.91 -19.97
CA ASN E 340 115.12 42.90 -20.01
C ASN E 340 114.06 42.63 -18.96
N GLU E 341 114.12 41.46 -18.32
CA GLU E 341 113.23 41.09 -17.22
C GLU E 341 111.76 41.22 -17.61
N ILE E 342 111.40 40.58 -18.72
CA ILE E 342 110.04 40.64 -19.27
C ILE E 342 109.59 39.24 -19.61
N VAL E 343 108.55 38.77 -18.93
CA VAL E 343 107.86 37.53 -19.28
C VAL E 343 106.56 37.92 -19.96
N GLU E 344 106.46 37.68 -21.26
CA GLU E 344 105.39 38.23 -22.09
C GLU E 344 104.43 37.11 -22.48
N THR E 345 103.20 37.20 -21.97
CA THR E 345 102.17 36.21 -22.26
C THR E 345 101.04 36.84 -23.06
N ASN E 346 100.39 36.06 -23.92
CA ASN E 346 100.94 35.58 -25.19
C ASN E 346 101.34 34.11 -25.14
N ARG E 347 101.08 33.40 -26.25
CA ARG E 347 100.56 34.03 -27.46
C ARG E 347 99.13 33.62 -27.74
N PRO E 348 98.20 34.54 -27.48
CA PRO E 348 96.76 34.28 -27.71
C PRO E 348 96.52 33.36 -28.89
N ASP E 349 97.32 33.48 -29.95
CA ASP E 349 97.09 32.80 -31.22
C ASP E 349 95.64 32.97 -31.67
N SER E 350 95.27 34.23 -31.86
CA SER E 350 93.92 34.60 -32.28
C SER E 350 93.81 34.86 -33.78
N LYS E 351 94.90 34.72 -34.53
CA LYS E 351 94.91 34.96 -35.96
C LYS E 351 95.18 33.68 -36.75
N ASN E 352 96.35 33.07 -36.58
CA ASN E 352 96.63 31.82 -37.29
C ASN E 352 95.63 30.74 -36.93
N TRP E 353 95.53 30.40 -35.65
CA TRP E 353 94.67 29.30 -35.22
C TRP E 353 93.20 29.58 -35.47
N GLN E 354 92.80 30.86 -35.51
CA GLN E 354 91.41 31.19 -35.78
C GLN E 354 91.00 30.70 -37.16
N TYR E 355 91.82 30.98 -38.17
CA TYR E 355 91.55 30.58 -39.55
C TYR E 355 92.25 29.29 -39.94
N GLN E 356 93.00 28.68 -39.01
CA GLN E 356 93.79 27.50 -39.35
C GLN E 356 92.94 26.25 -39.55
N GLU E 357 91.83 26.13 -38.82
CA GLU E 357 91.01 24.93 -38.89
C GLU E 357 90.41 24.75 -40.28
N THR E 358 90.18 25.84 -41.02
CA THR E 358 89.72 25.74 -42.39
C THR E 358 90.70 24.93 -43.24
N ILE E 359 91.93 25.43 -43.39
CA ILE E 359 92.91 24.77 -44.25
C ILE E 359 93.38 23.45 -43.64
N LYS E 360 93.54 23.41 -42.31
CA LYS E 360 93.98 22.18 -41.65
C LYS E 360 93.02 21.03 -41.92
N LYS E 361 91.79 21.14 -41.41
CA LYS E 361 90.78 20.13 -41.70
C LYS E 361 90.55 19.97 -43.19
N GLY E 362 90.50 21.08 -43.95
CA GLY E 362 90.36 21.01 -45.38
C GLY E 362 91.49 20.28 -46.09
N ASP E 363 92.67 20.20 -45.48
CA ASP E 363 93.76 19.45 -46.09
C ASP E 363 93.41 17.96 -46.17
N LEU E 364 93.10 17.34 -45.02
CA LEU E 364 92.77 15.92 -45.02
C LEU E 364 91.37 15.67 -45.59
N LEU E 365 90.45 16.61 -45.39
CA LEU E 365 89.12 16.53 -45.98
C LEU E 365 89.23 16.40 -47.50
N LEU E 366 89.75 17.44 -48.16
CA LEU E 366 89.90 17.42 -49.60
C LEU E 366 90.85 16.33 -50.06
N ASN E 367 91.77 15.89 -49.19
CA ASN E 367 92.60 14.73 -49.51
C ASN E 367 91.75 13.47 -49.59
N ARG E 368 90.90 13.24 -48.58
CA ARG E 368 90.11 12.03 -48.56
C ARG E 368 89.08 12.00 -49.69
N VAL E 369 88.62 13.16 -50.14
CA VAL E 369 87.77 13.19 -51.33
C VAL E 369 88.60 13.11 -52.61
N GLN E 370 89.88 13.48 -52.56
CA GLN E 370 90.74 13.32 -53.74
C GLN E 370 91.02 11.85 -54.00
N LYS E 371 91.18 11.05 -52.95
CA LYS E 371 91.28 9.61 -53.11
C LYS E 371 90.08 9.05 -53.85
N LEU E 372 88.89 9.20 -53.27
CA LEU E 372 87.67 8.66 -53.87
C LEU E 372 87.36 9.29 -55.22
N SER E 373 87.89 10.48 -55.51
CA SER E 373 87.66 11.10 -56.81
C SER E 373 88.52 10.47 -57.89
N ARG E 374 89.81 10.30 -57.62
CA ARG E 374 90.75 9.80 -58.62
C ARG E 374 90.80 8.28 -58.70
N VAL E 375 90.23 7.57 -57.73
CA VAL E 375 90.18 6.12 -57.81
C VAL E 375 89.17 5.66 -58.86
N ILE E 376 87.97 6.22 -58.81
CA ILE E 376 86.92 5.86 -59.76
C ILE E 376 86.56 7.05 -60.64
N ASN E 377 86.38 6.80 -61.94
CA ASN E 377 86.53 5.47 -62.50
C ASN E 377 87.92 5.32 -63.15
N MET E 378 88.68 4.35 -62.66
CA MET E 378 90.01 4.04 -63.18
C MET E 378 90.94 5.24 -63.09
N ALA F 1 58.14 72.00 -50.08
CA ALA F 1 57.64 72.10 -51.45
C ALA F 1 57.62 70.72 -52.12
N VAL F 2 58.08 70.68 -53.37
CA VAL F 2 58.13 69.44 -54.14
C VAL F 2 59.56 68.93 -54.12
N GLN F 3 59.74 67.70 -53.62
CA GLN F 3 61.06 67.09 -53.55
C GLN F 3 61.34 66.22 -54.77
N LYS F 4 60.60 65.13 -54.93
CA LYS F 4 60.76 64.22 -56.04
C LYS F 4 59.41 63.88 -56.64
N VAL F 5 59.41 63.57 -57.94
CA VAL F 5 58.19 63.22 -58.66
C VAL F 5 58.33 61.79 -59.18
N VAL F 6 57.19 61.10 -59.27
CA VAL F 6 57.14 59.74 -59.79
C VAL F 6 56.45 59.81 -61.15
N VAL F 7 57.22 59.56 -62.21
CA VAL F 7 56.72 59.63 -63.58
C VAL F 7 56.48 58.21 -64.06
N HIS F 8 55.22 57.86 -64.25
CA HIS F 8 54.87 56.55 -64.78
C HIS F 8 55.14 56.50 -66.28
N PRO F 9 55.32 55.31 -66.85
CA PRO F 9 55.43 55.20 -68.32
C PRO F 9 54.19 55.66 -69.06
N LEU F 10 53.05 55.79 -68.38
CA LEU F 10 51.81 56.14 -69.06
C LEU F 10 51.81 57.61 -69.47
N VAL F 11 52.28 58.50 -68.59
CA VAL F 11 52.29 59.93 -68.92
C VAL F 11 53.36 60.21 -69.97
N LEU F 12 54.52 59.55 -69.86
CA LEU F 12 55.57 59.74 -70.86
C LEU F 12 55.08 59.35 -72.25
N LEU F 13 54.48 58.17 -72.37
CA LEU F 13 53.92 57.76 -73.65
C LEU F 13 52.82 58.70 -74.10
N SER F 14 52.05 59.23 -73.14
CA SER F 14 50.98 60.17 -73.48
C SER F 14 51.51 61.45 -74.11
N VAL F 15 52.77 61.81 -73.84
CA VAL F 15 53.39 62.91 -74.57
C VAL F 15 53.96 62.43 -75.91
N VAL F 16 54.57 61.23 -75.91
CA VAL F 16 55.27 60.77 -77.10
C VAL F 16 54.29 60.38 -78.20
N ASP F 17 53.15 59.79 -77.84
CA ASP F 17 52.16 59.46 -78.85
C ASP F 17 51.54 60.72 -79.44
N HIS F 18 51.49 61.80 -78.66
CA HIS F 18 51.09 63.09 -79.21
C HIS F 18 52.22 63.70 -80.05
N PHE F 19 53.46 63.31 -79.78
CA PHE F 19 54.55 63.65 -80.69
C PHE F 19 54.42 62.92 -82.02
N ASN F 20 53.68 61.82 -82.05
CA ASN F 20 53.29 61.20 -83.31
C ASN F 20 52.09 61.92 -83.92
N ARG F 21 51.17 62.41 -83.08
CA ARG F 21 50.01 63.18 -83.53
C ARG F 21 50.42 64.39 -84.35
N ILE F 22 51.11 65.34 -83.71
CA ILE F 22 51.59 66.52 -84.43
C ILE F 22 52.90 66.29 -85.13
N GLY F 23 53.53 65.13 -84.95
CA GLY F 23 54.79 64.87 -85.63
C GLY F 23 54.61 64.40 -87.06
N LYS F 24 53.51 63.70 -87.33
CA LYS F 24 53.22 63.32 -88.70
C LYS F 24 52.91 64.55 -89.55
N VAL F 25 52.30 65.58 -88.94
CA VAL F 25 52.13 66.86 -89.61
C VAL F 25 53.30 67.81 -89.34
N GLY F 26 54.18 67.46 -88.40
CA GLY F 26 55.31 68.31 -88.06
C GLY F 26 54.91 69.62 -87.42
N ASN F 27 55.84 70.57 -87.36
CA ASN F 27 57.19 70.38 -87.86
C ASN F 27 58.22 70.69 -86.77
N GLN F 28 58.33 71.97 -86.44
CA GLN F 28 59.31 72.47 -85.48
C GLN F 28 58.69 72.52 -84.08
N LYS F 29 59.36 73.20 -83.16
CA LYS F 29 58.90 73.50 -81.80
C LYS F 29 58.77 72.19 -81.01
N ARG F 30 57.69 71.97 -80.27
CA ARG F 30 57.66 70.93 -79.25
C ARG F 30 56.22 70.55 -78.95
N VAL F 31 56.05 69.42 -78.28
CA VAL F 31 54.74 68.93 -77.85
C VAL F 31 54.49 69.40 -76.43
N VAL F 32 53.45 70.21 -76.24
CA VAL F 32 53.10 70.77 -74.94
C VAL F 32 51.70 70.32 -74.56
N GLY F 33 51.53 69.92 -73.31
CA GLY F 33 50.26 69.48 -72.79
C GLY F 33 50.15 69.76 -71.31
N VAL F 34 48.97 69.47 -70.76
CA VAL F 34 48.68 69.73 -69.35
C VAL F 34 48.92 68.45 -68.57
N LEU F 35 49.69 68.56 -67.48
CA LEU F 35 50.08 67.42 -66.68
C LEU F 35 49.06 67.17 -65.57
N LEU F 36 48.60 65.93 -65.45
CA LEU F 36 47.69 65.52 -64.39
C LEU F 36 48.50 64.78 -63.33
N GLY F 37 48.65 65.40 -62.15
CA GLY F 37 49.40 64.83 -61.06
C GLY F 37 48.50 64.27 -59.97
N SER F 38 49.14 63.51 -59.08
CA SER F 38 48.48 62.97 -57.89
C SER F 38 49.39 63.21 -56.70
N TRP F 39 48.92 64.00 -55.74
CA TRP F 39 49.72 64.37 -54.58
C TRP F 39 49.11 63.69 -53.36
N GLN F 40 49.74 62.58 -52.93
CA GLN F 40 49.43 61.95 -51.66
C GLN F 40 50.25 62.52 -50.51
N LYS F 41 51.41 63.10 -50.80
CA LYS F 41 52.36 63.52 -49.79
C LYS F 41 53.42 64.38 -50.49
N LYS F 42 54.43 64.79 -49.71
CA LYS F 42 55.52 65.62 -50.25
C LYS F 42 56.14 64.98 -51.50
N VAL F 43 56.21 63.66 -51.54
CA VAL F 43 56.60 62.96 -52.75
C VAL F 43 55.45 63.00 -53.74
N LEU F 44 55.73 63.43 -54.97
CA LEU F 44 54.71 63.64 -55.98
C LEU F 44 54.61 62.40 -56.87
N ASP F 45 53.38 62.08 -57.28
CA ASP F 45 53.12 60.96 -58.16
C ASP F 45 52.31 61.43 -59.37
N VAL F 46 52.52 60.79 -60.50
CA VAL F 46 51.84 61.12 -61.75
C VAL F 46 51.16 59.86 -62.28
N SER F 47 49.91 60.00 -62.73
CA SER F 47 49.14 58.87 -63.25
C SER F 47 48.75 59.10 -64.71
N ASN F 48 47.88 60.06 -65.00
CA ASN F 48 47.39 60.34 -66.34
C ASN F 48 47.84 61.73 -66.77
N SER F 49 47.47 62.11 -67.98
CA SER F 49 47.70 63.46 -68.51
C SER F 49 46.89 63.60 -69.79
N PHE F 50 46.93 64.81 -70.37
CA PHE F 50 46.32 65.07 -71.65
C PHE F 50 47.06 66.22 -72.32
N ALA F 51 47.12 66.17 -73.65
CA ALA F 51 47.86 67.14 -74.44
C ALA F 51 46.93 68.09 -75.16
N VAL F 52 47.37 69.33 -75.29
CA VAL F 52 46.57 70.39 -75.92
C VAL F 52 47.36 70.93 -77.11
N PRO F 53 46.72 71.28 -78.22
CA PRO F 53 47.46 71.88 -79.34
C PRO F 53 48.09 73.20 -78.94
N PHE F 54 49.37 73.35 -79.28
CA PHE F 54 50.16 74.51 -78.89
C PHE F 54 51.08 74.92 -80.02
N ASP F 55 51.19 76.22 -80.24
CA ASP F 55 52.12 76.80 -81.20
C ASP F 55 52.82 77.99 -80.59
N GLU F 56 54.08 78.19 -80.96
CA GLU F 56 54.90 79.26 -80.42
C GLU F 56 55.67 79.93 -81.56
N ASP F 57 55.46 81.23 -81.74
CA ASP F 57 56.19 81.97 -82.74
C ASP F 57 57.63 82.23 -82.28
N ASP F 58 58.50 82.45 -83.25
CA ASP F 58 59.91 82.77 -83.00
C ASP F 58 60.23 84.25 -83.09
N LYS F 59 59.24 85.11 -83.36
CA LYS F 59 59.54 86.45 -83.84
C LYS F 59 60.10 87.51 -82.85
N ASP F 60 59.56 87.78 -81.64
CA ASP F 60 58.47 87.15 -80.86
C ASP F 60 58.65 85.67 -80.56
N ASP F 61 59.80 85.33 -79.96
CA ASP F 61 59.99 84.01 -79.39
C ASP F 61 59.32 83.87 -78.03
N SER F 62 58.79 84.95 -77.47
CA SER F 62 58.19 84.96 -76.15
C SER F 62 56.68 84.76 -76.17
N VAL F 63 56.08 84.51 -77.34
CA VAL F 63 54.63 84.40 -77.47
C VAL F 63 54.23 82.95 -77.37
N TRP F 64 53.23 82.67 -76.53
CA TRP F 64 52.75 81.32 -76.25
C TRP F 64 51.29 81.40 -75.87
N PHE F 65 50.51 80.39 -76.24
CA PHE F 65 49.12 80.31 -75.80
C PHE F 65 48.66 78.85 -75.78
N LEU F 66 47.68 78.59 -74.92
CA LEU F 66 47.02 77.29 -74.81
C LEU F 66 45.52 77.49 -74.87
N ASP F 67 44.80 76.39 -75.07
CA ASP F 67 43.34 76.41 -75.11
C ASP F 67 42.81 76.11 -73.71
N HIS F 68 42.18 77.11 -73.10
CA HIS F 68 41.67 76.95 -71.73
C HIS F 68 40.37 76.15 -71.71
N ASP F 69 39.54 76.30 -72.74
CA ASP F 69 38.32 75.48 -72.82
C ASP F 69 38.68 74.00 -72.88
N TYR F 70 39.77 73.66 -73.55
CA TYR F 70 40.24 72.28 -73.54
C TYR F 70 40.73 71.88 -72.16
N LEU F 71 41.41 72.79 -71.46
CA LEU F 71 41.86 72.50 -70.11
C LEU F 71 40.70 72.45 -69.14
N GLU F 72 39.65 73.22 -69.38
CA GLU F 72 38.53 73.32 -68.45
C GLU F 72 37.63 72.09 -68.51
N ASN F 73 36.97 71.87 -69.66
CA ASN F 73 35.97 70.81 -69.74
C ASN F 73 36.58 69.42 -69.75
N MET F 74 37.81 69.27 -70.26
CA MET F 74 38.45 67.96 -70.19
C MET F 74 38.88 67.63 -68.77
N TYR F 75 39.38 68.64 -68.02
CA TYR F 75 39.53 68.44 -66.59
C TYR F 75 38.20 68.09 -65.96
N GLY F 76 37.11 68.72 -66.40
CA GLY F 76 35.79 68.28 -66.01
C GLY F 76 35.45 66.89 -66.49
N MET F 77 36.06 66.46 -67.59
CA MET F 77 35.88 65.08 -68.05
C MET F 77 36.67 64.10 -67.20
N PHE F 78 37.96 64.40 -66.97
CA PHE F 78 38.82 63.44 -66.28
C PHE F 78 38.58 63.46 -64.77
N LYS F 79 38.21 64.61 -64.21
CA LYS F 79 37.84 64.65 -62.79
C LYS F 79 36.53 63.91 -62.56
N LYS F 80 35.60 64.01 -63.52
CA LYS F 80 34.36 63.25 -63.45
C LYS F 80 34.61 61.76 -63.36
N VAL F 81 35.25 61.18 -64.39
CA VAL F 81 35.50 59.75 -64.42
C VAL F 81 36.42 59.32 -63.28
N ASN F 82 37.39 60.16 -62.92
CA ASN F 82 38.31 59.85 -61.83
C ASN F 82 38.41 61.09 -60.94
N ALA F 83 37.92 60.98 -59.70
CA ALA F 83 37.94 62.10 -58.78
C ALA F 83 39.30 62.31 -58.12
N ARG F 84 40.20 61.32 -58.21
CA ARG F 84 41.52 61.45 -57.61
C ARG F 84 42.48 62.23 -58.48
N GLU F 85 42.19 62.40 -59.76
CA GLU F 85 43.12 63.01 -60.71
C GLU F 85 42.88 64.52 -60.79
N ARG F 86 43.97 65.28 -60.76
CA ARG F 86 43.92 66.73 -60.93
C ARG F 86 45.23 67.19 -61.54
N ILE F 87 45.21 68.40 -62.10
CA ILE F 87 46.38 68.91 -62.82
C ILE F 87 47.37 69.48 -61.82
N VAL F 88 48.60 68.95 -61.84
CA VAL F 88 49.69 69.48 -61.02
C VAL F 88 50.61 70.41 -61.80
N GLY F 89 50.37 70.58 -63.10
CA GLY F 89 51.25 71.40 -63.91
C GLY F 89 51.08 71.07 -65.39
N TRP F 90 52.13 71.36 -66.15
CA TRP F 90 52.18 71.11 -67.58
C TRP F 90 53.48 70.40 -67.94
N TYR F 91 53.69 70.17 -69.22
CA TYR F 91 54.88 69.47 -69.68
C TYR F 91 55.18 69.87 -71.13
N HIS F 92 56.42 69.60 -71.53
CA HIS F 92 56.86 69.82 -72.90
C HIS F 92 58.03 68.89 -73.19
N THR F 93 58.31 68.70 -74.48
CA THR F 93 59.33 67.75 -74.91
C THR F 93 60.71 68.37 -75.08
N GLY F 94 60.87 69.66 -74.76
CA GLY F 94 62.18 70.28 -74.80
C GLY F 94 62.82 70.34 -76.17
N PRO F 95 64.03 69.76 -76.30
CA PRO F 95 64.80 69.07 -75.26
C PRO F 95 65.37 70.00 -74.19
N LYS F 96 65.63 71.25 -74.56
CA LYS F 96 66.10 72.27 -73.62
C LYS F 96 65.11 73.42 -73.63
N LEU F 97 64.69 73.86 -72.44
CA LEU F 97 63.65 74.86 -72.33
C LEU F 97 64.17 76.23 -72.78
N HIS F 98 63.38 76.89 -73.63
CA HIS F 98 63.63 78.29 -73.93
C HIS F 98 63.07 79.17 -72.82
N LYS F 99 63.61 80.38 -72.72
CA LYS F 99 63.31 81.28 -71.60
C LYS F 99 61.83 81.62 -71.48
N ASN F 100 61.03 81.36 -72.51
CA ASN F 100 59.62 81.72 -72.51
C ASN F 100 58.76 80.77 -71.70
N ASP F 101 59.27 79.59 -71.34
CA ASP F 101 58.47 78.58 -70.65
C ASP F 101 58.04 79.00 -69.25
N ILE F 102 58.56 80.10 -68.71
CA ILE F 102 58.22 80.50 -67.35
C ILE F 102 56.78 81.01 -67.28
N ALA F 103 56.40 81.88 -68.23
CA ALA F 103 55.10 82.52 -68.17
C ALA F 103 53.94 81.54 -68.31
N ILE F 104 54.17 80.39 -68.95
CA ILE F 104 53.13 79.36 -69.03
C ILE F 104 52.74 78.91 -67.63
N ASN F 105 53.74 78.65 -66.79
CA ASN F 105 53.48 78.27 -65.40
C ASN F 105 52.83 79.41 -64.64
N GLU F 106 53.26 80.64 -64.90
CA GLU F 106 52.69 81.79 -64.20
C GLU F 106 51.23 82.01 -64.55
N LEU F 107 50.80 81.54 -65.73
CA LEU F 107 49.40 81.66 -66.10
C LEU F 107 48.54 80.61 -65.41
N MET F 108 49.05 79.38 -65.28
CA MET F 108 48.30 78.29 -64.68
C MET F 108 48.50 78.20 -63.17
N LYS F 109 49.25 79.14 -62.57
CA LYS F 109 49.33 79.19 -61.12
C LYS F 109 47.98 79.47 -60.48
N ARG F 110 47.01 79.98 -61.25
CA ARG F 110 45.66 80.14 -60.73
C ARG F 110 44.95 78.81 -60.59
N TYR F 111 45.33 77.82 -61.40
CA TYR F 111 44.72 76.49 -61.31
C TYR F 111 45.26 75.72 -60.12
N CYS F 112 46.59 75.70 -59.96
CA CYS F 112 47.23 74.94 -58.90
C CYS F 112 48.18 75.86 -58.13
N PRO F 113 48.27 75.69 -56.80
CA PRO F 113 49.18 76.55 -56.02
C PRO F 113 50.62 76.50 -56.49
N ASN F 114 51.14 75.31 -56.80
CA ASN F 114 52.48 75.16 -57.34
C ASN F 114 52.42 74.23 -58.54
N SER F 115 52.78 74.74 -59.71
CA SER F 115 52.75 73.98 -60.95
C SER F 115 54.18 73.56 -61.31
N VAL F 116 54.40 72.24 -61.37
CA VAL F 116 55.69 71.68 -61.73
C VAL F 116 55.67 71.34 -63.21
N LEU F 117 56.61 71.90 -63.96
CA LEU F 117 56.72 71.62 -65.39
C LEU F 117 57.70 70.48 -65.61
N VAL F 118 57.33 69.56 -66.49
CA VAL F 118 58.12 68.36 -66.76
C VAL F 118 58.61 68.42 -68.20
N ILE F 119 59.91 68.64 -68.37
CA ILE F 119 60.52 68.44 -69.68
C ILE F 119 60.61 66.94 -69.93
N ILE F 120 60.30 66.52 -71.16
CA ILE F 120 60.39 65.11 -71.53
C ILE F 120 61.25 64.98 -72.77
N ASP F 121 61.49 63.73 -73.18
CA ASP F 121 62.27 63.42 -74.36
C ASP F 121 61.57 62.32 -75.14
N VAL F 122 61.20 62.60 -76.39
CA VAL F 122 60.48 61.62 -77.19
C VAL F 122 61.41 60.57 -77.77
N LYS F 123 62.66 60.93 -78.09
CA LYS F 123 63.61 60.00 -78.68
C LYS F 123 64.72 59.69 -77.69
N PRO F 124 64.77 58.50 -77.11
CA PRO F 124 65.83 58.19 -76.15
C PRO F 124 67.19 58.18 -76.82
N LYS F 125 68.12 58.95 -76.26
CA LYS F 125 69.50 58.94 -76.71
C LYS F 125 70.46 58.87 -75.52
N ASP F 126 70.48 59.94 -74.74
CA ASP F 126 71.42 60.11 -73.63
C ASP F 126 70.70 60.87 -72.51
N LEU F 127 71.26 60.91 -71.29
CA LEU F 127 72.38 60.07 -70.87
C LEU F 127 71.93 58.90 -70.00
N GLY F 128 70.62 58.77 -69.82
CA GLY F 128 70.07 58.02 -68.70
C GLY F 128 68.57 58.17 -68.64
N LEU F 129 68.05 58.09 -67.41
CA LEU F 129 66.61 58.23 -67.19
C LEU F 129 66.09 59.46 -67.93
N PRO F 130 65.10 59.31 -68.79
CA PRO F 130 64.70 60.43 -69.66
C PRO F 130 63.96 61.53 -68.92
N THR F 131 63.40 62.43 -69.70
CA THR F 131 62.61 63.59 -69.27
C THR F 131 63.42 64.47 -68.31
N GLU F 132 62.74 65.06 -67.33
CA GLU F 132 63.28 66.04 -66.40
C GLU F 132 62.12 66.60 -65.58
N ALA F 133 62.40 67.26 -64.46
CA ALA F 133 61.36 67.91 -63.69
C ALA F 133 61.84 69.25 -63.15
N TYR F 134 61.07 70.30 -63.39
CA TYR F 134 61.35 71.63 -62.87
C TYR F 134 60.13 72.15 -62.12
N ILE F 135 60.34 72.63 -60.90
CA ILE F 135 59.28 73.17 -60.06
C ILE F 135 59.35 74.70 -60.11
N SER F 136 58.19 75.34 -60.11
CA SER F 136 58.12 76.79 -60.11
C SER F 136 58.33 77.32 -58.70
N VAL F 137 59.40 78.09 -58.51
CA VAL F 137 59.76 78.65 -57.21
C VAL F 137 60.46 79.97 -57.44
N GLU F 138 60.38 80.86 -56.45
CA GLU F 138 61.08 82.13 -56.47
C GLU F 138 62.23 82.04 -55.46
N GLU F 139 63.46 81.96 -55.96
CA GLU F 139 64.64 81.86 -55.12
C GLU F 139 65.33 83.20 -54.92
N VAL F 140 64.84 84.26 -55.55
CA VAL F 140 65.51 85.56 -55.57
C VAL F 140 66.95 85.33 -56.02
N HIS F 141 67.91 85.67 -55.16
CA HIS F 141 69.33 85.46 -55.39
C HIS F 141 70.09 85.95 -54.17
N ASP F 142 71.34 85.52 -54.05
CA ASP F 142 72.22 86.06 -53.03
C ASP F 142 72.70 87.47 -53.39
N ASP F 143 72.55 87.87 -54.65
CA ASP F 143 72.91 89.20 -55.11
C ASP F 143 71.79 90.21 -54.91
N GLY F 144 70.67 89.79 -54.32
CA GLY F 144 69.60 90.72 -53.98
C GLY F 144 68.92 91.35 -55.17
N THR F 145 69.02 90.74 -56.35
CA THR F 145 68.33 91.24 -57.52
C THR F 145 66.83 91.17 -57.31
N PRO F 146 66.05 91.96 -58.06
CA PRO F 146 64.59 91.82 -58.01
C PRO F 146 64.20 90.39 -58.33
N THR F 147 63.22 89.88 -57.57
CA THR F 147 62.94 88.45 -57.57
C THR F 147 62.65 87.95 -58.97
N SER F 148 63.41 86.95 -59.40
CA SER F 148 63.24 86.30 -60.68
C SER F 148 63.13 84.79 -60.45
N LYS F 149 62.55 84.10 -61.41
CA LYS F 149 62.23 82.69 -61.27
C LYS F 149 63.18 81.86 -62.14
N THR F 150 64.06 81.11 -61.48
CA THR F 150 64.89 80.09 -62.12
C THR F 150 64.43 78.75 -61.57
N PHE F 151 63.82 77.95 -62.43
CA PHE F 151 63.18 76.71 -61.99
C PHE F 151 64.21 75.75 -61.40
N GLU F 152 63.92 75.25 -60.20
CA GLU F 152 64.80 74.30 -59.53
C GLU F 152 64.53 72.89 -60.04
N HIS F 153 65.61 72.13 -60.24
CA HIS F 153 65.48 70.79 -60.77
C HIS F 153 64.93 69.83 -59.72
N VAL F 154 63.89 69.09 -60.11
CA VAL F 154 63.30 68.05 -59.27
C VAL F 154 63.73 66.70 -59.81
N THR F 155 64.25 65.85 -58.93
CA THR F 155 64.67 64.52 -59.33
C THR F 155 63.46 63.68 -59.73
N SER F 156 63.54 63.05 -60.90
CA SER F 156 62.45 62.25 -61.44
C SER F 156 62.80 60.77 -61.41
N GLU F 157 61.84 59.94 -61.04
CA GLU F 157 61.99 58.50 -61.00
C GLU F 157 60.81 57.85 -61.69
N ILE F 158 61.05 56.66 -62.25
CA ILE F 158 60.03 55.91 -62.98
C ILE F 158 59.50 54.82 -62.05
N GLY F 159 58.17 54.70 -62.00
CA GLY F 159 57.52 53.69 -61.18
C GLY F 159 56.16 53.36 -61.74
N ALA F 160 55.49 52.44 -61.05
CA ALA F 160 54.15 52.00 -61.44
C ALA F 160 53.47 51.41 -60.21
N GLU F 161 52.24 50.92 -60.40
CA GLU F 161 51.47 50.43 -59.27
C GLU F 161 51.09 48.96 -59.45
N GLU F 162 50.06 48.68 -60.27
CA GLU F 162 49.67 47.31 -60.52
C GLU F 162 49.48 47.03 -61.99
N ALA F 163 48.42 47.61 -62.59
CA ALA F 163 48.10 47.33 -63.98
C ALA F 163 49.14 47.92 -64.92
N GLU F 164 49.63 49.13 -64.60
CA GLU F 164 50.72 49.72 -65.37
C GLU F 164 51.99 48.88 -65.30
N GLU F 165 52.15 48.06 -64.26
CA GLU F 165 53.22 47.08 -64.25
C GLU F 165 52.91 45.91 -65.18
N VAL F 166 51.64 45.49 -65.23
CA VAL F 166 51.27 44.32 -66.03
C VAL F 166 51.58 44.56 -67.50
N GLY F 167 51.20 45.72 -68.02
CA GLY F 167 51.37 46.02 -69.43
C GLY F 167 52.81 46.02 -69.89
N VAL F 168 53.68 46.75 -69.19
CA VAL F 168 55.06 46.92 -69.65
C VAL F 168 55.89 45.68 -69.36
N GLU F 169 55.63 45.02 -68.22
CA GLU F 169 56.41 43.84 -67.86
C GLU F 169 56.19 42.71 -68.85
N HIS F 170 55.01 42.64 -69.47
CA HIS F 170 54.82 41.71 -70.57
C HIS F 170 55.36 42.26 -71.88
N LEU F 171 55.41 43.58 -72.02
CA LEU F 171 55.82 44.20 -73.27
C LEU F 171 57.32 44.20 -73.49
N LEU F 172 58.13 43.97 -72.44
CA LEU F 172 59.57 43.95 -72.62
C LEU F 172 59.98 42.90 -73.63
N ARG F 173 59.84 41.62 -73.29
CA ARG F 173 60.15 40.50 -74.19
C ARG F 173 61.51 40.69 -74.87
N ASP F 174 62.49 41.16 -74.10
CA ASP F 174 63.76 41.57 -74.68
C ASP F 174 64.96 40.92 -74.00
N ILE F 175 65.22 41.29 -72.74
CA ILE F 175 66.43 40.89 -72.05
C ILE F 175 66.06 40.02 -70.86
N LYS F 176 67.03 39.22 -70.42
CA LYS F 176 66.83 38.33 -69.29
C LYS F 176 66.45 39.11 -68.03
N ASP F 177 65.67 38.47 -67.17
CA ASP F 177 65.22 39.11 -65.94
C ASP F 177 65.49 38.21 -64.72
N THR F 178 66.28 38.72 -63.77
CA THR F 178 66.92 40.03 -63.88
C THR F 178 68.20 40.07 -64.76
N THR F 179 69.14 39.12 -64.62
CA THR F 179 69.20 38.07 -63.61
C THR F 179 69.94 38.56 -62.37
N VAL F 180 69.47 38.14 -61.20
CA VAL F 180 69.97 38.68 -59.94
C VAL F 180 71.32 38.08 -59.61
N GLY F 181 72.33 38.93 -59.40
CA GLY F 181 73.59 38.56 -58.83
C GLY F 181 74.73 38.39 -59.81
N THR F 182 74.45 38.12 -61.07
CA THR F 182 75.55 37.85 -62.01
C THR F 182 75.75 39.00 -63.00
N LEU F 183 74.89 39.12 -64.00
CA LEU F 183 75.07 40.17 -65.01
C LEU F 183 74.56 41.52 -64.53
N SER F 184 73.57 41.52 -63.64
CA SER F 184 72.92 42.75 -63.22
C SER F 184 73.91 43.78 -62.69
N GLN F 185 74.57 43.46 -61.58
CA GLN F 185 75.42 44.43 -60.91
C GLN F 185 76.58 44.89 -61.78
N ARG F 186 77.11 44.00 -62.62
CA ARG F 186 78.31 44.36 -63.39
C ARG F 186 77.98 45.22 -64.59
N ILE F 187 76.83 44.99 -65.24
CA ILE F 187 76.41 45.90 -66.31
C ILE F 187 76.10 47.28 -65.73
N THR F 188 75.50 47.32 -64.54
CA THR F 188 75.31 48.59 -63.85
C THR F 188 76.65 49.25 -63.53
N ASN F 189 77.68 48.45 -63.27
CA ASN F 189 79.02 49.00 -63.08
C ASN F 189 79.55 49.64 -64.36
N GLN F 190 79.19 49.08 -65.51
CA GLN F 190 79.55 49.71 -66.78
C GLN F 190 78.74 50.99 -67.01
N VAL F 191 77.41 50.89 -66.90
CA VAL F 191 76.56 52.02 -67.26
C VAL F 191 76.77 53.18 -66.30
N HIS F 192 76.57 52.95 -65.00
CA HIS F 192 76.66 54.06 -64.03
C HIS F 192 78.07 54.63 -64.00
N GLY F 193 79.09 53.78 -64.17
CA GLY F 193 80.46 54.25 -64.22
C GLY F 193 80.76 55.05 -65.47
N LEU F 194 80.53 54.45 -66.64
CA LEU F 194 80.92 55.09 -67.90
C LEU F 194 80.03 56.29 -68.20
N LYS F 195 78.71 56.16 -67.99
CA LYS F 195 77.85 57.32 -68.14
C LYS F 195 78.16 58.39 -67.10
N GLY F 196 78.78 58.01 -65.98
CA GLY F 196 79.27 59.01 -65.05
C GLY F 196 80.55 59.66 -65.54
N LEU F 197 81.33 58.94 -66.36
CA LEU F 197 82.53 59.53 -66.93
C LEU F 197 82.20 60.60 -67.96
N ASN F 198 81.35 60.27 -68.93
CA ASN F 198 81.03 61.22 -69.98
C ASN F 198 80.08 62.31 -69.50
N SER F 199 79.33 62.05 -68.43
CA SER F 199 78.51 63.09 -67.80
C SER F 199 79.38 64.25 -67.38
N LYS F 200 80.22 64.03 -66.36
CA LYS F 200 81.08 65.08 -65.86
C LYS F 200 82.07 65.57 -66.91
N LEU F 201 82.50 64.70 -67.83
CA LEU F 201 83.35 65.12 -68.93
C LEU F 201 82.68 66.23 -69.73
N LEU F 202 81.53 65.92 -70.36
CA LEU F 202 80.79 66.93 -71.10
C LEU F 202 80.34 68.07 -70.20
N ASP F 203 80.05 67.78 -68.93
CA ASP F 203 79.68 68.84 -68.00
C ASP F 203 80.88 69.71 -67.64
N ILE F 204 82.06 69.12 -67.50
CA ILE F 204 83.25 69.93 -67.31
C ILE F 204 83.67 70.58 -68.62
N ARG F 205 83.29 69.97 -69.76
CA ARG F 205 83.50 70.64 -71.04
C ARG F 205 82.65 71.91 -71.12
N SER F 206 81.44 71.87 -70.58
CA SER F 206 80.62 73.07 -70.48
C SER F 206 81.18 74.04 -69.45
N TYR F 207 81.84 73.53 -68.40
CA TYR F 207 82.44 74.42 -67.40
C TYR F 207 83.50 75.32 -68.02
N LEU F 208 84.37 74.74 -68.87
CA LEU F 208 85.39 75.54 -69.51
C LEU F 208 84.86 76.31 -70.71
N GLU F 209 83.91 75.72 -71.45
CA GLU F 209 83.36 76.40 -72.62
C GLU F 209 82.59 77.65 -72.22
N LYS F 210 81.83 77.58 -71.13
CA LYS F 210 81.09 78.75 -70.67
C LYS F 210 82.04 79.87 -70.23
N VAL F 211 83.21 79.52 -69.69
CA VAL F 211 84.21 80.53 -69.36
C VAL F 211 84.87 81.05 -70.63
N ALA F 212 85.10 80.17 -71.61
CA ALA F 212 85.69 80.59 -72.87
C ALA F 212 84.72 81.44 -73.68
N THR F 213 83.50 80.96 -73.87
CA THR F 213 82.47 81.66 -74.63
C THR F 213 81.17 81.67 -73.83
N GLY F 214 80.42 82.76 -73.95
CA GLY F 214 79.16 82.91 -73.26
C GLY F 214 79.17 83.90 -72.12
N LYS F 215 80.34 84.34 -71.68
CA LYS F 215 80.43 85.32 -70.61
C LYS F 215 79.73 86.59 -71.08
N LEU F 216 78.75 87.08 -70.31
CA LEU F 216 78.68 86.84 -68.88
C LEU F 216 77.78 85.66 -68.51
N PRO F 217 78.32 84.76 -67.69
CA PRO F 217 79.69 84.94 -67.20
C PRO F 217 80.51 83.64 -67.18
N ILE F 218 79.85 82.49 -67.04
CA ILE F 218 79.05 82.14 -65.87
C ILE F 218 79.95 81.86 -64.67
N ASN F 219 80.39 82.93 -64.02
CA ASN F 219 81.52 82.89 -63.08
C ASN F 219 81.66 84.21 -62.35
N HIS F 220 81.24 84.23 -61.08
CA HIS F 220 80.81 83.02 -60.40
C HIS F 220 79.68 83.29 -59.42
N GLN F 221 78.44 83.05 -59.86
CA GLN F 221 77.33 82.91 -58.93
C GLN F 221 77.57 81.69 -58.04
N ILE F 222 77.94 80.57 -58.66
CA ILE F 222 78.22 79.33 -57.94
C ILE F 222 79.57 78.75 -58.34
N ILE F 223 80.19 79.30 -59.39
CA ILE F 223 81.42 78.73 -59.94
C ILE F 223 82.48 78.56 -58.85
N TYR F 224 82.77 79.65 -58.15
CA TYR F 224 83.81 79.65 -57.11
C TYR F 224 83.54 78.70 -55.94
N GLN F 225 82.28 78.57 -55.55
CA GLN F 225 81.91 77.71 -54.42
C GLN F 225 81.75 76.27 -54.86
N LEU F 226 81.11 76.06 -56.01
CA LEU F 226 80.91 74.71 -56.52
C LEU F 226 82.24 74.06 -56.86
N GLN F 227 83.14 74.82 -57.49
CA GLN F 227 84.45 74.28 -57.86
C GLN F 227 85.29 74.00 -56.63
N ASP F 228 85.15 74.82 -55.59
CA ASP F 228 85.82 74.52 -54.33
C ASP F 228 85.23 73.30 -53.65
N VAL F 229 83.92 73.06 -53.81
CA VAL F 229 83.34 71.81 -53.34
C VAL F 229 83.96 70.62 -54.07
N PHE F 230 84.33 70.81 -55.34
CA PHE F 230 85.09 69.78 -56.03
C PHE F 230 86.48 69.61 -55.42
N ASN F 231 87.04 70.70 -54.90
CA ASN F 231 88.35 70.66 -54.24
C ASN F 231 88.24 70.34 -52.77
N LEU F 232 87.04 70.05 -52.25
CA LEU F 232 86.88 69.65 -50.86
C LEU F 232 87.74 68.44 -50.53
N LEU F 233 87.52 67.34 -51.25
CA LEU F 233 88.23 66.09 -51.00
C LEU F 233 89.08 65.71 -52.20
N PRO F 234 90.41 65.66 -52.07
CA PRO F 234 91.23 65.16 -53.18
C PRO F 234 90.98 63.68 -53.55
N ASP F 235 90.88 62.71 -52.63
CA ASP F 235 91.29 62.77 -51.22
C ASP F 235 92.06 61.49 -50.92
N VAL F 236 93.33 61.61 -50.55
CA VAL F 236 94.20 60.44 -50.44
C VAL F 236 94.81 60.33 -49.05
N SER F 237 95.56 59.25 -48.83
CA SER F 237 96.28 59.03 -47.58
C SER F 237 97.66 59.71 -47.69
N LEU F 238 98.50 59.74 -46.65
CA LEU F 238 98.26 59.27 -45.28
C LEU F 238 97.19 60.11 -44.57
N GLN F 239 96.56 59.61 -43.51
CA GLN F 239 96.93 58.37 -42.81
C GLN F 239 95.80 57.36 -42.69
N GLU F 240 94.72 57.75 -42.00
CA GLU F 240 93.64 56.83 -41.67
C GLU F 240 93.11 56.08 -42.89
N PHE F 241 93.24 56.67 -44.09
CA PHE F 241 92.85 55.97 -45.29
C PHE F 241 93.71 54.74 -45.55
N VAL F 242 94.92 54.69 -45.02
CA VAL F 242 95.72 53.47 -45.07
C VAL F 242 95.14 52.42 -44.12
N LYS F 243 94.64 52.87 -42.96
CA LYS F 243 94.01 51.94 -42.03
C LYS F 243 92.73 51.34 -42.62
N ALA F 244 91.99 52.14 -43.39
CA ALA F 244 90.78 51.64 -44.03
C ALA F 244 91.11 50.57 -45.06
N PHE F 245 92.28 50.62 -45.66
CA PHE F 245 92.72 49.64 -46.64
C PHE F 245 92.72 48.23 -46.07
N TYR F 246 93.63 47.94 -45.14
CA TYR F 246 93.72 46.60 -44.60
C TYR F 246 92.53 46.26 -43.71
N LEU F 247 91.79 47.28 -43.23
CA LEU F 247 90.52 47.00 -42.58
C LEU F 247 89.51 46.47 -43.59
N LYS F 248 89.45 47.09 -44.77
CA LYS F 248 88.65 46.53 -45.86
C LYS F 248 89.15 45.15 -46.25
N THR F 249 90.47 44.94 -46.21
CA THR F 249 91.00 43.59 -46.39
C THR F 249 90.47 42.65 -45.31
N ASN F 250 90.40 43.14 -44.07
CA ASN F 250 89.83 42.35 -42.98
C ASN F 250 88.33 42.16 -43.15
N ASP F 251 87.68 43.00 -43.97
CA ASP F 251 86.26 42.84 -44.23
C ASP F 251 86.01 41.73 -45.25
N GLN F 252 86.87 41.64 -46.27
CA GLN F 252 86.72 40.61 -47.29
C GLN F 252 87.11 39.23 -46.77
N MET F 253 87.86 39.16 -45.67
CA MET F 253 88.20 37.92 -44.99
C MET F 253 86.98 37.03 -44.81
N VAL F 254 86.00 37.53 -44.05
CA VAL F 254 84.86 36.72 -43.63
C VAL F 254 84.11 36.18 -44.85
N VAL F 255 83.82 37.07 -45.81
CA VAL F 255 82.96 36.68 -46.93
C VAL F 255 83.64 35.63 -47.79
N VAL F 256 84.94 35.80 -48.05
CA VAL F 256 85.66 34.82 -48.86
C VAL F 256 85.91 33.54 -48.06
N TYR F 257 86.08 33.66 -46.75
CA TYR F 257 86.11 32.48 -45.89
C TYR F 257 84.81 31.68 -46.02
N LEU F 258 83.68 32.39 -45.95
CA LEU F 258 82.39 31.74 -46.16
C LEU F 258 82.29 31.15 -47.56
N ALA F 259 82.88 31.84 -48.55
CA ALA F 259 82.89 31.32 -49.92
C ALA F 259 83.55 29.94 -49.97
N SER F 260 84.72 29.80 -49.34
CA SER F 260 85.38 28.50 -49.30
C SER F 260 84.54 27.48 -48.54
N LEU F 261 83.72 27.93 -47.58
CA LEU F 261 82.85 27.02 -46.85
C LEU F 261 81.75 26.49 -47.75
N ILE F 262 81.12 27.37 -48.55
CA ILE F 262 80.11 26.91 -49.51
C ILE F 262 80.74 26.01 -50.56
N ARG F 263 81.99 26.29 -50.95
CA ARG F 263 82.69 25.43 -51.90
C ARG F 263 82.80 24.01 -51.37
N SER F 264 83.16 23.87 -50.09
CA SER F 264 83.32 22.54 -49.51
C SER F 264 81.97 21.85 -49.37
N VAL F 265 80.92 22.59 -49.03
CA VAL F 265 79.60 21.99 -48.83
C VAL F 265 78.99 21.60 -50.17
N VAL F 266 79.10 22.48 -51.17
CA VAL F 266 78.53 22.19 -52.49
C VAL F 266 79.27 21.03 -53.14
N ALA F 267 80.60 21.03 -53.04
CA ALA F 267 81.38 19.94 -53.61
C ALA F 267 81.13 18.63 -52.89
N LEU F 268 81.03 18.66 -51.57
CA LEU F 268 80.74 17.45 -50.80
C LEU F 268 79.43 16.82 -51.26
N HIS F 269 78.32 17.53 -51.08
CA HIS F 269 77.00 17.00 -51.41
C HIS F 269 76.93 16.55 -52.86
N ASN F 270 77.12 17.49 -53.80
CA ASN F 270 76.89 17.18 -55.22
C ASN F 270 77.81 16.05 -55.72
N LEU F 271 79.10 16.13 -55.41
CA LEU F 271 80.04 15.15 -55.96
C LEU F 271 79.79 13.77 -55.39
N ILE F 272 79.59 13.67 -54.08
CA ILE F 272 79.37 12.37 -53.45
C ILE F 272 78.08 11.74 -53.97
N ASN F 273 76.99 12.51 -53.95
CA ASN F 273 75.69 11.97 -54.35
C ASN F 273 75.66 11.63 -55.84
N ASN F 274 76.32 12.45 -56.67
CA ASN F 274 76.31 12.18 -58.11
C ASN F 274 77.12 10.92 -58.43
N LYS F 275 78.31 10.79 -57.84
CA LYS F 275 79.12 9.60 -58.06
C LYS F 275 78.43 8.34 -57.54
N ILE F 276 77.71 8.45 -56.42
CA ILE F 276 76.91 7.33 -55.92
C ILE F 276 75.92 6.89 -56.98
N ALA F 277 75.00 7.79 -57.35
CA ALA F 277 73.98 7.45 -58.35
C ALA F 277 74.59 7.13 -59.71
N ASN F 278 75.82 7.59 -59.96
CA ASN F 278 76.50 7.26 -61.21
C ASN F 278 77.01 5.83 -61.18
N ARG F 279 77.93 5.53 -60.24
CA ARG F 279 78.49 4.20 -60.15
C ARG F 279 77.42 3.14 -59.94
N ASP F 280 76.32 3.49 -59.26
CA ASP F 280 75.25 2.53 -59.03
C ASP F 280 74.49 2.24 -60.33
N ALA F 281 74.18 3.27 -61.10
CA ALA F 281 73.46 3.07 -62.34
C ALA F 281 74.29 2.28 -63.36
N GLU F 282 75.62 2.44 -63.31
CA GLU F 282 76.48 1.74 -64.25
C GLU F 282 76.67 0.29 -63.84
N LYS F 283 76.91 0.04 -62.55
CA LYS F 283 77.17 -1.32 -62.10
C LYS F 283 75.90 -2.17 -62.09
N LYS F 284 74.74 -1.55 -61.90
CA LYS F 284 73.49 -2.30 -61.92
C LYS F 284 73.03 -2.59 -63.34
N GLU F 285 73.15 -1.62 -64.24
CA GLU F 285 72.74 -1.83 -65.62
C GLU F 285 73.77 -2.64 -66.39
N GLY F 286 75.06 -2.40 -66.12
CA GLY F 286 76.12 -3.14 -66.78
C GLY F 286 76.53 -4.39 -66.03
N VAL G 1 38.59 127.45 -62.96
CA VAL G 1 39.58 126.38 -63.08
C VAL G 1 40.64 126.67 -64.16
N PRO G 2 40.23 127.10 -65.37
CA PRO G 2 41.25 127.45 -66.37
C PRO G 2 42.13 128.61 -65.92
N GLY G 3 41.55 129.64 -65.31
CA GLY G 3 42.35 130.78 -64.86
C GLY G 3 43.32 130.41 -63.75
N PHE G 4 43.06 129.31 -63.05
CA PHE G 4 43.97 128.88 -61.99
C PHE G 4 45.29 128.40 -62.57
N LEU G 5 45.25 127.73 -63.72
CA LEU G 5 46.47 127.33 -64.42
C LEU G 5 47.00 128.40 -65.36
N GLN G 6 46.21 129.44 -65.65
CA GLN G 6 46.69 130.53 -66.49
C GLN G 6 47.56 131.49 -65.70
N GLN G 7 47.25 131.72 -64.42
CA GLN G 7 48.08 132.60 -63.60
C GLN G 7 49.43 131.96 -63.30
N SER G 8 49.50 130.63 -63.29
CA SER G 8 50.74 129.91 -63.08
C SER G 8 51.42 129.53 -64.39
N GLN G 9 50.87 129.95 -65.53
CA GLN G 9 51.41 129.54 -66.83
C GLN G 9 52.83 130.04 -67.04
N SER G 10 53.16 131.22 -66.51
CA SER G 10 54.47 131.82 -66.71
C SER G 10 55.28 131.67 -65.43
N SER G 11 56.28 130.79 -65.46
CA SER G 11 57.22 130.64 -64.36
C SER G 11 58.52 131.39 -64.59
N GLY G 12 58.68 132.05 -65.74
CA GLY G 12 59.90 132.75 -66.07
C GLY G 12 60.13 132.81 -67.56
N PRO G 13 61.34 133.18 -67.97
CA PRO G 13 61.64 133.27 -69.41
C PRO G 13 61.69 131.88 -70.04
N GLY G 14 61.04 131.75 -71.19
CA GLY G 14 61.00 130.49 -71.91
C GLY G 14 59.97 129.51 -71.42
N GLN G 15 59.44 129.69 -70.21
CA GLN G 15 58.43 128.75 -69.70
C GLN G 15 57.11 128.85 -70.46
N PRO G 16 56.53 130.04 -70.70
CA PRO G 16 55.25 130.07 -71.43
C PRO G 16 55.34 129.53 -72.85
N ALA G 17 56.55 129.46 -73.43
CA ALA G 17 56.70 128.89 -74.77
C ALA G 17 56.16 127.47 -74.82
N VAL G 18 56.79 126.56 -74.06
CA VAL G 18 56.30 125.19 -73.98
C VAL G 18 54.97 125.10 -73.25
N TRP G 19 54.63 126.10 -72.43
CA TRP G 19 53.34 126.10 -71.75
C TRP G 19 52.19 126.42 -72.70
N HIS G 20 52.46 127.09 -73.82
CA HIS G 20 51.43 127.24 -74.83
C HIS G 20 50.99 125.88 -75.37
N ARG G 21 51.94 124.94 -75.47
CA ARG G 21 51.59 123.58 -75.83
C ARG G 21 50.98 122.83 -74.64
N LEU G 22 51.46 123.14 -73.43
CA LEU G 22 50.94 122.47 -72.24
C LEU G 22 49.46 122.76 -72.04
N GLU G 23 49.04 124.00 -72.25
CA GLU G 23 47.63 124.35 -72.16
C GLU G 23 46.82 123.82 -73.33
N GLU G 24 47.46 123.57 -74.47
CA GLU G 24 46.78 122.93 -75.60
C GLU G 24 46.69 121.42 -75.45
N LEU G 25 47.37 120.85 -74.45
CA LEU G 25 47.31 119.41 -74.23
C LEU G 25 46.03 119.00 -73.51
N TYR G 26 45.55 119.81 -72.56
CA TYR G 26 44.31 119.49 -71.88
C TYR G 26 43.08 119.98 -72.64
N THR G 27 43.25 120.86 -73.63
CA THR G 27 42.13 121.19 -74.50
C THR G 27 41.71 120.00 -75.34
N LYS G 28 42.69 119.26 -75.87
CA LYS G 28 42.42 117.98 -76.50
C LYS G 28 42.10 116.89 -75.48
N LYS G 29 42.20 117.20 -74.19
CA LYS G 29 41.84 116.29 -73.11
C LYS G 29 42.71 115.03 -73.11
N LEU G 30 44.01 115.22 -73.31
CA LEU G 30 44.99 114.14 -73.17
C LEU G 30 45.88 114.48 -71.98
N TRP G 31 45.79 113.66 -70.93
CA TRP G 31 46.48 113.90 -69.68
C TRP G 31 47.83 113.18 -69.58
N HIS G 32 48.26 112.51 -70.64
CA HIS G 32 49.43 111.62 -70.60
C HIS G 32 50.68 112.29 -71.17
N GLN G 33 50.66 112.70 -72.44
CA GLN G 33 51.66 113.66 -72.89
C GLN G 33 51.65 114.89 -72.01
N LEU G 34 50.50 115.22 -71.43
CA LEU G 34 50.45 116.23 -70.38
C LEU G 34 51.17 115.75 -69.12
N THR G 35 50.97 114.48 -68.74
CA THR G 35 51.70 113.93 -67.60
C THR G 35 53.21 113.98 -67.80
N LEU G 36 53.70 113.57 -68.98
CA LEU G 36 55.13 113.58 -69.23
C LEU G 36 55.70 114.99 -69.30
N GLN G 37 54.93 115.96 -69.80
CA GLN G 37 55.42 117.33 -69.91
C GLN G 37 55.36 118.04 -68.57
N VAL G 38 54.31 117.79 -67.78
CA VAL G 38 54.20 118.40 -66.46
C VAL G 38 55.25 117.80 -65.52
N LEU G 39 55.37 116.46 -65.53
CA LEU G 39 56.40 115.80 -64.73
C LEU G 39 57.79 116.30 -65.12
N ASP G 40 58.00 116.61 -66.40
CA ASP G 40 59.27 117.20 -66.81
C ASP G 40 59.45 118.58 -66.22
N PHE G 41 58.37 119.36 -66.12
CA PHE G 41 58.45 120.65 -65.45
C PHE G 41 58.63 120.48 -63.94
N VAL G 42 58.02 119.44 -63.36
CA VAL G 42 58.25 119.15 -61.95
C VAL G 42 59.68 118.67 -61.73
N GLN G 43 60.17 117.81 -62.63
CA GLN G 43 61.57 117.39 -62.56
C GLN G 43 62.51 118.55 -62.83
N ASP G 44 62.07 119.53 -63.62
CA ASP G 44 62.84 120.74 -63.85
C ASP G 44 62.96 121.52 -62.54
N PRO G 45 64.18 121.76 -62.04
CA PRO G 45 64.32 122.49 -60.78
C PRO G 45 63.78 123.91 -60.89
N CYS G 46 63.00 124.31 -59.89
CA CYS G 46 62.37 125.62 -59.86
C CYS G 46 62.44 126.14 -58.42
N PHE G 47 61.73 127.23 -58.16
CA PHE G 47 61.73 127.88 -56.84
C PHE G 47 61.49 126.93 -55.64
N ALA G 48 60.47 126.06 -55.65
CA ALA G 48 59.44 125.94 -56.68
C ALA G 48 58.06 126.28 -56.12
N GLN G 49 57.53 127.42 -56.53
CA GLN G 49 56.16 127.81 -56.17
C GLN G 49 55.15 127.46 -57.25
N GLY G 50 55.60 126.96 -58.40
CA GLY G 50 54.70 126.59 -59.47
C GLY G 50 54.00 125.27 -59.22
N ASP G 51 54.77 124.27 -58.78
CA ASP G 51 54.19 122.96 -58.52
C ASP G 51 53.34 122.96 -57.27
N GLY G 52 53.66 123.83 -56.30
CA GLY G 52 52.85 123.89 -55.08
C GLY G 52 51.46 124.42 -55.34
N LEU G 53 51.33 125.38 -56.26
CA LEU G 53 50.02 125.90 -56.62
C LEU G 53 49.29 124.95 -57.56
N ILE G 54 49.98 124.45 -58.59
CA ILE G 54 49.33 123.66 -59.63
C ILE G 54 49.03 122.23 -59.20
N LYS G 55 49.56 121.78 -58.05
CA LYS G 55 49.26 120.44 -57.57
C LYS G 55 47.79 120.27 -57.24
N LEU G 56 47.08 121.36 -56.95
CA LEU G 56 45.64 121.28 -56.73
C LEU G 56 44.91 121.00 -58.04
N TYR G 57 45.38 121.61 -59.14
CA TYR G 57 44.79 121.31 -60.44
C TYR G 57 45.13 119.89 -60.89
N GLU G 58 46.37 119.46 -60.64
CA GLU G 58 46.73 118.07 -60.91
C GLU G 58 45.92 117.12 -60.04
N ASN G 59 45.61 117.54 -58.81
CA ASN G 59 44.69 116.77 -57.98
C ASN G 59 43.30 116.76 -58.58
N PHE G 60 42.85 117.92 -59.09
CA PHE G 60 41.56 117.97 -59.77
C PHE G 60 41.53 117.07 -60.99
N ILE G 61 42.66 116.98 -61.70
CA ILE G 61 42.75 116.04 -62.80
C ILE G 61 42.53 114.62 -62.31
N SER G 62 43.25 114.21 -61.25
CA SER G 62 43.11 112.86 -60.73
C SER G 62 41.70 112.58 -60.24
N GLU G 63 40.96 113.61 -59.84
CA GLU G 63 39.59 113.44 -59.37
C GLU G 63 38.70 112.82 -60.44
N PHE G 64 38.42 113.55 -61.52
CA PHE G 64 37.50 113.06 -62.53
C PHE G 64 38.14 112.08 -63.50
N GLU G 65 39.47 112.11 -63.66
CA GLU G 65 40.13 111.16 -64.53
C GLU G 65 40.28 109.80 -63.87
N HIS G 66 40.41 109.76 -62.55
CA HIS G 66 40.22 108.58 -61.70
C HIS G 66 41.22 107.46 -62.00
N ARG G 67 42.08 107.65 -63.00
CA ARG G 67 42.90 106.59 -63.55
C ARG G 67 44.38 106.74 -63.21
N VAL G 68 45.00 107.87 -63.58
CA VAL G 68 46.45 107.99 -63.68
C VAL G 68 47.13 107.44 -62.43
N ASN G 69 48.18 106.65 -62.64
CA ASN G 69 48.82 105.89 -61.59
C ASN G 69 49.39 106.81 -60.51
N PRO G 70 49.39 106.36 -59.26
CA PRO G 70 50.01 107.16 -58.18
C PRO G 70 51.51 107.32 -58.32
N LEU G 71 52.16 106.53 -59.18
CA LEU G 71 53.62 106.65 -59.37
C LEU G 71 54.01 108.09 -59.68
N SER G 72 53.35 108.69 -60.68
CA SER G 72 53.63 110.10 -60.99
C SER G 72 53.25 111.02 -59.84
N LEU G 73 52.24 110.64 -59.05
CA LEU G 73 51.86 111.44 -57.89
C LEU G 73 52.91 111.35 -56.78
N VAL G 74 53.62 110.23 -56.71
CA VAL G 74 54.73 110.13 -55.75
C VAL G 74 55.94 110.89 -56.26
N GLU G 75 56.14 110.89 -57.58
CA GLU G 75 57.29 111.59 -58.15
C GLU G 75 57.15 113.10 -58.03
N ILE G 76 55.92 113.61 -58.09
CA ILE G 76 55.72 115.05 -57.93
C ILE G 76 55.74 115.43 -56.46
N ILE G 77 55.23 114.57 -55.58
CA ILE G 77 55.16 114.93 -54.16
C ILE G 77 56.54 114.90 -53.52
N LEU G 78 57.47 114.12 -54.08
CA LEU G 78 58.83 114.13 -53.55
C LEU G 78 59.59 115.37 -54.00
N HIS G 79 59.17 116.00 -55.11
CA HIS G 79 59.75 117.29 -55.49
C HIS G 79 59.13 118.43 -54.69
N VAL G 80 57.84 118.33 -54.38
CA VAL G 80 57.17 119.42 -53.67
C VAL G 80 57.55 119.42 -52.19
N VAL G 81 57.73 118.24 -51.61
CA VAL G 81 58.05 118.15 -50.18
C VAL G 81 59.37 118.84 -49.87
N ARG G 82 60.29 118.89 -50.84
CA ARG G 82 61.56 119.58 -50.61
C ARG G 82 61.33 121.08 -50.43
N GLN G 83 60.40 121.66 -51.17
CA GLN G 83 60.07 123.07 -51.01
C GLN G 83 59.11 123.31 -49.85
N MET G 84 58.34 122.30 -49.43
CA MET G 84 57.43 122.48 -48.31
C MET G 84 58.16 122.52 -46.98
N THR G 85 59.27 121.78 -46.87
CA THR G 85 60.17 121.79 -45.71
C THR G 85 59.51 121.25 -44.44
N ASP G 86 58.21 120.96 -44.49
CA ASP G 86 57.50 120.41 -43.35
C ASP G 86 57.05 118.99 -43.67
N PRO G 87 57.65 117.96 -43.06
CA PRO G 87 57.24 116.59 -43.38
C PRO G 87 55.86 116.22 -42.85
N ASN G 88 55.37 116.90 -41.83
CA ASN G 88 54.10 116.50 -41.22
C ASN G 88 52.93 116.74 -42.15
N VAL G 89 52.80 117.97 -42.67
CA VAL G 89 51.73 118.26 -43.63
C VAL G 89 51.93 117.46 -44.90
N ALA G 90 53.18 117.12 -45.23
CA ALA G 90 53.44 116.24 -46.36
C ALA G 90 53.00 114.81 -46.09
N LEU G 91 53.07 114.35 -44.83
CA LEU G 91 52.60 113.02 -44.50
C LEU G 91 51.08 112.95 -44.52
N THR G 92 50.40 114.02 -44.11
CA THR G 92 48.94 114.04 -44.15
C THR G 92 48.42 114.04 -45.58
N PHE G 93 49.11 114.77 -46.46
CA PHE G 93 48.68 114.82 -47.85
C PHE G 93 49.07 113.56 -48.60
N LEU G 94 50.25 113.00 -48.31
CA LEU G 94 50.69 111.79 -49.01
C LEU G 94 49.83 110.59 -48.60
N GLU G 95 49.56 110.44 -47.31
CA GLU G 95 48.66 109.38 -46.87
C GLU G 95 47.24 109.61 -47.39
N LYS G 96 46.87 110.87 -47.63
CA LYS G 96 45.61 111.16 -48.31
C LYS G 96 45.64 110.64 -49.74
N THR G 97 46.77 110.86 -50.44
CA THR G 97 46.93 110.30 -51.78
C THR G 97 47.01 108.78 -51.75
N ARG G 98 47.42 108.20 -50.62
CA ARG G 98 47.46 106.75 -50.53
C ARG G 98 46.06 106.16 -50.41
N GLU G 99 45.20 106.79 -49.61
CA GLU G 99 43.85 106.27 -49.39
C GLU G 99 42.88 106.64 -50.49
N LYS G 100 43.17 107.67 -51.29
CA LYS G 100 42.26 108.14 -52.32
C LYS G 100 42.56 107.55 -53.69
N VAL G 101 43.60 106.74 -53.83
CA VAL G 101 44.01 106.19 -55.11
C VAL G 101 44.05 104.66 -54.99
N LYS G 102 43.42 103.98 -55.94
CA LYS G 102 43.42 102.53 -55.99
C LYS G 102 43.53 102.07 -57.44
N SER G 103 44.33 101.05 -57.68
CA SER G 103 44.56 100.53 -59.02
C SER G 103 45.00 99.09 -58.91
N SER G 104 44.94 98.38 -60.05
CA SER G 104 45.39 96.99 -60.09
C SER G 104 46.85 96.87 -59.65
N ASP G 105 47.70 97.78 -60.13
CA ASP G 105 49.05 97.85 -59.62
C ASP G 105 49.03 98.32 -58.17
N GLU G 106 49.80 97.66 -57.32
CA GLU G 106 49.76 97.93 -55.89
C GLU G 106 50.34 99.32 -55.62
N ALA G 107 49.54 100.17 -54.98
CA ALA G 107 49.98 101.50 -54.59
C ALA G 107 50.57 101.55 -53.18
N VAL G 108 50.47 100.46 -52.43
CA VAL G 108 51.01 100.45 -51.07
C VAL G 108 52.53 100.45 -51.08
N ILE G 109 53.14 99.85 -52.10
CA ILE G 109 54.60 99.77 -52.15
C ILE G 109 55.19 101.14 -52.47
N LEU G 110 54.54 101.91 -53.34
CA LEU G 110 55.07 103.22 -53.71
C LEU G 110 54.73 104.27 -52.66
N CYS G 111 53.61 104.10 -51.95
CA CYS G 111 53.24 105.06 -50.91
C CYS G 111 54.07 104.86 -49.65
N LYS G 112 54.26 103.61 -49.24
CA LYS G 112 55.06 103.35 -48.04
C LYS G 112 56.52 103.70 -48.23
N THR G 113 57.05 103.55 -49.46
CA THR G 113 58.41 104.00 -49.73
C THR G 113 58.50 105.52 -49.73
N ALA G 114 57.43 106.20 -50.16
CA ALA G 114 57.40 107.65 -50.08
C ALA G 114 57.27 108.12 -48.63
N ILE G 115 56.49 107.40 -47.82
CA ILE G 115 56.40 107.72 -46.40
C ILE G 115 57.74 107.46 -45.71
N GLY G 116 58.39 106.36 -46.08
CA GLY G 116 59.69 106.06 -45.49
C GLY G 116 60.77 107.05 -45.90
N ALA G 117 60.67 107.56 -47.13
CA ALA G 117 61.62 108.59 -47.57
C ALA G 117 61.36 109.92 -46.88
N LEU G 118 60.12 110.18 -46.50
CA LEU G 118 59.75 111.40 -45.77
C LEU G 118 59.79 111.22 -44.26
N LYS G 119 60.17 110.03 -43.79
CA LYS G 119 60.22 109.72 -42.37
C LYS G 119 61.59 109.98 -41.76
N LEU G 120 62.54 110.49 -42.53
CA LEU G 120 63.89 110.71 -42.02
C LEU G 120 63.91 111.76 -40.91
N ASN G 121 62.95 112.69 -40.92
CA ASN G 121 62.92 113.80 -39.98
C ASN G 121 62.03 113.53 -38.77
N ILE G 122 61.46 112.34 -38.64
CA ILE G 122 60.49 112.07 -37.58
C ILE G 122 61.02 111.83 -36.12
N GLY G 123 62.31 111.57 -35.85
CA GLY G 123 63.37 111.26 -36.80
C GLY G 123 63.40 109.83 -37.31
N ASP G 124 63.27 108.88 -36.38
CA ASP G 124 63.30 107.46 -36.70
C ASP G 124 62.81 106.70 -35.47
N LEU G 125 62.88 105.37 -35.56
CA LEU G 125 62.80 104.39 -34.48
C LEU G 125 61.37 104.10 -34.01
N GLN G 126 60.38 104.92 -34.35
CA GLN G 126 59.03 104.70 -33.79
C GLN G 126 58.21 103.78 -34.68
N VAL G 127 57.71 104.29 -35.81
CA VAL G 127 56.92 103.49 -36.74
C VAL G 127 57.75 102.97 -37.91
N THR G 128 59.06 103.25 -37.93
CA THR G 128 59.91 102.91 -39.05
C THR G 128 59.86 101.42 -39.38
N LYS G 129 60.28 100.59 -38.44
CA LYS G 129 60.43 99.15 -38.71
C LYS G 129 59.12 98.51 -39.16
N GLU G 130 57.97 99.06 -38.72
CA GLU G 130 56.69 98.47 -39.11
C GLU G 130 56.41 98.68 -40.59
N THR G 131 56.47 99.93 -41.07
CA THR G 131 56.21 100.18 -42.48
C THR G 131 57.32 99.68 -43.37
N ILE G 132 58.57 99.72 -42.89
CA ILE G 132 59.69 99.18 -43.64
C ILE G 132 59.53 97.68 -43.82
N GLU G 133 59.01 96.99 -42.80
CA GLU G 133 58.72 95.57 -42.94
C GLU G 133 57.58 95.33 -43.90
N ASP G 134 56.66 96.29 -44.04
CA ASP G 134 55.51 96.11 -44.93
C ASP G 134 55.89 96.31 -46.39
N VAL G 135 56.97 97.05 -46.67
CA VAL G 135 57.38 97.29 -48.05
C VAL G 135 57.65 95.97 -48.77
N GLU G 136 58.67 95.23 -48.32
CA GLU G 136 59.06 94.01 -49.01
C GLU G 136 58.01 92.91 -48.87
N GLU G 137 57.14 93.00 -47.88
CA GLU G 137 56.04 92.02 -47.78
C GLU G 137 55.03 92.23 -48.90
N MET G 138 54.72 93.48 -49.23
CA MET G 138 53.84 93.76 -50.36
C MET G 138 54.58 93.72 -51.69
N LEU G 139 55.91 93.78 -51.65
CA LEU G 139 56.72 93.69 -52.88
C LEU G 139 56.88 92.26 -53.36
N ASN G 140 56.62 91.27 -52.50
CA ASN G 140 56.85 89.88 -52.87
C ASN G 140 56.00 89.46 -54.07
N ASN G 141 54.83 90.07 -54.24
CA ASN G 141 54.00 89.83 -55.42
C ASN G 141 53.39 91.13 -55.92
N LEU G 142 53.64 91.49 -57.19
CA LEU G 142 54.60 90.78 -58.03
C LEU G 142 55.73 91.73 -58.41
N PRO G 143 57.00 91.39 -57.98
CA PRO G 143 58.15 92.31 -58.16
C PRO G 143 58.67 92.32 -59.59
N GLY G 144 57.85 92.82 -60.50
CA GLY G 144 58.26 92.95 -61.90
C GLY G 144 58.54 94.38 -62.29
N VAL G 145 58.34 95.32 -61.37
CA VAL G 145 58.52 96.73 -61.68
C VAL G 145 60.00 97.10 -61.62
N THR G 146 60.72 96.59 -60.61
CA THR G 146 62.16 96.75 -60.43
C THR G 146 62.51 98.17 -59.98
N SER G 147 61.56 99.10 -60.10
CA SER G 147 61.84 100.49 -59.74
C SER G 147 61.76 100.73 -58.24
N VAL G 148 60.77 100.13 -57.57
CA VAL G 148 60.52 100.44 -56.17
C VAL G 148 61.50 99.75 -55.23
N HIS G 149 62.19 98.70 -55.69
CA HIS G 149 63.11 97.98 -54.79
C HIS G 149 64.29 98.85 -54.40
N SER G 150 64.68 99.81 -55.26
CA SER G 150 65.71 100.76 -54.87
C SER G 150 65.20 101.69 -53.77
N ARG G 151 63.93 102.06 -53.83
CA ARG G 151 63.33 102.85 -52.76
C ARG G 151 63.25 102.03 -51.47
N PHE G 152 63.03 100.72 -51.59
CA PHE G 152 63.09 99.86 -50.42
C PHE G 152 64.48 99.86 -49.80
N TYR G 153 65.52 99.93 -50.64
CA TYR G 153 66.87 100.06 -50.11
C TYR G 153 67.09 101.41 -49.44
N ASP G 154 66.43 102.45 -49.96
CA ASP G 154 66.58 103.78 -49.37
C ASP G 154 66.09 103.81 -47.93
N LEU G 155 64.88 103.31 -47.69
CA LEU G 155 64.33 103.31 -46.33
C LEU G 155 65.00 102.25 -45.47
N SER G 156 65.54 101.19 -46.08
CA SER G 156 66.24 100.17 -45.29
C SER G 156 67.65 100.63 -44.91
N SER G 157 68.30 101.38 -45.80
CA SER G 157 69.61 101.93 -45.48
C SER G 157 69.50 102.99 -44.39
N LYS G 158 68.52 103.89 -44.50
CA LYS G 158 68.27 104.85 -43.44
C LYS G 158 67.80 104.18 -42.17
N TYR G 159 67.20 102.99 -42.28
CA TYR G 159 66.91 102.18 -41.10
C TYR G 159 68.19 101.61 -40.50
N TYR G 160 69.18 101.31 -41.35
CA TYR G 160 70.45 100.78 -40.85
C TYR G 160 71.31 101.85 -40.20
N GLN G 161 71.12 103.12 -40.56
CA GLN G 161 72.01 104.19 -40.10
C GLN G 161 72.04 104.33 -38.59
N THR G 162 71.10 103.70 -37.87
CA THR G 162 71.17 103.67 -36.41
C THR G 162 72.27 102.76 -35.88
N ILE G 163 72.81 101.89 -36.73
CA ILE G 163 73.91 100.99 -36.36
C ILE G 163 73.56 100.12 -35.14
N GLY G 164 72.66 99.16 -35.33
CA GLY G 164 72.08 98.84 -36.63
C GLY G 164 72.54 97.57 -37.31
N ASN G 165 73.31 96.74 -36.60
CA ASN G 165 73.67 95.41 -37.09
C ASN G 165 74.41 95.45 -38.42
N HIS G 166 75.69 95.83 -38.38
CA HIS G 166 76.50 95.97 -39.59
C HIS G 166 76.34 94.80 -40.55
N ALA G 167 76.25 93.58 -40.01
CA ALA G 167 76.16 92.39 -40.86
C ALA G 167 74.95 92.44 -41.78
N SER G 168 73.88 93.13 -41.38
CA SER G 168 72.68 93.24 -42.21
C SER G 168 72.83 94.25 -43.33
N TYR G 169 73.71 95.24 -43.18
CA TYR G 169 73.86 96.27 -44.20
C TYR G 169 74.39 95.70 -45.51
N TYR G 170 75.28 94.71 -45.45
CA TYR G 170 75.77 94.11 -46.69
C TYR G 170 74.66 93.36 -47.43
N LYS G 171 73.74 92.73 -46.69
CA LYS G 171 72.61 92.06 -47.32
C LYS G 171 71.65 93.07 -47.95
N ASP G 172 71.40 94.19 -47.26
CA ASP G 172 70.54 95.23 -47.83
C ASP G 172 71.23 95.91 -49.01
N ALA G 173 72.52 96.21 -48.87
CA ALA G 173 73.26 96.79 -49.99
C ALA G 173 73.49 95.79 -51.11
N LEU G 174 73.50 94.50 -50.80
CA LEU G 174 73.44 93.49 -51.86
C LEU G 174 72.14 93.61 -52.63
N ARG G 175 71.02 93.76 -51.92
CA ARG G 175 69.73 93.96 -52.58
C ARG G 175 69.77 95.14 -53.53
N PHE G 176 70.40 96.25 -53.11
CA PHE G 176 70.58 97.38 -54.02
C PHE G 176 71.60 97.07 -55.11
N LEU G 177 72.67 96.37 -54.76
CA LEU G 177 73.71 96.06 -55.74
C LEU G 177 73.17 95.16 -56.85
N GLY G 178 72.10 94.43 -56.58
CA GLY G 178 71.45 93.64 -57.61
C GLY G 178 70.17 94.26 -58.15
N CYS G 179 69.63 95.26 -57.45
CA CYS G 179 68.36 95.84 -57.86
C CYS G 179 68.51 96.67 -59.13
N VAL G 180 69.43 97.63 -59.12
CA VAL G 180 69.62 98.54 -60.24
C VAL G 180 70.44 97.84 -61.32
N ASP G 181 69.95 97.87 -62.56
CA ASP G 181 70.64 97.20 -63.65
C ASP G 181 71.86 97.98 -64.11
N ILE G 182 71.63 99.15 -64.69
CA ILE G 182 72.71 100.05 -65.12
C ILE G 182 72.91 101.11 -64.05
N LYS G 183 74.16 101.38 -63.71
CA LYS G 183 74.45 102.34 -62.64
C LYS G 183 73.95 103.73 -63.00
N ASP G 184 74.30 104.22 -64.20
CA ASP G 184 73.83 105.50 -64.75
C ASP G 184 73.93 106.64 -63.76
N LEU G 185 74.95 106.60 -62.89
CA LEU G 185 75.20 107.66 -61.93
C LEU G 185 76.70 107.80 -61.75
N PRO G 186 77.19 108.99 -61.37
CA PRO G 186 78.64 109.18 -61.27
C PRO G 186 79.29 108.23 -60.28
N VAL G 187 80.45 107.70 -60.66
CA VAL G 187 81.19 106.77 -59.81
C VAL G 187 81.71 107.48 -58.56
N SER G 188 81.80 108.81 -58.59
CA SER G 188 82.30 109.55 -57.43
C SER G 188 81.43 109.32 -56.21
N GLU G 189 80.14 109.02 -56.40
CA GLU G 189 79.30 108.64 -55.28
C GLU G 189 79.49 107.18 -54.90
N GLN G 190 79.62 106.29 -55.89
CA GLN G 190 79.70 104.86 -55.63
C GLN G 190 81.06 104.43 -55.11
N GLN G 191 82.08 105.29 -55.16
CA GLN G 191 83.37 104.92 -54.61
C GLN G 191 83.35 104.94 -53.09
N GLU G 192 82.72 105.96 -52.50
CA GLU G 192 82.49 105.95 -51.05
C GLU G 192 81.33 105.05 -50.67
N ARG G 193 80.37 104.85 -51.59
CA ARG G 193 79.25 103.96 -51.33
C ARG G 193 79.75 102.54 -51.12
N ALA G 194 80.55 102.03 -52.07
CA ALA G 194 81.17 100.72 -51.91
C ALA G 194 82.31 100.73 -50.89
N PHE G 195 82.74 101.91 -50.45
CA PHE G 195 83.76 101.99 -49.40
C PHE G 195 83.15 101.68 -48.04
N THR G 196 82.21 102.51 -47.60
CA THR G 196 81.50 102.23 -46.35
C THR G 196 80.74 100.91 -46.42
N LEU G 197 80.41 100.45 -47.62
CA LEU G 197 79.86 99.10 -47.76
C LEU G 197 80.91 98.05 -47.44
N GLY G 198 82.13 98.25 -47.96
CA GLY G 198 83.22 97.36 -47.59
C GLY G 198 83.56 97.42 -46.12
N LEU G 199 83.37 98.58 -45.50
CA LEU G 199 83.64 98.71 -44.07
C LEU G 199 82.59 97.95 -43.25
N ALA G 200 81.31 98.24 -43.49
CA ALA G 200 80.26 97.60 -42.71
C ALA G 200 80.17 96.11 -43.01
N GLY G 201 80.52 95.70 -44.23
CA GLY G 201 80.50 94.29 -44.56
C GLY G 201 81.69 93.52 -44.00
N LEU G 202 82.85 94.16 -43.91
CA LEU G 202 84.03 93.49 -43.37
C LEU G 202 84.00 93.44 -41.85
N LEU G 203 83.56 94.52 -41.21
CA LEU G 203 83.51 94.58 -39.75
C LEU G 203 82.40 93.72 -39.15
N GLY G 204 81.52 93.17 -39.98
CA GLY G 204 80.44 92.36 -39.46
C GLY G 204 80.96 91.04 -38.89
N GLU G 205 80.39 90.65 -37.74
CA GLU G 205 80.83 89.43 -37.07
C GLU G 205 80.24 88.19 -37.72
N GLY G 206 79.02 88.29 -38.28
CA GLY G 206 78.40 87.13 -38.90
C GLY G 206 79.15 86.64 -40.13
N VAL G 207 79.85 87.55 -40.82
CA VAL G 207 80.62 87.21 -42.02
C VAL G 207 82.09 87.38 -41.68
N PHE G 208 82.81 86.26 -41.60
CA PHE G 208 84.23 86.33 -41.27
C PHE G 208 85.09 86.63 -42.49
N ASN G 209 84.74 86.10 -43.65
CA ASN G 209 85.48 86.42 -44.86
C ASN G 209 84.57 86.83 -46.02
N PHE G 210 83.83 85.87 -46.57
CA PHE G 210 83.06 86.05 -47.81
C PHE G 210 83.89 86.75 -48.88
N GLY G 211 85.11 86.25 -49.08
CA GLY G 211 85.96 86.79 -50.13
C GLY G 211 85.43 86.58 -51.54
N GLU G 212 84.42 85.73 -51.69
CA GLU G 212 83.84 85.46 -52.99
C GLU G 212 83.12 86.70 -53.54
N LEU G 213 82.15 87.20 -52.78
CA LEU G 213 81.39 88.37 -53.18
C LEU G 213 82.22 89.66 -53.16
N LEU G 214 83.42 89.62 -52.59
CA LEU G 214 84.35 90.72 -52.73
C LEU G 214 84.82 90.88 -54.18
N MET G 215 84.76 89.80 -54.96
CA MET G 215 85.17 89.79 -56.36
C MET G 215 84.00 90.03 -57.32
N HIS G 216 82.81 90.32 -56.79
CA HIS G 216 81.62 90.46 -57.62
C HIS G 216 81.87 91.46 -58.74
N PRO G 217 81.48 91.14 -59.98
CA PRO G 217 81.95 91.94 -61.13
C PRO G 217 81.39 93.34 -61.19
N VAL G 218 80.21 93.60 -60.64
CA VAL G 218 79.65 94.94 -60.76
C VAL G 218 80.28 95.88 -59.73
N LEU G 219 80.74 95.37 -58.59
CA LEU G 219 81.39 96.19 -57.59
C LEU G 219 82.91 96.27 -57.77
N GLU G 220 83.49 95.44 -58.64
CA GLU G 220 84.94 95.47 -58.82
C GLU G 220 85.39 96.72 -59.57
N SER G 221 84.55 97.24 -60.47
CA SER G 221 84.87 98.52 -61.10
C SER G 221 84.78 99.66 -60.11
N LEU G 222 83.89 99.55 -59.12
CA LEU G 222 83.84 100.55 -58.05
C LEU G 222 85.05 100.42 -57.13
N ARG G 223 85.60 99.22 -56.99
CA ARG G 223 86.81 99.05 -56.19
C ARG G 223 88.04 99.54 -56.94
N ASN G 224 88.02 99.54 -58.27
CA ASN G 224 89.14 100.04 -59.04
C ASN G 224 89.35 101.53 -58.78
N THR G 225 88.26 102.29 -58.63
CA THR G 225 88.39 103.70 -58.30
C THR G 225 88.83 103.91 -56.86
N ASP G 226 88.51 102.95 -55.97
CA ASP G 226 88.95 103.04 -54.59
C ASP G 226 90.45 102.81 -54.49
N ARG G 227 91.04 103.30 -53.41
CA ARG G 227 92.44 103.07 -53.14
C ARG G 227 92.70 101.59 -52.91
N GLN G 228 93.89 101.13 -53.28
CA GLN G 228 94.18 99.71 -53.32
C GLN G 228 94.54 99.12 -51.97
N TRP G 229 94.61 99.92 -50.91
CA TRP G 229 94.83 99.36 -49.58
C TRP G 229 93.59 98.61 -49.10
N LEU G 230 92.40 99.09 -49.48
CA LEU G 230 91.18 98.38 -49.11
C LEU G 230 91.03 97.07 -49.88
N ILE G 231 91.37 97.08 -51.17
CA ILE G 231 91.29 95.86 -51.97
C ILE G 231 92.33 94.85 -51.49
N ASP G 232 93.53 95.32 -51.14
CA ASP G 232 94.57 94.39 -50.69
C ASP G 232 94.24 93.81 -49.32
N THR G 233 93.68 94.62 -48.42
CA THR G 233 93.29 94.08 -47.12
C THR G 233 92.05 93.21 -47.24
N LEU G 234 91.21 93.45 -48.24
CA LEU G 234 90.12 92.53 -48.53
C LEU G 234 90.64 91.21 -49.08
N TYR G 235 91.80 91.22 -49.74
CA TYR G 235 92.47 89.97 -50.09
C TYR G 235 93.11 89.32 -48.88
N ALA G 236 93.50 90.11 -47.87
CA ALA G 236 93.98 89.54 -46.63
C ALA G 236 92.86 88.83 -45.89
N PHE G 237 91.66 89.41 -45.87
CA PHE G 237 90.49 88.73 -45.35
C PHE G 237 89.95 87.67 -46.31
N ASN G 238 90.37 87.71 -47.58
CA ASN G 238 90.03 86.65 -48.51
C ASN G 238 90.91 85.43 -48.27
N SER G 239 92.22 85.64 -48.13
CA SER G 239 93.14 84.55 -47.85
C SER G 239 93.91 84.79 -46.57
N GLY G 240 94.90 85.68 -46.61
CA GLY G 240 95.71 85.98 -45.44
C GLY G 240 96.39 84.77 -44.82
N ASN G 241 96.17 84.56 -43.53
CA ASN G 241 95.41 85.50 -42.70
C ASN G 241 96.29 86.65 -42.21
N VAL G 242 97.50 86.32 -41.79
CA VAL G 242 98.45 87.31 -41.30
C VAL G 242 99.79 87.13 -42.02
N GLU G 243 100.25 88.09 -42.82
CA GLU G 243 99.58 89.35 -43.22
C GLU G 243 99.19 90.29 -42.07
N ARG G 244 100.15 90.60 -41.20
CA ARG G 244 99.94 91.59 -40.16
C ARG G 244 100.10 93.01 -40.70
N PHE G 245 100.76 93.17 -41.84
CA PHE G 245 100.99 94.50 -42.40
C PHE G 245 99.73 95.06 -43.04
N GLN G 246 98.94 94.23 -43.71
CA GLN G 246 97.74 94.71 -44.38
C GLN G 246 96.59 94.94 -43.40
N THR G 247 96.44 94.07 -42.41
CA THR G 247 95.41 94.30 -41.40
C THR G 247 95.71 95.54 -40.57
N LEU G 248 96.97 95.96 -40.50
CA LEU G 248 97.29 97.27 -39.95
C LEU G 248 97.08 98.38 -40.96
N LYS G 249 97.29 98.09 -42.25
CA LYS G 249 97.12 99.11 -43.29
C LYS G 249 95.69 99.60 -43.38
N THR G 250 94.71 98.73 -43.12
CA THR G 250 93.33 99.19 -43.08
C THR G 250 93.07 100.08 -41.88
N ALA G 251 93.91 100.02 -40.84
CA ALA G 251 93.84 100.98 -39.75
C ALA G 251 94.50 102.29 -40.15
N TRP G 252 95.51 102.25 -41.02
CA TRP G 252 96.07 103.48 -41.56
C TRP G 252 95.06 104.19 -42.46
N GLY G 253 94.34 103.43 -43.29
CA GLY G 253 93.39 104.02 -44.23
C GLY G 253 92.09 104.49 -43.60
N GLN G 254 91.47 103.65 -42.78
CA GLN G 254 90.19 103.97 -42.15
C GLN G 254 90.40 104.08 -40.65
N GLN G 255 90.39 105.32 -40.14
CA GLN G 255 90.51 105.53 -38.70
C GLN G 255 89.25 105.13 -37.94
N PRO G 256 88.06 105.65 -38.26
CA PRO G 256 86.91 105.43 -37.39
C PRO G 256 86.29 104.04 -37.58
N ASP G 257 85.57 103.62 -36.53
CA ASP G 257 84.75 102.41 -36.51
C ASP G 257 85.58 101.13 -36.54
N LEU G 258 86.87 101.24 -36.85
CA LEU G 258 87.74 100.07 -36.84
C LEU G 258 88.24 99.75 -35.44
N ALA G 259 88.36 100.74 -34.57
CA ALA G 259 88.91 100.50 -33.24
C ALA G 259 88.04 99.56 -32.41
N ALA G 260 86.73 99.55 -32.67
CA ALA G 260 85.85 98.66 -31.93
C ALA G 260 85.89 97.24 -32.48
N ASN G 261 85.91 97.09 -33.79
CA ASN G 261 85.87 95.79 -34.44
C ASN G 261 87.24 95.23 -34.78
N GLU G 262 88.32 95.91 -34.39
CA GLU G 262 89.66 95.44 -34.73
C GLU G 262 89.93 94.06 -34.14
N ALA G 263 89.68 93.90 -32.84
CA ALA G 263 89.88 92.59 -32.21
C ALA G 263 88.96 91.54 -32.80
N GLN G 264 87.77 91.94 -33.25
CA GLN G 264 86.87 90.99 -33.91
C GLN G 264 87.45 90.53 -35.23
N LEU G 265 88.05 91.45 -35.99
CA LEU G 265 88.70 91.07 -37.25
C LEU G 265 89.86 90.12 -37.00
N LEU G 266 90.63 90.37 -35.93
CA LEU G 266 91.74 89.48 -35.62
C LEU G 266 91.25 88.08 -35.29
N ARG G 267 90.13 87.97 -34.56
CA ARG G 267 89.55 86.66 -34.31
C ARG G 267 89.02 86.03 -35.59
N LYS G 268 88.47 86.86 -36.49
CA LYS G 268 87.89 86.33 -37.72
C LYS G 268 88.97 85.77 -38.65
N ILE G 269 90.13 86.40 -38.72
CA ILE G 269 91.19 85.87 -39.56
C ILE G 269 91.90 84.71 -38.87
N GLN G 270 91.91 84.68 -37.53
CA GLN G 270 92.51 83.55 -36.83
C GLN G 270 91.71 82.28 -37.03
N LEU G 271 90.39 82.38 -37.19
CA LEU G 271 89.56 81.25 -37.57
C LEU G 271 89.44 81.09 -39.08
N LEU G 272 89.91 82.08 -39.85
CA LEU G 272 89.87 81.98 -41.30
C LEU G 272 91.00 81.11 -41.84
N CYS G 273 92.19 81.19 -41.24
CA CYS G 273 93.33 80.43 -41.74
C CYS G 273 93.15 78.92 -41.55
N LEU G 274 92.29 78.50 -40.62
CA LEU G 274 92.14 77.08 -40.32
C LEU G 274 91.59 76.30 -41.51
N MET G 275 90.67 76.88 -42.28
CA MET G 275 90.19 76.19 -43.47
C MET G 275 91.25 76.21 -44.58
N GLU G 276 91.97 77.32 -44.73
CA GLU G 276 92.91 77.46 -45.83
C GLU G 276 94.20 76.68 -45.63
N MET G 277 94.58 76.37 -44.39
CA MET G 277 95.79 75.60 -44.18
C MET G 277 95.62 74.14 -44.59
N THR G 278 94.46 73.54 -44.30
CA THR G 278 94.18 72.19 -44.77
C THR G 278 93.68 72.18 -46.22
N PHE G 279 93.14 73.29 -46.71
CA PHE G 279 92.65 73.33 -48.09
C PHE G 279 93.79 73.55 -49.08
N THR G 280 94.80 74.34 -48.71
CA THR G 280 95.90 74.63 -49.63
C THR G 280 96.73 73.38 -49.90
N ARG G 281 97.07 72.63 -48.86
CA ARG G 281 97.83 71.40 -49.05
C ARG G 281 97.01 70.40 -49.87
N PRO G 282 97.67 69.60 -50.71
CA PRO G 282 96.96 68.47 -51.32
C PRO G 282 96.43 67.50 -50.27
N ALA G 283 97.26 67.14 -49.32
CA ALA G 283 96.86 66.43 -48.10
C ALA G 283 96.04 65.14 -48.46
N ASN G 284 95.04 64.65 -47.71
CA ASN G 284 94.81 64.78 -46.27
C ASN G 284 95.15 63.48 -45.54
N HIS G 285 96.16 63.42 -44.65
CA HIS G 285 97.03 64.51 -44.19
C HIS G 285 96.30 65.77 -43.70
N ARG G 286 95.17 65.55 -43.03
CA ARG G 286 94.38 66.62 -42.45
C ARG G 286 94.73 66.90 -41.00
N GLN G 287 95.71 66.20 -40.45
CA GLN G 287 96.11 66.39 -39.05
C GLN G 287 97.26 67.39 -38.99
N LEU G 288 97.03 68.49 -38.27
CA LEU G 288 98.01 69.55 -38.10
C LEU G 288 98.63 69.46 -36.71
N THR G 289 99.51 70.41 -36.41
CA THR G 289 100.21 70.46 -35.13
C THR G 289 100.01 71.82 -34.48
N PHE G 290 100.29 71.87 -33.17
CA PHE G 290 100.16 73.14 -32.45
C PHE G 290 101.16 74.17 -32.96
N GLU G 291 102.33 73.73 -33.40
CA GLU G 291 103.34 74.67 -33.90
C GLU G 291 102.86 75.38 -35.16
N GLU G 292 102.05 74.71 -35.97
CA GLU G 292 101.55 75.34 -37.20
C GLU G 292 100.55 76.45 -36.88
N ILE G 293 99.62 76.19 -35.97
CA ILE G 293 98.60 77.20 -35.65
C ILE G 293 99.20 78.32 -34.81
N ALA G 294 100.00 77.95 -33.79
CA ALA G 294 100.54 78.96 -32.89
C ALA G 294 101.55 79.86 -33.59
N LYS G 295 102.27 79.36 -34.59
CA LYS G 295 103.21 80.19 -35.34
C LYS G 295 102.50 81.09 -36.33
N SER G 296 101.48 80.56 -37.02
CA SER G 296 100.74 81.35 -37.98
C SER G 296 99.89 82.41 -37.29
N ALA G 297 99.06 82.00 -36.33
CA ALA G 297 98.19 82.93 -35.62
C ALA G 297 98.93 83.75 -34.58
N LYS G 298 100.22 83.47 -34.34
CA LYS G 298 101.08 84.16 -33.38
C LYS G 298 100.37 84.38 -32.05
N ILE G 299 99.65 83.36 -31.58
CA ILE G 299 98.92 83.42 -30.32
C ILE G 299 99.48 82.34 -29.41
N THR G 300 99.27 82.52 -28.10
CA THR G 300 99.79 81.59 -27.12
C THR G 300 99.13 80.23 -27.25
N VAL G 301 99.83 79.20 -26.76
CA VAL G 301 99.36 77.82 -26.90
C VAL G 301 98.08 77.58 -26.12
N ASN G 302 97.78 78.40 -25.11
CA ASN G 302 96.57 78.21 -24.33
C ASN G 302 95.33 78.72 -25.07
N GLU G 303 95.50 79.71 -25.94
CA GLU G 303 94.37 80.29 -26.66
C GLU G 303 94.10 79.62 -28.00
N VAL G 304 94.94 78.68 -28.44
CA VAL G 304 94.65 77.98 -29.68
C VAL G 304 93.45 77.06 -29.50
N GLU G 305 93.19 76.60 -28.28
CA GLU G 305 91.96 75.88 -27.98
C GLU G 305 90.75 76.72 -28.34
N LEU G 306 90.59 77.87 -27.69
CA LEU G 306 89.50 78.78 -28.02
C LEU G 306 89.48 79.12 -29.51
N LEU G 307 90.67 79.27 -30.11
CA LEU G 307 90.79 79.57 -31.53
C LEU G 307 90.11 78.51 -32.39
N VAL G 308 90.64 77.29 -32.36
CA VAL G 308 90.17 76.25 -33.28
C VAL G 308 88.75 75.81 -32.92
N MET G 309 88.41 75.79 -31.63
CA MET G 309 87.09 75.32 -31.23
C MET G 309 86.01 76.34 -31.55
N LYS G 310 86.35 77.63 -31.55
CA LYS G 310 85.38 78.64 -32.01
C LYS G 310 85.08 78.46 -33.48
N ALA G 311 86.10 78.13 -34.28
CA ALA G 311 85.87 77.80 -35.68
C ALA G 311 84.99 76.56 -35.83
N LEU G 312 85.08 75.64 -34.86
CA LEU G 312 84.14 74.52 -34.84
C LEU G 312 82.72 75.00 -34.57
N SER G 313 82.57 76.06 -33.77
CA SER G 313 81.25 76.62 -33.52
C SER G 313 80.76 77.50 -34.67
N VAL G 314 81.69 78.09 -35.43
CA VAL G 314 81.31 78.85 -36.61
C VAL G 314 80.71 77.92 -37.66
N GLY G 315 81.23 76.69 -37.76
CA GLY G 315 80.75 75.73 -38.71
C GLY G 315 81.63 75.51 -39.92
N LEU G 316 82.79 76.16 -39.99
CA LEU G 316 83.68 76.00 -41.13
C LEU G 316 84.46 74.69 -41.07
N VAL G 317 84.61 74.10 -39.89
CA VAL G 317 85.30 72.81 -39.76
C VAL G 317 84.67 72.07 -38.58
N LYS G 318 84.53 70.75 -38.74
CA LYS G 318 84.03 69.87 -37.68
C LYS G 318 85.16 69.15 -36.95
N GLY G 319 86.42 69.45 -37.25
CA GLY G 319 87.53 68.62 -36.80
C GLY G 319 87.68 68.57 -35.29
N SER G 320 88.57 67.67 -34.87
CA SER G 320 88.86 67.42 -33.47
C SER G 320 90.33 67.73 -33.19
N ILE G 321 90.62 68.01 -31.92
CA ILE G 321 91.96 68.44 -31.50
C ILE G 321 92.59 67.35 -30.66
N ASP G 322 93.79 66.92 -31.06
CA ASP G 322 94.56 65.93 -30.31
C ASP G 322 95.52 66.67 -29.40
N GLU G 323 95.25 66.64 -28.10
CA GLU G 323 95.95 67.49 -27.14
C GLU G 323 97.13 66.80 -26.46
N VAL G 324 97.48 65.58 -26.86
CA VAL G 324 98.67 64.93 -26.30
C VAL G 324 99.93 65.59 -26.85
N ASP G 325 100.12 65.53 -28.16
CA ASP G 325 101.13 66.32 -28.84
C ASP G 325 100.62 67.71 -29.18
N LYS G 326 99.40 68.05 -28.74
CA LYS G 326 98.75 69.32 -29.02
C LYS G 326 98.43 69.48 -30.50
N ARG G 327 98.27 68.37 -31.22
CA ARG G 327 97.95 68.37 -32.63
C ARG G 327 96.49 68.74 -32.86
N VAL G 328 96.20 69.19 -34.07
CA VAL G 328 94.84 69.57 -34.47
C VAL G 328 94.48 68.76 -35.72
N HIS G 329 93.43 67.94 -35.62
CA HIS G 329 93.00 67.09 -36.71
C HIS G 329 91.76 67.72 -37.35
N MET G 330 91.93 68.26 -38.55
CA MET G 330 90.83 68.88 -39.27
C MET G 330 89.98 67.82 -39.96
N THR G 331 88.69 68.14 -40.14
CA THR G 331 87.78 67.32 -40.92
C THR G 331 87.00 68.19 -41.88
N TRP G 332 86.76 67.68 -43.07
CA TRP G 332 86.04 68.38 -44.16
C TRP G 332 86.76 69.71 -44.41
N VAL G 333 86.02 70.79 -44.70
CA VAL G 333 86.58 72.12 -44.96
C VAL G 333 85.44 73.04 -45.36
N GLN G 334 85.67 74.36 -45.30
CA GLN G 334 84.68 75.31 -45.75
C GLN G 334 85.10 75.88 -47.08
N PRO G 335 84.43 75.53 -48.18
CA PRO G 335 84.85 76.04 -49.50
C PRO G 335 84.70 77.55 -49.59
N ARG G 336 85.79 78.22 -49.98
CA ARG G 336 85.77 79.66 -50.24
C ARG G 336 86.60 79.94 -51.48
N VAL G 337 85.99 80.54 -52.49
CA VAL G 337 86.62 80.89 -53.76
C VAL G 337 87.41 79.68 -54.25
N LEU G 338 88.48 80.04 -54.98
CA LEU G 338 89.39 79.14 -55.70
C LEU G 338 89.96 79.95 -56.89
N ASP G 339 90.24 79.35 -58.04
CA ASP G 339 90.85 80.22 -59.05
C ASP G 339 91.05 79.70 -60.48
N LEU G 340 91.58 80.60 -61.31
CA LEU G 340 91.93 80.32 -62.69
C LEU G 340 93.08 79.32 -62.73
N GLN G 341 93.04 78.46 -63.75
CA GLN G 341 93.96 77.35 -64.06
C GLN G 341 93.56 76.17 -63.16
N GLN G 342 92.47 76.38 -62.43
CA GLN G 342 91.87 75.37 -61.58
C GLN G 342 90.81 74.57 -62.32
N ILE G 343 90.14 75.17 -63.30
CA ILE G 343 89.23 74.40 -64.16
C ILE G 343 90.03 73.43 -65.03
N LYS G 344 91.28 73.78 -65.36
CA LYS G 344 92.12 72.90 -66.16
C LYS G 344 92.56 71.69 -65.35
N GLY G 345 93.29 71.92 -64.26
CA GLY G 345 93.63 70.83 -63.35
C GLY G 345 92.42 70.05 -62.88
N MET G 346 91.25 70.68 -62.85
CA MET G 346 90.02 69.96 -62.54
C MET G 346 89.69 68.96 -63.64
N LYS G 347 89.92 69.34 -64.90
CA LYS G 347 89.75 68.39 -65.99
C LYS G 347 90.82 67.28 -65.92
N ASP G 348 91.99 67.58 -65.35
CA ASP G 348 93.01 66.56 -65.19
C ASP G 348 92.61 65.57 -64.10
N ARG G 349 92.12 66.07 -62.97
CA ARG G 349 91.62 65.18 -61.92
C ARG G 349 90.40 64.42 -62.38
N LEU G 350 89.63 64.98 -63.30
CA LEU G 350 88.46 64.29 -63.85
C LEU G 350 88.87 63.25 -64.88
N GLU G 351 89.51 63.68 -65.97
CA GLU G 351 89.88 62.77 -67.05
C GLU G 351 90.69 61.59 -66.54
N PHE G 352 91.46 61.77 -65.47
CA PHE G 352 92.14 60.65 -64.84
C PHE G 352 91.15 59.66 -64.24
N TRP G 353 90.14 60.18 -63.54
CA TRP G 353 89.02 59.35 -63.10
C TRP G 353 88.28 58.74 -64.29
N CYS G 354 88.27 59.44 -65.43
CA CYS G 354 87.62 58.89 -66.61
C CYS G 354 88.36 57.66 -67.13
N THR G 355 89.67 57.81 -67.39
CA THR G 355 90.43 56.69 -67.92
C THR G 355 90.62 55.58 -66.90
N ASP G 356 90.62 55.92 -65.61
CA ASP G 356 90.63 54.89 -64.56
C ASP G 356 89.43 53.97 -64.70
N VAL G 357 88.22 54.51 -64.53
CA VAL G 357 87.02 53.69 -64.59
C VAL G 357 86.88 53.04 -65.96
N LYS G 358 87.16 53.78 -67.02
CA LYS G 358 87.04 53.22 -68.36
C LYS G 358 87.93 51.99 -68.53
N SER G 359 89.23 52.13 -68.25
CA SER G 359 90.16 51.02 -68.34
C SER G 359 89.70 49.84 -67.49
N MET G 360 89.64 50.05 -66.17
CA MET G 360 89.38 48.95 -65.24
C MET G 360 88.04 48.28 -65.52
N GLU G 361 86.98 49.07 -65.71
CA GLU G 361 85.66 48.47 -65.96
C GLU G 361 85.62 47.79 -67.33
N MET G 362 86.28 48.36 -68.33
CA MET G 362 86.38 47.66 -69.61
C MET G 362 87.25 46.42 -69.50
N LEU G 363 88.10 46.32 -68.48
CA LEU G 363 88.82 45.09 -68.22
C LEU G 363 87.93 44.07 -67.51
N VAL G 364 87.06 44.54 -66.62
CA VAL G 364 86.15 43.65 -65.90
C VAL G 364 85.31 42.84 -66.89
N GLU G 365 84.47 43.53 -67.65
CA GLU G 365 83.59 42.85 -68.59
C GLU G 365 84.32 42.36 -69.83
N HIS G 366 85.61 42.69 -70.01
CA HIS G 366 86.39 42.04 -71.05
C HIS G 366 86.57 40.56 -70.77
N GLN G 367 86.68 40.21 -69.48
CA GLN G 367 86.83 38.81 -69.10
C GLN G 367 85.54 38.03 -69.30
N ALA G 368 84.42 38.61 -68.88
CA ALA G 368 83.13 37.93 -68.86
C ALA G 368 82.27 38.21 -70.10
N HIS G 369 82.78 38.95 -71.08
CA HIS G 369 82.01 39.19 -72.29
C HIS G 369 81.74 37.90 -73.05
N ASP G 370 82.70 36.98 -73.05
CA ASP G 370 82.53 35.68 -73.69
C ASP G 370 81.32 34.93 -73.14
N ILE G 371 81.36 34.61 -71.84
CA ILE G 371 80.38 33.75 -71.20
C ILE G 371 78.96 34.30 -71.27
N LEU G 372 78.78 35.57 -71.61
CA LEU G 372 77.45 36.17 -71.62
C LEU G 372 76.65 35.66 -72.82
N THR G 373 77.07 36.04 -74.02
CA THR G 373 76.42 35.65 -75.28
C THR G 373 74.95 36.09 -75.32
N MET H 1 27.00 82.30 -94.29
CA MET H 1 27.69 83.52 -93.90
C MET H 1 29.19 83.44 -94.19
N VAL H 2 29.90 84.52 -93.94
CA VAL H 2 31.34 84.57 -94.17
C VAL H 2 32.05 83.81 -93.06
N LEU H 3 33.06 83.04 -93.43
CA LEU H 3 33.85 82.25 -92.49
C LEU H 3 35.16 82.96 -92.20
N GLU H 4 35.44 83.22 -90.93
CA GLU H 4 36.65 83.91 -90.49
C GLU H 4 36.65 83.94 -88.97
N SER H 5 37.82 84.24 -88.40
CA SER H 5 37.99 84.39 -86.97
C SER H 5 38.60 85.76 -86.71
N THR H 6 37.84 86.62 -86.03
CA THR H 6 38.26 88.00 -85.78
C THR H 6 38.86 88.10 -84.39
N MET H 7 40.07 88.65 -84.32
CA MET H 7 40.78 88.85 -83.05
C MET H 7 40.87 90.34 -82.78
N VAL H 8 40.15 90.80 -81.77
CA VAL H 8 40.13 92.22 -81.42
C VAL H 8 41.30 92.51 -80.48
N CYS H 9 41.94 93.65 -80.70
CA CYS H 9 43.09 94.07 -79.90
C CYS H 9 42.76 95.41 -79.25
N VAL H 10 42.62 95.41 -77.92
CA VAL H 10 42.44 96.65 -77.19
C VAL H 10 43.79 97.35 -77.04
N ASP H 11 43.74 98.67 -76.88
CA ASP H 11 44.93 99.48 -76.73
C ASP H 11 45.12 99.79 -75.26
N ASN H 12 46.12 99.17 -74.64
CA ASN H 12 46.43 99.33 -73.24
C ASN H 12 47.52 100.35 -72.98
N SER H 13 48.00 101.05 -74.02
CA SER H 13 49.05 102.03 -73.84
C SER H 13 48.62 103.12 -72.86
N GLU H 14 49.61 103.67 -72.15
CA GLU H 14 49.32 104.67 -71.12
C GLU H 14 48.62 105.90 -71.69
N TYR H 15 48.75 106.16 -72.98
CA TYR H 15 48.09 107.30 -73.62
C TYR H 15 46.60 107.08 -73.83
N MET H 16 46.10 105.87 -73.55
CA MET H 16 44.70 105.52 -73.78
C MET H 16 43.82 105.69 -72.54
N ARG H 17 44.37 106.22 -71.45
CA ARG H 17 43.62 106.35 -70.21
C ARG H 17 42.93 107.70 -70.05
N ASN H 18 43.09 108.60 -71.01
CA ASN H 18 42.50 109.93 -70.94
C ASN H 18 41.03 109.89 -71.34
N GLY H 19 40.28 110.89 -70.86
CA GLY H 19 38.86 110.96 -71.11
C GLY H 19 38.47 111.82 -72.30
N ASP H 20 39.37 112.00 -73.25
CA ASP H 20 39.06 112.81 -74.42
C ASP H 20 37.88 112.21 -75.21
N PHE H 21 37.82 110.89 -75.30
CA PHE H 21 36.66 110.22 -75.85
C PHE H 21 35.67 110.00 -74.72
N LEU H 22 34.48 110.60 -74.85
CA LEU H 22 33.53 110.65 -73.74
C LEU H 22 32.90 109.30 -73.43
N PRO H 23 32.73 108.99 -72.13
CA PRO H 23 33.30 109.74 -71.00
C PRO H 23 34.80 109.50 -70.82
N THR H 24 35.26 108.30 -71.19
CA THR H 24 36.66 107.92 -71.05
C THR H 24 36.96 106.88 -72.13
N ARG H 25 38.21 106.87 -72.60
CA ARG H 25 38.61 105.90 -73.61
C ARG H 25 38.46 104.46 -73.13
N LEU H 26 38.53 104.23 -71.81
CA LEU H 26 38.28 102.90 -71.29
C LEU H 26 36.88 102.42 -71.65
N GLN H 27 35.87 103.24 -71.35
CA GLN H 27 34.50 102.91 -71.76
C GLN H 27 34.28 103.13 -73.24
N ALA H 28 35.06 104.01 -73.87
CA ALA H 28 34.92 104.24 -75.31
C ALA H 28 35.36 103.02 -76.10
N GLN H 29 36.57 102.50 -75.82
CA GLN H 29 37.00 101.27 -76.47
C GLN H 29 36.24 100.06 -75.96
N GLN H 30 35.64 100.15 -74.76
CA GLN H 30 34.74 99.11 -74.31
C GLN H 30 33.52 99.03 -75.20
N ASP H 31 32.91 100.18 -75.51
CA ASP H 31 31.83 100.21 -76.49
C ASP H 31 32.34 99.81 -77.88
N ALA H 32 33.60 100.09 -78.18
CA ALA H 32 34.18 99.60 -79.44
C ALA H 32 34.26 98.09 -79.44
N VAL H 33 34.63 97.48 -78.32
CA VAL H 33 34.56 96.02 -78.21
C VAL H 33 33.12 95.56 -78.23
N ASN H 34 32.20 96.36 -77.66
CA ASN H 34 30.79 96.00 -77.70
C ASN H 34 30.26 95.95 -79.12
N ILE H 35 30.64 96.92 -79.95
CA ILE H 35 30.08 96.97 -81.29
C ILE H 35 30.76 95.97 -82.22
N VAL H 36 32.03 95.64 -81.99
CA VAL H 36 32.67 94.65 -82.85
C VAL H 36 32.24 93.23 -82.46
N CYS H 37 31.98 92.98 -81.18
CA CYS H 37 31.56 91.65 -80.75
C CYS H 37 30.10 91.40 -81.12
N HIS H 38 29.27 92.44 -81.05
CA HIS H 38 27.86 92.27 -81.42
C HIS H 38 27.67 92.24 -82.93
N SER H 39 28.51 92.95 -83.69
CA SER H 39 28.41 92.89 -85.14
C SER H 39 28.86 91.53 -85.66
N LYS H 40 30.00 91.03 -85.17
CA LYS H 40 30.44 89.70 -85.54
C LYS H 40 29.47 88.63 -85.04
N THR H 41 28.74 88.92 -83.97
CA THR H 41 27.66 88.03 -83.54
C THR H 41 26.51 88.06 -84.53
N ARG H 42 26.12 89.27 -84.97
CA ARG H 42 25.10 89.38 -86.01
C ARG H 42 25.61 88.97 -87.39
N SER H 43 26.92 88.83 -87.56
CA SER H 43 27.48 88.43 -88.85
C SER H 43 27.42 86.92 -89.01
N ASN H 44 28.22 86.18 -88.24
CA ASN H 44 28.26 84.73 -88.30
C ASN H 44 28.31 84.19 -86.88
N PRO H 45 27.57 83.12 -86.59
CA PRO H 45 27.66 82.51 -85.25
C PRO H 45 28.96 81.77 -85.01
N GLU H 46 29.68 81.38 -86.06
CA GLU H 46 30.90 80.59 -85.92
C GLU H 46 32.13 81.45 -85.67
N ASN H 47 31.99 82.77 -85.59
CA ASN H 47 33.12 83.65 -85.35
C ASN H 47 33.45 83.67 -83.87
N ASN H 48 34.72 83.37 -83.54
CA ASN H 48 35.21 83.39 -82.17
C ASN H 48 36.19 84.53 -82.01
N VAL H 49 36.04 85.32 -80.95
CA VAL H 49 36.78 86.57 -80.78
C VAL H 49 37.42 86.59 -79.40
N GLY H 50 38.75 86.69 -79.36
CA GLY H 50 39.49 86.95 -78.15
C GLY H 50 40.06 88.36 -78.11
N LEU H 51 40.71 88.68 -76.99
CA LEU H 51 41.33 89.98 -76.80
C LEU H 51 42.82 89.80 -76.52
N ILE H 52 43.59 90.85 -76.83
CA ILE H 52 45.04 90.84 -76.63
C ILE H 52 45.49 92.24 -76.21
N THR H 53 46.37 92.28 -75.20
CA THR H 53 46.96 93.51 -74.73
C THR H 53 48.25 93.80 -75.50
N LEU H 54 48.27 94.91 -76.23
CA LEU H 54 49.40 95.21 -77.10
C LEU H 54 50.59 95.81 -76.33
N ALA H 55 50.33 96.72 -75.40
CA ALA H 55 51.40 97.41 -74.71
C ALA H 55 52.00 96.54 -73.61
N ASN H 56 53.27 96.82 -73.29
CA ASN H 56 54.02 96.13 -72.24
C ASN H 56 54.10 94.66 -72.62
N ASP H 57 53.68 93.72 -71.78
CA ASP H 57 53.71 92.30 -72.09
C ASP H 57 52.40 91.90 -72.76
N CYS H 58 52.50 91.12 -73.84
CA CYS H 58 51.33 90.70 -74.60
C CYS H 58 50.85 89.35 -74.10
N GLU H 59 49.65 89.33 -73.50
CA GLU H 59 49.06 88.11 -72.99
C GLU H 59 47.56 88.12 -73.27
N VAL H 60 47.05 87.02 -73.82
CA VAL H 60 45.62 86.87 -74.09
C VAL H 60 45.00 86.17 -72.88
N LEU H 61 44.19 86.90 -72.12
CA LEU H 61 43.55 86.34 -70.94
C LEU H 61 42.33 85.50 -71.28
N THR H 62 41.69 85.76 -72.42
CA THR H 62 40.48 85.05 -72.83
C THR H 62 40.80 84.24 -74.08
N THR H 63 40.82 82.91 -73.93
CA THR H 63 41.02 82.03 -75.06
C THR H 63 39.95 82.29 -76.12
N LEU H 64 40.32 82.10 -77.39
CA LEU H 64 39.42 82.42 -78.49
C LEU H 64 38.13 81.65 -78.34
N THR H 65 37.02 82.37 -78.26
CA THR H 65 35.70 81.80 -78.03
C THR H 65 34.66 82.66 -78.70
N PRO H 66 33.55 82.08 -79.17
CA PRO H 66 32.48 82.92 -79.74
C PRO H 66 31.78 83.77 -78.71
N ASP H 67 31.79 83.38 -77.44
CA ASP H 67 31.15 84.16 -76.39
C ASP H 67 32.06 85.31 -75.95
N THR H 68 31.51 86.52 -75.98
CA THR H 68 32.27 87.71 -75.59
C THR H 68 32.08 88.07 -74.12
N GLY H 69 31.38 87.23 -73.35
CA GLY H 69 31.12 87.57 -71.95
C GLY H 69 32.38 87.75 -71.14
N ARG H 70 33.31 86.79 -71.24
CA ARG H 70 34.57 86.91 -70.53
C ARG H 70 35.40 88.08 -71.07
N ILE H 71 35.24 88.41 -72.35
CA ILE H 71 35.93 89.57 -72.90
C ILE H 71 35.40 90.85 -72.27
N LEU H 72 34.08 90.94 -72.10
CA LEU H 72 33.48 92.11 -71.46
C LEU H 72 33.92 92.22 -70.00
N SER H 73 34.22 91.09 -69.35
CA SER H 73 34.68 91.14 -67.97
C SER H 73 36.11 91.67 -67.90
N LYS H 74 36.94 91.33 -68.89
CA LYS H 74 38.31 91.81 -68.91
C LYS H 74 38.41 93.27 -69.34
N LEU H 75 37.35 93.81 -69.97
CA LEU H 75 37.35 95.23 -70.31
C LEU H 75 37.38 96.10 -69.06
N HIS H 76 36.71 95.67 -68.00
CA HIS H 76 36.79 96.36 -66.72
C HIS H 76 38.13 96.04 -66.05
N THR H 77 38.56 96.96 -65.17
CA THR H 77 39.77 96.85 -64.36
C THR H 77 40.96 96.31 -65.13
N VAL H 78 41.10 96.73 -66.39
CA VAL H 78 42.18 96.23 -67.24
C VAL H 78 43.52 96.84 -66.88
N GLN H 79 43.54 98.00 -66.22
CA GLN H 79 44.76 98.70 -65.83
C GLN H 79 45.63 98.95 -67.05
N PRO H 80 45.20 99.87 -67.98
CA PRO H 80 45.92 100.07 -69.24
C PRO H 80 47.06 101.08 -69.13
N LYS H 81 48.09 100.74 -68.34
CA LYS H 81 49.27 101.57 -68.19
C LYS H 81 50.47 100.87 -68.80
N GLY H 82 51.16 101.55 -69.69
CA GLY H 82 52.34 100.99 -70.33
C GLY H 82 52.64 101.69 -71.63
N LYS H 83 53.78 101.32 -72.20
CA LYS H 83 54.24 101.89 -73.46
C LYS H 83 53.77 101.01 -74.63
N ILE H 84 53.23 101.67 -75.67
CA ILE H 84 52.68 100.95 -76.80
C ILE H 84 53.77 100.15 -77.50
N THR H 85 53.45 98.90 -77.84
CA THR H 85 54.34 98.04 -78.61
C THR H 85 53.56 97.49 -79.79
N PHE H 86 54.05 97.75 -81.00
CA PHE H 86 53.31 97.47 -82.22
C PHE H 86 53.73 96.15 -82.86
N CYS H 87 55.00 96.02 -83.23
CA CYS H 87 55.46 94.88 -84.02
C CYS H 87 55.02 93.55 -83.42
N THR H 88 55.06 93.42 -82.10
CA THR H 88 54.63 92.18 -81.47
C THR H 88 53.11 92.07 -81.35
N GLY H 89 52.39 93.20 -81.41
CA GLY H 89 50.95 93.16 -81.19
C GLY H 89 50.19 92.44 -82.29
N ILE H 90 50.68 92.48 -83.52
CA ILE H 90 50.02 91.76 -84.61
C ILE H 90 50.41 90.29 -84.59
N ARG H 91 51.69 90.00 -84.32
CA ARG H 91 52.14 88.61 -84.36
C ARG H 91 51.61 87.79 -83.20
N VAL H 92 51.35 88.43 -82.05
CA VAL H 92 50.80 87.71 -80.91
C VAL H 92 49.37 87.24 -81.21
N ALA H 93 48.61 88.05 -81.95
CA ALA H 93 47.29 87.62 -82.38
C ALA H 93 47.38 86.64 -83.53
N HIS H 94 48.48 86.67 -84.30
CA HIS H 94 48.67 85.70 -85.37
C HIS H 94 48.91 84.31 -84.80
N LEU H 95 49.64 84.22 -83.69
CA LEU H 95 49.83 82.92 -83.03
C LEU H 95 48.53 82.43 -82.42
N ALA H 96 47.70 83.33 -81.89
CA ALA H 96 46.39 82.93 -81.40
C ALA H 96 45.48 82.47 -82.54
N LEU H 97 45.73 82.96 -83.75
CA LEU H 97 44.96 82.52 -84.92
C LEU H 97 45.45 81.19 -85.47
N LYS H 98 46.68 80.78 -85.16
CA LYS H 98 47.16 79.48 -85.58
C LYS H 98 46.74 78.36 -84.63
N HIS H 99 46.11 78.70 -83.50
CA HIS H 99 45.61 77.71 -82.56
C HIS H 99 44.17 77.33 -82.83
N ARG H 100 43.56 77.86 -83.89
CA ARG H 100 42.17 77.55 -84.22
C ARG H 100 42.05 76.08 -84.61
N GLN H 101 41.02 75.42 -84.07
CA GLN H 101 40.78 74.02 -84.42
C GLN H 101 40.35 73.89 -85.88
N GLY H 102 39.30 74.61 -86.27
CA GLY H 102 38.90 74.60 -87.67
C GLY H 102 39.84 75.42 -88.52
N LYS H 103 40.22 74.88 -89.67
CA LYS H 103 41.09 75.58 -90.61
C LYS H 103 40.31 76.29 -91.71
N ASN H 104 38.98 76.21 -91.71
CA ASN H 104 38.17 76.87 -92.73
C ASN H 104 37.94 78.35 -92.43
N HIS H 105 38.28 78.81 -91.23
CA HIS H 105 38.09 80.21 -90.87
C HIS H 105 39.28 81.03 -91.33
N LYS H 106 39.01 82.13 -92.01
CA LYS H 106 40.08 83.02 -92.46
C LYS H 106 40.64 83.80 -91.27
N MET H 107 41.93 84.10 -91.35
CA MET H 107 42.61 84.83 -90.28
C MET H 107 42.32 86.32 -90.41
N ARG H 108 41.73 86.90 -89.38
CA ARG H 108 41.35 88.31 -89.37
C ARG H 108 41.70 88.91 -88.01
N ILE H 109 42.27 90.12 -88.05
CA ILE H 109 42.69 90.83 -86.84
C ILE H 109 42.19 92.27 -86.94
N ILE H 110 41.62 92.77 -85.84
CA ILE H 110 41.27 94.18 -85.72
C ILE H 110 41.97 94.72 -84.49
N ALA H 111 42.65 95.86 -84.66
CA ALA H 111 43.44 96.44 -83.58
C ALA H 111 43.19 97.94 -83.52
N PHE H 112 43.44 98.50 -82.35
CA PHE H 112 43.28 99.94 -82.10
C PHE H 112 44.65 100.50 -81.71
N VAL H 113 45.11 101.50 -82.45
CA VAL H 113 46.35 102.19 -82.15
C VAL H 113 46.01 103.62 -81.74
N GLY H 114 46.16 103.91 -80.45
CA GLY H 114 45.90 105.23 -79.92
C GLY H 114 47.12 106.00 -79.45
N SER H 115 48.32 105.56 -79.79
CA SER H 115 49.54 106.14 -79.24
C SER H 115 50.62 106.20 -80.31
N PRO H 116 51.47 107.22 -80.26
CA PRO H 116 52.62 107.25 -81.17
C PRO H 116 53.57 106.10 -80.86
N VAL H 117 54.00 105.40 -81.91
CA VAL H 117 54.83 104.21 -81.77
C VAL H 117 56.22 104.52 -82.28
N GLU H 118 57.21 103.86 -81.68
CA GLU H 118 58.60 103.95 -82.10
C GLU H 118 58.97 102.91 -83.15
N ASP H 119 58.00 102.12 -83.63
CA ASP H 119 58.28 101.09 -84.61
C ASP H 119 58.82 101.71 -85.90
N ASN H 120 59.97 101.20 -86.34
CA ASN H 120 60.60 101.70 -87.55
C ASN H 120 59.85 101.22 -88.79
N GLU H 121 60.05 101.95 -89.89
CA GLU H 121 59.39 101.59 -91.14
C GLU H 121 59.88 100.25 -91.67
N LYS H 122 61.11 99.85 -91.31
CA LYS H 122 61.62 98.56 -91.75
C LYS H 122 60.91 97.42 -91.05
N ASP H 123 60.46 97.64 -89.81
CA ASP H 123 59.77 96.58 -89.09
C ASP H 123 58.36 96.36 -89.62
N LEU H 124 57.65 97.45 -89.94
CA LEU H 124 56.29 97.32 -90.44
C LEU H 124 56.26 96.80 -91.87
N VAL H 125 57.30 97.07 -92.67
CA VAL H 125 57.34 96.53 -94.02
C VAL H 125 57.77 95.06 -93.99
N LYS H 126 58.53 94.64 -92.97
CA LYS H 126 58.82 93.22 -92.81
C LYS H 126 57.58 92.46 -92.36
N LEU H 127 56.77 93.07 -91.50
CA LEU H 127 55.49 92.46 -91.14
C LEU H 127 54.51 92.53 -92.31
N ALA H 128 54.63 93.53 -93.17
CA ALA H 128 53.74 93.64 -94.32
C ALA H 128 53.99 92.50 -95.29
N LYS H 129 55.25 92.26 -95.65
CA LYS H 129 55.57 91.14 -96.53
C LYS H 129 55.37 89.80 -95.84
N ARG H 130 55.48 89.76 -94.51
CA ARG H 130 55.20 88.52 -93.79
C ARG H 130 53.71 88.22 -93.81
N LEU H 131 52.86 89.24 -93.66
CA LEU H 131 51.43 89.02 -93.77
C LEU H 131 51.02 88.75 -95.22
N LYS H 132 51.81 89.23 -96.18
CA LYS H 132 51.57 88.87 -97.59
C LYS H 132 51.77 87.38 -97.80
N LYS H 133 52.80 86.80 -97.16
CA LYS H 133 53.02 85.36 -97.28
C LYS H 133 52.03 84.57 -96.45
N GLU H 134 51.52 85.15 -95.36
CA GLU H 134 50.60 84.46 -94.47
C GLU H 134 49.13 84.77 -94.77
N LYS H 135 48.86 85.64 -95.74
CA LYS H 135 47.52 85.95 -96.24
C LYS H 135 46.64 86.68 -95.22
N VAL H 136 47.13 86.89 -93.99
CA VAL H 136 46.30 87.48 -92.95
C VAL H 136 45.88 88.89 -93.34
N ASN H 137 44.59 89.16 -93.22
CA ASN H 137 44.03 90.49 -93.48
C ASN H 137 43.72 91.16 -92.14
N VAL H 138 44.29 92.33 -91.92
CA VAL H 138 44.16 93.06 -90.66
C VAL H 138 43.48 94.40 -90.94
N ASP H 139 42.39 94.66 -90.22
CA ASP H 139 41.66 95.93 -90.33
C ASP H 139 41.90 96.72 -89.05
N ILE H 140 42.64 97.82 -89.16
CA ILE H 140 43.04 98.62 -88.01
C ILE H 140 42.19 99.89 -87.98
N ILE H 141 41.82 100.30 -86.76
CA ILE H 141 41.10 101.55 -86.54
C ILE H 141 41.90 102.39 -85.56
N ASN H 142 42.38 103.54 -86.01
CA ASN H 142 43.27 104.38 -85.23
C ASN H 142 42.46 105.30 -84.32
N PHE H 143 42.64 105.16 -83.02
CA PHE H 143 42.05 106.04 -82.02
C PHE H 143 43.14 106.95 -81.45
N GLY H 144 42.75 107.75 -80.45
CA GLY H 144 43.69 108.52 -79.67
C GLY H 144 44.48 109.57 -80.45
N GLU H 145 45.49 110.09 -79.76
CA GLU H 145 46.40 111.07 -80.36
C GLU H 145 47.63 110.37 -80.91
N GLU H 146 48.04 110.79 -82.10
CA GLU H 146 49.20 110.22 -82.78
C GLU H 146 49.70 111.27 -83.76
N GLU H 147 50.63 110.87 -84.63
CA GLU H 147 51.07 111.74 -85.73
C GLU H 147 49.86 112.16 -86.56
N VAL H 148 49.76 113.46 -86.82
CA VAL H 148 48.62 113.98 -87.55
C VAL H 148 48.57 113.35 -88.94
N ASN H 149 47.41 112.77 -89.28
CA ASN H 149 47.23 112.02 -90.52
C ASN H 149 48.31 110.93 -90.65
N THR H 150 48.13 109.90 -89.83
CA THR H 150 49.14 108.86 -89.67
C THR H 150 49.58 108.30 -91.03
N GLU H 151 50.90 108.26 -91.22
CA GLU H 151 51.49 107.85 -92.49
C GLU H 151 52.02 106.41 -92.43
N LYS H 152 53.00 106.17 -91.54
CA LYS H 152 53.57 104.83 -91.41
C LYS H 152 52.50 103.77 -91.17
N LEU H 153 51.41 104.12 -90.50
CA LEU H 153 50.30 103.19 -90.34
C LEU H 153 49.47 103.10 -91.61
N THR H 154 49.27 104.22 -92.30
CA THR H 154 48.57 104.19 -93.58
C THR H 154 49.38 103.44 -94.63
N ALA H 155 50.68 103.70 -94.68
CA ALA H 155 51.55 102.94 -95.57
C ALA H 155 51.65 101.48 -95.14
N PHE H 156 51.48 101.21 -93.84
CA PHE H 156 51.45 99.83 -93.37
C PHE H 156 50.23 99.10 -93.92
N VAL H 157 49.07 99.73 -93.89
CA VAL H 157 47.86 99.10 -94.40
C VAL H 157 47.92 98.99 -95.92
N ASN H 158 48.39 100.04 -96.59
CA ASN H 158 48.56 100.00 -98.04
C ASN H 158 49.45 98.83 -98.46
N THR H 159 50.72 98.86 -98.02
CA THR H 159 51.67 97.81 -98.36
C THR H 159 51.34 96.46 -97.72
N LEU H 160 50.35 96.39 -96.82
CA LEU H 160 50.01 95.13 -96.20
C LEU H 160 49.47 94.14 -97.22
N ASN H 161 48.52 94.57 -98.04
CA ASN H 161 47.87 93.70 -99.00
C ASN H 161 47.73 94.41 -100.34
N GLY H 162 47.46 93.64 -101.38
CA GLY H 162 47.24 94.21 -102.69
C GLY H 162 46.69 93.16 -103.64
N LYS H 163 46.00 93.65 -104.67
CA LYS H 163 45.40 92.80 -105.70
C LYS H 163 44.52 91.67 -105.15
N ASP H 164 43.35 91.98 -104.60
CA ASP H 164 42.87 93.35 -104.39
C ASP H 164 43.42 94.07 -103.14
N GLY H 165 43.46 93.44 -101.96
CA GLY H 165 42.99 92.08 -101.70
C GLY H 165 41.61 92.03 -101.06
N THR H 166 40.95 93.19 -101.00
CA THR H 166 39.60 93.37 -100.44
C THR H 166 39.33 92.53 -99.17
N GLY H 167 39.99 92.88 -98.06
CA GLY H 167 40.90 94.01 -98.02
C GLY H 167 41.18 94.52 -96.62
N SER H 168 42.08 95.49 -96.52
CA SER H 168 42.47 96.09 -95.25
C SER H 168 42.14 97.58 -95.31
N HIS H 169 41.32 98.04 -94.36
CA HIS H 169 40.89 99.43 -94.31
C HIS H 169 41.33 100.05 -92.99
N LEU H 170 41.80 101.28 -93.05
CA LEU H 170 42.29 102.00 -91.87
C LEU H 170 41.38 103.20 -91.62
N VAL H 171 40.86 103.30 -90.40
CA VAL H 171 39.98 104.40 -90.01
C VAL H 171 40.71 105.21 -88.95
N THR H 172 41.07 106.44 -89.28
CA THR H 172 41.78 107.33 -88.39
C THR H 172 40.79 108.29 -87.73
N VAL H 173 41.04 108.61 -86.46
CA VAL H 173 40.17 109.53 -85.72
C VAL H 173 40.24 110.92 -86.35
N PRO H 174 39.13 111.56 -86.63
CA PRO H 174 39.18 112.89 -87.24
C PRO H 174 39.65 113.93 -86.24
N PRO H 175 40.30 114.99 -86.70
CA PRO H 175 40.79 116.03 -85.77
C PRO H 175 39.67 116.91 -85.26
N GLY H 176 38.79 116.35 -84.43
CA GLY H 176 37.70 117.10 -83.86
C GLY H 176 36.99 116.31 -82.78
N PRO H 177 36.29 117.01 -81.88
CA PRO H 177 35.57 116.31 -80.79
C PRO H 177 34.42 115.51 -81.36
N SER H 178 34.35 114.24 -80.95
CA SER H 178 33.28 113.35 -81.40
C SER H 178 33.14 112.21 -80.40
N LEU H 179 31.99 111.56 -80.43
CA LEU H 179 31.74 110.38 -79.62
C LEU H 179 32.39 109.16 -80.25
N ALA H 180 32.71 108.18 -79.41
CA ALA H 180 33.31 106.94 -79.92
C ALA H 180 32.35 106.20 -80.84
N ASP H 181 31.04 106.33 -80.59
CA ASP H 181 30.06 105.66 -81.45
C ASP H 181 30.08 106.24 -82.86
N ALA H 182 30.33 107.54 -82.98
CA ALA H 182 30.42 108.15 -84.31
C ALA H 182 31.67 107.72 -85.04
N LEU H 183 32.74 107.40 -84.30
CA LEU H 183 33.97 106.92 -84.94
C LEU H 183 33.80 105.50 -85.47
N ILE H 184 33.07 104.65 -84.73
CA ILE H 184 32.84 103.28 -85.16
C ILE H 184 31.59 103.15 -86.03
N SER H 185 30.88 104.24 -86.30
CA SER H 185 29.69 104.16 -87.12
C SER H 185 30.04 103.89 -88.58
N SER H 186 31.16 104.44 -89.06
CA SER H 186 31.57 104.18 -90.44
C SER H 186 32.02 102.74 -90.65
N PRO H 187 32.90 102.15 -89.83
CA PRO H 187 33.36 100.78 -90.14
C PRO H 187 32.27 99.72 -90.06
N ILE H 188 31.27 99.90 -89.17
CA ILE H 188 30.25 98.86 -89.02
C ILE H 188 29.37 98.77 -90.26
N LEU H 189 29.12 99.90 -90.93
CA LEU H 189 28.32 99.87 -92.15
C LEU H 189 29.15 99.37 -93.33
N ALA H 190 30.36 99.90 -93.50
CA ALA H 190 31.25 99.49 -94.58
C ALA H 190 32.68 99.46 -94.05
N GLY H 191 33.39 98.38 -94.34
CA GLY H 191 34.77 98.23 -93.90
C GLY H 191 35.72 99.19 -94.58
N ALA I 1 28.48 39.54 -94.38
CA ALA I 1 28.49 38.60 -95.49
C ALA I 1 29.78 37.80 -95.52
N VAL I 2 30.81 38.35 -96.16
CA VAL I 2 32.10 37.70 -96.26
C VAL I 2 32.82 37.79 -94.92
N ASP I 3 33.36 36.68 -94.46
CA ASP I 3 34.07 36.61 -93.19
C ASP I 3 35.47 36.04 -93.40
N THR I 4 36.46 36.69 -92.79
CA THR I 4 37.85 36.27 -92.89
C THR I 4 38.51 36.43 -91.53
N ALA I 5 39.65 35.78 -91.36
CA ALA I 5 40.39 35.85 -90.10
C ALA I 5 40.72 37.31 -89.76
N GLU I 6 40.43 37.69 -88.52
CA GLU I 6 40.54 39.07 -88.09
C GLU I 6 41.77 39.25 -87.20
N GLN I 7 42.37 40.43 -87.28
CA GLN I 7 43.52 40.80 -86.46
C GLN I 7 43.36 42.23 -85.98
N VAL I 8 43.57 42.46 -84.69
CA VAL I 8 43.41 43.78 -84.08
C VAL I 8 44.80 44.37 -83.89
N TYR I 9 45.10 45.41 -84.66
CA TYR I 9 46.34 46.17 -84.46
C TYR I 9 46.11 47.17 -83.34
N ILE I 10 46.88 47.05 -82.26
CA ILE I 10 46.69 47.90 -81.09
C ILE I 10 47.89 48.82 -80.93
N SER I 11 47.63 49.99 -80.37
CA SER I 11 48.66 50.94 -80.00
C SER I 11 48.92 50.84 -78.51
N SER I 12 50.18 51.04 -78.11
CA SER I 12 50.52 50.96 -76.70
C SER I 12 49.74 51.96 -75.87
N LEU I 13 49.41 53.12 -76.45
CA LEU I 13 48.60 54.10 -75.75
C LEU I 13 47.20 53.55 -75.48
N ALA I 14 46.68 52.73 -76.39
CA ALA I 14 45.37 52.12 -76.17
C ALA I 14 45.40 51.17 -74.99
N LEU I 15 46.39 50.27 -74.96
CA LEU I 15 46.50 49.33 -73.85
C LEU I 15 46.75 50.04 -72.53
N LEU I 16 47.50 51.15 -72.56
CA LEU I 16 47.74 51.90 -71.34
C LEU I 16 46.43 52.46 -70.77
N LYS I 17 45.63 53.11 -71.62
CA LYS I 17 44.34 53.62 -71.15
C LYS I 17 43.41 52.49 -70.75
N MET I 18 43.54 51.32 -71.38
CA MET I 18 42.76 50.15 -71.01
C MET I 18 42.98 49.79 -69.54
N LEU I 19 44.21 49.41 -69.19
CA LEU I 19 44.48 48.94 -67.83
C LEU I 19 44.44 50.08 -66.82
N LYS I 20 44.69 51.33 -67.26
CA LYS I 20 44.61 52.46 -66.33
C LYS I 20 43.16 52.74 -65.95
N HIS I 21 42.26 52.76 -66.93
CA HIS I 21 40.84 52.93 -66.66
C HIS I 21 40.27 51.74 -65.90
N GLY I 22 40.86 50.56 -66.04
CA GLY I 22 40.39 49.40 -65.31
C GLY I 22 40.94 49.30 -63.90
N ARG I 23 42.14 49.85 -63.66
CA ARG I 23 42.74 49.80 -62.34
C ARG I 23 42.13 50.81 -61.39
N ALA I 24 41.71 51.97 -61.91
CA ALA I 24 41.14 53.01 -61.05
C ALA I 24 39.74 52.67 -60.54
N GLY I 25 39.09 51.66 -61.12
CA GLY I 25 37.74 51.32 -60.73
C GLY I 25 37.63 50.11 -59.84
N VAL I 26 38.74 49.38 -59.66
CA VAL I 26 38.77 48.16 -58.87
C VAL I 26 38.19 48.39 -57.47
N PRO I 27 37.31 47.48 -57.00
CA PRO I 27 36.75 46.30 -57.67
C PRO I 27 35.69 46.60 -58.72
N MET I 28 35.06 47.78 -58.63
CA MET I 28 33.88 48.07 -59.44
C MET I 28 34.22 48.07 -60.92
N GLU I 29 33.35 47.44 -61.72
CA GLU I 29 33.54 47.40 -63.16
C GLU I 29 33.24 48.77 -63.77
N VAL I 30 34.11 49.21 -64.67
CA VAL I 30 33.95 50.51 -65.32
C VAL I 30 33.49 50.29 -66.76
N MET I 31 33.27 51.38 -67.49
CA MET I 31 32.84 51.32 -68.88
C MET I 31 33.64 52.32 -69.70
N GLY I 32 34.38 51.83 -70.70
CA GLY I 32 35.07 52.67 -71.64
C GLY I 32 34.47 52.59 -73.03
N LEU I 33 35.22 53.14 -73.99
CA LEU I 33 34.89 53.03 -75.40
C LEU I 33 36.17 52.89 -76.21
N MET I 34 36.11 52.08 -77.27
CA MET I 34 37.26 51.84 -78.13
C MET I 34 37.24 52.83 -79.30
N LEU I 35 38.42 53.31 -79.67
CA LEU I 35 38.58 54.29 -80.74
C LEU I 35 39.59 53.76 -81.75
N GLY I 36 39.33 54.01 -83.03
CA GLY I 36 40.19 53.48 -84.07
C GLY I 36 39.59 53.70 -85.45
N GLU I 37 40.03 52.87 -86.39
CA GLU I 37 39.60 52.98 -87.78
C GLU I 37 39.42 51.60 -88.38
N PHE I 38 38.37 51.44 -89.19
CA PHE I 38 38.11 50.18 -89.88
C PHE I 38 38.74 50.25 -91.27
N VAL I 39 39.81 49.47 -91.47
CA VAL I 39 40.45 49.43 -92.78
C VAL I 39 39.72 48.48 -93.71
N ASP I 40 39.34 47.30 -93.21
CA ASP I 40 38.67 46.26 -94.00
C ASP I 40 38.09 45.24 -93.02
N ASP I 41 37.58 44.14 -93.57
CA ASP I 41 36.94 43.12 -92.73
C ASP I 41 37.97 42.27 -92.00
N TYR I 42 39.02 41.83 -92.70
CA TYR I 42 39.96 40.88 -92.12
C TYR I 42 41.02 41.53 -91.24
N THR I 43 41.14 42.86 -91.23
CA THR I 43 42.05 43.55 -90.34
C THR I 43 41.35 44.75 -89.73
N VAL I 44 41.72 45.05 -88.48
CA VAL I 44 41.13 46.16 -87.74
C VAL I 44 42.20 46.71 -86.81
N ARG I 45 42.08 47.99 -86.48
CA ARG I 45 43.07 48.64 -85.63
C ARG I 45 42.38 49.54 -84.62
N VAL I 46 42.91 49.57 -83.41
CA VAL I 46 42.51 50.51 -82.36
C VAL I 46 43.71 51.43 -82.10
N ILE I 47 43.60 52.68 -82.54
CA ILE I 47 44.68 53.64 -82.40
C ILE I 47 44.55 54.51 -81.16
N ASP I 48 43.42 54.48 -80.46
CA ASP I 48 43.23 55.28 -79.26
C ASP I 48 42.18 54.62 -78.39
N VAL I 49 42.23 54.94 -77.10
CA VAL I 49 41.25 54.46 -76.13
C VAL I 49 40.95 55.58 -75.15
N PHE I 50 39.67 55.88 -74.97
CA PHE I 50 39.21 56.87 -74.00
C PHE I 50 38.21 56.24 -73.06
N ALA I 51 38.05 56.84 -71.88
CA ALA I 51 37.23 56.29 -70.82
C ALA I 51 35.95 57.11 -70.67
N MET I 52 34.82 56.41 -70.44
CA MET I 52 33.53 57.00 -70.14
C MET I 52 33.36 57.21 -68.64
N PRO I 53 32.64 58.25 -68.23
CA PRO I 53 32.43 58.47 -66.79
C PRO I 53 31.49 57.45 -66.19
N GLN I 54 31.69 57.18 -64.91
CA GLN I 54 30.88 56.22 -64.17
C GLN I 54 29.62 56.90 -63.63
N SER I 55 28.48 56.24 -63.83
CA SER I 55 27.19 56.80 -63.43
C SER I 55 26.47 55.88 -62.45
N GLY I 56 25.27 56.31 -62.04
CA GLY I 56 24.49 55.56 -61.07
C GLY I 56 23.80 54.35 -61.64
N THR I 57 23.45 54.39 -62.93
CA THR I 57 22.83 53.24 -63.58
C THR I 57 23.79 52.06 -63.69
N GLY I 58 25.06 52.26 -63.36
CA GLY I 58 26.04 51.19 -63.41
C GLY I 58 26.59 51.00 -64.81
N VAL I 59 26.89 49.77 -65.19
CA VAL I 59 27.31 49.46 -66.55
C VAL I 59 26.04 49.13 -67.34
N SER I 60 25.70 49.98 -68.30
CA SER I 60 24.48 49.83 -69.07
C SER I 60 24.62 50.57 -70.39
N VAL I 61 23.73 50.25 -71.33
CA VAL I 61 23.73 50.93 -72.61
C VAL I 61 23.40 52.41 -72.45
N GLU I 62 22.65 52.76 -71.40
CA GLU I 62 22.33 54.16 -71.12
C GLU I 62 23.47 54.90 -70.45
N ALA I 63 24.49 54.20 -69.95
CA ALA I 63 25.61 54.86 -69.30
C ALA I 63 26.43 55.70 -70.25
N VAL I 64 26.39 55.41 -71.55
CA VAL I 64 27.09 56.24 -72.53
C VAL I 64 26.39 57.58 -72.65
N ASP I 65 27.14 58.66 -72.43
CA ASP I 65 26.56 60.00 -72.42
C ASP I 65 26.70 60.61 -73.81
N PRO I 66 25.59 60.95 -74.48
CA PRO I 66 25.70 61.50 -75.84
C PRO I 66 26.39 62.85 -75.88
N VAL I 67 26.13 63.73 -74.91
CA VAL I 67 26.79 65.03 -74.91
C VAL I 67 28.27 64.88 -74.58
N PHE I 68 28.65 63.81 -73.88
CA PHE I 68 30.06 63.52 -73.69
C PHE I 68 30.71 63.08 -75.00
N GLN I 69 29.99 62.30 -75.81
CA GLN I 69 30.53 61.89 -77.11
C GLN I 69 30.65 63.07 -78.06
N ALA I 70 29.71 64.00 -78.00
CA ALA I 70 29.77 65.17 -78.89
C ALA I 70 30.92 66.09 -78.52
N LYS I 71 31.14 66.30 -77.21
CA LYS I 71 32.19 67.19 -76.77
C LYS I 71 33.56 66.51 -76.86
N MET I 72 33.62 65.19 -76.67
CA MET I 72 34.89 64.49 -76.82
C MET I 72 35.36 64.50 -78.27
N LEU I 73 34.48 64.13 -79.20
CA LEU I 73 34.83 64.18 -80.61
C LEU I 73 35.16 65.59 -81.06
N ASP I 74 34.56 66.60 -80.43
CA ASP I 74 34.96 67.98 -80.69
C ASP I 74 36.36 68.24 -80.13
N MET I 75 36.64 67.73 -78.93
CA MET I 75 37.99 67.82 -78.38
C MET I 75 38.97 66.98 -79.18
N LEU I 76 38.49 65.93 -79.86
CA LEU I 76 39.35 65.17 -80.77
C LEU I 76 39.53 65.91 -82.09
N LYS I 77 38.60 66.78 -82.47
CA LYS I 77 38.76 67.55 -83.69
C LYS I 77 39.83 68.61 -83.52
N GLN I 78 39.91 69.25 -82.35
CA GLN I 78 41.02 70.14 -82.07
C GLN I 78 42.30 69.37 -81.73
N THR I 79 42.18 68.10 -81.37
CA THR I 79 43.34 67.23 -81.28
C THR I 79 43.85 66.90 -82.68
N GLY I 80 45.10 66.43 -82.75
CA GLY I 80 45.73 66.21 -84.04
C GLY I 80 44.92 65.31 -84.96
N ARG I 81 44.54 64.13 -84.48
CA ARG I 81 43.82 63.16 -85.30
C ARG I 81 42.42 62.93 -84.77
N PRO I 82 41.37 63.39 -85.46
CA PRO I 82 40.00 63.10 -85.02
C PRO I 82 39.39 61.87 -85.68
N GLU I 83 39.85 60.68 -85.31
CA GLU I 83 39.33 59.47 -85.93
C GLU I 83 37.94 59.14 -85.38
N MET I 84 37.19 58.39 -86.19
CA MET I 84 35.81 58.01 -85.85
C MET I 84 35.79 56.89 -84.83
N VAL I 85 34.71 56.83 -84.04
CA VAL I 85 34.57 55.77 -83.05
C VAL I 85 34.36 54.42 -83.74
N VAL I 86 34.65 53.35 -83.02
CA VAL I 86 34.56 52.01 -83.57
C VAL I 86 33.72 51.11 -82.67
N GLY I 87 34.17 50.91 -81.43
CA GLY I 87 33.55 49.93 -80.55
C GLY I 87 33.68 50.34 -79.09
N TRP I 88 33.23 49.44 -78.21
CA TRP I 88 33.15 49.70 -76.78
C TRP I 88 34.00 48.70 -76.02
N TYR I 89 34.31 49.05 -74.77
CA TYR I 89 35.01 48.16 -73.87
C TYR I 89 34.61 48.47 -72.44
N HIS I 90 34.65 47.45 -71.59
CA HIS I 90 34.38 47.61 -70.17
C HIS I 90 35.28 46.68 -69.38
N SER I 91 35.85 47.19 -68.30
CA SER I 91 36.75 46.41 -67.46
C SER I 91 35.95 45.54 -66.49
N HIS I 92 36.55 44.43 -66.09
CA HIS I 92 35.97 43.51 -65.10
C HIS I 92 37.06 43.13 -64.09
N PRO I 93 37.35 44.01 -63.13
CA PRO I 93 38.43 43.72 -62.18
C PRO I 93 38.10 42.61 -61.20
N GLY I 94 36.82 42.37 -60.91
CA GLY I 94 36.46 41.49 -59.82
C GLY I 94 36.31 40.02 -60.14
N PHE I 95 36.36 39.64 -61.42
CA PHE I 95 36.16 38.24 -61.80
C PHE I 95 36.85 37.99 -63.13
N GLY I 96 36.53 36.86 -63.76
CA GLY I 96 37.25 36.35 -64.90
C GLY I 96 36.92 37.01 -66.22
N CYS I 97 36.36 38.22 -66.16
CA CYS I 97 36.16 39.09 -67.32
C CYS I 97 35.35 38.41 -68.42
N TRP I 98 34.17 37.92 -68.05
CA TRP I 98 33.22 37.32 -68.98
C TRP I 98 32.05 38.28 -69.20
N LEU I 99 31.51 38.24 -70.41
CA LEU I 99 30.40 39.13 -70.78
C LEU I 99 29.14 38.75 -70.01
N SER I 100 28.47 39.75 -69.45
CA SER I 100 27.25 39.53 -68.69
C SER I 100 26.04 39.77 -69.57
N GLY I 101 24.84 39.74 -68.98
CA GLY I 101 23.63 39.99 -69.74
C GLY I 101 23.50 41.42 -70.22
N VAL I 102 24.00 42.38 -69.44
CA VAL I 102 23.96 43.77 -69.88
C VAL I 102 24.99 44.02 -70.97
N ASP I 103 26.06 43.22 -71.01
CA ASP I 103 27.07 43.39 -72.04
C ASP I 103 26.54 43.06 -73.43
N ILE I 104 25.69 42.04 -73.52
CA ILE I 104 25.05 41.76 -74.81
C ILE I 104 23.87 42.70 -75.02
N ASN I 105 23.22 43.14 -73.94
CA ASN I 105 22.11 44.09 -74.08
C ASN I 105 22.56 45.41 -74.67
N THR I 106 23.83 45.79 -74.46
CA THR I 106 24.40 46.92 -75.19
C THR I 106 25.09 46.50 -76.48
N GLN I 107 25.28 45.20 -76.69
CA GLN I 107 25.96 44.75 -77.91
C GLN I 107 25.07 44.83 -79.13
N GLN I 108 23.76 44.58 -78.98
CA GLN I 108 22.88 44.74 -80.15
C GLN I 108 22.72 46.20 -80.53
N SER I 109 22.97 47.11 -79.59
CA SER I 109 22.96 48.54 -79.91
C SER I 109 24.26 48.96 -80.60
N PHE I 110 25.39 48.44 -80.13
CA PHE I 110 26.67 48.77 -80.77
C PHE I 110 26.81 48.10 -82.13
N GLU I 111 26.19 46.92 -82.31
CA GLU I 111 26.19 46.31 -83.63
C GLU I 111 25.15 46.93 -84.55
N ALA I 112 24.09 47.51 -83.98
CA ALA I 112 23.14 48.31 -84.74
C ALA I 112 23.84 49.49 -85.40
N LEU I 113 24.32 50.42 -84.57
CA LEU I 113 25.04 51.61 -85.04
C LEU I 113 26.27 51.23 -85.86
N SER I 114 27.26 50.63 -85.20
CA SER I 114 28.51 50.27 -85.86
C SER I 114 28.44 48.84 -86.38
N GLU I 115 29.07 48.62 -87.54
CA GLU I 115 29.03 47.32 -88.18
C GLU I 115 29.69 46.25 -87.31
N ARG I 116 30.90 46.54 -86.82
CA ARG I 116 31.65 45.56 -86.04
C ARG I 116 31.48 45.79 -84.54
N ALA I 117 32.10 46.85 -84.02
CA ALA I 117 32.04 47.20 -82.60
C ALA I 117 32.52 46.04 -81.73
N VAL I 118 33.83 45.77 -81.83
CA VAL I 118 34.44 44.69 -81.09
C VAL I 118 34.46 45.04 -79.60
N ALA I 119 34.05 44.09 -78.76
CA ALA I 119 34.00 44.27 -77.32
C ALA I 119 35.27 43.71 -76.68
N VAL I 120 35.92 44.52 -75.85
CA VAL I 120 37.18 44.15 -75.21
C VAL I 120 37.00 44.29 -73.70
N VAL I 121 37.54 43.34 -72.95
CA VAL I 121 37.53 43.38 -71.49
C VAL I 121 38.96 43.22 -71.00
N VAL I 122 39.30 43.87 -69.90
CA VAL I 122 40.64 43.84 -69.34
C VAL I 122 40.55 43.76 -67.81
N ASP I 123 41.45 43.00 -67.21
CA ASP I 123 41.52 42.87 -65.76
C ASP I 123 42.98 42.90 -65.30
N PRO I 124 43.29 43.64 -64.23
CA PRO I 124 44.65 43.59 -63.66
C PRO I 124 44.98 42.33 -62.88
N ILE I 125 43.98 41.57 -62.43
CA ILE I 125 44.20 40.62 -61.34
C ILE I 125 44.96 39.39 -61.82
N GLN I 126 44.69 38.92 -63.04
CA GLN I 126 45.14 37.60 -63.46
C GLN I 126 46.66 37.45 -63.34
N SER I 127 47.42 38.33 -63.97
CA SER I 127 48.87 38.28 -63.89
C SER I 127 49.42 39.66 -63.58
N VAL I 128 50.41 39.71 -62.69
CA VAL I 128 51.02 40.99 -62.33
C VAL I 128 52.04 41.44 -63.38
N LYS I 129 52.66 40.51 -64.11
CA LYS I 129 53.70 40.89 -65.05
C LYS I 129 53.57 40.27 -66.44
N GLY I 130 53.75 38.96 -66.53
CA GLY I 130 54.12 38.33 -67.79
C GLY I 130 53.03 37.80 -68.71
N LYS I 131 51.81 38.30 -68.60
CA LYS I 131 50.73 37.85 -69.46
C LYS I 131 50.00 39.04 -70.08
N VAL I 132 49.52 38.86 -71.30
CA VAL I 132 48.69 39.87 -71.95
C VAL I 132 47.43 40.13 -71.14
N VAL I 133 46.92 39.10 -70.47
CA VAL I 133 45.65 39.15 -69.74
C VAL I 133 44.56 39.64 -70.70
N ILE I 134 43.97 40.79 -70.38
CA ILE I 134 42.92 41.47 -71.15
C ILE I 134 41.85 40.44 -71.52
N ASP I 135 41.29 40.55 -72.73
CA ASP I 135 40.31 39.61 -73.28
C ASP I 135 39.87 40.17 -74.62
N ALA I 136 39.07 39.38 -75.33
CA ALA I 136 38.51 39.80 -76.61
C ALA I 136 37.17 39.13 -76.81
N PHE I 137 36.23 39.88 -77.39
CA PHE I 137 34.89 39.35 -77.65
C PHE I 137 34.32 40.01 -78.90
N ARG I 138 33.58 39.23 -79.68
CA ARG I 138 32.80 39.74 -80.80
C ARG I 138 31.52 38.94 -80.90
N LEU I 139 30.40 39.64 -81.09
CA LEU I 139 29.09 39.01 -81.11
C LEU I 139 28.82 38.42 -82.50
N ILE I 140 28.59 37.11 -82.56
CA ILE I 140 28.22 36.49 -83.83
C ILE I 140 26.78 36.86 -84.17
N ASN I 141 26.48 36.87 -85.46
CA ASN I 141 25.15 37.26 -85.93
C ASN I 141 24.18 36.11 -85.74
N ALA I 142 23.09 36.38 -85.00
CA ALA I 142 22.05 35.37 -84.83
C ALA I 142 21.26 35.13 -86.11
N ASN I 143 21.31 36.07 -87.06
CA ASN I 143 20.66 35.88 -88.35
C ASN I 143 21.40 34.88 -89.23
N MET I 144 22.56 34.40 -88.82
CA MET I 144 23.35 33.44 -89.57
C MET I 144 22.98 32.00 -89.25
N MET I 145 21.94 31.78 -88.44
CA MET I 145 21.52 30.41 -88.09
C MET I 145 21.19 29.60 -89.33
N VAL I 146 20.75 30.25 -90.41
CA VAL I 146 20.55 29.56 -91.68
C VAL I 146 21.85 28.92 -92.14
N LEU I 147 22.85 29.74 -92.43
CA LEU I 147 24.13 29.26 -92.92
C LEU I 147 24.95 28.68 -91.76
N GLY I 148 26.21 28.31 -92.04
CA GLY I 148 27.04 27.71 -91.01
C GLY I 148 27.68 28.75 -90.11
N HIS I 149 27.95 28.33 -88.87
CA HIS I 149 28.53 29.20 -87.85
C HIS I 149 30.05 29.09 -87.76
N GLU I 150 30.70 28.33 -88.64
CA GLU I 150 32.12 28.02 -88.50
C GLU I 150 32.94 28.55 -89.68
N PRO I 151 33.18 29.87 -89.74
CA PRO I 151 34.34 30.42 -90.45
C PRO I 151 35.48 30.46 -89.42
N ARG I 152 36.70 30.98 -89.68
CA ARG I 152 37.14 31.65 -90.90
C ARG I 152 38.07 30.76 -91.74
N GLN I 153 38.66 31.38 -92.76
CA GLN I 153 39.73 30.78 -93.55
C GLN I 153 41.02 31.50 -93.23
N THR I 154 42.14 30.83 -93.48
CA THR I 154 43.45 31.16 -92.90
C THR I 154 43.37 31.08 -91.38
N THR I 155 43.27 29.83 -90.92
CA THR I 155 43.01 29.47 -89.53
C THR I 155 44.17 29.77 -88.60
N SER I 156 45.30 30.28 -89.13
CA SER I 156 46.52 30.55 -88.37
C SER I 156 46.23 31.23 -87.04
N ASN I 157 45.76 32.48 -87.10
CA ASN I 157 45.49 33.22 -85.88
C ASN I 157 44.26 32.70 -85.14
N LEU I 158 43.40 31.94 -85.81
CA LEU I 158 42.21 31.42 -85.16
C LEU I 158 42.54 30.26 -84.23
N GLY I 159 43.06 29.17 -84.78
CA GLY I 159 43.41 28.03 -83.96
C GLY I 159 44.43 28.36 -82.87
N HIS I 160 45.25 29.38 -83.10
CA HIS I 160 46.18 29.84 -82.08
C HIS I 160 45.52 30.77 -81.07
N LEU I 161 44.39 31.38 -81.43
CA LEU I 161 43.66 32.22 -80.49
C LEU I 161 42.83 31.40 -79.53
N ASN I 162 42.25 30.29 -80.00
CA ASN I 162 41.38 29.48 -79.15
C ASN I 162 42.12 28.99 -77.92
N LYS I 163 43.30 28.39 -78.11
CA LYS I 163 44.13 27.96 -76.99
C LYS I 163 44.38 29.12 -76.05
N PRO I 164 44.30 28.89 -74.72
CA PRO I 164 44.14 27.67 -73.91
C PRO I 164 42.83 26.88 -74.11
N SER I 165 41.85 27.46 -74.82
CA SER I 165 40.41 27.14 -74.84
C SER I 165 39.71 27.96 -73.78
N ILE I 166 40.45 28.73 -72.98
CA ILE I 166 39.98 29.70 -71.99
C ILE I 166 38.82 29.13 -71.17
N GLN I 167 39.15 28.17 -70.30
CA GLN I 167 38.30 27.66 -69.22
C GLN I 167 37.02 27.06 -69.81
N ALA I 168 35.88 27.28 -69.15
CA ALA I 168 34.59 26.73 -69.54
C ALA I 168 33.59 27.88 -69.60
N LEU I 169 33.38 28.55 -68.47
CA LEU I 169 32.44 29.66 -68.40
C LEU I 169 32.77 30.76 -69.40
N ILE I 170 34.05 30.95 -69.71
CA ILE I 170 34.42 31.91 -70.75
C ILE I 170 34.08 31.36 -72.13
N HIS I 171 34.54 30.14 -72.42
CA HIS I 171 34.19 29.50 -73.68
C HIS I 171 32.75 28.99 -73.69
N GLY I 172 32.06 29.05 -72.55
CA GLY I 172 30.62 29.00 -72.58
C GLY I 172 30.01 30.16 -73.35
N LEU I 173 30.76 31.25 -73.47
CA LEU I 173 30.37 32.34 -74.36
C LEU I 173 30.80 32.10 -75.81
N ASN I 174 31.66 31.11 -76.06
CA ASN I 174 32.01 30.77 -77.43
C ASN I 174 30.78 30.43 -78.26
N ARG I 175 29.70 30.01 -77.61
CA ARG I 175 28.39 30.00 -78.24
C ARG I 175 27.79 31.40 -78.13
N HIS I 176 27.47 31.99 -79.28
CA HIS I 176 26.94 33.34 -79.50
C HIS I 176 28.03 34.41 -79.50
N TYR I 177 29.27 34.09 -79.11
CA TYR I 177 30.36 35.06 -79.18
C TYR I 177 31.61 34.35 -79.67
N TYR I 178 32.60 35.14 -80.07
CA TYR I 178 33.91 34.60 -80.42
C TYR I 178 34.97 35.66 -80.17
N SER I 179 36.17 35.22 -79.81
CA SER I 179 37.26 36.13 -79.49
C SER I 179 37.89 36.67 -80.78
N ILE I 180 38.88 37.54 -80.61
CA ILE I 180 39.59 38.13 -81.74
C ILE I 180 41.05 38.32 -81.34
N THR I 181 41.94 38.19 -82.31
CA THR I 181 43.37 38.19 -82.03
C THR I 181 43.89 39.61 -81.80
N ILE I 182 44.93 39.72 -80.98
CA ILE I 182 45.56 40.98 -80.64
C ILE I 182 47.07 40.83 -80.84
N ASN I 183 47.66 41.77 -81.58
CA ASN I 183 49.10 41.81 -81.76
C ASN I 183 49.60 43.22 -81.47
N TYR I 184 50.86 43.32 -81.04
CA TYR I 184 51.47 44.59 -80.67
C TYR I 184 52.34 45.08 -81.82
N ARG I 185 51.95 46.21 -82.40
CA ARG I 185 52.66 46.76 -83.55
C ARG I 185 53.69 47.78 -83.10
N LYS I 186 54.82 47.79 -83.80
CA LYS I 186 55.93 48.69 -83.48
C LYS I 186 56.13 49.71 -84.62
N ASN I 187 56.38 51.00 -84.32
CA ASN I 187 56.50 51.65 -83.00
C ASN I 187 57.56 51.01 -82.09
N GLU I 188 58.73 50.74 -82.64
CA GLU I 188 59.79 50.10 -81.88
C GLU I 188 60.54 51.09 -80.98
N LEU I 189 60.71 52.33 -81.44
CA LEU I 189 61.44 53.32 -80.65
C LEU I 189 60.74 53.59 -79.32
N GLU I 190 59.43 53.84 -79.37
CA GLU I 190 58.68 54.07 -78.14
C GLU I 190 58.60 52.79 -77.31
N GLN I 191 58.42 51.65 -77.96
CA GLN I 191 58.41 50.38 -77.24
C GLN I 191 59.75 50.11 -76.56
N LYS I 192 60.85 50.54 -77.18
CA LYS I 192 62.16 50.32 -76.59
C LYS I 192 62.42 51.25 -75.41
N MET I 193 62.05 52.53 -75.54
CA MET I 193 62.24 53.45 -74.42
C MET I 193 61.32 53.12 -73.26
N LEU I 194 60.05 52.79 -73.53
CA LEU I 194 59.14 52.35 -72.48
C LEU I 194 59.55 51.00 -71.92
N LEU I 195 60.26 50.19 -72.70
CA LEU I 195 60.87 48.98 -72.17
C LEU I 195 61.90 49.33 -71.10
N ASN I 196 62.81 50.24 -71.43
CA ASN I 196 63.81 50.68 -70.46
C ASN I 196 63.18 51.47 -69.32
N LEU I 197 62.00 52.05 -69.55
CA LEU I 197 61.31 52.78 -68.50
C LEU I 197 60.96 51.87 -67.33
N HIS I 198 60.39 50.70 -67.61
CA HIS I 198 60.15 49.75 -66.53
C HIS I 198 61.43 49.01 -66.14
N LYS I 199 62.40 48.89 -67.05
CA LYS I 199 63.68 48.31 -66.68
C LYS I 199 64.40 49.16 -65.63
N LYS I 200 63.98 50.41 -65.45
CA LYS I 200 64.56 51.22 -64.39
C LYS I 200 64.36 50.58 -63.03
N SER I 201 63.32 49.76 -62.86
CA SER I 201 63.10 49.02 -61.64
C SER I 201 64.27 48.11 -61.32
N TRP I 202 64.48 47.08 -62.15
CA TRP I 202 65.49 46.06 -61.86
C TRP I 202 66.90 46.46 -62.29
N MET I 203 67.04 47.39 -63.23
CA MET I 203 68.38 47.85 -63.61
C MET I 203 68.89 48.89 -62.63
N GLU I 204 68.36 50.11 -62.74
CA GLU I 204 68.59 51.23 -61.83
C GLU I 204 67.64 52.35 -62.24
N GLY I 205 67.41 53.28 -61.32
CA GLY I 205 66.45 54.34 -61.55
C GLY I 205 66.81 55.21 -62.74
N LEU I 206 68.01 55.77 -62.71
CA LEU I 206 68.54 56.57 -63.80
C LEU I 206 69.44 55.78 -64.73
N THR I 207 69.61 54.47 -64.48
CA THR I 207 70.73 53.64 -64.95
C THR I 207 72.02 54.07 -64.29
N LEU I 208 71.98 55.09 -63.44
CA LEU I 208 73.13 55.57 -62.65
C LEU I 208 72.80 55.56 -61.16
N GLN I 209 71.76 56.28 -60.75
CA GLN I 209 71.45 56.50 -59.33
C GLN I 209 71.41 55.20 -58.52
N ASP I 210 70.49 54.30 -58.85
CA ASP I 210 70.15 53.21 -57.93
C ASP I 210 71.35 52.32 -57.62
N TYR I 211 72.22 52.07 -58.59
CA TYR I 211 73.43 51.33 -58.28
C TYR I 211 74.59 52.22 -57.88
N SER I 212 74.46 53.55 -58.06
CA SER I 212 75.27 54.46 -57.26
C SER I 212 74.69 54.61 -55.86
N GLU I 213 73.40 54.31 -55.69
CA GLU I 213 72.86 54.07 -54.35
C GLU I 213 73.37 52.74 -53.81
N HIS I 214 73.62 51.77 -54.68
CA HIS I 214 74.41 50.61 -54.28
C HIS I 214 75.85 50.98 -54.04
N CYS I 215 76.30 52.14 -54.51
CA CYS I 215 77.54 52.74 -54.06
C CYS I 215 77.34 53.63 -52.85
N LYS I 216 76.09 53.95 -52.50
CA LYS I 216 75.81 54.69 -51.27
C LYS I 216 75.86 53.76 -50.07
N HIS I 217 74.95 52.78 -50.00
CA HIS I 217 75.02 51.74 -48.99
C HIS I 217 76.35 51.02 -49.10
N ASN I 218 76.50 50.19 -50.14
CA ASN I 218 77.78 49.58 -50.50
C ASN I 218 78.47 48.95 -49.29
N GLU I 219 77.93 47.80 -48.88
CA GLU I 219 78.47 46.97 -47.80
C GLU I 219 78.11 47.53 -46.43
N SER I 220 77.75 48.81 -46.48
CA SER I 220 77.48 49.61 -45.31
C SER I 220 76.64 48.74 -44.42
N VAL I 221 75.41 49.14 -44.20
CA VAL I 221 74.54 48.31 -43.43
C VAL I 221 74.38 47.09 -44.31
N VAL I 222 75.23 46.90 -45.34
CA VAL I 222 74.93 45.70 -46.12
C VAL I 222 75.62 44.48 -45.52
N LYS I 223 76.53 44.67 -44.56
CA LYS I 223 77.07 43.55 -43.80
C LYS I 223 76.11 43.06 -42.72
N GLU I 224 75.18 43.91 -42.28
CA GLU I 224 74.12 43.45 -41.39
C GLU I 224 73.31 42.34 -42.04
N MET I 225 72.93 42.52 -43.30
CA MET I 225 72.27 41.44 -44.02
C MET I 225 73.24 40.33 -44.42
N LEU I 226 74.55 40.60 -44.41
CA LEU I 226 75.53 39.53 -44.49
C LEU I 226 75.66 38.78 -43.17
N GLU I 227 75.46 39.47 -42.04
CA GLU I 227 75.41 38.79 -40.75
C GLU I 227 74.16 37.92 -40.64
N LEU I 228 73.03 38.38 -41.21
CA LEU I 228 71.86 37.52 -41.28
C LEU I 228 72.04 36.45 -42.35
N ALA I 229 72.82 36.73 -43.39
CA ALA I 229 73.14 35.70 -44.38
C ALA I 229 74.10 34.67 -43.80
N LYS I 230 75.08 35.12 -43.00
CA LYS I 230 75.95 34.17 -42.31
C LYS I 230 75.25 33.50 -41.14
N ASN I 231 74.16 34.09 -40.65
CA ASN I 231 73.24 33.35 -39.79
C ASN I 231 72.43 32.33 -40.58
N TYR I 232 72.11 32.64 -41.85
CA TYR I 232 71.57 31.62 -42.73
C TYR I 232 72.63 30.59 -43.11
N ASN I 233 73.90 31.00 -43.12
CA ASN I 233 74.99 30.01 -43.26
C ASN I 233 74.97 29.02 -42.10
N LYS I 234 75.00 29.53 -40.88
CA LYS I 234 75.03 28.64 -39.71
C LYS I 234 73.75 27.82 -39.62
N ALA I 235 72.58 28.48 -39.72
CA ALA I 235 71.29 27.80 -39.66
C ALA I 235 71.15 26.72 -40.72
N VAL I 236 71.20 27.11 -42.00
CA VAL I 236 70.90 26.15 -43.06
C VAL I 236 72.00 25.10 -43.18
N GLU I 237 73.26 25.46 -42.96
CA GLU I 237 74.33 24.49 -43.15
C GLU I 237 74.59 23.62 -41.93
N GLU I 238 74.02 23.93 -40.77
CA GLU I 238 74.11 23.00 -39.65
C GLU I 238 73.11 21.87 -39.80
N GLU I 239 72.00 22.10 -40.49
CA GLU I 239 71.10 21.03 -40.90
C GLU I 239 71.47 20.46 -42.27
N ASP I 240 72.37 21.12 -43.01
CA ASP I 240 72.90 20.55 -44.24
C ASP I 240 73.98 19.52 -43.98
N LYS I 241 74.70 19.62 -42.86
CA LYS I 241 75.65 18.59 -42.47
C LYS I 241 74.97 17.39 -41.83
N MET I 242 73.70 17.50 -41.43
CA MET I 242 72.94 16.34 -41.01
C MET I 242 72.38 15.57 -42.19
N THR I 243 72.30 16.18 -43.37
CA THR I 243 71.72 15.50 -44.53
C THR I 243 72.59 14.35 -45.03
N PRO I 244 73.90 14.51 -45.29
CA PRO I 244 74.63 13.41 -45.94
C PRO I 244 74.79 12.18 -45.06
N GLU I 245 74.83 12.35 -43.75
CA GLU I 245 74.84 11.19 -42.86
C GLU I 245 73.52 10.42 -42.95
N GLN I 246 72.40 11.15 -42.90
CA GLN I 246 71.10 10.51 -43.06
C GLN I 246 70.99 9.82 -44.41
N LEU I 247 71.60 10.40 -45.46
CA LEU I 247 71.62 9.74 -46.76
C LEU I 247 72.29 8.38 -46.68
N ALA I 248 73.30 8.23 -45.83
CA ALA I 248 73.93 6.93 -45.64
C ALA I 248 73.07 5.98 -44.82
N ILE I 249 72.17 6.49 -43.98
CA ILE I 249 71.29 5.61 -43.21
C ILE I 249 70.16 5.06 -44.07
N LYS I 250 69.48 5.94 -44.82
CA LYS I 250 68.30 5.52 -45.56
C LYS I 250 68.63 4.88 -46.91
N ASN I 251 69.85 5.09 -47.42
CA ASN I 251 70.34 4.33 -48.57
C ASN I 251 69.48 4.40 -49.84
N VAL I 252 69.50 5.53 -50.55
CA VAL I 252 70.19 6.74 -50.13
C VAL I 252 69.29 7.97 -50.33
N GLY I 253 68.99 8.32 -51.58
CA GLY I 253 68.19 9.50 -51.86
C GLY I 253 66.72 9.25 -51.58
N LYS I 254 66.09 10.18 -50.86
CA LYS I 254 64.65 10.21 -50.69
C LYS I 254 63.98 11.16 -51.68
N GLN I 255 64.72 11.70 -52.64
CA GLN I 255 64.24 12.67 -53.64
C GLN I 255 63.37 13.78 -53.04
N ASP I 256 63.93 14.81 -52.37
CA ASP I 256 65.35 15.23 -52.26
C ASP I 256 65.92 15.68 -53.61
N PRO I 257 66.96 16.54 -53.61
CA PRO I 257 67.62 17.20 -52.47
C PRO I 257 66.75 18.25 -51.80
N LYS I 258 67.13 18.65 -50.58
CA LYS I 258 66.30 19.56 -49.80
C LYS I 258 66.31 20.98 -50.35
N ARG I 259 67.41 21.41 -50.97
CA ARG I 259 67.48 22.71 -51.64
C ARG I 259 67.18 23.89 -50.68
N HIS I 260 68.08 24.29 -49.78
CA HIS I 260 69.38 23.71 -49.41
C HIS I 260 70.41 23.51 -50.54
N LEU I 261 70.29 24.32 -51.59
CA LEU I 261 71.34 24.45 -52.61
C LEU I 261 71.34 25.90 -53.07
N GLU I 262 72.41 26.26 -53.78
CA GLU I 262 72.62 27.64 -54.23
C GLU I 262 72.62 28.58 -53.03
N GLU I 263 71.62 29.48 -52.95
CA GLU I 263 71.54 30.43 -51.84
C GLU I 263 72.78 31.32 -51.77
N HIS I 264 73.58 31.13 -50.71
CA HIS I 264 74.66 32.05 -50.37
C HIS I 264 75.67 32.24 -51.48
N VAL I 265 75.63 31.41 -52.52
CA VAL I 265 76.34 31.74 -53.76
C VAL I 265 75.95 33.13 -54.23
N ASP I 266 74.66 33.47 -54.08
CA ASP I 266 74.20 34.83 -54.38
C ASP I 266 74.80 35.85 -53.41
N VAL I 267 74.98 35.45 -52.15
CA VAL I 267 75.67 36.31 -51.20
C VAL I 267 77.10 36.56 -51.66
N LEU I 268 77.73 35.55 -52.26
CA LEU I 268 79.04 35.74 -52.86
C LEU I 268 78.97 36.56 -54.14
N MET I 269 77.80 36.62 -54.78
CA MET I 269 77.63 37.54 -55.90
C MET I 269 77.54 38.98 -55.39
N THR I 270 77.01 39.17 -54.18
CA THR I 270 77.11 40.47 -53.53
C THR I 270 78.55 40.73 -53.09
N SER I 271 79.33 39.67 -52.86
CA SER I 271 80.76 39.85 -52.64
C SER I 271 81.47 40.30 -53.91
N ASN I 272 80.93 39.94 -55.08
CA ASN I 272 81.42 40.52 -56.32
C ASN I 272 81.08 42.01 -56.38
N ILE I 273 79.95 42.40 -55.78
CA ILE I 273 79.67 43.82 -55.61
C ILE I 273 80.64 44.43 -54.61
N VAL I 274 81.08 43.64 -53.64
CA VAL I 274 82.04 44.13 -52.66
C VAL I 274 83.38 44.41 -53.32
N GLN I 275 83.91 43.44 -54.06
CA GLN I 275 85.25 43.60 -54.62
C GLN I 275 85.27 44.65 -55.72
N CYS I 276 84.30 44.64 -56.64
CA CYS I 276 84.23 45.61 -57.71
C CYS I 276 84.09 47.03 -57.19
N LEU I 277 82.97 47.32 -56.52
CA LEU I 277 82.68 48.70 -56.12
C LEU I 277 83.70 49.24 -55.13
N ALA I 278 84.33 48.37 -54.33
CA ALA I 278 85.40 48.85 -53.47
C ALA I 278 86.69 49.05 -54.24
N ALA I 279 86.90 48.29 -55.31
CA ALA I 279 88.03 48.56 -56.20
C ALA I 279 87.86 49.86 -56.94
N MET I 280 86.62 50.37 -57.04
CA MET I 280 86.38 51.70 -57.57
C MET I 280 86.95 52.79 -56.66
N LEU I 281 87.19 52.49 -55.38
CA LEU I 281 87.73 53.49 -54.48
C LEU I 281 89.12 53.94 -54.91
N ASP I 282 89.92 53.02 -55.46
CA ASP I 282 91.23 53.39 -55.97
C ASP I 282 91.10 54.38 -57.12
N THR I 283 90.02 54.30 -57.89
CA THR I 283 89.77 55.28 -58.93
C THR I 283 89.13 56.54 -58.34
N VAL I 284 88.24 56.38 -57.34
CA VAL I 284 87.59 57.55 -56.73
C VAL I 284 88.59 58.40 -55.95
N VAL I 285 89.38 57.76 -55.10
CA VAL I 285 90.22 58.51 -54.16
C VAL I 285 91.39 59.18 -54.88
N PHE I 286 91.98 58.47 -55.86
CA PHE I 286 93.15 58.99 -56.55
C PHE I 286 92.68 59.72 -57.79
N LYS I 287 92.82 61.04 -57.79
CA LYS I 287 92.47 61.90 -58.93
C LYS I 287 91.03 61.69 -59.40
N MET J 1 152.77 -2.10 -79.13
CA MET J 1 151.92 -1.67 -80.23
C MET J 1 151.40 -0.25 -79.99
N TYR J 2 151.51 0.59 -81.01
CA TYR J 2 151.08 2.00 -80.96
C TYR J 2 151.82 2.69 -79.82
N GLU J 3 151.12 3.22 -78.82
CA GLU J 3 151.71 3.97 -77.71
C GLU J 3 152.54 5.16 -78.30
N GLN J 4 153.61 5.66 -77.67
CA GLN J 4 153.78 5.79 -76.21
C GLN J 4 152.59 6.56 -75.65
N LEU J 5 151.93 5.98 -74.64
CA LEU J 5 150.68 6.52 -74.12
C LEU J 5 150.78 6.91 -72.66
N LYS J 6 151.01 5.95 -71.76
CA LYS J 6 151.05 6.22 -70.33
C LYS J 6 152.40 6.69 -69.84
N GLY J 7 153.38 6.88 -70.74
CA GLY J 7 154.69 7.34 -70.32
C GLY J 7 154.65 8.72 -69.67
N GLU J 8 153.67 9.54 -70.01
CA GLU J 8 153.51 10.85 -69.44
C GLU J 8 152.58 10.88 -68.22
N TRP J 9 152.07 9.71 -67.80
CA TRP J 9 151.15 9.67 -66.67
C TRP J 9 151.89 9.83 -65.34
N ASN J 10 153.06 9.21 -65.21
CA ASN J 10 153.82 9.30 -63.96
C ASN J 10 154.48 10.66 -63.79
N ARG J 11 154.91 11.29 -64.88
CA ARG J 11 155.55 12.59 -64.83
C ARG J 11 154.55 13.74 -64.90
N LYS J 12 153.29 13.46 -65.20
CA LYS J 12 152.24 14.48 -65.40
C LYS J 12 152.73 15.42 -66.52
N SER J 13 152.53 16.72 -66.39
CA SER J 13 152.99 17.66 -67.40
C SER J 13 153.56 18.91 -66.74
N PRO J 14 154.65 19.47 -67.28
CA PRO J 14 155.13 20.75 -66.75
C PRO J 14 154.24 21.93 -67.13
N ASN J 15 153.56 21.85 -68.27
CA ASN J 15 152.71 22.93 -68.76
C ASN J 15 151.53 22.32 -69.50
N LEU J 16 150.75 23.16 -70.17
CA LEU J 16 149.61 22.70 -70.93
C LEU J 16 149.96 22.18 -72.31
N SER J 17 151.22 22.36 -72.74
CA SER J 17 151.62 21.87 -74.06
C SER J 17 151.63 20.34 -74.09
N LYS J 18 152.14 19.71 -73.04
CA LYS J 18 152.11 18.25 -72.97
C LYS J 18 150.68 17.74 -72.78
N CYS J 19 149.82 18.53 -72.14
CA CYS J 19 148.42 18.14 -72.02
C CYS J 19 147.73 18.16 -73.38
N GLY J 20 148.04 19.17 -74.20
CA GLY J 20 147.48 19.20 -75.55
C GLY J 20 148.09 18.13 -76.44
N GLU J 21 149.36 17.80 -76.22
CA GLU J 21 149.97 16.71 -76.96
C GLU J 21 149.37 15.37 -76.58
N GLU J 22 149.08 15.18 -75.29
CA GLU J 22 148.35 13.99 -74.86
C GLU J 22 146.95 13.96 -75.44
N LEU J 23 146.33 15.14 -75.57
CA LEU J 23 145.03 15.22 -76.26
C LEU J 23 145.16 14.80 -77.71
N GLY J 24 146.30 15.05 -78.34
CA GLY J 24 146.54 14.64 -79.71
C GLY J 24 146.72 13.14 -79.84
N ARG J 25 147.49 12.54 -78.93
CA ARG J 25 147.66 11.10 -78.94
C ARG J 25 146.35 10.40 -78.55
N LEU J 26 145.64 10.97 -77.58
CA LEU J 26 144.30 10.45 -77.27
C LEU J 26 143.35 10.63 -78.44
N LYS J 27 143.55 11.67 -79.25
CA LYS J 27 142.76 11.83 -80.45
C LYS J 27 143.04 10.73 -81.47
N LEU J 28 144.30 10.30 -81.56
CA LEU J 28 144.62 9.16 -82.40
C LEU J 28 143.96 7.88 -81.88
N VAL J 29 143.86 7.75 -80.55
CA VAL J 29 143.08 6.66 -79.98
C VAL J 29 141.61 6.80 -80.36
N LEU J 30 141.12 8.04 -80.40
CA LEU J 30 139.76 8.28 -80.87
C LEU J 30 139.64 8.11 -82.37
N LEU J 31 140.75 8.17 -83.10
CA LEU J 31 140.70 7.95 -84.55
C LEU J 31 140.58 6.48 -84.90
N GLU J 32 140.96 5.58 -83.99
CA GLU J 32 140.91 4.15 -84.26
C GLU J 32 139.71 3.50 -83.58
N LEU J 33 139.81 3.32 -82.26
CA LEU J 33 138.74 2.68 -81.49
C LEU J 33 137.61 3.65 -81.14
N ASN J 34 137.93 4.94 -81.06
CA ASN J 34 137.04 6.00 -80.57
C ASN J 34 136.55 5.62 -79.16
N PHE J 35 135.31 5.95 -78.82
CA PHE J 35 134.75 5.61 -77.53
C PHE J 35 133.87 4.37 -77.54
N LEU J 36 133.43 3.92 -78.72
CA LEU J 36 132.37 2.93 -78.87
C LEU J 36 132.00 2.82 -80.35
N PRO J 37 131.14 1.86 -80.73
CA PRO J 37 130.51 0.73 -80.02
C PRO J 37 131.22 -0.60 -80.22
N THR J 38 132.47 -0.71 -79.79
CA THR J 38 133.21 -1.97 -79.92
C THR J 38 133.06 -2.75 -78.62
N THR J 39 132.31 -3.86 -78.69
CA THR J 39 132.11 -4.69 -77.50
C THR J 39 133.31 -5.61 -77.25
N GLY J 40 133.79 -6.27 -78.30
CA GLY J 40 134.89 -7.21 -78.17
C GLY J 40 134.45 -8.57 -77.64
N THR J 41 135.36 -9.46 -77.21
CA THR J 41 136.82 -9.30 -77.17
C THR J 41 137.29 -8.08 -76.37
N LYS J 42 137.15 -8.15 -75.04
CA LYS J 42 137.48 -7.02 -74.18
C LYS J 42 138.96 -6.66 -74.23
N LEU J 43 139.79 -7.45 -74.91
CA LEU J 43 141.18 -7.05 -75.12
C LEU J 43 141.26 -5.72 -75.86
N THR J 44 140.26 -5.40 -76.69
CA THR J 44 140.20 -4.08 -77.29
C THR J 44 139.78 -3.01 -76.29
N LYS J 45 139.13 -3.41 -75.18
CA LYS J 45 138.82 -2.48 -74.11
C LYS J 45 139.96 -2.34 -73.11
N GLN J 46 141.05 -3.06 -73.30
CA GLN J 46 142.22 -2.90 -72.43
C GLN J 46 142.83 -1.52 -72.62
N GLN J 47 143.00 -1.09 -73.87
CA GLN J 47 143.45 0.28 -74.12
C GLN J 47 142.40 1.31 -73.78
N LEU J 48 141.14 0.90 -73.63
CA LEU J 48 140.14 1.81 -73.05
C LEU J 48 140.41 2.03 -71.57
N ILE J 49 140.86 0.99 -70.86
CA ILE J 49 141.26 1.16 -69.47
C ILE J 49 142.54 1.97 -69.38
N LEU J 50 143.50 1.68 -70.28
CA LEU J 50 144.70 2.51 -70.38
C LEU J 50 144.33 3.95 -70.76
N ALA J 51 143.20 4.13 -71.44
CA ALA J 51 142.71 5.47 -71.71
C ALA J 51 142.05 6.07 -70.47
N ARG J 52 141.35 5.23 -69.69
CA ARG J 52 140.70 5.73 -68.48
C ARG J 52 141.69 6.35 -67.52
N ASP J 53 142.89 5.77 -67.42
CA ASP J 53 143.91 6.30 -66.52
C ASP J 53 144.35 7.70 -66.94
N ILE J 54 144.69 7.87 -68.22
CA ILE J 54 145.13 9.16 -68.69
C ILE J 54 143.97 10.14 -68.82
N LEU J 55 142.74 9.65 -68.89
CA LEU J 55 141.58 10.55 -68.85
C LEU J 55 141.30 10.99 -67.42
N GLU J 56 141.58 10.14 -66.43
CA GLU J 56 141.48 10.57 -65.04
C GLU J 56 142.50 11.66 -64.73
N ILE J 57 143.77 11.44 -65.13
CA ILE J 57 144.77 12.49 -64.98
C ILE J 57 144.51 13.62 -65.97
N GLY J 58 143.78 13.34 -67.05
CA GLY J 58 143.32 14.42 -67.92
C GLY J 58 142.32 15.33 -67.22
N ALA J 59 141.51 14.76 -66.32
CA ALA J 59 140.64 15.58 -65.49
C ALA J 59 141.43 16.33 -64.42
N GLN J 60 142.52 15.73 -63.93
CA GLN J 60 143.39 16.45 -63.01
C GLN J 60 144.10 17.60 -63.72
N TRP J 61 144.42 17.41 -65.01
CA TRP J 61 144.99 18.49 -65.79
C TRP J 61 143.93 19.49 -66.21
N SER J 62 142.69 19.04 -66.42
CA SER J 62 141.62 19.94 -66.80
C SER J 62 141.26 20.88 -65.65
N ILE J 63 141.29 20.37 -64.42
CA ILE J 63 141.10 21.25 -63.27
C ILE J 63 142.36 22.04 -62.96
N LEU J 64 143.53 21.54 -63.38
CA LEU J 64 144.77 22.29 -63.22
C LEU J 64 144.76 23.54 -64.10
N ARG J 65 144.10 23.48 -65.26
CA ARG J 65 143.95 24.64 -66.13
C ARG J 65 142.64 25.38 -65.89
N LYS J 66 141.82 24.92 -64.94
CA LYS J 66 140.59 25.56 -64.50
C LYS J 66 139.48 25.53 -65.55
N ASP J 67 139.75 25.03 -66.76
CA ASP J 67 138.75 25.04 -67.82
C ASP J 67 137.63 24.07 -67.49
N ILE J 68 136.40 24.58 -67.42
CA ILE J 68 135.22 23.77 -67.10
C ILE J 68 134.87 22.81 -68.24
N PRO J 69 134.76 23.27 -69.50
CA PRO J 69 134.36 22.32 -70.56
C PRO J 69 135.30 21.15 -70.71
N SER J 70 136.60 21.36 -70.45
CA SER J 70 137.55 20.25 -70.46
C SER J 70 137.15 19.17 -69.46
N PHE J 71 137.13 19.54 -68.17
CA PHE J 71 136.79 18.60 -67.10
C PHE J 71 135.49 17.84 -67.40
N GLU J 72 134.38 18.58 -67.53
CA GLU J 72 133.08 17.95 -67.75
C GLU J 72 133.09 17.04 -68.98
N ARG J 73 134.01 17.29 -69.93
CA ARG J 73 134.14 16.39 -71.07
C ARG J 73 134.78 15.07 -70.67
N TYR J 74 135.92 15.14 -69.98
CA TYR J 74 136.59 13.92 -69.55
C TYR J 74 135.82 13.23 -68.43
N MET J 75 135.12 14.00 -67.60
CA MET J 75 134.26 13.40 -66.58
C MET J 75 133.09 12.66 -67.22
N ALA J 76 132.53 13.21 -68.30
CA ALA J 76 131.48 12.50 -69.03
C ALA J 76 132.03 11.25 -69.71
N GLN J 77 133.30 11.28 -70.12
CA GLN J 77 133.92 10.07 -70.67
C GLN J 77 134.08 9.00 -69.60
N LEU J 78 134.56 9.39 -68.41
CA LEU J 78 134.66 8.43 -67.31
C LEU J 78 133.29 7.92 -66.89
N LYS J 79 132.29 8.81 -66.86
CA LYS J 79 130.92 8.39 -66.57
C LYS J 79 130.45 7.35 -67.58
N CYS J 80 130.39 7.72 -68.86
CA CYS J 80 129.94 6.80 -69.90
C CYS J 80 130.76 5.52 -69.93
N TYR J 81 132.03 5.59 -69.53
CA TYR J 81 132.82 4.37 -69.38
C TYR J 81 132.22 3.45 -68.33
N TYR J 82 131.97 3.99 -67.14
CA TYR J 82 131.33 3.21 -66.08
C TYR J 82 129.85 3.00 -66.34
N PHE J 83 129.25 3.83 -67.20
CA PHE J 83 127.86 3.67 -67.60
C PHE J 83 127.70 2.77 -68.82
N ASP J 84 128.80 2.35 -69.43
CA ASP J 84 128.73 1.52 -70.62
C ASP J 84 127.99 0.21 -70.34
N TYR J 85 127.38 -0.34 -71.38
CA TYR J 85 126.58 -1.55 -71.24
C TYR J 85 127.36 -2.71 -70.65
N LYS J 86 128.68 -2.71 -70.78
CA LYS J 86 129.54 -3.68 -70.11
C LYS J 86 130.16 -2.99 -68.90
N GLU J 87 129.71 -3.38 -67.71
CA GLU J 87 130.15 -2.70 -66.49
C GLU J 87 131.51 -3.19 -66.01
N GLN J 88 131.83 -4.46 -66.26
CA GLN J 88 133.06 -5.03 -65.72
C GLN J 88 134.28 -4.41 -66.39
N LEU J 89 135.15 -3.81 -65.59
CA LEU J 89 136.38 -3.18 -66.06
C LEU J 89 137.44 -3.36 -64.98
N PRO J 90 138.72 -3.37 -65.36
CA PRO J 90 139.78 -3.41 -64.33
C PRO J 90 139.66 -2.24 -63.37
N GLU J 91 139.85 -2.54 -62.09
CA GLU J 91 139.65 -1.54 -61.05
C GLU J 91 140.74 -0.47 -61.11
N SER J 92 140.32 0.78 -61.10
CA SER J 92 141.24 1.93 -61.11
C SER J 92 141.19 2.63 -59.77
N ALA J 93 142.32 3.22 -59.38
CA ALA J 93 142.42 3.87 -58.08
C ALA J 93 141.48 5.08 -57.98
N TYR J 94 141.37 5.85 -59.06
CA TYR J 94 140.54 7.04 -59.07
C TYR J 94 139.08 6.76 -59.41
N MET J 95 138.73 5.49 -59.68
CA MET J 95 137.35 5.16 -60.02
C MET J 95 136.39 5.51 -58.88
N HIS J 96 136.84 5.38 -57.64
CA HIS J 96 135.98 5.69 -56.50
C HIS J 96 135.87 7.19 -56.28
N GLN J 97 136.99 7.85 -55.97
CA GLN J 97 136.96 9.24 -55.56
C GLN J 97 136.54 10.20 -56.67
N LEU J 98 136.58 9.79 -57.94
CA LEU J 98 136.07 10.68 -58.98
C LEU J 98 134.59 10.97 -58.80
N LEU J 99 133.85 10.06 -58.17
CA LEU J 99 132.48 10.38 -57.77
C LEU J 99 132.47 11.26 -56.54
N GLY J 100 133.25 10.91 -55.51
CA GLY J 100 133.16 11.61 -54.23
C GLY J 100 133.81 12.98 -54.23
N LEU J 101 134.95 13.13 -54.88
CA LEU J 101 135.62 14.43 -54.89
C LEU J 101 134.86 15.45 -55.73
N ASN J 102 134.37 15.04 -56.89
CA ASN J 102 133.43 15.88 -57.62
C ASN J 102 132.16 16.11 -56.81
N LEU J 103 131.74 15.13 -56.02
CA LEU J 103 130.63 15.30 -55.09
C LEU J 103 130.98 16.27 -53.97
N LEU J 104 132.24 16.28 -53.53
CA LEU J 104 132.67 17.25 -52.52
C LEU J 104 132.46 18.67 -53.01
N PHE J 105 132.96 18.97 -54.21
CA PHE J 105 132.73 20.30 -54.80
C PHE J 105 131.26 20.50 -55.13
N LEU J 106 130.54 19.42 -55.43
CA LEU J 106 129.15 19.54 -55.85
C LEU J 106 128.26 20.00 -54.71
N LEU J 107 128.36 19.36 -53.55
CA LEU J 107 127.51 19.74 -52.42
C LEU J 107 128.06 20.94 -51.66
N SER J 108 129.39 21.06 -51.54
CA SER J 108 129.96 22.17 -50.79
C SER J 108 129.78 23.52 -51.49
N GLN J 109 129.32 23.52 -52.74
CA GLN J 109 128.86 24.74 -53.39
C GLN J 109 127.38 24.99 -53.13
N ASN J 110 126.79 24.21 -52.22
CA ASN J 110 125.37 24.26 -51.85
C ASN J 110 124.48 23.87 -53.05
N ARG J 111 124.59 22.58 -53.39
CA ARG J 111 123.60 21.89 -54.21
C ARG J 111 123.06 20.75 -53.36
N VAL J 112 121.81 20.87 -52.92
CA VAL J 112 121.23 19.87 -52.03
C VAL J 112 120.55 18.75 -52.79
N ALA J 113 120.32 18.92 -54.09
CA ALA J 113 119.70 17.90 -54.94
C ALA J 113 120.75 16.97 -55.53
N GLU J 114 121.68 17.52 -56.30
CA GLU J 114 122.65 16.72 -57.06
C GLU J 114 123.51 15.82 -56.19
N PHE J 115 123.54 16.02 -54.86
CA PHE J 115 124.23 15.07 -54.00
C PHE J 115 123.49 13.74 -53.98
N HIS J 116 122.18 13.77 -53.76
CA HIS J 116 121.40 12.54 -53.69
C HIS J 116 121.42 11.79 -55.01
N THR J 117 121.27 12.51 -56.13
CA THR J 117 121.22 11.86 -57.43
C THR J 117 122.59 11.46 -57.94
N GLU J 118 123.68 11.95 -57.33
CA GLU J 118 125.01 11.50 -57.72
C GLU J 118 125.34 10.16 -57.08
N LEU J 119 124.91 9.94 -55.84
CA LEU J 119 125.08 8.68 -55.14
C LEU J 119 123.91 7.74 -55.34
N GLU J 120 122.94 8.11 -56.18
CA GLU J 120 121.76 7.30 -56.44
C GLU J 120 122.02 6.20 -57.47
N ARG J 121 123.24 6.08 -57.98
CA ARG J 121 123.59 4.99 -58.89
C ARG J 121 123.21 3.67 -58.27
N LEU J 122 123.98 3.24 -57.28
CA LEU J 122 123.60 2.18 -56.35
C LEU J 122 124.29 2.44 -55.03
N PRO J 123 123.66 2.11 -53.91
CA PRO J 123 124.30 2.39 -52.61
C PRO J 123 125.50 1.52 -52.30
N ALA J 124 125.60 0.33 -52.92
CA ALA J 124 126.60 -0.65 -52.50
C ALA J 124 128.02 -0.12 -52.69
N LYS J 125 128.31 0.44 -53.86
CA LYS J 125 129.66 0.91 -54.14
C LYS J 125 130.07 2.05 -53.22
N ASP J 126 129.10 2.83 -52.73
CA ASP J 126 129.39 3.92 -51.83
C ASP J 126 129.60 3.47 -50.38
N ILE J 127 129.04 2.32 -50.01
CA ILE J 127 129.05 1.90 -48.61
C ILE J 127 130.38 1.25 -48.23
N GLN J 128 130.97 0.47 -49.14
CA GLN J 128 132.05 -0.46 -48.82
C GLN J 128 133.19 0.17 -48.04
N THR J 129 134.00 1.00 -48.68
CA THR J 129 135.18 1.58 -48.04
C THR J 129 135.63 2.79 -48.83
N ASN J 130 136.73 3.39 -48.39
CA ASN J 130 137.28 4.61 -48.98
C ASN J 130 136.20 5.69 -49.06
N VAL J 131 135.74 6.10 -47.88
CA VAL J 131 134.61 7.03 -47.75
C VAL J 131 135.15 8.43 -47.55
N TYR J 132 134.98 9.27 -48.56
CA TYR J 132 135.21 10.71 -48.46
C TYR J 132 133.93 11.48 -48.17
N ILE J 133 132.80 10.78 -47.99
CA ILE J 133 131.49 11.42 -47.97
C ILE J 133 131.29 12.26 -46.71
N LYS J 134 131.94 11.90 -45.60
CA LYS J 134 131.65 12.54 -44.33
C LYS J 134 132.04 14.01 -44.33
N HIS J 135 133.12 14.36 -45.03
CA HIS J 135 133.60 15.74 -44.99
C HIS J 135 132.65 16.73 -45.66
N PRO J 136 132.20 16.52 -46.91
CA PRO J 136 131.34 17.54 -47.53
C PRO J 136 130.02 17.76 -46.82
N VAL J 137 129.34 16.70 -46.39
CA VAL J 137 128.02 16.84 -45.79
C VAL J 137 128.12 17.64 -44.50
N SER J 138 129.08 17.29 -43.64
CA SER J 138 129.28 18.08 -42.43
C SER J 138 129.81 19.47 -42.75
N LEU J 139 130.54 19.60 -43.87
CA LEU J 139 130.96 20.92 -44.32
C LEU J 139 129.75 21.79 -44.66
N GLU J 140 128.76 21.21 -45.35
CA GLU J 140 127.55 21.94 -45.67
C GLU J 140 126.79 22.33 -44.41
N GLN J 141 126.75 21.43 -43.42
CA GLN J 141 126.19 21.79 -42.12
C GLN J 141 126.96 22.95 -41.50
N TYR J 142 128.25 23.04 -41.78
CA TYR J 142 129.06 24.18 -41.34
C TYR J 142 128.94 25.38 -42.28
N LEU J 143 128.27 25.23 -43.42
CA LEU J 143 128.02 26.38 -44.28
C LEU J 143 126.87 27.22 -43.73
N MET J 144 125.80 26.57 -43.26
CA MET J 144 124.71 27.27 -42.61
C MET J 144 124.90 27.39 -41.10
N GLU J 145 126.01 26.88 -40.57
CA GLU J 145 126.33 27.02 -39.15
C GLU J 145 126.53 28.49 -38.71
N GLY J 146 127.31 29.32 -39.43
CA GLY J 146 128.12 28.97 -40.58
C GLY J 146 129.60 28.96 -40.27
N SER J 147 130.38 28.54 -41.26
CA SER J 147 131.82 28.46 -41.14
C SER J 147 132.42 28.70 -42.53
N TYR J 148 133.52 29.46 -42.70
CA TYR J 148 134.37 30.15 -41.71
C TYR J 148 135.11 29.21 -40.76
N ASN J 149 134.91 29.39 -39.45
CA ASN J 149 135.75 28.77 -38.42
C ASN J 149 136.01 27.29 -38.65
N LYS J 150 134.98 26.45 -38.51
CA LYS J 150 135.17 25.01 -38.67
C LYS J 150 135.49 24.61 -40.10
N VAL J 151 135.07 25.42 -41.08
CA VAL J 151 135.42 25.17 -42.47
C VAL J 151 136.86 25.56 -42.75
N PHE J 152 137.33 26.67 -42.15
CA PHE J 152 138.74 27.03 -42.28
C PHE J 152 139.62 25.96 -41.62
N LEU J 153 139.16 25.40 -40.50
CA LEU J 153 139.84 24.23 -39.94
C LEU J 153 139.69 23.02 -40.84
N ALA J 154 138.56 22.89 -41.52
CA ALA J 154 138.40 21.90 -42.57
C ALA J 154 139.08 22.30 -43.86
N LYS J 155 139.46 23.57 -44.02
CA LYS J 155 140.27 23.97 -45.16
C LYS J 155 141.73 23.60 -44.95
N GLY J 156 142.12 23.30 -43.71
CA GLY J 156 143.46 22.81 -43.46
C GLY J 156 143.60 21.31 -43.67
N ASN J 157 142.53 20.56 -43.40
CA ASN J 157 142.51 19.11 -43.61
C ASN J 157 141.50 18.79 -44.70
N ILE J 158 141.99 18.39 -45.86
CA ILE J 158 141.14 17.98 -46.98
C ILE J 158 141.63 16.60 -47.39
N PRO J 159 140.76 15.70 -47.88
CA PRO J 159 141.17 14.35 -48.31
C PRO J 159 142.42 14.23 -49.20
N ALA J 160 142.67 15.05 -50.23
CA ALA J 160 141.80 16.13 -50.72
C ALA J 160 140.90 15.66 -51.89
N GLU J 161 141.44 15.20 -53.03
CA GLU J 161 142.85 15.12 -53.37
C GLU J 161 143.05 15.43 -54.85
N SER J 162 144.10 16.19 -55.16
CA SER J 162 144.49 16.61 -56.50
C SER J 162 143.50 17.58 -57.15
N TYR J 163 142.35 17.84 -56.53
CA TYR J 163 141.38 18.79 -57.05
C TYR J 163 141.49 20.08 -56.24
N THR J 164 141.95 21.14 -56.89
CA THR J 164 142.17 22.43 -56.22
C THR J 164 141.26 23.52 -56.76
N PHE J 165 141.37 23.86 -58.05
CA PHE J 165 140.58 24.95 -58.60
C PHE J 165 139.08 24.73 -58.47
N PHE J 166 138.64 23.51 -58.18
CA PHE J 166 137.24 23.31 -57.80
C PHE J 166 136.95 23.92 -56.43
N ILE J 167 137.80 23.67 -55.45
CA ILE J 167 137.60 24.24 -54.12
C ILE J 167 137.85 25.74 -54.10
N ASP J 168 138.51 26.28 -55.12
CA ASP J 168 138.68 27.73 -55.21
C ASP J 168 137.36 28.41 -55.55
N ILE J 169 136.69 27.95 -56.60
CA ILE J 169 135.35 28.46 -56.90
C ILE J 169 134.37 28.02 -55.82
N LEU J 170 134.62 26.88 -55.20
CA LEU J 170 133.81 26.45 -54.06
C LEU J 170 133.89 27.46 -52.92
N LEU J 171 135.09 27.98 -52.66
CA LEU J 171 135.23 29.01 -51.63
C LEU J 171 134.54 30.31 -52.05
N ASP J 172 134.66 30.68 -53.33
CA ASP J 172 134.03 31.91 -53.80
C ASP J 172 132.51 31.80 -53.73
N THR J 173 131.95 30.68 -54.18
CA THR J 173 130.51 30.49 -54.08
C THR J 173 130.05 30.29 -52.63
N ILE J 174 130.98 30.01 -51.71
CA ILE J 174 130.64 30.03 -50.29
C ILE J 174 130.57 31.45 -49.76
N ARG J 175 131.58 32.26 -50.10
CA ARG J 175 131.67 33.61 -49.53
C ARG J 175 130.49 34.47 -49.95
N ASP J 176 130.12 34.45 -51.23
CA ASP J 176 129.04 35.31 -51.70
C ASP J 176 127.68 34.81 -51.22
N GLU J 177 127.52 33.50 -51.06
CA GLU J 177 126.26 32.95 -50.60
C GLU J 177 126.05 33.09 -49.09
N ILE J 178 127.13 33.30 -48.32
CA ILE J 178 126.95 33.67 -46.92
C ILE J 178 126.35 35.06 -46.82
N ALA J 179 126.85 35.99 -47.64
CA ALA J 179 126.27 37.33 -47.68
C ALA J 179 124.86 37.30 -48.27
N GLY J 180 124.52 36.25 -49.02
CA GLY J 180 123.17 36.13 -49.54
C GLY J 180 122.22 35.42 -48.60
N CYS J 181 122.74 34.57 -47.72
CA CYS J 181 121.93 33.82 -46.77
C CYS J 181 121.86 34.47 -45.39
N ILE J 182 122.50 35.62 -45.20
CA ILE J 182 122.52 36.27 -43.89
C ILE J 182 121.31 37.19 -43.75
N GLU J 183 121.25 38.21 -44.59
CA GLU J 183 120.19 39.23 -44.52
C GLU J 183 119.74 39.57 -45.94
N LYS J 184 118.46 39.93 -46.13
CA LYS J 184 117.46 40.02 -45.07
C LYS J 184 116.90 38.63 -44.70
N ALA J 185 116.44 38.46 -43.46
CA ALA J 185 116.44 39.50 -42.44
C ALA J 185 116.94 38.98 -41.10
N TYR J 186 117.87 39.72 -40.49
CA TYR J 186 118.40 39.38 -39.18
C TYR J 186 118.38 40.63 -38.31
N GLU J 187 118.42 40.42 -36.99
CA GLU J 187 118.22 41.52 -36.06
C GLU J 187 119.56 42.15 -35.68
N LYS J 188 119.52 43.03 -34.67
CA LYS J 188 120.69 43.82 -34.30
C LYS J 188 121.79 42.96 -33.69
N ILE J 189 123.03 43.24 -34.10
CA ILE J 189 124.22 42.56 -33.59
C ILE J 189 125.32 43.59 -33.39
N LEU J 190 126.39 43.16 -32.71
CA LEU J 190 127.48 44.05 -32.34
C LEU J 190 128.58 43.99 -33.40
N PHE J 191 129.63 44.80 -33.20
CA PHE J 191 130.69 44.92 -34.19
C PHE J 191 131.65 43.73 -34.15
N THR J 192 132.34 43.55 -33.02
CA THR J 192 133.42 42.56 -32.96
C THR J 192 132.96 41.16 -33.31
N GLU J 193 131.66 40.86 -33.22
CA GLU J 193 131.14 39.60 -33.73
C GLU J 193 130.87 39.64 -35.23
N ALA J 194 130.74 40.83 -35.82
CA ALA J 194 130.79 40.94 -37.28
C ALA J 194 132.23 40.84 -37.76
N THR J 195 133.19 41.23 -36.91
CA THR J 195 134.58 40.84 -37.11
C THR J 195 134.72 39.34 -37.00
N ARG J 196 133.90 38.70 -36.16
CA ARG J 196 133.82 37.25 -36.13
C ARG J 196 133.03 36.67 -37.29
N ILE J 197 132.17 37.47 -37.92
CA ILE J 197 131.43 37.00 -39.08
C ILE J 197 132.39 36.64 -40.21
N LEU J 198 133.19 37.62 -40.64
CA LEU J 198 134.12 37.44 -41.74
C LEU J 198 135.53 37.10 -41.30
N PHE J 199 135.78 37.05 -39.99
CA PHE J 199 137.06 36.63 -39.39
C PHE J 199 138.19 37.51 -39.96
N PHE J 200 139.33 36.94 -40.31
CA PHE J 200 140.55 37.69 -40.62
C PHE J 200 140.86 38.60 -39.43
N ASN J 201 141.22 39.86 -39.64
CA ASN J 201 141.37 40.81 -38.54
C ASN J 201 140.50 42.03 -38.79
N THR J 202 140.82 42.80 -39.83
CA THR J 202 139.94 43.85 -40.34
C THR J 202 140.03 43.83 -41.86
N PRO J 203 139.46 42.82 -42.49
CA PRO J 203 139.64 42.65 -43.94
C PRO J 203 138.80 43.66 -44.72
N LYS J 204 139.23 43.88 -45.96
CA LYS J 204 138.46 44.74 -46.85
C LYS J 204 137.15 44.10 -47.30
N LYS J 205 137.00 42.79 -47.10
CA LYS J 205 135.73 42.13 -47.39
C LYS J 205 134.61 42.63 -46.46
N MET J 206 134.95 43.07 -45.25
CA MET J 206 133.94 43.62 -44.37
C MET J 206 133.44 44.97 -44.84
N THR J 207 134.26 45.71 -45.59
CA THR J 207 133.79 46.95 -46.20
C THR J 207 132.98 46.66 -47.45
N ASP J 208 133.37 45.64 -48.22
CA ASP J 208 132.62 45.27 -49.41
C ASP J 208 131.22 44.80 -49.05
N TYR J 209 131.09 44.05 -47.96
CA TYR J 209 129.78 43.55 -47.56
C TYR J 209 128.94 44.60 -46.83
N ALA J 210 129.55 45.35 -45.90
CA ALA J 210 128.81 46.38 -45.19
C ALA J 210 128.22 47.40 -46.15
N LYS J 211 128.84 47.58 -47.31
CA LYS J 211 128.24 48.35 -48.40
C LYS J 211 127.13 47.53 -49.06
N LYS J 212 127.50 46.36 -49.62
CA LYS J 212 126.54 45.52 -50.32
C LYS J 212 125.32 45.18 -49.46
N ARG J 213 125.53 44.86 -48.17
CA ARG J 213 124.42 44.46 -47.31
C ARG J 213 123.33 45.53 -47.24
N GLY J 214 123.59 46.62 -46.52
CA GLY J 214 122.73 47.79 -46.54
C GLY J 214 121.23 47.56 -46.40
N TRP J 215 120.69 46.93 -45.34
CA TRP J 215 121.22 46.77 -43.97
C TRP J 215 121.66 48.13 -43.39
N VAL J 216 122.72 48.14 -42.58
CA VAL J 216 123.13 49.32 -41.84
C VAL J 216 124.62 49.19 -41.54
N LEU J 217 125.32 50.32 -41.51
CA LEU J 217 126.64 50.40 -40.90
C LEU J 217 126.53 51.31 -39.68
N GLY J 218 126.51 50.72 -38.50
CA GLY J 218 126.51 51.48 -37.27
C GLY J 218 127.88 51.48 -36.62
N PRO J 219 128.15 52.45 -35.74
CA PRO J 219 129.34 52.36 -34.90
C PRO J 219 129.19 51.26 -33.86
N ASN J 220 130.20 50.39 -33.80
CA ASN J 220 130.28 49.32 -32.79
C ASN J 220 128.98 48.52 -32.68
N ASN J 221 128.25 48.38 -33.80
CA ASN J 221 126.95 47.72 -33.80
C ASN J 221 126.43 47.68 -35.24
N TYR J 222 125.31 46.98 -35.42
CA TYR J 222 124.61 46.90 -36.69
C TYR J 222 123.12 46.77 -36.42
N TYR J 223 122.31 47.26 -37.35
CA TYR J 223 120.87 47.29 -37.19
C TYR J 223 120.16 46.77 -38.44
N SER J 224 118.92 46.33 -38.25
CA SER J 224 118.06 45.89 -39.34
C SER J 224 117.12 46.97 -39.83
N PHE J 225 117.19 48.17 -39.27
CA PHE J 225 116.29 49.27 -39.59
C PHE J 225 116.35 49.65 -41.08
N ALA J 226 115.24 50.10 -41.66
CA ALA J 226 113.96 50.25 -40.97
C ALA J 226 112.78 49.91 -41.88
N SER J 227 111.85 49.07 -41.41
CA SER J 227 112.02 48.29 -40.18
C SER J 227 111.60 46.84 -40.42
N GLN J 228 112.56 45.93 -40.36
CA GLN J 228 112.32 44.47 -40.29
C GLN J 228 111.86 43.60 -41.50
N GLN J 229 111.62 44.10 -42.73
CA GLN J 229 111.91 45.43 -43.23
C GLN J 229 110.85 45.83 -44.26
N GLN J 230 110.70 47.13 -44.50
CA GLN J 230 109.78 47.71 -45.47
C GLN J 230 108.33 47.65 -45.02
N LYS J 231 108.06 46.86 -43.97
CA LYS J 231 106.74 46.74 -43.35
C LYS J 231 105.66 46.42 -44.38
N PRO J 232 105.59 45.19 -44.89
CA PRO J 232 104.48 44.83 -45.78
C PRO J 232 103.15 44.92 -45.04
N GLU J 233 102.16 45.49 -45.70
CA GLU J 233 100.91 45.82 -45.04
C GLU J 233 99.83 44.71 -45.14
N ASP J 234 99.36 44.31 -46.33
CA ASP J 234 99.74 44.80 -47.66
C ASP J 234 98.75 45.85 -48.17
N THR J 235 97.82 46.22 -47.30
CA THR J 235 96.71 47.17 -47.58
C THR J 235 95.89 46.60 -48.75
N THR J 236 95.46 47.44 -49.70
CA THR J 236 94.55 47.02 -50.75
C THR J 236 95.25 46.61 -52.03
N ILE J 237 96.59 46.56 -52.05
CA ILE J 237 97.29 45.98 -53.19
C ILE J 237 96.82 44.57 -53.50
N PRO J 238 96.67 43.67 -52.52
CA PRO J 238 96.05 42.37 -52.82
C PRO J 238 94.56 42.44 -53.11
N SER J 239 93.89 43.55 -52.75
CA SER J 239 92.45 43.63 -52.96
C SER J 239 92.10 43.66 -54.44
N THR J 240 92.98 44.20 -55.28
CA THR J 240 92.72 44.24 -56.72
C THR J 240 92.72 42.83 -57.30
N GLU J 241 93.76 42.05 -57.02
CA GLU J 241 93.78 40.66 -57.47
C GLU J 241 92.70 39.84 -56.77
N LEU J 242 92.32 40.23 -55.54
CA LEU J 242 91.16 39.61 -54.91
C LEU J 242 89.90 39.82 -55.72
N ALA J 243 89.72 41.04 -56.26
CA ALA J 243 88.62 41.27 -57.19
C ALA J 243 88.77 40.41 -58.44
N LYS J 244 89.97 40.41 -59.03
CA LYS J 244 90.21 39.61 -60.23
C LYS J 244 90.00 38.13 -59.98
N GLN J 245 90.33 37.66 -58.77
CA GLN J 245 90.17 36.24 -58.46
C GLN J 245 88.76 35.75 -58.74
N VAL J 246 87.75 36.45 -58.24
CA VAL J 246 86.37 36.03 -58.45
C VAL J 246 85.81 36.57 -59.77
N ILE J 247 86.49 37.52 -60.40
CA ILE J 247 86.13 37.97 -61.74
C ILE J 247 86.14 36.77 -62.68
N GLU J 248 87.29 36.12 -62.83
CA GLU J 248 87.37 34.93 -63.66
C GLU J 248 86.83 33.69 -62.96
N TYR J 249 86.61 33.74 -61.64
CA TYR J 249 86.01 32.60 -60.96
C TYR J 249 84.50 32.58 -61.13
N ALA J 250 83.84 33.73 -61.03
CA ALA J 250 82.43 33.81 -61.43
C ALA J 250 82.27 33.52 -62.91
N ARG J 251 83.31 33.79 -63.71
CA ARG J 251 83.33 33.30 -65.09
C ARG J 251 83.33 31.78 -65.12
N GLN J 252 84.08 31.14 -64.22
CA GLN J 252 83.98 29.69 -64.07
C GLN J 252 82.64 29.27 -63.49
N LEU J 253 82.05 30.11 -62.64
CA LEU J 253 80.71 29.82 -62.14
C LEU J 253 79.68 29.88 -63.25
N GLU J 254 79.87 30.79 -64.22
CA GLU J 254 78.99 30.84 -65.37
C GLU J 254 79.26 29.72 -66.35
N MET J 255 80.43 29.08 -66.27
CA MET J 255 80.75 27.95 -67.14
C MET J 255 80.02 26.67 -66.73
N ILE J 256 79.35 26.65 -65.58
CA ILE J 256 78.74 25.43 -65.09
C ILE J 256 77.34 25.18 -65.72
N VAL J 257 76.33 26.04 -65.55
CA VAL J 257 76.39 27.34 -64.88
C VAL J 257 75.78 27.24 -63.48
N MET K 1 95.79 -6.29 -54.32
CA MET K 1 95.14 -5.89 -55.57
C MET K 1 94.72 -7.07 -56.48
N SER K 2 95.57 -8.06 -56.75
CA SER K 2 96.97 -8.19 -56.30
C SER K 2 97.95 -7.63 -57.35
N GLU K 3 97.39 -7.02 -58.38
CA GLU K 3 98.14 -6.59 -59.55
C GLU K 3 99.14 -5.48 -59.19
N LYS K 4 100.09 -5.26 -60.11
CA LYS K 4 101.06 -4.17 -60.09
C LYS K 4 102.10 -4.25 -58.97
N LYS K 5 102.21 -3.18 -58.17
CA LYS K 5 103.43 -2.93 -57.42
C LYS K 5 103.63 -3.92 -56.28
N GLN K 6 102.63 -4.08 -55.42
CA GLN K 6 102.85 -4.76 -54.14
C GLN K 6 103.36 -6.20 -54.23
N PRO K 7 102.94 -7.04 -55.18
CA PRO K 7 103.45 -8.43 -55.18
C PRO K 7 104.95 -8.57 -55.40
N VAL K 8 105.64 -7.51 -55.85
CA VAL K 8 107.07 -7.60 -56.10
C VAL K 8 107.81 -8.03 -54.84
N ASP K 9 107.64 -7.28 -53.76
CA ASP K 9 108.28 -7.62 -52.50
C ASP K 9 107.23 -7.87 -51.41
N LEU K 56 112.12 14.85 -20.83
CA LEU K 56 111.53 15.31 -19.57
C LEU K 56 110.70 14.20 -18.92
N ARG K 57 110.61 13.06 -19.61
CA ARG K 57 109.90 11.88 -19.13
C ARG K 57 108.46 12.20 -18.75
N ALA K 58 107.97 11.61 -17.65
CA ALA K 58 106.59 11.82 -17.25
C ALA K 58 106.35 13.19 -16.57
N GLU K 59 107.11 13.59 -15.53
CA GLU K 59 108.08 12.78 -14.79
C GLU K 59 107.77 12.87 -13.30
N LEU K 60 108.16 11.83 -12.56
CA LEU K 60 107.88 11.74 -11.12
C LEU K 60 109.09 12.11 -10.27
N GLU K 61 110.17 11.34 -10.38
CA GLU K 61 111.29 11.49 -9.45
C GLU K 61 112.01 12.81 -9.63
N LYS K 62 112.37 13.14 -10.87
CA LYS K 62 113.20 14.33 -11.12
C LYS K 62 112.50 15.61 -10.68
N HIS K 63 111.20 15.72 -10.96
CA HIS K 63 110.47 16.93 -10.59
C HIS K 63 110.39 17.08 -9.07
N GLY K 64 110.26 15.97 -8.35
CA GLY K 64 110.29 16.03 -6.91
C GLY K 64 111.68 16.32 -6.36
N TYR K 65 112.72 15.96 -7.11
CA TYR K 65 114.09 16.19 -6.67
C TYR K 65 114.55 17.63 -6.91
N LYS K 66 113.92 18.35 -7.84
CA LYS K 66 114.37 19.70 -8.17
C LYS K 66 114.38 20.61 -6.95
N MET K 67 113.44 20.42 -6.04
CA MET K 67 113.39 21.16 -4.79
C MET K 67 114.67 20.97 -3.97
N GLU K 68 114.91 19.75 -3.52
CA GLU K 68 116.03 19.49 -2.61
C GLU K 68 117.39 19.57 -3.30
N THR K 69 117.45 19.71 -4.61
CA THR K 69 118.73 19.90 -5.28
C THR K 69 119.34 21.24 -4.89
N SER K 70 118.58 22.32 -5.04
CA SER K 70 119.04 23.64 -4.66
C SER K 70 117.87 24.57 -4.34
N ALA L 1 4.05 10.17 -78.40
CA ALA L 1 5.17 10.95 -78.91
C ALA L 1 4.72 12.21 -79.68
N PRO L 2 3.65 12.15 -80.46
CA PRO L 2 3.09 13.40 -81.02
C PRO L 2 2.69 14.37 -79.91
N PRO L 3 2.24 13.89 -78.75
CA PRO L 3 2.27 14.79 -77.59
C PRO L 3 3.67 15.23 -77.22
N ALA L 4 4.63 14.30 -77.15
CA ALA L 4 5.99 14.67 -76.77
C ALA L 4 6.68 15.52 -77.83
N LEU L 5 6.29 15.38 -79.11
CA LEU L 5 6.93 16.13 -80.17
C LEU L 5 6.49 17.59 -80.15
N TRP L 6 5.19 17.82 -80.16
CA TRP L 6 4.69 19.17 -79.91
C TRP L 6 5.11 19.67 -78.51
N ASP L 7 5.58 18.77 -77.63
CA ASP L 7 5.86 19.16 -76.25
C ASP L 7 7.21 19.89 -76.16
N LEU L 8 8.16 19.50 -77.00
CA LEU L 8 9.47 20.15 -77.03
C LEU L 8 9.56 21.22 -78.08
N ALA L 9 8.50 21.44 -78.86
CA ALA L 9 8.56 22.41 -79.93
C ALA L 9 8.67 23.86 -79.43
N ALA L 10 7.75 24.34 -78.56
CA ALA L 10 7.59 25.75 -78.16
C ALA L 10 8.55 26.19 -77.07
N ASP L 11 9.46 25.32 -76.63
CA ASP L 11 10.53 25.79 -75.75
C ASP L 11 11.26 27.00 -76.32
N LYS L 12 11.33 27.12 -77.64
CA LYS L 12 11.75 28.37 -78.28
C LYS L 12 10.95 29.56 -77.75
N GLN L 13 9.62 29.50 -77.86
CA GLN L 13 8.78 30.55 -77.29
C GLN L 13 8.81 30.56 -75.77
N THR L 14 9.16 29.44 -75.15
CA THR L 14 9.35 29.43 -73.71
C THR L 14 10.66 30.09 -73.32
N LEU L 15 11.73 29.88 -74.09
CA LEU L 15 12.99 30.55 -73.79
C LEU L 15 12.93 32.02 -74.17
N GLN L 16 12.14 32.38 -75.18
CA GLN L 16 11.94 33.79 -75.49
C GLN L 16 11.07 34.47 -74.43
N SER L 17 10.05 33.77 -73.94
CA SER L 17 9.26 34.25 -72.81
C SER L 17 9.94 33.97 -71.48
N GLU L 18 11.08 33.28 -71.50
CA GLU L 18 11.82 33.02 -70.28
C GLU L 18 12.48 34.29 -69.75
N GLN L 19 13.23 34.98 -70.59
CA GLN L 19 13.98 36.16 -70.10
C GLN L 19 13.11 37.15 -69.36
N PRO L 20 11.94 37.59 -69.84
CA PRO L 20 11.07 38.41 -69.00
C PRO L 20 10.36 37.58 -67.93
N LEU L 21 10.21 38.14 -66.73
CA LEU L 21 9.49 37.60 -65.58
C LEU L 21 10.23 36.44 -64.91
N GLN L 22 11.38 36.00 -65.43
CA GLN L 22 12.04 34.82 -64.89
C GLN L 22 12.73 35.11 -63.56
N VAL L 23 13.15 36.35 -63.37
CA VAL L 23 13.93 36.76 -62.21
C VAL L 23 13.00 37.19 -61.09
N ALA L 24 11.71 36.94 -61.27
CA ALA L 24 10.67 37.37 -60.33
C ALA L 24 10.94 36.87 -58.91
N ARG L 25 11.84 35.91 -58.74
CA ARG L 25 12.40 35.56 -57.44
C ARG L 25 12.97 36.80 -56.74
N CYS L 26 12.81 36.90 -55.43
CA CYS L 26 12.27 35.84 -54.57
C CYS L 26 10.95 36.25 -53.95
N THR L 27 10.11 35.27 -53.59
CA THR L 27 8.84 35.60 -52.94
C THR L 27 9.12 36.27 -51.61
N LYS L 28 8.60 37.48 -51.44
CA LYS L 28 9.10 38.38 -50.40
C LYS L 28 7.95 39.18 -49.81
N ILE L 29 7.91 39.28 -48.48
CA ILE L 29 6.90 40.05 -47.79
C ILE L 29 7.43 41.45 -47.51
N ILE L 30 6.55 42.45 -47.63
CA ILE L 30 6.97 43.83 -47.42
C ILE L 30 6.88 44.15 -45.93
N ASN L 31 7.28 45.37 -45.56
CA ASN L 31 7.31 45.75 -44.15
C ASN L 31 6.55 47.04 -43.91
N ALA L 32 7.02 48.14 -44.47
CA ALA L 32 6.38 49.43 -44.27
C ALA L 32 6.60 50.32 -45.49
N ASP L 33 5.73 51.32 -45.63
CA ASP L 33 5.88 52.36 -46.63
C ASP L 33 5.72 53.70 -45.93
N SER L 34 6.82 54.48 -45.86
CA SER L 34 6.77 55.76 -45.17
C SER L 34 6.05 56.81 -46.00
N GLU L 35 6.37 56.89 -47.29
CA GLU L 35 5.76 57.84 -48.19
C GLU L 35 5.60 57.18 -49.55
N ASP L 36 5.27 57.99 -50.58
CA ASP L 36 4.92 57.44 -51.89
C ASP L 36 6.03 56.59 -52.50
N PRO L 37 7.25 57.08 -52.72
CA PRO L 37 8.22 56.31 -53.51
C PRO L 37 8.79 55.09 -52.81
N LYS L 38 8.77 55.05 -51.47
CA LYS L 38 9.62 54.13 -50.72
C LYS L 38 8.85 52.91 -50.21
N TYR L 39 9.56 51.78 -50.16
CA TYR L 39 9.07 50.54 -49.57
C TYR L 39 10.24 49.81 -48.93
N ILE L 40 9.94 48.96 -47.96
CA ILE L 40 10.91 48.04 -47.37
C ILE L 40 10.32 46.64 -47.37
N ILE L 41 11.09 45.68 -47.90
CA ILE L 41 10.63 44.31 -48.12
C ILE L 41 11.56 43.35 -47.40
N ASN L 42 11.00 42.21 -46.98
CA ASN L 42 11.73 41.23 -46.17
C ASN L 42 11.47 39.84 -46.70
N VAL L 43 12.53 39.04 -46.84
CA VAL L 43 12.41 37.70 -47.38
C VAL L 43 12.93 36.67 -46.39
N LYS L 44 12.80 35.37 -46.72
CA LYS L 44 13.31 34.29 -45.89
C LYS L 44 14.69 33.81 -46.33
N GLN L 45 15.22 34.35 -47.42
CA GLN L 45 16.61 34.14 -47.83
C GLN L 45 17.58 34.85 -46.89
N PHE L 46 17.06 35.61 -45.93
CA PHE L 46 17.73 36.52 -44.99
C PHE L 46 17.90 37.91 -45.59
N ALA L 47 17.58 38.10 -46.87
CA ALA L 47 17.74 39.39 -47.52
C ALA L 47 16.60 40.33 -47.09
N LYS L 48 16.97 41.48 -46.53
CA LYS L 48 16.01 42.50 -46.14
C LYS L 48 16.40 43.81 -46.79
N PHE L 49 15.47 44.40 -47.55
CA PHE L 49 15.78 45.55 -48.38
C PHE L 49 14.70 46.61 -48.26
N VAL L 50 15.12 47.87 -48.23
CA VAL L 50 14.23 49.03 -48.34
C VAL L 50 14.37 49.55 -49.75
N VAL L 51 13.38 49.29 -50.61
CA VAL L 51 13.60 49.38 -52.05
C VAL L 51 12.28 49.67 -52.76
N ASP L 52 12.38 50.09 -54.02
CA ASP L 52 11.30 50.67 -54.81
C ASP L 52 10.56 49.59 -55.59
N LEU L 53 9.74 50.02 -56.55
CA LEU L 53 8.80 49.18 -57.27
C LEU L 53 9.06 49.22 -58.77
N SER L 54 8.46 48.27 -59.48
CA SER L 54 8.26 48.39 -60.91
C SER L 54 6.96 49.13 -61.17
N ASP L 55 6.94 49.97 -62.21
CA ASP L 55 5.84 50.90 -62.43
C ASP L 55 4.51 50.21 -62.67
N GLN L 56 4.50 48.90 -62.92
CA GLN L 56 3.23 48.18 -63.12
C GLN L 56 2.43 48.00 -61.84
N VAL L 57 2.99 48.36 -60.69
CA VAL L 57 2.37 48.14 -59.39
C VAL L 57 1.96 49.48 -58.80
N ALA L 58 0.65 49.61 -58.42
CA ALA L 58 0.06 50.79 -57.78
C ALA L 58 0.18 50.68 -56.26
N PRO L 59 0.38 51.81 -55.58
CA PRO L 59 0.62 51.73 -54.12
C PRO L 59 -0.58 51.26 -53.30
N THR L 60 -1.79 51.72 -53.63
CA THR L 60 -2.94 51.41 -52.80
C THR L 60 -3.45 50.00 -53.00
N ASP L 61 -3.02 49.31 -54.06
CA ASP L 61 -3.47 47.95 -54.33
C ASP L 61 -2.71 46.89 -53.54
N ILE L 62 -1.70 47.30 -52.75
CA ILE L 62 -0.80 46.37 -52.09
C ILE L 62 -1.01 46.44 -50.58
N GLU L 63 -0.71 45.33 -49.92
CA GLU L 63 -0.90 45.17 -48.48
C GLU L 63 0.44 45.03 -47.77
N GLU L 64 0.43 45.36 -46.48
CA GLU L 64 1.62 45.20 -45.66
C GLU L 64 1.86 43.72 -45.36
N GLY L 65 3.13 43.35 -45.31
CA GLY L 65 3.52 41.97 -45.07
C GLY L 65 2.96 41.02 -46.12
N MET L 66 3.16 41.38 -47.39
CA MET L 66 2.55 40.68 -48.51
C MET L 66 3.64 40.04 -49.35
N ARG L 67 3.54 38.73 -49.57
CA ARG L 67 4.45 38.04 -50.47
C ARG L 67 4.32 38.62 -51.88
N VAL L 68 5.45 39.05 -52.45
CA VAL L 68 5.46 39.70 -53.75
C VAL L 68 6.55 39.08 -54.62
N GLY L 69 6.43 39.32 -55.93
CA GLY L 69 7.52 39.07 -56.85
C GLY L 69 8.42 40.28 -56.99
N VAL L 70 9.69 40.03 -57.32
CA VAL L 70 10.70 41.07 -57.34
C VAL L 70 11.78 40.67 -58.33
N ASP L 71 12.42 41.66 -58.95
CA ASP L 71 13.65 41.43 -59.69
C ASP L 71 14.80 41.81 -58.77
N ARG L 72 15.52 40.80 -58.27
CA ARG L 72 16.45 41.00 -57.17
C ARG L 72 17.66 41.84 -57.55
N ASN L 73 17.82 42.19 -58.83
CA ASN L 73 18.87 43.14 -59.19
C ASN L 73 18.48 44.55 -58.75
N LYS L 74 17.41 45.09 -59.34
CA LYS L 74 16.84 46.34 -58.86
C LYS L 74 16.12 46.17 -57.52
N TYR L 75 15.70 44.95 -57.20
CA TYR L 75 14.80 44.68 -56.08
C TYR L 75 13.49 45.46 -56.23
N GLN L 76 12.87 45.31 -57.40
CA GLN L 76 11.66 46.03 -57.74
C GLN L 76 10.46 45.40 -57.01
N ILE L 77 9.26 45.86 -57.35
CA ILE L 77 8.03 45.16 -56.98
C ILE L 77 7.41 44.64 -58.28
N HIS L 78 7.46 43.33 -58.47
CA HIS L 78 6.97 42.74 -59.72
C HIS L 78 5.45 42.53 -59.63
N ILE L 79 5.02 41.54 -58.86
CA ILE L 79 3.60 41.36 -58.56
C ILE L 79 3.48 40.78 -57.16
N PRO L 80 2.46 41.16 -56.38
CA PRO L 80 2.21 40.46 -55.12
C PRO L 80 1.51 39.13 -55.35
N LEU L 81 1.87 38.13 -54.56
CA LEU L 81 1.24 36.82 -54.61
C LEU L 81 0.47 36.56 -53.33
N PRO L 82 -0.83 36.29 -53.41
CA PRO L 82 -1.65 36.11 -52.20
C PRO L 82 -1.18 34.96 -51.31
N PRO L 83 -0.92 33.76 -51.84
CA PRO L 83 -0.76 32.61 -50.96
C PRO L 83 0.50 32.68 -50.10
N LYS L 84 0.46 31.98 -48.96
CA LYS L 84 1.59 31.93 -48.04
C LYS L 84 1.95 30.50 -47.64
N ILE L 85 1.12 29.94 -46.78
CA ILE L 85 1.28 28.60 -46.24
C ILE L 85 -0.11 27.96 -46.15
N ASP L 86 -0.22 26.66 -46.41
CA ASP L 86 0.77 25.69 -46.01
C ASP L 86 0.95 24.56 -47.02
N PRO L 87 1.86 23.65 -46.69
CA PRO L 87 2.17 22.50 -47.55
C PRO L 87 1.13 21.38 -47.57
N THR L 88 1.48 20.28 -48.22
CA THR L 88 0.54 19.26 -48.67
C THR L 88 -0.28 18.61 -47.57
N VAL L 89 0.09 18.77 -46.30
CA VAL L 89 -0.78 18.29 -45.24
C VAL L 89 -2.13 18.99 -45.33
N THR L 90 -2.13 20.27 -45.74
CA THR L 90 -3.38 20.90 -46.17
C THR L 90 -4.03 20.14 -47.31
N MET L 91 -3.34 20.04 -48.45
CA MET L 91 -3.92 19.36 -49.61
C MET L 91 -4.30 17.92 -49.30
N MET L 92 -3.71 17.32 -48.28
CA MET L 92 -4.24 16.06 -47.75
C MET L 92 -5.52 16.32 -46.96
N GLN L 93 -5.47 17.29 -46.04
CA GLN L 93 -6.65 17.63 -45.25
C GLN L 93 -7.75 18.23 -46.14
N VAL L 94 -7.37 19.14 -47.04
CA VAL L 94 -8.31 19.63 -48.03
C VAL L 94 -8.66 18.52 -49.01
N GLU L 95 -9.95 18.35 -49.29
CA GLU L 95 -10.41 17.24 -50.10
C GLU L 95 -11.42 17.74 -51.13
N GLU L 96 -11.62 16.93 -52.17
CA GLU L 96 -12.51 17.29 -53.27
C GLU L 96 -13.24 16.04 -53.75
N LYS L 97 -14.01 16.20 -54.84
CA LYS L 97 -14.77 15.18 -55.55
C LYS L 97 -15.99 14.72 -54.75
N PRO L 98 -17.08 14.31 -55.40
CA PRO L 98 -18.22 13.76 -54.66
C PRO L 98 -18.20 12.25 -54.53
N ASP L 99 -19.12 11.70 -53.72
CA ASP L 99 -19.52 10.29 -53.67
C ASP L 99 -20.43 10.05 -52.48
N VAL L 100 -21.13 8.92 -52.46
CA VAL L 100 -21.92 8.48 -51.31
C VAL L 100 -23.01 9.51 -50.97
N THR L 101 -24.05 9.57 -51.80
CA THR L 101 -25.08 10.61 -51.71
C THR L 101 -26.14 10.25 -50.65
N TYR L 102 -27.25 11.00 -50.67
CA TYR L 102 -28.32 10.84 -49.69
C TYR L 102 -28.79 9.40 -49.57
N SER L 103 -29.12 8.78 -50.71
CA SER L 103 -29.88 7.53 -50.73
C SER L 103 -29.20 6.39 -49.98
N ASP L 104 -27.92 6.54 -49.63
CA ASP L 104 -27.25 5.56 -48.79
C ASP L 104 -27.72 5.60 -47.35
N VAL L 105 -28.60 6.54 -46.99
CA VAL L 105 -29.18 6.60 -45.66
C VAL L 105 -29.80 5.25 -45.31
N GLY L 106 -29.61 4.82 -44.07
CA GLY L 106 -30.12 3.54 -43.61
C GLY L 106 -31.53 3.64 -43.03
N GLY L 107 -32.27 4.67 -43.42
CA GLY L 107 -33.64 4.84 -43.00
C GLY L 107 -33.86 5.96 -42.00
N CYS L 108 -32.80 6.53 -41.44
CA CYS L 108 -32.95 7.65 -40.53
C CYS L 108 -33.52 8.85 -41.29
N LYS L 109 -34.64 9.38 -40.83
CA LYS L 109 -35.37 10.38 -41.60
C LYS L 109 -35.09 11.78 -41.06
N GLU L 110 -35.65 12.10 -39.89
CA GLU L 110 -35.49 13.42 -39.31
C GLU L 110 -34.32 13.50 -38.34
N GLN L 111 -33.58 12.42 -38.14
CA GLN L 111 -32.28 12.52 -37.48
C GLN L 111 -31.28 13.20 -38.39
N ILE L 112 -31.26 12.81 -39.67
CA ILE L 112 -30.43 13.49 -40.65
C ILE L 112 -31.09 14.79 -41.12
N GLU L 113 -32.41 14.89 -41.09
CA GLU L 113 -33.10 16.08 -41.57
C GLU L 113 -32.90 17.26 -40.63
N LYS L 114 -32.93 17.01 -39.31
CA LYS L 114 -32.63 18.09 -38.37
C LYS L 114 -31.24 18.65 -38.61
N LEU L 115 -30.30 17.81 -39.06
CA LEU L 115 -29.00 18.31 -39.48
C LEU L 115 -28.94 18.54 -40.99
N ARG L 116 -29.97 18.15 -41.73
CA ARG L 116 -30.04 18.56 -43.14
C ARG L 116 -30.60 19.97 -43.26
N GLU L 117 -31.40 20.39 -42.29
CA GLU L 117 -31.88 21.77 -42.28
C GLU L 117 -30.82 22.75 -41.82
N VAL L 118 -29.76 22.26 -41.15
CA VAL L 118 -28.73 23.16 -40.65
C VAL L 118 -27.70 23.49 -41.73
N VAL L 119 -27.36 22.52 -42.60
CA VAL L 119 -26.20 22.69 -43.48
C VAL L 119 -26.61 23.04 -44.91
N GLU L 120 -27.15 22.07 -45.66
CA GLU L 120 -27.44 22.29 -47.07
C GLU L 120 -28.74 23.05 -47.29
N THR L 121 -29.67 23.01 -46.34
CA THR L 121 -30.89 23.81 -46.48
C THR L 121 -30.57 25.30 -46.50
N PRO L 122 -29.71 25.85 -45.61
CA PRO L 122 -29.24 27.22 -45.82
C PRO L 122 -28.32 27.37 -47.02
N LEU L 123 -27.56 26.33 -47.37
CA LEU L 123 -26.66 26.42 -48.51
C LEU L 123 -27.41 26.34 -49.83
N LEU L 124 -28.54 25.64 -49.87
CA LEU L 124 -29.38 25.63 -51.06
C LEU L 124 -29.78 27.06 -51.43
N HIS L 125 -30.30 27.81 -50.47
CA HIS L 125 -30.62 29.22 -50.66
C HIS L 125 -30.04 30.05 -49.52
N PRO L 126 -28.82 30.59 -49.67
CA PRO L 126 -28.39 31.64 -48.74
C PRO L 126 -29.30 32.86 -48.78
N GLU L 127 -30.09 33.02 -49.84
CA GLU L 127 -31.13 34.04 -49.91
C GLU L 127 -32.27 33.77 -48.93
N ARG L 128 -32.44 32.52 -48.49
CA ARG L 128 -33.52 32.19 -47.58
C ARG L 128 -33.44 32.99 -46.29
N PHE L 129 -32.23 33.36 -45.86
CA PHE L 129 -32.02 34.15 -44.66
C PHE L 129 -31.97 35.65 -44.94
N VAL L 130 -32.29 36.08 -46.16
CA VAL L 130 -32.40 37.51 -46.43
C VAL L 130 -33.65 38.08 -45.78
N ASN L 131 -34.82 37.60 -46.20
CA ASN L 131 -36.09 37.99 -45.59
C ASN L 131 -36.13 37.66 -44.11
N LEU L 132 -36.11 36.37 -43.77
CA LEU L 132 -36.34 35.95 -42.39
C LEU L 132 -35.11 36.16 -41.52
N GLY L 133 -33.94 35.79 -42.02
CA GLY L 133 -32.69 35.89 -41.26
C GLY L 133 -32.51 37.27 -40.66
N ILE L 134 -32.07 37.43 -39.40
CA ILE L 134 -31.48 36.48 -38.43
C ILE L 134 -30.32 35.66 -39.05
N GLU L 135 -30.17 34.39 -38.70
CA GLU L 135 -28.92 33.70 -38.98
C GLU L 135 -29.15 32.24 -39.32
N PRO L 136 -28.33 31.67 -40.19
CA PRO L 136 -28.07 30.23 -40.11
C PRO L 136 -27.25 29.94 -38.87
N PRO L 137 -27.61 28.90 -38.12
CA PRO L 137 -27.00 28.72 -36.78
C PRO L 137 -25.50 28.51 -36.81
N LYS L 138 -24.91 28.38 -35.61
CA LYS L 138 -23.47 28.44 -35.44
C LYS L 138 -22.80 27.08 -35.65
N GLY L 139 -23.17 26.08 -34.84
CA GLY L 139 -22.56 24.78 -34.92
C GLY L 139 -23.53 23.70 -34.51
N VAL L 140 -23.04 22.46 -34.48
CA VAL L 140 -23.83 21.29 -34.13
C VAL L 140 -23.03 20.40 -33.20
N LEU L 141 -23.63 19.27 -32.83
CA LEU L 141 -22.96 18.23 -32.06
C LEU L 141 -23.44 16.87 -32.56
N LEU L 142 -22.49 15.95 -32.74
CA LEU L 142 -22.78 14.61 -33.21
C LEU L 142 -21.90 13.62 -32.47
N PHE L 143 -22.49 12.48 -32.10
CA PHE L 143 -21.77 11.40 -31.43
C PHE L 143 -22.71 10.22 -31.26
N GLY L 144 -22.13 9.07 -30.99
CA GLY L 144 -22.88 7.83 -30.92
C GLY L 144 -22.01 6.65 -31.30
N PRO L 145 -22.63 5.58 -31.77
CA PRO L 145 -21.87 4.46 -32.32
C PRO L 145 -21.14 4.89 -33.58
N PRO L 146 -20.34 4.01 -34.19
CA PRO L 146 -19.79 4.35 -35.51
C PRO L 146 -20.90 4.66 -36.51
N GLY L 147 -21.91 3.80 -36.60
CA GLY L 147 -23.01 4.01 -37.52
C GLY L 147 -23.98 5.14 -37.21
N THR L 148 -24.08 6.08 -38.15
CA THR L 148 -23.09 6.17 -39.22
C THR L 148 -22.41 7.55 -39.16
N GLY L 149 -21.14 7.54 -38.75
CA GLY L 149 -20.37 8.76 -38.71
C GLY L 149 -19.58 8.96 -40.00
N LYS L 150 -19.35 10.24 -40.32
CA LYS L 150 -18.47 10.65 -41.42
C LYS L 150 -19.04 10.25 -42.78
N THR L 151 -20.07 9.38 -42.78
CA THR L 151 -20.83 9.13 -44.00
C THR L 151 -21.87 10.22 -44.22
N LEU L 152 -22.42 10.78 -43.14
CA LEU L 152 -23.21 12.01 -43.27
C LEU L 152 -22.37 13.12 -43.86
N CYS L 153 -21.06 13.12 -43.57
CA CYS L 153 -20.13 13.98 -44.30
C CYS L 153 -19.98 13.51 -45.74
N ALA L 154 -19.84 12.20 -45.94
CA ALA L 154 -19.84 11.65 -47.30
C ALA L 154 -21.16 11.93 -47.99
N ARG L 155 -22.27 11.88 -47.25
CA ARG L 155 -23.54 12.35 -47.78
C ARG L 155 -23.44 13.82 -48.19
N ALA L 156 -22.73 14.62 -47.40
CA ALA L 156 -22.49 16.01 -47.78
C ALA L 156 -21.44 16.11 -48.87
N VAL L 157 -20.63 15.07 -49.05
CA VAL L 157 -19.62 15.09 -50.11
C VAL L 157 -20.28 15.08 -51.49
N ALA L 158 -21.16 14.11 -51.71
CA ALA L 158 -21.82 14.00 -53.01
C ALA L 158 -22.83 15.12 -53.21
N ASN L 159 -23.57 15.46 -52.18
CA ASN L 159 -24.63 16.46 -52.27
C ASN L 159 -24.12 17.88 -52.11
N ARG L 160 -22.82 18.07 -51.94
CA ARG L 160 -22.26 19.42 -51.95
C ARG L 160 -22.49 20.05 -53.31
N THR L 161 -23.17 21.20 -53.32
CA THR L 161 -23.58 21.84 -54.57
C THR L 161 -22.67 23.00 -54.99
N ASP L 162 -21.69 23.38 -54.18
CA ASP L 162 -20.91 24.59 -54.46
C ASP L 162 -19.42 24.33 -54.56
N ALA L 163 -18.73 24.12 -53.46
CA ALA L 163 -17.27 23.98 -53.46
C ALA L 163 -16.87 22.81 -52.57
N CYS L 164 -15.74 22.20 -52.90
CA CYS L 164 -15.32 20.97 -52.22
C CYS L 164 -14.81 21.29 -50.83
N PHE L 165 -15.46 20.71 -49.81
CA PHE L 165 -15.15 21.07 -48.44
C PHE L 165 -14.00 20.21 -47.91
N ILE L 166 -13.60 20.49 -46.68
CA ILE L 166 -12.31 20.04 -46.15
C ILE L 166 -12.56 19.13 -44.95
N ARG L 167 -12.16 17.87 -45.07
CA ARG L 167 -12.11 16.97 -43.93
C ARG L 167 -10.94 17.34 -43.02
N VAL L 168 -11.04 16.91 -41.76
CA VAL L 168 -9.98 17.16 -40.79
C VAL L 168 -9.69 15.86 -40.04
N ILE L 169 -8.46 15.39 -40.14
CA ILE L 169 -8.01 14.17 -39.46
C ILE L 169 -7.35 14.55 -38.14
N GLY L 170 -7.70 13.82 -37.08
CA GLY L 170 -7.33 14.21 -35.74
C GLY L 170 -5.85 14.17 -35.42
N SER L 171 -5.21 13.02 -35.59
CA SER L 171 -3.85 12.86 -35.07
C SER L 171 -2.82 13.68 -35.83
N GLU L 172 -3.20 14.34 -36.91
CA GLU L 172 -2.31 15.31 -37.55
C GLU L 172 -2.37 16.68 -36.89
N LEU L 173 -3.36 16.92 -36.02
CA LEU L 173 -3.37 18.17 -35.26
C LEU L 173 -2.34 18.14 -34.14
N VAL L 174 -2.28 17.04 -33.39
CA VAL L 174 -1.24 16.87 -32.39
C VAL L 174 0.09 16.61 -33.09
N GLN L 175 1.10 17.41 -32.74
CA GLN L 175 2.38 17.35 -33.43
C GLN L 175 3.49 17.70 -32.46
N LYS L 176 4.71 17.34 -32.86
CA LYS L 176 5.93 17.75 -32.16
C LYS L 176 6.17 19.23 -32.42
N TYR L 177 7.28 19.77 -31.91
CA TYR L 177 7.71 21.12 -32.27
C TYR L 177 6.62 22.12 -31.94
N VAL L 178 6.46 22.44 -30.65
CA VAL L 178 5.20 22.94 -30.11
C VAL L 178 4.66 24.07 -30.97
N GLY L 179 3.38 23.96 -31.32
CA GLY L 179 2.74 24.99 -32.11
C GLY L 179 2.68 24.75 -33.61
N GLU L 180 3.03 23.53 -34.07
CA GLU L 180 2.93 23.21 -35.48
C GLU L 180 1.50 23.39 -35.99
N GLY L 181 0.60 22.51 -35.56
CA GLY L 181 -0.80 22.63 -35.93
C GLY L 181 -1.47 23.87 -35.40
N ALA L 182 -0.89 24.52 -34.40
CA ALA L 182 -1.41 25.80 -33.93
C ALA L 182 -1.47 26.81 -35.07
N ARG L 183 -0.40 26.89 -35.86
CA ARG L 183 -0.44 27.69 -37.08
C ARG L 183 -1.57 27.24 -37.98
N MET L 184 -1.66 25.92 -38.19
CA MET L 184 -2.60 25.37 -39.17
C MET L 184 -4.04 25.80 -38.88
N VAL L 185 -4.57 25.38 -37.73
CA VAL L 185 -5.97 25.67 -37.38
C VAL L 185 -6.26 27.16 -37.54
N ARG L 186 -5.34 28.00 -37.09
CA ARG L 186 -5.44 29.44 -37.37
C ARG L 186 -5.45 29.71 -38.87
N GLU L 187 -4.36 29.35 -39.56
CA GLU L 187 -4.17 29.80 -40.93
C GLU L 187 -5.07 29.06 -41.93
N LEU L 188 -5.47 27.81 -41.63
CA LEU L 188 -6.28 27.08 -42.58
C LEU L 188 -7.66 27.67 -42.74
N PHE L 189 -8.14 28.40 -41.73
CA PHE L 189 -9.46 29.03 -41.84
C PHE L 189 -9.44 30.16 -42.87
N GLU L 190 -8.35 30.93 -42.92
CA GLU L 190 -8.19 31.88 -44.02
C GLU L 190 -8.04 31.15 -45.34
N MET L 191 -7.34 30.02 -45.35
CA MET L 191 -7.33 29.16 -46.53
C MET L 191 -8.72 28.62 -46.82
N ALA L 192 -9.54 28.44 -45.79
CA ALA L 192 -10.96 28.14 -45.99
C ALA L 192 -11.74 29.39 -46.37
N ARG L 193 -11.39 30.55 -45.78
CA ARG L 193 -11.96 31.81 -46.22
C ARG L 193 -11.54 32.15 -47.65
N THR L 194 -10.38 31.66 -48.09
CA THR L 194 -10.00 31.80 -49.49
C THR L 194 -11.00 31.10 -50.40
N LYS L 195 -11.65 30.06 -49.89
CA LYS L 195 -12.71 29.35 -50.61
C LYS L 195 -14.09 29.95 -50.36
N LYS L 196 -14.15 31.08 -49.66
CA LYS L 196 -15.37 31.87 -49.45
C LYS L 196 -16.57 31.03 -49.04
N ALA L 197 -16.59 30.59 -47.78
CA ALA L 197 -17.68 29.91 -47.06
C ALA L 197 -17.67 28.39 -47.26
N CYS L 198 -16.74 27.85 -48.05
CA CYS L 198 -16.67 26.40 -48.24
C CYS L 198 -16.47 25.70 -46.90
N LEU L 199 -17.35 24.76 -46.60
CA LEU L 199 -17.51 24.20 -45.26
C LEU L 199 -16.31 23.38 -44.82
N ILE L 200 -16.24 23.14 -43.50
CA ILE L 200 -15.20 22.30 -42.90
C ILE L 200 -15.88 21.30 -41.97
N PHE L 201 -15.22 20.16 -41.76
CA PHE L 201 -15.64 19.17 -40.80
C PHE L 201 -14.41 18.64 -40.07
N PHE L 202 -14.52 18.50 -38.75
CA PHE L 202 -13.45 17.97 -37.92
C PHE L 202 -13.80 16.56 -37.47
N ASP L 203 -12.85 15.65 -37.58
CA ASP L 203 -13.00 14.28 -37.10
C ASP L 203 -12.05 14.06 -35.92
N GLU L 204 -12.46 13.15 -35.03
CA GLU L 204 -11.75 12.90 -33.77
C GLU L 204 -11.61 14.19 -32.95
N ILE L 205 -12.67 15.01 -32.96
CA ILE L 205 -12.63 16.28 -32.24
C ILE L 205 -12.54 16.07 -30.74
N ASP L 206 -12.86 14.88 -30.25
CA ASP L 206 -12.69 14.59 -28.83
C ASP L 206 -11.23 14.39 -28.48
N ALA L 207 -10.48 13.73 -29.36
CA ALA L 207 -9.06 13.51 -29.08
C ALA L 207 -8.29 14.82 -29.12
N ILE L 208 -8.47 15.60 -30.19
CA ILE L 208 -7.69 16.82 -30.36
C ILE L 208 -8.18 17.95 -29.47
N GLY L 209 -9.43 17.88 -29.01
CA GLY L 209 -10.00 18.94 -28.19
C GLY L 209 -9.78 18.72 -26.71
N GLY L 210 -8.74 17.96 -26.36
CA GLY L 210 -8.60 17.34 -25.04
C GLY L 210 -8.89 18.20 -23.84
N ALA L 211 -9.69 17.68 -22.92
CA ALA L 211 -10.12 18.42 -21.74
C ALA L 211 -10.25 17.50 -20.52
N ARG L 212 -9.94 18.02 -19.34
CA ARG L 212 -9.56 19.42 -19.20
C ARG L 212 -8.07 19.54 -18.87
N PHE L 213 -7.70 19.26 -17.64
CA PHE L 213 -6.30 19.36 -17.24
C PHE L 213 -6.06 18.54 -15.99
N ASP L 214 -4.79 18.24 -15.75
CA ASP L 214 -4.28 17.78 -14.47
C ASP L 214 -3.24 18.77 -13.99
N ASP L 215 -2.99 18.76 -12.68
CA ASP L 215 -2.06 19.70 -12.06
C ASP L 215 -0.71 19.70 -12.77
N GLY L 216 -0.01 18.57 -12.75
CA GLY L 216 1.22 18.44 -13.52
C GLY L 216 1.54 17.00 -13.88
N ALA L 217 2.27 16.81 -14.96
CA ALA L 217 2.76 17.92 -15.78
C ALA L 217 2.47 17.67 -17.25
N GLY L 218 1.95 18.69 -17.94
CA GLY L 218 1.64 18.56 -19.35
C GLY L 218 2.84 18.76 -20.25
N GLY L 219 2.91 17.97 -21.32
CA GLY L 219 1.79 17.18 -21.78
C GLY L 219 0.69 18.02 -22.41
N ASP L 220 -0.52 17.93 -21.84
CA ASP L 220 -1.68 18.58 -22.43
C ASP L 220 -1.50 20.08 -22.61
N ASN L 221 -0.53 20.69 -21.91
CA ASN L 221 -0.33 22.14 -21.96
C ASN L 221 -0.31 22.66 -23.40
N GLU L 222 0.66 22.20 -24.20
CA GLU L 222 0.71 22.60 -25.60
C GLU L 222 -0.59 22.27 -26.33
N VAL L 223 -1.27 21.19 -25.93
CA VAL L 223 -2.57 20.90 -26.51
C VAL L 223 -3.67 21.72 -25.85
N GLN L 224 -3.49 22.12 -24.59
CA GLN L 224 -4.44 23.06 -23.96
C GLN L 224 -4.55 24.34 -24.76
N ARG L 225 -3.50 24.69 -25.51
CA ARG L 225 -3.59 25.74 -26.51
C ARG L 225 -4.68 25.40 -27.52
N THR L 226 -4.44 24.33 -28.28
CA THR L 226 -5.25 24.03 -29.47
C THR L 226 -6.74 24.10 -29.20
N MET L 227 -7.20 23.52 -28.10
CA MET L 227 -8.61 23.61 -27.72
C MET L 227 -9.04 25.06 -27.59
N LEU L 228 -8.48 25.78 -26.60
CA LEU L 228 -8.78 27.20 -26.47
C LEU L 228 -8.32 28.01 -27.68
N GLU L 229 -7.30 27.53 -28.39
CA GLU L 229 -6.94 28.14 -29.66
C GLU L 229 -8.07 28.01 -30.67
N LEU L 230 -8.66 26.82 -30.77
CA LEU L 230 -9.88 26.67 -31.55
C LEU L 230 -11.00 27.51 -30.97
N ILE L 231 -11.04 27.65 -29.65
CA ILE L 231 -12.02 28.54 -29.03
C ILE L 231 -11.71 29.98 -29.38
N ASN L 232 -10.43 30.35 -29.49
CA ASN L 232 -10.09 31.66 -30.08
C ASN L 232 -10.55 31.71 -31.53
N GLN L 233 -10.26 30.65 -32.29
CA GLN L 233 -10.84 30.55 -33.63
C GLN L 233 -12.36 30.54 -33.57
N LEU L 234 -12.93 30.05 -32.48
CA LEU L 234 -14.36 30.21 -32.22
C LEU L 234 -14.68 31.63 -31.79
N ASP L 235 -13.81 32.24 -30.97
CA ASP L 235 -14.03 33.58 -30.46
C ASP L 235 -13.66 34.67 -31.47
N GLY L 236 -13.09 34.31 -32.61
CA GLY L 236 -12.95 35.28 -33.68
C GLY L 236 -14.31 35.70 -34.17
N PHE L 237 -14.58 37.00 -34.16
CA PHE L 237 -15.92 37.50 -34.51
C PHE L 237 -16.33 37.03 -35.90
N ASP L 238 -15.42 37.13 -36.87
CA ASP L 238 -15.72 36.81 -38.25
C ASP L 238 -15.43 35.34 -38.56
N PRO L 239 -16.21 34.74 -39.48
CA PRO L 239 -17.52 35.23 -39.94
C PRO L 239 -18.72 35.11 -38.97
N ARG L 240 -18.91 34.05 -38.17
CA ARG L 240 -18.10 32.83 -38.14
C ARG L 240 -18.97 31.59 -38.33
N GLY L 241 -18.52 30.66 -39.18
CA GLY L 241 -17.31 30.83 -39.95
C GLY L 241 -17.62 31.03 -41.42
N ASN L 242 -18.88 31.35 -41.70
CA ASN L 242 -19.48 31.40 -43.03
C ASN L 242 -19.56 29.97 -43.59
N ILE L 243 -18.83 29.07 -42.94
CA ILE L 243 -18.91 27.64 -43.17
C ILE L 243 -19.79 26.96 -42.14
N LYS L 244 -20.39 27.72 -41.22
CA LYS L 244 -21.02 27.16 -40.03
C LYS L 244 -20.01 26.24 -39.35
N VAL L 245 -20.39 25.00 -39.08
CA VAL L 245 -19.52 23.87 -38.77
C VAL L 245 -20.37 22.62 -38.65
N LEU L 246 -19.73 21.47 -38.77
CA LEU L 246 -20.36 20.19 -38.46
C LEU L 246 -19.32 19.35 -37.73
N MET L 247 -19.70 18.83 -36.56
CA MET L 247 -18.75 18.19 -35.66
C MET L 247 -19.31 16.87 -35.18
N ALA L 248 -18.55 15.79 -35.40
CA ALA L 248 -18.89 14.47 -34.90
C ALA L 248 -17.81 14.02 -33.92
N THR L 249 -18.25 13.36 -32.85
CA THR L 249 -17.36 12.92 -31.78
C THR L 249 -17.87 11.60 -31.24
N ASN L 250 -17.33 11.18 -30.09
CA ASN L 250 -17.74 9.94 -29.44
C ASN L 250 -18.32 10.22 -28.06
N ARG L 251 -17.50 10.59 -27.09
CA ARG L 251 -17.87 10.79 -25.70
C ARG L 251 -18.31 12.24 -25.45
N PRO L 252 -19.04 12.50 -24.37
CA PRO L 252 -19.40 13.90 -24.06
C PRO L 252 -18.20 14.78 -23.80
N ASP L 253 -17.21 14.29 -23.06
CA ASP L 253 -15.93 14.98 -23.01
C ASP L 253 -15.34 14.83 -24.41
N THR L 254 -14.60 15.83 -24.88
CA THR L 254 -14.11 16.96 -24.09
C THR L 254 -15.14 18.03 -23.75
N LEU L 255 -15.09 18.48 -22.50
CA LEU L 255 -16.14 19.34 -21.96
C LEU L 255 -15.98 20.80 -22.38
N ASP L 256 -14.74 21.29 -22.49
CA ASP L 256 -14.54 22.72 -22.68
C ASP L 256 -15.16 23.23 -23.98
N PRO L 257 -14.89 22.63 -25.16
CA PRO L 257 -15.69 23.02 -26.33
C PRO L 257 -17.14 22.58 -26.21
N ALA L 258 -17.43 21.53 -25.43
CA ALA L 258 -18.80 21.12 -25.21
C ALA L 258 -19.53 22.05 -24.24
N LEU L 259 -18.79 22.72 -23.35
CA LEU L 259 -19.36 23.84 -22.60
C LEU L 259 -19.10 25.18 -23.27
N MET L 260 -18.24 25.23 -24.29
CA MET L 260 -18.14 26.42 -25.12
C MET L 260 -19.21 26.41 -26.21
N ARG L 261 -19.64 25.24 -26.68
CA ARG L 261 -20.68 25.20 -27.70
C ARG L 261 -22.00 25.83 -27.25
N PRO L 262 -22.44 25.76 -25.99
CA PRO L 262 -23.56 26.63 -25.60
C PRO L 262 -23.16 28.09 -25.57
N GLY L 263 -21.86 28.38 -25.49
CA GLY L 263 -21.41 29.75 -25.61
C GLY L 263 -21.30 30.22 -27.05
N ARG L 264 -21.23 29.29 -28.00
CA ARG L 264 -21.28 29.64 -29.40
C ARG L 264 -22.27 28.78 -30.18
N LEU L 265 -22.00 27.48 -30.25
CA LEU L 265 -22.64 26.59 -31.20
C LEU L 265 -24.11 26.37 -30.84
N ASP L 266 -24.75 25.49 -31.62
CA ASP L 266 -26.18 25.24 -31.52
C ASP L 266 -26.41 23.76 -31.81
N ARG L 267 -27.69 23.37 -31.90
CA ARG L 267 -28.12 22.14 -32.56
C ARG L 267 -27.35 20.92 -32.08
N LYS L 268 -27.65 20.50 -30.85
CA LYS L 268 -27.11 19.24 -30.36
C LYS L 268 -28.11 18.14 -30.69
N ILE L 269 -27.73 17.26 -31.61
CA ILE L 269 -28.55 16.15 -32.05
C ILE L 269 -27.72 14.88 -31.95
N GLU L 270 -28.33 13.76 -32.30
CA GLU L 270 -27.73 12.47 -31.95
C GLU L 270 -28.08 11.42 -32.99
N PHE L 271 -27.18 10.45 -33.12
CA PHE L 271 -27.45 9.18 -33.79
C PHE L 271 -28.67 8.55 -33.11
N SER L 272 -29.53 7.76 -33.78
CA SER L 272 -29.38 7.03 -35.06
C SER L 272 -28.03 6.35 -35.27
N LEU L 273 -27.61 5.33 -34.50
CA LEU L 273 -28.32 4.46 -33.52
C LEU L 273 -29.32 3.51 -34.19
N PRO L 274 -29.52 2.35 -33.57
CA PRO L 274 -30.50 1.40 -34.11
C PRO L 274 -31.93 1.76 -33.72
N ASP L 275 -32.86 1.31 -34.55
CA ASP L 275 -34.28 1.44 -34.28
C ASP L 275 -34.98 0.14 -34.68
N LEU L 276 -36.18 -0.04 -34.14
CA LEU L 276 -37.00 -1.19 -34.51
C LEU L 276 -37.34 -1.19 -36.00
N GLU L 277 -37.34 -0.02 -36.63
CA GLU L 277 -37.78 0.16 -38.00
C GLU L 277 -36.60 0.30 -38.96
N GLY L 278 -35.77 1.33 -38.79
CA GLY L 278 -34.71 1.65 -39.72
C GLY L 278 -33.80 0.50 -40.08
N ARG L 279 -33.73 -0.52 -39.23
CA ARG L 279 -33.02 -1.74 -39.61
C ARG L 279 -33.57 -2.34 -40.89
N THR L 280 -34.87 -2.17 -41.15
CA THR L 280 -35.43 -2.66 -42.40
C THR L 280 -34.85 -1.92 -43.60
N HIS L 281 -34.48 -0.64 -43.43
CA HIS L 281 -33.78 0.07 -44.49
C HIS L 281 -32.31 -0.31 -44.54
N ILE L 282 -31.69 -0.52 -43.36
CA ILE L 282 -30.36 -1.10 -43.33
C ILE L 282 -30.39 -2.55 -43.83
N PHE L 283 -31.56 -3.19 -43.80
CA PHE L 283 -31.78 -4.43 -44.51
C PHE L 283 -32.34 -4.21 -45.91
N LYS L 284 -32.77 -2.99 -46.23
CA LYS L 284 -33.09 -2.61 -47.61
C LYS L 284 -31.93 -1.91 -48.30
N ILE L 285 -30.81 -1.70 -47.62
CA ILE L 285 -29.59 -1.34 -48.34
C ILE L 285 -29.10 -2.55 -49.13
N HIS L 286 -29.54 -3.75 -48.74
CA HIS L 286 -29.33 -4.97 -49.50
C HIS L 286 -30.52 -5.34 -50.37
N ALA L 287 -31.58 -4.51 -50.39
CA ALA L 287 -32.78 -4.81 -51.15
C ALA L 287 -32.47 -5.07 -52.62
N ARG L 288 -31.99 -4.05 -53.32
CA ARG L 288 -31.62 -4.24 -54.72
C ARG L 288 -30.36 -5.07 -54.91
N SER L 289 -29.65 -5.39 -53.82
CA SER L 289 -28.52 -6.30 -53.93
C SER L 289 -28.99 -7.73 -54.11
N MET L 290 -28.12 -8.54 -54.69
CA MET L 290 -28.39 -9.98 -54.95
C MET L 290 -29.68 -10.06 -55.79
N SER L 291 -30.52 -11.06 -55.56
CA SER L 291 -31.92 -11.05 -55.94
C SER L 291 -32.66 -11.65 -54.78
N VAL L 292 -33.55 -10.88 -54.15
CA VAL L 292 -34.17 -11.33 -52.92
C VAL L 292 -35.12 -12.48 -53.25
N GLU L 293 -34.91 -13.62 -52.59
CA GLU L 293 -35.80 -14.75 -52.78
C GLU L 293 -37.22 -14.36 -52.36
N ARG L 294 -38.21 -14.80 -53.15
CA ARG L 294 -39.58 -14.32 -52.97
C ARG L 294 -40.10 -14.56 -51.56
N ASP L 295 -39.59 -15.58 -50.88
CA ASP L 295 -40.03 -15.91 -49.53
C ASP L 295 -39.15 -15.31 -48.44
N ILE L 296 -38.09 -14.59 -48.80
CA ILE L 296 -37.26 -13.91 -47.80
C ILE L 296 -38.04 -12.74 -47.22
N ARG L 297 -38.05 -12.63 -45.89
CA ARG L 297 -38.82 -11.62 -45.19
C ARG L 297 -37.91 -10.73 -44.36
N PHE L 298 -38.18 -9.43 -44.40
CA PHE L 298 -37.44 -8.46 -43.60
C PHE L 298 -37.87 -8.51 -42.13
N GLU L 299 -39.16 -8.24 -41.88
CA GLU L 299 -39.69 -8.18 -40.52
C GLU L 299 -39.31 -9.40 -39.69
N LEU L 300 -39.19 -10.57 -40.32
CA LEU L 300 -38.81 -11.78 -39.59
C LEU L 300 -37.45 -11.63 -38.94
N LEU L 301 -36.46 -11.16 -39.71
CA LEU L 301 -35.13 -10.92 -39.16
C LEU L 301 -35.04 -9.61 -38.39
N ALA L 302 -35.77 -8.57 -38.82
CA ALA L 302 -35.71 -7.27 -38.17
C ALA L 302 -36.14 -7.35 -36.71
N ARG L 303 -37.14 -8.17 -36.39
CA ARG L 303 -37.61 -8.30 -35.01
C ARG L 303 -36.66 -9.10 -34.14
N LEU L 304 -35.69 -9.79 -34.73
CA LEU L 304 -34.78 -10.66 -33.99
C LEU L 304 -33.47 -10.00 -33.59
N CYS L 305 -33.22 -8.76 -34.00
CA CYS L 305 -31.90 -8.15 -33.84
C CYS L 305 -31.97 -6.84 -33.07
N PRO L 306 -31.83 -6.87 -31.74
CA PRO L 306 -31.76 -5.63 -30.98
C PRO L 306 -30.37 -5.00 -31.02
N ASN L 307 -30.35 -3.67 -30.90
CA ASN L 307 -29.11 -2.89 -30.78
C ASN L 307 -28.12 -3.23 -31.90
N SER L 308 -28.61 -3.14 -33.14
CA SER L 308 -27.89 -3.65 -34.29
C SER L 308 -26.92 -2.66 -34.92
N THR L 309 -27.05 -1.38 -34.62
CA THR L 309 -26.39 -0.27 -35.33
C THR L 309 -26.64 -0.45 -36.82
N GLY L 310 -25.68 -0.07 -37.67
CA GLY L 310 -25.72 -0.50 -39.06
C GLY L 310 -24.60 -1.43 -39.51
N ALA L 311 -23.52 -1.45 -38.74
CA ALA L 311 -22.27 -2.07 -39.18
C ALA L 311 -22.38 -3.57 -39.41
N GLU L 312 -22.57 -4.33 -38.33
CA GLU L 312 -22.57 -5.80 -38.45
C GLU L 312 -23.77 -6.28 -39.26
N ILE L 313 -24.93 -5.64 -39.09
CA ILE L 313 -26.12 -6.09 -39.78
C ILE L 313 -26.10 -5.77 -41.27
N ARG L 314 -25.18 -4.94 -41.72
CA ARG L 314 -24.88 -4.88 -43.15
C ARG L 314 -24.13 -6.12 -43.59
N SER L 315 -23.13 -6.53 -42.80
CA SER L 315 -22.45 -7.80 -43.06
C SER L 315 -23.31 -8.99 -42.70
N VAL L 316 -24.28 -8.81 -41.79
CA VAL L 316 -25.21 -9.89 -41.46
C VAL L 316 -25.93 -10.39 -42.71
N CYS L 317 -26.48 -9.46 -43.51
CA CYS L 317 -27.05 -9.85 -44.79
C CYS L 317 -25.97 -10.30 -45.76
N THR L 318 -24.73 -9.87 -45.55
CA THR L 318 -23.64 -10.22 -46.44
C THR L 318 -23.07 -11.60 -46.16
N GLU L 319 -23.09 -12.04 -44.90
CA GLU L 319 -22.54 -13.35 -44.56
C GLU L 319 -23.40 -14.50 -45.05
N ALA L 320 -24.60 -14.22 -45.59
CA ALA L 320 -25.27 -15.21 -46.41
C ALA L 320 -24.40 -15.58 -47.60
N GLY L 321 -24.01 -14.57 -48.40
CA GLY L 321 -23.11 -14.79 -49.51
C GLY L 321 -21.78 -15.39 -49.12
N MET L 322 -21.36 -15.20 -47.86
CA MET L 322 -20.19 -15.90 -47.35
C MET L 322 -20.38 -17.41 -47.49
N PHE L 323 -21.29 -17.97 -46.69
CA PHE L 323 -21.54 -19.41 -46.75
C PHE L 323 -22.21 -19.83 -48.06
N ALA L 324 -22.87 -18.90 -48.75
CA ALA L 324 -23.45 -19.23 -50.06
C ALA L 324 -22.38 -19.74 -51.02
N ILE L 325 -21.40 -18.89 -51.32
CA ILE L 325 -20.30 -19.30 -52.20
C ILE L 325 -19.57 -20.50 -51.62
N ARG L 326 -19.46 -20.57 -50.30
CA ARG L 326 -18.77 -21.69 -49.67
C ARG L 326 -19.57 -22.98 -49.79
N ALA L 327 -20.89 -22.91 -49.58
CA ALA L 327 -21.75 -24.06 -49.71
C ALA L 327 -22.35 -24.21 -51.10
N ARG L 328 -21.93 -23.37 -52.06
CA ARG L 328 -22.36 -23.36 -53.45
C ARG L 328 -23.76 -22.80 -53.64
N ARG L 329 -24.43 -22.37 -52.56
CA ARG L 329 -25.81 -21.90 -52.65
C ARG L 329 -25.94 -20.82 -53.72
N LYS L 330 -26.85 -21.06 -54.66
CA LYS L 330 -26.94 -20.21 -55.85
C LYS L 330 -27.42 -18.81 -55.48
N ILE L 331 -28.58 -18.73 -54.82
CA ILE L 331 -28.94 -17.53 -54.07
C ILE L 331 -29.14 -17.98 -52.62
N ALA L 332 -29.41 -17.03 -51.74
CA ALA L 332 -29.51 -17.32 -50.32
C ALA L 332 -30.96 -17.23 -49.87
N THR L 333 -31.31 -18.10 -48.92
CA THR L 333 -32.59 -18.05 -48.23
C THR L 333 -32.36 -17.42 -46.86
N GLU L 334 -33.36 -16.68 -46.37
CA GLU L 334 -33.22 -16.01 -45.08
C GLU L 334 -32.86 -16.98 -43.98
N LYS L 335 -33.31 -18.23 -44.07
CA LYS L 335 -32.96 -19.24 -43.08
C LYS L 335 -31.47 -19.54 -43.09
N ASP L 336 -30.81 -19.35 -44.23
CA ASP L 336 -29.39 -19.70 -44.34
C ASP L 336 -28.53 -18.80 -43.46
N PHE L 337 -28.65 -17.48 -43.63
CA PHE L 337 -27.81 -16.59 -42.85
C PHE L 337 -28.35 -16.43 -41.42
N LEU L 338 -29.67 -16.41 -41.24
CA LEU L 338 -30.20 -16.25 -39.89
C LEU L 338 -29.73 -17.36 -38.97
N GLU L 339 -29.39 -18.53 -39.52
CA GLU L 339 -28.66 -19.53 -38.75
C GLU L 339 -27.29 -19.02 -38.34
N ALA L 340 -26.55 -18.46 -39.31
CA ALA L 340 -25.25 -17.86 -39.02
C ALA L 340 -25.38 -16.46 -38.43
N VAL L 341 -26.57 -15.85 -38.52
CA VAL L 341 -26.78 -14.54 -37.91
C VAL L 341 -26.91 -14.68 -36.40
N ASN L 342 -27.91 -15.43 -35.94
CA ASN L 342 -28.00 -15.74 -34.52
C ASN L 342 -26.67 -16.26 -33.99
N LYS L 343 -25.92 -16.99 -34.82
CA LYS L 343 -24.51 -17.21 -34.55
C LYS L 343 -23.75 -15.88 -34.48
N VAL L 344 -23.68 -15.17 -35.61
CA VAL L 344 -22.74 -14.05 -35.72
C VAL L 344 -23.09 -12.93 -34.73
N ILE L 345 -24.36 -12.80 -34.35
CA ILE L 345 -24.68 -11.85 -33.29
C ILE L 345 -24.19 -12.38 -31.96
N LYS L 346 -24.56 -13.61 -31.61
CA LYS L 346 -24.13 -14.19 -30.33
C LYS L 346 -22.62 -14.43 -30.31
N SER L 347 -22.11 -15.11 -31.34
CA SER L 347 -20.67 -15.40 -31.39
C SER L 347 -19.85 -14.13 -31.24
N TYR L 348 -20.33 -13.02 -31.79
CA TYR L 348 -19.67 -11.73 -31.61
C TYR L 348 -20.25 -10.90 -30.47
N ALA L 349 -21.37 -11.30 -29.87
CA ALA L 349 -21.81 -10.70 -28.61
C ALA L 349 -21.38 -11.49 -27.39
N LYS L 350 -20.78 -12.68 -27.58
CA LYS L 350 -20.23 -13.41 -26.45
C LYS L 350 -19.11 -12.62 -25.79
N PHE L 351 -18.10 -12.22 -26.57
CA PHE L 351 -17.01 -11.41 -26.03
C PHE L 351 -17.37 -9.93 -25.99
N SER L 352 -18.03 -9.40 -27.03
CA SER L 352 -18.22 -7.95 -27.18
C SER L 352 -19.70 -7.64 -27.33
N ALA L 353 -20.26 -6.92 -26.37
CA ALA L 353 -21.58 -6.32 -26.54
C ALA L 353 -21.50 -4.98 -27.26
N THR L 354 -20.29 -4.44 -27.46
CA THR L 354 -20.06 -3.11 -27.99
C THR L 354 -20.94 -2.12 -27.24
N PRO L 355 -20.66 -1.86 -25.95
CA PRO L 355 -21.56 -1.03 -25.16
C PRO L 355 -21.46 0.44 -25.51
N ARG L 356 -22.12 0.84 -26.60
CA ARG L 356 -22.12 2.24 -27.00
C ARG L 356 -22.65 3.13 -25.89
N TYR L 357 -23.67 2.66 -25.17
CA TYR L 357 -24.16 3.39 -24.01
C TYR L 357 -23.06 3.65 -22.99
N MET L 358 -22.13 2.71 -22.86
CA MET L 358 -21.04 2.85 -21.88
C MET L 358 -19.96 3.80 -22.40
N THR L 359 -19.75 3.86 -23.71
CA THR L 359 -18.67 4.67 -24.26
C THR L 359 -18.82 6.13 -23.86
N TYR L 360 -20.00 6.70 -24.05
CA TYR L 360 -20.24 8.08 -23.66
C TYR L 360 -20.72 8.21 -22.22
N ASN L 361 -20.78 7.12 -21.47
CA ASN L 361 -21.11 7.18 -20.05
C ASN L 361 -19.98 6.61 -19.20
N GLU M 1 13.77 13.42 -82.18
CA GLU M 1 15.00 13.30 -82.96
C GLU M 1 15.84 14.57 -82.84
N GLU M 2 15.51 15.58 -83.64
CA GLU M 2 16.19 16.87 -83.53
C GLU M 2 15.85 17.58 -82.23
N GLU M 3 14.65 17.36 -81.69
CA GLU M 3 14.30 17.93 -80.39
C GLU M 3 15.27 17.50 -79.29
N ARG M 4 15.81 16.28 -79.38
CA ARG M 4 16.76 15.81 -78.38
C ARG M 4 18.05 16.62 -78.43
N SER M 5 18.50 16.97 -79.62
CA SER M 5 19.69 17.80 -79.81
C SER M 5 19.38 19.29 -79.77
N LYS M 6 18.12 19.66 -79.62
CA LYS M 6 17.72 21.07 -79.50
C LYS M 6 17.68 21.52 -78.04
N VAL M 7 16.78 20.93 -77.25
CA VAL M 7 16.57 21.38 -75.88
C VAL M 7 17.67 20.94 -74.93
N ASP M 8 18.59 20.08 -75.38
CA ASP M 8 19.71 19.73 -74.52
C ASP M 8 20.59 20.94 -74.22
N ASP M 9 20.59 21.94 -75.10
CA ASP M 9 21.31 23.18 -74.82
C ASP M 9 20.59 24.02 -73.78
N LEU M 10 19.26 24.07 -73.85
CA LEU M 10 18.49 24.73 -72.80
C LEU M 10 18.66 24.01 -71.47
N ARG M 11 18.59 22.68 -71.49
CA ARG M 11 18.96 21.89 -70.32
C ARG M 11 20.40 22.17 -69.91
N GLY M 12 21.30 22.27 -70.89
CA GLY M 12 22.72 22.35 -70.62
C GLY M 12 23.25 23.57 -69.91
N THR M 13 24.50 23.49 -69.47
CA THR M 13 25.18 22.19 -69.43
C THR M 13 24.64 21.26 -68.31
N PRO M 14 24.58 21.73 -67.04
CA PRO M 14 24.01 20.90 -65.98
C PRO M 14 22.56 21.23 -65.68
N MET M 15 21.97 20.53 -64.70
CA MET M 15 20.69 20.92 -64.13
C MET M 15 20.64 20.49 -62.67
N SER M 16 19.99 21.30 -61.85
CA SER M 16 20.01 21.12 -60.40
C SER M 16 18.94 20.12 -59.98
N VAL M 17 18.78 19.95 -58.67
CA VAL M 17 17.69 19.20 -58.07
C VAL M 17 16.91 20.17 -57.21
N GLY M 18 15.66 20.43 -57.59
CA GLY M 18 14.77 21.26 -56.81
C GLY M 18 13.78 20.43 -56.01
N THR M 19 12.91 21.15 -55.30
CA THR M 19 11.84 20.54 -54.52
C THR M 19 10.53 21.19 -54.95
N LEU M 20 9.64 20.41 -55.55
CA LEU M 20 8.38 20.93 -56.03
C LEU M 20 7.49 21.28 -54.84
N GLU M 21 6.99 22.51 -54.80
CA GLU M 21 6.27 22.98 -53.63
C GLU M 21 4.83 23.40 -53.94
N GLU M 22 4.65 24.53 -54.61
CA GLU M 22 3.31 25.07 -54.85
C GLU M 22 3.23 25.62 -56.26
N ILE M 23 2.00 25.92 -56.70
CA ILE M 23 1.73 26.33 -58.07
C ILE M 23 0.89 27.60 -58.05
N ILE M 24 1.25 28.55 -58.91
CA ILE M 24 0.29 29.55 -59.34
C ILE M 24 -0.66 28.86 -60.32
N ASP M 25 -1.96 29.02 -60.11
CA ASP M 25 -2.96 28.27 -60.88
C ASP M 25 -2.85 28.52 -62.38
N ASP M 26 -2.09 29.53 -62.80
CA ASP M 26 -1.66 29.72 -64.18
C ASP M 26 -0.60 28.72 -64.60
N ASN M 27 -0.20 27.80 -63.70
CA ASN M 27 0.87 26.83 -63.92
C ASN M 27 2.25 27.49 -63.96
N HIS M 28 2.45 28.49 -63.09
CA HIS M 28 3.77 28.97 -62.72
C HIS M 28 4.06 28.43 -61.33
N ALA M 29 4.97 27.46 -61.23
CA ALA M 29 5.10 26.64 -60.02
C ALA M 29 6.12 27.26 -59.08
N ILE M 30 5.66 27.76 -57.94
CA ILE M 30 6.52 28.33 -56.93
C ILE M 30 7.07 27.22 -56.05
N VAL M 31 8.40 27.13 -55.97
CA VAL M 31 9.05 26.05 -55.25
C VAL M 31 9.91 26.61 -54.13
N SER M 32 10.08 25.83 -53.08
CA SER M 32 11.06 26.12 -52.03
C SER M 32 12.11 25.01 -52.07
N THR M 33 13.29 25.34 -52.58
CA THR M 33 14.39 24.39 -52.65
C THR M 33 15.67 25.11 -52.26
N SER M 34 16.64 24.35 -51.76
CA SER M 34 17.79 24.92 -51.08
C SER M 34 18.55 25.95 -51.91
N VAL M 35 18.66 27.16 -51.37
CA VAL M 35 17.94 27.50 -50.13
C VAL M 35 16.71 28.35 -50.44
N GLY M 36 15.53 27.74 -50.29
CA GLY M 36 14.26 28.42 -50.48
C GLY M 36 14.10 29.16 -51.79
N SER M 37 14.74 28.66 -52.86
CA SER M 37 14.70 29.34 -54.14
C SER M 37 13.45 28.92 -54.93
N GLU M 38 12.76 29.89 -55.49
CA GLU M 38 11.54 29.68 -56.23
C GLU M 38 11.84 29.61 -57.72
N HIS M 39 10.77 29.65 -58.52
CA HIS M 39 10.83 29.79 -59.96
C HIS M 39 9.41 29.82 -60.50
N TYR M 40 9.25 30.04 -61.81
CA TYR M 40 7.95 29.89 -62.46
C TYR M 40 8.15 29.08 -63.71
N VAL M 41 7.58 27.88 -63.74
CA VAL M 41 7.71 26.98 -64.87
C VAL M 41 6.33 26.67 -65.40
N SER M 42 6.01 27.25 -66.57
CA SER M 42 5.10 26.63 -67.51
C SER M 42 5.99 26.25 -68.69
N ILE M 43 6.27 24.95 -68.79
CA ILE M 43 7.02 24.38 -69.90
C ILE M 43 6.24 23.19 -70.42
N LEU M 44 6.38 22.99 -71.72
CA LEU M 44 5.42 22.19 -72.46
C LEU M 44 5.77 20.70 -72.40
N SER M 45 7.06 20.34 -72.33
CA SER M 45 7.46 18.93 -72.41
C SER M 45 7.39 18.19 -71.08
N PHE M 46 7.25 16.86 -71.23
CA PHE M 46 7.50 15.86 -70.20
C PHE M 46 6.41 15.91 -69.12
N VAL M 47 5.50 16.85 -69.26
CA VAL M 47 4.44 17.05 -68.28
C VAL M 47 3.08 16.84 -68.97
N ASP M 48 2.06 16.27 -68.33
CA ASP M 48 1.98 15.76 -66.94
C ASP M 48 2.24 16.88 -65.94
N LYS M 49 1.76 18.09 -66.27
CA LYS M 49 2.00 19.23 -65.39
C LYS M 49 1.22 19.09 -64.10
N ASP M 50 0.01 18.54 -64.17
CA ASP M 50 -0.83 18.31 -63.01
C ASP M 50 -0.18 17.38 -61.98
N LEU M 51 0.00 16.11 -62.34
CA LEU M 51 0.25 15.05 -61.37
C LEU M 51 1.62 15.14 -60.69
N LEU M 52 2.54 15.95 -61.19
CA LEU M 52 3.82 16.12 -60.49
C LEU M 52 3.57 16.60 -59.06
N GLU M 53 2.60 17.50 -58.89
CA GLU M 53 1.90 17.73 -57.62
C GLU M 53 2.75 18.46 -56.58
N PRO M 54 2.12 19.21 -55.68
CA PRO M 54 2.86 19.78 -54.55
C PRO M 54 3.49 18.70 -53.68
N GLY M 55 4.51 19.11 -52.93
CA GLY M 55 5.18 18.22 -52.00
C GLY M 55 5.99 17.13 -52.68
N CYS M 56 6.82 17.52 -53.64
CA CYS M 56 7.64 16.59 -54.40
C CYS M 56 8.97 17.27 -54.72
N SER M 57 9.75 16.63 -55.57
CA SER M 57 11.05 17.15 -56.00
C SER M 57 11.02 17.42 -57.49
N VAL M 58 11.91 18.31 -57.93
CA VAL M 58 12.04 18.71 -59.31
C VAL M 58 13.52 18.84 -59.66
N LEU M 59 13.80 19.12 -60.92
CA LEU M 59 15.18 19.27 -61.41
C LEU M 59 15.26 20.56 -62.21
N LEU M 60 16.04 21.52 -61.71
CA LEU M 60 15.99 22.89 -62.20
C LEU M 60 17.24 23.25 -63.00
N ASN M 61 17.05 24.14 -63.98
CA ASN M 61 18.15 24.71 -64.73
C ASN M 61 18.99 25.64 -63.84
N HIS M 62 20.19 25.95 -64.33
CA HIS M 62 20.97 27.01 -63.72
C HIS M 62 20.51 28.38 -64.21
N LYS M 63 20.33 28.54 -65.52
CA LYS M 63 19.77 29.78 -66.04
C LYS M 63 18.59 29.56 -67.00
N VAL M 64 17.39 29.93 -66.55
CA VAL M 64 17.16 30.17 -65.13
C VAL M 64 16.16 29.16 -64.57
N HIS M 65 16.69 28.19 -63.81
CA HIS M 65 15.97 27.35 -62.85
C HIS M 65 14.61 26.83 -63.30
N ALA M 66 14.48 26.45 -64.57
CA ALA M 66 13.24 25.82 -65.02
C ALA M 66 13.33 24.32 -64.84
N VAL M 67 12.28 23.72 -64.30
CA VAL M 67 12.24 22.27 -64.15
C VAL M 67 11.91 21.68 -65.51
N ILE M 68 12.87 20.93 -66.07
CA ILE M 68 12.69 20.29 -67.37
C ILE M 68 12.38 18.81 -67.25
N GLY M 69 12.40 18.26 -66.03
CA GLY M 69 12.19 16.84 -65.82
C GLY M 69 12.07 16.52 -64.34
N VAL M 70 11.44 15.40 -64.02
CA VAL M 70 11.15 15.02 -62.63
C VAL M 70 11.35 13.52 -62.46
N LEU M 71 11.50 13.12 -61.20
CA LEU M 71 11.75 11.73 -60.86
C LEU M 71 10.91 11.33 -59.66
N MET M 72 10.78 10.01 -59.46
CA MET M 72 10.23 9.42 -58.25
C MET M 72 11.37 8.66 -57.58
N ASP M 73 11.87 9.19 -56.46
CA ASP M 73 13.10 8.68 -55.86
C ASP M 73 12.80 8.04 -54.52
N ASP M 74 12.82 6.71 -54.49
CA ASP M 74 12.96 5.90 -53.29
C ASP M 74 13.37 4.52 -53.79
N THR M 75 14.07 3.66 -53.03
CA THR M 75 14.70 3.82 -51.70
C THR M 75 13.83 4.31 -50.55
N ASP M 76 14.42 5.15 -49.69
CA ASP M 76 13.77 5.73 -48.51
C ASP M 76 13.40 4.66 -47.50
N PRO M 77 13.17 5.03 -46.24
CA PRO M 77 12.63 4.04 -45.29
C PRO M 77 11.21 3.64 -45.62
N LEU M 78 10.49 4.44 -46.41
CA LEU M 78 9.11 4.15 -46.80
C LEU M 78 8.99 2.81 -47.52
N VAL M 79 9.58 2.73 -48.72
CA VAL M 79 9.44 1.52 -49.54
C VAL M 79 10.22 0.36 -48.92
N THR M 80 11.33 0.64 -48.23
CA THR M 80 12.20 -0.42 -47.75
C THR M 80 11.50 -1.32 -46.73
N VAL M 81 10.70 -0.73 -45.84
CA VAL M 81 10.10 -1.50 -44.75
C VAL M 81 8.95 -2.38 -45.20
N MET M 82 8.46 -2.23 -46.43
CA MET M 82 7.32 -3.01 -46.88
C MET M 82 7.69 -4.35 -47.51
N LYS M 83 8.95 -4.51 -47.92
CA LYS M 83 9.34 -5.53 -48.90
C LYS M 83 10.72 -6.09 -48.46
N VAL M 84 11.37 -7.04 -49.16
CA VAL M 84 11.00 -7.68 -50.43
C VAL M 84 11.45 -9.14 -50.38
N GLU M 85 10.64 -10.08 -50.85
CA GLU M 85 9.33 -9.83 -51.44
C GLU M 85 8.16 -10.27 -50.53
N LYS M 86 8.04 -11.54 -50.13
CA LYS M 86 9.05 -12.60 -50.25
C LYS M 86 8.49 -13.86 -50.91
N ALA M 87 7.43 -14.40 -50.31
CA ALA M 87 6.87 -15.72 -50.54
C ALA M 87 7.81 -16.85 -50.10
N PRO M 88 8.07 -16.99 -48.79
CA PRO M 88 8.72 -18.21 -48.30
C PRO M 88 7.94 -19.46 -48.67
N GLN M 89 8.64 -20.60 -48.63
CA GLN M 89 8.19 -21.82 -49.30
C GLN M 89 7.07 -22.55 -48.57
N GLU M 90 6.69 -22.13 -47.36
CA GLU M 90 5.68 -22.88 -46.62
C GLU M 90 4.29 -22.63 -47.21
N THR M 91 3.38 -23.58 -46.94
CA THR M 91 2.06 -23.63 -47.56
C THR M 91 1.00 -23.84 -46.49
N TYR M 92 -0.26 -23.71 -46.90
CA TYR M 92 -1.38 -23.97 -46.00
C TYR M 92 -1.72 -25.46 -45.89
N ALA M 93 -1.01 -26.31 -46.62
CA ALA M 93 -1.09 -27.74 -46.38
C ALA M 93 -0.23 -28.19 -45.20
N ASP M 94 0.53 -27.27 -44.61
CA ASP M 94 1.39 -27.62 -43.49
C ASP M 94 0.58 -27.81 -42.22
N ILE M 95 -0.45 -27.00 -42.01
CA ILE M 95 -1.25 -27.03 -40.79
C ILE M 95 -2.54 -27.77 -41.10
N GLY M 96 -2.66 -29.00 -40.59
CA GLY M 96 -3.86 -29.79 -40.75
C GLY M 96 -4.70 -29.82 -39.48
N GLY M 97 -5.96 -30.25 -39.66
CA GLY M 97 -6.89 -30.36 -38.55
C GLY M 97 -7.52 -29.05 -38.13
N LEU M 98 -6.89 -27.92 -38.45
CA LEU M 98 -7.45 -26.60 -38.28
C LEU M 98 -8.08 -26.07 -39.57
N ASP M 99 -8.17 -26.91 -40.60
CA ASP M 99 -8.72 -26.46 -41.88
C ASP M 99 -10.07 -25.79 -41.71
N ASN M 100 -10.88 -26.23 -40.74
CA ASN M 100 -12.11 -25.54 -40.41
C ASN M 100 -11.86 -24.06 -40.14
N GLN M 101 -10.72 -23.72 -39.55
CA GLN M 101 -10.37 -22.34 -39.31
C GLN M 101 -9.93 -21.63 -40.58
N ILE M 102 -9.10 -22.29 -41.39
CA ILE M 102 -8.61 -21.64 -42.61
C ILE M 102 -9.64 -21.72 -43.74
N GLN M 103 -10.48 -22.77 -43.77
CA GLN M 103 -11.52 -22.82 -44.79
C GLN M 103 -12.49 -21.66 -44.64
N GLU M 104 -12.66 -21.15 -43.43
CA GLU M 104 -13.32 -19.87 -43.23
C GLU M 104 -12.60 -18.77 -44.01
N ILE M 105 -11.35 -18.49 -43.63
CA ILE M 105 -10.56 -17.46 -44.30
C ILE M 105 -10.16 -17.86 -45.70
N LYS M 106 -10.44 -19.11 -46.12
CA LYS M 106 -10.19 -19.51 -47.50
C LYS M 106 -10.91 -18.58 -48.47
N GLU M 107 -12.23 -18.46 -48.32
CA GLU M 107 -12.97 -17.51 -49.14
C GLU M 107 -12.47 -16.08 -48.91
N SER M 108 -11.97 -15.79 -47.71
CA SER M 108 -11.46 -14.46 -47.45
C SER M 108 -10.10 -14.22 -48.13
N VAL M 109 -9.25 -15.24 -48.18
CA VAL M 109 -8.02 -15.10 -48.94
C VAL M 109 -8.26 -15.35 -50.43
N GLU M 110 -9.24 -16.18 -50.78
CA GLU M 110 -9.50 -16.48 -52.18
C GLU M 110 -10.24 -15.33 -52.85
N LEU M 111 -11.47 -15.07 -52.43
CA LEU M 111 -12.37 -14.19 -53.18
C LEU M 111 -11.74 -12.88 -53.67
N PRO M 112 -10.97 -12.14 -52.87
CA PRO M 112 -10.26 -11.00 -53.46
C PRO M 112 -9.19 -11.50 -54.42
N LEU M 113 -9.07 -10.81 -55.56
CA LEU M 113 -8.30 -11.34 -56.69
C LEU M 113 -8.95 -12.66 -57.12
N THR M 114 -8.25 -13.78 -56.92
CA THR M 114 -8.70 -15.07 -57.47
C THR M 114 -10.19 -15.32 -57.18
N HIS M 115 -10.89 -15.92 -58.18
CA HIS M 115 -12.29 -16.33 -58.07
C HIS M 115 -13.21 -15.20 -57.65
N PRO M 116 -13.09 -13.98 -58.24
CA PRO M 116 -13.84 -12.80 -57.78
C PRO M 116 -15.33 -12.83 -58.13
N GLU M 117 -15.76 -13.71 -59.03
CA GLU M 117 -17.04 -13.53 -59.72
C GLU M 117 -18.23 -13.57 -58.77
N TYR M 118 -18.28 -14.58 -57.90
CA TYR M 118 -19.48 -14.76 -57.08
C TYR M 118 -19.56 -13.73 -55.96
N TYR M 119 -18.49 -12.97 -55.72
CA TYR M 119 -18.62 -11.73 -54.97
C TYR M 119 -19.59 -10.78 -55.67
N GLU M 120 -19.33 -10.50 -56.94
CA GLU M 120 -20.12 -9.52 -57.68
C GLU M 120 -21.34 -10.12 -58.36
N GLU M 121 -21.42 -11.45 -58.47
CA GLU M 121 -22.66 -12.08 -58.92
C GLU M 121 -23.70 -12.04 -57.81
N MET M 122 -23.28 -12.23 -56.56
CA MET M 122 -24.12 -11.89 -55.43
C MET M 122 -24.21 -10.38 -55.28
N GLY M 123 -23.15 -9.66 -55.63
CA GLY M 123 -23.12 -8.22 -55.52
C GLY M 123 -23.27 -7.69 -54.12
N ILE M 124 -23.13 -8.54 -53.10
CA ILE M 124 -23.34 -8.11 -51.71
C ILE M 124 -22.14 -7.37 -51.14
N LYS M 125 -21.00 -7.39 -51.83
CA LYS M 125 -19.83 -6.63 -51.42
C LYS M 125 -19.36 -7.01 -50.01
N PRO M 126 -18.74 -8.18 -49.83
CA PRO M 126 -18.02 -8.45 -48.57
C PRO M 126 -16.52 -8.25 -48.69
N PRO M 127 -16.02 -7.02 -48.90
CA PRO M 127 -14.57 -6.82 -48.80
C PRO M 127 -14.18 -6.24 -47.45
N LYS M 128 -14.46 -6.96 -46.36
CA LYS M 128 -14.29 -6.39 -45.03
C LYS M 128 -12.97 -6.76 -44.37
N GLY M 129 -12.15 -7.61 -44.99
CA GLY M 129 -10.86 -7.97 -44.41
C GLY M 129 -10.92 -9.14 -43.45
N VAL M 130 -9.99 -9.18 -42.49
CA VAL M 130 -9.99 -10.17 -41.41
C VAL M 130 -9.36 -9.56 -40.17
N ILE M 131 -9.71 -10.12 -39.02
CA ILE M 131 -8.99 -9.93 -37.77
C ILE M 131 -8.61 -11.31 -37.26
N LEU M 132 -7.54 -11.36 -36.46
CA LEU M 132 -7.04 -12.63 -35.96
C LEU M 132 -6.78 -12.53 -34.45
N TYR M 133 -6.64 -13.69 -33.82
CA TYR M 133 -6.32 -13.81 -32.40
C TYR M 133 -6.20 -15.29 -32.07
N GLY M 134 -5.63 -15.58 -30.90
CA GLY M 134 -5.64 -16.92 -30.36
C GLY M 134 -4.60 -17.10 -29.26
N PRO M 135 -4.73 -18.17 -28.46
CA PRO M 135 -3.72 -18.46 -27.45
C PRO M 135 -2.62 -19.44 -27.91
N PRO M 136 -1.60 -19.65 -27.05
CA PRO M 136 -1.17 -18.62 -26.09
C PRO M 136 -0.41 -17.47 -26.76
N GLY M 137 0.55 -17.85 -27.61
CA GLY M 137 1.38 -16.92 -28.36
C GLY M 137 1.19 -16.91 -29.85
N THR M 138 0.10 -17.46 -30.39
CA THR M 138 0.06 -17.88 -31.78
C THR M 138 0.02 -16.68 -32.73
N GLY M 139 -0.15 -17.00 -34.02
CA GLY M 139 0.02 -16.07 -35.11
C GLY M 139 1.19 -16.35 -36.05
N LYS M 140 2.15 -17.20 -35.70
CA LYS M 140 3.01 -17.78 -36.74
C LYS M 140 2.37 -19.00 -37.39
N THR M 141 1.53 -19.72 -36.63
CA THR M 141 0.65 -20.70 -37.26
C THR M 141 -0.34 -20.02 -38.18
N LEU M 142 -0.71 -18.78 -37.85
CA LEU M 142 -1.42 -17.91 -38.78
C LEU M 142 -0.50 -17.30 -39.82
N LEU M 143 0.80 -17.19 -39.53
CA LEU M 143 1.76 -16.93 -40.59
C LEU M 143 1.87 -18.15 -41.50
N ALA M 144 1.74 -19.35 -40.95
CA ALA M 144 1.58 -20.54 -41.77
C ALA M 144 0.33 -20.45 -42.64
N LYS M 145 -0.67 -19.68 -42.22
CA LYS M 145 -1.74 -19.27 -43.12
C LYS M 145 -1.28 -18.13 -44.02
N ALA M 146 -0.52 -17.18 -43.47
CA ALA M 146 -0.09 -16.01 -44.24
C ALA M 146 0.99 -16.38 -45.24
N VAL M 147 1.85 -17.35 -44.91
CA VAL M 147 2.84 -17.82 -45.87
C VAL M 147 2.17 -18.47 -47.07
N ALA M 148 0.94 -18.96 -46.91
CA ALA M 148 0.18 -19.49 -48.02
C ALA M 148 -0.46 -18.39 -48.85
N ASN M 149 -0.90 -17.30 -48.21
CA ASN M 149 -1.49 -16.18 -48.92
C ASN M 149 -0.51 -15.52 -49.89
N GLN M 150 0.78 -15.81 -49.78
CA GLN M 150 1.78 -15.28 -50.70
C GLN M 150 1.64 -15.85 -52.11
N THR M 151 0.78 -16.86 -52.31
CA THR M 151 0.53 -17.36 -53.65
C THR M 151 -0.25 -16.35 -54.49
N SER M 152 -0.87 -15.37 -53.85
CA SER M 152 -1.72 -14.40 -54.53
C SER M 152 -1.36 -12.99 -54.11
N ALA M 153 -1.43 -12.08 -55.08
CA ALA M 153 -1.28 -10.61 -54.89
C ALA M 153 0.07 -10.32 -54.24
N THR M 154 0.12 -9.38 -53.31
CA THR M 154 1.36 -8.93 -52.69
C THR M 154 1.06 -8.60 -51.23
N PHE M 155 2.08 -8.71 -50.38
CA PHE M 155 1.83 -8.67 -48.95
C PHE M 155 2.96 -7.96 -48.21
N LEU M 156 2.59 -7.35 -47.08
CA LEU M 156 3.53 -6.77 -46.12
C LEU M 156 3.06 -7.12 -44.72
N ARG M 157 3.99 -7.51 -43.86
CA ARG M 157 3.72 -7.74 -42.45
C ARG M 157 4.45 -6.71 -41.61
N VAL M 158 3.72 -6.06 -40.70
CA VAL M 158 4.27 -5.06 -39.81
C VAL M 158 4.10 -5.55 -38.39
N VAL M 159 4.89 -4.99 -37.47
CA VAL M 159 4.82 -5.34 -36.06
C VAL M 159 4.57 -4.07 -35.26
N GLY M 160 3.39 -3.97 -34.65
CA GLY M 160 3.13 -2.97 -33.64
C GLY M 160 3.07 -1.54 -34.15
N SER M 161 2.74 -0.64 -33.24
CA SER M 161 2.74 0.79 -33.46
C SER M 161 4.08 1.44 -33.10
N GLU M 162 5.10 0.62 -32.83
CA GLU M 162 6.40 1.02 -32.33
C GLU M 162 6.98 2.24 -33.04
N LEU M 163 6.81 2.32 -34.35
CA LEU M 163 7.34 3.46 -35.11
C LEU M 163 6.73 4.78 -34.68
N ILE M 164 5.53 4.77 -34.09
CA ILE M 164 4.97 5.99 -33.53
C ILE M 164 5.51 6.25 -32.12
N GLN M 165 5.59 5.21 -31.29
CA GLN M 165 5.97 5.37 -29.89
C GLN M 165 7.42 5.76 -29.70
N LYS M 166 8.23 5.76 -30.76
CA LYS M 166 9.64 6.10 -30.64
C LYS M 166 9.89 7.57 -30.32
N TYR M 167 8.85 8.41 -30.33
CA TYR M 167 9.02 9.85 -30.26
C TYR M 167 7.63 10.47 -30.21
N LEU M 168 7.57 11.72 -29.75
CA LEU M 168 6.30 12.44 -29.69
C LEU M 168 5.80 12.69 -31.10
N GLY M 169 4.51 12.44 -31.33
CA GLY M 169 3.94 12.46 -32.66
C GLY M 169 4.28 13.69 -33.49
N ASP M 170 4.70 13.58 -34.76
CA ASP M 170 4.93 12.36 -35.58
C ASP M 170 3.64 11.63 -35.95
N GLY M 171 2.54 11.96 -35.26
CA GLY M 171 1.22 11.48 -35.58
C GLY M 171 1.16 9.97 -35.74
N PRO M 172 0.23 9.50 -36.58
CA PRO M 172 0.36 8.18 -37.19
C PRO M 172 1.39 8.12 -38.31
N LYS M 173 1.86 9.28 -38.78
CA LYS M 173 2.25 9.52 -40.16
C LYS M 173 3.03 8.39 -40.83
N LEU M 174 3.93 7.74 -40.09
CA LEU M 174 4.62 6.60 -40.67
C LEU M 174 3.67 5.45 -40.94
N VAL M 175 2.58 5.34 -40.17
CA VAL M 175 1.51 4.40 -40.51
C VAL M 175 0.71 4.93 -41.69
N ARG M 176 0.52 6.24 -41.76
CA ARG M 176 -0.23 6.85 -42.87
C ARG M 176 0.36 6.45 -44.21
N GLU M 177 1.66 6.69 -44.40
CA GLU M 177 2.29 6.33 -45.66
C GLU M 177 2.26 4.82 -45.87
N LEU M 178 2.56 4.04 -44.84
CA LEU M 178 2.42 2.59 -44.93
C LEU M 178 1.00 2.20 -45.31
N PHE M 179 0.00 3.00 -44.91
CA PHE M 179 -1.37 2.74 -45.31
C PHE M 179 -1.62 3.18 -46.75
N ARG M 180 -1.14 4.36 -47.13
CA ARG M 180 -1.40 4.90 -48.47
C ARG M 180 -0.35 4.49 -49.49
N VAL M 181 0.79 3.93 -49.08
CA VAL M 181 1.67 3.29 -50.05
C VAL M 181 1.16 1.90 -50.40
N ALA M 182 0.33 1.31 -49.55
CA ALA M 182 -0.39 0.10 -49.93
C ALA M 182 -1.43 0.42 -51.01
N GLU M 183 -1.89 1.67 -51.06
CA GLU M 183 -2.68 2.12 -52.20
C GLU M 183 -1.81 2.24 -53.44
N GLU M 184 -0.56 2.69 -53.27
CA GLU M 184 0.38 2.70 -54.39
C GLU M 184 0.67 1.28 -54.88
N HIS M 185 0.64 0.30 -53.98
CA HIS M 185 0.82 -1.10 -54.32
C HIS M 185 -0.50 -1.83 -54.50
N ALA M 186 -1.64 -1.14 -54.37
CA ALA M 186 -2.95 -1.76 -54.51
C ALA M 186 -3.14 -2.36 -55.90
N PRO M 187 -3.73 -3.56 -55.98
CA PRO M 187 -4.19 -4.37 -54.84
C PRO M 187 -3.05 -5.06 -54.10
N SER M 188 -3.17 -5.18 -52.78
CA SER M 188 -2.15 -5.79 -51.94
C SER M 188 -2.81 -6.28 -50.65
N ILE M 189 -1.97 -6.70 -49.70
CA ILE M 189 -2.42 -7.12 -48.38
C ILE M 189 -1.39 -6.64 -47.35
N VAL M 190 -1.88 -6.16 -46.21
CA VAL M 190 -1.02 -5.69 -45.14
C VAL M 190 -1.50 -6.28 -43.82
N PHE M 191 -0.55 -6.70 -42.98
CA PHE M 191 -0.86 -7.30 -41.69
C PHE M 191 0.05 -6.73 -40.61
N ILE M 192 -0.53 -6.51 -39.44
CA ILE M 192 0.20 -6.03 -38.26
C ILE M 192 0.15 -7.12 -37.21
N ASP M 193 1.32 -7.55 -36.73
CA ASP M 193 1.42 -8.72 -35.87
C ASP M 193 1.25 -8.35 -34.41
N GLU M 194 0.24 -8.91 -33.77
CA GLU M 194 0.09 -8.92 -32.31
C GLU M 194 0.13 -7.49 -31.75
N ILE M 195 -0.97 -6.76 -31.99
CA ILE M 195 -1.02 -5.37 -31.57
C ILE M 195 -0.77 -5.28 -30.07
N ASP M 196 0.30 -4.57 -29.71
CA ASP M 196 0.70 -4.39 -28.33
C ASP M 196 0.33 -3.03 -27.75
N ALA M 197 -0.40 -2.20 -28.53
CA ALA M 197 -0.52 -0.77 -28.27
C ALA M 197 -0.77 -0.43 -26.81
N ILE M 198 -1.97 -0.74 -26.29
CA ILE M 198 -2.21 -0.64 -24.86
C ILE M 198 -2.07 -1.99 -24.15
N GLY M 199 -1.84 -3.06 -24.91
CA GLY M 199 -1.53 -4.34 -24.30
C GLY M 199 -0.22 -4.26 -23.54
N THR M 200 0.84 -3.86 -24.23
CA THR M 200 2.04 -3.40 -23.56
C THR M 200 1.86 -1.94 -23.15
N LYS M 201 2.55 -1.54 -22.09
CA LYS M 201 2.36 -0.23 -21.48
C LYS M 201 3.53 0.69 -21.77
N ARG M 202 4.71 0.39 -21.22
CA ARG M 202 5.85 1.28 -21.34
C ARG M 202 6.37 1.32 -22.77
N TYR M 203 7.10 2.39 -23.08
CA TYR M 203 7.62 2.68 -24.41
C TYR M 203 9.13 2.68 -24.41
N ASP M 204 9.72 2.42 -25.57
CA ASP M 204 11.12 2.73 -25.80
C ASP M 204 11.29 4.20 -26.15
N SER M 205 12.49 4.72 -25.89
CA SER M 205 12.87 6.09 -26.22
C SER M 205 11.96 7.04 -25.44
N ASN M 206 11.28 7.99 -26.09
CA ASN M 206 10.41 8.94 -25.41
C ASN M 206 9.02 8.90 -26.03
N SER M 207 8.00 8.83 -25.19
CA SER M 207 6.62 8.82 -25.68
C SER M 207 5.68 9.27 -24.57
N GLY M 208 4.51 9.75 -24.99
CA GLY M 208 3.42 10.04 -24.09
C GLY M 208 2.48 11.09 -24.66
N GLY M 209 1.32 11.28 -24.03
CA GLY M 209 0.87 10.43 -22.95
C GLY M 209 0.07 9.26 -23.51
N GLU M 210 -0.89 8.77 -22.73
CA GLU M 210 -1.74 7.67 -23.21
C GLU M 210 -2.55 8.09 -24.42
N ARG M 211 -3.13 9.30 -24.39
CA ARG M 211 -4.08 9.69 -25.43
C ARG M 211 -3.40 9.80 -26.79
N GLU M 212 -2.17 10.30 -26.84
CA GLU M 212 -1.47 10.39 -28.12
C GLU M 212 -1.13 9.00 -28.66
N ILE M 213 -0.88 8.04 -27.77
CA ILE M 213 -0.76 6.65 -28.19
C ILE M 213 -2.15 6.04 -28.41
N GLN M 214 -3.13 6.49 -27.64
CA GLN M 214 -4.50 6.04 -27.85
C GLN M 214 -5.04 6.53 -29.19
N ARG M 215 -4.74 7.79 -29.55
CA ARG M 215 -5.27 8.35 -30.78
C ARG M 215 -4.51 7.86 -32.01
N THR M 216 -3.21 7.57 -31.88
CA THR M 216 -2.49 7.02 -33.02
C THR M 216 -3.01 5.63 -33.39
N MET M 217 -3.57 4.90 -32.43
CA MET M 217 -4.36 3.71 -32.74
C MET M 217 -5.77 4.09 -33.18
N LEU M 218 -6.35 5.11 -32.53
CA LEU M 218 -7.67 5.60 -32.95
C LEU M 218 -7.62 6.19 -34.35
N GLU M 219 -6.53 6.87 -34.70
CA GLU M 219 -6.35 7.35 -36.07
C GLU M 219 -6.01 6.22 -37.02
N LEU M 220 -5.35 5.16 -36.52
CA LEU M 220 -5.04 4.00 -37.34
C LEU M 220 -6.31 3.42 -37.96
N LEU M 221 -7.35 3.24 -37.13
CA LEU M 221 -8.63 2.79 -37.67
C LEU M 221 -9.34 3.91 -38.42
N ASN M 222 -9.33 5.12 -37.87
CA ASN M 222 -10.06 6.23 -38.49
C ASN M 222 -9.49 6.61 -39.84
N GLN M 223 -8.19 6.42 -40.06
CA GLN M 223 -7.64 6.54 -41.41
C GLN M 223 -8.08 5.35 -42.27
N LEU M 224 -8.06 4.16 -41.70
CA LEU M 224 -8.55 2.95 -42.36
C LEU M 224 -10.08 2.92 -42.43
N ASP M 225 -10.75 3.82 -41.74
CA ASP M 225 -12.21 3.79 -41.58
C ASP M 225 -12.98 3.60 -42.90
N GLY M 226 -12.89 4.50 -43.89
CA GLY M 226 -12.02 5.67 -43.93
C GLY M 226 -12.78 6.71 -44.72
N PHE M 227 -12.25 7.92 -44.84
CA PHE M 227 -12.99 8.95 -45.56
C PHE M 227 -12.32 9.41 -46.84
N ASP M 228 -12.82 8.93 -47.98
CA ASP M 228 -13.55 7.66 -48.02
C ASP M 228 -12.79 6.72 -48.96
N SER M 229 -12.18 5.69 -48.38
CA SER M 229 -11.13 4.92 -49.06
C SER M 229 -11.67 3.57 -49.50
N ARG M 230 -11.64 3.33 -50.82
CA ARG M 230 -11.90 2.00 -51.36
C ARG M 230 -10.66 1.12 -51.30
N GLY M 231 -9.48 1.73 -51.17
CA GLY M 231 -8.22 1.04 -51.36
C GLY M 231 -7.99 -0.22 -50.55
N ASP M 232 -7.65 -1.29 -51.25
CA ASP M 232 -7.22 -2.55 -50.63
C ASP M 232 -5.95 -3.01 -51.32
N VAL M 233 -4.88 -3.44 -50.61
CA VAL M 233 -4.69 -3.59 -49.15
C VAL M 233 -5.87 -4.15 -48.35
N LYS M 234 -6.15 -5.44 -48.56
CA LYS M 234 -7.01 -6.16 -47.63
C LYS M 234 -6.31 -6.27 -46.29
N VAL M 235 -6.98 -5.80 -45.24
CA VAL M 235 -6.32 -5.55 -43.96
C VAL M 235 -6.45 -6.79 -43.08
N ILE M 236 -5.31 -7.40 -42.76
CA ILE M 236 -5.22 -8.50 -41.80
C ILE M 236 -4.67 -7.93 -40.51
N MET M 237 -5.31 -8.26 -39.39
CA MET M 237 -4.88 -7.74 -38.09
C MET M 237 -5.00 -8.84 -37.06
N ALA M 238 -4.09 -8.83 -36.08
CA ALA M 238 -4.06 -9.85 -35.05
C ALA M 238 -3.52 -9.28 -33.74
N THR M 239 -4.08 -9.78 -32.64
CA THR M 239 -3.44 -9.72 -31.33
C THR M 239 -3.92 -10.91 -30.54
N ASN M 240 -3.03 -11.52 -29.75
CA ASN M 240 -3.41 -12.72 -29.02
C ASN M 240 -4.18 -12.44 -27.75
N ARG M 241 -4.28 -11.18 -27.34
CA ARG M 241 -5.08 -10.76 -26.20
C ARG M 241 -6.23 -9.91 -26.73
N ILE M 242 -7.45 -10.46 -26.66
CA ILE M 242 -8.62 -9.75 -27.16
C ILE M 242 -9.02 -8.61 -26.25
N GLU M 243 -8.56 -8.61 -25.00
CA GLU M 243 -8.93 -7.62 -24.00
C GLU M 243 -8.61 -6.19 -24.41
N THR M 244 -7.31 -5.89 -24.54
CA THR M 244 -6.83 -4.51 -24.53
C THR M 244 -7.31 -3.69 -25.73
N LEU M 245 -7.63 -4.32 -26.85
CA LEU M 245 -8.08 -3.55 -28.01
C LEU M 245 -9.39 -2.83 -27.71
N ASP M 246 -9.52 -1.62 -28.24
CA ASP M 246 -10.79 -0.92 -28.18
C ASP M 246 -11.83 -1.70 -28.99
N PRO M 247 -12.92 -2.14 -28.38
CA PRO M 247 -13.87 -3.01 -29.11
C PRO M 247 -14.49 -2.35 -30.34
N ALA M 248 -14.41 -1.03 -30.47
CA ALA M 248 -14.98 -0.35 -31.63
C ALA M 248 -14.23 -0.64 -32.92
N LEU M 249 -13.06 -1.28 -32.86
CA LEU M 249 -12.32 -1.61 -34.07
C LEU M 249 -13.02 -2.65 -34.93
N ILE M 250 -13.96 -3.41 -34.35
CA ILE M 250 -14.56 -4.52 -35.07
C ILE M 250 -15.55 -4.01 -36.12
N ARG M 251 -16.43 -3.10 -35.72
CA ARG M 251 -17.60 -2.78 -36.54
C ARG M 251 -17.23 -2.20 -37.90
N PRO M 252 -16.41 -1.15 -38.01
CA PRO M 252 -16.04 -0.69 -39.37
C PRO M 252 -15.29 -1.74 -40.17
N GLY M 253 -14.28 -2.37 -39.58
CA GLY M 253 -13.68 -3.57 -40.12
C GLY M 253 -12.47 -4.03 -39.36
N ARG M 254 -12.15 -5.32 -39.42
CA ARG M 254 -13.03 -6.31 -40.05
C ARG M 254 -14.18 -6.68 -39.12
N ILE M 255 -15.40 -6.60 -39.64
CA ILE M 255 -16.57 -6.90 -38.83
C ILE M 255 -16.79 -8.40 -38.70
N ASP M 256 -16.69 -9.12 -39.83
CA ASP M 256 -17.18 -10.49 -39.88
C ASP M 256 -16.21 -11.52 -39.30
N ARG M 257 -14.92 -11.24 -39.22
CA ARG M 257 -13.95 -12.28 -38.92
C ARG M 257 -12.96 -11.85 -37.84
N LYS M 258 -12.94 -12.62 -36.75
CA LYS M 258 -11.75 -12.75 -35.89
C LYS M 258 -11.56 -14.23 -35.61
N ILE M 259 -10.44 -14.79 -36.07
CA ILE M 259 -10.25 -16.23 -36.06
C ILE M 259 -9.94 -16.70 -34.65
N GLU M 260 -10.63 -17.74 -34.20
CA GLU M 260 -10.32 -18.36 -32.92
C GLU M 260 -9.32 -19.49 -33.15
N PHE M 261 -8.18 -19.43 -32.45
CA PHE M 261 -7.16 -20.45 -32.59
C PHE M 261 -7.37 -21.51 -31.52
N PRO M 262 -7.80 -22.73 -31.85
CA PRO M 262 -7.90 -23.78 -30.85
C PRO M 262 -6.53 -24.36 -30.52
N LEU M 263 -6.36 -24.73 -29.26
CA LEU M 263 -5.13 -25.39 -28.85
C LEU M 263 -5.10 -26.80 -29.43
N PRO M 264 -3.90 -27.33 -29.71
CA PRO M 264 -3.81 -28.63 -30.39
C PRO M 264 -4.37 -29.76 -29.53
N ASP M 265 -5.10 -30.67 -30.17
CA ASP M 265 -5.62 -31.86 -29.54
C ASP M 265 -4.65 -33.02 -29.74
N GLU M 266 -5.04 -34.22 -29.35
CA GLU M 266 -4.12 -35.36 -29.38
C GLU M 266 -3.72 -35.72 -30.80
N LYS M 267 -4.70 -35.86 -31.69
CA LYS M 267 -4.39 -36.27 -33.06
C LYS M 267 -3.87 -35.10 -33.90
N THR M 268 -4.25 -33.87 -33.56
CA THR M 268 -3.64 -32.71 -34.22
C THR M 268 -2.14 -32.67 -33.96
N LYS M 269 -1.73 -32.91 -32.71
CA LYS M 269 -0.32 -33.05 -32.41
C LYS M 269 0.30 -34.20 -33.21
N LYS M 270 -0.45 -35.28 -33.41
CA LYS M 270 0.01 -36.35 -34.27
C LYS M 270 0.09 -35.89 -35.73
N ARG M 271 -0.94 -35.18 -36.19
CA ARG M 271 -0.94 -34.66 -37.55
C ARG M 271 0.19 -33.67 -37.76
N ILE M 272 0.51 -32.90 -36.73
CA ILE M 272 1.53 -31.85 -36.86
C ILE M 272 2.94 -32.45 -36.77
N PHE M 273 3.15 -33.40 -35.87
CA PHE M 273 4.50 -33.81 -35.51
C PHE M 273 5.25 -34.42 -36.68
N GLN M 274 4.62 -35.37 -37.38
CA GLN M 274 5.32 -36.13 -38.42
C GLN M 274 5.82 -35.25 -39.55
N ILE M 275 5.22 -34.07 -39.75
CA ILE M 275 5.68 -33.15 -40.79
C ILE M 275 7.12 -32.73 -40.54
N HIS M 276 7.50 -32.58 -39.27
CA HIS M 276 8.88 -32.23 -38.94
C HIS M 276 9.80 -33.44 -39.10
N THR M 277 9.54 -34.50 -38.34
CA THR M 277 10.36 -35.71 -38.38
C THR M 277 10.30 -36.43 -39.72
N SER M 278 9.46 -35.99 -40.65
CA SER M 278 9.52 -36.54 -42.01
C SER M 278 10.92 -36.44 -42.57
N ARG M 279 11.56 -35.29 -42.40
CA ARG M 279 12.93 -35.10 -42.91
C ARG M 279 13.96 -35.70 -41.96
N MET M 280 13.78 -35.55 -40.65
CA MET M 280 14.74 -36.09 -39.70
C MET M 280 14.48 -37.59 -39.51
N THR M 281 15.44 -38.41 -39.89
CA THR M 281 15.23 -39.85 -39.84
C THR M 281 15.23 -40.34 -38.40
N LEU M 282 14.14 -40.97 -37.99
CA LEU M 282 14.02 -41.54 -36.67
C LEU M 282 14.69 -42.91 -36.60
N ALA M 283 15.11 -43.30 -35.39
CA ALA M 283 15.63 -44.63 -35.16
C ALA M 283 14.48 -45.64 -35.13
N ASP M 284 14.81 -46.91 -34.84
CA ASP M 284 13.82 -47.96 -34.91
C ASP M 284 12.77 -47.80 -33.81
N ASP M 285 13.21 -47.51 -32.58
CA ASP M 285 12.29 -47.45 -31.45
C ASP M 285 11.52 -46.13 -31.37
N VAL M 286 11.84 -45.16 -32.22
CA VAL M 286 11.19 -43.86 -32.14
C VAL M 286 9.75 -43.97 -32.60
N THR M 287 8.83 -43.44 -31.81
CA THR M 287 7.41 -43.45 -32.14
C THR M 287 6.82 -42.07 -31.88
N LEU M 288 6.04 -41.59 -32.85
CA LEU M 288 5.41 -40.28 -32.72
C LEU M 288 4.40 -40.25 -31.58
N ASP M 289 3.52 -41.25 -31.54
CA ASP M 289 2.36 -41.25 -30.67
C ASP M 289 2.70 -41.15 -29.19
N ASP M 290 3.32 -42.20 -28.64
CA ASP M 290 3.37 -42.39 -27.18
C ASP M 290 3.85 -41.15 -26.44
N LEU M 291 4.90 -40.51 -26.94
CA LEU M 291 5.41 -39.30 -26.30
C LEU M 291 4.35 -38.20 -26.24
N ILE M 292 3.92 -37.71 -27.39
CA ILE M 292 2.91 -36.66 -27.43
C ILE M 292 1.55 -37.17 -26.95
N MET M 293 1.36 -38.49 -26.91
CA MET M 293 0.14 -39.04 -26.33
C MET M 293 0.07 -38.80 -24.83
N ALA M 294 1.21 -38.96 -24.14
CA ALA M 294 1.24 -38.73 -22.70
C ALA M 294 1.35 -37.25 -22.38
N LYS M 295 2.05 -36.48 -23.20
CA LYS M 295 2.21 -35.06 -22.95
C LYS M 295 0.92 -34.30 -23.29
N ASP M 296 0.69 -33.21 -22.55
CA ASP M 296 -0.56 -32.48 -22.63
C ASP M 296 -0.31 -30.99 -22.80
N ASP M 297 -1.22 -30.33 -23.51
CA ASP M 297 -1.24 -28.88 -23.67
C ASP M 297 0.08 -28.35 -24.21
N LEU M 298 0.51 -28.91 -25.33
CA LEU M 298 1.73 -28.46 -25.99
C LEU M 298 1.44 -27.31 -26.93
N SER M 299 2.48 -26.88 -27.63
CA SER M 299 2.36 -25.86 -28.68
C SER M 299 2.96 -26.41 -29.96
N GLY M 300 2.41 -25.96 -31.09
CA GLY M 300 2.97 -26.36 -32.37
C GLY M 300 4.42 -25.98 -32.52
N ALA M 301 4.84 -24.86 -31.91
CA ALA M 301 6.24 -24.45 -31.95
C ALA M 301 7.10 -25.43 -31.18
N ASP M 302 6.68 -25.80 -29.96
CA ASP M 302 7.44 -26.77 -29.18
C ASP M 302 7.52 -28.11 -29.91
N ILE M 303 6.36 -28.67 -30.29
CA ILE M 303 6.34 -29.96 -30.97
C ILE M 303 7.13 -29.90 -32.28
N LYS M 304 7.34 -28.69 -32.83
CA LYS M 304 8.31 -28.52 -33.90
C LYS M 304 9.73 -28.43 -33.35
N ALA M 305 9.92 -27.71 -32.24
CA ALA M 305 11.23 -27.48 -31.67
C ALA M 305 11.70 -28.60 -30.76
N ILE M 306 10.85 -29.58 -30.43
CA ILE M 306 11.32 -30.71 -29.64
C ILE M 306 12.26 -31.57 -30.46
N CYS M 307 12.21 -31.46 -31.79
CA CYS M 307 13.13 -32.21 -32.63
C CYS M 307 14.51 -31.58 -32.69
N THR M 308 14.63 -30.31 -32.32
CA THR M 308 15.91 -29.61 -32.42
C THR M 308 16.90 -30.09 -31.35
N GLU M 309 16.42 -30.52 -30.18
CA GLU M 309 17.32 -31.02 -29.14
C GLU M 309 18.04 -32.28 -29.60
N ALA M 310 17.35 -33.15 -30.35
CA ALA M 310 18.01 -34.28 -30.97
C ALA M 310 18.91 -33.83 -32.11
N GLY M 311 18.58 -32.70 -32.74
CA GLY M 311 19.46 -32.07 -33.70
C GLY M 311 20.72 -31.48 -33.11
N LEU M 312 20.91 -31.61 -31.80
CA LEU M 312 22.18 -31.23 -31.16
C LEU M 312 23.04 -32.46 -30.95
N MET M 313 22.64 -33.33 -30.01
CA MET M 313 23.50 -34.45 -29.62
C MET M 313 23.77 -35.39 -30.80
N ALA M 314 22.74 -35.73 -31.57
CA ALA M 314 22.97 -36.54 -32.76
C ALA M 314 23.85 -35.82 -33.77
N LEU M 315 23.72 -34.49 -33.85
CA LEU M 315 24.62 -33.70 -34.66
C LEU M 315 25.94 -33.41 -33.96
N ARG M 316 25.97 -33.48 -32.63
CA ARG M 316 27.25 -33.45 -31.93
C ARG M 316 28.06 -34.71 -32.22
N GLU M 317 27.38 -35.85 -32.33
CA GLU M 317 27.98 -37.06 -32.87
C GLU M 317 27.97 -37.07 -34.39
N ARG M 318 27.38 -36.05 -35.01
CA ARG M 318 27.24 -35.96 -36.47
C ARG M 318 26.55 -37.19 -37.04
N ARG M 319 25.29 -37.35 -36.64
CA ARG M 319 24.45 -38.47 -37.06
C ARG M 319 23.21 -37.92 -37.76
N MET M 320 22.89 -38.49 -38.91
CA MET M 320 21.71 -38.08 -39.66
C MET M 320 20.41 -38.55 -39.03
N LYS M 321 20.48 -39.38 -38.00
CA LYS M 321 19.32 -40.09 -37.48
C LYS M 321 19.01 -39.66 -36.05
N VAL M 322 17.72 -39.49 -35.77
CA VAL M 322 17.23 -39.20 -34.42
C VAL M 322 17.16 -40.51 -33.63
N THR M 323 17.39 -40.41 -32.32
CA THR M 323 17.26 -41.54 -31.41
C THR M 323 16.27 -41.19 -30.32
N ASN M 324 15.25 -42.05 -30.14
CA ASN M 324 14.25 -41.77 -29.12
C ASN M 324 14.82 -41.92 -27.72
N GLU M 325 15.81 -42.80 -27.54
CA GLU M 325 16.49 -42.88 -26.25
C GLU M 325 17.02 -41.52 -25.83
N ASP M 326 17.54 -40.75 -26.78
CA ASP M 326 17.81 -39.34 -26.53
C ASP M 326 16.53 -38.52 -26.60
N PHE M 327 15.72 -38.72 -27.65
CA PHE M 327 14.55 -37.88 -27.86
C PHE M 327 13.60 -37.94 -26.67
N LYS M 328 13.45 -39.11 -26.05
CA LYS M 328 12.82 -39.18 -24.73
C LYS M 328 13.61 -38.37 -23.72
N LYS M 329 14.85 -38.77 -23.48
CA LYS M 329 15.66 -38.15 -22.43
C LYS M 329 15.91 -36.67 -22.71
N SER M 330 16.17 -36.31 -23.97
CA SER M 330 16.39 -34.91 -24.29
C SER M 330 15.12 -34.10 -24.19
N LYS M 331 13.95 -34.73 -24.47
CA LYS M 331 12.68 -34.04 -24.32
C LYS M 331 12.52 -33.46 -22.93
N GLU M 332 13.12 -34.11 -21.93
CA GLU M 332 13.13 -33.54 -20.58
C GLU M 332 13.67 -32.12 -20.59
N ASN M 333 14.66 -31.83 -21.45
CA ASN M 333 15.19 -30.48 -21.52
C ASN M 333 14.14 -29.50 -22.04
N VAL M 334 13.46 -29.84 -23.14
CA VAL M 334 12.34 -29.02 -23.57
C VAL M 334 11.19 -29.13 -22.58
N LEU M 335 11.01 -30.30 -21.95
CA LEU M 335 10.07 -30.40 -20.85
C LEU M 335 10.51 -29.50 -19.70
N TYR M 336 11.80 -29.52 -19.37
CA TYR M 336 12.34 -28.56 -18.42
C TYR M 336 12.20 -27.13 -18.93
N LYS M 337 12.22 -26.96 -20.26
CA LYS M 337 12.03 -25.63 -20.83
C LYS M 337 10.61 -25.13 -20.58
N LYS M 338 9.61 -26.00 -20.70
CA LYS M 338 8.25 -25.59 -20.39
C LYS M 338 7.96 -25.65 -18.89
N GLN M 339 8.41 -26.70 -18.20
CA GLN M 339 8.21 -26.83 -16.76
C GLN M 339 8.84 -25.70 -15.98
N GLU M 340 10.18 -25.67 -15.95
CA GLU M 340 10.89 -24.68 -15.13
C GLU M 340 11.05 -23.34 -15.83
N GLY M 341 10.90 -23.28 -17.14
CA GLY M 341 11.05 -22.03 -17.86
C GLY M 341 9.76 -21.52 -18.46
N LEU N 1 101.98 4.06 -100.96
CA LEU N 1 102.35 5.28 -101.68
C LEU N 1 103.30 6.14 -100.86
N GLU N 2 103.15 6.06 -99.53
CA GLU N 2 104.00 6.72 -98.54
C GLU N 2 103.75 8.23 -98.51
N GLU N 3 103.05 8.76 -99.49
CA GLU N 3 102.69 10.18 -99.50
C GLU N 3 101.55 10.56 -98.54
N GLY N 4 100.40 9.87 -98.54
CA GLY N 4 100.08 8.73 -99.40
C GLY N 4 98.98 7.89 -98.79
N LYS N 5 98.75 6.71 -99.35
CA LYS N 5 97.75 5.80 -98.78
C LYS N 5 98.19 5.32 -97.40
N ALA N 6 99.48 5.00 -97.25
CA ALA N 6 100.01 4.75 -95.91
C ALA N 6 100.03 6.03 -95.10
N GLY N 7 100.26 7.18 -95.75
CA GLY N 7 100.14 8.46 -95.08
C GLY N 7 98.71 8.86 -94.76
N SER N 8 97.76 8.47 -95.60
CA SER N 8 96.34 8.71 -95.30
C SER N 8 95.90 8.05 -94.01
N GLY N 9 96.58 6.98 -93.58
CA GLY N 9 96.32 6.43 -92.27
C GLY N 9 96.57 7.42 -91.16
N LEU N 10 97.61 8.26 -91.31
CA LEU N 10 97.85 9.31 -90.33
C LEU N 10 96.92 10.50 -90.56
N ARG N 11 96.71 10.88 -91.81
CA ARG N 11 95.82 12.00 -92.12
C ARG N 11 94.41 11.72 -91.59
N GLN N 12 93.82 10.60 -92.01
CA GLN N 12 92.49 10.25 -91.55
C GLN N 12 92.46 10.01 -90.05
N TYR N 13 93.60 9.65 -89.45
CA TYR N 13 93.63 9.45 -88.01
C TYR N 13 93.42 10.76 -87.25
N TYR N 14 93.98 11.86 -87.76
CA TYR N 14 93.72 13.17 -87.15
C TYR N 14 92.24 13.44 -87.07
N LEU N 15 91.51 13.24 -88.18
CA LEU N 15 90.07 13.36 -88.16
C LEU N 15 89.39 12.21 -87.44
N SER N 16 90.10 11.10 -87.18
CA SER N 16 89.55 10.06 -86.32
C SER N 16 89.70 10.42 -84.84
N LYS N 17 90.86 10.97 -84.46
CA LYS N 17 91.05 11.42 -83.08
C LYS N 17 90.14 12.60 -82.75
N ILE N 18 89.97 13.52 -83.70
CA ILE N 18 88.98 14.58 -83.52
C ILE N 18 87.55 14.06 -83.65
N GLU N 19 87.35 12.97 -84.41
CA GLU N 19 86.04 12.31 -84.40
C GLU N 19 85.70 11.81 -83.01
N GLU N 20 86.63 11.06 -82.38
CA GLU N 20 86.41 10.59 -81.02
C GLU N 20 86.27 11.75 -80.06
N LEU N 21 87.09 12.79 -80.22
CA LEU N 21 86.93 14.01 -79.43
C LEU N 21 85.53 14.59 -79.62
N GLN N 22 85.20 14.97 -80.85
CA GLN N 22 83.87 15.50 -81.14
C GLN N 22 82.76 14.53 -80.75
N LEU N 23 83.01 13.22 -80.84
CA LEU N 23 82.03 12.24 -80.36
C LEU N 23 81.88 12.37 -78.85
N ILE N 24 83.00 12.43 -78.13
CA ILE N 24 82.95 12.67 -76.68
C ILE N 24 82.25 13.98 -76.37
N VAL N 25 82.53 15.02 -77.16
CA VAL N 25 81.85 16.30 -76.95
C VAL N 25 80.41 16.22 -77.44
N ASN N 26 80.13 15.38 -78.43
CA ASN N 26 78.75 15.20 -78.88
C ASN N 26 77.88 14.64 -77.75
N ASP N 27 78.38 13.65 -77.03
CA ASP N 27 77.66 13.14 -75.87
C ASP N 27 77.54 14.21 -74.79
N LYS N 28 78.57 15.05 -74.65
CA LYS N 28 78.49 16.17 -73.71
C LYS N 28 77.29 17.06 -74.00
N SER N 29 76.91 17.18 -75.28
CA SER N 29 75.66 17.84 -75.61
C SER N 29 74.46 16.92 -75.42
N GLN N 30 74.63 15.62 -75.67
CA GLN N 30 73.49 14.70 -75.70
C GLN N 30 72.84 14.56 -74.33
N ASN N 31 73.63 14.41 -73.26
CA ASN N 31 73.04 14.27 -71.95
C ASN N 31 72.52 15.60 -71.43
N LEU N 32 73.14 16.71 -71.85
CA LEU N 32 72.58 18.02 -71.54
C LEU N 32 71.36 18.33 -72.40
N ARG N 33 71.18 17.60 -73.50
CA ARG N 33 69.87 17.59 -74.16
C ARG N 33 68.82 16.92 -73.30
N ARG N 34 69.18 15.81 -72.64
CA ARG N 34 68.27 15.18 -71.69
C ARG N 34 67.95 16.11 -70.53
N LEU N 35 68.95 16.84 -70.03
CA LEU N 35 68.70 17.80 -68.96
C LEU N 35 67.95 19.03 -69.48
N GLN N 36 68.28 19.47 -70.71
CA GLN N 36 67.52 20.58 -71.29
C GLN N 36 66.07 20.18 -71.52
N ALA N 37 65.83 18.99 -72.07
CA ALA N 37 64.47 18.50 -72.23
C ALA N 37 63.81 18.22 -70.88
N GLN N 38 64.59 17.83 -69.88
CA GLN N 38 64.08 17.64 -68.52
C GLN N 38 63.42 18.91 -68.01
N ARG N 39 64.22 19.97 -67.88
CA ARG N 39 63.70 21.26 -67.41
C ARG N 39 62.81 21.94 -68.45
N ASN N 40 62.85 21.50 -69.71
CA ASN N 40 61.91 22.00 -70.70
C ASN N 40 60.53 21.41 -70.47
N GLU N 41 60.47 20.10 -70.22
CA GLU N 41 59.21 19.49 -69.81
C GLU N 41 58.75 20.02 -68.47
N LEU N 42 59.69 20.35 -67.58
CA LEU N 42 59.34 21.03 -66.34
C LEU N 42 58.85 22.44 -66.60
N ASN N 43 59.34 23.09 -67.66
CA ASN N 43 58.77 24.36 -68.08
C ASN N 43 57.35 24.15 -68.63
N ALA N 44 57.10 23.00 -69.27
CA ALA N 44 55.73 22.65 -69.60
C ALA N 44 54.92 22.27 -68.37
N LYS N 45 55.60 21.89 -67.28
CA LYS N 45 54.91 21.64 -66.02
C LYS N 45 54.51 22.92 -65.31
N VAL N 46 55.35 23.95 -65.38
CA VAL N 46 54.97 25.23 -64.77
C VAL N 46 53.97 25.95 -65.67
N ARG N 47 53.99 25.69 -66.97
CA ARG N 47 52.91 26.17 -67.83
C ARG N 47 51.63 25.37 -67.58
N LEU N 48 51.75 24.05 -67.38
CA LEU N 48 50.61 23.27 -66.93
C LEU N 48 50.18 23.66 -65.53
N LEU N 49 51.14 23.99 -64.66
CA LEU N 49 50.79 24.50 -63.34
C LEU N 49 49.95 25.76 -63.45
N ARG N 50 50.43 26.74 -64.22
CA ARG N 50 49.66 27.97 -64.44
C ARG N 50 48.36 27.69 -65.19
N GLU N 51 48.37 26.75 -66.13
CA GLU N 51 47.15 26.42 -66.87
C GLU N 51 46.11 25.81 -65.94
N GLU N 52 46.53 24.82 -65.13
CA GLU N 52 45.62 24.32 -64.10
C GLU N 52 45.40 25.38 -63.03
N LEU N 53 46.37 26.28 -62.83
CA LEU N 53 46.12 27.42 -61.96
C LEU N 53 45.23 28.44 -62.66
N GLN N 54 45.20 28.44 -64.00
CA GLN N 54 44.20 29.21 -64.72
C GLN N 54 42.88 28.45 -64.80
N LEU N 55 42.91 27.12 -64.95
CA LEU N 55 41.66 26.38 -65.10
C LEU N 55 40.80 26.47 -63.83
N LEU N 56 41.42 26.42 -62.65
CA LEU N 56 40.67 25.96 -61.48
C LEU N 56 39.94 27.07 -60.76
N GLN N 57 40.21 28.35 -61.07
CA GLN N 57 39.51 29.42 -60.36
C GLN N 57 38.14 29.69 -60.94
N GLU N 58 38.03 29.78 -62.27
CA GLU N 58 36.79 30.28 -62.86
C GLU N 58 35.63 29.38 -62.53
N GLN N 59 35.93 28.22 -61.95
CA GLN N 59 35.03 27.15 -61.60
C GLN N 59 35.16 26.67 -60.16
N GLY N 60 36.39 26.39 -59.71
CA GLY N 60 36.58 25.74 -58.43
C GLY N 60 36.85 24.27 -58.63
N SER N 61 36.40 23.46 -57.66
CA SER N 61 36.18 22.02 -57.83
C SER N 61 35.67 21.44 -56.53
N TYR N 62 35.01 20.28 -56.63
CA TYR N 62 34.32 19.70 -55.49
C TYR N 62 34.39 18.17 -55.61
N VAL N 63 33.65 17.48 -54.73
CA VAL N 63 33.57 16.02 -54.73
C VAL N 63 32.12 15.64 -54.47
N GLY N 64 31.54 14.82 -55.34
CA GLY N 64 30.16 14.43 -55.26
C GLY N 64 29.96 12.99 -54.80
N GLU N 65 28.68 12.64 -54.63
CA GLU N 65 28.26 11.29 -54.32
C GLU N 65 27.06 10.95 -55.20
N VAL N 66 27.18 9.89 -55.99
CA VAL N 66 26.10 9.49 -56.90
C VAL N 66 25.06 8.71 -56.14
N VAL N 67 23.82 9.21 -56.12
CA VAL N 67 22.71 8.49 -55.53
C VAL N 67 21.85 7.75 -56.56
N ARG N 68 22.12 7.93 -57.86
CA ARG N 68 21.36 7.28 -58.93
C ARG N 68 21.95 7.73 -60.26
N ALA N 69 21.65 6.96 -61.32
CA ALA N 69 22.02 7.31 -62.68
C ALA N 69 20.77 7.27 -63.56
N MET N 70 20.87 7.93 -64.71
CA MET N 70 19.71 8.16 -65.57
C MET N 70 19.85 7.40 -66.89
N ASP N 71 18.69 7.11 -67.49
CA ASP N 71 18.69 6.51 -68.84
C ASP N 71 19.17 7.52 -69.88
N LYS N 72 18.97 8.81 -69.63
CA LYS N 72 19.44 9.90 -70.48
C LYS N 72 20.95 10.09 -70.43
N LYS N 73 21.65 9.29 -69.62
CA LYS N 73 23.09 9.30 -69.33
C LYS N 73 23.42 10.23 -68.16
N LYS N 74 22.46 10.95 -67.62
CA LYS N 74 22.75 11.81 -66.48
C LYS N 74 22.91 10.98 -65.22
N VAL N 75 23.27 11.65 -64.12
CA VAL N 75 23.59 10.99 -62.86
C VAL N 75 23.07 11.87 -61.73
N LEU N 76 22.49 11.23 -60.70
CA LEU N 76 21.97 11.95 -59.54
C LEU N 76 23.09 12.08 -58.52
N VAL N 77 23.52 13.32 -58.27
CA VAL N 77 24.65 13.61 -57.39
C VAL N 77 24.31 14.84 -56.56
N LYS N 78 24.78 14.85 -55.32
CA LYS N 78 24.58 15.97 -54.42
C LYS N 78 25.77 16.91 -54.45
N VAL N 79 25.49 18.21 -54.35
CA VAL N 79 26.48 19.18 -53.91
C VAL N 79 26.30 19.27 -52.41
N HIS N 80 27.25 18.71 -51.67
CA HIS N 80 27.01 18.31 -50.29
C HIS N 80 26.78 19.48 -49.32
N PRO N 81 27.55 20.57 -49.41
CA PRO N 81 27.20 21.77 -48.61
C PRO N 81 25.84 22.37 -48.95
N GLU N 82 25.22 21.97 -50.07
CA GLU N 82 24.05 22.66 -50.61
C GLU N 82 23.04 21.61 -51.07
N GLY N 83 22.04 22.05 -51.83
CA GLY N 83 21.10 21.12 -52.43
C GLY N 83 21.73 20.29 -53.53
N LYS N 84 21.02 19.24 -53.92
CA LYS N 84 21.53 18.30 -54.91
C LYS N 84 21.46 18.88 -56.32
N PHE N 85 22.26 18.28 -57.22
CA PHE N 85 22.18 18.49 -58.65
C PHE N 85 21.84 17.16 -59.35
N VAL N 86 21.68 17.22 -60.67
CA VAL N 86 21.68 16.02 -61.50
C VAL N 86 22.44 16.33 -62.78
N VAL N 87 23.56 15.66 -62.98
CA VAL N 87 24.42 15.93 -64.14
C VAL N 87 24.60 14.71 -65.03
N ASP N 88 25.14 14.93 -66.24
CA ASP N 88 25.36 13.86 -67.19
C ASP N 88 26.82 13.54 -67.49
N VAL N 89 26.98 12.42 -68.20
CA VAL N 89 28.26 11.88 -68.65
C VAL N 89 29.04 12.98 -69.40
N ASP N 90 30.32 13.26 -69.08
CA ASP N 90 31.33 12.45 -68.34
C ASP N 90 31.62 11.15 -69.06
N LYS N 91 32.25 11.28 -70.22
CA LYS N 91 32.36 10.21 -71.22
C LYS N 91 33.52 9.26 -70.97
N ASN N 92 34.44 9.57 -70.06
CA ASN N 92 35.52 8.63 -69.76
C ASN N 92 34.99 7.46 -68.94
N ILE N 93 34.55 7.73 -67.72
CA ILE N 93 33.91 6.70 -66.90
C ILE N 93 32.44 6.60 -67.29
N ASP N 94 32.01 5.41 -67.69
CA ASP N 94 30.64 5.20 -68.12
C ASP N 94 29.72 5.03 -66.92
N ILE N 95 28.44 4.78 -67.20
CA ILE N 95 27.46 4.61 -66.14
C ILE N 95 27.67 3.30 -65.40
N ASN N 96 27.92 2.21 -66.14
CA ASN N 96 28.07 0.90 -65.53
C ASN N 96 29.37 0.75 -64.75
N ASP N 97 30.32 1.66 -64.89
CA ASP N 97 31.56 1.56 -64.14
C ASP N 97 31.37 1.88 -62.66
N VAL N 98 30.39 2.73 -62.34
CA VAL N 98 30.14 3.17 -60.98
C VAL N 98 28.68 2.90 -60.63
N THR N 99 28.44 2.62 -59.37
CA THR N 99 27.10 2.36 -58.85
C THR N 99 26.68 3.47 -57.90
N PRO N 100 25.37 3.70 -57.73
CA PRO N 100 24.92 4.71 -56.76
C PRO N 100 25.51 4.48 -55.37
N ASN N 101 25.60 5.58 -54.62
CA ASN N 101 26.30 5.63 -53.33
C ASN N 101 27.79 5.30 -53.51
N CYS N 102 28.45 6.18 -54.25
CA CYS N 102 29.89 6.11 -54.48
C CYS N 102 30.44 7.52 -54.59
N ARG N 103 31.73 7.67 -54.30
CA ARG N 103 32.37 8.97 -54.26
C ARG N 103 32.91 9.33 -55.64
N VAL N 104 32.49 10.48 -56.16
CA VAL N 104 32.99 11.02 -57.41
C VAL N 104 33.41 12.47 -57.17
N ALA N 105 34.24 12.98 -58.06
CA ALA N 105 34.72 14.34 -57.97
C ALA N 105 33.79 15.22 -58.79
N LEU N 106 33.02 16.07 -58.11
CA LEU N 106 32.07 16.94 -58.78
C LEU N 106 32.83 17.98 -59.59
N ARG N 107 32.56 18.05 -60.89
CA ARG N 107 33.23 19.05 -61.70
C ARG N 107 32.61 20.42 -61.45
N ASN N 108 33.43 21.43 -61.68
CA ASN N 108 33.21 22.80 -61.25
C ASN N 108 32.73 23.73 -62.35
N ASP N 109 32.67 23.28 -63.60
CA ASP N 109 32.35 24.14 -64.74
C ASP N 109 31.03 23.71 -65.37
N SER N 110 30.98 22.53 -65.98
CA SER N 110 29.73 21.93 -66.43
C SER N 110 29.00 21.26 -65.26
N TYR N 111 29.56 21.34 -64.06
CA TYR N 111 29.03 20.70 -62.85
C TYR N 111 28.87 19.20 -63.03
N THR N 112 29.69 18.62 -63.89
CA THR N 112 29.73 17.19 -64.16
C THR N 112 30.57 16.49 -63.08
N LEU N 113 30.96 15.24 -63.33
CA LEU N 113 31.75 14.46 -62.39
C LEU N 113 33.13 14.21 -62.98
N HIS N 114 34.17 14.58 -62.24
CA HIS N 114 35.54 14.48 -62.74
C HIS N 114 36.10 13.07 -62.61
N LYS N 115 36.34 12.64 -61.37
CA LYS N 115 37.01 11.36 -61.15
C LYS N 115 36.19 10.44 -60.26
N ILE N 116 36.77 9.29 -59.89
CA ILE N 116 36.10 8.28 -59.09
C ILE N 116 36.93 8.01 -57.84
N LEU N 117 36.25 7.91 -56.70
CA LEU N 117 36.88 7.65 -55.41
C LEU N 117 36.01 6.67 -54.64
N PRO N 118 36.58 5.93 -53.69
CA PRO N 118 35.78 5.06 -52.84
C PRO N 118 35.02 5.86 -51.79
N ASN N 119 33.90 5.29 -51.35
CA ASN N 119 33.07 5.89 -50.32
C ASN N 119 32.85 4.89 -49.19
N LYS N 120 32.60 5.40 -47.99
CA LYS N 120 32.51 4.59 -46.79
C LYS N 120 31.18 4.80 -46.10
N VAL N 121 30.55 3.71 -45.69
CA VAL N 121 29.32 3.74 -44.90
C VAL N 121 29.51 2.87 -43.66
N ASP N 122 29.70 1.57 -43.87
CA ASP N 122 29.97 0.67 -42.75
C ASP N 122 31.21 1.02 -41.95
N PRO N 123 32.32 1.52 -42.54
CA PRO N 123 33.45 1.96 -41.71
C PRO N 123 33.07 3.01 -40.68
N LEU N 124 31.95 3.72 -40.88
CA LEU N 124 31.37 4.48 -39.78
C LEU N 124 30.59 3.57 -38.85
N VAL N 125 29.77 2.67 -39.42
CA VAL N 125 29.01 1.73 -38.60
C VAL N 125 29.95 0.80 -37.85
N SER N 126 30.83 0.12 -38.58
CA SER N 126 31.73 -0.85 -37.96
C SER N 126 32.66 -0.20 -36.95
N LEU N 127 33.00 1.08 -37.15
CA LEU N 127 33.78 1.78 -36.14
C LEU N 127 32.95 2.03 -34.88
N MET N 128 31.71 2.49 -35.06
CA MET N 128 30.79 2.57 -33.93
C MET N 128 30.63 1.22 -33.26
N MET N 129 30.54 0.15 -34.07
CA MET N 129 30.61 -1.20 -33.53
C MET N 129 31.93 -1.43 -32.80
N VAL N 130 33.06 -1.37 -33.52
CA VAL N 130 34.36 -1.70 -32.94
C VAL N 130 34.77 -0.72 -31.84
N GLU N 131 34.11 0.43 -31.73
CA GLU N 131 34.25 1.26 -30.54
C GLU N 131 34.07 0.42 -29.28
N LYS N 132 32.87 -0.14 -29.12
CA LYS N 132 32.46 -0.87 -27.93
C LYS N 132 33.48 -1.89 -27.44
N VAL N 133 33.70 -2.96 -28.20
CA VAL N 133 34.45 -4.10 -27.68
C VAL N 133 35.48 -4.60 -28.70
N PRO N 134 36.64 -5.10 -28.24
CA PRO N 134 37.49 -5.90 -29.12
C PRO N 134 37.05 -7.35 -29.18
N ASP N 135 37.87 -8.21 -29.78
CA ASP N 135 37.51 -9.61 -30.00
C ASP N 135 38.39 -10.58 -29.23
N SER N 136 39.69 -10.56 -29.47
CA SER N 136 40.65 -11.62 -29.07
C SER N 136 40.20 -12.92 -29.74
N THR N 137 40.29 -14.06 -29.07
CA THR N 137 40.02 -15.36 -29.71
C THR N 137 39.94 -16.43 -28.63
N TYR N 138 39.85 -17.69 -29.07
CA TYR N 138 39.92 -18.84 -28.17
C TYR N 138 41.12 -18.74 -27.23
N GLU N 139 42.33 -18.70 -27.80
CA GLU N 139 43.55 -18.70 -27.01
C GLU N 139 43.54 -17.64 -25.91
N MET N 140 42.92 -16.49 -26.19
CA MET N 140 42.88 -15.39 -25.24
C MET N 140 41.70 -15.47 -24.29
N ILE N 141 40.90 -16.52 -24.36
CA ILE N 141 39.75 -16.72 -23.48
C ILE N 141 39.91 -18.07 -22.80
N GLY N 142 39.17 -18.24 -21.70
CA GLY N 142 39.24 -19.48 -20.95
C GLY N 142 37.98 -19.74 -20.17
N GLY N 143 37.83 -21.00 -19.74
CA GLY N 143 36.69 -21.42 -18.95
C GLY N 143 35.43 -21.71 -19.71
N LEU N 144 35.36 -21.36 -21.01
CA LEU N 144 34.17 -21.54 -21.81
C LEU N 144 34.17 -22.86 -22.58
N ASP N 145 35.13 -23.75 -22.33
CA ASP N 145 35.21 -25.01 -23.04
C ASP N 145 33.89 -25.77 -23.03
N LYS N 146 33.12 -25.65 -21.95
CA LYS N 146 31.79 -26.25 -21.91
C LYS N 146 30.88 -25.64 -22.97
N GLN N 147 30.75 -24.31 -22.95
CA GLN N 147 29.77 -23.63 -23.78
C GLN N 147 30.24 -23.38 -25.21
N ILE N 148 31.55 -23.39 -25.45
CA ILE N 148 32.00 -23.32 -26.84
C ILE N 148 31.74 -24.64 -27.54
N LYS N 149 31.68 -25.73 -26.77
CA LYS N 149 31.25 -27.01 -27.32
C LYS N 149 29.79 -26.99 -27.77
N GLU N 150 29.06 -25.93 -27.45
CA GLU N 150 27.67 -25.75 -27.85
C GLU N 150 27.53 -24.70 -28.95
N ILE N 151 27.94 -23.46 -28.68
CA ILE N 151 27.73 -22.36 -29.62
C ILE N 151 28.45 -22.60 -30.94
N LYS N 152 29.56 -23.34 -30.93
CA LYS N 152 30.30 -23.57 -32.17
C LYS N 152 29.45 -24.27 -33.22
N GLU N 153 28.63 -25.24 -32.79
CA GLU N 153 27.74 -25.90 -33.73
C GLU N 153 26.65 -24.96 -34.22
N VAL N 154 26.33 -23.94 -33.43
CA VAL N 154 25.33 -22.95 -33.85
C VAL N 154 25.89 -22.05 -34.95
N ILE N 155 27.20 -21.81 -34.94
CA ILE N 155 27.80 -20.80 -35.81
C ILE N 155 28.33 -21.42 -37.10
N GLU N 156 29.31 -22.33 -36.98
CA GLU N 156 30.07 -22.76 -38.13
C GLU N 156 29.27 -23.63 -39.09
N LEU N 157 28.34 -24.44 -38.56
CA LEU N 157 27.55 -25.30 -39.44
C LEU N 157 26.70 -24.50 -40.43
N PRO N 158 26.10 -23.36 -40.06
CA PRO N 158 25.53 -22.49 -41.10
C PRO N 158 26.59 -21.85 -42.01
N VAL N 159 27.83 -21.70 -41.55
CA VAL N 159 28.86 -21.15 -42.41
C VAL N 159 29.47 -22.22 -43.31
N LYS N 160 29.84 -23.36 -42.73
CA LYS N 160 30.58 -24.38 -43.49
C LYS N 160 29.63 -25.34 -44.20
N HIS N 161 28.87 -26.09 -43.42
CA HIS N 161 28.05 -27.26 -43.74
C HIS N 161 26.82 -27.09 -44.63
N PRO N 162 26.11 -25.92 -44.62
CA PRO N 162 24.63 -25.93 -44.67
C PRO N 162 23.97 -26.95 -45.58
N GLU N 163 24.64 -27.40 -46.63
CA GLU N 163 24.07 -28.45 -47.47
C GLU N 163 23.65 -29.67 -46.66
N LEU N 164 24.23 -29.89 -45.48
CA LEU N 164 23.78 -30.96 -44.59
C LEU N 164 22.80 -30.49 -43.52
N PHE N 165 22.44 -29.19 -43.50
CA PHE N 165 21.28 -28.77 -42.72
C PHE N 165 20.04 -29.52 -43.16
N GLU N 166 19.81 -29.59 -44.48
CA GLU N 166 18.69 -30.34 -45.02
C GLU N 166 18.87 -31.84 -44.85
N ALA N 167 20.12 -32.32 -44.80
CA ALA N 167 20.36 -33.72 -44.46
C ALA N 167 19.75 -34.05 -43.11
N LEU N 168 19.89 -33.16 -42.13
CA LEU N 168 19.10 -33.25 -40.92
C LEU N 168 17.67 -32.78 -41.16
N GLY N 169 17.50 -31.69 -41.90
CA GLY N 169 16.19 -31.18 -42.22
C GLY N 169 15.72 -29.99 -41.42
N ILE N 170 16.60 -29.34 -40.67
CA ILE N 170 16.23 -28.19 -39.85
C ILE N 170 16.93 -26.95 -40.40
N ALA N 171 16.33 -25.79 -40.14
CA ALA N 171 16.85 -24.53 -40.64
C ALA N 171 17.92 -24.00 -39.69
N GLN N 172 18.35 -22.77 -39.93
CA GLN N 172 19.40 -22.17 -39.11
C GLN N 172 18.88 -21.90 -37.70
N PRO N 173 19.72 -22.06 -36.69
CA PRO N 173 19.34 -21.59 -35.34
C PRO N 173 19.13 -20.08 -35.34
N LYS N 174 17.98 -19.67 -34.80
CA LYS N 174 17.58 -18.26 -34.93
C LYS N 174 18.44 -17.36 -34.05
N GLY N 175 18.88 -17.86 -32.90
CA GLY N 175 19.64 -17.04 -31.99
C GLY N 175 20.27 -17.87 -30.90
N VAL N 176 20.68 -17.18 -29.84
CA VAL N 176 21.36 -17.80 -28.70
C VAL N 176 21.60 -16.72 -27.65
N LEU N 177 21.89 -17.14 -26.42
CA LEU N 177 22.19 -16.19 -25.35
C LEU N 177 23.00 -16.92 -24.29
N LEU N 178 23.69 -16.12 -23.46
CA LEU N 178 24.42 -16.63 -22.31
C LEU N 178 23.97 -15.81 -21.10
N TYR N 179 23.28 -16.46 -20.16
CA TYR N 179 22.76 -15.80 -18.98
C TYR N 179 23.49 -16.29 -17.73
N GLY N 180 23.70 -15.37 -16.81
CA GLY N 180 24.56 -15.58 -15.67
C GLY N 180 25.00 -14.25 -15.11
N PRO N 181 26.16 -14.22 -14.45
CA PRO N 181 26.72 -12.93 -14.01
C PRO N 181 27.02 -12.05 -15.22
N PRO N 182 26.78 -10.73 -15.10
CA PRO N 182 27.17 -9.71 -16.09
C PRO N 182 28.47 -9.00 -15.72
N GLY N 183 29.62 -9.65 -15.83
CA GLY N 183 29.82 -10.86 -16.59
C GLY N 183 30.66 -10.57 -17.81
N THR N 184 31.42 -11.57 -18.25
CA THR N 184 32.60 -11.31 -19.07
C THR N 184 32.78 -12.38 -20.14
N GLY N 185 33.06 -11.95 -21.37
CA GLY N 185 33.39 -12.84 -22.45
C GLY N 185 32.25 -13.16 -23.39
N LYS N 186 31.00 -13.00 -22.93
CA LYS N 186 29.86 -13.16 -23.84
C LYS N 186 29.93 -12.19 -25.00
N THR N 187 30.36 -10.94 -24.74
CA THR N 187 30.57 -9.98 -25.81
C THR N 187 31.86 -10.29 -26.57
N LEU N 188 32.88 -10.78 -25.86
CA LEU N 188 34.05 -11.31 -26.56
C LEU N 188 33.67 -12.49 -27.44
N LEU N 189 32.96 -13.47 -26.86
CA LEU N 189 32.48 -14.61 -27.63
C LEU N 189 31.71 -14.15 -28.88
N ALA N 190 30.91 -13.10 -28.74
CA ALA N 190 30.19 -12.52 -29.86
C ALA N 190 31.15 -12.11 -30.97
N ARG N 191 32.03 -11.15 -30.68
CA ARG N 191 32.89 -10.60 -31.72
C ARG N 191 34.02 -11.57 -32.09
N ALA N 192 34.53 -12.35 -31.13
CA ALA N 192 35.62 -13.28 -31.44
C ALA N 192 35.14 -14.40 -32.35
N VAL N 193 34.00 -15.02 -32.04
CA VAL N 193 33.42 -16.01 -32.94
C VAL N 193 33.06 -15.37 -34.27
N ALA N 194 32.59 -14.13 -34.24
CA ALA N 194 32.45 -13.37 -35.47
C ALA N 194 33.79 -13.22 -36.17
N HIS N 195 34.87 -13.04 -35.41
CA HIS N 195 36.20 -12.97 -36.00
C HIS N 195 36.74 -14.37 -36.30
N HIS N 196 36.43 -15.36 -35.45
CA HIS N 196 36.84 -16.73 -35.73
C HIS N 196 36.36 -17.18 -37.10
N THR N 197 35.12 -16.85 -37.44
CA THR N 197 34.58 -17.15 -38.75
C THR N 197 34.83 -16.04 -39.76
N ASP N 198 35.31 -14.89 -39.32
CA ASP N 198 35.50 -13.66 -40.09
C ASP N 198 34.16 -13.03 -40.50
N CYS N 199 33.04 -13.65 -40.17
CA CYS N 199 31.73 -13.05 -40.44
C CYS N 199 31.59 -11.73 -39.70
N THR N 200 31.03 -10.73 -40.38
CA THR N 200 30.96 -9.38 -39.83
C THR N 200 30.06 -9.34 -38.60
N PHE N 201 30.26 -8.31 -37.78
CA PHE N 201 29.61 -8.18 -36.48
C PHE N 201 28.79 -6.90 -36.42
N ILE N 202 27.60 -7.01 -35.83
CA ILE N 202 26.68 -5.88 -35.67
C ILE N 202 26.14 -5.92 -34.24
N ARG N 203 25.72 -4.74 -33.76
CA ARG N 203 25.17 -4.59 -32.42
C ARG N 203 23.76 -4.00 -32.50
N VAL N 204 23.18 -3.75 -31.32
CA VAL N 204 21.88 -3.10 -31.22
C VAL N 204 22.11 -1.62 -30.95
N SER N 205 21.04 -0.85 -30.80
CA SER N 205 21.14 0.59 -30.53
C SER N 205 21.97 0.83 -29.26
N GLY N 206 23.01 1.65 -29.39
CA GLY N 206 23.19 2.49 -30.55
C GLY N 206 23.15 3.99 -30.23
N SER N 207 22.92 4.31 -28.97
CA SER N 207 22.86 5.69 -28.50
C SER N 207 21.94 6.56 -29.37
N GLU N 208 22.40 7.76 -29.70
CA GLU N 208 21.62 8.68 -30.54
C GLU N 208 22.47 9.23 -31.67
N LEU N 209 22.17 8.78 -32.89
CA LEU N 209 22.92 9.23 -34.07
C LEU N 209 23.51 8.10 -34.93
N VAL N 210 23.38 6.84 -34.52
CA VAL N 210 23.51 5.77 -35.52
C VAL N 210 22.17 5.45 -36.15
N GLN N 211 21.10 6.13 -35.74
CA GLN N 211 19.75 5.81 -36.19
C GLN N 211 19.42 6.54 -37.50
N LYS N 212 19.25 7.85 -37.44
CA LYS N 212 18.97 8.62 -38.65
C LYS N 212 20.17 8.63 -39.60
N PHE N 213 21.37 8.31 -39.10
CA PHE N 213 22.52 8.17 -39.98
C PHE N 213 22.28 7.12 -41.05
N ILE N 214 21.40 6.17 -40.80
CA ILE N 214 20.91 5.23 -41.81
C ILE N 214 19.43 5.52 -42.01
N GLY N 215 19.08 6.10 -43.16
CA GLY N 215 17.69 6.44 -43.45
C GLY N 215 17.27 7.77 -42.88
N GLU N 216 15.97 7.92 -42.57
CA GLU N 216 15.47 9.13 -41.94
C GLU N 216 14.66 8.78 -40.70
N GLY N 217 13.51 8.17 -40.89
CA GLY N 217 12.77 7.58 -39.78
C GLY N 217 11.91 6.45 -40.28
N ALA N 218 11.67 5.48 -39.40
CA ALA N 218 11.00 4.24 -39.76
C ALA N 218 10.77 3.45 -38.46
N ARG N 219 10.29 2.22 -38.61
CA ARG N 219 10.49 1.22 -37.57
C ARG N 219 11.97 1.07 -37.23
N MET N 220 12.86 1.42 -38.17
CA MET N 220 14.30 1.60 -37.98
C MET N 220 15.07 0.28 -37.90
N VAL N 221 14.36 -0.82 -37.67
CA VAL N 221 15.02 -2.12 -37.67
C VAL N 221 15.16 -2.71 -39.07
N ARG N 222 14.37 -2.22 -40.04
CA ARG N 222 14.47 -2.75 -41.40
C ARG N 222 15.79 -2.37 -42.05
N GLU N 223 16.22 -1.12 -41.87
CA GLU N 223 17.52 -0.70 -42.41
C GLU N 223 18.65 -1.52 -41.81
N LEU N 224 18.59 -1.77 -40.50
CA LEU N 224 19.54 -2.69 -39.88
C LEU N 224 19.41 -4.08 -40.47
N PHE N 225 18.18 -4.50 -40.79
CA PHE N 225 17.98 -5.76 -41.49
C PHE N 225 18.49 -5.69 -42.92
N VAL N 226 18.52 -4.50 -43.51
CA VAL N 226 19.11 -4.33 -44.83
C VAL N 226 20.63 -4.37 -44.76
N MET N 227 21.21 -3.93 -43.63
CA MET N 227 22.66 -3.97 -43.47
C MET N 227 23.20 -5.39 -43.65
N ALA N 228 22.53 -6.36 -43.02
CA ALA N 228 22.94 -7.75 -43.14
C ALA N 228 22.80 -8.31 -44.54
N ARG N 229 21.94 -7.72 -45.37
CA ARG N 229 21.87 -8.14 -46.77
C ARG N 229 23.13 -7.75 -47.53
N GLU N 230 23.77 -6.65 -47.13
CA GLU N 230 25.00 -6.24 -47.79
C GLU N 230 26.18 -7.13 -47.40
N HIS N 231 26.20 -7.63 -46.18
CA HIS N 231 27.30 -8.45 -45.68
C HIS N 231 26.75 -9.70 -45.02
N ALA N 232 27.06 -10.85 -45.60
CA ALA N 232 26.72 -12.13 -44.98
C ALA N 232 27.87 -13.12 -45.20
N PRO N 233 28.15 -13.96 -44.21
CA PRO N 233 27.49 -14.07 -42.89
C PRO N 233 27.75 -12.89 -41.97
N SER N 234 26.76 -12.59 -41.11
CA SER N 234 26.82 -11.46 -40.20
C SER N 234 26.39 -11.90 -38.81
N ILE N 235 26.89 -11.18 -37.80
CA ILE N 235 26.57 -11.45 -36.39
C ILE N 235 25.94 -10.19 -35.81
N ILE N 236 24.74 -10.32 -35.28
CA ILE N 236 24.05 -9.23 -34.61
C ILE N 236 23.97 -9.55 -33.12
N PHE N 237 23.99 -8.50 -32.30
CA PHE N 237 24.13 -8.66 -30.86
C PHE N 237 23.27 -7.64 -30.15
N MET N 238 22.86 -7.97 -28.93
CA MET N 238 22.13 -7.06 -28.06
C MET N 238 23.11 -6.48 -27.05
N ASP N 239 23.44 -5.20 -27.20
CA ASP N 239 24.38 -4.53 -26.34
C ASP N 239 23.71 -3.42 -25.54
N GLU N 240 23.55 -3.63 -24.24
CA GLU N 240 23.84 -4.90 -23.60
C GLU N 240 22.55 -5.51 -23.05
N ILE N 241 21.92 -4.75 -22.15
CA ILE N 241 20.70 -5.09 -21.42
C ILE N 241 20.90 -6.38 -20.63
N ASP N 242 22.15 -6.70 -20.34
CA ASP N 242 22.47 -7.70 -19.32
C ASP N 242 22.72 -6.94 -18.02
N SER N 243 21.76 -7.04 -17.10
CA SER N 243 21.75 -6.33 -15.83
C SER N 243 20.43 -6.62 -15.13
N ILE N 244 20.39 -6.36 -13.82
CA ILE N 244 19.15 -6.37 -13.06
C ILE N 244 18.59 -4.97 -12.86
N GLY N 245 19.29 -3.93 -13.30
CA GLY N 245 18.92 -2.56 -13.01
C GLY N 245 17.94 -1.93 -13.98
N SER N 246 17.92 -2.41 -15.22
CA SER N 246 17.06 -1.81 -16.24
C SER N 246 15.60 -2.20 -16.08
N SER N 247 15.28 -3.14 -15.18
CA SER N 247 13.92 -3.65 -15.05
C SER N 247 12.89 -2.58 -14.73
N ARG N 248 12.90 -2.07 -13.49
CA ARG N 248 11.93 -1.11 -12.98
C ARG N 248 10.52 -1.71 -12.92
N LEU N 249 10.34 -2.88 -13.54
CA LEU N 249 9.11 -3.66 -13.57
C LEU N 249 8.07 -3.04 -14.50
N GLU N 250 8.22 -1.75 -14.81
CA GLU N 250 7.42 -1.13 -15.86
C GLU N 250 8.29 -0.26 -16.77
N GLY N 251 8.85 0.82 -16.21
CA GLY N 251 9.55 1.80 -17.02
C GLY N 251 10.68 1.23 -17.86
N GLY N 252 11.23 0.09 -17.44
CA GLY N 252 12.27 -0.55 -18.22
C GLY N 252 11.71 -1.61 -19.15
N SER N 253 10.49 -2.06 -18.89
CA SER N 253 9.84 -3.04 -19.75
C SER N 253 9.76 -2.54 -21.19
N GLY N 254 9.04 -1.44 -21.41
CA GLY N 254 8.91 -0.90 -22.75
C GLY N 254 10.26 -0.51 -23.36
N GLY N 255 11.17 -0.02 -22.53
CA GLY N 255 12.53 0.19 -23.00
C GLY N 255 13.19 -1.11 -23.41
N ASP N 256 12.95 -2.18 -22.64
CA ASP N 256 13.41 -3.51 -23.03
C ASP N 256 12.48 -4.15 -24.05
N SER N 257 11.18 -3.81 -24.02
CA SER N 257 10.22 -4.44 -24.93
C SER N 257 10.68 -4.32 -26.37
N GLU N 258 11.09 -3.13 -26.79
CA GLU N 258 11.62 -2.98 -28.14
C GLU N 258 13.03 -3.54 -28.27
N VAL N 259 13.78 -3.58 -27.17
CA VAL N 259 15.02 -4.36 -27.17
C VAL N 259 14.70 -5.85 -27.27
N GLN N 260 13.65 -6.29 -26.56
CA GLN N 260 13.12 -7.63 -26.79
C GLN N 260 12.53 -7.74 -28.19
N ARG N 261 11.79 -6.71 -28.63
CA ARG N 261 11.22 -6.73 -29.97
C ARG N 261 12.29 -6.66 -31.05
N THR N 262 13.40 -5.96 -30.78
CA THR N 262 14.48 -5.88 -31.76
C THR N 262 14.94 -7.28 -32.19
N MET N 263 14.85 -8.25 -31.28
CA MET N 263 15.02 -9.64 -31.71
C MET N 263 13.74 -10.18 -32.33
N LEU N 264 12.58 -9.88 -31.73
CA LEU N 264 11.32 -10.44 -32.19
C LEU N 264 11.04 -10.09 -33.64
N GLU N 265 10.90 -8.79 -33.93
CA GLU N 265 10.64 -8.37 -35.31
C GLU N 265 11.75 -8.83 -36.24
N LEU N 266 12.98 -8.95 -35.74
CA LEU N 266 14.03 -9.54 -36.55
C LEU N 266 13.82 -11.04 -36.71
N LEU N 267 13.50 -11.75 -35.62
CA LEU N 267 13.09 -13.14 -35.74
C LEU N 267 11.88 -13.28 -36.64
N ASN N 268 10.96 -12.30 -36.59
CA ASN N 268 9.84 -12.28 -37.51
C ASN N 268 10.25 -11.90 -38.92
N GLN N 269 11.35 -11.16 -39.08
CA GLN N 269 11.91 -10.87 -40.39
C GLN N 269 13.04 -11.81 -40.77
N LEU N 270 13.43 -12.73 -39.88
CA LEU N 270 14.35 -13.81 -40.24
C LEU N 270 13.55 -15.07 -40.58
N ASP N 271 12.83 -15.61 -39.59
CA ASP N 271 12.03 -16.81 -39.81
C ASP N 271 10.69 -16.48 -40.46
N GLY N 272 10.05 -15.39 -40.04
CA GLY N 272 8.70 -15.09 -40.53
C GLY N 272 8.64 -14.95 -42.03
N PHE N 273 9.45 -14.07 -42.59
CA PHE N 273 9.59 -13.97 -44.04
C PHE N 273 10.98 -13.41 -44.35
N GLU N 274 11.18 -12.96 -45.59
CA GLU N 274 12.48 -12.62 -46.17
C GLU N 274 13.38 -13.85 -46.28
N ALA N 275 14.65 -13.69 -45.92
CA ALA N 275 15.68 -14.64 -46.30
C ALA N 275 17.05 -14.18 -45.79
N THR N 276 18.02 -15.09 -45.70
CA THR N 276 17.84 -16.53 -45.84
C THR N 276 18.55 -17.28 -44.71
N LYS N 277 19.88 -17.21 -44.71
CA LYS N 277 20.71 -17.84 -43.70
C LYS N 277 21.77 -16.86 -43.24
N ASN N 278 22.72 -17.34 -42.43
CA ASN N 278 23.94 -16.64 -42.05
C ASN N 278 23.73 -15.49 -41.08
N ILE N 279 22.49 -15.16 -40.72
CA ILE N 279 22.18 -14.05 -39.83
C ILE N 279 21.82 -14.61 -38.46
N LYS N 280 22.36 -13.99 -37.40
CA LYS N 280 22.18 -14.48 -36.04
C LYS N 280 22.03 -13.30 -35.09
N VAL N 281 21.46 -13.59 -33.91
CA VAL N 281 21.27 -12.61 -32.86
C VAL N 281 21.65 -13.23 -31.52
N ILE N 282 22.07 -12.38 -30.57
CA ILE N 282 22.55 -12.81 -29.27
C ILE N 282 21.91 -11.96 -28.18
N MET N 283 21.60 -12.59 -27.05
CA MET N 283 21.03 -11.93 -25.89
C MET N 283 21.92 -12.16 -24.67
N ALA N 284 21.72 -11.33 -23.64
CA ALA N 284 22.38 -11.53 -22.36
C ALA N 284 21.54 -10.94 -21.24
N THR N 285 21.49 -11.63 -20.10
CA THR N 285 20.78 -11.18 -18.90
C THR N 285 21.27 -12.01 -17.72
N ASN N 286 20.71 -11.73 -16.53
CA ASN N 286 20.97 -12.51 -15.32
C ASN N 286 19.73 -13.29 -14.92
N ARG N 287 18.70 -12.59 -14.46
CA ARG N 287 17.45 -13.15 -13.93
C ARG N 287 16.36 -12.16 -14.34
N ILE N 288 15.18 -12.28 -13.73
CA ILE N 288 14.07 -11.40 -14.10
C ILE N 288 13.82 -11.62 -15.58
N ASP N 289 14.27 -10.67 -16.42
CA ASP N 289 14.05 -10.76 -17.86
C ASP N 289 14.39 -12.13 -18.45
N ILE N 290 15.27 -12.91 -17.80
CA ILE N 290 15.44 -14.30 -18.18
C ILE N 290 14.14 -15.07 -18.01
N LEU N 291 13.43 -14.83 -16.91
CA LEU N 291 12.07 -15.37 -16.78
C LEU N 291 11.09 -14.65 -17.69
N ASP N 292 11.29 -13.35 -17.91
CA ASP N 292 10.52 -12.64 -18.93
C ASP N 292 10.88 -13.11 -20.33
N SER N 293 12.08 -13.65 -20.52
CA SER N 293 12.38 -14.32 -21.79
C SER N 293 11.45 -15.50 -22.01
N ALA N 294 11.09 -16.22 -20.95
CA ALA N 294 10.12 -17.31 -21.07
C ALA N 294 8.75 -16.79 -21.49
N LEU N 295 8.41 -15.56 -21.10
CA LEU N 295 7.22 -14.93 -21.65
C LEU N 295 7.33 -14.80 -23.17
N LEU N 296 8.51 -14.42 -23.65
CA LEU N 296 8.78 -14.46 -25.08
C LEU N 296 9.08 -15.85 -25.60
N ARG N 297 9.30 -16.82 -24.71
CA ARG N 297 9.74 -18.16 -25.10
C ARG N 297 8.83 -19.25 -24.56
N PRO N 298 7.72 -19.51 -25.25
CA PRO N 298 7.14 -20.86 -25.24
C PRO N 298 7.77 -21.73 -26.33
N GLY N 299 9.10 -21.74 -26.36
CA GLY N 299 9.86 -22.41 -27.39
C GLY N 299 10.13 -21.60 -28.64
N ARG N 300 9.62 -20.37 -28.73
CA ARG N 300 9.66 -19.63 -29.99
C ARG N 300 10.22 -18.20 -29.86
N ILE N 301 11.33 -17.90 -30.53
CA ILE N 301 12.22 -18.87 -31.16
C ILE N 301 13.66 -18.48 -30.79
N ASP N 302 14.37 -19.35 -30.08
CA ASP N 302 15.72 -19.01 -29.63
C ASP N 302 16.41 -20.27 -29.12
N ARG N 303 17.66 -20.12 -28.72
CA ARG N 303 18.44 -21.17 -28.06
C ARG N 303 18.88 -20.65 -26.70
N LYS N 304 18.74 -21.50 -25.68
CA LYS N 304 18.96 -21.11 -24.29
C LYS N 304 20.26 -21.71 -23.80
N ILE N 305 21.25 -20.86 -23.49
CA ILE N 305 22.52 -21.28 -22.92
C ILE N 305 22.82 -20.39 -21.72
N GLU N 306 23.40 -21.00 -20.69
CA GLU N 306 23.72 -20.29 -19.44
C GLU N 306 25.15 -19.78 -19.48
N PHE N 307 25.37 -18.61 -18.89
CA PHE N 307 26.71 -18.04 -18.78
C PHE N 307 27.28 -18.37 -17.42
N PRO N 308 28.44 -19.02 -17.33
CA PRO N 308 28.87 -19.62 -16.08
C PRO N 308 29.47 -18.59 -15.14
N PRO N 309 29.46 -18.86 -13.84
CA PRO N 309 30.30 -18.08 -12.92
C PRO N 309 31.74 -18.52 -13.02
N PRO N 310 32.69 -17.65 -12.68
CA PRO N 310 34.11 -18.01 -12.82
C PRO N 310 34.52 -19.09 -11.85
N ASN N 311 35.59 -19.79 -12.21
CA ASN N 311 36.12 -20.87 -11.39
C ASN N 311 37.62 -20.93 -11.57
N GLU N 312 38.29 -21.66 -10.67
CA GLU N 312 39.75 -21.67 -10.61
C GLU N 312 40.38 -22.11 -11.92
N GLU N 313 39.67 -22.92 -12.71
CA GLU N 313 40.19 -23.38 -13.99
C GLU N 313 40.67 -22.22 -14.86
N ALA N 314 39.73 -21.32 -15.21
CA ALA N 314 40.11 -20.16 -16.00
C ALA N 314 41.07 -19.25 -15.23
N ARG N 315 40.85 -19.10 -13.92
CA ARG N 315 41.63 -18.15 -13.12
C ARG N 315 43.13 -18.34 -13.31
N LEU N 316 43.59 -19.59 -13.39
CA LEU N 316 44.99 -19.87 -13.71
C LEU N 316 45.36 -19.30 -15.07
N ASP N 317 44.75 -19.83 -16.13
CA ASP N 317 45.21 -19.55 -17.49
C ASP N 317 44.79 -18.18 -17.99
N ILE N 318 43.58 -17.72 -17.67
CA ILE N 318 43.15 -16.42 -18.18
C ILE N 318 43.98 -15.30 -17.57
N LEU N 319 44.53 -15.52 -16.38
CA LEU N 319 45.55 -14.61 -15.87
C LEU N 319 46.86 -14.79 -16.63
N LYS N 320 47.25 -16.05 -16.87
CA LYS N 320 48.40 -16.33 -17.72
C LYS N 320 48.21 -15.75 -19.12
N ILE N 321 46.96 -15.67 -19.59
CA ILE N 321 46.69 -15.01 -20.85
C ILE N 321 46.99 -13.52 -20.75
N HIS N 322 46.52 -12.88 -19.67
CA HIS N 322 46.85 -11.49 -19.43
C HIS N 322 48.31 -11.30 -19.04
N SER N 323 48.99 -12.37 -18.61
CA SER N 323 50.36 -12.29 -18.13
C SER N 323 51.38 -12.40 -19.25
N ARG N 324 50.95 -12.49 -20.51
CA ARG N 324 51.90 -12.62 -21.62
C ARG N 324 52.74 -11.36 -21.77
N LYS N 325 52.10 -10.19 -21.79
CA LYS N 325 52.81 -8.94 -22.05
C LYS N 325 53.55 -8.43 -20.84
N MET N 326 53.04 -8.67 -19.63
CA MET N 326 53.65 -8.10 -18.43
C MET N 326 55.01 -8.73 -18.15
N ASN N 327 55.83 -7.99 -17.42
CA ASN N 327 57.15 -8.46 -16.99
C ASN N 327 57.02 -9.11 -15.62
N LEU N 328 57.26 -10.42 -15.57
CA LEU N 328 57.17 -11.17 -14.33
C LEU N 328 58.09 -12.37 -14.44
N THR N 329 58.68 -12.76 -13.31
CA THR N 329 59.52 -13.94 -13.28
C THR N 329 58.64 -15.20 -13.19
N ARG N 330 59.29 -16.35 -13.37
CA ARG N 330 58.59 -17.62 -13.36
C ARG N 330 58.50 -18.24 -11.96
N GLY N 331 58.74 -17.42 -10.95
CA GLY N 331 58.69 -17.88 -9.58
C GLY N 331 57.37 -17.51 -8.91
N ILE N 332 56.33 -17.29 -9.72
CA ILE N 332 55.04 -16.92 -9.14
C ILE N 332 54.20 -18.18 -8.95
N ASN N 333 53.48 -18.23 -7.83
CA ASN N 333 52.63 -19.37 -7.53
C ASN N 333 51.26 -19.20 -8.17
N LEU N 334 50.85 -20.19 -8.96
CA LEU N 334 49.53 -20.16 -9.58
C LEU N 334 48.43 -20.57 -8.62
N ARG N 335 48.73 -21.43 -7.64
CA ARG N 335 47.73 -21.88 -6.68
C ARG N 335 47.12 -20.70 -5.93
N LYS N 336 47.94 -19.99 -5.15
CA LYS N 336 47.42 -18.90 -4.33
C LYS N 336 46.88 -17.75 -5.19
N ILE N 337 47.50 -17.48 -6.34
CA ILE N 337 47.03 -16.36 -7.15
C ILE N 337 45.64 -16.64 -7.71
N ALA N 338 45.40 -17.88 -8.15
CA ALA N 338 44.04 -18.30 -8.51
C ALA N 338 43.11 -18.27 -7.30
N GLU N 339 43.37 -19.13 -6.31
CA GLU N 339 42.41 -19.43 -5.26
C GLU N 339 42.15 -18.23 -4.33
N LEU N 340 43.03 -17.23 -4.33
CA LEU N 340 42.76 -16.03 -3.54
C LEU N 340 41.66 -15.16 -4.13
N MET N 341 41.12 -15.52 -5.31
CA MET N 341 40.08 -14.74 -5.97
C MET N 341 38.83 -15.58 -6.20
N PRO N 342 38.13 -15.98 -5.14
CA PRO N 342 36.84 -16.66 -5.32
C PRO N 342 35.75 -15.66 -5.65
N GLY N 343 34.76 -16.12 -6.40
CA GLY N 343 33.68 -15.24 -6.82
C GLY N 343 34.17 -14.14 -7.73
N ALA N 344 33.93 -12.89 -7.32
CA ALA N 344 34.38 -11.70 -8.04
C ALA N 344 33.76 -11.72 -9.43
N SER N 345 34.54 -11.65 -10.51
CA SER N 345 34.00 -11.64 -11.86
C SER N 345 35.13 -12.03 -12.82
N GLY N 346 34.84 -11.92 -14.11
CA GLY N 346 35.89 -12.08 -15.11
C GLY N 346 36.69 -10.79 -15.24
N ALA N 347 36.03 -9.66 -14.96
CA ALA N 347 36.73 -8.39 -14.87
C ALA N 347 37.70 -8.36 -13.70
N GLU N 348 37.57 -9.29 -12.76
CA GLU N 348 38.57 -9.43 -11.70
C GLU N 348 39.94 -9.74 -12.28
N VAL N 349 40.00 -10.61 -13.28
CA VAL N 349 41.27 -10.99 -13.88
C VAL N 349 41.95 -9.79 -14.54
N LYS N 350 41.16 -8.83 -15.03
CA LYS N 350 41.73 -7.60 -15.57
C LYS N 350 42.48 -6.84 -14.49
N GLY N 351 41.85 -6.63 -13.34
CA GLY N 351 42.43 -5.87 -12.25
C GLY N 351 43.48 -6.55 -11.42
N VAL N 352 43.80 -7.81 -11.70
CA VAL N 352 44.77 -8.57 -10.92
C VAL N 352 46.11 -7.85 -10.91
N CYS N 353 46.79 -7.82 -12.05
CA CYS N 353 48.14 -7.27 -12.12
C CYS N 353 48.18 -5.79 -12.50
N THR N 354 47.06 -5.21 -12.93
CA THR N 354 47.04 -3.78 -13.22
C THR N 354 47.35 -2.96 -11.98
N GLU N 355 46.45 -2.99 -10.99
CA GLU N 355 46.70 -2.27 -9.74
C GLU N 355 47.93 -2.81 -9.02
N ALA N 356 48.22 -4.09 -9.18
CA ALA N 356 49.50 -4.62 -8.71
C ALA N 356 50.65 -3.99 -9.47
N GLY N 357 50.50 -3.87 -10.79
CA GLY N 357 51.50 -3.16 -11.57
C GLY N 357 51.55 -1.68 -11.23
N MET N 358 50.39 -1.10 -10.93
CA MET N 358 50.32 0.33 -10.60
C MET N 358 51.28 0.70 -9.48
N TYR N 359 51.38 -0.15 -8.46
CA TYR N 359 52.37 0.09 -7.40
C TYR N 359 53.77 -0.29 -7.84
N ALA N 360 53.90 -1.36 -8.64
CA ALA N 360 55.19 -1.67 -9.25
C ALA N 360 55.59 -0.59 -10.24
N LEU N 361 54.63 -0.09 -11.02
CA LEU N 361 54.81 1.16 -11.75
C LEU N 361 55.36 2.25 -10.83
N ARG N 362 54.59 2.59 -9.80
CA ARG N 362 55.06 3.54 -8.80
C ARG N 362 56.40 3.13 -8.19
N GLU N 363 56.67 1.83 -8.11
CA GLU N 363 57.95 1.36 -7.60
C GLU N 363 59.05 1.41 -8.66
N ARG N 364 58.69 1.35 -9.95
CA ARG N 364 59.55 1.45 -11.13
C ARG N 364 60.20 0.11 -11.49
N ARG N 365 59.95 -0.97 -10.74
CA ARG N 365 60.60 -2.24 -11.01
C ARG N 365 60.27 -2.76 -12.41
N VAL N 366 61.19 -3.55 -12.95
CA VAL N 366 61.02 -4.13 -14.28
C VAL N 366 60.02 -5.27 -14.23
N HIS N 367 60.38 -6.37 -13.58
CA HIS N 367 59.46 -7.49 -13.38
C HIS N 367 59.13 -7.62 -11.90
N VAL N 368 57.88 -8.01 -11.64
CA VAL N 368 57.27 -7.81 -10.33
C VAL N 368 57.44 -9.06 -9.48
N THR N 369 56.98 -9.00 -8.24
CA THR N 369 56.92 -10.14 -7.34
C THR N 369 55.47 -10.42 -6.98
N GLN N 370 55.19 -11.67 -6.60
CA GLN N 370 53.81 -12.05 -6.32
C GLN N 370 53.23 -11.29 -5.13
N GLU N 371 54.08 -10.75 -4.25
CA GLU N 371 53.59 -9.96 -3.13
C GLU N 371 52.80 -8.75 -3.62
N ASP N 372 53.35 -8.02 -4.58
CA ASP N 372 52.61 -6.91 -5.17
C ASP N 372 51.36 -7.40 -5.87
N PHE N 373 51.44 -8.55 -6.54
CA PHE N 373 50.25 -9.19 -7.07
C PHE N 373 49.31 -9.60 -5.95
N GLU N 374 49.87 -10.12 -4.85
CA GLU N 374 49.06 -10.43 -3.68
C GLU N 374 48.48 -9.17 -3.05
N MET N 375 49.18 -8.03 -3.18
CA MET N 375 48.63 -6.77 -2.71
C MET N 375 47.35 -6.40 -3.46
N ALA N 376 47.39 -6.49 -4.79
CA ALA N 376 46.19 -6.19 -5.57
C ALA N 376 45.16 -7.31 -5.48
N VAL N 377 45.58 -8.52 -5.09
CA VAL N 377 44.61 -9.57 -4.76
C VAL N 377 43.66 -9.06 -3.69
N ALA N 378 44.19 -8.34 -2.71
CA ALA N 378 43.35 -7.67 -1.74
C ALA N 378 42.67 -6.45 -2.36
N LYS N 379 43.46 -5.59 -3.01
CA LYS N 379 42.99 -4.29 -3.48
C LYS N 379 41.69 -4.38 -4.25
N VAL N 380 41.71 -5.08 -5.39
CA VAL N 380 40.51 -5.14 -6.23
C VAL N 380 39.39 -5.89 -5.51
N MET N 381 39.71 -6.71 -4.53
CA MET N 381 38.72 -7.40 -3.72
C MET N 381 38.42 -6.71 -2.41
N GLN N 382 39.04 -5.55 -2.14
CA GLN N 382 38.71 -4.79 -0.94
C GLN N 382 37.30 -4.20 -1.03
N LYS N 383 36.86 -3.88 -2.24
CA LYS N 383 35.64 -3.10 -2.42
C LYS N 383 34.40 -3.88 -1.96
N ASP N 384 34.25 -5.10 -2.46
CA ASP N 384 33.05 -5.90 -2.18
C ASP N 384 32.87 -6.18 -0.69
N ASP O 1 90.17 9.84 -103.82
CA ASP O 1 89.04 9.33 -103.04
C ASP O 1 89.34 9.36 -101.55
N LEU O 2 90.50 8.80 -101.16
CA LEU O 2 90.87 8.78 -99.75
C LEU O 2 91.04 10.19 -99.20
N TYR O 3 91.85 11.01 -99.88
CA TYR O 3 91.97 12.42 -99.48
C TYR O 3 90.66 13.17 -99.72
N SER O 4 89.91 12.79 -100.75
CA SER O 4 88.61 13.39 -101.02
C SER O 4 87.68 13.25 -99.82
N ARG O 5 87.35 12.01 -99.46
CA ARG O 5 86.47 11.79 -98.31
C ARG O 5 87.12 12.26 -97.02
N TYR O 6 88.45 12.26 -96.95
CA TYR O 6 89.13 12.83 -95.78
C TYR O 6 88.82 14.31 -95.63
N LYS O 7 88.79 15.03 -96.75
CA LYS O 7 88.36 16.42 -96.73
C LYS O 7 86.84 16.56 -96.63
N LYS O 8 86.10 15.46 -96.74
CA LYS O 8 84.65 15.48 -96.54
C LYS O 8 84.22 15.15 -95.12
N LEU O 9 85.13 14.69 -94.26
CA LEU O 9 84.75 14.25 -92.92
C LEU O 9 84.84 15.34 -91.87
N GLN O 10 85.45 16.48 -92.16
CA GLN O 10 85.48 17.58 -91.19
C GLN O 10 84.33 18.56 -91.36
N GLN O 11 83.56 18.44 -92.43
CA GLN O 11 82.36 19.26 -92.61
C GLN O 11 81.39 19.04 -91.46
N GLU O 12 80.80 17.83 -91.39
CA GLU O 12 79.87 17.53 -90.31
C GLU O 12 80.53 17.59 -88.94
N LEU O 13 81.86 17.42 -88.88
CA LEU O 13 82.55 17.57 -87.60
C LEU O 13 82.51 19.00 -87.12
N GLU O 14 82.87 19.95 -87.99
CA GLU O 14 82.75 21.37 -87.63
C GLU O 14 81.31 21.79 -87.48
N PHE O 15 80.39 21.17 -88.24
CA PHE O 15 78.97 21.47 -88.08
C PHE O 15 78.48 21.02 -86.71
N LEU O 16 78.89 19.83 -86.28
CA LEU O 16 78.57 19.39 -84.92
C LEU O 16 79.30 20.22 -83.87
N GLU O 17 80.47 20.77 -84.20
CA GLU O 17 81.18 21.62 -83.26
C GLU O 17 80.44 22.95 -83.05
N VAL O 18 79.98 23.57 -84.13
CA VAL O 18 79.19 24.78 -83.98
C VAL O 18 77.82 24.47 -83.39
N GLN O 19 77.36 23.22 -83.51
CA GLN O 19 76.14 22.83 -82.80
C GLN O 19 76.39 22.67 -81.31
N GLU O 20 77.59 22.25 -80.92
CA GLU O 20 77.98 22.19 -79.52
C GLU O 20 77.86 23.55 -78.86
N GLU O 21 78.67 24.51 -79.32
CA GLU O 21 78.63 25.86 -78.76
C GLU O 21 77.24 26.46 -78.87
N TYR O 22 76.52 26.13 -79.96
CA TYR O 22 75.12 26.55 -80.08
C TYR O 22 74.29 26.03 -78.92
N ILE O 23 74.15 24.71 -78.81
CA ILE O 23 73.24 24.15 -77.84
C ILE O 23 73.69 24.48 -76.42
N LYS O 24 74.99 24.69 -76.23
CA LYS O 24 75.48 25.17 -74.93
C LYS O 24 74.90 26.54 -74.63
N ASP O 25 75.07 27.49 -75.55
CA ASP O 25 74.49 28.82 -75.35
C ASP O 25 72.97 28.76 -75.34
N GLU O 26 72.39 27.84 -76.13
CA GLU O 26 70.95 27.64 -76.10
C GLU O 26 70.46 27.27 -74.70
N GLN O 27 70.92 26.13 -74.18
CA GLN O 27 70.49 25.70 -72.86
C GLN O 27 71.05 26.58 -71.75
N LYS O 28 71.96 27.50 -72.05
CA LYS O 28 72.35 28.50 -71.07
C LYS O 28 71.28 29.57 -70.94
N ASN O 29 70.77 30.07 -72.08
CA ASN O 29 69.72 31.09 -72.05
C ASN O 29 68.40 30.48 -71.58
N LEU O 30 68.07 29.29 -72.06
CA LEU O 30 66.85 28.63 -71.62
C LEU O 30 66.91 28.25 -70.15
N LYS O 31 68.12 28.01 -69.62
CA LYS O 31 68.27 27.77 -68.19
C LYS O 31 67.89 29.01 -67.40
N LYS O 32 68.39 30.18 -67.81
CA LYS O 32 68.01 31.42 -67.15
C LYS O 32 66.53 31.71 -67.33
N GLU O 33 65.93 31.26 -68.43
CA GLU O 33 64.49 31.36 -68.57
C GLU O 33 63.76 30.41 -67.63
N PHE O 34 64.34 29.24 -67.35
CA PHE O 34 63.78 28.36 -66.35
C PHE O 34 63.97 28.90 -64.94
N LEU O 35 65.09 29.58 -64.68
CA LEU O 35 65.24 30.31 -63.42
C LEU O 35 64.22 31.42 -63.31
N HIS O 36 63.91 32.08 -64.43
CA HIS O 36 62.83 33.05 -64.45
C HIS O 36 61.49 32.39 -64.17
N ALA O 37 61.28 31.18 -64.72
CA ALA O 37 60.08 30.42 -64.42
C ALA O 37 60.03 30.02 -62.95
N GLN O 38 61.20 29.77 -62.35
CA GLN O 38 61.24 29.50 -60.92
C GLN O 38 60.85 30.75 -60.12
N GLU O 39 61.24 31.93 -60.60
CA GLU O 39 60.79 33.16 -59.97
C GLU O 39 59.28 33.33 -60.11
N GLU O 40 58.70 32.81 -61.18
CA GLU O 40 57.25 32.88 -61.36
C GLU O 40 56.54 31.98 -60.34
N VAL O 41 56.92 30.70 -60.30
CA VAL O 41 56.20 29.75 -59.45
C VAL O 41 56.42 30.07 -57.98
N LYS O 42 57.56 30.66 -57.63
CA LYS O 42 57.78 31.10 -56.25
C LYS O 42 57.06 32.41 -55.95
N ARG O 43 56.87 33.27 -56.96
CA ARG O 43 56.00 34.43 -56.78
C ARG O 43 54.55 33.99 -56.65
N ILE O 44 54.11 33.11 -57.53
CA ILE O 44 52.79 32.50 -57.41
C ILE O 44 52.67 31.86 -56.03
N GLN O 45 51.61 32.22 -55.31
CA GLN O 45 50.66 33.22 -55.80
C GLN O 45 50.39 34.32 -54.78
N SER O 46 49.85 33.93 -53.63
CA SER O 46 49.34 34.85 -52.63
C SER O 46 49.69 34.31 -51.25
N ILE O 47 49.97 35.12 -50.21
CA ILE O 47 50.02 36.60 -50.14
C ILE O 47 48.92 37.42 -50.85
N PRO O 48 47.73 37.51 -50.21
CA PRO O 48 47.22 36.73 -49.08
C PRO O 48 46.59 35.41 -49.49
N LEU O 49 46.75 34.38 -48.66
CA LEU O 49 46.30 33.05 -49.03
C LEU O 49 45.38 32.51 -47.95
N VAL O 50 44.19 32.04 -48.35
CA VAL O 50 43.23 31.53 -47.37
C VAL O 50 43.59 30.10 -46.99
N ILE O 51 43.83 29.89 -45.70
CA ILE O 51 44.09 28.56 -45.18
C ILE O 51 42.77 27.83 -45.02
N GLY O 52 42.81 26.50 -45.13
CA GLY O 52 41.58 25.72 -45.15
C GLY O 52 41.78 24.38 -44.47
N GLN O 53 40.66 23.70 -44.26
CA GLN O 53 40.61 22.53 -43.38
C GLN O 53 40.84 21.26 -44.20
N PHE O 54 41.98 20.62 -44.00
CA PHE O 54 42.41 19.52 -44.84
C PHE O 54 42.01 18.18 -44.24
N LEU O 55 41.64 17.24 -45.11
CA LEU O 55 41.13 15.94 -44.69
C LEU O 55 42.07 14.80 -45.08
N GLU O 56 42.30 14.57 -46.37
CA GLU O 56 43.18 13.49 -46.81
C GLU O 56 43.69 13.78 -48.21
N ALA O 57 44.74 13.06 -48.59
CA ALA O 57 45.27 13.06 -49.95
C ALA O 57 44.76 11.82 -50.67
N VAL O 58 43.97 12.01 -51.73
CA VAL O 58 43.30 10.88 -52.35
C VAL O 58 44.26 10.07 -53.22
N ASP O 59 45.05 10.72 -54.07
CA ASP O 59 46.00 10.01 -54.92
C ASP O 59 47.05 11.00 -55.41
N GLN O 60 47.86 10.56 -56.37
CA GLN O 60 49.02 11.32 -56.84
C GLN O 60 48.64 12.72 -57.30
N ASN O 61 49.37 13.72 -56.79
CA ASN O 61 49.33 15.11 -57.22
C ASN O 61 48.03 15.82 -56.91
N THR O 62 47.03 15.14 -56.37
CA THR O 62 45.78 15.78 -55.99
C THR O 62 45.37 15.30 -54.60
N ALA O 63 44.26 15.85 -54.10
CA ALA O 63 43.81 15.61 -52.74
C ALA O 63 42.47 16.32 -52.56
N ILE O 64 41.82 16.05 -51.42
CA ILE O 64 40.55 16.68 -51.07
C ILE O 64 40.75 17.52 -49.83
N VAL O 65 40.13 18.70 -49.82
CA VAL O 65 40.29 19.64 -48.72
C VAL O 65 38.99 20.43 -48.54
N GLY O 66 38.63 20.68 -47.29
CA GLY O 66 37.62 21.67 -47.01
C GLY O 66 38.26 23.04 -46.82
N SER O 67 37.54 24.08 -47.22
CA SER O 67 38.01 25.42 -46.94
C SER O 67 37.74 25.75 -45.48
N THR O 68 38.13 26.96 -45.07
CA THR O 68 37.68 27.43 -43.77
C THR O 68 36.19 27.75 -43.78
N THR O 69 35.57 27.76 -44.96
CA THR O 69 34.13 27.79 -45.12
C THR O 69 33.51 26.39 -45.18
N GLY O 70 34.33 25.34 -45.01
CA GLY O 70 33.83 23.99 -44.87
C GLY O 70 33.19 23.33 -46.07
N SER O 71 33.91 23.25 -47.19
CA SER O 71 33.44 22.54 -48.37
C SER O 71 34.57 21.72 -48.97
N ASN O 72 34.34 20.43 -49.13
CA ASN O 72 35.36 19.55 -49.70
C ASN O 72 35.61 19.88 -51.16
N TYR O 73 36.88 19.80 -51.58
CA TYR O 73 37.32 20.20 -52.91
C TYR O 73 38.15 19.10 -53.53
N TYR O 74 38.41 19.22 -54.83
CA TYR O 74 39.34 18.33 -55.52
C TYR O 74 40.29 19.19 -56.33
N VAL O 75 41.58 19.19 -55.96
CA VAL O 75 42.54 20.08 -56.58
C VAL O 75 43.84 19.33 -56.83
N ARG O 76 44.41 19.55 -58.00
CA ARG O 76 45.78 19.12 -58.25
C ARG O 76 46.74 19.97 -57.40
N ILE O 77 47.58 19.29 -56.62
CA ILE O 77 48.41 19.97 -55.64
C ILE O 77 49.58 20.70 -56.32
N LEU O 78 50.17 21.63 -55.59
CA LEU O 78 51.41 22.27 -56.02
C LEU O 78 52.46 21.23 -56.36
N SER O 79 53.18 21.47 -57.45
CA SER O 79 53.99 20.42 -58.07
C SER O 79 55.20 20.05 -57.21
N THR O 80 55.95 21.04 -56.75
CA THR O 80 57.26 20.76 -56.17
C THR O 80 57.15 20.04 -54.82
N ILE O 81 56.07 20.25 -54.07
CA ILE O 81 55.84 19.53 -52.83
C ILE O 81 54.62 18.65 -53.03
N ASP O 82 54.85 17.33 -53.18
CA ASP O 82 53.74 16.40 -53.30
C ASP O 82 53.20 15.95 -51.94
N ARG O 83 54.08 15.50 -51.05
CA ARG O 83 53.65 14.67 -49.93
C ARG O 83 54.19 15.10 -48.57
N GLU O 84 55.52 15.06 -48.42
CA GLU O 84 56.16 14.91 -47.12
C GLU O 84 55.58 15.82 -46.04
N LEU O 85 55.36 17.09 -46.35
CA LEU O 85 54.80 18.01 -45.36
C LEU O 85 53.29 18.13 -45.44
N LEU O 86 52.65 17.53 -46.45
CA LEU O 86 51.21 17.67 -46.60
C LEU O 86 50.46 16.93 -45.49
N LYS O 87 50.82 15.67 -45.26
CA LYS O 87 50.32 14.84 -44.16
C LYS O 87 48.83 14.52 -44.34
N PRO O 88 48.30 13.51 -43.66
CA PRO O 88 46.85 13.28 -43.72
C PRO O 88 46.03 14.44 -43.20
N ASN O 89 46.37 14.97 -42.03
CA ASN O 89 45.60 16.03 -41.38
C ASN O 89 46.48 17.24 -41.14
N ALA O 90 46.11 18.37 -41.76
CA ALA O 90 46.77 19.64 -41.57
C ALA O 90 45.78 20.73 -41.95
N SER O 91 46.27 21.97 -42.06
CA SER O 91 45.49 23.07 -42.61
C SER O 91 46.30 23.69 -43.73
N VAL O 92 45.83 23.53 -44.96
CA VAL O 92 46.58 23.94 -46.14
C VAL O 92 46.02 25.26 -46.65
N ALA O 93 46.93 26.19 -46.97
CA ALA O 93 46.52 27.49 -47.48
C ALA O 93 46.10 27.35 -48.94
N LEU O 94 44.90 27.81 -49.25
CA LEU O 94 44.29 27.57 -50.56
C LEU O 94 44.40 28.83 -51.41
N HIS O 95 44.59 28.65 -52.71
CA HIS O 95 44.76 29.75 -53.64
C HIS O 95 43.59 30.73 -53.54
N LYS O 96 43.92 32.02 -53.61
CA LYS O 96 42.90 33.07 -53.59
C LYS O 96 41.75 32.77 -54.54
N HIS O 97 42.02 32.78 -55.84
CA HIS O 97 40.98 32.50 -56.85
C HIS O 97 40.58 31.03 -56.92
N SER O 98 41.56 30.14 -57.15
CA SER O 98 41.28 28.75 -57.47
C SER O 98 41.03 27.87 -56.25
N ASN O 99 41.56 28.23 -55.09
CA ASN O 99 41.68 27.33 -53.93
C ASN O 99 42.57 26.15 -54.26
N ALA O 100 43.72 26.42 -54.85
CA ALA O 100 44.66 25.37 -55.21
C ALA O 100 45.43 24.87 -53.99
N LEU O 101 45.80 23.59 -54.02
CA LEU O 101 46.58 23.00 -52.95
C LEU O 101 48.04 23.40 -53.11
N VAL O 102 48.57 24.10 -52.11
CA VAL O 102 49.86 24.76 -52.22
C VAL O 102 50.76 24.36 -51.07
N ASP O 103 50.44 24.82 -49.86
CA ASP O 103 51.27 24.56 -48.70
C ASP O 103 50.41 24.64 -47.45
N VAL O 104 50.83 23.92 -46.41
CA VAL O 104 50.15 23.96 -45.12
C VAL O 104 50.83 24.96 -44.22
N LEU O 105 50.43 24.99 -42.96
CA LEU O 105 51.00 25.88 -41.96
C LEU O 105 52.31 25.28 -41.45
N PRO O 106 53.02 25.97 -40.53
CA PRO O 106 54.31 25.42 -40.05
C PRO O 106 54.31 23.93 -39.67
N PRO O 107 53.25 23.42 -39.02
CA PRO O 107 52.19 23.97 -38.17
C PRO O 107 52.66 24.11 -36.71
N GLU O 108 52.05 24.96 -35.87
CA GLU O 108 51.11 26.03 -36.23
C GLU O 108 51.08 27.01 -35.06
N ALA O 109 50.59 28.23 -35.29
CA ALA O 109 50.15 29.06 -34.17
C ALA O 109 48.75 28.68 -33.71
N ASP O 110 48.06 27.84 -34.46
CA ASP O 110 46.69 27.35 -34.24
C ASP O 110 45.73 28.53 -34.16
N SER O 111 44.70 28.44 -33.31
CA SER O 111 43.63 29.44 -33.35
C SER O 111 43.21 29.97 -31.99
N SER O 112 42.42 29.17 -31.28
CA SER O 112 41.84 29.54 -30.00
C SER O 112 42.77 29.50 -28.79
N ILE O 113 42.16 29.48 -27.62
CA ILE O 113 42.83 29.43 -26.31
C ILE O 113 44.19 30.15 -26.13
N MET O 114 45.18 29.85 -26.96
CA MET O 114 46.00 28.65 -26.89
C MET O 114 46.93 28.53 -25.68
N MET O 115 46.51 27.74 -24.70
CA MET O 115 47.28 27.43 -23.47
C MET O 115 47.75 28.55 -22.54
N LEU O 116 48.51 28.13 -21.53
CA LEU O 116 49.09 28.99 -20.50
C LEU O 116 48.21 28.94 -19.26
N THR O 117 47.60 30.07 -18.89
CA THR O 117 46.69 30.23 -17.75
C THR O 117 47.38 30.05 -16.41
N SER O 118 48.66 29.67 -16.39
CA SER O 118 49.43 29.58 -15.15
C SER O 118 50.42 30.73 -15.03
N ASP O 119 51.38 30.83 -15.95
CA ASP O 119 52.30 31.96 -15.95
C ASP O 119 51.55 33.27 -16.18
N GLN O 120 50.45 33.24 -16.92
CA GLN O 120 49.58 34.39 -17.06
C GLN O 120 48.44 34.38 -16.05
N LYS O 121 48.42 33.41 -15.14
CA LYS O 121 47.48 33.35 -14.01
C LYS O 121 46.06 32.99 -14.48
N PRO O 122 45.22 32.48 -13.55
CA PRO O 122 45.47 32.28 -12.12
C PRO O 122 46.08 30.93 -11.74
N ASP O 123 46.40 30.79 -10.46
CA ASP O 123 46.85 29.52 -9.88
C ASP O 123 46.48 29.54 -8.40
N VAL O 124 46.07 28.38 -7.89
CA VAL O 124 45.61 28.27 -6.51
C VAL O 124 46.25 27.04 -5.88
N MET O 125 46.79 27.18 -4.67
CA MET O 125 47.50 26.10 -4.01
C MET O 125 46.53 25.04 -3.49
N TYR O 126 46.79 23.78 -3.85
CA TYR O 126 45.92 22.69 -3.41
C TYR O 126 46.24 22.23 -2.00
N ALA O 127 47.45 22.54 -1.52
CA ALA O 127 47.93 21.97 -0.25
C ALA O 127 47.07 22.38 0.93
N ASP O 128 46.19 23.37 0.77
CA ASP O 128 45.32 23.77 1.87
C ASP O 128 44.31 22.68 2.20
N ILE O 129 43.73 22.04 1.19
CA ILE O 129 42.69 21.05 1.38
C ILE O 129 43.32 19.66 1.31
N GLY O 130 43.33 18.95 2.44
CA GLY O 130 43.87 17.61 2.49
C GLY O 130 42.81 16.52 2.61
N GLY O 131 41.54 16.92 2.68
CA GLY O 131 40.49 15.93 2.80
C GLY O 131 40.29 15.07 1.57
N MET O 132 40.83 15.50 0.43
CA MET O 132 40.68 14.80 -0.83
C MET O 132 41.82 13.84 -1.13
N ASP O 133 42.70 13.60 -0.15
CA ASP O 133 43.89 12.77 -0.37
C ASP O 133 43.56 11.46 -1.08
N ILE O 134 42.56 10.73 -0.58
CA ILE O 134 42.21 9.47 -1.22
C ILE O 134 41.58 9.71 -2.59
N GLN O 135 40.95 10.86 -2.80
CA GLN O 135 40.49 11.23 -4.14
C GLN O 135 41.65 11.65 -5.04
N LYS O 136 42.73 12.16 -4.45
CA LYS O 136 43.93 12.47 -5.20
C LYS O 136 44.78 11.23 -5.48
N GLN O 137 44.50 10.12 -4.79
CA GLN O 137 45.30 8.91 -4.97
C GLN O 137 45.28 8.45 -6.43
N GLU O 138 44.12 8.54 -7.08
CA GLU O 138 44.03 8.32 -8.51
C GLU O 138 44.92 9.32 -9.24
N VAL O 139 44.60 10.62 -9.13
CA VAL O 139 45.34 11.67 -9.80
C VAL O 139 46.83 11.58 -9.50
N ARG O 140 47.19 11.09 -8.30
CA ARG O 140 48.59 10.86 -7.98
C ARG O 140 49.24 9.93 -9.00
N GLU O 141 48.75 8.70 -9.11
CA GLU O 141 49.33 7.74 -10.03
C GLU O 141 48.88 7.94 -11.47
N ALA O 142 47.79 8.67 -11.71
CA ALA O 142 47.21 8.80 -13.03
C ALA O 142 47.66 10.04 -13.80
N VAL O 143 48.56 10.84 -13.24
CA VAL O 143 48.95 12.08 -13.91
C VAL O 143 50.47 12.17 -14.09
N GLU O 144 51.19 12.30 -12.98
CA GLU O 144 52.63 12.59 -13.04
C GLU O 144 53.40 11.55 -13.85
N LEU O 145 53.42 10.30 -13.39
CA LEU O 145 54.16 9.26 -14.13
C LEU O 145 53.59 8.98 -15.51
N PRO O 146 52.27 8.97 -15.75
CA PRO O 146 51.80 8.82 -17.14
C PRO O 146 52.39 9.84 -18.10
N LEU O 147 52.56 11.09 -17.67
CA LEU O 147 53.16 12.10 -18.53
C LEU O 147 54.67 11.96 -18.60
N THR O 148 55.33 11.83 -17.45
CA THR O 148 56.78 11.85 -17.42
C THR O 148 57.41 10.52 -17.82
N HIS O 149 56.65 9.43 -17.81
CA HIS O 149 57.16 8.15 -18.29
C HIS O 149 56.14 7.53 -19.24
N PHE O 150 56.49 7.44 -20.52
CA PHE O 150 55.83 6.52 -21.44
C PHE O 150 56.54 5.18 -21.51
N GLU O 151 57.77 5.10 -21.00
CA GLU O 151 58.59 3.90 -21.13
C GLU O 151 58.20 2.85 -20.11
N LEU O 152 57.86 3.28 -18.89
CA LEU O 152 57.47 2.35 -17.83
C LEU O 152 56.24 1.54 -18.24
N TYR O 153 55.41 2.08 -19.13
CA TYR O 153 54.23 1.34 -19.58
C TYR O 153 54.58 0.26 -20.59
N LYS O 154 55.77 0.32 -21.21
CA LYS O 154 56.24 -0.82 -21.98
C LYS O 154 56.78 -1.91 -21.05
N GLN O 155 57.37 -1.50 -19.92
CA GLN O 155 58.01 -2.44 -19.00
C GLN O 155 56.99 -3.22 -18.18
N ILE O 156 55.92 -2.57 -17.72
CA ILE O 156 54.95 -3.23 -16.86
C ILE O 156 54.06 -4.20 -17.63
N GLY O 157 53.88 -3.96 -18.93
CA GLY O 157 52.95 -4.75 -19.71
C GLY O 157 51.51 -4.29 -19.64
N ILE O 158 51.25 -3.14 -19.03
CA ILE O 158 49.91 -2.56 -18.94
C ILE O 158 49.91 -1.21 -19.66
N ASP O 159 48.88 -0.97 -20.45
CA ASP O 159 48.79 0.28 -21.22
C ASP O 159 48.20 1.38 -20.36
N PRO O 160 48.74 2.60 -20.41
CA PRO O 160 48.19 3.69 -19.61
C PRO O 160 46.81 4.08 -20.11
N PRO O 161 45.83 4.16 -19.21
CA PRO O 161 44.49 4.60 -19.63
C PRO O 161 44.41 6.11 -19.77
N ARG O 162 43.51 6.53 -20.66
CA ARG O 162 43.11 7.93 -20.73
C ARG O 162 41.92 8.23 -19.85
N GLY O 163 41.36 7.22 -19.18
CA GLY O 163 40.17 7.43 -18.39
C GLY O 163 40.44 8.20 -17.12
N VAL O 164 39.71 9.30 -16.93
CA VAL O 164 39.60 10.01 -15.66
C VAL O 164 38.20 10.56 -15.58
N LEU O 165 37.59 10.50 -14.39
CA LEU O 165 36.24 11.02 -14.19
C LEU O 165 36.23 11.94 -12.98
N MET O 166 35.21 12.78 -12.90
CA MET O 166 34.86 13.53 -11.70
C MET O 166 33.34 13.66 -11.66
N TYR O 167 32.82 13.95 -10.47
CA TYR O 167 31.38 13.80 -10.25
C TYR O 167 31.05 14.30 -8.85
N GLY O 168 29.75 14.56 -8.63
CA GLY O 168 29.26 14.90 -7.32
C GLY O 168 28.90 16.36 -7.01
N PRO O 169 29.30 17.34 -7.86
CA PRO O 169 29.20 18.69 -7.30
C PRO O 169 27.79 19.25 -7.14
N PRO O 170 27.53 19.97 -6.04
CA PRO O 170 28.40 20.09 -4.86
C PRO O 170 28.30 18.88 -3.95
N GLY O 171 29.35 18.55 -3.17
CA GLY O 171 30.57 19.31 -3.11
C GLY O 171 31.43 19.25 -4.37
N CYS O 172 31.97 20.40 -4.76
CA CYS O 172 32.52 20.54 -6.10
C CYS O 172 33.90 19.89 -6.22
N GLY O 173 34.91 20.50 -5.62
CA GLY O 173 36.27 20.06 -5.93
C GLY O 173 36.53 20.33 -7.40
N LYS O 174 36.83 19.27 -8.14
CA LYS O 174 36.77 19.30 -9.61
C LYS O 174 37.63 20.38 -10.24
N THR O 175 36.98 21.35 -10.88
CA THR O 175 37.69 22.38 -11.66
C THR O 175 38.84 22.99 -10.89
N MET O 176 38.64 23.25 -9.59
CA MET O 176 39.73 23.80 -8.79
C MET O 176 40.83 22.77 -8.54
N LEU O 177 40.48 21.49 -8.48
CA LEU O 177 41.50 20.44 -8.40
C LEU O 177 42.28 20.32 -9.70
N ALA O 178 41.67 20.69 -10.82
CA ALA O 178 42.40 20.75 -12.08
C ALA O 178 43.37 21.91 -12.11
N LYS O 179 43.10 22.97 -11.34
CA LYS O 179 44.04 24.08 -11.23
C LYS O 179 45.28 23.67 -10.45
N ALA O 180 45.17 22.65 -9.61
CA ALA O 180 46.24 22.22 -8.72
C ALA O 180 47.51 21.84 -9.48
N VAL O 181 47.45 20.75 -10.25
CA VAL O 181 48.64 20.20 -10.87
C VAL O 181 49.29 21.16 -11.86
N ALA O 182 48.61 22.27 -12.19
CA ALA O 182 49.23 23.33 -12.96
C ALA O 182 50.39 24.00 -12.21
N HIS O 183 50.50 23.79 -10.90
CA HIS O 183 51.66 24.28 -10.16
C HIS O 183 52.94 23.62 -10.66
N HIS O 184 52.97 22.29 -10.66
CA HIS O 184 54.19 21.52 -10.88
C HIS O 184 54.33 21.08 -12.34
N THR O 185 53.44 20.21 -12.81
CA THR O 185 53.51 19.76 -14.19
C THR O 185 53.26 20.93 -15.13
N THR O 186 54.18 21.15 -16.06
CA THR O 186 54.09 22.25 -17.01
C THR O 186 53.58 21.70 -18.33
N ALA O 187 52.35 22.07 -18.68
CA ALA O 187 51.71 21.58 -19.89
C ALA O 187 50.59 22.55 -20.25
N ALA O 188 49.86 22.22 -21.30
CA ALA O 188 48.70 23.02 -21.67
C ALA O 188 47.61 22.87 -20.61
N PHE O 189 46.85 23.94 -20.41
CA PHE O 189 45.62 23.88 -19.63
C PHE O 189 44.57 24.71 -20.36
N ILE O 190 43.49 24.07 -20.80
CA ILE O 190 42.47 24.69 -21.63
C ILE O 190 41.17 24.66 -20.86
N ARG O 191 40.61 25.83 -20.58
CA ARG O 191 39.27 25.89 -20.02
C ARG O 191 38.26 25.74 -21.16
N VAL O 192 37.47 24.67 -21.11
CA VAL O 192 36.51 24.37 -22.16
C VAL O 192 35.31 23.66 -21.56
N VAL O 193 34.14 24.00 -22.05
CA VAL O 193 32.87 23.41 -21.63
C VAL O 193 32.27 22.73 -22.84
N GLY O 194 31.03 22.25 -22.72
CA GLY O 194 30.32 21.79 -23.90
C GLY O 194 29.67 22.91 -24.69
N SER O 195 29.22 23.96 -24.00
CA SER O 195 28.40 24.99 -24.64
C SER O 195 29.16 26.25 -25.05
N GLU O 196 30.44 26.40 -24.70
CA GLU O 196 31.15 27.61 -25.09
C GLU O 196 31.66 27.52 -26.52
N PHE O 197 31.97 26.32 -26.99
CA PHE O 197 32.45 26.13 -28.35
C PHE O 197 31.32 25.85 -29.33
N VAL O 198 30.07 25.89 -28.87
CA VAL O 198 28.94 25.92 -29.79
C VAL O 198 29.05 27.16 -30.66
N GLN O 199 28.78 27.01 -31.95
CA GLN O 199 28.97 28.09 -32.91
C GLN O 199 27.69 28.28 -33.71
N LYS O 200 27.71 29.28 -34.60
CA LYS O 200 26.68 29.45 -35.60
C LYS O 200 26.94 28.62 -36.85
N TYR O 201 28.15 28.08 -36.99
CA TYR O 201 28.52 27.22 -38.11
C TYR O 201 29.02 25.89 -37.56
N LEU O 202 28.69 24.82 -38.28
CA LEU O 202 28.95 23.48 -37.75
C LEU O 202 30.43 23.10 -37.87
N GLY O 203 31.10 23.58 -38.92
CA GLY O 203 32.45 23.13 -39.21
C GLY O 203 33.52 23.64 -38.25
N GLU O 204 33.17 24.58 -37.35
CA GLU O 204 34.17 25.14 -36.44
C GLU O 204 34.63 24.12 -35.40
N GLY O 205 33.86 23.06 -35.17
CA GLY O 205 34.22 22.05 -34.20
C GLY O 205 35.57 21.44 -34.46
N PRO O 206 35.78 20.86 -35.65
CA PRO O 206 37.12 20.39 -35.99
C PRO O 206 38.09 21.54 -36.23
N ARG O 207 37.60 22.71 -36.63
CA ARG O 207 38.46 23.90 -36.60
C ARG O 207 38.89 24.20 -35.18
N MET O 208 38.24 23.62 -34.18
CA MET O 208 38.70 23.62 -32.81
C MET O 208 39.23 22.26 -32.39
N VAL O 209 38.36 21.24 -32.31
CA VAL O 209 38.74 19.98 -31.67
C VAL O 209 39.75 19.20 -32.50
N ARG O 210 39.62 19.22 -33.83
CA ARG O 210 40.67 18.61 -34.65
C ARG O 210 41.95 19.43 -34.55
N ASP O 211 41.81 20.76 -34.45
CA ASP O 211 42.97 21.59 -34.15
C ASP O 211 43.42 21.42 -32.71
N VAL O 212 42.47 21.22 -31.79
CA VAL O 212 42.80 20.97 -30.38
C VAL O 212 43.73 19.77 -30.27
N PHE O 213 43.48 18.72 -31.04
CA PHE O 213 44.36 17.55 -30.99
C PHE O 213 45.70 17.86 -31.64
N ARG O 214 45.68 18.44 -32.84
CA ARG O 214 46.94 18.76 -33.52
C ARG O 214 47.70 19.89 -32.82
N LEU O 215 47.02 20.74 -32.06
CA LEU O 215 47.74 21.73 -31.26
C LEU O 215 48.28 21.11 -29.97
N ALA O 216 47.63 20.06 -29.47
CA ALA O 216 48.08 19.43 -28.23
C ALA O 216 49.31 18.56 -28.49
N LYS O 217 49.15 17.53 -29.32
CA LYS O 217 50.24 16.59 -29.56
C LYS O 217 51.46 17.26 -30.18
N GLU O 218 51.26 18.34 -30.94
CA GLU O 218 52.40 19.06 -31.51
C GLU O 218 53.07 19.97 -30.50
N ASN O 219 52.29 20.57 -29.60
CA ASN O 219 52.83 21.34 -28.48
C ASN O 219 53.09 20.45 -27.26
N ALA O 220 52.87 19.14 -27.38
CA ALA O 220 53.09 18.20 -26.30
C ALA O 220 54.53 18.24 -25.80
N PRO O 221 54.75 17.94 -24.50
CA PRO O 221 53.79 17.54 -23.46
C PRO O 221 52.70 18.57 -23.16
N ALA O 222 51.45 18.11 -23.19
CA ALA O 222 50.31 19.00 -23.01
C ALA O 222 49.16 18.21 -22.39
N ILE O 223 48.28 18.93 -21.70
CA ILE O 223 47.11 18.35 -21.04
C ILE O 223 45.91 19.23 -21.36
N ILE O 224 44.74 18.61 -21.44
CA ILE O 224 43.50 19.33 -21.68
C ILE O 224 42.40 18.78 -20.80
N PHE O 225 41.75 19.65 -20.04
CA PHE O 225 40.58 19.32 -19.25
C PHE O 225 39.36 20.04 -19.82
N ILE O 226 38.31 19.28 -20.12
CA ILE O 226 37.05 19.86 -20.56
C ILE O 226 36.15 19.95 -19.33
N ASP O 227 35.88 21.18 -18.89
CA ASP O 227 35.04 21.39 -17.72
C ASP O 227 33.58 21.18 -18.09
N GLU O 228 32.91 20.26 -17.37
CA GLU O 228 31.50 19.96 -17.59
C GLU O 228 31.27 19.50 -19.04
N ILE O 229 31.76 18.30 -19.32
CA ILE O 229 31.58 17.69 -20.64
C ILE O 229 30.14 17.24 -20.87
N ASP O 230 29.31 17.26 -19.84
CA ASP O 230 27.97 16.68 -19.91
C ASP O 230 27.02 17.45 -20.81
N ALA O 231 27.42 18.65 -21.27
CA ALA O 231 26.51 19.45 -22.09
C ALA O 231 26.32 18.84 -23.47
N ILE O 232 27.33 18.13 -23.99
CA ILE O 232 27.26 17.59 -25.35
C ILE O 232 26.77 16.15 -25.41
N ALA O 233 26.40 15.56 -24.28
CA ALA O 233 25.97 14.16 -24.24
C ALA O 233 24.46 14.00 -24.45
N THR O 234 23.72 15.08 -24.69
CA THR O 234 22.28 14.99 -24.80
C THR O 234 21.87 14.20 -26.04
N LYS O 235 20.85 13.35 -25.88
CA LYS O 235 20.27 12.62 -26.99
C LYS O 235 19.21 13.50 -27.67
N ARG O 236 19.36 13.69 -28.98
CA ARG O 236 18.46 14.59 -29.70
C ARG O 236 18.43 14.20 -31.18
N PHE O 237 17.40 14.67 -31.87
CA PHE O 237 17.09 14.28 -33.24
C PHE O 237 17.08 15.46 -34.21
N ASP O 238 16.23 16.46 -33.97
CA ASP O 238 15.85 17.44 -34.99
C ASP O 238 17.06 18.06 -35.68
N ALA O 239 16.92 18.25 -37.01
CA ALA O 239 18.01 18.70 -37.86
C ALA O 239 18.49 20.12 -37.56
N GLN O 240 17.73 20.89 -36.77
CA GLN O 240 18.29 22.14 -36.25
C GLN O 240 19.49 21.85 -35.36
N THR O 241 19.37 20.82 -34.52
CA THR O 241 20.52 20.23 -33.85
C THR O 241 21.38 19.40 -34.80
N GLY O 242 20.99 19.25 -36.06
CA GLY O 242 21.84 18.57 -37.03
C GLY O 242 23.25 19.14 -37.06
N ALA O 243 23.37 20.44 -36.82
CA ALA O 243 24.70 21.00 -36.56
C ALA O 243 25.27 20.45 -35.26
N ASP O 244 24.47 20.45 -34.19
CA ASP O 244 24.89 19.83 -32.94
C ASP O 244 25.06 18.32 -33.11
N ARG O 245 24.16 17.69 -33.86
CA ARG O 245 24.39 16.31 -34.28
C ARG O 245 25.73 16.19 -34.96
N GLU O 246 26.10 17.21 -35.74
CA GLU O 246 27.43 17.23 -36.34
C GLU O 246 28.49 17.59 -35.31
N VAL O 247 28.16 18.40 -34.30
CA VAL O 247 29.14 18.65 -33.24
C VAL O 247 29.21 17.48 -32.26
N GLN O 248 28.15 16.66 -32.17
CA GLN O 248 28.30 15.37 -31.53
C GLN O 248 28.76 14.30 -32.50
N ARG O 249 28.73 14.59 -33.81
CA ARG O 249 29.60 13.90 -34.75
C ARG O 249 31.01 14.46 -34.70
N ILE O 250 31.15 15.74 -34.35
CA ILE O 250 32.46 16.29 -34.00
C ILE O 250 32.93 15.70 -32.69
N LEU O 251 32.04 15.62 -31.70
CA LEU O 251 32.34 14.82 -30.51
C LEU O 251 32.69 13.40 -30.89
N LEU O 252 32.02 12.87 -31.92
CA LEU O 252 32.43 11.60 -32.50
C LEU O 252 33.72 11.75 -33.31
N GLU O 253 33.85 12.86 -34.05
CA GLU O 253 35.08 13.11 -34.79
C GLU O 253 36.26 13.37 -33.86
N LEU O 254 36.01 14.03 -32.72
CA LEU O 254 37.05 14.12 -31.71
C LEU O 254 37.18 12.81 -30.94
N LEU O 255 36.09 12.06 -30.81
CA LEU O 255 36.20 10.69 -30.31
C LEU O 255 37.05 9.84 -31.24
N ASN O 256 36.87 10.02 -32.55
CA ASN O 256 37.65 9.35 -33.58
C ASN O 256 39.14 9.66 -33.45
N GLN O 257 39.50 10.93 -33.63
CA GLN O 257 40.89 11.33 -33.81
C GLN O 257 41.63 11.57 -32.51
N MET O 258 40.98 11.40 -31.34
CA MET O 258 41.74 11.46 -30.09
C MET O 258 42.50 10.17 -29.82
N ASP O 259 42.01 9.05 -30.37
CA ASP O 259 42.71 7.78 -30.20
C ASP O 259 44.03 7.74 -30.97
N GLY O 260 44.29 8.73 -31.82
CA GLY O 260 45.61 8.87 -32.42
C GLY O 260 46.69 9.20 -31.41
N PHE O 261 46.29 9.61 -30.20
CA PHE O 261 47.26 9.80 -29.12
C PHE O 261 47.98 8.50 -28.80
N ASP O 262 47.33 7.36 -29.03
CA ASP O 262 47.97 6.07 -28.83
C ASP O 262 48.98 5.83 -29.94
N GLN O 263 50.23 5.59 -29.57
CA GLN O 263 50.64 5.56 -28.17
C GLN O 263 51.54 6.76 -27.84
N ASN O 264 52.04 6.77 -26.60
CA ASN O 264 52.98 7.78 -26.12
C ASN O 264 52.38 9.19 -26.10
N VAL O 265 53.04 10.11 -26.80
CA VAL O 265 52.84 11.54 -26.63
C VAL O 265 51.61 12.06 -27.42
N ASN O 266 50.68 12.76 -26.78
CA ASN O 266 50.51 12.88 -25.32
C ASN O 266 49.06 13.27 -25.05
N VAL O 267 48.59 13.01 -23.83
CA VAL O 267 47.34 13.56 -23.32
C VAL O 267 47.11 13.12 -21.89
N LYS O 268 46.28 13.86 -21.17
CA LYS O 268 45.57 13.39 -19.98
C LYS O 268 44.11 13.73 -20.21
N VAL O 269 43.28 12.71 -20.40
CA VAL O 269 41.85 12.94 -20.61
C VAL O 269 41.19 12.88 -19.24
N ILE O 270 40.77 14.04 -18.75
CA ILE O 270 40.20 14.17 -17.42
C ILE O 270 38.81 14.77 -17.59
N MET O 271 37.84 14.21 -16.87
CA MET O 271 36.45 14.45 -17.19
C MET O 271 35.68 14.73 -15.91
N ALA O 272 34.61 15.52 -16.05
CA ALA O 272 33.77 15.85 -14.90
C ALA O 272 32.34 16.03 -15.36
N THR O 273 31.41 15.54 -14.54
CA THR O 273 29.98 15.76 -14.76
C THR O 273 29.28 15.74 -13.42
N ASN O 274 28.28 16.60 -13.26
CA ASN O 274 27.44 16.51 -12.06
C ASN O 274 26.31 15.51 -12.22
N ARG O 275 26.02 15.07 -13.44
CA ARG O 275 25.00 14.08 -13.72
C ARG O 275 25.51 13.14 -14.81
N ALA O 276 25.41 11.83 -14.55
CA ALA O 276 25.94 10.81 -15.44
C ALA O 276 24.90 10.25 -16.40
N ASP O 277 23.70 10.82 -16.44
CA ASP O 277 22.58 10.25 -17.18
C ASP O 277 22.87 10.07 -18.68
N THR O 278 23.05 11.15 -19.41
CA THR O 278 23.06 11.11 -20.87
C THR O 278 24.42 10.76 -21.46
N LEU O 279 25.44 10.50 -20.65
CA LEU O 279 26.74 10.13 -21.19
C LEU O 279 26.64 8.83 -21.98
N ASP O 280 27.08 8.88 -23.23
CA ASP O 280 26.91 7.77 -24.15
C ASP O 280 27.87 6.63 -23.80
N PRO O 281 27.51 5.39 -24.16
CA PRO O 281 28.43 4.26 -23.90
C PRO O 281 29.77 4.42 -24.60
N ALA O 282 29.79 5.00 -25.80
CA ALA O 282 31.04 5.25 -26.50
C ALA O 282 31.88 6.34 -25.85
N LEU O 283 31.29 7.15 -24.97
CA LEU O 283 32.07 8.11 -24.20
C LEU O 283 32.77 7.46 -23.03
N LEU O 284 32.16 6.45 -22.43
CA LEU O 284 32.76 5.62 -21.39
C LEU O 284 33.47 4.40 -21.96
N ARG O 285 33.60 4.32 -23.29
CA ARG O 285 34.12 3.19 -24.05
C ARG O 285 35.43 2.68 -23.48
N PRO O 286 35.66 1.37 -23.50
CA PRO O 286 36.98 0.85 -23.11
C PRO O 286 38.08 1.51 -23.93
N GLY O 287 39.10 2.00 -23.24
CA GLY O 287 40.10 2.83 -23.89
C GLY O 287 39.74 4.30 -23.94
N ARG O 288 38.68 4.71 -23.25
CA ARG O 288 38.31 6.12 -23.17
C ARG O 288 38.19 6.56 -21.72
N LEU O 289 37.21 6.03 -21.00
CA LEU O 289 37.17 6.17 -19.55
C LEU O 289 37.35 4.78 -18.94
N ASP O 290 38.56 4.51 -18.46
CA ASP O 290 38.85 3.30 -17.69
C ASP O 290 38.96 3.56 -16.20
N ARG O 291 38.87 4.82 -15.77
CA ARG O 291 39.05 5.19 -14.37
C ARG O 291 37.96 6.18 -13.99
N LYS O 292 37.24 5.87 -12.92
CA LYS O 292 36.13 6.71 -12.46
C LYS O 292 36.44 7.25 -11.08
N ILE O 293 36.43 8.58 -10.95
CA ILE O 293 36.46 9.26 -9.68
C ILE O 293 35.06 9.81 -9.41
N GLU O 294 34.57 9.59 -8.20
CA GLU O 294 33.30 10.13 -7.75
C GLU O 294 33.58 11.16 -6.68
N PHE O 295 32.54 11.69 -6.06
CA PHE O 295 32.76 12.62 -4.96
C PHE O 295 32.65 11.87 -3.64
N PRO O 296 33.76 11.58 -2.96
CA PRO O 296 33.67 11.10 -1.59
C PRO O 296 33.25 12.22 -0.66
N LEU O 297 32.32 11.92 0.21
CA LEU O 297 31.86 12.98 1.10
C LEU O 297 32.90 13.26 2.18
N PRO O 298 33.20 14.52 2.47
CA PRO O 298 34.08 14.83 3.60
C PRO O 298 33.52 14.26 4.89
N ASP O 299 34.43 13.83 5.76
CA ASP O 299 34.06 13.14 6.99
C ASP O 299 35.03 13.55 8.09
N ARG O 300 34.97 12.84 9.22
CA ARG O 300 35.61 13.29 10.46
C ARG O 300 37.04 13.74 10.23
N ARG O 301 37.84 12.94 9.53
CA ARG O 301 39.16 13.39 9.09
C ARG O 301 39.03 14.66 8.26
N GLN O 302 38.34 14.56 7.11
CA GLN O 302 38.18 15.69 6.21
C GLN O 302 37.55 16.89 6.91
N LYS O 303 36.55 16.64 7.76
CA LYS O 303 35.97 17.71 8.57
C LYS O 303 37.05 18.41 9.39
N ARG O 304 37.68 17.66 10.31
CA ARG O 304 38.77 18.22 11.09
C ARG O 304 39.87 18.81 10.22
N LEU O 305 40.06 18.27 9.02
CA LEU O 305 40.94 18.91 8.06
C LEU O 305 40.33 20.20 7.54
N ILE O 306 39.07 20.15 7.11
CA ILE O 306 38.38 21.37 6.65
C ILE O 306 38.09 22.29 7.83
N PHE O 307 38.09 21.78 9.06
CA PHE O 307 38.02 22.65 10.22
C PHE O 307 39.33 23.40 10.44
N SER O 308 40.45 22.69 10.28
CA SER O 308 41.76 23.28 10.56
C SER O 308 42.26 24.15 9.41
N THR O 309 41.98 23.74 8.17
CA THR O 309 42.57 24.44 7.02
C THR O 309 42.01 25.84 6.85
N ILE O 310 40.76 26.07 7.24
CA ILE O 310 40.16 27.38 7.05
C ILE O 310 40.58 28.35 8.16
N THR O 311 40.59 27.88 9.40
CA THR O 311 40.85 28.76 10.54
C THR O 311 42.32 28.98 10.81
N SER O 312 43.21 28.19 10.20
CA SER O 312 44.64 28.44 10.33
C SER O 312 45.07 29.71 9.60
N LYS O 313 44.21 30.28 8.76
CA LYS O 313 44.51 31.52 8.07
C LYS O 313 43.84 32.69 8.78
N MET O 314 42.51 32.69 8.82
CA MET O 314 41.75 33.73 9.49
C MET O 314 41.97 33.66 11.00
N ASN O 315 41.66 34.77 11.67
CA ASN O 315 41.88 34.87 13.11
C ASN O 315 41.15 33.77 13.86
N LEU O 316 41.87 33.05 14.70
CA LEU O 316 41.35 31.93 15.47
C LEU O 316 41.48 32.22 16.96
N SER O 317 40.67 31.53 17.75
CA SER O 317 40.60 31.77 19.18
C SER O 317 40.85 30.50 19.97
N GLU O 318 41.26 30.69 21.22
CA GLU O 318 41.19 29.60 22.20
C GLU O 318 39.76 29.18 22.47
N GLU O 319 38.80 30.08 22.22
CA GLU O 319 37.38 29.76 22.32
C GLU O 319 36.97 28.65 21.36
N VAL O 320 37.75 28.41 20.31
CA VAL O 320 37.32 27.56 19.21
C VAL O 320 37.74 26.13 19.51
N ASP O 321 36.76 25.26 19.78
CA ASP O 321 36.95 23.82 19.84
C ASP O 321 36.08 23.23 18.73
N LEU O 322 36.73 22.68 17.71
CA LEU O 322 36.03 22.15 16.55
C LEU O 322 35.76 20.66 16.64
N GLU O 323 36.16 20.01 17.74
CA GLU O 323 35.85 18.60 17.92
C GLU O 323 34.38 18.41 18.27
N ASP O 324 33.74 19.42 18.83
CA ASP O 324 32.29 19.35 19.03
C ASP O 324 31.55 19.41 17.71
N TYR O 325 32.14 20.09 16.71
CA TYR O 325 31.51 20.27 15.42
C TYR O 325 31.88 19.19 14.42
N VAL O 326 32.84 18.31 14.75
CA VAL O 326 33.04 17.10 13.97
C VAL O 326 31.93 16.09 14.22
N ALA O 327 31.02 16.38 15.14
CA ALA O 327 29.89 15.54 15.47
C ALA O 327 28.56 16.24 15.21
N ARG O 328 28.28 17.34 15.91
CA ARG O 328 26.95 17.95 15.88
C ARG O 328 26.52 18.36 14.47
N PRO O 329 27.23 19.25 13.75
CA PRO O 329 26.85 19.51 12.36
C PRO O 329 27.15 18.36 11.42
N ASP O 330 28.12 17.50 11.75
CA ASP O 330 28.51 16.40 10.88
C ASP O 330 27.39 15.38 10.70
N LYS O 331 26.34 15.44 11.53
CA LYS O 331 25.24 14.48 11.40
C LYS O 331 24.47 14.64 10.10
N ILE O 332 24.61 15.78 9.42
CA ILE O 332 23.88 16.02 8.18
C ILE O 332 24.88 16.29 7.04
N SER O 333 25.65 17.37 7.15
CA SER O 333 26.60 17.74 6.12
C SER O 333 27.95 17.01 6.30
N GLY O 334 28.56 16.60 5.19
CA GLY O 334 28.08 16.92 3.87
C GLY O 334 28.58 18.25 3.34
N ALA O 335 27.72 18.95 2.61
CA ALA O 335 27.98 20.27 2.05
C ALA O 335 29.25 20.23 1.12
N ASP O 336 30.11 21.26 0.86
CA ASP O 336 29.98 22.74 0.98
C ASP O 336 30.45 23.31 2.32
N ILE O 337 30.94 22.45 3.21
CA ILE O 337 31.48 22.92 4.50
C ILE O 337 32.55 23.99 4.31
N ASN O 338 33.33 23.90 3.21
CA ASN O 338 34.37 24.90 2.97
C ASN O 338 33.79 26.32 2.97
N SER O 339 32.70 26.52 2.23
CA SER O 339 32.02 27.81 2.29
C SER O 339 31.38 28.03 3.65
N ILE O 340 30.79 26.98 4.23
CA ILE O 340 30.29 27.08 5.60
C ILE O 340 31.40 27.46 6.55
N CYS O 341 32.60 26.93 6.32
CA CYS O 341 33.77 27.39 7.06
C CYS O 341 34.04 28.86 6.81
N GLN O 342 33.80 29.34 5.59
CA GLN O 342 33.88 30.77 5.30
C GLN O 342 32.64 31.53 5.75
N GLU O 343 31.49 30.86 5.88
CA GLU O 343 30.27 31.55 6.28
C GLU O 343 30.43 32.17 7.66
N SER O 344 30.87 31.38 8.64
CA SER O 344 31.13 31.95 9.97
C SER O 344 32.23 32.99 9.93
N GLY O 345 33.18 32.88 9.00
CA GLY O 345 34.11 33.97 8.78
C GLY O 345 33.43 35.19 8.19
N MET O 346 32.49 34.98 7.26
CA MET O 346 31.67 36.06 6.75
C MET O 346 30.76 36.65 7.82
N LEU O 347 30.56 35.96 8.93
CA LEU O 347 29.79 36.47 10.05
C LEU O 347 30.59 37.40 10.95
N ALA O 348 31.91 37.48 10.74
CA ALA O 348 32.71 38.45 11.47
C ALA O 348 32.55 39.86 10.90
N VAL O 349 32.10 39.97 9.65
CA VAL O 349 31.87 41.29 9.06
C VAL O 349 30.63 41.97 9.63
N ARG O 350 29.78 41.21 10.33
CA ARG O 350 28.70 41.81 11.11
C ARG O 350 29.24 42.83 12.10
N GLU O 351 30.50 42.70 12.49
CA GLU O 351 31.19 43.64 13.37
C GLU O 351 32.43 44.10 12.54
N ASN O 352 33.35 44.99 12.98
CA ASN O 352 33.71 45.47 14.32
C ASN O 352 34.23 44.30 15.16
N ARG O 353 34.77 43.30 14.46
CA ARG O 353 35.20 42.04 15.08
C ARG O 353 36.62 41.73 14.66
N TYR O 354 37.31 40.96 15.51
CA TYR O 354 38.64 40.44 15.20
C TYR O 354 38.62 38.93 15.04
N ILE O 355 38.27 38.19 16.08
CA ILE O 355 38.18 36.73 16.03
C ILE O 355 36.71 36.35 16.13
N VAL O 356 36.29 35.44 15.25
CA VAL O 356 34.87 35.06 15.18
C VAL O 356 34.47 34.29 16.44
N LEU O 357 33.25 34.53 16.90
CA LEU O 357 32.73 33.94 18.12
C LEU O 357 32.15 32.55 17.84
N ALA O 358 31.68 31.90 18.91
CA ALA O 358 31.04 30.59 18.78
C ALA O 358 29.58 30.74 18.34
N LYS O 359 28.90 31.80 18.78
CA LYS O 359 27.54 32.04 18.32
C LYS O 359 27.46 32.25 16.82
N ASP O 360 28.57 32.68 16.20
CA ASP O 360 28.64 32.75 14.75
C ASP O 360 28.90 31.37 14.15
N PHE O 361 29.66 30.52 14.86
CA PHE O 361 29.83 29.14 14.42
C PHE O 361 28.49 28.45 14.28
N GLU O 362 27.65 28.53 15.32
CA GLU O 362 26.33 27.94 15.27
C GLU O 362 25.42 28.69 14.30
N LYS O 363 25.58 30.01 14.20
CA LYS O 363 24.77 30.77 13.25
C LYS O 363 25.03 30.31 11.82
N ALA O 364 26.28 29.95 11.51
CA ALA O 364 26.58 29.35 10.22
C ALA O 364 25.90 27.99 10.08
N TYR O 365 25.80 27.25 11.19
CA TYR O 365 25.11 25.97 11.16
C TYR O 365 23.60 26.14 11.18
N LYS O 366 23.10 27.19 11.84
CA LYS O 366 21.66 27.42 11.88
C LYS O 366 21.15 28.05 10.59
N THR O 367 22.02 28.72 9.83
CA THR O 367 21.61 29.24 8.53
C THR O 367 21.58 28.13 7.47
N VAL O 368 22.59 27.27 7.48
CA VAL O 368 22.65 26.16 6.55
C VAL O 368 23.05 24.86 7.26
N ILE O 369 22.20 23.85 7.23
CA ILE O 369 20.90 23.91 6.56
C ILE O 369 19.89 23.08 7.36
N LYS O 370 18.66 23.03 6.88
CA LYS O 370 17.58 22.27 7.49
C LYS O 370 17.09 21.25 6.44
N LYS O 371 16.18 20.31 6.75
CA LYS O 371 15.55 20.09 8.05
C LYS O 371 15.33 18.60 8.30
N ASP O 372 15.08 18.25 9.55
CA ASP O 372 14.34 17.03 9.90
C ASP O 372 12.95 17.51 10.36
N GLU O 373 11.92 17.23 9.59
CA GLU O 373 12.07 16.52 8.32
C GLU O 373 12.37 15.05 8.55
N GLN O 374 11.78 14.20 7.71
CA GLN O 374 10.90 14.65 6.65
C GLN O 374 9.78 13.65 6.39
N GLU O 375 8.85 14.01 5.51
CA GLU O 375 7.73 13.14 5.18
C GLU O 375 8.19 11.92 4.39
N HIS O 376 9.23 12.11 3.58
CA HIS O 376 9.78 11.03 2.77
C HIS O 376 11.12 10.56 3.30
N GLU O 377 11.81 11.44 4.02
CA GLU O 377 13.11 11.11 4.59
C GLU O 377 12.97 10.33 5.89
N PHE O 378 12.29 10.93 6.87
CA PHE O 378 12.08 10.28 8.16
C PHE O 378 10.99 9.21 8.07
N TYR O 379 11.38 8.01 7.64
CA TYR O 379 10.43 6.90 7.51
C TYR O 379 11.16 5.57 7.50
N LYS O 380 12.35 5.54 8.11
CA LYS O 380 13.18 4.33 8.19
C LYS O 380 13.34 3.66 6.82
N THR P 1 24.84 78.04 -48.08
CA THR P 1 25.40 77.77 -49.40
C THR P 1 26.76 77.09 -49.28
N LYS P 2 27.62 77.66 -48.44
CA LYS P 2 28.95 77.08 -48.23
C LYS P 2 28.89 75.83 -47.37
N GLN P 3 28.02 75.82 -46.36
CA GLN P 3 27.87 74.63 -45.52
C GLN P 3 27.28 73.46 -46.29
N TYR P 4 26.41 73.74 -47.27
CA TYR P 4 25.89 72.68 -48.12
C TYR P 4 27.00 72.04 -48.94
N GLU P 5 27.89 72.86 -49.51
CA GLU P 5 29.05 72.33 -50.21
C GLU P 5 29.97 71.57 -49.26
N LYS P 6 30.04 71.98 -48.00
CA LYS P 6 30.81 71.23 -47.02
C LYS P 6 30.23 69.84 -46.82
N SER P 7 28.90 69.73 -46.77
CA SER P 7 28.27 68.42 -46.74
C SER P 7 28.47 67.68 -48.06
N GLU P 8 28.62 68.42 -49.16
CA GLU P 8 28.99 67.79 -50.43
C GLU P 8 30.42 67.26 -50.37
N ASN P 9 31.34 68.08 -49.87
CA ASN P 9 32.71 67.62 -49.66
C ASN P 9 32.77 66.53 -48.59
N ASP P 10 31.87 66.58 -47.60
CA ASP P 10 31.67 65.42 -46.74
C ASP P 10 31.36 64.19 -47.56
N LEU P 11 30.43 64.32 -48.51
CA LEU P 11 30.08 63.17 -49.34
C LEU P 11 31.20 62.82 -50.31
N LYS P 12 32.13 63.74 -50.56
CA LYS P 12 33.29 63.39 -51.37
C LYS P 12 34.24 62.46 -50.62
N ALA P 13 34.06 62.31 -49.31
CA ALA P 13 34.84 61.33 -48.56
C ALA P 13 34.12 59.99 -48.42
N LEU P 14 32.84 59.95 -48.78
CA LEU P 14 32.02 58.78 -48.46
C LEU P 14 31.99 57.75 -49.57
N GLN P 15 32.47 58.08 -50.76
CA GLN P 15 32.52 57.07 -51.82
C GLN P 15 33.52 55.99 -51.48
N SER P 16 34.53 56.31 -50.67
CA SER P 16 35.44 55.29 -50.18
C SER P 16 34.67 54.26 -49.36
N VAL P 17 34.86 52.99 -49.71
CA VAL P 17 34.10 51.92 -49.10
C VAL P 17 34.60 51.67 -47.68
N GLY P 18 33.69 51.23 -46.81
CA GLY P 18 34.08 50.86 -45.48
C GLY P 18 34.76 49.51 -45.44
N GLN P 19 35.77 49.40 -44.56
CA GLN P 19 36.53 48.18 -44.47
C GLN P 19 35.70 47.07 -43.82
N ILE P 20 36.32 45.91 -43.70
CA ILE P 20 35.69 44.74 -43.10
C ILE P 20 36.22 44.59 -41.68
N VAL P 21 35.31 44.32 -40.74
CA VAL P 21 35.75 44.05 -39.37
C VAL P 21 36.56 42.75 -39.35
N GLY P 22 37.44 42.65 -38.36
CA GLY P 22 38.27 41.47 -38.24
C GLY P 22 38.71 41.27 -36.80
N GLU P 23 39.06 40.02 -36.50
CA GLU P 23 39.70 39.67 -35.25
C GLU P 23 41.04 39.04 -35.60
N VAL P 24 42.13 39.73 -35.27
CA VAL P 24 43.44 39.10 -35.42
C VAL P 24 43.47 37.90 -34.47
N LEU P 25 43.72 36.72 -35.03
CA LEU P 25 43.75 35.51 -34.21
C LEU P 25 45.15 35.30 -33.63
N LYS P 26 46.11 35.00 -34.49
CA LYS P 26 47.52 34.95 -34.13
C LYS P 26 48.32 35.43 -35.34
N GLN P 27 49.64 35.23 -35.31
CA GLN P 27 50.49 35.69 -36.39
C GLN P 27 51.45 34.58 -36.80
N LEU P 28 52.08 34.79 -37.96
CA LEU P 28 53.05 33.84 -38.49
C LEU P 28 54.38 34.55 -38.75
N THR P 29 54.37 35.51 -39.68
CA THR P 29 55.51 36.36 -39.96
C THR P 29 55.03 37.80 -40.04
N GLU P 30 55.95 38.73 -40.34
CA GLU P 30 55.57 40.13 -40.40
C GLU P 30 54.66 40.44 -41.59
N GLU P 31 54.63 39.58 -42.60
CA GLU P 31 53.66 39.71 -43.68
C GLU P 31 52.46 38.77 -43.55
N LYS P 32 52.44 37.92 -42.53
CA LYS P 32 51.40 36.89 -42.41
C LYS P 32 50.88 36.84 -40.99
N PHE P 33 49.58 37.10 -40.82
CA PHE P 33 48.94 37.12 -39.51
C PHE P 33 47.63 36.37 -39.60
N ILE P 34 47.41 35.44 -38.67
CA ILE P 34 46.18 34.64 -38.70
C ILE P 34 45.01 35.54 -38.34
N VAL P 35 44.04 35.63 -39.26
CA VAL P 35 42.85 36.46 -39.08
C VAL P 35 41.66 35.69 -39.66
N LYS P 36 40.48 35.95 -39.11
CA LYS P 36 39.26 35.30 -39.56
C LYS P 36 38.17 36.34 -39.75
N ALA P 37 37.34 36.12 -40.76
CA ALA P 37 36.15 36.93 -40.92
C ALA P 37 35.10 36.49 -39.91
N THR P 38 34.14 37.38 -39.65
CA THR P 38 33.06 37.05 -38.74
C THR P 38 32.22 35.88 -39.24
N ASN P 39 32.29 35.57 -40.54
CA ASN P 39 31.58 34.44 -41.13
C ASN P 39 32.43 33.18 -41.21
N GLY P 40 33.65 33.20 -40.68
CA GLY P 40 34.42 31.98 -40.52
C GLY P 40 35.63 31.71 -41.41
N PRO P 41 35.76 32.31 -42.59
CA PRO P 41 36.99 32.07 -43.36
C PRO P 41 38.21 32.69 -42.67
N ARG P 42 39.28 31.91 -42.59
CA ARG P 42 40.52 32.35 -41.97
C ARG P 42 41.53 32.76 -43.04
N TYR P 43 42.25 33.85 -42.78
CA TYR P 43 43.16 34.42 -43.75
C TYR P 43 44.48 34.76 -43.06
N VAL P 44 45.50 35.00 -43.89
CA VAL P 44 46.75 35.60 -43.46
C VAL P 44 47.09 36.72 -44.45
N VAL P 45 47.24 37.93 -43.95
CA VAL P 45 47.44 39.11 -44.78
C VAL P 45 48.63 39.90 -44.27
N GLY P 46 48.98 40.96 -44.99
CA GLY P 46 49.99 41.88 -44.52
C GLY P 46 49.40 43.07 -43.81
N CYS P 47 50.21 43.74 -43.00
CA CYS P 47 49.75 44.89 -42.26
C CYS P 47 49.94 46.16 -43.07
N ARG P 48 49.51 47.29 -42.51
CA ARG P 48 49.93 48.58 -43.02
C ARG P 48 51.29 48.92 -42.41
N ARG P 49 51.85 50.05 -42.83
CA ARG P 49 53.23 50.36 -42.47
C ARG P 49 53.35 51.22 -41.22
N GLN P 50 52.25 51.74 -40.67
CA GLN P 50 52.34 52.53 -39.46
C GLN P 50 52.43 51.68 -38.21
N LEU P 51 51.80 50.50 -38.21
CA LEU P 51 51.60 49.73 -37.00
C LEU P 51 52.84 48.92 -36.63
N ASP P 52 52.94 48.63 -35.33
CA ASP P 52 53.76 47.55 -34.82
C ASP P 52 52.84 46.47 -34.27
N LYS P 53 53.29 45.22 -34.30
CA LYS P 53 52.45 44.14 -33.78
C LYS P 53 52.17 44.30 -32.29
N SER P 54 52.90 45.15 -31.59
CA SER P 54 52.53 45.52 -30.22
C SER P 54 51.24 46.32 -30.20
N LYS P 55 50.90 46.98 -31.31
CA LYS P 55 49.62 47.64 -31.44
C LYS P 55 48.52 46.69 -31.89
N LEU P 56 48.87 45.45 -32.24
CA LEU P 56 47.91 44.44 -32.66
C LEU P 56 47.73 43.37 -31.57
N LYS P 57 48.71 42.49 -31.38
CA LYS P 57 48.68 41.33 -30.51
C LYS P 57 47.72 40.26 -31.06
N PRO P 58 47.94 38.99 -30.73
CA PRO P 58 46.98 37.96 -31.11
C PRO P 58 45.70 38.08 -30.28
N GLY P 59 44.61 37.60 -30.87
CA GLY P 59 43.30 37.70 -30.23
C GLY P 59 42.85 39.14 -30.09
N THR P 60 42.87 39.89 -31.19
CA THR P 60 42.60 41.32 -31.16
C THR P 60 41.56 41.68 -32.21
N ARG P 61 40.54 42.41 -31.80
CA ARG P 61 39.54 42.93 -32.73
C ARG P 61 40.17 44.01 -33.61
N VAL P 62 40.05 43.85 -34.93
CA VAL P 62 40.75 44.70 -35.88
C VAL P 62 39.89 44.93 -37.12
N ALA P 63 40.49 45.47 -38.17
CA ALA P 63 39.84 45.63 -39.45
C ALA P 63 40.81 45.29 -40.57
N LEU P 64 40.26 44.93 -41.72
CA LEU P 64 41.06 44.57 -42.89
C LEU P 64 40.57 45.35 -44.10
N ASP P 65 41.41 45.41 -45.12
CA ASP P 65 41.04 46.04 -46.38
C ASP P 65 39.95 45.21 -47.08
N MET P 66 39.25 45.86 -48.01
CA MET P 66 38.19 45.18 -48.75
C MET P 66 38.69 44.41 -49.95
N THR P 67 39.94 44.62 -50.37
CA THR P 67 40.50 43.87 -51.49
C THR P 67 41.78 43.14 -51.07
N THR P 68 42.84 43.91 -50.81
CA THR P 68 44.08 43.33 -50.30
C THR P 68 43.87 42.67 -48.94
N LEU P 69 42.80 43.04 -48.22
CA LEU P 69 42.49 42.54 -46.89
C LEU P 69 43.59 42.84 -45.89
N THR P 70 44.40 43.87 -46.16
CA THR P 70 45.54 44.18 -45.32
C THR P 70 45.09 44.75 -43.98
N ILE P 71 45.88 44.50 -42.94
CA ILE P 71 45.58 45.04 -41.62
C ILE P 71 45.82 46.54 -41.66
N MET P 72 44.78 47.32 -41.34
CA MET P 72 44.87 48.77 -41.38
C MET P 72 44.48 49.38 -40.04
N ARG P 73 43.20 49.42 -39.70
CA ARG P 73 42.72 50.03 -38.48
C ARG P 73 42.02 48.98 -37.61
N TYR P 74 41.47 49.42 -36.48
CA TYR P 74 41.12 48.49 -35.41
C TYR P 74 40.44 49.26 -34.29
N LEU P 75 39.74 48.51 -33.43
CA LEU P 75 39.35 48.97 -32.12
C LEU P 75 39.39 47.76 -31.19
N PRO P 76 39.86 47.91 -29.95
CA PRO P 76 39.98 46.73 -29.08
C PRO P 76 38.65 46.16 -28.61
N ARG P 77 37.67 47.02 -28.30
CA ARG P 77 36.49 46.60 -27.58
C ARG P 77 35.23 47.19 -28.21
N GLU P 78 34.22 46.33 -28.41
CA GLU P 78 32.91 46.75 -28.86
C GLU P 78 31.89 45.69 -28.46
N VAL P 79 30.62 46.10 -28.40
CA VAL P 79 29.49 45.19 -28.25
C VAL P 79 28.19 45.99 -28.27
N ASP P 80 27.09 45.35 -28.66
CA ASP P 80 25.77 45.97 -28.64
C ASP P 80 25.12 46.06 -27.26
N PRO P 81 24.90 44.94 -26.55
CA PRO P 81 23.92 44.94 -25.45
C PRO P 81 24.34 45.69 -24.21
N LEU P 82 25.64 45.84 -23.93
CA LEU P 82 26.14 46.24 -22.63
C LEU P 82 25.47 47.48 -22.06
N VAL P 83 25.74 48.64 -22.66
CA VAL P 83 25.27 49.90 -22.09
C VAL P 83 23.75 49.99 -22.11
N TYR P 84 23.10 49.27 -23.02
CA TYR P 84 21.65 49.35 -23.14
C TYR P 84 20.92 48.54 -22.09
N ASN P 85 21.64 47.78 -21.27
CA ASN P 85 21.11 47.19 -20.06
C ASN P 85 21.23 48.11 -18.85
N MET P 86 21.92 49.25 -19.00
CA MET P 86 22.22 50.14 -17.88
C MET P 86 21.06 51.08 -17.54
N SER P 87 20.27 51.46 -18.55
CA SER P 87 19.55 52.73 -18.50
C SER P 87 18.26 52.69 -17.68
N HIS P 88 17.89 51.55 -17.10
CA HIS P 88 16.71 51.53 -16.24
C HIS P 88 16.99 52.27 -14.95
N GLU P 89 16.14 53.24 -14.62
CA GLU P 89 16.32 54.11 -13.46
C GLU P 89 15.13 53.98 -12.53
N ASP P 90 15.43 53.86 -11.24
CA ASP P 90 14.44 53.80 -10.16
C ASP P 90 14.45 55.09 -9.37
N PRO P 91 13.30 55.73 -9.16
CA PRO P 91 13.27 56.88 -8.25
C PRO P 91 13.67 56.44 -6.85
N GLY P 92 14.67 57.13 -6.29
CA GLY P 92 15.29 56.69 -5.06
C GLY P 92 16.37 55.63 -5.33
N ASN P 93 17.42 55.49 -4.51
CA ASN P 93 17.71 56.25 -3.27
C ASN P 93 16.59 56.17 -2.24
N VAL P 94 15.94 57.31 -1.97
CA VAL P 94 15.01 57.47 -0.85
C VAL P 94 13.93 56.38 -0.86
N SER P 95 13.74 55.73 -2.02
CA SER P 95 12.96 54.50 -2.05
C SER P 95 13.52 53.45 -1.10
N TYR P 96 14.79 53.58 -0.71
CA TYR P 96 15.35 52.81 0.40
C TYR P 96 14.42 52.85 1.61
N SER P 97 14.16 54.05 2.14
CA SER P 97 13.23 54.21 3.25
C SER P 97 11.77 53.97 2.84
N GLU P 98 11.49 53.90 1.54
CA GLU P 98 10.12 53.72 1.04
C GLU P 98 9.76 52.27 0.80
N ILE P 99 10.61 51.32 1.18
CA ILE P 99 10.24 49.91 1.10
C ILE P 99 9.70 49.39 2.43
N GLY P 100 9.58 50.24 3.44
CA GLY P 100 9.13 49.79 4.74
C GLY P 100 10.12 48.85 5.38
N GLY P 101 9.67 47.65 5.73
CA GLY P 101 10.56 46.61 6.20
C GLY P 101 11.47 46.12 5.08
N LEU P 102 12.52 45.38 5.44
CA LEU P 102 12.78 45.01 6.83
C LEU P 102 14.27 45.20 7.13
N SER P 103 14.58 45.53 8.38
CA SER P 103 15.93 45.96 8.76
C SER P 103 16.99 44.97 8.30
N GLU P 104 16.98 43.76 8.86
CA GLU P 104 18.00 42.78 8.52
C GLU P 104 17.94 42.35 7.05
N GLN P 105 16.84 42.62 6.35
CA GLN P 105 16.88 42.56 4.90
C GLN P 105 17.50 43.81 4.31
N ILE P 106 17.05 44.98 4.79
CA ILE P 106 17.63 46.26 4.38
C ILE P 106 19.11 46.32 4.75
N ARG P 107 19.39 46.30 6.06
CA ARG P 107 20.73 46.66 6.56
C ARG P 107 21.78 45.65 6.15
N GLU P 108 21.45 44.34 6.21
CA GLU P 108 22.47 43.33 5.93
C GLU P 108 22.95 43.41 4.49
N LEU P 109 22.03 43.63 3.54
CA LEU P 109 22.43 43.72 2.15
C LEU P 109 23.37 44.89 1.89
N ARG P 110 23.31 45.91 2.74
CA ARG P 110 24.33 46.97 2.68
C ARG P 110 25.69 46.42 3.07
N GLU P 111 25.75 45.64 4.16
CA GLU P 111 27.00 45.01 4.56
C GLU P 111 27.42 43.92 3.58
N VAL P 112 26.46 43.30 2.88
CA VAL P 112 26.79 42.27 1.92
C VAL P 112 27.38 42.85 0.63
N ILE P 113 27.01 44.07 0.27
CA ILE P 113 27.38 44.63 -1.03
C ILE P 113 28.29 45.86 -0.85
N GLU P 114 27.77 46.89 -0.18
CA GLU P 114 28.48 48.18 -0.08
C GLU P 114 29.89 48.00 0.49
N LEU P 115 29.99 47.51 1.73
CA LEU P 115 31.30 47.42 2.38
C LEU P 115 32.31 46.60 1.59
N PRO P 116 31.95 45.51 0.90
CA PRO P 116 32.93 44.87 0.00
C PRO P 116 33.59 45.84 -0.97
N LEU P 117 32.82 46.74 -1.58
CA LEU P 117 33.36 47.75 -2.48
C LEU P 117 34.38 48.65 -1.78
N THR P 118 33.92 49.43 -0.80
CA THR P 118 34.73 50.52 -0.27
C THR P 118 35.93 50.00 0.52
N ASN P 119 35.72 49.03 1.40
CA ASN P 119 36.75 48.56 2.33
C ASN P 119 36.93 47.05 2.20
N PRO P 120 37.65 46.60 1.17
CA PRO P 120 38.11 45.21 1.16
C PRO P 120 39.17 44.93 2.21
N GLU P 121 39.80 45.97 2.78
CA GLU P 121 40.76 45.77 3.85
C GLU P 121 40.09 45.17 5.08
N LEU P 122 38.87 45.61 5.39
CA LEU P 122 38.13 45.03 6.49
C LEU P 122 37.80 43.55 6.26
N PHE P 123 37.85 43.10 5.01
CA PHE P 123 37.78 41.66 4.74
C PHE P 123 39.12 40.98 5.03
N GLN P 124 40.23 41.61 4.61
CA GLN P 124 41.54 41.04 4.86
C GLN P 124 42.06 41.34 6.25
N ARG P 125 41.47 42.32 6.95
CA ARG P 125 41.80 42.53 8.35
C ARG P 125 41.45 41.30 9.18
N VAL P 126 40.24 40.78 9.00
CA VAL P 126 39.88 39.50 9.60
C VAL P 126 40.44 38.35 8.76
N GLY P 127 40.54 38.52 7.45
CA GLY P 127 40.98 37.48 6.55
C GLY P 127 39.88 36.78 5.79
N ILE P 128 38.65 37.28 5.85
CA ILE P 128 37.51 36.62 5.22
C ILE P 128 37.48 36.95 3.74
N ILE P 129 37.12 35.96 2.92
CA ILE P 129 37.01 36.17 1.48
C ILE P 129 35.82 37.08 1.20
N PRO P 130 35.90 37.99 0.23
CA PRO P 130 34.76 38.85 -0.09
C PRO P 130 33.63 38.04 -0.73
N PRO P 131 32.40 38.21 -0.25
CA PRO P 131 31.25 37.70 -1.02
C PRO P 131 31.14 38.43 -2.36
N LYS P 132 31.05 37.65 -3.43
CA LYS P 132 30.99 38.20 -4.78
C LYS P 132 29.56 38.33 -5.31
N GLY P 133 28.56 37.96 -4.52
CA GLY P 133 27.20 38.01 -5.00
C GLY P 133 26.19 37.97 -3.87
N CYS P 134 24.92 37.87 -4.26
CA CYS P 134 23.82 37.82 -3.30
C CYS P 134 22.62 37.15 -3.96
N LEU P 135 21.69 36.71 -3.12
CA LEU P 135 20.51 35.98 -3.56
C LEU P 135 19.29 36.44 -2.77
N LEU P 136 18.21 36.78 -3.48
CA LEU P 136 16.91 36.91 -2.86
C LEU P 136 16.04 35.71 -3.25
N TYR P 137 14.86 35.63 -2.64
CA TYR P 137 13.85 34.64 -3.01
C TYR P 137 12.56 34.99 -2.29
N GLY P 138 11.54 34.15 -2.47
CA GLY P 138 10.18 34.52 -2.14
C GLY P 138 9.20 33.55 -2.80
N PRO P 139 7.99 34.02 -3.11
CA PRO P 139 7.46 35.32 -2.66
C PRO P 139 6.47 35.33 -1.49
N PRO P 140 6.83 34.87 -0.29
CA PRO P 140 6.11 35.33 0.90
C PRO P 140 6.38 36.81 1.10
N GLY P 141 5.32 37.58 1.32
CA GLY P 141 5.52 39.00 1.16
C GLY P 141 5.87 39.30 -0.30
N THR P 142 6.67 40.35 -0.47
CA THR P 142 7.12 40.78 -1.80
C THR P 142 8.05 41.98 -1.67
N GLY P 143 8.56 42.46 -2.80
CA GLY P 143 9.57 43.49 -2.82
C GLY P 143 10.96 43.04 -3.25
N LYS P 144 11.12 41.78 -3.66
CA LYS P 144 12.42 41.31 -4.14
C LYS P 144 12.89 42.12 -5.35
N THR P 145 11.97 42.51 -6.23
CA THR P 145 12.36 43.23 -7.43
C THR P 145 12.59 44.72 -7.18
N LEU P 146 11.78 45.35 -6.32
CA LEU P 146 11.94 46.78 -6.06
C LEU P 146 13.13 47.06 -5.17
N LEU P 147 13.29 46.27 -4.10
CA LEU P 147 14.44 46.44 -3.22
C LEU P 147 15.74 46.38 -4.02
N ALA P 148 15.82 45.46 -4.97
CA ALA P 148 16.88 45.48 -5.97
C ALA P 148 16.86 46.83 -6.69
N ARG P 149 15.77 47.07 -7.42
CA ARG P 149 15.63 48.29 -8.21
C ARG P 149 15.97 49.53 -7.39
N ALA P 150 15.56 49.56 -6.12
CA ALA P 150 15.85 50.71 -5.28
C ALA P 150 17.35 50.82 -4.99
N VAL P 151 17.98 49.71 -4.58
CA VAL P 151 19.38 49.74 -4.20
C VAL P 151 20.27 50.14 -5.38
N ALA P 152 19.86 49.78 -6.60
CA ALA P 152 20.64 50.13 -7.78
C ALA P 152 20.90 51.64 -7.86
N SER P 153 19.84 52.43 -7.84
CA SER P 153 19.99 53.89 -7.84
C SER P 153 20.36 54.42 -6.45
N GLN P 154 20.23 53.59 -5.42
CA GLN P 154 20.64 53.99 -4.08
C GLN P 154 22.14 53.82 -3.89
N LEU P 155 22.62 52.58 -4.00
CA LEU P 155 24.04 52.29 -3.80
C LEU P 155 24.94 53.05 -4.76
N ASP P 156 24.40 53.49 -5.90
CA ASP P 156 25.11 54.29 -6.89
C ASP P 156 26.30 53.48 -7.39
N CYS P 157 27.51 54.04 -7.45
CA CYS P 157 28.71 53.39 -8.01
C CYS P 157 28.37 52.95 -9.42
N ASN P 158 28.73 51.73 -9.84
CA ASN P 158 28.41 51.22 -11.15
C ASN P 158 27.55 49.96 -11.00
N PHE P 159 26.45 49.90 -11.74
CA PHE P 159 25.57 48.75 -11.73
C PHE P 159 24.97 48.56 -13.12
N LEU P 160 24.82 47.29 -13.51
CA LEU P 160 24.24 46.95 -14.80
C LEU P 160 23.19 45.86 -14.60
N LYS P 161 21.95 46.17 -14.98
CA LYS P 161 20.86 45.21 -14.85
C LYS P 161 20.90 44.20 -15.99
N VAL P 162 20.55 42.95 -15.68
CA VAL P 162 20.46 41.90 -16.68
C VAL P 162 18.99 41.59 -16.92
N VAL P 163 18.49 41.96 -18.09
CA VAL P 163 17.14 41.58 -18.48
C VAL P 163 17.14 40.08 -18.79
N SER P 164 16.28 39.34 -18.11
CA SER P 164 16.33 37.88 -18.15
C SER P 164 15.68 37.27 -19.38
N SER P 165 14.98 38.07 -20.19
CA SER P 165 14.09 37.52 -21.23
C SER P 165 14.84 37.11 -22.50
N SER P 166 15.40 38.08 -23.22
CA SER P 166 15.83 37.92 -24.61
C SER P 166 17.01 36.96 -24.79
N ILE P 167 17.61 36.44 -23.72
CA ILE P 167 18.83 35.64 -23.84
C ILE P 167 18.67 34.47 -24.81
N VAL P 168 17.47 33.88 -24.87
CA VAL P 168 17.25 32.68 -25.67
C VAL P 168 17.71 32.85 -27.12
N ASP P 169 17.62 34.06 -27.65
CA ASP P 169 18.25 34.45 -28.91
C ASP P 169 17.73 33.67 -30.11
N LYS P 170 16.52 33.11 -30.02
CA LYS P 170 15.90 32.39 -31.14
C LYS P 170 16.84 31.32 -31.69
N TYR P 171 17.22 31.48 -32.95
CA TYR P 171 18.20 30.61 -33.58
C TYR P 171 19.52 30.62 -32.82
N ILE P 172 20.09 29.43 -32.62
CA ILE P 172 21.43 29.30 -32.05
C ILE P 172 21.48 29.98 -30.69
N GLY P 173 20.93 29.31 -29.67
CA GLY P 173 20.76 29.85 -28.35
C GLY P 173 22.03 29.86 -27.52
N GLU P 174 23.17 29.85 -28.20
CA GLU P 174 24.51 29.78 -27.60
C GLU P 174 24.81 30.97 -26.70
N SER P 175 23.88 31.91 -26.58
CA SER P 175 24.12 33.25 -26.03
C SER P 175 24.64 33.25 -24.59
N ALA P 176 24.78 32.07 -23.97
CA ALA P 176 25.56 31.98 -22.74
C ALA P 176 26.92 32.65 -22.91
N ARG P 177 27.48 32.62 -24.13
CA ARG P 177 28.68 33.39 -24.45
C ARG P 177 28.49 34.86 -24.12
N LEU P 178 27.29 35.40 -24.33
CA LEU P 178 27.04 36.81 -24.07
C LEU P 178 27.23 37.16 -22.60
N ILE P 179 27.09 36.20 -21.70
CA ILE P 179 27.39 36.46 -20.30
C ILE P 179 28.88 36.74 -20.11
N ARG P 180 29.74 35.95 -20.77
CA ARG P 180 31.15 36.29 -20.83
C ARG P 180 31.36 37.60 -21.55
N GLU P 181 30.67 37.78 -22.68
CA GLU P 181 30.69 39.05 -23.41
C GLU P 181 30.25 40.20 -22.51
N MET P 182 29.33 39.93 -21.60
CA MET P 182 28.97 40.92 -20.57
C MET P 182 29.99 40.91 -19.44
N PHE P 183 30.47 39.73 -19.04
CA PHE P 183 31.47 39.66 -17.98
C PHE P 183 32.78 40.32 -18.40
N ASN P 184 33.09 40.32 -19.69
CA ASN P 184 34.33 40.93 -20.16
C ASN P 184 34.36 42.42 -19.85
N TYR P 185 33.26 43.12 -20.10
CA TYR P 185 33.17 44.51 -19.69
C TYR P 185 32.95 44.63 -18.19
N ALA P 186 32.39 43.60 -17.55
CA ALA P 186 32.32 43.59 -16.10
C ALA P 186 33.72 43.48 -15.51
N ARG P 187 34.65 42.86 -16.23
CA ARG P 187 36.07 42.90 -15.87
C ARG P 187 36.74 44.18 -16.34
N ASP P 188 36.13 44.89 -17.29
CA ASP P 188 36.65 46.17 -17.78
C ASP P 188 36.13 47.33 -16.93
N HIS P 189 34.81 47.51 -16.92
CA HIS P 189 34.16 48.58 -16.14
C HIS P 189 34.24 48.37 -14.64
N GLN P 190 34.83 47.26 -14.18
CA GLN P 190 34.91 46.92 -12.76
C GLN P 190 35.40 48.09 -11.90
N PRO P 191 34.72 48.33 -10.78
CA PRO P 191 33.59 47.52 -10.30
C PRO P 191 32.27 47.82 -11.00
N CYS P 192 31.40 46.81 -11.05
CA CYS P 192 30.04 46.95 -11.58
C CYS P 192 29.19 45.89 -10.92
N ILE P 193 27.88 46.11 -10.92
CA ILE P 193 26.96 45.24 -10.20
C ILE P 193 25.89 44.73 -11.15
N ILE P 194 25.37 43.53 -10.85
CA ILE P 194 24.43 42.84 -11.72
C ILE P 194 23.27 42.34 -10.87
N PHE P 195 22.05 42.74 -11.23
CA PHE P 195 20.84 42.13 -10.69
C PHE P 195 20.31 41.12 -11.69
N MET P 196 19.82 40.00 -11.17
CA MET P 196 19.17 39.00 -12.02
C MET P 196 17.86 38.59 -11.38
N ASP P 197 16.75 38.91 -12.04
CA ASP P 197 15.45 38.33 -11.73
C ASP P 197 15.22 37.16 -12.66
N GLU P 198 14.50 36.15 -12.15
CA GLU P 198 14.27 34.93 -12.91
C GLU P 198 15.59 34.22 -13.24
N ILE P 199 16.17 33.55 -12.25
CA ILE P 199 17.20 32.56 -12.52
C ILE P 199 16.63 31.14 -12.56
N ASP P 200 15.35 30.97 -12.27
CA ASP P 200 14.78 29.63 -12.14
C ASP P 200 14.40 29.00 -13.49
N ALA P 201 13.80 29.78 -14.39
CA ALA P 201 13.45 29.21 -15.69
C ALA P 201 14.70 29.04 -16.57
N ILE P 202 15.75 29.80 -16.28
CA ILE P 202 17.07 29.55 -16.84
C ILE P 202 17.82 28.68 -15.84
N GLY P 203 17.12 28.21 -14.82
CA GLY P 203 17.67 27.25 -13.88
C GLY P 203 17.26 25.83 -14.16
N GLY P 204 16.95 25.53 -15.43
CA GLY P 204 16.41 24.25 -15.84
C GLY P 204 17.14 23.04 -15.28
N ARG P 205 16.37 22.01 -14.91
CA ARG P 205 16.93 20.89 -14.16
C ARG P 205 17.63 19.88 -15.06
N ARG P 206 17.13 19.67 -16.29
CA ARG P 206 17.40 18.49 -17.10
C ARG P 206 17.20 17.20 -16.29
N PHE P 207 16.26 17.27 -15.34
CA PHE P 207 15.95 16.16 -14.43
C PHE P 207 15.68 14.88 -15.19
N SER P 208 14.56 14.84 -15.91
CA SER P 208 14.31 13.79 -16.90
C SER P 208 14.29 14.47 -18.27
N GLU P 209 15.36 14.26 -19.04
CA GLU P 209 15.61 15.06 -20.23
C GLU P 209 14.54 14.81 -21.29
N GLY P 210 14.21 15.85 -22.05
CA GLY P 210 13.22 15.74 -23.10
C GLY P 210 13.45 16.76 -24.18
N THR P 211 12.94 16.44 -25.38
CA THR P 211 12.89 17.27 -26.58
C THR P 211 14.19 18.06 -26.84
N SER P 212 14.06 19.33 -27.20
CA SER P 212 15.16 20.13 -27.72
C SER P 212 15.39 21.39 -26.89
N ALA P 213 14.40 22.27 -26.78
CA ALA P 213 14.57 23.57 -26.14
C ALA P 213 15.12 23.46 -24.72
N ASP P 214 15.07 22.29 -24.09
CA ASP P 214 15.76 22.10 -22.82
C ASP P 214 17.26 22.00 -23.00
N ARG P 215 17.74 21.39 -24.09
CA ARG P 215 19.17 21.21 -24.28
C ARG P 215 19.89 22.54 -24.38
N GLU P 216 19.33 23.49 -25.12
CA GLU P 216 19.95 24.81 -25.22
C GLU P 216 19.96 25.51 -23.87
N ILE P 217 18.93 25.28 -23.05
CA ILE P 217 18.89 25.81 -21.68
C ILE P 217 20.09 25.28 -20.93
N GLN P 218 20.12 23.97 -20.66
CA GLN P 218 21.17 23.37 -19.84
C GLN P 218 22.55 23.74 -20.33
N ARG P 219 22.72 23.89 -21.64
CA ARG P 219 24.01 24.34 -22.17
C ARG P 219 24.28 25.80 -21.79
N THR P 220 23.26 26.65 -21.85
CA THR P 220 23.45 28.03 -21.39
C THR P 220 23.76 28.11 -19.91
N LEU P 221 23.42 27.05 -19.15
CA LEU P 221 23.75 27.02 -17.74
C LEU P 221 25.23 26.68 -17.53
N MET P 222 25.77 25.81 -18.38
CA MET P 222 27.13 25.31 -18.18
C MET P 222 28.14 26.45 -18.15
N GLU P 223 27.93 27.48 -18.97
CA GLU P 223 28.84 28.62 -18.97
C GLU P 223 28.69 29.42 -17.69
N LEU P 224 27.44 29.72 -17.29
CA LEU P 224 27.20 30.44 -16.04
C LEU P 224 27.95 29.79 -14.89
N LEU P 225 27.91 28.47 -14.81
CA LEU P 225 28.76 27.73 -13.87
C LEU P 225 30.22 28.06 -14.10
N ASN P 226 30.74 27.70 -15.29
CA ASN P 226 32.16 27.86 -15.57
C ASN P 226 32.64 29.30 -15.41
N GLN P 227 31.79 30.28 -15.75
CA GLN P 227 32.15 31.67 -15.53
C GLN P 227 32.39 31.95 -14.06
N MET P 228 31.55 31.38 -13.19
CA MET P 228 31.77 31.45 -11.75
C MET P 228 32.68 30.34 -11.24
N ASP P 229 33.00 29.36 -12.08
CA ASP P 229 33.88 28.25 -11.73
C ASP P 229 35.34 28.53 -12.08
N GLY P 230 35.67 29.75 -12.47
CA GLY P 230 37.00 30.08 -12.96
C GLY P 230 38.12 29.77 -11.97
N PHE P 231 39.41 29.77 -12.36
CA PHE P 231 40.00 30.24 -13.64
C PHE P 231 39.87 31.75 -13.82
N ASP P 232 39.12 32.41 -12.95
CA ASP P 232 38.95 33.85 -13.01
C ASP P 232 38.48 34.35 -11.65
N THR P 233 38.65 35.65 -11.42
CA THR P 233 38.16 36.31 -10.23
C THR P 233 37.16 37.39 -10.65
N LEU P 234 35.89 37.17 -10.32
CA LEU P 234 34.81 38.10 -10.64
C LEU P 234 34.49 39.04 -9.49
N HIS P 235 35.30 39.03 -8.42
CA HIS P 235 34.94 39.67 -7.16
C HIS P 235 34.43 41.10 -7.34
N ARG P 236 34.97 41.83 -8.31
CA ARG P 236 34.55 43.21 -8.50
C ARG P 236 33.16 43.32 -9.11
N VAL P 237 32.55 42.21 -9.55
CA VAL P 237 31.15 42.21 -9.95
C VAL P 237 30.34 41.60 -8.81
N LYS P 238 29.15 42.15 -8.58
CA LYS P 238 28.24 41.68 -7.54
C LYS P 238 27.00 41.12 -8.21
N MET P 239 26.84 39.79 -8.15
CA MET P 239 25.74 39.12 -8.81
C MET P 239 24.57 38.97 -7.84
N ILE P 240 23.44 39.58 -8.17
CA ILE P 240 22.25 39.56 -7.34
C ILE P 240 21.19 38.73 -8.05
N MET P 241 20.59 37.79 -7.32
CA MET P 241 19.71 36.79 -7.91
C MET P 241 18.41 36.72 -7.12
N ALA P 242 17.29 36.78 -7.84
CA ALA P 242 15.96 36.65 -7.27
C ALA P 242 15.05 36.06 -8.32
N THR P 243 14.03 35.34 -7.86
CA THR P 243 13.08 34.71 -8.77
C THR P 243 11.88 34.23 -7.95
N ASN P 244 10.98 33.50 -8.62
CA ASN P 244 9.82 32.89 -7.95
C ASN P 244 10.26 32.02 -6.77
N ARG P 245 10.98 30.94 -7.05
CA ARG P 245 11.37 29.99 -6.01
C ARG P 245 12.85 29.68 -6.09
N PRO P 246 13.52 29.41 -4.92
CA PRO P 246 14.88 28.85 -4.92
C PRO P 246 14.88 27.33 -4.82
N ASP P 247 14.35 26.67 -5.84
CA ASP P 247 14.20 25.22 -5.80
C ASP P 247 14.81 24.54 -7.03
N THR P 248 14.28 24.84 -8.22
CA THR P 248 14.64 24.16 -9.45
C THR P 248 16.08 24.43 -9.88
N LEU P 249 16.80 25.32 -9.20
CA LEU P 249 18.10 25.79 -9.68
C LEU P 249 19.15 24.70 -9.79
N ASP P 250 18.89 23.50 -9.24
CA ASP P 250 19.84 22.39 -9.15
C ASP P 250 20.96 22.75 -8.16
N PRO P 251 21.60 21.76 -7.53
CA PRO P 251 22.51 22.08 -6.43
C PRO P 251 23.77 22.83 -6.86
N ALA P 252 24.14 22.80 -8.14
CA ALA P 252 25.33 23.51 -8.58
C ALA P 252 25.25 25.00 -8.25
N LEU P 253 24.11 25.62 -8.57
CA LEU P 253 23.92 27.03 -8.22
C LEU P 253 23.75 27.19 -6.71
N LEU P 254 23.02 26.25 -6.07
CA LEU P 254 22.58 26.42 -4.69
C LEU P 254 23.71 26.52 -3.68
N ARG P 255 24.92 26.09 -4.03
CA ARG P 255 26.05 26.23 -3.13
C ARG P 255 26.54 27.69 -3.13
N PRO P 256 27.25 28.12 -2.06
CA PRO P 256 27.98 29.40 -2.14
C PRO P 256 28.99 29.39 -3.27
N GLY P 257 29.74 30.49 -3.43
CA GLY P 257 30.12 30.76 -4.79
C GLY P 257 28.89 31.27 -5.51
N ARG P 258 28.38 30.49 -6.47
CA ARG P 258 27.27 30.94 -7.31
C ARG P 258 26.15 31.61 -6.51
N LEU P 259 25.70 30.99 -5.41
CA LEU P 259 24.76 31.63 -4.50
C LEU P 259 25.49 31.97 -3.21
N ASP P 260 25.81 33.25 -3.02
CA ASP P 260 26.71 33.62 -1.92
C ASP P 260 25.98 33.61 -0.58
N ARG P 261 24.81 34.23 -0.50
CA ARG P 261 24.11 34.37 0.76
C ARG P 261 22.63 34.05 0.55
N LYS P 262 21.93 33.86 1.66
CA LYS P 262 20.50 33.58 1.67
C LYS P 262 19.76 34.78 2.26
N ILE P 263 19.03 35.49 1.41
CA ILE P 263 18.19 36.61 1.82
C ILE P 263 16.84 36.43 1.14
N HIS P 264 15.78 36.88 1.81
CA HIS P 264 14.43 36.70 1.27
C HIS P 264 13.50 37.69 1.95
N ILE P 265 12.21 37.56 1.65
CA ILE P 265 11.16 38.36 2.25
C ILE P 265 10.06 37.41 2.70
N ASP P 266 9.41 37.76 3.80
CA ASP P 266 8.20 37.09 4.26
C ASP P 266 7.07 38.11 4.33
N LEU P 267 5.90 37.67 4.78
CA LEU P 267 4.79 38.58 4.96
C LEU P 267 5.18 39.68 5.94
N PRO P 268 5.19 40.95 5.53
CA PRO P 268 5.61 42.01 6.45
C PRO P 268 4.69 42.08 7.67
N ASN P 269 5.32 42.22 8.83
CA ASN P 269 4.57 42.32 10.08
C ASN P 269 3.65 43.53 10.05
N GLU P 270 2.51 43.41 10.75
CA GLU P 270 1.60 44.54 10.87
C GLU P 270 2.28 45.74 11.53
N GLN P 271 3.28 45.48 12.38
CA GLN P 271 4.10 46.57 12.89
C GLN P 271 4.91 47.22 11.77
N ALA P 272 5.53 46.39 10.93
CA ALA P 272 6.20 46.90 9.74
C ALA P 272 5.21 47.34 8.67
N ARG P 273 4.03 46.73 8.63
CA ARG P 273 2.98 47.19 7.73
C ARG P 273 2.41 48.54 8.17
N LEU P 274 2.48 48.83 9.47
CA LEU P 274 2.14 50.17 9.95
C LEU P 274 3.00 51.22 9.25
N ASP P 275 4.28 50.91 9.04
CA ASP P 275 5.16 51.79 8.30
C ASP P 275 4.94 51.71 6.80
N ILE P 276 4.55 50.54 6.28
CA ILE P 276 4.35 50.41 4.84
C ILE P 276 3.15 51.25 4.40
N LEU P 277 2.21 51.53 5.30
CA LEU P 277 1.08 52.38 4.94
C LEU P 277 1.46 53.85 4.95
N LYS P 278 2.40 54.25 5.81
CA LYS P 278 2.86 55.64 5.84
C LYS P 278 3.37 56.07 4.48
N ILE P 279 4.28 55.28 3.90
CA ILE P 279 4.79 55.55 2.56
C ILE P 279 3.70 55.37 1.51
N HIS P 280 2.62 54.67 1.83
CA HIS P 280 1.43 54.73 0.99
C HIS P 280 0.58 55.95 1.31
N ALA P 281 0.41 56.26 2.60
CA ALA P 281 -0.41 57.38 3.04
C ALA P 281 0.28 58.73 2.86
N GLY P 282 1.58 58.75 2.60
CA GLY P 282 2.30 59.97 2.37
C GLY P 282 1.90 60.68 1.09
N PRO P 283 2.01 59.99 -0.05
CA PRO P 283 1.67 60.63 -1.34
C PRO P 283 0.19 60.96 -1.50
N ILE P 284 -0.70 60.30 -0.77
CA ILE P 284 -2.13 60.60 -0.82
C ILE P 284 -2.48 61.56 0.30
N THR P 285 -3.14 62.66 -0.05
CA THR P 285 -3.68 63.60 0.93
C THR P 285 -5.20 63.51 0.94
N LYS P 286 -5.76 63.60 2.15
CA LYS P 286 -7.18 63.42 2.38
C LYS P 286 -7.60 64.39 3.48
N HIS P 287 -8.83 64.23 3.96
CA HIS P 287 -9.19 64.84 5.23
C HIS P 287 -8.31 64.26 6.34
N GLY P 288 -8.04 65.06 7.34
CA GLY P 288 -7.06 64.72 8.34
C GLY P 288 -7.40 63.60 9.29
N GLU P 289 -8.56 62.96 9.14
CA GLU P 289 -8.93 61.86 10.02
C GLU P 289 -8.23 60.59 9.57
N ILE P 290 -7.35 60.07 10.43
CA ILE P 290 -6.62 58.84 10.14
C ILE P 290 -6.41 58.08 11.45
N ASP P 291 -6.61 56.77 11.40
CA ASP P 291 -5.99 55.84 12.32
C ASP P 291 -5.24 54.82 11.47
N TYR P 292 -3.90 54.85 11.54
CA TYR P 292 -3.11 53.94 10.72
C TYR P 292 -3.33 52.50 11.16
N GLU P 293 -3.36 52.25 12.47
CA GLU P 293 -3.54 50.89 12.96
C GLU P 293 -4.92 50.33 12.63
N ALA P 294 -5.90 51.20 12.35
CA ALA P 294 -7.23 50.76 11.93
C ALA P 294 -7.12 49.85 10.72
N ILE P 295 -6.62 50.38 9.59
CA ILE P 295 -6.39 49.55 8.42
C ILE P 295 -5.41 48.44 8.75
N VAL P 296 -4.41 48.73 9.59
CA VAL P 296 -3.44 47.71 9.95
C VAL P 296 -4.09 46.59 10.77
N LYS P 297 -5.01 46.94 11.67
CA LYS P 297 -5.71 45.92 12.45
C LYS P 297 -6.85 45.29 11.66
N LEU P 298 -7.50 46.06 10.79
CA LEU P 298 -8.55 45.49 9.94
C LEU P 298 -7.93 44.66 8.81
N SER P 299 -7.19 45.31 7.93
CA SER P 299 -6.52 44.64 6.82
C SER P 299 -5.25 43.97 7.35
N ASP P 300 -5.17 42.64 7.20
CA ASP P 300 -4.12 41.85 7.83
C ASP P 300 -3.49 40.90 6.82
N GLY P 301 -2.20 40.66 6.99
CA GLY P 301 -1.48 39.66 6.22
C GLY P 301 -1.40 39.96 4.73
N PHE P 302 -0.86 41.13 4.38
CA PHE P 302 -0.81 41.62 3.01
C PHE P 302 0.64 41.90 2.61
N ASN P 303 0.79 42.52 1.45
CA ASN P 303 2.08 42.97 0.96
C ASN P 303 2.04 44.48 0.71
N GLY P 304 3.23 45.07 0.60
CA GLY P 304 3.35 46.50 0.40
C GLY P 304 2.59 46.99 -0.81
N ALA P 305 2.83 46.38 -1.97
CA ALA P 305 2.07 46.73 -3.16
C ALA P 305 0.61 46.34 -3.01
N ASP P 306 0.35 45.14 -2.46
CA ASP P 306 -1.03 44.70 -2.27
C ASP P 306 -1.81 45.69 -1.40
N LEU P 307 -1.22 46.13 -0.29
CA LEU P 307 -1.82 47.20 0.51
C LEU P 307 -1.96 48.47 -0.31
N ARG P 308 -0.83 49.04 -0.75
CA ARG P 308 -0.82 50.34 -1.43
C ARG P 308 -1.82 50.39 -2.57
N ASN P 309 -1.64 49.54 -3.57
CA ASN P 309 -2.49 49.56 -4.75
C ASN P 309 -3.96 49.52 -4.38
N VAL P 310 -4.33 48.61 -3.46
CA VAL P 310 -5.71 48.57 -2.99
C VAL P 310 -6.03 49.81 -2.17
N CYS P 311 -5.08 50.31 -1.37
CA CYS P 311 -5.29 51.56 -0.65
C CYS P 311 -5.51 52.71 -1.63
N THR P 312 -4.72 52.76 -2.70
CA THR P 312 -4.99 53.72 -3.76
C THR P 312 -6.25 53.35 -4.53
N GLU P 313 -6.50 52.05 -4.73
CA GLU P 313 -7.75 51.63 -5.36
C GLU P 313 -8.94 52.02 -4.50
N ALA P 314 -8.80 51.92 -3.17
CA ALA P 314 -9.85 52.40 -2.28
C ALA P 314 -10.11 53.88 -2.49
N GLY P 315 -9.04 54.68 -2.52
CA GLY P 315 -9.18 56.08 -2.87
C GLY P 315 -9.79 56.26 -4.25
N MET P 316 -9.44 55.37 -5.18
CA MET P 316 -10.06 55.40 -6.50
C MET P 316 -11.49 54.88 -6.46
N PHE P 317 -11.73 53.85 -5.63
CA PHE P 317 -13.10 53.39 -5.43
C PHE P 317 -13.92 54.43 -4.67
N ALA P 318 -13.30 55.17 -3.75
CA ALA P 318 -14.02 56.19 -3.02
C ALA P 318 -14.21 57.46 -3.83
N ILE P 319 -13.25 57.80 -4.70
CA ILE P 319 -13.41 58.95 -5.57
C ILE P 319 -14.40 58.69 -6.70
N ARG P 320 -14.87 57.44 -6.84
CA ARG P 320 -15.97 57.16 -7.76
C ARG P 320 -17.20 57.99 -7.42
N ALA P 321 -17.36 58.36 -6.15
CA ALA P 321 -18.44 59.23 -5.70
C ALA P 321 -18.27 60.67 -6.15
N ASP P 322 -17.15 60.99 -6.82
CA ASP P 322 -16.71 62.27 -7.37
C ASP P 322 -16.27 63.26 -6.30
N HIS P 323 -16.43 62.95 -5.02
CA HIS P 323 -15.91 63.80 -3.96
C HIS P 323 -14.40 63.65 -3.86
N ASP P 324 -13.73 64.72 -3.44
CA ASP P 324 -12.27 64.76 -3.51
C ASP P 324 -11.63 64.03 -2.34
N PHE P 325 -11.64 64.63 -1.15
CA PHE P 325 -10.99 64.04 0.01
C PHE P 325 -11.88 62.97 0.64
N VAL P 326 -11.26 61.89 1.09
CA VAL P 326 -11.99 60.74 1.61
C VAL P 326 -11.37 60.31 2.93
N VAL P 327 -12.20 60.21 3.97
CA VAL P 327 -11.77 59.65 5.25
C VAL P 327 -11.58 58.15 5.11
N GLN P 328 -10.87 57.57 6.09
CA GLN P 328 -10.61 56.13 6.11
C GLN P 328 -11.89 55.29 6.12
N GLU P 329 -13.05 55.90 6.35
CA GLU P 329 -14.32 55.17 6.34
C GLU P 329 -14.44 54.27 5.13
N ASP P 330 -14.45 54.86 3.93
CA ASP P 330 -14.45 54.07 2.70
C ASP P 330 -13.29 53.09 2.67
N PHE P 331 -12.13 53.51 3.18
CA PHE P 331 -10.94 52.67 3.12
C PHE P 331 -11.02 51.53 4.13
N MET P 332 -11.56 51.78 5.32
CA MET P 332 -11.85 50.70 6.24
C MET P 332 -12.92 49.76 5.71
N LYS P 333 -13.61 50.15 4.63
CA LYS P 333 -14.53 49.28 3.91
C LYS P 333 -13.90 48.71 2.64
N ALA P 334 -13.51 49.58 1.71
CA ALA P 334 -12.93 49.16 0.44
C ALA P 334 -11.70 48.27 0.63
N VAL P 335 -10.61 48.82 1.17
CA VAL P 335 -9.40 48.03 1.38
C VAL P 335 -9.73 46.73 2.09
N ARG P 336 -10.58 46.80 3.10
CA ARG P 336 -11.09 45.60 3.75
C ARG P 336 -11.76 44.67 2.74
N LYS P 337 -12.84 45.13 2.11
CA LYS P 337 -13.63 44.27 1.23
C LYS P 337 -12.88 43.93 -0.06
N VAL P 338 -12.18 44.90 -0.65
CA VAL P 338 -11.51 44.66 -1.92
C VAL P 338 -10.39 43.63 -1.76
N ALA P 339 -9.58 43.77 -0.72
CA ALA P 339 -8.49 42.82 -0.52
C ALA P 339 -9.02 41.44 -0.16
N ASP P 340 -10.21 41.36 0.45
CA ASP P 340 -10.85 40.07 0.66
C ASP P 340 -11.03 39.33 -0.66
N SER P 341 -11.45 40.05 -1.71
CA SER P 341 -11.45 39.46 -3.04
C SER P 341 -10.03 39.19 -3.51
N LYS P 342 -9.09 40.07 -3.17
CA LYS P 342 -7.70 39.85 -3.56
C LYS P 342 -7.07 38.70 -2.79
N LYS P 343 -7.53 38.42 -1.58
CA LYS P 343 -7.02 37.28 -0.82
C LYS P 343 -7.68 35.97 -1.21
N LEU P 344 -8.69 36.00 -2.08
CA LEU P 344 -9.22 34.75 -2.62
C LEU P 344 -8.18 34.05 -3.48
N GLU P 345 -7.42 34.82 -4.28
CA GLU P 345 -6.34 34.28 -5.08
C GLU P 345 -5.00 34.28 -4.37
N SER P 346 -4.98 34.65 -3.08
CA SER P 346 -3.80 34.43 -2.25
C SER P 346 -3.51 32.95 -2.05
N LYS P 347 -4.41 32.08 -2.53
CA LYS P 347 -4.23 30.64 -2.44
C LYS P 347 -2.91 30.21 -3.07
N LEU P 348 -2.31 29.15 -2.50
CA LEU P 348 -1.21 28.42 -3.13
C LEU P 348 0.00 29.31 -3.42
N ASP P 349 0.20 30.35 -2.60
CA ASP P 349 1.33 31.24 -2.75
C ASP P 349 2.55 30.80 -1.94
N TYR P 350 2.46 29.69 -1.23
CA TYR P 350 3.49 29.28 -0.27
C TYR P 350 4.36 28.22 -0.94
N LYS P 351 5.62 28.59 -1.18
CA LYS P 351 6.51 27.85 -2.07
C LYS P 351 7.71 27.33 -1.28
N PRO P 352 8.36 26.27 -1.77
CA PRO P 352 9.49 25.69 -1.04
C PRO P 352 10.69 26.62 -1.03
N VAL P 353 11.59 26.34 -0.09
CA VAL P 353 12.81 27.13 0.07
C VAL P 353 13.94 26.55 -0.77
N THR Q 1 30.87 88.31 -55.81
CA THR Q 1 29.71 88.19 -54.94
C THR Q 1 28.57 87.43 -55.63
N HIS Q 2 28.72 87.24 -56.95
CA HIS Q 2 27.73 86.55 -57.75
C HIS Q 2 28.00 85.06 -57.88
N GLU Q 3 29.04 84.55 -57.21
CA GLU Q 3 29.37 83.13 -57.28
C GLU Q 3 28.55 82.27 -56.33
N LEU Q 4 27.67 82.89 -55.53
CA LEU Q 4 26.80 82.10 -54.65
C LEU Q 4 25.81 81.27 -55.44
N GLN Q 5 25.32 81.79 -56.57
CA GLN Q 5 24.45 81.00 -57.43
C GLN Q 5 25.22 79.91 -58.15
N ALA Q 6 26.49 80.16 -58.47
CA ALA Q 6 27.33 79.13 -59.07
C ALA Q 6 27.61 78.00 -58.07
N MET Q 7 27.90 78.36 -56.82
CA MET Q 7 28.02 77.34 -55.78
C MET Q 7 26.68 76.65 -55.53
N LYS Q 8 25.58 77.38 -55.68
CA LYS Q 8 24.27 76.75 -55.61
C LYS Q 8 24.07 75.76 -56.75
N ASP Q 9 24.69 76.01 -57.91
CA ASP Q 9 24.59 75.07 -59.01
C ASP Q 9 25.46 73.85 -58.80
N LYS Q 10 26.63 74.02 -58.18
CA LYS Q 10 27.49 72.86 -57.93
C LYS Q 10 26.97 72.01 -56.79
N ILE Q 11 26.27 72.61 -55.83
CA ILE Q 11 25.62 71.81 -54.79
C ILE Q 11 24.31 71.22 -55.28
N LYS Q 12 23.73 71.76 -56.35
CA LYS Q 12 22.57 71.12 -56.97
C LYS Q 12 23.01 69.96 -57.88
N GLU Q 13 24.15 70.11 -58.55
CA GLU Q 13 24.65 69.03 -59.39
C GLU Q 13 25.22 67.90 -58.55
N ASN Q 14 25.92 68.23 -57.47
CA ASN Q 14 26.47 67.19 -56.61
C ASN Q 14 25.39 66.57 -55.73
N SER Q 15 24.37 67.34 -55.34
CA SER Q 15 23.24 66.74 -54.65
C SER Q 15 22.34 65.97 -55.60
N GLU Q 16 22.40 66.29 -56.90
CA GLU Q 16 21.82 65.39 -57.89
C GLU Q 16 22.57 64.07 -57.90
N LYS Q 17 23.89 64.13 -57.71
CA LYS Q 17 24.66 62.90 -57.49
C LYS Q 17 24.36 62.31 -56.12
N ILE Q 18 23.85 63.12 -55.20
CA ILE Q 18 23.33 62.59 -53.95
C ILE Q 18 21.92 62.03 -54.15
N LYS Q 19 21.27 62.42 -55.25
CA LYS Q 19 20.00 61.80 -55.59
C LYS Q 19 20.21 60.44 -56.26
N VAL Q 20 21.25 60.32 -57.10
CA VAL Q 20 21.59 59.02 -57.65
C VAL Q 20 22.46 58.20 -56.68
N ASN Q 21 23.49 58.79 -56.06
CA ASN Q 21 24.22 58.14 -54.97
C ASN Q 21 23.91 58.89 -53.69
N LYS Q 22 22.99 58.35 -52.89
CA LYS Q 22 22.68 58.86 -51.56
C LYS Q 22 23.64 58.40 -50.43
N THR Q 23 24.10 57.14 -50.41
CA THR Q 23 23.85 56.11 -51.42
C THR Q 23 22.71 55.19 -51.04
N LEU Q 24 21.86 54.86 -52.02
CA LEU Q 24 20.46 54.54 -51.77
C LEU Q 24 20.28 53.53 -50.64
N PRO Q 25 19.23 53.64 -49.85
CA PRO Q 25 19.06 52.81 -48.64
C PRO Q 25 19.02 51.29 -48.78
N TYR Q 26 18.93 50.73 -50.00
CA TYR Q 26 18.20 49.46 -50.22
C TYR Q 26 18.36 48.41 -49.13
N LEU Q 27 19.54 47.82 -48.95
CA LEU Q 27 19.63 46.70 -48.02
C LEU Q 27 19.45 47.19 -46.59
N VAL Q 28 18.60 46.48 -45.83
CA VAL Q 28 18.37 46.80 -44.43
C VAL Q 28 19.61 46.42 -43.63
N SER Q 29 19.91 47.21 -42.60
CA SER Q 29 21.10 46.99 -41.80
C SER Q 29 20.85 47.46 -40.37
N ASN Q 30 21.86 47.23 -39.53
CA ASN Q 30 21.87 47.69 -38.14
C ASN Q 30 23.28 48.19 -37.85
N VAL Q 31 23.43 48.88 -36.71
CA VAL Q 31 24.62 49.71 -36.50
C VAL Q 31 25.39 49.21 -35.29
N ILE Q 32 26.67 49.61 -35.25
CA ILE Q 32 27.48 49.68 -34.04
C ILE Q 32 28.32 50.95 -34.13
N GLU Q 33 28.34 51.74 -33.07
CA GLU Q 33 28.90 53.09 -33.15
C GLU Q 33 30.10 53.23 -32.21
N LEU Q 34 31.11 53.97 -32.68
CA LEU Q 34 32.28 54.30 -31.86
C LEU Q 34 32.95 55.53 -32.44
N LEU Q 35 33.79 56.17 -31.61
CA LEU Q 35 34.59 57.32 -31.99
C LEU Q 35 36.07 56.95 -31.94
N ASP Q 36 36.83 57.38 -32.96
CA ASP Q 36 38.24 57.05 -33.03
C ASP Q 36 38.99 58.13 -33.80
N VAL Q 37 40.28 58.25 -33.49
CA VAL Q 37 41.21 59.09 -34.25
C VAL Q 37 42.58 58.44 -34.15
N ASP Q 38 43.41 58.65 -35.17
CA ASP Q 38 44.67 57.93 -35.26
C ASP Q 38 45.88 58.82 -35.00
N PRO Q 39 46.52 58.73 -33.84
CA PRO Q 39 47.89 59.24 -33.69
C PRO Q 39 48.90 58.23 -34.21
N ASN Q 40 50.03 58.74 -34.69
CA ASN Q 40 51.11 57.89 -35.17
C ASN Q 40 52.49 58.47 -34.85
N ASP Q 41 53.40 57.60 -34.39
CA ASP Q 41 53.11 56.19 -34.16
C ASP Q 41 52.77 55.95 -32.69
N SER Q 53 52.41 60.68 -40.51
CA SER Q 53 52.44 61.16 -39.13
C SER Q 53 51.03 61.21 -38.55
N GLN Q 54 50.76 62.26 -37.77
CA GLN Q 54 49.46 62.42 -37.16
C GLN Q 54 48.40 62.75 -38.21
N ARG Q 55 47.25 62.08 -38.12
CA ARG Q 55 46.14 62.30 -39.04
C ARG Q 55 44.85 62.36 -38.23
N LYS Q 56 43.74 62.55 -38.94
CA LYS Q 56 42.44 62.72 -38.30
C LYS Q 56 41.39 61.92 -39.05
N GLY Q 57 40.24 61.76 -38.41
CA GLY Q 57 39.14 61.00 -38.98
C GLY Q 57 38.33 60.36 -37.87
N LYS Q 58 37.42 59.49 -38.28
CA LYS Q 58 36.61 58.73 -37.34
C LYS Q 58 36.10 57.48 -38.05
N CYS Q 59 35.68 56.49 -37.26
CA CYS Q 59 35.21 55.22 -37.79
C CYS Q 59 33.84 54.86 -37.21
N ALA Q 60 33.19 53.90 -37.89
CA ALA Q 60 31.91 53.37 -37.43
C ALA Q 60 31.81 51.91 -37.86
N VAL Q 61 30.88 51.20 -37.22
CA VAL Q 61 30.64 49.79 -37.47
C VAL Q 61 29.19 49.62 -37.92
N ILE Q 62 28.89 48.47 -38.52
CA ILE Q 62 27.58 48.25 -39.11
C ILE Q 62 27.22 46.76 -39.02
N LYS Q 63 25.93 46.48 -39.06
CA LYS Q 63 25.40 45.14 -39.29
C LYS Q 63 24.85 45.07 -40.71
N THR Q 64 24.29 43.91 -41.07
CA THR Q 64 23.71 43.71 -42.39
C THR Q 64 22.45 42.86 -42.26
N SER Q 65 21.79 42.65 -43.40
CA SER Q 65 20.73 41.65 -43.50
C SER Q 65 21.30 40.26 -43.73
N THR Q 66 22.53 40.16 -44.22
CA THR Q 66 23.21 38.89 -44.44
C THR Q 66 24.02 38.44 -43.24
N ARG Q 67 23.91 39.14 -42.10
CA ARG Q 67 24.51 38.88 -40.81
C ARG Q 67 25.94 39.46 -40.70
N GLN Q 68 26.48 40.04 -41.77
CA GLN Q 68 27.87 40.49 -41.77
C GLN Q 68 28.03 41.78 -40.96
N THR Q 69 29.27 42.24 -40.87
CA THR Q 69 29.63 43.40 -40.07
C THR Q 69 30.84 44.06 -40.74
N TYR Q 70 30.89 45.39 -40.69
CA TYR Q 70 31.92 46.14 -41.43
C TYR Q 70 32.45 47.29 -40.60
N PHE Q 71 33.68 47.70 -40.95
CA PHE Q 71 34.45 48.72 -40.23
C PHE Q 71 34.64 49.89 -41.18
N LEU Q 72 33.96 51.00 -40.91
CA LEU Q 72 33.86 52.04 -41.93
C LEU Q 72 34.16 53.43 -41.37
N PRO Q 73 34.81 54.29 -42.16
CA PRO Q 73 34.92 55.70 -41.77
C PRO Q 73 33.54 56.32 -41.59
N VAL Q 74 33.43 57.21 -40.60
CA VAL Q 74 32.13 57.61 -40.07
C VAL Q 74 31.19 58.08 -41.17
N ILE Q 75 29.93 57.64 -41.05
CA ILE Q 75 28.87 57.94 -41.97
C ILE Q 75 28.62 59.46 -42.08
N GLY Q 76 28.44 59.94 -43.30
CA GLY Q 76 28.28 59.08 -44.46
C GLY Q 76 26.96 58.34 -44.66
N LEU Q 77 25.85 59.05 -44.85
CA LEU Q 77 25.83 60.49 -45.08
C LEU Q 77 25.54 61.22 -43.79
N VAL Q 78 24.38 60.93 -43.20
CA VAL Q 78 24.08 61.50 -41.90
C VAL Q 78 25.13 61.02 -40.90
N ASP Q 79 25.28 61.79 -39.84
CA ASP Q 79 26.45 61.77 -38.98
C ASP Q 79 26.09 61.17 -37.63
N ALA Q 80 27.02 61.26 -36.69
CA ALA Q 80 26.85 60.75 -35.34
C ALA Q 80 25.69 61.43 -34.62
N GLU Q 81 25.07 62.42 -35.28
CA GLU Q 81 23.91 63.12 -34.73
C GLU Q 81 22.90 62.15 -34.12
N LYS Q 82 22.51 61.14 -34.89
CA LYS Q 82 21.75 60.02 -34.34
C LYS Q 82 22.02 58.76 -35.15
N LEU Q 83 22.11 57.61 -34.47
CA LEU Q 83 21.96 57.52 -33.03
C LEU Q 83 22.96 56.51 -32.50
N LYS Q 84 22.94 56.24 -31.19
CA LYS Q 84 23.48 54.99 -30.69
C LYS Q 84 22.75 53.91 -31.47
N PRO Q 85 23.40 52.78 -31.79
CA PRO Q 85 22.92 51.94 -32.90
C PRO Q 85 21.45 51.58 -32.86
N GLY Q 86 20.76 51.92 -33.94
CA GLY Q 86 19.36 51.58 -34.12
C GLY Q 86 19.17 50.58 -35.24
N ASP Q 87 17.94 50.56 -35.77
CA ASP Q 87 17.60 49.72 -36.90
C ASP Q 87 17.60 50.53 -38.19
N LEU Q 88 17.39 49.83 -39.29
CA LEU Q 88 17.12 50.40 -40.61
C LEU Q 88 18.01 51.60 -40.93
N VAL Q 89 19.29 51.36 -41.16
CA VAL Q 89 20.22 52.40 -41.60
C VAL Q 89 20.56 52.14 -43.07
N GLY Q 90 20.21 53.08 -43.92
CA GLY Q 90 20.27 52.86 -45.36
C GLY Q 90 21.69 52.70 -45.85
N VAL Q 91 21.96 51.60 -46.55
CA VAL Q 91 23.27 51.33 -47.14
C VAL Q 91 23.07 50.45 -48.37
N ASN Q 92 23.91 50.66 -49.39
CA ASN Q 92 23.89 49.83 -50.60
C ASN Q 92 25.21 49.10 -50.77
N LYS Q 93 25.18 47.78 -50.60
CA LYS Q 93 26.24 46.89 -51.03
C LYS Q 93 27.62 47.40 -50.66
N ASP Q 94 28.54 47.45 -51.63
CA ASP Q 94 29.93 47.78 -51.32
C ASP Q 94 30.11 49.22 -50.85
N SER Q 95 29.13 50.11 -51.05
CA SER Q 95 29.30 51.50 -50.62
C SER Q 95 29.48 51.59 -49.11
N TYR Q 96 28.67 50.84 -48.35
CA TYR Q 96 28.82 50.72 -46.90
C TYR Q 96 28.79 52.08 -46.21
N LEU Q 97 27.83 52.92 -46.57
CA LEU Q 97 27.62 54.20 -45.91
C LEU Q 97 26.15 54.36 -45.55
N ILE Q 98 25.89 55.09 -44.47
CA ILE Q 98 24.55 55.17 -43.88
C ILE Q 98 24.01 56.57 -44.14
N LEU Q 99 23.04 56.65 -45.05
CA LEU Q 99 22.48 57.92 -45.48
C LEU Q 99 21.41 58.46 -44.53
N GLU Q 100 20.52 57.60 -44.06
CA GLU Q 100 19.40 58.02 -43.24
C GLU Q 100 18.94 56.81 -42.42
N THR Q 101 18.33 57.07 -41.28
CA THR Q 101 17.80 56.03 -40.41
C THR Q 101 16.29 56.13 -40.44
N LEU Q 102 15.63 55.15 -41.06
CA LEU Q 102 14.19 55.22 -41.25
C LEU Q 102 13.46 54.44 -40.18
N PRO Q 103 12.56 55.09 -39.41
CA PRO Q 103 11.70 54.45 -38.43
C PRO Q 103 10.52 53.71 -39.08
N THR Q 104 10.03 52.59 -38.51
CA THR Q 104 10.55 51.95 -37.30
C THR Q 104 10.19 50.47 -37.21
N GLU Q 105 10.95 49.77 -36.38
CA GLU Q 105 10.55 48.53 -35.69
C GLU Q 105 10.15 47.45 -36.71
N TYR Q 106 9.06 46.73 -36.45
CA TYR Q 106 8.78 45.40 -37.01
C TYR Q 106 7.50 44.92 -36.31
N ASP Q 107 6.91 43.78 -36.68
CA ASP Q 107 7.03 43.06 -37.94
C ASP Q 107 5.66 42.49 -38.32
N SER Q 108 5.14 42.83 -39.50
CA SER Q 108 3.93 42.21 -40.03
C SER Q 108 2.79 42.16 -39.02
N ARG Q 109 2.27 40.96 -38.75
CA ARG Q 109 1.25 40.79 -37.72
C ARG Q 109 1.85 40.67 -36.33
N VAL Q 110 3.13 40.34 -36.22
CA VAL Q 110 3.83 40.49 -34.95
C VAL Q 110 3.83 41.95 -34.52
N LYS Q 111 4.01 42.86 -35.48
CA LYS Q 111 3.85 44.29 -35.25
C LYS Q 111 2.47 44.60 -34.70
N ALA Q 112 1.45 44.44 -35.54
CA ALA Q 112 0.05 44.66 -35.17
C ALA Q 112 -0.61 43.30 -35.02
N MET Q 113 -0.89 42.90 -33.78
CA MET Q 113 -1.63 41.68 -33.54
C MET Q 113 -3.00 41.74 -34.23
N GLU Q 114 -3.86 42.65 -33.77
CA GLU Q 114 -5.06 43.02 -34.51
C GLU Q 114 -5.25 44.53 -34.39
N VAL Q 115 -5.30 45.20 -35.53
CA VAL Q 115 -5.65 46.62 -35.60
C VAL Q 115 -6.98 46.71 -36.32
N ASP Q 116 -8.04 47.07 -35.57
CA ASP Q 116 -9.38 47.17 -36.10
C ASP Q 116 -9.91 48.56 -35.81
N GLU Q 117 -10.94 48.96 -36.56
CA GLU Q 117 -11.64 50.21 -36.30
C GLU Q 117 -12.11 50.22 -34.85
N ARG Q 118 -13.08 49.35 -34.55
CA ARG Q 118 -13.67 49.14 -33.23
C ARG Q 118 -14.78 48.12 -33.36
N PRO Q 119 -15.32 47.60 -32.26
CA PRO Q 119 -16.56 46.82 -32.35
C PRO Q 119 -17.68 47.67 -32.95
N THR Q 120 -18.50 47.05 -33.78
CA THR Q 120 -19.51 47.77 -34.54
C THR Q 120 -20.77 48.08 -33.74
N GLU Q 121 -20.85 47.64 -32.49
CA GLU Q 121 -21.98 47.95 -31.64
C GLU Q 121 -21.47 48.37 -30.27
N GLN Q 122 -22.37 48.94 -29.46
CA GLN Q 122 -22.03 49.48 -28.16
C GLN Q 122 -22.63 48.64 -27.05
N TYR Q 123 -21.98 48.68 -25.89
CA TYR Q 123 -22.41 47.87 -24.75
C TYR Q 123 -23.81 48.23 -24.25
N SER Q 124 -24.33 49.39 -24.64
CA SER Q 124 -25.65 49.82 -24.19
C SER Q 124 -26.76 48.86 -24.60
N ASP Q 125 -26.49 47.95 -25.54
CA ASP Q 125 -27.50 46.97 -25.93
C ASP Q 125 -27.62 45.87 -24.88
N ILE Q 126 -26.50 45.45 -24.29
CA ILE Q 126 -26.50 44.34 -23.34
C ILE Q 126 -26.47 44.90 -21.92
N GLY Q 127 -27.12 44.20 -21.01
CA GLY Q 127 -27.28 44.69 -19.66
C GLY Q 127 -27.39 43.56 -18.65
N GLY Q 128 -27.58 43.95 -17.40
CA GLY Q 128 -27.64 43.04 -16.28
C GLY Q 128 -26.30 42.79 -15.61
N LEU Q 129 -25.20 42.97 -16.35
CA LEU Q 129 -23.85 42.98 -15.82
C LEU Q 129 -23.35 44.40 -15.55
N ASP Q 130 -24.24 45.39 -15.67
CA ASP Q 130 -23.86 46.79 -15.65
C ASP Q 130 -22.94 47.13 -14.48
N LYS Q 131 -23.43 46.98 -13.26
CA LYS Q 131 -22.74 47.54 -12.09
C LYS Q 131 -21.29 47.06 -11.98
N GLN Q 132 -21.00 45.83 -12.39
CA GLN Q 132 -19.62 45.36 -12.33
C GLN Q 132 -18.80 45.84 -13.52
N ILE Q 133 -19.40 45.95 -14.71
CA ILE Q 133 -18.67 46.58 -15.81
C ILE Q 133 -18.68 48.10 -15.65
N GLN Q 134 -19.70 48.64 -14.96
CA GLN Q 134 -19.65 50.04 -14.54
C GLN Q 134 -18.41 50.29 -13.69
N GLU Q 135 -17.94 49.27 -12.98
CA GLU Q 135 -16.64 49.32 -12.32
C GLU Q 135 -15.50 49.11 -13.30
N LEU Q 136 -15.72 48.29 -14.34
CA LEU Q 136 -14.65 47.99 -15.29
C LEU Q 136 -14.40 49.15 -16.24
N VAL Q 137 -15.47 49.73 -16.79
CA VAL Q 137 -15.33 50.81 -17.76
C VAL Q 137 -14.57 51.98 -17.16
N GLU Q 138 -14.58 52.12 -15.83
CA GLU Q 138 -13.73 53.11 -15.19
C GLU Q 138 -12.26 52.85 -15.51
N ALA Q 139 -11.82 51.60 -15.37
CA ALA Q 139 -10.40 51.28 -15.54
C ALA Q 139 -9.87 51.68 -16.91
N ILE Q 140 -10.70 51.62 -17.95
CA ILE Q 140 -10.30 52.14 -19.25
C ILE Q 140 -10.54 53.64 -19.37
N VAL Q 141 -11.66 54.15 -18.81
CA VAL Q 141 -12.03 55.54 -19.04
C VAL Q 141 -11.28 56.49 -18.11
N LEU Q 142 -11.11 56.12 -16.84
CA LEU Q 142 -10.45 57.04 -15.92
C LEU Q 142 -9.01 57.40 -16.33
N PRO Q 143 -8.19 56.50 -16.89
CA PRO Q 143 -6.95 57.00 -17.52
C PRO Q 143 -7.20 57.73 -18.82
N MET Q 144 -8.27 57.40 -19.54
CA MET Q 144 -8.62 58.13 -20.76
C MET Q 144 -9.03 59.56 -20.43
N ASN Q 145 -9.74 59.76 -19.32
CA ASN Q 145 -10.24 61.07 -18.91
C ASN Q 145 -9.93 61.39 -17.46
N HIS Q 146 -10.44 60.58 -16.52
CA HIS Q 146 -10.63 60.99 -15.13
C HIS Q 146 -9.35 60.93 -14.31
N LYS Q 147 -8.20 60.65 -14.93
CA LYS Q 147 -6.92 60.78 -14.25
C LYS Q 147 -6.77 62.16 -13.58
N GLU Q 148 -7.42 63.18 -14.14
CA GLU Q 148 -7.38 64.51 -13.52
C GLU Q 148 -7.91 64.49 -12.09
N LYS Q 149 -8.83 63.57 -11.78
CA LYS Q 149 -9.30 63.43 -10.42
C LYS Q 149 -8.18 63.04 -9.47
N PHE Q 150 -7.23 62.23 -9.96
CA PHE Q 150 -6.12 61.80 -9.12
C PHE Q 150 -5.03 62.86 -9.03
N GLU Q 151 -4.97 63.79 -9.98
CA GLU Q 151 -3.97 64.84 -9.93
C GLU Q 151 -4.11 65.70 -8.69
N ASN Q 152 -5.33 65.83 -8.16
CA ASN Q 152 -5.57 66.49 -6.90
C ASN Q 152 -4.81 65.80 -5.77
N LEU Q 153 -5.18 64.56 -5.47
CA LEU Q 153 -4.71 63.86 -4.28
C LEU Q 153 -3.50 62.97 -4.52
N GLY Q 154 -2.96 62.95 -5.73
CA GLY Q 154 -1.78 62.15 -6.00
C GLY Q 154 -2.01 60.65 -5.98
N ILE Q 155 -2.91 60.17 -6.83
CA ILE Q 155 -3.18 58.75 -6.99
C ILE Q 155 -2.75 58.34 -8.40
N GLN Q 156 -2.46 57.05 -8.56
CA GLN Q 156 -2.11 56.52 -9.87
C GLN Q 156 -3.19 55.56 -10.34
N PRO Q 157 -3.46 55.50 -11.64
CA PRO Q 157 -4.61 54.73 -12.14
C PRO Q 157 -4.36 53.24 -12.04
N PRO Q 158 -5.41 52.42 -12.05
CA PRO Q 158 -5.21 50.98 -12.01
C PRO Q 158 -4.65 50.45 -13.31
N LYS Q 159 -3.69 49.54 -13.19
CA LYS Q 159 -3.11 48.86 -14.34
C LYS Q 159 -3.65 47.45 -14.49
N GLY Q 160 -3.40 46.57 -13.52
CA GLY Q 160 -3.92 45.23 -13.57
C GLY Q 160 -5.43 45.13 -13.48
N VAL Q 161 -6.02 44.30 -14.34
CA VAL Q 161 -7.45 44.04 -14.32
C VAL Q 161 -7.67 42.68 -14.95
N LEU Q 162 -8.74 41.99 -14.52
CA LEU Q 162 -9.00 40.65 -15.04
C LEU Q 162 -10.49 40.51 -15.34
N MET Q 163 -10.79 39.64 -16.30
CA MET Q 163 -12.15 39.36 -16.76
C MET Q 163 -12.25 37.86 -16.95
N TYR Q 164 -13.29 37.24 -16.42
CA TYR Q 164 -13.32 35.77 -16.45
C TYR Q 164 -14.75 35.28 -16.25
N GLY Q 165 -14.89 33.97 -16.05
CA GLY Q 165 -16.17 33.30 -15.99
C GLY Q 165 -16.43 32.48 -17.23
N PRO Q 166 -17.20 31.39 -17.09
CA PRO Q 166 -17.47 30.51 -18.22
C PRO Q 166 -18.51 31.11 -19.14
N PRO Q 167 -18.43 30.83 -20.45
CA PRO Q 167 -19.40 31.34 -21.43
C PRO Q 167 -20.81 30.84 -21.20
N GLY Q 168 -21.79 31.75 -21.08
CA GLY Q 168 -21.54 33.18 -21.03
C GLY Q 168 -22.64 33.82 -20.17
N THR Q 169 -22.42 34.97 -19.52
CA THR Q 169 -21.33 35.95 -19.68
C THR Q 169 -21.31 36.54 -21.10
N GLY Q 170 -20.28 36.28 -21.90
CA GLY Q 170 -20.12 36.98 -23.16
C GLY Q 170 -19.01 38.03 -23.25
N LYS Q 171 -18.01 37.98 -22.35
CA LYS Q 171 -16.86 38.88 -22.44
C LYS Q 171 -16.29 38.93 -23.85
N THR Q 172 -16.24 37.79 -24.55
CA THR Q 172 -15.70 37.76 -25.90
C THR Q 172 -16.28 38.86 -26.77
N LEU Q 173 -17.60 39.04 -26.73
CA LEU Q 173 -18.19 40.21 -27.36
C LEU Q 173 -17.99 41.46 -26.51
N LEU Q 174 -18.12 41.32 -25.18
CA LEU Q 174 -18.13 42.49 -24.30
C LEU Q 174 -16.74 43.09 -24.14
N ALA Q 175 -15.73 42.24 -23.87
CA ALA Q 175 -14.38 42.76 -23.69
C ALA Q 175 -13.90 43.52 -24.92
N ARG Q 176 -14.35 43.13 -26.10
CA ARG Q 176 -14.10 43.93 -27.29
C ARG Q 176 -15.07 45.11 -27.38
N ALA Q 177 -16.35 44.88 -27.04
CA ALA Q 177 -17.37 45.91 -27.18
C ALA Q 177 -17.02 47.20 -26.44
N CYS Q 178 -16.20 47.11 -25.39
CA CYS Q 178 -15.78 48.32 -24.68
C CYS Q 178 -14.78 49.13 -25.48
N ALA Q 179 -14.12 48.53 -26.47
CA ALA Q 179 -13.13 49.26 -27.27
C ALA Q 179 -13.78 50.33 -28.15
N ALA Q 180 -15.08 50.22 -28.42
CA ALA Q 180 -15.75 51.28 -29.18
C ALA Q 180 -15.80 52.58 -28.40
N GLN Q 181 -15.85 52.51 -27.08
CA GLN Q 181 -15.87 53.69 -26.23
C GLN Q 181 -14.50 54.09 -25.74
N THR Q 182 -13.45 53.31 -26.05
CA THR Q 182 -12.10 53.70 -25.68
C THR Q 182 -11.55 54.76 -26.62
N LYS Q 183 -11.79 54.61 -27.92
CA LYS Q 183 -11.43 55.55 -28.98
C LYS Q 183 -9.92 55.51 -29.26
N ALA Q 184 -9.15 54.93 -28.34
CA ALA Q 184 -7.74 54.70 -28.59
C ALA Q 184 -7.55 53.42 -29.40
N THR Q 185 -6.44 53.36 -30.13
CA THR Q 185 -6.15 52.18 -30.96
C THR Q 185 -6.07 50.93 -30.10
N PHE Q 186 -6.71 49.86 -30.55
CA PHE Q 186 -6.82 48.62 -29.80
C PHE Q 186 -6.00 47.52 -30.46
N LEU Q 187 -5.52 46.60 -29.63
CA LEU Q 187 -4.72 45.46 -30.08
C LEU Q 187 -5.20 44.19 -29.38
N LYS Q 188 -5.43 43.14 -30.16
CA LYS Q 188 -5.97 41.88 -29.65
C LYS Q 188 -4.84 40.90 -29.40
N LEU Q 189 -4.64 40.52 -28.14
CA LEU Q 189 -3.73 39.45 -27.78
C LEU Q 189 -4.52 38.26 -27.28
N ALA Q 190 -4.04 37.06 -27.60
CA ALA Q 190 -4.72 35.83 -27.24
C ALA Q 190 -3.68 34.73 -27.08
N GLY Q 191 -4.12 33.61 -26.46
CA GLY Q 191 -3.26 32.46 -26.29
C GLY Q 191 -2.55 31.98 -27.55
N PRO Q 192 -3.26 31.83 -28.68
CA PRO Q 192 -2.57 31.45 -29.92
C PRO Q 192 -1.43 32.38 -30.31
N GLN Q 193 -1.51 33.66 -29.96
CA GLN Q 193 -0.37 34.54 -30.17
C GLN Q 193 0.79 34.15 -29.28
N LEU Q 194 0.51 33.79 -28.02
CA LEU Q 194 1.54 33.34 -27.10
C LEU Q 194 2.08 31.97 -27.46
N VAL Q 195 1.39 31.22 -28.33
CA VAL Q 195 1.99 30.03 -28.93
C VAL Q 195 3.14 30.49 -29.82
N GLN Q 196 4.32 29.95 -29.59
CA GLN Q 196 5.54 30.47 -30.22
C GLN Q 196 6.25 29.35 -30.96
N MET Q 197 6.43 29.54 -32.26
CA MET Q 197 7.29 28.65 -33.05
C MET Q 197 8.69 28.60 -32.45
N PHE Q 198 9.39 29.74 -32.46
CA PHE Q 198 10.71 29.87 -31.88
C PHE Q 198 10.60 30.56 -30.52
N ILE Q 199 11.76 30.77 -29.90
CA ILE Q 199 11.84 31.26 -28.54
C ILE Q 199 12.29 32.72 -28.55
N GLY Q 200 11.80 33.47 -27.56
CA GLY Q 200 12.14 34.87 -27.43
C GLY Q 200 11.26 35.80 -28.23
N ASP Q 201 10.55 35.30 -29.23
CA ASP Q 201 9.63 36.11 -30.01
C ASP Q 201 8.60 36.75 -29.09
N GLY Q 202 7.76 35.93 -28.44
CA GLY Q 202 6.74 36.46 -27.55
C GLY Q 202 7.29 37.48 -26.56
N ALA Q 203 8.46 37.19 -26.00
CA ALA Q 203 9.19 38.18 -25.21
C ALA Q 203 9.46 39.42 -26.05
N LYS Q 204 10.22 39.25 -27.13
CA LYS Q 204 10.47 40.36 -28.05
C LYS Q 204 9.18 40.97 -28.58
N LEU Q 205 8.15 40.15 -28.80
CA LEU Q 205 6.84 40.67 -29.17
C LEU Q 205 6.31 41.60 -28.09
N VAL Q 206 6.23 41.11 -26.85
CA VAL Q 206 5.78 41.95 -25.74
C VAL Q 206 6.72 43.13 -25.53
N ARG Q 207 8.03 42.91 -25.70
CA ARG Q 207 8.96 44.03 -25.74
C ARG Q 207 8.57 45.01 -26.85
N ASP Q 208 8.17 44.49 -28.00
CA ASP Q 208 7.70 45.36 -29.09
C ASP Q 208 6.25 45.79 -28.88
N ALA Q 209 5.41 44.92 -28.33
CA ALA Q 209 4.02 45.28 -28.09
C ALA Q 209 3.90 46.50 -27.19
N PHE Q 210 4.73 46.57 -26.15
CA PHE Q 210 4.76 47.73 -25.28
C PHE Q 210 5.62 48.86 -25.84
N ALA Q 211 6.51 48.57 -26.78
CA ALA Q 211 7.06 49.62 -27.63
C ALA Q 211 5.91 50.29 -28.37
N LEU Q 212 5.25 49.52 -29.25
CA LEU Q 212 4.11 50.04 -30.00
C LEU Q 212 2.98 50.53 -29.11
N ALA Q 213 2.93 50.09 -27.85
CA ALA Q 213 1.97 50.65 -26.90
C ALA Q 213 2.40 52.04 -26.47
N LYS Q 214 3.56 52.14 -25.82
CA LYS Q 214 4.08 53.45 -25.42
C LYS Q 214 4.34 54.34 -26.64
N GLU Q 215 4.66 53.75 -27.79
CA GLU Q 215 4.83 54.54 -29.00
C GLU Q 215 3.51 55.17 -29.43
N LYS Q 216 2.43 54.39 -29.44
CA LYS Q 216 1.11 54.88 -29.81
C LYS Q 216 0.30 55.34 -28.61
N ALA Q 217 0.89 55.38 -27.43
CA ALA Q 217 0.21 55.82 -26.22
C ALA Q 217 -0.39 57.22 -26.39
N PRO Q 218 -1.65 57.42 -25.98
CA PRO Q 218 -2.55 56.40 -25.42
C PRO Q 218 -3.07 55.39 -26.44
N SER Q 219 -3.10 54.12 -26.06
CA SER Q 219 -3.66 53.05 -26.87
C SER Q 219 -4.37 52.07 -25.94
N ILE Q 220 -4.94 51.01 -26.52
CA ILE Q 220 -5.64 49.98 -25.76
C ILE Q 220 -5.05 48.63 -26.13
N ILE Q 221 -4.83 47.78 -25.12
CA ILE Q 221 -4.42 46.40 -25.32
C ILE Q 221 -5.20 45.54 -24.33
N PHE Q 222 -5.78 44.45 -24.84
CA PHE Q 222 -6.47 43.47 -24.02
C PHE Q 222 -6.04 42.09 -24.48
N ILE Q 223 -5.70 41.23 -23.53
CA ILE Q 223 -5.18 39.91 -23.83
C ILE Q 223 -6.22 38.87 -23.42
N ASP Q 224 -5.92 37.60 -23.71
CA ASP Q 224 -6.87 36.53 -23.46
C ASP Q 224 -6.09 35.22 -23.36
N GLU Q 225 -6.83 34.16 -23.02
CA GLU Q 225 -6.26 32.82 -22.80
C GLU Q 225 -5.00 32.89 -21.95
N LEU Q 226 -5.07 33.66 -20.87
CA LEU Q 226 -3.94 33.71 -19.95
C LEU Q 226 -3.64 32.33 -19.36
N ASP Q 227 -4.68 31.51 -19.18
CA ASP Q 227 -4.49 30.16 -18.65
C ASP Q 227 -3.67 29.27 -19.58
N ALA Q 228 -3.61 29.59 -20.87
CA ALA Q 228 -2.76 28.82 -21.78
C ALA Q 228 -1.30 28.89 -21.34
N ILE Q 229 -0.82 30.10 -21.02
CA ILE Q 229 0.49 30.28 -20.41
C ILE Q 229 0.42 30.40 -18.89
N GLY Q 230 -0.77 30.23 -18.31
CA GLY Q 230 -0.97 30.57 -16.90
C GLY Q 230 -0.01 29.88 -15.96
N THR Q 231 0.05 28.55 -16.04
CA THR Q 231 0.92 27.78 -15.17
C THR Q 231 2.25 27.55 -15.84
N LYS Q 232 3.32 27.60 -15.03
CA LYS Q 232 4.68 27.32 -15.43
C LYS Q 232 5.02 25.85 -15.28
N ARG Q 233 4.02 25.02 -15.06
CA ARG Q 233 4.09 23.81 -14.24
C ARG Q 233 4.52 24.29 -12.86
N PHE Q 234 5.35 23.54 -12.15
CA PHE Q 234 6.19 24.10 -11.11
C PHE Q 234 7.58 23.50 -11.26
N ASP Q 235 7.67 22.18 -11.06
CA ASP Q 235 8.89 21.43 -11.24
C ASP Q 235 9.03 20.94 -12.68
N SER Q 236 10.27 20.87 -13.14
CA SER Q 236 10.63 20.33 -14.46
C SER Q 236 10.25 18.85 -14.50
N GLU Q 237 10.14 18.21 -15.68
CA GLU Q 237 10.59 18.69 -17.00
C GLU Q 237 9.69 18.21 -18.13
N LYS Q 238 9.30 19.07 -19.08
CA LYS Q 238 9.48 20.53 -19.04
C LYS Q 238 8.31 21.17 -19.79
N ALA Q 239 8.11 22.47 -19.59
CA ALA Q 239 7.08 23.21 -20.31
C ALA Q 239 7.73 24.16 -21.30
N GLY Q 240 7.09 24.31 -22.47
CA GLY Q 240 7.55 25.27 -23.46
C GLY Q 240 7.24 26.69 -23.05
N ASP Q 241 6.00 26.91 -22.57
CA ASP Q 241 5.61 28.20 -22.04
C ASP Q 241 6.33 28.54 -20.74
N ARG Q 242 7.05 27.57 -20.14
CA ARG Q 242 7.89 27.89 -19.00
C ARG Q 242 8.95 28.92 -19.35
N GLU Q 243 9.41 28.92 -20.61
CA GLU Q 243 10.24 30.02 -21.10
C GLU Q 243 9.37 31.22 -21.44
N VAL Q 244 8.20 31.00 -22.03
CA VAL Q 244 7.28 32.08 -22.38
C VAL Q 244 6.57 32.65 -21.16
N GLN Q 245 6.61 31.96 -20.02
CA GLN Q 245 6.15 32.58 -18.78
C GLN Q 245 7.00 33.81 -18.45
N ARG Q 246 8.26 33.80 -18.88
CA ARG Q 246 9.12 34.95 -18.68
C ARG Q 246 8.68 36.16 -19.48
N THR Q 247 8.07 35.93 -20.65
CA THR Q 247 7.37 37.01 -21.34
C THR Q 247 6.34 37.65 -20.42
N MET Q 248 5.56 36.81 -19.71
CA MET Q 248 4.68 37.32 -18.67
C MET Q 248 5.50 37.86 -17.50
N LEU Q 249 6.59 37.19 -17.14
CA LEU Q 249 7.46 37.71 -16.09
C LEU Q 249 8.10 39.03 -16.52
N GLU Q 250 8.44 39.15 -17.80
CA GLU Q 250 8.88 40.44 -18.32
C GLU Q 250 7.71 41.41 -18.39
N LEU Q 251 6.55 40.93 -18.85
CA LEU Q 251 5.32 41.70 -18.71
C LEU Q 251 5.11 42.12 -17.27
N LEU Q 252 5.47 41.24 -16.33
CA LEU Q 252 5.52 41.63 -14.92
C LEU Q 252 6.72 42.54 -14.66
N ASN Q 253 7.91 42.13 -15.11
CA ASN Q 253 9.10 42.97 -14.94
C ASN Q 253 8.91 44.35 -15.55
N GLN Q 254 8.09 44.45 -16.60
CA GLN Q 254 7.75 45.76 -17.14
C GLN Q 254 6.68 46.46 -16.31
N LEU Q 255 5.81 45.71 -15.63
CA LEU Q 255 4.80 46.27 -14.74
C LEU Q 255 5.23 46.24 -13.27
N ASP Q 256 6.40 45.68 -12.97
CA ASP Q 256 6.87 45.59 -11.60
C ASP Q 256 8.28 46.15 -11.48
N GLY Q 257 9.24 45.50 -12.15
CA GLY Q 257 10.61 45.96 -12.11
C GLY Q 257 10.91 47.13 -13.02
N PHE Q 258 9.99 47.46 -13.94
CA PHE Q 258 10.15 48.58 -14.85
C PHE Q 258 8.99 49.55 -14.68
N GLN Q 259 9.30 50.85 -14.75
CA GLN Q 259 8.25 51.86 -14.78
C GLN Q 259 7.48 51.94 -16.10
N PRO Q 260 8.12 51.89 -17.28
CA PRO Q 260 7.48 52.49 -18.48
C PRO Q 260 6.11 51.95 -18.86
N ASN Q 261 5.67 50.82 -18.31
CA ASN Q 261 4.38 50.22 -18.64
C ASN Q 261 3.19 51.08 -18.20
N THR Q 262 3.43 52.20 -17.51
CA THR Q 262 2.37 52.97 -16.86
C THR Q 262 1.17 53.23 -17.76
N GLN Q 263 1.40 53.54 -19.04
CA GLN Q 263 0.32 53.91 -19.92
C GLN Q 263 -0.18 52.68 -20.69
N VAL Q 264 -1.22 52.90 -21.51
CA VAL Q 264 -1.82 51.85 -22.33
C VAL Q 264 -2.27 50.70 -21.43
N LYS Q 265 -3.35 50.91 -20.68
CA LYS Q 265 -3.80 49.94 -19.69
C LYS Q 265 -4.18 48.62 -20.37
N VAL Q 266 -3.74 47.51 -19.78
CA VAL Q 266 -3.89 46.19 -20.35
C VAL Q 266 -4.87 45.37 -19.51
N ILE Q 267 -5.71 44.59 -20.18
CA ILE Q 267 -6.70 43.73 -19.53
C ILE Q 267 -6.45 42.29 -19.95
N ALA Q 268 -6.91 41.36 -19.12
CA ALA Q 268 -6.71 39.94 -19.38
C ALA Q 268 -8.04 39.20 -19.23
N ALA Q 269 -8.13 38.04 -19.87
CA ALA Q 269 -9.34 37.24 -19.77
C ALA Q 269 -9.00 35.76 -19.96
N THR Q 270 -9.83 34.91 -19.36
CA THR Q 270 -9.74 33.47 -19.50
C THR Q 270 -11.15 32.89 -19.45
N ASN Q 271 -11.28 31.63 -19.89
CA ASN Q 271 -12.50 30.90 -19.62
C ASN Q 271 -12.62 30.55 -18.14
N ARG Q 272 -11.50 30.30 -17.48
CA ARG Q 272 -11.49 30.06 -16.04
C ARG Q 272 -10.15 30.51 -15.47
N VAL Q 273 -10.17 30.89 -14.19
CA VAL Q 273 -9.02 31.43 -13.48
C VAL Q 273 -8.25 30.30 -12.81
N ASP Q 274 -8.60 29.06 -13.14
CA ASP Q 274 -8.29 27.87 -12.35
C ASP Q 274 -6.89 27.82 -11.76
N ILE Q 275 -5.86 27.61 -12.61
CA ILE Q 275 -4.50 27.48 -12.13
C ILE Q 275 -3.59 28.31 -13.03
N LEU Q 276 -2.84 29.22 -12.44
CA LEU Q 276 -1.90 30.10 -13.12
C LEU Q 276 -0.83 30.48 -12.12
N ASP Q 277 0.01 31.44 -12.47
CA ASP Q 277 0.94 31.95 -11.46
C ASP Q 277 0.15 32.79 -10.47
N PRO Q 278 -0.03 32.35 -9.23
CA PRO Q 278 -0.93 33.07 -8.31
C PRO Q 278 -0.37 34.40 -7.82
N ALA Q 279 0.94 34.62 -7.97
CA ALA Q 279 1.59 35.86 -7.56
C ALA Q 279 1.13 37.07 -8.36
N LEU Q 280 0.29 36.87 -9.38
CA LEU Q 280 -0.12 37.94 -10.29
C LEU Q 280 -0.90 39.06 -9.60
N LEU Q 281 -1.20 38.90 -8.32
CA LEU Q 281 -1.99 39.90 -7.61
C LEU Q 281 -1.12 41.13 -7.31
N ARG Q 282 -1.53 42.28 -7.85
CA ARG Q 282 -0.88 43.58 -7.67
C ARG Q 282 -1.60 44.56 -8.60
N SER Q 283 -1.27 45.85 -8.55
CA SER Q 283 -1.75 46.75 -9.58
C SER Q 283 -0.93 46.63 -10.87
N GLY Q 284 0.38 46.43 -10.75
CA GLY Q 284 1.20 46.26 -11.93
C GLY Q 284 0.79 45.03 -12.71
N ARG Q 285 0.82 43.88 -12.06
CA ARG Q 285 0.21 42.67 -12.63
C ARG Q 285 -1.30 42.76 -12.35
N LEU Q 286 -2.03 41.68 -12.62
CA LEU Q 286 -3.49 41.77 -12.61
C LEU Q 286 -4.02 42.14 -11.23
N ASP Q 287 -5.04 43.00 -11.20
CA ASP Q 287 -5.63 43.48 -9.95
C ASP Q 287 -7.12 43.17 -9.90
N ARG Q 288 -7.94 43.84 -10.70
CA ARG Q 288 -9.38 43.68 -10.62
C ARG Q 288 -9.76 42.25 -10.94
N LYS Q 289 -10.46 41.60 -10.01
CA LYS Q 289 -11.03 40.27 -10.23
C LYS Q 289 -12.53 40.37 -10.02
N ILE Q 290 -13.27 40.25 -11.12
CA ILE Q 290 -14.73 40.37 -11.09
C ILE Q 290 -15.30 39.07 -11.58
N GLU Q 291 -15.94 38.32 -10.69
CA GLU Q 291 -16.56 37.06 -11.07
C GLU Q 291 -17.86 37.35 -11.80
N PHE Q 292 -17.98 36.85 -13.03
CA PHE Q 292 -19.20 37.02 -13.79
C PHE Q 292 -20.06 35.78 -13.62
N PRO Q 293 -21.14 35.84 -12.84
CA PRO Q 293 -21.95 34.63 -12.63
C PRO Q 293 -22.81 34.31 -13.83
N MET Q 294 -23.64 33.28 -13.71
CA MET Q 294 -24.66 33.04 -14.72
C MET Q 294 -25.54 34.28 -14.85
N PRO Q 295 -25.81 34.75 -16.07
CA PRO Q 295 -26.74 35.88 -16.23
C PRO Q 295 -28.06 35.57 -15.53
N ASN Q 296 -28.62 36.57 -14.87
CA ASN Q 296 -29.82 36.38 -14.07
C ASN Q 296 -31.05 36.85 -14.87
N GLU Q 297 -32.23 36.65 -14.27
CA GLU Q 297 -33.48 36.91 -14.98
C GLU Q 297 -33.61 38.36 -15.42
N GLU Q 298 -32.96 39.29 -14.72
CA GLU Q 298 -32.84 40.66 -15.21
C GLU Q 298 -32.21 40.68 -16.59
N ALA Q 299 -30.96 40.21 -16.69
CA ALA Q 299 -30.30 40.12 -17.98
C ALA Q 299 -30.96 39.06 -18.87
N ARG Q 300 -31.24 37.88 -18.31
CA ARG Q 300 -31.73 36.77 -19.11
C ARG Q 300 -32.99 37.12 -19.89
N ALA Q 301 -33.89 37.90 -19.28
CA ALA Q 301 -35.04 38.40 -20.02
C ALA Q 301 -34.61 39.44 -21.05
N ARG Q 302 -33.65 40.30 -20.68
CA ARG Q 302 -33.24 41.39 -21.56
C ARG Q 302 -32.26 40.96 -22.63
N ILE Q 303 -31.38 40.00 -22.36
CA ILE Q 303 -30.34 39.63 -23.33
C ILE Q 303 -30.97 39.22 -24.66
N MET Q 304 -31.76 38.15 -24.65
CA MET Q 304 -32.45 37.74 -25.88
C MET Q 304 -33.43 38.80 -26.35
N GLN Q 305 -34.03 39.55 -25.42
CA GLN Q 305 -34.87 40.68 -25.80
C GLN Q 305 -34.11 41.65 -26.70
N ILE Q 306 -32.84 41.91 -26.38
CA ILE Q 306 -32.00 42.71 -27.25
C ILE Q 306 -31.43 41.87 -28.40
N HIS Q 307 -31.37 40.55 -28.25
CA HIS Q 307 -31.00 39.70 -29.37
C HIS Q 307 -32.19 39.47 -30.30
N SER Q 308 -33.41 39.46 -29.77
CA SER Q 308 -34.62 39.31 -30.58
C SER Q 308 -35.23 40.65 -30.99
N ARG Q 309 -34.69 41.77 -30.51
CA ARG Q 309 -35.17 43.07 -31.00
C ARG Q 309 -34.83 43.25 -32.48
N LYS Q 310 -33.88 42.46 -32.99
CA LYS Q 310 -33.60 42.46 -34.43
C LYS Q 310 -34.77 41.87 -35.21
N MET Q 311 -35.58 41.03 -34.59
CA MET Q 311 -36.60 40.26 -35.28
C MET Q 311 -37.99 40.56 -34.70
N ASN Q 312 -39.00 40.20 -35.48
CA ASN Q 312 -40.38 40.49 -35.13
C ASN Q 312 -40.90 39.53 -34.07
N VAL Q 313 -41.88 39.98 -33.31
CA VAL Q 313 -42.48 39.22 -32.22
C VAL Q 313 -43.98 39.41 -32.29
N SER Q 314 -44.72 38.30 -32.24
CA SER Q 314 -46.15 38.39 -31.99
C SER Q 314 -46.33 39.04 -30.61
N PRO Q 315 -46.96 40.20 -30.50
CA PRO Q 315 -46.73 41.05 -29.33
C PRO Q 315 -47.35 40.53 -28.04
N ASP Q 316 -47.15 39.25 -27.75
CA ASP Q 316 -47.21 38.73 -26.39
C ASP Q 316 -46.10 37.71 -26.22
N VAL Q 317 -45.13 38.02 -25.36
CA VAL Q 317 -44.14 37.06 -24.91
C VAL Q 317 -43.88 37.35 -23.44
N ASN Q 318 -43.92 36.31 -22.61
CA ASN Q 318 -43.71 36.50 -21.18
C ASN Q 318 -42.33 37.10 -20.91
N TYR Q 319 -41.28 36.44 -21.41
CA TYR Q 319 -39.88 36.73 -21.12
C TYR Q 319 -39.57 36.42 -19.66
N GLU Q 320 -40.62 36.25 -18.84
CA GLU Q 320 -40.49 35.64 -17.53
C GLU Q 320 -40.49 34.12 -17.64
N GLU Q 321 -41.25 33.59 -18.61
CA GLU Q 321 -41.30 32.15 -18.84
C GLU Q 321 -39.90 31.56 -18.90
N LEU Q 322 -39.10 32.03 -19.86
CA LEU Q 322 -37.69 31.67 -19.88
C LEU Q 322 -37.01 32.08 -18.57
N ALA Q 323 -37.08 33.37 -18.23
CA ALA Q 323 -36.33 33.90 -17.10
C ALA Q 323 -36.63 33.14 -15.82
N ARG Q 324 -37.86 32.68 -15.63
CA ARG Q 324 -38.17 31.83 -14.50
C ARG Q 324 -37.62 30.42 -14.69
N CYS Q 325 -37.78 29.87 -15.89
CA CYS Q 325 -37.35 28.52 -16.18
C CYS Q 325 -35.91 28.44 -16.67
N THR Q 326 -35.19 29.56 -16.76
CA THR Q 326 -33.79 29.53 -17.14
C THR Q 326 -32.95 29.10 -15.94
N ASP Q 327 -32.28 27.95 -16.06
CA ASP Q 327 -31.39 27.44 -15.03
C ASP Q 327 -30.16 26.89 -15.75
N ASP Q 328 -28.99 27.41 -15.38
CA ASP Q 328 -27.70 27.15 -16.02
C ASP Q 328 -27.64 27.69 -17.45
N PHE Q 329 -28.74 28.25 -17.97
CA PHE Q 329 -28.73 28.75 -19.34
C PHE Q 329 -27.79 29.93 -19.46
N ASN Q 330 -26.85 29.83 -20.39
CA ASN Q 330 -25.88 30.89 -20.64
C ASN Q 330 -26.49 31.99 -21.52
N GLY Q 331 -25.92 33.19 -21.40
CA GLY Q 331 -26.38 34.30 -22.23
C GLY Q 331 -26.27 34.03 -23.71
N ALA Q 332 -25.34 33.14 -24.10
CA ALA Q 332 -25.21 32.78 -25.51
C ALA Q 332 -26.26 31.74 -25.92
N GLN Q 333 -26.62 30.84 -25.00
CA GLN Q 333 -27.68 29.88 -25.30
C GLN Q 333 -28.98 30.60 -25.62
N CYS Q 334 -29.26 31.69 -24.88
CA CYS Q 334 -30.46 32.48 -25.15
C CYS Q 334 -30.44 33.06 -26.56
N LYS Q 335 -29.24 33.36 -27.08
CA LYS Q 335 -29.16 33.78 -28.48
C LYS Q 335 -29.61 32.67 -29.42
N ALA Q 336 -29.25 31.42 -29.09
CA ALA Q 336 -29.66 30.28 -29.90
C ALA Q 336 -31.07 29.81 -29.60
N VAL Q 337 -31.64 30.22 -28.47
CA VAL Q 337 -33.03 29.86 -28.16
C VAL Q 337 -33.97 30.47 -29.20
N CYS Q 338 -33.75 31.75 -29.55
CA CYS Q 338 -34.56 32.40 -30.57
C CYS Q 338 -34.24 31.90 -31.97
N VAL Q 339 -33.12 31.22 -32.16
CA VAL Q 339 -32.75 30.74 -33.49
C VAL Q 339 -33.62 29.55 -33.88
N GLU Q 340 -33.49 28.44 -33.15
CA GLU Q 340 -34.30 27.26 -33.46
C GLU Q 340 -35.79 27.54 -33.30
N ALA Q 341 -36.17 28.42 -32.37
CA ALA Q 341 -37.54 28.90 -32.34
C ALA Q 341 -37.91 29.58 -33.64
N GLY Q 342 -37.01 30.41 -34.18
CA GLY Q 342 -37.21 30.96 -35.50
C GLY Q 342 -36.98 29.99 -36.62
N MET Q 343 -36.30 28.86 -36.37
CA MET Q 343 -36.08 27.87 -37.41
C MET Q 343 -37.34 27.05 -37.68
N ILE Q 344 -38.08 26.68 -36.62
CA ILE Q 344 -39.36 26.05 -36.86
C ILE Q 344 -40.36 27.06 -37.39
N ALA Q 345 -40.25 28.32 -36.95
CA ALA Q 345 -41.05 29.38 -37.55
C ALA Q 345 -40.76 29.51 -39.04
N LEU Q 346 -39.50 29.28 -39.43
CA LEU Q 346 -39.15 29.19 -40.85
C LEU Q 346 -39.92 28.07 -41.53
N ARG Q 347 -39.68 26.82 -41.11
CA ARG Q 347 -40.30 25.67 -41.75
C ARG Q 347 -41.81 25.58 -41.49
N ARG Q 348 -42.35 26.40 -40.58
CA ARG Q 348 -43.79 26.56 -40.50
C ARG Q 348 -44.34 27.47 -41.56
N GLY Q 349 -43.48 28.18 -42.29
CA GLY Q 349 -43.94 29.22 -43.20
C GLY Q 349 -44.60 30.37 -42.50
N ALA Q 350 -44.31 30.58 -41.21
CA ALA Q 350 -45.00 31.58 -40.41
C ALA Q 350 -44.47 32.97 -40.73
N THR Q 351 -45.36 33.96 -40.58
CA THR Q 351 -44.99 35.35 -40.80
C THR Q 351 -44.26 35.94 -39.59
N GLU Q 352 -44.63 35.51 -38.38
CA GLU Q 352 -44.06 36.09 -37.17
C GLU Q 352 -43.93 35.01 -36.12
N LEU Q 353 -43.11 35.29 -35.11
CA LEU Q 353 -42.78 34.33 -34.06
C LEU Q 353 -43.68 34.54 -32.86
N THR Q 354 -44.19 33.43 -32.31
CA THR Q 354 -45.13 33.47 -31.19
C THR Q 354 -44.56 32.71 -30.00
N HIS Q 355 -45.13 32.97 -28.82
CA HIS Q 355 -44.58 32.40 -27.58
C HIS Q 355 -44.71 30.89 -27.55
N GLU Q 356 -45.83 30.35 -28.05
CA GLU Q 356 -45.96 28.90 -28.16
C GLU Q 356 -44.86 28.32 -29.03
N ASP Q 357 -44.38 29.09 -30.00
CA ASP Q 357 -43.19 28.73 -30.76
C ASP Q 357 -41.93 29.04 -29.96
N TYR Q 358 -41.92 30.17 -29.25
CA TYR Q 358 -40.80 30.50 -28.37
C TYR Q 358 -40.58 29.42 -27.32
N MET Q 359 -41.58 29.21 -26.46
CA MET Q 359 -41.42 28.33 -25.30
C MET Q 359 -41.06 26.91 -25.70
N GLU Q 360 -41.42 26.49 -26.91
CA GLU Q 360 -40.96 25.19 -27.40
C GLU Q 360 -39.46 25.18 -27.58
N GLY Q 361 -38.88 26.28 -28.09
CA GLY Q 361 -37.46 26.37 -28.28
C GLY Q 361 -36.65 26.31 -26.99
N ILE Q 362 -37.28 26.60 -25.85
CA ILE Q 362 -36.61 26.48 -24.57
C ILE Q 362 -36.12 25.05 -24.36
N LEU Q 363 -37.05 24.10 -24.28
CA LEU Q 363 -36.69 22.70 -24.11
C LEU Q 363 -36.21 22.05 -25.41
N GLU Q 364 -36.32 22.73 -26.55
CA GLU Q 364 -35.83 22.17 -27.81
C GLU Q 364 -34.31 22.20 -27.86
N VAL Q 365 -33.69 23.30 -27.42
CA VAL Q 365 -32.24 23.39 -27.45
C VAL Q 365 -31.62 22.64 -26.26
N GLN Q 366 -32.25 22.72 -25.09
CA GLN Q 366 -31.73 22.05 -23.90
C GLN Q 366 -32.93 21.58 -23.06
N ALA Q 367 -32.88 20.35 -22.52
CA ALA Q 367 -31.65 19.58 -22.45
C ALA Q 367 -31.74 18.16 -23.01
N LYS Q 368 -30.69 17.77 -23.73
CA LYS Q 368 -30.35 16.37 -23.96
C LYS Q 368 -31.48 15.57 -24.60
N LYS Q 369 -32.00 14.59 -23.87
CA LYS Q 369 -33.02 13.63 -24.29
C LYS Q 369 -32.55 13.01 -25.66
N LYS Q 370 -33.37 12.66 -26.67
CA LYS Q 370 -34.80 12.36 -26.65
C LYS Q 370 -35.18 11.32 -25.61
N ALA Q 371 -34.53 10.16 -25.67
CA ALA Q 371 -34.80 9.02 -24.79
C ALA Q 371 -36.28 8.68 -24.95
N ASN Q 372 -37.05 8.54 -23.88
CA ASN Q 372 -38.46 8.21 -23.98
C ASN Q 372 -39.25 8.97 -22.91
N LEU Q 373 -40.52 9.18 -23.19
CA LEU Q 373 -41.50 9.62 -22.20
C LEU Q 373 -42.49 8.49 -21.99
N GLN Q 374 -42.48 7.95 -20.78
CA GLN Q 374 -43.37 6.83 -20.41
C GLN Q 374 -43.51 6.76 -18.90
N TYR Q 375 -43.83 5.57 -18.40
CA TYR Q 375 -44.05 5.33 -16.96
C TYR Q 375 -45.00 6.37 -16.42
N TYR Q 376 -44.72 7.62 -16.77
CA TYR Q 376 -45.53 8.77 -16.39
C TYR Q 376 -46.60 9.07 -17.42
N ALA Q 377 -46.52 8.45 -18.59
CA ALA Q 377 -47.38 8.74 -19.74
C ALA Q 377 -46.95 7.88 -20.92
CA SER R 1 8.89 9.54 4.27
C SER R 1 7.49 9.06 4.60
N SER R 2 6.70 8.79 3.56
CA SER R 2 5.30 8.42 3.72
C SER R 2 4.98 7.18 2.89
N ALA R 3 4.02 6.39 3.36
CA ALA R 3 3.61 5.18 2.67
C ALA R 3 2.17 4.86 3.02
N GLY R 4 1.28 4.96 2.04
CA GLY R 4 -0.11 4.61 2.23
C GLY R 4 -0.93 5.73 2.83
N PHE R 5 -1.62 5.42 3.92
CA PHE R 5 -2.49 6.37 4.59
C PHE R 5 -1.89 6.93 5.87
N ASP R 6 -0.56 6.89 6.01
CA ASP R 6 0.07 7.28 7.26
C ASP R 6 0.02 8.78 7.50
N ARG R 7 -0.25 9.57 6.47
CA ARG R 7 -0.42 11.01 6.66
C ARG R 7 -1.84 11.36 7.08
N HIS R 8 -2.70 10.36 7.26
CA HIS R 8 -4.11 10.63 7.52
C HIS R 8 -4.59 10.07 8.85
N ILE R 9 -4.30 8.82 9.15
CA ILE R 9 -4.70 8.21 10.42
C ILE R 9 -3.45 7.88 11.21
N THR R 10 -3.61 7.29 12.39
CA THR R 10 -2.51 7.09 13.32
C THR R 10 -1.88 5.73 13.07
N ILE R 11 -1.27 5.56 11.91
CA ILE R 11 -0.49 4.36 11.65
C ILE R 11 0.94 4.78 11.36
N PHE R 12 1.87 3.82 11.37
CA PHE R 12 3.30 4.11 11.37
C PHE R 12 3.79 4.56 10.00
N SER R 13 4.76 5.46 10.00
CA SER R 13 5.50 5.79 8.80
C SER R 13 6.60 4.74 8.61
N PRO R 14 7.28 4.77 7.47
CA PRO R 14 8.34 3.81 7.18
C PRO R 14 9.66 4.16 7.88
N GLU R 15 9.66 5.25 8.65
CA GLU R 15 10.85 5.68 9.38
C GLU R 15 10.70 5.46 10.87
N GLY R 16 9.46 5.22 11.30
CA GLY R 16 9.17 4.96 12.70
C GLY R 16 8.61 6.15 13.47
N ARG R 17 7.63 6.84 12.88
CA ARG R 17 7.02 7.99 13.53
C ARG R 17 5.64 8.34 12.96
N LEU R 18 4.62 8.29 13.81
CA LEU R 18 3.26 8.62 13.40
C LEU R 18 3.20 10.14 13.20
N TYR R 19 2.37 10.61 12.28
CA TYR R 19 2.31 12.05 12.04
C TYR R 19 1.19 12.75 12.77
N GLN R 20 0.14 12.03 13.18
CA GLN R 20 -1.02 12.70 13.74
C GLN R 20 -0.73 13.30 15.11
N VAL R 21 0.11 12.63 15.90
CA VAL R 21 0.49 13.18 17.19
C VAL R 21 1.41 14.37 17.02
N GLU R 22 2.33 14.32 16.05
CA GLU R 22 3.21 15.47 15.87
C GLU R 22 2.52 16.57 15.08
N TYR R 23 1.30 16.34 14.61
CA TYR R 23 0.42 17.43 14.25
C TYR R 23 -0.31 17.97 15.47
N ALA R 24 -0.61 17.07 16.42
CA ALA R 24 -1.29 17.49 17.65
C ALA R 24 -0.39 18.33 18.53
N PHE R 25 0.93 18.18 18.42
CA PHE R 25 1.85 18.98 19.21
C PHE R 25 1.89 20.42 18.74
N LYS R 26 1.48 20.66 17.49
CA LYS R 26 1.17 22.03 17.09
C LYS R 26 -0.30 22.22 16.80
N ALA R 27 -1.16 21.39 17.38
CA ALA R 27 -2.57 21.79 17.53
C ALA R 27 -2.75 22.71 18.71
N ILE R 28 -1.76 22.81 19.60
CA ILE R 28 -1.85 23.76 20.70
C ILE R 28 -1.69 25.19 20.17
N ASN R 29 -0.88 25.37 19.14
CA ASN R 29 -0.36 26.70 18.79
C ASN R 29 -1.40 27.61 18.15
N GLN R 30 -2.63 27.14 17.89
CA GLN R 30 -3.67 28.05 17.46
C GLN R 30 -4.25 28.87 18.61
N GLY R 31 -3.98 28.47 19.86
CA GLY R 31 -4.63 29.12 20.98
C GLY R 31 -4.11 30.53 21.24
N GLY R 32 -2.79 30.72 21.16
CA GLY R 32 -2.24 32.02 21.51
C GLY R 32 -2.25 32.25 23.01
N LEU R 33 -1.46 31.48 23.75
CA LEU R 33 -1.46 31.55 25.20
C LEU R 33 -0.12 31.09 25.75
N THR R 34 0.42 31.87 26.67
CA THR R 34 1.56 31.45 27.49
C THR R 34 1.05 31.11 28.89
N SER R 35 1.43 29.95 29.38
CA SER R 35 1.02 29.51 30.71
C SER R 35 2.20 28.85 31.40
N VAL R 36 2.59 29.40 32.54
CA VAL R 36 3.78 28.96 33.25
C VAL R 36 3.37 28.47 34.63
N ALA R 37 3.88 27.31 35.02
CA ALA R 37 3.68 26.77 36.37
C ALA R 37 5.02 26.72 37.08
N VAL R 38 5.04 27.17 38.33
CA VAL R 38 6.26 27.19 39.14
C VAL R 38 5.95 26.54 40.48
N ARG R 39 6.76 25.55 40.86
CA ARG R 39 6.65 24.92 42.16
C ARG R 39 7.65 25.54 43.12
N GLY R 40 7.14 26.17 44.17
CA GLY R 40 7.97 26.72 45.22
C GLY R 40 8.31 25.69 46.27
N LYS R 41 8.69 26.19 47.45
CA LYS R 41 9.00 25.31 48.57
C LYS R 41 7.73 24.75 49.19
N ASP R 42 6.81 25.62 49.58
CA ASP R 42 5.55 25.22 50.16
C ASP R 42 4.35 25.68 49.36
N CYS R 43 4.53 26.05 48.10
CA CYS R 43 3.46 26.60 47.30
C CYS R 43 3.70 26.31 45.83
N ALA R 44 2.68 26.58 45.02
CA ALA R 44 2.76 26.40 43.58
C ALA R 44 1.85 27.40 42.91
N VAL R 45 2.33 27.99 41.81
CA VAL R 45 1.66 29.10 41.16
C VAL R 45 1.37 28.74 39.71
N ILE R 46 0.11 28.88 39.31
CA ILE R 46 -0.29 28.91 37.91
C ILE R 46 -0.40 30.37 37.50
N VAL R 47 0.16 30.71 36.34
CA VAL R 47 -0.11 31.99 35.71
C VAL R 47 -0.53 31.74 34.27
N THR R 48 -1.48 32.53 33.79
CA THR R 48 -2.07 32.40 32.47
C THR R 48 -2.21 33.82 31.95
N GLN R 49 -2.84 34.02 30.79
CA GLN R 49 -3.46 35.31 30.51
C GLN R 49 -4.73 35.06 29.71
N LYS R 50 -5.43 36.12 29.36
CA LYS R 50 -6.56 36.01 28.46
C LYS R 50 -6.44 37.07 27.38
N LYS R 51 -7.18 36.86 26.32
CA LYS R 51 -7.36 37.87 25.28
C LYS R 51 -8.83 38.23 25.25
N VAL R 52 -9.12 39.53 25.34
CA VAL R 52 -10.48 40.04 25.38
C VAL R 52 -10.65 40.91 24.14
N PRO R 53 -10.91 40.33 22.96
CA PRO R 53 -10.87 41.14 21.74
C PRO R 53 -12.11 42.01 21.56
N ASP R 54 -13.16 41.75 22.32
CA ASP R 54 -14.40 42.51 22.26
C ASP R 54 -14.65 43.14 23.62
N LYS R 55 -15.38 44.25 23.62
CA LYS R 55 -15.88 44.77 24.89
C LYS R 55 -17.18 44.10 25.31
N LEU R 56 -17.72 43.21 24.47
CA LEU R 56 -19.00 42.58 24.77
C LEU R 56 -18.80 41.18 25.33
N LEU R 57 -17.64 40.60 25.09
CA LEU R 57 -17.29 39.35 25.75
C LEU R 57 -17.04 39.61 27.23
N ASP R 58 -17.19 38.57 28.05
CA ASP R 58 -17.17 38.69 29.50
C ASP R 58 -15.76 38.45 30.04
N SER R 59 -15.53 38.88 31.27
CA SER R 59 -14.31 38.56 31.99
C SER R 59 -14.54 37.35 32.89
N SER R 60 -15.81 36.98 33.08
CA SER R 60 -16.15 35.97 34.07
C SER R 60 -16.24 34.57 33.45
N THR R 61 -16.20 34.47 32.13
CA THR R 61 -16.40 33.15 31.51
C THR R 61 -15.14 32.61 30.86
N VAL R 62 -14.20 33.47 30.48
CA VAL R 62 -13.12 33.06 29.60
C VAL R 62 -11.92 32.60 30.42
N THR R 63 -12.08 32.54 31.74
CA THR R 63 -11.02 32.08 32.62
C THR R 63 -10.71 30.60 32.37
N HIS R 64 -9.45 30.33 32.04
CA HIS R 64 -9.05 28.95 31.77
C HIS R 64 -8.77 28.19 33.06
N LEU R 65 -8.72 28.90 34.19
CA LEU R 65 -8.50 28.24 35.46
C LEU R 65 -9.70 27.41 35.85
N PHE R 66 -9.62 26.11 35.66
CA PHE R 66 -10.67 25.18 35.98
C PHE R 66 -10.29 24.41 37.24
N LYS R 67 -11.26 24.25 38.13
CA LYS R 67 -11.02 23.59 39.41
C LYS R 67 -11.53 22.17 39.29
N ILE R 68 -10.71 21.19 39.65
CA ILE R 68 -11.10 19.80 39.51
C ILE R 68 -11.76 19.31 40.79
N THR R 69 -11.05 19.42 41.91
CA THR R 69 -11.60 19.07 43.20
C THR R 69 -11.14 20.15 44.18
N GLU R 70 -11.34 19.95 45.48
CA GLU R 70 -11.05 21.01 46.43
C GLU R 70 -9.60 21.00 46.86
N ASN R 71 -8.78 20.15 46.25
CA ASN R 71 -7.34 20.18 46.45
C ASN R 71 -6.57 20.17 45.13
N ILE R 72 -7.26 20.19 44.00
CA ILE R 72 -6.61 20.04 42.70
C ILE R 72 -7.15 21.12 41.77
N GLY R 73 -6.27 21.97 41.27
CA GLY R 73 -6.62 22.91 40.22
C GLY R 73 -5.92 22.54 38.92
N CYS R 74 -6.37 23.15 37.84
CA CYS R 74 -5.76 22.91 36.54
C CYS R 74 -5.94 24.13 35.67
N VAL R 75 -5.14 24.20 34.60
CA VAL R 75 -5.27 25.25 33.60
C VAL R 75 -5.09 24.57 32.25
N MET R 76 -5.70 25.17 31.22
CA MET R 76 -5.77 24.53 29.92
C MET R 76 -5.14 25.42 28.86
N THR R 77 -4.50 24.78 27.89
CA THR R 77 -4.08 25.42 26.65
C THR R 77 -4.61 24.61 25.49
N GLY R 78 -4.13 24.93 24.29
CA GLY R 78 -4.67 24.25 23.14
C GLY R 78 -6.03 24.80 22.78
N MET R 79 -6.74 24.09 21.91
CA MET R 79 -8.05 24.53 21.49
C MET R 79 -9.07 24.31 22.61
N THR R 80 -10.16 25.07 22.54
CA THR R 80 -11.08 25.21 23.66
C THR R 80 -11.94 23.98 23.90
N ALA R 81 -12.49 23.40 22.82
CA ALA R 81 -13.46 22.32 22.97
C ALA R 81 -12.81 21.05 23.52
N ASP R 82 -11.62 20.70 23.02
CA ASP R 82 -10.89 19.56 23.56
C ASP R 82 -10.50 19.79 25.01
N SER R 83 -10.18 21.05 25.34
CA SER R 83 -9.76 21.39 26.70
C SER R 83 -10.91 21.22 27.68
N ARG R 84 -12.10 21.72 27.34
CA ARG R 84 -13.22 21.57 28.26
C ARG R 84 -13.72 20.13 28.31
N SER R 85 -13.62 19.41 27.19
CA SER R 85 -14.07 18.02 27.22
C SER R 85 -13.12 17.14 28.02
N GLN R 86 -11.87 17.56 28.16
CA GLN R 86 -10.97 16.88 29.07
C GLN R 86 -11.36 17.10 30.52
N VAL R 87 -12.01 18.23 30.82
CA VAL R 87 -12.20 18.66 32.20
C VAL R 87 -13.27 17.82 32.88
N GLN R 88 -14.37 17.53 32.19
CA GLN R 88 -15.41 16.69 32.83
C GLN R 88 -14.94 15.27 33.04
N ARG R 89 -14.02 14.79 32.22
CA ARG R 89 -13.46 13.47 32.50
C ARG R 89 -12.52 13.53 33.70
N ALA R 90 -11.82 14.65 33.87
CA ALA R 90 -10.97 14.81 35.05
C ALA R 90 -11.80 14.88 36.33
N ARG R 91 -12.86 15.70 36.31
CA ARG R 91 -13.75 15.83 37.47
C ARG R 91 -14.45 14.51 37.77
N TYR R 92 -14.87 13.82 36.73
CA TYR R 92 -15.66 12.60 36.90
C TYR R 92 -14.80 11.47 37.43
N GLU R 93 -13.57 11.36 36.93
CA GLU R 93 -12.70 10.32 37.47
C GLU R 93 -12.19 10.65 38.86
N ALA R 94 -12.08 11.94 39.19
CA ALA R 94 -11.76 12.32 40.56
C ALA R 94 -12.89 11.93 41.51
N ALA R 95 -14.14 12.15 41.08
CA ALA R 95 -15.28 11.80 41.90
C ALA R 95 -15.42 10.30 42.05
N ASN R 96 -15.12 9.54 40.99
CA ASN R 96 -15.16 8.08 41.15
C ASN R 96 -14.01 7.56 41.99
N TRP R 97 -12.89 8.29 42.05
CA TRP R 97 -11.87 7.94 43.01
C TRP R 97 -12.39 8.15 44.43
N LYS R 98 -13.16 9.22 44.64
CA LYS R 98 -13.72 9.48 45.95
C LYS R 98 -14.77 8.45 46.34
N TYR R 99 -15.53 7.94 45.37
CA TYR R 99 -16.53 6.95 45.72
C TYR R 99 -15.91 5.57 45.92
N LYS R 100 -14.97 5.18 45.07
CA LYS R 100 -14.43 3.83 45.15
C LYS R 100 -13.43 3.68 46.29
N TYR R 101 -12.49 4.62 46.40
CA TYR R 101 -11.34 4.37 47.26
C TYR R 101 -11.42 5.16 48.56
N GLY R 102 -12.39 6.06 48.66
CA GLY R 102 -12.74 6.67 49.93
C GLY R 102 -11.87 7.80 50.42
N TYR R 103 -10.66 7.95 49.89
CA TYR R 103 -9.79 9.04 50.30
C TYR R 103 -9.53 9.93 49.08
N GLU R 104 -8.99 11.12 49.35
CA GLU R 104 -8.80 12.10 48.30
C GLU R 104 -7.67 11.68 47.37
N ILE R 105 -7.91 11.83 46.08
CA ILE R 105 -6.99 11.35 45.05
C ILE R 105 -5.70 12.16 45.06
N PRO R 106 -4.54 11.52 44.98
CA PRO R 106 -3.30 12.26 44.75
C PRO R 106 -3.25 12.88 43.37
N VAL R 107 -2.50 13.97 43.16
CA VAL R 107 -2.49 14.64 41.86
C VAL R 107 -1.68 13.80 40.87
N ASP R 108 -0.93 12.83 41.37
CA ASP R 108 -0.15 11.95 40.51
C ASP R 108 -1.05 11.04 39.69
N MET R 109 -2.01 10.39 40.33
CA MET R 109 -2.78 9.33 39.68
C MET R 109 -3.77 9.83 38.64
N LEU R 110 -4.26 11.06 38.80
CA LEU R 110 -5.23 11.59 37.86
C LEU R 110 -4.61 11.83 36.50
N CYS R 111 -3.32 12.19 36.48
CA CYS R 111 -2.63 12.36 35.21
C CYS R 111 -2.32 11.03 34.55
N LYS R 112 -2.17 9.96 35.34
CA LYS R 112 -2.04 8.63 34.74
C LYS R 112 -3.36 8.21 34.10
N ARG R 113 -4.47 8.52 34.77
CA ARG R 113 -5.78 8.20 34.21
C ARG R 113 -6.05 8.96 32.91
N ILE R 114 -5.85 10.29 32.94
CA ILE R 114 -6.08 11.12 31.76
C ILE R 114 -5.10 10.76 30.64
N ALA R 115 -3.86 10.43 31.01
CA ALA R 115 -2.87 10.03 30.02
C ALA R 115 -3.23 8.70 29.37
N ASP R 116 -3.86 7.79 30.12
CA ASP R 116 -4.23 6.51 29.54
C ASP R 116 -5.46 6.64 28.63
N ILE R 117 -6.42 7.48 29.03
CA ILE R 117 -7.56 7.74 28.13
C ILE R 117 -7.10 8.46 26.86
N SER R 118 -6.16 9.40 26.99
CA SER R 118 -5.60 10.05 25.81
C SER R 118 -4.78 9.07 24.96
N GLN R 119 -4.23 8.03 25.58
CA GLN R 119 -3.60 6.94 24.82
C GLN R 119 -4.64 6.17 24.02
N VAL R 120 -5.78 5.86 24.64
CA VAL R 120 -6.83 5.13 23.94
C VAL R 120 -7.40 5.96 22.79
N TYR R 121 -7.44 7.28 22.95
CA TYR R 121 -7.70 8.16 21.80
C TYR R 121 -6.60 8.06 20.74
N THR R 122 -5.35 7.92 21.17
CA THR R 122 -4.27 7.81 20.18
C THR R 122 -4.21 6.43 19.54
N GLN R 123 -4.37 5.37 20.32
CA GLN R 123 -4.15 3.98 19.89
C GLN R 123 -5.12 3.53 18.80
N ASN R 124 -6.42 3.68 19.06
CA ASN R 124 -7.42 3.28 18.09
C ASN R 124 -7.37 4.23 16.89
N ALA R 125 -7.61 3.70 15.71
CA ALA R 125 -7.28 4.42 14.49
C ALA R 125 -8.38 5.36 14.01
N GLU R 126 -9.60 5.26 14.52
CA GLU R 126 -10.69 6.05 13.95
C GLU R 126 -11.26 7.09 14.91
N MET R 127 -10.43 7.70 15.77
CA MET R 127 -10.90 8.72 16.68
C MET R 127 -9.83 9.78 16.86
N ARG R 128 -10.25 11.04 16.89
CA ARG R 128 -9.35 12.18 16.84
C ARG R 128 -8.57 12.29 18.15
N PRO R 129 -7.29 12.69 18.11
CA PRO R 129 -6.44 12.57 19.30
C PRO R 129 -6.48 13.75 20.28
N LEU R 130 -7.51 14.61 20.23
CA LEU R 130 -7.78 15.63 21.25
C LEU R 130 -6.65 16.62 21.51
N GLY R 131 -6.39 17.53 20.58
CA GLY R 131 -5.22 18.38 20.68
C GLY R 131 -5.19 19.46 21.74
N CYS R 132 -5.43 19.10 23.00
CA CYS R 132 -5.26 20.03 24.10
C CYS R 132 -4.10 19.58 24.98
N CYS R 133 -3.62 20.50 25.83
CA CYS R 133 -2.50 20.23 26.72
C CYS R 133 -2.88 20.53 28.16
N MET R 134 -2.74 19.53 29.01
CA MET R 134 -3.28 19.52 30.36
C MET R 134 -2.18 19.89 31.35
N ILE R 135 -2.49 20.76 32.31
CA ILE R 135 -1.53 21.21 33.31
C ILE R 135 -2.20 21.17 34.68
N LEU R 136 -1.60 20.45 35.64
CA LEU R 136 -2.20 20.32 36.96
C LEU R 136 -1.27 20.86 38.04
N ILE R 137 -1.87 21.22 39.17
CA ILE R 137 -1.16 21.44 40.43
C ILE R 137 -1.92 20.73 41.55
N GLY R 138 -1.36 20.72 42.75
CA GLY R 138 -2.01 20.06 43.87
C GLY R 138 -1.05 19.85 45.02
N ILE R 139 -1.59 19.27 46.09
CA ILE R 139 -0.86 19.06 47.34
C ILE R 139 -0.92 17.58 47.70
N ASP R 140 0.19 17.03 48.18
CA ASP R 140 0.28 15.64 48.61
C ASP R 140 0.83 15.59 50.03
N GLU R 141 0.57 14.47 50.71
CA GLU R 141 1.14 14.22 52.04
C GLU R 141 2.65 14.08 51.96
N GLU R 142 3.35 14.97 52.66
CA GLU R 142 4.81 14.92 52.89
C GLU R 142 5.63 15.00 51.60
N GLN R 143 5.00 15.41 50.51
CA GLN R 143 5.69 15.55 49.23
C GLN R 143 5.65 16.97 48.69
N GLY R 144 5.13 17.91 49.48
CA GLY R 144 5.03 19.29 49.06
C GLY R 144 3.99 19.48 47.99
N PRO R 145 3.98 20.64 47.35
CA PRO R 145 3.16 20.83 46.15
C PRO R 145 3.75 20.06 44.98
N GLN R 146 2.90 19.84 43.97
CA GLN R 146 3.32 19.14 42.77
C GLN R 146 2.75 19.84 41.56
N VAL R 147 3.44 19.69 40.43
CA VAL R 147 3.02 20.21 39.14
C VAL R 147 3.12 19.05 38.16
N TYR R 148 2.10 18.86 37.33
CA TYR R 148 2.16 17.87 36.28
C TYR R 148 1.61 18.44 34.98
N LYS R 149 2.08 17.86 33.88
CA LYS R 149 1.64 18.24 32.54
C LYS R 149 1.25 17.00 31.76
N CYS R 150 0.12 17.04 31.08
CA CYS R 150 -0.28 15.93 30.23
C CYS R 150 -0.46 16.41 28.80
N ASP R 151 0.46 16.03 27.93
CA ASP R 151 0.41 16.33 26.50
C ASP R 151 -0.60 15.41 25.83
N PRO R 152 -1.08 15.71 24.60
CA PRO R 152 -2.01 14.77 23.96
C PRO R 152 -1.32 13.64 23.22
N ALA R 153 -0.30 13.06 23.84
CA ALA R 153 0.36 11.86 23.35
C ALA R 153 0.26 10.71 24.34
N GLY R 154 -0.15 11.00 25.56
CA GLY R 154 -0.51 9.95 26.49
C GLY R 154 0.52 9.64 27.53
N TYR R 155 1.27 10.63 27.98
CA TYR R 155 2.24 10.38 29.03
C TYR R 155 2.05 11.37 30.18
N TYR R 156 2.03 10.83 31.38
CA TYR R 156 1.96 11.67 32.58
C TYR R 156 3.38 12.07 32.92
N CYS R 157 3.50 13.29 33.42
CA CYS R 157 4.69 14.08 33.19
C CYS R 157 4.62 15.29 34.08
N GLY R 158 5.68 15.52 34.86
CA GLY R 158 5.59 16.60 35.81
C GLY R 158 6.88 17.01 36.46
N PHE R 159 7.15 18.31 36.48
CA PHE R 159 8.50 18.73 36.82
C PHE R 159 8.50 19.90 37.80
N LYS R 160 9.66 20.53 37.97
CA LYS R 160 9.85 21.61 38.93
C LYS R 160 9.20 22.90 38.46
N ALA R 161 9.40 23.25 37.19
CA ALA R 161 8.74 24.40 36.59
C ALA R 161 8.62 24.13 35.10
N THR R 162 7.39 24.02 34.61
CA THR R 162 7.17 23.59 33.25
C THR R 162 6.15 24.51 32.61
N ALA R 163 6.22 24.64 31.29
CA ALA R 163 5.33 25.50 30.53
C ALA R 163 5.29 24.98 29.10
N ALA R 164 4.08 24.75 28.57
CA ALA R 164 3.92 24.39 27.15
C ALA R 164 2.79 25.24 26.57
N GLY R 165 2.81 25.40 25.25
CA GLY R 165 1.84 26.23 24.59
C GLY R 165 2.44 26.82 23.32
N VAL R 166 2.28 28.14 23.19
CA VAL R 166 2.72 28.82 21.97
C VAL R 166 4.17 29.30 22.10
N LYS R 167 4.43 30.20 23.03
CA LYS R 167 5.70 30.90 23.13
C LYS R 167 6.72 30.17 24.00
N GLN R 168 6.40 28.97 24.46
CA GLN R 168 7.10 28.37 25.58
C GLN R 168 8.44 27.76 25.23
N THR R 169 8.81 27.70 23.95
CA THR R 169 10.12 27.18 23.58
C THR R 169 11.24 28.09 24.10
N GLU R 170 10.96 29.40 24.15
CA GLU R 170 11.90 30.32 24.79
C GLU R 170 11.63 30.48 26.27
N SER R 171 10.39 30.24 26.70
CA SER R 171 10.08 30.37 28.12
C SER R 171 10.73 29.28 28.94
N THR R 172 10.85 28.06 28.40
CA THR R 172 11.61 27.02 29.08
C THR R 172 13.10 27.36 29.11
N SER R 173 13.58 28.06 28.08
CA SER R 173 14.96 28.49 28.07
C SER R 173 15.21 29.60 29.08
N PHE R 174 14.18 30.39 29.40
CA PHE R 174 14.33 31.35 30.48
C PHE R 174 14.25 30.66 31.84
N LEU R 175 13.39 29.64 31.95
CA LEU R 175 13.23 28.98 33.24
C LEU R 175 14.43 28.10 33.56
N GLU R 176 15.16 27.65 32.55
CA GLU R 176 16.46 27.03 32.82
C GLU R 176 17.43 28.08 33.35
N LYS R 177 17.34 29.31 32.84
CA LYS R 177 18.24 30.36 33.29
C LYS R 177 17.82 30.91 34.65
N LYS R 178 16.63 30.56 35.12
CA LYS R 178 16.17 31.12 36.39
C LYS R 178 16.14 30.08 37.50
N VAL R 179 15.95 28.81 37.15
CA VAL R 179 15.82 27.78 38.19
C VAL R 179 17.18 27.39 38.75
N LYS R 180 18.12 26.98 37.89
CA LYS R 180 19.37 26.45 38.40
C LYS R 180 20.25 27.58 38.93
N LYS R 181 20.04 27.85 40.22
CA LYS R 181 20.88 28.76 40.99
C LYS R 181 20.67 28.47 42.47
N LYS R 182 21.34 29.26 43.31
CA LYS R 182 21.31 29.08 44.75
C LYS R 182 20.10 29.76 45.40
N PHE R 183 19.16 30.25 44.59
CA PHE R 183 18.00 30.93 45.15
C PHE R 183 17.00 29.91 45.70
N ASP R 184 16.46 30.21 46.87
CA ASP R 184 15.33 29.45 47.39
C ASP R 184 14.04 29.95 46.75
N TRP R 185 12.91 29.49 47.29
CA TRP R 185 11.62 29.90 46.76
C TRP R 185 10.69 30.25 47.91
N THR R 186 10.48 31.55 48.11
CA THR R 186 9.43 32.05 48.96
C THR R 186 8.21 32.29 48.09
N PHE R 187 7.13 32.76 48.72
CA PHE R 187 5.85 32.86 48.02
C PHE R 187 5.87 33.97 46.98
N GLU R 188 6.24 35.18 47.39
CA GLU R 188 6.27 36.31 46.46
C GLU R 188 7.46 36.21 45.52
N GLN R 189 8.43 35.37 45.83
CA GLN R 189 9.46 35.05 44.86
C GLN R 189 8.90 34.22 43.72
N THR R 190 8.06 33.22 44.05
CA THR R 190 7.46 32.40 43.01
C THR R 190 6.45 33.19 42.19
N VAL R 191 5.64 34.02 42.84
CA VAL R 191 4.69 34.84 42.08
C VAL R 191 5.44 35.88 41.27
N GLU R 192 6.47 36.49 41.84
CA GLU R 192 7.23 37.52 41.14
C GLU R 192 8.11 36.94 40.04
N THR R 193 8.39 35.64 40.05
CA THR R 193 8.99 35.02 38.87
C THR R 193 7.96 34.58 37.87
N ALA R 194 6.74 34.24 38.33
CA ALA R 194 5.71 33.77 37.43
C ALA R 194 5.22 34.87 36.51
N ILE R 195 5.24 36.12 36.98
CA ILE R 195 4.95 37.22 36.06
C ILE R 195 6.15 37.53 35.19
N THR R 196 7.35 37.70 35.78
CA THR R 196 8.47 38.26 35.04
C THR R 196 9.03 37.30 34.01
N CYS R 197 8.85 35.99 34.23
CA CYS R 197 9.22 35.02 33.20
C CYS R 197 8.35 35.19 31.96
N LEU R 198 7.09 35.55 32.16
CA LEU R 198 6.19 35.77 31.02
C LEU R 198 6.35 37.16 30.44
N SER R 199 6.74 38.14 31.28
CA SER R 199 6.92 39.50 30.80
C SER R 199 8.23 39.64 30.04
N THR R 200 9.19 38.75 30.31
CA THR R 200 10.36 38.66 29.43
C THR R 200 9.96 38.13 28.06
N VAL R 201 8.95 37.27 28.00
CA VAL R 201 8.54 36.70 26.72
C VAL R 201 7.80 37.73 25.87
N LEU R 202 6.73 38.31 26.40
CA LEU R 202 5.84 39.14 25.61
C LEU R 202 6.33 40.58 25.52
N SER R 203 7.10 41.04 26.51
CA SER R 203 7.68 42.39 26.59
C SER R 203 6.61 43.47 26.53
N ILE R 204 5.59 43.32 27.36
CA ILE R 204 4.45 44.23 27.37
C ILE R 204 4.35 45.03 28.67
N ASP R 205 4.50 44.34 29.81
CA ASP R 205 4.47 44.93 31.16
C ASP R 205 3.16 45.65 31.42
N PHE R 206 2.10 44.86 31.49
CA PHE R 206 0.72 45.25 31.27
C PHE R 206 -0.09 45.36 32.56
N LYS R 207 -1.38 45.61 32.39
CA LYS R 207 -2.31 45.84 33.49
C LYS R 207 -2.57 44.53 34.25
N PRO R 208 -2.95 44.58 35.53
CA PRO R 208 -3.34 43.34 36.22
C PRO R 208 -4.71 42.78 35.86
N SER R 209 -5.37 43.29 34.83
CA SER R 209 -6.64 42.69 34.42
C SER R 209 -6.45 41.58 33.39
N GLU R 210 -5.20 41.22 33.08
CA GLU R 210 -4.95 40.25 32.01
C GLU R 210 -4.53 38.88 32.51
N ILE R 211 -3.59 38.81 33.44
CA ILE R 211 -3.13 37.51 33.90
C ILE R 211 -4.05 36.99 34.99
N GLU R 212 -4.40 35.71 34.89
CA GLU R 212 -5.14 35.00 35.92
C GLU R 212 -4.18 34.11 36.68
N VAL R 213 -4.16 34.26 38.00
CA VAL R 213 -3.24 33.51 38.84
C VAL R 213 -4.06 32.64 39.76
N GLY R 214 -3.98 31.33 39.56
CA GLY R 214 -4.42 30.38 40.54
C GLY R 214 -3.22 29.88 41.34
N VAL R 215 -3.43 29.66 42.63
CA VAL R 215 -2.32 29.36 43.51
C VAL R 215 -2.78 28.28 44.49
N VAL R 216 -1.81 27.58 45.07
CA VAL R 216 -2.07 26.67 46.18
C VAL R 216 -0.88 26.78 47.13
N THR R 217 -1.14 26.62 48.42
CA THR R 217 -0.16 26.90 49.45
C THR R 217 -0.55 26.09 50.69
N VAL R 218 0.40 25.41 51.30
CA VAL R 218 0.07 24.56 52.43
C VAL R 218 0.12 25.46 53.66
N GLU R 219 -0.90 26.30 53.77
CA GLU R 219 -1.42 26.81 55.03
C GLU R 219 -2.91 26.50 54.98
N ASN R 220 -3.51 26.84 53.84
CA ASN R 220 -4.86 26.44 53.49
C ASN R 220 -4.77 25.72 52.15
N PRO R 221 -4.84 24.39 52.11
CA PRO R 221 -4.48 23.67 50.89
C PRO R 221 -5.52 23.71 49.79
N LYS R 222 -6.57 24.51 49.91
CA LYS R 222 -7.59 24.54 48.87
C LYS R 222 -7.11 25.38 47.70
N PHE R 223 -7.42 24.93 46.49
CA PHE R 223 -7.12 25.68 45.29
C PHE R 223 -7.86 27.01 45.29
N ARG R 224 -7.18 28.05 44.84
CA ARG R 224 -7.67 29.41 45.02
C ARG R 224 -7.24 30.27 43.85
N ILE R 225 -8.20 31.00 43.28
CA ILE R 225 -7.94 31.97 42.22
C ILE R 225 -7.92 33.35 42.85
N LEU R 226 -6.84 34.09 42.60
CA LEU R 226 -6.65 35.37 43.26
C LEU R 226 -7.62 36.42 42.77
N THR R 227 -7.98 37.33 43.66
CA THR R 227 -8.75 38.51 43.32
C THR R 227 -7.83 39.50 42.61
N GLU R 228 -8.42 40.37 41.79
CA GLU R 228 -7.64 41.30 40.97
C GLU R 228 -6.83 42.29 41.81
N ALA R 229 -7.33 42.62 43.01
CA ALA R 229 -6.66 43.61 43.86
C ALA R 229 -5.30 43.10 44.34
N GLU R 230 -5.25 41.87 44.84
CA GLU R 230 -3.98 41.33 45.31
C GLU R 230 -3.08 40.95 44.15
N ILE R 231 -3.67 40.68 42.98
CA ILE R 231 -2.89 40.54 41.75
C ILE R 231 -2.18 41.84 41.43
N ASP R 232 -2.88 42.97 41.57
CA ASP R 232 -2.26 44.27 41.42
C ASP R 232 -1.21 44.51 42.49
N ALA R 233 -1.42 43.96 43.69
CA ALA R 233 -0.43 44.08 44.76
C ALA R 233 0.87 43.36 44.40
N HIS R 234 0.77 42.18 43.79
CA HIS R 234 1.97 41.53 43.29
C HIS R 234 2.59 42.27 42.13
N LEU R 235 1.76 42.79 41.21
CA LEU R 235 2.27 43.30 39.95
C LEU R 235 2.92 44.67 40.11
N VAL R 236 2.47 45.45 41.09
CA VAL R 236 3.25 46.65 41.42
C VAL R 236 4.25 46.35 42.53
N ALA R 237 4.12 45.19 43.20
CA ALA R 237 5.11 44.82 44.20
C ALA R 237 6.42 44.42 43.55
N LEU R 238 6.37 43.93 42.30
CA LEU R 238 7.60 43.60 41.61
C LEU R 238 8.31 44.83 41.05
N ALA R 239 7.57 45.90 40.77
CA ALA R 239 8.15 47.13 40.23
C ALA R 239 8.84 47.87 41.38
N GLU R 240 10.17 47.88 41.35
CA GLU R 240 10.95 48.49 42.41
C GLU R 240 10.84 50.01 42.38
N GLU S 1 -17.40 1.27 18.08
CA GLU S 1 -17.82 2.64 17.86
C GLU S 1 -18.59 2.72 16.55
N ARG S 2 -18.09 2.02 15.54
CA ARG S 2 -18.78 1.86 14.28
C ARG S 2 -18.85 0.43 13.79
N GLY S 3 -18.01 -0.45 14.31
CA GLY S 3 -17.86 -1.76 13.69
C GLY S 3 -17.16 -1.69 12.35
N TYR S 4 -16.07 -0.93 12.29
CA TYR S 4 -15.26 -0.93 11.07
C TYR S 4 -14.35 -2.16 11.06
N SER S 5 -13.52 -2.31 12.09
CA SER S 5 -13.00 -3.58 12.57
C SER S 5 -12.14 -4.34 11.56
N PHE S 6 -11.71 -3.64 10.50
CA PHE S 6 -10.87 -4.24 9.47
C PHE S 6 -9.40 -4.08 9.87
N SER S 7 -8.62 -5.12 9.64
CA SER S 7 -7.21 -5.06 9.98
C SER S 7 -6.44 -4.29 8.92
N LEU S 8 -5.88 -3.16 9.31
CA LEU S 8 -5.07 -2.36 8.40
C LEU S 8 -3.67 -2.95 8.23
N THR S 9 -3.32 -3.94 9.04
CA THR S 9 -2.11 -4.69 8.84
C THR S 9 -2.35 -5.85 7.88
N THR S 10 -1.84 -5.73 6.67
CA THR S 10 -2.02 -6.75 5.63
C THR S 10 -0.67 -7.27 5.20
N PHE S 11 -0.67 -8.19 4.25
CA PHE S 11 0.58 -8.73 3.73
C PHE S 11 1.08 -7.91 2.54
N SER S 12 2.39 -7.93 2.35
CA SER S 12 3.05 -7.28 1.23
C SER S 12 2.98 -8.19 0.00
N PRO S 13 3.38 -7.69 -1.16
CA PRO S 13 3.60 -8.63 -2.28
C PRO S 13 4.77 -9.57 -2.07
N SER S 14 5.76 -9.18 -1.26
CA SER S 14 6.82 -10.12 -0.92
C SER S 14 6.37 -11.11 0.13
N GLY S 15 5.42 -10.69 0.97
CA GLY S 15 4.96 -11.50 2.08
C GLY S 15 5.40 -11.01 3.44
N LYS S 16 5.81 -9.76 3.56
CA LYS S 16 6.33 -9.22 4.80
C LYS S 16 5.26 -8.40 5.49
N LEU S 17 5.10 -8.62 6.79
CA LEU S 17 4.26 -7.75 7.60
C LEU S 17 4.87 -6.37 7.73
N VAL S 18 4.18 -5.37 7.17
CA VAL S 18 4.80 -4.07 6.98
C VAL S 18 4.76 -3.27 8.27
N GLN S 19 3.62 -3.28 8.97
CA GLN S 19 3.47 -2.49 10.18
C GLN S 19 4.33 -3.05 11.31
N ILE S 20 4.64 -4.34 11.27
CA ILE S 20 5.53 -4.88 12.29
C ILE S 20 6.97 -4.46 12.03
N GLU S 21 7.38 -4.42 10.76
CA GLU S 21 8.70 -3.89 10.42
C GLU S 21 8.84 -2.41 10.79
N TYR S 22 7.81 -1.61 10.50
CA TYR S 22 7.89 -0.19 10.82
C TYR S 22 7.83 0.03 12.32
N ALA S 23 7.08 -0.82 13.03
CA ALA S 23 7.05 -0.76 14.48
C ALA S 23 8.40 -1.15 15.07
N LEU S 24 9.13 -2.06 14.41
CA LEU S 24 10.47 -2.39 14.88
C LEU S 24 11.45 -1.26 14.60
N ALA S 25 11.20 -0.47 13.54
CA ALA S 25 11.97 0.75 13.35
C ALA S 25 11.66 1.76 14.46
N ALA S 26 10.40 1.82 14.89
CA ALA S 26 10.06 2.69 16.01
C ALA S 26 10.61 2.18 17.33
N VAL S 27 10.87 0.88 17.42
CA VAL S 27 11.65 0.37 18.55
C VAL S 27 13.09 0.85 18.44
N ALA S 28 13.64 0.83 17.22
CA ALA S 28 15.02 1.26 17.02
C ALA S 28 15.21 2.75 17.25
N GLY S 29 14.14 3.53 17.22
CA GLY S 29 14.27 4.94 17.54
C GLY S 29 14.21 5.22 19.03
N GLY S 30 14.08 4.17 19.84
CA GLY S 30 13.85 4.37 21.26
C GLY S 30 15.13 4.43 22.07
N ALA S 31 14.95 4.59 23.39
CA ALA S 31 16.06 4.70 24.30
C ALA S 31 16.78 3.36 24.47
N PRO S 32 18.09 3.36 24.66
CA PRO S 32 18.81 2.09 24.82
C PRO S 32 18.61 1.51 26.20
N SER S 33 18.77 0.19 26.28
CA SER S 33 18.61 -0.55 27.52
C SER S 33 19.30 -1.90 27.38
N VAL S 34 19.76 -2.45 28.49
CA VAL S 34 20.43 -3.74 28.47
C VAL S 34 20.11 -4.49 29.75
N GLY S 35 20.11 -5.80 29.65
CA GLY S 35 19.76 -6.64 30.79
C GLY S 35 20.51 -7.95 30.74
N ILE S 36 21.06 -8.35 31.88
CA ILE S 36 22.02 -9.44 31.97
C ILE S 36 21.57 -10.40 33.06
N LYS S 37 21.49 -11.69 32.73
CA LYS S 37 21.24 -12.76 33.68
C LYS S 37 22.59 -13.29 34.15
N ALA S 38 22.79 -13.40 35.46
CA ALA S 38 24.04 -13.96 35.94
C ALA S 38 23.88 -14.70 37.26
N ALA S 39 23.52 -15.99 37.16
CA ALA S 39 23.88 -17.04 38.11
C ALA S 39 23.29 -16.96 39.51
N ASN S 40 22.74 -15.81 39.90
CA ASN S 40 21.90 -15.75 41.09
C ASN S 40 20.63 -14.95 40.83
N GLY S 41 20.74 -13.91 40.01
CA GLY S 41 19.62 -13.09 39.65
C GLY S 41 19.81 -12.33 38.37
N VAL S 42 18.85 -11.50 37.99
CA VAL S 42 18.85 -10.81 36.71
C VAL S 42 18.84 -9.31 36.96
N VAL S 43 19.76 -8.61 36.31
CA VAL S 43 19.90 -7.17 36.45
C VAL S 43 19.42 -6.50 35.18
N LEU S 44 18.44 -5.61 35.31
CA LEU S 44 17.96 -4.80 34.20
C LEU S 44 18.49 -3.38 34.34
N ALA S 45 19.04 -2.85 33.26
CA ALA S 45 19.56 -1.49 33.24
C ALA S 45 18.86 -0.72 32.13
N THR S 46 18.44 0.51 32.43
CA THR S 46 17.85 1.36 31.42
C THR S 46 18.58 2.70 31.44
N GLU S 47 18.23 3.54 30.47
CA GLU S 47 18.98 4.77 30.24
C GLU S 47 17.99 5.91 29.99
N LYS S 48 17.88 6.80 30.97
CA LYS S 48 16.80 7.79 31.04
C LYS S 48 17.41 9.19 31.10
N LYS S 49 17.44 9.88 29.97
CA LYS S 49 17.94 11.25 29.93
C LYS S 49 16.79 12.24 29.86
N GLN S 50 16.62 13.00 30.92
CA GLN S 50 15.68 14.11 30.93
C GLN S 50 16.15 15.17 29.94
N LYS S 51 15.21 15.72 29.17
CA LYS S 51 15.56 16.63 28.10
C LYS S 51 15.98 18.02 28.60
N SER S 52 15.89 18.28 29.90
CA SER S 52 16.23 19.58 30.44
C SER S 52 16.66 19.43 31.89
N ILE S 53 17.20 20.51 32.45
CA ILE S 53 17.48 20.55 33.88
C ILE S 53 16.24 20.87 34.69
N LEU S 54 15.18 21.32 34.03
CA LEU S 54 13.90 21.59 34.68
C LEU S 54 13.20 20.32 35.17
N TYR S 55 13.60 19.16 34.66
CA TYR S 55 12.78 17.98 34.85
C TYR S 55 12.98 17.36 36.22
N ASP S 56 12.03 16.49 36.58
CA ASP S 56 12.05 15.75 37.83
C ASP S 56 12.24 14.27 37.49
N GLU S 57 13.23 13.64 38.12
CA GLU S 57 13.44 12.21 37.89
C GLU S 57 12.74 11.37 38.94
N ARG S 58 12.16 12.01 39.96
CA ARG S 58 11.53 11.25 41.03
C ARG S 58 10.14 10.77 40.64
N SER S 59 9.57 11.34 39.57
CA SER S 59 8.17 11.05 39.24
C SER S 59 8.04 9.75 38.45
N VAL S 60 8.61 9.71 37.25
CA VAL S 60 8.42 8.61 36.32
C VAL S 60 9.52 7.59 36.58
N HIS S 61 9.14 6.32 36.66
CA HIS S 61 10.09 5.23 36.88
C HIS S 61 10.04 4.30 35.67
N LYS S 62 11.20 3.76 35.29
CA LYS S 62 11.22 2.87 34.13
C LYS S 62 11.20 1.41 34.54
N VAL S 63 12.05 1.02 35.49
CA VAL S 63 11.96 -0.31 36.09
C VAL S 63 10.66 -0.33 36.88
N GLU S 64 9.72 -1.17 36.46
CA GLU S 64 8.39 -1.22 37.06
C GLU S 64 8.12 -2.66 37.48
N PRO S 65 7.89 -2.91 38.78
CA PRO S 65 7.65 -4.29 39.22
C PRO S 65 6.26 -4.77 38.84
N ILE S 66 6.12 -6.08 38.67
CA ILE S 66 4.85 -6.68 38.30
C ILE S 66 4.32 -7.54 39.42
N THR S 67 5.21 -8.24 40.12
CA THR S 67 4.89 -8.96 41.33
C THR S 67 5.95 -8.53 42.34
N LYS S 68 6.09 -9.24 43.45
CA LYS S 68 7.19 -8.95 44.35
C LYS S 68 8.46 -9.70 43.95
N HIS S 69 8.46 -10.31 42.77
CA HIS S 69 9.67 -10.95 42.27
C HIS S 69 9.85 -10.82 40.76
N ILE S 70 9.14 -9.92 40.09
CA ILE S 70 9.14 -9.83 38.64
C ILE S 70 9.27 -8.37 38.23
N GLY S 71 10.31 -8.05 37.47
CA GLY S 71 10.49 -6.72 36.91
C GLY S 71 10.29 -6.70 35.40
N LEU S 72 10.19 -5.49 34.87
CA LEU S 72 9.80 -5.31 33.48
C LEU S 72 10.21 -3.92 32.96
N VAL S 73 11.10 -3.86 31.96
CA VAL S 73 11.52 -2.60 31.35
C VAL S 73 11.29 -2.69 29.86
N TYR S 74 11.51 -1.57 29.16
CA TYR S 74 11.19 -1.55 27.75
C TYR S 74 12.31 -0.86 26.97
N SER S 75 12.07 -0.76 25.67
CA SER S 75 12.85 0.07 24.77
C SER S 75 11.93 0.45 23.62
N GLY S 76 11.34 1.64 23.69
CA GLY S 76 10.31 2.05 22.76
C GLY S 76 9.62 3.28 23.27
N MET S 77 8.29 3.32 23.15
CA MET S 77 7.55 4.50 23.58
C MET S 77 6.69 4.22 24.81
N GLY S 78 6.88 5.05 25.82
CA GLY S 78 6.20 4.98 27.10
C GLY S 78 4.68 4.96 27.14
N PRO S 79 4.01 5.85 26.38
CA PRO S 79 2.54 5.79 26.37
C PRO S 79 1.96 4.49 25.82
N ASP S 80 2.67 3.79 24.93
CA ASP S 80 2.24 2.44 24.59
C ASP S 80 2.79 1.43 25.57
N TYR S 81 3.79 1.81 26.35
CA TYR S 81 4.35 0.90 27.35
C TYR S 81 3.40 0.69 28.52
N ARG S 82 2.83 1.78 29.06
CA ARG S 82 2.12 1.71 30.33
C ARG S 82 0.81 0.93 30.23
N VAL S 83 0.25 0.85 29.03
CA VAL S 83 -1.01 0.14 28.81
C VAL S 83 -0.80 -1.36 29.03
N LEU S 84 0.20 -1.94 28.38
CA LEU S 84 0.46 -3.36 28.62
C LEU S 84 1.20 -3.59 29.94
N VAL S 85 1.75 -2.55 30.56
CA VAL S 85 2.16 -2.66 31.96
C VAL S 85 0.94 -2.96 32.81
N HIS S 86 -0.09 -2.11 32.69
CA HIS S 86 -1.31 -2.30 33.47
C HIS S 86 -2.03 -3.60 33.09
N ARG S 87 -1.92 -4.00 31.83
CA ARG S 87 -2.53 -5.24 31.40
C ARG S 87 -1.82 -6.44 32.03
N ALA S 88 -0.51 -6.34 32.20
CA ALA S 88 0.20 -7.40 32.92
C ALA S 88 -0.11 -7.36 34.41
N ARG S 89 -0.34 -6.16 34.96
CA ARG S 89 -0.70 -6.03 36.36
C ARG S 89 -2.02 -6.72 36.66
N LYS S 90 -3.05 -6.44 35.85
CA LYS S 90 -4.31 -7.16 36.03
C LYS S 90 -4.18 -8.62 35.66
N LEU S 91 -3.31 -8.95 34.72
CA LEU S 91 -3.27 -10.29 34.16
C LEU S 91 -2.59 -11.29 35.10
N ALA S 92 -1.61 -10.84 35.90
CA ALA S 92 -1.01 -11.74 36.85
C ALA S 92 -1.96 -12.08 38.00
N GLN S 93 -2.90 -11.20 38.29
CA GLN S 93 -3.69 -11.37 39.49
C GLN S 93 -4.83 -12.36 39.31
N GLN S 94 -5.26 -12.62 38.07
CA GLN S 94 -6.19 -13.73 37.89
C GLN S 94 -5.48 -15.05 38.12
N TYR S 95 -4.19 -15.13 37.80
CA TYR S 95 -3.43 -16.32 38.13
C TYR S 95 -3.24 -16.43 39.63
N TYR S 96 -3.16 -15.30 40.32
CA TYR S 96 -2.98 -15.39 41.77
C TYR S 96 -4.32 -15.64 42.47
N LEU S 97 -5.43 -15.37 41.78
CA LEU S 97 -6.72 -15.70 42.37
C LEU S 97 -7.11 -17.14 42.12
N VAL S 98 -6.87 -17.64 40.90
CA VAL S 98 -7.28 -19.00 40.57
C VAL S 98 -6.39 -20.01 41.28
N TYR S 99 -5.08 -19.93 41.06
CA TYR S 99 -4.18 -20.99 41.50
C TYR S 99 -3.59 -20.75 42.88
N GLN S 100 -3.68 -19.51 43.39
CA GLN S 100 -3.16 -19.11 44.71
C GLN S 100 -1.67 -19.42 44.84
N GLU S 101 -0.87 -18.81 43.97
CA GLU S 101 0.51 -19.18 43.82
C GLU S 101 1.21 -18.06 43.04
N PRO S 102 2.46 -17.75 43.35
CA PRO S 102 3.17 -16.70 42.60
C PRO S 102 3.42 -17.12 41.16
N ILE S 103 3.00 -16.27 40.23
CA ILE S 103 2.92 -16.62 38.82
C ILE S 103 4.31 -16.74 38.22
N PRO S 104 4.60 -17.77 37.43
CA PRO S 104 5.90 -17.86 36.76
C PRO S 104 6.02 -16.88 35.60
N THR S 105 7.24 -16.35 35.43
CA THR S 105 7.51 -15.37 34.39
C THR S 105 7.33 -15.97 33.01
N ALA S 106 7.66 -17.26 32.88
CA ALA S 106 7.36 -18.03 31.69
C ALA S 106 5.89 -17.98 31.32
N GLN S 107 5.01 -18.04 32.32
CA GLN S 107 3.59 -17.89 32.04
C GLN S 107 3.22 -16.45 31.69
N LEU S 108 3.89 -15.46 32.33
CA LEU S 108 3.65 -14.06 31.99
C LEU S 108 3.92 -13.75 30.52
N VAL S 109 5.04 -14.22 30.00
CA VAL S 109 5.44 -13.80 28.67
C VAL S 109 4.63 -14.53 27.61
N GLN S 110 4.17 -15.75 27.95
CA GLN S 110 3.16 -16.44 27.13
C GLN S 110 1.90 -15.61 27.02
N ARG S 111 1.40 -15.12 28.16
CA ARG S 111 0.09 -14.47 28.13
C ARG S 111 0.17 -13.06 27.55
N VAL S 112 1.21 -12.30 27.91
CA VAL S 112 1.39 -10.96 27.37
C VAL S 112 1.67 -11.02 25.87
N ALA S 113 2.47 -12.02 25.47
CA ALA S 113 2.68 -12.28 24.05
C ALA S 113 1.39 -12.65 23.33
N SER S 114 0.48 -13.35 24.01
CA SER S 114 -0.82 -13.66 23.40
C SER S 114 -1.65 -12.40 23.23
N VAL S 115 -1.60 -11.50 24.23
CA VAL S 115 -2.29 -10.22 24.14
C VAL S 115 -1.76 -9.39 22.98
N MET S 116 -0.45 -9.40 22.79
CA MET S 116 0.14 -8.49 21.82
C MET S 116 -0.03 -9.02 20.39
N GLN S 117 0.22 -10.32 20.19
CA GLN S 117 -0.01 -10.96 18.90
C GLN S 117 -1.48 -10.93 18.52
N GLU S 118 -2.35 -11.19 19.50
CA GLU S 118 -3.78 -11.04 19.29
C GLU S 118 -4.17 -9.59 19.03
N TYR S 119 -3.34 -8.65 19.44
CA TYR S 119 -3.65 -7.24 19.20
C TYR S 119 -3.12 -6.75 17.86
N THR S 120 -2.19 -7.49 17.24
CA THR S 120 -1.67 -7.09 15.93
C THR S 120 -2.68 -7.36 14.81
N GLN S 121 -3.72 -8.13 15.08
CA GLN S 121 -4.63 -8.61 14.05
C GLN S 121 -6.03 -8.04 14.19
N SER S 122 -6.34 -7.39 15.32
CA SER S 122 -7.71 -7.03 15.63
C SER S 122 -8.16 -5.80 14.86
N GLY S 123 -9.28 -5.23 15.28
CA GLY S 123 -9.94 -4.24 14.48
C GLY S 123 -9.33 -2.86 14.55
N GLY S 124 -8.59 -2.53 13.49
CA GLY S 124 -8.14 -1.17 13.21
C GLY S 124 -7.29 -0.53 14.29
N VAL S 125 -6.16 -1.12 14.64
CA VAL S 125 -5.24 -0.52 15.60
C VAL S 125 -3.85 -0.53 14.99
N ARG S 126 -3.01 0.36 15.45
CA ARG S 126 -1.63 0.07 15.15
C ARG S 126 -1.09 -0.91 16.19
N PRO S 127 -0.02 -1.64 15.92
CA PRO S 127 0.58 -2.46 16.97
C PRO S 127 1.30 -1.58 17.98
N PHE S 128 1.65 -2.16 19.12
CA PHE S 128 2.43 -1.42 20.09
C PHE S 128 3.84 -1.22 19.59
N GLY S 129 4.42 -0.07 19.92
CA GLY S 129 5.81 0.19 19.57
C GLY S 129 6.80 -0.14 20.66
N VAL S 130 6.58 -1.22 21.41
CA VAL S 130 7.32 -1.47 22.63
C VAL S 130 8.00 -2.83 22.55
N SER S 131 9.28 -2.88 22.92
CA SER S 131 9.99 -4.14 23.10
C SER S 131 10.41 -4.30 24.55
N LEU S 132 9.89 -5.32 25.21
CA LEU S 132 10.00 -5.48 26.65
C LEU S 132 11.17 -6.38 27.01
N LEU S 133 11.70 -6.17 28.20
CA LEU S 133 12.58 -7.14 28.86
C LEU S 133 11.93 -7.51 30.18
N ILE S 134 11.68 -8.79 30.38
CA ILE S 134 10.95 -9.27 31.55
C ILE S 134 11.85 -10.24 32.30
N CYS S 135 12.04 -9.96 33.59
CA CYS S 135 12.95 -10.74 34.42
C CYS S 135 12.16 -11.32 35.57
N GLY S 136 12.85 -12.09 36.42
CA GLY S 136 12.21 -12.70 37.55
C GLY S 136 12.94 -13.92 38.06
N TRP S 137 12.61 -14.37 39.27
CA TRP S 137 13.31 -15.45 39.92
C TRP S 137 12.30 -16.49 40.41
N ASN S 138 11.97 -17.43 39.54
CA ASN S 138 10.98 -18.45 39.85
C ASN S 138 11.64 -19.82 39.88
N GLU S 139 11.36 -20.58 40.94
CA GLU S 139 11.72 -21.97 41.17
C GLU S 139 13.22 -22.22 41.21
N GLY S 140 14.05 -21.20 41.44
CA GLY S 140 15.46 -21.42 41.66
C GLY S 140 16.39 -21.00 40.54
N ARG S 141 15.87 -20.78 39.34
CA ARG S 141 16.70 -20.35 38.22
C ARG S 141 16.14 -19.04 37.69
N PRO S 142 16.86 -17.94 37.80
CA PRO S 142 16.32 -16.65 37.37
C PRO S 142 16.24 -16.55 35.86
N TYR S 143 15.15 -15.94 35.39
CA TYR S 143 14.83 -15.92 33.97
C TYR S 143 14.94 -14.50 33.44
N LEU S 144 15.20 -14.41 32.13
CA LEU S 144 15.19 -13.14 31.42
C LEU S 144 14.60 -13.36 30.04
N PHE S 145 13.47 -12.74 29.75
CA PHE S 145 12.78 -12.88 28.48
C PHE S 145 12.66 -11.53 27.78
N GLN S 146 12.54 -11.59 26.46
CA GLN S 146 12.31 -10.41 25.64
C GLN S 146 11.15 -10.65 24.70
N SER S 147 10.19 -9.73 24.68
CA SER S 147 9.13 -9.73 23.69
C SER S 147 9.38 -8.60 22.69
N ASP S 148 8.45 -8.42 21.76
CA ASP S 148 8.64 -7.51 20.64
C ASP S 148 7.26 -7.17 20.05
N PRO S 149 7.18 -6.16 19.17
CA PRO S 149 5.88 -5.89 18.52
C PRO S 149 5.34 -6.99 17.62
N SER S 150 6.14 -7.99 17.26
CA SER S 150 5.60 -9.11 16.49
C SER S 150 4.90 -10.12 17.38
N GLY S 151 4.86 -9.89 18.69
CA GLY S 151 4.29 -10.84 19.62
C GLY S 151 5.18 -12.01 19.94
N ALA S 152 6.39 -12.06 19.38
CA ALA S 152 7.30 -13.17 19.64
C ALA S 152 7.89 -13.05 21.03
N TYR S 153 8.60 -14.10 21.43
CA TYR S 153 9.27 -14.07 22.71
C TYR S 153 10.52 -14.93 22.65
N PHE S 154 11.61 -14.39 23.16
CA PHE S 154 12.91 -15.01 23.12
C PHE S 154 13.37 -15.25 24.55
N ALA S 155 14.45 -16.02 24.68
CA ALA S 155 15.01 -16.34 25.99
C ALA S 155 16.50 -16.05 25.93
N TRP S 156 16.88 -14.82 26.25
CA TRP S 156 18.25 -14.37 26.05
C TRP S 156 19.07 -14.62 27.30
N LYS S 157 20.38 -14.81 27.13
CA LYS S 157 21.27 -14.79 28.28
C LYS S 157 21.52 -13.37 28.76
N ALA S 158 21.93 -12.48 27.85
CA ALA S 158 22.21 -11.09 28.18
C ALA S 158 22.10 -10.23 26.93
N THR S 159 20.97 -9.57 26.74
CA THR S 159 20.72 -8.86 25.49
C THR S 159 20.61 -7.37 25.73
N ALA S 160 20.35 -6.65 24.64
CA ALA S 160 20.16 -5.20 24.69
C ALA S 160 19.28 -4.77 23.53
N MET S 161 18.40 -3.81 23.81
CA MET S 161 17.47 -3.27 22.83
C MET S 161 17.63 -1.76 22.79
N GLY S 162 17.01 -1.14 21.80
CA GLY S 162 17.07 0.30 21.65
C GLY S 162 18.12 0.73 20.65
N LYS S 163 18.68 1.91 20.90
CA LYS S 163 19.75 2.43 20.05
C LYS S 163 21.01 1.59 20.20
N ASN S 164 21.70 1.41 19.07
CA ASN S 164 23.02 0.78 19.00
C ASN S 164 23.01 -0.63 19.57
N TYR S 165 21.95 -1.39 19.28
CA TYR S 165 21.86 -2.72 19.88
C TYR S 165 22.76 -3.73 19.17
N VAL S 166 23.30 -3.38 18.00
CA VAL S 166 24.36 -4.21 17.44
C VAL S 166 25.69 -3.87 18.11
N ASN S 167 25.85 -2.62 18.55
CA ASN S 167 27.06 -2.26 19.28
C ASN S 167 27.07 -2.90 20.66
N GLY S 168 25.98 -2.74 21.42
CA GLY S 168 25.87 -3.41 22.69
C GLY S 168 25.68 -4.90 22.54
N LYS S 169 25.23 -5.36 21.38
CA LYS S 169 25.09 -6.79 21.16
C LYS S 169 26.45 -7.45 21.03
N THR S 170 27.33 -6.88 20.19
CA THR S 170 28.68 -7.41 20.07
C THR S 170 29.48 -7.18 21.34
N PHE S 171 29.20 -6.09 22.05
CA PHE S 171 29.85 -5.86 23.33
C PHE S 171 29.43 -6.90 24.35
N LEU S 172 28.14 -7.29 24.32
CA LEU S 172 27.67 -8.35 25.20
C LEU S 172 27.90 -9.72 24.59
N GLU S 173 28.55 -9.80 23.44
CA GLU S 173 28.91 -11.10 22.91
C GLU S 173 30.18 -11.62 23.59
N LYS S 174 31.14 -10.73 23.81
CA LYS S 174 32.40 -11.13 24.40
C LYS S 174 32.47 -10.81 25.89
N ARG S 175 32.11 -9.57 26.26
CA ARG S 175 32.30 -9.14 27.64
C ARG S 175 31.29 -9.79 28.56
N TYR S 176 30.09 -10.04 28.08
CA TYR S 176 29.20 -10.93 28.81
C TYR S 176 29.67 -12.37 28.61
N ASN S 177 29.42 -13.20 29.61
CA ASN S 177 30.11 -14.48 29.64
C ASN S 177 29.36 -15.55 30.42
N GLU S 178 30.06 -16.62 30.75
CA GLU S 178 29.57 -17.85 31.39
C GLU S 178 28.81 -17.51 32.67
N ASP S 179 29.45 -16.95 33.70
CA ASP S 179 28.84 -16.82 35.00
C ASP S 179 29.53 -15.73 35.79
N LEU S 180 28.72 -14.94 36.50
CA LEU S 180 29.22 -13.84 37.30
C LEU S 180 28.58 -13.86 38.67
N GLU S 181 28.72 -12.74 39.38
CA GLU S 181 27.89 -12.50 40.53
C GLU S 181 26.93 -11.36 40.26
N LEU S 182 26.07 -11.11 41.26
CA LEU S 182 25.06 -10.05 41.14
C LEU S 182 25.70 -8.68 40.97
N GLU S 183 26.76 -8.39 41.72
CA GLU S 183 27.45 -7.12 41.56
C GLU S 183 28.25 -7.08 40.26
N ASP S 184 28.65 -8.26 39.77
CA ASP S 184 29.49 -8.30 38.58
C ASP S 184 28.66 -8.10 37.32
N ALA S 185 27.38 -8.43 37.38
CA ALA S 185 26.50 -8.10 36.25
C ALA S 185 26.26 -6.60 36.17
N ILE S 186 26.29 -5.92 37.31
CA ILE S 186 25.99 -4.49 37.35
C ILE S 186 27.09 -3.70 36.67
N HIS S 187 28.32 -4.16 36.83
CA HIS S 187 29.49 -3.50 36.24
C HIS S 187 29.42 -3.54 34.72
N THR S 188 29.24 -4.72 34.15
CA THR S 188 29.19 -4.81 32.71
C THR S 188 27.90 -4.25 32.14
N ALA S 189 26.83 -4.21 32.93
CA ALA S 189 25.58 -3.59 32.46
C ALA S 189 25.73 -2.07 32.39
N ILE S 190 26.34 -1.48 33.41
CA ILE S 190 26.58 -0.04 33.40
C ILE S 190 27.62 0.32 32.35
N LEU S 191 28.55 -0.60 32.07
CA LEU S 191 29.51 -0.37 30.98
C LEU S 191 28.81 -0.37 29.63
N THR S 192 27.93 -1.34 29.39
CA THR S 192 27.32 -1.41 28.07
C THR S 192 26.21 -0.37 27.91
N LEU S 193 25.71 0.19 29.02
CA LEU S 193 24.90 1.38 28.91
C LEU S 193 25.77 2.63 28.79
N LYS S 194 27.04 2.50 29.18
CA LYS S 194 28.01 3.56 29.01
C LYS S 194 28.70 3.47 27.67
N GLU S 195 28.25 2.57 26.81
CA GLU S 195 28.73 2.50 25.44
C GLU S 195 28.17 3.65 24.59
N SER S 196 26.89 3.97 24.76
CA SER S 196 26.22 4.93 23.89
C SER S 196 25.53 6.05 24.66
N PHE S 197 26.14 6.54 25.74
CA PHE S 197 25.57 7.64 26.50
C PHE S 197 26.28 8.94 26.19
N GLU S 198 25.87 10.00 26.88
CA GLU S 198 26.51 11.30 26.74
C GLU S 198 27.76 11.38 27.60
N GLY S 199 28.26 12.60 27.79
CA GLY S 199 29.53 12.81 28.47
C GLY S 199 29.52 12.66 29.98
N GLN S 200 28.37 12.36 30.57
CA GLN S 200 28.24 12.21 32.01
C GLN S 200 27.09 11.29 32.32
N MET S 201 27.26 10.46 33.36
CA MET S 201 26.23 9.52 33.76
C MET S 201 26.11 9.56 35.27
N THR S 202 24.95 10.01 35.75
CA THR S 202 24.75 10.25 37.17
C THR S 202 23.66 9.32 37.65
N GLU S 203 23.20 9.58 38.88
CA GLU S 203 22.10 8.81 39.45
C GLU S 203 20.77 9.13 38.77
N ASP S 204 20.72 10.25 38.04
CA ASP S 204 19.47 10.63 37.37
C ASP S 204 19.42 10.09 35.95
N ASN S 205 20.55 9.67 35.40
CA ASN S 205 20.54 9.17 34.04
C ASN S 205 20.15 7.70 33.99
N ILE S 206 20.94 6.84 34.61
CA ILE S 206 20.63 5.42 34.65
C ILE S 206 19.61 5.17 35.75
N GLU S 207 19.03 3.98 35.73
CA GLU S 207 18.13 3.50 36.76
C GLU S 207 18.05 1.99 36.66
N VAL S 208 18.58 1.31 37.67
CA VAL S 208 18.95 -0.10 37.56
C VAL S 208 18.17 -0.90 38.60
N GLY S 209 17.51 -1.96 38.15
CA GLY S 209 16.81 -2.87 39.04
C GLY S 209 17.35 -4.28 38.98
N ILE S 210 17.16 -5.05 40.05
CA ILE S 210 17.68 -6.40 40.17
C ILE S 210 16.54 -7.33 40.57
N CYS S 211 16.77 -8.64 40.46
CA CYS S 211 15.94 -9.66 41.09
C CYS S 211 16.84 -10.53 41.95
N ASN S 212 16.67 -10.45 43.26
CA ASN S 212 17.25 -11.51 44.06
C ASN S 212 16.37 -12.74 43.96
N GLU S 213 16.93 -13.89 44.31
CA GLU S 213 16.10 -15.09 44.35
C GLU S 213 15.20 -15.08 45.57
N ALA S 214 15.51 -14.24 46.56
CA ALA S 214 14.64 -14.08 47.72
C ALA S 214 13.53 -13.06 47.46
N GLY S 215 13.68 -12.25 46.43
CA GLY S 215 12.64 -11.29 46.07
C GLY S 215 13.19 -10.12 45.29
N PHE S 216 12.27 -9.42 44.63
CA PHE S 216 12.63 -8.24 43.85
C PHE S 216 13.04 -7.10 44.78
N ARG S 217 13.92 -6.23 44.29
CA ARG S 217 14.19 -4.95 44.94
C ARG S 217 14.73 -3.95 43.92
N ARG S 218 13.89 -2.99 43.54
CA ARG S 218 14.35 -1.86 42.75
C ARG S 218 15.33 -1.03 43.56
N LEU S 219 16.43 -0.61 42.91
CA LEU S 219 17.51 0.06 43.61
C LEU S 219 17.27 1.57 43.66
N THR S 220 17.95 2.21 44.59
CA THR S 220 17.81 3.62 44.92
C THR S 220 18.92 4.40 44.27
N PRO S 221 18.74 5.71 44.07
CA PRO S 221 19.84 6.53 43.52
C PRO S 221 21.05 6.67 44.43
N THR S 222 20.94 6.28 45.71
CA THR S 222 22.11 6.22 46.56
C THR S 222 23.11 5.21 46.04
N GLU S 223 22.69 3.96 45.89
CA GLU S 223 23.59 2.93 45.38
C GLU S 223 23.77 3.03 43.88
N VAL S 224 22.80 3.61 43.17
CA VAL S 224 22.96 3.82 41.72
C VAL S 224 24.02 4.88 41.48
N LYS S 225 24.13 5.84 42.41
CA LYS S 225 25.22 6.79 42.35
C LYS S 225 26.52 6.24 42.91
N ASP S 226 26.45 5.27 43.82
CA ASP S 226 27.67 4.71 44.37
C ASP S 226 28.34 3.73 43.41
N TYR S 227 27.58 3.02 42.60
CA TYR S 227 28.22 2.01 41.78
C TYR S 227 28.88 2.63 40.56
N LEU S 228 28.27 3.69 40.00
CA LEU S 228 28.76 4.35 38.82
C LEU S 228 29.69 5.49 39.24
N ALA S 229 30.77 5.14 39.93
CA ALA S 229 31.58 6.15 40.62
C ALA S 229 33.07 6.31 40.25
N ALA S 230 33.94 5.29 40.12
CA ALA S 230 33.81 3.90 39.60
C ALA S 230 33.06 3.91 38.28
N ILE S 231 33.70 4.53 37.28
CA ILE S 231 33.11 4.62 35.95
C ILE S 231 32.98 3.21 35.38
N ALA S 232 31.73 2.75 35.30
CA ALA S 232 31.32 1.35 35.31
C ALA S 232 31.87 0.60 36.53
N SER T 1 -14.05 6.54 5.47
CA SER T 1 -14.30 5.43 6.36
C SER T 1 -14.13 4.10 5.65
N ARG T 2 -14.60 4.06 4.41
CA ARG T 2 -14.41 2.86 3.61
C ARG T 2 -13.27 3.04 2.61
N ARG T 3 -12.81 4.27 2.41
CA ARG T 3 -11.65 4.48 1.56
C ARG T 3 -10.34 4.23 2.29
N TYR T 4 -10.40 3.90 3.57
CA TYR T 4 -9.21 3.42 4.27
C TYR T 4 -9.18 1.91 4.33
N ASP T 5 -10.20 1.25 3.78
CA ASP T 5 -10.30 -0.20 3.86
C ASP T 5 -9.34 -0.86 2.89
N SER T 6 -8.73 -1.97 3.33
CA SER T 6 -7.68 -2.62 2.58
C SER T 6 -8.16 -3.82 1.77
N ARG T 7 -9.39 -4.28 1.99
CA ARG T 7 -10.08 -5.28 1.16
C ARG T 7 -9.32 -6.61 1.12
N THR T 8 -9.27 -7.29 2.26
CA THR T 8 -8.46 -8.50 2.37
C THR T 8 -9.21 -9.74 1.91
N THR T 9 -10.44 -9.62 1.46
CA THR T 9 -11.29 -10.80 1.31
C THR T 9 -11.63 -11.06 -0.15
N ILE T 10 -11.68 -10.00 -0.96
CA ILE T 10 -12.29 -10.05 -2.28
C ILE T 10 -11.40 -10.83 -3.26
N PHE T 11 -12.06 -11.50 -4.21
CA PHE T 11 -11.37 -12.02 -5.37
C PHE T 11 -10.76 -10.88 -6.19
N SER T 12 -9.66 -11.18 -6.88
CA SER T 12 -8.90 -10.24 -7.69
C SER T 12 -9.05 -10.62 -9.14
N PRO T 13 -9.09 -9.66 -10.09
CA PRO T 13 -9.73 -9.92 -11.40
C PRO T 13 -9.01 -10.89 -12.34
N GLU T 14 -8.00 -11.63 -11.89
CA GLU T 14 -7.32 -12.56 -12.78
C GLU T 14 -7.80 -14.01 -12.63
N GLY T 15 -8.32 -14.40 -11.46
CA GLY T 15 -8.74 -15.78 -11.23
C GLY T 15 -8.54 -16.29 -9.82
N ARG T 16 -7.60 -15.73 -9.06
CA ARG T 16 -7.20 -16.32 -7.81
C ARG T 16 -7.49 -15.40 -6.62
N LEU T 17 -7.51 -16.00 -5.43
CA LEU T 17 -7.51 -15.24 -4.18
C LEU T 17 -6.19 -14.51 -4.09
N TYR T 18 -6.26 -13.18 -3.96
CA TYR T 18 -5.06 -12.37 -4.01
C TYR T 18 -4.29 -12.43 -2.70
N GLN T 19 -5.00 -12.66 -1.60
CA GLN T 19 -4.38 -12.52 -0.29
C GLN T 19 -3.76 -13.83 0.17
N VAL T 20 -4.34 -14.95 -0.23
CA VAL T 20 -3.87 -16.25 0.22
C VAL T 20 -2.54 -16.60 -0.43
N GLU T 21 -2.29 -16.08 -1.63
CA GLU T 21 -0.99 -16.26 -2.28
C GLU T 21 0.10 -15.56 -1.50
N TYR T 22 -0.15 -14.31 -1.09
CA TYR T 22 0.82 -13.59 -0.29
C TYR T 22 0.88 -14.14 1.13
N ALA T 23 -0.14 -14.90 1.54
CA ALA T 23 -0.03 -15.67 2.77
C ALA T 23 0.98 -16.78 2.61
N MET T 24 0.89 -17.53 1.51
CA MET T 24 1.78 -18.68 1.30
C MET T 24 3.22 -18.22 1.06
N GLU T 25 3.41 -17.01 0.52
CA GLU T 25 4.77 -16.49 0.34
C GLU T 25 5.46 -16.20 1.66
N ALA T 26 4.72 -15.99 2.75
CA ALA T 26 5.35 -15.80 4.05
C ALA T 26 5.73 -17.13 4.68
N ILE T 27 4.93 -18.18 4.42
CA ILE T 27 5.32 -19.52 4.79
C ILE T 27 6.56 -19.95 4.03
N GLY T 28 6.75 -19.43 2.81
CA GLY T 28 7.97 -19.69 2.06
C GLY T 28 9.26 -19.16 2.69
N HIS T 29 9.15 -18.30 3.70
CA HIS T 29 10.32 -17.84 4.40
C HIS T 29 10.41 -18.46 5.80
N ALA T 30 11.65 -18.62 6.28
CA ALA T 30 12.02 -18.75 7.69
C ALA T 30 11.61 -20.11 8.24
N GLY T 31 11.12 -21.05 7.44
CA GLY T 31 10.68 -22.32 8.01
C GLY T 31 11.29 -23.51 7.29
N THR T 32 11.62 -24.54 8.06
CA THR T 32 12.04 -25.83 7.52
C THR T 32 11.59 -26.94 8.45
N CYS T 33 10.64 -27.76 7.99
CA CYS T 33 10.12 -28.89 8.74
C CYS T 33 9.76 -30.02 7.79
N LEU T 34 9.92 -31.26 8.27
CA LEU T 34 9.56 -32.43 7.49
C LEU T 34 9.34 -33.63 8.42
N GLY T 35 8.74 -34.66 7.84
CA GLY T 35 8.50 -35.92 8.54
C GLY T 35 8.74 -37.07 7.59
N ILE T 36 8.89 -38.27 8.14
CA ILE T 36 9.41 -39.39 7.37
C ILE T 36 8.40 -40.53 7.37
N LEU T 37 8.46 -41.34 6.30
CA LEU T 37 7.73 -42.60 6.20
C LEU T 37 8.25 -43.55 7.27
N ALA T 38 7.45 -43.83 8.29
CA ALA T 38 7.98 -44.66 9.36
C ALA T 38 6.90 -45.55 9.95
N ASN T 39 7.21 -46.83 10.04
CA ASN T 39 6.51 -47.74 10.93
C ASN T 39 7.13 -47.60 12.31
N ASP T 40 6.39 -48.12 13.32
CA ASP T 40 6.70 -48.15 14.78
C ASP T 40 7.44 -46.91 15.27
N GLY T 41 7.02 -45.75 14.78
CA GLY T 41 7.71 -44.50 14.98
C GLY T 41 7.23 -43.50 13.95
N VAL T 42 7.54 -42.23 14.23
CA VAL T 42 7.36 -41.11 13.31
C VAL T 42 8.19 -39.96 13.85
N LEU T 43 8.85 -39.24 12.94
CA LEU T 43 9.82 -38.22 13.35
C LEU T 43 9.48 -36.88 12.74
N LEU T 44 9.93 -35.82 13.40
CA LEU T 44 9.81 -34.46 12.90
C LEU T 44 11.19 -33.83 12.83
N ALA T 45 11.35 -32.88 11.91
CA ALA T 45 12.62 -32.21 11.75
C ALA T 45 12.42 -30.71 11.94
N ALA T 46 13.45 -30.07 12.50
CA ALA T 46 13.37 -28.65 12.79
C ALA T 46 14.72 -28.00 12.54
N GLU T 47 14.66 -26.77 12.05
CA GLU T 47 15.84 -25.98 11.73
C GLU T 47 15.87 -24.78 12.67
N ARG T 48 16.96 -24.64 13.41
CA ARG T 48 17.11 -23.50 14.31
C ARG T 48 17.23 -22.21 13.53
N ARG T 49 16.29 -21.29 13.76
CA ARG T 49 16.38 -19.98 13.13
C ARG T 49 17.39 -19.11 13.85
N ASN T 50 17.31 -19.04 15.17
CA ASN T 50 18.25 -18.28 15.97
C ASN T 50 19.25 -19.24 16.59
N ILE T 51 20.41 -19.40 15.94
CA ILE T 51 21.46 -20.27 16.41
C ILE T 51 22.58 -19.49 17.09
N HIS T 52 22.28 -18.27 17.57
CA HIS T 52 23.27 -17.43 18.21
C HIS T 52 23.66 -18.02 19.57
N LYS T 53 24.83 -17.66 20.05
CA LYS T 53 25.37 -18.22 21.30
C LYS T 53 24.85 -17.49 22.53
N LEU T 54 23.71 -16.81 22.43
CA LEU T 54 23.27 -15.95 23.51
C LEU T 54 21.86 -16.28 23.98
N LEU T 55 21.25 -17.32 23.41
CA LEU T 55 19.94 -17.77 23.89
C LEU T 55 20.10 -18.67 25.12
N ASP T 56 18.97 -18.97 25.75
CA ASP T 56 18.99 -19.68 27.02
C ASP T 56 18.87 -21.19 26.88
N GLU T 57 18.17 -21.66 25.83
CA GLU T 57 17.83 -23.07 25.62
C GLU T 57 17.12 -23.68 26.82
N VAL T 58 16.26 -22.90 27.49
CA VAL T 58 15.55 -23.40 28.67
C VAL T 58 14.09 -23.74 28.39
N PHE T 59 13.62 -23.52 27.16
CA PHE T 59 12.26 -23.88 26.81
C PHE T 59 12.06 -25.36 26.64
N PHE T 60 13.11 -26.09 26.24
CA PHE T 60 13.18 -27.55 26.08
C PHE T 60 12.34 -27.95 24.87
N SER T 61 11.83 -27.00 24.08
CA SER T 61 11.26 -27.26 22.76
C SER T 61 11.18 -25.93 22.01
N GLU T 62 11.75 -25.89 20.81
CA GLU T 62 11.86 -24.65 20.08
C GLU T 62 10.90 -24.56 18.91
N LYS T 63 10.56 -25.69 18.31
CA LYS T 63 9.67 -25.73 17.17
C LYS T 63 8.68 -26.88 17.27
N ILE T 64 8.72 -27.65 18.36
CA ILE T 64 7.83 -28.77 18.59
C ILE T 64 6.88 -28.39 19.72
N TYR T 65 5.58 -28.53 19.49
CA TYR T 65 4.59 -28.21 20.51
C TYR T 65 3.79 -29.46 20.83
N LYS T 66 3.75 -29.83 22.09
CA LYS T 66 3.10 -31.07 22.53
C LYS T 66 1.70 -30.73 23.00
N LEU T 67 0.69 -31.14 22.21
CA LEU T 67 -0.66 -30.65 22.41
C LEU T 67 -1.64 -31.70 22.91
N ASN T 68 -1.18 -32.91 23.20
CA ASN T 68 -2.00 -33.94 23.84
C ASN T 68 -1.03 -34.95 24.42
N GLU T 69 -1.56 -36.10 24.87
CA GLU T 69 -0.67 -37.21 25.19
C GLU T 69 -0.05 -37.78 23.94
N ASP T 70 -0.74 -37.70 22.81
CA ASP T 70 -0.41 -38.53 21.66
C ASP T 70 0.01 -37.75 20.44
N MET T 71 -0.03 -36.43 20.45
CA MET T 71 0.13 -35.68 19.21
C MET T 71 1.07 -34.52 19.43
N ALA T 72 1.55 -33.94 18.32
CA ALA T 72 2.40 -32.76 18.35
C ALA T 72 2.27 -32.04 17.01
N CYS T 73 2.91 -30.87 16.91
CA CYS T 73 2.84 -30.07 15.70
C CYS T 73 4.12 -29.27 15.58
N SER T 74 4.36 -28.73 14.40
CA SER T 74 5.61 -28.04 14.07
C SER T 74 5.30 -26.69 13.44
N VAL T 75 5.58 -25.61 14.19
CA VAL T 75 5.30 -24.24 13.78
C VAL T 75 6.16 -23.87 12.57
N ALA T 76 5.55 -23.25 11.57
CA ALA T 76 6.27 -22.65 10.45
C ALA T 76 5.77 -21.24 10.21
N GLY T 77 6.69 -20.30 10.11
CA GLY T 77 6.33 -18.94 9.77
C GLY T 77 6.24 -18.00 10.97
N ILE T 78 5.19 -17.19 11.02
CA ILE T 78 5.02 -16.23 12.09
C ILE T 78 4.65 -16.98 13.37
N THR T 79 5.57 -16.98 14.34
CA THR T 79 5.53 -17.98 15.40
C THR T 79 4.39 -17.73 16.38
N SER T 80 4.12 -16.48 16.72
CA SER T 80 3.15 -16.22 17.77
C SER T 80 1.72 -16.36 17.26
N ASP T 81 1.55 -16.31 15.95
CA ASP T 81 0.25 -16.65 15.38
C ASP T 81 -0.04 -18.13 15.61
N ALA T 82 0.99 -18.96 15.49
CA ALA T 82 0.87 -20.35 15.92
C ALA T 82 0.76 -20.46 17.42
N ASN T 83 1.26 -19.46 18.17
CA ASN T 83 0.98 -19.44 19.60
C ASN T 83 -0.44 -19.01 19.91
N VAL T 84 -1.21 -18.55 18.93
CA VAL T 84 -2.66 -18.54 19.08
C VAL T 84 -3.25 -19.89 18.68
N LEU T 85 -2.74 -20.47 17.59
CA LEU T 85 -3.34 -21.68 17.04
C LEU T 85 -3.12 -22.91 17.92
N THR T 86 -2.10 -22.92 18.77
CA THR T 86 -1.90 -24.08 19.62
C THR T 86 -2.69 -23.95 20.92
N ASN T 87 -2.97 -22.73 21.35
CA ASN T 87 -3.91 -22.55 22.45
C ASN T 87 -5.31 -22.96 22.03
N GLU T 88 -5.77 -22.47 20.86
CA GLU T 88 -7.05 -22.85 20.31
C GLU T 88 -7.13 -24.34 20.05
N LEU T 89 -6.10 -24.89 19.42
CA LEU T 89 -6.11 -26.29 19.02
C LEU T 89 -6.01 -27.21 20.21
N ARG T 90 -5.19 -26.85 21.20
CA ARG T 90 -5.07 -27.63 22.41
C ARG T 90 -6.38 -27.61 23.19
N LEU T 91 -7.10 -26.48 23.15
CA LEU T 91 -8.37 -26.41 23.85
C LEU T 91 -9.43 -27.23 23.12
N ILE T 92 -9.35 -27.31 21.78
CA ILE T 92 -10.27 -28.16 21.02
C ILE T 92 -10.07 -29.62 21.36
N ALA T 93 -8.81 -30.06 21.39
CA ALA T 93 -8.50 -31.45 21.74
C ALA T 93 -8.95 -31.78 23.15
N GLN T 94 -8.75 -30.85 24.08
CA GLN T 94 -9.07 -31.16 25.46
C GLN T 94 -10.57 -31.10 25.71
N ARG T 95 -11.32 -30.26 24.97
CA ARG T 95 -12.76 -30.31 25.13
C ARG T 95 -13.38 -31.54 24.48
N TYR T 96 -12.75 -32.08 23.43
CA TYR T 96 -13.22 -33.36 22.89
C TYR T 96 -12.95 -34.46 23.90
N LEU T 97 -11.84 -34.37 24.65
CA LEU T 97 -11.61 -35.35 25.69
C LEU T 97 -12.60 -35.21 26.83
N LEU T 98 -13.09 -33.99 27.09
CA LEU T 98 -14.16 -33.81 28.05
C LEU T 98 -15.45 -34.48 27.59
N GLN T 99 -15.80 -34.30 26.32
CA GLN T 99 -17.16 -34.64 25.89
C GLN T 99 -17.33 -36.14 25.67
N TYR T 100 -16.24 -36.90 25.60
CA TYR T 100 -16.35 -38.29 25.19
C TYR T 100 -15.55 -39.29 26.02
N GLN T 101 -14.73 -38.84 26.97
CA GLN T 101 -13.75 -39.66 27.73
C GLN T 101 -12.86 -40.50 26.84
N GLU T 102 -12.39 -39.98 25.72
CA GLU T 102 -11.66 -40.77 24.76
C GLU T 102 -10.74 -39.84 23.97
N PRO T 103 -9.52 -40.28 23.62
CA PRO T 103 -8.59 -39.39 22.91
C PRO T 103 -9.03 -39.01 21.52
N ILE T 104 -8.75 -37.77 21.15
CA ILE T 104 -9.23 -37.15 19.91
C ILE T 104 -8.48 -37.72 18.71
N PRO T 105 -9.18 -38.27 17.72
CA PRO T 105 -8.53 -38.64 16.46
C PRO T 105 -8.09 -37.41 15.69
N CYS T 106 -7.08 -37.60 14.85
CA CYS T 106 -6.31 -36.46 14.36
C CYS T 106 -7.04 -35.71 13.25
N GLU T 107 -7.88 -36.40 12.48
CA GLU T 107 -8.54 -35.83 11.31
C GLU T 107 -9.48 -34.70 11.68
N GLN T 108 -10.40 -34.98 12.60
CA GLN T 108 -11.34 -33.97 13.02
C GLN T 108 -10.69 -32.91 13.90
N LEU T 109 -9.52 -33.21 14.45
CA LEU T 109 -8.69 -32.16 15.04
C LEU T 109 -8.17 -31.22 13.95
N VAL T 110 -7.81 -31.78 12.79
CA VAL T 110 -7.30 -30.96 11.71
C VAL T 110 -8.40 -30.10 11.11
N THR T 111 -9.57 -30.70 10.86
CA THR T 111 -10.67 -29.94 10.27
C THR T 111 -11.23 -28.93 11.28
N ALA T 112 -11.19 -29.29 12.56
CA ALA T 112 -11.64 -28.37 13.60
C ALA T 112 -10.73 -27.15 13.70
N LEU T 113 -9.46 -27.29 13.33
CA LEU T 113 -8.63 -26.11 13.19
C LEU T 113 -8.91 -25.37 11.89
N CYS T 114 -8.92 -26.10 10.76
CA CYS T 114 -8.92 -25.45 9.45
C CYS T 114 -10.23 -24.75 9.14
N ASP T 115 -11.30 -25.06 9.90
CA ASP T 115 -12.52 -24.28 9.76
C ASP T 115 -12.35 -22.87 10.34
N ILE T 116 -11.38 -22.68 11.23
CA ILE T 116 -11.17 -21.35 11.81
C ILE T 116 -10.33 -20.49 10.88
N LYS T 117 -9.22 -21.04 10.36
CA LYS T 117 -8.41 -20.33 9.38
C LYS T 117 -9.22 -20.05 8.13
N GLN T 118 -9.98 -21.06 7.68
CA GLN T 118 -10.92 -20.88 6.59
C GLN T 118 -11.97 -19.84 6.94
N ALA T 119 -12.36 -19.77 8.22
CA ALA T 119 -13.38 -18.81 8.63
C ALA T 119 -12.84 -17.39 8.59
N TYR T 120 -11.52 -17.22 8.71
CA TYR T 120 -10.98 -15.88 8.51
C TYR T 120 -10.76 -15.58 7.03
N THR T 121 -10.55 -16.62 6.22
CA THR T 121 -10.40 -16.32 4.79
C THR T 121 -11.74 -15.98 4.14
N GLN T 122 -12.83 -16.58 4.60
CA GLN T 122 -14.12 -16.43 3.95
C GLN T 122 -14.74 -15.06 4.16
N PHE T 123 -14.56 -14.48 5.34
CA PHE T 123 -15.29 -13.28 5.70
C PHE T 123 -14.59 -12.55 6.83
N GLY T 124 -14.79 -11.25 6.92
CA GLY T 124 -14.21 -10.50 8.01
C GLY T 124 -13.53 -9.21 7.62
N GLY T 125 -12.92 -9.12 6.46
CA GLY T 125 -12.01 -8.01 6.21
C GLY T 125 -10.80 -8.07 7.11
N LYS T 126 -10.21 -9.25 7.22
CA LYS T 126 -9.35 -9.61 8.35
C LYS T 126 -8.04 -10.16 7.79
N ARG T 127 -6.94 -9.90 8.49
CA ARG T 127 -5.67 -10.50 8.12
C ARG T 127 -5.72 -11.99 8.40
N PRO T 128 -5.43 -12.84 7.40
CA PRO T 128 -5.50 -14.28 7.62
C PRO T 128 -4.36 -14.77 8.50
N PHE T 129 -4.46 -16.01 8.93
CA PHE T 129 -3.39 -16.68 9.65
C PHE T 129 -2.24 -16.94 8.68
N GLY T 130 -1.02 -16.85 9.18
CA GLY T 130 0.13 -17.08 8.33
C GLY T 130 0.99 -18.23 8.78
N VAL T 131 0.38 -19.32 9.25
CA VAL T 131 1.10 -20.48 9.75
C VAL T 131 0.64 -21.71 8.98
N SER T 132 1.60 -22.46 8.44
CA SER T 132 1.31 -23.75 7.83
C SER T 132 2.08 -24.81 8.59
N LEU T 133 1.41 -25.50 9.50
CA LEU T 133 2.07 -26.37 10.46
C LEU T 133 1.72 -27.83 10.19
N LEU T 134 2.56 -28.72 10.70
CA LEU T 134 2.44 -30.15 10.47
C LEU T 134 1.71 -30.82 11.63
N TYR T 135 1.48 -32.13 11.50
CA TYR T 135 0.83 -32.89 12.54
C TYR T 135 1.40 -34.30 12.53
N ILE T 136 1.62 -34.85 13.73
CA ILE T 136 1.95 -36.26 13.90
C ILE T 136 1.00 -36.82 14.93
N GLY T 137 1.04 -38.13 15.12
CA GLY T 137 0.32 -38.70 16.23
C GLY T 137 -0.11 -40.13 16.00
N TRP T 138 -0.70 -40.69 17.04
CA TRP T 138 -1.25 -42.03 17.04
C TRP T 138 -2.76 -41.90 17.10
N ASP T 139 -3.49 -42.91 16.66
CA ASP T 139 -4.92 -43.02 16.90
C ASP T 139 -5.31 -44.48 17.01
N LYS T 140 -6.56 -44.71 17.44
CA LYS T 140 -7.07 -46.07 17.58
C LYS T 140 -7.23 -46.75 16.23
N HIS T 141 -7.65 -45.99 15.22
CA HIS T 141 -8.12 -46.64 14.00
C HIS T 141 -6.98 -46.81 12.99
N TYR T 142 -6.24 -45.74 12.71
CA TYR T 142 -5.34 -45.73 11.58
C TYR T 142 -3.87 -45.78 11.94
N GLY T 143 -3.53 -46.04 13.19
CA GLY T 143 -2.12 -46.19 13.55
C GLY T 143 -1.41 -44.86 13.59
N PHE T 144 -0.55 -44.63 12.60
CA PHE T 144 0.26 -43.42 12.57
C PHE T 144 -0.19 -42.54 11.41
N GLN T 145 -0.01 -41.24 11.55
CA GLN T 145 -0.50 -40.28 10.57
C GLN T 145 0.42 -39.08 10.47
N LEU T 146 0.32 -38.38 9.33
CA LEU T 146 0.95 -37.10 9.08
C LEU T 146 -0.07 -36.20 8.40
N TYR T 147 -0.04 -34.91 8.70
CA TYR T 147 -0.95 -33.99 8.04
C TYR T 147 -0.24 -32.66 7.76
N GLN T 148 -0.92 -31.84 6.97
CA GLN T 148 -0.37 -30.63 6.39
C GLN T 148 -1.45 -29.55 6.47
N SER T 149 -1.04 -28.33 6.80
CA SER T 149 -1.99 -27.24 6.90
C SER T 149 -1.64 -26.14 5.91
N ASP T 150 -2.65 -25.35 5.54
CA ASP T 150 -2.55 -24.23 4.64
C ASP T 150 -3.26 -23.02 5.22
N PRO T 151 -2.90 -21.80 4.81
CA PRO T 151 -3.72 -20.65 5.22
C PRO T 151 -5.07 -20.64 4.56
N SER T 152 -5.22 -21.30 3.40
CA SER T 152 -6.54 -21.45 2.82
C SER T 152 -7.40 -22.44 3.58
N GLY T 153 -6.79 -23.34 4.36
CA GLY T 153 -7.54 -24.31 5.13
C GLY T 153 -7.69 -25.65 4.46
N ASN T 154 -6.98 -25.89 3.37
CA ASN T 154 -7.03 -27.16 2.69
C ASN T 154 -5.91 -28.05 3.22
N TYR T 155 -6.26 -29.23 3.69
CA TYR T 155 -5.31 -30.10 4.36
C TYR T 155 -5.08 -31.37 3.56
N GLY T 156 -3.88 -31.92 3.67
CA GLY T 156 -3.59 -33.19 3.04
C GLY T 156 -2.76 -34.08 3.94
N GLY T 157 -2.99 -35.39 3.86
CA GLY T 157 -2.17 -36.34 4.59
C GLY T 157 -1.01 -36.78 3.71
N TRP T 158 0.18 -36.77 4.29
CA TRP T 158 1.36 -37.17 3.55
C TRP T 158 1.95 -38.45 4.13
N LYS T 159 3.06 -38.89 3.55
CA LYS T 159 3.98 -39.81 4.21
C LYS T 159 5.40 -39.22 4.29
N ALA T 160 5.65 -38.16 3.52
CA ALA T 160 6.83 -37.32 3.67
C ALA T 160 6.47 -35.95 3.12
N THR T 161 6.91 -34.89 3.79
CA THR T 161 6.22 -33.63 3.61
C THR T 161 7.17 -32.46 3.40
N CYS T 162 6.58 -31.29 3.19
CA CYS T 162 7.26 -30.11 2.66
C CYS T 162 6.93 -28.87 3.47
N ILE T 163 7.88 -28.44 4.29
CA ILE T 163 7.91 -27.12 4.89
C ILE T 163 9.37 -26.67 4.88
N GLY T 164 9.65 -25.50 4.29
CA GLY T 164 8.73 -24.73 3.48
C GLY T 164 9.21 -24.65 2.04
N ASN T 165 9.73 -23.47 1.64
CA ASN T 165 10.14 -23.29 0.24
C ASN T 165 11.44 -24.03 -0.05
N ASN T 166 12.32 -24.14 0.94
CA ASN T 166 13.55 -24.90 0.75
C ASN T 166 13.29 -26.40 0.74
N SER T 167 12.08 -26.83 1.10
CA SER T 167 11.77 -28.24 1.18
C SER T 167 11.14 -28.80 -0.09
N ALA T 168 10.97 -28.00 -1.14
CA ALA T 168 10.57 -28.57 -2.42
C ALA T 168 11.69 -29.42 -2.99
N ALA T 169 12.93 -28.97 -2.83
CA ALA T 169 14.11 -29.80 -3.11
C ALA T 169 14.14 -31.01 -2.20
N ALA T 170 13.64 -30.89 -0.97
CA ALA T 170 13.52 -32.05 -0.13
C ALA T 170 12.43 -32.98 -0.61
N VAL T 171 11.44 -32.48 -1.34
CA VAL T 171 10.44 -33.37 -1.91
C VAL T 171 11.00 -34.12 -3.11
N SER T 172 11.81 -33.44 -3.93
CA SER T 172 12.52 -34.14 -5.00
C SER T 172 13.49 -35.17 -4.43
N MET T 173 14.13 -34.85 -3.30
CA MET T 173 15.06 -35.78 -2.69
C MET T 173 14.32 -36.94 -2.06
N LEU T 174 13.12 -36.71 -1.53
CA LEU T 174 12.35 -37.78 -0.92
C LEU T 174 11.74 -38.70 -1.96
N LYS T 175 11.30 -38.17 -3.11
CA LYS T 175 10.85 -39.05 -4.17
C LYS T 175 12.00 -39.79 -4.81
N GLN T 176 13.18 -39.17 -4.86
CA GLN T 176 14.36 -39.87 -5.37
C GLN T 176 14.92 -40.86 -4.36
N ASP T 177 14.53 -40.73 -3.09
CA ASP T 177 14.94 -41.64 -2.03
C ASP T 177 13.75 -42.38 -1.43
N TYR T 178 12.85 -42.87 -2.28
CA TYR T 178 11.56 -43.33 -1.82
C TYR T 178 11.61 -44.80 -1.45
N LYS T 179 10.72 -45.21 -0.54
CA LYS T 179 10.62 -46.58 -0.08
C LYS T 179 9.17 -46.82 0.33
N GLU T 180 8.87 -48.01 0.84
CA GLU T 180 7.53 -48.37 1.29
C GLU T 180 7.61 -49.22 2.55
N GLY T 181 7.59 -48.57 3.71
CA GLY T 181 7.49 -49.28 4.96
C GLY T 181 8.79 -49.76 5.55
N GLU T 182 9.78 -48.89 5.72
CA GLU T 182 11.07 -49.27 6.30
C GLU T 182 11.42 -48.34 7.46
N MET T 183 11.08 -48.78 8.67
CA MET T 183 11.57 -48.16 9.90
C MET T 183 11.52 -49.21 10.99
N THR T 184 12.67 -49.70 11.52
CA THR T 184 14.13 -49.38 11.36
C THR T 184 14.50 -47.90 11.46
N LEU T 185 14.35 -47.34 12.67
CA LEU T 185 14.40 -45.89 12.86
C LEU T 185 15.78 -45.31 12.56
N LYS T 186 16.82 -46.13 12.55
CA LYS T 186 18.12 -45.62 12.13
C LYS T 186 18.15 -45.36 10.63
N SER T 187 17.34 -46.09 9.84
CA SER T 187 17.25 -45.80 8.42
C SER T 187 16.50 -44.51 8.18
N ALA T 188 15.40 -44.31 8.92
CA ALA T 188 14.61 -43.10 8.75
C ALA T 188 15.36 -41.88 9.26
N LEU T 189 16.10 -42.02 10.37
CA LEU T 189 16.84 -40.89 10.89
C LEU T 189 18.09 -40.62 10.06
N ALA T 190 18.68 -41.66 9.47
CA ALA T 190 19.78 -41.45 8.55
C ALA T 190 19.31 -40.77 7.27
N LEU T 191 18.10 -41.10 6.83
CA LEU T 191 17.54 -40.42 5.66
C LEU T 191 17.17 -38.97 6.01
N ALA T 192 16.67 -38.75 7.21
CA ALA T 192 16.26 -37.40 7.59
C ALA T 192 17.46 -36.49 7.80
N ILE T 193 18.50 -37.00 8.46
CA ILE T 193 19.72 -36.23 8.61
C ILE T 193 20.42 -36.07 7.25
N LYS T 194 20.19 -37.02 6.34
CA LYS T 194 20.70 -36.85 4.98
C LYS T 194 19.99 -35.71 4.26
N VAL T 195 18.67 -35.63 4.40
CA VAL T 195 17.89 -34.59 3.73
C VAL T 195 18.22 -33.23 4.32
N LEU T 196 18.31 -33.14 5.65
CA LEU T 196 18.73 -31.88 6.23
C LEU T 196 20.20 -31.56 5.98
N ASN T 197 21.02 -32.55 5.62
CA ASN T 197 22.37 -32.23 5.20
C ASN T 197 22.37 -31.58 3.83
N LYS T 198 21.78 -32.25 2.84
CA LYS T 198 21.94 -31.80 1.46
C LYS T 198 20.99 -30.67 1.10
N THR T 199 19.91 -30.48 1.85
CA THR T 199 18.99 -29.39 1.56
C THR T 199 19.43 -28.09 2.21
N MET T 200 19.68 -28.10 3.52
CA MET T 200 20.15 -26.92 4.22
C MET T 200 21.55 -26.58 3.74
N ASP T 201 21.84 -25.27 3.63
CA ASP T 201 23.02 -24.84 2.90
C ASP T 201 24.28 -24.89 3.75
N VAL T 202 24.14 -24.76 5.07
CA VAL T 202 25.30 -24.78 5.95
C VAL T 202 25.89 -26.18 5.99
N SER T 203 27.18 -26.27 5.71
CA SER T 203 27.89 -27.53 5.54
C SER T 203 27.97 -28.30 6.87
N LYS T 204 28.10 -29.62 6.73
CA LYS T 204 28.44 -30.59 7.77
C LYS T 204 27.38 -30.80 8.85
N LEU T 205 26.29 -30.01 8.83
CA LEU T 205 25.14 -30.17 9.72
C LEU T 205 25.53 -30.11 11.19
N SER T 206 25.86 -28.91 11.67
CA SER T 206 26.20 -28.69 13.07
C SER T 206 25.11 -29.19 14.01
N ALA T 207 25.53 -29.70 15.18
CA ALA T 207 24.62 -30.45 16.04
C ALA T 207 23.63 -29.55 16.75
N GLU T 208 23.91 -28.25 16.80
CA GLU T 208 22.97 -27.33 17.45
C GLU T 208 21.82 -26.98 16.53
N LYS T 209 22.08 -26.94 15.22
CA LYS T 209 21.18 -26.25 14.31
C LYS T 209 19.93 -27.08 14.00
N VAL T 210 19.98 -28.39 14.25
CA VAL T 210 18.89 -29.28 13.88
C VAL T 210 18.18 -29.72 15.14
N GLU T 211 17.01 -30.32 14.98
CA GLU T 211 16.21 -30.81 16.09
C GLU T 211 15.27 -31.90 15.59
N ILE T 212 15.21 -33.01 16.32
CA ILE T 212 14.41 -34.16 15.92
C ILE T 212 13.53 -34.56 17.09
N ALA T 213 12.23 -34.66 16.84
CA ALA T 213 11.26 -35.15 17.83
C ALA T 213 10.61 -36.40 17.27
N THR T 214 10.69 -37.49 18.02
CA THR T 214 10.14 -38.76 17.59
C THR T 214 8.94 -39.15 18.45
N LEU T 215 8.17 -40.10 17.96
CA LEU T 215 7.00 -40.62 18.66
C LEU T 215 6.94 -42.12 18.49
N THR T 216 7.21 -42.86 19.55
CA THR T 216 7.11 -44.31 19.53
C THR T 216 5.84 -44.76 20.23
N ARG T 217 5.09 -45.65 19.60
CA ARG T 217 3.91 -46.21 20.21
C ARG T 217 4.30 -47.22 21.28
N GLU T 218 4.00 -46.91 22.52
CA GLU T 218 4.19 -47.85 23.61
C GLU T 218 2.89 -47.96 24.40
N ASN T 219 2.47 -49.18 24.67
CA ASN T 219 1.25 -49.45 25.42
C ASN T 219 1.53 -49.40 26.91
N GLY T 220 0.86 -48.51 27.63
CA GLY T 220 -0.02 -47.50 27.04
C GLY T 220 0.60 -46.13 27.20
N LYS T 221 1.91 -46.06 27.01
CA LYS T 221 2.62 -44.81 27.24
C LYS T 221 2.45 -43.84 26.09
N THR T 222 2.70 -44.30 24.85
CA THR T 222 2.72 -43.50 23.63
C THR T 222 3.68 -42.31 23.79
N VAL T 223 4.95 -42.69 23.89
CA VAL T 223 5.98 -41.74 24.29
C VAL T 223 6.27 -40.77 23.16
N ILE T 224 6.19 -39.47 23.46
CA ILE T 224 6.66 -38.42 22.57
C ILE T 224 8.10 -38.13 22.98
N ARG T 225 9.03 -38.73 22.25
CA ARG T 225 10.44 -38.72 22.62
C ARG T 225 11.14 -37.58 21.90
N VAL T 226 11.53 -36.56 22.66
CA VAL T 226 12.31 -35.45 22.14
C VAL T 226 13.76 -35.70 22.55
N LEU T 227 14.61 -35.95 21.57
CA LEU T 227 15.96 -36.44 21.85
C LEU T 227 16.97 -35.31 21.96
N LYS T 228 17.97 -35.52 22.82
CA LYS T 228 18.97 -34.51 23.11
C LYS T 228 20.14 -34.61 22.14
N GLN T 229 21.07 -33.67 22.28
CA GLN T 229 22.17 -33.54 21.32
C GLN T 229 23.16 -34.70 21.40
N LYS T 230 23.25 -35.38 22.56
CA LYS T 230 24.22 -36.45 22.73
C LYS T 230 23.89 -37.65 21.85
N GLU T 231 22.62 -37.83 21.51
CA GLU T 231 22.22 -38.80 20.51
C GLU T 231 21.92 -38.17 19.16
N VAL T 232 22.20 -36.88 19.00
CA VAL T 232 22.22 -36.29 17.67
C VAL T 232 23.61 -36.44 17.05
N GLU T 233 24.66 -36.26 17.87
CA GLU T 233 26.02 -36.13 17.36
C GLU T 233 26.53 -37.42 16.73
N GLN T 234 26.26 -38.55 17.38
CA GLN T 234 26.69 -39.83 16.82
C GLN T 234 25.86 -40.22 15.60
N LEU T 235 24.66 -39.67 15.48
CA LEU T 235 23.89 -39.84 14.26
C LEU T 235 24.50 -39.03 13.12
N ILE T 236 24.98 -37.83 13.43
CA ILE T 236 25.67 -37.00 12.44
C ILE T 236 26.95 -37.68 11.97
N LYS T 237 27.73 -38.24 12.90
CA LYS T 237 28.94 -38.95 12.53
C LYS T 237 28.62 -40.24 11.77
N LYS T 238 27.46 -40.84 12.04
CA LYS T 238 27.03 -41.98 11.24
C LYS T 238 26.77 -41.58 9.80
N HIS T 239 26.05 -40.47 9.60
CA HIS T 239 25.77 -40.04 8.22
C HIS T 239 27.04 -39.57 7.50
N GLU T 240 27.94 -38.90 8.21
CA GLU T 240 29.19 -38.49 7.59
C GLU T 240 30.05 -39.70 7.22
N GLU T 241 29.99 -40.75 8.04
CA GLU T 241 30.61 -42.02 7.68
C GLU T 241 29.96 -42.61 6.42
N GLU T 242 28.64 -42.46 6.28
CA GLU T 242 27.97 -43.01 5.10
C GLU T 242 28.28 -42.18 3.86
N GLU T 243 28.55 -40.89 4.01
CA GLU T 243 28.94 -40.08 2.88
C GLU T 243 30.36 -40.40 2.45
N ALA T 244 31.26 -40.62 3.43
CA ALA T 244 32.63 -41.01 3.12
C ALA T 244 32.68 -42.41 2.50
N LYS T 245 31.79 -43.30 2.91
CA LYS T 245 31.73 -44.61 2.29
C LYS T 245 31.13 -44.55 0.89
N ALA T 246 30.04 -43.81 0.72
CA ALA T 246 29.33 -43.80 -0.56
C ALA T 246 30.06 -43.01 -1.63
N GLU T 247 30.94 -42.07 -1.23
CA GLU T 247 31.69 -41.31 -2.23
C GLU T 247 32.80 -42.13 -2.88
N ARG T 248 33.12 -43.30 -2.33
CA ARG T 248 34.21 -44.13 -2.83
C ARG T 248 33.91 -44.80 -4.17
N GLU T 249 32.67 -44.70 -4.67
CA GLU T 249 32.31 -45.25 -5.97
C GLU T 249 33.05 -44.57 -7.11
N LYS T 250 33.33 -43.28 -6.93
CA LYS T 250 34.15 -42.55 -7.90
C LYS T 250 35.47 -42.11 -7.25
N SER U 1 -19.73 -5.10 14.09
CA SER U 1 -18.83 -6.15 13.64
C SER U 1 -18.23 -5.81 12.29
N TYR U 2 -18.76 -6.40 11.23
CA TYR U 2 -18.19 -6.35 9.89
C TYR U 2 -19.28 -5.91 8.93
N ASP U 3 -19.47 -4.60 8.81
CA ASP U 3 -20.54 -4.04 7.98
C ASP U 3 -19.94 -3.42 6.74
N ARG U 4 -19.94 -4.17 5.65
CA ARG U 4 -19.48 -3.69 4.35
C ARG U 4 -20.03 -4.61 3.27
N ALA U 5 -20.64 -3.99 2.26
CA ALA U 5 -21.18 -4.75 1.14
C ALA U 5 -20.04 -5.09 0.20
N ILE U 6 -19.66 -6.37 0.15
CA ILE U 6 -18.59 -6.80 -0.75
C ILE U 6 -19.09 -6.87 -2.18
N THR U 7 -20.28 -7.45 -2.37
CA THR U 7 -20.72 -7.80 -3.71
C THR U 7 -21.85 -6.87 -4.16
N VAL U 8 -21.52 -5.96 -5.08
CA VAL U 8 -22.45 -4.94 -5.54
C VAL U 8 -22.61 -5.04 -7.04
N PHE U 9 -23.65 -4.40 -7.57
CA PHE U 9 -23.91 -4.42 -9.00
C PHE U 9 -22.92 -3.55 -9.76
N SER U 10 -22.38 -4.09 -10.83
CA SER U 10 -21.59 -3.32 -11.78
C SER U 10 -22.54 -2.54 -12.69
N PRO U 11 -22.07 -1.43 -13.29
CA PRO U 11 -22.96 -0.60 -14.11
C PRO U 11 -23.44 -1.24 -15.39
N ASP U 12 -22.80 -2.30 -15.87
CA ASP U 12 -23.33 -3.04 -16.99
C ASP U 12 -24.26 -4.17 -16.57
N GLY U 13 -24.69 -4.19 -15.31
CA GLY U 13 -25.71 -5.10 -14.86
C GLY U 13 -25.21 -6.32 -14.12
N HIS U 14 -23.95 -6.71 -14.30
CA HIS U 14 -23.47 -7.92 -13.66
C HIS U 14 -23.16 -7.69 -12.20
N LEU U 15 -23.38 -8.73 -11.39
CA LEU U 15 -22.54 -8.89 -10.22
C LEU U 15 -21.16 -9.32 -10.67
N PHE U 16 -20.14 -8.77 -10.00
CA PHE U 16 -18.81 -9.30 -10.27
C PHE U 16 -18.62 -10.65 -9.61
N GLN U 17 -18.65 -10.71 -8.28
CA GLN U 17 -18.08 -11.83 -7.52
C GLN U 17 -18.79 -13.14 -7.82
N VAL U 18 -20.06 -13.08 -8.17
CA VAL U 18 -20.78 -14.23 -8.67
C VAL U 18 -20.24 -14.60 -10.04
N GLU U 19 -20.38 -13.67 -11.01
CA GLU U 19 -20.02 -14.00 -12.39
C GLU U 19 -18.54 -13.80 -12.66
N TYR U 20 -17.77 -13.42 -11.64
CA TYR U 20 -16.33 -13.53 -11.77
C TYR U 20 -15.78 -14.73 -11.02
N ALA U 21 -16.38 -15.10 -9.88
CA ALA U 21 -15.79 -16.15 -9.05
C ALA U 21 -16.00 -17.56 -9.60
N GLN U 22 -16.63 -17.67 -10.77
CA GLN U 22 -16.68 -18.94 -11.49
C GLN U 22 -15.36 -19.25 -12.18
N GLU U 23 -14.39 -18.33 -12.15
CA GLU U 23 -13.07 -18.65 -12.66
C GLU U 23 -12.36 -19.63 -11.74
N ALA U 24 -12.66 -19.59 -10.45
CA ALA U 24 -12.12 -20.60 -9.52
C ALA U 24 -12.74 -21.96 -9.80
N VAL U 25 -13.96 -21.98 -10.33
CA VAL U 25 -14.52 -23.20 -10.86
C VAL U 25 -13.77 -23.61 -12.13
N LYS U 26 -13.40 -22.63 -12.95
CA LYS U 26 -12.74 -22.93 -14.22
C LYS U 26 -11.31 -23.44 -14.05
N LYS U 27 -10.66 -23.12 -12.94
CA LYS U 27 -9.29 -23.55 -12.69
C LYS U 27 -9.18 -24.57 -11.57
N GLY U 28 -10.10 -25.53 -11.52
CA GLY U 28 -9.98 -26.61 -10.56
C GLY U 28 -9.92 -27.96 -11.23
N SER U 29 -10.12 -29.03 -10.46
CA SER U 29 -10.17 -30.36 -11.05
C SER U 29 -11.47 -30.52 -11.83
N THR U 30 -11.45 -31.39 -12.82
CA THR U 30 -12.65 -31.68 -13.57
C THR U 30 -13.43 -32.80 -12.89
N ALA U 31 -14.73 -32.83 -13.14
CA ALA U 31 -15.53 -33.95 -12.69
C ALA U 31 -16.71 -34.09 -13.63
N VAL U 32 -16.95 -35.32 -14.06
CA VAL U 32 -18.07 -35.65 -14.90
C VAL U 32 -18.97 -36.61 -14.15
N GLY U 33 -20.07 -36.96 -14.78
CA GLY U 33 -20.99 -37.91 -14.19
C GLY U 33 -22.22 -38.03 -15.04
N VAL U 34 -22.65 -39.27 -15.29
CA VAL U 34 -23.89 -39.53 -16.01
C VAL U 34 -24.81 -40.24 -15.03
N ARG U 35 -26.08 -40.34 -15.40
CA ARG U 35 -26.99 -41.17 -14.65
C ARG U 35 -27.48 -42.29 -15.55
N GLY U 36 -27.40 -43.51 -15.05
CA GLY U 36 -27.99 -44.63 -15.74
C GLY U 36 -29.44 -44.69 -15.35
N ARG U 37 -30.17 -45.59 -15.99
CA ARG U 37 -31.55 -45.79 -15.59
C ARG U 37 -31.61 -46.57 -14.27
N ASP U 38 -30.54 -47.28 -13.93
CA ASP U 38 -30.52 -48.08 -12.71
C ASP U 38 -29.37 -47.69 -11.79
N ILE U 39 -28.15 -47.54 -12.29
CA ILE U 39 -26.99 -47.21 -11.47
C ILE U 39 -26.37 -45.94 -12.02
N VAL U 40 -26.14 -44.98 -11.14
CA VAL U 40 -25.47 -43.75 -11.52
C VAL U 40 -23.97 -43.94 -11.41
N VAL U 41 -23.22 -43.05 -12.06
CA VAL U 41 -21.76 -43.10 -12.02
C VAL U 41 -21.25 -41.68 -12.17
N LEU U 42 -20.47 -41.25 -11.20
CA LEU U 42 -19.80 -39.97 -11.25
C LEU U 42 -18.33 -40.17 -10.92
N GLY U 43 -17.50 -39.22 -11.33
CA GLY U 43 -16.08 -39.39 -11.11
C GLY U 43 -15.29 -38.12 -11.29
N VAL U 44 -14.24 -37.97 -10.48
CA VAL U 44 -13.38 -36.80 -10.56
C VAL U 44 -12.19 -37.19 -11.41
N GLU U 45 -11.57 -36.21 -12.07
CA GLU U 45 -10.41 -36.48 -12.91
C GLU U 45 -9.45 -35.34 -12.66
N LYS U 46 -8.31 -35.29 -13.36
CA LYS U 46 -7.24 -34.31 -13.22
C LYS U 46 -6.76 -34.20 -11.78
N LYS U 47 -6.59 -35.37 -11.13
CA LYS U 47 -6.29 -35.39 -9.70
C LYS U 47 -4.92 -34.81 -9.40
N SER U 48 -3.98 -34.93 -10.36
CA SER U 48 -2.62 -34.39 -10.28
C SER U 48 -1.89 -34.90 -9.05
N VAL U 49 -2.04 -36.19 -8.77
CA VAL U 49 -1.60 -36.80 -7.52
C VAL U 49 -0.08 -36.87 -7.49
N ALA U 50 0.46 -36.83 -6.28
CA ALA U 50 1.90 -36.93 -6.06
C ALA U 50 2.44 -38.32 -6.34
N LYS U 51 1.57 -39.33 -6.40
CA LYS U 51 1.86 -40.69 -6.87
C LYS U 51 2.91 -41.44 -6.06
N LEU U 52 3.25 -40.92 -4.89
CA LEU U 52 4.06 -41.62 -3.90
C LEU U 52 3.54 -41.39 -2.50
N GLN U 53 2.38 -40.74 -2.37
CA GLN U 53 1.89 -40.24 -1.09
C GLN U 53 0.45 -40.68 -0.91
N ASP U 54 -0.20 -40.13 0.13
CA ASP U 54 -1.47 -40.66 0.58
C ASP U 54 -2.62 -40.12 -0.27
N GLU U 55 -3.75 -40.83 -0.25
CA GLU U 55 -4.81 -40.59 -1.22
C GLU U 55 -6.20 -40.54 -0.61
N ARG U 56 -6.39 -41.05 0.61
CA ARG U 56 -7.74 -41.05 1.17
C ARG U 56 -8.12 -39.69 1.73
N THR U 57 -7.14 -38.83 1.98
CA THR U 57 -7.46 -37.51 2.50
C THR U 57 -7.74 -36.51 1.37
N VAL U 58 -7.36 -36.86 0.14
CA VAL U 58 -7.68 -36.00 -0.99
C VAL U 58 -8.94 -36.52 -1.69
N ARG U 59 -9.68 -37.40 -1.01
CA ARG U 59 -10.91 -37.94 -1.57
C ARG U 59 -11.98 -36.86 -1.63
N LYS U 60 -12.39 -36.50 -2.85
CA LYS U 60 -13.36 -35.43 -3.03
C LYS U 60 -14.66 -35.91 -3.65
N ILE U 61 -15.04 -37.15 -3.39
CA ILE U 61 -16.42 -37.61 -3.56
C ILE U 61 -16.84 -38.17 -2.22
N CYS U 62 -17.88 -37.59 -1.64
CA CYS U 62 -18.29 -37.97 -0.30
C CYS U 62 -19.81 -38.06 -0.24
N ALA U 63 -20.32 -38.28 0.96
CA ALA U 63 -21.74 -38.54 1.11
C ALA U 63 -22.30 -37.57 2.14
N LEU U 64 -23.60 -37.31 2.02
CA LEU U 64 -24.29 -36.57 3.07
C LEU U 64 -25.13 -37.52 3.89
N ASP U 65 -26.05 -38.21 3.25
CA ASP U 65 -26.60 -39.46 3.71
C ASP U 65 -26.09 -40.51 2.73
N ASP U 66 -26.40 -41.79 3.00
CA ASP U 66 -26.09 -42.81 2.00
C ASP U 66 -26.92 -42.65 0.75
N ASN U 67 -28.06 -41.97 0.84
CA ASN U 67 -28.94 -41.69 -0.27
C ASN U 67 -28.33 -40.71 -1.28
N VAL U 68 -27.36 -39.92 -0.86
CA VAL U 68 -26.89 -38.76 -1.62
C VAL U 68 -25.37 -38.80 -1.75
N CYS U 69 -24.87 -38.62 -2.97
CA CYS U 69 -23.43 -38.56 -3.25
C CYS U 69 -23.03 -37.11 -3.52
N MET U 70 -21.74 -36.83 -3.34
CA MET U 70 -21.17 -35.53 -3.66
C MET U 70 -20.21 -35.62 -4.83
N ALA U 71 -20.00 -34.49 -5.48
CA ALA U 71 -18.93 -34.27 -6.44
C ALA U 71 -18.85 -32.77 -6.63
N PHE U 72 -17.65 -32.23 -6.77
CA PHE U 72 -17.51 -30.79 -6.92
C PHE U 72 -16.23 -30.43 -7.66
N ALA U 73 -16.14 -29.16 -8.00
CA ALA U 73 -14.95 -28.58 -8.61
C ALA U 73 -14.51 -27.40 -7.77
N GLY U 74 -13.57 -26.63 -8.31
CA GLY U 74 -13.11 -25.45 -7.61
C GLY U 74 -12.20 -25.80 -6.44
N LEU U 75 -11.92 -24.80 -5.62
CA LEU U 75 -11.07 -24.99 -4.45
C LEU U 75 -11.85 -25.71 -3.36
N THR U 76 -11.23 -26.73 -2.77
CA THR U 76 -11.97 -27.67 -1.95
C THR U 76 -12.22 -27.11 -0.57
N ALA U 77 -11.43 -26.11 -0.17
CA ALA U 77 -11.48 -25.52 1.16
C ALA U 77 -12.85 -24.92 1.45
N ASP U 78 -13.34 -24.06 0.56
CA ASP U 78 -14.69 -23.53 0.71
C ASP U 78 -15.75 -24.60 0.53
N ALA U 79 -15.44 -25.69 -0.16
CA ALA U 79 -16.44 -26.73 -0.37
C ALA U 79 -16.68 -27.54 0.89
N ARG U 80 -15.68 -27.61 1.77
CA ARG U 80 -15.79 -28.42 2.98
C ARG U 80 -16.90 -27.94 3.91
N ILE U 81 -17.02 -26.62 4.07
CA ILE U 81 -18.04 -26.05 4.94
C ILE U 81 -19.43 -26.25 4.34
N VAL U 82 -19.54 -26.16 3.01
CA VAL U 82 -20.81 -26.41 2.34
C VAL U 82 -21.24 -27.85 2.54
N ILE U 83 -20.27 -28.77 2.50
CA ILE U 83 -20.57 -30.19 2.72
C ILE U 83 -21.04 -30.43 4.15
N ASN U 84 -20.32 -29.90 5.13
CA ASN U 84 -20.67 -30.18 6.53
C ASN U 84 -21.99 -29.52 6.93
N ARG U 85 -22.24 -28.31 6.45
CA ARG U 85 -23.52 -27.65 6.70
C ARG U 85 -24.65 -28.39 6.01
N ALA U 86 -24.38 -28.93 4.83
CA ALA U 86 -25.36 -29.75 4.13
C ALA U 86 -25.67 -31.03 4.88
N ARG U 87 -24.68 -31.58 5.56
CA ARG U 87 -24.89 -32.80 6.34
C ARG U 87 -25.73 -32.52 7.58
N VAL U 88 -25.40 -31.44 8.29
CA VAL U 88 -26.17 -31.04 9.47
C VAL U 88 -27.60 -30.72 9.08
N GLU U 89 -27.80 -30.14 7.91
CA GLU U 89 -29.16 -29.92 7.40
C GLU U 89 -29.86 -31.23 7.08
N CYS U 90 -29.18 -32.16 6.43
CA CYS U 90 -29.90 -33.35 5.98
C CYS U 90 -30.08 -34.36 7.09
N GLN U 91 -29.52 -34.12 8.27
CA GLN U 91 -29.82 -35.01 9.39
C GLN U 91 -31.10 -34.60 10.11
N SER U 92 -31.32 -33.29 10.25
CA SER U 92 -32.53 -32.82 10.91
C SER U 92 -33.77 -33.08 10.05
N HIS U 93 -33.57 -33.24 8.74
CA HIS U 93 -34.67 -33.69 7.91
C HIS U 93 -35.06 -35.12 8.23
N ARG U 94 -34.09 -35.95 8.63
CA ARG U 94 -34.42 -37.27 9.15
C ARG U 94 -35.11 -37.16 10.51
N LEU U 95 -34.75 -36.14 11.29
CA LEU U 95 -35.42 -35.91 12.57
C LEU U 95 -36.87 -35.48 12.37
N THR U 96 -37.12 -34.70 11.32
CA THR U 96 -38.46 -34.48 10.80
C THR U 96 -38.87 -35.65 9.92
N VAL U 97 -39.66 -35.35 8.88
CA VAL U 97 -40.38 -36.23 7.97
C VAL U 97 -39.59 -37.49 7.60
N GLU U 98 -40.19 -38.66 7.81
CA GLU U 98 -39.39 -39.85 8.13
C GLU U 98 -38.86 -40.53 6.87
N ASP U 99 -39.22 -40.03 5.71
CA ASP U 99 -38.59 -40.47 4.48
C ASP U 99 -37.16 -39.96 4.43
N PRO U 100 -36.25 -40.61 3.70
CA PRO U 100 -34.91 -40.05 3.55
C PRO U 100 -34.92 -38.81 2.68
N VAL U 101 -33.79 -38.11 2.69
CA VAL U 101 -33.68 -36.80 2.08
C VAL U 101 -33.78 -36.92 0.56
N THR U 102 -34.78 -36.26 -0.01
CA THR U 102 -34.85 -36.16 -1.45
C THR U 102 -33.77 -35.22 -1.94
N VAL U 103 -33.21 -35.53 -3.11
CA VAL U 103 -32.02 -34.83 -3.59
C VAL U 103 -32.35 -33.39 -3.95
N GLU U 104 -33.58 -33.13 -4.42
CA GLU U 104 -33.98 -31.79 -4.83
C GLU U 104 -34.06 -30.87 -3.62
N TYR U 105 -34.40 -31.43 -2.46
CA TYR U 105 -34.43 -30.65 -1.23
C TYR U 105 -33.03 -30.21 -0.82
N ILE U 106 -32.05 -31.12 -0.90
CA ILE U 106 -30.72 -30.75 -0.43
C ILE U 106 -30.04 -29.82 -1.43
N THR U 107 -30.40 -29.92 -2.72
CA THR U 107 -29.86 -28.97 -3.68
C THR U 107 -30.49 -27.60 -3.50
N ARG U 108 -31.76 -27.53 -3.09
CA ARG U 108 -32.28 -26.24 -2.70
C ARG U 108 -31.64 -25.72 -1.42
N TYR U 109 -31.10 -26.61 -0.58
CA TYR U 109 -30.42 -26.11 0.60
C TYR U 109 -29.06 -25.50 0.27
N ILE U 110 -28.23 -26.21 -0.52
CA ILE U 110 -26.93 -25.64 -0.90
C ILE U 110 -27.13 -24.40 -1.78
N ALA U 111 -28.13 -24.42 -2.65
CA ALA U 111 -28.37 -23.28 -3.52
C ALA U 111 -28.89 -22.07 -2.74
N SER U 112 -29.77 -22.30 -1.78
CA SER U 112 -30.32 -21.17 -1.01
C SER U 112 -29.28 -20.61 -0.06
N LEU U 113 -28.53 -21.49 0.61
CA LEU U 113 -27.41 -21.08 1.44
C LEU U 113 -26.38 -20.27 0.66
N LYS U 114 -26.04 -20.73 -0.53
CA LYS U 114 -25.01 -20.04 -1.29
C LYS U 114 -25.52 -18.71 -1.82
N GLN U 115 -26.82 -18.63 -2.11
CA GLN U 115 -27.43 -17.36 -2.47
C GLN U 115 -27.35 -16.35 -1.32
N ARG U 116 -27.85 -16.72 -0.14
CA ARG U 116 -27.78 -15.77 0.98
C ARG U 116 -26.36 -15.56 1.48
N TYR U 117 -25.44 -16.41 1.04
CA TYR U 117 -24.03 -16.21 1.34
C TYR U 117 -23.42 -15.22 0.37
N THR U 118 -24.05 -15.04 -0.81
CA THR U 118 -23.69 -13.91 -1.66
C THR U 118 -24.37 -12.63 -1.21
N GLN U 119 -25.59 -12.74 -0.67
CA GLN U 119 -26.45 -11.59 -0.45
C GLN U 119 -26.01 -10.76 0.75
N SER U 120 -25.38 -11.39 1.73
CA SER U 120 -25.19 -10.75 3.03
C SER U 120 -23.99 -9.82 3.05
N ASN U 121 -23.78 -9.19 4.21
CA ASN U 121 -22.71 -8.20 4.36
C ASN U 121 -21.39 -8.86 4.72
N GLY U 122 -20.32 -8.40 4.08
CA GLY U 122 -18.98 -8.77 4.46
C GLY U 122 -18.60 -10.21 4.23
N ARG U 123 -19.12 -10.85 3.18
CA ARG U 123 -18.91 -12.27 2.95
C ARG U 123 -18.50 -12.48 1.51
N ARG U 124 -17.32 -13.06 1.29
CA ARG U 124 -16.88 -13.45 -0.03
C ARG U 124 -17.74 -14.60 -0.51
N PRO U 125 -18.29 -14.57 -1.72
CA PRO U 125 -19.12 -15.68 -2.19
C PRO U 125 -18.29 -16.93 -2.43
N PHE U 126 -18.96 -18.09 -2.36
CA PHE U 126 -18.28 -19.35 -2.61
C PHE U 126 -17.85 -19.46 -4.07
N GLY U 127 -16.69 -20.07 -4.27
CA GLY U 127 -16.17 -20.33 -5.59
C GLY U 127 -16.21 -21.79 -6.00
N ILE U 128 -17.29 -22.50 -5.69
CA ILE U 128 -17.41 -23.90 -6.07
C ILE U 128 -18.66 -24.09 -6.91
N SER U 129 -18.57 -25.03 -7.84
CA SER U 129 -19.72 -25.71 -8.39
C SER U 129 -19.69 -27.10 -7.79
N ALA U 130 -20.85 -27.76 -7.73
CA ALA U 130 -20.88 -29.06 -7.13
C ALA U 130 -22.00 -29.88 -7.76
N LEU U 131 -21.85 -31.20 -7.70
CA LEU U 131 -22.90 -32.09 -8.15
C LEU U 131 -23.45 -32.89 -6.99
N ILE U 132 -24.74 -33.19 -7.09
CA ILE U 132 -25.49 -33.87 -6.04
C ILE U 132 -26.30 -34.95 -6.73
N VAL U 133 -25.84 -36.19 -6.67
CA VAL U 133 -26.48 -37.29 -7.37
C VAL U 133 -26.93 -38.31 -6.36
N GLY U 134 -28.17 -38.77 -6.49
CA GLY U 134 -28.65 -39.81 -5.61
C GLY U 134 -29.96 -40.39 -6.07
N PHE U 135 -30.00 -41.72 -6.13
CA PHE U 135 -31.22 -42.44 -6.45
C PHE U 135 -32.15 -42.36 -5.25
N ASP U 136 -33.24 -41.61 -5.37
CA ASP U 136 -34.06 -41.25 -4.22
C ASP U 136 -34.90 -42.40 -3.70
N PHE U 137 -35.81 -42.08 -2.78
CA PHE U 137 -36.93 -42.95 -2.47
C PHE U 137 -37.80 -43.10 -3.71
N ASP U 138 -38.48 -44.26 -3.78
CA ASP U 138 -39.23 -44.73 -4.95
C ASP U 138 -38.29 -44.90 -6.16
N GLY U 139 -37.03 -45.24 -5.87
CA GLY U 139 -36.07 -45.79 -6.82
C GLY U 139 -35.70 -44.97 -8.03
N THR U 140 -36.04 -43.68 -8.07
CA THR U 140 -35.83 -42.88 -9.27
C THR U 140 -34.51 -42.12 -9.16
N PRO U 141 -33.63 -42.30 -10.14
CA PRO U 141 -32.35 -41.56 -10.11
C PRO U 141 -32.41 -40.25 -10.87
N ARG U 142 -31.71 -39.25 -10.35
CA ARG U 142 -31.63 -37.94 -10.99
C ARG U 142 -30.42 -37.22 -10.44
N LEU U 143 -30.07 -36.10 -11.09
CA LEU U 143 -28.90 -35.34 -10.64
C LEU U 143 -29.16 -33.86 -10.81
N TYR U 144 -28.36 -33.06 -10.09
CA TYR U 144 -28.42 -31.62 -10.15
C TYR U 144 -26.99 -31.09 -10.04
N GLN U 145 -26.76 -29.91 -10.58
CA GLN U 145 -25.52 -29.22 -10.27
C GLN U 145 -25.84 -27.92 -9.54
N THR U 146 -24.83 -27.37 -8.90
CA THR U 146 -24.94 -26.08 -8.25
C THR U 146 -24.32 -25.01 -9.12
N ASP U 147 -24.16 -23.84 -8.52
CA ASP U 147 -23.68 -22.64 -9.17
C ASP U 147 -23.34 -21.67 -8.05
N PRO U 148 -22.27 -20.87 -8.20
CA PRO U 148 -22.04 -19.81 -7.20
C PRO U 148 -23.12 -18.74 -7.19
N SER U 149 -23.91 -18.63 -8.26
CA SER U 149 -25.14 -17.87 -8.17
C SER U 149 -26.13 -18.53 -7.24
N GLY U 150 -26.15 -19.86 -7.23
CA GLY U 150 -27.09 -20.59 -6.40
C GLY U 150 -28.29 -21.07 -7.17
N THR U 151 -28.08 -21.50 -8.42
CA THR U 151 -29.16 -21.92 -9.31
C THR U 151 -29.00 -23.41 -9.57
N TYR U 152 -29.73 -24.21 -8.78
CA TYR U 152 -29.75 -25.66 -8.99
C TYR U 152 -30.44 -25.97 -10.32
N HIS U 153 -29.94 -27.00 -11.00
CA HIS U 153 -30.25 -27.08 -12.42
C HIS U 153 -30.01 -28.51 -12.88
N ALA U 154 -31.07 -29.23 -13.23
CA ALA U 154 -31.03 -30.68 -13.43
C ALA U 154 -30.54 -31.04 -14.82
N TRP U 155 -29.38 -31.68 -14.90
CA TRP U 155 -28.81 -32.18 -16.13
C TRP U 155 -29.10 -33.67 -16.30
N LYS U 156 -28.80 -34.17 -17.51
CA LYS U 156 -28.71 -35.61 -17.70
C LYS U 156 -27.30 -36.12 -17.52
N ALA U 157 -26.30 -35.30 -17.84
CA ALA U 157 -24.90 -35.64 -17.55
C ALA U 157 -24.11 -34.35 -17.34
N ASN U 158 -22.85 -34.51 -16.93
CA ASN U 158 -22.06 -33.46 -16.33
C ASN U 158 -20.88 -33.08 -17.22
N ALA U 159 -20.45 -31.82 -17.09
CA ALA U 159 -19.06 -31.41 -17.33
C ALA U 159 -18.84 -30.12 -16.53
N ILE U 160 -18.06 -30.19 -15.46
CA ILE U 160 -17.69 -29.00 -14.71
C ILE U 160 -16.20 -28.99 -14.43
N GLY U 161 -15.61 -27.81 -14.38
CA GLY U 161 -14.18 -27.70 -14.19
C GLY U 161 -13.47 -27.31 -15.48
N ARG U 162 -12.22 -27.77 -15.59
CA ARG U 162 -11.37 -27.38 -16.71
C ARG U 162 -11.84 -28.04 -18.00
N GLY U 163 -12.20 -27.21 -18.97
CA GLY U 163 -12.68 -27.75 -20.24
C GLY U 163 -14.06 -28.35 -20.14
N ALA U 164 -14.99 -27.64 -19.50
CA ALA U 164 -16.37 -28.11 -19.45
C ALA U 164 -17.03 -28.04 -20.82
N LYS U 165 -16.56 -27.14 -21.68
CA LYS U 165 -17.06 -27.08 -23.04
C LYS U 165 -16.58 -28.27 -23.86
N SER U 166 -15.43 -28.83 -23.49
CA SER U 166 -14.88 -29.96 -24.24
C SER U 166 -15.68 -31.22 -23.96
N VAL U 167 -15.85 -31.56 -22.69
CA VAL U 167 -16.57 -32.78 -22.35
C VAL U 167 -18.08 -32.59 -22.55
N ARG U 168 -18.57 -31.39 -22.24
CA ARG U 168 -19.99 -31.08 -22.48
C ARG U 168 -20.31 -31.04 -23.96
N GLU U 169 -19.34 -30.69 -24.79
CA GLU U 169 -19.52 -30.86 -26.22
C GLU U 169 -19.39 -32.32 -26.61
N PHE U 170 -18.62 -33.09 -25.85
CA PHE U 170 -18.42 -34.50 -26.21
C PHE U 170 -19.65 -35.34 -25.93
N LEU U 171 -20.42 -35.02 -24.89
CA LEU U 171 -21.48 -35.94 -24.49
C LEU U 171 -22.71 -35.83 -25.39
N GLU U 172 -22.75 -34.86 -26.30
CA GLU U 172 -23.78 -34.87 -27.33
C GLU U 172 -23.55 -36.02 -28.31
N LYS U 173 -22.30 -36.40 -28.53
CA LYS U 173 -21.99 -37.63 -29.25
C LYS U 173 -22.13 -38.87 -28.38
N ASN U 174 -22.39 -38.70 -27.08
CA ASN U 174 -22.70 -39.81 -26.21
C ASN U 174 -24.18 -40.15 -26.24
N TYR U 175 -25.07 -39.13 -26.22
CA TYR U 175 -26.44 -39.30 -25.72
C TYR U 175 -27.35 -40.20 -26.55
N THR U 176 -26.83 -40.98 -27.50
CA THR U 176 -27.59 -42.08 -28.10
C THR U 176 -28.14 -42.99 -27.01
N ASP U 177 -29.39 -43.43 -27.19
CA ASP U 177 -30.11 -44.10 -26.11
C ASP U 177 -29.62 -45.53 -25.91
N GLU U 178 -28.76 -46.03 -26.81
CA GLU U 178 -27.98 -47.22 -26.50
C GLU U 178 -27.12 -47.03 -25.27
N ALA U 179 -26.53 -45.85 -25.11
CA ALA U 179 -25.76 -45.50 -23.93
C ALA U 179 -26.69 -44.75 -22.97
N ILE U 180 -27.04 -45.35 -21.84
CA ILE U 180 -26.51 -46.65 -21.42
C ILE U 180 -27.62 -47.66 -21.27
N GLU U 181 -27.62 -48.66 -22.15
CA GLU U 181 -28.49 -49.82 -21.98
C GLU U 181 -27.88 -50.86 -21.05
N THR U 182 -26.62 -50.70 -20.67
CA THR U 182 -25.97 -51.61 -19.75
C THR U 182 -25.15 -50.78 -18.77
N ASP U 183 -24.99 -51.31 -17.56
CA ASP U 183 -24.30 -50.56 -16.51
C ASP U 183 -22.79 -50.50 -16.77
N ASP U 184 -22.24 -51.59 -17.33
CA ASP U 184 -20.84 -51.57 -17.74
C ASP U 184 -20.63 -50.62 -18.92
N LEU U 185 -21.67 -50.39 -19.71
CA LEU U 185 -21.59 -49.35 -20.72
C LEU U 185 -21.67 -47.96 -20.10
N THR U 186 -22.32 -47.82 -18.94
CA THR U 186 -22.35 -46.53 -18.26
C THR U 186 -20.99 -46.20 -17.64
N ILE U 187 -20.34 -47.18 -17.02
CA ILE U 187 -19.09 -46.91 -16.32
C ILE U 187 -17.96 -46.67 -17.33
N LYS U 188 -17.82 -47.60 -18.29
CA LYS U 188 -16.87 -47.42 -19.38
C LYS U 188 -17.25 -46.27 -20.28
N LEU U 189 -18.51 -45.86 -20.24
CA LEU U 189 -18.92 -44.63 -20.90
C LEU U 189 -18.35 -43.41 -20.22
N VAL U 190 -18.36 -43.40 -18.88
CA VAL U 190 -17.77 -42.28 -18.14
C VAL U 190 -16.27 -42.22 -18.36
N ILE U 191 -15.58 -43.36 -18.24
CA ILE U 191 -14.12 -43.37 -18.38
C ILE U 191 -13.72 -43.08 -19.83
N LYS U 192 -14.48 -43.61 -20.79
CA LYS U 192 -14.23 -43.30 -22.20
C LYS U 192 -14.57 -41.84 -22.51
N ALA U 193 -15.46 -41.24 -21.73
CA ALA U 193 -15.66 -39.79 -21.85
C ALA U 193 -14.51 -39.04 -21.21
N LEU U 194 -13.87 -39.62 -20.21
CA LEU U 194 -12.72 -38.99 -19.57
C LEU U 194 -11.45 -39.26 -20.34
N LEU U 195 -11.54 -40.00 -21.44
CA LEU U 195 -10.43 -40.09 -22.39
C LEU U 195 -10.13 -38.72 -23.00
N GLU U 196 -11.17 -37.96 -23.35
CA GLU U 196 -10.96 -36.61 -23.89
C GLU U 196 -10.55 -35.64 -22.80
N VAL U 197 -10.81 -36.00 -21.54
CA VAL U 197 -10.31 -35.27 -20.39
C VAL U 197 -8.81 -35.49 -20.24
N VAL U 198 -8.25 -34.87 -19.19
CA VAL U 198 -6.82 -34.85 -18.87
C VAL U 198 -6.26 -36.25 -18.69
N GLN U 199 -4.93 -36.33 -18.55
CA GLN U 199 -4.03 -37.29 -19.23
C GLN U 199 -4.59 -38.70 -19.41
N SER U 200 -5.43 -39.18 -18.48
CA SER U 200 -6.13 -40.47 -18.57
C SER U 200 -5.15 -41.65 -18.65
N GLY U 201 -4.15 -41.62 -17.77
CA GLY U 201 -3.19 -42.69 -17.65
C GLY U 201 -3.56 -43.76 -16.67
N GLY U 202 -4.83 -43.82 -16.26
CA GLY U 202 -5.28 -44.80 -15.28
C GLY U 202 -4.91 -44.47 -13.85
N LYS U 203 -4.35 -43.29 -13.59
CA LYS U 203 -3.97 -42.94 -12.23
C LYS U 203 -4.90 -41.89 -11.65
N ASN U 204 -5.11 -40.80 -12.38
CA ASN U 204 -5.93 -39.70 -11.90
C ASN U 204 -7.42 -39.89 -12.12
N ILE U 205 -7.86 -41.09 -12.46
CA ILE U 205 -9.28 -41.31 -12.71
C ILE U 205 -9.88 -42.02 -11.50
N GLU U 206 -10.63 -41.29 -10.70
CA GLU U 206 -11.30 -41.84 -9.53
C GLU U 206 -12.79 -41.79 -9.75
N LEU U 207 -13.41 -42.98 -9.84
CA LEU U 207 -14.82 -43.08 -10.15
C LEU U 207 -15.54 -43.77 -9.01
N ALA U 208 -16.82 -43.46 -8.85
CA ALA U 208 -17.64 -44.06 -7.82
C ALA U 208 -19.07 -44.19 -8.33
N VAL U 209 -19.75 -45.24 -7.88
CA VAL U 209 -21.09 -45.55 -8.35
C VAL U 209 -22.03 -45.71 -7.17
N MET U 210 -23.29 -46.02 -7.47
CA MET U 210 -24.34 -46.22 -6.48
C MET U 210 -25.47 -47.01 -7.13
N ARG U 211 -25.68 -48.24 -6.68
CA ARG U 211 -26.61 -49.16 -7.35
C ARG U 211 -27.99 -49.11 -6.69
N ARG U 212 -28.48 -47.89 -6.45
CA ARG U 212 -29.91 -47.53 -6.26
C ARG U 212 -30.46 -48.06 -4.94
N ASP U 213 -29.77 -48.95 -4.23
CA ASP U 213 -30.09 -49.39 -2.88
C ASP U 213 -28.84 -49.55 -2.03
N GLN U 214 -27.69 -49.58 -2.68
CA GLN U 214 -26.43 -49.83 -1.99
C GLN U 214 -25.82 -48.51 -1.56
N SER U 215 -24.99 -48.57 -0.52
CA SER U 215 -24.09 -47.45 -0.23
C SER U 215 -23.08 -47.31 -1.36
N LEU U 216 -22.54 -46.10 -1.50
CA LEU U 216 -21.69 -45.78 -2.64
C LEU U 216 -20.37 -46.55 -2.56
N LYS U 217 -19.94 -47.05 -3.71
CA LYS U 217 -18.83 -47.98 -3.80
C LYS U 217 -17.66 -47.30 -4.50
N ILE U 218 -16.64 -46.91 -3.73
CA ILE U 218 -15.42 -46.42 -4.33
C ILE U 218 -14.67 -47.60 -4.92
N LEU U 219 -14.60 -47.63 -6.25
CA LEU U 219 -13.96 -48.75 -6.91
C LEU U 219 -12.45 -48.62 -6.84
N ASN U 220 -11.78 -49.74 -6.58
CA ASN U 220 -10.33 -49.77 -6.57
C ASN U 220 -9.80 -49.65 -8.00
N PRO U 221 -8.51 -49.33 -8.17
CA PRO U 221 -7.91 -49.46 -9.53
C PRO U 221 -7.76 -50.90 -9.98
N GLU U 222 -8.89 -51.58 -10.20
CA GLU U 222 -8.90 -52.97 -10.60
C GLU U 222 -9.65 -53.14 -11.91
N GLU U 223 -10.87 -52.59 -11.97
CA GLU U 223 -11.65 -52.68 -13.20
C GLU U 223 -11.59 -51.40 -14.01
N ILE U 224 -10.96 -50.36 -13.47
CA ILE U 224 -10.65 -49.19 -14.29
C ILE U 224 -9.64 -49.56 -15.37
N GLU U 225 -8.67 -50.41 -15.03
CA GLU U 225 -7.72 -50.88 -16.02
C GLU U 225 -8.37 -51.83 -17.01
N LYS U 226 -9.40 -52.56 -16.57
CA LYS U 226 -10.08 -53.47 -17.48
C LYS U 226 -11.03 -52.69 -18.40
N TYR U 227 -11.54 -51.56 -17.93
CA TYR U 227 -12.38 -50.72 -18.79
C TYR U 227 -11.53 -49.92 -19.76
N VAL U 228 -10.31 -49.58 -19.35
CA VAL U 228 -9.34 -49.05 -20.31
C VAL U 228 -8.92 -50.13 -21.29
N ALA U 229 -8.95 -51.39 -20.85
CA ALA U 229 -8.59 -52.50 -21.72
C ALA U 229 -9.65 -52.74 -22.78
N GLU U 230 -10.93 -52.78 -22.39
CA GLU U 230 -11.98 -52.98 -23.38
C GLU U 230 -12.25 -51.69 -24.17
N ILE U 231 -11.86 -50.54 -23.64
CA ILE U 231 -12.01 -49.29 -24.39
C ILE U 231 -10.93 -49.20 -25.46
N GLU U 232 -9.69 -49.53 -25.10
CA GLU U 232 -8.61 -49.52 -26.08
C GLU U 232 -8.74 -50.66 -27.09
N LYS U 233 -9.23 -51.81 -26.64
CA LYS U 233 -9.53 -52.89 -27.58
C LYS U 233 -10.72 -52.55 -28.47
N GLU U 234 -11.67 -51.77 -27.95
CA GLU U 234 -12.77 -51.30 -28.78
C GLU U 234 -12.28 -50.31 -29.82
N LYS U 235 -11.32 -49.45 -29.45
CA LYS U 235 -10.69 -48.58 -30.44
C LYS U 235 -9.80 -49.35 -31.39
N GLU U 236 -9.33 -50.54 -31.00
CA GLU U 236 -8.70 -51.43 -31.96
C GLU U 236 -9.72 -52.01 -32.91
N GLU U 237 -10.95 -52.20 -32.44
CA GLU U 237 -12.03 -52.65 -33.32
C GLU U 237 -12.59 -51.52 -34.17
N ASN U 238 -12.27 -50.26 -33.84
CA ASN U 238 -12.81 -49.13 -34.58
C ASN U 238 -12.12 -48.88 -35.91
N GLU U 239 -11.17 -49.71 -36.31
CA GLU U 239 -10.53 -49.59 -37.62
C GLU U 239 -10.11 -50.96 -38.13
N TYR V 1 -13.74 4.35 -8.84
CA TYR V 1 -14.25 5.00 -7.65
C TYR V 1 -15.38 4.19 -7.03
N ASP V 2 -15.03 3.13 -6.31
CA ASP V 2 -16.01 2.28 -5.63
C ASP V 2 -16.54 3.05 -4.43
N ARG V 3 -17.67 3.72 -4.63
CA ARG V 3 -18.23 4.66 -3.66
C ARG V 3 -19.41 4.01 -2.95
N GLY V 4 -19.38 4.06 -1.61
CA GLY V 4 -20.53 4.38 -0.78
C GLY V 4 -21.89 3.89 -1.20
N VAL V 5 -22.15 2.57 -1.21
CA VAL V 5 -23.16 1.87 -2.00
C VAL V 5 -24.57 2.47 -2.01
N ASN V 6 -24.88 3.34 -1.05
CA ASN V 6 -26.19 3.95 -0.93
C ASN V 6 -26.19 5.42 -1.34
N THR V 7 -25.48 5.79 -2.41
CA THR V 7 -25.25 7.20 -2.72
C THR V 7 -26.04 7.64 -3.95
N PHE V 8 -26.58 8.86 -3.91
CA PHE V 8 -27.39 9.37 -5.00
C PHE V 8 -26.53 9.84 -6.17
N SER V 9 -27.18 10.03 -7.31
CA SER V 9 -26.52 10.40 -8.55
C SER V 9 -26.49 11.92 -8.68
N PRO V 10 -25.72 12.46 -9.62
CA PRO V 10 -25.89 13.88 -9.96
C PRO V 10 -27.20 14.24 -10.64
N GLU V 11 -27.92 13.26 -11.19
CA GLU V 11 -29.21 13.55 -11.85
C GLU V 11 -30.30 14.06 -10.89
N GLY V 12 -30.66 13.36 -9.79
CA GLY V 12 -30.09 12.18 -9.17
C GLY V 12 -31.04 11.04 -8.88
N ARG V 13 -30.45 9.89 -8.63
CA ARG V 13 -31.17 8.66 -8.33
C ARG V 13 -30.18 7.76 -7.61
N LEU V 14 -30.66 6.65 -7.07
CA LEU V 14 -29.77 5.66 -6.48
C LEU V 14 -28.95 5.03 -7.59
N PHE V 15 -27.62 5.13 -7.46
CA PHE V 15 -26.68 4.50 -8.38
C PHE V 15 -26.90 3.02 -8.52
N GLN V 16 -27.09 2.32 -7.40
CA GLN V 16 -27.08 0.88 -7.44
C GLN V 16 -28.44 0.33 -7.87
N VAL V 17 -29.51 1.09 -7.67
CA VAL V 17 -30.80 0.71 -8.22
C VAL V 17 -30.81 0.89 -9.73
N GLU V 18 -30.26 2.02 -10.20
CA GLU V 18 -30.12 2.25 -11.63
C GLU V 18 -29.23 1.21 -12.30
N TYR V 19 -28.20 0.76 -11.59
CA TYR V 19 -27.40 -0.34 -12.12
C TYR V 19 -28.18 -1.65 -12.07
N ALA V 20 -29.07 -1.79 -11.08
CA ALA V 20 -29.87 -3.00 -10.96
C ALA V 20 -30.90 -3.13 -12.08
N ILE V 21 -31.38 -2.01 -12.61
CA ILE V 21 -32.37 -2.06 -13.69
C ILE V 21 -31.76 -2.67 -14.95
N GLU V 22 -30.48 -2.43 -15.19
CA GLU V 22 -29.84 -2.97 -16.38
C GLU V 22 -29.64 -4.48 -16.27
N ALA V 23 -29.69 -5.03 -15.06
CA ALA V 23 -29.59 -6.47 -14.89
C ALA V 23 -30.85 -7.21 -15.31
N ILE V 24 -31.97 -6.51 -15.51
CA ILE V 24 -33.16 -7.18 -16.01
C ILE V 24 -33.03 -7.43 -17.51
N LYS V 25 -32.25 -6.59 -18.19
CA LYS V 25 -32.21 -6.58 -19.65
C LYS V 25 -31.55 -7.84 -20.22
N LEU V 26 -30.66 -8.48 -19.46
CA LEU V 26 -30.01 -9.67 -19.99
C LEU V 26 -30.74 -10.95 -19.56
N GLY V 27 -31.76 -10.81 -18.73
CA GLY V 27 -32.56 -11.96 -18.37
C GLY V 27 -33.52 -12.37 -19.48
N SER V 28 -34.17 -13.51 -19.27
CA SER V 28 -35.10 -14.02 -20.26
C SER V 28 -36.40 -13.23 -20.23
N THR V 29 -37.14 -13.33 -21.33
CA THR V 29 -38.36 -12.55 -21.53
C THR V 29 -39.55 -13.21 -20.88
N ALA V 30 -40.68 -12.50 -20.86
CA ALA V 30 -41.96 -13.02 -20.39
C ALA V 30 -43.07 -12.11 -20.90
N ILE V 31 -44.30 -12.62 -20.89
CA ILE V 31 -45.46 -11.90 -21.40
C ILE V 31 -46.62 -12.12 -20.44
N GLY V 32 -47.18 -11.04 -19.91
CA GLY V 32 -48.44 -11.13 -19.21
C GLY V 32 -49.54 -10.39 -19.96
N ILE V 33 -50.76 -10.91 -19.86
CA ILE V 33 -51.95 -10.30 -20.46
C ILE V 33 -53.11 -10.45 -19.49
N GLN V 34 -53.76 -9.35 -19.17
CA GLN V 34 -54.97 -9.38 -18.35
C GLN V 34 -56.18 -9.59 -19.25
N THR V 35 -56.97 -10.61 -18.92
CA THR V 35 -58.20 -10.95 -19.60
C THR V 35 -59.36 -10.62 -18.67
N SER V 36 -60.54 -10.36 -19.23
CA SER V 36 -61.73 -10.24 -18.39
C SER V 36 -62.11 -11.58 -17.77
N GLU V 37 -61.66 -12.69 -18.35
CA GLU V 37 -61.98 -14.00 -17.81
C GLU V 37 -60.92 -14.48 -16.82
N GLY V 38 -59.69 -14.03 -16.99
CA GLY V 38 -58.62 -14.49 -16.11
C GLY V 38 -57.34 -13.76 -16.40
N VAL V 39 -56.23 -14.44 -16.14
CA VAL V 39 -54.90 -13.93 -16.49
C VAL V 39 -54.13 -15.07 -17.13
N CYS V 40 -53.74 -14.89 -18.38
CA CYS V 40 -52.80 -15.79 -19.02
C CYS V 40 -51.40 -15.20 -18.86
N LEU V 41 -50.39 -16.01 -19.13
CA LEU V 41 -49.03 -15.63 -18.81
C LEU V 41 -48.10 -16.51 -19.63
N ALA V 42 -46.95 -15.96 -20.01
CA ALA V 42 -46.01 -16.70 -20.83
C ALA V 42 -44.58 -16.32 -20.44
N VAL V 43 -43.66 -17.22 -20.73
CA VAL V 43 -42.24 -17.05 -20.43
C VAL V 43 -41.47 -17.93 -21.40
N GLU V 44 -40.15 -17.81 -21.43
CA GLU V 44 -39.30 -18.73 -22.16
C GLU V 44 -38.23 -19.30 -21.23
N LYS V 45 -38.04 -20.62 -21.28
CA LYS V 45 -37.11 -21.28 -20.36
C LYS V 45 -35.66 -21.02 -20.74
N ARG V 46 -35.40 -20.77 -22.04
CA ARG V 46 -34.05 -20.59 -22.59
C ARG V 46 -33.17 -21.82 -22.31
N ILE V 47 -33.47 -22.92 -22.98
CA ILE V 47 -32.66 -24.14 -22.92
C ILE V 47 -31.25 -23.83 -23.43
N THR V 48 -30.25 -24.18 -22.64
CA THR V 48 -28.87 -23.84 -22.99
C THR V 48 -28.22 -24.94 -23.82
N SER V 49 -28.57 -26.20 -23.58
CA SER V 49 -27.94 -27.32 -24.25
C SER V 49 -28.86 -28.53 -24.16
N PRO V 50 -28.73 -29.48 -25.09
CA PRO V 50 -29.45 -30.75 -24.92
C PRO V 50 -28.95 -31.63 -23.79
N LEU V 51 -27.88 -31.24 -23.09
CA LEU V 51 -27.51 -31.92 -21.85
C LEU V 51 -28.62 -31.82 -20.82
N MET V 52 -29.21 -30.64 -20.69
CA MET V 52 -30.07 -30.29 -19.57
C MET V 52 -31.45 -30.91 -19.71
N GLU V 53 -32.05 -31.28 -18.58
CA GLU V 53 -33.45 -31.65 -18.59
C GLU V 53 -34.29 -30.38 -18.64
N PRO V 54 -35.31 -30.30 -19.50
CA PRO V 54 -35.97 -29.01 -19.72
C PRO V 54 -37.05 -28.68 -18.70
N SER V 55 -37.62 -29.67 -18.04
CA SER V 55 -38.80 -29.39 -17.22
C SER V 55 -38.48 -29.14 -15.76
N SER V 56 -37.21 -29.13 -15.38
CA SER V 56 -36.89 -28.84 -13.99
C SER V 56 -36.76 -27.35 -13.75
N ILE V 57 -36.62 -26.57 -14.81
CA ILE V 57 -36.44 -25.12 -14.74
C ILE V 57 -37.77 -24.51 -14.38
N GLU V 58 -37.79 -23.63 -13.38
CA GLU V 58 -39.00 -22.94 -12.98
C GLU V 58 -38.89 -21.46 -13.34
N LYS V 59 -39.89 -20.98 -14.07
CA LYS V 59 -40.05 -19.54 -14.24
C LYS V 59 -41.42 -19.11 -13.71
N ILE V 60 -42.33 -20.06 -13.58
CA ILE V 60 -43.59 -19.84 -12.89
C ILE V 60 -43.64 -20.76 -11.70
N VAL V 61 -43.72 -20.16 -10.53
CA VAL V 61 -44.12 -20.85 -9.31
C VAL V 61 -45.43 -20.21 -8.88
N GLU V 62 -46.29 -20.97 -8.23
CA GLU V 62 -47.63 -20.48 -7.95
C GLU V 62 -47.72 -20.22 -6.46
N ILE V 63 -47.93 -18.96 -6.10
CA ILE V 63 -47.70 -18.49 -4.73
C ILE V 63 -48.74 -19.04 -3.76
N ASP V 64 -50.00 -18.69 -3.97
CA ASP V 64 -51.09 -19.31 -3.26
C ASP V 64 -51.76 -20.25 -4.25
N ALA V 65 -52.93 -20.76 -3.89
CA ALA V 65 -53.78 -21.39 -4.88
C ALA V 65 -54.17 -20.40 -5.97
N HIS V 66 -54.50 -19.18 -5.58
CA HIS V 66 -55.18 -18.25 -6.47
C HIS V 66 -54.33 -17.06 -6.90
N ILE V 67 -53.04 -17.05 -6.60
CA ILE V 67 -52.15 -15.97 -7.02
C ILE V 67 -50.95 -16.59 -7.71
N GLY V 68 -50.86 -16.39 -9.02
CA GLY V 68 -49.73 -16.85 -9.80
C GLY V 68 -48.54 -15.92 -9.68
N CYS V 69 -47.47 -16.31 -10.34
CA CYS V 69 -46.25 -15.50 -10.33
C CYS V 69 -45.44 -15.77 -11.57
N ALA V 70 -44.53 -14.85 -11.87
CA ALA V 70 -43.56 -15.02 -12.93
C ALA V 70 -42.29 -14.27 -12.56
N MET V 71 -41.16 -14.96 -12.61
CA MET V 71 -39.89 -14.36 -12.23
C MET V 71 -39.02 -14.13 -13.46
N SER V 72 -37.91 -13.43 -13.25
CA SER V 72 -37.06 -12.96 -14.35
C SER V 72 -35.68 -12.63 -13.82
N GLY V 73 -34.74 -12.44 -14.73
CA GLY V 73 -33.40 -12.04 -14.33
C GLY V 73 -32.65 -13.14 -13.63
N LEU V 74 -32.12 -12.83 -12.44
CA LEU V 74 -31.45 -13.85 -11.64
C LEU V 74 -32.48 -14.61 -10.82
N ILE V 75 -32.55 -15.92 -11.05
CA ILE V 75 -33.62 -16.73 -10.47
C ILE V 75 -33.37 -16.97 -8.99
N ALA V 76 -32.10 -17.10 -8.60
CA ALA V 76 -31.76 -17.44 -7.23
C ALA V 76 -32.04 -16.26 -6.30
N ASP V 77 -32.06 -15.05 -6.84
CA ASP V 77 -32.56 -13.92 -6.06
C ASP V 77 -34.08 -13.97 -5.94
N ALA V 78 -34.76 -14.50 -6.95
CA ALA V 78 -36.22 -14.50 -6.95
C ALA V 78 -36.78 -15.49 -5.95
N LYS V 79 -36.10 -16.63 -5.74
CA LYS V 79 -36.61 -17.69 -4.88
C LYS V 79 -36.83 -17.25 -3.44
N THR V 80 -35.98 -16.35 -2.94
CA THR V 80 -36.14 -15.82 -1.59
C THR V 80 -37.41 -15.00 -1.46
N LEU V 81 -37.69 -14.15 -2.44
CA LEU V 81 -38.91 -13.35 -2.43
C LEU V 81 -40.16 -14.21 -2.60
N ILE V 82 -40.05 -15.30 -3.36
CA ILE V 82 -41.14 -16.25 -3.50
C ILE V 82 -41.46 -16.87 -2.15
N ASP V 83 -40.45 -17.45 -1.50
CA ASP V 83 -40.68 -18.23 -0.29
C ASP V 83 -41.17 -17.35 0.85
N LYS V 84 -40.73 -16.09 0.90
CA LYS V 84 -41.18 -15.23 1.98
C LYS V 84 -42.54 -14.61 1.67
N ALA V 85 -42.81 -14.32 0.39
CA ALA V 85 -44.12 -13.83 0.00
C ALA V 85 -45.22 -14.84 0.29
N ARG V 86 -44.89 -16.14 0.17
CA ARG V 86 -45.81 -17.18 0.59
C ARG V 86 -46.10 -17.11 2.08
N VAL V 87 -45.09 -16.82 2.90
CA VAL V 87 -45.25 -16.72 4.34
C VAL V 87 -46.13 -15.53 4.69
N GLU V 88 -46.01 -14.44 3.93
CA GLU V 88 -46.83 -13.26 4.18
C GLU V 88 -48.29 -13.52 3.80
N THR V 89 -48.51 -14.29 2.73
CA THR V 89 -49.90 -14.66 2.40
C THR V 89 -50.51 -15.58 3.46
N GLN V 90 -49.73 -16.54 3.95
CA GLN V 90 -50.26 -17.45 4.97
C GLN V 90 -50.52 -16.72 6.28
N ASN V 91 -49.64 -15.80 6.66
CA ASN V 91 -49.86 -15.01 7.86
C ASN V 91 -51.10 -14.15 7.75
N HIS V 92 -51.38 -13.64 6.54
CA HIS V 92 -52.66 -12.97 6.30
C HIS V 92 -53.82 -13.92 6.51
N TRP V 93 -53.67 -15.16 6.06
CA TRP V 93 -54.81 -16.07 6.16
C TRP V 93 -55.01 -16.56 7.58
N PHE V 94 -53.97 -16.55 8.40
CA PHE V 94 -54.12 -17.12 9.74
C PHE V 94 -54.33 -16.04 10.78
N THR V 95 -54.17 -14.78 10.42
CA THR V 95 -54.76 -13.76 11.27
C THR V 95 -56.19 -13.46 10.85
N TYR V 96 -56.53 -13.68 9.57
CA TYR V 96 -57.71 -13.06 9.02
C TYR V 96 -58.78 -14.02 8.49
N ASN V 97 -58.45 -15.30 8.24
CA ASN V 97 -59.36 -16.28 7.60
C ASN V 97 -59.94 -15.81 6.27
N GLU V 98 -59.14 -15.11 5.47
CA GLU V 98 -59.57 -14.73 4.14
C GLU V 98 -58.35 -14.66 3.25
N THR V 99 -58.61 -14.67 1.95
CA THR V 99 -57.53 -14.64 0.97
C THR V 99 -56.91 -13.25 0.90
N MET V 100 -55.59 -13.21 1.03
CA MET V 100 -54.85 -11.98 0.81
C MET V 100 -55.00 -11.52 -0.63
N THR V 101 -55.44 -10.27 -0.78
CA THR V 101 -55.66 -9.67 -2.09
C THR V 101 -54.35 -9.55 -2.85
N VAL V 102 -54.46 -9.49 -4.17
CA VAL V 102 -53.28 -9.56 -5.03
C VAL V 102 -52.46 -8.30 -4.89
N GLU V 103 -53.13 -7.18 -4.57
CA GLU V 103 -52.43 -5.91 -4.38
C GLU V 103 -51.49 -5.96 -3.19
N SER V 104 -51.97 -6.40 -2.03
CA SER V 104 -51.22 -6.22 -0.79
C SER V 104 -50.02 -7.14 -0.70
N VAL V 105 -49.99 -8.18 -1.53
CA VAL V 105 -48.81 -9.02 -1.65
C VAL V 105 -47.62 -8.19 -2.08
N THR V 106 -47.82 -7.30 -3.06
CA THR V 106 -46.70 -6.61 -3.65
C THR V 106 -46.30 -5.39 -2.82
N GLN V 107 -47.23 -4.89 -1.99
CA GLN V 107 -46.78 -4.01 -0.92
C GLN V 107 -45.94 -4.78 0.08
N ALA V 108 -46.34 -6.02 0.39
CA ALA V 108 -45.66 -6.78 1.42
C ALA V 108 -44.29 -7.28 0.95
N VAL V 109 -44.04 -7.22 -0.37
CA VAL V 109 -42.71 -7.50 -0.88
C VAL V 109 -41.93 -6.21 -1.13
N SER V 110 -42.60 -5.21 -1.71
CA SER V 110 -41.89 -4.01 -2.12
C SER V 110 -41.59 -3.09 -0.94
N ASN V 111 -42.14 -3.39 0.23
CA ASN V 111 -41.71 -2.65 1.42
C ASN V 111 -40.31 -3.08 1.85
N LEU V 112 -39.87 -4.25 1.41
CA LEU V 112 -38.49 -4.66 1.56
C LEU V 112 -37.79 -4.88 0.23
N ALA V 113 -38.30 -4.29 -0.85
CA ALA V 113 -37.50 -4.17 -2.07
C ALA V 113 -36.23 -3.35 -1.84
N LEU V 114 -36.29 -2.40 -0.91
CA LEU V 114 -35.13 -1.59 -0.53
C LEU V 114 -34.81 -1.79 0.95
N GLN V 115 -33.94 -2.74 1.26
CA GLN V 115 -33.39 -2.89 2.59
C GLN V 115 -31.87 -2.91 2.63
N PHE V 116 -31.20 -2.55 1.54
CA PHE V 116 -29.76 -2.70 1.52
C PHE V 116 -29.08 -1.61 2.36
N GLY V 117 -27.82 -1.85 2.66
CA GLY V 117 -27.07 -0.95 3.52
C GLY V 117 -25.97 -1.72 4.22
N GLU V 118 -25.42 -1.07 5.25
CA GLU V 118 -24.39 -1.72 6.04
C GLU V 118 -24.93 -2.07 7.42
N GLU V 119 -25.38 -1.06 8.15
CA GLU V 119 -26.11 -1.32 9.39
C GLU V 119 -27.60 -1.41 9.08
N ASP V 120 -28.38 -1.65 10.15
CA ASP V 120 -29.85 -1.76 10.12
C ASP V 120 -30.35 -2.86 9.18
N SER V 127 -27.24 -6.14 1.60
CA SER V 127 -26.05 -5.51 1.04
C SER V 127 -26.35 -4.86 -0.30
N ARG V 128 -26.85 -5.65 -1.24
CA ARG V 128 -27.17 -5.20 -2.56
C ARG V 128 -28.67 -5.29 -2.77
N PRO V 129 -29.27 -4.46 -3.63
CA PRO V 129 -30.68 -4.61 -3.91
C PRO V 129 -30.92 -5.82 -4.80
N PHE V 130 -32.17 -6.25 -4.86
CA PHE V 130 -32.51 -7.45 -5.61
C PHE V 130 -32.48 -7.19 -7.10
N GLY V 131 -32.20 -8.24 -7.87
CA GLY V 131 -32.02 -8.10 -9.30
C GLY V 131 -33.07 -8.84 -10.09
N VAL V 132 -34.33 -8.72 -9.67
CA VAL V 132 -35.43 -9.46 -10.25
C VAL V 132 -36.50 -8.47 -10.69
N ALA V 133 -37.27 -8.85 -11.71
CA ALA V 133 -38.47 -8.13 -12.10
C ALA V 133 -39.63 -9.09 -12.19
N LEU V 134 -40.48 -9.05 -11.18
CA LEU V 134 -41.53 -10.05 -11.02
C LEU V 134 -42.77 -9.65 -11.77
N LEU V 135 -43.58 -10.65 -12.10
CA LEU V 135 -44.91 -10.46 -12.66
C LEU V 135 -45.87 -11.25 -11.80
N PHE V 136 -46.75 -10.56 -11.09
CA PHE V 136 -47.76 -11.19 -10.26
C PHE V 136 -49.08 -11.20 -11.00
N GLY V 137 -49.75 -12.34 -11.00
CA GLY V 137 -51.11 -12.44 -11.48
C GLY V 137 -52.02 -12.84 -10.34
N GLY V 138 -53.26 -13.16 -10.68
CA GLY V 138 -54.16 -13.73 -9.69
C GLY V 138 -55.54 -13.13 -9.81
N VAL V 139 -56.47 -13.77 -9.11
CA VAL V 139 -57.86 -13.34 -9.06
C VAL V 139 -58.24 -13.19 -7.60
N ASP V 140 -58.42 -11.95 -7.16
CA ASP V 140 -59.05 -11.65 -5.89
C ASP V 140 -60.51 -11.28 -6.15
N GLU V 141 -61.18 -10.69 -5.15
CA GLU V 141 -62.56 -10.27 -5.34
C GLU V 141 -62.68 -9.09 -6.30
N LYS V 142 -61.57 -8.38 -6.53
CA LYS V 142 -61.60 -7.27 -7.47
C LYS V 142 -61.45 -7.72 -8.91
N GLY V 143 -61.43 -9.02 -9.15
CA GLY V 143 -61.33 -9.56 -10.49
C GLY V 143 -59.94 -10.09 -10.77
N PRO V 144 -59.68 -10.43 -12.03
CA PRO V 144 -58.32 -10.87 -12.38
C PRO V 144 -57.38 -9.68 -12.51
N GLN V 145 -56.39 -9.62 -11.61
CA GLN V 145 -55.42 -8.55 -11.58
C GLN V 145 -54.11 -9.04 -12.12
N LEU V 146 -53.40 -8.15 -12.83
CA LEU V 146 -52.08 -8.46 -13.36
C LEU V 146 -51.12 -7.35 -12.92
N PHE V 147 -50.05 -7.75 -12.26
CA PHE V 147 -49.18 -6.80 -11.59
C PHE V 147 -47.73 -7.00 -12.01
N HIS V 148 -46.89 -6.10 -11.51
CA HIS V 148 -45.52 -5.95 -11.97
C HIS V 148 -44.73 -5.16 -10.95
N MET V 149 -43.61 -5.72 -10.51
CA MET V 149 -42.74 -5.01 -9.58
C MET V 149 -41.31 -5.09 -10.10
N ASP V 150 -40.53 -4.13 -9.66
CA ASP V 150 -39.20 -3.84 -10.15
C ASP V 150 -38.23 -3.93 -8.96
N PRO V 151 -36.91 -3.78 -9.16
CA PRO V 151 -36.03 -3.68 -7.98
C PRO V 151 -36.24 -2.41 -7.17
N SER V 152 -36.79 -1.36 -7.77
CA SER V 152 -36.92 -0.09 -7.05
C SER V 152 -38.10 -0.12 -6.11
N GLY V 153 -38.97 -1.12 -6.22
CA GLY V 153 -40.18 -1.19 -5.46
C GLY V 153 -41.32 -0.39 -6.04
N THR V 154 -41.08 0.30 -7.15
CA THR V 154 -42.12 1.09 -7.77
C THR V 154 -43.12 0.17 -8.43
N PHE V 155 -44.13 -0.19 -7.67
CA PHE V 155 -45.14 -1.15 -8.05
C PHE V 155 -46.35 -0.48 -8.68
N VAL V 156 -46.77 -1.01 -9.83
CA VAL V 156 -47.84 -0.42 -10.60
C VAL V 156 -48.64 -1.56 -11.23
N GLN V 157 -49.93 -1.32 -11.47
CA GLN V 157 -50.72 -2.25 -12.27
C GLN V 157 -50.31 -2.11 -13.72
N CYS V 158 -50.21 -3.23 -14.42
CA CYS V 158 -49.99 -3.24 -15.87
C CYS V 158 -51.00 -4.18 -16.49
N ASP V 159 -51.70 -3.70 -17.53
CA ASP V 159 -52.70 -4.54 -18.18
C ASP V 159 -52.05 -5.65 -18.99
N ALA V 160 -51.01 -5.33 -19.73
CA ALA V 160 -50.36 -6.32 -20.57
C ALA V 160 -48.88 -6.01 -20.66
N ARG V 161 -48.11 -6.55 -19.73
CA ARG V 161 -46.74 -6.14 -19.49
C ARG V 161 -45.77 -7.16 -20.07
N ALA V 162 -44.74 -6.66 -20.73
CA ALA V 162 -43.58 -7.45 -21.08
C ALA V 162 -42.40 -6.97 -20.25
N ILE V 163 -41.37 -7.80 -20.18
CA ILE V 163 -40.17 -7.49 -19.41
C ILE V 163 -38.95 -7.88 -20.23
N GLY V 164 -37.79 -7.79 -19.60
CA GLY V 164 -36.60 -8.49 -20.05
C GLY V 164 -35.99 -7.93 -21.32
N SER V 165 -35.33 -8.84 -22.03
CA SER V 165 -34.63 -8.47 -23.25
C SER V 165 -35.60 -8.10 -24.36
N ALA V 166 -36.76 -8.75 -24.39
CA ALA V 166 -37.65 -8.57 -25.54
C ALA V 166 -38.60 -7.41 -25.33
N SER V 167 -38.55 -6.77 -24.15
CA SER V 167 -39.49 -5.76 -23.65
C SER V 167 -39.88 -4.67 -24.64
N GLU V 168 -38.90 -4.16 -25.37
CA GLU V 168 -39.13 -3.04 -26.27
C GLU V 168 -39.97 -3.48 -27.46
N GLY V 169 -39.52 -4.52 -28.16
CA GLY V 169 -40.27 -5.05 -29.28
C GLY V 169 -41.56 -5.75 -28.88
N ALA V 170 -41.60 -6.32 -27.68
CA ALA V 170 -42.81 -7.03 -27.27
C ALA V 170 -43.91 -6.08 -26.85
N GLN V 171 -43.58 -5.05 -26.05
CA GLN V 171 -44.55 -3.99 -25.79
C GLN V 171 -44.97 -3.29 -27.07
N SER V 172 -44.00 -2.82 -27.85
CA SER V 172 -44.19 -2.07 -29.08
C SER V 172 -45.05 -2.82 -30.09
N SER V 173 -44.83 -4.12 -30.22
CA SER V 173 -45.69 -4.94 -31.04
C SER V 173 -46.98 -5.34 -30.32
N LEU V 174 -47.04 -5.13 -29.01
CA LEU V 174 -48.12 -5.71 -28.24
C LEU V 174 -49.29 -4.74 -28.06
N GLN V 175 -49.05 -3.43 -28.09
CA GLN V 175 -50.19 -2.50 -28.05
C GLN V 175 -51.01 -2.55 -29.33
N GLU V 176 -50.43 -3.03 -30.43
CA GLU V 176 -51.15 -3.12 -31.68
C GLU V 176 -52.21 -4.22 -31.63
N VAL V 177 -51.94 -5.29 -30.89
CA VAL V 177 -52.79 -6.48 -30.93
C VAL V 177 -53.61 -6.65 -29.66
N TYR V 178 -53.77 -5.60 -28.86
CA TYR V 178 -54.53 -5.70 -27.64
C TYR V 178 -55.70 -4.72 -27.62
N HIS V 179 -56.81 -5.17 -27.06
CA HIS V 179 -57.99 -4.35 -26.86
C HIS V 179 -58.64 -4.73 -25.54
N LYS V 180 -59.76 -4.08 -25.23
CA LYS V 180 -60.36 -4.22 -23.91
C LYS V 180 -61.10 -5.54 -23.72
N SER V 181 -61.70 -6.09 -24.76
CA SER V 181 -62.53 -7.28 -24.63
C SER V 181 -61.86 -8.55 -25.13
N MET V 182 -60.56 -8.72 -24.83
CA MET V 182 -59.85 -9.95 -25.16
C MET V 182 -60.43 -11.15 -24.42
N THR V 183 -60.54 -12.27 -25.10
CA THR V 183 -60.90 -13.50 -24.42
C THR V 183 -59.65 -14.30 -24.11
N LEU V 184 -59.84 -15.47 -23.50
CA LEU V 184 -58.70 -16.23 -22.99
C LEU V 184 -57.95 -16.94 -24.11
N LYS V 185 -58.65 -17.82 -24.85
CA LYS V 185 -57.98 -18.61 -25.87
C LYS V 185 -57.54 -17.76 -27.06
N GLU V 186 -58.08 -16.56 -27.18
CA GLU V 186 -57.51 -15.58 -28.10
C GLU V 186 -56.16 -15.09 -27.61
N ALA V 187 -56.06 -14.82 -26.30
CA ALA V 187 -54.83 -14.24 -25.76
C ALA V 187 -53.73 -15.27 -25.68
N ILE V 188 -54.09 -16.53 -25.44
CA ILE V 188 -53.11 -17.60 -25.29
C ILE V 188 -52.35 -17.83 -26.59
N LYS V 189 -53.09 -17.92 -27.69
CA LYS V 189 -52.40 -17.95 -28.97
C LYS V 189 -51.95 -16.56 -29.42
N SER V 190 -52.35 -15.51 -28.73
CA SER V 190 -51.83 -14.18 -29.04
C SER V 190 -50.49 -13.92 -28.36
N SER V 191 -50.07 -14.79 -27.45
CA SER V 191 -48.77 -14.62 -26.81
C SER V 191 -47.68 -15.34 -27.59
N LEU V 192 -47.97 -16.55 -28.07
CA LEU V 192 -46.93 -17.40 -28.65
C LEU V 192 -46.47 -16.89 -30.01
N ILE V 193 -47.29 -16.07 -30.67
CA ILE V 193 -46.84 -15.38 -31.88
C ILE V 193 -45.67 -14.48 -31.53
N ILE V 194 -45.81 -13.72 -30.43
CA ILE V 194 -44.76 -12.82 -29.98
C ILE V 194 -43.55 -13.63 -29.51
N LEU V 195 -43.79 -14.75 -28.85
CA LEU V 195 -42.69 -15.59 -28.38
C LEU V 195 -41.88 -16.18 -29.54
N LYS V 196 -42.58 -16.71 -30.55
CA LYS V 196 -41.84 -17.27 -31.68
C LYS V 196 -41.24 -16.19 -32.56
N GLN V 197 -41.68 -14.93 -32.42
CA GLN V 197 -40.91 -13.85 -33.00
C GLN V 197 -39.65 -13.54 -32.20
N VAL V 198 -39.69 -13.67 -30.87
CA VAL V 198 -38.60 -13.12 -30.06
C VAL V 198 -37.61 -14.16 -29.56
N MET V 199 -37.84 -15.45 -29.79
CA MET V 199 -36.91 -16.46 -29.29
C MET V 199 -35.89 -16.80 -30.36
N GLU V 200 -34.81 -17.48 -29.96
CA GLU V 200 -33.76 -17.82 -30.92
C GLU V 200 -33.77 -19.31 -31.23
N GLU V 201 -34.26 -20.14 -30.32
CA GLU V 201 -34.45 -21.55 -30.62
C GLU V 201 -35.82 -21.75 -31.26
N LYS V 202 -35.99 -22.89 -31.90
CA LYS V 202 -37.27 -23.19 -32.53
C LYS V 202 -38.32 -23.47 -31.47
N LEU V 203 -39.49 -22.85 -31.63
CA LEU V 203 -40.59 -23.05 -30.69
C LEU V 203 -41.11 -24.47 -30.77
N ASN V 204 -41.14 -25.14 -29.62
CA ASN V 204 -41.62 -26.51 -29.53
C ASN V 204 -42.10 -26.78 -28.11
N ALA V 205 -42.24 -28.07 -27.79
CA ALA V 205 -42.86 -28.46 -26.53
C ALA V 205 -41.95 -28.27 -25.32
N THR V 206 -40.68 -27.91 -25.53
CA THR V 206 -39.77 -27.83 -24.40
C THR V 206 -39.32 -26.41 -24.08
N ASN V 207 -39.70 -25.42 -24.88
CA ASN V 207 -39.11 -24.10 -24.70
C ASN V 207 -39.92 -23.22 -23.75
N ILE V 208 -41.23 -23.17 -23.90
CA ILE V 208 -42.03 -22.20 -23.17
C ILE V 208 -42.97 -22.92 -22.22
N GLU V 209 -43.60 -22.13 -21.35
CA GLU V 209 -44.65 -22.64 -20.49
C GLU V 209 -45.67 -21.54 -20.23
N LEU V 210 -46.93 -21.91 -20.30
CA LEU V 210 -48.05 -21.01 -20.08
C LEU V 210 -48.54 -21.21 -18.65
N ALA V 211 -49.35 -20.28 -18.17
CA ALA V 211 -49.91 -20.34 -16.83
C ALA V 211 -51.16 -19.48 -16.81
N THR V 212 -52.29 -20.08 -16.47
CA THR V 212 -53.56 -19.40 -16.45
C THR V 212 -54.22 -19.55 -15.09
N VAL V 213 -54.97 -18.53 -14.68
CA VAL V 213 -55.70 -18.54 -13.43
C VAL V 213 -56.99 -17.75 -13.60
N GLN V 214 -58.11 -18.40 -13.26
CA GLN V 214 -59.45 -17.87 -13.51
C GLN V 214 -60.33 -18.11 -12.29
N PRO V 215 -61.42 -17.36 -12.14
CA PRO V 215 -62.41 -17.71 -11.11
C PRO V 215 -63.10 -19.02 -11.39
N GLY V 216 -63.49 -19.27 -12.64
CA GLY V 216 -64.22 -20.45 -13.03
C GLY V 216 -63.43 -21.49 -13.80
N GLN V 217 -62.12 -21.32 -13.94
CA GLN V 217 -61.29 -22.32 -14.57
C GLN V 217 -60.07 -22.50 -13.69
N ASN V 218 -60.20 -23.37 -12.68
CA ASN V 218 -59.25 -23.41 -11.57
C ASN V 218 -59.41 -24.65 -10.70
N PHE V 219 -58.34 -25.38 -10.41
CA PHE V 219 -56.97 -25.18 -10.93
C PHE V 219 -56.47 -26.51 -11.52
N HIS V 220 -56.07 -26.52 -12.78
CA HIS V 220 -55.98 -25.31 -13.58
C HIS V 220 -54.59 -24.68 -13.45
N MET V 221 -53.55 -25.49 -13.61
CA MET V 221 -52.19 -25.03 -13.43
C MET V 221 -51.44 -24.99 -14.76
N PHE V 222 -50.53 -25.93 -14.97
CA PHE V 222 -49.76 -25.98 -16.20
C PHE V 222 -49.17 -27.38 -16.45
N THR V 223 -49.91 -28.19 -17.21
CA THR V 223 -49.47 -29.54 -17.52
C THR V 223 -48.97 -29.57 -18.96
N LYS V 224 -48.18 -30.59 -19.28
CA LYS V 224 -47.80 -30.80 -20.67
C LYS V 224 -48.94 -31.43 -21.44
N GLU V 225 -48.77 -31.47 -22.77
CA GLU V 225 -49.68 -31.97 -23.81
C GLU V 225 -50.91 -31.09 -24.01
N GLU V 226 -51.13 -30.13 -23.12
CA GLU V 226 -52.00 -29.00 -23.47
C GLU V 226 -51.27 -28.09 -24.42
N LEU V 227 -49.98 -27.87 -24.14
CA LEU V 227 -49.13 -26.98 -24.92
C LEU V 227 -48.88 -27.52 -26.31
N GLU V 228 -48.94 -28.85 -26.46
CA GLU V 228 -48.84 -29.47 -27.78
C GLU V 228 -50.02 -29.09 -28.66
N GLU V 229 -51.22 -29.09 -28.08
CA GLU V 229 -52.39 -28.60 -28.77
C GLU V 229 -52.33 -27.09 -28.98
N VAL V 230 -51.69 -26.37 -28.05
CA VAL V 230 -51.61 -24.92 -28.14
C VAL V 230 -50.70 -24.48 -29.28
N ILE V 231 -49.53 -25.11 -29.44
CA ILE V 231 -48.60 -24.70 -30.50
C ILE V 231 -49.12 -25.13 -31.87
N LYS V 232 -49.72 -26.32 -31.95
CA LYS V 232 -50.15 -26.83 -33.25
C LYS V 232 -51.36 -26.09 -33.83
N ASP V 233 -51.98 -25.18 -33.08
CA ASP V 233 -53.02 -24.32 -33.61
C ASP V 233 -52.48 -23.14 -34.40
N ILE V 234 -51.16 -23.03 -34.56
CA ILE V 234 -50.57 -21.96 -35.33
C ILE V 234 -50.85 -22.20 -36.83
N ASN W 1 -14.40 16.56 -7.36
CA ASN W 1 -15.67 15.95 -7.01
C ASN W 1 -15.51 14.82 -6.00
N GLN W 2 -14.35 14.79 -5.35
CA GLN W 2 -14.10 13.77 -4.34
C GLN W 2 -14.83 14.04 -3.04
N TYR W 3 -15.30 15.27 -2.83
CA TYR W 3 -16.17 15.58 -1.71
C TYR W 3 -17.65 15.50 -2.06
N ASP W 4 -17.98 14.96 -3.23
CA ASP W 4 -19.35 14.58 -3.55
C ASP W 4 -19.67 13.17 -3.12
N ASN W 5 -18.84 12.57 -2.26
CA ASN W 5 -18.89 11.14 -2.03
C ASN W 5 -20.03 10.79 -1.09
N ASP W 6 -20.02 11.33 0.12
CA ASP W 6 -20.88 10.84 1.18
C ASP W 6 -21.63 11.99 1.86
N VAL W 7 -22.51 11.62 2.78
CA VAL W 7 -23.32 12.63 3.44
C VAL W 7 -22.51 13.28 4.55
N THR W 8 -21.47 12.61 5.03
CA THR W 8 -20.62 13.14 6.09
C THR W 8 -19.81 14.35 5.62
N VAL W 9 -19.32 14.33 4.39
CA VAL W 9 -18.29 15.29 3.99
C VAL W 9 -18.92 16.64 3.67
N TRP W 10 -18.49 17.67 4.39
CA TRP W 10 -18.87 19.05 4.09
C TRP W 10 -18.14 19.51 2.84
N SER W 11 -18.72 20.51 2.17
CA SER W 11 -18.04 21.10 1.03
C SER W 11 -17.02 22.13 1.52
N PRO W 12 -16.09 22.55 0.66
CA PRO W 12 -15.31 23.75 0.97
C PRO W 12 -16.08 25.04 0.70
N GLN W 13 -17.30 24.93 0.19
CA GLN W 13 -18.20 26.07 0.03
C GLN W 13 -19.28 26.10 1.08
N GLY W 14 -19.51 25.00 1.80
CA GLY W 14 -20.52 24.97 2.83
C GLY W 14 -21.84 24.42 2.41
N ARG W 15 -21.89 23.57 1.38
CA ARG W 15 -23.14 23.00 0.90
C ARG W 15 -22.94 21.49 0.73
N ILE W 16 -23.60 20.72 1.59
CA ILE W 16 -23.46 19.27 1.56
C ILE W 16 -24.19 18.73 0.34
N HIS W 17 -23.44 18.08 -0.56
CA HIS W 17 -23.95 17.81 -1.90
C HIS W 17 -25.04 16.74 -1.95
N GLN W 18 -25.04 15.76 -1.03
CA GLN W 18 -26.03 14.69 -1.06
C GLN W 18 -27.44 15.23 -0.88
N ILE W 19 -27.57 16.31 -0.12
CA ILE W 19 -28.85 16.97 0.04
C ILE W 19 -29.29 17.62 -1.27
N GLU W 20 -28.35 18.24 -1.98
CA GLU W 20 -28.66 18.86 -3.27
C GLU W 20 -29.05 17.81 -4.30
N TYR W 21 -28.38 16.66 -4.29
CA TYR W 21 -28.74 15.60 -5.23
C TYR W 21 -30.06 14.99 -4.87
N ALA W 22 -30.43 15.01 -3.58
CA ALA W 22 -31.74 14.50 -3.21
C ALA W 22 -32.84 15.50 -3.56
N MET W 23 -32.54 16.80 -3.52
CA MET W 23 -33.46 17.79 -4.06
C MET W 23 -33.67 17.61 -5.55
N GLU W 24 -32.63 17.18 -6.25
CA GLU W 24 -32.79 16.84 -7.66
C GLU W 24 -33.71 15.64 -7.82
N ALA W 25 -33.72 14.72 -6.85
CA ALA W 25 -34.67 13.61 -6.90
C ALA W 25 -36.08 14.08 -6.57
N VAL W 26 -36.21 15.19 -5.84
CA VAL W 26 -37.53 15.77 -5.63
C VAL W 26 -38.06 16.37 -6.92
N LYS W 27 -37.21 17.07 -7.68
CA LYS W 27 -37.69 17.77 -8.87
C LYS W 27 -38.07 16.80 -10.00
N GLN W 28 -37.59 15.56 -9.94
CA GLN W 28 -37.85 14.64 -11.05
C GLN W 28 -39.24 14.03 -10.96
N GLY W 29 -39.91 14.16 -9.82
CA GLY W 29 -41.25 13.65 -9.68
C GLY W 29 -42.27 14.51 -10.40
N SER W 30 -43.50 14.04 -10.54
CA SER W 30 -44.50 14.81 -11.27
C SER W 30 -45.02 15.96 -10.41
N ALA W 31 -45.82 16.82 -11.04
CA ALA W 31 -46.28 18.02 -10.38
C ALA W 31 -47.43 17.69 -9.42
N THR W 32 -47.54 18.48 -8.36
CA THR W 32 -48.68 18.43 -7.45
C THR W 32 -48.79 19.78 -6.75
N VAL W 33 -50.02 20.20 -6.47
CA VAL W 33 -50.31 21.54 -5.98
C VAL W 33 -51.24 21.42 -4.78
N GLY W 34 -50.81 21.96 -3.65
CA GLY W 34 -51.64 22.05 -2.47
C GLY W 34 -51.87 23.49 -2.06
N LEU W 35 -53.13 23.82 -1.81
CA LEU W 35 -53.49 25.20 -1.48
C LEU W 35 -54.71 25.19 -0.58
N LYS W 36 -54.75 26.14 0.35
CA LYS W 36 -55.75 26.16 1.39
C LYS W 36 -56.61 27.41 1.27
N SER W 37 -57.81 27.31 1.79
CA SER W 37 -58.64 28.46 2.14
C SER W 37 -58.55 28.66 3.64
N LYS W 38 -59.39 29.55 4.16
CA LYS W 38 -59.51 29.62 5.61
C LYS W 38 -60.33 28.48 6.18
N THR W 39 -61.18 27.85 5.37
CA THR W 39 -62.12 26.86 5.88
C THR W 39 -61.85 25.47 5.32
N HIS W 40 -60.99 25.33 4.33
CA HIS W 40 -60.69 24.03 3.73
C HIS W 40 -59.26 23.96 3.24
N ALA W 41 -58.80 22.75 2.95
CA ALA W 41 -57.50 22.52 2.33
C ALA W 41 -57.65 21.53 1.20
N VAL W 42 -57.06 21.87 0.04
CA VAL W 42 -57.18 21.07 -1.18
C VAL W 42 -55.78 20.84 -1.73
N LEU W 43 -55.43 19.57 -1.96
CA LEU W 43 -54.20 19.24 -2.67
C LEU W 43 -54.51 18.37 -3.88
N VAL W 44 -53.96 18.78 -5.02
CA VAL W 44 -54.27 18.17 -6.31
C VAL W 44 -52.97 17.70 -6.94
N ALA W 45 -52.95 16.45 -7.40
CA ALA W 45 -51.76 15.85 -7.99
C ALA W 45 -52.03 15.50 -9.45
N LEU W 46 -50.96 15.22 -10.17
CA LEU W 46 -51.03 14.77 -11.56
C LEU W 46 -50.26 13.48 -11.74
N LYS W 47 -50.97 12.41 -12.05
CA LYS W 47 -50.38 11.10 -12.27
C LYS W 47 -49.65 11.09 -13.60
N ARG W 48 -48.68 10.18 -13.74
CA ARG W 48 -47.91 10.03 -14.95
C ARG W 48 -47.60 8.55 -15.18
N ALA W 49 -48.50 7.87 -15.89
CA ALA W 49 -48.35 6.45 -16.18
C ALA W 49 -47.15 6.14 -17.08
N GLN W 50 -46.66 4.91 -17.00
CA GLN W 50 -45.53 4.46 -17.80
C GLN W 50 -45.89 4.40 -19.28
N SER W 51 -46.62 3.35 -19.67
CA SER W 51 -47.03 3.19 -21.06
C SER W 51 -48.52 3.45 -21.16
N GLU W 52 -49.08 3.13 -22.32
CA GLU W 52 -50.54 3.29 -22.51
C GLU W 52 -51.30 2.26 -21.71
N LEU W 53 -50.86 1.01 -21.73
CA LEU W 53 -51.63 -0.07 -21.13
C LEU W 53 -51.49 -0.10 -19.62
N ALA W 54 -50.38 0.36 -19.07
CA ALA W 54 -50.22 0.38 -17.63
C ALA W 54 -51.04 1.51 -17.04
N ALA W 55 -51.68 1.24 -15.91
CA ALA W 55 -52.46 2.27 -15.24
C ALA W 55 -51.55 3.32 -14.63
N HIS W 56 -52.08 4.52 -14.43
CA HIS W 56 -51.28 5.61 -13.91
C HIS W 56 -50.93 5.39 -12.44
N GLN W 57 -49.66 5.60 -12.11
CA GLN W 57 -49.20 5.45 -10.74
C GLN W 57 -49.76 6.56 -9.86
N LYS W 58 -50.43 6.17 -8.78
CA LYS W 58 -51.12 7.15 -7.94
C LYS W 58 -50.14 7.89 -7.04
N LYS W 59 -50.57 9.06 -6.59
CA LYS W 59 -49.77 9.92 -5.72
C LYS W 59 -50.43 10.08 -4.36
N ILE W 60 -51.68 10.53 -4.30
CA ILE W 60 -52.30 10.88 -3.05
C ILE W 60 -52.71 9.62 -2.31
N LEU W 61 -52.24 9.48 -1.07
CA LEU W 61 -52.57 8.31 -0.29
C LEU W 61 -53.15 8.74 1.05
N HIS W 62 -54.19 8.03 1.47
CA HIS W 62 -54.89 8.31 2.70
C HIS W 62 -54.01 7.94 3.90
N VAL W 63 -54.03 8.77 4.94
CA VAL W 63 -53.17 8.55 6.10
C VAL W 63 -53.98 8.48 7.39
N ASP W 64 -54.76 9.51 7.68
CA ASP W 64 -55.55 9.45 8.89
C ASP W 64 -56.96 9.92 8.57
N ASN W 65 -57.76 10.14 9.60
CA ASN W 65 -59.12 10.60 9.38
C ASN W 65 -59.15 12.08 9.00
N HIS W 66 -58.03 12.77 9.14
CA HIS W 66 -57.95 14.14 8.65
C HIS W 66 -56.62 14.47 7.98
N ILE W 67 -55.57 13.68 8.18
CA ILE W 67 -54.25 13.98 7.64
C ILE W 67 -54.14 13.26 6.30
N GLY W 68 -53.84 14.01 5.25
CA GLY W 68 -53.52 13.43 3.96
C GLY W 68 -52.28 14.07 3.38
N ILE W 69 -51.52 13.27 2.63
CA ILE W 69 -50.26 13.73 2.06
C ILE W 69 -50.22 13.40 0.58
N SER W 70 -49.65 14.31 -0.20
CA SER W 70 -49.25 14.04 -1.56
C SER W 70 -47.85 13.44 -1.53
N ILE W 71 -47.26 13.23 -2.71
CA ILE W 71 -45.92 12.67 -2.82
C ILE W 71 -45.34 13.04 -4.17
N ALA W 72 -44.01 13.18 -4.22
CA ALA W 72 -43.26 13.17 -5.47
C ALA W 72 -41.88 12.58 -5.18
N GLY W 73 -41.30 11.94 -6.19
CA GLY W 73 -39.98 11.35 -6.04
C GLY W 73 -40.07 9.84 -5.92
N LEU W 74 -39.34 9.28 -4.94
CA LEU W 74 -39.25 7.84 -4.76
C LEU W 74 -40.56 7.30 -4.18
N THR W 75 -40.75 5.98 -4.28
CA THR W 75 -42.03 5.41 -3.86
C THR W 75 -41.88 4.56 -2.61
N ALA W 76 -40.79 3.79 -2.52
CA ALA W 76 -40.59 2.88 -1.40
C ALA W 76 -40.36 3.65 -0.11
N ASP W 77 -39.61 4.76 -0.20
CA ASP W 77 -39.42 5.62 0.96
C ASP W 77 -40.71 6.33 1.32
N ALA W 78 -41.58 6.55 0.34
CA ALA W 78 -42.90 7.10 0.63
C ALA W 78 -43.75 6.08 1.39
N ARG W 79 -43.58 4.80 1.09
CA ARG W 79 -44.21 3.79 1.94
C ARG W 79 -43.56 3.71 3.31
N LEU W 80 -42.27 4.06 3.41
CA LEU W 80 -41.59 3.97 4.70
C LEU W 80 -42.06 5.07 5.65
N LEU W 81 -41.99 6.33 5.19
CA LEU W 81 -42.54 7.44 5.97
C LEU W 81 -44.06 7.40 6.02
N CYS W 82 -44.71 6.68 5.11
CA CYS W 82 -46.13 6.42 5.24
C CYS W 82 -46.42 5.52 6.44
N ASN W 83 -45.66 4.44 6.60
CA ASN W 83 -45.94 3.52 7.69
C ASN W 83 -45.57 4.13 9.03
N PHE W 84 -44.46 4.89 9.06
CA PHE W 84 -44.12 5.67 10.25
C PHE W 84 -45.18 6.74 10.52
N MET W 85 -45.78 7.28 9.46
CA MET W 85 -46.81 8.30 9.61
C MET W 85 -48.06 7.72 10.26
N ARG W 86 -48.55 6.58 9.74
CA ARG W 86 -49.67 5.86 10.36
C ARG W 86 -49.37 5.51 11.81
N GLN W 87 -48.17 5.02 12.08
CA GLN W 87 -47.86 4.50 13.41
C GLN W 87 -47.78 5.60 14.44
N GLU W 88 -47.23 6.75 14.05
CA GLU W 88 -47.22 7.88 14.98
C GLU W 88 -48.58 8.56 15.07
N CYS W 89 -49.47 8.36 14.10
CA CYS W 89 -50.85 8.81 14.30
C CYS W 89 -51.55 7.96 15.34
N LEU W 90 -51.59 6.65 15.14
CA LEU W 90 -52.40 5.83 16.03
C LEU W 90 -51.70 5.49 17.33
N ASP W 91 -50.43 5.89 17.51
CA ASP W 91 -49.84 5.89 18.85
C ASP W 91 -50.56 6.87 19.76
N SER W 92 -50.58 8.15 19.38
CA SER W 92 -51.23 9.14 20.24
C SER W 92 -52.74 9.02 20.17
N ARG W 93 -53.27 8.44 19.09
CA ARG W 93 -54.68 8.11 19.08
C ARG W 93 -54.96 6.97 20.05
N PHE W 94 -53.99 6.09 20.26
CA PHE W 94 -54.16 5.01 21.23
C PHE W 94 -53.98 5.50 22.65
N VAL W 95 -53.08 6.45 22.87
CA VAL W 95 -52.75 6.84 24.24
C VAL W 95 -53.65 7.96 24.71
N PHE W 96 -53.61 9.11 24.04
CA PHE W 96 -54.31 10.29 24.55
C PHE W 96 -55.80 10.31 24.23
N ASP W 97 -56.25 9.45 23.33
CA ASP W 97 -57.64 9.33 22.88
C ASP W 97 -58.12 10.66 22.30
N ARG W 98 -57.25 11.31 21.53
CA ARG W 98 -57.56 12.49 20.74
C ARG W 98 -56.73 12.41 19.47
N PRO W 99 -57.16 13.04 18.38
CA PRO W 99 -56.35 13.05 17.17
C PRO W 99 -55.20 14.03 17.29
N LEU W 100 -54.18 13.79 16.49
CA LEU W 100 -53.02 14.67 16.57
C LEU W 100 -53.18 15.90 15.69
N PRO W 101 -52.87 17.06 16.23
CA PRO W 101 -52.63 18.23 15.38
C PRO W 101 -51.43 18.01 14.46
N VAL W 102 -51.45 18.69 13.33
CA VAL W 102 -50.45 18.46 12.30
C VAL W 102 -49.11 19.05 12.71
N SER W 103 -49.12 20.17 13.43
CA SER W 103 -47.92 20.97 13.63
C SER W 103 -46.94 20.31 14.60
N ARG W 104 -47.38 19.27 15.30
CA ARG W 104 -46.43 18.49 16.08
C ARG W 104 -46.21 17.11 15.48
N LEU W 105 -46.91 16.80 14.38
CA LEU W 105 -46.60 15.59 13.64
C LEU W 105 -45.31 15.75 12.84
N VAL W 106 -45.15 16.91 12.21
CA VAL W 106 -44.10 17.08 11.22
C VAL W 106 -42.72 17.18 11.87
N SER W 107 -42.66 17.52 13.16
CA SER W 107 -41.41 17.47 13.89
C SER W 107 -40.91 16.03 14.04
N LEU W 108 -41.82 15.06 13.99
CA LEU W 108 -41.39 13.67 14.00
C LEU W 108 -40.89 13.25 12.63
N ILE W 109 -41.33 13.95 11.58
CA ILE W 109 -40.76 13.70 10.25
C ILE W 109 -39.38 14.32 10.13
N GLY W 110 -39.22 15.51 10.70
CA GLY W 110 -37.91 16.15 10.69
C GLY W 110 -36.90 15.42 11.56
N SER W 111 -37.32 15.01 12.76
CA SER W 111 -36.44 14.24 13.61
C SER W 111 -36.38 12.78 13.20
N LYS W 112 -37.25 12.36 12.27
CA LYS W 112 -37.15 11.02 11.72
C LYS W 112 -36.18 10.98 10.56
N THR W 113 -36.28 11.93 9.64
CA THR W 113 -35.42 12.02 8.48
C THR W 113 -34.13 12.77 8.75
N GLN W 114 -33.93 13.25 9.98
CA GLN W 114 -32.67 13.91 10.31
C GLN W 114 -31.51 12.93 10.38
N ILE W 115 -31.64 11.90 11.22
CA ILE W 115 -30.53 10.99 11.50
C ILE W 115 -30.00 10.26 10.26
N PRO W 116 -30.83 9.86 9.28
CA PRO W 116 -30.24 9.40 8.01
C PRO W 116 -29.65 10.50 7.13
N THR W 117 -29.52 11.74 7.59
CA THR W 117 -28.75 12.74 6.87
C THR W 117 -27.47 13.12 7.58
N GLN W 118 -27.10 12.41 8.64
CA GLN W 118 -25.88 12.79 9.32
C GLN W 118 -24.90 11.63 9.48
N ARG W 119 -25.37 10.49 9.94
CA ARG W 119 -24.46 9.39 10.21
C ARG W 119 -24.04 8.71 8.92
N TYR W 120 -22.93 7.99 8.98
CA TYR W 120 -22.28 7.51 7.77
C TYR W 120 -23.05 6.34 7.17
N GLY W 121 -23.09 6.30 5.85
CA GLY W 121 -23.72 5.20 5.14
C GLY W 121 -25.23 5.23 5.14
N ARG W 122 -25.84 6.40 5.30
CA ARG W 122 -27.29 6.53 5.35
C ARG W 122 -27.71 7.58 4.34
N ARG W 123 -28.52 7.20 3.42
CA ARG W 123 -28.96 8.18 2.45
C ARG W 123 -30.09 9.02 3.03
N PRO W 124 -30.36 10.20 2.48
CA PRO W 124 -31.60 10.89 2.86
C PRO W 124 -32.79 10.26 2.16
N TYR W 125 -34.00 10.74 2.42
CA TYR W 125 -35.17 10.17 1.79
C TYR W 125 -35.60 11.07 0.64
N GLY W 126 -35.65 10.52 -0.56
CA GLY W 126 -36.23 11.22 -1.69
C GLY W 126 -37.73 11.33 -1.49
N VAL W 127 -38.21 12.52 -1.14
CA VAL W 127 -39.53 12.65 -0.56
C VAL W 127 -40.13 13.99 -0.98
N GLY W 128 -41.45 14.03 -1.09
CA GLY W 128 -42.14 15.18 -1.65
C GLY W 128 -43.44 15.51 -0.96
N LEU W 129 -43.50 15.36 0.36
CA LEU W 129 -44.74 15.42 1.10
C LEU W 129 -45.39 16.80 1.03
N LEU W 130 -46.70 16.82 0.82
CA LEU W 130 -47.52 18.01 0.98
C LEU W 130 -48.61 17.68 1.98
N ILE W 131 -48.34 17.93 3.24
CA ILE W 131 -49.19 17.49 4.34
C ILE W 131 -50.38 18.43 4.44
N ALA W 132 -51.56 17.87 4.71
CA ALA W 132 -52.76 18.67 4.88
C ALA W 132 -53.70 18.02 5.89
N GLY W 133 -54.26 18.83 6.77
CA GLY W 133 -55.20 18.32 7.75
C GLY W 133 -55.83 19.44 8.53
N TYR W 134 -56.59 19.04 9.55
CA TYR W 134 -57.09 19.95 10.57
C TYR W 134 -56.49 19.63 11.92
N ASP W 135 -55.97 20.65 12.55
CA ASP W 135 -56.05 20.77 14.00
C ASP W 135 -57.29 21.61 14.32
N ASP W 136 -57.41 22.05 15.56
CA ASP W 136 -58.55 22.85 15.95
C ASP W 136 -58.50 24.26 15.36
N MET W 137 -57.34 24.73 14.92
CA MET W 137 -57.19 26.08 14.40
C MET W 137 -57.23 26.13 12.88
N GLY W 138 -57.84 25.14 12.24
CA GLY W 138 -58.12 25.23 10.82
C GLY W 138 -57.27 24.35 9.95
N PRO W 139 -57.08 24.73 8.69
CA PRO W 139 -56.28 23.92 7.78
C PRO W 139 -54.81 24.31 7.83
N HIS W 140 -53.98 23.41 7.32
CA HIS W 140 -52.56 23.65 7.17
C HIS W 140 -52.06 22.97 5.92
N ILE W 141 -51.18 23.66 5.19
CA ILE W 141 -50.47 23.07 4.06
C ILE W 141 -48.98 23.18 4.33
N PHE W 142 -48.34 22.06 4.56
CA PHE W 142 -46.92 22.01 4.79
C PHE W 142 -46.23 21.43 3.57
N GLN W 143 -44.91 21.53 3.54
CA GLN W 143 -44.14 20.73 2.61
C GLN W 143 -42.89 20.28 3.33
N THR W 144 -42.28 19.23 2.80
CA THR W 144 -41.06 18.71 3.36
C THR W 144 -39.95 18.84 2.35
N CYS W 145 -38.81 18.27 2.68
CA CYS W 145 -37.62 18.27 1.84
C CYS W 145 -36.73 17.17 2.39
N PRO W 146 -35.80 16.64 1.59
CA PRO W 146 -34.86 15.67 2.14
C PRO W 146 -33.87 16.27 3.11
N SER W 147 -33.71 17.60 3.11
CA SER W 147 -32.92 18.26 4.13
C SER W 147 -33.68 18.44 5.44
N ALA W 148 -34.96 18.04 5.48
CA ALA W 148 -35.84 18.14 6.65
C ALA W 148 -36.01 19.59 7.11
N ASN W 149 -36.53 20.44 6.22
CA ASN W 149 -36.88 21.81 6.55
C ASN W 149 -38.31 22.05 6.11
N TYR W 150 -39.23 22.06 7.07
CA TYR W 150 -40.65 22.08 6.75
C TYR W 150 -41.18 23.50 6.80
N PHE W 151 -42.02 23.85 5.83
CA PHE W 151 -42.46 25.21 5.60
C PHE W 151 -43.97 25.30 5.76
N ASP W 152 -44.42 26.18 6.64
CA ASP W 152 -45.85 26.49 6.69
C ASP W 152 -46.17 27.53 5.62
N CYS W 153 -46.77 27.09 4.53
CA CYS W 153 -47.09 27.99 3.44
C CYS W 153 -48.59 28.21 3.40
N ARG W 154 -49.03 29.03 2.45
CA ARG W 154 -50.45 29.05 2.12
C ARG W 154 -50.71 28.28 0.83
N ALA W 155 -49.68 28.11 0.01
CA ALA W 155 -49.74 27.33 -1.22
C ALA W 155 -48.33 27.07 -1.70
N MET W 156 -48.07 25.82 -2.08
CA MET W 156 -46.81 25.46 -2.71
C MET W 156 -47.07 24.47 -3.82
N SER W 157 -45.98 24.09 -4.48
CA SER W 157 -46.01 23.08 -5.52
C SER W 157 -44.60 22.55 -5.71
N ILE W 158 -44.47 21.25 -5.84
CA ILE W 158 -43.20 20.57 -6.03
C ILE W 158 -43.36 19.53 -7.11
N GLY W 159 -42.27 19.25 -7.82
CA GLY W 159 -42.30 18.35 -8.95
C GLY W 159 -41.71 19.00 -10.19
N ALA W 160 -41.91 18.32 -11.33
CA ALA W 160 -41.33 18.77 -12.58
C ALA W 160 -42.03 20.03 -13.08
N ARG W 161 -41.22 21.04 -13.43
CA ARG W 161 -41.61 22.40 -13.87
C ARG W 161 -42.73 23.00 -13.03
N SER W 162 -42.65 22.81 -11.72
CA SER W 162 -43.65 23.31 -10.80
C SER W 162 -43.51 24.79 -10.50
N GLN W 163 -42.48 25.45 -11.03
CA GLN W 163 -42.32 26.87 -10.80
C GLN W 163 -43.40 27.66 -11.52
N SER W 164 -43.85 27.15 -12.67
CA SER W 164 -44.96 27.78 -13.37
C SER W 164 -46.24 27.74 -12.55
N ALA W 165 -46.40 26.70 -11.74
CA ALA W 165 -47.53 26.64 -10.83
C ALA W 165 -47.44 27.75 -9.79
N ARG W 166 -46.24 28.00 -9.26
CA ARG W 166 -46.05 29.09 -8.31
C ARG W 166 -46.38 30.44 -8.94
N THR W 167 -45.86 30.68 -10.14
CA THR W 167 -46.09 31.97 -10.81
C THR W 167 -47.52 32.09 -11.30
N TYR W 168 -48.27 30.98 -11.33
CA TYR W 168 -49.71 31.14 -11.34
C TYR W 168 -50.24 31.58 -9.99
N LEU W 169 -49.75 30.99 -8.90
CA LEU W 169 -50.43 31.13 -7.62
C LEU W 169 -50.24 32.53 -7.01
N GLU W 170 -49.11 33.20 -7.32
CA GLU W 170 -48.85 34.48 -6.69
C GLU W 170 -49.81 35.58 -7.14
N ARG W 171 -50.34 35.49 -8.35
CA ARG W 171 -51.30 36.52 -8.75
C ARG W 171 -52.74 36.15 -8.40
N HIS W 172 -52.93 35.13 -7.57
CA HIS W 172 -54.26 34.79 -7.07
C HIS W 172 -54.26 34.51 -5.57
N MET W 173 -53.11 34.68 -4.91
CA MET W 173 -53.03 34.45 -3.47
C MET W 173 -53.86 35.44 -2.67
N SER W 174 -54.19 36.60 -3.24
CA SER W 174 -55.09 37.52 -2.56
C SER W 174 -56.54 37.07 -2.70
N GLU W 175 -56.83 36.13 -3.60
CA GLU W 175 -58.18 35.66 -3.82
C GLU W 175 -58.35 34.19 -3.46
N PHE W 176 -57.33 33.55 -2.90
CA PHE W 176 -57.43 32.15 -2.49
C PHE W 176 -57.80 31.98 -1.03
N MET W 177 -58.59 32.87 -0.45
CA MET W 177 -58.85 32.77 0.98
C MET W 177 -60.32 32.56 1.30
N GLU W 178 -61.20 33.35 0.70
CA GLU W 178 -62.61 33.32 1.08
C GLU W 178 -63.39 32.21 0.42
N CYS W 179 -63.00 31.81 -0.79
CA CYS W 179 -63.88 31.05 -1.67
C CYS W 179 -64.06 29.61 -1.19
N ASN W 180 -65.23 29.05 -1.47
CA ASN W 180 -65.53 27.68 -1.09
C ASN W 180 -65.06 26.70 -2.17
N LEU W 181 -65.47 25.44 -2.01
CA LEU W 181 -64.72 24.31 -2.55
C LEU W 181 -64.74 24.25 -4.07
N ASN W 182 -65.89 24.49 -4.69
CA ASN W 182 -66.11 24.16 -6.09
C ASN W 182 -65.27 25.01 -7.03
N GLU W 183 -64.97 26.25 -6.62
CA GLU W 183 -64.02 27.03 -7.42
C GLU W 183 -62.62 26.97 -6.84
N LEU W 184 -62.50 26.53 -5.59
CA LEU W 184 -61.18 26.38 -4.99
C LEU W 184 -60.41 25.24 -5.66
N VAL W 185 -61.12 24.17 -6.02
CA VAL W 185 -60.47 23.01 -6.62
C VAL W 185 -59.99 23.35 -8.02
N LYS W 186 -60.84 23.98 -8.83
CA LYS W 186 -60.43 24.35 -10.17
C LYS W 186 -59.39 25.47 -10.15
N HIS W 187 -59.43 26.34 -9.13
CA HIS W 187 -58.29 27.20 -8.86
C HIS W 187 -57.04 26.41 -8.50
N GLY W 188 -57.21 25.23 -7.93
CA GLY W 188 -56.10 24.33 -7.73
C GLY W 188 -55.52 23.84 -9.03
N LEU W 189 -56.33 23.13 -9.81
CA LEU W 189 -55.75 22.42 -10.95
C LEU W 189 -55.58 23.31 -12.18
N ARG W 190 -55.91 24.60 -12.10
CA ARG W 190 -55.35 25.50 -13.11
C ARG W 190 -53.84 25.54 -13.05
N ALA W 191 -53.26 25.45 -11.85
CA ALA W 191 -51.82 25.38 -11.73
C ALA W 191 -51.27 24.11 -12.36
N LEU W 192 -52.01 23.01 -12.23
CA LEU W 192 -51.64 21.78 -12.93
C LEU W 192 -51.74 21.94 -14.45
N ARG W 193 -52.71 22.70 -14.95
CA ARG W 193 -52.76 22.86 -16.40
C ARG W 193 -51.69 23.84 -16.86
N GLU W 194 -51.09 24.61 -15.94
CA GLU W 194 -49.89 25.34 -16.35
C GLU W 194 -48.62 24.52 -16.14
N THR W 195 -48.68 23.37 -15.46
CA THR W 195 -47.47 22.55 -15.38
C THR W 195 -47.28 21.68 -16.62
N LEU W 196 -48.24 21.68 -17.54
CA LEU W 196 -48.12 20.83 -18.72
C LEU W 196 -47.75 21.64 -19.95
N PRO W 197 -47.23 20.98 -20.99
CA PRO W 197 -47.20 21.62 -22.31
C PRO W 197 -48.62 21.86 -22.82
N ALA W 198 -48.76 22.91 -23.63
CA ALA W 198 -50.06 23.45 -23.98
C ALA W 198 -50.69 22.81 -25.21
N GLU W 199 -50.34 21.56 -25.51
CA GLU W 199 -50.87 20.89 -26.69
C GLU W 199 -51.48 19.52 -26.38
N GLN W 200 -51.47 19.11 -25.11
CA GLN W 200 -52.16 17.88 -24.73
C GLN W 200 -52.94 18.14 -23.44
N ASP W 201 -54.04 17.39 -23.31
CA ASP W 201 -54.90 17.49 -22.13
C ASP W 201 -54.19 16.84 -20.93
N LEU W 202 -54.46 17.29 -19.68
CA LEU W 202 -55.67 17.79 -18.95
C LEU W 202 -56.82 16.80 -19.13
N THR W 203 -56.49 15.52 -19.03
CA THR W 203 -57.49 14.48 -19.21
C THR W 203 -58.21 14.21 -17.91
N THR W 204 -59.12 13.24 -17.93
CA THR W 204 -59.84 12.88 -16.72
C THR W 204 -59.18 11.70 -16.03
N LYS W 205 -58.38 10.93 -16.75
CA LYS W 205 -57.92 9.66 -16.24
C LYS W 205 -56.69 9.80 -15.35
N ASN W 206 -56.19 11.03 -15.20
CA ASN W 206 -54.91 11.17 -14.52
C ASN W 206 -55.00 12.03 -13.25
N VAL W 207 -55.86 13.03 -13.23
CA VAL W 207 -55.81 13.96 -12.10
C VAL W 207 -56.56 13.38 -10.89
N SER W 208 -55.95 13.52 -9.71
CA SER W 208 -56.53 13.09 -8.44
C SER W 208 -56.58 14.25 -7.48
N ILE W 209 -57.69 14.39 -6.77
CA ILE W 209 -57.96 15.56 -5.95
C ILE W 209 -58.31 15.11 -4.55
N GLY W 210 -57.64 15.68 -3.55
CA GLY W 210 -57.92 15.35 -2.16
C GLY W 210 -58.26 16.59 -1.37
N ILE W 211 -59.31 16.49 -0.56
CA ILE W 211 -59.84 17.60 0.22
C ILE W 211 -59.97 17.15 1.67
N VAL W 212 -59.68 18.05 2.61
CA VAL W 212 -59.98 17.82 4.02
C VAL W 212 -60.78 19.01 4.56
N GLY W 213 -61.86 18.73 5.28
CA GLY W 213 -62.72 19.78 5.80
C GLY W 213 -63.19 19.48 7.21
N LYS W 214 -64.07 20.36 7.70
CA LYS W 214 -64.59 20.23 9.06
C LYS W 214 -65.69 19.18 9.12
N ASP W 215 -66.74 19.37 8.35
CA ASP W 215 -67.79 18.37 8.19
C ASP W 215 -67.53 17.46 7.01
N LEU W 216 -66.26 17.25 6.67
CA LEU W 216 -65.88 16.50 5.47
C LEU W 216 -64.57 15.78 5.78
N GLU W 217 -64.65 14.47 5.91
CA GLU W 217 -63.48 13.65 6.16
C GLU W 217 -62.59 13.61 4.92
N PHE W 218 -61.31 13.31 5.12
CA PHE W 218 -60.33 13.34 4.04
C PHE W 218 -60.63 12.28 2.98
N THR W 219 -60.73 12.71 1.73
CA THR W 219 -61.32 11.91 0.67
C THR W 219 -60.48 12.02 -0.59
N ILE W 220 -60.26 10.90 -1.27
CA ILE W 220 -59.54 10.89 -2.53
C ILE W 220 -60.51 10.54 -3.65
N TYR W 221 -60.53 11.34 -4.69
CA TYR W 221 -61.41 11.11 -5.83
C TYR W 221 -60.57 10.65 -7.02
N ASP W 222 -61.11 9.75 -7.84
CA ASP W 222 -60.28 9.10 -8.85
C ASP W 222 -61.04 8.95 -10.17
N ASP W 223 -60.90 9.99 -11.01
CA ASP W 223 -61.27 10.10 -12.43
C ASP W 223 -62.78 10.20 -12.60
N ASP W 224 -63.59 9.75 -11.65
CA ASP W 224 -64.98 9.49 -11.95
C ASP W 224 -65.87 10.29 -11.03
N ASP W 225 -65.44 10.44 -9.79
CA ASP W 225 -65.92 11.53 -8.96
C ASP W 225 -65.12 12.79 -9.26
N VAL W 226 -64.04 12.63 -10.03
CA VAL W 226 -63.30 13.79 -10.54
C VAL W 226 -64.02 14.40 -11.74
N SER W 227 -64.58 13.53 -12.63
CA SER W 227 -65.38 13.98 -13.77
C SER W 227 -66.48 15.02 -13.50
N PRO W 228 -67.10 15.11 -12.31
CA PRO W 228 -67.90 16.32 -12.02
C PRO W 228 -67.10 17.57 -11.70
N PHE W 229 -65.79 17.47 -11.45
CA PHE W 229 -65.04 18.70 -11.18
C PHE W 229 -64.39 19.28 -12.43
N LEU W 230 -64.01 18.44 -13.37
CA LEU W 230 -63.32 18.94 -14.55
C LEU W 230 -64.25 19.58 -15.55
N GLU W 231 -65.56 19.42 -15.38
CA GLU W 231 -66.50 20.06 -16.28
C GLU W 231 -66.57 21.56 -16.03
N GLY W 232 -66.62 22.32 -17.11
CA GLY W 232 -66.71 23.76 -16.99
C GLY W 232 -65.42 24.48 -16.66
N LEU W 233 -64.37 24.27 -17.44
CA LEU W 233 -63.15 25.06 -17.33
C LEU W 233 -62.94 25.88 -18.60
N GLU W 234 -62.11 26.91 -18.48
CA GLU W 234 -61.80 27.80 -19.58
C GLU W 234 -60.82 27.14 -20.54
N GLU W 235 -60.86 27.56 -21.79
CA GLU W 235 -59.92 27.04 -22.77
C GLU W 235 -58.53 27.63 -22.54
N ARG W 236 -57.51 26.82 -22.81
CA ARG W 236 -56.15 27.32 -22.84
C ARG W 236 -56.00 28.35 -23.95
N PRO W 237 -55.33 29.46 -23.69
CA PRO W 237 -55.22 30.54 -24.69
C PRO W 237 -54.34 30.14 -25.87
N GLN W 238 -54.43 30.96 -26.91
CA GLN W 238 -53.66 30.73 -28.13
C GLN W 238 -52.17 30.96 -27.93
N THR X 5 -4.54 17.57 -1.18
CA THR X 5 -5.79 16.82 -1.14
C THR X 5 -5.77 15.76 -0.05
N GLY X 6 -6.94 15.25 0.29
CA GLY X 6 -7.05 14.19 1.27
C GLY X 6 -7.08 14.64 2.72
N TYR X 7 -6.84 15.93 2.98
CA TYR X 7 -6.83 16.39 4.37
C TYR X 7 -8.12 17.09 4.77
N ASP X 8 -9.01 17.35 3.82
CA ASP X 8 -10.24 18.06 4.11
C ASP X 8 -11.44 17.15 4.27
N LEU X 9 -11.40 15.94 3.71
CA LEU X 9 -12.56 15.06 3.63
C LEU X 9 -13.08 14.61 4.98
N SER X 10 -12.30 13.82 5.71
CA SER X 10 -12.76 13.29 6.97
C SER X 10 -12.64 14.33 8.07
N ALA X 11 -13.39 14.13 9.15
CA ALA X 11 -13.33 15.08 10.26
C ALA X 11 -12.24 14.72 11.25
N SER X 12 -11.83 13.46 11.29
CA SER X 12 -10.92 13.02 12.34
C SER X 12 -9.46 13.14 11.96
N THR X 13 -9.14 13.84 10.87
CA THR X 13 -7.76 13.95 10.43
C THR X 13 -7.27 15.39 10.61
N PHE X 14 -6.15 15.55 11.31
CA PHE X 14 -5.50 16.84 11.38
C PHE X 14 -4.87 17.20 10.04
N SER X 15 -4.85 18.48 9.73
CA SER X 15 -4.16 19.02 8.57
C SER X 15 -2.74 19.35 8.98
N PRO X 16 -1.79 19.34 8.04
CA PRO X 16 -0.37 19.53 8.41
C PRO X 16 -0.04 20.90 8.98
N ASP X 17 -0.82 21.92 8.71
CA ASP X 17 -0.62 23.19 9.39
C ASP X 17 -1.23 23.20 10.79
N GLY X 18 -2.07 22.24 11.10
CA GLY X 18 -2.49 22.01 12.47
C GLY X 18 -3.91 22.41 12.84
N ARG X 19 -4.82 22.46 11.89
CA ARG X 19 -6.21 22.71 12.23
C ARG X 19 -7.07 21.67 11.52
N VAL X 20 -8.37 21.66 11.83
CA VAL X 20 -9.29 20.66 11.32
C VAL X 20 -10.20 21.35 10.31
N PHE X 21 -10.19 20.87 9.06
CA PHE X 21 -10.86 21.59 8.01
C PHE X 21 -12.37 21.40 8.01
N GLN X 22 -12.86 20.24 8.49
CA GLN X 22 -14.30 20.03 8.55
C GLN X 22 -14.95 20.94 9.57
N VAL X 23 -14.24 21.24 10.66
CA VAL X 23 -14.72 22.22 11.63
C VAL X 23 -14.70 23.62 11.01
N GLU X 24 -13.63 23.93 10.27
CA GLU X 24 -13.52 25.24 9.64
C GLU X 24 -14.54 25.41 8.53
N TYR X 25 -14.89 24.31 7.86
CA TYR X 25 -15.97 24.38 6.88
C TYR X 25 -17.32 24.49 7.57
N ALA X 26 -17.42 23.93 8.78
CA ALA X 26 -18.66 24.07 9.54
C ALA X 26 -18.85 25.48 10.06
N MET X 27 -17.75 26.21 10.29
CA MET X 27 -17.86 27.58 10.78
C MET X 27 -18.42 28.51 9.71
N LYS X 28 -17.96 28.34 8.46
CA LYS X 28 -18.42 29.25 7.42
C LYS X 28 -19.63 28.70 6.67
N ALA X 29 -20.22 27.61 7.14
CA ALA X 29 -21.53 27.21 6.63
C ALA X 29 -22.63 28.05 7.26
N VAL X 30 -22.43 28.44 8.52
CA VAL X 30 -23.36 29.34 9.20
C VAL X 30 -23.20 30.77 8.67
N GLU X 31 -22.06 31.05 8.03
CA GLU X 31 -21.77 32.38 7.50
C GLU X 31 -22.72 32.78 6.38
N ASN X 32 -23.30 31.81 5.68
CA ASN X 32 -24.23 32.13 4.60
C ASN X 32 -25.63 32.44 5.09
N SER X 33 -25.96 32.10 6.33
CA SER X 33 -27.32 32.31 6.81
C SER X 33 -27.52 33.75 7.25
N SER X 34 -28.78 34.11 7.49
CA SER X 34 -29.14 35.49 7.74
C SER X 34 -28.78 35.91 9.16
N THR X 35 -28.80 37.22 9.39
CA THR X 35 -28.35 37.80 10.66
C THR X 35 -29.40 37.67 11.75
N ALA X 36 -28.98 37.15 12.91
CA ALA X 36 -29.81 37.09 14.10
C ALA X 36 -28.95 37.51 15.28
N ILE X 37 -29.37 38.55 16.00
CA ILE X 37 -28.53 39.10 17.07
C ILE X 37 -29.19 38.89 18.43
N GLY X 38 -28.45 39.23 19.48
CA GLY X 38 -28.98 39.22 20.82
C GLY X 38 -28.17 40.13 21.72
N ILE X 39 -28.78 40.50 22.86
CA ILE X 39 -28.20 41.44 23.81
C ILE X 39 -28.95 41.25 25.11
N ARG X 40 -28.28 41.49 26.23
CA ARG X 40 -28.96 41.48 27.51
C ARG X 40 -28.96 42.88 28.11
N CYS X 41 -29.98 43.18 28.90
CA CYS X 41 -29.99 44.36 29.73
C CYS X 41 -29.70 43.95 31.17
N LYS X 42 -29.89 44.90 32.09
CA LYS X 42 -29.58 44.64 33.49
C LYS X 42 -30.56 43.66 34.11
N ASP X 43 -31.77 43.55 33.56
CA ASP X 43 -32.75 42.61 34.05
C ASP X 43 -33.53 41.90 32.94
N GLY X 44 -32.85 41.44 31.89
CA GLY X 44 -33.54 40.68 30.86
C GLY X 44 -32.66 40.47 29.65
N VAL X 45 -33.10 39.58 28.77
CA VAL X 45 -32.38 39.22 27.56
C VAL X 45 -33.30 39.43 26.37
N VAL X 46 -32.86 40.23 25.41
CA VAL X 46 -33.65 40.56 24.23
C VAL X 46 -33.03 39.85 23.02
N PHE X 47 -33.87 39.14 22.27
CA PHE X 47 -33.46 38.52 21.02
C PHE X 47 -34.05 39.27 19.84
N GLY X 48 -33.49 39.01 18.67
CA GLY X 48 -34.05 39.52 17.44
C GLY X 48 -33.48 38.75 16.28
N VAL X 49 -34.36 38.28 15.41
CA VAL X 49 -33.98 37.54 14.22
C VAL X 49 -34.63 38.20 13.02
N GLU X 50 -33.83 38.57 12.03
CA GLU X 50 -34.37 39.05 10.77
C GLU X 50 -34.61 37.83 9.90
N LYS X 51 -35.76 37.80 9.23
CA LYS X 51 -36.21 36.62 8.51
C LYS X 51 -36.54 37.05 7.08
N LEU X 52 -36.49 36.10 6.14
CA LEU X 52 -36.44 36.47 4.74
C LEU X 52 -37.73 36.11 4.01
N VAL X 53 -38.37 37.11 3.41
CA VAL X 53 -39.55 36.91 2.58
C VAL X 53 -39.22 37.47 1.21
N LEU X 54 -39.17 36.61 0.20
CA LEU X 54 -38.90 37.10 -1.16
C LEU X 54 -40.18 37.56 -1.85
N SER X 55 -41.10 36.64 -2.13
CA SER X 55 -42.38 37.03 -2.73
C SER X 55 -43.62 36.55 -1.97
N LYS X 56 -43.70 35.24 -1.74
CA LYS X 56 -44.92 34.63 -1.23
C LYS X 56 -44.62 33.69 -0.08
N LEU X 57 -43.41 33.15 -0.07
CA LEU X 57 -43.06 31.77 0.27
C LEU X 57 -43.86 31.07 1.36
N TYR X 58 -44.01 31.69 2.51
CA TYR X 58 -44.59 31.00 3.65
C TYR X 58 -45.57 31.91 4.37
N GLU X 59 -46.52 31.29 5.07
CA GLU X 59 -47.40 32.00 5.99
C GLU X 59 -46.58 32.60 7.13
N GLU X 60 -47.07 33.73 7.64
CA GLU X 60 -46.39 34.43 8.72
C GLU X 60 -46.38 33.59 9.98
N GLY X 61 -45.17 33.30 10.48
CA GLY X 61 -45.02 32.41 11.60
C GLY X 61 -44.58 31.00 11.26
N SER X 62 -44.10 30.77 10.04
CA SER X 62 -43.49 29.50 9.67
C SER X 62 -42.10 29.45 10.25
N ASN X 63 -41.61 28.22 10.47
CA ASN X 63 -40.26 27.78 10.84
C ASN X 63 -39.46 28.76 11.69
N LYS X 64 -40.08 29.22 12.78
CA LYS X 64 -39.53 30.30 13.59
C LYS X 64 -38.20 29.91 14.21
N ARG X 65 -37.16 30.66 13.89
CA ARG X 65 -35.84 30.33 14.41
C ARG X 65 -35.70 30.69 15.87
N LEU X 66 -36.68 31.38 16.44
CA LEU X 66 -36.78 31.46 17.88
C LEU X 66 -37.52 30.25 18.42
N PHE X 67 -36.89 29.55 19.35
CA PHE X 67 -37.45 28.36 19.95
C PHE X 67 -37.70 28.65 21.41
N ASN X 68 -37.99 27.60 22.17
CA ASN X 68 -38.25 27.73 23.59
C ASN X 68 -37.88 26.42 24.26
N VAL X 69 -36.66 26.33 24.80
CA VAL X 69 -36.17 25.08 25.37
C VAL X 69 -36.82 24.79 26.71
N ASP X 70 -36.66 25.66 27.69
CA ASP X 70 -37.25 25.41 28.99
C ASP X 70 -38.27 26.51 29.22
N ARG X 71 -38.84 26.52 30.43
CA ARG X 71 -39.74 27.59 30.85
C ARG X 71 -39.04 28.95 30.82
N HIS X 72 -37.73 28.96 31.09
CA HIS X 72 -36.99 30.20 31.18
C HIS X 72 -35.81 30.30 30.23
N VAL X 73 -35.65 29.37 29.29
CA VAL X 73 -34.50 29.37 28.38
C VAL X 73 -35.03 29.25 26.95
N GLY X 74 -34.47 30.06 26.03
CA GLY X 74 -34.83 29.98 24.63
C GLY X 74 -33.63 29.98 23.71
N MET X 75 -33.89 29.60 22.45
CA MET X 75 -32.88 29.50 21.40
C MET X 75 -32.97 30.75 20.55
N ALA X 76 -31.97 30.96 19.71
CA ALA X 76 -32.06 31.85 18.57
C ALA X 76 -31.11 31.30 17.51
N VAL X 77 -31.61 30.43 16.65
CA VAL X 77 -30.74 29.61 15.81
C VAL X 77 -30.48 30.32 14.49
N ALA X 78 -29.32 30.02 13.93
CA ALA X 78 -28.94 30.53 12.62
C ALA X 78 -27.91 29.57 12.03
N GLY X 79 -27.97 29.42 10.71
CA GLY X 79 -27.17 28.42 10.03
C GLY X 79 -28.07 27.52 9.22
N LEU X 80 -27.67 26.26 9.08
CA LEU X 80 -28.61 25.24 8.62
C LEU X 80 -29.68 25.05 9.70
N LEU X 81 -30.85 24.57 9.32
CA LEU X 81 -31.98 24.71 10.22
C LEU X 81 -32.36 23.38 10.88
N ALA X 82 -32.22 22.27 10.15
CA ALA X 82 -32.69 20.98 10.62
C ALA X 82 -31.90 20.50 11.82
N ASP X 83 -30.57 20.67 11.76
CA ASP X 83 -29.73 20.27 12.89
C ASP X 83 -29.95 21.19 14.07
N ALA X 84 -30.39 22.42 13.82
CA ALA X 84 -30.77 23.31 14.90
C ALA X 84 -32.02 22.81 15.60
N ARG X 85 -32.96 22.25 14.84
CA ARG X 85 -34.11 21.64 15.50
C ARG X 85 -33.72 20.38 16.26
N SER X 86 -32.71 19.65 15.76
CA SER X 86 -32.23 18.49 16.50
C SER X 86 -31.60 18.90 17.83
N LEU X 87 -30.80 19.97 17.83
CA LEU X 87 -30.28 20.51 19.07
C LEU X 87 -31.38 21.06 19.96
N ALA X 88 -32.47 21.55 19.38
CA ALA X 88 -33.59 22.00 20.20
C ALA X 88 -34.25 20.82 20.91
N ASP X 89 -34.37 19.69 20.22
CA ASP X 89 -34.95 18.51 20.87
C ASP X 89 -34.02 17.94 21.93
N ILE X 90 -32.72 17.97 21.67
CA ILE X 90 -31.77 17.40 22.63
C ILE X 90 -31.64 18.29 23.87
N ALA X 91 -31.54 19.60 23.68
CA ALA X 91 -31.50 20.51 24.82
C ALA X 91 -32.80 20.51 25.59
N ARG X 92 -33.91 20.34 24.87
CA ARG X 92 -35.21 20.09 25.50
C ARG X 92 -35.15 18.88 26.42
N GLU X 93 -34.58 17.78 25.91
CA GLU X 93 -34.52 16.54 26.68
C GLU X 93 -33.59 16.66 27.87
N GLU X 94 -32.53 17.46 27.73
CA GLU X 94 -31.57 17.63 28.82
C GLU X 94 -32.18 18.46 29.95
N ALA X 95 -32.96 19.48 29.59
CA ALA X 95 -33.71 20.22 30.61
C ALA X 95 -34.75 19.33 31.26
N SER X 96 -35.30 18.36 30.52
CA SER X 96 -36.21 17.40 31.12
C SER X 96 -35.50 16.49 32.12
N ASN X 97 -34.25 16.11 31.83
CA ASN X 97 -33.53 15.24 32.77
C ASN X 97 -33.15 15.98 34.04
N PHE X 98 -32.69 17.23 33.92
CA PHE X 98 -32.30 17.98 35.11
C PHE X 98 -33.53 18.33 35.94
N ARG X 99 -34.60 18.78 35.27
CA ARG X 99 -35.87 19.06 35.91
C ARG X 99 -36.44 17.85 36.62
N SER X 100 -36.38 16.67 36.01
CA SER X 100 -36.91 15.48 36.65
C SER X 100 -36.02 15.05 37.81
N ASN X 101 -34.71 15.07 37.63
CA ASN X 101 -33.82 14.54 38.65
C ASN X 101 -33.63 15.46 39.84
N PHE X 102 -33.09 16.66 39.66
CA PHE X 102 -32.58 17.37 40.83
C PHE X 102 -33.57 18.36 41.42
N GLY X 103 -34.76 18.47 40.85
CA GLY X 103 -35.85 19.15 41.53
C GLY X 103 -35.99 20.63 41.27
N TYR X 104 -34.97 21.30 40.77
CA TYR X 104 -35.08 22.74 40.54
C TYR X 104 -34.71 23.04 39.10
N ASN X 105 -34.91 24.30 38.73
CA ASN X 105 -34.84 24.69 37.32
C ASN X 105 -33.39 24.76 36.86
N ILE X 106 -33.16 24.46 35.59
CA ILE X 106 -31.81 24.29 35.05
C ILE X 106 -31.09 25.64 34.96
N PRO X 107 -29.90 25.77 35.53
CA PRO X 107 -29.10 26.98 35.29
C PRO X 107 -28.55 26.96 33.88
N LEU X 108 -28.18 28.14 33.38
CA LEU X 108 -27.81 28.24 31.97
C LEU X 108 -26.40 27.69 31.75
N LYS X 109 -25.60 27.63 32.81
CA LYS X 109 -24.22 27.13 32.72
C LYS X 109 -24.16 25.64 32.43
N HIS X 110 -24.86 24.83 33.25
CA HIS X 110 -24.98 23.40 32.98
C HIS X 110 -25.60 23.11 31.63
N LEU X 111 -26.57 23.90 31.20
CA LEU X 111 -27.21 23.65 29.91
C LEU X 111 -26.24 23.93 28.78
N ALA X 112 -25.42 24.98 28.93
CA ALA X 112 -24.40 25.27 27.94
C ALA X 112 -23.33 24.19 27.89
N ASP X 113 -22.96 23.62 29.05
CA ASP X 113 -21.99 22.53 29.05
C ASP X 113 -22.57 21.28 28.41
N ARG X 114 -23.78 20.88 28.81
CA ARG X 114 -24.31 19.60 28.37
C ARG X 114 -24.71 19.64 26.89
N VAL X 115 -25.01 20.83 26.36
CA VAL X 115 -25.22 20.90 24.92
C VAL X 115 -23.90 20.99 24.17
N ALA X 116 -22.98 21.79 24.70
CA ALA X 116 -21.73 22.04 23.98
C ALA X 116 -20.83 20.81 23.95
N MET X 117 -21.01 19.90 24.91
CA MET X 117 -20.25 18.65 24.85
C MET X 117 -20.83 17.70 23.81
N TYR X 118 -22.09 17.86 23.46
CA TYR X 118 -22.62 17.08 22.34
C TYR X 118 -22.16 17.65 21.01
N VAL X 119 -22.19 18.98 20.89
CA VAL X 119 -21.72 19.63 19.66
C VAL X 119 -20.24 19.35 19.44
N HIS X 120 -19.47 19.28 20.53
CA HIS X 120 -18.10 18.79 20.44
C HIS X 120 -18.06 17.30 20.18
N ALA X 121 -19.02 16.54 20.70
CA ALA X 121 -18.97 15.08 20.61
C ALA X 121 -19.25 14.61 19.19
N TYR X 122 -19.82 15.47 18.35
CA TYR X 122 -19.90 15.12 16.94
C TYR X 122 -18.76 15.69 16.11
N THR X 123 -17.61 16.02 16.71
CA THR X 123 -16.44 16.42 15.94
C THR X 123 -15.23 15.54 16.21
N LEU X 124 -15.45 14.30 16.64
CA LEU X 124 -14.35 13.40 16.99
C LEU X 124 -14.37 12.11 16.19
N TYR X 125 -15.35 11.91 15.34
CA TYR X 125 -15.48 10.64 14.65
C TYR X 125 -15.79 10.89 13.19
N SER X 126 -15.48 9.91 12.35
CA SER X 126 -15.96 9.97 10.97
C SER X 126 -17.27 9.22 10.82
N ALA X 127 -17.88 8.83 11.95
CA ALA X 127 -19.24 8.32 11.91
C ALA X 127 -20.22 9.40 11.52
N VAL X 128 -20.07 10.59 12.10
CA VAL X 128 -20.99 11.67 11.89
C VAL X 128 -20.24 12.82 11.25
N ARG X 129 -20.95 13.90 10.96
CA ARG X 129 -20.33 15.14 10.55
C ARG X 129 -20.43 16.13 11.70
N PRO X 130 -19.57 17.13 11.75
CA PRO X 130 -19.79 18.23 12.69
C PRO X 130 -21.04 19.01 12.32
N PHE X 131 -21.73 19.50 13.34
CA PHE X 131 -22.94 20.28 13.15
C PHE X 131 -22.65 21.58 12.41
N GLY X 132 -23.71 22.14 11.84
CA GLY X 132 -23.61 23.37 11.09
C GLY X 132 -24.56 24.41 11.65
N CYS X 133 -24.66 24.48 12.97
CA CYS X 133 -25.62 25.35 13.63
C CYS X 133 -24.96 26.12 14.75
N SER X 134 -25.45 27.33 14.96
CA SER X 134 -25.01 28.17 16.06
C SER X 134 -26.24 28.88 16.61
N PHE X 135 -26.30 29.01 17.93
CA PHE X 135 -27.52 29.44 18.58
C PHE X 135 -27.21 30.24 19.83
N MET X 136 -28.17 31.06 20.21
CA MET X 136 -28.11 31.88 21.40
C MET X 136 -28.87 31.18 22.51
N LEU X 137 -28.56 31.55 23.76
CA LEU X 137 -29.30 31.04 24.90
C LEU X 137 -29.51 32.16 25.91
N GLY X 138 -30.75 32.61 26.03
CA GLY X 138 -31.09 33.67 26.96
C GLY X 138 -31.96 33.16 28.08
N SER X 139 -31.78 33.76 29.26
CA SER X 139 -32.46 33.29 30.47
C SER X 139 -32.47 34.35 31.56
N TYR X 140 -33.34 34.18 32.55
CA TYR X 140 -33.33 35.03 33.72
C TYR X 140 -33.94 34.32 34.92
N SER X 141 -33.22 34.39 36.04
CA SER X 141 -33.73 33.95 37.33
C SER X 141 -33.23 34.91 38.38
N VAL X 142 -34.03 35.07 39.44
CA VAL X 142 -33.78 36.11 40.43
C VAL X 142 -32.57 35.78 41.29
N ASN X 143 -32.28 34.49 41.47
CA ASN X 143 -31.06 34.08 42.16
C ASN X 143 -29.90 33.91 41.19
N ASP X 144 -30.13 34.19 39.90
CA ASP X 144 -29.12 33.97 38.87
C ASP X 144 -28.76 35.25 38.11
N GLY X 145 -29.75 36.03 37.71
CA GLY X 145 -29.49 37.14 36.81
C GLY X 145 -29.57 36.70 35.36
N ALA X 146 -29.46 37.67 34.47
CA ALA X 146 -29.58 37.37 33.05
C ALA X 146 -28.24 36.96 32.48
N GLN X 147 -28.19 35.75 31.92
CA GLN X 147 -27.00 35.27 31.23
C GLN X 147 -27.31 35.04 29.77
N LEU X 148 -26.29 35.19 28.94
CA LEU X 148 -26.43 35.03 27.50
C LEU X 148 -25.22 34.29 26.96
N TYR X 149 -25.46 33.05 26.52
CA TYR X 149 -24.38 32.20 26.07
C TYR X 149 -24.49 31.95 24.58
N MET X 150 -23.37 31.59 24.00
CA MET X 150 -23.15 31.54 22.56
C MET X 150 -22.40 30.26 22.22
N ILE X 151 -23.04 29.39 21.43
CA ILE X 151 -22.45 28.12 21.04
C ILE X 151 -22.23 28.14 19.54
N ASP X 152 -21.01 27.87 19.13
CA ASP X 152 -20.60 27.77 17.73
C ASP X 152 -20.63 26.31 17.30
N PRO X 153 -20.51 26.01 16.00
CA PRO X 153 -20.42 24.60 15.60
C PRO X 153 -19.17 23.88 16.07
N SER X 154 -18.12 24.58 16.49
CA SER X 154 -16.93 23.90 16.95
C SER X 154 -17.10 23.31 18.34
N GLY X 155 -17.98 23.89 19.16
CA GLY X 155 -18.17 23.43 20.51
C GLY X 155 -17.77 24.42 21.58
N VAL X 156 -17.35 25.62 21.21
CA VAL X 156 -16.93 26.61 22.19
C VAL X 156 -18.17 27.32 22.72
N SER X 157 -18.33 27.32 24.03
CA SER X 157 -19.45 28.00 24.68
C SER X 157 -18.88 28.99 25.67
N TYR X 158 -19.30 30.25 25.57
CA TYR X 158 -18.82 31.29 26.48
C TYR X 158 -19.89 32.36 26.56
N GLY X 159 -19.54 33.51 27.12
CA GLY X 159 -20.56 34.47 27.48
C GLY X 159 -20.40 35.86 26.94
N TYR X 160 -21.45 36.37 26.30
CA TYR X 160 -21.48 37.73 25.81
C TYR X 160 -22.41 38.58 26.65
N TRP X 161 -22.20 39.90 26.56
CA TRP X 161 -23.31 40.80 26.79
C TRP X 161 -24.17 40.89 25.54
N GLY X 162 -23.54 40.86 24.36
CA GLY X 162 -24.25 40.88 23.11
C GLY X 162 -23.54 40.16 21.99
N CYS X 163 -24.30 39.54 21.06
CA CYS X 163 -23.70 38.83 19.95
C CYS X 163 -24.52 38.95 18.68
N ALA X 164 -23.96 38.44 17.59
CA ALA X 164 -24.59 38.47 16.27
C ALA X 164 -24.10 37.29 15.44
N ILE X 165 -25.03 36.63 14.74
CA ILE X 165 -24.74 35.46 13.94
C ILE X 165 -25.43 35.61 12.59
N GLY X 166 -24.65 35.59 11.51
CA GLY X 166 -25.21 35.62 10.17
C GLY X 166 -24.22 36.08 9.13
N LYS X 167 -24.76 36.40 7.95
CA LYS X 167 -23.98 37.03 6.88
C LYS X 167 -23.46 38.36 7.34
N ALA X 168 -24.38 39.29 7.52
CA ALA X 168 -24.08 40.58 8.10
C ALA X 168 -23.87 40.37 9.58
N ARG X 169 -22.65 40.00 9.95
CA ARG X 169 -22.32 39.66 11.33
C ARG X 169 -21.50 40.78 11.95
N GLN X 170 -20.40 41.17 11.32
CA GLN X 170 -19.53 42.20 11.87
C GLN X 170 -20.21 43.56 11.84
N ALA X 171 -20.92 43.85 10.75
CA ALA X 171 -21.64 45.11 10.66
C ALA X 171 -22.81 45.16 11.64
N ALA X 172 -23.35 44.00 12.03
CA ALA X 172 -24.44 43.99 12.98
C ALA X 172 -23.96 43.86 14.42
N LYS X 173 -22.67 43.63 14.64
CA LYS X 173 -22.13 43.75 15.98
C LYS X 173 -21.21 44.94 16.12
N THR X 174 -21.13 45.79 15.10
CA THR X 174 -20.34 47.01 15.21
C THR X 174 -21.03 48.01 16.14
N GLU X 175 -22.34 48.12 16.02
CA GLU X 175 -23.11 49.17 16.67
C GLU X 175 -23.50 48.83 18.11
N ILE X 176 -23.29 47.59 18.56
CA ILE X 176 -23.79 47.20 19.87
C ILE X 176 -22.97 47.87 20.97
N GLU X 177 -21.72 48.23 20.67
CA GLU X 177 -20.90 48.95 21.64
C GLU X 177 -21.37 50.39 21.81
N LYS X 178 -22.20 50.90 20.91
CA LYS X 178 -22.83 52.20 21.14
C LYS X 178 -23.84 52.12 22.27
N LEU X 179 -24.60 51.04 22.35
CA LEU X 179 -25.58 50.86 23.42
C LEU X 179 -24.90 50.59 24.74
N GLN X 180 -25.64 50.79 25.82
CA GLN X 180 -25.15 50.56 27.17
C GLN X 180 -25.98 49.46 27.82
N MET X 181 -25.30 48.39 28.22
CA MET X 181 -25.98 47.28 28.86
C MET X 181 -26.42 47.62 30.28
N LYS X 182 -25.58 48.35 31.02
CA LYS X 182 -25.69 48.39 32.47
C LYS X 182 -26.93 49.17 32.94
N GLU X 183 -27.25 50.27 32.28
CA GLU X 183 -28.30 51.14 32.78
C GLU X 183 -29.67 50.85 32.17
N MET X 184 -29.72 50.42 30.91
CA MET X 184 -30.97 50.46 30.16
C MET X 184 -31.94 49.38 30.61
N THR X 185 -33.22 49.72 30.57
CA THR X 185 -34.31 48.77 30.73
C THR X 185 -34.53 48.08 29.40
N CYS X 186 -34.93 46.81 29.45
CA CYS X 186 -35.09 46.02 28.23
C CYS X 186 -36.25 46.51 27.36
N ARG X 187 -37.21 47.21 27.96
CA ARG X 187 -38.32 47.76 27.17
C ARG X 187 -37.83 48.80 26.17
N ASP X 188 -36.78 49.53 26.52
CA ASP X 188 -36.09 50.31 25.50
C ASP X 188 -35.32 49.41 24.53
N ILE X 189 -34.69 48.35 25.06
CA ILE X 189 -33.75 47.55 24.29
C ILE X 189 -34.44 46.80 23.15
N VAL X 190 -35.77 46.64 23.24
CA VAL X 190 -36.54 46.07 22.13
C VAL X 190 -36.43 46.92 20.87
N LYS X 191 -36.84 48.19 20.95
CA LYS X 191 -36.68 49.08 19.80
C LYS X 191 -35.21 49.41 19.54
N GLU X 192 -34.37 49.32 20.58
CA GLU X 192 -32.94 49.52 20.38
C GLU X 192 -32.29 48.34 19.66
N VAL X 193 -32.98 47.21 19.55
CA VAL X 193 -32.54 46.14 18.66
C VAL X 193 -33.12 46.34 17.27
N ALA X 194 -34.41 46.66 17.23
CA ALA X 194 -35.14 46.70 15.97
C ALA X 194 -34.67 47.83 15.07
N LYS X 195 -34.03 48.85 15.64
CA LYS X 195 -33.51 49.92 14.80
C LYS X 195 -32.36 49.45 13.93
N ILE X 196 -31.48 48.57 14.42
CA ILE X 196 -30.35 48.22 13.58
C ILE X 196 -30.60 46.92 12.84
N ILE X 197 -31.51 46.09 13.37
CA ILE X 197 -31.99 44.98 12.53
C ILE X 197 -32.71 45.53 11.32
N TYR X 198 -33.40 46.66 11.47
CA TYR X 198 -33.89 47.35 10.29
C TYR X 198 -32.76 48.04 9.53
N ILE X 199 -31.70 48.49 10.22
CA ILE X 199 -30.62 49.17 9.51
C ILE X 199 -29.71 48.17 8.78
N VAL X 200 -29.31 47.09 9.44
CA VAL X 200 -28.41 46.13 8.79
C VAL X 200 -29.23 45.33 7.78
N HIS X 201 -28.55 44.61 6.88
CA HIS X 201 -29.15 43.90 5.75
C HIS X 201 -29.94 44.84 4.86
N ASP X 202 -29.24 45.72 4.15
CA ASP X 202 -29.88 46.68 3.26
C ASP X 202 -30.63 45.98 2.13
N GLU X 203 -31.71 46.60 1.67
CA GLU X 203 -32.76 45.95 0.89
C GLU X 203 -32.40 45.76 -0.59
N VAL X 204 -31.15 45.98 -0.99
CA VAL X 204 -30.78 45.72 -2.38
C VAL X 204 -30.53 44.23 -2.58
N LYS X 205 -30.07 43.53 -1.53
CA LYS X 205 -29.83 42.10 -1.62
C LYS X 205 -31.16 41.33 -1.69
N ASP X 206 -31.98 41.45 -0.66
CA ASP X 206 -33.33 40.88 -0.65
C ASP X 206 -34.32 42.04 -0.60
N LYS X 207 -35.43 41.90 -1.33
CA LYS X 207 -36.36 43.02 -1.47
C LYS X 207 -37.11 43.28 -0.18
N ALA X 208 -37.62 42.22 0.45
CA ALA X 208 -38.40 42.34 1.68
C ALA X 208 -37.86 41.41 2.75
N PHE X 209 -38.34 41.62 3.97
CA PHE X 209 -37.94 40.82 5.12
C PHE X 209 -39.05 40.92 6.16
N GLU X 210 -38.84 40.26 7.30
CA GLU X 210 -39.81 40.26 8.38
C GLU X 210 -39.07 39.97 9.67
N LEU X 211 -39.53 40.57 10.76
CA LEU X 211 -38.80 40.60 12.02
C LEU X 211 -39.48 39.74 13.09
N GLU X 212 -38.69 38.95 13.81
CA GLU X 212 -39.12 38.33 15.06
C GLU X 212 -38.36 38.91 16.24
N LEU X 213 -39.04 38.99 17.39
CA LEU X 213 -38.44 39.45 18.62
C LEU X 213 -38.91 38.56 19.75
N SER X 214 -37.97 38.09 20.58
CA SER X 214 -38.34 37.28 21.73
C SER X 214 -37.62 37.80 22.95
N TRP X 215 -38.33 37.81 24.07
CA TRP X 215 -37.92 38.65 25.18
C TRP X 215 -38.23 37.96 26.50
N VAL X 216 -37.17 37.60 27.22
CA VAL X 216 -37.27 36.99 28.54
C VAL X 216 -36.56 37.90 29.53
N GLY X 217 -37.12 37.98 30.72
CA GLY X 217 -36.46 38.71 31.77
C GLY X 217 -37.39 38.91 32.95
N GLU X 218 -37.13 39.98 33.69
CA GLU X 218 -37.87 40.24 34.92
C GLU X 218 -39.30 40.66 34.64
N LEU X 219 -39.57 41.38 33.55
CA LEU X 219 -40.92 41.85 33.27
C LEU X 219 -41.84 40.73 32.88
N THR X 220 -41.34 39.71 32.19
CA THR X 220 -42.14 38.55 31.84
C THR X 220 -42.22 37.53 32.97
N ASN X 221 -41.56 37.80 34.11
CA ASN X 221 -41.58 36.98 35.32
C ASN X 221 -41.05 35.57 35.05
N GLY X 222 -39.86 35.49 34.49
CA GLY X 222 -39.19 34.22 34.29
C GLY X 222 -39.60 33.46 33.06
N ARG X 223 -40.87 33.53 32.64
CA ARG X 223 -41.33 32.81 31.47
C ARG X 223 -40.77 33.47 30.21
N HIS X 224 -40.26 32.67 29.30
CA HIS X 224 -39.81 33.16 28.00
C HIS X 224 -40.93 33.04 27.00
N GLU X 225 -41.22 34.15 26.31
CA GLU X 225 -42.19 34.09 25.23
C GLU X 225 -41.84 35.13 24.19
N ILE X 226 -42.45 34.97 23.01
CA ILE X 226 -42.38 35.98 21.98
C ILE X 226 -43.20 37.19 22.42
N VAL X 227 -42.67 38.39 22.18
CA VAL X 227 -43.50 39.58 22.41
C VAL X 227 -44.58 39.63 21.34
N PRO X 228 -45.76 40.14 21.66
CA PRO X 228 -46.76 40.32 20.61
C PRO X 228 -46.31 41.46 19.71
N LYS X 229 -45.88 41.09 18.50
CA LYS X 229 -45.20 42.01 17.60
C LYS X 229 -46.10 43.17 17.18
N ASP X 230 -47.40 42.90 17.07
CA ASP X 230 -48.39 43.96 16.94
C ASP X 230 -48.46 44.86 18.16
N ILE X 231 -48.35 44.32 19.37
CA ILE X 231 -48.52 45.09 20.59
C ILE X 231 -47.30 45.96 20.82
N ARG X 232 -47.55 47.27 20.95
CA ARG X 232 -46.69 48.44 21.09
C ARG X 232 -45.97 48.80 19.80
N GLU X 233 -45.85 47.82 18.89
CA GLU X 233 -45.33 47.91 17.50
C GLU X 233 -44.17 48.90 17.36
N GLU X 234 -43.24 48.84 18.31
CA GLU X 234 -42.30 49.94 18.49
C GLU X 234 -41.23 49.94 17.42
N ALA X 235 -41.09 48.82 16.72
CA ALA X 235 -40.03 48.59 15.75
C ALA X 235 -40.10 49.56 14.58
N GLU X 236 -41.14 49.43 13.76
CA GLU X 236 -41.15 50.15 12.50
C GLU X 236 -41.56 51.60 12.69
N LYS X 237 -42.21 51.90 13.81
CA LYS X 237 -42.49 53.28 14.19
C LYS X 237 -41.21 54.07 14.38
N TYR X 238 -40.18 53.42 14.92
CA TYR X 238 -38.88 54.05 14.97
C TYR X 238 -38.09 53.83 13.69
N ALA X 239 -38.34 52.71 13.00
CA ALA X 239 -37.45 52.29 11.93
C ALA X 239 -37.67 53.07 10.65
N LYS X 240 -38.92 53.42 10.33
CA LYS X 240 -39.15 54.31 9.21
C LYS X 240 -38.67 55.72 9.49
N GLU X 241 -38.59 56.10 10.77
CA GLU X 241 -38.08 57.39 11.18
C GLU X 241 -36.58 57.36 11.45
N SER X 242 -35.90 56.27 11.14
CA SER X 242 -34.48 56.13 11.38
C SER X 242 -33.66 56.12 10.10
N LEU X 243 -34.26 56.42 8.95
CA LEU X 243 -33.49 56.39 7.71
C LEU X 243 -32.63 57.63 7.52
N LYS X 244 -33.08 58.79 7.99
CA LYS X 244 -32.35 60.03 7.76
C LYS X 244 -31.18 60.22 8.72
N THR Y 1 -30.91 5.34 65.98
CA THR Y 1 -32.31 4.97 66.12
C THR Y 1 -33.15 6.24 66.23
N THR Y 2 -33.23 6.82 67.40
CA THR Y 2 -34.09 7.97 67.61
C THR Y 2 -33.39 9.24 67.16
N ILE Y 3 -33.91 9.88 66.13
CA ILE Y 3 -33.26 11.05 65.56
C ILE Y 3 -34.17 12.25 65.72
N MET Y 4 -33.60 13.43 65.46
CA MET Y 4 -34.24 14.69 65.81
C MET Y 4 -33.68 15.76 64.88
N ALA Y 5 -34.54 16.67 64.43
CA ALA Y 5 -34.12 17.72 63.51
C ALA Y 5 -35.05 18.90 63.65
N VAL Y 6 -34.60 19.96 64.31
CA VAL Y 6 -35.39 21.17 64.53
C VAL Y 6 -34.65 22.33 63.87
N GLN Y 7 -35.39 23.17 63.16
CA GLN Y 7 -34.84 24.40 62.62
C GLN Y 7 -35.14 25.56 63.56
N PHE Y 8 -34.42 26.66 63.36
CA PHE Y 8 -34.65 27.89 64.11
C PHE Y 8 -34.35 29.03 63.14
N ASP Y 9 -34.14 30.23 63.70
CA ASP Y 9 -33.88 31.43 62.89
C ASP Y 9 -32.61 31.30 62.09
N GLY Y 10 -31.47 31.13 62.75
CA GLY Y 10 -30.19 31.18 62.07
C GLY Y 10 -29.75 29.88 61.43
N GLY Y 11 -30.54 28.83 61.57
CA GLY Y 11 -30.14 27.56 61.01
C GLY Y 11 -31.00 26.44 61.58
N VAL Y 12 -30.39 25.26 61.66
CA VAL Y 12 -31.07 24.07 62.14
C VAL Y 12 -30.29 23.46 63.29
N VAL Y 13 -30.96 22.58 64.03
CA VAL Y 13 -30.35 21.81 65.10
C VAL Y 13 -30.68 20.36 64.84
N LEU Y 14 -29.67 19.50 64.83
CA LEU Y 14 -29.91 18.07 64.70
C LEU Y 14 -29.60 17.38 66.02
N GLY Y 15 -29.89 16.09 66.07
CA GLY Y 15 -29.65 15.33 67.27
C GLY Y 15 -30.10 13.89 67.08
N ALA Y 16 -29.36 12.99 67.70
CA ALA Y 16 -29.68 11.56 67.62
C ALA Y 16 -29.08 10.85 68.82
N ASP Y 17 -29.59 9.65 69.06
CA ASP Y 17 -28.94 8.74 69.99
C ASP Y 17 -27.91 7.93 69.23
N SER Y 18 -27.43 6.84 69.82
CA SER Y 18 -26.33 6.09 69.23
C SER Y 18 -26.53 4.58 69.27
N ARG Y 19 -27.36 4.10 70.19
CA ARG Y 19 -27.38 2.67 70.51
C ARG Y 19 -28.06 1.87 69.41
N THR Y 20 -27.28 1.05 68.71
CA THR Y 20 -27.71 0.36 67.51
C THR Y 20 -28.04 -1.09 67.84
N THR Y 21 -29.31 -1.45 67.63
CA THR Y 21 -29.85 -2.72 68.09
C THR Y 21 -29.88 -3.74 66.97
N THR Y 22 -29.24 -4.87 67.19
CA THR Y 22 -29.39 -6.04 66.32
C THR Y 22 -29.89 -7.21 67.16
N GLY Y 23 -31.16 -7.58 66.92
CA GLY Y 23 -31.80 -8.55 67.79
C GLY Y 23 -32.05 -7.94 69.17
N SER Y 24 -31.97 -8.78 70.19
CA SER Y 24 -32.02 -8.29 71.56
C SER Y 24 -30.63 -8.05 72.13
N TYR Y 25 -29.68 -7.69 71.28
CA TYR Y 25 -28.31 -7.45 71.71
C TYR Y 25 -27.82 -6.12 71.17
N ILE Y 26 -26.96 -5.46 71.94
CA ILE Y 26 -26.36 -4.21 71.51
C ILE Y 26 -24.94 -4.48 71.07
N ALA Y 27 -24.70 -4.39 69.75
CA ALA Y 27 -23.37 -4.70 69.24
C ALA Y 27 -22.54 -3.43 69.08
N ASN Y 28 -23.14 -2.27 69.30
CA ASN Y 28 -22.41 -1.02 69.22
C ASN Y 28 -23.10 0.03 70.07
N ARG Y 29 -22.38 0.52 71.07
CA ARG Y 29 -22.93 1.58 71.92
C ARG Y 29 -23.04 2.90 71.16
N VAL Y 30 -21.89 3.46 70.79
CA VAL Y 30 -21.81 4.81 70.29
C VAL Y 30 -21.51 4.76 68.79
N THR Y 31 -22.30 5.48 67.99
CA THR Y 31 -22.26 5.38 66.54
C THR Y 31 -22.63 6.73 65.96
N ASP Y 32 -21.92 7.13 64.89
CA ASP Y 32 -22.23 8.34 64.15
C ASP Y 32 -23.52 8.09 63.38
N LYS Y 33 -24.65 8.46 63.98
CA LYS Y 33 -25.90 8.40 63.23
C LYS Y 33 -26.04 9.54 62.23
N LEU Y 34 -25.68 10.75 62.62
CA LEU Y 34 -25.73 11.87 61.70
C LEU Y 34 -24.45 11.92 60.88
N THR Y 35 -24.59 12.23 59.60
CA THR Y 35 -23.50 12.05 58.65
C THR Y 35 -23.30 13.30 57.80
N PRO Y 36 -22.08 13.82 57.68
CA PRO Y 36 -21.75 14.99 56.85
C PRO Y 36 -21.67 14.73 55.34
N ILE Y 37 -22.79 14.91 54.64
CA ILE Y 37 -22.77 14.84 53.17
C ILE Y 37 -21.89 15.94 52.63
N HIS Y 38 -22.25 17.18 52.91
CA HIS Y 38 -21.48 18.34 52.49
C HIS Y 38 -21.16 19.14 53.75
N ASP Y 39 -20.62 20.35 53.58
CA ASP Y 39 -20.18 21.11 54.75
C ASP Y 39 -21.35 21.72 55.50
N ARG Y 40 -22.52 21.84 54.86
CA ARG Y 40 -23.65 22.49 55.48
C ARG Y 40 -24.89 21.62 55.53
N ILE Y 41 -24.81 20.37 55.07
CA ILE Y 41 -25.99 19.52 54.88
C ILE Y 41 -25.73 18.20 55.60
N PHE Y 42 -26.57 17.87 56.57
CA PHE Y 42 -26.47 16.60 57.26
C PHE Y 42 -27.65 15.70 56.92
N CYS Y 43 -27.44 14.40 57.14
CA CYS Y 43 -28.54 13.45 57.21
C CYS Y 43 -28.27 12.56 58.41
N CYS Y 44 -29.34 12.24 59.13
CA CYS Y 44 -29.29 11.29 60.23
C CYS Y 44 -30.20 10.13 59.90
N ARG Y 45 -29.66 8.92 59.95
CA ARG Y 45 -30.25 7.79 59.28
C ARG Y 45 -30.92 6.84 60.27
N SER Y 46 -31.95 6.14 59.80
CA SER Y 46 -32.76 5.28 60.67
C SER Y 46 -33.18 4.04 59.90
N GLY Y 47 -33.55 3.01 60.64
CA GLY Y 47 -33.93 1.75 60.04
C GLY Y 47 -32.75 0.82 59.89
N SER Y 48 -32.60 0.20 58.72
CA SER Y 48 -31.46 -0.64 58.45
C SER Y 48 -30.19 0.20 58.37
N ALA Y 49 -29.05 -0.42 58.66
CA ALA Y 49 -27.81 0.34 58.71
C ALA Y 49 -27.07 0.31 57.38
N ALA Y 50 -26.97 -0.88 56.76
CA ALA Y 50 -26.19 -1.02 55.53
C ALA Y 50 -26.84 -0.28 54.38
N ASP Y 51 -28.18 -0.30 54.34
CA ASP Y 51 -28.92 0.37 53.27
C ASP Y 51 -28.71 1.87 53.32
N THR Y 52 -28.86 2.45 54.50
CA THR Y 52 -28.72 3.89 54.64
C THR Y 52 -27.26 4.33 54.49
N GLN Y 53 -26.31 3.45 54.82
CA GLN Y 53 -24.91 3.77 54.58
C GLN Y 53 -24.61 3.83 53.08
N ALA Y 54 -25.12 2.86 52.33
CA ALA Y 54 -24.88 2.85 50.89
C ALA Y 54 -25.58 4.01 50.20
N VAL Y 55 -26.79 4.35 50.67
CA VAL Y 55 -27.53 5.46 50.07
C VAL Y 55 -26.85 6.79 50.39
N ALA Y 56 -26.40 6.97 51.64
CA ALA Y 56 -25.73 8.22 52.00
C ALA Y 56 -24.40 8.39 51.27
N ASP Y 57 -23.68 7.27 51.04
CA ASP Y 57 -22.44 7.36 50.28
C ASP Y 57 -22.70 7.71 48.82
N ALA Y 58 -23.75 7.14 48.23
CA ALA Y 58 -24.01 7.41 46.81
C ALA Y 58 -24.51 8.84 46.61
N VAL Y 59 -25.32 9.34 47.55
CA VAL Y 59 -25.76 10.73 47.48
C VAL Y 59 -24.59 11.68 47.67
N THR Y 60 -23.64 11.30 48.54
CA THR Y 60 -22.41 12.08 48.71
C THR Y 60 -21.61 12.13 47.41
N TYR Y 61 -21.62 11.03 46.65
CA TYR Y 61 -20.98 11.01 45.34
C TYR Y 61 -21.64 11.97 44.37
N GLN Y 62 -22.95 11.82 44.14
CA GLN Y 62 -23.62 12.60 43.10
C GLN Y 62 -23.72 14.09 43.43
N LEU Y 63 -24.02 14.39 44.70
CA LEU Y 63 -24.03 15.78 45.13
C LEU Y 63 -22.63 16.37 45.15
N GLY Y 64 -21.61 15.55 45.39
CA GLY Y 64 -20.25 16.05 45.32
C GLY Y 64 -19.86 16.45 43.91
N PHE Y 65 -20.11 15.56 42.95
CA PHE Y 65 -19.77 15.82 41.56
C PHE Y 65 -20.55 17.01 40.99
N HIS Y 66 -21.85 17.06 41.26
CA HIS Y 66 -22.66 18.18 40.81
C HIS Y 66 -22.25 19.49 41.49
N SER Y 67 -21.96 19.43 42.78
CA SER Y 67 -21.60 20.61 43.54
C SER Y 67 -20.27 21.19 43.11
N ILE Y 68 -19.34 20.34 42.66
CA ILE Y 68 -18.11 20.85 42.05
C ILE Y 68 -18.40 21.43 40.68
N GLU Y 69 -19.27 20.76 39.91
CA GLU Y 69 -19.49 21.18 38.54
C GLU Y 69 -20.22 22.52 38.44
N LEU Y 70 -21.02 22.88 39.44
CA LEU Y 70 -21.49 24.25 39.53
C LEU Y 70 -20.38 25.21 39.93
N ASN Y 71 -19.47 24.72 40.78
CA ASN Y 71 -18.59 25.54 41.62
C ASN Y 71 -19.39 26.62 42.34
N GLU Y 72 -20.46 26.20 43.00
CA GLU Y 72 -21.32 26.99 43.86
C GLU Y 72 -21.75 26.10 45.02
N PRO Y 73 -22.21 26.68 46.13
CA PRO Y 73 -22.76 25.86 47.22
C PRO Y 73 -24.06 25.19 46.80
N PRO Y 74 -24.31 23.97 47.26
CA PRO Y 74 -25.51 23.25 46.85
C PRO Y 74 -26.71 23.58 47.72
N LEU Y 75 -27.88 23.57 47.09
CA LEU Y 75 -29.13 23.74 47.82
C LEU Y 75 -29.45 22.49 48.62
N VAL Y 76 -30.29 22.63 49.65
CA VAL Y 76 -30.65 21.47 50.46
C VAL Y 76 -31.64 20.59 49.70
N HIS Y 77 -32.51 21.22 48.90
CA HIS Y 77 -33.50 20.48 48.13
C HIS Y 77 -32.83 19.66 47.03
N THR Y 78 -31.64 20.09 46.59
CA THR Y 78 -30.83 19.28 45.69
C THR Y 78 -30.42 17.97 46.36
N ALA Y 79 -30.11 18.03 47.65
CA ALA Y 79 -29.77 16.80 48.36
C ALA Y 79 -31.00 15.96 48.63
N ALA Y 80 -32.12 16.60 48.92
CA ALA Y 80 -33.34 15.85 49.26
C ALA Y 80 -33.93 15.15 48.04
N SER Y 81 -33.78 15.75 46.85
CA SER Y 81 -34.32 15.14 45.65
C SER Y 81 -33.60 13.84 45.31
N LEU Y 82 -32.32 13.76 45.64
CA LEU Y 82 -31.57 12.55 45.34
C LEU Y 82 -31.95 11.40 46.26
N PHE Y 83 -32.19 11.69 47.54
CA PHE Y 83 -32.73 10.68 48.44
C PHE Y 83 -34.13 10.26 48.02
N LYS Y 84 -34.91 11.20 47.47
CA LYS Y 84 -36.22 10.83 46.96
C LYS Y 84 -36.11 9.89 45.77
N GLU Y 85 -35.13 10.12 44.90
CA GLU Y 85 -34.99 9.27 43.71
C GLU Y 85 -34.44 7.89 44.07
N MET Y 86 -33.41 7.84 44.91
CA MET Y 86 -32.83 6.53 45.23
C MET Y 86 -33.71 5.74 46.16
N CYS Y 87 -34.33 6.39 47.14
CA CYS Y 87 -35.21 5.67 48.06
C CYS Y 87 -36.50 5.25 47.38
N TYR Y 88 -36.99 6.07 46.45
CA TYR Y 88 -38.23 5.71 45.76
C TYR Y 88 -37.99 4.64 44.70
N ARG Y 89 -36.89 4.73 43.96
CA ARG Y 89 -36.67 3.83 42.83
C ARG Y 89 -36.40 2.40 43.30
N TYR Y 90 -35.84 2.25 44.49
CA TYR Y 90 -35.53 0.94 45.04
C TYR Y 90 -36.27 0.67 46.34
N ARG Y 91 -37.57 0.96 46.41
CA ARG Y 91 -38.27 0.92 47.68
C ARG Y 91 -38.58 -0.51 48.11
N GLU Y 92 -38.37 -1.48 47.22
CA GLU Y 92 -38.73 -2.85 47.55
C GLU Y 92 -37.70 -3.49 48.48
N ASP Y 93 -36.51 -2.91 48.58
CA ASP Y 93 -35.46 -3.54 49.38
C ASP Y 93 -34.96 -2.60 50.47
N LEU Y 94 -34.90 -1.31 50.20
CA LEU Y 94 -34.30 -0.40 51.14
C LEU Y 94 -35.27 -0.05 52.26
N MET Y 95 -34.71 0.20 53.44
CA MET Y 95 -35.46 0.68 54.59
C MET Y 95 -34.74 1.89 55.16
N ALA Y 96 -35.02 3.04 54.58
CA ALA Y 96 -34.25 4.25 54.86
C ALA Y 96 -35.09 5.20 55.70
N GLY Y 97 -34.59 5.54 56.87
CA GLY Y 97 -35.23 6.51 57.75
C GLY Y 97 -34.53 7.85 57.70
N ILE Y 98 -34.19 8.31 56.50
CA ILE Y 98 -33.33 9.46 56.33
C ILE Y 98 -34.09 10.74 56.66
N ILE Y 99 -33.43 11.66 57.36
CA ILE Y 99 -33.91 13.02 57.52
C ILE Y 99 -32.78 13.97 57.14
N ILE Y 100 -32.99 14.74 56.08
CA ILE Y 100 -31.98 15.64 55.54
C ILE Y 100 -32.22 17.01 56.15
N ALA Y 101 -31.18 17.63 56.67
CA ALA Y 101 -31.32 18.94 57.28
C ALA Y 101 -30.05 19.75 57.08
N GLY Y 102 -30.19 21.06 56.97
CA GLY Y 102 -29.02 21.91 56.88
C GLY Y 102 -29.34 23.32 56.48
N TRP Y 103 -28.47 24.23 56.90
CA TRP Y 103 -28.56 25.64 56.53
C TRP Y 103 -28.18 25.79 55.08
N ASP Y 104 -28.70 26.82 54.44
CA ASP Y 104 -28.38 27.12 53.05
C ASP Y 104 -28.22 28.63 52.93
N PRO Y 105 -27.30 29.12 52.09
CA PRO Y 105 -27.20 30.58 51.92
C PRO Y 105 -28.38 31.18 51.20
N GLN Y 106 -29.00 30.45 50.28
CA GLN Y 106 -30.01 31.04 49.44
C GLN Y 106 -31.36 31.06 50.15
N GLU Y 107 -31.61 30.09 51.03
CA GLU Y 107 -32.94 29.90 51.59
C GLU Y 107 -32.96 29.77 53.11
N GLY Y 108 -31.81 29.81 53.77
CA GLY Y 108 -31.87 29.67 55.21
C GLY Y 108 -32.01 28.22 55.64
N GLY Y 109 -32.49 28.03 56.87
CA GLY Y 109 -32.57 26.69 57.43
C GLY Y 109 -33.73 25.92 56.83
N GLN Y 110 -33.48 24.64 56.53
CA GLN Y 110 -34.49 23.75 55.97
C GLN Y 110 -34.30 22.37 56.57
N VAL Y 111 -35.41 21.67 56.79
CA VAL Y 111 -35.40 20.27 57.23
C VAL Y 111 -36.39 19.49 56.38
N TYR Y 112 -35.90 18.48 55.68
CA TYR Y 112 -36.74 17.60 54.88
C TYR Y 112 -36.78 16.23 55.53
N SER Y 113 -37.89 15.52 55.36
CA SER Y 113 -38.05 14.17 55.90
C SER Y 113 -38.24 13.18 54.76
N VAL Y 114 -37.64 12.00 54.92
CA VAL Y 114 -37.83 10.90 53.98
C VAL Y 114 -38.19 9.66 54.79
N PRO Y 115 -39.43 9.24 54.80
CA PRO Y 115 -39.77 7.97 55.47
C PRO Y 115 -39.50 6.77 54.57
N MET Y 116 -39.95 5.59 54.99
CA MET Y 116 -39.71 4.36 54.26
C MET Y 116 -40.33 4.35 52.87
N GLY Y 117 -41.46 5.04 52.70
CA GLY Y 117 -42.15 5.02 51.42
C GLY Y 117 -41.43 5.74 50.30
N GLY Y 118 -40.57 6.69 50.63
CA GLY Y 118 -39.84 7.43 49.62
C GLY Y 118 -40.38 8.80 49.31
N MET Y 119 -41.35 9.29 50.07
CA MET Y 119 -41.85 10.63 49.83
C MET Y 119 -40.95 11.67 50.49
N MET Y 120 -41.12 12.91 50.08
CA MET Y 120 -40.32 14.03 50.54
C MET Y 120 -41.26 15.16 50.94
N VAL Y 121 -41.09 15.66 52.16
CA VAL Y 121 -41.93 16.74 52.65
C VAL Y 121 -41.11 17.60 53.62
N ARG Y 122 -41.32 18.91 53.55
CA ARG Y 122 -40.66 19.84 54.45
C ARG Y 122 -41.39 19.85 55.79
N GLN Y 123 -40.63 19.90 56.87
CA GLN Y 123 -41.19 20.08 58.19
C GLN Y 123 -40.41 21.13 58.95
N SER Y 124 -41.08 21.75 59.93
CA SER Y 124 -40.37 22.65 60.83
C SER Y 124 -39.55 21.88 61.85
N PHE Y 125 -40.05 20.72 62.28
CA PHE Y 125 -39.32 19.84 63.16
C PHE Y 125 -39.64 18.40 62.78
N ALA Y 126 -38.64 17.53 62.84
CA ALA Y 126 -38.76 16.19 62.30
C ALA Y 126 -38.18 15.17 63.26
N ILE Y 127 -38.75 13.97 63.23
CA ILE Y 127 -38.50 12.91 64.19
C ILE Y 127 -38.64 11.56 63.49
N GLY Y 128 -37.76 10.63 63.86
CA GLY Y 128 -37.76 9.35 63.17
C GLY Y 128 -37.23 8.25 64.06
N GLY Y 129 -37.15 7.07 63.48
CA GLY Y 129 -36.69 5.93 64.25
C GLY Y 129 -37.81 5.33 65.07
N SER Y 130 -37.50 4.19 65.70
CA SER Y 130 -38.52 3.46 66.45
C SER Y 130 -38.87 4.17 67.74
N GLY Y 131 -37.95 4.97 68.27
CA GLY Y 131 -38.16 5.57 69.57
C GLY Y 131 -39.01 6.83 69.54
N SER Y 132 -39.22 7.39 68.34
CA SER Y 132 -39.88 8.68 68.22
C SER Y 132 -41.36 8.60 68.57
N SER Y 133 -41.92 7.40 68.52
CA SER Y 133 -43.31 7.14 68.88
C SER Y 133 -43.59 7.41 70.34
N TYR Y 134 -42.56 7.54 71.16
CA TYR Y 134 -42.76 7.78 72.58
C TYR Y 134 -42.56 9.24 72.94
N ILE Y 135 -42.16 10.07 71.98
CA ILE Y 135 -41.93 11.50 72.20
C ILE Y 135 -42.73 12.35 71.25
N TYR Y 136 -43.62 11.75 70.46
CA TYR Y 136 -44.64 12.50 69.71
C TYR Y 136 -45.40 13.49 70.60
N GLY Y 137 -45.84 13.04 71.77
CA GLY Y 137 -46.63 13.88 72.65
C GLY Y 137 -45.88 15.07 73.23
N TYR Y 138 -44.67 14.84 73.71
CA TYR Y 138 -43.86 15.92 74.26
C TYR Y 138 -43.39 16.89 73.19
N VAL Y 139 -43.06 16.40 72.00
CA VAL Y 139 -42.64 17.33 70.96
C VAL Y 139 -43.85 18.08 70.38
N ASP Y 140 -45.06 17.56 70.57
CA ASP Y 140 -46.23 18.34 70.19
C ASP Y 140 -46.49 19.51 71.11
N ALA Y 141 -46.39 19.31 72.41
CA ALA Y 141 -46.79 20.34 73.37
C ALA Y 141 -45.67 21.34 73.65
N THR Y 142 -44.43 20.86 73.79
CA THR Y 142 -43.37 21.75 74.23
C THR Y 142 -42.90 22.67 73.11
N TYR Y 143 -43.13 22.28 71.86
CA TYR Y 143 -42.68 23.08 70.72
C TYR Y 143 -43.44 24.41 70.64
N ARG Y 144 -42.74 25.44 70.17
CA ARG Y 144 -43.28 26.77 70.01
C ARG Y 144 -42.43 27.50 68.98
N GLU Y 145 -43.09 28.28 68.13
CA GLU Y 145 -42.40 28.90 67.00
C GLU Y 145 -41.47 30.01 67.44
N GLY Y 146 -40.26 29.99 66.89
CA GLY Y 146 -39.30 31.05 67.11
C GLY Y 146 -38.37 30.82 68.28
N MET Y 147 -37.98 29.57 68.51
CA MET Y 147 -37.06 29.25 69.59
C MET Y 147 -35.65 29.67 69.25
N THR Y 148 -34.93 30.15 70.26
CA THR Y 148 -33.51 30.42 70.10
C THR Y 148 -32.72 29.13 70.15
N LYS Y 149 -31.43 29.22 69.81
CA LYS Y 149 -30.59 28.03 69.71
C LYS Y 149 -30.34 27.42 71.08
N GLU Y 150 -30.22 28.26 72.10
CA GLU Y 150 -29.97 27.77 73.45
C GLU Y 150 -31.21 27.09 74.04
N GLU Y 151 -32.38 27.34 73.46
CA GLU Y 151 -33.55 26.58 73.86
C GLU Y 151 -33.81 25.40 72.94
N CYS Y 152 -33.29 25.46 71.70
CA CYS Y 152 -33.42 24.31 70.81
C CYS Y 152 -32.55 23.16 71.26
N LEU Y 153 -31.30 23.45 71.68
CA LEU Y 153 -30.42 22.36 72.12
C LEU Y 153 -30.90 21.76 73.44
N GLN Y 154 -31.43 22.59 74.33
CA GLN Y 154 -32.09 22.07 75.52
C GLN Y 154 -33.31 21.24 75.15
N PHE Y 155 -34.04 21.68 74.13
CA PHE Y 155 -35.29 21.03 73.75
C PHE Y 155 -35.05 19.66 73.14
N THR Y 156 -34.07 19.54 72.25
CA THR Y 156 -33.76 18.24 71.70
C THR Y 156 -33.02 17.38 72.72
N ALA Y 157 -32.36 18.02 73.68
CA ALA Y 157 -31.73 17.27 74.76
C ALA Y 157 -32.75 16.56 75.62
N ASN Y 158 -33.80 17.27 76.04
CA ASN Y 158 -34.87 16.62 76.80
C ASN Y 158 -35.65 15.67 75.91
N ALA Y 159 -35.83 16.04 74.64
CA ALA Y 159 -36.65 15.25 73.73
C ALA Y 159 -35.98 13.93 73.38
N LEU Y 160 -34.65 13.87 73.44
CA LEU Y 160 -33.99 12.58 73.30
C LEU Y 160 -33.79 11.91 74.66
N ALA Y 161 -33.84 12.68 75.74
CA ALA Y 161 -33.71 12.10 77.07
C ALA Y 161 -34.93 11.23 77.40
N LEU Y 162 -36.10 11.66 76.96
CA LEU Y 162 -37.30 10.85 77.18
C LEU Y 162 -37.28 9.58 76.35
N ALA Y 163 -36.85 9.68 75.09
CA ALA Y 163 -36.88 8.54 74.20
C ALA Y 163 -35.83 7.50 74.57
N MET Y 164 -34.61 7.95 74.86
CA MET Y 164 -33.61 7.05 75.43
C MET Y 164 -34.03 6.49 76.78
N GLU Y 165 -34.76 7.26 77.58
CA GLU Y 165 -35.19 6.82 78.89
C GLU Y 165 -36.22 5.70 78.81
N ARG Y 166 -37.15 5.78 77.86
CA ARG Y 166 -38.31 4.88 77.90
C ARG Y 166 -38.14 3.70 76.96
N ASP Y 167 -37.64 3.92 75.75
CA ASP Y 167 -37.48 2.86 74.78
C ASP Y 167 -36.30 1.99 75.18
N GLY Y 168 -36.49 0.68 75.07
CA GLY Y 168 -35.41 -0.23 75.38
C GLY Y 168 -34.40 -0.32 74.25
N SER Y 169 -34.83 -0.02 73.02
CA SER Y 169 -33.92 -0.02 71.90
C SER Y 169 -32.99 1.18 71.96
N SER Y 170 -33.55 2.36 72.14
CA SER Y 170 -32.78 3.59 72.19
C SER Y 170 -31.96 3.66 73.47
N GLY Y 171 -30.87 4.43 73.41
CA GLY Y 171 -30.00 4.56 74.56
C GLY Y 171 -28.65 5.10 74.15
N GLY Y 172 -27.62 4.70 74.90
CA GLY Y 172 -26.28 5.14 74.60
C GLY Y 172 -26.00 6.56 75.08
N VAL Y 173 -25.66 7.45 74.16
CA VAL Y 173 -25.33 8.82 74.50
C VAL Y 173 -25.88 9.74 73.41
N ILE Y 174 -26.30 10.94 73.82
CA ILE Y 174 -26.88 11.91 72.89
C ILE Y 174 -25.76 12.51 72.06
N ARG Y 175 -25.94 12.50 70.75
CA ARG Y 175 -25.12 13.28 69.83
C ARG Y 175 -25.91 14.50 69.39
N LEU Y 176 -25.25 15.64 69.31
CA LEU Y 176 -25.88 16.87 68.86
C LEU Y 176 -25.02 17.54 67.81
N ALA Y 177 -25.64 18.45 67.06
CA ALA Y 177 -24.98 19.24 66.04
C ALA Y 177 -25.83 20.45 65.71
N ALA Y 178 -25.25 21.63 65.85
CA ALA Y 178 -25.91 22.88 65.50
C ALA Y 178 -25.28 23.42 64.23
N ILE Y 179 -26.11 23.81 63.26
CA ILE Y 179 -25.66 24.22 61.95
C ILE Y 179 -26.15 25.62 61.65
N ALA Y 180 -25.22 26.50 61.29
CA ALA Y 180 -25.55 27.84 60.82
C ALA Y 180 -24.48 28.25 59.83
N GLU Y 181 -24.40 29.55 59.53
CA GLU Y 181 -23.35 30.04 58.66
C GLU Y 181 -21.99 30.01 59.36
N SER Y 182 -21.99 30.17 60.68
CA SER Y 182 -20.76 30.28 61.46
C SER Y 182 -19.97 28.98 61.53
N GLY Y 183 -20.56 27.85 61.18
CA GLY Y 183 -19.88 26.57 61.20
C GLY Y 183 -20.62 25.55 62.04
N VAL Y 184 -20.41 24.30 61.66
CA VAL Y 184 -21.06 23.19 62.35
C VAL Y 184 -20.33 22.93 63.66
N GLU Y 185 -21.08 22.94 64.76
CA GLU Y 185 -20.54 22.65 66.08
C GLU Y 185 -21.11 21.31 66.53
N ARG Y 186 -20.27 20.30 66.61
CA ARG Y 186 -20.69 18.98 67.06
C ARG Y 186 -20.18 18.74 68.47
N GLN Y 187 -21.10 18.36 69.36
CA GLN Y 187 -20.76 18.12 70.75
C GLN Y 187 -21.56 16.94 71.25
N VAL Y 188 -21.14 16.40 72.39
CA VAL Y 188 -21.74 15.21 72.98
C VAL Y 188 -22.20 15.54 74.38
N LEU Y 189 -23.50 15.44 74.62
CA LEU Y 189 -24.07 15.64 75.94
C LEU Y 189 -24.64 14.33 76.46
N LEU Y 190 -24.94 14.31 77.76
CA LEU Y 190 -25.57 13.15 78.39
C LEU Y 190 -26.38 13.63 79.58
N GLY Y 191 -27.64 13.20 79.63
CA GLY Y 191 -28.56 13.63 80.66
C GLY Y 191 -29.52 14.72 80.20
N THR Z 1 -16.28 -20.56 67.02
CA THR Z 1 -15.39 -19.53 66.50
C THR Z 1 -15.58 -18.24 67.28
N THR Z 2 -14.50 -17.77 67.90
CA THR Z 2 -14.51 -16.53 68.64
C THR Z 2 -13.27 -15.73 68.27
N ILE Z 3 -13.47 -14.62 67.59
CA ILE Z 3 -12.37 -13.73 67.23
C ILE Z 3 -12.57 -12.42 67.97
N ALA Z 4 -11.51 -11.60 68.00
CA ALA Z 4 -11.55 -10.37 68.75
C ALA Z 4 -10.49 -9.41 68.22
N GLY Z 5 -10.55 -8.18 68.70
CA GLY Z 5 -9.57 -7.17 68.35
C GLY Z 5 -9.65 -6.01 69.30
N VAL Z 6 -8.55 -5.27 69.41
CA VAL Z 6 -8.46 -4.13 70.31
C VAL Z 6 -7.41 -3.17 69.75
N VAL Z 7 -7.54 -1.90 70.10
CA VAL Z 7 -6.59 -0.86 69.73
C VAL Z 7 -5.87 -0.41 70.98
N TYR Z 8 -4.59 -0.76 71.09
CA TYR Z 8 -3.77 -0.20 72.15
C TYR Z 8 -3.19 1.13 71.68
N LYS Z 9 -2.22 1.65 72.45
CA LYS Z 9 -1.74 3.01 72.25
C LYS Z 9 -0.99 3.21 70.94
N ASP Z 10 -0.52 2.13 70.32
CA ASP Z 10 0.34 2.25 69.16
C ASP Z 10 -0.12 1.40 67.98
N GLY Z 11 -1.04 0.47 68.17
CA GLY Z 11 -1.42 -0.40 67.07
C GLY Z 11 -2.67 -1.22 67.38
N ILE Z 12 -2.67 -2.45 66.87
CA ILE Z 12 -3.82 -3.33 66.89
C ILE Z 12 -3.37 -4.72 67.32
N VAL Z 13 -4.11 -5.33 68.24
CA VAL Z 13 -3.90 -6.72 68.63
C VAL Z 13 -5.10 -7.51 68.19
N LEU Z 14 -4.88 -8.58 67.43
CA LEU Z 14 -5.93 -9.46 66.96
C LEU Z 14 -5.76 -10.84 67.57
N GLY Z 15 -6.76 -11.68 67.40
CA GLY Z 15 -6.69 -13.02 67.95
C GLY Z 15 -7.85 -13.86 67.48
N ALA Z 16 -7.66 -15.18 67.57
CA ALA Z 16 -8.66 -16.15 67.16
C ALA Z 16 -8.27 -17.50 67.75
N ASP Z 17 -9.28 -18.34 67.97
CA ASP Z 17 -8.97 -19.73 68.21
C ASP Z 17 -9.21 -20.55 66.96
N THR Z 18 -8.60 -21.73 66.90
CA THR Z 18 -8.44 -22.42 65.64
C THR Z 18 -9.33 -23.64 65.46
N ARG Z 19 -10.56 -23.62 65.93
CA ARG Z 19 -11.49 -24.73 65.74
C ARG Z 19 -12.43 -24.41 64.59
N ALA Z 20 -12.48 -25.29 63.59
CA ALA Z 20 -13.34 -25.12 62.42
C ALA Z 20 -14.42 -26.21 62.43
N THR Z 21 -15.53 -25.94 63.09
CA THR Z 21 -16.60 -26.92 63.27
C THR Z 21 -17.41 -27.03 62.00
N GLU Z 22 -17.95 -28.21 61.76
CA GLU Z 22 -19.03 -28.39 60.79
C GLU Z 22 -20.19 -29.09 61.47
N GLY Z 23 -21.26 -28.35 61.75
CA GLY Z 23 -22.36 -28.93 62.49
C GLY Z 23 -21.97 -29.07 63.95
N MET Z 24 -22.18 -30.26 64.49
CA MET Z 24 -21.77 -30.53 65.87
C MET Z 24 -20.59 -31.48 65.96
N VAL Z 25 -19.88 -31.69 64.87
CA VAL Z 25 -18.67 -32.50 64.85
C VAL Z 25 -17.50 -31.61 64.46
N VAL Z 26 -16.42 -31.67 65.22
CA VAL Z 26 -15.27 -30.83 64.94
C VAL Z 26 -14.50 -31.39 63.76
N ALA Z 27 -14.34 -30.58 62.72
CA ALA Z 27 -13.68 -31.01 61.50
C ALA Z 27 -12.19 -30.70 61.52
N ASP Z 28 -11.78 -29.69 62.28
CA ASP Z 28 -10.40 -29.26 62.34
C ASP Z 28 -10.05 -28.83 63.75
N LYS Z 29 -8.87 -29.23 64.22
CA LYS Z 29 -8.38 -28.75 65.51
C LYS Z 29 -7.52 -27.51 65.35
N ASN Z 30 -6.92 -27.33 64.18
CA ASN Z 30 -5.95 -26.28 63.96
C ASN Z 30 -6.21 -25.67 62.58
N CYS Z 31 -6.79 -24.47 62.56
CA CYS Z 31 -7.12 -23.76 61.34
C CYS Z 31 -6.56 -22.35 61.43
N SER Z 32 -6.75 -21.57 60.37
CA SER Z 32 -6.31 -20.18 60.39
C SER Z 32 -7.44 -19.26 59.96
N LYS Z 33 -7.57 -18.13 60.65
CA LYS Z 33 -8.51 -17.10 60.24
C LYS Z 33 -7.85 -15.76 59.96
N ILE Z 34 -6.71 -15.48 60.58
CA ILE Z 34 -6.05 -14.18 60.46
C ILE Z 34 -5.33 -14.15 59.12
N HIS Z 35 -5.97 -13.57 58.12
CA HIS Z 35 -5.50 -13.67 56.75
C HIS Z 35 -4.75 -12.43 56.31
N PHE Z 36 -4.06 -12.56 55.18
CA PHE Z 36 -3.24 -11.49 54.62
C PHE Z 36 -4.09 -10.59 53.73
N ILE Z 37 -3.85 -9.29 53.81
CA ILE Z 37 -4.41 -8.31 52.88
C ILE Z 37 -3.31 -7.42 52.29
N SER Z 38 -2.51 -6.81 53.14
CA SER Z 38 -1.38 -5.99 52.76
C SER Z 38 -0.29 -6.28 53.77
N PRO Z 39 0.93 -5.80 53.56
CA PRO Z 39 1.94 -5.92 54.63
C PRO Z 39 1.61 -5.20 55.94
N ASN Z 40 0.64 -4.29 55.98
CA ASN Z 40 0.18 -3.78 57.26
C ASN Z 40 -1.25 -4.19 57.61
N ILE Z 41 -2.16 -4.29 56.64
CA ILE Z 41 -3.57 -4.53 56.91
C ILE Z 41 -3.82 -6.03 56.94
N TYR Z 42 -4.46 -6.50 58.00
CA TYR Z 42 -4.89 -7.88 58.12
C TYR Z 42 -6.40 -7.95 58.32
N CYS Z 43 -6.91 -9.18 58.37
CA CYS Z 43 -8.33 -9.43 58.46
C CYS Z 43 -8.59 -10.76 59.14
N CYS Z 44 -9.67 -10.82 59.92
CA CYS Z 44 -10.13 -12.05 60.55
C CYS Z 44 -11.52 -12.38 60.02
N GLY Z 45 -11.81 -13.67 59.89
CA GLY Z 45 -13.08 -14.11 59.33
C GLY Z 45 -13.98 -14.75 60.36
N ALA Z 46 -15.27 -14.76 60.04
CA ALA Z 46 -16.28 -15.42 60.88
C ALA Z 46 -17.48 -15.74 59.99
N GLY Z 47 -18.31 -16.67 60.44
CA GLY Z 47 -19.47 -17.06 59.66
C GLY Z 47 -19.14 -18.22 58.73
N THR Z 48 -19.67 -18.16 57.52
CA THR Z 48 -19.38 -19.15 56.48
C THR Z 48 -17.94 -18.94 56.04
N ALA Z 49 -17.16 -20.03 56.04
CA ALA Z 49 -15.71 -19.90 55.92
C ALA Z 49 -15.29 -19.56 54.49
N ALA Z 50 -15.88 -20.22 53.50
CA ALA Z 50 -15.40 -20.09 52.13
C ALA Z 50 -15.72 -18.73 51.55
N ASP Z 51 -16.84 -18.15 51.97
CA ASP Z 51 -17.18 -16.79 51.56
C ASP Z 51 -16.16 -15.79 52.07
N THR Z 52 -15.74 -15.94 53.32
CA THR Z 52 -14.72 -15.08 53.89
C THR Z 52 -13.38 -15.28 53.20
N ASP Z 53 -13.05 -16.53 52.85
CA ASP Z 53 -11.75 -16.81 52.24
C ASP Z 53 -11.66 -16.24 50.83
N MET Z 54 -12.68 -16.48 50.00
CA MET Z 54 -12.64 -15.98 48.64
C MET Z 54 -12.81 -14.46 48.62
N THR Z 55 -13.56 -13.93 49.57
CA THR Z 55 -13.70 -12.48 49.71
C THR Z 55 -12.37 -11.82 50.03
N THR Z 56 -11.68 -12.33 51.07
CA THR Z 56 -10.42 -11.72 51.48
C THR Z 56 -9.32 -11.97 50.47
N GLN Z 57 -9.43 -13.02 49.66
CA GLN Z 57 -8.45 -13.19 48.59
C GLN Z 57 -8.71 -12.22 47.44
N LEU Z 58 -9.98 -11.93 47.14
CA LEU Z 58 -10.28 -10.97 46.08
C LEU Z 58 -9.87 -9.56 46.47
N ILE Z 59 -10.18 -9.15 47.69
CA ILE Z 59 -9.80 -7.82 48.15
C ILE Z 59 -8.28 -7.73 48.32
N SER Z 60 -7.65 -8.84 48.70
CA SER Z 60 -6.20 -8.94 48.69
C SER Z 60 -5.62 -8.70 47.30
N SER Z 61 -6.28 -9.23 46.27
CA SER Z 61 -5.80 -9.01 44.90
C SER Z 61 -5.94 -7.55 44.48
N ASN Z 62 -7.12 -6.96 44.71
CA ASN Z 62 -7.34 -5.57 44.28
C ASN Z 62 -6.43 -4.59 45.04
N LEU Z 63 -6.17 -4.86 46.32
CA LEU Z 63 -5.21 -4.01 47.00
C LEU Z 63 -3.78 -4.31 46.59
N GLU Z 64 -3.51 -5.49 46.03
CA GLU Z 64 -2.19 -5.67 45.42
C GLU Z 64 -2.05 -4.80 44.18
N LEU Z 65 -3.13 -4.65 43.40
CA LEU Z 65 -3.10 -3.68 42.30
C LEU Z 65 -2.92 -2.26 42.80
N HIS Z 66 -3.64 -1.87 43.84
CA HIS Z 66 -3.63 -0.47 44.25
C HIS Z 66 -2.31 -0.11 44.92
N SER Z 67 -1.83 -0.99 45.82
CA SER Z 67 -0.55 -0.76 46.47
C SER Z 67 0.60 -0.83 45.48
N LEU Z 68 0.50 -1.73 44.49
CA LEU Z 68 1.59 -1.84 43.54
C LEU Z 68 1.56 -0.69 42.54
N SER Z 69 0.38 -0.10 42.33
CA SER Z 69 0.28 0.98 41.35
C SER Z 69 0.68 2.32 41.95
N THR Z 70 0.31 2.56 43.22
CA THR Z 70 0.68 3.83 43.83
C THR Z 70 2.13 3.81 44.31
N GLY Z 71 2.67 2.63 44.56
CA GLY Z 71 3.99 2.53 45.17
C GLY Z 71 3.99 2.90 46.64
N ARG Z 72 2.82 2.92 47.27
CA ARG Z 72 2.69 3.34 48.65
C ARG Z 72 1.97 2.24 49.42
N LEU Z 73 1.52 2.57 50.61
CA LEU Z 73 0.83 1.60 51.43
C LEU Z 73 -0.61 2.03 51.62
N PRO Z 74 -1.59 1.17 51.30
CA PRO Z 74 -2.99 1.64 51.21
C PRO Z 74 -3.58 1.92 52.57
N ARG Z 75 -4.59 2.79 52.58
CA ARG Z 75 -5.29 3.13 53.80
C ARG Z 75 -6.32 2.05 54.11
N VAL Z 76 -6.68 1.94 55.39
CA VAL Z 76 -7.64 0.93 55.82
C VAL Z 76 -9.02 1.24 55.26
N VAL Z 77 -9.33 2.52 55.05
CA VAL Z 77 -10.64 2.92 54.55
C VAL Z 77 -10.85 2.48 53.11
N THR Z 78 -9.77 2.19 52.38
CA THR Z 78 -9.88 1.63 51.04
C THR Z 78 -10.45 0.22 51.11
N ALA Z 79 -9.86 -0.61 51.97
CA ALA Z 79 -10.36 -1.97 52.15
C ALA Z 79 -11.75 -1.98 52.76
N ASN Z 80 -12.06 -1.04 53.65
CA ASN Z 80 -13.38 -0.95 54.22
C ASN Z 80 -14.40 -0.59 53.16
N ARG Z 81 -14.05 0.34 52.27
CA ARG Z 81 -15.00 0.77 51.25
C ARG Z 81 -15.24 -0.31 50.20
N MET Z 82 -14.16 -1.01 49.83
CA MET Z 82 -14.29 -2.15 48.91
C MET Z 82 -15.14 -3.26 49.52
N LEU Z 83 -14.94 -3.55 50.81
CA LEU Z 83 -15.67 -4.64 51.43
C LEU Z 83 -17.13 -4.30 51.64
N LYS Z 84 -17.45 -3.07 52.04
CA LYS Z 84 -18.85 -2.76 52.26
C LYS Z 84 -19.59 -2.63 50.93
N GLN Z 85 -18.88 -2.22 49.88
CA GLN Z 85 -19.53 -2.17 48.58
C GLN Z 85 -19.77 -3.57 48.03
N MET Z 86 -18.75 -4.44 48.14
CA MET Z 86 -18.86 -5.79 47.62
C MET Z 86 -19.90 -6.62 48.38
N LEU Z 87 -19.87 -6.54 49.71
CA LEU Z 87 -20.85 -7.29 50.48
C LEU Z 87 -22.23 -6.68 50.39
N PHE Z 88 -22.34 -5.37 50.14
CA PHE Z 88 -23.66 -4.82 49.89
C PHE Z 88 -24.20 -5.24 48.53
N ARG Z 89 -23.33 -5.56 47.58
CA ARG Z 89 -23.80 -5.99 46.26
C ARG Z 89 -24.60 -7.29 46.32
N TYR Z 90 -24.22 -8.22 47.19
CA TYR Z 90 -24.82 -9.55 47.14
C TYR Z 90 -25.95 -9.69 48.15
N GLN Z 91 -26.27 -8.62 48.87
CA GLN Z 91 -27.48 -8.48 49.69
C GLN Z 91 -27.66 -9.54 50.77
N GLY Z 92 -26.59 -9.88 51.48
CA GLY Z 92 -26.73 -10.74 52.63
C GLY Z 92 -26.73 -12.23 52.35
N TYR Z 93 -26.80 -12.65 51.10
CA TYR Z 93 -26.71 -14.08 50.79
C TYR Z 93 -25.31 -14.60 51.09
N ILE Z 94 -24.29 -13.80 50.81
CA ILE Z 94 -22.93 -14.11 51.24
C ILE Z 94 -22.88 -13.83 52.73
N GLY Z 95 -22.64 -14.87 53.51
CA GLY Z 95 -22.45 -14.71 54.93
C GLY Z 95 -20.99 -14.57 55.26
N ALA Z 96 -20.60 -13.41 55.79
CA ALA Z 96 -19.19 -13.13 56.05
C ALA Z 96 -19.12 -12.04 57.12
N ALA Z 97 -18.35 -12.30 58.17
CA ALA Z 97 -18.21 -11.35 59.26
C ALA Z 97 -16.72 -11.09 59.46
N LEU Z 98 -16.32 -9.84 59.31
CA LEU Z 98 -14.90 -9.54 59.25
C LEU Z 98 -14.50 -8.57 60.33
N VAL Z 99 -13.29 -8.75 60.83
CA VAL Z 99 -12.60 -7.76 61.66
C VAL Z 99 -11.43 -7.25 60.85
N LEU Z 100 -11.52 -5.99 60.42
CA LEU Z 100 -10.54 -5.42 59.51
C LEU Z 100 -9.69 -4.42 60.27
N GLY Z 101 -8.38 -4.60 60.21
CA GLY Z 101 -7.48 -3.75 60.97
C GLY Z 101 -6.17 -3.55 60.25
N GLY Z 102 -5.61 -2.35 60.43
CA GLY Z 102 -4.29 -2.06 59.90
C GLY Z 102 -3.80 -0.76 60.50
N VAL Z 103 -2.54 -0.45 60.20
CA VAL Z 103 -1.91 0.79 60.62
C VAL Z 103 -1.64 1.61 59.37
N ASP Z 104 -2.21 2.81 59.31
CA ASP Z 104 -2.03 3.69 58.19
C ASP Z 104 -1.07 4.82 58.52
N VAL Z 105 -1.01 5.80 57.62
CA VAL Z 105 -0.38 7.08 57.90
C VAL Z 105 -1.14 7.80 59.01
N THR Z 106 -2.46 7.63 59.08
CA THR Z 106 -3.27 8.26 60.11
C THR Z 106 -3.39 7.43 61.38
N GLY Z 107 -2.45 6.52 61.64
CA GLY Z 107 -2.44 5.77 62.87
C GLY Z 107 -3.07 4.40 62.73
N PRO Z 108 -3.68 3.90 63.80
CA PRO Z 108 -4.38 2.62 63.72
C PRO Z 108 -5.87 2.83 63.42
N HIS Z 109 -6.48 1.81 62.85
CA HIS Z 109 -7.90 1.81 62.55
C HIS Z 109 -8.45 0.39 62.66
N LEU Z 110 -9.51 0.22 63.42
CA LEU Z 110 -10.12 -1.09 63.62
C LEU Z 110 -11.58 -1.04 63.18
N TYR Z 111 -11.94 -1.98 62.30
CA TYR Z 111 -13.24 -1.98 61.66
C TYR Z 111 -13.94 -3.32 61.87
N SER Z 112 -15.25 -3.29 61.78
CA SER Z 112 -16.07 -4.48 61.90
C SER Z 112 -17.14 -4.47 60.82
N ILE Z 113 -17.20 -5.55 60.06
CA ILE Z 113 -18.07 -5.60 58.88
C ILE Z 113 -19.04 -6.77 59.03
N TYR Z 114 -20.32 -6.44 59.13
CA TYR Z 114 -21.46 -7.34 59.24
C TYR Z 114 -21.88 -7.79 57.85
N PRO Z 115 -22.48 -8.98 57.71
CA PRO Z 115 -22.62 -9.56 56.37
C PRO Z 115 -23.60 -8.85 55.44
N HIS Z 116 -24.46 -7.99 55.95
CA HIS Z 116 -25.27 -7.18 55.06
C HIS Z 116 -24.54 -5.98 54.51
N GLY Z 117 -23.38 -5.64 55.07
CA GLY Z 117 -22.59 -4.50 54.63
C GLY Z 117 -22.56 -3.37 55.63
N SER Z 118 -23.20 -3.52 56.78
CA SER Z 118 -23.23 -2.47 57.78
C SER Z 118 -21.94 -2.49 58.58
N THR Z 119 -21.15 -1.42 58.45
CA THR Z 119 -19.85 -1.36 59.07
C THR Z 119 -19.90 -0.46 60.29
N ASP Z 120 -19.00 -0.73 61.23
CA ASP Z 120 -18.90 0.00 62.49
C ASP Z 120 -17.44 0.19 62.85
N LYS Z 121 -17.06 1.44 63.08
CA LYS Z 121 -15.73 1.78 63.60
C LYS Z 121 -15.77 1.72 65.11
N LEU Z 122 -14.82 1.02 65.70
CA LEU Z 122 -14.80 0.80 67.14
C LEU Z 122 -13.36 0.77 67.61
N PRO Z 123 -13.11 0.99 68.91
CA PRO Z 123 -11.78 0.71 69.43
C PRO Z 123 -11.53 -0.76 69.70
N TYR Z 124 -12.58 -1.56 69.87
CA TYR Z 124 -12.44 -2.98 70.13
C TYR Z 124 -13.69 -3.72 69.70
N VAL Z 125 -13.51 -4.86 69.02
CA VAL Z 125 -14.62 -5.60 68.42
C VAL Z 125 -14.51 -7.08 68.79
N THR Z 126 -15.67 -7.73 68.84
CA THR Z 126 -15.76 -9.18 69.00
C THR Z 126 -16.74 -9.72 67.97
N MET Z 127 -16.31 -10.71 67.20
CA MET Z 127 -17.19 -11.36 66.24
C MET Z 127 -17.14 -12.87 66.44
N GLY Z 128 -18.11 -13.55 65.88
CA GLY Z 128 -18.21 -15.01 65.99
C GLY Z 128 -19.35 -15.42 66.90
N SER Z 129 -19.54 -16.74 66.98
CA SER Z 129 -20.66 -17.28 67.74
C SER Z 129 -20.45 -17.20 69.24
N GLY Z 130 -19.21 -17.06 69.68
CA GLY Z 130 -18.94 -16.91 71.09
C GLY Z 130 -18.44 -15.52 71.42
N SER Z 131 -18.83 -14.54 70.60
CA SER Z 131 -18.32 -13.19 70.76
C SER Z 131 -18.83 -12.50 72.01
N LEU Z 132 -19.95 -12.97 72.56
CA LEU Z 132 -20.52 -12.36 73.75
C LEU Z 132 -19.63 -12.56 74.96
N ALA Z 133 -19.00 -13.72 75.04
CA ALA Z 133 -18.07 -14.00 76.13
C ALA Z 133 -16.82 -13.13 76.01
N ALA Z 134 -16.35 -12.90 74.79
CA ALA Z 134 -15.17 -12.05 74.60
C ALA Z 134 -15.49 -10.59 74.89
N MET Z 135 -16.69 -10.15 74.54
CA MET Z 135 -17.09 -8.79 74.88
C MET Z 135 -17.28 -8.64 76.39
N ALA Z 136 -17.62 -9.73 77.06
CA ALA Z 136 -17.77 -9.69 78.51
C ALA Z 136 -16.44 -9.47 79.23
N VAL Z 137 -15.32 -9.77 78.57
CA VAL Z 137 -14.03 -9.47 79.15
C VAL Z 137 -13.53 -8.10 78.68
N PHE Z 138 -13.72 -7.82 77.38
CA PHE Z 138 -13.29 -6.53 76.83
C PHE Z 138 -14.03 -5.34 77.39
N GLU Z 139 -15.21 -5.52 77.98
CA GLU Z 139 -15.78 -4.36 78.64
C GLU Z 139 -15.24 -4.20 80.06
N ASP Z 140 -15.27 -5.28 80.84
CA ASP Z 140 -14.96 -5.18 82.26
C ASP Z 140 -13.50 -4.89 82.53
N LYS Z 141 -12.58 -5.44 81.73
CA LYS Z 141 -11.17 -5.25 82.02
C LYS Z 141 -10.46 -4.32 81.05
N PHE Z 142 -11.12 -3.27 80.57
CA PHE Z 142 -10.50 -2.38 79.60
C PHE Z 142 -10.10 -1.07 80.25
N ARG Z 143 -9.08 -0.44 79.67
CA ARG Z 143 -8.78 0.97 79.86
C ARG Z 143 -8.17 1.46 78.56
N PRO Z 144 -8.40 2.71 78.19
CA PRO Z 144 -7.85 3.20 76.92
C PRO Z 144 -6.36 3.47 77.01
N ASP Z 145 -5.71 3.33 75.84
CA ASP Z 145 -4.27 3.60 75.64
C ASP Z 145 -3.40 2.73 76.53
N MET Z 146 -3.59 1.42 76.44
CA MET Z 146 -2.77 0.46 77.15
C MET Z 146 -1.42 0.31 76.48
N GLU Z 147 -0.54 -0.46 77.13
CA GLU Z 147 0.68 -0.89 76.48
C GLU Z 147 0.42 -2.18 75.72
N GLU Z 148 1.47 -2.71 75.09
CA GLU Z 148 1.32 -3.87 74.22
C GLU Z 148 1.04 -5.15 75.00
N GLU Z 149 1.71 -5.31 76.15
CA GLU Z 149 1.59 -6.57 76.88
C GLU Z 149 0.25 -6.69 77.60
N GLU Z 150 -0.31 -5.56 78.03
CA GLU Z 150 -1.65 -5.59 78.59
C GLU Z 150 -2.68 -5.86 77.50
N ALA Z 151 -2.38 -5.43 76.28
CA ALA Z 151 -3.29 -5.71 75.16
C ALA Z 151 -3.24 -7.18 74.77
N LYS Z 152 -2.04 -7.77 74.77
CA LYS Z 152 -1.93 -9.19 74.41
C LYS Z 152 -2.50 -10.07 75.52
N ASN Z 153 -2.27 -9.71 76.77
CA ASN Z 153 -2.87 -10.47 77.87
C ASN Z 153 -4.38 -10.27 77.90
N LEU Z 154 -4.85 -9.11 77.48
CA LEU Z 154 -6.28 -8.83 77.45
C LEU Z 154 -6.98 -9.64 76.37
N VAL Z 155 -6.42 -9.63 75.16
CA VAL Z 155 -7.03 -10.37 74.06
C VAL Z 155 -6.91 -11.88 74.30
N SER Z 156 -5.75 -12.34 74.77
CA SER Z 156 -5.59 -13.76 75.03
C SER Z 156 -6.46 -14.22 76.19
N GLU Z 157 -6.73 -13.33 77.14
CA GLU Z 157 -7.64 -13.66 78.22
C GLU Z 157 -9.09 -13.71 77.73
N ALA Z 158 -9.48 -12.79 76.85
CA ALA Z 158 -10.85 -12.75 76.36
C ALA Z 158 -11.15 -13.92 75.44
N ILE Z 159 -10.20 -14.26 74.57
CA ILE Z 159 -10.33 -15.48 73.77
C ILE Z 159 -10.31 -16.71 74.67
N ALA Z 160 -9.54 -16.65 75.77
CA ALA Z 160 -9.58 -17.74 76.73
C ALA Z 160 -10.91 -17.84 77.46
N ALA Z 161 -11.69 -16.75 77.49
CA ALA Z 161 -13.00 -16.83 78.10
C ALA Z 161 -14.01 -17.48 77.17
N GLY Z 162 -13.85 -17.30 75.87
CA GLY Z 162 -14.79 -17.89 74.92
C GLY Z 162 -14.60 -19.39 74.76
N ILE Z 163 -13.38 -19.86 75.00
CA ILE Z 163 -13.03 -21.26 74.79
C ILE Z 163 -13.62 -22.16 75.88
N PHE Z 164 -13.52 -21.73 77.14
CA PHE Z 164 -14.07 -22.55 78.21
C PHE Z 164 -15.57 -22.44 78.36
N ASN Z 165 -16.24 -21.62 77.55
CA ASN Z 165 -17.69 -21.50 77.63
C ASN Z 165 -18.38 -21.98 76.36
N ASP Z 166 -17.99 -21.42 75.20
CA ASP Z 166 -18.70 -21.71 73.97
C ASP Z 166 -18.32 -23.09 73.44
N LEU Z 167 -19.32 -23.80 72.93
CA LEU Z 167 -19.09 -25.12 72.36
C LEU Z 167 -18.40 -25.04 71.01
N GLY Z 168 -18.90 -24.18 70.12
CA GLY Z 168 -18.38 -24.14 68.77
C GLY Z 168 -16.99 -23.56 68.66
N SER Z 169 -16.55 -22.85 69.70
CA SER Z 169 -15.19 -22.38 69.76
C SER Z 169 -14.31 -23.41 70.44
N GLY Z 170 -13.03 -23.10 70.57
CA GLY Z 170 -12.18 -23.87 71.48
C GLY Z 170 -11.05 -24.57 70.74
N SER Z 171 -9.85 -23.99 70.89
CA SER Z 171 -8.58 -24.51 70.39
C SER Z 171 -7.42 -23.66 70.89
N ASN Z 172 -6.23 -23.92 70.36
CA ASN Z 172 -5.07 -23.06 70.57
C ASN Z 172 -5.36 -21.63 70.14
N ILE Z 173 -4.80 -20.67 70.88
CA ILE Z 173 -5.05 -19.25 70.66
C ILE Z 173 -3.97 -18.69 69.75
N ASP Z 174 -4.38 -18.09 68.64
CA ASP Z 174 -3.48 -17.33 67.79
C ASP Z 174 -3.52 -15.86 68.20
N LEU Z 175 -2.50 -15.12 67.80
CA LEU Z 175 -2.40 -13.68 68.08
C LEU Z 175 -1.70 -13.02 66.91
N CYS Z 176 -1.87 -11.72 66.78
CA CYS Z 176 -1.20 -10.95 65.73
C CYS Z 176 -1.19 -9.48 66.09
N VAL Z 177 0.00 -8.92 66.27
CA VAL Z 177 0.17 -7.54 66.70
C VAL Z 177 0.69 -6.74 65.51
N ILE Z 178 -0.01 -5.68 65.15
CA ILE Z 178 0.37 -4.82 64.04
C ILE Z 178 0.69 -3.45 64.62
N SER Z 179 1.84 -2.90 64.27
CA SER Z 179 2.21 -1.55 64.67
C SER Z 179 2.62 -0.76 63.43
N LYS Z 180 3.22 0.40 63.65
CA LYS Z 180 3.63 1.30 62.58
C LYS Z 180 4.75 0.69 61.75
N ASN Z 181 5.79 0.21 62.41
CA ASN Z 181 6.96 -0.28 61.69
C ASN Z 181 7.23 -1.76 61.96
N LYS Z 182 6.68 -2.30 63.05
CA LYS Z 182 6.87 -3.70 63.41
C LYS Z 182 5.61 -4.50 63.12
N LEU Z 183 5.79 -5.66 62.49
CA LEU Z 183 4.71 -6.60 62.24
C LEU Z 183 5.06 -7.93 62.88
N ASP Z 184 4.19 -8.42 63.77
CA ASP Z 184 4.42 -9.68 64.46
C ASP Z 184 3.19 -10.56 64.30
N PHE Z 185 3.41 -11.79 63.86
CA PHE Z 185 2.33 -12.73 63.58
C PHE Z 185 2.62 -14.04 64.28
N LEU Z 186 1.86 -14.34 65.32
CA LEU Z 186 2.12 -15.49 66.17
C LEU Z 186 1.09 -16.57 65.89
N ARG Z 187 1.49 -17.61 65.16
CA ARG Z 187 0.71 -18.83 65.14
C ARG Z 187 1.09 -19.59 66.41
N PRO Z 188 0.20 -20.42 66.98
CA PRO Z 188 -0.25 -20.17 68.37
C PRO Z 188 0.78 -19.79 69.41
N TYR Z 189 0.49 -18.69 70.11
CA TYR Z 189 1.34 -18.27 71.20
C TYR Z 189 1.07 -19.11 72.45
N THR Z 190 -0.20 -19.29 72.79
CA THR Z 190 -0.59 -20.06 73.95
C THR Z 190 -1.15 -21.40 73.50
N VAL Z 191 -0.65 -22.48 74.09
CA VAL Z 191 -1.25 -23.80 73.92
C VAL Z 191 -1.96 -24.13 75.22
N PRO Z 192 -3.24 -23.77 75.37
CA PRO Z 192 -3.88 -23.97 76.67
C PRO Z 192 -4.36 -25.38 76.89
N ASN Z 193 -4.30 -26.21 75.86
CA ASN Z 193 -4.96 -27.51 75.88
C ASN Z 193 -3.94 -28.63 75.74
N LYS Z 194 -3.99 -29.59 76.66
CA LYS Z 194 -3.20 -30.79 76.62
C LYS Z 194 -4.13 -32.00 76.50
N LYS Z 195 -3.55 -33.13 76.10
CA LYS Z 195 -4.27 -34.38 75.96
C LYS Z 195 -3.58 -35.48 76.74
N GLY Z 196 -4.36 -36.27 77.47
CA GLY Z 196 -3.83 -37.45 78.10
C GLY Z 196 -3.40 -38.49 77.08
N THR Z 197 -2.18 -39.00 77.25
CA THR Z 197 -1.57 -39.83 76.24
C THR Z 197 -2.16 -41.24 76.24
N ARG Z 198 -1.57 -42.10 75.42
CA ARG Z 198 -2.04 -43.47 75.28
C ARG Z 198 -1.74 -44.27 76.53
N LEU Z 199 -2.81 -44.73 77.20
CA LEU Z 199 -2.61 -45.57 78.38
C LEU Z 199 -2.20 -46.99 77.99
N GLY Z 200 -2.76 -47.51 76.91
CA GLY Z 200 -2.34 -48.80 76.40
C GLY Z 200 -2.20 -48.75 74.90
N ARG Z 201 -1.27 -49.56 74.40
CA ARG Z 201 -1.02 -49.66 72.96
C ARG Z 201 -2.20 -50.38 72.32
N TYR Z 202 -2.70 -49.83 71.22
CA TYR Z 202 -3.79 -50.43 70.47
C TYR Z 202 -3.37 -50.86 69.07
N ARG Z 203 -2.06 -51.01 68.84
CA ARG Z 203 -1.56 -51.20 67.48
C ARG Z 203 -1.89 -52.59 66.95
N CYS Z 204 -2.41 -52.63 65.73
CA CYS Z 204 -2.70 -53.88 65.05
C CYS Z 204 -1.62 -54.12 64.01
N GLU Z 205 -0.86 -55.21 64.17
CA GLU Z 205 0.24 -55.50 63.28
C GLU Z 205 -0.25 -56.05 61.95
N LYS Z 206 0.71 -56.42 61.11
CA LYS Z 206 0.39 -56.94 59.79
C LYS Z 206 -0.21 -58.34 59.88
N GLY Z 207 -1.00 -58.69 58.87
CA GLY Z 207 -1.65 -59.99 58.78
C GLY Z 207 -3.06 -59.99 59.31
N THR Z 208 -3.47 -58.94 60.01
CA THR Z 208 -4.77 -58.96 60.67
C THR Z 208 -5.90 -58.62 59.71
N THR Z 209 -5.57 -58.32 58.46
CA THR Z 209 -6.59 -58.00 57.47
C THR Z 209 -6.24 -58.68 56.16
N ALA Z 210 -7.18 -59.45 55.62
CA ALA Z 210 -6.97 -60.19 54.39
C ALA Z 210 -6.92 -59.26 53.19
N VAL Z 211 -6.25 -59.70 52.14
CA VAL Z 211 -6.13 -58.93 50.90
C VAL Z 211 -6.60 -59.81 49.75
N LEU Z 212 -7.57 -59.32 48.98
CA LEU Z 212 -8.00 -60.08 47.82
C LEU Z 212 -7.05 -59.91 46.64
N THR Z 213 -6.93 -58.69 46.13
CA THR Z 213 -6.22 -58.43 44.88
C THR Z 213 -5.23 -57.30 45.05
N GLU Z 214 -3.94 -57.61 44.94
CA GLU Z 214 -2.89 -56.61 45.00
C GLU Z 214 -2.61 -56.10 43.58
N LYS Z 215 -1.83 -55.03 43.51
CA LYS Z 215 -1.45 -54.40 42.26
C LYS Z 215 -0.22 -53.55 42.51
N ILE Z 216 0.81 -53.73 41.70
CA ILE Z 216 2.10 -53.08 41.91
C ILE Z 216 2.45 -52.27 40.67
N THR Z 217 2.79 -51.00 40.88
CA THR Z 217 3.20 -50.12 39.78
C THR Z 217 4.38 -49.27 40.24
N PRO Z 218 5.58 -49.58 39.76
CA PRO Z 218 6.74 -48.75 40.09
C PRO Z 218 6.68 -47.39 39.41
N LEU Z 219 7.52 -46.48 39.88
CA LEU Z 219 7.59 -45.13 39.36
C LEU Z 219 9.03 -44.81 38.94
N GLU Z 220 9.27 -43.53 38.68
CA GLU Z 220 10.60 -43.06 38.31
C GLU Z 220 11.21 -42.18 39.41
N SER AA 1 -30.60 -38.27 53.89
CA SER AA 1 -30.07 -36.96 53.56
C SER AA 1 -29.70 -36.85 52.08
N ILE AA 2 -29.39 -35.63 51.64
CA ILE AA 2 -29.09 -35.41 50.23
C ILE AA 2 -27.73 -36.00 49.89
N MET AA 3 -26.80 -35.94 50.84
CA MET AA 3 -25.57 -36.70 50.73
C MET AA 3 -25.81 -38.20 50.84
N SER AA 4 -26.85 -38.62 51.54
CA SER AA 4 -27.15 -40.02 51.74
C SER AA 4 -27.90 -40.65 50.57
N TYR AA 5 -27.88 -40.02 49.40
CA TYR AA 5 -28.52 -40.58 48.22
C TYR AA 5 -27.74 -41.79 47.74
N ASN AA 6 -26.41 -41.67 47.71
CA ASN AA 6 -25.59 -42.78 47.23
C ASN AA 6 -24.68 -43.35 48.29
N GLY AA 7 -24.53 -42.66 49.42
CA GLY AA 7 -23.60 -43.12 50.44
C GLY AA 7 -22.17 -42.86 50.03
N GLY AA 8 -21.27 -43.65 50.61
CA GLY AA 8 -19.89 -43.53 50.20
C GLY AA 8 -19.06 -42.67 51.12
N ALA AA 9 -17.74 -42.89 51.09
CA ALA AA 9 -16.82 -42.22 51.99
C ALA AA 9 -15.42 -42.25 51.40
N VAL AA 10 -14.58 -41.30 51.81
CA VAL AA 10 -13.17 -41.28 51.42
C VAL AA 10 -12.36 -41.01 52.67
N MET AA 11 -11.34 -41.83 52.92
CA MET AA 11 -10.41 -41.63 54.01
C MET AA 11 -9.01 -41.48 53.43
N ALA AA 12 -8.24 -40.54 53.97
CA ALA AA 12 -6.85 -40.39 53.58
C ALA AA 12 -6.01 -40.08 54.81
N MET AA 13 -5.03 -40.94 55.08
CA MET AA 13 -4.24 -40.83 56.30
C MET AA 13 -2.78 -40.66 55.96
N LYS AA 14 -2.21 -39.53 56.34
CA LYS AA 14 -0.80 -39.24 56.14
C LYS AA 14 0.04 -40.10 57.06
N GLY AA 15 1.03 -40.78 56.51
CA GLY AA 15 1.98 -41.54 57.30
C GLY AA 15 3.29 -40.80 57.47
N LYS AA 16 4.35 -41.57 57.72
CA LYS AA 16 5.69 -41.04 57.94
C LYS AA 16 6.24 -40.40 56.67
N ASN AA 17 6.37 -41.20 55.61
CA ASN AA 17 6.80 -40.72 54.32
C ASN AA 17 5.86 -41.13 53.20
N CYS AA 18 4.91 -42.01 53.49
CA CYS AA 18 3.96 -42.53 52.52
C CYS AA 18 2.57 -42.10 52.91
N VAL AA 19 1.69 -41.98 51.92
CA VAL AA 19 0.32 -41.51 52.14
C VAL AA 19 -0.64 -42.54 51.57
N ALA AA 20 -1.66 -42.88 52.35
CA ALA AA 20 -2.64 -43.87 51.96
C ALA AA 20 -4.01 -43.23 51.83
N ILE AA 21 -4.63 -43.44 50.67
CA ILE AA 21 -5.98 -42.96 50.42
C ILE AA 21 -6.87 -44.16 50.15
N ALA AA 22 -7.99 -44.21 50.85
CA ALA AA 22 -8.91 -45.32 50.71
C ALA AA 22 -10.33 -44.78 50.58
N ALA AA 23 -11.17 -45.55 49.91
CA ALA AA 23 -12.55 -45.18 49.73
C ALA AA 23 -13.36 -46.43 49.48
N ASP AA 24 -14.67 -46.27 49.50
CA ASP AA 24 -15.55 -47.32 49.06
C ASP AA 24 -16.11 -46.98 47.69
N ARG AA 25 -16.79 -47.96 47.12
CA ARG AA 25 -17.19 -47.94 45.72
C ARG AA 25 -18.60 -48.47 45.47
N ARG AA 26 -19.36 -48.73 46.54
CA ARG AA 26 -20.71 -49.25 46.38
C ARG AA 26 -21.53 -48.19 45.66
N PHE AA 27 -22.37 -48.58 44.71
CA PHE AA 27 -23.11 -47.57 44.00
C PHE AA 27 -24.58 -47.93 43.98
N GLY AA 28 -25.41 -47.05 44.53
CA GLY AA 28 -26.81 -47.35 44.65
C GLY AA 28 -27.73 -46.17 44.87
N ILE AA 29 -29.04 -46.42 44.88
CA ILE AA 29 -30.04 -45.38 44.99
C ILE AA 29 -30.82 -45.59 46.28
N GLN AA 30 -30.32 -45.01 47.37
CA GLN AA 30 -30.97 -44.78 48.66
C GLN AA 30 -31.30 -46.01 49.49
N ALA AA 31 -31.44 -47.17 48.87
CA ALA AA 31 -31.60 -48.43 49.57
C ALA AA 31 -31.03 -49.59 48.79
N GLN AA 32 -30.80 -49.40 47.50
CA GLN AA 32 -30.72 -50.47 46.53
C GLN AA 32 -29.44 -50.34 45.72
N MET AA 33 -28.55 -51.31 45.83
CA MET AA 33 -27.31 -51.25 45.08
C MET AA 33 -27.55 -51.54 43.61
N VAL AA 34 -26.59 -51.15 42.78
CA VAL AA 34 -26.66 -51.39 41.35
C VAL AA 34 -25.44 -52.18 40.91
N THR AA 35 -24.26 -51.75 41.35
CA THR AA 35 -23.01 -52.38 40.94
C THR AA 35 -21.97 -52.24 42.05
N THR AA 36 -20.82 -52.89 41.86
CA THR AA 36 -19.74 -52.76 42.82
C THR AA 36 -18.50 -52.14 42.20
N ASP AA 37 -18.43 -52.12 40.86
CA ASP AA 37 -17.18 -51.72 40.22
C ASP AA 37 -17.05 -50.21 40.07
N PHE AA 38 -17.81 -49.44 40.84
CA PHE AA 38 -17.79 -47.99 40.70
C PHE AA 38 -16.52 -47.38 41.32
N GLN AA 39 -16.00 -46.34 40.69
CA GLN AA 39 -14.71 -45.77 41.03
C GLN AA 39 -14.89 -44.37 41.60
N LYS AA 40 -14.33 -44.13 42.79
CA LYS AA 40 -14.40 -42.82 43.43
C LYS AA 40 -13.01 -42.23 43.63
N ILE AA 41 -11.96 -42.96 43.26
CA ILE AA 41 -10.60 -42.47 43.38
C ILE AA 41 -10.01 -42.25 42.00
N PHE AA 42 -9.48 -41.05 41.77
CA PHE AA 42 -9.03 -40.76 40.42
C PHE AA 42 -7.55 -40.44 40.39
N PRO AA 43 -6.82 -40.95 39.40
CA PRO AA 43 -5.43 -40.53 39.23
C PRO AA 43 -5.37 -39.13 38.63
N MET AA 44 -4.53 -38.29 39.22
CA MET AA 44 -4.29 -36.94 38.73
C MET AA 44 -2.78 -36.74 38.64
N GLY AA 45 -2.24 -36.94 37.45
CA GLY AA 45 -0.79 -36.96 37.33
C GLY AA 45 -0.24 -38.25 37.90
N ASP AA 46 1.05 -38.24 38.19
CA ASP AA 46 1.73 -39.39 38.77
C ASP AA 46 2.01 -39.12 40.23
N ARG AA 47 1.91 -40.19 41.03
CA ARG AA 47 2.12 -40.16 42.48
C ARG AA 47 1.20 -39.15 43.17
N LEU AA 48 -0.05 -39.07 42.70
CA LEU AA 48 -1.03 -38.17 43.25
C LEU AA 48 -2.42 -38.68 42.90
N TYR AA 49 -3.37 -38.47 43.79
CA TYR AA 49 -4.74 -38.92 43.59
C TYR AA 49 -5.69 -37.89 44.16
N ILE AA 50 -6.98 -38.07 43.88
CA ILE AA 50 -8.04 -37.33 44.54
C ILE AA 50 -9.19 -38.28 44.81
N GLY AA 51 -9.74 -38.20 46.01
CA GLY AA 51 -10.94 -38.93 46.36
C GLY AA 51 -12.15 -38.02 46.17
N LEU AA 52 -13.29 -38.64 45.92
CA LEU AA 52 -14.53 -37.90 45.72
C LEU AA 52 -15.66 -38.72 46.33
N ALA AA 53 -16.65 -38.03 46.90
CA ALA AA 53 -17.76 -38.71 47.56
C ALA AA 53 -18.99 -37.83 47.50
N GLY AA 54 -20.15 -38.44 47.61
CA GLY AA 54 -21.39 -37.71 47.68
C GLY AA 54 -22.34 -38.19 46.60
N LEU AA 55 -23.05 -37.24 46.00
CA LEU AA 55 -23.91 -37.53 44.88
C LEU AA 55 -23.03 -37.90 43.68
N ALA AA 56 -23.37 -39.02 43.02
CA ALA AA 56 -22.46 -39.63 42.07
C ALA AA 56 -22.31 -38.80 40.80
N THR AA 57 -23.32 -38.00 40.46
CA THR AA 57 -23.26 -37.15 39.28
C THR AA 57 -22.21 -36.07 39.42
N ASP AA 58 -22.17 -35.42 40.58
CA ASP AA 58 -21.14 -34.42 40.82
C ASP AA 58 -19.77 -35.05 40.97
N VAL AA 59 -19.71 -36.32 41.39
CA VAL AA 59 -18.44 -37.03 41.45
C VAL AA 59 -17.86 -37.19 40.05
N GLN AA 60 -18.67 -37.71 39.13
CA GLN AA 60 -18.18 -37.93 37.77
C GLN AA 60 -17.94 -36.62 37.02
N THR AA 61 -18.84 -35.64 37.21
CA THR AA 61 -18.75 -34.40 36.47
C THR AA 61 -17.61 -33.52 36.97
N VAL AA 62 -17.49 -33.39 38.29
CA VAL AA 62 -16.39 -32.63 38.87
C VAL AA 62 -15.06 -33.32 38.60
N ALA AA 63 -15.06 -34.66 38.54
CA ALA AA 63 -13.87 -35.39 38.15
C ALA AA 63 -13.45 -35.08 36.72
N GLN AA 64 -14.43 -34.97 35.81
CA GLN AA 64 -14.08 -34.68 34.42
C GLN AA 64 -13.65 -33.24 34.22
N ARG AA 65 -14.25 -32.30 34.96
CA ARG AA 65 -13.82 -30.90 34.83
C ARG AA 65 -12.43 -30.69 35.41
N LEU AA 66 -12.15 -31.34 36.54
CA LEU AA 66 -10.83 -31.23 37.14
C LEU AA 66 -9.77 -31.89 36.26
N LYS AA 67 -10.10 -33.01 35.63
CA LYS AA 67 -9.18 -33.65 34.70
C LYS AA 67 -8.95 -32.77 33.48
N PHE AA 68 -9.99 -32.06 33.03
CA PHE AA 68 -9.93 -31.11 31.92
C PHE AA 68 -8.92 -30.00 32.20
N ARG AA 69 -9.16 -29.23 33.26
CA ARG AA 69 -8.28 -28.10 33.55
C ARG AA 69 -6.90 -28.56 33.99
N LEU AA 70 -6.80 -29.78 34.55
CA LEU AA 70 -5.50 -30.30 34.95
C LEU AA 70 -4.65 -30.65 33.73
N ASN AA 71 -5.25 -31.32 32.74
CA ASN AA 71 -4.52 -31.60 31.51
C ASN AA 71 -4.14 -30.33 30.77
N LEU AA 72 -5.01 -29.31 30.81
CA LEU AA 72 -4.61 -28.04 30.20
C LEU AA 72 -3.49 -27.37 30.98
N TYR AA 73 -3.43 -27.57 32.28
CA TYR AA 73 -2.40 -26.91 33.06
C TYR AA 73 -1.05 -27.60 32.92
N GLU AA 74 -1.04 -28.94 32.86
CA GLU AA 74 0.24 -29.60 32.59
C GLU AA 74 0.60 -29.57 31.12
N LEU AA 75 -0.31 -29.09 30.26
CA LEU AA 75 0.12 -28.81 28.90
C LEU AA 75 0.42 -27.33 28.67
N LYS AA 76 0.20 -26.48 29.66
CA LYS AA 76 0.70 -25.12 29.56
C LYS AA 76 2.15 -25.03 30.02
N GLU AA 77 2.46 -25.69 31.13
CA GLU AA 77 3.80 -25.67 31.70
C GLU AA 77 4.31 -27.10 31.79
N GLY AA 78 5.62 -27.28 31.63
CA GLY AA 78 6.16 -28.62 31.50
C GLY AA 78 6.19 -29.40 32.79
N ARG AA 79 6.12 -28.71 33.92
CA ARG AA 79 6.23 -29.37 35.21
C ARG AA 79 4.92 -30.07 35.57
N GLN AA 80 5.01 -31.01 36.50
CA GLN AA 80 3.80 -31.52 37.13
C GLN AA 80 3.24 -30.48 38.08
N ILE AA 81 2.01 -30.71 38.53
CA ILE AA 81 1.36 -29.75 39.40
C ILE AA 81 1.74 -30.06 40.85
N LYS AA 82 1.91 -29.01 41.65
CA LYS AA 82 2.12 -29.09 43.08
C LYS AA 82 0.76 -29.20 43.74
N PRO AA 83 0.66 -29.88 44.88
CA PRO AA 83 -0.67 -30.21 45.40
C PRO AA 83 -1.44 -29.03 45.98
N TYR AA 84 -0.74 -27.99 46.47
CA TYR AA 84 -1.41 -26.77 46.88
C TYR AA 84 -2.15 -26.13 45.71
N THR AA 85 -1.51 -26.12 44.54
CA THR AA 85 -2.12 -25.58 43.33
C THR AA 85 -3.36 -26.39 42.94
N LEU AA 86 -3.32 -27.71 43.16
CA LEU AA 86 -4.48 -28.53 42.90
C LEU AA 86 -5.60 -28.21 43.89
N MET AA 87 -5.24 -27.95 45.15
CA MET AA 87 -6.25 -27.63 46.15
C MET AA 87 -6.95 -26.33 45.83
N SER AA 88 -6.21 -25.30 45.44
CA SER AA 88 -6.86 -24.05 45.07
C SER AA 88 -7.59 -24.17 43.73
N MET AA 89 -7.17 -25.10 42.88
CA MET AA 89 -7.89 -25.36 41.64
C MET AA 89 -9.27 -25.95 41.93
N VAL AA 90 -9.32 -26.93 42.83
CA VAL AA 90 -10.60 -27.54 43.19
C VAL AA 90 -11.46 -26.54 43.97
N ALA AA 91 -10.81 -25.68 44.75
CA ALA AA 91 -11.54 -24.67 45.50
C ALA AA 91 -12.18 -23.64 44.57
N ASN AA 92 -11.47 -23.23 43.52
CA ASN AA 92 -12.07 -22.31 42.56
C ASN AA 92 -13.15 -23.01 41.74
N LEU AA 93 -12.91 -24.26 41.36
CA LEU AA 93 -13.87 -24.97 40.52
C LEU AA 93 -15.16 -25.25 41.28
N LEU AA 94 -15.08 -25.44 42.59
CA LEU AA 94 -16.31 -25.53 43.35
C LEU AA 94 -16.92 -24.16 43.60
N TYR AA 95 -16.08 -23.13 43.75
CA TYR AA 95 -16.63 -21.83 44.12
C TYR AA 95 -17.23 -21.08 42.94
N GLU AA 96 -16.95 -21.49 41.70
CA GLU AA 96 -17.61 -20.87 40.56
C GLU AA 96 -19.12 -21.06 40.59
N LYS AA 97 -19.56 -22.25 40.97
CA LYS AA 97 -20.97 -22.51 41.20
C LYS AA 97 -21.23 -22.30 42.68
N ARG AA 98 -21.22 -21.03 43.09
CA ARG AA 98 -21.44 -20.68 44.49
C ARG AA 98 -22.87 -20.96 44.92
N PHE AA 99 -23.83 -20.56 44.12
CA PHE AA 99 -25.22 -20.55 44.52
C PHE AA 99 -25.93 -21.86 44.20
N GLY AA 100 -25.70 -22.44 43.04
CA GLY AA 100 -26.13 -23.80 42.78
C GLY AA 100 -24.96 -24.74 42.88
N PRO AA 101 -24.79 -25.38 44.02
CA PRO AA 101 -23.50 -26.02 44.33
C PRO AA 101 -23.38 -27.42 43.78
N TYR AA 102 -22.15 -27.89 43.60
CA TYR AA 102 -21.93 -29.30 43.38
C TYR AA 102 -21.94 -30.03 44.72
N TYR AA 103 -22.64 -31.15 44.76
CA TYR AA 103 -22.78 -31.92 45.98
C TYR AA 103 -21.66 -32.95 46.03
N THR AA 104 -20.47 -32.51 46.42
CA THR AA 104 -19.37 -33.41 46.62
C THR AA 104 -18.44 -32.83 47.67
N GLU AA 105 -17.64 -33.71 48.26
CA GLU AA 105 -16.63 -33.33 49.22
C GLU AA 105 -15.32 -33.96 48.84
N PRO AA 106 -14.49 -33.28 48.07
CA PRO AA 106 -13.26 -33.89 47.55
C PRO AA 106 -12.20 -34.04 48.60
N VAL AA 107 -11.35 -35.05 48.43
CA VAL AA 107 -10.20 -35.29 49.29
C VAL AA 107 -8.98 -35.45 48.40
N ILE AA 108 -8.02 -34.55 48.53
CA ILE AA 108 -6.80 -34.58 47.73
C ILE AA 108 -5.72 -35.20 48.59
N ALA AA 109 -5.13 -36.28 48.12
CA ALA AA 109 -4.06 -36.96 48.82
C ALA AA 109 -2.97 -37.31 47.80
N GLY AA 110 -1.74 -36.94 48.11
CA GLY AA 110 -0.64 -37.22 47.20
C GLY AA 110 0.66 -36.66 47.73
N LEU AA 111 1.76 -37.19 47.19
CA LEU AA 111 3.09 -36.76 47.56
C LEU AA 111 3.46 -35.53 46.72
N ASP AA 112 4.26 -34.65 47.30
CA ASP AA 112 4.85 -33.54 46.57
C ASP AA 112 5.83 -34.14 45.56
N PRO AA 113 5.74 -33.80 44.28
CA PRO AA 113 6.70 -34.38 43.30
C PRO AA 113 8.11 -33.83 43.41
N LYS AA 114 8.35 -32.79 44.22
CA LYS AA 114 9.72 -32.31 44.40
C LYS AA 114 10.48 -33.18 45.38
N THR AA 115 9.82 -33.58 46.47
CA THR AA 115 10.42 -34.26 47.62
C THR AA 115 9.65 -35.54 47.87
N PHE AA 116 9.81 -36.09 49.07
CA PHE AA 116 8.86 -37.12 49.51
C PHE AA 116 8.03 -36.60 50.67
N LYS AA 117 7.70 -35.31 50.64
CA LYS AA 117 6.75 -34.73 51.62
C LYS AA 117 5.32 -35.15 51.30
N PRO AA 118 4.64 -35.85 52.18
CA PRO AA 118 3.24 -36.21 51.94
C PRO AA 118 2.32 -35.02 52.21
N PHE AA 119 1.09 -35.15 51.73
CA PHE AA 119 0.11 -34.06 51.83
C PHE AA 119 -1.30 -34.59 51.68
N ILE AA 120 -2.18 -34.16 52.58
CA ILE AA 120 -3.61 -34.47 52.52
C ILE AA 120 -4.39 -33.21 52.83
N CYS AA 121 -5.55 -33.06 52.17
CA CYS AA 121 -6.47 -31.95 52.43
C CYS AA 121 -7.84 -32.34 51.94
N SER AA 122 -8.86 -31.70 52.50
CA SER AA 122 -10.24 -31.98 52.11
C SER AA 122 -11.00 -30.67 52.02
N LEU AA 123 -12.04 -30.66 51.20
CA LEU AA 123 -12.73 -29.43 50.85
C LEU AA 123 -14.23 -29.58 51.02
N ASP AA 124 -14.87 -28.51 51.47
CA ASP AA 124 -16.32 -28.48 51.53
C ASP AA 124 -16.91 -28.29 50.14
N LEU AA 125 -18.23 -28.39 50.06
CA LEU AA 125 -18.90 -28.22 48.77
C LEU AA 125 -18.89 -26.77 48.33
N ILE AA 126 -18.89 -25.84 49.29
CA ILE AA 126 -18.72 -24.44 48.95
C ILE AA 126 -17.28 -24.16 48.51
N GLY AA 127 -16.33 -24.93 49.03
CA GLY AA 127 -14.96 -24.82 48.56
C GLY AA 127 -13.96 -24.37 49.61
N CYS AA 128 -14.24 -24.63 50.88
CA CYS AA 128 -13.33 -24.23 51.93
C CYS AA 128 -12.18 -25.20 52.05
N PRO AA 129 -10.94 -24.77 51.88
CA PRO AA 129 -9.80 -25.69 52.01
C PRO AA 129 -9.52 -25.95 53.48
N MET AA 130 -8.80 -27.04 53.73
CA MET AA 130 -8.42 -27.41 55.09
C MET AA 130 -7.25 -28.38 55.01
N VAL AA 131 -6.13 -28.00 55.60
CA VAL AA 131 -4.96 -28.86 55.66
C VAL AA 131 -4.80 -29.41 57.07
N THR AA 132 -4.64 -30.73 57.15
CA THR AA 132 -4.43 -31.39 58.43
C THR AA 132 -3.13 -32.17 58.38
N ASP AA 133 -2.86 -32.89 59.46
CA ASP AA 133 -1.62 -33.61 59.61
C ASP AA 133 -1.84 -35.08 59.88
N ASP AA 134 -3.07 -35.49 60.19
CA ASP AA 134 -3.34 -36.86 60.59
C ASP AA 134 -4.25 -37.57 59.59
N PHE AA 135 -5.43 -37.03 59.30
CA PHE AA 135 -6.41 -37.68 58.44
C PHE AA 135 -7.52 -36.69 58.12
N VAL AA 136 -8.16 -36.92 56.98
CA VAL AA 136 -9.38 -36.21 56.60
C VAL AA 136 -10.39 -37.25 56.11
N VAL AA 137 -11.67 -36.99 56.36
CA VAL AA 137 -12.75 -37.91 56.01
C VAL AA 137 -13.86 -37.11 55.35
N SER AA 138 -14.59 -37.74 54.45
CA SER AA 138 -15.65 -37.06 53.71
C SER AA 138 -16.68 -38.07 53.22
N GLY AA 139 -17.91 -37.94 53.72
CA GLY AA 139 -18.96 -38.83 53.30
C GLY AA 139 -20.14 -38.72 54.23
N THR AA 140 -21.10 -39.62 54.04
CA THR AA 140 -22.29 -39.68 54.89
C THR AA 140 -21.91 -40.11 56.27
N CYS AA 141 -21.21 -41.24 56.33
CA CYS AA 141 -20.56 -41.69 57.55
C CYS AA 141 -19.33 -40.84 57.77
N ALA AA 142 -19.29 -40.14 58.89
CA ALA AA 142 -18.08 -39.46 59.32
C ALA AA 142 -17.73 -39.70 60.77
N GLU AA 143 -18.73 -39.85 61.64
CA GLU AA 143 -18.48 -39.97 63.06
C GLU AA 143 -17.82 -41.30 63.39
N GLN AA 144 -18.06 -42.31 62.55
CA GLN AA 144 -17.39 -43.58 62.66
C GLN AA 144 -15.90 -43.46 62.41
N MET AA 145 -15.53 -42.78 61.33
CA MET AA 145 -14.12 -42.70 60.97
C MET AA 145 -13.38 -41.73 61.89
N TYR AA 146 -14.07 -40.72 62.40
CA TYR AA 146 -13.47 -39.95 63.49
C TYR AA 146 -13.36 -40.77 64.77
N GLY AA 147 -14.22 -41.75 64.95
CA GLY AA 147 -14.11 -42.62 66.09
C GLY AA 147 -12.94 -43.57 65.98
N MET AA 148 -12.57 -43.93 64.75
CA MET AA 148 -11.46 -44.87 64.59
C MET AA 148 -10.11 -44.16 64.49
N CYS AA 149 -10.02 -43.13 63.66
CA CYS AA 149 -8.73 -42.54 63.35
C CYS AA 149 -8.24 -41.62 64.48
N GLU AA 150 -9.06 -41.36 65.49
CA GLU AA 150 -8.53 -40.68 66.66
C GLU AA 150 -8.08 -41.67 67.72
N SER AA 151 -8.06 -42.96 67.40
CA SER AA 151 -7.56 -43.96 68.32
C SER AA 151 -6.66 -44.99 67.67
N LEU AA 152 -6.48 -44.94 66.35
CA LEU AA 152 -5.52 -45.83 65.72
C LEU AA 152 -4.39 -45.09 65.04
N TRP AA 153 -4.46 -43.77 64.97
CA TRP AA 153 -3.43 -43.01 64.28
C TRP AA 153 -2.22 -42.79 65.17
N GLU AA 154 -1.05 -43.13 64.66
CA GLU AA 154 0.24 -42.81 65.26
C GLU AA 154 0.95 -41.80 64.37
N PRO AA 155 1.89 -41.01 64.92
CA PRO AA 155 2.54 -39.98 64.09
C PRO AA 155 3.50 -40.52 63.04
N ASN AA 156 4.32 -41.51 63.37
CA ASN AA 156 5.38 -41.97 62.48
C ASN AA 156 5.08 -43.37 62.02
N MET AA 157 4.65 -43.52 60.77
CA MET AA 157 4.07 -44.77 60.33
C MET AA 157 4.76 -45.30 59.08
N ASP AA 158 5.39 -46.45 59.25
CA ASP AA 158 5.84 -47.34 58.19
C ASP AA 158 4.63 -47.82 57.39
N PRO AA 159 4.82 -48.22 56.12
CA PRO AA 159 3.64 -48.53 55.28
C PRO AA 159 2.81 -49.72 55.74
N ASP AA 160 3.39 -50.62 56.53
CA ASP AA 160 2.65 -51.77 57.04
C ASP AA 160 1.60 -51.34 58.06
N HIS AA 161 2.02 -50.56 59.05
CA HIS AA 161 1.08 -50.11 60.07
C HIS AA 161 0.11 -49.09 59.52
N LEU AA 162 0.50 -48.37 58.47
CA LEU AA 162 -0.42 -47.46 57.80
C LEU AA 162 -1.50 -48.23 57.06
N PHE AA 163 -1.10 -49.27 56.34
CA PHE AA 163 -2.04 -50.10 55.60
C PHE AA 163 -2.99 -50.84 56.53
N GLU AA 164 -2.48 -51.36 57.63
CA GLU AA 164 -3.36 -52.11 58.53
C GLU AA 164 -4.22 -51.16 59.36
N THR AA 165 -3.71 -49.96 59.64
CA THR AA 165 -4.50 -48.97 60.37
C THR AA 165 -5.68 -48.49 59.54
N ILE AA 166 -5.42 -48.14 58.28
CA ILE AA 166 -6.50 -47.70 57.42
C ILE AA 166 -7.41 -48.86 57.05
N SER AA 167 -6.90 -50.09 57.12
CA SER AA 167 -7.72 -51.27 56.87
C SER AA 167 -8.74 -51.47 57.98
N GLN AA 168 -8.27 -51.44 59.24
CA GLN AA 168 -9.19 -51.61 60.36
C GLN AA 168 -10.16 -50.44 60.47
N ALA AA 169 -9.70 -49.22 60.19
CA ALA AA 169 -10.56 -48.06 60.30
C ALA AA 169 -11.64 -48.06 59.21
N MET AA 170 -11.28 -48.43 57.98
CA MET AA 170 -12.28 -48.49 56.92
C MET AA 170 -13.25 -49.64 57.11
N LEU AA 171 -12.78 -50.82 57.51
CA LEU AA 171 -13.68 -51.96 57.64
C LEU AA 171 -14.64 -51.77 58.80
N ASN AA 172 -14.11 -51.46 60.00
CA ASN AA 172 -14.97 -51.28 61.15
C ASN AA 172 -15.79 -50.01 61.06
N ALA AA 173 -15.34 -49.05 60.25
CA ALA AA 173 -16.11 -47.82 60.11
C ALA AA 173 -17.27 -48.02 59.16
N VAL AA 174 -17.04 -48.68 58.02
CA VAL AA 174 -18.10 -48.82 57.02
C VAL AA 174 -19.10 -49.88 57.46
N ASP AA 175 -18.65 -50.89 58.20
CA ASP AA 175 -19.57 -51.96 58.61
C ASP AA 175 -20.51 -51.51 59.73
N ARG AA 176 -20.37 -50.29 60.22
CA ARG AA 176 -21.36 -49.73 61.13
C ARG AA 176 -22.35 -48.84 60.37
N ASP AA 177 -21.93 -48.27 59.25
CA ASP AA 177 -22.87 -47.55 58.40
C ASP AA 177 -23.72 -48.54 57.61
N ALA AA 178 -24.88 -48.09 57.15
CA ALA AA 178 -25.78 -48.97 56.43
C ALA AA 178 -25.67 -48.79 54.92
N VAL AA 179 -25.74 -47.54 54.46
CA VAL AA 179 -25.96 -47.30 53.03
C VAL AA 179 -24.69 -47.52 52.23
N SER AA 180 -23.55 -47.66 52.91
CA SER AA 180 -22.31 -47.95 52.22
C SER AA 180 -21.85 -49.36 52.51
N GLY AA 181 -20.85 -49.81 51.75
CA GLY AA 181 -20.33 -51.14 51.95
C GLY AA 181 -19.78 -51.70 50.65
N MET AA 182 -19.88 -53.03 50.54
CA MET AA 182 -19.70 -53.78 49.30
C MET AA 182 -18.26 -53.68 48.79
N GLY AA 183 -17.32 -53.56 49.70
CA GLY AA 183 -15.93 -53.58 49.29
C GLY AA 183 -15.20 -52.31 49.68
N VAL AA 184 -13.91 -52.46 49.98
CA VAL AA 184 -13.03 -51.36 50.36
C VAL AA 184 -11.74 -51.45 49.57
N ILE AA 185 -11.44 -50.38 48.83
CA ILE AA 185 -10.21 -50.30 48.06
C ILE AA 185 -9.26 -49.34 48.77
N VAL AA 186 -7.98 -49.74 48.82
CA VAL AA 186 -6.96 -49.00 49.55
C VAL AA 186 -5.78 -48.73 48.63
N HIS AA 187 -5.55 -47.46 48.34
CA HIS AA 187 -4.37 -47.03 47.61
C HIS AA 187 -3.32 -46.60 48.61
N ILE AA 188 -2.30 -47.43 48.81
CA ILE AA 188 -1.12 -47.06 49.59
C ILE AA 188 0.00 -46.69 48.62
N ILE AA 189 0.36 -45.42 48.59
CA ILE AA 189 1.41 -44.97 47.69
C ILE AA 189 2.58 -44.46 48.51
N GLU AA 190 3.77 -44.74 48.02
CA GLU AA 190 5.01 -44.31 48.66
C GLU AA 190 5.87 -43.67 47.59
N LYS AA 191 7.14 -43.41 47.92
CA LYS AA 191 8.04 -42.75 46.98
C LYS AA 191 8.38 -43.67 45.82
N ASP AA 192 8.52 -44.98 46.11
CA ASP AA 192 8.91 -45.91 45.06
C ASP AA 192 7.73 -46.28 44.19
N LYS AA 193 6.70 -46.90 44.78
CA LYS AA 193 5.74 -47.62 43.97
C LYS AA 193 4.34 -47.41 44.53
N ILE AA 194 3.39 -47.31 43.62
CA ILE AA 194 1.97 -47.20 43.92
C ILE AA 194 1.42 -48.60 44.08
N THR AA 195 0.67 -48.83 45.15
CA THR AA 195 0.17 -50.16 45.47
C THR AA 195 -1.32 -50.08 45.76
N THR AA 196 -2.10 -50.92 45.07
CA THR AA 196 -3.55 -50.95 45.23
C THR AA 196 -3.98 -52.32 45.72
N ARG AA 197 -4.64 -52.36 46.87
CA ARG AA 197 -5.15 -53.61 47.41
C ARG AA 197 -6.63 -53.42 47.73
N THR AA 198 -7.40 -54.48 47.53
CA THR AA 198 -8.82 -54.50 47.86
C THR AA 198 -9.03 -55.52 48.97
N LEU AA 199 -9.60 -55.07 50.08
CA LEU AA 199 -9.68 -55.90 51.26
C LEU AA 199 -10.80 -56.93 51.12
N LYS AA 200 -10.92 -57.77 52.15
CA LYS AA 200 -11.97 -58.78 52.20
C LYS AA 200 -13.06 -58.28 53.14
N ALA AA 201 -14.07 -57.64 52.58
CA ALA AA 201 -15.08 -56.95 53.36
C ALA AA 201 -16.35 -57.76 53.41
N ARG AA 202 -17.27 -57.32 54.27
CA ARG AA 202 -18.61 -57.89 54.31
C ARG AA 202 -19.38 -57.47 53.06
N MET AA 203 -20.21 -58.38 52.56
CA MET AA 203 -21.01 -58.12 51.38
C MET AA 203 -22.45 -57.75 51.72
N ASP AA 204 -22.70 -57.35 52.96
CA ASP AA 204 -24.05 -57.03 53.39
C ASP AA 204 -24.15 -55.66 54.04
N MET BA 1 -42.89 -47.68 36.31
CA MET BA 1 -44.11 -47.99 35.59
C MET BA 1 -43.86 -48.85 34.36
N GLU BA 2 -42.61 -48.92 33.92
CA GLU BA 2 -42.26 -49.68 32.72
C GLU BA 2 -41.06 -50.57 33.00
N TYR BA 3 -41.10 -51.79 32.45
CA TYR BA 3 -40.16 -52.85 32.78
C TYR BA 3 -39.14 -53.05 31.67
N LEU BA 4 -37.89 -53.21 32.07
CA LEU BA 4 -36.86 -53.63 31.13
C LEU BA 4 -35.68 -54.30 31.83
N ILE BA 5 -34.88 -55.01 31.07
CA ILE BA 5 -33.81 -55.82 31.62
C ILE BA 5 -32.66 -55.87 30.61
N GLY BA 6 -31.51 -56.40 31.02
CA GLY BA 6 -30.41 -56.57 30.10
C GLY BA 6 -29.33 -57.42 30.73
N ILE BA 7 -28.85 -58.40 29.97
CA ILE BA 7 -27.90 -59.38 30.51
C ILE BA 7 -26.66 -59.39 29.63
N GLN BA 8 -25.51 -59.13 30.24
CA GLN BA 8 -24.21 -59.15 29.57
C GLN BA 8 -23.70 -60.58 29.50
N GLY BA 9 -23.48 -61.07 28.29
CA GLY BA 9 -22.87 -62.36 28.10
C GLY BA 9 -21.38 -62.26 27.83
N PRO BA 10 -20.76 -63.38 27.44
CA PRO BA 10 -19.35 -63.29 26.99
C PRO BA 10 -19.19 -62.59 25.67
N ASP BA 11 -20.11 -62.80 24.72
CA ASP BA 11 -20.02 -62.16 23.42
C ASP BA 11 -21.36 -61.69 22.89
N TYR BA 12 -22.34 -61.50 23.77
CA TYR BA 12 -23.67 -61.12 23.35
C TYR BA 12 -24.31 -60.28 24.44
N VAL BA 13 -25.16 -59.35 24.05
CA VAL BA 13 -25.97 -58.57 24.98
C VAL BA 13 -27.41 -58.63 24.49
N LEU BA 14 -28.31 -59.15 25.32
CA LEU BA 14 -29.73 -59.13 25.01
C LEU BA 14 -30.41 -58.12 25.92
N VAL BA 15 -31.30 -57.32 25.35
CA VAL BA 15 -32.13 -56.42 26.12
C VAL BA 15 -33.57 -56.74 25.80
N ALA BA 16 -34.48 -56.29 26.64
CA ALA BA 16 -35.89 -56.61 26.49
C ALA BA 16 -36.71 -55.53 27.13
N SER BA 17 -37.57 -54.90 26.36
CA SER BA 17 -38.42 -53.83 26.85
C SER BA 17 -39.82 -54.38 27.09
N ASP BA 18 -40.77 -53.47 27.29
CA ASP BA 18 -42.17 -53.83 27.39
C ASP BA 18 -43.00 -52.99 26.42
N ARG BA 19 -43.91 -53.69 25.74
CA ARG BA 19 -44.65 -53.08 24.64
C ARG BA 19 -45.82 -52.24 25.14
N VAL BA 20 -45.98 -52.14 26.46
CA VAL BA 20 -47.03 -51.32 27.07
C VAL BA 20 -46.66 -49.85 26.94
N ALA BA 21 -47.59 -49.06 26.42
CA ALA BA 21 -47.46 -47.61 26.33
C ALA BA 21 -48.64 -46.90 26.97
N ALA BA 22 -49.00 -47.26 28.19
CA ALA BA 22 -50.33 -46.99 28.72
C ALA BA 22 -50.53 -45.53 29.09
N SER BA 23 -51.80 -45.14 29.14
CA SER BA 23 -52.27 -43.85 29.62
C SER BA 23 -52.47 -43.93 31.14
N ASN BA 24 -53.27 -42.98 31.63
CA ASN BA 24 -53.57 -42.76 33.06
C ASN BA 24 -54.04 -44.06 33.71
N ILE BA 25 -55.13 -44.69 33.24
CA ILE BA 25 -55.47 -46.02 33.74
C ILE BA 25 -55.68 -47.01 32.62
N VAL BA 26 -55.77 -46.57 31.38
CA VAL BA 26 -56.01 -47.46 30.25
C VAL BA 26 -54.73 -47.67 29.49
N GLN BA 27 -54.71 -48.72 28.69
CA GLN BA 27 -53.57 -49.08 27.87
C GLN BA 27 -53.86 -48.71 26.43
N MET BA 28 -53.33 -47.57 25.98
CA MET BA 28 -53.67 -47.09 24.65
C MET BA 28 -52.95 -47.88 23.57
N LYS BA 29 -51.66 -48.10 23.73
CA LYS BA 29 -50.89 -48.79 22.70
C LYS BA 29 -50.28 -50.04 23.31
N ASP BA 30 -50.54 -51.16 22.68
CA ASP BA 30 -50.14 -52.47 23.20
C ASP BA 30 -48.92 -53.05 22.50
N ASP BA 31 -48.33 -52.33 21.56
CA ASP BA 31 -47.16 -52.79 20.82
C ASP BA 31 -46.12 -51.70 20.62
N HIS BA 32 -45.71 -51.03 21.68
CA HIS BA 32 -44.78 -49.90 21.56
C HIS BA 32 -43.35 -50.40 21.39
N ASP BA 33 -42.54 -49.63 20.67
CA ASP BA 33 -41.14 -49.95 20.43
C ASP BA 33 -40.28 -48.93 21.16
N LYS BA 34 -39.70 -49.35 22.28
CA LYS BA 34 -38.81 -48.48 23.04
C LYS BA 34 -37.37 -48.51 22.53
N MET BA 35 -37.11 -49.14 21.39
CA MET BA 35 -35.76 -49.42 20.98
C MET BA 35 -35.36 -48.53 19.82
N PHE BA 36 -34.24 -47.82 19.96
CA PHE BA 36 -33.83 -46.82 18.98
C PHE BA 36 -32.54 -47.25 18.31
N LYS BA 37 -32.67 -47.82 17.11
CA LYS BA 37 -31.55 -48.42 16.39
C LYS BA 37 -30.64 -47.30 15.90
N MET BA 38 -29.44 -47.20 16.49
CA MET BA 38 -28.47 -46.23 16.03
C MET BA 38 -27.71 -46.75 14.82
N SER BA 39 -27.06 -47.90 14.95
CA SER BA 39 -26.55 -48.69 13.83
C SER BA 39 -26.65 -50.15 14.20
N GLU BA 40 -25.86 -50.98 13.49
CA GLU BA 40 -25.71 -52.38 13.88
C GLU BA 40 -25.08 -52.52 15.26
N LYS BA 41 -24.29 -51.54 15.68
CA LYS BA 41 -23.58 -51.68 16.95
C LYS BA 41 -24.48 -51.38 18.14
N ILE BA 42 -25.05 -50.18 18.21
CA ILE BA 42 -25.52 -49.65 19.48
C ILE BA 42 -27.03 -49.49 19.47
N LEU BA 43 -27.71 -50.09 20.46
CA LEU BA 43 -29.12 -49.84 20.72
C LEU BA 43 -29.24 -48.76 21.77
N LEU BA 44 -30.46 -48.29 21.98
CA LEU BA 44 -30.76 -47.25 22.95
C LEU BA 44 -32.19 -47.41 23.44
N LEU BA 45 -32.36 -47.37 24.75
CA LEU BA 45 -33.65 -47.50 25.41
C LEU BA 45 -33.88 -46.22 26.20
N CYS BA 46 -35.15 -45.84 26.40
CA CYS BA 46 -35.41 -44.56 27.04
C CYS BA 46 -36.84 -44.52 27.59
N VAL BA 47 -36.97 -44.51 28.92
CA VAL BA 47 -38.24 -44.49 29.64
C VAL BA 47 -38.11 -43.58 30.84
N GLY BA 48 -39.12 -42.73 31.04
CA GLY BA 48 -39.12 -41.73 32.08
C GLY BA 48 -40.39 -40.92 31.99
N GLU BA 49 -40.25 -39.60 31.93
CA GLU BA 49 -41.35 -38.72 31.57
C GLU BA 49 -41.90 -39.12 30.21
N ALA BA 50 -43.23 -38.99 30.06
CA ALA BA 50 -43.92 -39.46 28.87
C ALA BA 50 -43.51 -38.68 27.63
N GLY BA 51 -43.14 -37.42 27.79
CA GLY BA 51 -42.79 -36.60 26.66
C GLY BA 51 -41.31 -36.46 26.38
N ASP BA 52 -40.49 -36.48 27.42
CA ASP BA 52 -39.08 -36.12 27.28
C ASP BA 52 -38.29 -37.20 26.58
N THR BA 53 -38.66 -38.46 26.80
CA THR BA 53 -37.86 -39.59 26.32
C THR BA 53 -37.84 -39.67 24.81
N VAL BA 54 -38.99 -39.44 24.19
CA VAL BA 54 -39.13 -39.61 22.74
C VAL BA 54 -38.30 -38.59 21.99
N GLN BA 55 -38.28 -37.32 22.42
CA GLN BA 55 -37.43 -36.39 21.69
C GLN BA 55 -35.99 -36.50 22.14
N PHE BA 56 -35.74 -37.04 23.34
CA PHE BA 56 -34.36 -37.16 23.77
C PHE BA 56 -33.63 -38.28 23.04
N ALA BA 57 -34.34 -39.35 22.68
CA ALA BA 57 -33.72 -40.43 21.95
C ALA BA 57 -33.31 -40.01 20.54
N GLU BA 58 -34.05 -39.08 19.93
CA GLU BA 58 -33.65 -38.65 18.59
C GLU BA 58 -32.44 -37.73 18.63
N TYR BA 59 -32.22 -37.04 19.74
CA TYR BA 59 -31.14 -36.08 19.82
C TYR BA 59 -29.77 -36.76 19.78
N ILE BA 60 -29.62 -37.78 20.62
CA ILE BA 60 -28.45 -38.65 20.57
C ILE BA 60 -28.35 -39.35 19.22
N GLN BA 61 -29.50 -39.73 18.64
CA GLN BA 61 -29.52 -40.41 17.34
C GLN BA 61 -28.94 -39.55 16.23
N LYS BA 62 -29.30 -38.27 16.19
CA LYS BA 62 -28.84 -37.45 15.08
C LYS BA 62 -27.42 -36.94 15.34
N ASN BA 63 -27.03 -36.81 16.60
CA ASN BA 63 -25.65 -36.40 16.85
C ASN BA 63 -24.66 -37.53 16.56
N VAL BA 64 -24.94 -38.74 17.05
CA VAL BA 64 -24.00 -39.84 16.83
C VAL BA 64 -24.07 -40.31 15.38
N GLN BA 65 -25.26 -40.20 14.79
CA GLN BA 65 -25.41 -40.43 13.36
C GLN BA 65 -24.56 -39.46 12.55
N LEU BA 66 -24.56 -38.17 12.95
CA LEU BA 66 -23.70 -37.18 12.32
C LEU BA 66 -22.23 -37.50 12.54
N TYR BA 67 -21.89 -38.18 13.63
CA TYR BA 67 -20.49 -38.54 13.83
C TYR BA 67 -20.05 -39.65 12.87
N LYS BA 68 -20.73 -40.79 12.91
CA LYS BA 68 -20.25 -41.93 12.12
C LYS BA 68 -20.45 -41.73 10.63
N MET BA 69 -21.38 -40.87 10.25
CA MET BA 69 -21.56 -40.55 8.85
C MET BA 69 -20.46 -39.61 8.35
N ARG BA 70 -19.79 -38.88 9.25
CA ARG BA 70 -18.78 -37.91 8.84
C ARG BA 70 -17.36 -38.40 8.96
N ASN BA 71 -17.00 -39.20 9.96
CA ASN BA 71 -15.64 -39.71 9.96
C ASN BA 71 -15.50 -41.06 9.26
N GLY BA 72 -16.61 -41.72 8.93
CA GLY BA 72 -16.52 -42.97 8.21
C GLY BA 72 -16.38 -44.19 9.09
N TYR BA 73 -16.13 -43.96 10.37
CA TYR BA 73 -16.04 -45.02 11.37
C TYR BA 73 -16.91 -44.62 12.55
N GLU BA 74 -17.31 -45.60 13.33
CA GLU BA 74 -18.36 -45.39 14.33
C GLU BA 74 -17.78 -45.57 15.73
N LEU BA 75 -18.34 -44.83 16.68
CA LEU BA 75 -17.90 -44.85 18.06
C LEU BA 75 -18.06 -46.21 18.73
N SER BA 76 -17.21 -46.45 19.70
CA SER BA 76 -17.42 -47.50 20.68
C SER BA 76 -18.60 -47.11 21.57
N PRO BA 77 -19.24 -48.07 22.23
CA PRO BA 77 -20.36 -47.73 23.11
C PRO BA 77 -19.99 -46.90 24.32
N THR BA 78 -18.71 -46.85 24.70
CA THR BA 78 -18.29 -46.04 25.83
C THR BA 78 -18.45 -44.56 25.54
N ALA BA 79 -18.05 -44.13 24.33
CA ALA BA 79 -18.23 -42.75 23.94
C ALA BA 79 -19.69 -42.36 23.79
N ALA BA 80 -20.55 -43.32 23.42
CA ALA BA 80 -21.98 -43.04 23.40
C ALA BA 80 -22.51 -42.91 24.82
N ALA BA 81 -21.96 -43.70 25.76
CA ALA BA 81 -22.42 -43.66 27.13
C ALA BA 81 -22.08 -42.32 27.78
N ASN BA 82 -20.83 -41.87 27.62
CA ASN BA 82 -20.48 -40.55 28.13
C ASN BA 82 -21.20 -39.45 27.36
N PHE BA 83 -21.51 -39.70 26.08
CA PHE BA 83 -22.13 -38.65 25.29
C PHE BA 83 -23.60 -38.46 25.70
N THR BA 84 -24.26 -39.52 26.14
CA THR BA 84 -25.59 -39.34 26.70
C THR BA 84 -25.53 -38.73 28.09
N ARG BA 85 -24.60 -39.23 28.92
CA ARG BA 85 -24.46 -38.73 30.29
C ARG BA 85 -24.20 -37.24 30.31
N ARG BA 86 -23.32 -36.75 29.43
CA ARG BA 86 -22.96 -35.34 29.41
C ARG BA 86 -24.14 -34.47 28.99
N ASN BA 87 -25.00 -34.98 28.12
CA ASN BA 87 -26.16 -34.18 27.74
C ASN BA 87 -27.20 -34.15 28.84
N LEU BA 88 -27.31 -35.21 29.64
CA LEU BA 88 -28.15 -35.09 30.82
C LEU BA 88 -27.53 -34.17 31.87
N ALA BA 89 -26.20 -34.20 32.01
CA ALA BA 89 -25.56 -33.44 33.07
C ALA BA 89 -25.54 -31.96 32.76
N ASP BA 90 -25.50 -31.59 31.48
CA ASP BA 90 -25.78 -30.21 31.12
C ASP BA 90 -27.26 -29.92 31.12
N CYS BA 91 -28.10 -30.94 30.99
CA CYS BA 91 -29.54 -30.72 31.01
C CYS BA 91 -30.07 -30.43 32.41
N LEU BA 92 -29.48 -31.01 33.45
CA LEU BA 92 -30.04 -31.00 34.79
C LEU BA 92 -30.10 -29.62 35.42
N ARG BA 93 -28.95 -28.96 35.52
CA ARG BA 93 -28.88 -27.61 36.09
C ARG BA 93 -29.32 -26.62 35.03
N SER BA 94 -30.62 -26.56 34.75
CA SER BA 94 -31.13 -25.63 33.76
C SER BA 94 -32.61 -25.37 34.04
N ARG BA 95 -33.26 -24.70 33.09
CA ARG BA 95 -34.69 -24.43 33.21
C ARG BA 95 -35.51 -25.61 32.72
N THR BA 96 -34.96 -26.39 31.78
CA THR BA 96 -35.66 -27.52 31.17
C THR BA 96 -34.88 -28.80 31.48
N PRO BA 97 -35.23 -29.49 32.56
CA PRO BA 97 -34.57 -30.77 32.84
C PRO BA 97 -35.26 -31.90 32.09
N TYR BA 98 -34.47 -32.88 31.68
CA TYR BA 98 -35.04 -34.12 31.17
C TYR BA 98 -35.25 -35.08 32.33
N HIS BA 99 -36.14 -36.04 32.12
CA HIS BA 99 -36.32 -37.11 33.10
C HIS BA 99 -36.36 -38.42 32.34
N VAL BA 100 -35.18 -38.97 32.05
CA VAL BA 100 -35.04 -40.23 31.34
C VAL BA 100 -34.22 -41.15 32.23
N ASN BA 101 -34.20 -42.44 31.89
CA ASN BA 101 -33.52 -43.36 32.78
C ASN BA 101 -32.58 -44.36 32.12
N LEU BA 102 -32.84 -44.75 30.87
CA LEU BA 102 -32.46 -46.12 30.55
C LEU BA 102 -31.08 -46.21 29.95
N LEU BA 103 -30.82 -47.39 29.39
CA LEU BA 103 -29.50 -48.00 29.31
C LEU BA 103 -29.13 -48.29 27.85
N LEU BA 104 -27.83 -48.29 27.59
CA LEU BA 104 -27.25 -48.44 26.28
C LEU BA 104 -26.66 -49.82 26.07
N ALA BA 105 -27.16 -50.51 25.05
CA ALA BA 105 -26.65 -51.82 24.67
C ALA BA 105 -25.80 -51.68 23.41
N GLY BA 106 -24.55 -52.10 23.49
CA GLY BA 106 -23.66 -51.95 22.36
C GLY BA 106 -22.58 -53.00 22.35
N TYR BA 107 -22.05 -53.25 21.16
CA TYR BA 107 -21.00 -54.23 20.95
C TYR BA 107 -19.84 -53.56 20.24
N ASP BA 108 -18.64 -53.85 20.71
CA ASP BA 108 -17.42 -53.43 20.05
C ASP BA 108 -16.62 -54.67 19.67
N GLU BA 109 -16.05 -54.64 18.47
CA GLU BA 109 -15.26 -55.76 17.99
C GLU BA 109 -13.89 -55.85 18.66
N HIS BA 110 -13.46 -54.80 19.35
CA HIS BA 110 -12.16 -54.80 20.02
C HIS BA 110 -12.34 -54.89 21.52
N GLU BA 111 -13.21 -54.08 22.10
CA GLU BA 111 -13.39 -54.04 23.54
C GLU BA 111 -14.37 -55.10 24.05
N GLY BA 112 -15.12 -55.74 23.17
CA GLY BA 112 -16.12 -56.70 23.59
C GLY BA 112 -17.44 -56.04 23.90
N PRO BA 113 -18.46 -56.85 24.19
CA PRO BA 113 -19.81 -56.30 24.42
C PRO BA 113 -19.92 -55.58 25.75
N ALA BA 114 -20.62 -54.45 25.72
CA ALA BA 114 -20.73 -53.57 26.88
C ALA BA 114 -22.18 -53.17 27.09
N LEU BA 115 -22.59 -53.13 28.35
CA LEU BA 115 -23.92 -52.70 28.75
C LEU BA 115 -23.81 -51.67 29.86
N TYR BA 116 -24.21 -50.44 29.57
CA TYR BA 116 -24.10 -49.34 30.52
C TYR BA 116 -25.45 -49.08 31.17
N TYR BA 117 -25.53 -48.01 31.95
CA TYR BA 117 -26.63 -47.79 32.88
C TYR BA 117 -26.69 -46.32 33.25
N MET BA 118 -27.79 -45.66 32.90
CA MET BA 118 -28.01 -44.28 33.30
C MET BA 118 -28.88 -44.22 34.55
N ASP BA 119 -29.32 -43.00 34.87
CA ASP BA 119 -30.24 -42.72 35.96
C ASP BA 119 -30.82 -41.34 35.69
N TYR BA 120 -31.92 -41.00 36.37
CA TYR BA 120 -32.53 -39.69 36.11
C TYR BA 120 -31.71 -38.55 36.67
N LEU BA 121 -30.74 -38.83 37.53
CA LEU BA 121 -29.79 -37.83 37.97
C LEU BA 121 -28.47 -37.89 37.24
N ALA BA 122 -28.39 -38.64 36.14
CA ALA BA 122 -27.28 -38.77 35.18
C ALA BA 122 -26.05 -39.47 35.73
N ALA BA 123 -26.18 -40.59 36.44
CA ALA BA 123 -25.00 -41.35 36.82
C ALA BA 123 -24.64 -42.38 35.77
N LEU BA 124 -23.44 -42.94 35.89
CA LEU BA 124 -22.97 -44.04 35.04
C LEU BA 124 -22.80 -45.30 35.87
N ALA BA 125 -22.83 -46.43 35.18
CA ALA BA 125 -22.58 -47.73 35.80
C ALA BA 125 -22.31 -48.75 34.70
N LYS BA 126 -21.15 -49.41 34.82
CA LYS BA 126 -20.80 -50.55 33.99
C LYS BA 126 -21.38 -51.79 34.67
N ALA BA 127 -22.45 -52.33 34.09
CA ALA BA 127 -23.26 -53.31 34.82
C ALA BA 127 -23.19 -54.68 34.17
N PRO BA 128 -23.09 -55.76 34.96
CA PRO BA 128 -23.25 -57.10 34.39
C PRO BA 128 -24.70 -57.45 34.09
N PHE BA 129 -25.63 -56.96 34.89
CA PHE BA 129 -27.05 -57.12 34.65
C PHE BA 129 -27.80 -56.03 35.38
N ALA BA 130 -28.80 -55.44 34.71
CA ALA BA 130 -29.45 -54.28 35.30
C ALA BA 130 -30.90 -54.23 34.86
N ALA BA 131 -31.64 -53.28 35.45
CA ALA BA 131 -33.06 -53.12 35.18
C ALA BA 131 -33.49 -51.73 35.61
N HIS BA 132 -34.73 -51.39 35.29
CA HIS BA 132 -35.34 -50.17 35.79
C HIS BA 132 -36.80 -50.40 36.12
N GLY BA 133 -37.51 -49.31 36.34
CA GLY BA 133 -38.91 -49.37 36.67
C GLY BA 133 -39.13 -49.93 38.06
N TYR BA 134 -40.39 -50.26 38.33
CA TYR BA 134 -40.70 -50.94 39.58
C TYR BA 134 -40.54 -52.44 39.45
N GLY BA 135 -40.06 -52.89 38.29
CA GLY BA 135 -39.87 -54.31 38.09
C GLY BA 135 -38.53 -54.83 38.58
N ALA BA 136 -37.55 -53.93 38.76
CA ALA BA 136 -36.20 -54.31 39.16
C ALA BA 136 -36.19 -55.05 40.49
N PHE BA 137 -37.07 -54.62 41.39
CA PHE BA 137 -37.26 -55.22 42.71
C PHE BA 137 -37.67 -56.68 42.63
N LEU BA 138 -38.27 -57.09 41.52
CA LEU BA 138 -38.52 -58.51 41.31
C LEU BA 138 -37.62 -59.11 40.24
N THR BA 139 -36.77 -58.31 39.59
CA THR BA 139 -35.75 -58.94 38.74
C THR BA 139 -34.62 -59.51 39.56
N LEU BA 140 -33.86 -58.62 40.20
CA LEU BA 140 -32.45 -58.92 40.44
C LEU BA 140 -32.20 -59.90 41.59
N SER BA 141 -33.26 -60.37 42.25
CA SER BA 141 -33.10 -61.56 43.08
C SER BA 141 -32.88 -62.79 42.20
N ILE BA 142 -33.81 -63.04 41.27
CA ILE BA 142 -33.64 -64.16 40.34
C ILE BA 142 -32.47 -63.88 39.42
N LEU BA 143 -32.31 -62.63 39.01
CA LEU BA 143 -31.29 -62.29 38.03
C LEU BA 143 -29.91 -62.28 38.68
N ASP BA 144 -29.86 -62.23 40.02
CA ASP BA 144 -28.62 -62.49 40.72
C ASP BA 144 -28.46 -63.97 41.00
N ARG BA 145 -29.57 -64.69 41.13
CA ARG BA 145 -29.54 -66.08 41.56
C ARG BA 145 -28.97 -66.99 40.48
N TYR BA 146 -29.62 -67.07 39.33
CA TYR BA 146 -29.23 -67.97 38.26
C TYR BA 146 -28.43 -67.17 37.25
N TYR BA 147 -27.16 -66.92 37.55
CA TYR BA 147 -26.33 -66.15 36.62
C TYR BA 147 -24.86 -66.51 36.82
N THR BA 148 -24.18 -66.73 35.70
CA THR BA 148 -22.76 -67.00 35.65
C THR BA 148 -22.21 -66.32 34.39
N PRO BA 149 -21.06 -65.63 34.46
CA PRO BA 149 -20.59 -64.87 33.29
C PRO BA 149 -20.14 -65.70 32.09
N THR BA 150 -20.22 -67.03 32.17
CA THR BA 150 -19.96 -67.89 31.03
C THR BA 150 -21.24 -68.53 30.49
N ILE BA 151 -22.37 -67.83 30.51
CA ILE BA 151 -23.62 -68.43 30.11
C ILE BA 151 -23.87 -68.19 28.63
N SER BA 152 -24.48 -69.18 27.97
CA SER BA 152 -24.73 -69.09 26.54
C SER BA 152 -26.07 -68.40 26.28
N ARG BA 153 -26.33 -68.10 25.00
CA ARG BA 153 -27.48 -67.26 24.68
C ARG BA 153 -28.79 -68.03 24.80
N GLU BA 154 -28.74 -69.36 24.67
CA GLU BA 154 -29.95 -70.15 24.79
C GLU BA 154 -30.41 -70.23 26.24
N ARG BA 155 -29.46 -70.39 27.16
CA ARG BA 155 -29.80 -70.29 28.57
C ARG BA 155 -29.98 -68.84 29.02
N ALA BA 156 -29.61 -67.88 28.17
CA ALA BA 156 -29.93 -66.48 28.48
C ALA BA 156 -31.40 -66.21 28.18
N VAL BA 157 -31.88 -66.67 27.02
CA VAL BA 157 -33.29 -66.52 26.69
C VAL BA 157 -34.14 -67.37 27.64
N GLU BA 158 -33.68 -68.59 27.93
CA GLU BA 158 -34.39 -69.44 28.88
C GLU BA 158 -34.31 -68.88 30.29
N LEU BA 159 -33.24 -68.15 30.60
CA LEU BA 159 -33.16 -67.43 31.86
C LEU BA 159 -34.17 -66.29 31.92
N LEU BA 160 -34.35 -65.58 30.81
CA LEU BA 160 -35.31 -64.48 30.79
C LEU BA 160 -36.75 -64.99 30.86
N ARG BA 161 -36.98 -66.21 30.37
CA ARG BA 161 -38.26 -66.88 30.59
C ARG BA 161 -38.58 -67.03 32.07
N LYS BA 162 -37.56 -67.30 32.90
CA LYS BA 162 -37.79 -67.48 34.33
C LYS BA 162 -38.20 -66.17 35.00
N CYS BA 163 -37.52 -65.07 34.65
CA CYS BA 163 -37.85 -63.77 35.20
C CYS BA 163 -39.24 -63.32 34.78
N LEU BA 164 -39.59 -63.55 33.51
CA LEU BA 164 -40.93 -63.18 33.04
C LEU BA 164 -42.01 -64.05 33.66
N GLU BA 165 -41.68 -65.31 34.00
CA GLU BA 165 -42.66 -66.11 34.72
C GLU BA 165 -42.72 -65.71 36.18
N GLU BA 166 -41.70 -65.01 36.68
CA GLU BA 166 -41.83 -64.40 37.99
C GLU BA 166 -42.60 -63.08 37.93
N LEU BA 167 -42.72 -62.47 36.76
CA LEU BA 167 -43.38 -61.16 36.68
C LEU BA 167 -44.89 -61.25 36.81
N GLN BA 168 -45.55 -62.09 36.02
CA GLN BA 168 -47.01 -62.10 35.93
C GLN BA 168 -47.61 -63.05 36.97
N LYS BA 169 -46.88 -63.26 38.05
CA LYS BA 169 -47.39 -63.91 39.24
C LYS BA 169 -47.60 -62.91 40.38
N ARG BA 170 -46.68 -61.96 40.54
CA ARG BA 170 -46.78 -60.97 41.61
C ARG BA 170 -46.56 -59.54 41.16
N PHE BA 171 -47.27 -59.07 40.15
CA PHE BA 171 -47.38 -57.64 39.91
C PHE BA 171 -48.82 -57.19 39.83
N ILE BA 172 -49.06 -55.95 40.27
CA ILE BA 172 -50.33 -55.29 40.00
C ILE BA 172 -50.36 -54.65 38.63
N LEU BA 173 -49.24 -54.63 37.91
CA LEU BA 173 -49.28 -54.22 36.52
C LEU BA 173 -49.60 -55.41 35.62
N ASN BA 174 -49.64 -55.17 34.31
CA ASN BA 174 -50.13 -56.22 33.43
C ASN BA 174 -49.01 -56.81 32.57
N LEU BA 175 -48.39 -55.96 31.75
CA LEU BA 175 -47.22 -56.31 30.93
C LEU BA 175 -47.34 -57.59 30.11
N PRO BA 176 -48.18 -57.62 29.07
CA PRO BA 176 -48.40 -58.88 28.35
C PRO BA 176 -47.21 -59.36 27.51
N THR BA 177 -46.71 -58.56 26.58
CA THR BA 177 -45.79 -59.03 25.56
C THR BA 177 -44.51 -58.20 25.57
N PHE BA 178 -43.36 -58.86 25.51
CA PHE BA 178 -42.06 -58.18 25.52
C PHE BA 178 -41.36 -58.47 24.21
N SER BA 179 -40.72 -57.47 23.63
CA SER BA 179 -39.83 -57.67 22.51
C SER BA 179 -38.40 -57.87 23.02
N VAL BA 180 -37.66 -58.77 22.39
CA VAL BA 180 -36.30 -59.13 22.83
C VAL BA 180 -35.35 -59.03 21.65
N ARG BA 181 -34.30 -58.23 21.81
CA ARG BA 181 -33.24 -58.14 20.82
C ARG BA 181 -32.04 -58.96 21.29
N ILE BA 182 -31.03 -59.02 20.43
CA ILE BA 182 -29.75 -59.64 20.76
C ILE BA 182 -28.70 -59.00 19.86
N ILE BA 183 -27.51 -58.76 20.41
CA ILE BA 183 -26.44 -58.06 19.72
C ILE BA 183 -25.20 -58.93 19.73
N ASP BA 184 -24.66 -59.21 18.55
CA ASP BA 184 -23.52 -60.10 18.42
C ASP BA 184 -22.39 -59.49 17.60
N LYS BA 185 -21.46 -60.34 17.14
CA LYS BA 185 -20.43 -59.91 16.21
C LYS BA 185 -21.01 -59.36 14.92
N ASN BA 186 -22.12 -59.93 14.45
CA ASN BA 186 -22.83 -59.36 13.31
C ASN BA 186 -23.44 -58.02 13.67
N GLY BA 187 -24.37 -58.02 14.62
CA GLY BA 187 -25.01 -56.80 15.03
C GLY BA 187 -26.42 -57.07 15.52
N ILE BA 188 -27.36 -56.26 15.04
CA ILE BA 188 -28.71 -56.33 15.53
C ILE BA 188 -29.44 -57.51 14.91
N HIS BA 189 -29.75 -58.50 15.73
CA HIS BA 189 -30.66 -59.56 15.37
C HIS BA 189 -31.90 -59.45 16.24
N ASP BA 190 -33.06 -59.51 15.60
CA ASP BA 190 -34.30 -59.48 16.35
C ASP BA 190 -34.81 -60.88 16.63
N LEU BA 191 -34.99 -61.19 17.90
CA LEU BA 191 -35.54 -62.47 18.32
C LEU BA 191 -37.06 -62.40 18.27
N ASP BA 192 -37.70 -63.50 18.65
CA ASP BA 192 -39.15 -63.57 18.56
C ASP BA 192 -39.82 -62.69 19.61
N ASN BA 193 -41.03 -62.25 19.31
CA ASN BA 193 -41.79 -61.44 20.26
C ASN BA 193 -42.31 -62.34 21.38
N ILE BA 194 -41.70 -62.20 22.56
CA ILE BA 194 -42.03 -63.04 23.71
C ILE BA 194 -43.36 -62.58 24.25
N SER BA 195 -44.29 -63.51 24.40
CA SER BA 195 -45.67 -63.19 24.69
C SER BA 195 -46.22 -64.12 25.76
N PHE BA 196 -47.18 -63.60 26.52
CA PHE BA 196 -48.00 -64.45 27.36
C PHE BA 196 -49.45 -64.40 26.88
N PRO BA 197 -49.98 -65.53 26.42
CA PRO BA 197 -51.39 -65.56 26.01
C PRO BA 197 -52.33 -65.43 27.20
N LYS BA 198 -53.41 -64.67 27.04
CA LYS BA 198 -54.38 -64.55 28.12
C LYS BA 198 -55.26 -65.78 28.19
N GLN BA 199 -55.38 -66.52 27.09
CA GLN BA 199 -56.17 -67.74 27.05
C GLN BA 199 -55.60 -68.74 26.04
N THR CA 1 -67.02 -34.72 26.64
CA THR CA 1 -66.06 -34.55 25.55
C THR CA 1 -65.43 -35.88 25.21
N THR CA 2 -65.87 -36.47 24.10
CA THR CA 2 -65.37 -37.78 23.69
C THR CA 2 -65.16 -37.81 22.18
N THR CA 3 -63.91 -37.95 21.78
CA THR CA 3 -63.56 -38.21 20.39
C THR CA 3 -63.10 -39.65 20.29
N LEU CA 4 -63.22 -40.22 19.09
CA LEU CA 4 -62.68 -41.56 18.89
C LEU CA 4 -62.23 -41.71 17.46
N ALA CA 5 -61.17 -42.49 17.26
CA ALA CA 5 -60.58 -42.67 15.94
C ALA CA 5 -60.12 -44.10 15.81
N PHE CA 6 -60.51 -44.75 14.72
CA PHE CA 6 -60.02 -46.09 14.44
C PHE CA 6 -59.95 -46.29 12.94
N LYS CA 7 -58.90 -46.96 12.49
CA LYS CA 7 -58.69 -47.20 11.07
C LYS CA 7 -59.07 -48.63 10.73
N PHE CA 8 -59.63 -48.82 9.54
CA PHE CA 8 -60.00 -50.13 9.04
C PHE CA 8 -59.60 -50.21 7.57
N ARG CA 9 -60.14 -51.22 6.89
CA ARG CA 9 -59.78 -51.51 5.50
C ARG CA 9 -60.01 -50.32 4.57
N HIS CA 10 -61.03 -49.53 4.82
CA HIS CA 10 -61.31 -48.35 3.99
C HIS CA 10 -61.14 -47.10 4.85
N GLY CA 11 -59.90 -46.65 5.00
CA GLY CA 11 -59.66 -45.36 5.61
C GLY CA 11 -59.90 -45.30 7.11
N VAL CA 12 -60.14 -44.08 7.59
CA VAL CA 12 -60.16 -43.77 9.02
C VAL CA 12 -61.48 -43.11 9.36
N ILE CA 13 -62.11 -43.55 10.45
CA ILE CA 13 -63.36 -42.99 10.93
C ILE CA 13 -63.09 -42.17 12.18
N VAL CA 14 -63.60 -40.94 12.22
CA VAL CA 14 -63.49 -40.06 13.37
C VAL CA 14 -64.91 -39.64 13.77
N ALA CA 15 -65.20 -39.69 15.07
CA ALA CA 15 -66.49 -39.26 15.57
C ALA CA 15 -66.30 -38.51 16.87
N ALA CA 16 -67.18 -37.54 17.13
CA ALA CA 16 -67.10 -36.77 18.37
C ALA CA 16 -68.46 -36.17 18.69
N ASP CA 17 -68.63 -35.82 19.96
CA ASP CA 17 -69.80 -35.08 20.40
C ASP CA 17 -69.65 -33.60 20.14
N SER CA 18 -70.48 -32.79 20.79
CA SER CA 18 -70.44 -31.35 20.59
C SER CA 18 -70.52 -30.54 21.87
N ARG CA 19 -70.75 -31.18 23.02
CA ARG CA 19 -70.93 -30.43 24.25
C ARG CA 19 -69.59 -30.01 24.82
N ALA CA 20 -69.47 -28.74 25.18
CA ALA CA 20 -68.25 -28.19 25.77
C ALA CA 20 -68.65 -27.29 26.92
N THR CA 21 -68.33 -27.71 28.14
CA THR CA 21 -68.83 -27.05 29.34
C THR CA 21 -67.87 -25.98 29.80
N ALA CA 22 -68.18 -25.42 30.95
CA ALA CA 22 -67.28 -24.56 31.71
C ALA CA 22 -67.65 -24.72 33.18
N GLY CA 23 -66.99 -25.65 33.85
CA GLY CA 23 -67.47 -26.01 35.17
C GLY CA 23 -68.72 -26.87 35.07
N ALA CA 24 -69.65 -26.66 36.01
CA ALA CA 24 -70.91 -27.39 35.97
C ALA CA 24 -71.85 -26.82 34.92
N TYR CA 25 -71.63 -25.59 34.51
CA TYR CA 25 -72.47 -24.93 33.52
C TYR CA 25 -72.07 -25.34 32.11
N ILE CA 26 -73.05 -25.43 31.21
CA ILE CA 26 -72.75 -25.75 29.82
C ILE CA 26 -72.77 -24.48 28.99
N ALA CA 27 -71.66 -24.18 28.33
CA ALA CA 27 -71.53 -22.98 27.54
C ALA CA 27 -72.39 -23.06 26.29
N SER CA 28 -72.25 -24.15 25.53
CA SER CA 28 -73.04 -24.32 24.32
C SER CA 28 -73.14 -25.79 23.98
N GLN CA 29 -74.12 -26.12 23.14
CA GLN CA 29 -74.38 -27.49 22.72
C GLN CA 29 -73.85 -27.80 21.33
N THR CA 30 -73.40 -26.80 20.58
CA THR CA 30 -73.02 -26.99 19.19
C THR CA 30 -71.57 -26.65 18.90
N VAL CA 31 -70.64 -27.02 19.77
CA VAL CA 31 -69.23 -26.79 19.48
C VAL CA 31 -68.73 -27.85 18.54
N LYS CA 32 -68.34 -27.44 17.33
CA LYS CA 32 -67.82 -28.37 16.32
C LYS CA 32 -66.39 -28.72 16.69
N LYS CA 33 -66.21 -29.93 17.21
CA LYS CA 33 -64.92 -30.31 17.80
C LYS CA 33 -63.91 -30.81 16.79
N VAL CA 34 -64.34 -31.54 15.76
CA VAL CA 34 -63.36 -32.12 14.85
C VAL CA 34 -62.93 -31.06 13.86
N ILE CA 35 -61.74 -30.51 14.07
CA ILE CA 35 -61.26 -29.34 13.35
C ILE CA 35 -60.67 -29.76 12.03
N GLU CA 36 -61.12 -29.12 10.95
CA GLU CA 36 -60.66 -29.39 9.60
C GLU CA 36 -59.34 -28.64 9.39
N ILE CA 37 -58.30 -29.38 9.00
CA ILE CA 37 -57.00 -28.75 8.79
C ILE CA 37 -56.74 -28.53 7.31
N ASN CA 38 -56.79 -29.59 6.53
CA ASN CA 38 -56.58 -29.53 5.09
C ASN CA 38 -57.74 -30.26 4.44
N PRO CA 39 -57.82 -30.34 3.10
CA PRO CA 39 -58.75 -31.30 2.51
C PRO CA 39 -58.34 -32.76 2.66
N TYR CA 40 -57.25 -33.06 3.38
CA TYR CA 40 -56.84 -34.45 3.53
C TYR CA 40 -56.39 -34.76 4.96
N LEU CA 41 -56.60 -33.82 5.89
CA LEU CA 41 -56.28 -34.06 7.29
C LEU CA 41 -57.45 -33.68 8.18
N LEU CA 42 -57.56 -34.35 9.32
CA LEU CA 42 -58.58 -34.05 10.31
C LEU CA 42 -57.99 -34.11 11.70
N GLY CA 43 -58.22 -33.04 12.48
CA GLY CA 43 -57.79 -32.99 13.86
C GLY CA 43 -58.99 -32.80 14.78
N THR CA 44 -58.82 -33.22 16.02
CA THR CA 44 -59.90 -33.19 16.98
C THR CA 44 -59.53 -32.25 18.13
N MET CA 45 -60.39 -32.24 19.14
CA MET CA 45 -60.29 -31.31 20.25
C MET CA 45 -60.48 -32.10 21.55
N ALA CA 46 -59.69 -31.78 22.57
CA ALA CA 46 -59.82 -32.42 23.86
C ALA CA 46 -59.25 -31.51 24.94
N GLY CA 47 -59.86 -31.57 26.12
CA GLY CA 47 -59.41 -30.74 27.22
C GLY CA 47 -59.75 -29.29 26.97
N GLY CA 48 -58.72 -28.47 26.80
CA GLY CA 48 -58.91 -27.08 26.44
C GLY CA 48 -59.41 -26.95 25.01
N ALA CA 49 -60.05 -25.84 24.69
CA ALA CA 49 -60.56 -25.65 23.34
C ALA CA 49 -59.65 -24.76 22.52
N ALA CA 50 -59.30 -23.59 23.05
CA ALA CA 50 -58.48 -22.63 22.35
C ALA CA 50 -57.07 -23.13 22.09
N ASP CA 51 -56.58 -24.05 22.91
CA ASP CA 51 -55.26 -24.62 22.67
C ASP CA 51 -55.28 -25.54 21.46
N CYS CA 52 -56.29 -26.40 21.36
CA CYS CA 52 -56.38 -27.29 20.20
C CYS CA 52 -56.68 -26.53 18.93
N SER CA 53 -57.55 -25.52 19.00
CA SER CA 53 -57.84 -24.69 17.84
C SER CA 53 -56.61 -23.93 17.38
N PHE CA 54 -55.88 -23.36 18.33
CA PHE CA 54 -54.74 -22.52 17.98
C PHE CA 54 -53.59 -23.37 17.43
N TRP CA 55 -53.24 -24.44 18.14
CA TRP CA 55 -52.05 -25.17 17.71
C TRP CA 55 -52.33 -26.07 16.51
N GLU CA 56 -53.58 -26.52 16.31
CA GLU CA 56 -53.86 -27.20 15.06
C GLU CA 56 -53.91 -26.23 13.90
N ARG CA 57 -54.36 -25.01 14.16
CA ARG CA 57 -54.37 -23.99 13.10
C ARG CA 57 -52.94 -23.63 12.70
N LEU CA 58 -52.06 -23.48 13.69
CA LEU CA 58 -50.65 -23.23 13.42
C LEU CA 58 -49.96 -24.45 12.82
N LEU CA 59 -50.49 -25.66 13.04
CA LEU CA 59 -50.03 -26.81 12.26
C LEU CA 59 -50.41 -26.68 10.80
N ALA CA 60 -51.63 -26.22 10.52
CA ALA CA 60 -52.08 -26.02 9.15
C ALA CA 60 -51.23 -25.01 8.39
N ARG CA 61 -50.69 -24.03 9.09
CA ARG CA 61 -49.73 -23.11 8.49
C ARG CA 61 -48.50 -23.79 7.90
N GLN CA 62 -47.79 -24.55 8.74
CA GLN CA 62 -46.55 -25.18 8.30
C GLN CA 62 -46.82 -26.28 7.29
N CYS CA 63 -47.99 -26.93 7.36
CA CYS CA 63 -48.37 -27.90 6.35
C CYS CA 63 -48.60 -27.24 5.00
N ARG CA 64 -49.25 -26.08 5.00
CA ARG CA 64 -49.51 -25.43 3.71
C ARG CA 64 -48.23 -24.87 3.09
N ILE CA 65 -47.33 -24.33 3.90
CA ILE CA 65 -46.07 -23.83 3.34
C ILE CA 65 -45.20 -25.00 2.87
N TYR CA 66 -45.28 -26.13 3.58
CA TYR CA 66 -44.57 -27.35 3.17
C TYR CA 66 -45.04 -27.84 1.82
N GLU CA 67 -46.36 -27.83 1.59
CA GLU CA 67 -46.90 -28.17 0.28
C GLU CA 67 -46.47 -27.15 -0.77
N LEU CA 68 -46.36 -25.88 -0.40
CA LEU CA 68 -45.94 -24.88 -1.38
C LEU CA 68 -44.45 -24.97 -1.69
N ARG CA 69 -43.67 -25.64 -0.85
CA ARG CA 69 -42.26 -25.78 -1.17
C ARG CA 69 -41.97 -27.07 -1.91
N ASN CA 70 -42.30 -28.21 -1.32
CA ASN CA 70 -41.84 -29.48 -1.86
C ASN CA 70 -42.76 -30.07 -2.93
N LYS CA 71 -43.82 -29.37 -3.32
CA LYS CA 71 -44.83 -29.78 -4.29
C LYS CA 71 -45.49 -31.11 -3.95
N GLU CA 72 -45.53 -31.48 -2.67
CA GLU CA 72 -46.08 -32.75 -2.23
C GLU CA 72 -46.92 -32.48 -0.99
N ARG CA 73 -48.07 -33.14 -0.90
CA ARG CA 73 -48.86 -33.06 0.32
C ARG CA 73 -48.12 -33.79 1.43
N ILE CA 74 -48.20 -33.23 2.63
CA ILE CA 74 -47.36 -33.66 3.75
C ILE CA 74 -47.88 -34.99 4.29
N SER CA 75 -46.95 -35.83 4.75
CA SER CA 75 -47.33 -37.10 5.35
C SER CA 75 -47.91 -36.87 6.73
N VAL CA 76 -48.59 -37.90 7.26
CA VAL CA 76 -49.31 -37.75 8.51
C VAL CA 76 -48.35 -37.72 9.69
N ALA CA 77 -47.32 -38.57 9.65
CA ALA CA 77 -46.34 -38.65 10.72
C ALA CA 77 -45.52 -37.37 10.81
N ALA CA 78 -45.33 -36.71 9.67
CA ALA CA 78 -44.64 -35.42 9.66
C ALA CA 78 -45.47 -34.35 10.35
N ALA CA 79 -46.78 -34.35 10.11
CA ALA CA 79 -47.67 -33.39 10.75
C ALA CA 79 -47.71 -33.62 12.26
N SER CA 80 -47.74 -34.89 12.67
CA SER CA 80 -47.73 -35.20 14.09
C SER CA 80 -46.41 -34.80 14.74
N LYS CA 81 -45.30 -34.97 14.02
CA LYS CA 81 -44.00 -34.63 14.57
C LYS CA 81 -43.84 -33.12 14.71
N LEU CA 82 -44.30 -32.37 13.71
CA LEU CA 82 -44.24 -30.90 13.80
C LEU CA 82 -45.14 -30.39 14.91
N LEU CA 83 -46.29 -31.02 15.10
CA LEU CA 83 -47.20 -30.61 16.16
C LEU CA 83 -46.60 -30.90 17.53
N ALA CA 84 -45.91 -32.03 17.67
CA ALA CA 84 -45.29 -32.35 18.95
C ALA CA 84 -44.10 -31.44 19.23
N ASN CA 85 -43.36 -31.04 18.19
CA ASN CA 85 -42.26 -30.10 18.41
C ASN CA 85 -42.76 -28.71 18.74
N MET CA 86 -43.95 -28.36 18.25
CA MET CA 86 -44.51 -27.06 18.65
C MET CA 86 -45.05 -27.11 20.08
N VAL CA 87 -45.71 -28.20 20.46
CA VAL CA 87 -46.32 -28.28 21.79
C VAL CA 87 -45.26 -28.41 22.87
N TYR CA 88 -44.14 -29.10 22.58
CA TYR CA 88 -43.24 -29.55 23.64
C TYR CA 88 -42.52 -28.41 24.35
N GLN CA 89 -42.27 -27.29 23.66
CA GLN CA 89 -41.48 -26.21 24.25
C GLN CA 89 -42.21 -25.54 25.41
N TYR CA 90 -43.53 -25.62 25.44
CA TYR CA 90 -44.32 -25.01 26.49
C TYR CA 90 -44.62 -25.98 27.62
N LYS CA 91 -43.80 -27.01 27.78
CA LYS CA 91 -44.02 -27.98 28.85
C LYS CA 91 -43.69 -27.37 30.20
N GLY CA 92 -44.70 -27.28 31.05
CA GLY CA 92 -44.57 -26.63 32.33
C GLY CA 92 -45.26 -25.29 32.44
N MET CA 93 -45.99 -24.88 31.40
CA MET CA 93 -46.81 -23.67 31.48
C MET CA 93 -48.30 -23.98 31.59
N GLY CA 94 -48.72 -25.20 31.30
CA GLY CA 94 -50.07 -25.60 31.60
C GLY CA 94 -51.02 -25.66 30.41
N LEU CA 95 -50.52 -26.10 29.26
CA LEU CA 95 -51.37 -26.37 28.11
C LEU CA 95 -52.08 -27.69 28.34
N SER CA 96 -53.37 -27.71 28.06
CA SER CA 96 -54.16 -28.93 28.09
C SER CA 96 -54.64 -29.24 26.67
N MET CA 97 -53.97 -30.18 26.02
CA MET CA 97 -54.20 -30.43 24.60
C MET CA 97 -54.14 -31.92 24.34
N GLY CA 98 -55.29 -32.50 23.96
CA GLY CA 98 -55.37 -33.92 23.73
C GLY CA 98 -55.75 -34.29 22.30
N THR CA 99 -55.14 -33.64 21.32
CA THR CA 99 -55.59 -33.79 19.95
C THR CA 99 -55.24 -35.15 19.36
N MET CA 100 -55.76 -35.40 18.16
CA MET CA 100 -55.39 -36.52 17.32
C MET CA 100 -55.17 -36.03 15.91
N ILE CA 101 -54.37 -36.74 15.14
CA ILE CA 101 -54.10 -36.39 13.76
C ILE CA 101 -54.50 -37.57 12.89
N CYS CA 102 -55.31 -37.31 11.86
CA CYS CA 102 -55.84 -38.35 10.99
C CYS CA 102 -55.61 -37.93 9.56
N GLY CA 103 -55.31 -38.88 8.69
CA GLY CA 103 -55.17 -38.54 7.28
C GLY CA 103 -54.69 -39.71 6.46
N TRP CA 104 -54.80 -39.55 5.15
CA TRP CA 104 -54.29 -40.55 4.22
C TRP CA 104 -52.87 -40.17 3.80
N ASP CA 105 -52.05 -41.19 3.55
CA ASP CA 105 -50.65 -40.99 3.27
C ASP CA 105 -50.25 -41.90 2.11
N LYS CA 106 -48.98 -41.80 1.70
CA LYS CA 106 -48.44 -42.74 0.73
C LYS CA 106 -48.40 -44.16 1.28
N ARG CA 107 -48.30 -44.29 2.61
CA ARG CA 107 -48.30 -45.62 3.21
C ARG CA 107 -49.70 -46.08 3.56
N GLY CA 108 -50.71 -45.29 3.21
CA GLY CA 108 -52.08 -45.73 3.27
C GLY CA 108 -52.92 -44.97 4.28
N PRO CA 109 -53.65 -45.70 5.12
CA PRO CA 109 -54.33 -45.06 6.24
C PRO CA 109 -53.33 -44.59 7.27
N GLY CA 110 -53.75 -43.63 8.09
CA GLY CA 110 -52.85 -43.10 9.10
C GLY CA 110 -53.57 -42.50 10.29
N LEU CA 111 -52.95 -42.60 11.46
CA LEU CA 111 -53.50 -42.10 12.71
C LEU CA 111 -52.39 -41.91 13.73
N TYR CA 112 -52.41 -40.77 14.41
CA TYR CA 112 -51.47 -40.49 15.49
C TYR CA 112 -52.19 -39.74 16.59
N TYR CA 113 -51.58 -39.73 17.76
CA TYR CA 113 -52.18 -39.15 18.96
C TYR CA 113 -51.15 -38.31 19.68
N VAL CA 114 -51.48 -37.04 19.93
CA VAL CA 114 -50.53 -36.07 20.45
C VAL CA 114 -51.07 -35.49 21.74
N ASP CA 115 -50.31 -35.68 22.83
CA ASP CA 115 -50.65 -35.13 24.13
C ASP CA 115 -49.92 -33.83 24.37
N SER CA 116 -50.42 -33.05 25.33
CA SER CA 116 -49.73 -31.84 25.73
C SER CA 116 -48.49 -32.14 26.55
N GLU CA 117 -48.40 -33.33 27.15
CA GLU CA 117 -47.20 -33.73 27.86
C GLU CA 117 -46.07 -34.06 26.89
N GLY CA 118 -46.40 -34.46 25.67
CA GLY CA 118 -45.42 -34.85 24.68
C GLY CA 118 -45.52 -36.28 24.20
N ASN CA 119 -46.61 -36.97 24.48
CA ASN CA 119 -46.82 -38.31 23.96
C ASN CA 119 -47.07 -38.24 22.46
N ARG CA 120 -46.58 -39.24 21.74
CA ARG CA 120 -46.80 -39.38 20.31
C ARG CA 120 -46.76 -40.86 20.00
N ILE CA 121 -47.93 -41.45 19.75
CA ILE CA 121 -48.04 -42.87 19.47
C ILE CA 121 -49.01 -43.11 18.33
N SER CA 122 -48.59 -43.98 17.41
CA SER CA 122 -49.46 -44.52 16.37
C SER CA 122 -50.33 -45.59 16.98
N GLY CA 123 -51.37 -45.98 16.28
CA GLY CA 123 -52.19 -47.06 16.79
C GLY CA 123 -53.35 -47.39 15.88
N ALA CA 124 -54.06 -48.45 16.25
CA ALA CA 124 -55.27 -48.81 15.54
C ALA CA 124 -56.44 -47.98 16.05
N THR CA 125 -56.73 -48.07 17.33
CA THR CA 125 -57.90 -47.42 17.92
C THR CA 125 -57.45 -46.43 18.99
N PHE CA 126 -58.25 -45.38 19.17
CA PHE CA 126 -58.04 -44.41 20.22
C PHE CA 126 -59.37 -43.84 20.67
N SER CA 127 -59.39 -43.27 21.88
CA SER CA 127 -60.48 -42.43 22.32
C SER CA 127 -59.93 -41.49 23.38
N VAL CA 128 -60.26 -40.21 23.26
CA VAL CA 128 -59.64 -39.16 24.06
C VAL CA 128 -60.74 -38.36 24.75
N GLY CA 129 -60.58 -38.14 26.04
CA GLY CA 129 -61.46 -37.22 26.74
C GLY CA 129 -61.89 -37.80 28.07
N SER CA 130 -62.90 -37.15 28.64
CA SER CA 130 -63.43 -37.59 29.93
C SER CA 130 -64.22 -38.88 29.78
N GLY CA 131 -65.09 -38.94 28.80
CA GLY CA 131 -65.83 -40.15 28.49
C GLY CA 131 -65.10 -41.11 27.57
N SER CA 132 -63.76 -41.06 27.53
CA SER CA 132 -63.02 -41.93 26.63
C SER CA 132 -62.99 -43.36 27.14
N VAL CA 133 -62.87 -43.52 28.45
CA VAL CA 133 -62.81 -44.85 29.05
C VAL CA 133 -64.16 -45.55 28.92
N TYR CA 134 -65.23 -44.77 28.77
CA TYR CA 134 -66.52 -45.31 28.41
C TYR CA 134 -66.60 -45.69 26.94
N ALA CA 135 -65.67 -45.21 26.11
CA ALA CA 135 -65.74 -45.49 24.68
C ALA CA 135 -64.88 -46.68 24.29
N TYR CA 136 -63.76 -46.90 24.99
CA TYR CA 136 -62.95 -48.08 24.73
C TYR CA 136 -63.69 -49.38 24.99
N GLY CA 137 -64.64 -49.37 25.92
CA GLY CA 137 -65.30 -50.60 26.31
C GLY CA 137 -66.20 -51.15 25.23
N VAL CA 138 -67.14 -50.34 24.74
CA VAL CA 138 -67.99 -50.79 23.64
C VAL CA 138 -67.22 -50.79 22.32
N MET CA 139 -66.16 -49.98 22.21
CA MET CA 139 -65.45 -49.89 20.95
C MET CA 139 -64.59 -51.12 20.71
N ASP CA 140 -64.12 -51.76 21.79
CA ASP CA 140 -63.23 -52.90 21.58
C ASP CA 140 -63.97 -54.22 21.43
N ARG CA 141 -65.29 -54.23 21.56
CA ARG CA 141 -66.01 -55.49 21.45
C ARG CA 141 -66.43 -55.78 20.02
N GLY CA 142 -66.88 -54.78 19.28
CA GLY CA 142 -67.29 -54.97 17.90
C GLY CA 142 -66.23 -54.69 16.86
N TYR CA 143 -65.01 -54.36 17.26
CA TYR CA 143 -63.98 -53.94 16.31
C TYR CA 143 -63.16 -55.11 15.82
N SER CA 144 -62.89 -55.12 14.51
CA SER CA 144 -61.82 -55.90 13.93
C SER CA 144 -61.30 -55.10 12.75
N TYR CA 145 -60.40 -55.70 11.98
CA TYR CA 145 -59.90 -54.99 10.81
C TYR CA 145 -60.93 -54.99 9.69
N ASP CA 146 -61.63 -56.11 9.52
CA ASP CA 146 -62.61 -56.26 8.44
C ASP CA 146 -64.00 -55.80 8.84
N LEU CA 147 -64.35 -54.56 8.56
CA LEU CA 147 -65.73 -54.12 8.76
C LEU CA 147 -66.24 -53.45 7.50
N GLU CA 148 -67.56 -53.45 7.32
CA GLU CA 148 -68.15 -52.72 6.22
C GLU CA 148 -68.28 -51.24 6.58
N VAL CA 149 -68.78 -50.46 5.61
CA VAL CA 149 -68.93 -49.03 5.79
C VAL CA 149 -70.05 -48.70 6.76
N GLU CA 150 -71.25 -49.24 6.52
CA GLU CA 150 -72.37 -49.01 7.41
C GLU CA 150 -72.16 -49.64 8.78
N GLN CA 151 -71.42 -50.74 8.83
CA GLN CA 151 -71.09 -51.37 10.10
C GLN CA 151 -70.19 -50.46 10.94
N ALA CA 152 -69.19 -49.85 10.30
CA ALA CA 152 -68.29 -48.97 11.03
C ALA CA 152 -68.99 -47.68 11.42
N TYR CA 153 -69.95 -47.23 10.60
CA TYR CA 153 -70.75 -46.06 10.99
C TYR CA 153 -71.61 -46.37 12.20
N ASP CA 154 -72.19 -47.56 12.23
CA ASP CA 154 -73.06 -47.92 13.36
C ASP CA 154 -72.26 -48.14 14.62
N LEU CA 155 -71.06 -48.70 14.52
CA LEU CA 155 -70.21 -48.86 15.69
C LEU CA 155 -69.74 -47.50 16.20
N ALA CA 156 -69.22 -46.67 15.30
CA ALA CA 156 -68.65 -45.39 15.72
C ALA CA 156 -69.71 -44.39 16.11
N ARG CA 157 -70.97 -44.66 15.80
CA ARG CA 157 -72.02 -43.83 16.37
C ARG CA 157 -72.51 -44.40 17.70
N ARG CA 158 -72.54 -45.74 17.82
CA ARG CA 158 -72.98 -46.37 19.07
C ARG CA 158 -72.04 -46.02 20.22
N ALA CA 159 -70.74 -45.95 19.95
CA ALA CA 159 -69.78 -45.72 21.03
C ALA CA 159 -69.88 -44.29 21.56
N ILE CA 160 -70.08 -43.32 20.68
CA ILE CA 160 -70.37 -41.95 21.10
C ILE CA 160 -71.69 -41.91 21.86
N TYR CA 161 -72.65 -42.75 21.48
CA TYR CA 161 -73.93 -42.77 22.21
C TYR CA 161 -73.77 -43.27 23.64
N GLN CA 162 -72.94 -44.29 23.84
CA GLN CA 162 -72.71 -44.75 25.20
C GLN CA 162 -71.87 -43.74 25.98
N ALA CA 163 -70.99 -43.03 25.29
CA ALA CA 163 -70.18 -42.02 25.96
C ALA CA 163 -71.03 -40.85 26.43
N THR CA 164 -71.96 -40.38 25.60
CA THR CA 164 -72.80 -39.28 26.01
C THR CA 164 -73.88 -39.73 26.97
N TYR CA 165 -74.21 -41.02 26.95
CA TYR CA 165 -75.16 -41.53 27.95
C TYR CA 165 -74.52 -41.55 29.33
N ARG CA 166 -73.44 -42.31 29.50
CA ARG CA 166 -72.94 -42.61 30.83
C ARG CA 166 -72.24 -41.43 31.48
N ASP CA 167 -71.32 -40.81 30.76
CA ASP CA 167 -70.66 -39.59 31.23
C ASP CA 167 -71.67 -38.47 31.28
N ALA CA 168 -71.40 -37.48 32.14
CA ALA CA 168 -72.20 -36.27 32.13
C ALA CA 168 -71.60 -35.18 31.26
N TYR CA 169 -70.29 -35.20 31.05
CA TYR CA 169 -69.62 -34.14 30.29
C TYR CA 169 -69.73 -34.30 28.78
N SER CA 170 -70.48 -35.28 28.28
CA SER CA 170 -70.61 -35.50 26.87
C SER CA 170 -72.08 -35.49 26.47
N GLY CA 171 -72.38 -34.74 25.40
CA GLY CA 171 -73.74 -34.62 24.92
C GLY CA 171 -73.78 -33.84 23.63
N GLY CA 172 -74.99 -33.56 23.16
CA GLY CA 172 -75.12 -32.74 21.97
C GLY CA 172 -75.21 -33.60 20.73
N ALA CA 173 -74.60 -33.13 19.64
CA ALA CA 173 -74.68 -33.85 18.38
C ALA CA 173 -73.72 -35.03 18.37
N VAL CA 174 -73.76 -35.81 17.30
CA VAL CA 174 -72.77 -36.83 17.02
C VAL CA 174 -72.18 -36.51 15.65
N ASN CA 175 -71.05 -35.83 15.64
CA ASN CA 175 -70.42 -35.41 14.40
C ASN CA 175 -69.52 -36.54 13.92
N LEU CA 176 -69.84 -37.11 12.76
CA LEU CA 176 -69.16 -38.28 12.24
C LEU CA 176 -68.50 -37.94 10.91
N TYR CA 177 -67.21 -38.23 10.79
CA TYR CA 177 -66.46 -37.99 9.55
C TYR CA 177 -65.93 -39.29 8.99
N HIS CA 178 -65.35 -39.20 7.80
CA HIS CA 178 -64.79 -40.35 7.09
C HIS CA 178 -63.59 -39.89 6.29
N VAL CA 179 -62.45 -40.52 6.51
CA VAL CA 179 -61.23 -40.24 5.77
C VAL CA 179 -61.05 -41.33 4.73
N ARG CA 180 -60.72 -40.95 3.50
CA ARG CA 180 -60.44 -41.90 2.45
C ARG CA 180 -59.15 -41.48 1.76
N GLU CA 181 -58.83 -42.16 0.65
CA GLU CA 181 -57.63 -41.83 -0.10
C GLU CA 181 -57.73 -40.48 -0.79
N ASP CA 182 -58.91 -40.14 -1.30
CA ASP CA 182 -59.10 -38.93 -2.08
C ASP CA 182 -59.49 -37.72 -1.23
N GLY CA 183 -59.09 -37.67 0.01
CA GLY CA 183 -59.54 -36.58 0.85
C GLY CA 183 -60.80 -36.93 1.62
N TRP CA 184 -60.95 -36.31 2.79
CA TRP CA 184 -62.00 -36.70 3.71
C TRP CA 184 -63.36 -36.27 3.22
N ILE CA 185 -64.41 -36.79 3.87
CA ILE CA 185 -65.79 -36.50 3.52
C ILE CA 185 -66.63 -36.62 4.78
N ARG CA 186 -67.48 -35.63 5.01
CA ARG CA 186 -68.43 -35.67 6.12
C ARG CA 186 -69.50 -36.72 5.86
N VAL CA 187 -69.90 -37.42 6.92
CA VAL CA 187 -70.95 -38.42 6.78
C VAL CA 187 -72.28 -37.83 7.20
N SER CA 188 -72.40 -37.44 8.47
CA SER CA 188 -73.68 -37.07 9.03
C SER CA 188 -73.48 -36.34 10.34
N SER CA 189 -74.58 -35.83 10.88
CA SER CA 189 -74.61 -35.23 12.22
C SER CA 189 -75.95 -35.53 12.85
N ASP CA 190 -76.00 -36.64 13.61
CA ASP CA 190 -77.23 -37.09 14.23
C ASP CA 190 -77.27 -36.62 15.68
N ASN CA 191 -78.40 -36.05 16.06
CA ASN CA 191 -78.57 -35.59 17.43
C ASN CA 191 -78.86 -36.78 18.33
N VAL CA 192 -78.39 -36.68 19.58
CA VAL CA 192 -78.50 -37.79 20.52
C VAL CA 192 -79.96 -38.07 20.89
N ALA CA 193 -80.75 -37.00 21.03
CA ALA CA 193 -82.17 -37.14 21.38
C ALA CA 193 -82.94 -37.87 20.29
N ASP CA 194 -82.49 -37.79 19.04
CA ASP CA 194 -83.05 -38.62 17.99
C ASP CA 194 -82.48 -40.04 18.01
N LEU CA 195 -81.21 -40.20 18.41
CA LEU CA 195 -80.61 -41.52 18.45
C LEU CA 195 -81.14 -42.40 19.55
N HIS CA 196 -81.70 -41.82 20.61
CA HIS CA 196 -82.24 -42.62 21.69
C HIS CA 196 -83.49 -43.36 21.23
N GLU CA 197 -84.28 -42.75 20.35
CA GLU CA 197 -85.37 -43.44 19.67
C GLU CA 197 -84.88 -44.58 18.79
N LYS CA 198 -83.67 -44.45 18.23
CA LYS CA 198 -83.15 -45.46 17.32
C LYS CA 198 -82.62 -46.67 18.09
N TYR CA 199 -81.66 -46.44 18.98
CA TYR CA 199 -81.02 -47.58 19.63
C TYR CA 199 -81.73 -48.00 20.91
N SER CA 200 -82.75 -47.27 21.35
CA SER CA 200 -83.47 -47.69 22.54
C SER CA 200 -84.35 -48.92 22.31
N GLY CA 201 -84.66 -49.24 21.06
CA GLY CA 201 -85.47 -50.40 20.76
C GLY CA 201 -86.65 -50.07 19.86
N ARG DA 1 -52.82 -10.20 48.88
CA ARG DA 1 -51.85 -9.37 48.19
C ARG DA 1 -52.53 -8.56 47.08
N PHE DA 2 -51.72 -7.96 46.22
CA PHE DA 2 -52.24 -7.34 45.02
C PHE DA 2 -52.74 -8.41 44.06
N SER DA 3 -54.05 -8.62 44.03
CA SER DA 3 -54.65 -9.61 43.15
C SER DA 3 -55.17 -8.88 41.92
N PRO DA 4 -54.54 -9.06 40.75
CA PRO DA 4 -54.77 -8.12 39.65
C PRO DA 4 -56.10 -8.28 38.91
N TYR DA 5 -57.03 -9.09 39.40
CA TYR DA 5 -58.34 -9.25 38.77
C TYR DA 5 -59.43 -8.80 39.74
N VAL DA 6 -60.46 -8.17 39.21
CA VAL DA 6 -61.67 -7.85 39.97
C VAL DA 6 -62.86 -7.98 39.03
N PHE DA 7 -63.97 -8.47 39.56
CA PHE DA 7 -65.15 -8.75 38.74
C PHE DA 7 -66.06 -7.54 38.76
N ASN DA 8 -66.44 -7.06 37.58
CA ASN DA 8 -67.34 -5.93 37.47
C ASN DA 8 -68.77 -6.32 37.15
N GLY DA 9 -68.96 -7.27 36.25
CA GLY DA 9 -70.31 -7.65 35.87
C GLY DA 9 -70.80 -6.96 34.62
N GLY DA 10 -72.10 -7.00 34.44
CA GLY DA 10 -72.72 -6.59 33.19
C GLY DA 10 -73.09 -7.84 32.43
N THR DA 11 -74.10 -7.74 31.58
CA THR DA 11 -74.61 -8.89 30.85
C THR DA 11 -74.88 -8.49 29.41
N ILE DA 12 -74.23 -9.18 28.48
CA ILE DA 12 -74.31 -8.88 27.06
C ILE DA 12 -75.27 -9.88 26.44
N LEU DA 13 -76.10 -9.40 25.51
CA LEU DA 13 -77.06 -10.24 24.81
C LEU DA 13 -76.93 -9.99 23.32
N ALA DA 14 -77.00 -11.06 22.52
CA ALA DA 14 -76.96 -10.92 21.07
C ALA DA 14 -77.87 -11.94 20.43
N ILE DA 15 -78.64 -11.51 19.44
CA ILE DA 15 -79.56 -12.36 18.68
C ILE DA 15 -79.35 -12.10 17.21
N ALA DA 16 -79.01 -13.14 16.45
CA ALA DA 16 -78.82 -13.03 15.01
C ALA DA 16 -80.14 -13.24 14.30
N GLY DA 17 -80.55 -12.26 13.51
CA GLY DA 17 -81.75 -12.36 12.73
C GLY DA 17 -81.49 -12.83 11.32
N GLU DA 18 -82.50 -12.64 10.47
CA GLU DA 18 -82.40 -13.05 9.08
C GLU DA 18 -81.55 -12.07 8.29
N ASP DA 19 -81.82 -10.78 8.43
CA ASP DA 19 -80.98 -9.73 7.84
C ASP DA 19 -80.49 -8.72 8.88
N PHE DA 20 -80.64 -9.03 10.16
CA PHE DA 20 -80.32 -8.08 11.22
C PHE DA 20 -79.59 -8.79 12.33
N ALA DA 21 -79.11 -8.01 13.30
CA ALA DA 21 -78.46 -8.52 14.49
C ALA DA 21 -78.61 -7.48 15.59
N ILE DA 22 -79.11 -7.91 16.73
CA ILE DA 22 -79.35 -7.01 17.85
C ILE DA 22 -78.36 -7.35 18.95
N VAL DA 23 -77.58 -6.35 19.36
CA VAL DA 23 -76.64 -6.50 20.46
C VAL DA 23 -77.10 -5.55 21.56
N ALA DA 24 -77.20 -6.05 22.78
CA ALA DA 24 -77.71 -5.26 23.88
C ALA DA 24 -76.94 -5.54 25.15
N SER DA 25 -76.76 -4.53 25.98
CA SER DA 25 -76.00 -4.68 27.21
C SER DA 25 -76.52 -3.71 28.26
N ASP DA 26 -76.50 -4.17 29.52
CA ASP DA 26 -76.77 -3.30 30.65
C ASP DA 26 -75.59 -2.38 30.92
N THR DA 27 -75.81 -1.39 31.77
CA THR DA 27 -74.86 -0.29 31.92
C THR DA 27 -74.29 -0.14 33.31
N ARG DA 28 -74.75 -0.94 34.28
CA ARG DA 28 -74.32 -0.82 35.66
C ARG DA 28 -72.89 -1.34 35.81
N LEU DA 29 -71.94 -0.43 36.02
CA LEU DA 29 -70.56 -0.80 36.31
C LEU DA 29 -70.36 -0.76 37.82
N SER DA 30 -70.09 -1.92 38.41
CA SER DA 30 -70.08 -2.02 39.87
C SER DA 30 -68.91 -2.88 40.31
N GLU DA 31 -68.25 -2.47 41.38
CA GLU DA 31 -67.17 -3.25 41.97
C GLU DA 31 -67.56 -3.63 43.38
N GLY DA 32 -67.49 -4.93 43.67
CA GLY DA 32 -67.88 -5.41 44.98
C GLY DA 32 -69.38 -5.30 45.22
N PHE DA 33 -69.73 -4.48 46.20
CA PHE DA 33 -71.13 -4.26 46.52
C PHE DA 33 -71.55 -2.84 46.22
N SER DA 34 -70.59 -1.97 45.92
CA SER DA 34 -70.90 -0.58 45.63
C SER DA 34 -71.42 -0.43 44.21
N ILE DA 35 -71.84 0.79 43.88
CA ILE DA 35 -72.17 1.17 42.52
C ILE DA 35 -71.25 2.32 42.13
N HIS DA 36 -70.46 2.11 41.08
CA HIS DA 36 -69.61 3.19 40.61
C HIS DA 36 -70.38 4.14 39.69
N THR DA 37 -71.19 3.60 38.79
CA THR DA 37 -71.98 4.45 37.92
C THR DA 37 -73.27 3.74 37.53
N ARG DA 38 -74.23 4.53 37.05
CA ARG DA 38 -75.48 3.99 36.55
C ARG DA 38 -75.62 4.18 35.05
N ASP DA 39 -74.57 4.69 34.40
CA ASP DA 39 -74.53 4.83 32.94
C ASP DA 39 -73.12 4.48 32.49
N SER DA 40 -72.98 3.31 31.87
CA SER DA 40 -71.71 2.88 31.27
C SER DA 40 -72.02 1.83 30.22
N PRO DA 41 -72.30 2.25 28.99
CA PRO DA 41 -72.72 1.29 27.95
C PRO DA 41 -71.55 0.45 27.47
N LYS DA 42 -71.84 -0.80 27.14
CA LYS DA 42 -70.82 -1.76 26.71
C LYS DA 42 -70.79 -1.95 25.20
N CYS DA 43 -71.90 -1.72 24.51
CA CYS DA 43 -71.99 -1.97 23.07
C CYS DA 43 -71.18 -0.92 22.32
N TYR DA 44 -70.25 -1.38 21.48
CA TYR DA 44 -69.25 -0.53 20.87
C TYR DA 44 -69.33 -0.65 19.36
N LYS DA 45 -69.35 0.48 18.67
CA LYS DA 45 -69.40 0.51 17.21
C LYS DA 45 -67.98 0.32 16.69
N LEU DA 46 -67.76 -0.76 15.94
CA LEU DA 46 -66.46 -0.97 15.32
C LEU DA 46 -66.45 -0.44 13.90
N THR DA 47 -67.30 -1.01 13.05
CA THR DA 47 -67.50 -0.59 11.68
C THR DA 47 -68.94 -0.14 11.53
N ASP DA 48 -69.34 0.07 10.27
CA ASP DA 48 -70.75 0.28 9.99
C ASP DA 48 -71.59 -0.95 10.29
N LYS DA 49 -71.04 -2.14 10.11
CA LYS DA 49 -71.84 -3.36 10.16
C LYS DA 49 -71.32 -4.39 11.14
N THR DA 50 -70.63 -3.98 12.20
CA THR DA 50 -70.14 -4.91 13.21
C THR DA 50 -70.04 -4.20 14.55
N VAL DA 51 -70.79 -4.69 15.54
CA VAL DA 51 -70.86 -4.09 16.85
C VAL DA 51 -70.45 -5.12 17.89
N ILE DA 52 -69.44 -4.78 18.69
CA ILE DA 52 -68.88 -5.68 19.67
C ILE DA 52 -69.44 -5.32 21.04
N GLY DA 53 -69.55 -6.32 21.91
CA GLY DA 53 -69.80 -6.09 23.32
C GLY DA 53 -68.70 -6.73 24.15
N CYS DA 54 -68.39 -6.09 25.27
CA CYS DA 54 -67.28 -6.52 26.11
C CYS DA 54 -67.65 -6.34 27.57
N SER DA 55 -67.69 -7.44 28.33
CA SER DA 55 -67.96 -7.39 29.75
C SER DA 55 -66.86 -8.11 30.51
N GLY DA 56 -67.09 -8.28 31.81
CA GLY DA 56 -66.08 -8.81 32.69
C GLY DA 56 -65.33 -7.70 33.39
N PHE DA 57 -64.03 -7.91 33.54
CA PHE DA 57 -63.14 -6.88 34.05
C PHE DA 57 -63.11 -5.69 33.09
N HIS DA 58 -63.18 -4.47 33.61
CA HIS DA 58 -63.45 -3.30 32.80
C HIS DA 58 -62.23 -2.73 32.09
N GLY DA 59 -61.07 -2.74 32.74
CA GLY DA 59 -59.88 -2.17 32.13
C GLY DA 59 -59.41 -2.96 30.92
N ASP DA 60 -59.64 -4.27 30.95
CA ASP DA 60 -59.33 -5.08 29.78
C ASP DA 60 -60.37 -4.88 28.67
N CYS DA 61 -61.59 -4.49 29.02
CA CYS DA 61 -62.57 -4.12 28.00
C CYS DA 61 -62.15 -2.85 27.29
N LEU DA 62 -61.66 -1.87 28.05
CA LEU DA 62 -61.19 -0.63 27.45
C LEU DA 62 -59.96 -0.88 26.57
N THR DA 63 -58.98 -1.61 27.10
CA THR DA 63 -57.75 -1.93 26.39
C THR DA 63 -58.02 -2.71 25.12
N LEU DA 64 -58.86 -3.74 25.23
CA LEU DA 64 -59.17 -4.59 24.08
C LEU DA 64 -59.96 -3.82 23.02
N THR DA 65 -60.88 -2.96 23.46
CA THR DA 65 -61.64 -2.12 22.53
C THR DA 65 -60.72 -1.19 21.75
N LYS DA 66 -59.73 -0.62 22.44
CA LYS DA 66 -58.84 0.32 21.76
C LYS DA 66 -57.86 -0.39 20.83
N ILE DA 67 -57.42 -1.61 21.19
CA ILE DA 67 -56.54 -2.35 20.29
C ILE DA 67 -57.29 -2.78 19.03
N ILE DA 68 -58.53 -3.24 19.20
CA ILE DA 68 -59.34 -3.65 18.05
C ILE DA 68 -59.63 -2.47 17.13
N GLU DA 69 -60.02 -1.33 17.70
CA GLU DA 69 -60.31 -0.16 16.88
C GLU DA 69 -59.03 0.45 16.29
N ALA DA 70 -57.86 0.05 16.80
CA ALA DA 70 -56.63 0.40 16.10
C ALA DA 70 -56.41 -0.51 14.89
N ARG DA 71 -56.49 -1.83 15.09
CA ARG DA 71 -56.13 -2.75 14.01
C ARG DA 71 -57.15 -2.76 12.88
N LEU DA 72 -58.38 -2.31 13.15
CA LEU DA 72 -59.33 -2.05 12.07
C LEU DA 72 -58.79 -1.00 11.11
N LYS DA 73 -58.32 0.12 11.64
CA LYS DA 73 -57.85 1.20 10.78
C LYS DA 73 -56.50 0.86 10.17
N MET DA 74 -55.74 -0.03 10.81
CA MET DA 74 -54.54 -0.54 10.15
C MET DA 74 -54.91 -1.41 8.94
N TYR DA 75 -55.95 -2.22 9.08
CA TYR DA 75 -56.41 -3.01 7.93
C TYR DA 75 -56.97 -2.11 6.83
N LYS DA 76 -57.66 -1.03 7.21
CA LYS DA 76 -58.20 -0.12 6.21
C LYS DA 76 -57.09 0.62 5.49
N HIS DA 77 -56.04 0.99 6.21
CA HIS DA 77 -54.90 1.63 5.58
C HIS DA 77 -54.10 0.69 4.71
N SER DA 78 -54.10 -0.61 5.02
CA SER DA 78 -53.34 -1.52 4.18
C SER DA 78 -54.14 -1.92 2.94
N ASN DA 79 -55.39 -2.34 3.13
CA ASN DA 79 -56.01 -3.14 2.08
C ASN DA 79 -57.25 -2.49 1.48
N ASN DA 80 -57.45 -1.19 1.71
CA ASN DA 80 -58.40 -0.34 1.00
C ASN DA 80 -59.86 -0.75 1.18
N LYS DA 81 -60.18 -1.54 2.20
CA LYS DA 81 -61.55 -1.94 2.48
C LYS DA 81 -61.66 -2.33 3.94
N ALA DA 82 -62.88 -2.34 4.45
CA ALA DA 82 -63.08 -2.62 5.86
C ALA DA 82 -62.91 -4.12 6.12
N MET DA 83 -62.67 -4.47 7.38
CA MET DA 83 -62.62 -5.86 7.80
C MET DA 83 -64.01 -6.47 7.72
N THR DA 84 -64.06 -7.69 7.21
CA THR DA 84 -65.29 -8.46 7.26
C THR DA 84 -65.55 -8.90 8.69
N THR DA 85 -66.80 -9.31 8.95
CA THR DA 85 -67.15 -9.76 10.30
C THR DA 85 -66.47 -11.08 10.62
N GLY DA 86 -66.22 -11.90 9.60
CA GLY DA 86 -65.48 -13.13 9.80
C GLY DA 86 -64.01 -12.91 10.09
N ALA DA 87 -63.43 -11.81 9.64
CA ALA DA 87 -62.01 -11.57 9.88
C ALA DA 87 -61.77 -11.04 11.28
N ILE DA 88 -62.70 -10.27 11.82
CA ILE DA 88 -62.57 -9.73 13.17
C ILE DA 88 -62.58 -10.85 14.19
N ALA DA 89 -63.32 -11.92 13.90
CA ALA DA 89 -63.36 -13.07 14.79
C ALA DA 89 -62.00 -13.75 14.88
N ALA DA 90 -61.34 -13.93 13.74
CA ALA DA 90 -60.04 -14.61 13.75
C ALA DA 90 -58.97 -13.73 14.37
N MET DA 91 -59.01 -12.42 14.07
CA MET DA 91 -58.03 -11.51 14.64
C MET DA 91 -58.20 -11.40 16.15
N LEU DA 92 -59.45 -11.39 16.61
CA LEU DA 92 -59.70 -11.34 18.05
C LEU DA 92 -59.33 -12.65 18.72
N SER DA 93 -59.43 -13.76 17.99
CA SER DA 93 -58.93 -15.02 18.54
C SER DA 93 -57.42 -14.97 18.73
N THR DA 94 -56.70 -14.37 17.78
CA THR DA 94 -55.25 -14.28 17.94
C THR DA 94 -54.85 -13.29 19.02
N ILE DA 95 -55.61 -12.19 19.16
CA ILE DA 95 -55.29 -11.20 20.19
C ILE DA 95 -55.57 -11.77 21.57
N LEU DA 96 -56.72 -12.42 21.73
CA LEU DA 96 -57.07 -13.01 23.02
C LEU DA 96 -56.18 -14.19 23.36
N TYR DA 97 -55.56 -14.82 22.36
CA TYR DA 97 -54.63 -15.89 22.71
C TYR DA 97 -53.22 -15.36 22.88
N SER DA 98 -52.95 -14.13 22.43
CA SER DA 98 -51.60 -13.57 22.50
C SER DA 98 -51.14 -13.34 23.93
N ARG DA 99 -52.07 -13.16 24.87
CA ARG DA 99 -51.78 -13.00 26.29
C ARG DA 99 -52.21 -14.22 27.09
N ARG DA 100 -51.99 -15.42 26.56
CA ARG DA 100 -52.55 -16.64 27.15
C ARG DA 100 -52.02 -16.91 28.54
N PHE DA 101 -50.75 -16.59 28.79
CA PHE DA 101 -50.14 -17.00 30.05
C PHE DA 101 -50.23 -15.90 31.10
N PHE DA 102 -50.97 -14.84 30.80
CA PHE DA 102 -51.42 -13.86 31.79
C PHE DA 102 -52.74 -13.32 31.29
N PRO DA 103 -53.82 -14.09 31.43
CA PRO DA 103 -54.97 -13.96 30.54
C PRO DA 103 -55.83 -12.75 30.83
N TYR DA 104 -56.55 -12.32 29.79
CA TYR DA 104 -57.64 -11.40 29.98
C TYR DA 104 -58.72 -12.05 30.81
N TYR DA 105 -59.51 -11.23 31.49
CA TYR DA 105 -60.74 -11.71 32.12
C TYR DA 105 -61.87 -10.92 31.48
N VAL DA 106 -62.30 -11.38 30.32
CA VAL DA 106 -63.23 -10.67 29.45
C VAL DA 106 -64.04 -11.68 28.66
N TYR DA 107 -65.37 -11.51 28.68
CA TYR DA 107 -66.28 -12.28 27.85
C TYR DA 107 -66.69 -11.41 26.67
N ASN DA 108 -66.41 -11.88 25.47
CA ASN DA 108 -66.63 -11.10 24.26
C ASN DA 108 -67.76 -11.67 23.44
N ILE DA 109 -68.52 -10.78 22.80
CA ILE DA 109 -69.58 -11.13 21.87
C ILE DA 109 -69.51 -10.15 20.70
N ILE DA 110 -69.39 -10.69 19.48
CA ILE DA 110 -69.38 -9.88 18.27
C ILE DA 110 -70.63 -10.18 17.48
N GLY DA 111 -71.41 -9.14 17.19
CA GLY DA 111 -72.53 -9.29 16.27
C GLY DA 111 -72.29 -8.43 15.05
N GLY DA 112 -73.03 -8.73 13.99
CA GLY DA 112 -72.94 -7.92 12.79
C GLY DA 112 -73.22 -8.77 11.56
N LEU DA 113 -73.44 -8.07 10.46
CA LEU DA 113 -73.83 -8.71 9.20
C LEU DA 113 -72.62 -9.30 8.51
N ASP DA 114 -72.85 -10.39 7.77
CA ASP DA 114 -71.83 -10.99 6.94
C ASP DA 114 -71.92 -10.43 5.53
N GLU DA 115 -71.26 -11.07 4.56
CA GLU DA 115 -71.25 -10.60 3.18
C GLU DA 115 -72.60 -10.70 2.50
N GLU DA 116 -73.49 -11.55 3.00
CA GLU DA 116 -74.69 -11.94 2.28
C GLU DA 116 -75.97 -11.48 2.94
N GLY DA 117 -75.90 -10.49 3.82
CA GLY DA 117 -77.08 -9.97 4.47
C GLY DA 117 -77.69 -10.91 5.50
N LYS DA 118 -76.87 -11.55 6.32
CA LYS DA 118 -77.36 -12.50 7.32
C LYS DA 118 -76.73 -12.20 8.68
N GLY DA 119 -77.41 -12.65 9.74
CA GLY DA 119 -76.95 -12.39 11.08
C GLY DA 119 -75.86 -13.37 11.48
N ALA DA 120 -74.70 -12.85 11.81
CA ALA DA 120 -73.54 -13.67 12.16
C ALA DA 120 -73.01 -13.22 13.51
N VAL DA 121 -73.49 -13.85 14.57
CA VAL DA 121 -73.06 -13.55 15.92
C VAL DA 121 -71.99 -14.54 16.33
N TYR DA 122 -70.82 -14.03 16.69
CA TYR DA 122 -69.74 -14.86 17.17
C TYR DA 122 -69.55 -14.62 18.65
N SER DA 123 -69.20 -15.68 19.38
CA SER DA 123 -68.94 -15.58 20.80
C SER DA 123 -67.54 -16.08 21.11
N PHE DA 124 -67.09 -15.84 22.33
CA PHE DA 124 -65.71 -16.06 22.70
C PHE DA 124 -65.59 -16.57 24.13
N ASP DA 125 -64.35 -16.71 24.58
CA ASP DA 125 -63.98 -17.00 25.94
C ASP DA 125 -62.64 -16.32 26.19
N PRO DA 126 -62.26 -16.11 27.46
CA PRO DA 126 -60.98 -15.41 27.72
C PRO DA 126 -59.73 -16.11 27.20
N VAL DA 127 -59.76 -17.42 27.00
CA VAL DA 127 -58.59 -18.08 26.44
C VAL DA 127 -58.55 -17.91 24.93
N GLY DA 128 -59.71 -17.78 24.29
CA GLY DA 128 -59.76 -17.37 22.90
C GLY DA 128 -60.38 -18.33 21.91
N SER DA 129 -61.12 -19.34 22.37
CA SER DA 129 -61.88 -20.17 21.44
C SER DA 129 -63.10 -19.41 20.96
N TYR DA 130 -63.60 -19.78 19.78
CA TYR DA 130 -64.76 -19.07 19.25
C TYR DA 130 -65.56 -19.98 18.35
N GLN DA 131 -66.82 -19.58 18.14
CA GLN DA 131 -67.73 -20.31 17.29
C GLN DA 131 -68.82 -19.37 16.81
N ARG DA 132 -69.46 -19.76 15.72
CA ARG DA 132 -70.61 -19.03 15.21
C ARG DA 132 -71.87 -19.57 15.86
N ASP DA 133 -72.71 -18.70 16.39
CA ASP DA 133 -73.93 -19.10 17.05
C ASP DA 133 -75.06 -18.16 16.67
N SER DA 134 -76.29 -18.66 16.81
CA SER DA 134 -77.46 -17.86 16.48
C SER DA 134 -77.77 -16.85 17.57
N PHE DA 135 -77.45 -17.20 18.81
CA PHE DA 135 -77.71 -16.32 19.95
C PHE DA 135 -76.84 -16.75 21.12
N LYS DA 136 -76.22 -15.78 21.78
CA LYS DA 136 -75.41 -16.04 22.97
C LYS DA 136 -75.67 -14.96 24.00
N ALA DA 137 -75.14 -15.21 25.20
CA ALA DA 137 -75.31 -14.32 26.33
C ALA DA 137 -74.19 -14.59 27.32
N GLY DA 138 -73.36 -13.59 27.56
CA GLY DA 138 -72.25 -13.70 28.47
C GLY DA 138 -72.49 -12.94 29.76
N GLY DA 139 -71.41 -12.74 30.50
CA GLY DA 139 -71.48 -11.95 31.71
C GLY DA 139 -72.02 -12.71 32.90
N SER DA 140 -72.55 -11.95 33.85
CA SER DA 140 -72.91 -12.51 35.15
C SER DA 140 -74.30 -13.13 35.13
N ALA DA 141 -75.03 -12.97 34.03
CA ALA DA 141 -76.39 -13.50 34.00
C ALA DA 141 -76.61 -14.43 32.81
N SER DA 142 -75.59 -15.20 32.44
CA SER DA 142 -75.72 -16.13 31.32
C SER DA 142 -76.72 -17.23 31.64
N ALA DA 143 -76.64 -17.73 32.87
CA ALA DA 143 -77.53 -18.80 33.31
C ALA DA 143 -78.93 -18.30 33.60
N MET DA 144 -79.16 -16.99 33.58
CA MET DA 144 -80.50 -16.45 33.67
C MET DA 144 -81.07 -16.06 32.31
N LEU DA 145 -80.32 -16.29 31.23
CA LEU DA 145 -80.81 -15.93 29.91
C LEU DA 145 -80.90 -17.12 28.97
N GLN DA 146 -79.85 -17.95 28.93
CA GLN DA 146 -79.73 -18.96 27.86
C GLN DA 146 -80.87 -19.95 27.70
N PRO DA 147 -81.46 -20.56 28.75
CA PRO DA 147 -82.59 -21.47 28.48
C PRO DA 147 -83.84 -20.74 28.03
N LEU DA 148 -83.94 -19.44 28.29
CA LEU DA 148 -85.12 -18.72 27.87
C LEU DA 148 -85.07 -18.41 26.37
N LEU DA 149 -83.89 -18.07 25.87
CA LEU DA 149 -83.75 -17.92 24.43
C LEU DA 149 -83.82 -19.28 23.74
N ASP DA 150 -83.45 -20.34 24.45
CA ASP DA 150 -83.73 -21.68 23.93
C ASP DA 150 -85.22 -21.94 23.84
N ASN DA 151 -86.00 -21.42 24.77
CA ASN DA 151 -87.44 -21.66 24.76
C ASN DA 151 -88.14 -20.75 23.77
N GLN DA 152 -87.50 -19.64 23.40
CA GLN DA 152 -88.17 -18.71 22.50
C GLN DA 152 -87.61 -18.78 21.09
N VAL DA 153 -86.29 -18.85 20.96
CA VAL DA 153 -85.68 -18.82 19.64
C VAL DA 153 -85.20 -20.22 19.23
N GLY DA 154 -84.63 -20.95 20.18
CA GLY DA 154 -84.03 -22.23 19.85
C GLY DA 154 -85.01 -23.37 19.66
N PHE DA 155 -86.21 -23.25 20.23
CA PHE DA 155 -87.29 -24.23 20.18
C PHE DA 155 -86.87 -25.60 20.70
N LYS DA 156 -86.06 -25.66 21.75
CA LYS DA 156 -85.74 -26.94 22.35
C LYS DA 156 -86.80 -27.36 23.35
N ASN DA 157 -86.99 -28.68 23.45
CA ASN DA 157 -87.85 -29.34 24.43
C ASN DA 157 -89.31 -28.87 24.32
N MET DA 158 -89.79 -28.70 23.09
CA MET DA 158 -91.19 -28.38 22.88
C MET DA 158 -91.75 -29.28 21.79
N GLN DA 159 -92.96 -29.76 22.04
CA GLN DA 159 -93.66 -30.66 21.13
C GLN DA 159 -94.82 -29.89 20.51
N ASN DA 160 -95.08 -30.19 19.24
CA ASN DA 160 -96.18 -29.62 18.44
C ASN DA 160 -96.03 -28.12 18.29
N VAL DA 161 -94.78 -27.67 18.15
CA VAL DA 161 -94.47 -26.25 18.03
C VAL DA 161 -94.05 -25.99 16.60
N GLU DA 162 -94.91 -25.30 15.85
CA GLU DA 162 -94.58 -24.88 14.51
C GLU DA 162 -93.49 -23.82 14.53
N HIS DA 163 -92.72 -23.74 13.45
CA HIS DA 163 -91.51 -22.93 13.40
C HIS DA 163 -91.73 -21.70 12.53
N VAL DA 164 -91.83 -20.55 13.19
CA VAL DA 164 -91.76 -19.24 12.55
C VAL DA 164 -90.34 -18.71 12.74
N PRO DA 165 -89.71 -18.13 11.72
CA PRO DA 165 -88.40 -17.51 11.94
C PRO DA 165 -88.54 -16.21 12.72
N LEU DA 166 -87.44 -15.75 13.30
CA LEU DA 166 -87.49 -14.57 14.15
C LEU DA 166 -87.71 -13.31 13.33
N SER DA 167 -88.71 -12.53 13.70
CA SER DA 167 -89.02 -11.28 13.06
C SER DA 167 -88.40 -10.14 13.84
N LEU DA 168 -88.42 -8.94 13.25
CA LEU DA 168 -87.70 -7.82 13.83
C LEU DA 168 -88.38 -7.30 15.08
N ASP DA 169 -89.71 -7.32 15.09
CA ASP DA 169 -90.45 -6.80 16.23
C ASP DA 169 -90.42 -7.76 17.42
N ARG DA 170 -90.36 -9.06 17.13
CA ARG DA 170 -90.46 -10.07 18.18
C ARG DA 170 -89.19 -10.11 19.02
N ALA DA 171 -88.03 -9.85 18.39
CA ALA DA 171 -86.77 -9.90 19.10
C ALA DA 171 -86.64 -8.75 20.09
N MET DA 172 -87.29 -7.63 19.82
CA MET DA 172 -87.20 -6.49 20.71
C MET DA 172 -87.93 -6.74 22.03
N ARG DA 173 -89.15 -7.27 21.96
CA ARG DA 173 -89.83 -7.62 23.19
C ARG DA 173 -89.18 -8.82 23.87
N LEU DA 174 -88.47 -9.65 23.10
CA LEU DA 174 -87.60 -10.65 23.73
C LEU DA 174 -86.53 -10.00 24.58
N VAL DA 175 -85.79 -9.03 24.03
CA VAL DA 175 -84.66 -8.44 24.76
C VAL DA 175 -85.16 -7.65 25.97
N LYS DA 176 -86.29 -6.94 25.79
CA LYS DA 176 -86.86 -6.21 26.91
C LYS DA 176 -87.36 -7.14 28.02
N ASP DA 177 -87.99 -8.25 27.64
CA ASP DA 177 -88.49 -9.18 28.65
C ASP DA 177 -87.35 -9.89 29.37
N VAL DA 178 -86.27 -10.22 28.66
CA VAL DA 178 -85.20 -10.96 29.32
C VAL DA 178 -84.39 -10.04 30.21
N PHE DA 179 -84.31 -8.75 29.90
CA PHE DA 179 -83.54 -7.89 30.79
C PHE DA 179 -84.38 -7.41 31.97
N ILE DA 180 -85.71 -7.32 31.81
CA ILE DA 180 -86.52 -7.04 32.98
C ILE DA 180 -86.56 -8.23 33.92
N SER DA 181 -87.00 -9.39 33.42
CA SER DA 181 -87.18 -10.56 34.28
C SER DA 181 -85.84 -11.13 34.73
N ALA DA 182 -84.80 -10.92 33.95
CA ALA DA 182 -83.47 -11.27 34.42
C ALA DA 182 -82.96 -10.26 35.43
N ALA DA 183 -83.30 -8.98 35.24
CA ALA DA 183 -82.83 -7.96 36.15
C ALA DA 183 -83.52 -8.00 37.51
N GLU DA 184 -84.64 -8.73 37.63
CA GLU DA 184 -85.33 -8.77 38.92
C GLU DA 184 -84.56 -9.58 39.95
N ARG DA 185 -83.96 -10.70 39.56
CA ARG DA 185 -83.25 -11.56 40.50
C ARG DA 185 -81.76 -11.30 40.53
N ASP DA 186 -81.19 -10.84 39.44
CA ASP DA 186 -79.76 -10.55 39.39
C ASP DA 186 -79.46 -9.26 40.15
N VAL DA 187 -78.21 -9.12 40.59
CA VAL DA 187 -77.78 -7.88 41.20
C VAL DA 187 -76.91 -7.03 40.28
N TYR DA 188 -76.19 -7.64 39.34
CA TYR DA 188 -75.28 -6.90 38.48
C TYR DA 188 -75.94 -6.39 37.22
N THR DA 189 -77.23 -6.63 37.03
CA THR DA 189 -77.95 -6.11 35.89
C THR DA 189 -78.67 -4.87 36.34
N GLY DA 190 -78.47 -3.77 35.63
CA GLY DA 190 -78.79 -2.49 36.23
C GLY DA 190 -79.80 -1.68 35.46
N ASP DA 191 -79.72 -0.38 35.69
CA ASP DA 191 -80.76 0.60 35.37
C ASP DA 191 -80.90 0.75 33.85
N ALA DA 192 -79.93 1.31 33.15
CA ALA DA 192 -80.16 1.64 31.75
C ALA DA 192 -79.79 0.46 30.87
N LEU DA 193 -80.59 0.24 29.83
CA LEU DA 193 -80.40 -0.85 28.91
C LEU DA 193 -80.13 -0.30 27.51
N ARG DA 194 -78.89 -0.45 27.06
CA ARG DA 194 -78.51 -0.06 25.70
C ARG DA 194 -78.92 -1.18 24.76
N ILE DA 195 -79.53 -0.80 23.63
CA ILE DA 195 -79.88 -1.74 22.57
C ILE DA 195 -79.36 -1.19 21.25
N CYS DA 196 -78.55 -1.98 20.57
CA CYS DA 196 -78.03 -1.63 19.25
C CYS DA 196 -78.59 -2.59 18.23
N ILE DA 197 -79.20 -2.07 17.18
CA ILE DA 197 -79.70 -2.87 16.08
C ILE DA 197 -78.80 -2.64 14.89
N VAL DA 198 -78.28 -3.72 14.31
CA VAL DA 198 -77.45 -3.64 13.12
C VAL DA 198 -78.29 -4.11 11.94
N THR DA 199 -78.59 -3.19 11.04
CA THR DA 199 -79.35 -3.50 9.84
C THR DA 199 -78.43 -3.38 8.64
N LYS DA 200 -79.01 -3.54 7.45
CA LYS DA 200 -78.27 -3.25 6.23
C LYS DA 200 -78.12 -1.75 6.00
N GLU DA 201 -78.87 -0.93 6.74
CA GLU DA 201 -78.95 0.50 6.50
C GLU DA 201 -78.18 1.33 7.53
N GLY DA 202 -77.45 0.70 8.44
CA GLY DA 202 -76.61 1.42 9.36
C GLY DA 202 -76.69 0.84 10.75
N ILE DA 203 -76.61 1.73 11.73
CA ILE DA 203 -76.63 1.37 13.15
C ILE DA 203 -77.72 2.18 13.83
N ARG DA 204 -78.70 1.50 14.41
CA ARG DA 204 -79.72 2.15 15.20
C ARG DA 204 -79.51 1.84 16.67
N GLU DA 205 -79.74 2.84 17.52
CA GLU DA 205 -79.55 2.69 18.95
C GLU DA 205 -80.80 3.15 19.68
N GLU DA 206 -81.14 2.42 20.75
CA GLU DA 206 -82.32 2.67 21.55
C GLU DA 206 -82.01 2.30 22.98
N THR DA 207 -82.42 3.16 23.90
CA THR DA 207 -82.13 2.97 25.33
C THR DA 207 -83.40 3.10 26.13
N VAL DA 208 -83.72 2.06 26.89
CA VAL DA 208 -84.91 2.01 27.73
C VAL DA 208 -84.47 1.82 29.17
N SER DA 209 -84.96 2.66 30.06
CA SER DA 209 -84.66 2.54 31.48
C SER DA 209 -85.38 1.34 32.08
N LEU DA 210 -84.98 0.99 33.31
CA LEU DA 210 -85.54 -0.14 34.03
C LEU DA 210 -85.76 0.29 35.46
N ARG DA 211 -85.90 -0.69 36.35
CA ARG DA 211 -85.99 -0.40 37.77
C ARG DA 211 -84.68 0.20 38.26
N LYS DA 212 -84.79 1.07 39.27
CA LYS DA 212 -83.69 1.95 39.66
C LYS DA 212 -82.93 1.46 40.88
N ASP DA 213 -83.04 0.19 41.25
CA ASP DA 213 -82.33 -0.31 42.42
C ASP DA 213 -81.32 -1.40 42.08
N THR EA 1 -45.34 -1.01 44.02
CA THR EA 1 -45.50 -1.02 45.47
C THR EA 1 -46.52 -2.07 45.89
N GLN EA 2 -46.05 -3.11 46.58
CA GLN EA 2 -46.94 -4.17 47.02
C GLN EA 2 -47.61 -3.82 48.33
N ASN EA 3 -47.03 -2.89 49.08
CA ASN EA 3 -47.49 -2.54 50.44
C ASN EA 3 -47.41 -1.03 50.62
N PRO EA 4 -48.55 -0.35 50.72
CA PRO EA 4 -48.52 1.12 50.82
C PRO EA 4 -48.03 1.60 52.18
N MET EA 5 -46.99 2.42 52.15
CA MET EA 5 -46.35 2.84 53.40
C MET EA 5 -47.08 4.02 54.03
N VAL EA 6 -47.06 5.18 53.36
CA VAL EA 6 -47.68 6.37 53.94
C VAL EA 6 -48.87 6.76 53.09
N THR EA 7 -50.07 6.58 53.63
CA THR EA 7 -51.28 6.65 52.85
C THR EA 7 -52.05 7.93 53.13
N GLY EA 8 -53.02 8.21 52.26
CA GLY EA 8 -53.96 9.28 52.46
C GLY EA 8 -55.35 8.75 52.74
N THR EA 9 -56.35 9.53 52.35
CA THR EA 9 -57.74 9.19 52.58
C THR EA 9 -58.61 9.81 51.50
N SER EA 10 -59.91 9.95 51.79
CA SER EA 10 -60.94 10.14 50.78
C SER EA 10 -60.84 11.48 50.07
N VAL EA 11 -61.20 11.47 48.78
CA VAL EA 11 -61.23 12.66 47.93
C VAL EA 11 -62.64 12.76 47.36
N LEU EA 12 -63.19 13.97 47.32
CA LEU EA 12 -64.54 14.19 46.85
C LEU EA 12 -64.51 15.06 45.60
N GLY EA 13 -65.62 15.07 44.86
CA GLY EA 13 -65.74 15.91 43.69
C GLY EA 13 -67.11 15.86 43.07
N VAL EA 14 -67.58 16.97 42.51
CA VAL EA 14 -68.92 17.04 41.94
C VAL EA 14 -68.92 18.08 40.82
N LYS EA 15 -69.72 17.84 39.79
CA LYS EA 15 -69.96 18.85 38.79
C LYS EA 15 -70.90 19.92 39.32
N PHE EA 16 -70.86 21.07 38.67
CA PHE EA 16 -71.89 22.09 38.81
C PHE EA 16 -71.88 22.91 37.52
N GLU EA 17 -72.71 23.94 37.49
CA GLU EA 17 -72.77 24.77 36.30
C GLU EA 17 -71.54 25.66 36.20
N GLY EA 18 -70.67 25.33 35.26
CA GLY EA 18 -69.51 26.16 35.00
C GLY EA 18 -68.26 25.75 35.74
N GLY EA 19 -68.12 24.50 36.11
CA GLY EA 19 -66.89 24.05 36.73
C GLY EA 19 -67.13 22.85 37.60
N VAL EA 20 -66.04 22.37 38.20
CA VAL EA 20 -66.03 21.18 39.05
C VAL EA 20 -65.23 21.50 40.30
N VAL EA 21 -65.83 21.27 41.46
CA VAL EA 21 -65.16 21.50 42.74
C VAL EA 21 -64.70 20.16 43.32
N ILE EA 22 -63.43 20.11 43.72
CA ILE EA 22 -62.81 18.91 44.28
C ILE EA 22 -62.12 19.31 45.57
N ALA EA 23 -62.37 18.57 46.65
CA ALA EA 23 -61.79 18.90 47.94
C ALA EA 23 -61.36 17.65 48.67
N ALA EA 24 -60.06 17.51 48.87
CA ALA EA 24 -59.50 16.47 49.73
C ALA EA 24 -59.11 17.10 51.05
N ASP EA 25 -58.49 16.30 51.91
CA ASP EA 25 -58.01 16.75 53.20
C ASP EA 25 -56.52 16.53 53.31
N MET EA 26 -55.89 17.33 54.18
CA MET EA 26 -54.45 17.51 54.11
C MET EA 26 -53.70 16.54 55.01
N LEU EA 27 -54.32 15.41 55.35
CA LEU EA 27 -53.68 14.44 56.22
C LEU EA 27 -52.83 13.43 55.46
N GLY EA 28 -51.66 13.13 55.98
CA GLY EA 28 -50.96 11.92 55.60
C GLY EA 28 -50.93 10.98 56.79
N SER EA 29 -51.12 9.68 56.56
CA SER EA 29 -51.21 8.73 57.66
C SER EA 29 -50.24 7.59 57.42
N TYR EA 30 -49.88 6.91 58.50
CA TYR EA 30 -48.93 5.80 58.45
C TYR EA 30 -49.45 4.71 59.37
N GLY EA 31 -50.23 3.78 58.81
CA GLY EA 31 -50.87 2.76 59.62
C GLY EA 31 -51.95 3.36 60.49
N SER EA 32 -51.83 3.19 61.80
CA SER EA 32 -52.78 3.83 62.71
C SER EA 32 -52.43 5.30 62.92
N LEU EA 33 -51.14 5.62 62.88
CA LEU EA 33 -50.64 6.94 63.18
C LEU EA 33 -51.02 7.96 62.11
N ALA EA 34 -51.40 9.14 62.56
CA ALA EA 34 -51.51 10.31 61.70
C ALA EA 34 -50.19 11.06 61.77
N ARG EA 35 -49.24 10.69 60.91
CA ARG EA 35 -47.87 11.14 61.09
C ARG EA 35 -47.60 12.52 60.52
N PHE EA 36 -48.00 12.77 59.27
CA PHE EA 36 -47.72 14.03 58.61
C PHE EA 36 -49.00 14.85 58.56
N ARG EA 37 -48.96 16.06 59.11
CA ARG EA 37 -50.20 16.80 59.29
C ARG EA 37 -50.42 17.81 58.16
N ASN EA 38 -49.37 18.16 57.44
CA ASN EA 38 -49.45 19.27 56.50
C ASN EA 38 -48.84 18.87 55.17
N ILE EA 39 -49.65 18.21 54.34
CA ILE EA 39 -49.27 17.91 52.98
C ILE EA 39 -50.39 18.40 52.06
N SER EA 40 -50.09 18.52 50.78
CA SER EA 40 -51.08 18.93 49.79
C SER EA 40 -51.37 17.72 48.92
N ARG EA 41 -52.60 17.25 48.96
CA ARG EA 41 -53.00 16.11 48.13
C ARG EA 41 -53.74 16.52 46.89
N ILE EA 42 -53.64 17.79 46.49
CA ILE EA 42 -54.28 18.31 45.29
C ILE EA 42 -53.23 19.06 44.49
N MET EA 43 -53.05 18.67 43.23
CA MET EA 43 -52.12 19.35 42.33
C MET EA 43 -52.88 20.23 41.36
N ARG EA 44 -52.53 21.50 41.32
CA ARG EA 44 -53.09 22.43 40.36
C ARG EA 44 -52.34 22.30 39.04
N VAL EA 45 -52.89 21.51 38.13
CA VAL EA 45 -52.34 21.36 36.78
C VAL EA 45 -52.74 22.63 36.03
N ASN EA 46 -52.19 22.84 34.83
CA ASN EA 46 -51.95 24.13 34.18
C ASN EA 46 -53.03 25.22 34.21
N ASN EA 47 -54.12 25.05 33.49
CA ASN EA 47 -55.19 26.04 33.47
C ASN EA 47 -56.58 25.45 33.56
N SER EA 48 -56.78 24.24 33.07
CA SER EA 48 -58.13 23.76 32.81
C SER EA 48 -58.39 22.39 33.38
N THR EA 49 -57.55 21.92 34.30
CA THR EA 49 -57.70 20.59 34.85
C THR EA 49 -57.08 20.57 36.24
N MET EA 50 -57.31 19.46 36.95
CA MET EA 50 -57.07 19.43 38.39
C MET EA 50 -57.09 17.97 38.83
N LEU EA 51 -56.20 17.64 39.77
CA LEU EA 51 -55.97 16.27 40.17
C LEU EA 51 -56.09 16.12 41.67
N GLY EA 52 -56.75 15.05 42.12
CA GLY EA 52 -56.70 14.62 43.50
C GLY EA 52 -56.30 13.15 43.57
N ALA EA 53 -55.97 12.68 44.76
CA ALA EA 53 -55.46 11.31 44.88
C ALA EA 53 -55.68 10.78 46.29
N SER EA 54 -55.79 9.45 46.37
CA SER EA 54 -55.80 8.75 47.64
C SER EA 54 -54.68 7.72 47.63
N GLY EA 55 -54.69 6.85 48.62
CA GLY EA 55 -53.74 5.76 48.66
C GLY EA 55 -52.34 6.25 48.98
N ASP EA 56 -51.37 5.59 48.36
CA ASP EA 56 -49.96 5.91 48.59
C ASP EA 56 -49.64 7.30 48.10
N TYR EA 57 -48.86 8.04 48.89
CA TYR EA 57 -48.60 9.43 48.56
C TYR EA 57 -47.36 9.57 47.70
N ALA EA 58 -46.44 8.61 47.81
CA ALA EA 58 -45.18 8.72 47.08
C ALA EA 58 -45.40 8.55 45.58
N ASP EA 59 -46.27 7.62 45.20
CA ASP EA 59 -46.62 7.48 43.79
C ASP EA 59 -47.38 8.69 43.29
N PHE EA 60 -48.12 9.37 44.18
CA PHE EA 60 -48.73 10.63 43.81
C PHE EA 60 -47.69 11.71 43.57
N GLN EA 61 -46.57 11.70 44.31
CA GLN EA 61 -45.50 12.62 43.97
C GLN EA 61 -44.82 12.23 42.68
N TYR EA 62 -44.84 10.93 42.34
CA TYR EA 62 -44.29 10.50 41.06
C TYR EA 62 -45.12 11.02 39.90
N LEU EA 63 -46.45 10.84 39.95
CA LEU EA 63 -47.30 11.34 38.88
C LEU EA 63 -47.36 12.86 38.87
N LYS EA 64 -47.15 13.47 40.04
CA LYS EA 64 -46.98 14.91 40.12
C LYS EA 64 -45.75 15.35 39.33
N GLN EA 65 -44.67 14.56 39.40
CA GLN EA 65 -43.46 14.86 38.65
C GLN EA 65 -43.64 14.63 37.15
N VAL EA 66 -44.25 13.50 36.78
CA VAL EA 66 -44.34 13.11 35.38
C VAL EA 66 -45.34 13.99 34.64
N LEU EA 67 -46.51 14.23 35.25
CA LEU EA 67 -47.46 15.16 34.65
C LEU EA 67 -46.92 16.58 34.67
N GLY EA 68 -46.16 16.91 35.71
CA GLY EA 68 -45.49 18.21 35.76
C GLY EA 68 -44.54 18.44 34.62
N GLN EA 69 -43.90 17.37 34.13
CA GLN EA 69 -43.04 17.53 32.96
C GLN EA 69 -43.86 17.54 31.67
N MET EA 70 -44.80 16.59 31.55
CA MET EA 70 -45.49 16.39 30.27
C MET EA 70 -46.44 17.53 29.93
N VAL EA 71 -46.89 18.29 30.92
CA VAL EA 71 -47.62 19.52 30.59
C VAL EA 71 -46.65 20.56 30.03
N ILE EA 72 -45.46 20.66 30.63
CA ILE EA 72 -44.49 21.68 30.25
C ILE EA 72 -43.96 21.43 28.84
N ASP EA 73 -43.97 20.18 28.39
CA ASP EA 73 -43.63 19.86 27.00
C ASP EA 73 -44.55 20.57 26.00
N GLU EA 74 -45.87 20.39 26.15
CA GLU EA 74 -46.78 21.03 25.21
C GLU EA 74 -46.90 22.52 25.49
N GLU EA 75 -46.56 22.94 26.71
CA GLU EA 75 -46.43 24.37 26.98
C GLU EA 75 -45.29 24.99 26.18
N LEU EA 76 -44.23 24.22 25.90
CA LEU EA 76 -43.09 24.79 25.20
C LEU EA 76 -43.13 24.52 23.71
N LEU EA 77 -44.08 23.71 23.26
CA LEU EA 77 -44.36 23.72 21.83
C LEU EA 77 -44.89 25.06 21.36
N GLY EA 78 -45.96 25.56 21.98
CA GLY EA 78 -46.44 26.88 21.67
C GLY EA 78 -47.19 27.00 20.37
N ASP EA 79 -47.73 25.90 19.85
CA ASP EA 79 -48.55 25.99 18.65
C ASP EA 79 -49.96 26.49 18.94
N GLY EA 80 -50.32 26.63 20.21
CA GLY EA 80 -51.65 27.06 20.60
C GLY EA 80 -52.52 25.96 21.17
N HIS EA 81 -52.06 24.72 21.16
CA HIS EA 81 -52.83 23.61 21.68
C HIS EA 81 -52.44 23.32 23.12
N SER EA 82 -53.32 22.60 23.82
CA SER EA 82 -53.05 22.17 25.18
C SER EA 82 -53.82 20.88 25.43
N TYR EA 83 -53.42 20.16 26.48
CA TYR EA 83 -54.10 18.92 26.81
C TYR EA 83 -55.46 19.20 27.44
N SER EA 84 -56.51 18.73 26.78
CA SER EA 84 -57.83 18.69 27.39
C SER EA 84 -57.83 17.69 28.55
N PRO EA 85 -58.72 17.87 29.55
CA PRO EA 85 -58.75 16.92 30.67
C PRO EA 85 -59.19 15.54 30.26
N ARG EA 86 -59.99 15.49 29.20
CA ARG EA 86 -60.32 14.24 28.54
C ARG EA 86 -59.07 13.53 28.03
N ALA EA 87 -58.10 14.31 27.53
CA ALA EA 87 -56.88 13.71 27.03
C ALA EA 87 -55.93 13.32 28.15
N ILE EA 88 -56.00 13.99 29.30
CA ILE EA 88 -55.14 13.63 30.41
C ILE EA 88 -55.64 12.36 31.09
N HIS EA 89 -56.96 12.24 31.21
CA HIS EA 89 -57.59 11.05 31.79
C HIS EA 89 -57.24 9.78 31.05
N SER EA 90 -57.18 9.83 29.72
CA SER EA 90 -56.84 8.65 28.94
C SER EA 90 -55.38 8.26 29.12
N TRP EA 91 -54.49 9.25 29.19
CA TRP EA 91 -53.08 8.97 29.41
C TRP EA 91 -52.87 8.35 30.78
N LEU EA 92 -53.59 8.88 31.77
CA LEU EA 92 -53.38 8.46 33.14
C LEU EA 92 -53.93 7.05 33.34
N THR EA 93 -55.02 6.74 32.64
CA THR EA 93 -55.51 5.37 32.58
C THR EA 93 -54.49 4.43 31.94
N ARG EA 94 -53.99 4.78 30.76
CA ARG EA 94 -53.07 3.90 30.04
C ARG EA 94 -51.73 3.77 30.73
N ALA EA 95 -51.33 4.75 31.53
CA ALA EA 95 -50.13 4.65 32.34
C ALA EA 95 -50.37 3.87 33.62
N MET EA 96 -51.60 3.86 34.11
CA MET EA 96 -51.91 3.04 35.27
C MET EA 96 -51.98 1.56 34.89
N TYR EA 97 -52.61 1.27 33.76
CA TYR EA 97 -52.82 -0.11 33.34
C TYR EA 97 -51.55 -0.79 32.86
N SER EA 98 -50.67 -0.07 32.16
CA SER EA 98 -49.46 -0.69 31.65
C SER EA 98 -48.48 -1.01 32.78
N ARG EA 99 -48.62 -0.32 33.91
CA ARG EA 99 -47.82 -0.70 35.07
C ARG EA 99 -48.54 -1.77 35.88
N ARG EA 100 -49.88 -1.85 35.77
CA ARG EA 100 -50.63 -2.94 36.38
C ARG EA 100 -50.28 -4.28 35.77
N SER EA 101 -49.96 -4.30 34.48
CA SER EA 101 -49.77 -5.55 33.76
C SER EA 101 -48.45 -6.24 34.09
N LYS EA 102 -47.62 -5.61 34.92
CA LYS EA 102 -46.36 -6.22 35.32
C LYS EA 102 -46.29 -6.55 36.79
N MET EA 103 -47.43 -6.51 37.50
CA MET EA 103 -47.55 -6.77 38.94
C MET EA 103 -46.64 -5.83 39.75
N ASN EA 104 -46.63 -4.57 39.38
CA ASN EA 104 -45.84 -3.57 40.06
C ASN EA 104 -46.65 -2.29 40.19
N PRO EA 105 -47.83 -2.31 40.83
CA PRO EA 105 -48.82 -1.27 40.58
C PRO EA 105 -48.55 0.05 41.27
N LEU EA 106 -49.18 1.12 40.78
CA LEU EA 106 -49.24 2.37 41.52
C LEU EA 106 -50.44 2.35 42.46
N TRP EA 107 -50.15 2.30 43.75
CA TRP EA 107 -51.20 2.16 44.75
C TRP EA 107 -51.89 3.51 44.90
N ASN EA 108 -52.83 3.81 44.01
CA ASN EA 108 -53.51 5.09 44.06
C ASN EA 108 -54.99 4.93 43.74
N THR EA 109 -55.71 6.03 43.89
CA THR EA 109 -57.09 6.18 43.46
C THR EA 109 -57.29 7.66 43.22
N MET EA 110 -57.43 8.05 41.96
CA MET EA 110 -57.32 9.44 41.58
C MET EA 110 -58.56 9.97 40.90
N VAL EA 111 -58.76 11.27 41.03
CA VAL EA 111 -59.90 11.98 40.45
C VAL EA 111 -59.33 13.11 39.61
N ILE EA 112 -59.65 13.12 38.34
CA ILE EA 112 -59.28 14.23 37.47
C ILE EA 112 -60.52 15.04 37.16
N GLY EA 113 -60.48 16.33 37.48
CA GLY EA 113 -61.58 17.22 37.17
C GLY EA 113 -61.08 18.40 36.37
N GLY EA 114 -61.86 18.77 35.36
CA GLY EA 114 -61.43 19.83 34.46
C GLY EA 114 -62.61 20.43 33.74
N TYR EA 115 -62.37 21.61 33.17
CA TYR EA 115 -63.41 22.42 32.54
C TYR EA 115 -62.90 23.02 31.25
N ALA EA 116 -63.35 22.46 30.12
CA ALA EA 116 -63.01 22.98 28.81
C ALA EA 116 -64.25 22.98 27.94
N ASP EA 117 -64.29 23.93 27.00
CA ASP EA 117 -65.34 24.06 25.99
C ASP EA 117 -66.71 24.28 26.60
N GLY EA 118 -66.75 24.87 27.79
CA GLY EA 118 -68.00 24.98 28.53
C GLY EA 118 -68.57 23.64 28.96
N GLU EA 119 -67.72 22.62 29.06
CA GLU EA 119 -68.15 21.28 29.39
C GLU EA 119 -67.35 20.80 30.58
N SER EA 120 -67.99 20.77 31.74
CA SER EA 120 -67.35 20.32 32.97
C SER EA 120 -67.09 18.82 32.86
N PHE EA 121 -65.89 18.41 33.26
CA PHE EA 121 -65.47 17.02 33.19
C PHE EA 121 -65.02 16.56 34.55
N LEU EA 122 -65.32 15.30 34.89
CA LEU EA 122 -64.97 14.74 36.18
C LEU EA 122 -64.73 13.25 36.05
N GLY EA 123 -63.46 12.86 36.00
CA GLY EA 123 -63.08 11.49 35.71
C GLY EA 123 -62.41 10.80 36.89
N TYR EA 124 -62.29 9.48 36.76
CA TYR EA 124 -61.84 8.61 37.84
C TYR EA 124 -60.86 7.60 37.28
N VAL EA 125 -59.78 7.36 38.00
CA VAL EA 125 -58.83 6.30 37.65
C VAL EA 125 -58.51 5.52 38.91
N ASP EA 126 -58.79 4.22 38.88
CA ASP EA 126 -58.55 3.36 40.04
C ASP EA 126 -57.16 2.77 39.91
N MET EA 127 -56.78 1.95 40.89
CA MET EA 127 -55.48 1.30 40.85
C MET EA 127 -55.43 0.21 39.78
N LEU EA 128 -56.53 -0.51 39.61
CA LEU EA 128 -56.53 -1.65 38.70
C LEU EA 128 -56.82 -1.26 37.26
N GLY EA 129 -56.95 0.04 36.97
CA GLY EA 129 -57.19 0.47 35.62
C GLY EA 129 -58.63 0.81 35.29
N VAL EA 130 -59.54 0.74 36.26
CA VAL EA 130 -60.94 1.06 36.05
C VAL EA 130 -61.07 2.56 35.84
N ALA EA 131 -61.76 2.96 34.78
CA ALA EA 131 -61.88 4.38 34.45
C ALA EA 131 -63.27 4.67 33.90
N TYR EA 132 -63.93 5.68 34.46
CA TYR EA 132 -65.25 6.06 33.98
C TYR EA 132 -65.49 7.52 34.29
N GLU EA 133 -66.64 8.02 33.82
CA GLU EA 133 -67.03 9.41 33.98
C GLU EA 133 -68.36 9.46 34.73
N ALA EA 134 -68.49 10.40 35.65
CA ALA EA 134 -69.66 10.45 36.52
C ALA EA 134 -69.83 11.88 37.00
N PRO EA 135 -71.06 12.28 37.35
CA PRO EA 135 -71.24 13.63 37.90
C PRO EA 135 -70.85 13.77 39.35
N SER EA 136 -70.47 12.69 40.03
CA SER EA 136 -70.06 12.77 41.42
C SER EA 136 -69.14 11.60 41.74
N LEU EA 137 -67.91 11.88 42.14
CA LEU EA 137 -66.92 10.85 42.39
C LEU EA 137 -66.40 10.98 43.81
N ALA EA 138 -66.21 9.83 44.46
CA ALA EA 138 -65.74 9.76 45.83
C ALA EA 138 -64.84 8.55 45.96
N THR EA 139 -63.71 8.73 46.65
CA THR EA 139 -62.73 7.67 46.77
C THR EA 139 -62.68 7.12 48.19
N GLY EA 140 -62.17 5.91 48.33
CA GLY EA 140 -61.95 5.31 49.64
C GLY EA 140 -63.25 5.03 50.35
N TYR EA 141 -63.38 5.55 51.57
CA TYR EA 141 -64.64 5.44 52.28
C TYR EA 141 -65.60 6.54 51.91
N GLY EA 142 -65.20 7.43 51.00
CA GLY EA 142 -66.15 8.36 50.42
C GLY EA 142 -67.20 7.66 49.59
N ALA EA 143 -66.84 6.52 48.98
CA ALA EA 143 -67.80 5.77 48.19
C ALA EA 143 -68.81 5.07 49.09
N TYR EA 144 -68.49 4.91 50.37
CA TYR EA 144 -69.41 4.32 51.31
C TYR EA 144 -70.09 5.35 52.20
N LEU EA 145 -69.60 6.59 52.26
CA LEU EA 145 -70.16 7.57 53.18
C LEU EA 145 -70.66 8.82 52.47
N ALA EA 146 -69.88 9.42 51.58
CA ALA EA 146 -70.26 10.73 51.04
C ALA EA 146 -70.94 10.62 49.69
N GLN EA 147 -70.60 9.59 48.93
CA GLN EA 147 -71.33 9.25 47.71
C GLN EA 147 -72.85 9.11 47.88
N PRO EA 148 -73.41 8.61 49.00
CA PRO EA 148 -74.88 8.67 49.15
C PRO EA 148 -75.49 10.07 49.21
N LEU EA 149 -74.77 11.07 49.73
CA LEU EA 149 -75.32 12.42 49.71
C LEU EA 149 -75.29 13.01 48.31
N LEU EA 150 -74.20 12.78 47.59
CA LEU EA 150 -74.04 13.27 46.23
C LEU EA 150 -75.07 12.65 45.29
N ARG EA 151 -75.26 11.34 45.41
CA ARG EA 151 -76.27 10.69 44.57
C ARG EA 151 -77.67 10.87 45.13
N GLU EA 152 -77.77 11.33 46.39
CA GLU EA 152 -79.07 11.74 46.90
C GLU EA 152 -79.52 13.05 46.25
N VAL EA 153 -78.61 14.01 46.17
CA VAL EA 153 -78.98 15.33 45.69
C VAL EA 153 -79.05 15.36 44.17
N LEU EA 154 -78.14 14.67 43.48
CA LEU EA 154 -78.09 14.77 42.03
C LEU EA 154 -79.21 14.00 41.35
N GLU EA 155 -79.90 13.12 42.07
CA GLU EA 155 -81.08 12.49 41.50
C GLU EA 155 -82.31 13.38 41.64
N LYS EA 156 -82.31 14.28 42.63
CA LYS EA 156 -83.46 15.16 42.83
C LYS EA 156 -83.42 16.34 41.86
N GLN EA 157 -82.30 17.06 41.83
CA GLN EA 157 -82.13 18.23 40.95
C GLN EA 157 -80.73 18.17 40.35
N PRO EA 158 -80.60 17.74 39.10
CA PRO EA 158 -79.27 17.37 38.59
C PRO EA 158 -78.33 18.53 38.33
N VAL EA 159 -78.83 19.75 38.16
CA VAL EA 159 -77.93 20.89 38.01
C VAL EA 159 -77.72 21.55 39.36
N LEU EA 160 -76.57 22.19 39.52
CA LEU EA 160 -76.17 22.76 40.80
C LEU EA 160 -75.55 24.13 40.59
N SER EA 161 -75.70 24.99 41.59
CA SER EA 161 -74.98 26.25 41.62
C SER EA 161 -73.60 26.04 42.22
N GLN EA 162 -72.85 27.13 42.36
CA GLN EA 162 -71.52 27.03 42.94
C GLN EA 162 -71.59 27.00 44.46
N THR EA 163 -72.56 27.72 45.04
CA THR EA 163 -72.67 27.79 46.49
C THR EA 163 -73.26 26.52 47.06
N GLU EA 164 -74.24 25.93 46.36
CA GLU EA 164 -74.79 24.64 46.76
C GLU EA 164 -73.74 23.54 46.69
N ALA EA 165 -72.91 23.56 45.63
CA ALA EA 165 -71.87 22.56 45.49
C ALA EA 165 -70.79 22.73 46.54
N ARG EA 166 -70.39 23.97 46.85
CA ARG EA 166 -69.37 24.18 47.86
C ARG EA 166 -69.90 23.85 49.25
N ASP EA 167 -71.19 24.09 49.50
CA ASP EA 167 -71.78 23.73 50.78
C ASP EA 167 -71.91 22.22 50.95
N LEU EA 168 -72.23 21.52 49.86
CA LEU EA 168 -72.49 20.09 49.95
C LEU EA 168 -71.20 19.34 50.27
N VAL EA 169 -70.07 19.82 49.75
CA VAL EA 169 -68.79 19.21 50.07
C VAL EA 169 -68.42 19.46 51.53
N GLU EA 170 -68.81 20.61 52.08
CA GLU EA 170 -68.58 20.86 53.51
C GLU EA 170 -69.41 19.91 54.37
N ARG EA 171 -70.63 19.61 53.94
CA ARG EA 171 -71.44 18.61 54.65
C ARG EA 171 -70.80 17.23 54.57
N CYS EA 172 -70.33 16.83 53.39
CA CYS EA 172 -69.76 15.50 53.23
C CYS EA 172 -68.42 15.38 53.96
N MET EA 173 -67.69 16.49 54.11
CA MET EA 173 -66.46 16.43 54.87
C MET EA 173 -66.73 16.47 56.36
N ARG EA 174 -67.89 16.99 56.76
CA ARG EA 174 -68.33 16.80 58.14
C ARG EA 174 -68.59 15.32 58.42
N VAL EA 175 -69.23 14.63 57.47
CA VAL EA 175 -69.52 13.21 57.67
C VAL EA 175 -68.22 12.39 57.66
N LEU EA 176 -67.33 12.68 56.72
CA LEU EA 176 -66.08 11.93 56.64
C LEU EA 176 -65.13 12.30 57.77
N TYR EA 177 -65.32 13.44 58.41
CA TYR EA 177 -64.60 13.65 59.66
C TYR EA 177 -65.23 12.86 60.79
N TYR EA 178 -66.54 12.68 60.75
CA TYR EA 178 -67.22 11.95 61.82
C TYR EA 178 -66.87 10.47 61.82
N ARG EA 179 -67.14 9.76 60.71
CA ARG EA 179 -67.14 8.31 60.79
C ARG EA 179 -65.87 7.68 60.25
N ASP EA 180 -64.91 8.47 59.79
CA ASP EA 180 -63.67 7.86 59.36
C ASP EA 180 -62.59 8.07 60.42
N ALA EA 181 -61.83 7.02 60.66
CA ALA EA 181 -60.78 7.02 61.67
C ALA EA 181 -59.51 7.69 61.19
N ARG EA 182 -59.29 7.77 59.89
CA ARG EA 182 -58.05 8.28 59.35
C ARG EA 182 -58.26 9.53 58.53
N SER EA 183 -59.16 10.41 58.96
CA SER EA 183 -59.45 11.68 58.29
C SER EA 183 -59.32 12.79 59.33
N TYR EA 184 -58.65 13.86 58.94
CA TYR EA 184 -58.27 14.91 59.87
C TYR EA 184 -59.19 16.11 59.70
N ASN EA 185 -59.24 16.97 60.72
CA ASN EA 185 -60.21 18.06 60.76
C ASN EA 185 -59.61 19.30 60.09
N ARG EA 186 -59.12 19.13 58.88
CA ARG EA 186 -58.44 20.20 58.16
C ARG EA 186 -58.41 19.81 56.70
N PHE EA 187 -59.09 20.58 55.85
CA PHE EA 187 -59.22 20.15 54.47
C PHE EA 187 -59.18 21.39 53.59
N GLN EA 188 -58.77 21.19 52.35
CA GLN EA 188 -58.66 22.28 51.40
C GLN EA 188 -59.61 22.04 50.24
N ILE EA 189 -60.22 23.11 49.75
CA ILE EA 189 -61.16 23.04 48.65
C ILE EA 189 -60.49 23.61 47.41
N ALA EA 190 -60.60 22.91 46.30
CA ALA EA 190 -60.05 23.39 45.03
C ALA EA 190 -61.17 23.41 44.01
N THR EA 191 -61.13 24.39 43.11
CA THR EA 191 -62.23 24.62 42.19
C THR EA 191 -61.66 25.06 40.85
N VAL EA 192 -62.16 24.48 39.77
CA VAL EA 192 -61.87 24.98 38.43
C VAL EA 192 -63.10 25.68 37.89
N THR EA 193 -62.89 26.72 37.08
CA THR EA 193 -63.94 27.51 36.49
C THR EA 193 -63.55 27.85 35.06
N GLU EA 194 -64.26 28.81 34.48
CA GLU EA 194 -63.80 29.36 33.21
C GLU EA 194 -62.70 30.39 33.44
N LYS EA 195 -62.57 30.88 34.67
CA LYS EA 195 -61.48 31.78 35.00
C LYS EA 195 -60.16 31.03 35.10
N GLY EA 196 -60.15 29.92 35.84
CA GLY EA 196 -58.93 29.14 36.00
C GLY EA 196 -58.98 28.35 37.29
N VAL EA 197 -57.89 27.63 37.52
CA VAL EA 197 -57.75 26.77 38.68
C VAL EA 197 -57.51 27.63 39.92
N GLU EA 198 -58.25 27.35 40.98
CA GLU EA 198 -58.09 28.09 42.22
C GLU EA 198 -58.21 27.15 43.41
N ILE EA 199 -57.25 27.23 44.31
CA ILE EA 199 -57.19 26.37 45.50
C ILE EA 199 -57.45 27.23 46.73
N GLU EA 200 -58.53 26.94 47.44
CA GLU EA 200 -58.80 27.66 48.67
C GLU EA 200 -57.96 27.09 49.80
N GLY EA 201 -57.90 27.83 50.91
CA GLY EA 201 -56.98 27.52 51.97
C GLY EA 201 -57.48 26.41 52.88
N PRO EA 202 -56.66 26.09 53.89
CA PRO EA 202 -56.99 24.98 54.82
C PRO EA 202 -58.13 25.31 55.78
N LEU EA 203 -59.34 25.09 55.28
CA LEU EA 203 -60.55 25.37 56.05
C LEU EA 203 -60.75 24.31 57.15
N SER EA 204 -61.81 24.50 57.92
CA SER EA 204 -62.14 23.59 59.01
C SER EA 204 -63.64 23.40 59.08
N THR EA 205 -64.07 22.34 59.75
CA THR EA 205 -65.47 22.06 59.94
C THR EA 205 -65.90 22.39 61.37
N GLU EA 206 -67.18 22.67 61.53
CA GLU EA 206 -67.81 22.75 62.83
C GLU EA 206 -68.48 21.42 63.11
N THR EA 207 -68.52 21.02 64.37
CA THR EA 207 -69.06 19.73 64.74
C THR EA 207 -70.22 19.89 65.72
N ASN EA 208 -71.05 18.85 65.77
CA ASN EA 208 -72.21 18.80 66.67
C ASN EA 208 -72.02 17.60 67.60
N TRP EA 209 -71.82 17.87 68.87
CA TRP EA 209 -71.61 16.82 69.86
C TRP EA 209 -72.74 16.73 70.87
N ASP EA 210 -73.97 17.04 70.48
CA ASP EA 210 -75.05 17.11 71.45
C ASP EA 210 -75.62 15.75 71.81
N ILE EA 211 -75.12 14.67 71.21
CA ILE EA 211 -75.58 13.34 71.59
C ILE EA 211 -74.79 12.77 72.75
N ALA EA 212 -73.75 13.45 73.22
CA ALA EA 212 -72.91 12.93 74.29
C ALA EA 212 -73.57 13.01 75.65
N HIS EA 213 -74.58 13.87 75.81
CA HIS EA 213 -75.32 13.92 77.07
C HIS EA 213 -76.20 12.70 77.27
N MET EA 214 -76.67 12.09 76.20
CA MET EA 214 -77.57 10.94 76.28
C MET EA 214 -76.76 9.69 76.64
N ILE EA 215 -76.74 9.36 77.93
CA ILE EA 215 -76.06 8.14 78.37
C ILE EA 215 -76.95 6.94 78.11
N SER FA 1 -104.88 -39.34 114.10
CA SER FA 1 -104.54 -40.76 114.16
C SER FA 1 -103.07 -40.99 113.89
N SER FA 2 -102.58 -42.20 114.16
CA SER FA 2 -101.18 -42.53 113.99
C SER FA 2 -101.04 -43.95 113.45
N ALA FA 3 -100.44 -44.06 112.27
CA ALA FA 3 -100.25 -45.36 111.61
C ALA FA 3 -99.17 -45.22 110.56
N GLY FA 4 -98.17 -46.11 110.59
CA GLY FA 4 -97.16 -46.09 109.55
C GLY FA 4 -96.01 -45.16 109.90
N PHE FA 5 -95.19 -44.84 108.91
CA PHE FA 5 -94.03 -43.98 109.10
C PHE FA 5 -94.35 -42.50 108.98
N ASP FA 6 -95.62 -42.11 109.11
CA ASP FA 6 -96.02 -40.72 108.92
C ASP FA 6 -95.53 -39.81 110.04
N ARG FA 7 -95.22 -40.37 111.21
CA ARG FA 7 -94.72 -39.55 112.30
C ARG FA 7 -93.24 -39.23 112.17
N HIS FA 8 -92.51 -39.98 111.35
CA HIS FA 8 -91.07 -39.84 111.27
C HIS FA 8 -90.58 -39.18 109.99
N ILE FA 9 -91.18 -39.47 108.84
CA ILE FA 9 -90.77 -38.92 107.57
C ILE FA 9 -91.92 -38.12 106.99
N THR FA 10 -91.70 -37.57 105.79
CA THR FA 10 -92.63 -36.63 105.18
C THR FA 10 -93.46 -37.32 104.10
N ILE FA 11 -94.45 -38.10 104.54
CA ILE FA 11 -95.48 -38.65 103.67
C ILE FA 11 -96.83 -38.28 104.27
N PHE FA 12 -97.89 -38.73 103.60
CA PHE FA 12 -99.24 -38.29 103.95
C PHE FA 12 -99.80 -39.05 105.13
N SER FA 13 -100.67 -38.37 105.88
CA SER FA 13 -101.37 -38.97 106.99
C SER FA 13 -102.51 -39.82 106.45
N PRO FA 14 -103.14 -40.64 107.29
CA PRO FA 14 -104.43 -41.22 106.89
C PRO FA 14 -105.54 -40.21 106.70
N GLU FA 15 -105.44 -39.03 107.29
CA GLU FA 15 -106.52 -38.05 107.24
C GLU FA 15 -106.19 -36.81 106.42
N GLY FA 16 -105.30 -36.92 105.44
CA GLY FA 16 -105.07 -35.81 104.53
C GLY FA 16 -104.04 -34.80 104.98
N ARG FA 17 -103.36 -35.03 106.09
CA ARG FA 17 -102.31 -34.13 106.54
C ARG FA 17 -100.93 -34.73 106.25
N LEU FA 18 -99.91 -34.05 106.72
CA LEU FA 18 -98.63 -34.64 107.07
C LEU FA 18 -98.15 -33.97 108.35
N TYR FA 19 -97.14 -34.55 109.00
CA TYR FA 19 -96.90 -34.12 110.37
C TYR FA 19 -95.57 -33.42 110.58
N GLN FA 20 -94.59 -33.64 109.70
CA GLN FA 20 -93.27 -33.05 109.93
C GLN FA 20 -93.28 -31.54 109.75
N VAL FA 21 -94.06 -31.06 108.78
CA VAL FA 21 -94.24 -29.62 108.61
C VAL FA 21 -94.95 -28.98 109.79
N GLU FA 22 -96.08 -29.53 110.23
CA GLU FA 22 -96.77 -28.91 111.35
C GLU FA 22 -96.11 -29.23 112.68
N TYR FA 23 -95.19 -30.19 112.74
CA TYR FA 23 -94.27 -30.22 113.87
C TYR FA 23 -93.25 -29.11 113.75
N ALA FA 24 -92.88 -28.74 112.53
CA ALA FA 24 -91.91 -27.65 112.36
C ALA FA 24 -92.55 -26.27 112.51
N PHE FA 25 -93.89 -26.19 112.56
CA PHE FA 25 -94.52 -24.92 112.93
C PHE FA 25 -94.17 -24.51 114.34
N LYS FA 26 -94.11 -25.46 115.27
CA LYS FA 26 -93.69 -25.17 116.63
C LYS FA 26 -92.21 -25.43 116.85
N ALA FA 27 -91.41 -25.46 115.78
CA ALA FA 27 -89.97 -25.41 115.92
C ALA FA 27 -89.48 -23.99 116.12
N ILE FA 28 -90.29 -23.00 115.73
CA ILE FA 28 -89.94 -21.60 115.94
C ILE FA 28 -90.01 -21.25 117.42
N ASN FA 29 -90.93 -21.89 118.14
CA ASN FA 29 -91.29 -21.52 119.50
C ASN FA 29 -90.19 -21.77 120.53
N GLN FA 30 -89.12 -22.48 120.19
CA GLN FA 30 -88.00 -22.57 121.12
C GLN FA 30 -87.11 -21.33 121.11
N GLY FA 31 -87.35 -20.38 120.21
CA GLY FA 31 -86.56 -19.16 120.21
C GLY FA 31 -86.91 -18.24 121.38
N GLY FA 32 -88.19 -18.19 121.73
CA GLY FA 32 -88.66 -17.24 122.72
C GLY FA 32 -88.56 -15.82 122.22
N LEU FA 33 -89.33 -15.49 121.18
CA LEU FA 33 -89.14 -14.23 120.49
C LEU FA 33 -90.49 -13.68 120.05
N THR FA 34 -90.65 -12.37 120.24
CA THR FA 34 -91.75 -11.60 119.66
C THR FA 34 -91.16 -10.72 118.57
N SER FA 35 -91.88 -10.54 117.46
CA SER FA 35 -91.38 -9.81 116.30
C SER FA 35 -92.56 -9.35 115.47
N VAL FA 36 -92.69 -8.04 115.29
CA VAL FA 36 -93.80 -7.45 114.56
C VAL FA 36 -93.24 -6.70 113.36
N ALA FA 37 -93.90 -6.84 112.22
CA ALA FA 37 -93.58 -6.07 111.02
C ALA FA 37 -94.79 -5.23 110.65
N VAL FA 38 -94.60 -3.93 110.49
CA VAL FA 38 -95.68 -2.98 110.25
C VAL FA 38 -95.46 -2.32 108.91
N ARG FA 39 -96.51 -2.20 108.11
CA ARG FA 39 -96.49 -1.47 106.85
C ARG FA 39 -97.33 -0.21 106.99
N GLY FA 40 -96.85 0.90 106.43
CA GLY FA 40 -97.53 2.17 106.52
C GLY FA 40 -97.94 2.74 105.18
N LYS FA 41 -97.99 4.08 105.13
CA LYS FA 41 -98.35 4.75 103.89
C LYS FA 41 -97.21 4.70 102.88
N ASP FA 42 -96.07 5.27 103.22
CA ASP FA 42 -94.86 5.15 102.43
C ASP FA 42 -93.68 4.64 103.25
N CYS FA 43 -93.93 3.80 104.26
CA CYS FA 43 -92.90 3.34 105.16
C CYS FA 43 -93.13 1.89 105.51
N ALA FA 44 -92.04 1.19 105.82
CA ALA FA 44 -92.08 -0.17 106.34
C ALA FA 44 -91.25 -0.21 107.60
N VAL FA 45 -91.79 -0.80 108.66
CA VAL FA 45 -91.19 -0.76 109.98
C VAL FA 45 -91.08 -2.18 110.51
N ILE FA 46 -89.87 -2.56 110.93
CA ILE FA 46 -89.59 -3.82 111.60
C ILE FA 46 -89.33 -3.52 113.07
N VAL FA 47 -89.91 -4.30 113.97
CA VAL FA 47 -89.59 -4.21 115.39
C VAL FA 47 -89.44 -5.61 115.96
N THR FA 48 -88.30 -5.84 116.62
CA THR FA 48 -87.94 -7.14 117.14
C THR FA 48 -86.92 -6.95 118.26
N GLN FA 49 -87.19 -7.55 119.41
CA GLN FA 49 -86.26 -7.47 120.53
C GLN FA 49 -85.21 -8.55 120.40
N LYS FA 50 -84.19 -8.44 121.25
CA LYS FA 50 -83.26 -9.54 121.46
C LYS FA 50 -83.10 -9.74 122.96
N LYS FA 51 -82.77 -10.95 123.35
CA LYS FA 51 -82.53 -11.28 124.74
C LYS FA 51 -81.04 -11.23 125.00
N VAL FA 52 -80.65 -10.56 126.07
CA VAL FA 52 -79.25 -10.50 126.48
C VAL FA 52 -79.16 -11.20 127.83
N PRO FA 53 -78.96 -12.52 127.86
CA PRO FA 53 -78.98 -13.24 129.13
C PRO FA 53 -77.65 -13.14 129.86
N ASP FA 54 -76.59 -12.82 129.12
CA ASP FA 54 -75.26 -12.74 129.66
C ASP FA 54 -74.69 -11.35 129.38
N LYS FA 55 -74.02 -10.79 130.39
CA LYS FA 55 -73.28 -9.57 130.16
C LYS FA 55 -72.09 -9.78 129.24
N LEU FA 56 -71.51 -10.98 129.24
CA LEU FA 56 -70.41 -11.33 128.38
C LEU FA 56 -70.83 -11.48 126.92
N LEU FA 57 -72.12 -11.62 126.66
CA LEU FA 57 -72.65 -11.59 125.31
C LEU FA 57 -72.51 -10.19 124.72
N ASP FA 58 -71.97 -10.14 123.51
CA ASP FA 58 -71.69 -8.88 122.83
C ASP FA 58 -73.00 -8.28 122.33
N SER FA 59 -73.05 -6.95 122.26
CA SER FA 59 -74.25 -6.29 121.79
C SER FA 59 -74.38 -6.36 120.27
N SER FA 60 -73.27 -6.59 119.58
CA SER FA 60 -73.26 -6.44 118.13
C SER FA 60 -73.85 -7.65 117.41
N THR FA 61 -73.27 -8.83 117.63
CA THR FA 61 -73.53 -9.99 116.77
C THR FA 61 -74.77 -10.78 117.16
N VAL FA 62 -75.75 -10.16 117.81
CA VAL FA 62 -76.92 -10.87 118.30
C VAL FA 62 -78.21 -10.46 117.60
N THR FA 63 -78.34 -9.17 117.23
CA THR FA 63 -79.55 -8.63 116.61
C THR FA 63 -79.85 -9.32 115.29
N HIS FA 64 -81.09 -9.82 115.17
CA HIS FA 64 -81.49 -10.60 114.02
C HIS FA 64 -81.83 -9.77 112.80
N LEU FA 65 -81.65 -8.45 112.86
CA LEU FA 65 -81.87 -7.61 111.70
C LEU FA 65 -80.78 -7.86 110.67
N PHE FA 66 -81.10 -8.61 109.63
CA PHE FA 66 -80.15 -8.97 108.60
C PHE FA 66 -80.47 -8.23 107.32
N LYS FA 67 -79.43 -7.76 106.66
CA LYS FA 67 -79.52 -6.92 105.48
C LYS FA 67 -79.39 -7.84 104.26
N ILE FA 68 -80.45 -7.95 103.48
CA ILE FA 68 -80.40 -8.81 102.30
C ILE FA 68 -79.62 -8.13 101.17
N THR FA 69 -80.08 -6.96 100.75
CA THR FA 69 -79.43 -6.20 99.71
C THR FA 69 -79.37 -4.77 100.23
N GLU FA 70 -78.99 -3.81 99.37
CA GLU FA 70 -79.01 -2.42 99.78
C GLU FA 70 -80.41 -1.86 99.93
N ASN FA 71 -81.43 -2.56 99.45
CA ASN FA 71 -82.78 -2.07 99.47
C ASN FA 71 -83.78 -3.05 100.06
N ILE FA 72 -83.31 -4.20 100.56
CA ILE FA 72 -84.18 -5.25 101.08
C ILE FA 72 -83.69 -5.61 102.46
N GLY FA 73 -84.56 -5.52 103.46
CA GLY FA 73 -84.24 -5.96 104.80
C GLY FA 73 -85.03 -7.20 105.20
N CYS FA 74 -84.54 -7.88 106.24
CA CYS FA 74 -85.24 -9.04 106.75
C CYS FA 74 -84.97 -9.18 108.24
N VAL FA 75 -85.87 -9.87 108.92
CA VAL FA 75 -85.73 -10.18 110.34
C VAL FA 75 -86.12 -11.64 110.52
N MET FA 76 -85.51 -12.32 111.49
CA MET FA 76 -85.67 -13.76 111.56
C MET FA 76 -86.25 -14.22 112.89
N THR FA 77 -87.14 -15.20 112.81
CA THR FA 77 -87.61 -15.95 113.97
C THR FA 77 -87.05 -17.38 113.87
N GLY FA 78 -87.44 -18.31 114.73
CA GLY FA 78 -87.01 -19.69 114.60
C GLY FA 78 -85.60 -19.92 115.08
N MET FA 79 -85.12 -21.14 114.95
CA MET FA 79 -83.76 -21.45 115.35
C MET FA 79 -82.77 -20.86 114.37
N THR FA 80 -81.60 -20.48 114.89
CA THR FA 80 -80.84 -19.41 114.25
C THR FA 80 -80.04 -19.93 113.05
N ALA FA 81 -79.74 -21.22 113.04
CA ALA FA 81 -78.96 -21.79 111.93
C ALA FA 81 -79.76 -21.81 110.64
N ASP FA 82 -81.04 -22.22 110.72
CA ASP FA 82 -81.93 -22.17 109.55
C ASP FA 82 -82.11 -20.75 109.06
N SER FA 83 -82.12 -19.81 110.01
CA SER FA 83 -82.28 -18.40 109.66
C SER FA 83 -81.08 -17.89 108.87
N ARG FA 84 -79.86 -18.11 109.39
CA ARG FA 84 -78.68 -17.56 108.73
C ARG FA 84 -78.40 -18.26 107.42
N SER FA 85 -78.61 -19.58 107.37
CA SER FA 85 -78.47 -20.32 106.11
C SER FA 85 -79.46 -19.82 105.07
N GLN FA 86 -80.69 -19.54 105.53
CA GLN FA 86 -81.70 -18.99 104.63
C GLN FA 86 -81.31 -17.59 104.17
N VAL FA 87 -80.58 -16.86 105.01
CA VAL FA 87 -80.13 -15.52 104.65
C VAL FA 87 -79.07 -15.59 103.55
N GLN FA 88 -78.06 -16.47 103.69
CA GLN FA 88 -77.05 -16.53 102.62
C GLN FA 88 -77.62 -17.13 101.34
N ARG FA 89 -78.63 -18.01 101.42
CA ARG FA 89 -79.32 -18.43 100.21
C ARG FA 89 -80.01 -17.25 99.54
N ALA FA 90 -80.67 -16.40 100.34
CA ALA FA 90 -81.36 -15.23 99.84
C ALA FA 90 -80.43 -14.22 99.19
N ARG FA 91 -79.29 -13.97 99.84
CA ARG FA 91 -78.28 -13.07 99.30
C ARG FA 91 -77.74 -13.58 97.98
N TYR FA 92 -77.46 -14.89 97.92
CA TYR FA 92 -76.89 -15.47 96.70
C TYR FA 92 -77.86 -15.38 95.54
N GLU FA 93 -79.14 -15.63 95.81
CA GLU FA 93 -80.12 -15.60 94.73
C GLU FA 93 -80.45 -14.18 94.29
N ALA FA 94 -80.39 -13.22 95.22
CA ALA FA 94 -80.58 -11.82 94.84
C ALA FA 94 -79.42 -11.33 93.97
N ALA FA 95 -78.20 -11.74 94.32
CA ALA FA 95 -77.06 -11.39 93.49
C ALA FA 95 -77.14 -12.04 92.11
N ASN FA 96 -77.68 -13.27 92.05
CA ASN FA 96 -77.88 -13.92 90.76
C ASN FA 96 -78.91 -13.20 89.92
N TRP FA 97 -79.93 -12.63 90.56
CA TRP FA 97 -80.88 -11.80 89.82
C TRP FA 97 -80.19 -10.55 89.30
N LYS FA 98 -79.27 -9.99 90.09
CA LYS FA 98 -78.54 -8.83 89.62
C LYS FA 98 -77.60 -9.16 88.48
N TYR FA 99 -77.14 -10.41 88.38
CA TYR FA 99 -76.28 -10.74 87.26
C TYR FA 99 -77.08 -11.09 86.02
N LYS FA 100 -78.15 -11.87 86.16
CA LYS FA 100 -78.91 -12.28 84.99
C LYS FA 100 -79.77 -11.16 84.45
N TYR FA 101 -80.61 -10.57 85.29
CA TYR FA 101 -81.73 -9.82 84.76
C TYR FA 101 -81.51 -8.32 84.74
N GLY FA 102 -80.36 -7.83 85.23
CA GLY FA 102 -79.94 -6.47 84.98
C GLY FA 102 -80.60 -5.39 85.81
N TYR FA 103 -81.50 -5.74 86.73
CA TYR FA 103 -82.07 -4.75 87.63
C TYR FA 103 -82.33 -5.37 88.99
N GLU FA 104 -82.65 -4.50 89.94
CA GLU FA 104 -82.82 -4.91 91.33
C GLU FA 104 -84.04 -5.81 91.49
N ILE FA 105 -83.86 -6.87 92.26
CA ILE FA 105 -84.90 -7.90 92.40
C ILE FA 105 -86.08 -7.34 93.18
N PRO FA 106 -87.31 -7.52 92.71
CA PRO FA 106 -88.47 -7.20 93.55
C PRO FA 106 -88.59 -8.10 94.75
N VAL FA 107 -89.08 -7.60 95.89
CA VAL FA 107 -89.10 -8.34 97.14
C VAL FA 107 -90.05 -9.52 97.08
N ASP FA 108 -91.04 -9.46 96.18
CA ASP FA 108 -91.99 -10.56 96.02
C ASP FA 108 -91.35 -11.76 95.35
N MET FA 109 -90.53 -11.53 94.32
CA MET FA 109 -89.85 -12.59 93.60
C MET FA 109 -88.90 -13.37 94.50
N LEU FA 110 -88.25 -12.69 95.44
CA LEU FA 110 -87.33 -13.37 96.34
C LEU FA 110 -88.07 -14.32 97.26
N CYS FA 111 -89.26 -13.91 97.72
CA CYS FA 111 -90.08 -14.81 98.53
C CYS FA 111 -90.66 -15.94 97.70
N LYS FA 112 -90.84 -15.72 96.39
CA LYS FA 112 -91.20 -16.83 95.52
C LYS FA 112 -90.08 -17.87 95.46
N ARG FA 113 -88.84 -17.41 95.34
CA ARG FA 113 -87.73 -18.34 95.18
C ARG FA 113 -87.45 -19.08 96.48
N ILE FA 114 -87.45 -18.36 97.61
CA ILE FA 114 -87.27 -18.99 98.92
C ILE FA 114 -88.42 -19.92 99.24
N ALA FA 115 -89.63 -19.57 98.78
CA ALA FA 115 -90.79 -20.42 99.02
C ALA FA 115 -90.69 -21.74 98.25
N ASP FA 116 -90.36 -21.66 96.95
CA ASP FA 116 -90.27 -22.86 96.12
C ASP FA 116 -89.12 -23.76 96.58
N ILE FA 117 -87.99 -23.16 96.95
CA ILE FA 117 -86.86 -23.96 97.41
C ILE FA 117 -87.16 -24.55 98.78
N SER FA 118 -87.97 -23.86 99.59
CA SER FA 118 -88.44 -24.45 100.84
C SER FA 118 -89.34 -25.65 100.60
N GLN FA 119 -90.13 -25.62 99.50
CA GLN FA 119 -90.84 -26.82 99.10
C GLN FA 119 -89.88 -27.93 98.69
N VAL FA 120 -88.76 -27.58 98.06
CA VAL FA 120 -87.79 -28.60 97.66
C VAL FA 120 -87.15 -29.24 98.90
N TYR FA 121 -86.95 -28.44 99.96
CA TYR FA 121 -86.51 -29.02 101.23
C TYR FA 121 -87.59 -29.86 101.88
N THR FA 122 -88.86 -29.54 101.62
CA THR FA 122 -89.95 -30.35 102.15
C THR FA 122 -90.05 -31.70 101.44
N GLN FA 123 -89.47 -31.82 100.25
CA GLN FA 123 -89.88 -32.86 99.32
C GLN FA 123 -89.21 -34.21 99.56
N ASN FA 124 -87.93 -34.20 99.90
CA ASN FA 124 -87.26 -35.40 100.38
C ASN FA 124 -87.92 -35.90 101.66
N ALA FA 125 -87.91 -37.22 101.83
CA ALA FA 125 -88.43 -37.80 103.06
C ALA FA 125 -87.34 -37.88 104.13
N GLU FA 126 -86.16 -37.32 103.86
CA GLU FA 126 -85.05 -37.48 104.79
C GLU FA 126 -84.52 -36.14 105.29
N MET FA 127 -84.30 -35.19 104.38
CA MET FA 127 -83.58 -33.98 104.73
C MET FA 127 -84.45 -33.04 105.59
N ARG FA 128 -83.80 -32.16 106.33
CA ARG FA 128 -84.48 -31.46 107.40
C ARG FA 128 -85.21 -30.23 106.86
N PRO FA 129 -86.44 -29.97 107.32
CA PRO FA 129 -87.28 -28.96 106.66
C PRO FA 129 -87.03 -27.52 107.08
N LEU FA 130 -85.94 -27.21 107.81
CA LEU FA 130 -85.50 -25.83 108.08
C LEU FA 130 -86.54 -24.97 108.80
N GLY FA 131 -86.80 -25.24 110.07
CA GLY FA 131 -87.99 -24.67 110.71
C GLY FA 131 -87.86 -23.22 111.14
N CYS FA 132 -87.31 -22.36 110.29
CA CYS FA 132 -87.33 -20.93 110.56
C CYS FA 132 -88.43 -20.25 109.75
N CYS FA 133 -88.90 -19.11 110.25
CA CYS FA 133 -89.88 -18.29 109.56
C CYS FA 133 -89.23 -16.99 109.11
N MET FA 134 -89.66 -16.51 107.94
CA MET FA 134 -88.94 -15.51 107.19
C MET FA 134 -89.84 -14.29 107.00
N ILE FA 135 -89.31 -13.10 107.30
CA ILE FA 135 -90.07 -11.86 107.19
C ILE FA 135 -89.23 -10.85 106.42
N LEU FA 136 -89.73 -10.40 105.27
CA LEU FA 136 -89.02 -9.42 104.46
C LEU FA 136 -89.79 -8.12 104.39
N ILE FA 137 -89.06 -7.05 104.10
CA ILE FA 137 -89.64 -5.76 103.73
C ILE FA 137 -88.91 -5.21 102.52
N GLY FA 138 -89.33 -4.04 102.07
CA GLY FA 138 -88.70 -3.41 100.94
C GLY FA 138 -89.65 -2.43 100.29
N ILE FA 139 -89.07 -1.58 99.45
CA ILE FA 139 -89.82 -0.56 98.73
C ILE FA 139 -89.79 -0.89 97.24
N ASP FA 140 -90.96 -1.06 96.67
CA ASP FA 140 -91.08 -1.34 95.25
C ASP FA 140 -91.87 -0.21 94.61
N GLU FA 141 -91.51 0.07 93.37
CA GLU FA 141 -92.07 1.19 92.62
C GLU FA 141 -93.47 0.83 92.15
N GLU FA 142 -94.35 1.83 92.11
CA GLU FA 142 -95.76 1.76 91.71
C GLU FA 142 -96.63 0.92 92.63
N GLN FA 143 -96.11 0.46 93.77
CA GLN FA 143 -96.92 -0.18 94.80
C GLN FA 143 -96.60 0.30 96.21
N GLY FA 144 -95.54 1.08 96.39
CA GLY FA 144 -95.20 1.58 97.70
C GLY FA 144 -94.49 0.53 98.53
N PRO FA 145 -94.81 0.47 99.82
CA PRO FA 145 -94.14 -0.46 100.71
C PRO FA 145 -94.72 -1.86 100.61
N GLN FA 146 -93.87 -2.84 100.95
CA GLN FA 146 -94.26 -4.24 100.94
C GLN FA 146 -93.66 -4.93 102.16
N VAL FA 147 -94.48 -5.72 102.82
CA VAL FA 147 -94.04 -6.69 103.82
C VAL FA 147 -94.37 -8.05 103.25
N TYR FA 148 -93.53 -9.04 103.51
CA TYR FA 148 -93.83 -10.41 103.11
C TYR FA 148 -93.40 -11.39 104.18
N LYS FA 149 -94.14 -12.48 104.30
CA LYS FA 149 -93.80 -13.56 105.20
C LYS FA 149 -93.63 -14.83 104.40
N CYS FA 150 -92.53 -15.55 104.65
CA CYS FA 150 -92.34 -16.89 104.12
C CYS FA 150 -92.40 -17.88 105.28
N ASP FA 151 -92.85 -19.09 105.01
CA ASP FA 151 -93.19 -20.08 106.01
C ASP FA 151 -92.41 -21.35 105.76
N PRO FA 152 -92.23 -22.21 106.78
CA PRO FA 152 -91.53 -23.49 106.52
C PRO FA 152 -92.32 -24.44 105.66
N ALA FA 153 -93.65 -24.33 105.65
CA ALA FA 153 -94.45 -25.06 104.68
C ALA FA 153 -94.19 -24.55 103.27
N GLY FA 154 -93.89 -23.26 103.15
CA GLY FA 154 -93.48 -22.70 101.88
C GLY FA 154 -94.53 -21.86 101.21
N TYR FA 155 -95.63 -21.54 101.90
CA TYR FA 155 -96.59 -20.66 101.28
C TYR FA 155 -96.48 -19.28 101.91
N TYR FA 156 -96.57 -18.28 101.04
CA TYR FA 156 -96.21 -16.92 101.37
C TYR FA 156 -97.37 -16.00 101.06
N CYS FA 157 -97.50 -14.94 101.84
CA CYS FA 157 -98.46 -13.89 101.56
C CYS FA 157 -97.95 -12.63 102.21
N GLY FA 158 -98.31 -11.49 101.63
CA GLY FA 158 -97.78 -10.23 102.09
C GLY FA 158 -98.84 -9.26 102.55
N PHE FA 159 -98.61 -8.64 103.70
CA PHE FA 159 -99.71 -8.00 104.40
C PHE FA 159 -99.19 -7.00 105.41
N LYS FA 160 -100.09 -6.11 105.82
CA LYS FA 160 -99.70 -4.87 106.50
C LYS FA 160 -99.19 -5.12 107.91
N ALA FA 161 -100.06 -5.56 108.80
CA ALA FA 161 -99.68 -5.88 110.16
C ALA FA 161 -99.23 -7.33 110.19
N THR FA 162 -97.96 -7.55 110.53
CA THR FA 162 -97.31 -8.81 110.28
C THR FA 162 -96.50 -9.21 111.50
N ALA FA 163 -96.70 -10.46 111.94
CA ALA FA 163 -96.04 -11.00 113.11
C ALA FA 163 -96.12 -12.52 113.11
N ALA FA 164 -95.01 -13.19 113.40
CA ALA FA 164 -94.99 -14.64 113.54
C ALA FA 164 -93.90 -15.07 114.52
N GLY FA 165 -94.18 -16.12 115.28
CA GLY FA 165 -93.22 -16.64 116.24
C GLY FA 165 -93.91 -17.27 117.44
N VAL FA 166 -93.51 -16.78 118.62
CA VAL FA 166 -94.02 -17.37 119.86
C VAL FA 166 -95.30 -16.68 120.31
N LYS FA 167 -95.21 -15.39 120.65
CA LYS FA 167 -96.33 -14.69 121.27
C LYS FA 167 -97.32 -14.19 120.23
N GLN FA 168 -97.00 -14.39 118.94
CA GLN FA 168 -97.59 -13.57 117.89
C GLN FA 168 -99.00 -14.03 117.53
N THR FA 169 -99.42 -15.18 118.03
CA THR FA 169 -100.80 -15.62 117.86
C THR FA 169 -101.76 -14.70 118.60
N GLU FA 170 -101.28 -14.05 119.66
CA GLU FA 170 -102.03 -13.00 120.32
C GLU FA 170 -101.73 -11.63 119.74
N SER FA 171 -100.54 -11.44 119.18
CA SER FA 171 -100.19 -10.15 118.60
C SER FA 171 -100.96 -9.88 117.33
N THR FA 172 -101.28 -10.93 116.57
CA THR FA 172 -102.23 -10.79 115.48
C THR FA 172 -103.61 -10.45 115.99
N SER FA 173 -103.98 -10.97 117.17
CA SER FA 173 -105.29 -10.65 117.73
C SER FA 173 -105.32 -9.20 118.23
N PHE FA 174 -104.15 -8.62 118.50
CA PHE FA 174 -104.11 -7.20 118.80
C PHE FA 174 -104.13 -6.35 117.55
N LEU FA 175 -103.36 -6.73 116.54
CA LEU FA 175 -103.21 -5.90 115.34
C LEU FA 175 -104.48 -5.96 114.49
N GLU FA 176 -105.26 -7.04 114.62
CA GLU FA 176 -106.64 -7.01 114.18
C GLU FA 176 -107.42 -5.91 114.88
N LYS FA 177 -107.21 -5.76 116.20
CA LYS FA 177 -107.84 -4.67 116.93
C LYS FA 177 -107.08 -3.35 116.77
N LYS FA 178 -106.13 -3.29 115.85
CA LYS FA 178 -105.46 -2.02 115.54
C LYS FA 178 -105.80 -1.56 114.13
N VAL FA 179 -106.01 -2.49 113.20
CA VAL FA 179 -106.42 -2.11 111.84
C VAL FA 179 -107.90 -1.75 111.81
N LYS FA 180 -108.71 -2.44 112.60
CA LYS FA 180 -109.99 -1.91 113.04
C LYS FA 180 -109.88 -1.69 114.55
N LYS FA 181 -109.78 -0.42 114.99
CA LYS FA 181 -110.12 0.86 114.32
C LYS FA 181 -109.29 1.37 113.12
N LYS FA 182 -109.99 1.91 112.12
CA LYS FA 182 -109.37 2.32 110.87
C LYS FA 182 -108.54 3.59 111.00
N PHE FA 183 -107.39 3.53 111.66
CA PHE FA 183 -106.53 4.69 111.84
C PHE FA 183 -105.63 4.89 110.63
N ASP FA 184 -105.51 6.15 110.20
CA ASP FA 184 -104.61 6.52 109.11
C ASP FA 184 -103.17 6.39 109.59
N TRP FA 185 -102.26 6.21 108.62
CA TRP FA 185 -100.91 5.79 108.93
C TRP FA 185 -99.87 6.80 108.49
N THR FA 186 -98.99 7.16 109.43
CA THR FA 186 -97.81 7.97 109.16
C THR FA 186 -96.61 7.21 109.67
N PHE FA 187 -95.47 7.89 109.74
CA PHE FA 187 -94.26 7.28 110.27
C PHE FA 187 -94.38 7.02 111.77
N GLU FA 188 -94.69 8.08 112.54
CA GLU FA 188 -94.83 7.96 113.98
C GLU FA 188 -95.99 7.08 114.38
N GLN FA 189 -97.00 6.98 113.53
CA GLN FA 189 -98.12 6.09 113.78
C GLN FA 189 -97.67 4.63 113.70
N THR FA 190 -96.86 4.30 112.68
CA THR FA 190 -96.35 2.94 112.54
C THR FA 190 -95.34 2.59 113.61
N VAL FA 191 -94.49 3.54 114.01
CA VAL FA 191 -93.52 3.25 115.07
C VAL FA 191 -94.25 3.11 116.40
N GLU FA 192 -95.27 3.95 116.63
CA GLU FA 192 -96.03 3.92 117.87
C GLU FA 192 -96.81 2.62 118.01
N THR FA 193 -97.51 2.21 116.94
CA THR FA 193 -98.20 0.93 116.99
C THR FA 193 -97.21 -0.23 117.01
N ALA FA 194 -96.03 -0.03 116.44
CA ALA FA 194 -95.03 -1.10 116.34
C ALA FA 194 -94.43 -1.43 117.71
N ILE FA 195 -94.14 -0.40 118.51
CA ILE FA 195 -93.65 -0.68 119.85
C ILE FA 195 -94.79 -1.02 120.78
N THR FA 196 -95.91 -0.27 120.71
CA THR FA 196 -96.95 -0.42 121.73
C THR FA 196 -97.77 -1.68 121.51
N CYS FA 197 -97.72 -2.27 120.31
CA CYS FA 197 -98.38 -3.56 120.14
C CYS FA 197 -97.62 -4.66 120.89
N LEU FA 198 -96.30 -4.72 120.68
CA LEU FA 198 -95.45 -5.67 121.40
C LEU FA 198 -95.42 -5.37 122.89
N SER FA 199 -95.64 -4.10 123.25
CA SER FA 199 -95.72 -3.71 124.64
C SER FA 199 -97.00 -4.26 125.27
N THR FA 200 -98.14 -4.02 124.61
CA THR FA 200 -99.42 -4.47 125.18
C THR FA 200 -99.59 -5.98 125.13
N VAL FA 201 -98.87 -6.68 124.26
CA VAL FA 201 -98.88 -8.14 124.35
C VAL FA 201 -98.15 -8.62 125.60
N LEU FA 202 -97.00 -8.03 125.90
CA LEU FA 202 -96.13 -8.53 126.95
C LEU FA 202 -96.31 -7.82 128.29
N SER FA 203 -96.85 -6.60 128.27
CA SER FA 203 -97.04 -5.75 129.46
C SER FA 203 -95.73 -5.53 130.22
N ILE FA 204 -94.76 -4.91 129.55
CA ILE FA 204 -93.45 -4.70 130.16
C ILE FA 204 -93.13 -3.20 130.30
N ASP FA 205 -93.38 -2.42 129.25
CA ASP FA 205 -93.08 -0.99 129.15
C ASP FA 205 -91.60 -0.74 129.41
N PHE FA 206 -90.76 -1.20 128.48
CA PHE FA 206 -89.38 -1.55 128.73
C PHE FA 206 -88.42 -0.49 128.19
N LYS FA 207 -87.13 -0.82 128.30
CA LYS FA 207 -86.03 0.08 128.00
C LYS FA 207 -85.87 0.21 126.49
N PRO FA 208 -85.23 1.29 126.00
CA PRO FA 208 -84.84 1.32 124.58
C PRO FA 208 -83.72 0.35 124.19
N SER FA 209 -83.22 -0.46 125.12
CA SER FA 209 -82.13 -1.38 124.79
C SER FA 209 -82.62 -2.62 124.07
N GLU FA 210 -83.79 -3.15 124.45
CA GLU FA 210 -84.18 -4.49 124.02
C GLU FA 210 -84.54 -4.54 122.53
N ILE FA 211 -85.45 -3.69 122.09
CA ILE FA 211 -85.92 -3.78 120.72
C ILE FA 211 -84.92 -3.13 119.78
N GLU FA 212 -84.87 -3.66 118.56
CA GLU FA 212 -84.07 -3.10 117.48
C GLU FA 212 -84.99 -2.88 116.30
N VAL FA 213 -84.94 -1.69 115.74
CA VAL FA 213 -85.91 -1.25 114.75
C VAL FA 213 -85.23 -1.22 113.40
N GLY FA 214 -85.79 -1.96 112.46
CA GLY FA 214 -85.42 -1.85 111.06
C GLY FA 214 -86.50 -1.08 110.33
N VAL FA 215 -86.08 -0.17 109.46
CA VAL FA 215 -87.03 0.72 108.81
C VAL FA 215 -86.59 0.92 107.36
N VAL FA 216 -87.57 1.13 106.49
CA VAL FA 216 -87.33 1.66 105.16
C VAL FA 216 -88.53 2.51 104.79
N THR FA 217 -88.26 3.69 104.23
CA THR FA 217 -89.27 4.71 104.01
C THR FA 217 -88.95 5.38 102.69
N VAL FA 218 -90.00 5.74 101.93
CA VAL FA 218 -89.74 6.28 100.60
C VAL FA 218 -89.46 7.76 100.75
N GLU FA 219 -88.27 8.07 101.23
CA GLU FA 219 -87.58 9.32 100.99
C GLU FA 219 -86.16 8.91 100.64
N ASN FA 220 -85.74 7.84 101.30
CA ASN FA 220 -84.42 7.26 101.12
C ASN FA 220 -84.60 5.74 101.06
N PRO FA 221 -84.42 5.11 99.90
CA PRO FA 221 -84.85 3.71 99.75
C PRO FA 221 -83.98 2.70 100.45
N LYS FA 222 -82.90 3.11 101.11
CA LYS FA 222 -81.98 2.15 101.71
C LYS FA 222 -82.54 1.61 103.02
N PHE FA 223 -82.16 0.37 103.33
CA PHE FA 223 -82.49 -0.21 104.61
C PHE FA 223 -81.70 0.48 105.71
N ARG FA 224 -82.35 0.66 106.85
CA ARG FA 224 -81.78 1.48 107.91
C ARG FA 224 -81.95 0.79 109.26
N ILE FA 225 -80.87 0.78 110.04
CA ILE FA 225 -80.89 0.25 111.39
C ILE FA 225 -80.72 1.41 112.34
N LEU FA 226 -81.63 1.53 113.31
CA LEU FA 226 -81.70 2.72 114.13
C LEU FA 226 -80.63 2.77 115.20
N THR FA 227 -80.60 3.89 115.92
CA THR FA 227 -79.73 4.07 117.08
C THR FA 227 -80.62 4.22 118.32
N GLU FA 228 -80.10 3.77 119.47
CA GLU FA 228 -80.90 3.67 120.68
C GLU FA 228 -81.37 5.03 121.20
N ALA FA 229 -80.67 6.11 120.85
CA ALA FA 229 -81.05 7.44 121.32
C ALA FA 229 -82.37 7.89 120.73
N GLU FA 230 -82.52 7.81 119.41
CA GLU FA 230 -83.79 8.17 118.79
C GLU FA 230 -84.89 7.16 119.12
N ILE FA 231 -84.49 5.92 119.44
CA ILE FA 231 -85.43 4.95 119.97
C ILE FA 231 -85.99 5.42 121.30
N ASP FA 232 -85.13 6.01 122.13
CA ASP FA 232 -85.58 6.61 123.38
C ASP FA 232 -86.46 7.82 123.11
N ALA FA 233 -86.21 8.53 122.00
CA ALA FA 233 -87.11 9.62 121.62
C ALA FA 233 -88.48 9.10 121.19
N HIS FA 234 -88.52 7.90 120.59
CA HIS FA 234 -89.80 7.27 120.31
C HIS FA 234 -90.52 6.86 121.58
N LEU FA 235 -89.77 6.29 122.54
CA LEU FA 235 -90.37 5.81 123.78
C LEU FA 235 -90.92 6.96 124.61
N VAL FA 236 -90.13 8.03 124.78
CA VAL FA 236 -90.64 9.20 125.50
C VAL FA 236 -91.67 9.97 124.68
N ALA FA 237 -91.69 9.76 123.36
CA ALA FA 237 -92.77 10.32 122.56
C ALA FA 237 -94.07 9.57 122.83
N LEU FA 238 -93.99 8.28 123.11
CA LEU FA 238 -95.21 7.52 123.41
C LEU FA 238 -95.46 7.38 124.91
N ALA FA 239 -94.62 7.96 125.76
CA ALA FA 239 -94.82 7.90 127.20
C ALA FA 239 -95.60 9.13 127.63
N GLU FA 240 -96.92 9.07 127.51
CA GLU FA 240 -97.78 10.16 127.99
C GLU FA 240 -98.09 9.96 129.47
N GLU GA 1 -78.74 -37.64 96.82
CA GLU GA 1 -79.14 -38.19 98.11
C GLU GA 1 -78.22 -39.33 98.52
N ARG GA 2 -78.61 -40.08 99.56
CA ARG GA 2 -77.87 -41.23 100.03
C ARG GA 2 -77.87 -42.39 99.03
N GLY GA 3 -78.86 -42.45 98.14
CA GLY GA 3 -79.01 -43.58 97.27
C GLY GA 3 -80.06 -44.56 97.70
N TYR GA 4 -81.00 -44.16 98.55
CA TYR GA 4 -82.01 -45.09 99.03
C TYR GA 4 -83.08 -45.30 97.97
N SER GA 5 -83.64 -44.21 97.43
CA SER GA 5 -84.29 -44.13 96.12
C SER GA 5 -85.46 -45.10 95.92
N PHE GA 6 -86.04 -45.61 96.99
CA PHE GA 6 -87.07 -46.63 96.83
C PHE GA 6 -88.45 -46.00 96.81
N SER GA 7 -89.31 -46.52 95.94
CA SER GA 7 -90.67 -46.00 95.81
C SER GA 7 -91.48 -46.35 97.03
N LEU GA 8 -91.82 -45.33 97.81
CA LEU GA 8 -92.62 -45.49 99.02
C LEU GA 8 -94.10 -45.78 98.75
N THR GA 9 -94.50 -45.92 97.48
CA THR GA 9 -95.86 -46.30 97.11
C THR GA 9 -95.87 -47.75 96.62
N THR GA 10 -96.18 -48.64 97.55
CA THR GA 10 -96.32 -50.05 97.20
C THR GA 10 -97.79 -50.43 97.03
N PHE GA 11 -98.07 -51.72 96.95
CA PHE GA 11 -99.43 -52.16 96.72
C PHE GA 11 -100.06 -52.77 97.97
N SER GA 12 -101.37 -52.64 98.06
CA SER GA 12 -102.17 -53.21 99.13
C SER GA 12 -102.50 -54.66 98.79
N PRO GA 13 -103.01 -55.44 99.75
CA PRO GA 13 -103.60 -56.74 99.40
C PRO GA 13 -104.78 -56.67 98.45
N SER GA 14 -105.50 -55.56 98.41
CA SER GA 14 -106.45 -55.33 97.35
C SER GA 14 -105.82 -54.61 96.15
N GLY GA 15 -104.53 -54.32 96.21
CA GLY GA 15 -103.85 -53.67 95.11
C GLY GA 15 -103.93 -52.17 95.10
N LYS GA 16 -104.50 -51.56 96.14
CA LYS GA 16 -104.69 -50.12 96.16
C LYS GA 16 -103.38 -49.40 96.46
N LEU GA 17 -103.37 -48.11 96.12
CA LEU GA 17 -102.21 -47.23 96.31
C LEU GA 17 -102.54 -46.29 97.45
N VAL GA 18 -102.04 -46.62 98.65
CA VAL GA 18 -102.61 -46.08 99.88
C VAL GA 18 -102.26 -44.61 100.04
N GLN GA 19 -101.00 -44.25 99.73
CA GLN GA 19 -100.58 -42.87 99.89
C GLN GA 19 -101.16 -41.99 98.80
N ILE GA 20 -101.46 -42.56 97.62
CA ILE GA 20 -102.11 -41.78 96.58
C ILE GA 20 -103.56 -41.51 96.95
N GLU GA 21 -104.23 -42.50 97.56
CA GLU GA 21 -105.60 -42.29 98.04
C GLU GA 21 -105.63 -41.28 99.19
N TYR GA 22 -104.64 -41.34 100.08
CA TYR GA 22 -104.51 -40.33 101.12
C TYR GA 22 -104.25 -38.95 100.54
N ALA GA 23 -103.52 -38.89 99.42
CA ALA GA 23 -103.29 -37.61 98.76
C ALA GA 23 -104.58 -37.09 98.14
N LEU GA 24 -105.43 -37.99 97.66
CA LEU GA 24 -106.74 -37.58 97.14
C LEU GA 24 -107.61 -37.02 98.25
N ALA GA 25 -107.56 -37.63 99.45
CA ALA GA 25 -108.28 -37.07 100.58
C ALA GA 25 -107.69 -35.73 101.00
N ALA GA 26 -106.38 -35.57 100.85
CA ALA GA 26 -105.74 -34.28 101.13
C ALA GA 26 -106.18 -33.21 100.13
N VAL GA 27 -106.47 -33.62 98.90
CA VAL GA 27 -107.08 -32.70 97.95
C VAL GA 27 -108.50 -32.35 98.39
N ALA GA 28 -109.24 -33.34 98.88
CA ALA GA 28 -110.61 -33.09 99.35
C ALA GA 28 -110.64 -32.19 100.58
N GLY GA 29 -109.55 -32.13 101.34
CA GLY GA 29 -109.42 -31.17 102.41
C GLY GA 29 -109.00 -29.78 102.00
N GLY GA 30 -108.93 -29.50 100.70
CA GLY GA 30 -108.49 -28.19 100.25
C GLY GA 30 -109.64 -27.22 100.04
N ALA GA 31 -109.35 -26.17 99.30
CA ALA GA 31 -110.31 -25.10 99.09
C ALA GA 31 -111.37 -25.52 98.07
N PRO GA 32 -112.62 -25.10 98.24
CA PRO GA 32 -113.64 -25.40 97.24
C PRO GA 32 -113.43 -24.59 95.97
N SER GA 33 -113.84 -25.18 94.84
CA SER GA 33 -113.61 -24.59 93.53
C SER GA 33 -114.66 -25.10 92.57
N VAL GA 34 -114.79 -24.40 91.43
CA VAL GA 34 -115.77 -24.75 90.41
C VAL GA 34 -115.25 -24.31 89.05
N GLY GA 35 -115.62 -25.05 88.02
CA GLY GA 35 -115.20 -24.73 86.67
C GLY GA 35 -116.16 -25.30 85.66
N ILE GA 36 -116.63 -24.44 84.77
CA ILE GA 36 -117.74 -24.75 83.87
C ILE GA 36 -117.36 -24.32 82.47
N LYS GA 37 -117.57 -25.20 81.49
CA LYS GA 37 -117.41 -24.90 80.07
C LYS GA 37 -118.79 -24.80 79.45
N ALA GA 38 -119.05 -23.73 78.69
CA ALA GA 38 -120.34 -23.63 78.03
C ALA GA 38 -120.21 -22.90 76.69
N ALA GA 39 -119.90 -23.67 75.65
CA ALA GA 39 -120.22 -23.41 74.24
C ALA GA 39 -119.48 -22.23 73.59
N ASN GA 40 -118.81 -21.37 74.36
CA ASN GA 40 -117.96 -20.37 73.74
C ASN GA 40 -116.63 -20.26 74.46
N GLY GA 41 -116.62 -20.50 75.76
CA GLY GA 41 -115.39 -20.39 76.53
C GLY GA 41 -115.55 -21.09 77.86
N VAL GA 42 -114.47 -21.11 78.62
CA VAL GA 42 -114.44 -21.86 79.88
C VAL GA 42 -114.32 -20.87 81.04
N VAL GA 43 -115.19 -21.05 82.03
CA VAL GA 43 -115.23 -20.19 83.21
C VAL GA 43 -114.71 -20.98 84.39
N LEU GA 44 -113.70 -20.45 85.06
CA LEU GA 44 -113.19 -21.02 86.31
C LEU GA 44 -113.51 -20.08 87.45
N ALA GA 45 -113.67 -20.63 88.65
CA ALA GA 45 -114.01 -19.85 89.83
C ALA GA 45 -113.55 -20.58 91.07
N THR GA 46 -112.84 -19.87 91.94
CA THR GA 46 -112.31 -20.49 93.15
C THR GA 46 -112.68 -19.65 94.36
N GLU GA 47 -112.67 -20.30 95.52
CA GLU GA 47 -112.92 -19.64 96.78
C GLU GA 47 -111.60 -19.32 97.47
N LYS GA 48 -111.50 -18.12 98.02
CA LYS GA 48 -110.30 -17.73 98.74
C LYS GA 48 -110.64 -16.78 99.89
N LYS GA 49 -110.87 -17.33 101.08
CA LYS GA 49 -110.97 -16.55 102.28
C LYS GA 49 -109.64 -16.57 103.01
N GLN GA 50 -109.13 -15.38 103.30
CA GLN GA 50 -107.94 -15.23 104.12
C GLN GA 50 -108.27 -15.61 105.55
N LYS GA 51 -107.23 -15.94 106.32
CA LYS GA 51 -107.45 -16.36 107.71
C LYS GA 51 -107.82 -15.19 108.60
N SER GA 52 -107.59 -13.96 108.16
CA SER GA 52 -107.92 -12.78 108.94
C SER GA 52 -108.15 -11.61 108.00
N ILE GA 53 -108.37 -10.43 108.57
CA ILE GA 53 -108.47 -9.22 107.77
C ILE GA 53 -107.11 -8.59 107.52
N LEU GA 54 -106.05 -9.17 108.06
CA LEU GA 54 -104.71 -8.62 107.86
C LEU GA 54 -104.22 -8.84 106.44
N TYR GA 55 -104.61 -9.95 105.83
CA TYR GA 55 -103.98 -10.41 104.60
C TYR GA 55 -104.44 -9.57 103.42
N ASP GA 56 -103.76 -9.74 102.30
CA ASP GA 56 -104.03 -8.97 101.09
C ASP GA 56 -104.70 -9.87 100.07
N GLU GA 57 -105.81 -9.41 99.49
CA GLU GA 57 -106.50 -10.16 98.47
C GLU GA 57 -105.96 -9.89 97.07
N ARG GA 58 -104.93 -9.05 96.93
CA ARG GA 58 -104.34 -8.81 95.63
C ARG GA 58 -102.87 -9.24 95.57
N SER GA 59 -102.35 -9.85 96.63
CA SER GA 59 -100.93 -10.22 96.68
C SER GA 59 -100.71 -11.58 96.03
N VAL GA 60 -101.45 -12.58 96.47
CA VAL GA 60 -101.30 -13.95 95.99
C VAL GA 60 -102.42 -14.23 94.99
N HIS GA 61 -102.07 -14.81 93.85
CA HIS GA 61 -103.04 -15.12 92.82
C HIS GA 61 -103.12 -16.63 92.62
N LYS GA 62 -104.31 -17.19 92.87
CA LYS GA 62 -104.53 -18.60 92.59
C LYS GA 62 -104.48 -18.88 91.11
N VAL GA 63 -104.91 -17.92 90.30
CA VAL GA 63 -105.27 -18.13 88.90
C VAL GA 63 -104.27 -17.38 88.04
N GLU GA 64 -103.33 -18.09 87.43
CA GLU GA 64 -102.33 -17.42 86.64
C GLU GA 64 -102.07 -18.24 85.39
N PRO GA 65 -102.05 -17.63 84.21
CA PRO GA 65 -102.07 -18.40 82.96
C PRO GA 65 -100.76 -19.12 82.67
N ILE GA 66 -100.84 -20.08 81.75
CA ILE GA 66 -99.64 -20.73 81.23
C ILE GA 66 -99.23 -20.09 79.91
N THR GA 67 -100.21 -19.85 79.06
CA THR GA 67 -100.02 -19.09 77.82
C THR GA 67 -101.20 -18.11 77.80
N LYS GA 68 -101.29 -17.28 76.75
CA LYS GA 68 -102.33 -16.27 76.72
C LYS GA 68 -103.71 -16.87 76.43
N HIS GA 69 -103.80 -18.15 76.12
CA HIS GA 69 -105.08 -18.81 75.90
C HIS GA 69 -105.30 -20.01 76.80
N ILE GA 70 -104.49 -20.19 77.84
CA ILE GA 70 -104.55 -21.38 78.70
C ILE GA 70 -104.50 -20.94 80.15
N GLY GA 71 -105.51 -21.34 80.93
CA GLY GA 71 -105.57 -21.05 82.35
C GLY GA 71 -105.55 -22.30 83.19
N LEU GA 72 -105.29 -22.11 84.49
CA LEU GA 72 -105.01 -23.25 85.36
C LEU GA 72 -105.26 -22.94 86.83
N VAL GA 73 -106.25 -23.60 87.43
CA VAL GA 73 -106.51 -23.45 88.86
C VAL GA 73 -106.41 -24.81 89.53
N TYR GA 74 -106.56 -24.85 90.85
CA TYR GA 74 -106.32 -26.09 91.58
C TYR GA 74 -107.32 -26.21 92.72
N SER GA 75 -107.22 -27.33 93.42
CA SER GA 75 -107.76 -27.50 94.75
C SER GA 75 -106.69 -28.24 95.56
N GLY GA 76 -106.53 -27.83 96.81
CA GLY GA 76 -105.53 -28.45 97.64
C GLY GA 76 -104.53 -27.47 98.21
N MET GA 77 -103.26 -27.85 98.11
CA MET GA 77 -102.21 -27.14 98.82
C MET GA 77 -101.32 -26.34 97.88
N GLY GA 78 -100.83 -25.21 98.38
CA GLY GA 78 -100.13 -24.21 97.60
C GLY GA 78 -98.71 -24.49 97.12
N PRO GA 79 -97.77 -24.81 98.01
CA PRO GA 79 -96.36 -24.86 97.59
C PRO GA 79 -96.00 -25.99 96.64
N ASP GA 80 -96.83 -27.03 96.54
CA ASP GA 80 -96.69 -27.98 95.45
C ASP GA 80 -97.21 -27.38 94.15
N TYR GA 81 -98.35 -26.69 94.24
CA TYR GA 81 -99.02 -26.09 93.10
C TYR GA 81 -98.15 -25.09 92.38
N ARG GA 82 -97.42 -24.26 93.13
CA ARG GA 82 -96.54 -23.28 92.49
C ARG GA 82 -95.40 -23.96 91.72
N VAL GA 83 -94.91 -25.07 92.24
CA VAL GA 83 -93.83 -25.82 91.63
C VAL GA 83 -94.28 -26.40 90.31
N LEU GA 84 -95.42 -27.09 90.29
CA LEU GA 84 -95.81 -27.67 89.02
C LEU GA 84 -96.42 -26.64 88.06
N VAL GA 85 -96.88 -25.50 88.57
CA VAL GA 85 -97.21 -24.37 87.69
C VAL GA 85 -95.98 -23.91 86.94
N HIS GA 86 -94.89 -23.64 87.66
CA HIS GA 86 -93.66 -23.21 87.02
C HIS GA 86 -93.09 -24.27 86.09
N ARG GA 87 -93.33 -25.54 86.43
CA ARG GA 87 -92.99 -26.63 85.51
C ARG GA 87 -93.82 -26.56 84.23
N ALA GA 88 -95.08 -26.15 84.33
CA ALA GA 88 -95.90 -26.02 83.13
C ALA GA 88 -95.46 -24.82 82.30
N ARG GA 89 -95.13 -23.71 82.97
CA ARG GA 89 -94.59 -22.52 82.31
C ARG GA 89 -93.37 -22.86 81.49
N LYS GA 90 -92.41 -23.55 82.12
CA LYS GA 90 -91.21 -24.00 81.42
C LYS GA 90 -91.55 -24.97 80.31
N LEU GA 91 -92.51 -25.85 80.54
CA LEU GA 91 -92.68 -27.00 79.66
C LEU GA 91 -93.43 -26.62 78.39
N ALA GA 92 -94.23 -25.56 78.43
CA ALA GA 92 -94.88 -25.11 77.20
C ALA GA 92 -93.88 -24.49 76.23
N GLN GA 93 -92.80 -23.93 76.75
CA GLN GA 93 -91.93 -23.10 75.92
C GLN GA 93 -91.02 -23.94 75.05
N GLN GA 94 -90.81 -25.22 75.40
CA GLN GA 94 -90.12 -26.09 74.46
C GLN GA 94 -90.98 -26.37 73.25
N TYR GA 95 -92.28 -26.59 73.45
CA TYR GA 95 -93.18 -26.83 72.33
C TYR GA 95 -93.36 -25.57 71.49
N TYR GA 96 -93.24 -24.40 72.11
CA TYR GA 96 -93.28 -23.18 71.31
C TYR GA 96 -91.96 -22.95 70.59
N LEU GA 97 -90.86 -23.45 71.14
CA LEU GA 97 -89.58 -23.32 70.45
C LEU GA 97 -89.48 -24.25 69.24
N VAL GA 98 -90.00 -25.47 69.36
CA VAL GA 98 -89.84 -26.42 68.27
C VAL GA 98 -90.77 -26.07 67.11
N TYR GA 99 -92.04 -25.85 67.39
CA TYR GA 99 -93.05 -25.80 66.34
C TYR GA 99 -93.53 -24.39 66.02
N GLN GA 100 -93.25 -23.42 66.89
CA GLN GA 100 -93.59 -22.00 66.70
C GLN GA 100 -95.09 -21.80 66.48
N GLU GA 101 -95.87 -22.20 67.48
CA GLU GA 101 -97.30 -22.37 67.36
C GLU GA 101 -97.83 -22.55 68.77
N PRO GA 102 -99.03 -22.04 69.07
CA PRO GA 102 -99.57 -22.18 70.43
C PRO GA 102 -99.89 -23.62 70.78
N ILE GA 103 -99.40 -24.05 71.93
CA ILE GA 103 -99.41 -25.46 72.33
C ILE GA 103 -100.84 -25.89 72.65
N PRO GA 104 -101.28 -27.07 72.22
CA PRO GA 104 -102.64 -27.51 72.52
C PRO GA 104 -102.78 -28.01 73.95
N THR GA 105 -103.96 -27.79 74.52
CA THR GA 105 -104.18 -28.09 75.93
C THR GA 105 -104.23 -29.59 76.19
N ALA GA 106 -104.64 -30.36 75.17
CA ALA GA 106 -104.54 -31.81 75.25
C ALA GA 106 -103.08 -32.23 75.37
N GLN GA 107 -102.19 -31.51 74.66
CA GLN GA 107 -100.77 -31.82 74.75
C GLN GA 107 -100.20 -31.44 76.11
N LEU GA 108 -100.65 -30.32 76.69
CA LEU GA 108 -100.22 -29.98 78.05
C LEU GA 108 -100.67 -31.01 79.06
N VAL GA 109 -101.90 -31.51 78.91
CA VAL GA 109 -102.39 -32.45 79.90
C VAL GA 109 -101.73 -33.81 79.74
N GLN GA 110 -101.36 -34.17 78.50
CA GLN GA 110 -100.51 -35.34 78.27
C GLN GA 110 -99.17 -35.20 79.00
N ARG GA 111 -98.52 -34.04 78.83
CA ARG GA 111 -97.15 -33.93 79.33
C ARG GA 111 -97.12 -33.72 80.85
N VAL GA 112 -98.01 -32.89 81.38
CA VAL GA 112 -98.09 -32.68 82.82
C VAL GA 112 -98.57 -33.95 83.52
N ALA GA 113 -99.45 -34.71 82.86
CA ALA GA 113 -99.85 -36.01 83.39
C ALA GA 113 -98.68 -36.97 83.44
N SER GA 114 -97.81 -36.93 82.42
CA SER GA 114 -96.62 -37.77 82.43
C SER GA 114 -95.64 -37.36 83.52
N VAL GA 115 -95.46 -36.04 83.71
CA VAL GA 115 -94.58 -35.51 84.74
C VAL GA 115 -95.06 -35.93 86.13
N MET GA 116 -96.35 -35.83 86.36
CA MET GA 116 -96.87 -36.08 87.69
C MET GA 116 -96.91 -37.58 87.99
N GLN GA 117 -97.27 -38.39 86.98
CA GLN GA 117 -97.27 -39.84 87.12
C GLN GA 117 -95.87 -40.38 87.38
N GLU GA 118 -94.91 -39.95 86.56
CA GLU GA 118 -93.51 -40.29 86.78
C GLU GA 118 -93.01 -39.78 88.14
N TYR GA 119 -93.56 -38.67 88.60
CA TYR GA 119 -93.17 -38.10 89.87
C TYR GA 119 -93.66 -38.96 91.04
N THR GA 120 -94.80 -39.62 90.87
CA THR GA 120 -95.31 -40.50 91.93
C THR GA 120 -94.46 -41.76 92.05
N GLN GA 121 -94.01 -42.32 90.94
CA GLN GA 121 -93.32 -43.61 90.98
C GLN GA 121 -91.84 -43.43 91.31
N SER GA 122 -91.34 -42.20 91.24
CA SER GA 122 -89.93 -41.90 91.48
C SER GA 122 -89.48 -42.18 92.91
N GLY GA 123 -88.17 -42.09 93.15
CA GLY GA 123 -87.60 -42.65 94.37
C GLY GA 123 -87.68 -41.70 95.55
N GLY GA 124 -88.48 -42.08 96.55
CA GLY GA 124 -88.33 -41.48 97.87
C GLY GA 124 -88.98 -40.12 98.05
N VAL GA 125 -89.85 -39.72 97.14
CA VAL GA 125 -90.53 -38.43 97.25
C VAL GA 125 -92.04 -38.66 97.19
N ARG GA 126 -92.78 -37.83 97.94
CA ARG GA 126 -94.22 -37.99 98.02
C ARG GA 126 -94.87 -37.47 96.74
N PRO GA 127 -96.08 -37.91 96.45
CA PRO GA 127 -96.85 -37.31 95.35
C PRO GA 127 -97.30 -35.91 95.74
N PHE GA 128 -97.77 -35.17 94.72
CA PHE GA 128 -98.35 -33.87 94.99
C PHE GA 128 -99.70 -34.03 95.67
N GLY GA 129 -100.13 -32.96 96.34
CA GLY GA 129 -101.45 -32.96 96.96
C GLY GA 129 -102.37 -32.01 96.23
N VAL GA 130 -102.28 -31.99 94.90
CA VAL GA 130 -102.94 -30.99 94.07
C VAL GA 130 -103.75 -31.70 92.99
N SER GA 131 -105.00 -31.29 92.82
CA SER GA 131 -105.79 -31.67 91.66
C SER GA 131 -106.08 -30.41 90.86
N LEU GA 132 -105.62 -30.39 89.61
CA LEU GA 132 -105.70 -29.21 88.78
C LEU GA 132 -107.04 -29.11 88.05
N LEU GA 133 -107.29 -27.94 87.48
CA LEU GA 133 -108.28 -27.75 86.44
C LEU GA 133 -107.59 -26.98 85.34
N ILE GA 134 -107.42 -27.62 84.19
CA ILE GA 134 -106.73 -27.02 83.05
C ILE GA 134 -107.75 -26.72 81.97
N CYS GA 135 -107.76 -25.48 81.51
CA CYS GA 135 -108.71 -25.00 80.52
C CYS GA 135 -107.98 -24.28 79.40
N GLY GA 136 -108.67 -24.11 78.28
CA GLY GA 136 -108.07 -23.43 77.15
C GLY GA 136 -108.95 -23.54 75.93
N TRP GA 137 -108.79 -22.56 75.05
CA TRP GA 137 -109.60 -22.44 73.84
C TRP GA 137 -108.68 -22.39 72.62
N ASN GA 138 -108.45 -23.55 72.01
CA ASN GA 138 -107.65 -23.61 70.80
C ASN GA 138 -108.41 -24.43 69.77
N GLU GA 139 -108.29 -24.01 68.50
CA GLU GA 139 -108.92 -24.66 67.34
C GLU GA 139 -110.44 -24.73 67.47
N GLY GA 140 -111.04 -23.63 67.91
CA GLY GA 140 -112.48 -23.51 67.90
C GLY GA 140 -113.18 -23.97 69.15
N ARG GA 141 -113.00 -25.25 69.51
CA ARG GA 141 -113.73 -25.83 70.62
C ARG GA 141 -112.91 -25.73 71.89
N PRO GA 142 -113.38 -24.98 72.89
CA PRO GA 142 -112.60 -24.85 74.13
C PRO GA 142 -112.65 -26.10 74.97
N TYR GA 143 -111.53 -26.37 75.65
CA TYR GA 143 -111.33 -27.61 76.39
C TYR GA 143 -111.30 -27.32 77.89
N LEU GA 144 -111.78 -28.27 78.68
CA LEU GA 144 -111.68 -28.22 80.13
C LEU GA 144 -111.24 -29.57 80.66
N PHE GA 145 -110.01 -29.65 81.16
CA PHE GA 145 -109.43 -30.91 81.59
C PHE GA 145 -109.08 -30.83 83.07
N GLN GA 146 -109.03 -32.00 83.71
CA GLN GA 146 -108.78 -32.11 85.14
C GLN GA 146 -107.85 -33.27 85.43
N SER GA 147 -106.71 -32.98 86.05
CA SER GA 147 -105.74 -33.99 86.46
C SER GA 147 -105.93 -34.31 87.95
N ASP GA 148 -105.04 -35.14 88.48
CA ASP GA 148 -105.16 -35.63 89.85
C ASP GA 148 -103.78 -36.02 90.35
N PRO GA 149 -103.62 -36.29 91.66
CA PRO GA 149 -102.35 -36.89 92.13
C PRO GA 149 -102.02 -38.24 91.53
N SER GA 150 -103.00 -39.03 91.10
CA SER GA 150 -102.71 -40.34 90.52
C SER GA 150 -102.34 -40.27 89.04
N GLY GA 151 -102.07 -39.08 88.51
CA GLY GA 151 -101.62 -38.92 87.16
C GLY GA 151 -102.70 -38.97 86.10
N ALA GA 152 -103.90 -39.43 86.45
CA ALA GA 152 -104.97 -39.58 85.47
C ALA GA 152 -105.50 -38.22 85.03
N TYR GA 153 -106.34 -38.24 84.00
CA TYR GA 153 -107.01 -37.03 83.58
C TYR GA 153 -108.33 -37.39 82.91
N PHE GA 154 -109.17 -36.37 82.76
CA PHE GA 154 -110.49 -36.53 82.17
C PHE GA 154 -110.83 -35.28 81.40
N ALA GA 155 -112.12 -35.11 81.10
CA ALA GA 155 -112.67 -33.89 80.53
C ALA GA 155 -114.00 -33.64 81.21
N TRP GA 156 -114.44 -32.38 81.23
CA TRP GA 156 -115.70 -32.07 81.90
C TRP GA 156 -116.42 -30.93 81.18
N LYS GA 157 -117.73 -31.07 81.06
CA LYS GA 157 -118.57 -29.90 80.79
C LYS GA 157 -118.52 -28.95 81.97
N ALA GA 158 -118.70 -29.46 83.17
CA ALA GA 158 -118.73 -28.67 84.39
C ALA GA 158 -118.42 -29.59 85.56
N THR GA 159 -117.54 -29.13 86.43
CA THR GA 159 -117.14 -29.94 87.58
C THR GA 159 -116.72 -29.03 88.71
N ALA GA 160 -116.53 -29.63 89.87
CA ALA GA 160 -116.11 -28.92 91.07
C ALA GA 160 -115.08 -29.75 91.80
N MET GA 161 -114.28 -29.09 92.63
CA MET GA 161 -113.29 -29.75 93.45
C MET GA 161 -113.13 -28.95 94.74
N GLY GA 162 -112.92 -29.66 95.84
CA GLY GA 162 -112.80 -29.05 97.15
C GLY GA 162 -113.80 -29.63 98.12
N LYS GA 163 -114.05 -28.88 99.19
CA LYS GA 163 -115.02 -29.29 100.18
C LYS GA 163 -116.43 -29.27 99.59
N ASN GA 164 -117.22 -30.26 99.96
CA ASN GA 164 -118.58 -30.52 99.49
C ASN GA 164 -118.67 -30.63 97.98
N TYR GA 165 -117.69 -31.27 97.33
CA TYR GA 165 -117.69 -31.38 95.88
C TYR GA 165 -118.77 -32.34 95.38
N VAL GA 166 -119.36 -33.14 96.26
CA VAL GA 166 -120.52 -33.93 95.88
C VAL GA 166 -121.77 -33.07 95.90
N ASN GA 167 -121.82 -32.07 96.79
CA ASN GA 167 -122.94 -31.15 96.82
C ASN GA 167 -122.89 -30.20 95.62
N GLY GA 168 -121.70 -29.67 95.34
CA GLY GA 168 -121.54 -28.90 94.12
C GLY GA 168 -121.60 -29.74 92.87
N LYS GA 169 -121.25 -31.02 92.97
CA LYS GA 169 -121.26 -31.90 91.82
C LYS GA 169 -122.68 -32.25 91.43
N THR GA 170 -123.52 -32.59 92.42
CA THR GA 170 -124.94 -32.79 92.15
C THR GA 170 -125.64 -31.48 91.85
N PHE GA 171 -125.10 -30.36 92.34
CA PHE GA 171 -125.67 -29.07 91.96
C PHE GA 171 -125.43 -28.80 90.48
N LEU GA 172 -124.23 -29.09 90.00
CA LEU GA 172 -123.97 -28.94 88.57
C LEU GA 172 -124.53 -30.09 87.77
N GLU GA 173 -125.00 -31.15 88.44
CA GLU GA 173 -125.65 -32.23 87.72
C GLU GA 173 -127.14 -31.94 87.59
N LYS GA 174 -127.70 -31.25 88.57
CA LYS GA 174 -129.11 -30.84 88.54
C LYS GA 174 -129.30 -29.43 88.02
N ARG GA 175 -128.75 -28.42 88.72
CA ARG GA 175 -129.07 -27.04 88.40
C ARG GA 175 -128.34 -26.57 87.14
N TYR GA 176 -127.26 -27.23 86.77
CA TYR GA 176 -126.64 -27.00 85.47
C TYR GA 176 -127.13 -28.06 84.51
N ASN GA 177 -126.97 -27.78 83.22
CA ASN GA 177 -127.69 -28.49 82.18
C ASN GA 177 -126.97 -28.34 80.86
N GLU GA 178 -127.73 -28.57 79.78
CA GLU GA 178 -127.42 -28.26 78.40
C GLU GA 178 -126.86 -26.84 78.24
N ASP GA 179 -126.03 -26.63 77.21
CA ASP GA 179 -125.17 -25.47 77.03
C ASP GA 179 -125.90 -24.14 77.05
N LEU GA 180 -125.34 -23.20 77.82
CA LEU GA 180 -125.74 -21.80 77.84
C LEU GA 180 -124.55 -20.97 77.40
N GLU GA 181 -124.67 -19.66 77.60
CA GLU GA 181 -123.57 -18.77 77.35
C GLU GA 181 -122.67 -18.65 78.58
N LEU GA 182 -121.56 -17.92 78.39
CA LEU GA 182 -120.56 -17.74 79.44
C LEU GA 182 -121.10 -17.00 80.65
N GLU GA 183 -122.05 -16.08 80.45
CA GLU GA 183 -122.61 -15.32 81.56
C GLU GA 183 -123.49 -16.19 82.44
N ASP GA 184 -124.24 -17.12 81.85
CA ASP GA 184 -125.00 -18.06 82.65
C ASP GA 184 -124.08 -19.11 83.27
N ALA GA 185 -122.93 -19.37 82.65
CA ALA GA 185 -121.93 -20.22 83.28
C ALA GA 185 -121.35 -19.56 84.52
N ILE GA 186 -121.09 -18.24 84.45
CA ILE GA 186 -120.67 -17.49 85.62
C ILE GA 186 -121.80 -17.46 86.64
N HIS GA 187 -123.05 -17.44 86.17
CA HIS GA 187 -124.21 -17.39 87.04
C HIS GA 187 -124.30 -18.63 87.91
N THR GA 188 -124.32 -19.81 87.28
CA THR GA 188 -124.39 -21.03 88.08
C THR GA 188 -123.07 -21.36 88.75
N ALA GA 189 -121.95 -20.77 88.29
CA ALA GA 189 -120.68 -20.95 88.99
C ALA GA 189 -120.65 -20.17 90.30
N ILE GA 190 -121.19 -18.95 90.31
CA ILE GA 190 -121.29 -18.21 91.56
C ILE GA 190 -122.44 -18.75 92.39
N LEU GA 191 -123.39 -19.45 91.76
CA LEU GA 191 -124.39 -20.18 92.53
C LEU GA 191 -123.74 -21.32 93.31
N THR GA 192 -122.93 -22.14 92.64
CA THR GA 192 -122.34 -23.29 93.34
C THR GA 192 -121.19 -22.87 94.24
N LEU GA 193 -120.57 -21.73 93.97
CA LEU GA 193 -119.58 -21.21 94.90
C LEU GA 193 -120.21 -20.53 96.10
N LYS GA 194 -121.35 -19.87 95.89
CA LYS GA 194 -122.10 -19.25 96.98
C LYS GA 194 -122.77 -20.27 97.86
N GLU GA 195 -123.04 -21.47 97.33
CA GLU GA 195 -123.59 -22.54 98.13
C GLU GA 195 -122.58 -23.05 99.14
N SER GA 196 -121.31 -23.13 98.75
CA SER GA 196 -120.32 -23.89 99.51
C SER GA 196 -119.52 -23.06 100.51
N PHE GA 197 -119.30 -21.78 100.25
CA PHE GA 197 -118.40 -21.01 101.09
C PHE GA 197 -119.09 -20.55 102.37
N GLU GA 198 -118.48 -19.57 103.03
CA GLU GA 198 -118.92 -19.10 104.34
C GLU GA 198 -120.16 -18.20 104.21
N GLY GA 199 -120.50 -17.53 105.29
CA GLY GA 199 -121.75 -16.79 105.33
C GLY GA 199 -121.74 -15.50 104.54
N GLN GA 200 -120.63 -14.77 104.57
CA GLN GA 200 -120.51 -13.52 103.85
C GLN GA 200 -119.55 -13.69 102.69
N MET GA 201 -119.96 -13.24 101.51
CA MET GA 201 -119.14 -13.33 100.31
C MET GA 201 -119.24 -12.03 99.53
N THR GA 202 -118.09 -11.48 99.17
CA THR GA 202 -117.97 -10.16 98.57
C THR GA 202 -117.11 -10.23 97.31
N GLU GA 203 -116.69 -9.05 96.86
CA GLU GA 203 -115.88 -8.94 95.65
C GLU GA 203 -114.48 -9.54 95.81
N ASP GA 204 -113.99 -9.67 97.04
CA ASP GA 204 -112.61 -10.05 97.25
C ASP GA 204 -112.43 -11.50 97.70
N ASN GA 205 -113.50 -12.17 98.13
CA ASN GA 205 -113.36 -13.52 98.64
C ASN GA 205 -113.27 -14.57 97.55
N ILE GA 206 -113.60 -14.24 96.31
CA ILE GA 206 -113.63 -15.20 95.22
C ILE GA 206 -112.72 -14.69 94.09
N GLU GA 207 -112.70 -15.46 93.01
CA GLU GA 207 -112.04 -15.03 91.78
C GLU GA 207 -112.78 -15.68 90.63
N VAL GA 208 -112.93 -14.95 89.53
CA VAL GA 208 -113.54 -15.47 88.31
C VAL GA 208 -112.49 -15.37 87.20
N GLY GA 209 -112.12 -16.52 86.63
CA GLY GA 209 -111.22 -16.57 85.51
C GLY GA 209 -111.92 -17.18 84.29
N ILE GA 210 -111.76 -16.53 83.14
CA ILE GA 210 -112.48 -16.92 81.95
C ILE GA 210 -111.49 -17.16 80.80
N CYS GA 211 -111.87 -18.04 79.90
CA CYS GA 211 -111.25 -18.17 78.58
C CYS GA 211 -112.22 -17.58 77.57
N ASN GA 212 -111.76 -16.61 76.81
CA ASN GA 212 -112.45 -16.31 75.57
C ASN GA 212 -111.90 -17.22 74.48
N GLU GA 213 -112.61 -17.28 73.36
CA GLU GA 213 -111.99 -17.93 72.22
C GLU GA 213 -110.89 -17.06 71.62
N ALA GA 214 -110.94 -15.75 71.87
CA ALA GA 214 -109.85 -14.84 71.54
C ALA GA 214 -108.78 -14.78 72.61
N GLY GA 215 -108.86 -15.61 73.66
CA GLY GA 215 -107.78 -15.69 74.61
C GLY GA 215 -108.19 -15.85 76.07
N PHE GA 216 -107.29 -16.38 76.90
CA PHE GA 216 -107.52 -16.42 78.33
C PHE GA 216 -107.42 -15.02 78.92
N ARG GA 217 -108.23 -14.75 79.93
CA ARG GA 217 -108.27 -13.42 80.51
C ARG GA 217 -108.51 -13.50 82.00
N ARG GA 218 -107.70 -12.76 82.75
CA ARG GA 218 -107.84 -12.61 84.18
C ARG GA 218 -108.83 -11.49 84.45
N LEU GA 219 -109.64 -11.66 85.50
CA LEU GA 219 -110.58 -10.63 85.91
C LEU GA 219 -110.20 -10.13 87.29
N THR GA 220 -110.66 -8.92 87.61
CA THR GA 220 -110.35 -8.22 88.84
C THR GA 220 -111.59 -8.16 89.72
N PRO GA 221 -111.43 -7.84 91.04
CA PRO GA 221 -112.62 -7.59 91.88
C PRO GA 221 -113.46 -6.40 91.47
N THR GA 222 -112.96 -5.56 90.56
CA THR GA 222 -113.81 -4.57 89.92
C THR GA 222 -114.92 -5.24 89.12
N GLU GA 223 -114.55 -6.16 88.22
CA GLU GA 223 -115.56 -6.86 87.44
C GLU GA 223 -116.31 -7.89 88.27
N VAL GA 224 -115.66 -8.44 89.30
CA VAL GA 224 -116.36 -9.35 90.21
C VAL GA 224 -117.42 -8.58 91.00
N LYS GA 225 -117.12 -7.33 91.34
CA LYS GA 225 -118.14 -6.45 91.91
C LYS GA 225 -119.17 -6.04 90.88
N ASP GA 226 -118.80 -6.00 89.61
CA ASP GA 226 -119.75 -5.66 88.56
C ASP GA 226 -120.78 -6.77 88.38
N TYR GA 227 -120.37 -8.03 88.57
CA TYR GA 227 -121.37 -9.09 88.43
C TYR GA 227 -122.20 -9.23 89.70
N LEU GA 228 -121.56 -9.56 90.82
CA LEU GA 228 -122.26 -9.94 92.05
C LEU GA 228 -122.84 -8.69 92.70
N ALA GA 229 -123.96 -8.21 92.15
CA ALA GA 229 -124.66 -7.06 92.70
C ALA GA 229 -126.12 -7.25 93.17
N ALA GA 230 -127.06 -7.96 92.51
CA ALA GA 230 -127.07 -9.02 91.46
C ALA GA 230 -126.21 -10.24 91.79
N ILE GA 231 -126.34 -10.73 93.02
CA ILE GA 231 -125.61 -11.94 93.41
C ILE GA 231 -126.23 -13.13 92.71
N ALA GA 232 -125.64 -13.51 91.57
CA ALA GA 232 -126.23 -14.38 90.55
C ALA GA 232 -127.64 -13.92 90.20
N SER HA 1 -82.55 -45.29 107.33
CA SER HA 1 -82.70 -45.55 105.90
C SER HA 1 -83.06 -46.99 105.63
N ARG HA 2 -82.25 -47.91 106.16
CA ARG HA 2 -82.51 -49.33 105.92
C ARG HA 2 -83.50 -49.90 106.92
N ARG HA 3 -84.04 -49.08 107.82
CA ARG HA 3 -85.27 -49.44 108.51
C ARG HA 3 -86.48 -48.74 107.90
N TYR HA 4 -86.27 -47.93 106.87
CA TYR HA 4 -87.35 -47.26 106.16
C TYR HA 4 -87.74 -47.98 104.88
N ASP HA 5 -86.97 -48.97 104.44
CA ASP HA 5 -87.16 -49.58 103.13
C ASP HA 5 -88.44 -50.41 103.08
N SER HA 6 -89.20 -50.22 102.01
CA SER HA 6 -90.50 -50.88 101.83
C SER HA 6 -90.38 -52.37 101.55
N ARG HA 7 -89.19 -52.84 101.15
CA ARG HA 7 -88.88 -54.27 100.97
C ARG HA 7 -89.79 -54.94 99.94
N THR HA 8 -89.63 -54.53 98.69
CA THR HA 8 -90.45 -55.10 97.63
C THR HA 8 -89.76 -56.26 96.93
N THR HA 9 -88.45 -56.16 96.69
CA THR HA 9 -87.79 -57.06 95.75
C THR HA 9 -87.37 -58.35 96.43
N ILE HA 10 -87.55 -58.44 97.75
CA ILE HA 10 -87.19 -59.63 98.51
C ILE HA 10 -88.11 -60.79 98.13
N PHE HA 11 -87.52 -61.97 97.94
CA PHE HA 11 -88.32 -63.19 97.82
C PHE HA 11 -89.10 -63.45 99.10
N SER HA 12 -90.40 -63.60 98.93
CA SER HA 12 -91.29 -63.85 100.06
C SER HA 12 -91.17 -65.30 100.50
N PRO HA 13 -91.28 -65.58 101.82
CA PRO HA 13 -91.07 -66.95 102.34
C PRO HA 13 -92.08 -68.03 101.91
N GLU HA 14 -92.99 -67.73 100.98
CA GLU HA 14 -93.98 -68.68 100.50
C GLU HA 14 -93.67 -69.23 99.10
N GLY HA 15 -92.67 -68.71 98.41
CA GLY HA 15 -92.33 -69.15 97.08
C GLY HA 15 -92.61 -68.15 95.97
N ARG HA 16 -93.55 -67.23 96.19
CA ARG HA 16 -93.96 -66.33 95.13
C ARG HA 16 -93.27 -64.96 95.28
N LEU HA 17 -93.58 -64.08 94.34
CA LEU HA 17 -93.09 -62.70 94.38
C LEU HA 17 -94.20 -61.82 94.94
N TYR HA 18 -93.95 -61.22 96.10
CA TYR HA 18 -95.02 -60.65 96.91
C TYR HA 18 -95.59 -59.38 96.30
N GLN HA 19 -94.77 -58.62 95.60
CA GLN HA 19 -95.27 -57.37 95.02
C GLN HA 19 -96.04 -57.63 93.74
N VAL HA 20 -95.63 -58.66 93.00
CA VAL HA 20 -96.15 -58.87 91.65
C VAL HA 20 -97.54 -59.48 91.71
N GLU HA 21 -97.83 -60.26 92.75
CA GLU HA 21 -99.15 -60.86 92.89
C GLU HA 21 -100.19 -59.83 93.25
N TYR HA 22 -99.83 -58.88 94.13
CA TYR HA 22 -100.66 -57.71 94.35
C TYR HA 22 -100.81 -56.88 93.09
N ALA HA 23 -99.75 -56.79 92.29
CA ALA HA 23 -99.84 -56.07 91.02
C ALA HA 23 -100.69 -56.82 90.00
N MET HA 24 -100.94 -58.10 90.22
CA MET HA 24 -101.90 -58.81 89.40
C MET HA 24 -103.33 -58.59 89.88
N GLU HA 25 -103.55 -58.65 91.19
CA GLU HA 25 -104.90 -58.47 91.71
C GLU HA 25 -105.34 -57.01 91.69
N ALA HA 26 -104.44 -56.08 91.42
CA ALA HA 26 -104.88 -54.70 91.16
C ALA HA 26 -105.56 -54.59 89.80
N ILE HA 27 -105.03 -55.29 88.79
CA ILE HA 27 -105.77 -55.48 87.55
C ILE HA 27 -107.03 -56.28 87.78
N GLY HA 28 -106.97 -57.29 88.67
CA GLY HA 28 -108.08 -58.22 88.81
C GLY HA 28 -109.35 -57.60 89.36
N HIS HA 29 -109.23 -56.48 90.07
CA HIS HA 29 -110.43 -55.80 90.53
C HIS HA 29 -111.08 -55.01 89.41
N ALA HA 30 -112.22 -55.54 88.95
CA ALA HA 30 -113.15 -54.91 88.01
C ALA HA 30 -112.57 -54.58 86.64
N GLY HA 31 -111.57 -55.35 86.21
CA GLY HA 31 -111.08 -55.21 84.85
C GLY HA 31 -112.01 -55.93 83.88
N THR HA 32 -112.26 -55.30 82.74
CA THR HA 32 -113.06 -55.90 81.68
C THR HA 32 -112.57 -55.39 80.33
N CYS HA 33 -111.76 -56.20 79.66
CA CYS HA 33 -111.24 -55.89 78.33
C CYS HA 33 -111.17 -57.20 77.56
N LEU HA 34 -111.47 -57.14 76.26
CA LEU HA 34 -111.38 -58.35 75.46
C LEU HA 34 -111.06 -58.03 74.01
N GLY HA 35 -110.69 -59.09 73.29
CA GLY HA 35 -110.40 -59.10 71.87
C GLY HA 35 -110.24 -60.55 71.49
N ILE HA 36 -110.93 -60.99 70.44
CA ILE HA 36 -111.20 -62.40 70.24
C ILE HA 36 -110.63 -62.88 68.93
N LEU HA 37 -110.89 -64.16 68.62
CA LEU HA 37 -110.49 -64.77 67.35
C LEU HA 37 -111.08 -64.02 66.17
N ALA HA 38 -110.27 -63.86 65.14
CA ALA HA 38 -110.73 -63.36 63.86
C ALA HA 38 -109.79 -63.82 62.78
N ASN HA 39 -110.32 -64.52 61.79
CA ASN HA 39 -109.72 -64.58 60.47
C ASN HA 39 -109.94 -63.23 59.81
N ASP HA 40 -109.10 -62.94 58.80
CA ASP HA 40 -109.04 -61.73 57.95
C ASP HA 40 -109.43 -60.44 58.69
N GLY HA 41 -108.86 -60.27 59.87
CA GLY HA 41 -109.16 -59.13 60.71
C GLY HA 41 -108.77 -59.43 62.14
N VAL HA 42 -109.14 -58.50 63.02
CA VAL HA 42 -108.98 -58.68 64.47
C VAL HA 42 -109.96 -57.73 65.13
N LEU HA 43 -110.30 -58.00 66.39
CA LEU HA 43 -111.31 -57.23 67.10
C LEU HA 43 -110.82 -56.85 68.47
N LEU HA 44 -111.42 -55.80 69.06
CA LEU HA 44 -111.21 -55.44 70.45
C LEU HA 44 -112.53 -54.95 71.04
N ALA HA 45 -112.67 -55.08 72.35
CA ALA HA 45 -113.85 -54.62 73.06
C ALA HA 45 -113.46 -54.21 74.46
N ALA HA 46 -113.92 -53.03 74.88
CA ALA HA 46 -113.53 -52.47 76.17
C ALA HA 46 -114.75 -51.95 76.89
N GLU HA 47 -114.67 -51.92 78.22
CA GLU HA 47 -115.78 -51.45 79.04
C GLU HA 47 -115.44 -50.09 79.62
N ARG HA 48 -116.40 -49.17 79.58
CA ARG HA 48 -116.18 -47.81 80.07
C ARG HA 48 -116.16 -47.81 81.59
N ARG HA 49 -115.09 -47.27 82.17
CA ARG HA 49 -114.98 -47.17 83.61
C ARG HA 49 -115.88 -46.08 84.13
N ASN HA 50 -115.67 -44.84 83.67
CA ASN HA 50 -116.45 -43.69 84.11
C ASN HA 50 -117.60 -43.47 83.13
N ILE HA 51 -118.83 -43.68 83.60
CA ILE HA 51 -120.01 -43.58 82.74
C ILE HA 51 -120.89 -42.43 83.17
N HIS HA 52 -120.28 -41.38 83.73
CA HIS HA 52 -121.05 -40.24 84.22
C HIS HA 52 -121.36 -39.28 83.08
N LYS HA 53 -122.50 -38.60 83.18
CA LYS HA 53 -123.02 -37.81 82.07
C LYS HA 53 -122.31 -36.47 81.88
N LEU HA 54 -121.57 -36.00 82.87
CA LEU HA 54 -120.97 -34.67 82.75
C LEU HA 54 -119.61 -34.70 82.04
N LEU HA 55 -119.21 -35.84 81.49
CA LEU HA 55 -117.99 -35.87 80.70
C LEU HA 55 -118.21 -35.17 79.37
N ASP HA 56 -117.11 -34.86 78.69
CA ASP HA 56 -117.21 -34.20 77.39
C ASP HA 56 -117.34 -35.22 76.27
N GLU HA 57 -116.66 -36.37 76.42
CA GLU HA 57 -116.50 -37.39 75.38
C GLU HA 57 -115.96 -36.81 74.08
N VAL HA 58 -115.04 -35.84 74.20
CA VAL HA 58 -114.39 -35.25 73.04
C VAL HA 58 -112.97 -35.77 72.87
N PHE HA 59 -112.62 -36.87 73.52
CA PHE HA 59 -111.30 -37.45 73.36
C PHE HA 59 -111.09 -38.04 71.98
N PHE HA 60 -112.08 -38.76 71.45
CA PHE HA 60 -112.08 -39.49 70.16
C PHE HA 60 -111.14 -40.70 70.25
N SER HA 61 -110.46 -40.92 71.37
CA SER HA 61 -109.60 -42.07 71.58
C SER HA 61 -109.38 -42.24 73.07
N GLU HA 62 -109.33 -43.50 73.51
CA GLU HA 62 -109.50 -43.83 74.92
C GLU HA 62 -108.62 -45.05 75.14
N LYS HA 63 -109.01 -45.97 76.03
CA LYS HA 63 -108.35 -47.25 76.28
C LYS HA 63 -107.87 -47.99 75.03
N ILE HA 64 -108.54 -47.83 73.89
CA ILE HA 64 -107.97 -48.16 72.60
C ILE HA 64 -107.02 -47.04 72.19
N TYR HA 65 -105.72 -47.26 72.35
CA TYR HA 65 -104.70 -46.33 71.88
C TYR HA 65 -104.21 -46.78 70.51
N LYS HA 66 -103.98 -45.82 69.63
CA LYS HA 66 -103.41 -46.12 68.32
C LYS HA 66 -101.92 -45.81 68.36
N LEU HA 67 -101.13 -46.88 68.27
CA LEU HA 67 -99.71 -46.76 68.52
C LEU HA 67 -98.90 -46.84 67.23
N ASN HA 68 -99.49 -47.37 66.17
CA ASN HA 68 -98.84 -47.40 64.87
C ASN HA 68 -99.92 -47.36 63.81
N GLU HA 69 -99.55 -47.59 62.55
CA GLU HA 69 -100.56 -47.75 61.51
C GLU HA 69 -101.18 -49.13 61.56
N ASP HA 70 -100.51 -50.09 62.18
CA ASP HA 70 -100.88 -51.48 62.04
C ASP HA 70 -101.25 -52.15 63.35
N MET HA 71 -101.14 -51.45 64.47
CA MET HA 71 -101.38 -52.07 65.76
C MET HA 71 -102.18 -51.13 66.66
N ALA HA 72 -102.63 -51.68 67.77
CA ALA HA 72 -103.33 -50.94 68.81
C ALA HA 72 -103.23 -51.76 70.09
N CYS HA 73 -103.60 -51.14 71.21
CA CYS HA 73 -103.49 -51.82 72.49
C CYS HA 73 -104.68 -51.48 73.36
N SER HA 74 -105.32 -52.53 73.86
CA SER HA 74 -106.31 -52.43 74.93
C SER HA 74 -105.54 -52.54 76.23
N VAL HA 75 -105.88 -51.70 77.18
CA VAL HA 75 -105.08 -51.59 78.39
C VAL HA 75 -105.98 -51.78 79.61
N ALA HA 76 -105.37 -52.17 80.72
CA ALA HA 76 -106.08 -52.32 81.99
C ALA HA 76 -105.11 -52.07 83.13
N GLY HA 77 -105.57 -51.34 84.14
CA GLY HA 77 -104.73 -51.01 85.28
C GLY HA 77 -104.80 -49.55 85.62
N ILE HA 78 -103.73 -49.02 86.22
CA ILE HA 78 -103.67 -47.60 86.55
C ILE HA 78 -103.33 -46.83 85.26
N THR HA 79 -104.00 -45.70 85.04
CA THR HA 79 -104.10 -45.12 83.71
C THR HA 79 -102.80 -44.49 83.22
N SER HA 80 -102.30 -43.46 83.91
CA SER HA 80 -101.10 -42.79 83.41
C SER HA 80 -99.86 -43.63 83.64
N ASP HA 81 -99.93 -44.50 84.65
CA ASP HA 81 -99.01 -45.62 84.81
C ASP HA 81 -98.90 -46.43 83.53
N ALA HA 82 -100.01 -46.58 82.81
CA ALA HA 82 -99.98 -47.23 81.51
C ALA HA 82 -99.60 -46.27 80.39
N ASN HA 83 -99.88 -44.97 80.56
CA ASN HA 83 -99.54 -43.99 79.52
C ASN HA 83 -98.04 -43.86 79.33
N VAL HA 84 -97.27 -44.11 80.39
CA VAL HA 84 -95.81 -44.21 80.25
C VAL HA 84 -95.45 -45.37 79.33
N LEU HA 85 -96.14 -46.50 79.48
CA LEU HA 85 -95.86 -47.67 78.64
C LEU HA 85 -96.32 -47.46 77.21
N THR HA 86 -97.38 -46.68 76.99
CA THR HA 86 -97.81 -46.43 75.62
C THR HA 86 -96.86 -45.48 74.92
N ASN HA 87 -96.39 -44.45 75.63
CA ASN HA 87 -95.40 -43.54 75.07
C ASN HA 87 -94.11 -44.28 74.71
N GLU HA 88 -93.63 -45.11 75.63
CA GLU HA 88 -92.37 -45.81 75.41
C GLU HA 88 -92.50 -46.87 74.33
N LEU HA 89 -93.63 -47.57 74.30
CA LEU HA 89 -93.86 -48.58 73.27
C LEU HA 89 -93.95 -47.94 71.89
N ARG HA 90 -94.63 -46.78 71.82
CA ARG HA 90 -94.76 -46.08 70.56
C ARG HA 90 -93.40 -45.59 70.06
N LEU HA 91 -92.54 -45.18 71.00
CA LEU HA 91 -91.22 -44.73 70.59
C LEU HA 91 -90.34 -45.92 70.19
N ILE HA 92 -90.57 -47.10 70.78
CA ILE HA 92 -89.83 -48.31 70.39
C ILE HA 92 -90.17 -48.71 68.96
N ALA HA 93 -91.46 -48.76 68.65
CA ALA HA 93 -91.91 -49.12 67.31
C ALA HA 93 -91.44 -48.10 66.28
N GLN HA 94 -91.47 -46.83 66.64
CA GLN HA 94 -91.08 -45.82 65.66
C GLN HA 94 -89.55 -45.76 65.49
N ARG HA 95 -88.78 -46.09 66.52
CA ARG HA 95 -87.34 -46.12 66.30
C ARG HA 95 -86.91 -47.36 65.53
N TYR HA 96 -87.68 -48.46 65.63
CA TYR HA 96 -87.44 -49.61 64.77
C TYR HA 96 -87.70 -49.24 63.32
N LEU HA 97 -88.82 -48.56 63.08
CA LEU HA 97 -89.16 -48.10 61.74
C LEU HA 97 -88.13 -47.11 61.22
N LEU HA 98 -87.53 -46.34 62.12
CA LEU HA 98 -86.40 -45.49 61.75
C LEU HA 98 -85.21 -46.34 61.31
N GLN HA 99 -84.95 -47.43 62.02
CA GLN HA 99 -83.70 -48.15 61.79
C GLN HA 99 -83.76 -48.98 60.52
N TYR HA 100 -84.88 -49.65 60.25
CA TYR HA 100 -84.89 -50.55 59.10
C TYR HA 100 -85.70 -50.05 57.92
N GLN HA 101 -86.54 -49.03 58.10
CA GLN HA 101 -87.52 -48.56 57.11
C GLN HA 101 -88.41 -49.72 56.66
N GLU HA 102 -89.12 -50.30 57.62
CA GLU HA 102 -89.79 -51.56 57.48
C GLU HA 102 -90.70 -51.68 58.70
N PRO HA 103 -91.93 -52.18 58.53
CA PRO HA 103 -92.87 -52.20 59.66
C PRO HA 103 -92.45 -53.17 60.75
N ILE HA 104 -92.80 -52.84 61.97
CA ILE HA 104 -92.35 -53.58 63.15
C ILE HA 104 -93.16 -54.85 63.32
N PRO HA 105 -92.52 -56.02 63.43
CA PRO HA 105 -93.24 -57.23 63.83
C PRO HA 105 -93.70 -57.15 65.27
N CYS HA 106 -94.87 -57.73 65.54
CA CYS HA 106 -95.52 -57.52 66.82
C CYS HA 106 -94.81 -58.27 67.95
N GLU HA 107 -94.15 -59.37 67.62
CA GLU HA 107 -93.56 -60.25 68.63
C GLU HA 107 -92.44 -59.56 69.38
N GLN HA 108 -91.49 -58.98 68.64
CA GLN HA 108 -90.36 -58.37 69.31
C GLN HA 108 -90.74 -57.04 69.96
N LEU HA 109 -91.84 -56.43 69.52
CA LEU HA 109 -92.40 -55.30 70.24
C LEU HA 109 -92.93 -55.73 71.61
N VAL HA 110 -93.61 -56.88 71.63
CA VAL HA 110 -94.11 -57.44 72.89
C VAL HA 110 -92.95 -57.79 73.82
N THR HA 111 -91.88 -58.39 73.28
CA THR HA 111 -90.75 -58.75 74.13
C THR HA 111 -90.01 -57.52 74.61
N ALA HA 112 -90.02 -56.45 73.81
CA ALA HA 112 -89.38 -55.21 74.22
C ALA HA 112 -90.12 -54.56 75.40
N LEU HA 113 -91.44 -54.39 75.27
CA LEU HA 113 -92.20 -53.78 76.37
C LEU HA 113 -92.21 -54.68 77.60
N CYS HA 114 -92.28 -55.99 77.39
CA CYS HA 114 -92.27 -56.92 78.51
C CYS HA 114 -90.90 -56.96 79.21
N ASP HA 115 -89.82 -56.66 78.48
CA ASP HA 115 -88.54 -56.50 79.16
C ASP HA 115 -88.48 -55.19 79.93
N ILE HA 116 -89.12 -54.14 79.41
CA ILE HA 116 -89.20 -52.88 80.14
C ILE HA 116 -89.97 -53.05 81.44
N LYS HA 117 -91.12 -53.74 81.37
CA LYS HA 117 -91.88 -54.03 82.57
C LYS HA 117 -91.15 -55.02 83.47
N GLN HA 118 -90.31 -55.86 82.89
CA GLN HA 118 -89.61 -56.86 83.66
C GLN HA 118 -88.48 -56.28 84.50
N ALA HA 119 -87.69 -55.37 83.94
CA ALA HA 119 -86.49 -54.88 84.63
C ALA HA 119 -86.83 -54.00 85.82
N TYR HA 120 -88.08 -53.52 85.91
CA TYR HA 120 -88.54 -52.94 87.15
C TYR HA 120 -89.00 -53.99 88.14
N THR HA 121 -89.18 -55.23 87.72
CA THR HA 121 -89.42 -56.28 88.69
C THR HA 121 -88.13 -56.93 89.16
N GLN HA 122 -87.05 -56.79 88.38
CA GLN HA 122 -85.77 -57.33 88.84
C GLN HA 122 -85.17 -56.57 90.02
N PHE HA 123 -85.16 -55.24 89.99
CA PHE HA 123 -84.46 -54.53 91.06
C PHE HA 123 -85.05 -53.13 91.21
N GLY HA 124 -84.41 -52.35 92.08
CA GLY HA 124 -84.82 -50.99 92.32
C GLY HA 124 -85.66 -50.78 93.56
N GLY HA 125 -86.34 -51.80 94.05
CA GLY HA 125 -87.33 -51.58 95.10
C GLY HA 125 -88.48 -50.73 94.63
N LYS HA 126 -88.80 -50.82 93.34
CA LYS HA 126 -89.69 -49.90 92.66
C LYS HA 126 -91.10 -50.45 92.62
N ARG HA 127 -92.08 -49.55 92.61
CA ARG HA 127 -93.44 -49.93 92.28
C ARG HA 127 -93.45 -50.39 90.83
N PRO HA 128 -93.88 -51.63 90.56
CA PRO HA 128 -93.93 -52.08 89.17
C PRO HA 128 -95.05 -51.40 88.40
N PHE HA 129 -95.02 -51.57 87.10
CA PHE HA 129 -96.16 -51.14 86.29
C PHE HA 129 -97.34 -52.02 86.60
N GLY HA 130 -98.35 -51.46 87.27
CA GLY HA 130 -99.56 -52.21 87.54
C GLY HA 130 -100.47 -52.21 86.34
N VAL HA 131 -100.00 -52.79 85.24
CA VAL HA 131 -100.67 -52.75 83.94
C VAL HA 131 -100.70 -54.15 83.37
N SER HA 132 -101.88 -54.60 82.97
CA SER HA 132 -102.01 -55.77 82.11
C SER HA 132 -102.71 -55.32 80.85
N LEU HA 133 -102.01 -55.31 79.73
CA LEU HA 133 -102.56 -54.74 78.51
C LEU HA 133 -102.61 -55.80 77.42
N LEU HA 134 -103.33 -55.46 76.34
CA LEU HA 134 -103.56 -56.35 75.22
C LEU HA 134 -102.88 -55.83 73.96
N TYR HA 135 -102.87 -56.66 72.93
CA TYR HA 135 -102.25 -56.29 71.67
C TYR HA 135 -103.08 -56.81 70.51
N ILE HA 136 -103.11 -56.03 69.42
CA ILE HA 136 -103.52 -56.53 68.13
C ILE HA 136 -102.40 -56.17 67.16
N GLY HA 137 -102.52 -56.64 65.93
CA GLY HA 137 -101.55 -56.23 64.93
C GLY HA 137 -101.54 -57.13 63.73
N TRP HA 138 -101.03 -56.56 62.63
CA TRP HA 138 -100.80 -57.27 61.39
C TRP HA 138 -99.30 -57.33 61.15
N ASP HA 139 -98.83 -58.36 60.46
CA ASP HA 139 -97.41 -58.50 60.16
C ASP HA 139 -97.23 -59.03 58.74
N LYS HA 140 -95.97 -59.35 58.43
CA LYS HA 140 -95.66 -59.94 57.13
C LYS HA 140 -95.66 -61.46 57.16
N HIS HA 141 -95.81 -62.06 58.33
CA HIS HA 141 -95.44 -63.47 58.49
C HIS HA 141 -96.54 -64.32 59.08
N TYR HA 142 -97.43 -63.76 59.88
CA TYR HA 142 -98.47 -64.56 60.49
C TYR HA 142 -99.87 -64.00 60.32
N GLY HA 143 -100.03 -62.89 59.61
CA GLY HA 143 -101.37 -62.36 59.44
C GLY HA 143 -101.80 -61.55 60.65
N PHE HA 144 -102.73 -62.08 61.42
CA PHE HA 144 -103.36 -61.33 62.51
C PHE HA 144 -103.05 -61.98 63.84
N GLN HA 145 -102.74 -61.15 64.84
CA GLN HA 145 -102.20 -61.64 66.10
C GLN HA 145 -102.85 -60.94 67.28
N LEU HA 146 -102.97 -61.68 68.37
CA LEU HA 146 -103.37 -61.16 69.67
C LEU HA 146 -102.29 -61.51 70.68
N TYR HA 147 -102.08 -60.65 71.67
CA TYR HA 147 -101.13 -60.94 72.74
C TYR HA 147 -101.63 -60.40 74.07
N GLN HA 148 -101.09 -60.97 75.13
CA GLN HA 148 -101.47 -60.66 76.50
C GLN HA 148 -100.20 -60.29 77.26
N SER HA 149 -100.22 -59.15 77.93
CA SER HA 149 -99.08 -58.76 78.75
C SER HA 149 -99.41 -58.94 80.22
N ASP HA 150 -98.40 -59.20 81.02
CA ASP HA 150 -98.56 -59.31 82.46
C ASP HA 150 -97.57 -58.38 83.16
N PRO HA 151 -97.86 -57.98 84.41
CA PRO HA 151 -96.89 -57.14 85.13
C PRO HA 151 -95.61 -57.85 85.50
N SER HA 152 -95.56 -59.18 85.41
CA SER HA 152 -94.34 -59.93 85.66
C SER HA 152 -93.37 -59.91 84.48
N GLY HA 153 -93.75 -59.29 83.37
CA GLY HA 153 -92.94 -59.35 82.16
C GLY HA 153 -93.19 -60.57 81.32
N ASN HA 154 -94.13 -61.42 81.71
CA ASN HA 154 -94.49 -62.61 80.96
C ASN HA 154 -95.51 -62.25 79.88
N TYR HA 155 -95.47 -62.98 78.78
CA TYR HA 155 -96.49 -62.86 77.74
C TYR HA 155 -96.84 -64.24 77.21
N GLY HA 156 -98.13 -64.48 77.06
CA GLY HA 156 -98.63 -65.79 76.70
C GLY HA 156 -99.64 -65.79 75.57
N GLY HA 157 -99.37 -65.00 74.52
CA GLY HA 157 -100.30 -64.59 73.48
C GLY HA 157 -101.35 -65.55 72.97
N TRP HA 158 -102.59 -65.07 73.00
CA TRP HA 158 -103.77 -65.92 72.96
C TRP HA 158 -104.50 -65.68 71.65
N LYS HA 159 -105.66 -66.33 71.53
CA LYS HA 159 -106.69 -65.88 70.59
C LYS HA 159 -107.95 -65.61 71.40
N ALA HA 160 -107.96 -66.09 72.64
CA ALA HA 160 -108.94 -65.65 73.61
C ALA HA 160 -108.39 -64.48 74.42
N THR HA 161 -109.03 -64.22 75.56
CA THR HA 161 -108.75 -63.04 76.36
C THR HA 161 -109.23 -63.24 77.80
N CYS HA 162 -108.50 -62.64 78.74
CA CYS HA 162 -108.83 -62.75 80.16
C CYS HA 162 -108.39 -61.48 80.90
N ILE HA 163 -109.29 -60.51 81.00
CA ILE HA 163 -109.11 -59.32 81.84
C ILE HA 163 -110.47 -59.01 82.46
N GLY HA 164 -110.57 -59.06 83.78
CA GLY HA 164 -109.58 -59.62 84.68
C GLY HA 164 -110.16 -60.80 85.43
N ASN HA 165 -110.42 -60.61 86.73
CA ASN HA 165 -111.02 -61.67 87.55
C ASN HA 165 -112.49 -61.88 87.17
N ASN HA 166 -113.12 -60.85 86.60
CA ASN HA 166 -114.47 -61.01 86.10
C ASN HA 166 -114.50 -61.77 84.79
N SER HA 167 -113.33 -62.03 84.21
CA SER HA 167 -113.23 -62.69 82.92
C SER HA 167 -112.98 -64.19 83.03
N ALA HA 168 -113.14 -64.78 84.21
CA ALA HA 168 -113.11 -66.24 84.28
C ALA HA 168 -114.32 -66.84 83.61
N ALA HA 169 -115.50 -66.29 83.89
CA ALA HA 169 -116.71 -66.70 83.19
C ALA HA 169 -116.70 -66.26 81.74
N ALA HA 170 -115.94 -65.22 81.41
CA ALA HA 170 -115.77 -64.87 80.00
C ALA HA 170 -114.89 -65.86 79.28
N VAL HA 171 -113.87 -66.40 79.97
CA VAL HA 171 -113.02 -67.42 79.37
C VAL HA 171 -113.79 -68.71 79.16
N SER HA 172 -114.48 -69.18 80.21
CA SER HA 172 -115.26 -70.40 80.08
C SER HA 172 -116.44 -70.22 79.12
N MET HA 173 -116.92 -68.99 79.00
CA MET HA 173 -117.95 -68.68 78.01
C MET HA 173 -117.37 -68.72 76.60
N LEU HA 174 -116.11 -68.32 76.45
CA LEU HA 174 -115.47 -68.36 75.13
C LEU HA 174 -115.14 -69.78 74.73
N LYS HA 175 -114.77 -70.64 75.68
CA LYS HA 175 -114.55 -72.04 75.32
C LYS HA 175 -115.87 -72.75 75.06
N GLN HA 176 -116.88 -72.51 75.89
CA GLN HA 176 -118.16 -73.19 75.73
C GLN HA 176 -118.93 -72.68 74.52
N ASP HA 177 -118.63 -71.48 74.03
CA ASP HA 177 -119.33 -70.89 72.90
C ASP HA 177 -118.38 -70.57 71.75
N TYR HA 178 -117.52 -71.52 71.39
CA TYR HA 178 -116.34 -71.26 70.57
C TYR HA 178 -116.65 -71.45 69.09
N LYS HA 179 -115.82 -70.84 68.25
CA LYS HA 179 -115.76 -71.11 66.82
C LYS HA 179 -114.29 -71.19 66.46
N GLU HA 180 -113.98 -71.94 65.41
CA GLU HA 180 -112.59 -72.17 65.01
C GLU HA 180 -112.46 -72.08 63.50
N GLY HA 181 -111.72 -71.08 63.04
CA GLY HA 181 -111.57 -70.86 61.62
C GLY HA 181 -112.82 -70.31 60.97
N GLU HA 182 -113.53 -69.42 61.67
CA GLU HA 182 -114.68 -68.72 61.10
C GLU HA 182 -114.60 -67.24 61.48
N MET HA 183 -114.52 -66.38 60.46
CA MET HA 183 -114.76 -64.96 60.62
C MET HA 183 -115.44 -64.46 59.34
N THR HA 184 -116.77 -64.38 59.27
CA THR HA 184 -117.88 -64.28 60.27
C THR HA 184 -117.56 -63.28 61.39
N LEU HA 185 -117.19 -62.07 60.96
CA LEU HA 185 -116.85 -61.02 61.91
C LEU HA 185 -118.07 -60.53 62.65
N LYS HA 186 -119.24 -60.53 62.01
CA LYS HA 186 -120.44 -60.03 62.66
C LYS HA 186 -120.94 -60.99 63.74
N SER HA 187 -120.67 -62.29 63.57
CA SER HA 187 -121.01 -63.24 64.63
C SER HA 187 -119.96 -63.17 65.75
N ALA HA 188 -118.74 -62.75 65.41
CA ALA HA 188 -117.75 -62.51 66.45
C ALA HA 188 -118.10 -61.28 67.28
N LEU HA 189 -118.60 -60.23 66.63
CA LEU HA 189 -119.01 -59.03 67.35
C LEU HA 189 -120.28 -59.28 68.15
N ALA HA 190 -121.22 -60.04 67.58
CA ALA HA 190 -122.44 -60.39 68.30
C ALA HA 190 -122.14 -61.37 69.43
N LEU HA 191 -121.11 -62.20 69.25
CA LEU HA 191 -120.65 -63.05 70.33
C LEU HA 191 -119.99 -62.24 71.43
N ALA HA 192 -119.30 -61.16 71.05
CA ALA HA 192 -118.76 -60.24 72.04
C ALA HA 192 -119.87 -59.51 72.77
N ILE HA 193 -120.97 -59.24 72.07
CA ILE HA 193 -122.15 -58.61 72.67
C ILE HA 193 -122.78 -59.60 73.63
N LYS HA 194 -122.66 -60.89 73.33
CA LYS HA 194 -123.14 -61.91 74.26
C LYS HA 194 -122.27 -61.96 75.50
N VAL HA 195 -120.95 -61.87 75.33
CA VAL HA 195 -120.01 -61.97 76.44
C VAL HA 195 -120.15 -60.78 77.38
N LEU HA 196 -120.10 -59.56 76.83
CA LEU HA 196 -120.29 -58.39 77.69
C LEU HA 196 -121.71 -58.28 78.19
N ASN HA 197 -122.68 -58.84 77.45
CA ASN HA 197 -124.06 -58.78 77.90
C ASN HA 197 -124.29 -59.74 79.06
N LYS HA 198 -123.50 -60.80 79.15
CA LYS HA 198 -123.69 -61.76 80.22
C LYS HA 198 -122.76 -61.50 81.40
N THR HA 199 -121.60 -60.90 81.14
CA THR HA 199 -120.66 -60.61 82.22
C THR HA 199 -120.99 -59.31 82.93
N MET HA 200 -120.96 -58.19 82.20
CA MET HA 200 -121.29 -56.91 82.81
C MET HA 200 -122.79 -56.81 83.06
N ASP HA 201 -123.17 -56.60 84.32
CA ASP HA 201 -124.57 -56.73 84.73
C ASP HA 201 -125.36 -55.44 84.53
N VAL HA 202 -124.90 -54.55 83.65
CA VAL HA 202 -125.70 -53.37 83.31
C VAL HA 202 -126.90 -53.80 82.50
N SER HA 203 -128.09 -53.40 82.94
CA SER HA 203 -129.34 -53.79 82.32
C SER HA 203 -129.48 -53.12 80.96
N LYS HA 204 -129.62 -53.95 79.91
CA LYS HA 204 -129.90 -53.65 78.51
C LYS HA 204 -128.74 -53.01 77.75
N LEU HA 205 -127.68 -52.65 78.47
CA LEU HA 205 -126.32 -52.40 77.95
C LEU HA 205 -126.30 -51.35 76.83
N SER HA 206 -126.52 -50.10 77.22
CA SER HA 206 -126.39 -48.98 76.29
C SER HA 206 -124.95 -48.90 75.77
N ALA HA 207 -124.81 -48.42 74.53
CA ALA HA 207 -123.52 -48.50 73.85
C ALA HA 207 -122.56 -47.44 74.37
N GLU HA 208 -123.05 -46.47 75.13
CA GLU HA 208 -122.13 -45.51 75.75
C GLU HA 208 -121.40 -46.14 76.94
N LYS HA 209 -121.93 -47.26 77.46
CA LYS HA 209 -121.27 -47.92 78.58
C LYS HA 209 -120.16 -48.84 78.10
N VAL HA 210 -120.12 -49.15 76.81
CA VAL HA 210 -119.11 -50.05 76.28
C VAL HA 210 -118.37 -49.37 75.13
N GLU HA 211 -117.45 -50.09 74.50
CA GLU HA 211 -116.71 -49.60 73.35
C GLU HA 211 -116.14 -50.79 72.58
N ILE HA 212 -116.21 -50.70 71.26
CA ILE HA 212 -115.63 -51.69 70.36
C ILE HA 212 -114.90 -50.96 69.25
N ALA HA 213 -113.64 -51.32 69.03
CA ALA HA 213 -112.89 -50.83 67.88
C ALA HA 213 -112.03 -51.96 67.33
N THR HA 214 -112.21 -52.26 66.05
CA THR HA 214 -111.60 -53.42 65.42
C THR HA 214 -110.63 -52.96 64.35
N LEU HA 215 -110.15 -53.92 63.58
CA LEU HA 215 -109.20 -53.67 62.49
C LEU HA 215 -109.56 -54.57 61.33
N THR HA 216 -109.59 -54.00 60.12
CA THR HA 216 -109.79 -54.76 58.90
C THR HA 216 -108.58 -54.58 57.99
N ARG HA 217 -108.22 -55.66 57.31
CA ARG HA 217 -107.14 -55.61 56.34
C ARG HA 217 -107.56 -54.83 55.11
N GLU HA 218 -106.80 -53.79 54.78
CA GLU HA 218 -106.88 -53.15 53.49
C GLU HA 218 -105.49 -53.28 52.87
N ASN HA 219 -105.42 -53.11 51.56
CA ASN HA 219 -104.23 -53.43 50.78
C ASN HA 219 -103.55 -52.15 50.27
N GLY HA 220 -102.44 -51.77 50.90
CA GLY HA 220 -101.90 -52.40 52.09
C GLY HA 220 -102.14 -51.49 53.28
N LYS HA 221 -103.33 -50.90 53.32
CA LYS HA 221 -103.56 -49.74 54.17
C LYS HA 221 -103.71 -50.12 55.63
N THR HA 222 -104.31 -51.28 55.91
CA THR HA 222 -104.63 -51.81 57.24
C THR HA 222 -105.48 -50.80 58.01
N VAL HA 223 -106.72 -50.61 57.55
CA VAL HA 223 -107.58 -49.57 58.11
C VAL HA 223 -108.08 -50.00 59.48
N ILE HA 224 -107.87 -49.13 60.47
CA ILE HA 224 -108.34 -49.36 61.83
C ILE HA 224 -109.76 -48.84 61.92
N ARG HA 225 -110.66 -49.71 62.37
CA ARG HA 225 -112.10 -49.43 62.41
C ARG HA 225 -112.47 -48.99 63.82
N VAL HA 226 -112.73 -47.70 63.99
CA VAL HA 226 -113.32 -47.20 65.22
C VAL HA 226 -114.69 -46.65 64.87
N LEU HA 227 -115.70 -47.06 65.64
CA LEU HA 227 -117.07 -46.93 65.22
C LEU HA 227 -117.93 -46.35 66.34
N LYS HA 228 -119.02 -45.71 65.94
CA LYS HA 228 -119.90 -44.97 66.84
C LYS HA 228 -120.87 -45.94 67.52
N GLN HA 229 -121.88 -45.39 68.18
CA GLN HA 229 -122.66 -46.15 69.16
C GLN HA 229 -123.90 -46.81 68.59
N LYS HA 230 -124.59 -46.17 67.63
CA LYS HA 230 -125.92 -46.64 67.22
C LYS HA 230 -125.85 -47.95 66.45
N GLU HA 231 -124.81 -48.13 65.64
CA GLU HA 231 -124.62 -49.40 64.96
C GLU HA 231 -124.19 -50.52 65.90
N VAL HA 232 -123.66 -50.17 67.08
CA VAL HA 232 -123.52 -51.15 68.14
C VAL HA 232 -124.88 -51.43 68.78
N GLU HA 233 -125.74 -50.41 68.87
CA GLU HA 233 -127.02 -50.54 69.55
C GLU HA 233 -127.96 -51.46 68.78
N GLN HA 234 -127.94 -51.39 67.45
CA GLN HA 234 -128.76 -52.32 66.68
C GLN HA 234 -128.21 -53.74 66.76
N LEU HA 235 -126.90 -53.89 67.00
CA LEU HA 235 -126.34 -55.21 67.27
C LEU HA 235 -126.77 -55.72 68.65
N ILE HA 236 -126.90 -54.82 69.62
CA ILE HA 236 -127.26 -55.21 70.97
C ILE HA 236 -128.73 -55.62 71.04
N LYS HA 237 -129.60 -54.82 70.41
CA LYS HA 237 -131.02 -55.19 70.32
C LYS HA 237 -131.22 -56.40 69.44
N LYS HA 238 -130.35 -56.57 68.43
CA LYS HA 238 -130.35 -57.80 67.64
C LYS HA 238 -130.04 -59.00 68.52
N HIS HA 239 -129.06 -58.85 69.42
CA HIS HA 239 -128.72 -59.93 70.33
C HIS HA 239 -129.82 -60.17 71.36
N GLU HA 240 -130.54 -59.12 71.76
CA GLU HA 240 -131.66 -59.30 72.67
C GLU HA 240 -132.80 -60.02 71.98
N GLU HA 241 -132.95 -59.82 70.67
CA GLU HA 241 -133.88 -60.64 69.89
C GLU HA 241 -133.38 -62.07 69.78
N GLU HA 242 -132.06 -62.26 69.78
CA GLU HA 242 -131.51 -63.62 69.78
C GLU HA 242 -131.71 -64.29 71.14
N GLU HA 243 -131.82 -63.49 72.20
CA GLU HA 243 -132.18 -64.06 73.49
C GLU HA 243 -133.67 -64.36 73.56
N ALA HA 244 -134.49 -63.53 72.89
CA ALA HA 244 -135.92 -63.79 72.83
C ALA HA 244 -136.23 -65.06 72.03
N LYS HA 245 -135.46 -65.32 70.98
CA LYS HA 245 -135.58 -66.62 70.32
C LYS HA 245 -134.89 -67.71 71.13
N ALA HA 246 -133.88 -67.35 71.92
CA ALA HA 246 -133.15 -68.34 72.70
C ALA HA 246 -133.93 -68.79 73.94
N GLU HA 247 -135.02 -68.09 74.27
CA GLU HA 247 -135.93 -68.57 75.30
C GLU HA 247 -137.18 -69.23 74.73
N ARG HA 248 -137.27 -69.37 73.40
CA ARG HA 248 -138.39 -70.07 72.79
C ARG HA 248 -138.29 -71.58 72.96
N GLU HA 249 -137.15 -72.09 73.42
CA GLU HA 249 -136.97 -73.52 73.60
C GLU HA 249 -137.71 -74.07 74.83
N LYS HA 250 -138.29 -73.20 75.65
CA LYS HA 250 -139.09 -73.63 76.79
C LYS HA 250 -140.51 -73.97 76.34
N SER IA 1 -78.82 -44.64 91.74
CA SER IA 1 -78.84 -46.10 91.76
C SER IA 1 -79.62 -46.60 92.97
N TYR IA 2 -79.40 -47.87 93.31
CA TYR IA 2 -80.10 -48.53 94.41
C TYR IA 2 -79.07 -49.39 95.12
N ASP IA 3 -78.71 -49.03 96.35
CA ASP IA 3 -77.67 -49.73 97.08
C ASP IA 3 -78.26 -50.33 98.35
N ARG IA 4 -78.44 -51.65 98.34
CA ARG IA 4 -78.90 -52.40 99.50
C ARG IA 4 -78.48 -53.85 99.31
N ALA IA 5 -77.87 -54.42 100.35
CA ALA IA 5 -77.46 -55.81 100.32
C ALA IA 5 -78.70 -56.68 100.46
N ILE IA 6 -79.23 -57.09 99.31
CA ILE IA 6 -80.40 -57.96 99.30
C ILE IA 6 -80.03 -59.35 99.80
N THR IA 7 -78.83 -59.81 99.47
CA THR IA 7 -78.41 -61.16 99.78
C THR IA 7 -77.27 -61.12 100.78
N VAL IA 8 -77.54 -61.57 102.01
CA VAL IA 8 -76.55 -61.59 103.07
C VAL IA 8 -76.52 -62.99 103.68
N PHE IA 9 -75.67 -63.15 104.69
CA PHE IA 9 -75.48 -64.42 105.37
C PHE IA 9 -76.49 -64.56 106.51
N SER IA 10 -77.21 -65.66 106.52
CA SER IA 10 -78.04 -66.03 107.66
C SER IA 10 -77.14 -66.41 108.83
N PRO IA 11 -77.64 -66.29 110.08
CA PRO IA 11 -76.80 -66.62 111.24
C PRO IA 11 -76.38 -68.08 111.35
N ASP IA 12 -77.07 -69.02 110.68
CA ASP IA 12 -76.57 -70.39 110.69
C ASP IA 12 -75.55 -70.65 109.60
N GLY IA 13 -75.16 -69.63 108.83
CA GLY IA 13 -74.13 -69.74 107.82
C GLY IA 13 -74.65 -69.83 106.40
N HIS IA 14 -75.92 -70.16 106.22
CA HIS IA 14 -76.48 -70.27 104.88
C HIS IA 14 -76.72 -68.90 104.28
N LEU IA 15 -76.85 -68.85 102.96
CA LEU IA 15 -77.46 -67.72 102.32
C LEU IA 15 -78.99 -67.84 102.44
N PHE IA 16 -79.69 -66.72 102.28
CA PHE IA 16 -81.14 -66.78 102.14
C PHE IA 16 -81.52 -66.91 100.68
N GLN IA 17 -81.24 -65.90 99.85
CA GLN IA 17 -81.98 -65.74 98.60
C GLN IA 17 -81.52 -66.73 97.54
N VAL IA 18 -80.32 -67.28 97.70
CA VAL IA 18 -79.80 -68.22 96.72
C VAL IA 18 -80.44 -69.59 96.89
N GLU IA 19 -80.35 -70.17 98.09
CA GLU IA 19 -80.96 -71.48 98.31
C GLU IA 19 -82.48 -71.37 98.36
N TYR IA 20 -83.01 -70.22 98.78
CA TYR IA 20 -84.45 -70.05 98.73
C TYR IA 20 -84.93 -69.80 97.31
N ALA IA 21 -84.05 -69.29 96.45
CA ALA IA 21 -84.42 -69.10 95.05
C ALA IA 21 -84.58 -70.42 94.29
N GLN IA 22 -84.18 -71.54 94.88
CA GLN IA 22 -84.48 -72.85 94.31
C GLN IA 22 -85.94 -73.26 94.51
N GLU IA 23 -86.70 -72.53 95.33
CA GLU IA 23 -88.12 -72.82 95.50
C GLU IA 23 -88.91 -72.58 94.22
N ALA IA 24 -88.53 -71.57 93.44
CA ALA IA 24 -89.17 -71.36 92.15
C ALA IA 24 -88.76 -72.43 91.15
N VAL IA 25 -87.61 -73.07 91.38
CA VAL IA 25 -87.19 -74.17 90.52
C VAL IA 25 -87.96 -75.44 90.89
N LYS IA 26 -88.16 -75.68 92.18
CA LYS IA 26 -88.96 -76.82 92.62
C LYS IA 26 -90.43 -76.64 92.25
N LYS IA 27 -90.91 -75.40 92.26
CA LYS IA 27 -92.25 -75.13 91.74
C LYS IA 27 -92.20 -74.77 90.27
N GLY IA 28 -91.03 -74.92 89.64
CA GLY IA 28 -90.98 -74.79 88.20
C GLY IA 28 -91.60 -75.99 87.51
N SER IA 29 -91.97 -75.81 86.25
CA SER IA 29 -92.58 -76.88 85.47
C SER IA 29 -91.56 -77.96 85.16
N THR IA 30 -92.02 -79.21 85.09
CA THR IA 30 -91.13 -80.36 85.02
C THR IA 30 -90.52 -80.48 83.64
N ALA IA 31 -89.23 -80.83 83.59
CA ALA IA 31 -88.55 -81.01 82.32
C ALA IA 31 -87.48 -82.09 82.48
N VAL IA 32 -87.27 -82.88 81.43
CA VAL IA 32 -86.22 -83.89 81.42
C VAL IA 32 -85.43 -83.75 80.13
N GLY IA 33 -84.25 -84.37 80.12
CA GLY IA 33 -83.42 -84.38 78.93
C GLY IA 33 -82.22 -85.26 79.17
N VAL IA 34 -81.93 -86.13 78.19
CA VAL IA 34 -80.84 -87.08 78.31
C VAL IA 34 -79.82 -86.79 77.21
N ARG IA 35 -78.63 -87.35 77.39
CA ARG IA 35 -77.63 -87.39 76.35
C ARG IA 35 -77.46 -88.83 75.88
N GLY IA 36 -77.28 -88.98 74.58
CA GLY IA 36 -77.13 -90.30 73.99
C GLY IA 36 -75.85 -90.37 73.19
N ARG IA 37 -75.46 -91.60 72.85
CA ARG IA 37 -74.21 -91.76 72.11
C ARG IA 37 -74.40 -91.46 70.63
N ASP IA 38 -75.64 -91.28 70.19
CA ASP IA 38 -75.90 -90.91 68.81
C ASP IA 38 -76.50 -89.52 68.72
N ILE IA 39 -77.65 -89.32 69.37
CA ILE IA 39 -78.39 -88.06 69.29
C ILE IA 39 -79.02 -87.78 70.64
N VAL IA 40 -79.06 -86.50 71.01
CA VAL IA 40 -79.58 -86.06 72.30
C VAL IA 40 -81.02 -85.64 72.11
N VAL IA 41 -81.77 -85.59 73.20
CA VAL IA 41 -83.18 -85.25 73.17
C VAL IA 41 -83.55 -84.63 74.51
N LEU IA 42 -84.61 -83.82 74.52
CA LEU IA 42 -85.14 -83.29 75.77
C LEU IA 42 -86.63 -83.07 75.63
N GLY IA 43 -87.32 -82.96 76.77
CA GLY IA 43 -88.75 -82.80 76.77
C GLY IA 43 -89.22 -82.08 78.01
N VAL IA 44 -90.25 -81.25 77.83
CA VAL IA 44 -90.85 -80.52 78.94
C VAL IA 44 -92.31 -80.95 79.02
N GLU IA 45 -92.90 -80.82 80.20
CA GLU IA 45 -94.27 -81.24 80.42
C GLU IA 45 -95.05 -80.04 80.95
N LYS IA 46 -96.26 -80.30 81.43
CA LYS IA 46 -97.15 -79.37 82.13
C LYS IA 46 -97.50 -78.15 81.27
N LYS IA 47 -97.88 -78.35 80.01
CA LYS IA 47 -98.32 -77.24 79.18
C LYS IA 47 -99.64 -76.68 79.71
N SER IA 48 -100.59 -77.58 80.03
CA SER IA 48 -101.96 -77.25 80.44
C SER IA 48 -102.63 -76.35 79.41
N VAL IA 49 -102.70 -76.86 78.17
CA VAL IA 49 -103.14 -76.05 77.05
C VAL IA 49 -104.63 -75.77 77.15
N ALA IA 50 -105.03 -74.58 76.68
CA ALA IA 50 -106.42 -74.15 76.73
C ALA IA 50 -107.22 -74.62 75.52
N LYS IA 51 -106.71 -75.60 74.76
CA LYS IA 51 -107.40 -76.35 73.71
C LYS IA 51 -107.78 -75.52 72.49
N LEU IA 52 -107.47 -74.22 72.49
CA LEU IA 52 -107.91 -73.34 71.40
C LEU IA 52 -106.89 -72.26 71.05
N GLN IA 53 -105.72 -72.26 71.67
CA GLN IA 53 -104.83 -71.11 71.62
C GLN IA 53 -103.58 -71.44 70.82
N ASP IA 54 -102.72 -70.45 70.66
CA ASP IA 54 -101.48 -70.62 69.93
C ASP IA 54 -100.50 -71.36 70.83
N GLU IA 55 -99.51 -72.01 70.24
CA GLU IA 55 -98.60 -72.83 71.03
C GLU IA 55 -97.14 -72.43 70.91
N ARG IA 56 -96.78 -71.71 69.84
CA ARG IA 56 -95.38 -71.35 69.66
C ARG IA 56 -94.98 -70.15 70.49
N THR IA 57 -95.93 -69.47 71.12
CA THR IA 57 -95.59 -68.34 71.98
C THR IA 57 -95.19 -68.77 73.38
N VAL IA 58 -95.62 -69.96 73.79
CA VAL IA 58 -95.35 -70.48 75.13
C VAL IA 58 -94.21 -71.49 75.00
N ARG IA 59 -93.46 -71.37 73.90
CA ARG IA 59 -92.44 -72.37 73.57
C ARG IA 59 -91.26 -72.30 74.55
N LYS IA 60 -91.16 -73.33 75.39
CA LYS IA 60 -90.21 -73.37 76.48
C LYS IA 60 -88.82 -73.86 76.05
N ILE IA 61 -88.61 -74.07 74.75
CA ILE IA 61 -87.37 -74.64 74.24
C ILE IA 61 -86.91 -73.78 73.07
N CYS IA 62 -85.68 -73.29 73.12
CA CYS IA 62 -85.11 -72.57 72.00
C CYS IA 62 -83.65 -72.99 71.84
N ALA IA 63 -82.95 -72.31 70.95
CA ALA IA 63 -81.55 -72.58 70.72
C ALA IA 63 -80.81 -71.26 70.70
N LEU IA 64 -79.66 -71.23 71.37
CA LEU IA 64 -78.84 -70.02 71.34
C LEU IA 64 -78.05 -69.96 70.05
N ASP IA 65 -77.69 -71.11 69.52
CA ASP IA 65 -76.96 -71.25 68.27
C ASP IA 65 -77.42 -72.56 67.67
N ASP IA 66 -76.95 -72.86 66.46
CA ASP IA 66 -77.26 -74.15 65.85
C ASP IA 66 -76.49 -75.30 66.48
N ASN IA 67 -75.60 -75.01 67.43
CA ASN IA 67 -74.85 -76.05 68.11
C ASN IA 67 -75.33 -76.30 69.52
N VAL IA 68 -76.07 -75.37 70.12
CA VAL IA 68 -76.43 -75.41 71.54
C VAL IA 68 -77.94 -75.24 71.66
N CYS IA 69 -78.57 -76.04 72.53
CA CYS IA 69 -79.99 -75.93 72.83
C CYS IA 69 -80.21 -75.64 74.31
N MET IA 70 -81.41 -75.14 74.61
CA MET IA 70 -81.80 -74.73 75.94
C MET IA 70 -82.94 -75.57 76.46
N ALA IA 71 -83.04 -75.66 77.79
CA ALA IA 71 -84.18 -76.25 78.49
C ALA IA 71 -84.15 -75.73 79.91
N PHE IA 72 -85.18 -75.01 80.32
CA PHE IA 72 -85.17 -74.34 81.62
C PHE IA 72 -86.41 -74.72 82.42
N ALA IA 73 -86.60 -74.01 83.53
CA ALA IA 73 -87.77 -74.15 84.37
C ALA IA 73 -87.99 -72.82 85.08
N GLY IA 74 -88.82 -72.85 86.12
CA GLY IA 74 -89.09 -71.65 86.90
C GLY IA 74 -89.94 -70.64 86.16
N LEU IA 75 -89.60 -69.36 86.29
CA LEU IA 75 -90.39 -68.31 85.68
C LEU IA 75 -89.79 -67.93 84.33
N THR IA 76 -90.66 -67.50 83.42
CA THR IA 76 -90.27 -67.38 82.01
C THR IA 76 -89.38 -66.17 81.75
N ALA IA 77 -89.56 -65.10 82.52
CA ALA IA 77 -88.97 -63.80 82.16
C ALA IA 77 -87.46 -63.80 82.35
N ASP IA 78 -86.99 -64.37 83.46
CA ASP IA 78 -85.56 -64.46 83.69
C ASP IA 78 -84.89 -65.34 82.64
N ALA IA 79 -85.59 -66.38 82.18
CA ALA IA 79 -85.09 -67.20 81.09
C ALA IA 79 -85.05 -66.41 79.79
N ARG IA 80 -85.99 -65.47 79.61
CA ARG IA 80 -85.97 -64.65 78.41
C ARG IA 80 -84.74 -63.75 78.36
N ILE IA 81 -84.47 -63.05 79.48
CA ILE IA 81 -83.30 -62.16 79.54
C ILE IA 81 -82.01 -62.95 79.42
N VAL IA 82 -81.91 -64.08 80.13
CA VAL IA 82 -80.71 -64.91 80.10
C VAL IA 82 -80.47 -65.49 78.71
N ILE IA 83 -81.54 -65.91 78.03
CA ILE IA 83 -81.39 -66.48 76.70
C ILE IA 83 -80.95 -65.43 75.70
N ASN IA 84 -81.55 -64.23 75.73
CA ASN IA 84 -81.16 -63.19 74.77
C ASN IA 84 -79.73 -62.70 75.00
N ARG IA 85 -79.36 -62.52 76.27
CA ARG IA 85 -77.99 -62.13 76.60
C ARG IA 85 -76.98 -63.20 76.16
N ALA IA 86 -77.37 -64.48 76.30
CA ALA IA 86 -76.48 -65.55 75.91
C ALA IA 86 -76.37 -65.67 74.39
N ARG IA 87 -77.43 -65.33 73.66
CA ARG IA 87 -77.35 -65.26 72.20
C ARG IA 87 -76.37 -64.19 71.75
N VAL IA 88 -76.40 -63.03 72.42
CA VAL IA 88 -75.44 -61.96 72.14
C VAL IA 88 -74.02 -62.44 72.41
N GLU IA 89 -73.83 -63.16 73.51
CA GLU IA 89 -72.49 -63.62 73.89
C GLU IA 89 -71.95 -64.65 72.92
N CYS IA 90 -72.76 -65.64 72.55
CA CYS IA 90 -72.26 -66.68 71.64
C CYS IA 90 -72.05 -66.13 70.24
N GLN IA 91 -72.83 -65.13 69.85
CA GLN IA 91 -72.60 -64.54 68.53
C GLN IA 91 -71.33 -63.69 68.53
N SER IA 92 -71.02 -63.07 69.67
CA SER IA 92 -69.75 -62.37 69.80
C SER IA 92 -68.58 -63.36 69.84
N HIS IA 93 -68.84 -64.56 70.38
CA HIS IA 93 -67.83 -65.62 70.35
C HIS IA 93 -67.53 -66.06 68.93
N ARG IA 94 -68.55 -66.24 68.10
CA ARG IA 94 -68.33 -66.54 66.70
C ARG IA 94 -67.70 -65.36 65.95
N LEU IA 95 -67.89 -64.13 66.45
CA LEU IA 95 -67.37 -62.94 65.77
C LEU IA 95 -65.85 -62.89 65.79
N THR IA 96 -65.22 -63.42 66.82
CA THR IA 96 -63.80 -63.21 67.03
C THR IA 96 -63.02 -64.51 66.85
N VAL IA 97 -63.48 -65.56 67.52
CA VAL IA 97 -62.71 -66.80 67.58
C VAL IA 97 -62.96 -67.60 66.31
N GLU IA 98 -64.07 -67.29 65.62
CA GLU IA 98 -64.45 -67.85 64.31
C GLU IA 98 -64.56 -69.37 64.33
N ASP IA 99 -65.49 -69.88 65.11
CA ASP IA 99 -65.70 -71.30 65.32
C ASP IA 99 -67.12 -71.54 65.86
N PRO IA 100 -67.58 -72.78 65.84
CA PRO IA 100 -68.77 -73.12 66.63
C PRO IA 100 -68.48 -73.03 68.12
N VAL IA 101 -69.50 -72.60 68.86
CA VAL IA 101 -69.36 -72.28 70.27
C VAL IA 101 -69.37 -73.56 71.09
N THR IA 102 -68.33 -73.74 71.91
CA THR IA 102 -68.25 -74.86 72.83
C THR IA 102 -69.26 -74.68 73.95
N VAL IA 103 -69.71 -75.79 74.53
CA VAL IA 103 -70.80 -75.74 75.49
C VAL IA 103 -70.31 -75.18 76.83
N GLU IA 104 -69.06 -75.46 77.18
CA GLU IA 104 -68.55 -75.10 78.49
C GLU IA 104 -68.35 -73.60 78.58
N TYR IA 105 -68.14 -72.97 77.42
CA TYR IA 105 -68.04 -71.52 77.34
C TYR IA 105 -69.38 -70.88 77.65
N ILE IA 106 -70.46 -71.45 77.13
CA ILE IA 106 -71.76 -70.80 77.31
C ILE IA 106 -72.31 -71.09 78.69
N THR IA 107 -71.91 -72.23 79.29
CA THR IA 107 -72.32 -72.51 80.65
C THR IA 107 -71.52 -71.68 81.64
N ARG IA 108 -70.25 -71.43 81.33
CA ARG IA 108 -69.49 -70.50 82.16
C ARG IA 108 -70.04 -69.08 82.05
N TYR IA 109 -70.53 -68.71 80.87
CA TYR IA 109 -71.05 -67.35 80.74
C TYR IA 109 -72.36 -67.19 81.49
N ILE IA 110 -73.27 -68.16 81.36
CA ILE IA 110 -74.57 -68.04 82.02
C ILE IA 110 -74.42 -68.23 83.52
N ALA IA 111 -73.58 -69.18 83.93
CA ALA IA 111 -73.40 -69.45 85.35
C ALA IA 111 -72.62 -68.33 86.03
N SER IA 112 -71.65 -67.75 85.32
CA SER IA 112 -70.87 -66.65 85.89
C SER IA 112 -71.70 -65.37 85.94
N LEU IA 113 -72.52 -65.13 84.92
CA LEU IA 113 -73.45 -64.01 84.94
C LEU IA 113 -74.45 -64.17 86.06
N LYS IA 114 -74.85 -65.39 86.34
CA LYS IA 114 -75.81 -65.62 87.41
C LYS IA 114 -75.16 -65.45 88.78
N GLN IA 115 -73.88 -65.79 88.91
CA GLN IA 115 -73.22 -65.69 90.21
C GLN IA 115 -72.86 -64.23 90.54
N ARG IA 116 -72.29 -63.50 89.57
CA ARG IA 116 -72.10 -62.07 89.80
C ARG IA 116 -73.43 -61.35 89.84
N TYR IA 117 -74.48 -61.96 89.30
CA TYR IA 117 -75.80 -61.42 89.41
C TYR IA 117 -76.37 -61.64 90.82
N THR IA 118 -75.85 -62.63 91.55
CA THR IA 118 -76.18 -62.72 92.98
C THR IA 118 -75.25 -61.83 93.79
N GLN IA 119 -74.12 -61.45 93.23
CA GLN IA 119 -73.09 -60.76 94.02
C GLN IA 119 -73.43 -59.30 94.22
N SER IA 120 -73.75 -58.59 93.14
CA SER IA 120 -73.69 -57.13 93.11
C SER IA 120 -74.81 -56.50 93.93
N ASN IA 121 -74.76 -55.17 93.99
CA ASN IA 121 -75.66 -54.40 94.83
C ASN IA 121 -77.08 -54.39 94.27
N GLY IA 122 -78.01 -54.89 95.09
CA GLY IA 122 -79.43 -54.85 94.81
C GLY IA 122 -79.84 -55.54 93.53
N ARG IA 123 -79.58 -56.83 93.40
CA ARG IA 123 -79.96 -57.58 92.21
C ARG IA 123 -80.59 -58.89 92.65
N ARG IA 124 -81.92 -58.96 92.57
CA ARG IA 124 -82.69 -60.16 92.90
C ARG IA 124 -82.31 -61.31 91.99
N PRO IA 125 -81.78 -62.41 92.53
CA PRO IA 125 -81.19 -63.47 91.70
C PRO IA 125 -82.20 -64.17 90.81
N PHE IA 126 -81.69 -64.84 89.78
CA PHE IA 126 -82.58 -65.50 88.85
C PHE IA 126 -83.21 -66.73 89.48
N GLY IA 127 -84.49 -66.95 89.20
CA GLY IA 127 -85.19 -68.09 89.75
C GLY IA 127 -85.35 -69.19 88.74
N ILE IA 128 -84.37 -69.36 87.86
CA ILE IA 128 -84.41 -70.37 86.80
C ILE IA 128 -83.24 -71.32 87.00
N SER IA 129 -83.37 -72.53 86.47
CA SER IA 129 -82.28 -73.48 86.34
C SER IA 129 -82.36 -74.09 84.96
N ALA IA 130 -81.30 -73.92 84.17
CA ALA IA 130 -81.37 -74.23 82.76
C ALA IA 130 -80.47 -75.42 82.43
N LEU IA 131 -80.98 -76.29 81.58
CA LEU IA 131 -80.20 -77.35 80.95
C LEU IA 131 -79.61 -76.81 79.67
N ILE IA 132 -78.36 -77.17 79.41
CA ILE IA 132 -77.63 -76.67 78.27
C ILE IA 132 -77.18 -77.88 77.46
N VAL IA 133 -77.89 -78.15 76.36
CA VAL IA 133 -77.71 -79.36 75.58
C VAL IA 133 -77.11 -79.00 74.23
N GLY IA 134 -76.10 -79.76 73.81
CA GLY IA 134 -75.45 -79.47 72.55
C GLY IA 134 -74.89 -80.66 71.81
N PHE IA 135 -74.00 -80.40 70.84
CA PHE IA 135 -73.25 -81.45 70.15
C PHE IA 135 -71.77 -81.09 70.15
N ASP IA 136 -70.93 -82.00 70.65
CA ASP IA 136 -69.50 -81.77 70.71
C ASP IA 136 -68.87 -81.82 69.32
N PHE IA 137 -67.73 -81.17 69.18
CA PHE IA 137 -66.78 -81.57 68.16
C PHE IA 137 -66.31 -82.99 68.46
N ASP IA 138 -66.05 -83.76 67.40
CA ASP IA 138 -65.92 -85.23 67.40
C ASP IA 138 -67.19 -85.91 67.91
N GLY IA 139 -68.34 -85.26 67.71
CA GLY IA 139 -69.65 -85.90 67.78
C GLY IA 139 -70.01 -86.53 69.11
N THR IA 140 -69.56 -85.95 70.21
CA THR IA 140 -69.73 -86.58 71.52
C THR IA 140 -70.93 -85.97 72.22
N PRO IA 141 -71.58 -86.66 73.16
CA PRO IA 141 -72.67 -86.01 73.90
C PRO IA 141 -72.16 -85.00 74.91
N ARG IA 142 -72.96 -83.95 75.12
CA ARG IA 142 -72.64 -82.90 76.07
C ARG IA 142 -73.94 -82.34 76.64
N LEU IA 143 -74.02 -82.27 77.97
CA LEU IA 143 -75.05 -81.45 78.61
C LEU IA 143 -74.54 -80.99 79.97
N TYR IA 144 -75.19 -79.95 80.47
CA TYR IA 144 -74.90 -79.33 81.77
C TYR IA 144 -76.20 -78.81 82.34
N GLN IA 145 -76.22 -78.61 83.65
CA GLN IA 145 -77.27 -77.81 84.27
C GLN IA 145 -76.65 -76.95 85.35
N THR IA 146 -77.35 -75.87 85.67
CA THR IA 146 -76.87 -74.86 86.60
C THR IA 146 -77.76 -74.84 87.83
N ASP IA 147 -77.49 -73.85 88.68
CA ASP IA 147 -78.21 -73.63 89.92
C ASP IA 147 -78.45 -72.13 90.02
N PRO IA 148 -79.35 -71.68 90.91
CA PRO IA 148 -79.35 -70.26 91.30
C PRO IA 148 -78.02 -69.74 91.81
N SER IA 149 -77.21 -70.60 92.44
CA SER IA 149 -75.85 -70.22 92.77
C SER IA 149 -74.93 -70.17 91.55
N GLY IA 150 -75.36 -70.71 90.41
CA GLY IA 150 -74.58 -70.60 89.20
C GLY IA 150 -73.38 -71.52 89.19
N THR IA 151 -73.58 -72.79 89.48
CA THR IA 151 -72.53 -73.81 89.47
C THR IA 151 -72.79 -74.75 88.31
N TYR IA 152 -72.02 -74.61 87.23
CA TYR IA 152 -72.21 -75.47 86.08
C TYR IA 152 -71.70 -76.86 86.39
N HIS IA 153 -72.42 -77.87 85.92
CA HIS IA 153 -72.39 -79.18 86.54
C HIS IA 153 -72.95 -80.19 85.56
N ALA IA 154 -72.12 -81.09 85.04
CA ALA IA 154 -72.54 -81.98 83.96
C ALA IA 154 -73.37 -83.13 84.50
N TRP IA 155 -74.07 -83.80 83.60
CA TRP IA 155 -74.98 -84.87 83.94
C TRP IA 155 -75.15 -85.80 82.74
N LYS IA 156 -75.67 -86.99 82.99
CA LYS IA 156 -76.07 -87.86 81.89
C LYS IA 156 -77.56 -87.74 81.62
N ALA IA 157 -78.33 -87.24 82.60
CA ALA IA 157 -79.76 -86.98 82.41
C ALA IA 157 -80.20 -85.92 83.42
N ASN IA 158 -81.49 -85.58 83.39
CA ASN IA 158 -82.01 -84.46 84.15
C ASN IA 158 -82.64 -84.90 85.45
N ALA IA 159 -82.65 -83.99 86.42
CA ALA IA 159 -83.62 -84.01 87.52
C ALA IA 159 -83.84 -82.56 87.98
N ILE IA 160 -84.82 -81.88 87.40
CA ILE IA 160 -85.32 -80.60 87.91
C ILE IA 160 -86.84 -80.62 87.89
N GLY IA 161 -87.46 -79.51 88.29
CA GLY IA 161 -88.90 -79.44 88.29
C GLY IA 161 -89.52 -80.21 89.43
N ARG IA 162 -90.85 -80.32 89.37
CA ARG IA 162 -91.59 -81.04 90.41
C ARG IA 162 -91.36 -82.53 90.28
N GLY IA 163 -91.16 -83.19 91.43
CA GLY IA 163 -90.94 -84.63 91.45
C GLY IA 163 -89.67 -85.08 90.78
N ALA IA 164 -88.62 -84.26 90.80
CA ALA IA 164 -87.37 -84.58 90.13
C ALA IA 164 -86.68 -85.78 90.76
N LYS IA 165 -86.84 -85.96 92.08
CA LYS IA 165 -86.30 -87.14 92.73
C LYS IA 165 -87.08 -88.38 92.32
N SER IA 166 -88.36 -88.22 91.95
CA SER IA 166 -89.13 -89.36 91.45
C SER IA 166 -88.76 -89.67 90.00
N VAL IA 167 -88.42 -88.63 89.24
CA VAL IA 167 -87.85 -88.81 87.91
C VAL IA 167 -86.55 -89.60 88.01
N ARG IA 168 -85.72 -89.24 88.99
CA ARG IA 168 -84.53 -90.01 89.30
C ARG IA 168 -84.87 -91.40 89.81
N GLU IA 169 -86.04 -91.57 90.42
CA GLU IA 169 -86.44 -92.89 90.92
C GLU IA 169 -86.85 -93.80 89.77
N PHE IA 170 -87.27 -93.23 88.64
CA PHE IA 170 -87.41 -94.07 87.46
C PHE IA 170 -86.09 -94.17 86.70
N LEU IA 171 -85.20 -93.19 86.88
CA LEU IA 171 -83.85 -93.32 86.37
C LEU IA 171 -83.10 -94.47 87.02
N GLU IA 172 -83.46 -94.83 88.26
CA GLU IA 172 -83.04 -96.08 88.88
C GLU IA 172 -83.32 -97.29 87.98
N LYS IA 173 -84.50 -97.35 87.38
CA LYS IA 173 -84.80 -98.39 86.41
C LYS IA 173 -84.27 -98.07 85.01
N ASN IA 174 -83.70 -96.88 84.80
CA ASN IA 174 -83.25 -96.52 83.46
C ASN IA 174 -81.76 -96.78 83.26
N TYR IA 175 -80.94 -96.50 84.28
CA TYR IA 175 -79.50 -96.18 84.26
C TYR IA 175 -78.64 -96.96 83.28
N THR IA 176 -78.89 -98.25 83.09
CA THR IA 176 -77.95 -99.13 82.38
C THR IA 176 -77.88 -98.80 80.90
N ASP IA 177 -76.77 -99.20 80.26
CA ASP IA 177 -76.45 -98.76 78.91
C ASP IA 177 -77.33 -99.42 77.86
N GLU IA 178 -78.09 -100.46 78.23
CA GLU IA 178 -79.11 -101.01 77.35
C GLU IA 178 -80.21 -99.98 77.12
N ALA IA 179 -80.51 -99.15 78.11
CA ALA IA 179 -81.42 -98.03 77.96
C ALA IA 179 -80.62 -96.74 78.10
N ILE IA 180 -80.14 -96.18 76.98
CA ILE IA 180 -80.55 -96.59 75.64
C ILE IA 180 -79.46 -97.32 74.85
N GLU IA 181 -79.88 -98.39 74.18
CA GLU IA 181 -79.03 -99.01 73.17
C GLU IA 181 -79.53 -98.68 71.77
N THR IA 182 -80.55 -97.84 71.67
CA THR IA 182 -81.07 -97.39 70.38
C THR IA 182 -81.55 -95.94 70.49
N ASP IA 183 -81.92 -95.38 69.35
CA ASP IA 183 -82.26 -93.96 69.31
C ASP IA 183 -83.76 -93.74 69.46
N ASP IA 184 -84.56 -94.60 68.81
CA ASP IA 184 -85.99 -94.65 69.13
C ASP IA 184 -86.22 -95.15 70.54
N LEU IA 185 -85.34 -96.00 71.05
CA LEU IA 185 -85.39 -96.37 72.47
C LEU IA 185 -84.96 -95.21 73.35
N THR IA 186 -84.19 -94.27 72.82
CA THR IA 186 -83.83 -93.08 73.59
C THR IA 186 -84.99 -92.10 73.65
N ILE IA 187 -85.69 -91.90 72.53
CA ILE IA 187 -86.78 -90.94 72.52
C ILE IA 187 -88.00 -91.51 73.24
N LYS IA 188 -88.35 -92.75 72.94
CA LYS IA 188 -89.38 -93.46 73.70
C LYS IA 188 -88.94 -93.74 75.13
N LEU IA 189 -87.64 -93.71 75.41
CA LEU IA 189 -87.15 -93.73 76.78
C LEU IA 189 -87.48 -92.45 77.50
N VAL IA 190 -87.28 -91.30 76.85
CA VAL IA 190 -87.62 -90.01 77.45
C VAL IA 190 -89.12 -89.91 77.69
N ILE IA 191 -89.93 -90.26 76.69
CA ILE IA 191 -91.38 -90.18 76.85
C ILE IA 191 -91.91 -91.22 77.82
N LYS IA 192 -91.28 -92.40 77.89
CA LYS IA 192 -91.68 -93.42 78.85
C LYS IA 192 -91.32 -93.03 80.27
N ALA IA 193 -90.19 -92.34 80.47
CA ALA IA 193 -89.88 -91.79 81.78
C ALA IA 193 -90.82 -90.63 82.10
N LEU IA 194 -91.28 -89.92 81.07
CA LEU IA 194 -92.28 -88.87 81.27
C LEU IA 194 -93.64 -89.46 81.63
N LEU IA 195 -93.90 -90.71 81.26
CA LEU IA 195 -95.12 -91.37 81.70
C LEU IA 195 -95.11 -91.63 83.20
N GLU IA 196 -93.97 -92.05 83.75
CA GLU IA 196 -93.80 -92.16 85.20
C GLU IA 196 -93.80 -90.79 85.86
N VAL IA 197 -93.41 -89.76 85.14
CA VAL IA 197 -93.54 -88.38 85.56
C VAL IA 197 -94.99 -87.95 85.45
N VAL IA 198 -95.28 -86.70 85.86
CA VAL IA 198 -96.61 -86.12 85.98
C VAL IA 198 -97.43 -86.25 84.70
N GLN IA 199 -98.76 -86.16 84.85
CA GLN IA 199 -99.74 -87.13 84.32
C GLN IA 199 -99.40 -87.69 82.93
N SER IA 200 -98.88 -86.85 82.02
CA SER IA 200 -98.47 -87.24 80.66
C SER IA 200 -99.62 -87.87 79.87
N GLY IA 201 -100.67 -87.07 79.62
CA GLY IA 201 -101.85 -87.60 78.94
C GLY IA 201 -101.67 -87.73 77.44
N GLY IA 202 -100.51 -87.36 76.92
CA GLY IA 202 -100.22 -87.45 75.50
C GLY IA 202 -100.25 -86.13 74.78
N LYS IA 203 -100.64 -85.05 75.44
CA LYS IA 203 -100.76 -83.75 74.79
C LYS IA 203 -99.74 -82.74 75.31
N ASN IA 204 -99.53 -82.68 76.63
CA ASN IA 204 -98.64 -81.69 77.22
C ASN IA 204 -97.17 -81.99 76.98
N ILE IA 205 -96.82 -83.20 76.54
CA ILE IA 205 -95.43 -83.60 76.44
C ILE IA 205 -94.82 -83.01 75.18
N GLU IA 206 -94.08 -81.92 75.34
CA GLU IA 206 -93.43 -81.25 74.23
C GLU IA 206 -91.99 -81.73 74.15
N LEU IA 207 -91.67 -82.47 73.09
CA LEU IA 207 -90.36 -83.11 72.98
C LEU IA 207 -89.68 -82.61 71.71
N ALA IA 208 -88.35 -82.66 71.73
CA ALA IA 208 -87.51 -82.25 70.61
C ALA IA 208 -86.16 -82.93 70.72
N VAL IA 209 -85.49 -83.09 69.57
CA VAL IA 209 -84.20 -83.77 69.52
C VAL IA 209 -83.17 -82.85 68.91
N MET IA 210 -81.96 -83.36 68.79
CA MET IA 210 -80.87 -82.69 68.08
C MET IA 210 -79.96 -83.76 67.48
N ARG IA 211 -79.94 -83.83 66.16
CA ARG IA 211 -79.08 -84.77 65.44
C ARG IA 211 -77.64 -84.28 65.53
N ARG IA 212 -76.70 -85.12 65.07
CA ARG IA 212 -75.27 -84.91 65.18
C ARG IA 212 -74.81 -83.59 64.57
N ASP IA 213 -75.15 -83.35 63.32
CA ASP IA 213 -74.75 -82.14 62.62
C ASP IA 213 -75.94 -81.35 62.08
N GLN IA 214 -77.15 -81.77 62.42
CA GLN IA 214 -78.35 -81.11 61.92
C GLN IA 214 -78.94 -80.20 62.99
N SER IA 215 -79.62 -79.15 62.53
CA SER IA 215 -80.42 -78.32 63.42
C SER IA 215 -81.57 -79.12 64.02
N LEU IA 216 -82.15 -78.59 65.09
CA LEU IA 216 -83.16 -79.31 65.85
C LEU IA 216 -84.48 -79.41 65.08
N LYS IA 217 -85.41 -80.18 65.65
CA LYS IA 217 -86.68 -80.43 65.01
C LYS IA 217 -87.75 -80.60 66.07
N ILE IA 218 -89.00 -80.34 65.68
CA ILE IA 218 -90.16 -80.46 66.56
C ILE IA 218 -91.16 -81.35 65.86
N LEU IA 219 -91.42 -82.52 66.44
CA LEU IA 219 -92.35 -83.44 65.81
C LEU IA 219 -93.78 -83.00 66.09
N ASN IA 220 -94.61 -83.09 65.06
CA ASN IA 220 -96.05 -83.01 65.29
C ASN IA 220 -96.48 -84.27 66.01
N PRO IA 221 -97.37 -84.20 66.98
CA PRO IA 221 -97.58 -85.35 67.88
C PRO IA 221 -98.38 -86.50 67.28
N GLU IA 222 -98.05 -86.90 66.06
CA GLU IA 222 -98.36 -88.21 65.54
C GLU IA 222 -97.28 -89.21 65.96
N GLU IA 223 -96.03 -88.76 65.99
CA GLU IA 223 -94.93 -89.54 66.54
C GLU IA 223 -94.98 -89.61 68.06
N ILE IA 224 -95.56 -88.62 68.72
CA ILE IA 224 -95.72 -88.69 70.17
C ILE IA 224 -96.79 -89.72 70.53
N GLU IA 225 -97.88 -89.74 69.75
CA GLU IA 225 -98.91 -90.75 69.96
C GLU IA 225 -98.42 -92.14 69.56
N LYS IA 226 -97.55 -92.22 68.55
CA LYS IA 226 -96.98 -93.50 68.17
C LYS IA 226 -96.01 -94.01 69.23
N TYR IA 227 -95.17 -93.13 69.76
CA TYR IA 227 -94.19 -93.54 70.76
C TYR IA 227 -94.84 -93.86 72.10
N VAL IA 228 -95.85 -93.08 72.48
CA VAL IA 228 -96.59 -93.39 73.71
C VAL IA 228 -97.40 -94.67 73.53
N ALA IA 229 -97.96 -94.87 72.33
CA ALA IA 229 -98.76 -96.06 72.07
C ALA IA 229 -97.91 -97.33 72.09
N GLU IA 230 -96.71 -97.26 71.53
CA GLU IA 230 -95.83 -98.43 71.57
C GLU IA 230 -95.16 -98.56 72.93
N ILE IA 231 -95.12 -97.48 73.72
CA ILE IA 231 -94.74 -97.60 75.12
C ILE IA 231 -95.78 -98.37 75.89
N GLU IA 232 -97.07 -98.12 75.59
CA GLU IA 232 -98.14 -98.93 76.19
C GLU IA 232 -98.09 -100.36 75.66
N LYS IA 233 -97.63 -100.54 74.43
CA LYS IA 233 -97.43 -101.89 73.90
C LYS IA 233 -96.31 -102.61 74.62
N GLU IA 234 -95.27 -101.87 75.04
CA GLU IA 234 -94.23 -102.46 75.88
C GLU IA 234 -94.76 -102.79 77.27
N LYS IA 235 -95.70 -101.97 77.77
CA LYS IA 235 -96.39 -102.31 79.01
C LYS IA 235 -97.23 -103.57 78.86
N GLU IA 236 -97.76 -103.82 77.67
CA GLU IA 236 -98.41 -105.11 77.41
C GLU IA 236 -97.39 -106.23 77.30
N GLU IA 237 -96.20 -105.92 76.78
CA GLU IA 237 -95.16 -106.93 76.62
C GLU IA 237 -94.44 -107.26 77.93
N ASN IA 238 -94.69 -106.48 79.00
CA ASN IA 238 -94.15 -106.85 80.30
C ASN IA 238 -94.85 -108.07 80.90
N GLU IA 239 -96.12 -108.29 80.57
CA GLU IA 239 -96.87 -109.42 81.11
C GLU IA 239 -96.47 -110.72 80.43
N TYR JA 1 -84.17 -58.86 113.95
CA TYR JA 1 -83.78 -57.46 113.91
C TYR JA 1 -82.76 -57.20 112.82
N ASP JA 2 -83.21 -56.69 111.67
CA ASP JA 2 -82.33 -56.39 110.55
C ASP JA 2 -81.50 -55.17 110.88
N ARG JA 3 -80.17 -55.32 110.82
CA ARG JA 3 -79.25 -54.26 111.16
C ARG JA 3 -78.05 -54.28 110.19
N GLY JA 4 -77.87 -53.17 109.47
CA GLY JA 4 -76.58 -52.57 109.19
C GLY JA 4 -75.36 -53.44 108.99
N VAL JA 5 -75.30 -54.25 107.92
CA VAL JA 5 -74.46 -55.46 107.82
C VAL JA 5 -72.96 -55.26 108.07
N ASN JA 6 -72.49 -54.01 108.09
CA ASN JA 6 -71.11 -53.72 108.45
C ASN JA 6 -70.99 -53.21 109.88
N THR JA 7 -71.77 -53.76 110.82
CA THR JA 7 -71.76 -53.34 112.21
C THR JA 7 -70.80 -54.22 113.01
N PHE JA 8 -70.11 -53.62 113.97
CA PHE JA 8 -69.33 -54.39 114.93
C PHE JA 8 -70.20 -54.98 116.02
N SER JA 9 -69.85 -56.20 116.43
CA SER JA 9 -70.45 -56.83 117.58
C SER JA 9 -70.02 -56.10 118.85
N PRO JA 10 -70.83 -56.16 119.92
CA PRO JA 10 -70.42 -55.53 121.19
C PRO JA 10 -69.24 -56.20 121.87
N GLU JA 11 -68.92 -57.45 121.54
CA GLU JA 11 -67.79 -58.12 122.20
C GLU JA 11 -66.41 -57.60 121.75
N GLY JA 12 -66.07 -57.51 120.44
CA GLY JA 12 -66.79 -57.90 119.24
C GLY JA 12 -66.01 -57.90 117.95
N ARG JA 13 -66.69 -58.30 116.89
CA ARG JA 13 -66.08 -58.43 115.57
C ARG JA 13 -67.16 -58.14 114.53
N LEU JA 14 -66.81 -58.33 113.27
CA LEU JA 14 -67.79 -58.24 112.20
C LEU JA 14 -68.77 -59.40 112.28
N PHE JA 15 -70.05 -59.11 112.10
CA PHE JA 15 -71.08 -60.14 112.06
C PHE JA 15 -70.90 -61.07 110.88
N GLN JA 16 -70.91 -60.48 109.69
CA GLN JA 16 -71.10 -61.26 108.47
C GLN JA 16 -69.85 -62.06 108.12
N VAL JA 17 -68.68 -61.59 108.56
CA VAL JA 17 -67.46 -62.40 108.45
C VAL JA 17 -67.57 -63.62 109.35
N GLU JA 18 -68.08 -63.44 110.57
CA GLU JA 18 -68.26 -64.55 111.49
C GLU JA 18 -69.32 -65.52 110.99
N TYR JA 19 -70.28 -65.03 110.21
CA TYR JA 19 -71.19 -65.95 109.54
C TYR JA 19 -70.50 -66.65 108.37
N ALA JA 20 -69.52 -65.99 107.75
CA ALA JA 20 -68.82 -66.61 106.63
C ALA JA 20 -67.92 -67.76 107.09
N ILE JA 21 -67.38 -67.66 108.31
CA ILE JA 21 -66.59 -68.76 108.85
C ILE JA 21 -67.49 -69.97 109.11
N GLU JA 22 -68.76 -69.72 109.42
CA GLU JA 22 -69.74 -70.78 109.42
C GLU JA 22 -70.12 -71.21 108.00
N ALA JA 23 -69.95 -70.34 107.01
CA ALA JA 23 -70.25 -70.74 105.64
C ALA JA 23 -69.16 -71.62 105.05
N ILE JA 24 -67.97 -71.63 105.67
CA ILE JA 24 -67.01 -72.68 105.33
C ILE JA 24 -67.47 -74.01 105.89
N LYS JA 25 -68.11 -73.98 107.06
CA LYS JA 25 -68.22 -75.15 107.94
C LYS JA 25 -69.06 -76.26 107.33
N LEU JA 26 -69.95 -75.93 106.39
CA LEU JA 26 -70.75 -76.97 105.76
C LEU JA 26 -70.06 -77.57 104.54
N GLY JA 27 -69.02 -76.88 104.04
CA GLY JA 27 -68.38 -77.27 102.79
C GLY JA 27 -67.58 -78.55 102.81
N SER JA 28 -67.13 -78.98 101.63
CA SER JA 28 -66.38 -80.22 101.49
C SER JA 28 -64.96 -80.04 101.98
N THR JA 29 -64.31 -81.16 102.30
CA THR JA 29 -63.02 -81.17 102.97
C THR JA 29 -61.89 -81.33 101.94
N ALA JA 30 -60.67 -81.06 102.38
CA ALA JA 30 -59.48 -81.18 101.55
C ALA JA 30 -58.24 -81.23 102.43
N ILE JA 31 -57.20 -81.88 101.92
CA ILE JA 31 -55.95 -82.07 102.64
C ILE JA 31 -54.79 -81.73 101.71
N GLY JA 32 -53.97 -80.76 102.09
CA GLY JA 32 -52.72 -80.49 101.43
C GLY JA 32 -51.59 -80.42 102.42
N ILE JA 33 -50.46 -81.02 102.07
CA ILE JA 33 -49.31 -81.11 102.96
C ILE JA 33 -48.08 -80.60 102.25
N GLN JA 34 -47.43 -79.59 102.83
CA GLN JA 34 -46.17 -79.06 102.32
C GLN JA 34 -45.09 -80.09 102.55
N THR JA 35 -44.23 -80.28 101.55
CA THR JA 35 -43.18 -81.28 101.60
C THR JA 35 -41.98 -80.77 100.82
N SER JA 36 -40.80 -80.91 101.43
CA SER JA 36 -39.56 -80.40 100.82
C SER JA 36 -39.25 -81.08 99.49
N GLU JA 37 -39.72 -82.31 99.31
CA GLU JA 37 -39.61 -82.96 98.02
C GLU JA 37 -40.55 -82.33 97.00
N GLY JA 38 -41.70 -81.87 97.44
CA GLY JA 38 -42.68 -81.25 96.56
C GLY JA 38 -44.06 -81.31 97.17
N VAL JA 39 -44.87 -80.30 96.84
CA VAL JA 39 -46.14 -80.07 97.50
C VAL JA 39 -47.16 -81.09 97.01
N CYS JA 40 -47.92 -81.67 97.94
CA CYS JA 40 -49.01 -82.58 97.62
C CYS JA 40 -50.32 -82.00 98.12
N LEU JA 41 -51.42 -82.34 97.45
CA LEU JA 41 -52.72 -81.75 97.73
C LEU JA 41 -53.82 -82.64 97.17
N ALA JA 42 -54.98 -82.61 97.83
CA ALA JA 42 -56.10 -83.44 97.43
C ALA JA 42 -57.42 -82.79 97.84
N VAL JA 43 -58.53 -83.41 97.43
CA VAL JA 43 -59.86 -82.94 97.81
C VAL JA 43 -60.82 -84.13 97.75
N GLU JA 44 -62.04 -83.97 98.26
CA GLU JA 44 -63.12 -84.91 98.04
C GLU JA 44 -64.20 -84.23 97.20
N LYS JA 45 -64.86 -85.01 96.33
CA LYS JA 45 -65.83 -84.47 95.39
C LYS JA 45 -67.28 -84.49 95.88
N ARG JA 46 -67.68 -85.53 96.63
CA ARG JA 46 -69.03 -85.72 97.14
C ARG JA 46 -70.05 -85.78 96.00
N ILE JA 47 -69.96 -86.88 95.26
CA ILE JA 47 -70.83 -87.17 94.12
C ILE JA 47 -72.09 -87.87 94.62
N THR JA 48 -73.24 -87.54 94.03
CA THR JA 48 -74.52 -88.08 94.47
C THR JA 48 -75.02 -89.21 93.59
N SER JA 49 -75.12 -88.95 92.29
CA SER JA 49 -75.79 -89.83 91.34
C SER JA 49 -74.80 -90.46 90.38
N PRO JA 50 -75.12 -91.61 89.80
CA PRO JA 50 -74.34 -92.10 88.65
C PRO JA 50 -74.48 -91.22 87.42
N LEU JA 51 -75.59 -90.49 87.26
CA LEU JA 51 -75.72 -89.53 86.16
C LEU JA 51 -74.74 -88.39 86.34
N MET JA 52 -74.56 -87.95 87.58
CA MET JA 52 -73.66 -86.89 87.99
C MET JA 52 -72.24 -87.22 87.54
N GLU JA 53 -71.73 -86.47 86.58
CA GLU JA 53 -70.48 -86.83 85.92
C GLU JA 53 -69.31 -86.60 86.86
N PRO JA 54 -68.42 -87.58 87.04
CA PRO JA 54 -67.44 -87.48 88.12
C PRO JA 54 -66.25 -86.58 87.84
N SER JA 55 -66.08 -86.08 86.60
CA SER JA 55 -64.93 -85.23 86.34
C SER JA 55 -65.29 -83.75 86.22
N SER JA 56 -66.54 -83.43 85.88
CA SER JA 56 -66.92 -82.04 85.69
C SER JA 56 -66.97 -81.25 86.99
N ILE JA 57 -67.05 -81.91 88.12
CA ILE JA 57 -66.74 -81.29 89.40
C ILE JA 57 -65.23 -81.13 89.44
N GLU JA 58 -64.76 -79.90 89.53
CA GLU JA 58 -63.37 -79.67 89.88
C GLU JA 58 -63.34 -78.81 91.13
N LYS JA 59 -62.53 -79.23 92.09
CA LYS JA 59 -62.22 -78.40 93.23
C LYS JA 59 -60.80 -77.87 93.16
N ILE JA 60 -59.91 -78.56 92.46
CA ILE JA 60 -58.59 -78.06 92.13
C ILE JA 60 -58.68 -77.43 90.75
N VAL JA 61 -58.36 -76.15 90.67
CA VAL JA 61 -58.04 -75.50 89.42
C VAL JA 61 -56.61 -75.02 89.53
N GLU JA 62 -55.84 -75.25 88.48
CA GLU JA 62 -54.42 -74.94 88.54
C GLU JA 62 -54.25 -73.51 88.06
N ILE JA 63 -53.76 -72.65 88.95
CA ILE JA 63 -53.78 -71.20 88.71
C ILE JA 63 -52.82 -70.84 87.59
N ASP JA 64 -51.57 -71.20 87.74
CA ASP JA 64 -50.56 -70.96 86.73
C ASP JA 64 -49.91 -72.31 86.45
N ALA JA 65 -48.77 -72.30 85.77
CA ALA JA 65 -48.03 -73.53 85.53
C ALA JA 65 -47.53 -74.13 86.83
N HIS JA 66 -47.19 -73.28 87.80
CA HIS JA 66 -46.48 -73.70 89.00
C HIS JA 66 -47.23 -73.38 90.28
N ILE JA 67 -48.55 -73.17 90.23
CA ILE JA 67 -49.34 -72.86 91.41
C ILE JA 67 -50.59 -73.74 91.41
N GLY JA 68 -50.70 -74.60 92.41
CA GLY JA 68 -51.89 -75.38 92.63
C GLY JA 68 -52.84 -74.66 93.56
N CYS JA 69 -54.08 -75.15 93.59
CA CYS JA 69 -55.13 -74.49 94.36
C CYS JA 69 -56.21 -75.49 94.73
N ALA JA 70 -56.94 -75.14 95.79
CA ALA JA 70 -58.12 -75.87 96.21
C ALA JA 70 -59.12 -74.88 96.76
N MET JA 71 -60.37 -75.31 96.88
CA MET JA 71 -61.46 -74.43 97.29
C MET JA 71 -62.40 -75.16 98.24
N SER JA 72 -63.42 -74.44 98.71
CA SER JA 72 -64.26 -74.92 99.80
C SER JA 72 -65.62 -74.24 99.72
N GLY JA 73 -66.62 -74.94 100.27
CA GLY JA 73 -67.91 -74.30 100.55
C GLY JA 73 -68.68 -73.93 99.31
N LEU JA 74 -68.96 -72.63 99.17
CA LEU JA 74 -69.56 -72.13 97.95
C LEU JA 74 -68.53 -72.16 96.83
N ILE JA 75 -68.89 -72.81 95.73
CA ILE JA 75 -67.93 -73.11 94.69
C ILE JA 75 -67.89 -72.04 93.62
N ALA JA 76 -69.03 -71.47 93.25
CA ALA JA 76 -69.08 -70.50 92.17
C ALA JA 76 -68.49 -69.15 92.52
N ASP JA 77 -68.41 -68.80 93.81
CA ASP JA 77 -67.73 -67.57 94.18
C ASP JA 77 -66.23 -67.69 93.98
N ALA JA 78 -65.71 -68.91 94.04
CA ALA JA 78 -64.26 -69.13 94.01
C ALA JA 78 -63.66 -68.79 92.66
N LYS JA 79 -64.36 -69.11 91.57
CA LYS JA 79 -63.77 -69.04 90.22
C LYS JA 79 -63.49 -67.60 89.81
N THR JA 80 -64.18 -66.63 90.41
CA THR JA 80 -63.84 -65.23 90.20
C THR JA 80 -62.48 -64.90 90.78
N LEU JA 81 -62.21 -65.39 92.00
CA LEU JA 81 -60.90 -65.22 92.60
C LEU JA 81 -59.83 -66.01 91.86
N ILE JA 82 -60.23 -67.16 91.31
CA ILE JA 82 -59.30 -67.99 90.53
C ILE JA 82 -58.85 -67.24 89.30
N ASP JA 83 -59.81 -66.77 88.50
CA ASP JA 83 -59.48 -66.09 87.25
C ASP JA 83 -58.76 -64.77 87.54
N LYS JA 84 -59.12 -64.12 88.66
CA LYS JA 84 -58.40 -62.91 89.06
C LYS JA 84 -56.95 -63.19 89.39
N ALA JA 85 -56.69 -64.29 90.10
CA ALA JA 85 -55.32 -64.64 90.45
C ALA JA 85 -54.53 -65.03 89.22
N ARG JA 86 -55.17 -65.67 88.24
CA ARG JA 86 -54.53 -65.95 86.97
C ARG JA 86 -54.14 -64.68 86.25
N VAL JA 87 -55.02 -63.68 86.29
CA VAL JA 87 -54.73 -62.39 85.66
C VAL JA 87 -53.60 -61.69 86.40
N GLU JA 88 -53.55 -61.83 87.73
CA GLU JA 88 -52.53 -61.13 88.51
C GLU JA 88 -51.14 -61.74 88.33
N THR JA 89 -51.07 -63.08 88.27
CA THR JA 89 -49.81 -63.72 87.92
C THR JA 89 -49.43 -63.40 86.48
N GLN JA 90 -50.42 -63.16 85.63
CA GLN JA 90 -50.11 -62.84 84.25
C GLN JA 90 -49.58 -61.42 84.12
N ASN JA 91 -50.11 -60.47 84.88
CA ASN JA 91 -49.61 -59.10 84.84
C ASN JA 91 -48.26 -59.00 85.51
N HIS JA 92 -48.02 -59.82 86.54
CA HIS JA 92 -46.68 -59.91 87.10
C HIS JA 92 -45.71 -60.48 86.09
N TRP JA 93 -46.18 -61.41 85.26
CA TRP JA 93 -45.34 -61.93 84.18
C TRP JA 93 -45.06 -60.86 83.13
N PHE JA 94 -46.04 -60.00 82.84
CA PHE JA 94 -45.78 -58.80 82.04
C PHE JA 94 -44.68 -57.92 82.58
N THR JA 95 -44.92 -57.35 83.75
CA THR JA 95 -44.12 -56.20 84.13
C THR JA 95 -42.86 -56.60 84.87
N TYR JA 96 -42.68 -57.88 85.18
CA TYR JA 96 -41.47 -58.20 85.94
C TYR JA 96 -40.68 -59.37 85.36
N ASN JA 97 -41.31 -60.21 84.52
CA ASN JA 97 -40.67 -61.36 83.86
C ASN JA 97 -40.04 -62.35 84.85
N GLU JA 98 -40.66 -62.52 86.01
CA GLU JA 98 -40.36 -63.67 86.84
C GLU JA 98 -41.67 -64.22 87.35
N THR JA 99 -41.62 -65.44 87.87
CA THR JA 99 -42.80 -66.09 88.41
C THR JA 99 -43.18 -65.41 89.72
N MET JA 100 -44.42 -64.92 89.80
CA MET JA 100 -44.92 -64.35 91.05
C MET JA 100 -45.00 -65.43 92.12
N THR JA 101 -44.41 -65.15 93.28
CA THR JA 101 -44.35 -66.12 94.35
C THR JA 101 -45.72 -66.34 94.97
N VAL JA 102 -45.85 -67.44 95.70
CA VAL JA 102 -47.18 -67.95 96.05
C VAL JA 102 -47.84 -67.09 97.11
N GLU JA 103 -47.06 -66.52 98.02
CA GLU JA 103 -47.61 -65.61 99.01
C GLU JA 103 -48.13 -64.33 98.39
N SER JA 104 -47.36 -63.77 97.45
CA SER JA 104 -47.70 -62.52 96.78
C SER JA 104 -48.98 -62.60 95.97
N VAL JA 105 -49.27 -63.77 95.38
CA VAL JA 105 -50.58 -64.01 94.79
C VAL JA 105 -51.66 -63.90 95.85
N THR JA 106 -51.40 -64.50 97.00
CA THR JA 106 -52.41 -64.62 98.04
C THR JA 106 -52.61 -63.28 98.73
N GLN JA 107 -51.54 -62.47 98.78
CA GLN JA 107 -51.70 -61.08 99.18
C GLN JA 107 -52.55 -60.33 98.19
N ALA JA 108 -52.32 -60.55 96.89
CA ALA JA 108 -53.11 -59.86 95.88
C ALA JA 108 -54.55 -60.36 95.78
N VAL JA 109 -54.89 -61.47 96.43
CA VAL JA 109 -56.27 -61.92 96.52
C VAL JA 109 -56.89 -61.37 97.81
N SER JA 110 -56.16 -61.52 98.91
CA SER JA 110 -56.69 -61.11 100.21
C SER JA 110 -56.69 -59.60 100.39
N ASN JA 111 -56.16 -58.84 99.43
CA ASN JA 111 -56.40 -57.40 99.45
C ASN JA 111 -57.87 -57.09 99.20
N LEU JA 112 -58.48 -57.72 98.21
CA LEU JA 112 -59.88 -57.49 97.91
C LEU JA 112 -60.76 -58.63 98.37
N ALA JA 113 -60.28 -59.49 99.26
CA ALA JA 113 -61.17 -60.40 99.96
C ALA JA 113 -62.17 -59.66 100.82
N LEU JA 114 -61.81 -58.47 101.32
CA LEU JA 114 -62.75 -57.60 102.03
C LEU JA 114 -62.80 -56.24 101.36
N GLN JA 115 -63.76 -56.07 100.45
CA GLN JA 115 -64.12 -54.76 99.91
C GLN JA 115 -65.62 -54.57 99.81
N PHE JA 116 -66.41 -55.36 100.51
CA PHE JA 116 -67.86 -55.36 100.32
C PHE JA 116 -68.50 -54.13 100.97
N GLY JA 117 -69.55 -53.63 100.33
CA GLY JA 117 -70.29 -52.49 100.84
C GLY JA 117 -71.46 -52.21 99.94
N GLU JA 118 -72.49 -51.57 100.51
CA GLU JA 118 -73.70 -51.29 99.74
C GLU JA 118 -73.47 -50.11 98.80
N GLU JA 119 -73.21 -48.94 99.37
CA GLU JA 119 -72.96 -47.74 98.60
C GLU JA 119 -71.48 -47.64 98.26
N ASP JA 120 -71.15 -46.58 97.53
CA ASP JA 120 -69.78 -46.14 97.24
C ASP JA 120 -68.94 -47.19 96.52
N SER JA 127 -70.80 -56.71 97.39
CA SER JA 127 -71.81 -56.38 98.38
C SER JA 127 -71.71 -57.27 99.60
N ARG JA 128 -71.59 -58.58 99.37
CA ARG JA 128 -71.42 -59.48 100.50
C ARG JA 128 -70.00 -60.06 100.51
N PRO JA 129 -69.47 -60.43 101.66
CA PRO JA 129 -68.16 -61.08 101.68
C PRO JA 129 -68.23 -62.51 101.16
N PHE JA 130 -67.06 -63.08 100.92
CA PHE JA 130 -66.97 -64.43 100.39
C PHE JA 130 -67.00 -65.43 101.52
N GLY JA 131 -67.35 -66.67 101.20
CA GLY JA 131 -67.38 -67.72 102.20
C GLY JA 131 -66.62 -68.94 101.76
N VAL JA 132 -65.67 -68.74 100.85
CA VAL JA 132 -64.90 -69.81 100.26
C VAL JA 132 -63.50 -69.81 100.88
N ALA JA 133 -63.08 -70.97 101.35
CA ALA JA 133 -61.75 -71.13 101.91
C ALA JA 133 -60.82 -71.73 100.86
N LEU JA 134 -59.57 -71.27 100.84
CA LEU JA 134 -58.65 -71.63 99.79
C LEU JA 134 -57.36 -72.16 100.38
N LEU JA 135 -56.75 -73.11 99.68
CA LEU JA 135 -55.39 -73.55 99.93
C LEU JA 135 -54.60 -73.34 98.65
N PHE JA 136 -53.44 -72.71 98.75
CA PHE JA 136 -52.58 -72.48 97.59
C PHE JA 136 -51.31 -73.29 97.77
N GLY JA 137 -50.86 -73.94 96.71
CA GLY JA 137 -49.58 -74.60 96.67
C GLY JA 137 -48.66 -73.91 95.68
N GLY JA 138 -47.44 -74.39 95.58
CA GLY JA 138 -46.55 -73.85 94.56
C GLY JA 138 -45.10 -74.05 94.92
N VAL JA 139 -44.26 -73.81 93.91
CA VAL JA 139 -42.82 -73.92 94.02
C VAL JA 139 -42.22 -72.57 93.64
N ASP JA 140 -41.52 -71.95 94.57
CA ASP JA 140 -40.87 -70.67 94.36
C ASP JA 140 -39.41 -70.77 94.78
N GLU JA 141 -38.76 -69.62 94.96
CA GLU JA 141 -37.40 -69.53 95.45
C GLU JA 141 -37.21 -70.20 96.81
N LYS JA 142 -38.25 -70.17 97.66
CA LYS JA 142 -38.18 -70.80 98.97
C LYS JA 142 -38.70 -72.23 98.95
N GLY JA 143 -38.59 -72.92 97.83
CA GLY JA 143 -38.96 -74.32 97.72
C GLY JA 143 -40.46 -74.54 97.74
N PRO JA 144 -40.92 -75.45 98.58
CA PRO JA 144 -42.36 -75.71 98.68
C PRO JA 144 -43.06 -74.62 99.47
N GLN JA 145 -44.25 -74.24 99.01
CA GLN JA 145 -45.08 -73.31 99.76
C GLN JA 145 -46.50 -73.83 99.83
N LEU JA 146 -47.11 -73.68 101.00
CA LEU JA 146 -48.51 -74.00 101.23
C LEU JA 146 -49.11 -72.87 102.04
N PHE JA 147 -50.14 -72.22 101.49
CA PHE JA 147 -50.73 -71.06 102.14
C PHE JA 147 -52.23 -71.23 102.27
N HIS JA 148 -52.74 -71.02 103.48
CA HIS JA 148 -54.17 -71.02 103.78
C HIS JA 148 -54.64 -69.59 103.97
N MET JA 149 -55.63 -69.19 103.20
CA MET JA 149 -56.31 -67.92 103.42
C MET JA 149 -57.73 -68.21 103.88
N ASP JA 150 -58.38 -67.16 104.37
CA ASP JA 150 -59.71 -67.24 104.93
C ASP JA 150 -60.59 -66.19 104.25
N PRO JA 151 -61.90 -66.15 104.54
CA PRO JA 151 -62.70 -65.02 104.07
C PRO JA 151 -62.26 -63.67 104.60
N SER JA 152 -61.80 -63.59 105.83
CA SER JA 152 -61.47 -62.30 106.41
C SER JA 152 -60.17 -61.71 105.89
N GLY JA 153 -59.39 -62.47 105.14
CA GLY JA 153 -58.08 -62.02 104.73
C GLY JA 153 -56.99 -62.23 105.77
N THR JA 154 -57.35 -62.74 106.95
CA THR JA 154 -56.34 -63.04 107.96
C THR JA 154 -55.55 -64.24 107.49
N PHE JA 155 -54.43 -63.96 106.84
CA PHE JA 155 -53.74 -64.90 105.97
C PHE JA 155 -52.48 -65.43 106.63
N VAL JA 156 -52.32 -66.75 106.60
CA VAL JA 156 -51.29 -67.42 107.38
C VAL JA 156 -50.66 -68.50 106.52
N GLN JA 157 -49.37 -68.78 106.74
CA GLN JA 157 -48.70 -69.91 106.14
C GLN JA 157 -48.98 -71.16 106.96
N CYS JA 158 -49.28 -72.26 106.27
CA CYS JA 158 -49.54 -73.53 106.94
C CYS JA 158 -48.62 -74.59 106.37
N ASP JA 159 -48.29 -75.57 107.21
CA ASP JA 159 -47.51 -76.70 106.72
C ASP JA 159 -48.41 -77.84 106.27
N ALA JA 160 -49.54 -78.02 106.94
CA ALA JA 160 -50.55 -78.99 106.55
C ALA JA 160 -51.91 -78.53 107.07
N ARG JA 161 -52.83 -78.28 106.16
CA ARG JA 161 -54.06 -77.62 106.58
C ARG JA 161 -55.25 -78.40 106.04
N ALA JA 162 -56.22 -78.64 106.92
CA ALA JA 162 -57.46 -79.31 106.57
C ALA JA 162 -58.63 -78.40 106.90
N ILE JA 163 -59.67 -78.49 106.08
CA ILE JA 163 -60.79 -77.58 106.09
C ILE JA 163 -62.09 -78.36 106.01
N GLY JA 164 -63.19 -77.65 105.85
CA GLY JA 164 -64.48 -78.27 105.58
C GLY JA 164 -65.20 -78.73 106.84
N SER JA 165 -66.16 -79.63 106.62
CA SER JA 165 -66.99 -80.12 107.72
C SER JA 165 -66.27 -81.20 108.52
N ALA JA 166 -65.10 -81.62 108.06
CA ALA JA 166 -64.33 -82.66 108.72
C ALA JA 166 -63.17 -82.11 109.53
N SER JA 167 -63.04 -80.78 109.64
CA SER JA 167 -61.74 -80.15 109.90
C SER JA 167 -61.26 -80.38 111.34
N GLU JA 168 -62.16 -80.75 112.24
CA GLU JA 168 -61.78 -80.92 113.64
C GLU JA 168 -60.92 -82.17 113.83
N GLY JA 169 -61.50 -83.34 113.53
CA GLY JA 169 -60.73 -84.57 113.61
C GLY JA 169 -59.65 -84.67 112.56
N ALA JA 170 -59.86 -84.02 111.41
CA ALA JA 170 -58.83 -84.02 110.38
C ALA JA 170 -57.63 -83.19 110.79
N GLN JA 171 -57.85 -82.09 111.52
CA GLN JA 171 -56.70 -81.38 112.05
C GLN JA 171 -56.05 -82.10 113.22
N SER JA 172 -56.84 -82.83 114.02
CA SER JA 172 -56.24 -83.57 115.14
C SER JA 172 -55.37 -84.72 114.64
N SER JA 173 -55.96 -85.63 113.88
CA SER JA 173 -55.22 -86.76 113.32
C SER JA 173 -54.21 -86.32 112.29
N LEU JA 174 -54.41 -85.16 111.66
CA LEU JA 174 -53.38 -84.57 110.81
C LEU JA 174 -52.19 -84.13 111.66
N GLN JA 175 -52.46 -83.58 112.85
CA GLN JA 175 -51.37 -83.23 113.76
C GLN JA 175 -50.68 -84.46 114.34
N GLU JA 176 -51.31 -85.63 114.29
CA GLU JA 176 -50.67 -86.83 114.82
C GLU JA 176 -49.54 -87.31 113.92
N VAL JA 177 -49.70 -87.18 112.59
CA VAL JA 177 -48.91 -87.95 111.63
C VAL JA 177 -47.67 -87.21 111.14
N TYR JA 178 -47.53 -85.92 111.45
CA TYR JA 178 -46.56 -85.11 110.75
C TYR JA 178 -45.26 -84.94 111.54
N HIS JA 179 -44.17 -84.79 110.81
CA HIS JA 179 -42.91 -84.26 111.34
C HIS JA 179 -42.23 -83.49 110.22
N LYS JA 180 -41.06 -82.92 110.52
CA LYS JA 180 -40.43 -81.92 109.66
C LYS JA 180 -39.84 -82.48 108.38
N SER JA 181 -39.59 -83.78 108.30
CA SER JA 181 -39.01 -84.38 107.11
C SER JA 181 -39.90 -85.46 106.51
N MET JA 182 -41.21 -85.25 106.50
CA MET JA 182 -42.12 -86.20 105.88
C MET JA 182 -41.91 -86.26 104.37
N THR JA 183 -42.00 -87.48 103.84
CA THR JA 183 -41.73 -87.73 102.43
C THR JA 183 -43.00 -87.54 101.62
N LEU JA 184 -42.91 -87.84 100.34
CA LEU JA 184 -43.99 -87.53 99.42
C LEU JA 184 -45.13 -88.53 99.53
N LYS JA 185 -44.85 -89.79 99.19
CA LYS JA 185 -45.91 -90.77 99.07
C LYS JA 185 -46.46 -91.19 100.43
N GLU JA 186 -45.63 -91.09 101.47
CA GLU JA 186 -46.11 -91.32 102.83
C GLU JA 186 -47.12 -90.26 103.24
N ALA JA 187 -46.85 -89.00 102.86
CA ALA JA 187 -47.83 -87.95 103.11
C ALA JA 187 -49.08 -88.15 102.25
N ILE JA 188 -48.93 -88.74 101.07
CA ILE JA 188 -50.09 -89.00 100.21
C ILE JA 188 -50.99 -90.05 100.85
N LYS JA 189 -50.42 -91.21 101.19
CA LYS JA 189 -51.24 -92.28 101.73
C LYS JA 189 -51.73 -91.95 103.13
N SER JA 190 -50.93 -91.20 103.90
CA SER JA 190 -51.36 -90.78 105.23
C SER JA 190 -52.44 -89.71 105.14
N SER JA 191 -52.46 -88.95 104.05
CA SER JA 191 -53.54 -88.00 103.82
C SER JA 191 -54.84 -88.72 103.50
N LEU JA 192 -54.80 -89.66 102.55
CA LEU JA 192 -56.03 -90.34 102.18
C LEU JA 192 -56.48 -91.36 103.22
N ILE JA 193 -55.64 -91.71 104.20
CA ILE JA 193 -56.13 -92.34 105.42
C ILE JA 193 -57.16 -91.44 106.09
N ILE JA 194 -56.82 -90.16 106.25
CA ILE JA 194 -57.71 -89.24 106.95
C ILE JA 194 -58.94 -88.95 106.09
N LEU JA 195 -58.76 -88.88 104.77
CA LEU JA 195 -59.89 -88.74 103.86
C LEU JA 195 -60.86 -89.92 103.97
N LYS JA 196 -60.33 -91.15 103.96
CA LYS JA 196 -61.27 -92.27 104.06
C LYS JA 196 -61.82 -92.45 105.47
N GLN JA 197 -61.19 -91.85 106.47
CA GLN JA 197 -61.86 -91.80 107.77
C GLN JA 197 -62.98 -90.78 107.79
N VAL JA 198 -62.88 -89.68 107.02
CA VAL JA 198 -63.88 -88.63 107.14
C VAL JA 198 -64.91 -88.63 106.01
N MET JA 199 -64.85 -89.56 105.07
CA MET JA 199 -65.82 -89.60 103.98
C MET JA 199 -66.89 -90.64 104.28
N GLU JA 200 -68.08 -90.44 103.72
CA GLU JA 200 -69.20 -91.31 104.03
C GLU JA 200 -69.39 -92.40 102.97
N GLU JA 201 -68.99 -92.12 101.73
CA GLU JA 201 -68.98 -93.13 100.69
C GLU JA 201 -67.61 -93.81 100.67
N LYS JA 202 -67.58 -95.04 100.16
CA LYS JA 202 -66.34 -95.81 100.18
C LYS JA 202 -65.32 -95.23 99.22
N LEU JA 203 -64.06 -95.26 99.63
CA LEU JA 203 -62.99 -94.62 98.88
C LEU JA 203 -62.73 -95.32 97.55
N ASN JA 204 -62.79 -94.54 96.47
CA ASN JA 204 -62.48 -95.04 95.14
C ASN JA 204 -61.92 -93.89 94.30
N ALA JA 205 -61.86 -94.09 92.99
CA ALA JA 205 -61.31 -93.08 92.10
C ALA JA 205 -62.26 -91.91 91.90
N THR JA 206 -63.55 -92.12 92.12
CA THR JA 206 -64.51 -91.05 91.89
C THR JA 206 -64.57 -90.07 93.05
N ASN JA 207 -64.31 -90.53 94.27
CA ASN JA 207 -64.47 -89.65 95.43
C ASN JA 207 -63.42 -88.57 95.48
N ILE JA 208 -62.14 -88.93 95.38
CA ILE JA 208 -61.04 -88.00 95.58
C ILE JA 208 -60.28 -87.86 94.28
N GLU JA 209 -59.56 -86.74 94.17
CA GLU JA 209 -58.49 -86.64 93.20
C GLU JA 209 -57.32 -85.95 93.88
N LEU JA 210 -56.12 -86.38 93.53
CA LEU JA 210 -54.90 -85.76 94.00
C LEU JA 210 -54.54 -84.65 93.02
N ALA JA 211 -53.73 -83.71 93.48
CA ALA JA 211 -53.16 -82.67 92.63
C ALA JA 211 -51.88 -82.24 93.30
N THR JA 212 -50.77 -82.83 92.88
CA THR JA 212 -49.49 -82.58 93.51
C THR JA 212 -48.64 -81.76 92.57
N VAL JA 213 -47.57 -81.19 93.10
CA VAL JA 213 -46.67 -80.35 92.32
C VAL JA 213 -45.26 -80.46 92.92
N GLN JA 214 -44.29 -80.72 92.05
CA GLN JA 214 -42.91 -80.90 92.42
C GLN JA 214 -42.06 -79.94 91.61
N PRO JA 215 -40.82 -79.66 92.04
CA PRO JA 215 -39.90 -78.93 91.17
C PRO JA 215 -39.51 -79.70 89.92
N GLY JA 216 -39.50 -81.03 89.99
CA GLY JA 216 -38.99 -81.84 88.91
C GLY JA 216 -39.99 -82.79 88.28
N GLN JA 217 -41.11 -83.03 88.95
CA GLN JA 217 -42.22 -83.77 88.37
C GLN JA 217 -43.28 -82.75 87.99
N ASN JA 218 -43.28 -82.35 86.72
CA ASN JA 218 -43.95 -81.12 86.31
C ASN JA 218 -44.14 -81.00 84.80
N PHE JA 219 -45.37 -80.76 84.32
CA PHE JA 219 -46.63 -80.78 85.07
C PHE JA 219 -47.63 -81.68 84.28
N HIS JA 220 -48.53 -82.51 84.86
CA HIS JA 220 -48.83 -82.81 86.29
C HIS JA 220 -49.26 -81.57 87.12
N MET JA 221 -50.49 -81.07 86.94
CA MET JA 221 -51.81 -81.72 87.21
C MET JA 221 -52.08 -83.24 87.09
N PHE JA 222 -52.57 -83.80 88.19
CA PHE JA 222 -52.64 -85.23 88.38
C PHE JA 222 -53.94 -85.75 87.78
N THR JA 223 -53.82 -86.82 86.99
CA THR JA 223 -54.95 -87.51 86.39
C THR JA 223 -55.15 -88.82 87.13
N LYS JA 224 -56.26 -89.50 86.88
CA LYS JA 224 -56.55 -90.73 87.58
C LYS JA 224 -55.76 -91.91 87.00
N GLU JA 225 -56.09 -93.11 87.50
CA GLU JA 225 -55.60 -94.42 87.07
C GLU JA 225 -54.11 -94.66 87.36
N GLU JA 226 -53.41 -93.66 87.89
CA GLU JA 226 -52.34 -93.87 88.83
C GLU JA 226 -52.90 -93.84 90.25
N LEU JA 227 -53.95 -93.04 90.41
CA LEU JA 227 -54.67 -92.96 91.67
C LEU JA 227 -55.29 -94.30 92.02
N GLU JA 228 -55.82 -95.02 91.04
CA GLU JA 228 -56.33 -96.37 91.28
C GLU JA 228 -55.22 -97.34 91.65
N GLU JA 229 -53.99 -97.07 91.24
CA GLU JA 229 -52.88 -97.86 91.76
C GLU JA 229 -52.61 -97.51 93.22
N VAL JA 230 -52.74 -96.23 93.59
CA VAL JA 230 -52.48 -95.83 94.98
C VAL JA 230 -53.59 -96.32 95.91
N ILE JA 231 -54.80 -96.56 95.37
CA ILE JA 231 -55.94 -97.01 96.18
C ILE JA 231 -55.68 -98.37 96.80
N LYS JA 232 -55.16 -99.31 96.01
CA LYS JA 232 -54.84 -100.63 96.56
C LYS JA 232 -53.53 -100.64 97.35
N ASP JA 233 -52.86 -99.50 97.47
CA ASP JA 233 -51.59 -99.45 98.21
C ASP JA 233 -51.77 -99.03 99.65
N ILE JA 234 -52.88 -99.38 100.29
CA ILE JA 234 -53.03 -99.15 101.73
C ILE JA 234 -52.99 -100.49 102.47
N ASN KA 1 -82.71 -51.03 122.38
CA ASN KA 1 -81.35 -50.54 122.21
C ASN KA 1 -81.03 -50.22 120.77
N GLN KA 2 -82.02 -49.72 120.04
CA GLN KA 2 -81.83 -49.42 118.62
C GLN KA 2 -81.04 -48.14 118.37
N TYR KA 3 -80.70 -47.41 119.43
CA TYR KA 3 -79.74 -46.32 119.30
C TYR KA 3 -78.29 -46.81 119.29
N ASP KA 4 -78.07 -48.09 119.57
CA ASP KA 4 -76.76 -48.72 119.48
C ASP KA 4 -76.49 -49.33 118.12
N ASN KA 5 -77.29 -48.95 117.12
CA ASN KA 5 -77.30 -49.63 115.83
C ASN KA 5 -76.08 -49.29 114.99
N ASP KA 6 -75.90 -48.02 114.65
CA ASP KA 6 -74.98 -47.61 113.61
C ASP KA 6 -74.08 -46.48 114.09
N VAL KA 7 -73.26 -46.01 113.14
CA VAL KA 7 -72.25 -45.00 113.45
C VAL KA 7 -72.89 -43.64 113.62
N THR KA 8 -73.96 -43.37 112.88
CA THR KA 8 -74.53 -42.02 112.82
C THR KA 8 -75.27 -41.67 114.11
N VAL KA 9 -75.77 -42.67 114.83
CA VAL KA 9 -76.70 -42.42 115.93
C VAL KA 9 -75.93 -42.05 117.19
N TRP KA 10 -76.32 -40.94 117.81
CA TRP KA 10 -75.80 -40.55 119.12
C TRP KA 10 -76.57 -41.24 120.23
N SER KA 11 -75.90 -41.49 121.34
CA SER KA 11 -76.54 -42.04 122.52
C SER KA 11 -77.33 -40.94 123.21
N PRO KA 12 -78.22 -41.30 124.13
CA PRO KA 12 -78.77 -40.27 125.04
C PRO KA 12 -77.72 -39.70 125.98
N GLN KA 13 -76.65 -40.43 126.24
CA GLN KA 13 -75.52 -39.94 127.01
C GLN KA 13 -74.37 -39.48 126.13
N GLY KA 14 -74.46 -39.70 124.82
CA GLY KA 14 -73.53 -39.12 123.89
C GLY KA 14 -72.31 -39.94 123.59
N ARG KA 15 -72.24 -41.18 124.07
CA ARG KA 15 -71.14 -42.08 123.75
C ARG KA 15 -71.57 -43.01 122.64
N ILE KA 16 -70.98 -42.84 121.47
CA ILE KA 16 -71.30 -43.65 120.31
C ILE KA 16 -70.74 -45.04 120.52
N HIS KA 17 -71.62 -46.03 120.68
CA HIS KA 17 -71.20 -47.37 121.05
C HIS KA 17 -70.45 -48.12 119.95
N GLN KA 18 -70.50 -47.66 118.70
CA GLN KA 18 -69.79 -48.36 117.64
C GLN KA 18 -68.29 -48.11 117.74
N ILE KA 19 -67.90 -46.92 118.18
CA ILE KA 19 -66.48 -46.66 118.43
C ILE KA 19 -66.00 -47.43 119.63
N GLU KA 20 -66.84 -47.56 120.68
CA GLU KA 20 -66.47 -48.38 121.84
C GLU KA 20 -66.32 -49.85 121.46
N TYR KA 21 -67.21 -50.36 120.61
CA TYR KA 21 -67.12 -51.74 120.20
C TYR KA 21 -65.95 -51.95 119.25
N ALA KA 22 -65.53 -50.88 118.56
CA ALA KA 22 -64.30 -50.95 117.79
C ALA KA 22 -63.08 -50.98 118.69
N MET KA 23 -63.13 -50.28 119.84
CA MET KA 23 -62.05 -50.37 120.82
C MET KA 23 -61.95 -51.79 121.38
N GLU KA 24 -63.11 -52.41 121.62
CA GLU KA 24 -63.11 -53.80 122.06
C GLU KA 24 -62.66 -54.73 120.94
N ALA KA 25 -62.79 -54.30 119.68
CA ALA KA 25 -62.19 -55.05 118.60
C ALA KA 25 -60.69 -54.83 118.53
N VAL KA 26 -60.19 -53.75 119.11
CA VAL KA 26 -58.74 -53.58 119.21
C VAL KA 26 -58.18 -54.44 120.32
N LYS KA 27 -58.93 -54.60 121.42
CA LYS KA 27 -58.41 -55.33 122.58
C LYS KA 27 -58.36 -56.84 122.35
N GLN KA 28 -58.88 -57.32 121.22
CA GLN KA 28 -58.77 -58.75 120.93
C GLN KA 28 -57.52 -59.08 120.13
N GLY KA 29 -56.72 -58.07 119.78
CA GLY KA 29 -55.47 -58.31 119.10
C GLY KA 29 -54.37 -58.78 120.03
N SER KA 30 -53.19 -59.07 119.49
CA SER KA 30 -52.07 -59.45 120.32
C SER KA 30 -51.51 -58.22 121.02
N ALA KA 31 -50.86 -58.42 122.16
CA ALA KA 31 -50.23 -57.33 122.88
C ALA KA 31 -48.97 -56.89 122.17
N THR KA 32 -48.64 -55.61 122.24
CA THR KA 32 -47.43 -55.10 121.64
C THR KA 32 -46.97 -53.85 122.38
N VAL KA 33 -45.66 -53.77 122.62
CA VAL KA 33 -45.06 -52.72 123.46
C VAL KA 33 -44.00 -52.01 122.63
N GLY KA 34 -44.13 -50.69 122.51
CA GLY KA 34 -43.16 -49.87 121.82
C GLY KA 34 -42.68 -48.72 122.69
N LEU KA 35 -41.37 -48.46 122.64
CA LEU KA 35 -40.77 -47.45 123.49
C LEU KA 35 -39.46 -46.97 122.87
N LYS KA 36 -39.10 -45.74 123.22
CA LYS KA 36 -37.99 -45.04 122.59
C LYS KA 36 -36.86 -44.80 123.58
N SER KA 37 -35.68 -44.53 123.04
CA SER KA 37 -34.54 -44.01 123.77
C SER KA 37 -34.33 -42.57 123.32
N LYS KA 38 -33.19 -41.98 123.69
CA LYS KA 38 -32.83 -40.70 123.08
C LYS KA 38 -32.40 -40.83 121.63
N THR KA 39 -32.02 -42.01 121.16
CA THR KA 39 -31.54 -42.16 119.80
C THR KA 39 -32.19 -43.33 119.04
N HIS KA 40 -32.72 -44.31 119.74
CA HIS KA 40 -33.21 -45.51 119.08
C HIS KA 40 -34.66 -45.79 119.45
N ALA KA 41 -35.42 -46.30 118.48
CA ALA KA 41 -36.84 -46.58 118.64
C ALA KA 41 -37.08 -48.07 118.51
N VAL KA 42 -37.76 -48.64 119.51
CA VAL KA 42 -37.96 -50.08 119.62
C VAL KA 42 -39.45 -50.36 119.79
N LEU KA 43 -39.98 -51.29 119.00
CA LEU KA 43 -41.33 -51.79 119.18
C LEU KA 43 -41.32 -53.31 119.13
N VAL KA 44 -42.00 -53.93 120.08
CA VAL KA 44 -41.94 -55.38 120.28
C VAL KA 44 -43.36 -55.92 120.28
N ALA KA 45 -43.61 -56.93 119.44
CA ALA KA 45 -44.92 -57.56 119.34
C ALA KA 45 -44.78 -59.07 119.43
N LEU KA 46 -45.74 -59.71 120.10
CA LEU KA 46 -45.79 -61.15 120.23
C LEU KA 46 -46.55 -61.74 119.06
N LYS KA 47 -45.91 -62.64 118.33
CA LYS KA 47 -46.62 -63.34 117.27
C LYS KA 47 -47.52 -64.42 117.85
N ARG KA 48 -48.71 -64.55 117.27
CA ARG KA 48 -49.63 -65.60 117.67
C ARG KA 48 -49.79 -66.58 116.51
N ALA KA 49 -50.34 -67.74 116.82
CA ALA KA 49 -50.58 -68.79 115.83
C ALA KA 49 -52.06 -69.14 115.78
N GLN KA 50 -52.38 -70.03 114.84
CA GLN KA 50 -53.72 -70.63 114.80
C GLN KA 50 -53.71 -72.01 115.42
N SER KA 51 -52.72 -72.83 115.09
CA SER KA 51 -52.56 -74.15 115.67
C SER KA 51 -51.07 -74.46 115.79
N GLU KA 52 -50.76 -75.72 116.12
CA GLU KA 52 -49.39 -76.15 116.38
C GLU KA 52 -48.48 -76.05 115.17
N LEU KA 53 -48.79 -76.81 114.12
CA LEU KA 53 -47.92 -76.82 112.95
C LEU KA 53 -48.23 -75.68 112.00
N ALA KA 54 -49.19 -74.84 112.33
CA ALA KA 54 -49.38 -73.60 111.59
C ALA KA 54 -48.26 -72.62 111.95
N ALA KA 55 -47.76 -71.90 110.96
CA ALA KA 55 -46.73 -70.91 111.22
C ALA KA 55 -47.32 -69.71 111.95
N HIS KA 56 -46.45 -68.96 112.63
CA HIS KA 56 -46.92 -67.89 113.50
C HIS KA 56 -47.27 -66.65 112.69
N GLN KA 57 -48.40 -66.04 113.03
CA GLN KA 57 -48.87 -64.85 112.33
C GLN KA 57 -48.03 -63.65 112.73
N LYS KA 58 -47.47 -62.95 111.75
CA LYS KA 58 -46.64 -61.81 112.06
C LYS KA 58 -47.47 -60.55 112.23
N LYS KA 59 -47.00 -59.65 113.09
CA LYS KA 59 -47.63 -58.38 113.35
C LYS KA 59 -46.82 -57.20 112.83
N ILE KA 60 -45.53 -57.15 113.20
CA ILE KA 60 -44.69 -56.02 112.81
C ILE KA 60 -44.36 -56.09 111.32
N LEU KA 61 -44.63 -55.01 110.62
CA LEU KA 61 -44.39 -54.98 109.18
C LEU KA 61 -43.57 -53.74 108.83
N HIS KA 62 -43.40 -53.51 107.54
CA HIS KA 62 -42.44 -52.55 107.03
C HIS KA 62 -43.12 -51.52 106.14
N VAL KA 63 -42.71 -50.25 106.29
CA VAL KA 63 -43.32 -49.16 105.52
C VAL KA 63 -42.27 -48.42 104.70
N ASP KA 64 -41.19 -48.00 105.34
CA ASP KA 64 -40.15 -47.27 104.66
C ASP KA 64 -38.83 -47.52 105.39
N ASN KA 65 -37.76 -46.85 104.92
CA ASN KA 65 -36.44 -47.01 105.52
C ASN KA 65 -36.41 -46.48 106.95
N HIS KA 66 -37.21 -45.46 107.24
CA HIS KA 66 -37.15 -44.81 108.53
C HIS KA 66 -38.44 -44.84 109.31
N ILE KA 67 -39.53 -45.38 108.74
CA ILE KA 67 -40.79 -45.51 109.46
C ILE KA 67 -41.30 -46.93 109.30
N GLY KA 68 -41.60 -47.59 110.43
CA GLY KA 68 -42.32 -48.84 110.43
C GLY KA 68 -43.39 -48.82 111.50
N ILE KA 69 -44.37 -49.70 111.35
CA ILE KA 69 -45.54 -49.71 112.23
C ILE KA 69 -45.73 -51.10 112.84
N SER KA 70 -46.38 -51.13 113.99
CA SER KA 70 -46.89 -52.35 114.60
C SER KA 70 -48.41 -52.36 114.41
N ILE KA 71 -49.06 -53.44 114.85
CA ILE KA 71 -50.47 -53.66 114.51
C ILE KA 71 -51.12 -54.56 115.54
N ALA KA 72 -52.45 -54.47 115.65
CA ALA KA 72 -53.30 -55.40 116.37
C ALA KA 72 -54.73 -55.25 115.86
N GLY KA 73 -55.50 -56.33 115.96
CA GLY KA 73 -56.89 -56.32 115.55
C GLY KA 73 -57.16 -57.19 114.33
N LEU KA 74 -57.55 -56.51 113.26
CA LEU KA 74 -57.74 -57.17 111.97
C LEU KA 74 -56.47 -57.01 111.12
N THR KA 75 -56.40 -57.73 110.02
CA THR KA 75 -55.21 -57.62 109.16
C THR KA 75 -55.55 -57.02 107.80
N ALA KA 76 -56.81 -57.10 107.37
CA ALA KA 76 -57.19 -56.58 106.07
C ALA KA 76 -57.16 -55.06 106.05
N ASP KA 77 -57.85 -54.43 107.00
CA ASP KA 77 -57.82 -52.99 107.13
C ASP KA 77 -56.43 -52.50 107.54
N ALA KA 78 -55.68 -53.35 108.23
CA ALA KA 78 -54.27 -53.09 108.51
C ALA KA 78 -53.48 -52.97 107.21
N ARG KA 79 -53.73 -53.86 106.26
CA ARG KA 79 -53.07 -53.75 104.96
C ARG KA 79 -53.59 -52.56 104.17
N LEU KA 80 -54.82 -52.14 104.43
CA LEU KA 80 -55.37 -50.98 103.74
C LEU KA 80 -54.67 -49.71 104.18
N LEU KA 81 -54.61 -49.48 105.50
CA LEU KA 81 -53.86 -48.33 106.03
C LEU KA 81 -52.37 -48.47 105.78
N CYS KA 82 -51.90 -49.70 105.60
CA CYS KA 82 -50.52 -49.91 105.19
C CYS KA 82 -50.30 -49.42 103.76
N ASN KA 83 -51.25 -49.69 102.86
CA ASN KA 83 -51.08 -49.28 101.47
C ASN KA 83 -51.20 -47.76 101.32
N PHE KA 84 -52.14 -47.17 102.04
CA PHE KA 84 -52.22 -45.71 102.05
C PHE KA 84 -51.02 -45.10 102.75
N MET KA 85 -50.45 -45.81 103.74
CA MET KA 85 -49.26 -45.36 104.44
C MET KA 85 -48.06 -45.29 103.50
N ARG KA 86 -47.78 -46.40 102.80
CA ARG KA 86 -46.69 -46.44 101.84
C ARG KA 86 -46.88 -45.42 100.74
N GLN KA 87 -48.13 -45.26 100.28
CA GLN KA 87 -48.42 -44.37 99.17
C GLN KA 87 -48.19 -42.91 99.55
N GLU KA 88 -48.60 -42.54 100.77
CA GLU KA 88 -48.34 -41.18 101.24
C GLU KA 88 -46.86 -40.95 101.52
N CYS KA 89 -46.13 -42.01 101.88
CA CYS KA 89 -44.68 -41.86 102.04
C CYS KA 89 -44.01 -41.57 100.72
N LEU KA 90 -44.24 -42.42 99.72
CA LEU KA 90 -43.52 -42.26 98.47
C LEU KA 90 -44.08 -41.15 97.59
N ASP KA 91 -45.26 -40.60 97.93
CA ASP KA 91 -45.72 -39.39 97.25
C ASP KA 91 -44.83 -38.21 97.54
N SER KA 92 -44.68 -37.85 98.82
CA SER KA 92 -43.81 -36.73 99.16
C SER KA 92 -42.36 -37.07 98.96
N ARG KA 93 -42.00 -38.35 99.14
CA ARG KA 93 -40.67 -38.83 98.81
C ARG KA 93 -40.37 -38.69 97.32
N PHE KA 94 -41.39 -38.76 96.49
CA PHE KA 94 -41.26 -38.51 95.06
C PHE KA 94 -41.26 -37.03 94.70
N VAL KA 95 -42.17 -36.25 95.28
CA VAL KA 95 -42.34 -34.86 94.85
C VAL KA 95 -41.29 -33.97 95.49
N PHE KA 96 -41.28 -33.88 96.82
CA PHE KA 96 -40.44 -32.92 97.50
C PHE KA 96 -39.00 -33.37 97.65
N ASP KA 97 -38.71 -34.65 97.36
CA ASP KA 97 -37.39 -35.26 97.46
C ASP KA 97 -36.86 -35.17 98.90
N ARG KA 98 -37.77 -35.29 99.85
CA ARG KA 98 -37.43 -35.36 101.26
C ARG KA 98 -38.13 -36.57 101.85
N PRO KA 99 -37.62 -37.11 102.93
CA PRO KA 99 -38.42 -38.06 103.70
C PRO KA 99 -39.43 -37.31 104.54
N LEU KA 100 -40.57 -37.94 104.85
CA LEU KA 100 -41.60 -37.26 105.61
C LEU KA 100 -41.28 -37.29 107.10
N PRO KA 101 -41.44 -36.17 107.78
CA PRO KA 101 -41.58 -36.21 109.24
C PRO KA 101 -42.84 -36.97 109.63
N VAL KA 102 -42.85 -37.50 110.85
CA VAL KA 102 -43.85 -38.49 111.21
C VAL KA 102 -45.17 -37.83 111.56
N SER KA 103 -45.12 -36.63 112.13
CA SER KA 103 -46.29 -35.97 112.72
C SER KA 103 -47.37 -35.65 111.70
N ARG KA 104 -47.01 -34.99 110.61
CA ARG KA 104 -48.01 -34.66 109.60
C ARG KA 104 -48.50 -35.90 108.87
N LEU KA 105 -47.66 -36.94 108.78
CA LEU KA 105 -48.08 -38.17 108.12
C LEU KA 105 -49.12 -38.91 108.95
N VAL KA 106 -48.91 -38.95 110.27
CA VAL KA 106 -49.89 -39.59 111.15
C VAL KA 106 -51.15 -38.73 111.25
N SER KA 107 -51.02 -37.41 111.09
CA SER KA 107 -52.22 -36.59 110.98
C SER KA 107 -53.00 -36.89 109.70
N LEU KA 108 -52.29 -37.23 108.62
CA LEU KA 108 -52.97 -37.69 107.40
C LEU KA 108 -53.61 -39.04 107.61
N ILE KA 109 -53.03 -39.88 108.47
CA ILE KA 109 -53.69 -41.14 108.84
C ILE KA 109 -54.99 -40.85 109.58
N GLY KA 110 -54.97 -39.87 110.50
CA GLY KA 110 -56.17 -39.52 111.22
C GLY KA 110 -57.25 -38.94 110.33
N SER KA 111 -56.85 -38.11 109.36
CA SER KA 111 -57.82 -37.58 108.42
C SER KA 111 -58.34 -38.66 107.49
N LYS KA 112 -57.53 -39.69 107.21
CA LYS KA 112 -58.00 -40.80 106.39
C LYS KA 112 -59.02 -41.64 107.16
N THR KA 113 -58.78 -41.86 108.44
CA THR KA 113 -59.73 -42.62 109.24
C THR KA 113 -60.88 -41.77 109.78
N GLN KA 114 -60.90 -40.48 109.47
CA GLN KA 114 -62.01 -39.63 109.92
C GLN KA 114 -63.31 -39.95 109.19
N ILE KA 115 -63.25 -39.97 107.85
CA ILE KA 115 -64.47 -40.06 107.04
C ILE KA 115 -65.32 -41.30 107.30
N PRO KA 116 -64.79 -42.53 107.37
CA PRO KA 116 -65.69 -43.66 107.68
C PRO KA 116 -66.21 -43.68 109.12
N THR KA 117 -65.70 -42.84 110.01
CA THR KA 117 -66.24 -42.76 111.36
C THR KA 117 -67.42 -41.83 111.47
N GLN KA 118 -67.92 -41.29 110.37
CA GLN KA 118 -69.00 -40.31 110.46
C GLN KA 118 -70.16 -40.61 109.51
N ARG KA 119 -69.86 -41.07 108.29
CA ARG KA 119 -70.88 -41.15 107.26
C ARG KA 119 -71.75 -42.37 107.43
N TYR KA 120 -72.70 -42.54 106.51
CA TYR KA 120 -73.66 -43.62 106.62
C TYR KA 120 -73.11 -44.90 106.00
N GLY KA 121 -73.41 -46.01 106.64
CA GLY KA 121 -73.17 -47.32 106.06
C GLY KA 121 -71.71 -47.72 105.94
N ARG KA 122 -70.84 -47.13 106.75
CA ARG KA 122 -69.43 -47.45 106.74
C ARG KA 122 -69.05 -48.10 108.06
N ARG KA 123 -67.84 -48.65 108.12
CA ARG KA 123 -67.30 -49.15 109.37
C ARG KA 123 -66.07 -48.35 109.73
N PRO KA 124 -65.73 -48.28 111.01
CA PRO KA 124 -64.42 -47.73 111.38
C PRO KA 124 -63.30 -48.72 111.07
N TYR KA 125 -62.06 -48.33 111.32
CA TYR KA 125 -60.93 -49.24 111.17
C TYR KA 125 -60.57 -49.80 112.53
N GLY KA 126 -60.84 -51.08 112.74
CA GLY KA 126 -60.34 -51.79 113.90
C GLY KA 126 -58.87 -52.06 113.67
N VAL KA 127 -58.02 -51.29 114.36
CA VAL KA 127 -56.62 -51.21 113.99
C VAL KA 127 -55.81 -50.89 115.25
N GLY KA 128 -54.58 -51.41 115.29
CA GLY KA 128 -53.72 -51.30 116.45
C GLY KA 128 -52.39 -50.62 116.21
N LEU KA 129 -52.38 -49.48 115.53
CA LEU KA 129 -51.15 -48.87 115.05
C LEU KA 129 -50.24 -48.41 116.19
N LEU KA 130 -48.99 -48.84 116.15
CA LEU KA 130 -47.90 -48.25 116.91
C LEU KA 130 -46.83 -47.83 115.92
N ILE KA 131 -46.67 -46.52 115.75
CA ILE KA 131 -45.91 -45.97 114.64
C ILE KA 131 -44.61 -45.39 115.14
N ALA KA 132 -43.50 -45.96 114.68
CA ALA KA 132 -42.17 -45.44 115.01
C ALA KA 132 -41.56 -44.82 113.77
N GLY KA 133 -40.72 -43.81 113.97
CA GLY KA 133 -40.19 -43.07 112.83
C GLY KA 133 -39.12 -42.08 113.22
N TYR KA 134 -38.55 -41.43 112.21
CA TYR KA 134 -37.45 -40.47 112.39
C TYR KA 134 -37.58 -39.25 111.51
N ASP KA 135 -37.87 -38.13 112.15
CA ASP KA 135 -37.71 -36.80 111.60
C ASP KA 135 -36.45 -36.18 112.19
N ASP KA 136 -36.31 -34.86 112.01
CA ASP KA 136 -35.15 -34.15 112.53
C ASP KA 136 -35.24 -33.81 114.01
N MET KA 137 -36.13 -34.46 114.77
CA MET KA 137 -36.11 -34.33 116.22
C MET KA 137 -36.05 -35.68 116.93
N GLY KA 138 -35.60 -36.73 116.25
CA GLY KA 138 -35.31 -37.97 116.90
C GLY KA 138 -36.42 -39.00 116.79
N PRO KA 139 -36.52 -39.87 117.79
CA PRO KA 139 -37.50 -40.95 117.71
C PRO KA 139 -38.90 -40.47 118.05
N HIS KA 140 -39.88 -41.26 117.65
CA HIS KA 140 -41.28 -41.02 118.00
C HIS KA 140 -41.95 -42.36 118.20
N ILE KA 141 -42.84 -42.43 119.19
CA ILE KA 141 -43.77 -43.54 119.31
C ILE KA 141 -45.15 -42.95 119.32
N PHE KA 142 -45.92 -43.20 118.28
CA PHE KA 142 -47.31 -42.77 118.22
C PHE KA 142 -48.19 -43.99 118.39
N GLN KA 143 -49.45 -43.73 118.72
CA GLN KA 143 -50.46 -44.76 118.59
C GLN KA 143 -51.70 -44.12 118.03
N THR KA 144 -52.61 -44.95 117.55
CA THR KA 144 -53.90 -44.51 117.05
C THR KA 144 -54.99 -45.25 117.80
N CYS KA 145 -56.21 -45.10 117.28
CA CYS KA 145 -57.40 -45.71 117.81
C CYS KA 145 -58.44 -45.65 116.69
N PRO KA 146 -59.56 -46.38 116.83
CA PRO KA 146 -60.64 -46.19 115.84
C PRO KA 146 -61.28 -44.82 115.89
N SER KA 147 -61.16 -44.10 117.01
CA SER KA 147 -61.66 -42.73 117.06
C SER KA 147 -60.60 -41.75 116.57
N ALA KA 148 -59.45 -42.26 116.13
CA ALA KA 148 -58.31 -41.53 115.56
C ALA KA 148 -57.76 -40.47 116.50
N ASN KA 149 -57.90 -40.69 117.81
CA ASN KA 149 -57.39 -39.76 118.81
C ASN KA 149 -55.93 -40.11 119.04
N TYR KA 150 -55.08 -39.76 118.09
CA TYR KA 150 -53.70 -40.21 118.06
C TYR KA 150 -52.88 -39.46 119.10
N PHE KA 151 -52.04 -40.21 119.78
CA PHE KA 151 -51.24 -39.70 120.90
C PHE KA 151 -49.78 -39.66 120.51
N ASP KA 152 -49.05 -38.74 121.13
CA ASP KA 152 -47.59 -38.81 121.21
C ASP KA 152 -47.27 -39.35 122.60
N CYS KA 153 -46.44 -40.38 122.65
CA CYS KA 153 -46.19 -41.09 123.89
C CYS KA 153 -44.77 -41.61 123.90
N ARG KA 154 -44.24 -41.84 125.09
CA ARG KA 154 -42.92 -42.41 125.24
C ARG KA 154 -42.95 -43.93 125.30
N ALA KA 155 -44.07 -44.48 125.75
CA ALA KA 155 -44.34 -45.91 125.69
C ALA KA 155 -45.83 -46.12 125.93
N MET KA 156 -46.48 -46.81 125.00
CA MET KA 156 -47.83 -47.31 125.19
C MET KA 156 -47.89 -48.75 124.72
N SER KA 157 -48.99 -49.41 125.06
CA SER KA 157 -49.17 -50.81 124.72
C SER KA 157 -50.64 -51.11 124.57
N ILE KA 158 -50.99 -51.71 123.44
CA ILE KA 158 -52.37 -52.02 123.10
C ILE KA 158 -52.48 -53.51 122.76
N GLY KA 159 -53.68 -54.03 122.91
CA GLY KA 159 -53.90 -55.45 122.72
C GLY KA 159 -54.51 -56.12 123.94
N ALA KA 160 -54.11 -57.36 124.15
CA ALA KA 160 -54.61 -58.12 125.30
C ALA KA 160 -53.82 -57.80 126.56
N ARG KA 161 -54.56 -57.48 127.64
CA ARG KA 161 -54.09 -57.36 129.03
C ARG KA 161 -52.85 -56.47 129.20
N SER KA 162 -52.76 -55.43 128.37
CA SER KA 162 -51.52 -54.67 128.25
C SER KA 162 -51.29 -53.74 129.44
N GLN KA 163 -52.28 -53.62 130.33
CA GLN KA 163 -52.16 -52.68 131.43
C GLN KA 163 -51.18 -53.15 132.49
N SER KA 164 -51.09 -54.47 132.70
CA SER KA 164 -50.10 -55.00 133.64
C SER KA 164 -48.70 -54.78 133.10
N ALA KA 165 -48.53 -54.82 131.78
CA ALA KA 165 -47.27 -54.45 131.16
C ALA KA 165 -46.94 -52.98 131.42
N ARG KA 166 -47.98 -52.12 131.47
CA ARG KA 166 -47.73 -50.74 131.87
C ARG KA 166 -47.31 -50.65 133.32
N THR KA 167 -47.86 -51.53 134.18
CA THR KA 167 -47.40 -51.54 135.57
C THR KA 167 -45.96 -52.03 135.68
N TYR KA 168 -45.46 -52.78 134.68
CA TYR KA 168 -44.01 -52.90 134.58
C TYR KA 168 -43.37 -51.63 134.05
N LEU KA 169 -44.08 -50.88 133.19
CA LEU KA 169 -43.45 -49.77 132.49
C LEU KA 169 -43.17 -48.59 133.42
N GLU KA 170 -44.11 -48.25 134.32
CA GLU KA 170 -43.98 -47.01 135.08
C GLU KA 170 -42.83 -47.03 136.07
N ARG KA 171 -42.42 -48.23 136.51
CA ARG KA 171 -41.33 -48.30 137.48
C ARG KA 171 -39.96 -48.31 136.80
N HIS KA 172 -39.93 -48.11 135.47
CA HIS KA 172 -38.66 -48.00 134.76
C HIS KA 172 -38.68 -46.96 133.64
N MET KA 173 -39.80 -46.32 133.37
CA MET KA 173 -39.89 -45.55 132.14
C MET KA 173 -39.46 -44.10 132.32
N SER KA 174 -38.90 -43.75 133.47
CA SER KA 174 -37.98 -42.62 133.53
C SER KA 174 -36.55 -43.09 133.32
N GLU KA 175 -36.25 -44.33 133.68
CA GLU KA 175 -34.95 -44.91 133.44
C GLU KA 175 -34.74 -45.32 131.99
N PHE KA 176 -35.79 -45.33 131.17
CA PHE KA 176 -35.64 -45.74 129.77
C PHE KA 176 -34.87 -44.74 128.93
N MET KA 177 -34.84 -43.47 129.33
CA MET KA 177 -34.23 -42.43 128.52
C MET KA 177 -32.71 -42.49 128.49
N GLU KA 178 -32.09 -43.29 129.36
CA GLU KA 178 -30.65 -43.28 129.54
C GLU KA 178 -29.92 -44.20 128.57
N CYS KA 179 -30.47 -45.40 128.35
CA CYS KA 179 -29.63 -46.51 127.91
C CYS KA 179 -29.63 -46.66 126.39
N ASN KA 180 -28.66 -47.45 125.91
CA ASN KA 180 -28.53 -47.78 124.51
C ASN KA 180 -29.39 -49.01 124.19
N LEU KA 181 -29.11 -49.64 123.04
CA LEU KA 181 -30.05 -50.53 122.36
C LEU KA 181 -30.39 -51.75 123.19
N ASN KA 182 -29.38 -52.52 123.60
CA ASN KA 182 -29.53 -53.90 124.06
C ASN KA 182 -30.36 -54.02 125.32
N GLU KA 183 -29.99 -53.28 126.38
CA GLU KA 183 -30.76 -53.40 127.60
C GLU KA 183 -32.11 -52.70 127.50
N LEU KA 184 -32.27 -51.75 126.56
CA LEU KA 184 -33.59 -51.21 126.27
C LEU KA 184 -34.49 -52.26 125.65
N VAL KA 185 -33.95 -53.05 124.71
CA VAL KA 185 -34.70 -54.13 124.09
C VAL KA 185 -35.09 -55.17 125.12
N LYS KA 186 -34.19 -55.50 126.04
CA LYS KA 186 -34.61 -56.45 127.05
C LYS KA 186 -35.50 -55.82 128.12
N HIS KA 187 -35.51 -54.49 128.24
CA HIS KA 187 -36.61 -53.86 128.97
C HIS KA 187 -37.93 -54.08 128.25
N GLY KA 188 -37.90 -54.08 126.91
CA GLY KA 188 -39.13 -54.28 126.15
C GLY KA 188 -39.67 -55.70 126.29
N LEU KA 189 -38.81 -56.70 126.16
CA LEU KA 189 -39.31 -58.06 126.29
C LEU KA 189 -39.48 -58.49 127.75
N ARG KA 190 -38.81 -57.84 128.70
CA ARG KA 190 -39.28 -57.94 130.08
C ARG KA 190 -40.65 -57.31 130.26
N ALA KA 191 -40.98 -56.29 129.48
CA ALA KA 191 -42.34 -55.78 129.53
C ALA KA 191 -43.32 -56.72 128.84
N LEU KA 192 -42.81 -57.60 127.97
CA LEU KA 192 -43.70 -58.65 127.46
C LEU KA 192 -43.76 -59.87 128.37
N ARG KA 193 -42.84 -60.01 129.33
CA ARG KA 193 -42.92 -61.26 130.10
C ARG KA 193 -43.89 -61.16 131.28
N GLU KA 194 -44.66 -60.08 131.39
CA GLU KA 194 -45.87 -60.10 132.21
C GLU KA 194 -47.13 -60.17 131.37
N THR KA 195 -47.02 -60.16 130.05
CA THR KA 195 -48.20 -60.25 129.20
C THR KA 195 -48.70 -61.68 129.11
N LEU KA 196 -47.87 -62.64 129.47
CA LEU KA 196 -48.27 -64.03 129.42
C LEU KA 196 -48.47 -64.58 130.82
N PRO KA 197 -49.16 -65.73 130.95
CA PRO KA 197 -49.05 -66.52 132.18
C PRO KA 197 -47.61 -66.95 132.42
N ALA KA 198 -47.30 -67.14 133.71
CA ALA KA 198 -45.91 -67.13 134.16
C ALA KA 198 -45.17 -68.42 133.79
N GLU KA 199 -45.90 -69.49 133.48
CA GLU KA 199 -45.26 -70.79 133.36
C GLU KA 199 -44.59 -70.98 131.99
N GLN KA 200 -45.03 -70.25 130.97
CA GLN KA 200 -44.58 -70.51 129.61
C GLN KA 200 -43.81 -69.32 129.03
N ASP KA 201 -42.96 -69.61 128.05
CA ASP KA 201 -42.14 -68.57 127.42
C ASP KA 201 -42.47 -68.41 125.94
N LEU KA 202 -42.60 -67.16 125.49
CA LEU KA 202 -41.50 -66.25 125.27
C LEU KA 202 -40.24 -66.91 124.70
N THR KA 203 -40.40 -67.56 123.55
CA THR KA 203 -39.30 -68.22 122.86
C THR KA 203 -38.77 -67.34 121.75
N THR KA 204 -37.97 -67.95 120.86
CA THR KA 204 -37.57 -67.26 119.65
C THR KA 204 -38.75 -67.04 118.72
N LYS KA 205 -39.39 -68.11 118.28
CA LYS KA 205 -40.30 -68.07 117.14
C LYS KA 205 -41.64 -67.39 117.42
N ASN KA 206 -41.84 -66.79 118.59
CA ASN KA 206 -43.13 -66.16 118.87
C ASN KA 206 -43.00 -64.66 119.07
N VAL KA 207 -41.77 -64.14 119.09
CA VAL KA 207 -41.56 -62.71 119.31
C VAL KA 207 -40.75 -62.17 118.13
N SER KA 208 -40.81 -60.85 117.95
CA SER KA 208 -40.03 -60.17 116.94
C SER KA 208 -39.74 -58.74 117.38
N ILE KA 209 -38.49 -58.33 117.21
CA ILE KA 209 -38.03 -57.01 117.60
C ILE KA 209 -37.36 -56.36 116.39
N GLY KA 210 -37.78 -55.16 116.06
CA GLY KA 210 -37.18 -54.39 115.00
C GLY KA 210 -36.94 -52.96 115.42
N ILE KA 211 -35.70 -52.49 115.27
CA ILE KA 211 -35.28 -51.23 115.85
C ILE KA 211 -34.95 -50.25 114.74
N VAL KA 212 -35.56 -49.07 114.78
CA VAL KA 212 -35.17 -47.98 113.91
C VAL KA 212 -34.49 -46.92 114.77
N GLY KA 213 -33.43 -46.31 114.23
CA GLY KA 213 -32.59 -45.41 114.98
C GLY KA 213 -32.34 -44.13 114.21
N LYS KA 214 -31.68 -43.18 114.88
CA LYS KA 214 -31.40 -41.89 114.27
C LYS KA 214 -30.27 -41.98 113.26
N ASP KA 215 -29.54 -43.09 113.27
CA ASP KA 215 -28.66 -43.47 112.19
C ASP KA 215 -28.91 -44.88 111.72
N LEU KA 216 -29.89 -45.57 112.29
CA LEU KA 216 -30.18 -46.96 111.98
C LEU KA 216 -31.44 -47.07 111.13
N GLU KA 217 -31.35 -47.82 110.05
CA GLU KA 217 -32.48 -48.07 109.17
C GLU KA 217 -33.43 -49.04 109.84
N PHE KA 218 -34.72 -48.92 109.51
CA PHE KA 218 -35.75 -49.78 110.09
C PHE KA 218 -35.60 -51.22 109.59
N THR KA 219 -35.27 -52.14 110.49
CA THR KA 219 -34.93 -53.49 110.11
C THR KA 219 -35.66 -54.50 110.99
N ILE KA 220 -36.45 -55.36 110.36
CA ILE KA 220 -37.24 -56.35 111.08
C ILE KA 220 -36.41 -57.61 111.26
N TYR KA 221 -36.42 -58.17 112.47
CA TYR KA 221 -35.65 -59.36 112.79
C TYR KA 221 -36.60 -60.48 113.18
N ASP KA 222 -36.16 -61.73 112.99
CA ASP KA 222 -37.01 -62.87 113.31
C ASP KA 222 -36.18 -64.05 113.81
N ASP KA 223 -36.25 -64.28 115.13
CA ASP KA 223 -35.92 -65.51 115.87
C ASP KA 223 -34.40 -65.70 115.94
N ASP KA 224 -33.61 -65.06 115.09
CA ASP KA 224 -32.25 -65.54 114.86
C ASP KA 224 -31.25 -64.43 115.07
N ASP KA 225 -31.61 -63.21 114.69
CA ASP KA 225 -30.99 -62.05 115.29
C ASP KA 225 -31.73 -61.68 116.57
N VAL KA 226 -32.86 -62.35 116.81
CA VAL KA 226 -33.56 -62.27 118.09
C VAL KA 226 -33.00 -63.26 119.11
N SER KA 227 -32.43 -64.38 118.64
CA SER KA 227 -31.69 -65.29 119.51
C SER KA 227 -30.56 -64.64 120.34
N PRO KA 228 -29.80 -63.64 119.87
CA PRO KA 228 -28.95 -62.91 120.83
C PRO KA 228 -29.73 -62.07 121.83
N PHE KA 229 -30.84 -61.47 121.42
CA PHE KA 229 -31.59 -60.58 122.31
C PHE KA 229 -32.26 -61.32 123.46
N LEU KA 230 -32.49 -62.62 123.33
CA LEU KA 230 -33.21 -63.35 124.36
C LEU KA 230 -32.33 -63.81 125.50
N GLU KA 231 -31.02 -63.57 125.45
CA GLU KA 231 -30.24 -63.94 126.61
C GLU KA 231 -30.02 -62.74 127.52
N GLY KA 232 -29.69 -63.02 128.77
CA GLY KA 232 -29.57 -62.00 129.77
C GLY KA 232 -30.86 -61.74 130.53
N LEU KA 233 -31.58 -62.80 130.88
CA LEU KA 233 -32.89 -62.70 131.52
C LEU KA 233 -32.93 -63.56 132.77
N GLU KA 234 -33.58 -63.05 133.81
CA GLU KA 234 -33.74 -63.78 135.05
C GLU KA 234 -35.07 -64.52 135.06
N GLU KA 235 -35.22 -65.45 136.00
CA GLU KA 235 -36.44 -66.21 136.10
C GLU KA 235 -37.49 -65.45 136.90
N ARG KA 236 -38.76 -65.64 136.53
CA ARG KA 236 -39.86 -65.10 137.30
C ARG KA 236 -40.08 -65.91 138.57
N PRO KA 237 -39.90 -65.30 139.75
CA PRO KA 237 -40.04 -66.06 141.01
C PRO KA 237 -41.50 -66.39 141.33
N GLN KA 238 -41.69 -67.38 142.21
CA GLN KA 238 -43.03 -67.82 142.58
C GLN KA 238 -43.72 -66.81 143.49
N THR LA 5 -90.41 -43.19 121.06
CA THR LA 5 -89.49 -44.11 120.41
C THR LA 5 -89.37 -43.78 118.94
N GLY LA 6 -88.16 -43.95 118.39
CA GLY LA 6 -87.91 -43.67 117.00
C GLY LA 6 -87.60 -42.23 116.67
N TYR LA 7 -88.06 -41.28 117.48
CA TYR LA 7 -87.82 -39.87 117.24
C TYR LA 7 -86.37 -39.47 117.52
N ASP LA 8 -85.71 -40.15 118.45
CA ASP LA 8 -84.34 -39.81 118.83
C ASP LA 8 -83.29 -40.47 117.96
N LEU LA 9 -83.69 -41.36 117.05
CA LEU LA 9 -82.71 -42.16 116.32
C LEU LA 9 -82.02 -41.36 115.23
N SER LA 10 -82.79 -40.91 114.25
CA SER LA 10 -82.21 -40.30 113.06
C SER LA 10 -81.83 -38.85 113.34
N ALA LA 11 -80.91 -38.33 112.54
CA ALA LA 11 -80.41 -36.97 112.73
C ALA LA 11 -81.36 -35.92 112.19
N SER LA 12 -82.40 -36.31 111.47
CA SER LA 12 -83.27 -35.32 110.86
C SER LA 12 -84.74 -35.58 111.10
N THR LA 13 -85.09 -36.19 112.22
CA THR LA 13 -86.47 -36.28 112.65
C THR LA 13 -86.73 -35.23 113.72
N PHE LA 14 -87.94 -34.67 113.71
CA PHE LA 14 -88.33 -33.76 114.77
C PHE LA 14 -89.05 -34.54 115.86
N SER LA 15 -89.62 -33.80 116.80
CA SER LA 15 -90.27 -34.36 117.96
C SER LA 15 -91.68 -33.80 118.03
N PRO LA 16 -92.60 -34.47 118.74
CA PRO LA 16 -93.98 -33.97 118.79
C PRO LA 16 -94.17 -32.72 119.65
N ASP LA 17 -93.11 -32.11 120.15
CA ASP LA 17 -93.19 -30.77 120.73
C ASP LA 17 -92.43 -29.73 119.92
N GLY LA 18 -91.52 -30.13 119.04
CA GLY LA 18 -90.93 -29.21 118.09
C GLY LA 18 -89.43 -29.05 118.12
N ARG LA 19 -88.70 -29.93 118.78
CA ARG LA 19 -87.25 -29.79 118.84
C ARG LA 19 -86.56 -31.06 118.33
N VAL LA 20 -85.23 -31.02 118.35
CA VAL LA 20 -84.38 -32.12 117.91
C VAL LA 20 -83.75 -32.74 119.15
N PHE LA 21 -83.81 -34.07 119.25
CA PHE LA 21 -83.15 -34.75 120.36
C PHE LA 21 -81.65 -34.88 120.11
N GLN LA 22 -81.25 -35.00 118.84
CA GLN LA 22 -79.88 -35.29 118.44
C GLN LA 22 -78.87 -34.24 118.87
N VAL LA 23 -79.21 -32.97 118.68
CA VAL LA 23 -78.29 -31.88 118.97
C VAL LA 23 -78.01 -31.81 120.47
N GLU LA 24 -79.05 -32.02 121.29
CA GLU LA 24 -78.86 -32.04 122.74
C GLU LA 24 -78.04 -33.25 123.16
N TYR LA 25 -78.24 -34.38 122.47
CA TYR LA 25 -77.49 -35.60 122.77
C TYR LA 25 -76.01 -35.41 122.47
N ALA LA 26 -75.69 -34.74 121.36
CA ALA LA 26 -74.30 -34.48 121.03
C ALA LA 26 -73.70 -33.45 121.97
N MET LA 27 -74.49 -32.45 122.39
CA MET LA 27 -73.97 -31.40 123.25
C MET LA 27 -73.61 -31.91 124.63
N LYS LA 28 -74.48 -32.74 125.22
CA LYS LA 28 -74.20 -33.09 126.61
C LYS LA 28 -73.25 -34.27 126.76
N ALA LA 29 -72.47 -34.60 125.72
CA ALA LA 29 -71.24 -35.37 125.91
C ALA LA 29 -70.03 -34.46 125.75
N VAL LA 30 -70.17 -33.39 124.96
CA VAL LA 30 -69.13 -32.38 124.85
C VAL LA 30 -68.99 -31.61 126.17
N GLU LA 31 -70.10 -31.54 126.92
CA GLU LA 31 -70.08 -30.99 128.28
C GLU LA 31 -69.09 -31.71 129.18
N ASN LA 32 -68.86 -33.00 128.95
CA ASN LA 32 -67.98 -33.76 129.83
C ASN LA 32 -66.50 -33.46 129.63
N SER LA 33 -66.07 -33.20 128.39
CA SER LA 33 -64.67 -32.89 128.14
C SER LA 33 -64.33 -31.50 128.65
N SER LA 34 -63.60 -31.45 129.76
CA SER LA 34 -63.69 -30.32 130.67
C SER LA 34 -62.75 -29.17 130.31
N THR LA 35 -63.13 -27.98 130.77
CA THR LA 35 -62.26 -26.84 131.07
C THR LA 35 -61.46 -26.31 129.88
N ALA LA 36 -62.14 -25.65 128.96
CA ALA LA 36 -61.49 -24.92 127.88
C ALA LA 36 -62.08 -23.52 127.80
N ILE LA 37 -61.37 -22.52 128.30
CA ILE LA 37 -61.92 -21.17 128.34
C ILE LA 37 -61.22 -20.26 127.34
N GLY LA 38 -61.83 -19.11 127.05
CA GLY LA 38 -61.20 -18.10 126.23
C GLY LA 38 -61.73 -16.73 126.62
N ILE LA 39 -60.80 -15.79 126.76
CA ILE LA 39 -61.10 -14.46 127.25
C ILE LA 39 -60.46 -13.48 126.26
N ARG LA 40 -60.90 -12.23 126.31
CA ARG LA 40 -60.27 -11.19 125.50
C ARG LA 40 -60.19 -9.89 126.27
N CYS LA 41 -59.31 -9.01 125.82
CA CYS LA 41 -59.13 -7.67 126.37
C CYS LA 41 -59.12 -6.66 125.23
N LYS LA 42 -58.68 -5.45 125.55
CA LYS LA 42 -58.75 -4.35 124.58
C LYS LA 42 -57.77 -4.55 123.43
N ASP LA 43 -56.66 -5.26 123.65
CA ASP LA 43 -55.75 -5.58 122.56
C ASP LA 43 -55.15 -6.98 122.65
N GLY LA 44 -55.88 -7.95 123.19
CA GLY LA 44 -55.36 -9.30 123.22
C GLY LA 44 -56.45 -10.30 123.55
N VAL LA 45 -56.25 -11.52 123.06
CA VAL LA 45 -57.18 -12.62 123.29
C VAL LA 45 -56.39 -13.76 123.91
N VAL LA 46 -56.86 -14.27 125.04
CA VAL LA 46 -56.15 -15.30 125.79
C VAL LA 46 -57.01 -16.55 125.78
N PHE LA 47 -56.38 -17.71 125.61
CA PHE LA 47 -57.07 -18.99 125.67
C PHE LA 47 -56.56 -19.82 126.84
N GLY LA 48 -57.40 -20.71 127.34
CA GLY LA 48 -57.00 -21.59 128.41
C GLY LA 48 -57.55 -22.98 128.22
N VAL LA 49 -56.71 -23.99 128.47
CA VAL LA 49 -57.08 -25.40 128.37
C VAL LA 49 -56.44 -26.12 129.55
N GLU LA 50 -57.23 -26.95 130.22
CA GLU LA 50 -56.71 -27.84 131.26
C GLU LA 50 -56.68 -29.26 130.70
N LYS LA 51 -55.49 -29.69 130.29
CA LYS LA 51 -55.28 -31.09 129.93
C LYS LA 51 -55.00 -31.90 131.20
N LEU LA 52 -55.45 -33.15 131.23
CA LEU LA 52 -55.63 -33.90 132.47
C LEU LA 52 -54.62 -35.03 132.54
N VAL LA 53 -53.95 -35.13 133.70
CA VAL LA 53 -53.05 -36.25 133.98
C VAL LA 53 -53.71 -37.13 135.05
N LEU LA 54 -53.93 -38.40 134.71
CA LEU LA 54 -54.52 -39.35 135.65
C LEU LA 54 -53.42 -40.10 136.39
N SER LA 55 -52.60 -40.86 135.66
CA SER LA 55 -51.51 -41.60 136.26
C SER LA 55 -50.20 -41.03 135.75
N LYS LA 56 -49.94 -41.05 134.44
CA LYS LA 56 -48.79 -40.31 133.92
C LYS LA 56 -49.13 -39.29 132.81
N LEU LA 57 -49.90 -39.63 131.75
CA LEU LA 57 -50.27 -40.93 131.19
C LEU LA 57 -49.21 -41.24 130.13
N TYR LA 58 -48.84 -40.19 129.38
CA TYR LA 58 -47.94 -40.30 128.24
C TYR LA 58 -47.17 -38.98 128.10
N GLU LA 59 -46.60 -38.76 126.91
CA GLU LA 59 -45.74 -37.61 126.66
C GLU LA 59 -46.47 -36.28 126.71
N GLU LA 60 -45.71 -35.24 127.05
CA GLU LA 60 -46.21 -33.89 127.15
C GLU LA 60 -46.35 -33.28 125.74
N GLY LA 61 -47.34 -32.41 125.60
CA GLY LA 61 -47.52 -31.68 124.35
C GLY LA 61 -48.20 -32.48 123.26
N SER LA 62 -48.71 -33.67 123.59
CA SER LA 62 -49.50 -34.44 122.66
C SER LA 62 -50.88 -33.83 122.61
N ASN LA 63 -51.55 -33.99 121.46
CA ASN LA 63 -52.95 -33.60 121.11
C ASN LA 63 -53.43 -32.32 121.81
N LYS LA 64 -52.60 -31.28 121.73
CA LYS LA 64 -52.91 -30.02 122.40
C LYS LA 64 -54.13 -29.37 121.77
N ARG LA 65 -55.14 -29.11 122.60
CA ARG LA 65 -56.42 -28.66 122.10
C ARG LA 65 -56.41 -27.23 121.57
N LEU LA 66 -55.33 -26.49 121.76
CA LEU LA 66 -55.16 -25.20 121.10
C LEU LA 66 -54.57 -25.41 119.72
N PHE LA 67 -55.23 -24.90 118.70
CA PHE LA 67 -54.78 -25.07 117.32
C PHE LA 67 -54.36 -23.73 116.74
N ASN LA 68 -53.95 -23.79 115.48
CA ASN LA 68 -53.41 -22.63 114.77
C ASN LA 68 -53.97 -22.65 113.35
N VAL LA 69 -55.10 -21.99 113.14
CA VAL LA 69 -55.79 -22.07 111.86
C VAL LA 69 -55.14 -21.15 110.83
N ASP LA 70 -54.96 -19.88 111.15
CA ASP LA 70 -54.43 -18.96 110.18
C ASP LA 70 -53.17 -18.32 110.77
N ARG LA 71 -52.61 -17.34 110.05
CA ARG LA 71 -51.50 -16.55 110.58
C ARG LA 71 -51.91 -15.78 111.82
N HIS LA 72 -53.19 -15.43 111.95
CA HIS LA 72 -53.68 -14.60 113.04
C HIS LA 72 -54.88 -15.18 113.77
N VAL LA 73 -55.30 -16.40 113.45
CA VAL LA 73 -56.53 -16.99 114.01
C VAL LA 73 -56.15 -18.30 114.70
N GLY LA 74 -56.76 -18.57 115.86
CA GLY LA 74 -56.55 -19.84 116.54
C GLY LA 74 -57.84 -20.42 117.07
N MET LA 75 -57.73 -21.66 117.55
CA MET LA 75 -58.83 -22.45 118.08
C MET LA 75 -58.69 -22.63 119.58
N ALA LA 76 -59.72 -23.21 120.19
CA ALA LA 76 -59.65 -23.80 121.51
C ALA LA 76 -60.73 -24.86 121.60
N VAL LA 77 -60.38 -26.11 121.33
CA VAL LA 77 -61.40 -27.12 121.07
C VAL LA 77 -61.66 -27.93 122.33
N ALA LA 78 -62.74 -28.71 122.29
CA ALA LA 78 -63.06 -29.69 123.31
C ALA LA 78 -63.99 -30.71 122.70
N GLY LA 79 -64.55 -31.56 123.56
CA GLY LA 79 -65.48 -32.58 123.10
C GLY LA 79 -64.82 -33.70 122.33
N LEU LA 80 -65.43 -34.10 121.22
CA LEU LA 80 -64.83 -35.12 120.37
C LEU LA 80 -63.69 -34.49 119.58
N LEU LA 81 -62.47 -34.98 119.83
CA LEU LA 81 -61.27 -34.26 119.39
C LEU LA 81 -61.01 -34.47 117.90
N ALA LA 82 -61.50 -35.57 117.35
CA ALA LA 82 -61.21 -35.93 115.96
C ALA LA 82 -61.90 -34.98 114.99
N ASP LA 83 -63.20 -34.74 115.18
CA ASP LA 83 -63.91 -33.78 114.34
C ASP LA 83 -63.42 -32.36 114.58
N ALA LA 84 -62.87 -32.09 115.76
CA ALA LA 84 -62.23 -30.80 116.00
C ALA LA 84 -61.00 -30.64 115.12
N ARG LA 85 -60.20 -31.71 114.97
CA ARG LA 85 -59.10 -31.66 114.02
C ARG LA 85 -59.62 -31.55 112.59
N SER LA 86 -60.78 -32.13 112.32
CA SER LA 86 -61.38 -32.04 110.99
C SER LA 86 -61.76 -30.60 110.65
N LEU LA 87 -62.39 -29.90 111.59
CA LEU LA 87 -62.73 -28.51 111.36
C LEU LA 87 -61.50 -27.61 111.41
N ALA LA 88 -60.42 -28.09 112.03
CA ALA LA 88 -59.17 -27.36 111.91
C ALA LA 88 -58.64 -27.41 110.48
N ASP LA 89 -58.70 -28.59 109.84
CA ASP LA 89 -58.26 -28.70 108.46
C ASP LA 89 -59.20 -27.97 107.51
N ILE LA 90 -60.50 -27.99 107.81
CA ILE LA 90 -61.49 -27.31 106.97
C ILE LA 90 -61.32 -25.80 107.08
N ALA LA 91 -61.13 -25.29 108.29
CA ALA LA 91 -60.95 -23.85 108.46
C ALA LA 91 -59.62 -23.39 107.87
N ARG LA 92 -58.61 -24.25 107.91
CA ARG LA 92 -57.36 -23.96 107.20
C ARG LA 92 -57.60 -23.84 105.70
N GLU LA 93 -58.34 -24.79 105.14
CA GLU LA 93 -58.56 -24.81 103.69
C GLU LA 93 -59.40 -23.63 103.23
N GLU LA 94 -60.43 -23.26 104.00
CA GLU LA 94 -61.25 -22.10 103.69
C GLU LA 94 -60.46 -20.81 103.77
N ALA LA 95 -59.59 -20.70 104.78
CA ALA LA 95 -58.72 -19.52 104.87
C ALA LA 95 -57.74 -19.46 103.71
N SER LA 96 -57.32 -20.63 103.20
CA SER LA 96 -56.52 -20.64 101.99
C SER LA 96 -57.32 -20.23 100.77
N ASN LA 97 -58.63 -20.51 100.75
CA ASN LA 97 -59.45 -20.11 99.61
C ASN LA 97 -59.65 -18.61 99.57
N PHE LA 98 -60.00 -18.00 100.70
CA PHE LA 98 -60.20 -16.56 100.75
C PHE LA 98 -58.89 -15.82 100.54
N ARG LA 99 -57.81 -16.32 101.16
CA ARG LA 99 -56.47 -15.80 100.95
C ARG LA 99 -56.05 -15.91 99.49
N SER LA 100 -56.48 -16.98 98.81
CA SER LA 100 -56.10 -17.17 97.42
C SER LA 100 -56.88 -16.24 96.49
N ASN LA 101 -58.21 -16.21 96.63
CA ASN LA 101 -59.05 -15.41 95.75
C ASN LA 101 -58.88 -13.92 95.94
N PHE LA 102 -58.80 -13.42 97.17
CA PHE LA 102 -58.88 -11.98 97.36
C PHE LA 102 -57.55 -11.35 97.76
N GLY LA 103 -56.66 -12.11 98.37
CA GLY LA 103 -55.31 -11.65 98.58
C GLY LA 103 -55.04 -10.87 99.84
N TYR LA 104 -55.77 -11.14 100.91
CA TYR LA 104 -55.51 -10.52 102.21
C TYR LA 104 -56.04 -11.46 103.27
N ASN LA 105 -56.06 -10.99 104.51
CA ASN LA 105 -56.35 -11.89 105.62
C ASN LA 105 -57.86 -12.10 105.76
N ILE LA 106 -58.23 -13.32 106.12
CA ILE LA 106 -59.64 -13.61 106.39
C ILE LA 106 -60.04 -12.97 107.71
N PRO LA 107 -61.13 -12.22 107.76
CA PRO LA 107 -61.63 -11.72 109.05
C PRO LA 107 -62.25 -12.86 109.83
N LEU LA 108 -62.42 -12.64 111.14
CA LEU LA 108 -62.98 -13.69 111.98
C LEU LA 108 -64.46 -13.92 111.68
N LYS LA 109 -65.15 -12.90 111.16
CA LYS LA 109 -66.58 -12.99 110.91
C LYS LA 109 -66.88 -13.98 109.80
N HIS LA 110 -66.20 -13.85 108.66
CA HIS LA 110 -66.48 -14.73 107.54
C HIS LA 110 -65.99 -16.15 107.81
N LEU LA 111 -64.87 -16.28 108.52
CA LEU LA 111 -64.35 -17.61 108.82
C LEU LA 111 -65.30 -18.36 109.76
N ALA LA 112 -65.74 -17.68 110.82
CA ALA LA 112 -66.71 -18.29 111.73
C ALA LA 112 -68.05 -18.53 111.06
N ASP LA 113 -68.40 -17.70 110.07
CA ASP LA 113 -69.67 -17.91 109.38
C ASP LA 113 -69.61 -19.11 108.45
N ARG LA 114 -68.52 -19.27 107.68
CA ARG LA 114 -68.43 -20.40 106.77
C ARG LA 114 -68.31 -21.72 107.53
N VAL LA 115 -67.50 -21.72 108.60
CA VAL LA 115 -67.39 -22.92 109.42
C VAL LA 115 -68.72 -23.23 110.11
N ALA LA 116 -69.44 -22.19 110.51
CA ALA LA 116 -70.78 -22.39 111.06
C ALA LA 116 -71.75 -22.91 110.01
N MET LA 117 -71.54 -22.56 108.74
CA MET LA 117 -72.38 -23.11 107.68
C MET LA 117 -72.09 -24.60 107.47
N TYR LA 118 -70.84 -25.02 107.68
CA TYR LA 118 -70.56 -26.45 107.58
C TYR LA 118 -71.11 -27.21 108.77
N VAL LA 119 -71.06 -26.60 109.97
CA VAL LA 119 -71.62 -27.25 111.15
C VAL LA 119 -73.13 -27.36 111.01
N HIS LA 120 -73.76 -26.36 110.37
CA HIS LA 120 -75.17 -26.50 110.03
C HIS LA 120 -75.36 -27.57 108.96
N ALA LA 121 -74.40 -27.69 108.04
CA ALA LA 121 -74.53 -28.61 106.92
C ALA LA 121 -74.45 -30.06 107.35
N TYR LA 122 -73.77 -30.36 108.45
CA TYR LA 122 -73.78 -31.73 108.95
C TYR LA 122 -74.89 -31.98 109.97
N THR LA 123 -75.95 -31.17 109.97
CA THR LA 123 -77.08 -31.37 110.86
C THR LA 123 -78.41 -31.41 110.12
N LEU LA 124 -78.41 -31.62 108.82
CA LEU LA 124 -79.64 -31.54 108.05
C LEU LA 124 -80.01 -32.84 107.37
N TYR LA 125 -79.12 -33.83 107.37
CA TYR LA 125 -79.38 -35.06 106.65
C TYR LA 125 -79.29 -36.22 107.63
N SER LA 126 -79.82 -37.37 107.22
CA SER LA 126 -79.63 -38.58 107.99
C SER LA 126 -78.41 -39.37 107.52
N ALA LA 127 -77.68 -38.84 106.54
CA ALA LA 127 -76.47 -39.52 106.07
C ALA LA 127 -75.32 -39.33 107.03
N VAL LA 128 -75.27 -38.18 107.71
CA VAL LA 128 -74.15 -37.82 108.56
C VAL LA 128 -74.65 -37.48 109.95
N ARG LA 129 -73.74 -37.40 110.91
CA ARG LA 129 -74.10 -37.06 112.28
C ARG LA 129 -73.56 -35.67 112.59
N PRO LA 130 -74.16 -34.98 113.57
CA PRO LA 130 -73.61 -33.68 113.97
C PRO LA 130 -72.26 -33.82 114.63
N PHE LA 131 -71.45 -32.78 114.48
CA PHE LA 131 -70.15 -32.71 115.12
C PHE LA 131 -70.29 -32.60 116.62
N GLY LA 132 -69.49 -33.39 117.34
CA GLY LA 132 -69.38 -33.23 118.76
C GLY LA 132 -68.25 -32.28 119.11
N CYS LA 133 -68.33 -31.06 118.58
CA CYS LA 133 -67.27 -30.08 118.75
C CYS LA 133 -67.80 -28.88 119.50
N SER LA 134 -66.93 -28.23 120.24
CA SER LA 134 -67.18 -26.91 120.79
C SER LA 134 -65.85 -26.18 120.85
N PHE LA 135 -65.63 -25.30 119.90
CA PHE LA 135 -64.36 -24.60 119.81
C PHE LA 135 -64.56 -23.10 119.85
N MET LA 136 -63.48 -22.41 120.16
CA MET LA 136 -63.42 -20.95 120.20
C MET LA 136 -62.72 -20.46 118.95
N LEU LA 137 -63.03 -19.23 118.57
CA LEU LA 137 -62.26 -18.56 117.52
C LEU LA 137 -61.89 -17.17 118.02
N GLY LA 138 -60.59 -16.92 118.12
CA GLY LA 138 -60.12 -15.62 118.54
C GLY LA 138 -59.19 -15.03 117.51
N SER LA 139 -59.37 -13.74 117.25
CA SER LA 139 -58.60 -13.06 116.23
C SER LA 139 -58.06 -11.76 116.80
N TYR LA 140 -57.17 -11.13 116.06
CA TYR LA 140 -56.69 -9.80 116.38
C TYR LA 140 -56.17 -9.12 115.12
N SER LA 141 -56.52 -7.86 114.98
CA SER LA 141 -55.95 -7.00 113.95
C SER LA 141 -55.94 -5.59 114.45
N VAL LA 142 -55.22 -4.71 113.75
CA VAL LA 142 -55.28 -3.30 114.08
C VAL LA 142 -56.34 -2.62 113.25
N ASN LA 143 -56.80 -3.26 112.17
CA ASN LA 143 -57.90 -2.74 111.37
C ASN LA 143 -59.26 -3.10 111.95
N ASP LA 144 -59.34 -4.15 112.77
CA ASP LA 144 -60.61 -4.57 113.34
C ASP LA 144 -60.63 -4.51 114.86
N GLY LA 145 -59.68 -5.16 115.52
CA GLY LA 145 -59.68 -5.20 116.97
C GLY LA 145 -59.63 -6.61 117.52
N ALA LA 146 -60.24 -6.76 118.69
CA ALA LA 146 -60.20 -8.00 119.45
C ALA LA 146 -61.55 -8.70 119.36
N GLN LA 147 -61.62 -9.78 118.60
CA GLN LA 147 -62.85 -10.51 118.35
C GLN LA 147 -62.70 -11.94 118.83
N LEU LA 148 -63.72 -12.43 119.52
CA LEU LA 148 -63.69 -13.75 120.12
C LEU LA 148 -65.02 -14.45 119.88
N TYR LA 149 -65.03 -15.38 118.94
CA TYR LA 149 -66.26 -16.01 118.48
C TYR LA 149 -66.37 -17.44 118.98
N MET LA 150 -67.59 -17.95 118.94
CA MET LA 150 -67.98 -19.20 119.59
C MET LA 150 -68.78 -20.06 118.62
N ILE LA 151 -68.49 -21.36 118.58
CA ILE LA 151 -69.23 -22.30 117.75
C ILE LA 151 -69.66 -23.49 118.61
N ASP LA 152 -70.96 -23.74 118.65
CA ASP LA 152 -71.66 -24.83 119.30
C ASP LA 152 -71.84 -25.98 118.32
N PRO LA 153 -72.31 -27.19 118.74
CA PRO LA 153 -72.62 -28.23 117.74
C PRO LA 153 -73.79 -27.91 116.81
N SER LA 154 -74.63 -26.94 117.16
CA SER LA 154 -75.75 -26.60 116.28
C SER LA 154 -75.36 -25.61 115.19
N GLY LA 155 -74.25 -24.89 115.36
CA GLY LA 155 -73.78 -23.96 114.37
C GLY LA 155 -74.07 -22.50 114.64
N VAL LA 156 -74.56 -22.16 115.83
CA VAL LA 156 -74.83 -20.76 116.17
C VAL LA 156 -73.50 -20.08 116.42
N SER LA 157 -73.21 -19.05 115.62
CA SER LA 157 -71.96 -18.30 115.71
C SER LA 157 -72.28 -16.91 116.22
N TYR LA 158 -71.65 -16.51 117.31
CA TYR LA 158 -71.82 -15.19 117.87
C TYR LA 158 -70.50 -14.77 118.49
N GLY LA 159 -70.55 -13.71 119.30
CA GLY LA 159 -69.37 -13.14 119.92
C GLY LA 159 -69.53 -12.98 121.42
N TYR LA 160 -68.42 -13.17 122.13
CA TYR LA 160 -68.36 -13.05 123.58
C TYR LA 160 -67.21 -12.14 124.01
N TRP LA 161 -67.31 -11.64 125.25
CA TRP LA 161 -66.11 -11.16 125.93
C TRP LA 161 -65.36 -12.29 126.58
N GLY LA 162 -66.04 -13.41 126.84
CA GLY LA 162 -65.40 -14.54 127.46
C GLY LA 162 -66.33 -15.73 127.55
N CYS LA 163 -65.77 -16.91 127.31
CA CYS LA 163 -66.56 -18.13 127.33
C CYS LA 163 -65.80 -19.25 128.02
N ALA LA 164 -66.55 -20.29 128.36
CA ALA LA 164 -66.01 -21.48 129.00
C ALA LA 164 -66.60 -22.71 128.33
N ILE LA 165 -65.75 -23.69 128.03
CA ILE LA 165 -66.18 -24.93 127.42
C ILE LA 165 -65.71 -26.08 128.29
N GLY LA 166 -66.66 -26.94 128.67
CA GLY LA 166 -66.36 -28.08 129.51
C GLY LA 166 -67.37 -28.25 130.62
N LYS LA 167 -67.01 -29.11 131.58
CA LYS LA 167 -67.84 -29.27 132.77
C LYS LA 167 -67.88 -27.96 133.57
N ALA LA 168 -66.76 -27.28 133.65
CA ALA LA 168 -66.70 -25.95 134.26
C ALA LA 168 -67.28 -24.94 133.28
N ARG LA 169 -68.59 -24.75 133.38
CA ARG LA 169 -69.27 -23.70 132.63
C ARG LA 169 -70.15 -22.84 133.53
N GLN LA 170 -70.82 -23.45 134.50
CA GLN LA 170 -71.61 -22.67 135.46
C GLN LA 170 -70.71 -21.92 136.42
N ALA LA 171 -69.91 -22.66 137.20
CA ALA LA 171 -69.07 -22.07 138.23
C ALA LA 171 -67.69 -21.68 137.72
N ALA LA 172 -67.46 -21.76 136.41
CA ALA LA 172 -66.22 -21.21 135.85
C ALA LA 172 -66.34 -19.73 135.56
N LYS LA 173 -67.41 -19.34 134.86
CA LYS LA 173 -67.54 -17.94 134.45
C LYS LA 173 -68.10 -17.07 135.56
N THR LA 174 -68.44 -17.68 136.70
CA THR LA 174 -69.05 -16.94 137.79
C THR LA 174 -68.05 -16.00 138.44
N GLU LA 175 -66.77 -16.37 138.43
CA GLU LA 175 -65.75 -15.47 138.94
C GLU LA 175 -65.00 -14.78 137.80
N ILE LA 176 -65.30 -15.16 136.56
CA ILE LA 176 -64.70 -14.48 135.41
C ILE LA 176 -65.29 -13.09 135.26
N GLU LA 177 -66.54 -12.89 135.69
CA GLU LA 177 -67.20 -11.59 135.62
C GLU LA 177 -66.56 -10.56 136.57
N LYS LA 178 -65.75 -11.02 137.52
CA LYS LA 178 -65.00 -10.11 138.38
C LYS LA 178 -63.89 -9.39 137.61
N LEU LA 179 -63.45 -9.96 136.49
CA LEU LA 179 -62.42 -9.32 135.67
C LEU LA 179 -63.01 -8.12 134.93
N GLN LA 180 -62.17 -7.13 134.68
CA GLN LA 180 -62.55 -6.00 133.84
C GLN LA 180 -62.05 -6.24 132.43
N MET LA 181 -62.88 -5.89 131.45
CA MET LA 181 -62.62 -6.26 130.06
C MET LA 181 -61.53 -5.39 129.43
N LYS LA 182 -61.66 -4.06 129.53
CA LYS LA 182 -60.66 -3.20 128.92
C LYS LA 182 -59.65 -2.71 129.94
N GLU LA 183 -60.10 -2.48 131.17
CA GLU LA 183 -59.31 -1.73 132.14
C GLU LA 183 -58.16 -2.55 132.70
N MET LA 184 -58.24 -3.87 132.61
CA MET LA 184 -57.13 -4.70 133.05
C MET LA 184 -56.12 -4.89 131.94
N THR LA 185 -54.84 -4.81 132.29
CA THR LA 185 -53.76 -5.02 131.34
C THR LA 185 -53.65 -6.50 130.98
N CYS LA 186 -53.28 -6.77 129.73
CA CYS LA 186 -53.55 -8.08 129.15
C CYS LA 186 -52.48 -9.10 129.51
N ARG LA 187 -51.26 -8.63 129.75
CA ARG LA 187 -50.24 -9.53 130.28
C ARG LA 187 -50.55 -9.91 131.72
N ASP LA 188 -51.36 -9.10 132.40
CA ASP LA 188 -51.91 -9.52 133.69
C ASP LA 188 -53.11 -10.45 133.49
N ILE LA 189 -53.84 -10.27 132.38
CA ILE LA 189 -54.94 -11.17 132.03
C ILE LA 189 -54.43 -12.59 131.76
N VAL LA 190 -53.16 -12.75 131.38
CA VAL LA 190 -52.53 -14.07 131.31
C VAL LA 190 -52.61 -14.79 132.65
N LYS LA 191 -52.12 -14.15 133.72
CA LYS LA 191 -52.17 -14.81 135.02
C LYS LA 191 -53.57 -14.82 135.62
N GLU LA 192 -54.47 -13.97 135.13
CA GLU LA 192 -55.87 -14.07 135.56
C GLU LA 192 -56.51 -15.33 135.01
N VAL LA 193 -56.25 -15.63 133.73
CA VAL LA 193 -56.66 -16.90 133.13
C VAL LA 193 -56.04 -18.06 133.89
N ALA LA 194 -54.78 -17.93 134.30
CA ALA LA 194 -54.13 -18.97 135.09
C ALA LA 194 -54.85 -19.21 136.41
N LYS LA 195 -55.23 -18.14 137.11
CA LYS LA 195 -55.84 -18.35 138.42
C LYS LA 195 -57.28 -18.86 138.29
N ILE LA 196 -57.97 -18.51 137.20
CA ILE LA 196 -59.25 -19.16 136.92
C ILE LA 196 -59.07 -20.65 136.67
N ILE LA 197 -58.01 -21.03 135.95
CA ILE LA 197 -57.79 -22.45 135.65
C ILE LA 197 -57.45 -23.23 136.92
N TYR LA 198 -56.59 -22.68 137.78
CA TYR LA 198 -56.22 -23.46 138.97
C TYR LA 198 -57.32 -23.47 140.01
N ILE LA 199 -58.03 -22.36 140.20
CA ILE LA 199 -59.04 -22.30 141.26
C ILE LA 199 -60.24 -23.16 140.90
N VAL LA 200 -60.57 -23.26 139.61
CA VAL LA 200 -61.61 -24.19 139.19
C VAL LA 200 -60.99 -25.58 139.15
N HIS LA 201 -61.84 -26.62 139.09
CA HIS LA 201 -61.45 -28.03 138.97
C HIS LA 201 -60.57 -28.49 140.13
N ASP LA 202 -61.22 -28.62 141.29
CA ASP LA 202 -60.64 -29.24 142.49
C ASP LA 202 -60.03 -30.61 142.17
N GLU LA 203 -58.95 -30.95 142.87
CA GLU LA 203 -58.14 -32.10 142.48
C GLU LA 203 -58.73 -33.42 142.96
N VAL LA 204 -59.91 -33.40 143.58
CA VAL LA 204 -60.53 -34.64 144.04
C VAL LA 204 -60.98 -35.47 142.85
N LYS LA 205 -61.37 -34.82 141.75
CA LYS LA 205 -61.62 -35.54 140.52
C LYS LA 205 -60.31 -35.99 139.87
N ASP LA 206 -59.44 -35.05 139.53
CA ASP LA 206 -58.17 -35.35 138.88
C ASP LA 206 -57.06 -34.63 139.61
N LYS LA 207 -56.14 -35.38 140.20
CA LYS LA 207 -55.15 -34.80 141.10
C LYS LA 207 -54.08 -34.02 140.35
N ALA LA 208 -53.85 -34.35 139.08
CA ALA LA 208 -52.80 -33.71 138.29
C ALA LA 208 -53.37 -33.23 136.98
N PHE LA 209 -52.77 -32.16 136.44
CA PHE LA 209 -53.23 -31.49 135.24
C PHE LA 209 -52.17 -30.52 134.76
N GLU LA 210 -52.36 -30.00 133.55
CA GLU LA 210 -51.43 -29.06 132.94
C GLU LA 210 -52.22 -27.99 132.19
N LEU LA 211 -51.67 -26.78 132.17
CA LEU LA 211 -52.32 -25.61 131.58
C LEU LA 211 -51.64 -25.25 130.27
N GLU LA 212 -52.44 -25.03 129.23
CA GLU LA 212 -51.95 -24.56 127.93
C GLU LA 212 -52.48 -23.15 127.71
N LEU LA 213 -51.57 -22.19 127.49
CA LEU LA 213 -51.92 -20.80 127.34
C LEU LA 213 -51.65 -20.35 125.91
N SER LA 214 -52.70 -20.04 125.18
CA SER LA 214 -52.58 -19.40 123.87
C SER LA 214 -52.84 -17.91 124.01
N TRP LA 215 -52.08 -17.13 123.26
CA TRP LA 215 -52.11 -15.69 123.44
C TRP LA 215 -51.79 -15.01 122.11
N VAL LA 216 -52.65 -14.08 121.73
CA VAL LA 216 -52.50 -13.35 120.48
C VAL LA 216 -52.87 -11.90 120.74
N GLY LA 217 -52.14 -10.98 120.13
CA GLY LA 217 -52.44 -9.58 120.33
C GLY LA 217 -51.36 -8.68 119.75
N GLU LA 218 -51.43 -7.41 120.15
CA GLU LA 218 -50.54 -6.37 119.62
C GLU LA 218 -49.09 -6.62 119.99
N LEU LA 219 -48.83 -7.18 121.17
CA LEU LA 219 -47.46 -7.50 121.55
C LEU LA 219 -46.91 -8.64 120.69
N THR LA 220 -47.79 -9.49 120.20
CA THR LA 220 -47.39 -10.55 119.27
C THR LA 220 -47.37 -10.07 117.83
N ASN LA 221 -47.79 -8.82 117.58
CA ASN LA 221 -47.68 -8.14 116.29
C ASN LA 221 -48.43 -8.88 115.18
N GLY LA 222 -49.67 -9.25 115.45
CA GLY LA 222 -50.50 -9.94 114.49
C GLY LA 222 -50.29 -11.43 114.41
N ARG LA 223 -49.18 -11.95 114.92
CA ARG LA 223 -48.94 -13.38 114.89
C ARG LA 223 -49.70 -14.07 116.02
N HIS LA 224 -50.15 -15.29 115.77
CA HIS LA 224 -50.68 -16.14 116.83
C HIS LA 224 -49.66 -17.24 117.11
N GLU LA 225 -49.31 -17.40 118.38
CA GLU LA 225 -48.57 -18.57 118.82
C GLU LA 225 -48.96 -18.85 120.25
N ILE LA 226 -48.86 -20.11 120.63
CA ILE LA 226 -48.92 -20.49 122.03
C ILE LA 226 -47.71 -19.92 122.75
N VAL LA 227 -47.96 -19.05 123.71
CA VAL LA 227 -46.87 -18.53 124.54
C VAL LA 227 -46.36 -19.65 125.42
N PRO LA 228 -45.07 -19.71 125.70
CA PRO LA 228 -44.54 -20.84 126.48
C PRO LA 228 -44.98 -20.75 127.93
N LYS LA 229 -45.28 -21.93 128.49
CA LYS LA 229 -45.78 -22.02 129.85
C LYS LA 229 -44.74 -21.50 130.85
N ASP LA 230 -43.46 -21.75 130.58
CA ASP LA 230 -42.41 -21.32 131.49
C ASP LA 230 -42.12 -19.83 131.38
N ILE LA 231 -42.63 -19.15 130.37
CA ILE LA 231 -42.47 -17.70 130.26
C ILE LA 231 -43.26 -17.02 131.37
N ARG LA 232 -42.52 -16.32 132.24
CA ARG LA 232 -42.89 -15.48 133.37
C ARG LA 232 -43.36 -16.27 134.59
N GLU LA 233 -43.70 -17.57 134.38
CA GLU LA 233 -43.96 -18.58 135.43
C GLU LA 233 -44.97 -18.09 136.47
N GLU LA 234 -45.90 -17.23 136.06
CA GLU LA 234 -46.70 -16.49 137.03
C GLU LA 234 -47.87 -17.30 137.55
N ALA LA 235 -48.18 -18.42 136.90
CA ALA LA 235 -49.34 -19.22 137.24
C ALA LA 235 -49.25 -19.81 138.64
N GLU LA 236 -48.28 -20.70 138.86
CA GLU LA 236 -48.29 -21.57 140.03
C GLU LA 236 -47.94 -20.81 141.29
N LYS LA 237 -47.12 -19.77 141.15
CA LYS LA 237 -46.67 -18.96 142.30
C LYS LA 237 -47.83 -18.27 142.98
N TYR LA 238 -48.83 -17.86 142.20
CA TYR LA 238 -50.04 -17.31 142.79
C TYR LA 238 -51.05 -18.41 143.06
N ALA LA 239 -50.96 -19.52 142.30
CA ALA LA 239 -51.98 -20.56 142.37
C ALA LA 239 -51.94 -21.32 143.68
N LYS LA 240 -50.74 -21.68 144.15
CA LYS LA 240 -50.65 -22.32 145.45
C LYS LA 240 -50.85 -21.32 146.58
N GLU LA 241 -50.81 -20.02 146.27
CA GLU LA 241 -51.17 -19.00 147.22
C GLU LA 241 -52.61 -18.53 147.08
N SER LA 242 -53.33 -18.97 146.06
CA SER LA 242 -54.73 -18.58 145.93
C SER LA 242 -55.69 -19.64 146.46
N LEU LA 243 -55.20 -20.70 147.09
CA LEU LA 243 -56.09 -21.69 147.67
C LEU LA 243 -56.79 -21.15 148.91
N LYS LA 244 -56.11 -20.31 149.69
CA LYS LA 244 -56.64 -19.80 150.96
C LYS LA 244 -57.76 -18.79 150.75
N THR MA 1 -60.37 3.77 73.80
CA THR MA 1 -59.05 3.15 73.72
C THR MA 1 -58.06 3.83 74.66
N THR MA 2 -57.76 5.10 74.42
CA THR MA 2 -56.78 5.78 75.23
C THR MA 2 -57.35 6.16 76.59
N ILE MA 3 -56.81 5.55 77.64
CA ILE MA 3 -57.32 5.71 78.99
C ILE MA 3 -56.19 6.22 79.89
N MET MA 4 -56.58 6.63 81.10
CA MET MA 4 -55.73 7.47 81.93
C MET MA 4 -56.17 7.37 83.37
N ALA MA 5 -55.22 7.38 84.31
CA ALA MA 5 -55.54 7.30 85.73
C ALA MA 5 -54.41 7.93 86.52
N VAL MA 6 -54.74 8.88 87.39
CA VAL MA 6 -53.79 9.58 88.24
C VAL MA 6 -54.40 9.72 89.63
N GLN MA 7 -53.64 9.37 90.66
CA GLN MA 7 -54.05 9.63 92.03
C GLN MA 7 -53.42 10.93 92.51
N PHE MA 8 -54.19 11.74 93.19
CA PHE MA 8 -53.65 12.85 93.97
C PHE MA 8 -53.60 12.40 95.44
N ASP MA 9 -53.45 13.38 96.34
CA ASP MA 9 -53.37 13.13 97.77
C ASP MA 9 -54.62 12.38 98.28
N GLY MA 10 -55.78 13.00 98.16
CA GLY MA 10 -56.99 12.45 98.76
C GLY MA 10 -57.78 11.49 97.91
N GLY MA 11 -57.48 11.37 96.63
CA GLY MA 11 -58.29 10.53 95.77
C GLY MA 11 -57.67 10.39 94.39
N VAL MA 12 -58.48 9.93 93.44
CA VAL MA 12 -58.02 9.61 92.10
C VAL MA 12 -58.82 10.38 91.07
N VAL MA 13 -58.24 10.51 89.89
CA VAL MA 13 -58.86 11.16 88.75
C VAL MA 13 -58.65 10.25 87.55
N LEU MA 14 -59.75 9.89 86.87
CA LEU MA 14 -59.67 9.01 85.72
C LEU MA 14 -60.03 9.77 84.46
N GLY MA 15 -59.57 9.24 83.33
CA GLY MA 15 -59.86 9.84 82.05
C GLY MA 15 -59.80 8.80 80.97
N ALA MA 16 -60.60 9.02 79.92
CA ALA MA 16 -60.68 8.09 78.81
C ALA MA 16 -61.22 8.83 77.61
N ASP MA 17 -61.01 8.25 76.43
CA ASP MA 17 -61.67 8.74 75.24
C ASP MA 17 -63.07 8.17 75.15
N SER MA 18 -63.64 8.25 73.96
CA SER MA 18 -65.00 7.79 73.75
C SER MA 18 -65.14 6.86 72.55
N ARG MA 19 -64.15 6.82 71.67
CA ARG MA 19 -64.31 6.29 70.33
C ARG MA 19 -63.96 4.81 70.33
N THR MA 20 -64.86 3.99 69.80
CA THR MA 20 -64.69 2.55 69.74
C THR MA 20 -64.72 2.12 68.28
N THR MA 21 -63.57 1.69 67.76
CA THR MA 21 -63.41 1.51 66.33
C THR MA 21 -63.30 0.04 66.00
N THR MA 22 -63.53 -0.27 64.73
CA THR MA 22 -63.36 -1.61 64.18
C THR MA 22 -62.90 -1.50 62.73
N GLY MA 23 -61.63 -1.82 62.50
CA GLY MA 23 -61.06 -1.60 61.18
C GLY MA 23 -60.87 -0.12 60.93
N SER MA 24 -61.51 0.38 59.88
CA SER MA 24 -61.43 1.80 59.57
C SER MA 24 -62.72 2.54 59.92
N TYR MA 25 -63.85 1.86 59.83
CA TYR MA 25 -65.13 2.48 60.16
C TYR MA 25 -65.38 2.46 61.66
N ILE MA 26 -65.84 3.59 62.18
CA ILE MA 26 -66.14 3.73 63.61
C ILE MA 26 -67.49 3.10 63.89
N ALA MA 27 -67.53 2.20 64.86
CA ALA MA 27 -68.80 1.65 65.32
C ALA MA 27 -69.57 2.67 66.15
N ASN MA 28 -68.91 3.25 67.14
CA ASN MA 28 -69.57 4.10 68.13
C ASN MA 28 -68.77 5.37 68.35
N ARG MA 29 -69.48 6.51 68.41
CA ARG MA 29 -68.86 7.76 68.83
C ARG MA 29 -68.42 7.73 70.27
N VAL MA 30 -69.33 7.39 71.18
CA VAL MA 30 -69.14 7.65 72.60
C VAL MA 30 -69.64 6.45 73.42
N THR MA 31 -68.78 5.94 74.30
CA THR MA 31 -69.15 4.86 75.19
C THR MA 31 -68.45 5.11 76.52
N ASP MA 32 -69.12 4.77 77.62
CA ASP MA 32 -68.56 4.89 78.96
C ASP MA 32 -67.45 3.86 79.11
N LYS MA 33 -66.21 4.26 78.82
CA LYS MA 33 -65.09 3.36 79.05
C LYS MA 33 -64.87 3.13 80.53
N LEU MA 34 -64.96 4.18 81.34
CA LEU MA 34 -64.93 3.98 82.77
C LEU MA 34 -66.29 3.44 83.24
N THR MA 35 -66.24 2.54 84.22
CA THR MA 35 -67.42 1.77 84.57
C THR MA 35 -67.66 1.74 86.07
N PRO MA 36 -68.86 2.08 86.52
CA PRO MA 36 -69.16 2.06 87.95
C PRO MA 36 -69.38 0.67 88.52
N ILE MA 37 -68.32 0.02 88.99
CA ILE MA 37 -68.49 -1.27 89.67
C ILE MA 37 -69.16 -1.05 91.02
N HIS MA 38 -68.54 -0.24 91.86
CA HIS MA 38 -69.05 0.07 93.19
C HIS MA 38 -69.18 1.58 93.30
N ASP MA 39 -69.53 2.07 94.49
CA ASP MA 39 -69.72 3.49 94.69
C ASP MA 39 -68.40 4.25 94.63
N ARG MA 40 -67.31 3.61 95.05
CA ARG MA 40 -66.02 4.27 95.14
C ARG MA 40 -64.97 3.67 94.22
N ILE MA 41 -65.35 2.78 93.32
CA ILE MA 41 -64.40 2.05 92.49
C ILE MA 41 -64.84 2.13 91.03
N PHE MA 42 -63.99 2.66 90.18
CA PHE MA 42 -64.17 2.62 88.74
C PHE MA 42 -63.13 1.71 88.10
N CYS MA 43 -63.41 1.28 86.89
CA CYS MA 43 -62.41 0.66 86.05
C CYS MA 43 -62.60 1.15 84.62
N CYS MA 44 -61.49 1.49 84.00
CA CYS MA 44 -61.48 1.86 82.58
C CYS MA 44 -60.72 0.78 81.83
N ARG MA 45 -61.05 0.61 80.56
CA ARG MA 45 -60.70 -0.62 79.86
C ARG MA 45 -60.21 -0.32 78.45
N SER MA 46 -59.53 -1.30 77.87
CA SER MA 46 -59.03 -1.20 76.51
C SER MA 46 -58.90 -2.60 75.92
N GLY MA 47 -58.64 -2.65 74.61
CA GLY MA 47 -58.59 -3.92 73.92
C GLY MA 47 -59.92 -4.26 73.28
N SER MA 48 -60.31 -5.52 73.31
CA SER MA 48 -61.60 -5.93 72.79
C SER MA 48 -62.71 -5.44 73.71
N ALA MA 49 -63.90 -5.23 73.15
CA ALA MA 49 -64.96 -4.56 73.90
C ALA MA 49 -65.84 -5.55 74.63
N ALA MA 50 -66.25 -6.61 73.95
CA ALA MA 50 -67.22 -7.55 74.52
C ALA MA 50 -66.61 -8.33 75.68
N ASP MA 51 -65.32 -8.66 75.56
CA ASP MA 51 -64.60 -9.38 76.60
C ASP MA 51 -64.55 -8.57 77.88
N THR MA 52 -64.18 -7.29 77.79
CA THR MA 52 -64.08 -6.46 78.97
C THR MA 52 -65.45 -6.04 79.50
N GLN MA 53 -66.48 -6.08 78.65
CA GLN MA 53 -67.82 -5.86 79.18
C GLN MA 53 -68.29 -7.04 80.00
N ALA MA 54 -68.04 -8.27 79.52
CA ALA MA 54 -68.44 -9.45 80.27
C ALA MA 54 -67.62 -9.60 81.55
N VAL MA 55 -66.33 -9.25 81.48
CA VAL MA 55 -65.49 -9.22 82.67
C VAL MA 55 -65.98 -8.17 83.65
N ALA MA 56 -66.44 -7.02 83.14
CA ALA MA 56 -66.95 -5.98 84.02
C ALA MA 56 -68.24 -6.41 84.72
N ASP MA 57 -69.12 -7.13 84.02
CA ASP MA 57 -70.31 -7.65 84.68
C ASP MA 57 -69.96 -8.74 85.70
N ALA MA 58 -68.96 -9.57 85.40
CA ALA MA 58 -68.61 -10.66 86.30
C ALA MA 58 -67.98 -10.15 87.59
N VAL MA 59 -67.04 -9.21 87.47
CA VAL MA 59 -66.45 -8.62 88.66
C VAL MA 59 -67.46 -7.75 89.40
N THR MA 60 -68.41 -7.14 88.67
CA THR MA 60 -69.48 -6.41 89.34
C THR MA 60 -70.36 -7.34 90.17
N TYR MA 61 -70.62 -8.54 89.66
CA TYR MA 61 -71.34 -9.58 90.39
C TYR MA 61 -70.60 -10.05 91.64
N GLN MA 62 -69.34 -10.47 91.48
CA GLN MA 62 -68.59 -11.01 92.61
C GLN MA 62 -68.32 -9.96 93.68
N LEU MA 63 -67.96 -8.75 93.27
CA LEU MA 63 -67.73 -7.67 94.22
C LEU MA 63 -69.05 -7.23 94.85
N GLY MA 64 -70.16 -7.39 94.12
CA GLY MA 64 -71.44 -7.05 94.69
C GLY MA 64 -71.86 -7.98 95.80
N PHE MA 65 -71.86 -9.29 95.53
CA PHE MA 65 -72.25 -10.27 96.55
C PHE MA 65 -71.27 -10.30 97.71
N HIS MA 66 -69.98 -10.23 97.41
CA HIS MA 66 -68.97 -10.21 98.45
C HIS MA 66 -69.04 -8.93 99.27
N SER MA 67 -69.36 -7.82 98.61
CA SER MA 67 -69.42 -6.54 99.31
C SER MA 67 -70.66 -6.43 100.17
N ILE MA 68 -71.76 -7.09 99.79
CA ILE MA 68 -72.92 -7.13 100.67
C ILE MA 68 -72.67 -8.06 101.84
N GLU MA 69 -71.97 -9.18 101.59
CA GLU MA 69 -71.78 -10.17 102.66
C GLU MA 69 -70.72 -9.71 103.65
N LEU MA 70 -69.82 -8.80 103.22
CA LEU MA 70 -68.86 -8.23 104.15
C LEU MA 70 -69.52 -7.31 105.17
N ASN MA 71 -70.69 -6.76 104.82
CA ASN MA 71 -71.45 -5.77 105.60
C ASN MA 71 -70.59 -4.54 105.82
N GLU MA 72 -69.73 -4.23 104.87
CA GLU MA 72 -68.64 -3.27 104.98
C GLU MA 72 -68.31 -2.74 103.59
N PRO MA 73 -67.61 -1.60 103.51
CA PRO MA 73 -67.09 -1.17 102.21
C PRO MA 73 -65.99 -2.11 101.74
N PRO MA 74 -65.96 -2.43 100.45
CA PRO MA 74 -64.88 -3.27 99.93
C PRO MA 74 -63.65 -2.46 99.56
N LEU MA 75 -62.52 -3.13 99.53
CA LEU MA 75 -61.26 -2.49 99.22
C LEU MA 75 -61.12 -2.30 97.71
N VAL MA 76 -60.09 -1.54 97.33
CA VAL MA 76 -59.77 -1.44 95.91
C VAL MA 76 -59.00 -2.67 95.45
N HIS MA 77 -58.01 -3.07 96.26
CA HIS MA 77 -57.16 -4.21 95.93
C HIS MA 77 -57.95 -5.51 95.92
N THR MA 78 -59.01 -5.58 96.73
CA THR MA 78 -59.97 -6.68 96.62
C THR MA 78 -60.61 -6.71 95.24
N ALA MA 79 -60.97 -5.55 94.70
CA ALA MA 79 -61.59 -5.53 93.38
C ALA MA 79 -60.58 -5.79 92.27
N ALA MA 80 -59.31 -5.49 92.52
CA ALA MA 80 -58.30 -5.74 91.48
C ALA MA 80 -57.86 -7.19 91.47
N SER MA 81 -57.98 -7.88 92.61
CA SER MA 81 -57.60 -9.29 92.67
C SER MA 81 -58.51 -10.14 91.79
N LEU MA 82 -59.78 -9.76 91.70
CA LEU MA 82 -60.73 -10.53 90.89
C LEU MA 82 -60.45 -10.35 89.41
N PHE MA 83 -60.07 -9.14 88.99
CA PHE MA 83 -59.59 -8.95 87.62
C PHE MA 83 -58.30 -9.72 87.38
N LYS MA 84 -57.45 -9.84 88.40
CA LYS MA 84 -56.22 -10.62 88.23
C LYS MA 84 -56.52 -12.09 88.00
N GLU MA 85 -57.50 -12.63 88.74
CA GLU MA 85 -57.78 -14.05 88.63
C GLU MA 85 -58.56 -14.37 87.36
N MET MA 86 -59.52 -13.53 86.99
CA MET MA 86 -60.30 -13.84 85.80
C MET MA 86 -59.56 -13.46 84.52
N CYS MA 87 -58.67 -12.47 84.58
CA CYS MA 87 -57.93 -12.11 83.39
C CYS MA 87 -56.69 -12.99 83.24
N TYR MA 88 -56.22 -13.56 84.34
CA TYR MA 88 -55.09 -14.48 84.25
C TYR MA 88 -55.53 -15.91 83.96
N ARG MA 89 -56.73 -16.29 84.41
CA ARG MA 89 -57.19 -17.66 84.25
C ARG MA 89 -57.45 -18.00 82.80
N TYR MA 90 -57.95 -17.03 82.03
CA TYR MA 90 -58.33 -17.25 80.64
C TYR MA 90 -57.55 -16.39 79.67
N ARG MA 91 -56.23 -16.31 79.84
CA ARG MA 91 -55.44 -15.37 79.06
C ARG MA 91 -55.18 -15.83 77.63
N GLU MA 92 -55.66 -17.01 77.26
CA GLU MA 92 -55.43 -17.48 75.90
C GLU MA 92 -56.42 -16.84 74.92
N ASP MA 93 -57.55 -16.36 75.42
CA ASP MA 93 -58.57 -15.77 74.56
C ASP MA 93 -59.18 -14.50 75.12
N LEU MA 94 -58.37 -13.63 75.71
CA LEU MA 94 -58.79 -12.31 76.17
C LEU MA 94 -57.75 -11.28 75.78
N MET MA 95 -58.16 -10.02 75.80
CA MET MA 95 -57.25 -8.89 75.69
C MET MA 95 -57.64 -7.86 76.73
N ALA MA 96 -57.10 -7.98 77.92
CA ALA MA 96 -57.52 -7.21 79.08
C ALA MA 96 -56.65 -5.97 79.22
N GLY MA 97 -57.28 -4.81 79.14
CA GLY MA 97 -56.59 -3.56 79.43
C GLY MA 97 -57.21 -2.88 80.63
N ILE MA 98 -57.55 -3.65 81.64
CA ILE MA 98 -58.29 -3.13 82.78
C ILE MA 98 -57.37 -2.30 83.66
N ILE MA 99 -57.78 -1.07 83.96
CA ILE MA 99 -57.12 -0.23 84.95
C ILE MA 99 -58.10 0.06 86.07
N ILE MA 100 -57.78 -0.39 87.27
CA ILE MA 100 -58.64 -0.21 88.43
C ILE MA 100 -58.12 0.98 89.22
N ALA MA 101 -59.03 1.88 89.59
CA ALA MA 101 -58.67 2.99 90.45
C ALA MA 101 -59.87 3.35 91.30
N GLY MA 102 -59.59 3.84 92.49
CA GLY MA 102 -60.66 4.20 93.40
C GLY MA 102 -60.11 4.56 94.76
N TRP MA 103 -60.97 5.19 95.56
CA TRP MA 103 -60.62 5.59 96.91
C TRP MA 103 -61.15 4.58 97.90
N ASP MA 104 -60.39 4.37 98.98
CA ASP MA 104 -60.81 3.46 100.02
C ASP MA 104 -60.79 4.18 101.37
N PRO MA 105 -61.73 3.86 102.27
CA PRO MA 105 -61.70 4.48 103.60
C PRO MA 105 -60.49 4.11 104.44
N GLN MA 106 -59.82 3.00 104.15
CA GLN MA 106 -58.65 2.65 104.93
C GLN MA 106 -57.38 3.20 104.30
N GLU MA 107 -57.21 3.02 102.99
CA GLU MA 107 -55.90 3.14 102.38
C GLU MA 107 -55.73 4.38 101.50
N GLY MA 108 -56.68 5.31 101.50
CA GLY MA 108 -56.49 6.48 100.66
C GLY MA 108 -56.72 6.15 99.20
N GLY MA 109 -56.30 7.06 98.33
CA GLY MA 109 -56.47 6.84 96.90
C GLY MA 109 -55.49 5.78 96.40
N GLN MA 110 -55.94 5.01 95.41
CA GLN MA 110 -55.14 3.93 94.85
C GLN MA 110 -55.44 3.79 93.36
N VAL MA 111 -54.41 3.44 92.60
CA VAL MA 111 -54.52 3.14 91.18
C VAL MA 111 -53.75 1.87 90.87
N TYR MA 112 -54.44 0.86 90.35
CA TYR MA 112 -53.80 -0.37 89.90
C TYR MA 112 -53.89 -0.46 88.39
N SER MA 113 -53.09 -1.34 87.82
CA SER MA 113 -53.08 -1.56 86.38
C SER MA 113 -52.99 -3.05 86.09
N VAL MA 114 -53.85 -3.52 85.20
CA VAL MA 114 -53.81 -4.92 84.76
C VAL MA 114 -53.67 -4.94 83.24
N PRO MA 115 -52.48 -5.18 82.72
CA PRO MA 115 -52.31 -5.32 81.28
C PRO MA 115 -52.68 -6.72 80.82
N MET MA 116 -52.36 -7.01 79.56
CA MET MA 116 -52.87 -8.20 78.86
C MET MA 116 -52.42 -9.50 79.50
N GLY MA 117 -51.29 -9.48 80.21
CA GLY MA 117 -50.80 -10.71 80.83
C GLY MA 117 -51.54 -11.09 82.09
N GLY MA 118 -52.43 -10.24 82.58
CA GLY MA 118 -53.13 -10.51 83.82
C GLY MA 118 -52.38 -10.19 85.08
N MET MA 119 -51.16 -9.64 84.97
CA MET MA 119 -50.41 -9.24 86.14
C MET MA 119 -51.05 -8.01 86.79
N MET MA 120 -50.61 -7.75 88.02
CA MET MA 120 -51.17 -6.67 88.81
C MET MA 120 -50.05 -5.98 89.56
N VAL MA 121 -50.05 -4.65 89.56
CA VAL MA 121 -49.05 -3.87 90.25
C VAL MA 121 -49.70 -2.54 90.63
N ARG MA 122 -49.20 -1.91 91.69
CA ARG MA 122 -49.72 -0.63 92.10
C ARG MA 122 -48.86 0.47 91.51
N GLN MA 123 -49.51 1.46 90.91
CA GLN MA 123 -48.81 2.60 90.33
C GLN MA 123 -49.42 3.90 90.82
N SER MA 124 -48.60 4.94 90.81
CA SER MA 124 -49.05 6.28 91.18
C SER MA 124 -49.80 6.93 90.03
N PHE MA 125 -49.49 6.53 88.81
CA PHE MA 125 -50.28 6.97 87.67
C PHE MA 125 -50.29 5.85 86.64
N ALA MA 126 -51.32 5.83 85.82
CA ALA MA 126 -51.54 4.72 84.91
C ALA MA 126 -51.96 5.23 83.54
N ILE MA 127 -51.57 4.45 82.53
CA ILE MA 127 -51.66 4.81 81.12
C ILE MA 127 -51.82 3.54 80.32
N GLY MA 128 -52.91 3.46 79.57
CA GLY MA 128 -53.29 2.21 78.96
C GLY MA 128 -53.81 2.42 77.55
N GLY MA 129 -54.06 1.30 76.88
CA GLY MA 129 -54.54 1.33 75.52
C GLY MA 129 -53.44 1.61 74.53
N SER MA 130 -53.82 1.60 73.24
CA SER MA 130 -52.84 1.75 72.19
C SER MA 130 -52.33 3.18 72.06
N GLY MA 131 -53.13 4.16 72.47
CA GLY MA 131 -52.74 5.55 72.28
C GLY MA 131 -51.71 6.03 73.27
N SER MA 132 -51.57 5.34 74.40
CA SER MA 132 -50.75 5.84 75.50
C SER MA 132 -49.27 5.82 75.20
N SER MA 133 -48.84 5.01 74.22
CA SER MA 133 -47.44 5.00 73.80
C SER MA 133 -47.02 6.34 73.22
N TYR MA 134 -47.98 7.10 72.69
CA TYR MA 134 -47.70 8.43 72.18
C TYR MA 134 -47.56 9.47 73.28
N ILE MA 135 -47.90 9.14 74.53
CA ILE MA 135 -47.80 10.09 75.62
C ILE MA 135 -47.06 9.57 76.84
N TYR MA 136 -46.29 8.48 76.71
CA TYR MA 136 -45.36 8.13 77.79
C TYR MA 136 -44.36 9.25 78.04
N GLY MA 137 -43.84 9.85 76.97
CA GLY MA 137 -42.87 10.91 77.12
C GLY MA 137 -43.45 12.17 77.76
N TYR MA 138 -44.66 12.53 77.36
CA TYR MA 138 -45.30 13.70 77.94
C TYR MA 138 -45.72 13.42 79.38
N VAL MA 139 -46.12 12.19 79.68
CA VAL MA 139 -46.60 11.90 81.02
C VAL MA 139 -45.43 11.71 81.97
N ASP MA 140 -44.22 11.50 81.46
CA ASP MA 140 -43.07 11.50 82.36
C ASP MA 140 -42.62 12.92 82.70
N ALA MA 141 -42.36 13.72 81.67
CA ALA MA 141 -41.78 15.04 81.89
C ALA MA 141 -42.80 16.01 82.48
N THR MA 142 -44.08 15.80 82.21
CA THR MA 142 -45.07 16.75 82.67
C THR MA 142 -45.52 16.42 84.09
N TYR MA 143 -45.19 15.22 84.58
CA TYR MA 143 -45.68 14.76 85.86
C TYR MA 143 -45.04 15.53 87.01
N ARG MA 144 -45.85 15.82 88.02
CA ARG MA 144 -45.42 16.56 89.19
C ARG MA 144 -46.03 15.89 90.41
N GLU MA 145 -45.17 15.46 91.33
CA GLU MA 145 -45.67 14.76 92.51
C GLU MA 145 -46.30 15.73 93.49
N GLY MA 146 -47.54 15.44 93.88
CA GLY MA 146 -48.28 16.30 94.78
C GLY MA 146 -49.18 17.28 94.05
N MET MA 147 -50.01 16.79 93.14
CA MET MA 147 -50.93 17.64 92.39
C MET MA 147 -52.13 17.98 93.25
N THR MA 148 -52.77 19.10 92.94
CA THR MA 148 -54.14 19.34 93.38
C THR MA 148 -55.10 18.72 92.39
N LYS MA 149 -56.40 18.80 92.70
CA LYS MA 149 -57.39 18.13 91.86
C LYS MA 149 -57.56 18.85 90.53
N GLU MA 150 -57.55 20.18 90.55
CA GLU MA 150 -57.71 20.96 89.32
C GLU MA 150 -56.53 20.76 88.39
N GLU MA 151 -55.34 20.56 88.96
CA GLU MA 151 -54.18 20.30 88.12
C GLU MA 151 -54.13 18.85 87.66
N CYS MA 152 -54.83 17.96 88.36
CA CYS MA 152 -55.02 16.61 87.84
C CYS MA 152 -55.91 16.62 86.61
N LEU MA 153 -57.04 17.33 86.70
CA LEU MA 153 -57.95 17.41 85.56
C LEU MA 153 -57.32 18.17 84.40
N GLN MA 154 -56.50 19.18 84.72
CA GLN MA 154 -55.73 19.86 83.69
C GLN MA 154 -54.72 18.93 83.05
N PHE MA 155 -54.09 18.08 83.85
CA PHE MA 155 -53.03 17.20 83.39
C PHE MA 155 -53.58 16.12 82.47
N THR MA 156 -54.65 15.44 82.90
CA THR MA 156 -55.24 14.40 82.05
C THR MA 156 -55.97 15.01 80.87
N ALA MA 157 -56.42 16.26 81.00
CA ALA MA 157 -57.02 16.96 79.87
C ALA MA 157 -56.00 17.20 78.77
N ASN MA 158 -54.81 17.68 79.14
CA ASN MA 158 -53.76 17.86 78.13
C ASN MA 158 -53.27 16.52 77.60
N ALA MA 159 -53.24 15.50 78.46
CA ALA MA 159 -52.73 14.19 78.05
C ALA MA 159 -53.65 13.54 77.02
N LEU MA 160 -54.95 13.58 77.28
CA LEU MA 160 -55.89 13.03 76.29
C LEU MA 160 -56.04 13.96 75.11
N ALA MA 161 -55.68 15.22 75.25
CA ALA MA 161 -55.66 16.11 74.10
C ALA MA 161 -54.56 15.73 73.12
N LEU MA 162 -53.36 15.44 73.64
CA LEU MA 162 -52.24 15.09 72.77
C LEU MA 162 -52.41 13.68 72.21
N ALA MA 163 -52.80 12.74 73.08
CA ALA MA 163 -52.97 11.35 72.68
C ALA MA 163 -54.12 11.19 71.69
N MET MA 164 -55.25 11.83 71.97
CA MET MA 164 -56.38 11.76 71.05
C MET MA 164 -56.12 12.59 69.80
N GLU MA 165 -55.21 13.56 69.89
CA GLU MA 165 -54.90 14.37 68.71
C GLU MA 165 -54.06 13.60 67.71
N ARG MA 166 -52.92 13.05 68.17
CA ARG MA 166 -51.96 12.51 67.21
C ARG MA 166 -52.36 11.12 66.73
N ASP MA 167 -52.94 10.31 67.61
CA ASP MA 167 -53.36 8.97 67.23
C ASP MA 167 -54.64 9.04 66.38
N GLY MA 168 -54.85 7.98 65.59
CA GLY MA 168 -55.99 7.89 64.71
C GLY MA 168 -57.18 7.15 65.29
N SER MA 169 -56.93 6.07 66.03
CA SER MA 169 -58.03 5.28 66.57
C SER MA 169 -58.74 6.01 67.69
N SER MA 170 -57.99 6.63 68.59
CA SER MA 170 -58.58 7.39 69.68
C SER MA 170 -59.14 8.70 69.15
N GLY MA 171 -60.35 9.06 69.58
CA GLY MA 171 -60.92 10.34 69.22
C GLY MA 171 -62.23 10.54 69.95
N GLY MA 172 -63.01 11.48 69.45
CA GLY MA 172 -64.27 11.79 70.08
C GLY MA 172 -64.10 12.82 71.19
N VAL MA 173 -64.85 12.60 72.28
CA VAL MA 173 -64.84 13.54 73.38
C VAL MA 173 -64.08 12.95 74.55
N ILE MA 174 -63.64 13.81 75.45
CA ILE MA 174 -62.90 13.39 76.64
C ILE MA 174 -63.87 13.20 77.79
N ARG MA 175 -63.86 12.02 78.40
CA ARG MA 175 -64.62 11.76 79.61
C ARG MA 175 -63.69 11.79 80.81
N LEU MA 176 -64.09 12.50 81.85
CA LEU MA 176 -63.30 12.63 83.06
C LEU MA 176 -64.16 12.27 84.27
N ALA MA 177 -63.49 11.91 85.35
CA ALA MA 177 -64.16 11.54 86.59
C ALA MA 177 -63.18 11.70 87.74
N ALA MA 178 -63.66 12.21 88.86
CA ALA MA 178 -62.85 12.43 90.05
C ALA MA 178 -63.52 11.74 91.21
N ILE MA 179 -62.73 11.06 92.04
CA ILE MA 179 -63.24 10.23 93.12
C ILE MA 179 -62.54 10.64 94.41
N ALA MA 180 -63.33 10.96 95.44
CA ALA MA 180 -62.82 11.19 96.78
C ALA MA 180 -63.82 10.61 97.76
N GLU MA 181 -63.69 10.97 99.04
CA GLU MA 181 -64.72 10.58 100.00
C GLU MA 181 -66.02 11.33 99.76
N SER MA 182 -65.93 12.54 99.21
CA SER MA 182 -67.10 13.40 99.00
C SER MA 182 -68.02 12.92 97.89
N GLY MA 183 -67.69 11.85 97.19
CA GLY MA 183 -68.50 11.35 96.10
C GLY MA 183 -67.73 11.32 94.80
N VAL MA 184 -68.45 10.96 93.74
CA VAL MA 184 -67.89 10.93 92.40
C VAL MA 184 -68.46 12.08 91.60
N GLU MA 185 -67.59 12.84 90.94
CA GLU MA 185 -67.98 14.06 90.25
C GLU MA 185 -67.67 13.91 88.77
N ARG MA 186 -68.57 13.28 88.02
CA ARG MA 186 -68.33 12.97 86.63
C ARG MA 186 -68.74 14.16 85.75
N GLN MA 187 -67.99 14.35 84.68
CA GLN MA 187 -68.25 15.42 83.73
C GLN MA 187 -67.64 15.01 82.41
N VAL MA 188 -68.04 15.71 81.34
CA VAL MA 188 -67.51 15.47 80.00
C VAL MA 188 -67.20 16.82 79.38
N LEU MA 189 -65.93 17.04 79.06
CA LEU MA 189 -65.49 18.31 78.50
C LEU MA 189 -64.83 18.10 77.15
N LEU MA 190 -64.74 19.19 76.39
CA LEU MA 190 -64.11 19.17 75.08
C LEU MA 190 -63.41 20.51 74.84
N GLY MA 191 -62.10 20.43 74.63
CA GLY MA 191 -61.27 21.60 74.51
C GLY MA 191 -59.80 21.28 74.54
N THR NA 1 -79.37 -6.15 52.77
CA THR NA 1 -79.95 -6.00 54.11
C THR NA 1 -79.39 -4.77 54.81
N THR NA 2 -80.30 -3.85 55.16
CA THR NA 2 -79.93 -2.62 55.86
C THR NA 2 -80.98 -2.33 56.90
N ILE NA 3 -80.59 -2.31 58.17
CA ILE NA 3 -81.53 -2.02 59.25
C ILE NA 3 -81.08 -0.75 59.94
N ALA NA 4 -82.02 -0.11 60.63
CA ALA NA 4 -81.74 1.15 61.31
C ALA NA 4 -82.77 1.37 62.39
N GLY NA 5 -82.41 2.24 63.34
CA GLY NA 5 -83.31 2.61 64.41
C GLY NA 5 -83.02 4.01 64.88
N VAL NA 6 -83.99 4.59 65.57
CA VAL NA 6 -83.87 5.97 66.04
C VAL NA 6 -84.77 6.12 67.25
N VAL NA 7 -84.46 7.10 68.09
CA VAL NA 7 -85.24 7.42 69.28
C VAL NA 7 -85.76 8.82 69.12
N TYR NA 8 -87.08 8.98 68.96
CA TYR NA 8 -87.64 10.33 68.97
C TYR NA 8 -87.99 10.69 70.42
N LYS NA 9 -88.77 11.76 70.60
CA LYS NA 9 -88.96 12.35 71.93
C LYS NA 9 -89.77 11.43 72.85
N ASP NA 10 -90.54 10.51 72.27
CA ASP NA 10 -91.37 9.63 73.08
C ASP NA 10 -91.13 8.16 72.84
N GLY NA 11 -90.79 7.76 71.62
CA GLY NA 11 -90.68 6.34 71.33
C GLY NA 11 -89.56 5.98 70.37
N ILE NA 12 -89.63 4.79 69.81
CA ILE NA 12 -88.56 4.21 69.00
C ILE NA 12 -89.12 3.81 67.64
N VAL NA 13 -88.40 4.16 66.60
CA VAL NA 13 -88.76 3.80 65.23
C VAL NA 13 -87.67 2.94 64.63
N LEU NA 14 -88.00 1.70 64.31
CA LEU NA 14 -87.09 0.77 63.67
C LEU NA 14 -87.47 0.63 62.19
N GLY NA 15 -86.51 0.18 61.39
CA GLY NA 15 -86.74 0.03 59.97
C GLY NA 15 -85.78 -0.95 59.35
N ALA NA 16 -86.15 -1.47 58.18
CA ALA NA 16 -85.36 -2.46 57.48
C ALA NA 16 -85.84 -2.54 56.04
N ASP NA 17 -85.01 -3.14 55.19
CA ASP NA 17 -85.48 -3.58 53.90
C ASP NA 17 -86.04 -5.00 54.01
N THR NA 18 -86.29 -5.61 52.85
CA THR NA 18 -86.73 -7.01 52.82
C THR NA 18 -85.99 -7.86 51.81
N ARG NA 19 -84.89 -7.38 51.22
CA ARG NA 19 -84.11 -8.22 50.32
C ARG NA 19 -83.17 -9.12 51.11
N ALA NA 20 -83.24 -10.42 50.86
CA ALA NA 20 -82.37 -11.41 51.49
C ALA NA 20 -81.68 -12.20 50.39
N THR NA 21 -80.38 -11.96 50.22
CA THR NA 21 -79.61 -12.57 49.14
C THR NA 21 -78.86 -13.80 49.64
N GLU NA 22 -78.60 -14.71 48.72
CA GLU NA 22 -77.73 -15.86 48.99
C GLU NA 22 -76.75 -15.97 47.84
N GLY NA 23 -75.45 -15.90 48.16
CA GLY NA 23 -74.49 -15.77 47.10
C GLY NA 23 -74.60 -14.39 46.47
N MET NA 24 -74.66 -14.36 45.15
CA MET NA 24 -74.90 -13.13 44.44
C MET NA 24 -76.22 -13.14 43.67
N VAL NA 25 -77.12 -14.03 44.02
CA VAL NA 25 -78.45 -14.08 43.43
C VAL NA 25 -79.47 -13.80 44.52
N VAL NA 26 -80.39 -12.88 44.25
CA VAL NA 26 -81.40 -12.51 45.23
C VAL NA 26 -82.36 -13.67 45.43
N ALA NA 27 -82.44 -14.15 46.67
CA ALA NA 27 -83.27 -15.32 46.97
C ALA NA 27 -84.73 -14.91 47.17
N ASP NA 28 -84.96 -13.79 47.87
CA ASP NA 28 -86.30 -13.38 48.24
C ASP NA 28 -86.48 -11.89 47.96
N LYS NA 29 -87.67 -11.52 47.51
CA LYS NA 29 -88.02 -10.11 47.41
C LYS NA 29 -88.62 -9.60 48.71
N ASN NA 30 -89.64 -10.28 49.22
CA ASN NA 30 -90.35 -9.84 50.42
C ASN NA 30 -90.02 -10.80 51.55
N CYS NA 31 -89.08 -10.41 52.39
CA CYS NA 31 -88.74 -11.16 53.59
C CYS NA 31 -89.34 -10.44 54.78
N SER NA 32 -88.96 -10.88 55.98
CA SER NA 32 -89.35 -10.21 57.21
C SER NA 32 -88.25 -10.36 58.24
N LYS NA 33 -87.78 -9.23 58.77
CA LYS NA 33 -86.66 -9.24 59.71
C LYS NA 33 -87.04 -8.70 61.08
N ILE NA 34 -88.05 -7.84 61.17
CA ILE NA 34 -88.45 -7.32 62.46
C ILE NA 34 -89.27 -8.38 63.17
N HIS NA 35 -88.76 -8.86 64.31
CA HIS NA 35 -89.35 -9.98 65.02
C HIS NA 35 -90.18 -9.50 66.20
N PHE NA 36 -90.74 -10.47 66.90
CA PHE NA 36 -91.48 -10.23 68.14
C PHE NA 36 -90.65 -10.70 69.32
N ILE NA 37 -90.66 -9.91 70.39
CA ILE NA 37 -90.04 -10.34 71.64
C ILE NA 37 -91.10 -10.28 72.72
N SER NA 38 -91.63 -9.09 72.95
CA SER NA 38 -92.66 -8.80 73.93
C SER NA 38 -93.61 -7.83 73.26
N PRO NA 39 -94.76 -7.53 73.88
CA PRO NA 39 -95.61 -6.47 73.32
C PRO NA 39 -94.98 -5.08 73.29
N ASN NA 40 -93.86 -4.83 73.96
CA ASN NA 40 -93.22 -3.53 73.90
C ASN NA 40 -91.83 -3.54 73.27
N ILE NA 41 -91.24 -4.71 73.03
CA ILE NA 41 -89.87 -4.80 72.56
C ILE NA 41 -89.85 -5.56 71.24
N TYR NA 42 -89.29 -4.94 70.20
CA TYR NA 42 -89.05 -5.58 68.92
C TYR NA 42 -87.57 -5.53 68.60
N CYS NA 43 -87.13 -6.44 67.73
CA CYS NA 43 -85.73 -6.58 67.39
C CYS NA 43 -85.56 -6.76 65.90
N CYS NA 44 -84.46 -6.24 65.39
CA CYS NA 44 -84.12 -6.36 63.97
C CYS NA 44 -82.87 -7.23 63.85
N GLY NA 45 -82.83 -8.08 62.84
CA GLY NA 45 -81.71 -8.94 62.59
C GLY NA 45 -80.93 -8.55 61.34
N ALA NA 46 -79.70 -9.04 61.29
CA ALA NA 46 -78.83 -8.80 60.14
C ALA NA 46 -77.78 -9.90 60.09
N GLY NA 47 -77.01 -9.92 59.02
CA GLY NA 47 -75.99 -10.95 58.87
C GLY NA 47 -76.62 -12.26 58.48
N THR NA 48 -76.19 -13.34 59.13
CA THR NA 48 -76.77 -14.65 58.89
C THR NA 48 -78.16 -14.72 59.51
N ALA NA 49 -79.15 -15.07 58.70
CA ALA NA 49 -80.54 -14.87 59.12
C ALA NA 49 -80.98 -15.96 60.09
N ALA NA 50 -80.50 -17.19 59.93
CA ALA NA 50 -80.96 -18.29 60.77
C ALA NA 50 -80.49 -18.14 62.21
N ASP NA 51 -79.27 -17.63 62.38
CA ASP NA 51 -78.72 -17.38 63.70
C ASP NA 51 -79.54 -16.34 64.45
N THR NA 52 -79.91 -15.26 63.77
CA THR NA 52 -80.72 -14.23 64.39
C THR NA 52 -82.12 -14.73 64.67
N ASP NA 53 -82.65 -15.61 63.80
CA ASP NA 53 -83.99 -16.13 64.00
C ASP NA 53 -84.07 -17.02 65.23
N MET NA 54 -83.17 -18.00 65.33
CA MET NA 54 -83.22 -18.93 66.45
C MET NA 54 -82.80 -18.25 67.75
N THR NA 55 -81.90 -17.27 67.63
CA THR NA 55 -81.49 -16.50 68.80
C THR NA 55 -82.65 -15.66 69.32
N THR NA 56 -83.36 -14.98 68.42
CA THR NA 56 -84.42 -14.08 68.86
C THR NA 56 -85.65 -14.86 69.31
N GLN NA 57 -85.82 -16.10 68.84
CA GLN NA 57 -86.91 -16.90 69.35
C GLN NA 57 -86.56 -17.48 70.72
N LEU NA 58 -85.29 -17.78 70.95
CA LEU NA 58 -84.88 -18.27 72.26
C LEU NA 58 -85.01 -17.18 73.33
N ILE NA 59 -84.57 -15.97 73.00
CA ILE NA 59 -84.67 -14.87 73.95
C ILE NA 59 -86.12 -14.44 74.13
N SER NA 60 -86.91 -14.46 73.05
CA SER NA 60 -88.32 -14.12 73.14
C SER NA 60 -89.08 -15.09 74.01
N SER NA 61 -88.80 -16.39 73.87
CA SER NA 61 -89.46 -17.39 74.69
C SER NA 61 -89.04 -17.26 76.15
N ASN NA 62 -87.76 -17.01 76.39
CA ASN NA 62 -87.26 -16.93 77.76
C ASN NA 62 -87.79 -15.69 78.46
N LEU NA 63 -87.97 -14.59 77.75
CA LEU NA 63 -88.53 -13.40 78.38
C LEU NA 63 -90.03 -13.50 78.56
N GLU NA 64 -90.72 -14.24 77.69
CA GLU NA 64 -92.13 -14.49 77.95
C GLU NA 64 -92.30 -15.34 79.21
N LEU NA 65 -91.40 -16.31 79.40
CA LEU NA 65 -91.34 -17.08 80.63
C LEU NA 65 -91.05 -16.19 81.84
N HIS NA 66 -90.12 -15.25 81.68
CA HIS NA 66 -89.75 -14.36 82.77
C HIS NA 66 -90.89 -13.42 83.16
N SER NA 67 -91.42 -12.70 82.17
CA SER NA 67 -92.44 -11.68 82.45
C SER NA 67 -93.73 -12.32 82.91
N LEU NA 68 -94.07 -13.48 82.37
CA LEU NA 68 -95.24 -14.18 82.88
C LEU NA 68 -94.96 -14.80 84.23
N SER NA 69 -93.69 -15.04 84.56
CA SER NA 69 -93.38 -15.52 85.91
C SER NA 69 -93.51 -14.42 86.95
N THR NA 70 -93.11 -13.21 86.61
CA THR NA 70 -93.27 -12.10 87.56
C THR NA 70 -94.68 -11.56 87.57
N GLY NA 71 -95.30 -11.38 86.41
CA GLY NA 71 -96.57 -10.70 86.34
C GLY NA 71 -96.47 -9.23 86.01
N ARG NA 72 -95.36 -8.78 85.45
CA ARG NA 72 -95.16 -7.37 85.14
C ARG NA 72 -94.68 -7.19 83.70
N LEU NA 73 -94.44 -5.94 83.36
CA LEU NA 73 -93.97 -5.60 82.03
C LEU NA 73 -92.48 -5.93 81.93
N PRO NA 74 -91.99 -6.42 80.78
CA PRO NA 74 -90.56 -6.71 80.65
C PRO NA 74 -89.72 -5.46 80.57
N ARG NA 75 -88.40 -5.59 80.76
CA ARG NA 75 -87.50 -4.47 80.58
C ARG NA 75 -86.50 -4.81 79.49
N VAL NA 76 -85.94 -3.76 78.88
CA VAL NA 76 -85.07 -3.97 77.72
C VAL NA 76 -83.70 -4.50 78.16
N VAL NA 77 -83.22 -4.04 79.32
CA VAL NA 77 -81.86 -4.40 79.75
C VAL NA 77 -81.74 -5.87 80.11
N THR NA 78 -82.85 -6.52 80.45
CA THR NA 78 -82.82 -7.96 80.68
C THR NA 78 -82.61 -8.71 79.36
N ALA NA 79 -83.31 -8.27 78.31
CA ALA NA 79 -83.10 -8.82 76.97
C ALA NA 79 -81.67 -8.58 76.51
N ASN NA 80 -81.14 -7.39 76.80
CA ASN NA 80 -79.78 -7.07 76.40
C ASN NA 80 -78.77 -7.93 77.16
N ARG NA 81 -79.07 -8.24 78.42
CA ARG NA 81 -78.11 -9.02 79.21
C ARG NA 81 -78.12 -10.48 78.78
N MET NA 82 -79.29 -11.01 78.46
CA MET NA 82 -79.38 -12.38 77.93
C MET NA 82 -78.68 -12.49 76.58
N LEU NA 83 -78.90 -11.49 75.72
CA LEU NA 83 -78.29 -11.52 74.38
C LEU NA 83 -76.78 -11.40 74.44
N LYS NA 84 -76.26 -10.50 75.30
CA LYS NA 84 -74.81 -10.35 75.35
C LYS NA 84 -74.17 -11.55 76.06
N GLN NA 85 -74.92 -12.21 76.94
CA GLN NA 85 -74.34 -13.36 77.63
C GLN NA 85 -74.29 -14.57 76.71
N MET NA 86 -75.35 -14.79 75.92
CA MET NA 86 -75.35 -15.89 74.96
C MET NA 86 -74.33 -15.66 73.85
N LEU NA 87 -74.37 -14.46 73.25
CA LEU NA 87 -73.47 -14.17 72.13
C LEU NA 87 -72.03 -14.03 72.58
N PHE NA 88 -71.79 -13.81 73.87
CA PHE NA 88 -70.43 -13.96 74.34
C PHE NA 88 -70.08 -15.42 74.57
N ARG NA 89 -71.05 -16.24 74.99
CA ARG NA 89 -70.73 -17.61 75.35
C ARG NA 89 -70.42 -18.44 74.11
N TYR NA 90 -71.04 -18.11 72.98
CA TYR NA 90 -70.72 -18.84 71.75
C TYR NA 90 -69.47 -18.33 71.05
N GLN NA 91 -68.73 -17.40 71.69
CA GLN NA 91 -67.40 -16.95 71.25
C GLN NA 91 -67.42 -16.26 69.89
N GLY NA 92 -68.59 -15.81 69.45
CA GLY NA 92 -68.69 -15.16 68.16
C GLY NA 92 -68.78 -16.09 66.98
N TYR NA 93 -69.02 -17.38 67.19
CA TYR NA 93 -69.29 -18.27 66.07
C TYR NA 93 -70.67 -18.01 65.50
N ILE NA 94 -71.64 -17.74 66.35
CA ILE NA 94 -72.95 -17.28 65.91
C ILE NA 94 -72.79 -15.84 65.46
N GLY NA 95 -72.84 -15.62 64.16
CA GLY NA 95 -72.70 -14.29 63.61
C GLY NA 95 -74.05 -13.61 63.53
N ALA NA 96 -74.38 -12.81 64.53
CA ALA NA 96 -75.69 -12.19 64.59
C ALA NA 96 -75.52 -10.71 64.86
N ALA NA 97 -76.07 -9.89 63.96
CA ALA NA 97 -76.04 -8.45 64.12
C ALA NA 97 -77.45 -8.00 64.44
N LEU NA 98 -77.66 -7.53 65.66
CA LEU NA 98 -78.99 -7.21 66.14
C LEU NA 98 -79.12 -5.73 66.44
N VAL NA 99 -80.35 -5.23 66.38
CA VAL NA 99 -80.74 -3.95 66.94
C VAL NA 99 -81.93 -4.21 67.84
N LEU NA 100 -81.79 -3.88 69.11
CA LEU NA 100 -82.79 -4.19 70.11
C LEU NA 100 -83.34 -2.89 70.68
N GLY NA 101 -84.65 -2.80 70.80
CA GLY NA 101 -85.27 -1.57 71.28
C GLY NA 101 -86.63 -1.83 71.87
N GLY NA 102 -87.02 -0.97 72.81
CA GLY NA 102 -88.32 -1.08 73.44
C GLY NA 102 -88.53 0.00 74.47
N VAL NA 103 -89.77 0.08 74.95
CA VAL NA 103 -90.18 1.09 75.91
C VAL NA 103 -90.22 0.46 77.30
N ASP NA 104 -89.42 0.99 78.22
CA ASP NA 104 -89.34 0.49 79.58
C ASP NA 104 -90.25 1.24 80.54
N VAL NA 105 -90.05 0.95 81.83
CA VAL NA 105 -90.61 1.81 82.89
C VAL NA 105 -89.97 3.18 82.82
N THR NA 106 -88.66 3.23 82.60
CA THR NA 106 -87.95 4.50 82.52
C THR NA 106 -88.31 5.25 81.24
N GLY NA 107 -88.14 4.61 80.09
CA GLY NA 107 -88.42 5.25 78.83
C GLY NA 107 -87.89 4.45 77.67
N PRO NA 108 -87.68 5.10 76.53
CA PRO NA 108 -87.19 4.39 75.36
C PRO NA 108 -85.70 4.08 75.49
N HIS NA 109 -85.31 2.95 74.91
CA HIS NA 109 -83.91 2.54 74.91
C HIS NA 109 -83.62 1.80 73.62
N LEU NA 110 -82.54 2.19 72.96
CA LEU NA 110 -82.14 1.57 71.71
C LEU NA 110 -80.76 0.97 71.88
N TYR NA 111 -80.62 -0.31 71.61
CA TYR NA 111 -79.36 -1.02 71.77
C TYR NA 111 -78.98 -1.70 70.47
N SER NA 112 -77.73 -1.52 70.06
CA SER NA 112 -77.16 -2.34 69.02
C SER NA 112 -76.26 -3.40 69.63
N ILE NA 113 -76.25 -4.58 69.01
CA ILE NA 113 -75.50 -5.71 69.53
C ILE NA 113 -74.65 -6.29 68.41
N TYR NA 114 -73.34 -6.31 68.60
CA TYR NA 114 -72.42 -6.91 67.67
C TYR NA 114 -72.29 -8.39 68.00
N PRO NA 115 -71.84 -9.24 67.05
CA PRO NA 115 -71.87 -10.68 67.31
C PRO NA 115 -70.82 -11.18 68.31
N HIS NA 116 -69.96 -10.31 68.83
CA HIS NA 116 -69.11 -10.73 69.94
C HIS NA 116 -69.81 -10.48 71.29
N GLY NA 117 -70.53 -9.37 71.41
CA GLY NA 117 -71.29 -9.11 72.61
C GLY NA 117 -71.24 -7.67 73.06
N SER NA 118 -70.53 -6.83 72.33
CA SER NA 118 -70.36 -5.43 72.71
C SER NA 118 -71.62 -4.65 72.38
N THR NA 119 -72.25 -4.09 73.41
CA THR NA 119 -73.52 -3.39 73.26
C THR NA 119 -73.36 -1.92 73.60
N ASP NA 120 -74.20 -1.10 72.98
CA ASP NA 120 -74.14 0.35 73.14
C ASP NA 120 -75.55 0.88 73.33
N LYS NA 121 -75.69 1.91 74.17
CA LYS NA 121 -76.99 2.53 74.43
C LYS NA 121 -77.07 3.80 73.58
N LEU NA 122 -77.08 3.63 72.27
CA LEU NA 122 -77.06 4.78 71.37
C LEU NA 122 -78.45 5.22 70.97
N PRO NA 123 -78.65 6.51 70.67
CA PRO NA 123 -79.97 6.97 70.22
C PRO NA 123 -80.29 6.62 68.78
N TYR NA 124 -79.30 6.26 67.96
CA TYR NA 124 -79.57 5.84 66.59
C TYR NA 124 -78.43 4.94 66.14
N VAL NA 125 -78.77 3.81 65.53
CA VAL NA 125 -77.79 2.83 65.08
C VAL NA 125 -78.16 2.33 63.70
N THR NA 126 -77.16 1.89 62.95
CA THR NA 126 -77.34 1.25 61.65
C THR NA 126 -76.49 -0.01 61.62
N MET NA 127 -77.12 -1.14 61.28
CA MET NA 127 -76.42 -2.40 61.12
C MET NA 127 -76.73 -2.97 59.75
N GLY NA 128 -75.89 -3.91 59.32
CA GLY NA 128 -76.12 -4.57 58.05
C GLY NA 128 -75.06 -4.24 57.01
N SER NA 129 -75.32 -4.68 55.79
CA SER NA 129 -74.35 -4.51 54.72
C SER NA 129 -74.35 -3.07 54.21
N GLY NA 130 -75.52 -2.46 54.11
CA GLY NA 130 -75.58 -1.08 53.66
C GLY NA 130 -75.77 -0.11 54.79
N SER NA 131 -75.18 -0.40 55.94
CA SER NA 131 -75.39 0.43 57.13
C SER NA 131 -74.66 1.76 57.03
N LEU NA 132 -73.68 1.84 56.14
CA LEU NA 132 -72.85 3.03 56.04
C LEU NA 132 -73.62 4.21 55.45
N ALA NA 133 -74.43 3.93 54.42
CA ALA NA 133 -75.22 4.99 53.80
C ALA NA 133 -76.29 5.51 54.75
N ALA NA 134 -76.94 4.62 55.48
CA ALA NA 134 -77.95 5.05 56.46
C ALA NA 134 -77.31 5.77 57.62
N MET NA 135 -76.07 5.42 57.96
CA MET NA 135 -75.33 6.20 58.94
C MET NA 135 -75.02 7.59 58.41
N ALA NA 136 -74.83 7.72 57.10
CA ALA NA 136 -74.60 9.05 56.54
C ALA NA 136 -75.86 9.90 56.57
N VAL NA 137 -77.00 9.32 56.18
CA VAL NA 137 -78.24 10.11 56.08
C VAL NA 137 -78.75 10.46 57.47
N PHE NA 138 -78.68 9.48 58.39
CA PHE NA 138 -78.87 9.78 59.81
C PHE NA 138 -77.91 10.84 60.31
N GLU NA 139 -76.68 10.82 59.79
CA GLU NA 139 -75.70 11.73 60.35
C GLU NA 139 -75.92 13.16 59.91
N ASP NA 140 -76.37 13.39 58.68
CA ASP NA 140 -76.67 14.76 58.29
C ASP NA 140 -77.99 15.23 58.85
N LYS NA 141 -79.02 14.39 58.83
CA LYS NA 141 -80.36 14.89 59.07
C LYS NA 141 -80.97 14.53 60.42
N PHE NA 142 -80.15 14.16 61.40
CA PHE NA 142 -80.68 13.96 62.75
C PHE NA 142 -80.75 15.29 63.49
N ARG NA 143 -81.70 15.39 64.40
CA ARG NA 143 -81.64 16.34 65.49
C ARG NA 143 -82.30 15.66 66.68
N PRO NA 144 -81.87 15.96 67.91
CA PRO NA 144 -82.50 15.32 69.07
C PRO NA 144 -83.93 15.80 69.28
N ASP NA 145 -84.77 14.88 69.76
CA ASP NA 145 -86.18 15.12 70.10
C ASP NA 145 -86.98 15.59 68.89
N MET NA 146 -87.05 14.76 67.85
CA MET NA 146 -87.89 15.06 66.72
C MET NA 146 -89.34 14.71 67.02
N GLU NA 147 -90.22 15.05 66.09
CA GLU NA 147 -91.57 14.52 66.13
C GLU NA 147 -91.63 13.22 65.35
N GLU NA 148 -92.81 12.61 65.30
CA GLU NA 148 -92.95 11.26 64.80
C GLU NA 148 -92.87 11.21 63.27
N GLU NA 149 -93.51 12.18 62.61
CA GLU NA 149 -93.53 12.20 61.16
C GLU NA 149 -92.14 12.50 60.59
N GLU NA 150 -91.36 13.32 61.27
CA GLU NA 150 -89.98 13.56 60.85
C GLU NA 150 -89.14 12.31 61.06
N ALA NA 151 -89.51 11.49 62.05
CA ALA NA 151 -88.79 10.26 62.31
C ALA NA 151 -89.08 9.22 61.23
N LYS NA 152 -90.36 9.04 60.90
CA LYS NA 152 -90.74 8.08 59.88
C LYS NA 152 -90.20 8.48 58.51
N ASN NA 153 -90.30 9.78 58.19
CA ASN NA 153 -89.74 10.29 56.94
C ASN NA 153 -88.22 10.15 56.92
N LEU NA 154 -87.59 10.33 58.08
CA LEU NA 154 -86.13 10.21 58.17
C LEU NA 154 -85.67 8.79 57.95
N VAL NA 155 -86.31 7.83 58.61
CA VAL NA 155 -85.85 6.45 58.53
C VAL NA 155 -86.17 5.86 57.16
N SER NA 156 -87.32 6.23 56.60
CA SER NA 156 -87.62 5.84 55.22
C SER NA 156 -86.63 6.47 54.24
N GLU NA 157 -86.15 7.67 54.54
CA GLU NA 157 -85.15 8.31 53.70
C GLU NA 157 -83.81 7.61 53.78
N ALA NA 158 -83.39 7.21 54.99
CA ALA NA 158 -82.07 6.61 55.17
C ALA NA 158 -82.02 5.20 54.59
N ILE NA 159 -83.02 4.38 54.91
CA ILE NA 159 -83.12 3.04 54.33
C ILE NA 159 -83.30 3.13 52.82
N ALA NA 160 -84.00 4.18 52.35
CA ALA NA 160 -84.12 4.41 50.91
C ALA NA 160 -82.77 4.69 50.27
N ALA NA 161 -81.92 5.44 50.97
CA ALA NA 161 -80.61 5.74 50.41
C ALA NA 161 -79.71 4.51 50.38
N GLY NA 162 -79.80 3.68 51.43
CA GLY NA 162 -79.06 2.43 51.43
C GLY NA 162 -79.58 1.45 50.38
N ILE NA 163 -80.85 1.59 50.01
CA ILE NA 163 -81.42 0.75 48.97
C ILE NA 163 -80.93 1.20 47.60
N PHE NA 164 -80.90 2.51 47.35
CA PHE NA 164 -80.43 2.95 46.04
C PHE NA 164 -78.92 2.80 45.90
N ASN NA 165 -78.18 2.71 47.01
CA ASN NA 165 -76.74 2.62 46.87
C ASN NA 165 -76.24 1.17 46.87
N ASP NA 166 -76.50 0.41 47.92
CA ASP NA 166 -75.84 -0.87 48.07
C ASP NA 166 -76.60 -1.99 47.37
N LEU NA 167 -75.86 -2.92 46.77
CA LEU NA 167 -76.47 -4.01 46.02
C LEU NA 167 -77.02 -5.09 46.94
N GLY NA 168 -76.57 -5.10 48.20
CA GLY NA 168 -77.06 -6.10 49.14
C GLY NA 168 -78.49 -5.85 49.58
N SER NA 169 -79.03 -4.68 49.27
CA SER NA 169 -80.39 -4.35 49.63
C SER NA 169 -81.22 -4.05 48.38
N GLY NA 170 -82.44 -3.58 48.62
CA GLY NA 170 -83.30 -3.07 47.56
C GLY NA 170 -84.54 -3.93 47.39
N SER NA 171 -85.60 -3.50 48.06
CA SER NA 171 -86.90 -4.15 48.11
C SER NA 171 -87.90 -3.23 48.81
N ASN NA 172 -89.03 -3.78 49.23
CA ASN NA 172 -89.99 -3.10 50.09
C ASN NA 172 -89.31 -2.65 51.39
N ILE NA 173 -89.81 -1.55 51.96
CA ILE NA 173 -89.28 -0.99 53.19
C ILE NA 173 -90.28 -1.22 54.31
N ASP NA 174 -89.83 -1.84 55.39
CA ASP NA 174 -90.67 -2.03 56.55
C ASP NA 174 -90.26 -1.07 57.64
N LEU NA 175 -91.23 -0.61 58.41
CA LEU NA 175 -90.97 0.25 59.56
C LEU NA 175 -91.69 -0.30 60.77
N CYS NA 176 -91.17 0.02 61.94
CA CYS NA 176 -91.82 -0.27 63.21
C CYS NA 176 -91.99 1.02 63.98
N VAL NA 177 -93.09 1.15 64.70
CA VAL NA 177 -93.37 2.29 65.56
C VAL NA 177 -93.72 1.76 66.93
N ILE NA 178 -92.95 2.13 67.94
CA ILE NA 178 -93.22 1.75 69.32
C ILE NA 178 -93.36 3.02 70.14
N SER NA 179 -94.46 3.12 70.88
CA SER NA 179 -94.72 4.22 71.79
C SER NA 179 -95.01 3.63 73.16
N LYS NA 180 -95.56 4.48 74.03
CA LYS NA 180 -95.97 4.04 75.37
C LYS NA 180 -97.06 2.98 75.28
N ASN NA 181 -98.04 3.17 74.40
CA ASN NA 181 -99.09 2.18 74.22
C ASN NA 181 -99.32 1.82 72.75
N LYS NA 182 -99.27 2.81 71.87
CA LYS NA 182 -99.68 2.61 70.49
C LYS NA 182 -98.62 1.86 69.71
N LEU NA 183 -98.90 0.59 69.44
CA LEU NA 183 -97.99 -0.29 68.71
C LEU NA 183 -98.42 -0.34 67.26
N ASP NA 184 -97.51 0.00 66.36
CA ASP NA 184 -97.79 0.01 64.93
C ASP NA 184 -96.68 -0.76 64.22
N PHE NA 185 -97.04 -1.88 63.61
CA PHE NA 185 -96.14 -2.65 62.75
C PHE NA 185 -96.60 -2.46 61.32
N LEU NA 186 -95.99 -1.51 60.61
CA LEU NA 186 -96.40 -1.17 59.26
C LEU NA 186 -95.59 -1.99 58.28
N ARG NA 187 -96.27 -2.80 57.47
CA ARG NA 187 -95.59 -3.65 56.51
C ARG NA 187 -96.48 -3.95 55.32
N PRO NA 188 -96.12 -3.51 54.11
CA PRO NA 188 -94.95 -2.68 53.81
C PRO NA 188 -95.27 -1.20 54.00
N TYR NA 189 -94.24 -0.40 54.30
CA TYR NA 189 -94.46 1.03 54.47
C TYR NA 189 -94.41 1.75 53.13
N THR NA 190 -93.52 1.31 52.24
CA THR NA 190 -93.33 1.96 50.95
C THR NA 190 -92.84 0.91 49.96
N VAL NA 191 -93.48 0.83 48.81
CA VAL NA 191 -93.00 0.00 47.71
C VAL NA 191 -92.27 0.93 46.74
N PRO NA 192 -90.94 1.00 46.79
CA PRO NA 192 -90.24 2.06 46.04
C PRO NA 192 -90.10 1.75 44.56
N ASN NA 193 -90.08 0.49 44.18
CA ASN NA 193 -89.84 0.14 42.79
C ASN NA 193 -91.02 -0.63 42.21
N LYS NA 194 -91.20 -0.53 40.90
CA LYS NA 194 -92.34 -1.11 40.23
C LYS NA 194 -91.88 -1.99 39.08
N LYS NA 195 -92.82 -2.76 38.54
CA LYS NA 195 -92.62 -3.56 37.34
C LYS NA 195 -93.78 -3.29 36.40
N GLY NA 196 -93.49 -3.11 35.12
CA GLY NA 196 -94.53 -2.85 34.14
C GLY NA 196 -95.28 -4.09 33.70
N THR NA 197 -95.64 -4.14 32.42
CA THR NA 197 -96.35 -5.30 31.90
C THR NA 197 -95.36 -6.34 31.40
N ARG NA 198 -95.88 -7.53 31.12
CA ARG NA 198 -95.10 -8.55 30.43
C ARG NA 198 -95.29 -8.35 28.93
N LEU NA 199 -94.20 -8.03 28.24
CA LEU NA 199 -94.31 -7.50 26.89
C LEU NA 199 -94.55 -8.61 25.86
N GLY NA 200 -94.42 -9.85 26.26
CA GLY NA 200 -94.73 -10.94 25.36
C GLY NA 200 -95.44 -12.05 26.09
N ARG NA 201 -96.64 -12.37 25.60
CA ARG NA 201 -97.45 -13.46 26.15
C ARG NA 201 -96.76 -14.77 25.78
N TYR NA 202 -96.07 -15.35 26.76
CA TYR NA 202 -95.26 -16.54 26.55
C TYR NA 202 -95.97 -17.80 27.00
N ARG NA 203 -97.30 -17.84 26.88
CA ARG NA 203 -98.09 -18.87 27.53
C ARG NA 203 -97.92 -20.22 26.84
N CYS NA 204 -97.62 -21.24 27.63
CA CYS NA 204 -97.52 -22.60 27.11
C CYS NA 204 -98.91 -23.13 26.78
N GLU NA 205 -98.94 -24.21 26.01
CA GLU NA 205 -100.19 -24.78 25.54
C GLU NA 205 -100.43 -26.14 26.17
N LYS NA 206 -101.70 -26.53 26.25
CA LYS NA 206 -102.06 -27.79 26.86
C LYS NA 206 -101.66 -28.94 25.95
N GLY NA 207 -100.63 -29.67 26.36
CA GLY NA 207 -100.15 -30.81 25.62
C GLY NA 207 -98.94 -30.56 24.75
N THR NA 208 -98.16 -29.51 25.02
CA THR NA 208 -96.96 -29.26 24.24
C THR NA 208 -95.73 -29.96 24.78
N THR NA 209 -95.89 -30.86 25.75
CA THR NA 209 -94.76 -31.60 26.33
C THR NA 209 -95.17 -33.05 26.59
N ALA NA 210 -94.45 -33.99 26.00
CA ALA NA 210 -94.82 -35.40 26.02
C ALA NA 210 -94.64 -35.97 27.42
N VAL NA 211 -95.55 -36.86 27.80
CA VAL NA 211 -95.61 -37.44 29.14
C VAL NA 211 -95.46 -38.96 29.00
N LEU NA 212 -94.63 -39.56 29.86
CA LEU NA 212 -94.45 -41.01 29.80
C LEU NA 212 -95.50 -41.76 30.60
N THR NA 213 -95.70 -41.37 31.86
CA THR NA 213 -96.57 -42.14 32.76
C THR NA 213 -97.37 -41.21 33.66
N GLU NA 214 -98.68 -41.33 33.59
CA GLU NA 214 -99.58 -40.59 34.47
C GLU NA 214 -99.98 -41.48 35.64
N LYS NA 215 -100.49 -40.86 36.71
CA LYS NA 215 -100.88 -41.57 37.91
C LYS NA 215 -101.92 -40.76 38.67
N ILE NA 216 -103.14 -41.27 38.73
CA ILE NA 216 -104.27 -40.58 39.35
C ILE NA 216 -104.57 -41.25 40.68
N THR NA 217 -104.49 -40.48 41.76
CA THR NA 217 -104.75 -40.98 43.11
C THR NA 217 -105.89 -40.17 43.73
N PRO NA 218 -107.07 -40.76 43.89
CA PRO NA 218 -108.20 -40.01 44.46
C PRO NA 218 -108.04 -39.82 45.95
N LEU NA 219 -108.70 -38.79 46.48
CA LEU NA 219 -108.70 -38.49 47.90
C LEU NA 219 -110.11 -38.15 48.34
N GLU NA 220 -110.23 -37.66 49.58
CA GLU NA 220 -111.50 -37.23 50.12
C GLU NA 220 -111.42 -35.81 50.69
N SER OA 1 -67.13 -28.32 44.89
CA SER OA 1 -68.11 -28.07 45.94
C SER OA 1 -68.78 -29.36 46.38
N ILE OA 2 -69.00 -29.49 47.68
CA ILE OA 2 -69.65 -30.68 48.24
C ILE OA 2 -71.14 -30.65 47.91
N MET OA 3 -71.69 -29.45 47.75
CA MET OA 3 -73.05 -29.34 47.24
C MET OA 3 -73.16 -29.75 45.78
N SER OA 4 -72.04 -29.71 45.05
CA SER OA 4 -72.03 -30.15 43.67
C SER OA 4 -71.55 -31.59 43.52
N TYR OA 5 -71.70 -32.41 44.56
CA TYR OA 5 -71.19 -33.78 44.51
C TYR OA 5 -72.10 -34.64 43.66
N ASN OA 6 -73.35 -34.80 44.09
CA ASN OA 6 -74.31 -35.59 43.33
C ASN OA 6 -75.18 -34.73 42.44
N GLY OA 7 -75.31 -33.44 42.73
CA GLY OA 7 -76.17 -32.60 41.93
C GLY OA 7 -77.63 -32.85 42.23
N GLY OA 8 -78.47 -32.20 41.43
CA GLY OA 8 -79.90 -32.35 41.59
C GLY OA 8 -80.61 -31.00 41.70
N ALA OA 9 -81.93 -31.05 41.59
CA ALA OA 9 -82.75 -29.85 41.60
C ALA OA 9 -84.15 -30.20 42.04
N VAL OA 10 -84.75 -29.31 42.81
CA VAL OA 10 -86.17 -29.42 43.18
C VAL OA 10 -86.84 -28.10 42.89
N MET OA 11 -87.84 -28.12 42.02
CA MET OA 11 -88.61 -26.92 41.71
C MET OA 11 -90.02 -27.10 42.26
N ALA OA 12 -90.56 -26.06 42.87
CA ALA OA 12 -91.97 -26.01 43.22
C ALA OA 12 -92.56 -24.73 42.64
N MET OA 13 -93.88 -24.68 42.52
CA MET OA 13 -94.55 -23.51 41.96
C MET OA 13 -95.98 -23.47 42.45
N LYS OA 14 -96.41 -22.30 42.93
CA LYS OA 14 -97.76 -22.14 43.45
C LYS OA 14 -98.68 -21.71 42.33
N GLY OA 15 -99.88 -22.28 42.29
CA GLY OA 15 -100.85 -21.91 41.28
C GLY OA 15 -102.08 -21.23 41.85
N LYS OA 16 -103.25 -21.54 41.31
CA LYS OA 16 -104.49 -20.97 41.83
C LYS OA 16 -104.95 -21.73 43.07
N ASN OA 17 -105.29 -22.99 42.90
CA ASN OA 17 -105.70 -23.86 43.99
C ASN OA 17 -104.90 -25.14 44.04
N CYS OA 18 -103.80 -25.20 43.30
CA CYS OA 18 -102.94 -26.37 43.22
C CYS OA 18 -101.49 -25.94 43.26
N VAL OA 19 -100.63 -26.88 43.64
CA VAL OA 19 -99.19 -26.62 43.74
C VAL OA 19 -98.45 -27.76 43.06
N ALA OA 20 -97.57 -27.40 42.14
CA ALA OA 20 -96.78 -28.40 41.43
C ALA OA 20 -95.37 -28.44 42.01
N ILE OA 21 -94.79 -29.63 42.01
CA ILE OA 21 -93.45 -29.82 42.55
C ILE OA 21 -92.73 -30.84 41.67
N ALA OA 22 -91.46 -30.58 41.38
CA ALA OA 22 -90.75 -31.37 40.39
C ALA OA 22 -89.30 -31.54 40.79
N ALA OA 23 -88.72 -32.63 40.33
CA ALA OA 23 -87.31 -32.93 40.58
C ALA OA 23 -86.82 -33.81 39.44
N ASP OA 24 -85.52 -34.06 39.42
CA ASP OA 24 -84.98 -34.95 38.41
C ASP OA 24 -84.51 -36.26 39.02
N ARG OA 25 -84.34 -37.26 38.17
CA ARG OA 25 -84.15 -38.63 38.61
C ARG OA 25 -82.70 -39.05 38.69
N ARG OA 26 -81.76 -38.18 38.35
CA ARG OA 26 -80.37 -38.58 38.21
C ARG OA 26 -79.70 -38.74 39.56
N PHE OA 27 -79.08 -39.91 39.74
CA PHE OA 27 -78.13 -40.15 40.81
C PHE OA 27 -76.76 -40.32 40.18
N GLY OA 28 -75.73 -39.77 40.82
CA GLY OA 28 -74.41 -39.84 40.22
C GLY OA 28 -73.34 -39.30 41.14
N ILE OA 29 -72.09 -39.56 40.74
CA ILE OA 29 -70.91 -39.17 41.49
C ILE OA 29 -70.03 -38.34 40.56
N GLN OA 30 -70.31 -37.04 40.51
CA GLN OA 30 -69.47 -35.93 39.98
C GLN OA 30 -69.35 -35.98 38.46
N ALA OA 31 -69.49 -37.13 37.81
CA ALA OA 31 -69.44 -37.22 36.36
C ALA OA 31 -70.29 -38.36 35.82
N GLN OA 32 -70.67 -39.27 36.70
CA GLN OA 32 -70.96 -40.65 36.32
C GLN OA 32 -72.31 -41.05 36.87
N MET OA 33 -73.29 -41.20 36.00
CA MET OA 33 -74.60 -41.66 36.44
C MET OA 33 -74.51 -43.12 36.88
N VAL OA 34 -75.29 -43.46 37.89
CA VAL OA 34 -75.30 -44.82 38.40
C VAL OA 34 -76.65 -45.41 38.04
N THR OA 35 -77.68 -44.58 38.12
CA THR OA 35 -79.04 -45.02 37.87
C THR OA 35 -79.90 -43.82 37.54
N THR OA 36 -81.12 -44.08 37.10
CA THR OA 36 -82.10 -43.03 36.83
C THR OA 36 -83.37 -43.17 37.66
N ASP OA 37 -83.27 -43.72 38.87
CA ASP OA 37 -84.44 -43.84 39.72
C ASP OA 37 -84.17 -43.50 41.17
N PHE OA 38 -83.47 -42.40 41.44
CA PHE OA 38 -83.27 -41.97 42.81
C PHE OA 38 -84.41 -41.08 43.26
N GLN OA 39 -85.13 -41.52 44.29
CA GLN OA 39 -86.32 -40.84 44.76
C GLN OA 39 -85.91 -39.63 45.60
N LYS OA 40 -86.48 -38.48 45.27
CA LYS OA 40 -86.20 -37.27 46.04
C LYS OA 40 -87.47 -36.67 46.63
N ILE OA 41 -88.52 -36.53 45.83
CA ILE OA 41 -89.78 -36.00 46.33
C ILE OA 41 -90.44 -37.06 47.20
N PHE OA 42 -90.71 -36.70 48.45
CA PHE OA 42 -91.10 -37.67 49.47
C PHE OA 42 -92.48 -37.35 50.02
N PRO OA 43 -93.32 -38.35 50.23
CA PRO OA 43 -94.64 -38.09 50.80
C PRO OA 43 -94.60 -38.01 52.32
N MET OA 44 -95.06 -36.88 52.84
CA MET OA 44 -95.21 -36.69 54.27
C MET OA 44 -96.68 -36.43 54.52
N GLY OA 45 -97.45 -37.50 54.61
CA GLY OA 45 -98.89 -37.33 54.68
C GLY OA 45 -99.47 -37.06 53.31
N ASP OA 46 -100.77 -36.79 53.28
CA ASP OA 46 -101.50 -36.61 52.04
C ASP OA 46 -101.66 -35.12 51.74
N ARG OA 47 -101.60 -34.81 50.44
CA ARG OA 47 -101.65 -33.45 49.90
C ARG OA 47 -100.54 -32.56 50.46
N LEU OA 48 -99.41 -33.16 50.81
CA LEU OA 48 -98.31 -32.44 51.43
C LEU OA 48 -97.04 -33.26 51.24
N TYR OA 49 -96.14 -32.77 50.40
CA TYR OA 49 -94.92 -33.48 50.08
C TYR OA 49 -93.73 -32.66 50.58
N ILE OA 50 -92.53 -33.16 50.29
CA ILE OA 50 -91.29 -32.42 50.54
C ILE OA 50 -90.30 -32.81 49.45
N GLY OA 51 -89.51 -31.84 49.00
CA GLY OA 51 -88.45 -32.07 48.06
C GLY OA 51 -87.10 -31.82 48.71
N LEU OA 52 -86.15 -32.69 48.39
CA LEU OA 52 -84.83 -32.62 48.98
C LEU OA 52 -83.81 -32.63 47.86
N ALA OA 53 -82.74 -31.86 48.03
CA ALA OA 53 -81.75 -31.72 46.98
C ALA OA 53 -80.40 -31.40 47.58
N GLY OA 54 -79.37 -32.08 47.11
CA GLY OA 54 -78.02 -31.92 47.62
C GLY OA 54 -77.29 -33.25 47.70
N LEU OA 55 -76.42 -33.38 48.69
CA LEU OA 55 -75.75 -34.65 48.93
C LEU OA 55 -76.77 -35.68 49.42
N ALA OA 56 -76.67 -36.91 48.90
CA ALA OA 56 -77.75 -37.88 49.06
C ALA OA 56 -77.83 -38.45 50.47
N THR OA 57 -76.71 -38.44 51.19
CA THR OA 57 -76.67 -38.95 52.56
C THR OA 57 -77.60 -38.15 53.46
N ASP OA 58 -77.48 -36.84 53.41
CA ASP OA 58 -78.34 -36.00 54.22
C ASP OA 58 -79.75 -35.94 53.64
N VAL OA 59 -79.92 -36.28 52.36
CA VAL OA 59 -81.27 -36.39 51.80
C VAL OA 59 -82.02 -37.53 52.47
N GLN OA 60 -81.46 -38.73 52.43
CA GLN OA 60 -82.18 -39.86 53.01
C GLN OA 60 -82.18 -39.80 54.54
N THR OA 61 -81.15 -39.18 55.13
CA THR OA 61 -81.09 -39.09 56.59
C THR OA 61 -82.11 -38.09 57.13
N VAL OA 62 -82.16 -36.90 56.52
CA VAL OA 62 -83.15 -35.88 56.90
C VAL OA 62 -84.55 -36.38 56.61
N ALA OA 63 -84.72 -37.14 55.52
CA ALA OA 63 -86.02 -37.71 55.20
C ALA OA 63 -86.48 -38.70 56.25
N GLN OA 64 -85.60 -39.59 56.68
CA GLN OA 64 -86.04 -40.64 57.59
C GLN OA 64 -86.16 -40.14 59.02
N ARG OA 65 -85.27 -39.22 59.45
CA ARG OA 65 -85.45 -38.58 60.74
C ARG OA 65 -86.71 -37.74 60.77
N LEU OA 66 -87.04 -37.11 59.65
CA LEU OA 66 -88.25 -36.31 59.57
C LEU OA 66 -89.48 -37.19 59.62
N LYS OA 67 -89.42 -38.37 59.03
CA LYS OA 67 -90.54 -39.30 59.11
C LYS OA 67 -90.66 -39.88 60.53
N PHE OA 68 -89.53 -40.02 61.22
CA PHE OA 68 -89.52 -40.44 62.62
C PHE OA 68 -90.26 -39.45 63.51
N ARG OA 69 -89.85 -38.17 63.46
CA ARG OA 69 -90.52 -37.17 64.29
C ARG OA 69 -91.94 -36.90 63.81
N LEU OA 70 -92.19 -37.10 62.51
CA LEU OA 70 -93.52 -36.88 61.97
C LEU OA 70 -94.51 -37.93 62.48
N ASN OA 71 -94.10 -39.20 62.49
CA ASN OA 71 -94.99 -40.22 63.00
C ASN OA 71 -95.13 -40.14 64.51
N LEU OA 72 -94.09 -39.68 65.22
CA LEU OA 72 -94.28 -39.46 66.65
C LEU OA 72 -95.27 -38.34 66.91
N TYR OA 73 -95.25 -37.29 66.08
CA TYR OA 73 -96.17 -36.18 66.28
C TYR OA 73 -97.59 -36.56 65.92
N GLU OA 74 -97.77 -37.22 64.77
CA GLU OA 74 -99.11 -37.61 64.35
C GLU OA 74 -99.61 -38.85 65.07
N LEU OA 75 -98.81 -39.47 65.93
CA LEU OA 75 -99.34 -40.54 66.77
C LEU OA 75 -99.50 -40.09 68.21
N LYS OA 76 -98.92 -38.94 68.57
CA LYS OA 76 -99.26 -38.39 69.88
C LYS OA 76 -100.41 -37.40 69.79
N GLU OA 77 -100.84 -37.05 68.58
CA GLU OA 77 -102.05 -36.24 68.39
C GLU OA 77 -102.95 -36.97 67.40
N GLY OA 78 -104.26 -36.74 67.50
CA GLY OA 78 -105.17 -37.30 66.52
C GLY OA 78 -105.06 -36.62 65.17
N ARG OA 79 -104.78 -35.33 65.15
CA ARG OA 79 -104.74 -34.58 63.91
C ARG OA 79 -103.49 -34.92 63.10
N GLN OA 80 -103.49 -34.48 61.85
CA GLN OA 80 -102.27 -34.47 61.06
C GLN OA 80 -101.58 -33.12 61.20
N ILE OA 81 -100.63 -32.87 60.30
CA ILE OA 81 -99.76 -31.70 60.46
C ILE OA 81 -100.07 -30.66 59.39
N LYS OA 82 -99.96 -29.38 59.78
CA LYS OA 82 -99.99 -28.14 59.01
C LYS OA 82 -98.62 -27.87 58.42
N PRO OA 83 -98.57 -27.16 57.28
CA PRO OA 83 -97.26 -26.93 56.65
C PRO OA 83 -96.33 -26.00 57.43
N TYR OA 84 -96.88 -25.06 58.21
CA TYR OA 84 -96.01 -24.22 59.03
C TYR OA 84 -95.35 -25.04 60.13
N THR OA 85 -96.06 -26.02 60.67
CA THR OA 85 -95.49 -26.85 61.72
C THR OA 85 -94.39 -27.75 61.17
N LEU OA 86 -94.59 -28.25 59.94
CA LEU OA 86 -93.53 -29.03 59.31
C LEU OA 86 -92.33 -28.16 58.98
N MET OA 87 -92.57 -26.90 58.59
CA MET OA 87 -91.49 -25.98 58.29
C MET OA 87 -90.66 -25.68 59.53
N SER OA 88 -91.33 -25.48 60.66
CA SER OA 88 -90.60 -25.25 61.91
C SER OA 88 -89.89 -26.52 62.39
N MET OA 89 -90.45 -27.70 62.08
CA MET OA 89 -89.83 -28.93 62.49
C MET OA 89 -88.54 -29.19 61.72
N VAL OA 90 -88.59 -29.00 60.39
CA VAL OA 90 -87.40 -29.16 59.57
C VAL OA 90 -86.35 -28.10 59.92
N ALA OA 91 -86.82 -26.88 60.20
CA ALA OA 91 -85.89 -25.80 60.58
C ALA OA 91 -85.20 -26.11 61.89
N ASN OA 92 -85.93 -26.68 62.84
CA ASN OA 92 -85.34 -27.01 64.13
C ASN OA 92 -84.38 -28.18 64.01
N LEU OA 93 -84.72 -29.19 63.19
CA LEU OA 93 -83.84 -30.33 63.06
C LEU OA 93 -82.56 -29.96 62.32
N LEU OA 94 -82.65 -29.11 61.30
CA LEU OA 94 -81.45 -28.66 60.64
C LEU OA 94 -80.63 -27.72 61.51
N TYR OA 95 -81.28 -26.99 62.42
CA TYR OA 95 -80.51 -26.16 63.33
C TYR OA 95 -79.97 -26.94 64.50
N GLU OA 96 -80.40 -28.20 64.70
CA GLU OA 96 -79.80 -29.03 65.75
C GLU OA 96 -78.34 -29.34 65.47
N LYS OA 97 -77.95 -29.46 64.21
CA LYS OA 97 -76.55 -29.61 63.84
C LYS OA 97 -76.13 -28.31 63.18
N ARG OA 98 -75.75 -27.35 64.00
CA ARG OA 98 -75.27 -26.07 63.50
C ARG OA 98 -73.81 -26.19 63.06
N PHE OA 99 -73.02 -26.95 63.82
CA PHE OA 99 -71.60 -27.04 63.59
C PHE OA 99 -71.19 -28.34 62.91
N GLY OA 100 -72.10 -29.31 62.82
CA GLY OA 100 -71.87 -30.55 62.11
C GLY OA 100 -72.83 -30.72 60.94
N PRO OA 101 -72.99 -29.66 60.12
CA PRO OA 101 -74.28 -29.41 59.47
C PRO OA 101 -74.62 -30.41 58.39
N TYR OA 102 -75.92 -30.70 58.29
CA TYR OA 102 -76.43 -31.50 57.19
C TYR OA 102 -76.32 -30.71 55.90
N TYR OA 103 -76.17 -31.43 54.79
CA TYR OA 103 -76.01 -30.79 53.48
C TYR OA 103 -77.25 -31.07 52.65
N THR OA 104 -78.29 -30.28 52.86
CA THR OA 104 -79.53 -30.41 52.12
C THR OA 104 -80.29 -29.10 52.19
N GLU OA 105 -81.06 -28.82 51.15
CA GLU OA 105 -81.86 -27.60 51.07
C GLU OA 105 -83.29 -28.03 50.76
N PRO OA 106 -84.09 -28.27 51.79
CA PRO OA 106 -85.45 -28.80 51.58
C PRO OA 106 -86.37 -27.78 50.94
N VAL OA 107 -87.29 -28.28 50.12
CA VAL OA 107 -88.33 -27.48 49.50
C VAL OA 107 -89.66 -28.14 49.83
N ILE OA 108 -90.45 -27.52 50.67
CA ILE OA 108 -91.69 -28.09 51.16
C ILE OA 108 -92.82 -27.52 50.33
N ALA OA 109 -93.72 -28.38 49.86
CA ALA OA 109 -94.92 -27.96 49.15
C ALA OA 109 -96.09 -28.76 49.71
N GLY OA 110 -97.24 -28.13 49.83
CA GLY OA 110 -98.41 -28.82 50.32
C GLY OA 110 -99.57 -27.88 50.51
N LEU OA 111 -100.75 -28.46 50.67
CA LEU OA 111 -101.94 -27.66 50.89
C LEU OA 111 -102.23 -27.58 52.38
N ASP OA 112 -103.21 -26.75 52.72
CA ASP OA 112 -103.75 -26.76 54.07
C ASP OA 112 -104.45 -28.09 54.30
N PRO OA 113 -104.25 -28.75 55.44
CA PRO OA 113 -105.15 -29.87 55.77
C PRO OA 113 -106.55 -29.41 56.13
N LYS OA 114 -106.72 -28.23 56.71
CA LYS OA 114 -108.05 -27.75 57.03
C LYS OA 114 -108.74 -27.21 55.79
N THR OA 115 -108.24 -26.11 55.25
CA THR OA 115 -108.81 -25.45 54.08
C THR OA 115 -108.10 -25.94 52.83
N PHE OA 116 -108.25 -25.22 51.72
CA PHE OA 116 -107.56 -25.55 50.48
C PHE OA 116 -106.42 -24.59 50.18
N LYS OA 117 -105.88 -23.91 51.20
CA LYS OA 117 -104.87 -22.89 50.96
C LYS OA 117 -103.53 -23.52 50.58
N PRO OA 118 -102.92 -23.11 49.47
CA PRO OA 118 -101.62 -23.67 49.10
C PRO OA 118 -100.51 -23.09 49.95
N PHE OA 119 -99.37 -23.76 49.90
CA PHE OA 119 -98.20 -23.29 50.64
C PHE OA 119 -96.95 -23.87 50.02
N ILE OA 120 -95.91 -23.03 49.95
CA ILE OA 120 -94.57 -23.45 49.57
C ILE OA 120 -93.59 -22.77 50.50
N CYS OA 121 -92.43 -23.40 50.69
CA CYS OA 121 -91.32 -22.78 51.40
C CYS OA 121 -90.06 -23.57 51.09
N SER OA 122 -88.93 -22.89 51.15
CA SER OA 122 -87.63 -23.54 51.06
C SER OA 122 -86.80 -23.10 52.25
N LEU OA 123 -85.74 -23.85 52.52
CA LEU OA 123 -84.91 -23.59 53.69
C LEU OA 123 -83.46 -23.51 53.26
N ASP OA 124 -82.59 -23.49 54.25
CA ASP OA 124 -81.15 -23.51 54.02
C ASP OA 124 -80.53 -24.72 54.70
N LEU OA 125 -79.22 -24.86 54.53
CA LEU OA 125 -78.52 -25.98 55.14
C LEU OA 125 -78.34 -25.77 56.64
N ILE OA 126 -78.50 -24.53 57.11
CA ILE OA 126 -78.45 -24.25 58.53
C ILE OA 126 -79.83 -24.05 59.14
N GLY OA 127 -80.85 -23.80 58.33
CA GLY OA 127 -82.21 -23.76 58.82
C GLY OA 127 -82.93 -22.42 58.79
N CYS OA 128 -82.66 -21.57 57.82
CA CYS OA 128 -83.41 -20.33 57.67
C CYS OA 128 -84.59 -20.59 56.75
N PRO OA 129 -85.82 -20.46 57.22
CA PRO OA 129 -86.97 -20.65 56.33
C PRO OA 129 -87.15 -19.47 55.40
N MET OA 130 -87.85 -19.72 54.30
CA MET OA 130 -88.16 -18.68 53.34
C MET OA 130 -89.46 -19.03 52.67
N VAL OA 131 -90.49 -18.20 52.87
CA VAL OA 131 -91.77 -18.39 52.22
C VAL OA 131 -91.86 -17.43 51.04
N THR OA 132 -92.53 -17.86 49.98
CA THR OA 132 -92.85 -16.98 48.87
C THR OA 132 -94.30 -17.20 48.48
N ASP OA 133 -94.70 -16.59 47.38
CA ASP OA 133 -96.04 -16.77 46.84
C ASP OA 133 -96.02 -17.38 45.45
N ASP OA 134 -94.84 -17.54 44.85
CA ASP OA 134 -94.75 -18.03 43.49
C ASP OA 134 -93.95 -19.32 43.36
N PHE OA 135 -92.71 -19.36 43.82
CA PHE OA 135 -91.86 -20.52 43.59
C PHE OA 135 -90.70 -20.49 44.57
N VAL OA 136 -90.14 -21.67 44.81
CA VAL OA 136 -88.92 -21.86 45.59
C VAL OA 136 -88.12 -22.98 44.95
N VAL OA 137 -86.82 -22.75 44.77
CA VAL OA 137 -85.95 -23.72 44.12
C VAL OA 137 -84.80 -24.06 45.05
N SER OA 138 -84.15 -25.19 44.76
CA SER OA 138 -82.95 -25.60 45.48
C SER OA 138 -82.19 -26.60 44.63
N GLY OA 139 -80.87 -26.50 44.65
CA GLY OA 139 -80.04 -27.41 43.91
C GLY OA 139 -78.84 -26.68 43.34
N THR OA 140 -78.05 -27.44 42.55
CA THR OA 140 -76.87 -26.86 41.93
C THR OA 140 -77.26 -25.88 40.84
N CYS OA 141 -78.24 -26.23 40.04
CA CYS OA 141 -78.71 -25.39 38.95
C CYS OA 141 -79.85 -24.49 39.41
N ALA OA 142 -79.52 -23.59 40.33
CA ALA OA 142 -80.53 -22.70 40.91
C ALA OA 142 -80.85 -21.56 39.93
N GLU OA 143 -79.81 -20.95 39.37
CA GLU OA 143 -79.95 -19.70 38.63
C GLU OA 143 -80.77 -19.87 37.36
N GLN OA 144 -80.67 -21.04 36.73
CA GLN OA 144 -81.50 -21.39 35.59
C GLN OA 144 -82.97 -21.37 35.97
N MET OA 145 -83.29 -21.96 37.12
CA MET OA 145 -84.68 -22.08 37.52
C MET OA 145 -85.22 -20.75 38.03
N TYR OA 146 -84.34 -19.88 38.54
CA TYR OA 146 -84.76 -18.51 38.81
C TYR OA 146 -85.11 -17.79 37.52
N GLY OA 147 -84.32 -18.02 36.47
CA GLY OA 147 -84.61 -17.44 35.18
C GLY OA 147 -85.93 -17.91 34.59
N MET OA 148 -86.20 -19.20 34.69
CA MET OA 148 -87.43 -19.73 34.13
C MET OA 148 -88.65 -19.34 34.93
N CYS OA 149 -88.58 -19.48 36.25
CA CYS OA 149 -89.76 -19.21 37.06
C CYS OA 149 -90.04 -17.72 37.16
N GLU OA 150 -89.02 -16.89 37.01
CA GLU OA 150 -89.29 -15.46 36.84
C GLU OA 150 -89.57 -15.10 35.39
N SER OA 151 -89.47 -16.08 34.49
CA SER OA 151 -89.68 -15.79 33.08
C SER OA 151 -90.97 -16.35 32.51
N LEU OA 152 -91.69 -17.17 33.26
CA LEU OA 152 -92.87 -17.84 32.71
C LEU OA 152 -94.10 -17.70 33.59
N TRP OA 153 -93.94 -17.33 34.85
CA TRP OA 153 -95.03 -17.47 35.82
C TRP OA 153 -96.09 -16.41 35.62
N GLU OA 154 -97.34 -16.81 35.83
CA GLU OA 154 -98.52 -15.97 35.84
C GLU OA 154 -99.22 -16.14 37.17
N PRO OA 155 -99.98 -15.12 37.64
CA PRO OA 155 -100.52 -15.20 39.01
C PRO OA 155 -101.54 -16.30 39.26
N ASN OA 156 -102.62 -16.35 38.49
CA ASN OA 156 -103.71 -17.30 38.74
C ASN OA 156 -103.77 -18.30 37.60
N MET OA 157 -103.39 -19.55 37.88
CA MET OA 157 -103.21 -20.53 36.83
C MET OA 157 -103.95 -21.82 37.15
N ASP OA 158 -104.64 -22.34 36.15
CA ASP OA 158 -105.24 -23.67 36.19
C ASP OA 158 -104.14 -24.74 36.26
N PRO OA 159 -104.48 -25.97 36.67
CA PRO OA 159 -103.45 -27.02 36.75
C PRO OA 159 -102.78 -27.39 35.43
N ASP OA 160 -103.47 -27.18 34.29
CA ASP OA 160 -102.88 -27.53 33.01
C ASP OA 160 -101.70 -26.63 32.67
N HIS OA 161 -101.92 -25.32 32.70
CA HIS OA 161 -100.85 -24.37 32.37
C HIS OA 161 -99.80 -24.33 33.48
N LEU OA 162 -100.17 -24.75 34.68
CA LEU OA 162 -99.18 -24.90 35.74
C LEU OA 162 -98.25 -26.07 35.42
N PHE OA 163 -98.83 -27.19 34.98
CA PHE OA 163 -98.03 -28.36 34.64
C PHE OA 163 -97.13 -28.08 33.43
N GLU OA 164 -97.65 -27.35 32.45
CA GLU OA 164 -96.81 -27.06 31.28
C GLU OA 164 -95.79 -25.99 31.60
N THR OA 165 -96.10 -25.09 32.54
CA THR OA 165 -95.14 -24.08 32.96
C THR OA 165 -93.97 -24.71 33.68
N ILE OA 166 -94.25 -25.56 34.67
CA ILE OA 166 -93.18 -26.24 35.39
C ILE OA 166 -92.51 -27.26 34.49
N SER OA 167 -93.20 -27.73 33.45
CA SER OA 167 -92.58 -28.67 32.52
C SER OA 167 -91.54 -27.99 31.66
N GLN OA 168 -91.89 -26.85 31.05
CA GLN OA 168 -90.92 -26.16 30.20
C GLN OA 168 -89.81 -25.55 31.03
N ALA OA 169 -90.13 -25.12 32.25
CA ALA OA 169 -89.12 -24.59 33.16
C ALA OA 169 -88.12 -25.66 33.56
N MET OA 170 -88.61 -26.86 33.87
CA MET OA 170 -87.69 -27.93 34.25
C MET OA 170 -86.90 -28.48 33.08
N LEU OA 171 -87.51 -28.62 31.90
CA LEU OA 171 -86.77 -29.18 30.78
C LEU OA 171 -85.72 -28.21 30.27
N ASN OA 172 -86.11 -26.94 30.08
CA ASN OA 172 -85.15 -25.97 29.59
C ASN OA 172 -84.12 -25.59 30.63
N ALA OA 173 -84.51 -25.48 31.90
CA ALA OA 173 -83.56 -25.13 32.95
C ALA OA 173 -82.60 -26.27 33.25
N VAL OA 174 -83.08 -27.51 33.26
CA VAL OA 174 -82.21 -28.64 33.56
C VAL OA 174 -81.31 -28.95 32.37
N ASP OA 175 -81.81 -28.83 31.14
CA ASP OA 175 -81.00 -29.19 29.98
C ASP OA 175 -79.85 -28.23 29.70
N ARG OA 176 -79.75 -27.12 30.42
CA ARG OA 176 -78.55 -26.31 30.35
C ARG OA 176 -77.53 -26.72 31.40
N ASP OA 177 -77.95 -27.34 32.49
CA ASP OA 177 -77.04 -27.87 33.50
C ASP OA 177 -76.39 -29.13 32.97
N ALA OA 178 -75.21 -29.45 33.49
CA ALA OA 178 -74.56 -30.70 33.12
C ALA OA 178 -74.83 -31.82 34.12
N VAL OA 179 -74.54 -31.61 35.40
CA VAL OA 179 -74.53 -32.70 36.35
C VAL OA 179 -75.93 -33.11 36.79
N SER OA 180 -76.96 -32.38 36.39
CA SER OA 180 -78.34 -32.73 36.70
C SER OA 180 -79.08 -33.01 35.40
N GLY OA 181 -80.01 -33.96 35.45
CA GLY OA 181 -80.71 -34.35 34.25
C GLY OA 181 -81.41 -35.68 34.41
N MET OA 182 -81.45 -36.43 33.31
CA MET OA 182 -81.89 -37.83 33.27
C MET OA 182 -83.33 -37.99 33.72
N GLY OA 183 -84.23 -37.36 32.99
CA GLY OA 183 -85.64 -37.57 33.30
C GLY OA 183 -86.13 -36.71 34.45
N VAL OA 184 -87.36 -36.24 34.31
CA VAL OA 184 -87.98 -35.35 35.26
C VAL OA 184 -89.30 -35.95 35.70
N ILE OA 185 -89.52 -36.04 37.01
CA ILE OA 185 -90.80 -36.42 37.58
C ILE OA 185 -91.49 -35.16 38.11
N VAL OA 186 -92.79 -35.04 37.86
CA VAL OA 186 -93.55 -33.86 38.25
C VAL OA 186 -94.77 -34.30 39.02
N HIS OA 187 -94.85 -33.89 40.28
CA HIS OA 187 -96.04 -34.08 41.10
C HIS OA 187 -96.85 -32.79 41.08
N ILE OA 188 -98.14 -32.92 40.81
CA ILE OA 188 -99.07 -31.80 40.85
C ILE OA 188 -100.27 -32.25 41.67
N ILE OA 189 -100.66 -31.43 42.64
CA ILE OA 189 -101.68 -31.82 43.60
C ILE OA 189 -102.76 -30.74 43.70
N GLU OA 190 -103.98 -31.13 43.35
CA GLU OA 190 -105.14 -30.28 43.55
C GLU OA 190 -105.78 -30.68 44.88
N LYS OA 191 -106.95 -30.11 45.16
CA LYS OA 191 -107.64 -30.41 46.41
C LYS OA 191 -108.18 -31.83 46.40
N ASP OA 192 -108.55 -32.34 45.23
CA ASP OA 192 -109.34 -33.58 45.19
C ASP OA 192 -108.49 -34.79 44.86
N LYS OA 193 -107.55 -34.66 43.92
CA LYS OA 193 -106.78 -35.82 43.52
C LYS OA 193 -105.32 -35.43 43.33
N ILE OA 194 -104.45 -36.44 43.36
CA ILE OA 194 -103.02 -36.29 43.23
C ILE OA 194 -102.59 -36.85 41.88
N THR OA 195 -101.97 -36.00 41.07
CA THR OA 195 -101.51 -36.39 39.75
C THR OA 195 -100.00 -36.47 39.76
N THR OA 196 -99.46 -37.53 39.19
CA THR OA 196 -98.02 -37.71 39.05
C THR OA 196 -97.69 -38.01 37.60
N ARG OA 197 -96.92 -37.12 36.98
CA ARG OA 197 -96.50 -37.33 35.61
C ARG OA 197 -94.98 -37.26 35.55
N THR OA 198 -94.40 -38.09 34.70
CA THR OA 198 -92.95 -38.12 34.49
C THR OA 198 -92.69 -37.71 33.06
N LEU OA 199 -92.01 -36.58 32.88
CA LEU OA 199 -91.75 -36.07 31.55
C LEU OA 199 -90.71 -36.92 30.85
N LYS OA 200 -90.58 -36.72 29.53
CA LYS OA 200 -89.54 -37.37 28.75
C LYS OA 200 -88.55 -36.30 28.29
N ALA OA 201 -87.35 -36.32 28.86
CA ALA OA 201 -86.36 -35.29 28.64
C ALA OA 201 -85.25 -35.80 27.73
N ARG OA 202 -84.27 -34.94 27.49
CA ARG OA 202 -83.02 -35.40 26.91
C ARG OA 202 -82.28 -36.27 27.92
N MET OA 203 -82.11 -37.54 27.60
CA MET OA 203 -81.46 -38.49 28.48
C MET OA 203 -79.95 -38.52 28.31
N ASP OA 204 -79.37 -37.45 27.76
CA ASP OA 204 -77.94 -37.34 27.51
C ASP OA 204 -77.15 -36.96 28.77
N MET PA 1 -60.12 -49.67 43.38
CA MET PA 1 -58.95 -50.29 42.76
C MET PA 1 -59.35 -51.53 41.98
N GLU PA 2 -59.86 -52.54 42.68
CA GLU PA 2 -60.42 -53.73 42.07
C GLU PA 2 -61.94 -53.71 42.22
N TYR PA 3 -62.64 -54.32 41.27
CA TYR PA 3 -64.09 -54.21 41.32
C TYR PA 3 -64.79 -55.53 41.01
N LEU PA 4 -65.80 -55.79 41.85
CA LEU PA 4 -66.62 -56.98 41.87
C LEU PA 4 -67.96 -56.64 41.21
N ILE PA 5 -68.15 -57.09 39.97
CA ILE PA 5 -69.27 -56.69 39.13
C ILE PA 5 -70.55 -57.39 39.59
N GLY PA 6 -71.71 -56.78 39.29
CA GLY PA 6 -72.96 -57.08 39.95
C GLY PA 6 -74.22 -57.31 39.12
N ILE PA 7 -74.18 -58.10 38.06
CA ILE PA 7 -75.31 -58.19 37.12
C ILE PA 7 -76.58 -58.76 37.76
N GLN PA 8 -77.66 -57.98 37.69
CA GLN PA 8 -78.99 -58.38 38.15
C GLN PA 8 -79.77 -59.00 37.02
N GLY PA 9 -80.49 -60.09 37.31
CA GLY PA 9 -81.30 -60.76 36.32
C GLY PA 9 -82.78 -60.72 36.61
N PRO PA 10 -83.56 -61.49 35.86
CA PRO PA 10 -85.01 -61.52 36.12
C PRO PA 10 -85.38 -62.27 37.38
N ASP PA 11 -84.73 -63.40 37.62
CA ASP PA 11 -84.97 -64.21 38.80
C ASP PA 11 -83.69 -64.78 39.40
N TYR PA 12 -82.53 -64.32 38.95
CA TYR PA 12 -81.25 -64.65 39.55
C TYR PA 12 -80.48 -63.36 39.79
N VAL PA 13 -79.47 -63.43 40.65
CA VAL PA 13 -78.56 -62.31 40.89
C VAL PA 13 -77.15 -62.81 40.68
N LEU PA 14 -76.46 -62.23 39.70
CA LEU PA 14 -75.10 -62.65 39.35
C LEU PA 14 -74.12 -61.63 39.89
N VAL PA 15 -73.32 -62.03 40.87
CA VAL PA 15 -72.20 -61.22 41.32
C VAL PA 15 -70.93 -61.95 40.97
N ALA PA 16 -69.89 -61.19 40.64
CA ALA PA 16 -68.55 -61.72 40.46
C ALA PA 16 -67.64 -60.94 41.38
N SER PA 17 -66.36 -61.24 41.30
CA SER PA 17 -65.38 -60.60 42.16
C SER PA 17 -64.01 -60.81 41.56
N ASP PA 18 -62.99 -60.27 42.21
CA ASP PA 18 -61.66 -60.76 41.96
C ASP PA 18 -61.25 -61.70 43.09
N ARG PA 19 -59.99 -62.12 43.05
CA ARG PA 19 -59.41 -62.87 44.15
C ARG PA 19 -58.11 -62.24 44.63
N VAL PA 20 -57.78 -61.05 44.13
CA VAL PA 20 -56.50 -60.40 44.39
C VAL PA 20 -56.52 -59.64 45.71
N ALA PA 21 -55.52 -59.89 46.55
CA ALA PA 21 -55.35 -59.20 47.81
C ALA PA 21 -54.28 -58.11 47.76
N ALA PA 22 -54.34 -57.26 46.73
CA ALA PA 22 -53.23 -56.41 46.30
C ALA PA 22 -52.63 -55.55 47.41
N SER PA 23 -51.36 -55.21 47.23
CA SER PA 23 -50.52 -54.55 48.22
C SER PA 23 -49.83 -53.36 47.57
N ASN PA 24 -48.74 -52.93 48.20
CA ASN PA 24 -47.86 -51.82 47.80
C ASN PA 24 -47.54 -51.90 46.31
N ILE PA 25 -46.79 -52.89 45.82
CA ILE PA 25 -46.66 -53.14 44.39
C ILE PA 25 -46.84 -54.64 44.17
N VAL PA 26 -46.77 -55.41 45.24
CA VAL PA 26 -46.80 -56.86 45.12
C VAL PA 26 -48.22 -57.37 45.26
N GLN PA 27 -48.42 -58.60 44.83
CA GLN PA 27 -49.70 -59.27 44.90
C GLN PA 27 -49.59 -60.39 45.91
N MET PA 28 -50.03 -60.13 47.15
CA MET PA 28 -49.74 -61.00 48.28
C MET PA 28 -50.50 -62.32 48.22
N LYS PA 29 -51.83 -62.27 48.24
CA LYS PA 29 -52.64 -63.48 48.18
C LYS PA 29 -53.43 -63.44 46.87
N ASP PA 30 -53.13 -64.37 45.99
CA ASP PA 30 -53.81 -64.43 44.70
C ASP PA 30 -55.24 -64.94 44.79
N ASP PA 31 -55.63 -65.56 45.91
CA ASP PA 31 -56.96 -66.13 46.06
C ASP PA 31 -57.68 -65.69 47.33
N HIS PA 32 -57.72 -64.39 47.61
CA HIS PA 32 -58.50 -63.89 48.74
C HIS PA 32 -59.96 -63.74 48.36
N ASP PA 33 -60.84 -64.26 49.21
CA ASP PA 33 -62.26 -64.31 48.91
C ASP PA 33 -62.98 -63.16 49.62
N LYS PA 34 -63.52 -62.23 48.83
CA LYS PA 34 -64.22 -61.07 49.36
C LYS PA 34 -65.58 -61.39 49.94
N MET PA 35 -66.15 -62.53 49.56
CA MET PA 35 -67.58 -62.76 49.71
C MET PA 35 -67.95 -63.13 51.13
N PHE PA 36 -69.03 -62.53 51.62
CA PHE PA 36 -69.46 -62.67 53.01
C PHE PA 36 -70.84 -63.33 53.02
N LYS PA 37 -70.87 -64.63 53.26
CA LYS PA 37 -72.13 -65.36 53.34
C LYS PA 37 -72.86 -64.98 54.62
N MET PA 38 -74.04 -64.39 54.48
CA MET PA 38 -74.77 -63.83 55.61
C MET PA 38 -76.01 -64.66 55.93
N SER PA 39 -76.90 -64.84 54.97
CA SER PA 39 -78.09 -65.64 55.12
C SER PA 39 -78.04 -66.76 54.09
N GLU PA 40 -79.16 -67.44 53.91
CA GLU PA 40 -79.22 -68.41 52.83
C GLU PA 40 -79.55 -67.75 51.50
N LYS PA 41 -79.81 -66.44 51.51
CA LYS PA 41 -80.19 -65.74 50.30
C LYS PA 41 -79.56 -64.36 50.18
N ILE PA 42 -78.55 -64.04 50.98
CA ILE PA 42 -77.96 -62.70 50.99
C ILE PA 42 -76.44 -62.82 50.95
N LEU PA 43 -75.83 -62.20 49.94
CA LEU PA 43 -74.38 -62.05 49.88
C LEU PA 43 -74.00 -60.61 50.13
N LEU PA 44 -72.74 -60.41 50.53
CA LEU PA 44 -72.19 -59.08 50.76
C LEU PA 44 -70.77 -59.03 50.24
N LEU PA 45 -70.45 -57.95 49.56
CA LEU PA 45 -69.11 -57.69 49.03
C LEU PA 45 -68.61 -56.42 49.69
N CYS PA 46 -67.29 -56.27 49.80
CA CYS PA 46 -66.76 -55.10 50.48
C CYS PA 46 -65.33 -54.84 50.05
N VAL PA 47 -65.11 -53.72 49.34
CA VAL PA 47 -63.78 -53.27 48.93
C VAL PA 47 -63.69 -51.77 49.16
N GLY PA 48 -62.70 -51.37 49.94
CA GLY PA 48 -62.50 -49.99 50.28
C GLY PA 48 -61.17 -49.83 50.99
N GLU PA 49 -61.18 -49.08 52.08
CA GLU PA 49 -60.03 -49.06 52.97
C GLU PA 49 -59.88 -50.43 53.62
N ALA PA 50 -58.63 -50.88 53.75
CA ALA PA 50 -58.29 -52.27 54.08
C ALA PA 50 -58.83 -52.76 55.41
N GLY PA 51 -58.58 -52.01 56.49
CA GLY PA 51 -58.88 -52.52 57.81
C GLY PA 51 -60.34 -52.49 58.20
N ASP PA 52 -61.22 -51.97 57.34
CA ASP PA 52 -62.59 -51.74 57.75
C ASP PA 52 -63.52 -52.84 57.25
N THR PA 53 -63.19 -53.44 56.11
CA THR PA 53 -63.99 -54.44 55.41
C THR PA 53 -64.28 -55.64 56.28
N VAL PA 54 -63.24 -56.14 56.94
CA VAL PA 54 -63.35 -57.26 57.86
C VAL PA 54 -64.30 -56.93 59.00
N GLN PA 55 -64.36 -55.66 59.39
CA GLN PA 55 -65.20 -55.30 60.52
C GLN PA 55 -66.63 -54.98 60.09
N PHE PA 56 -66.87 -54.73 58.81
CA PHE PA 56 -68.26 -54.77 58.37
C PHE PA 56 -68.75 -56.19 58.18
N ALA PA 57 -67.84 -57.12 57.85
CA ALA PA 57 -68.20 -58.52 57.96
C ALA PA 57 -68.55 -58.88 59.40
N GLU PA 58 -67.78 -58.38 60.37
CA GLU PA 58 -68.09 -58.59 61.78
C GLU PA 58 -69.46 -58.01 62.15
N TYR PA 59 -69.63 -56.70 61.97
CA TYR PA 59 -70.83 -55.97 62.36
C TYR PA 59 -72.09 -56.50 61.69
N ILE PA 60 -72.09 -56.52 60.36
CA ILE PA 60 -73.32 -56.84 59.65
C ILE PA 60 -73.58 -58.34 59.70
N GLN PA 61 -72.51 -59.15 59.69
CA GLN PA 61 -72.66 -60.59 59.76
C GLN PA 61 -73.26 -61.01 61.09
N LYS PA 62 -72.74 -60.46 62.18
CA LYS PA 62 -73.22 -60.93 63.47
C LYS PA 62 -74.48 -60.21 63.92
N ASN PA 63 -74.77 -59.04 63.34
CA ASN PA 63 -76.07 -58.44 63.61
C ASN PA 63 -77.18 -59.17 62.86
N VAL PA 64 -76.92 -59.61 61.63
CA VAL PA 64 -77.96 -60.29 60.88
C VAL PA 64 -78.16 -61.71 61.39
N GLN PA 65 -77.06 -62.39 61.73
CA GLN PA 65 -77.19 -63.69 62.39
C GLN PA 65 -77.83 -63.56 63.77
N LEU PA 66 -77.59 -62.42 64.43
CA LEU PA 66 -78.28 -62.14 65.69
C LEU PA 66 -79.78 -62.02 65.49
N TYR PA 67 -80.21 -61.31 64.45
CA TYR PA 67 -81.65 -61.12 64.22
C TYR PA 67 -82.31 -62.43 63.83
N LYS PA 68 -81.65 -63.20 62.98
CA LYS PA 68 -82.11 -64.53 62.61
C LYS PA 68 -82.28 -65.43 63.82
N MET PA 69 -81.36 -65.38 64.78
CA MET PA 69 -81.51 -66.23 65.95
C MET PA 69 -82.53 -65.67 66.93
N ARG PA 70 -82.76 -64.35 66.89
CA ARG PA 70 -83.73 -63.77 67.81
C ARG PA 70 -85.15 -64.08 67.39
N ASN PA 71 -85.54 -63.68 66.19
CA ASN PA 71 -86.94 -63.83 65.83
C ASN PA 71 -87.25 -65.11 65.06
N GLY PA 72 -86.23 -65.90 64.71
CA GLY PA 72 -86.46 -67.20 64.12
C GLY PA 72 -86.77 -67.20 62.65
N TYR PA 73 -86.69 -66.07 61.96
CA TYR PA 73 -86.87 -66.03 60.53
C TYR PA 73 -85.91 -65.04 59.91
N GLU PA 74 -85.97 -64.91 58.59
CA GLU PA 74 -84.89 -64.31 57.83
C GLU PA 74 -85.23 -62.86 57.50
N LEU PA 75 -84.20 -62.06 57.26
CA LEU PA 75 -84.41 -60.69 56.83
C LEU PA 75 -84.62 -60.60 55.32
N SER PA 76 -85.24 -59.52 54.91
CA SER PA 76 -85.35 -59.15 53.52
C SER PA 76 -84.04 -58.51 53.06
N PRO PA 77 -83.77 -58.46 51.76
CA PRO PA 77 -82.60 -57.70 51.30
C PRO PA 77 -82.70 -56.22 51.56
N THR PA 78 -83.93 -55.67 51.54
CA THR PA 78 -84.11 -54.23 51.72
C THR PA 78 -83.78 -53.80 53.15
N ALA PA 79 -84.17 -54.63 54.12
CA ALA PA 79 -83.86 -54.34 55.52
C ALA PA 79 -82.36 -54.41 55.79
N ALA PA 80 -81.67 -55.36 55.16
CA ALA PA 80 -80.23 -55.45 55.33
C ALA PA 80 -79.53 -54.27 54.68
N ALA PA 81 -80.03 -53.84 53.52
CA ALA PA 81 -79.44 -52.70 52.83
C ALA PA 81 -79.59 -51.43 53.62
N ASN PA 82 -80.80 -51.18 54.12
CA ASN PA 82 -81.03 -49.94 54.84
C ASN PA 82 -80.39 -49.98 56.23
N PHE PA 83 -80.19 -51.19 56.76
CA PHE PA 83 -79.45 -51.36 58.00
C PHE PA 83 -77.98 -51.00 57.84
N THR PA 84 -77.35 -51.46 56.75
CA THR PA 84 -75.98 -51.07 56.46
C THR PA 84 -75.88 -49.58 56.20
N ARG PA 85 -76.92 -48.99 55.59
CA ARG PA 85 -76.95 -47.55 55.42
C ARG PA 85 -77.04 -46.84 56.77
N ARG PA 86 -77.64 -47.49 57.77
CA ARG PA 86 -77.64 -46.91 59.11
C ARG PA 86 -76.26 -46.97 59.75
N ASN PA 87 -75.52 -48.04 59.54
CA ASN PA 87 -74.23 -48.13 60.21
C ASN PA 87 -73.18 -47.23 59.56
N LEU PA 88 -73.22 -47.06 58.24
CA LEU PA 88 -72.38 -46.03 57.63
C LEU PA 88 -72.91 -44.63 57.96
N ALA PA 89 -74.22 -44.52 58.17
CA ALA PA 89 -74.82 -43.22 58.43
C ALA PA 89 -74.42 -42.68 59.80
N ASP PA 90 -74.47 -43.52 60.83
CA ASP PA 90 -73.97 -43.10 62.14
C ASP PA 90 -72.45 -43.11 62.16
N CYS PA 91 -71.84 -43.86 61.25
CA CYS PA 91 -70.39 -43.86 61.12
C CYS PA 91 -69.83 -42.52 60.66
N LEU PA 92 -70.45 -41.92 59.63
CA LEU PA 92 -69.80 -40.87 58.86
C LEU PA 92 -69.58 -39.57 59.63
N ARG PA 93 -70.52 -39.19 60.47
CA ARG PA 93 -70.36 -37.99 61.30
C ARG PA 93 -69.90 -38.42 62.68
N SER PA 94 -68.74 -39.06 62.77
CA SER PA 94 -68.28 -39.56 64.06
C SER PA 94 -66.76 -39.64 64.05
N ARG PA 95 -66.21 -40.18 65.14
CA ARG PA 95 -64.77 -40.18 65.33
C ARG PA 95 -64.08 -41.17 64.41
N THR PA 96 -64.78 -42.22 64.01
CA THR PA 96 -64.22 -43.27 63.16
C THR PA 96 -65.01 -43.36 61.87
N PRO PA 97 -64.62 -42.60 60.85
CA PRO PA 97 -65.29 -42.73 59.56
C PRO PA 97 -64.80 -43.96 58.82
N TYR PA 98 -65.70 -44.93 58.62
CA TYR PA 98 -65.32 -46.07 57.81
C TYR PA 98 -65.31 -45.70 56.34
N HIS PA 99 -64.41 -46.31 55.59
CA HIS PA 99 -64.25 -46.04 54.18
C HIS PA 99 -64.39 -47.37 53.42
N VAL PA 100 -65.63 -47.77 53.18
CA VAL PA 100 -65.97 -48.97 52.42
C VAL PA 100 -66.92 -48.56 51.31
N ASN PA 101 -67.10 -49.43 50.32
CA ASN PA 101 -67.84 -49.04 49.13
C ASN PA 101 -68.93 -50.01 48.71
N LEU PA 102 -68.72 -51.31 48.85
CA LEU PA 102 -69.45 -52.23 48.01
C LEU PA 102 -70.82 -52.60 48.58
N LEU PA 103 -71.38 -53.66 47.99
CA LEU PA 103 -72.80 -53.81 47.75
C LEU PA 103 -73.36 -55.09 48.39
N LEU PA 104 -74.66 -55.04 48.67
CA LEU PA 104 -75.45 -56.19 49.08
C LEU PA 104 -76.25 -56.72 47.90
N ALA PA 105 -76.31 -58.04 47.79
CA ALA PA 105 -77.08 -58.73 46.77
C ALA PA 105 -77.92 -59.79 47.46
N GLY PA 106 -79.22 -59.79 47.18
CA GLY PA 106 -80.10 -60.67 47.91
C GLY PA 106 -81.26 -61.16 47.06
N TYR PA 107 -81.94 -62.17 47.58
CA TYR PA 107 -83.13 -62.75 46.95
C TYR PA 107 -84.21 -62.95 48.01
N ASP PA 108 -85.18 -62.06 48.03
CA ASP PA 108 -86.35 -62.31 48.86
C ASP PA 108 -87.22 -63.38 48.21
N GLU PA 109 -87.83 -64.20 49.05
CA GLU PA 109 -88.70 -65.27 48.55
C GLU PA 109 -90.01 -64.75 47.97
N HIS PA 110 -90.40 -63.52 48.28
CA HIS PA 110 -91.63 -62.94 47.78
C HIS PA 110 -91.35 -61.76 46.86
N GLU PA 111 -90.32 -60.96 47.15
CA GLU PA 111 -90.01 -59.82 46.31
C GLU PA 111 -89.08 -60.18 45.16
N GLY PA 112 -88.76 -61.46 45.00
CA GLY PA 112 -87.90 -61.89 43.92
C GLY PA 112 -86.45 -61.54 44.16
N PRO PA 113 -85.73 -61.22 43.10
CA PRO PA 113 -84.32 -60.85 43.24
C PRO PA 113 -84.20 -59.42 43.69
N ALA PA 114 -83.01 -59.04 44.15
CA ALA PA 114 -82.77 -57.70 44.65
C ALA PA 114 -81.29 -57.39 44.54
N LEU PA 115 -80.97 -56.11 44.39
CA LEU PA 115 -79.60 -55.64 44.33
C LEU PA 115 -79.54 -54.22 44.89
N TYR PA 116 -78.59 -53.96 45.76
CA TYR PA 116 -78.41 -52.63 46.30
C TYR PA 116 -76.96 -52.18 46.12
N TYR PA 117 -76.71 -50.93 46.47
CA TYR PA 117 -75.51 -50.22 46.05
C TYR PA 117 -75.12 -49.19 47.09
N MET PA 118 -73.99 -49.40 47.75
CA MET PA 118 -73.50 -48.45 48.73
C MET PA 118 -72.50 -47.50 48.10
N ASP PA 119 -71.93 -46.65 48.95
CA ASP PA 119 -70.76 -45.83 48.68
C ASP PA 119 -70.29 -45.35 50.04
N TYR PA 120 -69.08 -44.81 50.11
CA TYR PA 120 -68.58 -44.35 51.41
C TYR PA 120 -69.30 -43.12 51.92
N LEU PA 121 -70.08 -42.45 51.08
CA LEU PA 121 -71.02 -41.45 51.54
C LEU PA 121 -72.44 -42.00 51.63
N ALA PA 122 -72.60 -43.28 51.96
CA ALA PA 122 -73.81 -43.93 52.47
C ALA PA 122 -75.06 -43.76 51.62
N ALA PA 123 -74.96 -43.58 50.30
CA ALA PA 123 -76.16 -43.45 49.50
C ALA PA 123 -76.64 -44.81 49.02
N LEU PA 124 -77.97 -44.95 48.92
CA LEU PA 124 -78.60 -46.17 48.44
C LEU PA 124 -78.87 -46.08 46.95
N ALA PA 125 -79.14 -47.24 46.36
CA ALA PA 125 -79.59 -47.34 44.98
C ALA PA 125 -80.21 -48.71 44.78
N LYS PA 126 -81.27 -48.74 43.97
CA LYS PA 126 -81.87 -49.99 43.51
C LYS PA 126 -81.42 -50.16 42.07
N ALA PA 127 -80.22 -50.67 41.88
CA ALA PA 127 -79.59 -50.64 40.57
C ALA PA 127 -79.72 -52.01 39.93
N PRO PA 128 -79.92 -52.08 38.61
CA PRO PA 128 -79.89 -53.38 37.94
C PRO PA 128 -78.50 -53.83 37.54
N PHE PA 129 -77.49 -52.99 37.78
CA PHE PA 129 -76.07 -53.35 37.77
C PHE PA 129 -75.30 -52.20 38.41
N ALA PA 130 -74.09 -52.50 38.88
CA ALA PA 130 -73.45 -51.63 39.84
C ALA PA 130 -72.06 -51.25 39.37
N ALA PA 131 -71.36 -50.47 40.20
CA ALA PA 131 -70.12 -49.81 39.78
C ALA PA 131 -69.31 -49.32 40.97
N HIS PA 132 -68.09 -49.84 41.08
CA HIS PA 132 -67.04 -49.28 41.93
C HIS PA 132 -65.71 -49.61 41.28
N GLY PA 133 -64.64 -49.43 42.05
CA GLY PA 133 -63.32 -49.76 41.59
C GLY PA 133 -62.86 -48.84 40.47
N TYR PA 134 -61.79 -49.21 39.79
CA TYR PA 134 -61.50 -48.57 38.52
C TYR PA 134 -61.98 -49.43 37.36
N GLY PA 135 -62.56 -50.58 37.66
CA GLY PA 135 -63.07 -51.46 36.64
C GLY PA 135 -64.28 -50.90 35.93
N ALA PA 136 -65.11 -50.17 36.67
CA ALA PA 136 -66.45 -49.78 36.25
C ALA PA 136 -66.44 -49.00 34.95
N PHE PA 137 -65.46 -48.10 34.84
CA PHE PA 137 -65.16 -47.30 33.66
C PHE PA 137 -65.07 -48.12 32.38
N LEU PA 138 -64.48 -49.30 32.44
CA LEU PA 138 -64.38 -50.15 31.27
C LEU PA 138 -65.26 -51.39 31.36
N THR PA 139 -66.16 -51.47 32.34
CA THR PA 139 -67.14 -52.56 32.31
C THR PA 139 -68.49 -52.08 31.81
N LEU PA 140 -69.06 -51.03 32.42
CA LEU PA 140 -70.49 -50.85 32.24
C LEU PA 140 -70.88 -50.19 30.92
N SER PA 141 -69.94 -49.91 30.03
CA SER PA 141 -70.35 -49.59 28.66
C SER PA 141 -70.71 -50.87 27.92
N ILE PA 142 -69.92 -51.92 28.12
CA ILE PA 142 -70.31 -53.24 27.61
C ILE PA 142 -71.56 -53.71 28.32
N LEU PA 143 -71.59 -53.57 29.64
CA LEU PA 143 -72.70 -54.09 30.42
C LEU PA 143 -73.98 -53.32 30.15
N ASP PA 144 -73.88 -52.05 29.78
CA ASP PA 144 -75.06 -51.31 29.35
C ASP PA 144 -75.37 -51.65 27.88
N ARG PA 145 -74.34 -52.02 27.13
CA ARG PA 145 -74.50 -52.25 25.69
C ARG PA 145 -75.26 -53.54 25.40
N TYR PA 146 -74.88 -54.63 26.05
CA TYR PA 146 -75.50 -55.93 25.83
C TYR PA 146 -76.33 -56.26 27.07
N TYR PA 147 -77.55 -55.74 27.16
CA TYR PA 147 -78.35 -56.03 28.34
C TYR PA 147 -79.82 -55.87 28.00
N THR PA 148 -80.63 -56.73 28.60
CA THR PA 148 -82.07 -56.76 28.43
C THR PA 148 -82.69 -57.21 29.74
N PRO PA 149 -83.79 -56.61 30.19
CA PRO PA 149 -84.42 -57.07 31.44
C PRO PA 149 -85.04 -58.46 31.41
N THR PA 150 -84.92 -59.20 30.30
CA THR PA 150 -85.27 -60.61 30.26
C THR PA 150 -84.08 -61.48 29.89
N ILE PA 151 -82.91 -61.24 30.50
CA ILE PA 151 -81.71 -61.94 30.07
C ILE PA 151 -81.61 -63.31 30.75
N SER PA 152 -81.24 -64.31 29.96
CA SER PA 152 -81.08 -65.65 30.48
C SER PA 152 -79.73 -65.78 31.17
N ARG PA 153 -79.60 -66.81 32.02
CA ARG PA 153 -78.38 -66.91 32.82
C ARG PA 153 -77.19 -67.41 32.00
N GLU PA 154 -77.45 -68.09 30.89
CA GLU PA 154 -76.35 -68.50 30.02
C GLU PA 154 -75.73 -67.29 29.32
N ARG PA 155 -76.57 -66.38 28.84
CA ARG PA 155 -76.03 -65.16 28.25
C ARG PA 155 -75.56 -64.19 29.31
N ALA PA 156 -75.96 -64.40 30.57
CA ALA PA 156 -75.36 -63.65 31.65
C ALA PA 156 -73.92 -64.12 31.90
N VAL PA 157 -73.71 -65.44 31.84
CA VAL PA 157 -72.36 -65.97 31.98
C VAL PA 157 -71.48 -65.55 30.80
N GLU PA 158 -72.00 -65.63 29.57
CA GLU PA 158 -71.19 -65.25 28.41
C GLU PA 158 -70.99 -63.75 28.35
N LEU PA 159 -71.97 -62.97 28.83
CA LEU PA 159 -71.79 -61.53 28.97
C LEU PA 159 -70.70 -61.21 29.96
N LEU PA 160 -70.63 -61.98 31.06
CA LEU PA 160 -69.56 -61.84 32.02
C LEU PA 160 -68.22 -62.22 31.41
N ARG PA 161 -68.22 -63.20 30.49
CA ARG PA 161 -66.99 -63.55 29.77
C ARG PA 161 -66.53 -62.41 28.88
N LYS PA 162 -67.46 -61.75 28.19
CA LYS PA 162 -67.09 -60.64 27.30
C LYS PA 162 -66.52 -59.47 28.08
N CYS PA 163 -67.23 -59.08 29.15
CA CYS PA 163 -66.79 -57.97 29.99
C CYS PA 163 -65.45 -58.26 30.66
N LEU PA 164 -65.23 -59.52 31.03
CA LEU PA 164 -64.02 -59.87 31.75
C LEU PA 164 -62.86 -60.11 30.79
N GLU PA 165 -63.17 -60.35 29.51
CA GLU PA 165 -62.16 -60.18 28.46
C GLU PA 165 -61.77 -58.72 28.32
N GLU PA 166 -62.75 -57.82 28.37
CA GLU PA 166 -62.47 -56.40 28.27
C GLU PA 166 -61.70 -55.85 29.47
N LEU PA 167 -61.77 -56.51 30.63
CA LEU PA 167 -60.90 -56.12 31.74
C LEU PA 167 -59.42 -56.38 31.45
N GLN PA 168 -59.05 -57.59 31.03
CA GLN PA 168 -57.64 -57.93 30.85
C GLN PA 168 -57.23 -57.69 29.40
N LYS PA 169 -57.63 -56.55 28.86
CA LYS PA 169 -57.14 -56.16 27.55
C LYS PA 169 -56.43 -54.82 27.65
N ARG PA 170 -57.06 -53.84 28.31
CA ARG PA 170 -56.55 -52.49 28.34
C ARG PA 170 -56.31 -51.94 29.74
N PHE PA 171 -56.47 -52.72 30.80
CA PHE PA 171 -56.13 -52.20 32.11
C PHE PA 171 -54.64 -52.24 32.37
N ILE PA 172 -54.20 -51.37 33.28
CA ILE PA 172 -52.88 -51.46 33.87
C ILE PA 172 -52.90 -52.31 35.13
N LEU PA 173 -53.99 -53.00 35.38
CA LEU PA 173 -54.09 -53.95 36.48
C LEU PA 173 -53.89 -55.36 35.93
N ASN PA 174 -53.84 -56.34 36.83
CA ASN PA 174 -53.53 -57.71 36.43
C ASN PA 174 -54.76 -58.59 36.53
N LEU PA 175 -55.32 -58.76 37.72
CA LEU PA 175 -56.57 -59.44 38.04
C LEU PA 175 -56.74 -60.82 37.40
N PRO PA 176 -55.98 -61.85 37.79
CA PRO PA 176 -56.01 -63.11 37.05
C PRO PA 176 -57.25 -63.97 37.24
N THR PA 177 -57.69 -64.18 38.47
CA THR PA 177 -58.76 -65.13 38.76
C THR PA 177 -59.95 -64.41 39.36
N PHE PA 178 -61.15 -64.80 38.94
CA PHE PA 178 -62.39 -64.13 39.29
C PHE PA 178 -63.36 -65.14 39.86
N SER PA 179 -63.72 -64.98 41.14
CA SER PA 179 -64.71 -65.86 41.73
C SER PA 179 -66.12 -65.34 41.45
N VAL PA 180 -67.04 -66.26 41.24
CA VAL PA 180 -68.40 -65.96 40.76
C VAL PA 180 -69.40 -66.76 41.58
N ARG PA 181 -70.41 -66.09 42.12
CA ARG PA 181 -71.55 -66.77 42.71
C ARG PA 181 -72.80 -66.53 41.87
N ILE PA 182 -73.89 -67.16 42.30
CA ILE PA 182 -75.21 -66.96 41.71
C ILE PA 182 -76.24 -67.23 42.81
N ILE PA 183 -77.35 -66.51 42.77
CA ILE PA 183 -78.36 -66.56 43.82
C ILE PA 183 -79.71 -66.82 43.17
N ASP PA 184 -80.43 -67.83 43.66
CA ASP PA 184 -81.73 -68.17 43.10
C ASP PA 184 -82.68 -68.52 44.22
N LYS PA 185 -83.80 -69.15 43.87
CA LYS PA 185 -84.80 -69.57 44.85
C LYS PA 185 -84.25 -70.60 45.82
N ASN PA 186 -83.37 -71.48 45.36
CA ASN PA 186 -82.72 -72.45 46.23
C ASN PA 186 -81.45 -71.91 46.87
N GLY PA 187 -81.27 -70.59 46.91
CA GLY PA 187 -80.20 -70.00 47.69
C GLY PA 187 -79.00 -69.55 46.89
N ILE PA 188 -77.85 -69.51 47.54
CA ILE PA 188 -76.60 -69.21 46.85
C ILE PA 188 -76.03 -70.50 46.29
N HIS PA 189 -75.80 -70.54 44.98
CA HIS PA 189 -75.03 -71.62 44.39
C HIS PA 189 -73.67 -71.06 44.02
N ASP PA 190 -72.64 -71.86 44.21
CA ASP PA 190 -71.32 -71.50 43.75
C ASP PA 190 -71.11 -71.99 42.33
N LEU PA 191 -70.84 -71.06 41.43
CA LEU PA 191 -70.45 -71.40 40.07
C LEU PA 191 -68.96 -71.65 40.04
N ASP PA 192 -68.49 -72.11 38.89
CA ASP PA 192 -67.08 -72.41 38.71
C ASP PA 192 -66.22 -71.16 38.78
N ASN PA 193 -64.96 -71.34 39.12
CA ASN PA 193 -64.02 -70.23 39.16
C ASN PA 193 -63.72 -69.80 37.73
N ILE PA 194 -63.67 -68.51 37.51
CA ILE PA 194 -63.35 -67.94 36.20
C ILE PA 194 -61.91 -67.47 36.25
N SER PA 195 -61.11 -67.94 35.31
CA SER PA 195 -59.70 -67.64 35.29
C SER PA 195 -59.23 -67.46 33.85
N PHE PA 196 -58.05 -66.87 33.71
CA PHE PA 196 -57.42 -66.71 32.43
C PHE PA 196 -56.06 -67.39 32.46
N PRO PA 197 -55.78 -68.31 31.53
CA PRO PA 197 -54.50 -69.04 31.55
C PRO PA 197 -53.32 -68.12 31.30
N LYS PA 198 -52.17 -68.51 31.86
CA LYS PA 198 -50.99 -67.66 31.89
C LYS PA 198 -50.19 -67.72 30.60
N GLN PA 199 -49.81 -68.92 30.19
CA GLN PA 199 -49.00 -69.10 28.99
C GLN PA 199 -49.73 -69.96 27.96
N THR QA 1 -34.09 -55.18 57.02
CA THR QA 1 -35.21 -55.89 57.63
C THR QA 1 -35.89 -56.79 56.62
N THR QA 2 -35.76 -58.10 56.79
CA THR QA 2 -36.44 -59.04 55.92
C THR QA 2 -36.78 -60.30 56.70
N THR QA 3 -38.07 -60.62 56.75
CA THR QA 3 -38.53 -61.90 57.26
C THR QA 3 -39.31 -62.58 56.15
N LEU QA 4 -39.48 -63.89 56.26
CA LEU QA 4 -40.36 -64.59 55.35
C LEU QA 4 -40.97 -65.80 56.07
N ALA QA 5 -42.03 -66.32 55.47
CA ALA QA 5 -42.71 -67.47 56.03
C ALA QA 5 -43.44 -68.20 54.90
N PHE QA 6 -43.03 -69.42 54.65
CA PHE QA 6 -43.73 -70.26 53.69
C PHE QA 6 -43.94 -71.62 54.32
N LYS QA 7 -45.09 -72.22 54.07
CA LYS QA 7 -45.43 -73.50 54.64
C LYS QA 7 -45.41 -74.59 53.59
N PHE QA 8 -45.22 -75.83 54.03
CA PHE QA 8 -45.22 -76.98 53.16
C PHE QA 8 -45.74 -78.16 53.97
N ARG QA 9 -45.48 -79.36 53.45
CA ARG QA 9 -46.11 -80.56 53.99
C ARG QA 9 -45.61 -80.89 55.39
N HIS QA 10 -44.36 -80.55 55.69
CA HIS QA 10 -43.79 -80.87 56.99
C HIS QA 10 -43.63 -79.66 57.90
N GLY QA 11 -44.39 -78.59 57.66
CA GLY QA 11 -44.37 -77.48 58.58
C GLY QA 11 -44.20 -76.11 57.95
N VAL QA 12 -43.92 -75.12 58.79
CA VAL QA 12 -43.82 -73.72 58.36
C VAL QA 12 -42.44 -73.21 58.71
N ILE QA 13 -41.68 -72.79 57.70
CA ILE QA 13 -40.36 -72.20 57.89
C ILE QA 13 -40.55 -70.73 58.20
N VAL QA 14 -39.82 -70.22 59.19
CA VAL QA 14 -39.72 -68.80 59.48
C VAL QA 14 -38.26 -68.42 59.48
N ALA QA 15 -37.89 -67.46 58.64
CA ALA QA 15 -36.51 -67.01 58.58
C ALA QA 15 -36.49 -65.50 58.72
N ALA QA 16 -35.39 -64.98 59.26
CA ALA QA 16 -35.25 -63.55 59.50
C ALA QA 16 -33.78 -63.23 59.71
N ASP QA 17 -33.42 -62.00 59.36
CA ASP QA 17 -32.14 -61.48 59.81
C ASP QA 17 -32.35 -60.54 60.98
N SER QA 18 -31.27 -59.92 61.44
CA SER QA 18 -31.28 -59.25 62.73
C SER QA 18 -30.75 -57.82 62.73
N ARG QA 19 -30.62 -57.19 61.57
CA ARG QA 19 -30.11 -55.81 61.52
C ARG QA 19 -31.27 -54.83 61.58
N ALA QA 20 -31.39 -54.11 62.69
CA ALA QA 20 -32.43 -53.12 62.88
C ALA QA 20 -31.80 -51.74 62.97
N THR QA 21 -32.02 -50.92 61.94
CA THR QA 21 -31.32 -49.66 61.79
C THR QA 21 -32.22 -48.51 62.18
N ALA QA 22 -31.60 -47.35 62.35
CA ALA QA 22 -32.32 -46.12 62.67
C ALA QA 22 -31.82 -45.01 61.76
N GLY QA 23 -32.43 -44.89 60.58
CA GLY QA 23 -31.94 -43.92 59.64
C GLY QA 23 -30.70 -44.41 58.91
N ALA QA 24 -29.68 -43.56 58.86
CA ALA QA 24 -28.41 -43.93 58.28
C ALA QA 24 -27.53 -44.76 59.22
N TYR QA 25 -27.84 -44.79 60.50
CA TYR QA 25 -26.97 -45.41 61.49
C TYR QA 25 -27.51 -46.75 61.95
N ILE QA 26 -26.66 -47.77 61.97
CA ILE QA 26 -27.06 -49.09 62.43
C ILE QA 26 -26.90 -49.13 63.95
N ALA QA 27 -27.91 -49.65 64.64
CA ALA QA 27 -27.85 -49.82 66.09
C ALA QA 27 -27.12 -51.10 66.46
N SER QA 28 -27.58 -52.26 66.00
CA SER QA 28 -27.02 -53.52 66.45
C SER QA 28 -27.08 -54.57 65.35
N GLN QA 29 -26.54 -55.74 65.65
CA GLN QA 29 -26.63 -56.89 64.76
C GLN QA 29 -27.28 -58.09 65.44
N THR QA 30 -27.96 -57.88 66.56
CA THR QA 30 -28.44 -58.97 67.40
C THR QA 30 -29.95 -58.93 67.63
N VAL QA 31 -30.70 -58.17 66.86
CA VAL QA 31 -32.12 -58.00 67.14
C VAL QA 31 -32.88 -59.24 66.68
N LYS QA 32 -33.23 -60.10 67.63
CA LYS QA 32 -33.91 -61.36 67.33
C LYS QA 32 -35.35 -61.02 67.00
N LYS QA 33 -35.66 -60.98 65.70
CA LYS QA 33 -36.93 -60.42 65.26
C LYS QA 33 -38.06 -61.43 65.36
N VAL QA 34 -37.73 -62.72 65.30
CA VAL QA 34 -38.76 -63.74 65.48
C VAL QA 34 -39.07 -63.84 66.97
N ILE QA 35 -40.15 -63.21 67.39
CA ILE QA 35 -40.52 -63.13 68.79
C ILE QA 35 -41.27 -64.40 69.17
N GLU QA 36 -40.72 -65.12 70.13
CA GLU QA 36 -41.29 -66.39 70.57
C GLU QA 36 -42.41 -66.09 71.56
N ILE QA 37 -43.63 -66.47 71.20
CA ILE QA 37 -44.77 -66.22 72.07
C ILE QA 37 -44.98 -67.39 73.02
N ASN QA 38 -45.15 -68.57 72.49
CA ASN QA 38 -45.52 -69.73 73.27
C ASN QA 38 -44.56 -70.86 72.94
N PRO QA 39 -44.68 -72.02 73.61
CA PRO QA 39 -44.04 -73.23 73.05
C PRO QA 39 -44.71 -73.79 71.81
N TYR QA 40 -45.72 -73.11 71.24
CA TYR QA 40 -46.40 -73.60 70.05
C TYR QA 40 -46.73 -72.51 69.04
N LEU QA 41 -46.31 -71.27 69.26
CA LEU QA 41 -46.50 -70.21 68.29
C LEU QA 41 -45.19 -69.48 68.03
N LEU QA 42 -45.21 -68.66 66.99
CA LEU QA 42 -44.11 -67.73 66.71
C LEU QA 42 -44.70 -66.43 66.20
N GLY QA 43 -44.08 -65.31 66.57
CA GLY QA 43 -44.41 -64.01 66.03
C GLY QA 43 -43.15 -63.35 65.49
N THR QA 44 -43.36 -62.40 64.58
CA THR QA 44 -42.23 -61.73 63.96
C THR QA 44 -42.20 -60.25 64.33
N MET QA 45 -41.31 -59.49 63.68
CA MET QA 45 -41.15 -58.09 63.98
C MET QA 45 -41.00 -57.33 62.67
N ALA QA 46 -41.67 -56.18 62.57
CA ALA QA 46 -41.60 -55.37 61.37
C ALA QA 46 -41.91 -53.93 61.71
N GLY QA 47 -40.96 -53.05 61.38
CA GLY QA 47 -41.17 -51.64 61.64
C GLY QA 47 -40.72 -51.27 63.04
N GLY QA 48 -41.66 -50.76 63.83
CA GLY QA 48 -41.34 -50.37 65.20
C GLY QA 48 -41.14 -51.59 66.09
N ALA QA 49 -39.97 -51.63 66.73
CA ALA QA 49 -39.59 -52.82 67.48
C ALA QA 49 -40.38 -52.95 68.77
N ALA QA 50 -40.58 -51.84 69.47
CA ALA QA 50 -41.34 -51.90 70.71
C ALA QA 50 -42.83 -52.07 70.44
N ASP QA 51 -43.28 -51.71 69.24
CA ASP QA 51 -44.66 -51.99 68.85
C ASP QA 51 -44.88 -53.48 68.71
N CYS QA 52 -44.02 -54.16 67.95
CA CYS QA 52 -44.16 -55.60 67.76
C CYS QA 52 -43.96 -56.36 69.06
N SER QA 53 -42.96 -55.93 69.85
CA SER QA 53 -42.69 -56.56 71.13
C SER QA 53 -43.85 -56.37 72.09
N PHE QA 54 -44.41 -55.17 72.12
CA PHE QA 54 -45.45 -54.88 73.11
C PHE QA 54 -46.76 -55.56 72.73
N TRP QA 55 -47.18 -55.44 71.47
CA TRP QA 55 -48.49 -55.98 71.12
C TRP QA 55 -48.45 -57.50 71.02
N GLU QA 56 -47.32 -58.07 70.58
CA GLU QA 56 -47.24 -59.52 70.64
C GLU QA 56 -47.07 -60.03 72.06
N ARG QA 57 -46.50 -59.21 72.93
CA ARG QA 57 -46.43 -59.60 74.33
C ARG QA 57 -47.82 -59.55 74.97
N LEU QA 58 -48.65 -58.60 74.54
CA LEU QA 58 -50.04 -58.57 74.99
C LEU QA 58 -50.84 -59.72 74.41
N LEU QA 59 -50.49 -60.14 73.19
CA LEU QA 59 -51.06 -61.34 72.62
C LEU QA 59 -50.67 -62.58 73.42
N ALA QA 60 -49.45 -62.59 73.95
CA ALA QA 60 -49.05 -63.70 74.81
C ALA QA 60 -49.82 -63.70 76.12
N ARG QA 61 -50.12 -62.51 76.64
CA ARG QA 61 -50.99 -62.40 77.80
C ARG QA 61 -52.37 -63.00 77.54
N GLN QA 62 -53.00 -62.61 76.42
CA GLN QA 62 -54.36 -63.05 76.16
C GLN QA 62 -54.41 -64.53 75.81
N CYS QA 63 -53.41 -65.03 75.08
CA CYS QA 63 -53.35 -66.44 74.75
C CYS QA 63 -53.13 -67.31 75.97
N ARG QA 64 -52.27 -66.87 76.89
CA ARG QA 64 -52.03 -67.66 78.09
C ARG QA 64 -53.26 -67.69 78.99
N ILE QA 65 -53.96 -66.56 79.10
CA ILE QA 65 -55.18 -66.53 79.92
C ILE QA 65 -56.27 -67.39 79.28
N TYR QA 66 -56.32 -67.43 77.93
CA TYR QA 66 -57.26 -68.30 77.25
C TYR QA 66 -56.96 -69.77 77.52
N GLU QA 67 -55.68 -70.14 77.54
CA GLU QA 67 -55.31 -71.52 77.80
C GLU QA 67 -55.60 -71.90 79.25
N LEU QA 68 -55.45 -70.95 80.17
CA LEU QA 68 -55.76 -71.24 81.56
C LEU QA 68 -57.26 -71.28 81.80
N ARG QA 69 -58.05 -70.66 80.93
CA ARG QA 69 -59.50 -70.76 81.05
C ARG QA 69 -60.03 -72.06 80.47
N ASN QA 70 -59.80 -72.28 79.18
CA ASN QA 70 -60.46 -73.39 78.50
C ASN QA 70 -59.72 -74.71 78.60
N LYS QA 71 -58.57 -74.74 79.30
CA LYS QA 71 -57.73 -75.93 79.50
C LYS QA 71 -57.31 -76.57 78.18
N GLU QA 72 -57.11 -75.74 77.17
CA GLU QA 72 -56.75 -76.22 75.84
C GLU QA 72 -56.12 -75.05 75.10
N ARG QA 73 -55.15 -75.36 74.24
CA ARG QA 73 -54.35 -74.33 73.59
C ARG QA 73 -55.17 -73.63 72.51
N ILE QA 74 -54.86 -72.36 72.27
CA ILE QA 74 -55.61 -71.57 71.30
C ILE QA 74 -55.12 -71.92 69.90
N SER QA 75 -55.96 -71.68 68.90
CA SER QA 75 -55.56 -71.91 67.53
C SER QA 75 -54.74 -70.74 67.01
N VAL QA 76 -54.52 -70.73 65.68
CA VAL QA 76 -53.73 -69.66 65.09
C VAL QA 76 -54.61 -68.49 64.68
N ALA QA 77 -55.77 -68.81 64.09
CA ALA QA 77 -56.65 -67.80 63.52
C ALA QA 77 -57.27 -66.93 64.60
N ALA QA 78 -57.58 -67.53 65.75
CA ALA QA 78 -58.15 -66.77 66.85
C ALA QA 78 -57.13 -65.81 67.43
N ALA QA 79 -55.86 -66.21 67.48
CA ALA QA 79 -54.81 -65.34 67.96
C ALA QA 79 -54.59 -64.18 67.00
N SER QA 80 -54.64 -64.46 65.70
CA SER QA 80 -54.44 -63.40 64.71
C SER QA 80 -55.60 -62.41 64.72
N LYS QA 81 -56.83 -62.90 64.97
CA LYS QA 81 -57.95 -61.98 65.08
C LYS QA 81 -57.86 -61.14 66.35
N LEU QA 82 -57.38 -61.74 67.45
CA LEU QA 82 -57.12 -60.98 68.67
C LEU QA 82 -56.10 -59.89 68.44
N LEU QA 83 -55.06 -60.17 67.67
CA LEU QA 83 -54.06 -59.16 67.41
C LEU QA 83 -54.60 -58.07 66.51
N ALA QA 84 -55.45 -58.43 65.55
CA ALA QA 84 -56.03 -57.43 64.65
C ALA QA 84 -56.96 -56.49 65.40
N ASN QA 85 -57.74 -57.03 66.33
CA ASN QA 85 -58.63 -56.16 67.11
C ASN QA 85 -57.86 -55.36 68.16
N MET QA 86 -56.70 -55.86 68.60
CA MET QA 86 -55.91 -55.05 69.53
C MET QA 86 -55.01 -54.07 68.81
N VAL QA 87 -54.93 -54.15 67.48
CA VAL QA 87 -54.19 -53.13 66.74
C VAL QA 87 -55.14 -52.07 66.19
N TYR QA 88 -56.37 -52.46 65.83
CA TYR QA 88 -57.27 -51.56 65.11
C TYR QA 88 -57.67 -50.33 65.93
N GLN QA 89 -57.72 -50.44 67.26
CA GLN QA 89 -58.23 -49.36 68.09
C GLN QA 89 -57.33 -48.13 68.11
N TYR QA 90 -56.13 -48.23 67.53
CA TYR QA 90 -55.26 -47.07 67.40
C TYR QA 90 -54.95 -46.74 65.95
N LYS QA 91 -55.83 -47.14 65.03
CA LYS QA 91 -55.61 -46.87 63.61
C LYS QA 91 -55.80 -45.39 63.32
N GLY QA 92 -54.87 -44.83 62.58
CA GLY QA 92 -54.82 -43.40 62.35
C GLY QA 92 -53.83 -42.67 63.22
N MET QA 93 -53.42 -43.27 64.35
CA MET QA 93 -52.47 -42.66 65.26
C MET QA 93 -51.03 -43.03 64.95
N GLY QA 94 -50.79 -43.66 63.81
CA GLY QA 94 -49.42 -43.81 63.32
C GLY QA 94 -48.64 -44.95 63.96
N LEU QA 95 -49.10 -46.17 63.79
CA LEU QA 95 -48.32 -47.34 64.19
C LEU QA 95 -47.71 -47.99 62.96
N SER QA 96 -46.54 -48.59 63.12
CA SER QA 96 -45.84 -49.26 62.04
C SER QA 96 -45.61 -50.71 62.45
N MET QA 97 -46.57 -51.57 62.13
CA MET QA 97 -46.55 -52.96 62.59
C MET QA 97 -46.93 -53.86 61.43
N GLY QA 98 -46.06 -54.80 61.10
CA GLY QA 98 -46.31 -55.72 60.01
C GLY QA 98 -46.00 -57.16 60.35
N THR QA 99 -46.37 -57.60 61.54
CA THR QA 99 -45.95 -58.91 62.03
C THR QA 99 -46.66 -60.06 61.31
N MET QA 100 -46.22 -61.27 61.62
CA MET QA 100 -46.81 -62.50 61.14
C MET QA 100 -47.02 -63.45 62.31
N ILE QA 101 -47.94 -64.40 62.13
CA ILE QA 101 -48.28 -65.37 63.14
C ILE QA 101 -48.14 -66.76 62.56
N CYS QA 102 -47.28 -67.57 63.17
CA CYS QA 102 -47.01 -68.91 62.70
C CYS QA 102 -47.17 -69.87 63.86
N GLY QA 103 -47.63 -71.07 63.54
CA GLY QA 103 -47.87 -72.08 64.55
C GLY QA 103 -48.75 -73.17 63.99
N TRP QA 104 -48.96 -74.20 64.82
CA TRP QA 104 -49.68 -75.38 64.38
C TRP QA 104 -51.14 -75.28 64.80
N ASP QA 105 -52.01 -75.77 63.92
CA ASP QA 105 -53.45 -75.71 64.09
C ASP QA 105 -53.99 -77.14 64.09
N LYS QA 106 -55.22 -77.30 64.58
CA LYS QA 106 -55.93 -78.55 64.39
C LYS QA 106 -56.23 -78.82 62.92
N ARG QA 107 -56.30 -77.77 62.08
CA ARG QA 107 -56.49 -77.97 60.65
C ARG QA 107 -55.17 -78.14 59.91
N GLY QA 108 -54.05 -78.11 60.63
CA GLY QA 108 -52.76 -78.32 60.02
C GLY QA 108 -51.77 -77.22 60.38
N PRO QA 109 -51.04 -76.73 59.39
CA PRO QA 109 -50.21 -75.54 59.62
C PRO QA 109 -51.08 -74.30 59.75
N GLY QA 110 -50.49 -73.23 60.26
CA GLY QA 110 -51.20 -71.98 60.44
C GLY QA 110 -50.31 -70.81 60.11
N LEU QA 111 -50.86 -69.88 59.33
CA LEU QA 111 -50.10 -68.73 58.88
C LEU QA 111 -51.05 -67.58 58.59
N TYR QA 112 -50.79 -66.44 59.21
CA TYR QA 112 -51.56 -65.23 58.99
C TYR QA 112 -50.64 -64.03 59.06
N TYR QA 113 -51.00 -62.99 58.31
CA TYR QA 113 -50.18 -61.79 58.19
C TYR QA 113 -50.97 -60.59 58.71
N VAL QA 114 -50.44 -59.95 59.75
CA VAL QA 114 -51.13 -58.88 60.45
C VAL QA 114 -50.42 -57.57 60.15
N ASP QA 115 -51.19 -56.54 59.82
CA ASP QA 115 -50.66 -55.20 59.59
C ASP QA 115 -51.16 -54.24 60.65
N SER QA 116 -50.54 -53.07 60.70
CA SER QA 116 -51.12 -51.94 61.41
C SER QA 116 -52.28 -51.33 60.63
N GLU QA 117 -52.39 -51.66 59.35
CA GLU QA 117 -53.50 -51.21 58.52
C GLU QA 117 -54.71 -52.13 58.61
N GLY QA 118 -54.72 -53.06 59.54
CA GLY QA 118 -55.86 -53.92 59.76
C GLY QA 118 -55.99 -55.07 58.78
N ASN QA 119 -54.92 -55.37 58.06
CA ASN QA 119 -54.91 -56.50 57.14
C ASN QA 119 -54.68 -57.77 57.94
N ARG QA 120 -55.54 -58.76 57.73
CA ARG QA 120 -55.37 -60.10 58.29
C ARG QA 120 -55.80 -61.09 57.23
N ILE QA 121 -54.82 -61.70 56.58
CA ILE QA 121 -55.08 -62.62 55.48
C ILE QA 121 -54.33 -63.93 55.75
N SER QA 122 -54.85 -65.03 55.23
CA SER QA 122 -54.09 -66.26 55.22
C SER QA 122 -53.21 -66.32 53.98
N GLY QA 123 -52.65 -67.49 53.73
CA GLY QA 123 -51.81 -67.65 52.56
C GLY QA 123 -50.79 -68.74 52.79
N ALA QA 124 -50.03 -69.01 51.74
CA ALA QA 124 -48.97 -70.00 51.83
C ALA QA 124 -47.61 -69.34 51.99
N THR QA 125 -47.30 -68.38 51.13
CA THR QA 125 -46.00 -67.72 51.12
C THR QA 125 -46.17 -66.25 51.49
N PHE QA 126 -45.22 -65.74 52.28
CA PHE QA 126 -45.20 -64.34 52.64
C PHE QA 126 -43.76 -63.87 52.85
N SER QA 127 -43.59 -62.56 52.79
CA SER QA 127 -42.28 -61.96 53.03
C SER QA 127 -42.51 -60.51 53.44
N VAL QA 128 -41.89 -60.10 54.54
CA VAL QA 128 -42.20 -58.82 55.17
C VAL QA 128 -40.91 -58.05 55.37
N GLY QA 129 -40.88 -56.81 54.91
CA GLY QA 129 -39.77 -55.93 55.21
C GLY QA 129 -39.56 -54.95 54.06
N SER QA 130 -38.51 -54.16 54.21
CA SER QA 130 -38.15 -53.24 53.14
C SER QA 130 -37.41 -53.97 52.03
N GLY QA 131 -36.89 -55.14 52.33
CA GLY QA 131 -36.31 -55.98 51.30
C GLY QA 131 -37.13 -57.23 51.10
N SER QA 132 -38.45 -57.10 51.24
CA SER QA 132 -39.31 -58.27 51.15
C SER QA 132 -39.44 -58.77 49.71
N VAL QA 133 -39.40 -57.85 48.75
CA VAL QA 133 -39.68 -58.18 47.36
C VAL QA 133 -38.60 -59.08 46.77
N TYR QA 134 -37.36 -58.92 47.24
CA TYR QA 134 -36.26 -59.76 46.85
C TYR QA 134 -36.48 -61.19 47.32
N ALA QA 135 -37.04 -61.36 48.51
CA ALA QA 135 -37.41 -62.69 48.96
C ALA QA 135 -38.61 -63.23 48.20
N TYR QA 136 -39.54 -62.36 47.76
CA TYR QA 136 -40.64 -62.83 46.92
C TYR QA 136 -40.17 -63.41 45.60
N GLY QA 137 -39.12 -62.82 45.03
CA GLY QA 137 -38.62 -63.33 43.77
C GLY QA 137 -38.05 -64.74 43.82
N VAL QA 138 -36.94 -64.92 44.53
CA VAL QA 138 -36.26 -66.22 44.53
C VAL QA 138 -37.03 -67.21 45.38
N MET QA 139 -37.86 -66.71 46.30
CA MET QA 139 -38.73 -67.61 47.04
C MET QA 139 -39.81 -68.19 46.13
N ASP QA 140 -40.38 -67.36 45.27
CA ASP QA 140 -41.38 -67.88 44.33
C ASP QA 140 -40.75 -68.75 43.25
N ARG QA 141 -39.46 -68.55 42.98
CA ARG QA 141 -38.81 -69.49 42.06
C ARG QA 141 -38.54 -70.83 42.72
N GLY QA 142 -38.10 -70.84 43.97
CA GLY QA 142 -37.75 -72.10 44.57
C GLY QA 142 -38.89 -72.94 45.12
N TYR QA 143 -39.98 -72.30 45.55
CA TYR QA 143 -40.99 -72.96 46.36
C TYR QA 143 -41.86 -73.91 45.55
N SER QA 144 -42.19 -75.04 46.17
CA SER QA 144 -43.35 -75.84 45.83
C SER QA 144 -43.77 -76.54 47.11
N TYR QA 145 -44.82 -77.36 47.02
CA TYR QA 145 -45.39 -77.95 48.23
C TYR QA 145 -44.69 -79.23 48.65
N ASP QA 146 -44.06 -79.96 47.73
CA ASP QA 146 -43.47 -81.25 48.04
C ASP QA 146 -42.00 -81.16 48.39
N LEU QA 147 -41.58 -80.09 49.04
CA LEU QA 147 -40.18 -79.94 49.39
C LEU QA 147 -39.85 -80.78 50.61
N GLU QA 148 -38.58 -81.12 50.77
CA GLU QA 148 -38.12 -81.82 51.96
C GLU QA 148 -37.64 -80.82 53.00
N VAL QA 149 -36.91 -81.35 54.00
CA VAL QA 149 -36.39 -80.49 55.06
C VAL QA 149 -35.16 -79.75 54.57
N GLU QA 150 -34.17 -80.50 54.06
CA GLU QA 150 -32.89 -79.93 53.70
C GLU QA 150 -32.98 -79.04 52.46
N GLN QA 151 -34.00 -79.24 51.63
CA GLN QA 151 -34.22 -78.34 50.51
C GLN QA 151 -34.82 -77.02 50.99
N ALA QA 152 -35.73 -77.10 51.95
CA ALA QA 152 -36.43 -75.90 52.41
C ALA QA 152 -35.51 -75.00 53.23
N TYR QA 153 -34.64 -75.59 54.05
CA TYR QA 153 -33.68 -74.80 54.82
C TYR QA 153 -32.76 -74.00 53.90
N ASP QA 154 -32.31 -74.64 52.83
CA ASP QA 154 -31.43 -73.94 51.88
C ASP QA 154 -32.21 -72.92 51.07
N LEU QA 155 -33.50 -73.17 50.83
CA LEU QA 155 -34.35 -72.21 50.13
C LEU QA 155 -34.51 -70.92 50.93
N ALA QA 156 -34.93 -71.05 52.19
CA ALA QA 156 -35.17 -69.86 53.00
C ALA QA 156 -33.85 -69.16 53.34
N ARG QA 157 -32.81 -69.92 53.63
CA ARG QA 157 -31.53 -69.33 53.99
C ARG QA 157 -30.91 -68.59 52.81
N ARG QA 158 -31.00 -69.18 51.62
CA ARG QA 158 -30.47 -68.50 50.45
C ARG QA 158 -31.32 -67.30 50.07
N ALA QA 159 -32.63 -67.37 50.31
CA ALA QA 159 -33.52 -66.25 50.01
C ALA QA 159 -33.20 -65.04 50.88
N ILE QA 160 -32.96 -65.28 52.17
CA ILE QA 160 -32.52 -64.20 53.05
C ILE QA 160 -31.12 -63.73 52.66
N TYR QA 161 -30.29 -64.63 52.10
CA TYR QA 161 -28.98 -64.19 51.62
C TYR QA 161 -29.10 -63.21 50.46
N GLN QA 162 -30.03 -63.46 49.54
CA GLN QA 162 -30.23 -62.54 48.43
C GLN QA 162 -30.81 -61.23 48.92
N ALA QA 163 -31.75 -61.31 49.87
CA ALA QA 163 -32.42 -60.11 50.38
C ALA QA 163 -31.45 -59.23 51.15
N THR QA 164 -30.55 -59.81 51.93
CA THR QA 164 -29.54 -59.01 52.59
C THR QA 164 -28.44 -58.60 51.65
N TYR QA 165 -28.31 -59.29 50.51
CA TYR QA 165 -27.26 -58.92 49.57
C TYR QA 165 -27.63 -57.64 48.83
N ARG QA 166 -28.80 -57.60 48.20
CA ARG QA 166 -29.08 -56.47 47.33
C ARG QA 166 -29.45 -55.22 48.12
N ASP QA 167 -30.01 -55.39 49.31
CA ASP QA 167 -30.49 -54.29 50.13
C ASP QA 167 -29.37 -53.75 50.99
N ALA QA 168 -29.46 -52.46 51.33
CA ALA QA 168 -28.53 -51.88 52.28
C ALA QA 168 -29.01 -52.06 53.71
N TYR QA 169 -30.32 -52.07 53.93
CA TYR QA 169 -30.84 -52.13 55.29
C TYR QA 169 -30.69 -53.52 55.90
N SER QA 170 -31.04 -54.56 55.14
CA SER QA 170 -31.05 -55.90 55.70
C SER QA 170 -29.65 -56.47 55.82
N GLY QA 171 -29.41 -57.20 56.90
CA GLY QA 171 -28.10 -57.80 57.13
C GLY QA 171 -28.04 -58.44 58.51
N GLY QA 172 -26.82 -58.70 58.95
CA GLY QA 172 -26.65 -59.32 60.26
C GLY QA 172 -26.39 -60.79 60.12
N ALA QA 173 -27.29 -61.60 60.66
CA ALA QA 173 -27.15 -63.05 60.62
C ALA QA 173 -28.52 -63.70 60.47
N VAL QA 174 -28.55 -64.79 59.73
CA VAL QA 174 -29.79 -65.44 59.32
C VAL QA 174 -30.24 -66.36 60.44
N ASN QA 175 -31.32 -65.98 61.12
CA ASN QA 175 -31.95 -66.84 62.10
C ASN QA 175 -33.01 -67.68 61.41
N LEU QA 176 -33.15 -68.92 61.84
CA LEU QA 176 -34.02 -69.86 61.14
C LEU QA 176 -34.86 -70.65 62.14
N TYR QA 177 -36.16 -70.60 61.96
CA TYR QA 177 -37.12 -71.25 62.86
C TYR QA 177 -38.03 -72.15 62.07
N HIS QA 178 -38.05 -73.43 62.44
CA HIS QA 178 -38.92 -74.42 61.82
C HIS QA 178 -40.05 -74.72 62.78
N VAL QA 179 -41.27 -74.62 62.29
CA VAL QA 179 -42.44 -75.05 63.05
C VAL QA 179 -42.78 -76.45 62.62
N ARG QA 180 -42.88 -77.36 63.60
CA ARG QA 180 -43.28 -78.73 63.31
C ARG QA 180 -44.72 -78.94 63.75
N GLU QA 181 -45.18 -80.18 63.64
CA GLU QA 181 -46.55 -80.52 63.99
C GLU QA 181 -46.76 -80.43 65.50
N ASP QA 182 -45.88 -81.06 66.27
CA ASP QA 182 -46.02 -81.04 67.72
C ASP QA 182 -45.66 -79.68 68.31
N GLY QA 183 -44.70 -78.99 67.70
CA GLY QA 183 -44.23 -77.73 68.23
C GLY QA 183 -43.05 -77.20 67.45
N TRP QA 184 -42.80 -75.90 67.53
CA TRP QA 184 -41.74 -75.28 66.76
C TRP QA 184 -40.37 -75.62 67.35
N ILE QA 185 -39.33 -75.39 66.57
CA ILE QA 185 -37.97 -75.72 66.96
C ILE QA 185 -37.01 -74.74 66.29
N ARG QA 186 -35.98 -74.34 67.02
CA ARG QA 186 -34.93 -73.51 66.44
C ARG QA 186 -33.99 -74.37 65.61
N VAL QA 187 -33.52 -73.83 64.48
CA VAL QA 187 -32.74 -74.62 63.56
C VAL QA 187 -31.25 -74.33 63.69
N SER QA 188 -30.84 -73.12 63.33
CA SER QA 188 -29.44 -72.77 63.18
C SER QA 188 -29.34 -71.27 62.97
N SER QA 189 -28.20 -70.72 63.40
CA SER QA 189 -27.90 -69.31 63.23
C SER QA 189 -26.63 -69.19 62.41
N ASP QA 190 -26.76 -68.73 61.17
CA ASP QA 190 -25.63 -68.59 60.27
C ASP QA 190 -25.38 -67.12 59.98
N ASN QA 191 -24.11 -66.71 60.09
CA ASN QA 191 -23.73 -65.36 59.72
C ASN QA 191 -23.73 -65.22 58.20
N VAL QA 192 -23.84 -63.97 57.74
CA VAL QA 192 -23.98 -63.72 56.31
C VAL QA 192 -22.66 -63.96 55.58
N ALA QA 193 -21.54 -63.61 56.22
CA ALA QA 193 -20.23 -63.80 55.60
C ALA QA 193 -19.90 -65.27 55.40
N ASP QA 194 -20.34 -66.13 56.32
CA ASP QA 194 -20.18 -67.57 56.15
C ASP QA 194 -21.03 -68.07 55.00
N LEU QA 195 -22.19 -67.44 54.78
CA LEU QA 195 -22.99 -67.78 53.62
C LEU QA 195 -22.40 -67.17 52.35
N HIS QA 196 -21.51 -66.20 52.47
CA HIS QA 196 -20.83 -65.71 51.29
C HIS QA 196 -19.71 -66.64 50.90
N GLU QA 197 -19.02 -67.21 51.90
CA GLU QA 197 -18.03 -68.25 51.63
C GLU QA 197 -18.69 -69.52 51.11
N LYS QA 198 -19.91 -69.81 51.57
CA LYS QA 198 -20.62 -71.01 51.17
C LYS QA 198 -21.25 -70.86 49.79
N TYR QA 199 -22.03 -69.81 49.60
CA TYR QA 199 -22.77 -69.68 48.35
C TYR QA 199 -22.01 -68.87 47.31
N SER QA 200 -20.78 -68.45 47.61
CA SER QA 200 -19.98 -67.76 46.60
C SER QA 200 -19.39 -68.71 45.57
N GLY QA 201 -19.45 -70.02 45.80
CA GLY QA 201 -18.89 -70.98 44.88
C GLY QA 201 -17.37 -71.04 44.96
N ARG RA 1 -42.84 -22.07 67.40
CA ARG RA 1 -43.68 -22.00 68.60
C ARG RA 1 -42.97 -22.56 69.82
N PHE RA 2 -43.74 -22.83 70.88
CA PHE RA 2 -43.23 -23.57 72.01
C PHE RA 2 -42.82 -24.98 71.60
N SER RA 3 -41.52 -25.24 71.64
CA SER RA 3 -40.97 -26.54 71.30
C SER RA 3 -40.72 -27.31 72.59
N PRO RA 4 -41.30 -28.49 72.77
CA PRO RA 4 -41.23 -29.15 74.07
C PRO RA 4 -39.93 -29.89 74.33
N TYR RA 5 -39.07 -30.05 73.34
CA TYR RA 5 -37.89 -30.90 73.48
C TYR RA 5 -36.64 -30.07 73.26
N VAL RA 6 -35.58 -30.38 74.00
CA VAL RA 6 -34.26 -29.80 73.79
C VAL RA 6 -33.25 -30.94 73.91
N PHE RA 7 -32.10 -30.76 73.28
CA PHE RA 7 -31.10 -31.82 73.19
C PHE RA 7 -29.88 -31.46 74.02
N ASN RA 8 -29.71 -32.12 75.16
CA ASN RA 8 -28.60 -31.85 76.05
C ASN RA 8 -27.33 -32.59 75.67
N GLY RA 9 -27.44 -33.80 75.16
CA GLY RA 9 -26.27 -34.58 74.86
C GLY RA 9 -25.70 -35.27 76.10
N GLY RA 10 -24.61 -35.98 75.87
CA GLY RA 10 -24.04 -36.87 76.85
C GLY RA 10 -23.75 -38.24 76.26
N THR RA 11 -22.95 -39.01 76.99
CA THR RA 11 -22.49 -40.29 76.48
C THR RA 11 -22.45 -41.31 77.60
N ILE RA 12 -23.21 -42.39 77.43
CA ILE RA 12 -23.21 -43.49 78.38
C ILE RA 12 -22.58 -44.68 77.67
N LEU RA 13 -21.87 -45.50 78.44
CA LEU RA 13 -21.17 -46.64 77.85
C LEU RA 13 -21.10 -47.75 78.87
N ALA RA 14 -21.46 -48.96 78.45
CA ALA RA 14 -21.50 -50.09 79.36
C ALA RA 14 -20.83 -51.30 78.73
N ILE RA 15 -20.03 -51.99 79.53
CA ILE RA 15 -19.32 -53.18 79.10
C ILE RA 15 -19.61 -54.29 80.10
N ALA RA 16 -20.14 -55.41 79.60
CA ALA RA 16 -20.41 -56.58 80.43
C ALA RA 16 -19.22 -57.51 80.36
N GLY RA 17 -18.61 -57.78 81.51
CA GLY RA 17 -17.51 -58.70 81.57
C GLY RA 17 -17.97 -60.11 81.90
N GLU RA 18 -16.99 -60.93 82.30
CA GLU RA 18 -17.31 -62.29 82.71
C GLU RA 18 -17.98 -62.30 84.07
N ASP RA 19 -17.48 -61.50 85.01
CA ASP RA 19 -18.11 -61.36 86.31
C ASP RA 19 -18.15 -59.93 86.83
N PHE RA 20 -18.32 -58.94 85.96
CA PHE RA 20 -18.48 -57.56 86.38
C PHE RA 20 -19.33 -56.82 85.37
N ALA RA 21 -19.54 -55.54 85.63
CA ALA RA 21 -20.23 -54.66 84.69
C ALA RA 21 -19.79 -53.23 84.95
N ILE RA 22 -19.45 -52.53 83.86
CA ILE RA 22 -19.04 -51.14 83.91
C ILE RA 22 -20.18 -50.30 83.38
N VAL RA 23 -20.45 -49.18 84.02
CA VAL RA 23 -21.31 -48.14 83.47
C VAL RA 23 -20.56 -46.83 83.54
N ALA RA 24 -20.27 -46.24 82.38
CA ALA RA 24 -19.46 -45.04 82.34
C ALA RA 24 -20.30 -43.89 81.79
N SER RA 25 -19.97 -42.68 82.24
CA SER RA 25 -20.71 -41.49 81.84
C SER RA 25 -19.90 -40.25 82.17
N ASP RA 26 -19.93 -39.28 81.26
CA ASP RA 26 -19.39 -37.97 81.55
C ASP RA 26 -20.42 -37.12 82.26
N THR RA 27 -20.05 -35.86 82.52
CA THR RA 27 -20.88 -34.98 83.32
C THR RA 27 -21.12 -33.60 82.71
N ARG RA 28 -20.89 -33.42 81.41
CA ARG RA 28 -21.22 -32.15 80.80
C ARG RA 28 -22.71 -32.10 80.45
N LEU RA 29 -23.38 -31.05 80.92
CA LEU RA 29 -24.79 -30.80 80.63
C LEU RA 29 -24.88 -29.46 79.92
N SER RA 30 -25.09 -29.50 78.61
CA SER RA 30 -25.01 -28.29 77.79
C SER RA 30 -26.30 -28.10 77.02
N GLU RA 31 -26.54 -26.87 76.58
CA GLU RA 31 -27.72 -26.58 75.78
C GLU RA 31 -27.34 -25.59 74.68
N GLY RA 32 -27.63 -25.98 73.44
CA GLY RA 32 -27.31 -25.11 72.32
C GLY RA 32 -25.82 -25.02 72.12
N PHE RA 33 -25.28 -23.80 72.25
CA PHE RA 33 -23.86 -23.58 72.23
C PHE RA 33 -23.32 -23.07 73.57
N SER RA 34 -23.98 -23.36 74.68
CA SER RA 34 -23.46 -22.90 75.95
C SER RA 34 -23.55 -23.99 77.01
N ILE RA 35 -22.84 -23.76 78.11
CA ILE RA 35 -22.66 -24.74 79.17
C ILE RA 35 -23.55 -24.33 80.33
N HIS RA 36 -24.36 -25.27 80.82
CA HIS RA 36 -25.04 -25.05 82.08
C HIS RA 36 -24.15 -25.41 83.26
N THR RA 37 -23.54 -26.59 83.22
CA THR RA 37 -22.71 -27.04 84.33
C THR RA 37 -21.69 -28.02 83.81
N ARG RA 38 -20.76 -28.39 84.69
CA ARG RA 38 -19.75 -29.38 84.38
C ARG RA 38 -19.81 -30.58 85.32
N ASP RA 39 -20.53 -30.43 86.43
CA ASP RA 39 -20.60 -31.50 87.43
C ASP RA 39 -22.05 -31.97 87.55
N SER RA 40 -22.41 -33.01 86.80
CA SER RA 40 -23.75 -33.59 86.84
C SER RA 40 -23.67 -35.04 86.39
N PRO RA 41 -23.67 -35.97 87.33
CA PRO RA 41 -23.53 -37.39 86.95
C PRO RA 41 -24.79 -37.92 86.30
N LYS RA 42 -24.60 -38.75 85.28
CA LYS RA 42 -25.67 -39.46 84.62
C LYS RA 42 -25.95 -40.81 85.25
N CYS RA 43 -25.06 -41.31 86.09
CA CYS RA 43 -25.18 -42.64 86.69
C CYS RA 43 -25.96 -42.55 87.98
N TYR RA 44 -26.78 -43.55 88.25
CA TYR RA 44 -27.62 -43.58 89.43
C TYR RA 44 -27.54 -44.95 90.09
N LYS RA 45 -27.49 -44.96 91.41
CA LYS RA 45 -27.39 -46.19 92.17
C LYS RA 45 -28.79 -46.65 92.55
N LEU RA 46 -29.31 -47.63 91.83
CA LEU RA 46 -30.65 -48.15 92.13
C LEU RA 46 -30.59 -49.16 93.27
N THR RA 47 -29.90 -50.29 93.02
CA THR RA 47 -29.80 -51.38 93.96
C THR RA 47 -28.34 -51.62 94.28
N ASP RA 48 -28.07 -52.74 94.95
CA ASP RA 48 -26.70 -53.13 95.25
C ASP RA 48 -25.94 -53.56 94.00
N LYS RA 49 -26.66 -54.00 92.98
CA LYS RA 49 -26.02 -54.62 91.83
C LYS RA 49 -26.41 -54.03 90.48
N THR RA 50 -27.14 -52.91 90.46
CA THR RA 50 -27.63 -52.37 89.19
C THR RA 50 -27.46 -50.86 89.17
N VAL RA 51 -26.89 -50.34 88.09
CA VAL RA 51 -26.70 -48.91 87.88
C VAL RA 51 -27.23 -48.55 86.50
N ILE RA 52 -28.15 -47.59 86.46
CA ILE RA 52 -28.80 -47.18 85.22
C ILE RA 52 -28.22 -45.83 84.81
N GLY RA 53 -28.11 -45.62 83.50
CA GLY RA 53 -27.73 -44.34 82.95
C GLY RA 53 -28.87 -43.75 82.14
N CYS RA 54 -28.90 -42.42 82.07
CA CYS RA 54 -29.96 -41.71 81.37
C CYS RA 54 -29.38 -40.48 80.70
N SER RA 55 -29.53 -40.38 79.38
CA SER RA 55 -29.01 -39.24 78.65
C SER RA 55 -30.11 -38.71 77.72
N GLY RA 56 -29.73 -37.76 76.87
CA GLY RA 56 -30.69 -37.07 76.02
C GLY RA 56 -31.29 -35.88 76.71
N PHE RA 57 -32.62 -35.79 76.71
CA PHE RA 57 -33.29 -34.69 77.39
C PHE RA 57 -33.27 -34.91 78.90
N HIS RA 58 -32.76 -33.90 79.62
CA HIS RA 58 -32.42 -34.05 81.03
C HIS RA 58 -33.62 -34.11 81.95
N GLY RA 59 -34.70 -33.41 81.61
CA GLY RA 59 -35.88 -33.41 82.47
C GLY RA 59 -36.56 -34.77 82.53
N ASP RA 60 -36.64 -35.45 81.39
CA ASP RA 60 -37.15 -36.81 81.39
C ASP RA 60 -36.15 -37.78 82.00
N CYS RA 61 -34.87 -37.42 82.04
CA CYS RA 61 -33.91 -38.24 82.78
C CYS RA 61 -34.20 -38.16 84.28
N LEU RA 62 -34.48 -36.97 84.77
CA LEU RA 62 -34.79 -36.80 86.19
C LEU RA 62 -36.09 -37.51 86.55
N THR RA 63 -37.15 -37.23 85.78
CA THR RA 63 -38.47 -37.79 86.06
C THR RA 63 -38.46 -39.31 85.90
N LEU RA 64 -37.79 -39.78 84.86
CA LEU RA 64 -37.62 -41.21 84.63
C LEU RA 64 -36.92 -41.90 85.79
N THR RA 65 -35.81 -41.31 86.25
CA THR RA 65 -35.03 -41.90 87.33
C THR RA 65 -35.83 -41.97 88.61
N LYS RA 66 -36.57 -40.90 88.92
CA LYS RA 66 -37.32 -40.89 90.18
C LYS RA 66 -38.53 -41.82 90.13
N ILE RA 67 -39.14 -41.99 88.95
CA ILE RA 67 -40.22 -42.97 88.81
C ILE RA 67 -39.69 -44.39 88.96
N ILE RA 68 -38.51 -44.67 88.38
CA ILE RA 68 -37.90 -46.00 88.50
C ILE RA 68 -37.59 -46.33 89.96
N GLU RA 69 -37.05 -45.36 90.70
CA GLU RA 69 -36.78 -45.58 92.12
C GLU RA 69 -38.07 -45.77 92.90
N ALA RA 70 -39.15 -45.10 92.47
CA ALA RA 70 -40.44 -45.26 93.12
C ALA RA 70 -40.98 -46.68 92.95
N ARG RA 71 -40.96 -47.20 91.73
CA ARG RA 71 -41.52 -48.53 91.54
C ARG RA 71 -40.58 -49.64 92.05
N LEU RA 72 -39.28 -49.36 92.14
CA LEU RA 72 -38.39 -50.23 92.88
C LEU RA 72 -38.81 -50.34 94.34
N LYS RA 73 -39.16 -49.21 94.95
CA LYS RA 73 -39.65 -49.25 96.32
C LYS RA 73 -40.99 -49.95 96.41
N MET RA 74 -41.81 -49.86 95.37
CA MET RA 74 -43.11 -50.52 95.38
C MET RA 74 -42.96 -52.04 95.30
N TYR RA 75 -42.02 -52.51 94.48
CA TYR RA 75 -41.78 -53.95 94.41
C TYR RA 75 -41.13 -54.47 95.68
N LYS RA 76 -40.21 -53.68 96.25
CA LYS RA 76 -39.56 -54.10 97.48
C LYS RA 76 -40.54 -54.18 98.63
N HIS RA 77 -41.50 -53.24 98.66
CA HIS RA 77 -42.54 -53.30 99.69
C HIS RA 77 -43.60 -54.34 99.34
N SER RA 78 -43.61 -54.79 98.08
CA SER RA 78 -44.52 -55.87 97.72
C SER RA 78 -43.97 -57.23 98.16
N ASN RA 79 -42.78 -57.61 97.70
CA ASN RA 79 -42.38 -59.00 97.72
C ASN RA 79 -41.06 -59.28 98.42
N ASN RA 80 -40.62 -58.42 99.34
CA ASN RA 80 -39.58 -58.71 100.34
C ASN RA 80 -38.20 -58.95 99.74
N LYS RA 81 -37.98 -58.52 98.49
CA LYS RA 81 -36.68 -58.69 97.87
C LYS RA 81 -36.47 -57.59 96.85
N ALA RA 82 -35.24 -57.51 96.35
CA ALA RA 82 -34.93 -56.57 95.30
C ALA RA 82 -35.30 -57.13 93.94
N MET RA 83 -35.38 -56.25 92.95
CA MET RA 83 -35.58 -56.69 91.58
C MET RA 83 -34.28 -57.20 91.00
N THR RA 84 -34.40 -57.96 89.92
CA THR RA 84 -33.22 -58.35 89.15
C THR RA 84 -32.89 -57.29 88.12
N THR RA 85 -32.05 -57.66 87.16
CA THR RA 85 -31.70 -56.72 86.10
C THR RA 85 -32.76 -56.71 85.01
N GLY RA 86 -33.11 -57.90 84.51
CA GLY RA 86 -34.07 -57.99 83.42
C GLY RA 86 -35.48 -57.62 83.84
N ALA RA 87 -35.76 -57.70 85.15
CA ALA RA 87 -37.03 -57.19 85.65
C ALA RA 87 -37.11 -55.69 85.49
N ILE RA 88 -36.03 -54.98 85.82
CA ILE RA 88 -35.99 -53.53 85.66
C ILE RA 88 -35.99 -53.18 84.17
N ALA RA 89 -35.39 -54.03 83.34
CA ALA RA 89 -35.44 -53.82 81.89
C ALA RA 89 -36.87 -53.95 81.38
N ALA RA 90 -37.63 -54.93 81.90
CA ALA RA 90 -39.00 -55.11 81.46
C ALA RA 90 -39.90 -53.98 81.93
N MET RA 91 -39.79 -53.59 83.20
CA MET RA 91 -40.64 -52.54 83.74
C MET RA 91 -40.31 -51.20 83.10
N LEU RA 92 -39.04 -50.97 82.82
CA LEU RA 92 -38.64 -49.76 82.09
C LEU RA 92 -39.16 -49.80 80.66
N SER RA 93 -39.27 -50.99 80.07
CA SER RA 93 -39.83 -51.08 78.73
C SER RA 93 -41.31 -50.74 78.73
N THR RA 94 -42.04 -51.20 79.76
CA THR RA 94 -43.47 -50.87 79.84
C THR RA 94 -43.68 -49.39 80.12
N ILE RA 95 -42.80 -48.79 80.91
CA ILE RA 95 -42.92 -47.36 81.20
C ILE RA 95 -42.59 -46.53 79.96
N LEU RA 96 -41.53 -46.90 79.23
CA LEU RA 96 -41.19 -46.18 78.01
C LEU RA 96 -42.24 -46.34 76.93
N TYR RA 97 -42.97 -47.46 76.92
CA TYR RA 97 -44.06 -47.53 75.97
C TYR RA 97 -45.32 -46.87 76.49
N SER RA 98 -45.43 -46.66 77.80
CA SER RA 98 -46.66 -46.12 78.38
C SER RA 98 -46.92 -44.68 77.96
N ARG RA 99 -45.90 -43.99 77.47
CA ARG RA 99 -46.05 -42.66 76.90
C ARG RA 99 -45.71 -42.64 75.42
N ARG RA 100 -46.23 -43.63 74.68
CA ARG RA 100 -45.91 -43.78 73.26
C ARG RA 100 -46.37 -42.58 72.43
N PHE RA 101 -47.54 -42.04 72.75
CA PHE RA 101 -48.12 -41.01 71.88
C PHE RA 101 -47.68 -39.61 72.26
N PHE RA 102 -46.77 -39.51 73.24
CA PHE RA 102 -46.07 -38.27 73.58
C PHE RA 102 -44.74 -38.69 74.20
N PRO RA 103 -43.73 -38.93 73.37
CA PRO RA 103 -42.65 -39.82 73.76
C PRO RA 103 -41.59 -39.14 74.62
N TYR RA 104 -40.98 -39.95 75.48
CA TYR RA 104 -39.71 -39.58 76.08
C TYR RA 104 -38.65 -39.49 75.00
N TYR RA 105 -37.69 -38.58 75.20
CA TYR RA 105 -36.48 -38.55 74.37
C TYR RA 105 -35.33 -38.85 75.31
N VAL RA 106 -35.10 -40.14 75.56
CA VAL RA 106 -34.10 -40.61 76.50
C VAL RA 106 -33.48 -41.88 75.92
N TYR RA 107 -32.14 -41.93 75.91
CA TYR RA 107 -31.42 -43.15 75.57
C TYR RA 107 -30.98 -43.81 76.86
N ASN RA 108 -31.48 -45.00 77.12
CA ASN RA 108 -31.26 -45.67 78.39
C ASN RA 108 -30.36 -46.89 78.24
N ILE RA 109 -29.47 -47.07 79.23
CA ILE RA 109 -28.60 -48.23 79.30
C ILE RA 109 -28.58 -48.72 80.74
N ILE RA 110 -28.95 -49.99 80.94
CA ILE RA 110 -28.88 -50.62 82.25
C ILE RA 110 -27.71 -51.58 82.26
N GLY RA 111 -26.84 -51.45 83.26
CA GLY RA 111 -25.80 -52.43 83.48
C GLY RA 111 -25.93 -53.02 84.86
N GLY RA 112 -25.50 -54.27 84.99
CA GLY RA 112 -25.57 -54.95 86.26
C GLY RA 112 -25.42 -56.45 86.09
N LEU RA 113 -25.62 -57.14 87.20
CA LEU RA 113 -25.38 -58.58 87.24
C LEU RA 113 -26.67 -59.36 87.02
N ASP RA 114 -26.52 -60.59 86.54
CA ASP RA 114 -27.61 -61.55 86.46
C ASP RA 114 -27.59 -62.45 87.70
N GLU RA 115 -28.33 -63.55 87.66
CA GLU RA 115 -28.32 -64.48 88.79
C GLU RA 115 -27.03 -65.28 88.83
N GLU RA 116 -26.37 -65.47 87.69
CA GLU RA 116 -25.09 -66.15 87.64
C GLU RA 116 -23.91 -65.22 87.92
N GLY RA 117 -24.16 -63.96 88.25
CA GLY RA 117 -23.10 -63.02 88.50
C GLY RA 117 -22.32 -62.58 87.29
N LYS RA 118 -22.81 -62.88 86.08
CA LYS RA 118 -22.15 -62.40 84.89
C LYS RA 118 -22.69 -61.02 84.52
N GLY RA 119 -22.02 -60.39 83.55
CA GLY RA 119 -22.41 -59.06 83.14
C GLY RA 119 -23.71 -59.08 82.36
N ALA RA 120 -24.39 -57.94 82.32
CA ALA RA 120 -25.62 -57.79 81.56
C ALA RA 120 -25.76 -56.32 81.19
N VAL RA 121 -25.81 -56.04 79.90
CA VAL RA 121 -25.99 -54.69 79.39
C VAL RA 121 -27.24 -54.67 78.54
N TYR RA 122 -28.24 -53.92 78.98
CA TYR RA 122 -29.51 -53.79 78.28
C TYR RA 122 -29.62 -52.37 77.75
N SER RA 123 -29.59 -52.22 76.43
CA SER RA 123 -29.80 -50.93 75.83
C SER RA 123 -31.29 -50.69 75.62
N PHE RA 124 -31.62 -49.50 75.11
CA PHE RA 124 -33.01 -49.11 74.94
C PHE RA 124 -33.15 -48.18 73.75
N ASP RA 125 -34.35 -47.67 73.59
CA ASP RA 125 -34.71 -46.69 72.57
C ASP RA 125 -35.86 -45.86 73.14
N PRO RA 126 -36.17 -44.71 72.54
CA PRO RA 126 -37.25 -43.89 73.10
C PRO RA 126 -38.67 -44.44 72.94
N VAL RA 127 -38.86 -45.69 72.51
CA VAL RA 127 -40.19 -46.29 72.50
C VAL RA 127 -40.27 -47.56 73.33
N GLY RA 128 -39.15 -48.24 73.58
CA GLY RA 128 -39.11 -49.28 74.59
C GLY RA 128 -38.52 -50.62 74.20
N SER RA 129 -37.88 -50.74 73.05
CA SER RA 129 -37.24 -52.00 72.68
C SER RA 129 -36.00 -52.24 73.52
N TYR RA 130 -35.80 -53.49 73.93
CA TYR RA 130 -34.65 -53.81 74.75
C TYR RA 130 -34.06 -55.12 74.28
N GLN RA 131 -32.77 -55.29 74.58
CA GLN RA 131 -32.01 -56.42 74.09
C GLN RA 131 -30.82 -56.60 75.01
N ARG RA 132 -30.23 -57.78 74.96
CA ARG RA 132 -29.10 -58.08 75.83
C ARG RA 132 -27.83 -58.15 75.02
N ASP RA 133 -27.04 -57.07 75.05
CA ASP RA 133 -25.78 -57.02 74.33
C ASP RA 133 -24.64 -57.04 75.33
N SER RA 134 -23.42 -57.24 74.83
CA SER RA 134 -22.25 -57.19 75.70
C SER RA 134 -21.78 -55.78 75.91
N PHE RA 135 -22.02 -54.90 74.93
CA PHE RA 135 -21.53 -53.54 74.98
C PHE RA 135 -22.37 -52.65 74.07
N LYS RA 136 -22.88 -51.57 74.64
CA LYS RA 136 -23.66 -50.58 73.89
C LYS RA 136 -23.29 -49.19 74.37
N ALA RA 137 -23.31 -48.24 73.44
CA ALA RA 137 -23.06 -46.84 73.72
C ALA RA 137 -24.34 -46.07 73.42
N GLY RA 138 -24.68 -45.14 74.29
CA GLY RA 138 -25.88 -44.35 74.12
C GLY RA 138 -25.63 -42.86 74.26
N GLY RA 139 -26.10 -42.11 73.28
CA GLY RA 139 -26.01 -40.67 73.32
C GLY RA 139 -25.51 -40.08 72.03
N SER RA 140 -24.93 -38.88 72.15
CA SER RA 140 -24.47 -38.15 70.99
C SER RA 140 -23.16 -38.72 70.44
N ALA RA 141 -22.28 -39.19 71.31
CA ALA RA 141 -21.04 -39.79 70.83
C ALA RA 141 -21.13 -41.30 70.70
N SER RA 142 -22.34 -41.87 70.72
CA SER RA 142 -22.50 -43.31 70.54
C SER RA 142 -22.03 -43.76 69.17
N ALA RA 143 -22.30 -42.94 68.14
CA ALA RA 143 -21.95 -43.31 66.78
C ALA RA 143 -20.46 -43.14 66.51
N MET RA 144 -19.72 -42.62 67.48
CA MET RA 144 -18.27 -42.57 67.39
C MET RA 144 -17.61 -43.69 68.16
N LEU RA 145 -18.34 -44.33 69.08
CA LEU RA 145 -17.73 -45.28 70.01
C LEU RA 145 -18.11 -46.71 69.72
N GLN RA 146 -19.26 -46.95 69.10
CA GLN RA 146 -19.59 -48.30 68.64
C GLN RA 146 -18.60 -48.96 67.67
N PRO RA 147 -18.02 -48.27 66.65
CA PRO RA 147 -17.07 -49.00 65.79
C PRO RA 147 -15.81 -49.43 66.50
N LEU RA 148 -15.32 -48.59 67.41
CA LEU RA 148 -14.06 -48.89 68.07
C LEU RA 148 -14.22 -50.02 69.08
N LEU RA 149 -15.40 -50.13 69.68
CA LEU RA 149 -15.65 -51.26 70.58
C LEU RA 149 -16.05 -52.49 69.80
N ASP RA 150 -16.50 -52.33 68.55
CA ASP RA 150 -16.51 -53.49 67.66
C ASP RA 150 -15.09 -53.94 67.32
N ASN RA 151 -14.14 -53.01 67.32
CA ASN RA 151 -12.77 -53.38 66.99
C ASN RA 151 -12.08 -54.07 68.17
N GLN RA 152 -12.25 -53.54 69.38
CA GLN RA 152 -11.47 -53.99 70.51
C GLN RA 152 -12.08 -55.19 71.23
N VAL RA 153 -13.30 -55.05 71.73
CA VAL RA 153 -13.89 -56.09 72.57
C VAL RA 153 -14.40 -57.26 71.73
N GLY RA 154 -15.09 -56.98 70.64
CA GLY RA 154 -15.68 -58.06 69.86
C GLY RA 154 -14.67 -58.75 68.97
N PHE RA 155 -13.51 -58.12 68.74
CA PHE RA 155 -12.46 -58.57 67.82
C PHE RA 155 -12.99 -58.80 66.40
N LYS RA 156 -13.93 -57.96 65.98
CA LYS RA 156 -14.47 -58.08 64.63
C LYS RA 156 -13.51 -57.54 63.60
N ASN RA 157 -13.65 -58.02 62.36
CA ASN RA 157 -12.87 -57.61 61.19
C ASN RA 157 -11.37 -57.82 61.38
N MET RA 158 -10.99 -58.82 62.17
CA MET RA 158 -9.60 -59.08 62.45
C MET RA 158 -9.30 -60.53 62.13
N GLN RA 159 -8.04 -60.78 61.78
CA GLN RA 159 -7.61 -62.10 61.32
C GLN RA 159 -6.74 -62.74 62.38
N ASN RA 160 -7.20 -63.89 62.89
CA ASN RA 160 -6.43 -64.79 63.75
C ASN RA 160 -6.08 -64.15 65.09
N VAL RA 161 -7.03 -63.43 65.65
CA VAL RA 161 -6.93 -62.88 66.99
C VAL RA 161 -7.93 -63.61 67.87
N GLU RA 162 -7.41 -64.43 68.78
CA GLU RA 162 -8.26 -65.25 69.63
C GLU RA 162 -8.96 -64.40 70.69
N HIS RA 163 -10.09 -64.91 71.16
CA HIS RA 163 -10.94 -64.19 72.10
C HIS RA 163 -10.52 -64.52 73.54
N VAL RA 164 -9.65 -63.71 74.09
CA VAL RA 164 -9.38 -63.67 75.52
C VAL RA 164 -10.56 -62.98 76.19
N PRO RA 165 -11.05 -63.48 77.32
CA PRO RA 165 -12.13 -62.76 78.01
C PRO RA 165 -11.67 -61.42 78.54
N LEU RA 166 -12.61 -60.48 78.64
CA LEU RA 166 -12.28 -59.12 79.04
C LEU RA 166 -11.87 -59.06 80.50
N SER RA 167 -10.73 -58.43 80.75
CA SER RA 167 -10.19 -58.26 82.08
C SER RA 167 -10.41 -56.82 82.53
N LEU RA 168 -10.63 -56.64 83.83
CA LEU RA 168 -11.10 -55.42 84.48
C LEU RA 168 -10.32 -54.15 84.11
N ASP RA 169 -9.02 -54.14 84.42
CA ASP RA 169 -8.25 -52.91 84.26
C ASP RA 169 -8.02 -52.60 82.78
N ARG RA 170 -8.02 -53.65 81.95
CA ARG RA 170 -7.95 -53.45 80.50
C ARG RA 170 -9.18 -52.72 79.98
N ALA RA 171 -10.35 -53.11 80.47
CA ALA RA 171 -11.57 -52.41 80.10
C ALA RA 171 -11.59 -50.99 80.67
N MET RA 172 -10.95 -50.79 81.82
CA MET RA 172 -10.84 -49.46 82.40
C MET RA 172 -10.03 -48.53 81.51
N ARG RA 173 -8.85 -48.98 81.07
CA ARG RA 173 -8.04 -48.13 80.20
C ARG RA 173 -8.66 -48.00 78.82
N LEU RA 174 -9.48 -48.99 78.41
CA LEU RA 174 -10.30 -48.83 77.22
C LEU RA 174 -11.26 -47.64 77.36
N VAL RA 175 -11.99 -47.59 78.49
CA VAL RA 175 -12.97 -46.53 78.70
C VAL RA 175 -12.31 -45.16 78.76
N LYS RA 176 -11.15 -45.09 79.43
CA LYS RA 176 -10.44 -43.82 79.54
C LYS RA 176 -9.91 -43.36 78.19
N ASP RA 177 -9.33 -44.28 77.41
CA ASP RA 177 -8.79 -43.91 76.11
C ASP RA 177 -9.88 -43.50 75.12
N VAL RA 178 -11.01 -44.22 75.12
CA VAL RA 178 -12.05 -43.88 74.17
C VAL RA 178 -12.78 -42.61 74.56
N PHE RA 179 -12.88 -42.28 75.85
CA PHE RA 179 -13.54 -41.03 76.19
C PHE RA 179 -12.63 -39.83 76.00
N ILE RA 180 -11.32 -40.00 76.13
CA ILE RA 180 -10.43 -38.89 75.77
C ILE RA 180 -10.44 -38.68 74.26
N SER RA 181 -10.35 -39.77 73.49
CA SER RA 181 -10.26 -39.64 72.05
C SER RA 181 -11.57 -39.17 71.43
N ALA RA 182 -12.71 -39.63 71.96
CA ALA RA 182 -13.98 -39.09 71.50
C ALA RA 182 -14.24 -37.71 72.08
N ALA RA 183 -13.59 -37.39 73.20
CA ALA RA 183 -13.76 -36.07 73.78
C ALA RA 183 -12.98 -35.02 73.00
N GLU RA 184 -12.01 -35.45 72.18
CA GLU RA 184 -11.31 -34.52 71.32
C GLU RA 184 -12.19 -33.99 70.19
N ARG RA 185 -13.17 -34.78 69.74
CA ARG RA 185 -13.92 -34.43 68.52
C ARG RA 185 -15.33 -33.96 68.84
N ASP RA 186 -16.09 -34.75 69.59
CA ASP RA 186 -17.48 -34.41 69.83
C ASP RA 186 -17.57 -33.37 70.94
N VAL RA 187 -18.37 -32.33 70.71
CA VAL RA 187 -18.38 -31.19 71.62
C VAL RA 187 -19.17 -31.46 72.89
N TYR RA 188 -20.09 -32.42 72.86
CA TYR RA 188 -20.90 -32.68 74.05
C TYR RA 188 -20.16 -33.53 75.06
N THR RA 189 -19.37 -34.49 74.58
CA THR RA 189 -18.53 -35.29 75.44
C THR RA 189 -17.39 -34.43 75.96
N GLY RA 190 -17.11 -34.50 77.25
CA GLY RA 190 -16.05 -33.73 77.85
C GLY RA 190 -16.23 -33.53 79.35
N ASP RA 191 -16.00 -32.30 79.80
CA ASP RA 191 -16.13 -31.94 81.22
C ASP RA 191 -15.38 -32.91 82.13
N ALA RA 192 -16.13 -33.73 82.86
CA ALA RA 192 -15.54 -34.71 83.77
C ALA RA 192 -16.11 -36.10 83.50
N LEU RA 193 -15.46 -37.12 84.07
CA LEU RA 193 -15.90 -38.49 83.90
C LEU RA 193 -16.35 -39.11 85.22
N ARG RA 194 -17.44 -39.88 85.18
CA ARG RA 194 -17.98 -40.59 86.33
C ARG RA 194 -18.23 -42.05 85.95
N ILE RA 195 -17.45 -42.95 86.54
CA ILE RA 195 -17.53 -44.37 86.21
C ILE RA 195 -18.07 -45.11 87.43
N CYS RA 196 -18.98 -46.06 87.18
CA CYS RA 196 -19.45 -46.98 88.21
C CYS RA 196 -19.08 -48.40 87.83
N ILE RA 197 -18.62 -49.17 88.82
CA ILE RA 197 -18.20 -50.55 88.61
C ILE RA 197 -18.97 -51.44 89.58
N VAL RA 198 -19.65 -52.43 89.05
CA VAL RA 198 -20.51 -53.31 89.84
C VAL RA 198 -19.88 -54.69 89.88
N THR RA 199 -19.56 -55.15 91.07
CA THR RA 199 -19.08 -56.50 91.28
C THR RA 199 -20.06 -57.22 92.20
N LYS RA 200 -19.69 -58.45 92.59
CA LYS RA 200 -20.52 -59.19 93.54
C LYS RA 200 -20.43 -58.63 94.95
N GLU RA 201 -19.43 -57.81 95.24
CA GLU RA 201 -19.19 -57.32 96.59
C GLU RA 201 -19.75 -55.92 96.79
N GLY RA 202 -20.28 -55.29 95.76
CA GLY RA 202 -20.87 -53.97 95.89
C GLY RA 202 -20.54 -53.13 94.67
N ILE RA 203 -21.00 -51.89 94.71
CA ILE RA 203 -20.76 -50.92 93.66
C ILE RA 203 -19.49 -50.16 93.99
N ARG RA 204 -18.51 -50.23 93.12
CA ARG RA 204 -17.35 -49.36 93.19
C ARG RA 204 -17.58 -48.14 92.31
N GLU RA 205 -17.14 -46.99 92.81
CA GLU RA 205 -17.38 -45.73 92.16
C GLU RA 205 -16.05 -45.00 91.98
N GLU RA 206 -15.89 -44.38 90.83
CA GLU RA 206 -14.59 -43.80 90.48
C GLU RA 206 -14.80 -42.59 89.61
N THR RA 207 -14.04 -41.53 89.89
CA THR RA 207 -14.06 -40.29 89.13
C THR RA 207 -12.67 -40.08 88.54
N VAL RA 208 -12.61 -39.81 87.24
CA VAL RA 208 -11.36 -39.59 86.54
C VAL RA 208 -11.38 -38.18 85.97
N SER RA 209 -10.33 -37.42 86.21
CA SER RA 209 -10.21 -36.08 85.67
C SER RA 209 -10.00 -36.15 84.16
N LEU RA 210 -10.58 -35.18 83.46
CA LEU RA 210 -10.41 -35.03 82.04
C LEU RA 210 -10.00 -33.60 81.73
N ARG RA 211 -9.79 -33.33 80.45
CA ARG RA 211 -9.64 -31.94 80.03
C ARG RA 211 -10.97 -31.22 80.12
N LYS RA 212 -10.92 -29.94 80.44
CA LYS RA 212 -12.12 -29.16 80.71
C LYS RA 212 -12.73 -28.55 79.45
N ASP RA 213 -12.50 -29.16 78.28
CA ASP RA 213 -13.05 -28.68 77.02
C ASP RA 213 -13.15 -29.81 75.99
N THR SA 1 -48.63 -20.68 79.19
CA THR SA 1 -48.68 -19.45 78.41
C THR SA 1 -48.05 -19.65 77.04
N GLN SA 2 -48.83 -19.40 75.99
CA GLN SA 2 -48.31 -19.57 74.65
C GLN SA 2 -47.41 -18.41 74.24
N ASN SA 3 -47.78 -17.20 74.62
CA ASN SA 3 -47.02 -16.01 74.24
C ASN SA 3 -46.81 -15.10 75.44
N PRO SA 4 -45.57 -14.88 75.87
CA PRO SA 4 -45.33 -14.05 77.06
C PRO SA 4 -45.50 -12.57 76.76
N MET SA 5 -46.31 -11.91 77.57
CA MET SA 5 -46.53 -10.49 77.40
C MET SA 5 -45.43 -9.68 78.08
N VAL SA 6 -45.34 -9.73 79.41
CA VAL SA 6 -44.45 -8.84 80.12
C VAL SA 6 -43.19 -9.60 80.54
N THR SA 7 -42.08 -9.28 79.89
CA THR SA 7 -40.88 -10.11 79.95
C THR SA 7 -39.85 -9.51 80.91
N GLY SA 8 -39.38 -10.34 81.85
CA GLY SA 8 -38.36 -9.94 82.80
C GLY SA 8 -37.02 -10.56 82.42
N THR SA 9 -35.97 -9.74 82.48
CA THR SA 9 -34.64 -10.10 82.00
C THR SA 9 -33.79 -10.69 83.13
N SER SA 10 -32.46 -10.70 82.91
CA SER SA 10 -31.54 -11.63 83.54
C SER SA 10 -31.47 -11.54 85.06
N VAL SA 11 -31.04 -12.64 85.68
CA VAL SA 11 -30.92 -12.79 87.13
C VAL SA 11 -29.55 -13.36 87.41
N LEU SA 12 -28.83 -12.76 88.37
CA LEU SA 12 -27.49 -13.20 88.72
C LEU SA 12 -27.44 -13.63 90.17
N GLY SA 13 -27.21 -14.91 90.40
CA GLY SA 13 -27.01 -15.42 91.74
C GLY SA 13 -25.73 -16.20 91.78
N VAL SA 14 -25.01 -16.07 92.90
CA VAL SA 14 -23.69 -16.69 93.04
C VAL SA 14 -23.47 -17.03 94.51
N LYS SA 15 -22.84 -18.17 94.75
CA LYS SA 15 -22.56 -18.63 96.10
C LYS SA 15 -21.45 -17.81 96.74
N PHE SA 16 -21.43 -17.79 98.06
CA PHE SA 16 -20.26 -17.42 98.83
C PHE SA 16 -20.28 -18.19 100.15
N GLU SA 17 -19.36 -17.84 101.04
CA GLU SA 17 -19.21 -18.59 102.29
C GLU SA 17 -20.32 -18.22 103.27
N GLY SA 18 -21.16 -19.20 103.59
CA GLY SA 18 -22.22 -18.96 104.56
C GLY SA 18 -23.37 -18.12 104.04
N GLY SA 19 -23.70 -18.23 102.77
CA GLY SA 19 -24.80 -17.47 102.22
C GLY SA 19 -24.71 -17.42 100.71
N VAL SA 20 -25.80 -16.94 100.11
CA VAL SA 20 -25.92 -16.79 98.67
C VAL SA 20 -26.41 -15.38 98.39
N VAL SA 21 -25.81 -14.71 97.40
CA VAL SA 21 -26.20 -13.37 96.99
C VAL SA 21 -26.86 -13.45 95.61
N ILE SA 22 -28.03 -12.83 95.47
CA ILE SA 22 -28.84 -12.87 94.27
C ILE SA 22 -29.25 -11.44 93.92
N ALA SA 23 -29.11 -11.07 92.64
CA ALA SA 23 -29.49 -9.74 92.18
C ALA SA 23 -30.17 -9.81 90.83
N ALA SA 24 -31.11 -8.88 90.60
CA ALA SA 24 -31.80 -8.75 89.33
C ALA SA 24 -32.27 -7.32 89.19
N ASP SA 25 -32.50 -6.89 87.95
CA ASP SA 25 -32.98 -5.53 87.73
C ASP SA 25 -34.50 -5.50 87.78
N MET SA 26 -35.02 -4.32 88.13
CA MET SA 26 -36.41 -4.17 88.53
C MET SA 26 -37.31 -3.72 87.39
N LEU SA 27 -36.94 -4.03 86.14
CA LEU SA 27 -37.68 -3.57 84.99
C LEU SA 27 -38.64 -4.65 84.49
N GLY SA 28 -39.87 -4.24 84.17
CA GLY SA 28 -40.78 -5.11 83.46
C GLY SA 28 -41.08 -4.56 82.09
N SER SA 29 -40.56 -5.21 81.05
CA SER SA 29 -40.68 -4.72 79.68
C SER SA 29 -41.82 -5.42 78.97
N TYR SA 30 -42.19 -4.89 77.81
CA TYR SA 30 -43.25 -5.43 76.98
C TYR SA 30 -42.86 -5.20 75.52
N GLY SA 31 -42.34 -6.24 74.86
CA GLY SA 31 -41.84 -6.03 73.52
C GLY SA 31 -40.57 -5.19 73.54
N SER SA 32 -40.52 -4.21 72.65
CA SER SA 32 -39.40 -3.28 72.67
C SER SA 32 -39.57 -2.17 73.69
N LEU SA 33 -40.70 -2.15 74.40
CA LEU SA 33 -41.06 -1.09 75.31
C LEU SA 33 -40.72 -1.48 76.74
N ALA SA 34 -40.16 -0.55 77.49
CA ALA SA 34 -39.93 -0.72 78.91
C ALA SA 34 -41.07 -0.05 79.67
N ARG SA 35 -42.13 -0.82 79.93
CA ARG SA 35 -43.35 -0.21 80.43
C ARG SA 35 -43.34 -0.05 81.95
N PHE SA 36 -43.24 -1.16 82.68
CA PHE SA 36 -43.25 -1.13 84.14
C PHE SA 36 -41.80 -0.99 84.60
N ARG SA 37 -41.45 0.17 85.14
CA ARG SA 37 -40.06 0.42 85.49
C ARG SA 37 -39.79 0.33 86.99
N ASN SA 38 -40.73 -0.16 87.79
CA ASN SA 38 -40.46 -0.47 89.19
C ASN SA 38 -41.37 -1.62 89.59
N ILE SA 39 -40.86 -2.85 89.49
CA ILE SA 39 -41.53 -4.02 90.03
C ILE SA 39 -40.51 -4.82 90.81
N SER SA 40 -40.98 -5.68 91.72
CA SER SA 40 -40.10 -6.49 92.56
C SER SA 40 -40.00 -7.86 91.92
N ARG SA 41 -38.78 -8.26 91.57
CA ARG SA 41 -38.56 -9.53 90.91
C ARG SA 41 -37.78 -10.52 91.77
N ILE SA 42 -37.73 -10.28 93.09
CA ILE SA 42 -37.14 -11.21 94.04
C ILE SA 42 -38.09 -11.32 95.22
N MET SA 43 -38.48 -12.56 95.54
CA MET SA 43 -39.42 -12.82 96.62
C MET SA 43 -38.68 -13.41 97.81
N ARG SA 44 -38.96 -12.87 98.99
CA ARG SA 44 -38.35 -13.36 100.21
C ARG SA 44 -39.25 -14.42 100.84
N VAL SA 45 -38.91 -15.68 100.63
CA VAL SA 45 -39.50 -16.81 101.33
C VAL SA 45 -38.99 -16.69 102.76
N ASN SA 46 -39.70 -17.29 103.72
CA ASN SA 46 -39.71 -16.98 105.15
C ASN SA 46 -38.38 -16.68 105.85
N ASN SA 47 -37.49 -17.67 105.97
CA ASN SA 47 -36.17 -17.46 106.55
C ASN SA 47 -35.07 -18.12 105.76
N SER SA 48 -35.35 -19.25 105.12
CA SER SA 48 -34.27 -20.13 104.69
C SER SA 48 -33.88 -19.88 103.25
N THR SA 49 -34.86 -19.69 102.38
CA THR SA 49 -34.56 -19.59 100.96
C THR SA 49 -35.11 -18.30 100.41
N MET SA 50 -34.95 -18.12 99.10
CA MET SA 50 -35.10 -16.83 98.45
C MET SA 50 -35.16 -17.07 96.95
N LEU SA 51 -36.16 -16.47 96.30
CA LEU SA 51 -36.51 -16.83 94.94
C LEU SA 51 -36.35 -15.64 94.01
N GLY SA 52 -35.71 -15.87 92.85
CA GLY SA 52 -35.69 -14.93 91.77
C GLY SA 52 -36.34 -15.55 90.54
N ALA SA 53 -36.65 -14.71 89.55
CA ALA SA 53 -37.31 -15.20 88.36
C ALA SA 53 -37.03 -14.31 87.17
N SER SA 54 -37.32 -14.85 85.98
CA SER SA 54 -37.16 -14.14 84.73
C SER SA 54 -38.40 -14.36 83.88
N GLY SA 55 -38.38 -13.82 82.66
CA GLY SA 55 -39.44 -14.06 81.70
C GLY SA 55 -40.75 -13.41 82.06
N ASP SA 56 -41.85 -14.15 81.92
CA ASP SA 56 -43.19 -13.64 82.18
C ASP SA 56 -43.39 -13.33 83.65
N TYR SA 57 -43.88 -12.12 83.93
CA TYR SA 57 -44.00 -11.68 85.31
C TYR SA 57 -45.29 -12.17 85.97
N ALA SA 58 -46.35 -12.37 85.19
CA ALA SA 58 -47.62 -12.76 85.75
C ALA SA 58 -47.57 -14.17 86.33
N ASP SA 59 -46.85 -15.06 85.65
CA ASP SA 59 -46.66 -16.40 86.18
C ASP SA 59 -45.77 -16.39 87.41
N PHE SA 60 -44.87 -15.40 87.50
CA PHE SA 60 -44.16 -15.18 88.75
C PHE SA 60 -45.09 -14.75 89.86
N GLN SA 61 -46.15 -13.99 89.55
CA GLN SA 61 -47.13 -13.71 90.60
C GLN SA 61 -47.94 -14.95 90.94
N TYR SA 62 -48.08 -15.87 89.99
CA TYR SA 62 -48.76 -17.14 90.27
C TYR SA 62 -47.97 -18.00 91.24
N LEU SA 63 -46.68 -18.20 90.95
CA LEU SA 63 -45.82 -19.01 91.82
C LEU SA 63 -45.57 -18.30 93.14
N LYS SA 64 -45.54 -16.97 93.12
CA LYS SA 64 -45.52 -16.17 94.34
C LYS SA 64 -46.73 -16.47 95.21
N GLN SA 65 -47.91 -16.56 94.59
CA GLN SA 65 -49.13 -16.87 95.35
C GLN SA 65 -49.09 -18.28 95.92
N VAL SA 66 -48.72 -19.26 95.10
CA VAL SA 66 -48.84 -20.65 95.51
C VAL SA 66 -47.77 -20.98 96.55
N LEU SA 67 -46.54 -20.50 96.35
CA LEU SA 67 -45.50 -20.73 97.34
C LEU SA 67 -45.78 -19.96 98.63
N GLY SA 68 -46.30 -18.73 98.50
CA GLY SA 68 -46.74 -18.00 99.67
C GLY SA 68 -47.84 -18.69 100.44
N GLN SA 69 -48.63 -19.53 99.75
CA GLN SA 69 -49.58 -20.37 100.47
C GLN SA 69 -48.89 -21.56 101.14
N MET SA 70 -47.96 -22.22 100.42
CA MET SA 70 -47.37 -23.46 100.91
C MET SA 70 -46.51 -23.25 102.14
N VAL SA 71 -45.79 -22.13 102.19
CA VAL SA 71 -44.87 -21.89 103.30
C VAL SA 71 -45.65 -21.65 104.59
N ILE SA 72 -46.75 -20.89 104.50
CA ILE SA 72 -47.67 -20.75 105.62
C ILE SA 72 -48.30 -22.09 105.99
N ASP SA 73 -48.61 -22.92 104.97
CA ASP SA 73 -49.16 -24.25 105.20
C ASP SA 73 -48.20 -25.13 106.00
N GLU SA 74 -46.90 -24.91 105.87
CA GLU SA 74 -45.99 -25.65 106.74
C GLU SA 74 -45.84 -24.99 108.10
N GLU SA 75 -45.78 -23.65 108.14
CA GLU SA 75 -45.49 -22.96 109.40
C GLU SA 75 -46.63 -23.10 110.41
N LEU SA 76 -47.84 -23.33 109.95
CA LEU SA 76 -48.94 -23.40 110.90
C LEU SA 76 -48.97 -24.71 111.68
N LEU SA 77 -48.23 -25.72 111.27
CA LEU SA 77 -48.16 -26.95 112.06
C LEU SA 77 -47.32 -26.79 113.31
N GLY SA 78 -46.20 -26.10 113.23
CA GLY SA 78 -45.32 -25.94 114.38
C GLY SA 78 -44.57 -27.19 114.77
N ASP SA 79 -44.18 -28.01 113.80
CA ASP SA 79 -43.56 -29.29 114.12
C ASP SA 79 -42.06 -29.15 114.37
N GLY SA 80 -41.52 -27.95 114.21
CA GLY SA 80 -40.09 -27.77 114.25
C GLY SA 80 -39.40 -28.05 112.94
N HIS SA 81 -40.14 -28.07 111.84
CA HIS SA 81 -39.58 -28.38 110.54
C HIS SA 81 -39.84 -27.24 109.57
N SER SA 82 -38.97 -27.12 108.59
CA SER SA 82 -39.08 -26.12 107.56
C SER SA 82 -38.71 -26.76 106.23
N TYR SA 83 -39.18 -26.14 105.14
CA TYR SA 83 -38.81 -26.59 103.81
C TYR SA 83 -37.37 -26.20 103.54
N SER SA 84 -36.49 -27.19 103.48
CA SER SA 84 -35.14 -26.96 103.00
C SER SA 84 -35.19 -26.55 101.54
N PRO SA 85 -34.22 -25.75 101.06
CA PRO SA 85 -34.31 -25.22 99.70
C PRO SA 85 -34.26 -26.27 98.60
N ARG SA 86 -33.73 -27.46 98.86
CA ARG SA 86 -33.79 -28.52 97.87
C ARG SA 86 -35.21 -29.06 97.74
N ALA SA 87 -36.02 -28.94 98.79
CA ALA SA 87 -37.40 -29.37 98.70
C ALA SA 87 -38.22 -28.40 97.85
N ILE SA 88 -38.00 -27.09 98.03
CA ILE SA 88 -38.65 -26.10 97.19
C ILE SA 88 -38.21 -26.23 95.75
N HIS SA 89 -36.92 -26.50 95.54
CA HIS SA 89 -36.37 -26.71 94.21
C HIS SA 89 -37.00 -27.94 93.55
N SER SA 90 -37.21 -29.00 94.35
CA SER SA 90 -37.82 -30.23 93.85
C SER SA 90 -39.28 -30.01 93.48
N TRP SA 91 -40.04 -29.33 94.35
CA TRP SA 91 -41.45 -29.10 94.09
C TRP SA 91 -41.64 -28.19 92.90
N LEU SA 92 -40.79 -27.17 92.79
CA LEU SA 92 -40.93 -26.20 91.72
C LEU SA 92 -40.60 -26.81 90.37
N THR SA 93 -39.53 -27.62 90.32
CA THR SA 93 -39.18 -28.35 89.10
C THR SA 93 -40.28 -29.33 88.71
N ARG SA 94 -40.88 -29.97 89.73
CA ARG SA 94 -41.96 -30.91 89.46
C ARG SA 94 -43.19 -30.22 88.92
N ALA SA 95 -43.48 -29.00 89.40
CA ALA SA 95 -44.61 -28.26 88.87
C ALA SA 95 -44.32 -27.77 87.46
N MET SA 96 -43.06 -27.49 87.14
CA MET SA 96 -42.75 -27.07 85.78
C MET SA 96 -42.87 -28.21 84.78
N TYR SA 97 -42.31 -29.39 85.12
CA TYR SA 97 -42.42 -30.52 84.22
C TYR SA 97 -43.85 -31.00 84.08
N SER SA 98 -44.57 -31.07 85.20
CA SER SA 98 -45.97 -31.47 85.13
C SER SA 98 -46.84 -30.40 84.51
N ARG SA 99 -46.34 -29.18 84.38
CA ARG SA 99 -47.03 -28.18 83.59
C ARG SA 99 -46.76 -28.35 82.09
N ARG SA 100 -45.52 -28.61 81.68
CA ARG SA 100 -45.28 -28.80 80.24
C ARG SA 100 -45.70 -30.18 79.76
N SER SA 101 -46.14 -31.06 80.66
CA SER SA 101 -46.77 -32.30 80.19
C SER SA 101 -48.07 -32.03 79.46
N LYS SA 102 -48.77 -30.96 79.79
CA LYS SA 102 -50.05 -30.64 79.19
C LYS SA 102 -49.96 -29.53 78.15
N MET SA 103 -48.75 -29.21 77.68
CA MET SA 103 -48.49 -28.27 76.58
C MET SA 103 -48.97 -26.86 76.86
N ASN SA 104 -49.08 -26.48 78.13
CA ASN SA 104 -49.50 -25.14 78.52
C ASN SA 104 -48.51 -24.60 79.54
N PRO SA 105 -47.27 -24.34 79.13
CA PRO SA 105 -46.19 -24.20 80.10
C PRO SA 105 -46.18 -22.86 80.80
N LEU SA 106 -45.29 -22.75 81.79
CA LEU SA 106 -45.03 -21.46 82.43
C LEU SA 106 -43.75 -20.85 81.88
N TRP SA 107 -43.91 -19.74 81.16
CA TRP SA 107 -42.79 -19.09 80.50
C TRP SA 107 -41.94 -18.38 81.55
N ASN SA 108 -41.07 -19.12 82.22
CA ASN SA 108 -40.17 -18.50 83.17
C ASN SA 108 -38.83 -19.21 83.16
N THR SA 109 -37.88 -18.60 83.84
CA THR SA 109 -36.60 -19.20 84.17
C THR SA 109 -36.21 -18.65 85.53
N MET SA 110 -36.09 -19.52 86.53
CA MET SA 110 -36.03 -19.09 87.92
C MET SA 110 -34.72 -19.50 88.58
N VAL SA 111 -34.44 -18.88 89.71
CA VAL SA 111 -33.22 -19.11 90.49
C VAL SA 111 -33.64 -19.18 91.96
N ILE SA 112 -33.32 -20.30 92.62
CA ILE SA 112 -33.60 -20.48 94.03
C ILE SA 112 -32.28 -20.41 94.79
N GLY SA 113 -32.22 -19.54 95.79
CA GLY SA 113 -31.06 -19.47 96.65
C GLY SA 113 -31.46 -19.59 98.10
N GLY SA 114 -30.73 -20.42 98.82
CA GLY SA 114 -31.07 -20.69 100.21
C GLY SA 114 -29.89 -21.26 100.97
N TYR SA 115 -30.05 -21.34 102.29
CA TYR SA 115 -28.95 -21.69 103.19
C TYR SA 115 -29.51 -22.35 104.43
N ALA SA 116 -29.12 -23.60 104.66
CA ALA SA 116 -29.54 -24.34 105.85
C ALA SA 116 -28.53 -25.45 106.11
N ASP SA 117 -28.39 -25.80 107.40
CA ASP SA 117 -27.39 -26.75 107.92
C ASP SA 117 -25.98 -26.38 107.51
N GLY SA 118 -25.67 -25.09 107.50
CA GLY SA 118 -24.33 -24.63 107.16
C GLY SA 118 -23.92 -24.85 105.73
N GLU SA 119 -24.88 -25.02 104.81
CA GLU SA 119 -24.57 -25.29 103.41
C GLU SA 119 -25.35 -24.37 102.51
N SER SA 120 -24.65 -23.74 101.58
CA SER SA 120 -25.27 -22.82 100.63
C SER SA 120 -25.85 -23.58 99.46
N PHE SA 121 -27.04 -23.17 99.03
CA PHE SA 121 -27.73 -23.78 97.91
C PHE SA 121 -28.06 -22.74 96.87
N LEU SA 122 -27.90 -23.11 95.61
CA LEU SA 122 -28.21 -22.24 94.49
C LEU SA 122 -28.73 -23.11 93.35
N GLY SA 123 -30.06 -23.21 93.23
CA GLY SA 123 -30.68 -24.12 92.30
C GLY SA 123 -31.34 -23.40 91.13
N TYR SA 124 -31.45 -24.14 90.03
CA TYR SA 124 -31.89 -23.61 88.75
C TYR SA 124 -33.12 -24.37 88.28
N VAL SA 125 -34.13 -23.63 87.82
CA VAL SA 125 -35.36 -24.22 87.32
C VAL SA 125 -35.71 -23.56 86.00
N ASP SA 126 -35.80 -24.37 84.95
CA ASP SA 126 -36.02 -23.88 83.60
C ASP SA 126 -37.49 -24.04 83.25
N MET SA 127 -37.85 -23.60 82.05
CA MET SA 127 -39.24 -23.74 81.58
C MET SA 127 -39.58 -25.20 81.30
N LEU SA 128 -38.58 -26.00 80.95
CA LEU SA 128 -38.81 -27.39 80.58
C LEU SA 128 -38.40 -28.38 81.65
N GLY SA 129 -38.21 -27.94 82.89
CA GLY SA 129 -37.83 -28.83 83.96
C GLY SA 129 -36.37 -29.23 83.97
N VAL SA 130 -35.45 -28.35 83.59
CA VAL SA 130 -34.03 -28.65 83.61
C VAL SA 130 -33.45 -28.13 84.91
N ALA SA 131 -33.07 -29.04 85.80
CA ALA SA 131 -32.75 -28.68 87.18
C ALA SA 131 -31.36 -29.17 87.54
N TYR SA 132 -30.54 -28.29 88.10
CA TYR SA 132 -29.24 -28.67 88.61
C TYR SA 132 -28.79 -27.69 89.68
N GLU SA 133 -27.59 -27.91 90.18
CA GLU SA 133 -26.97 -27.08 91.20
C GLU SA 133 -25.64 -26.60 90.66
N ALA SA 134 -25.34 -25.32 90.85
CA ALA SA 134 -24.15 -24.72 90.29
C ALA SA 134 -23.58 -23.72 91.27
N PRO SA 135 -22.27 -23.45 91.22
CA PRO SA 135 -21.73 -22.37 92.03
C PRO SA 135 -22.10 -21.00 91.51
N SER SA 136 -22.50 -20.90 90.25
CA SER SA 136 -22.85 -19.63 89.65
C SER SA 136 -23.95 -19.83 88.62
N LEU SA 137 -25.10 -19.19 88.85
CA LEU SA 137 -26.21 -19.26 87.92
C LEU SA 137 -26.40 -17.92 87.23
N ALA SA 138 -26.96 -17.97 86.03
CA ALA SA 138 -27.23 -16.80 85.22
C ALA SA 138 -28.27 -17.19 84.19
N THR SA 139 -29.35 -16.41 84.10
CA THR SA 139 -30.47 -16.76 83.24
C THR SA 139 -30.56 -15.82 82.06
N GLY SA 140 -30.91 -16.39 80.91
CA GLY SA 140 -31.07 -15.59 79.71
C GLY SA 140 -29.73 -15.11 79.18
N TYR SA 141 -29.68 -13.82 78.83
CA TYR SA 141 -28.45 -13.22 78.33
C TYR SA 141 -27.39 -13.08 79.40
N GLY SA 142 -27.76 -13.21 80.67
CA GLY SA 142 -26.76 -13.31 81.71
C GLY SA 142 -25.90 -14.54 81.57
N ALA SA 143 -26.46 -15.63 81.04
CA ALA SA 143 -25.66 -16.83 80.80
C ALA SA 143 -24.70 -16.63 79.64
N TYR SA 144 -24.91 -15.61 78.82
CA TYR SA 144 -24.00 -15.30 77.74
C TYR SA 144 -23.08 -14.12 78.04
N LEU SA 145 -23.39 -13.30 79.04
CA LEU SA 145 -22.57 -12.13 79.33
C LEU SA 145 -21.98 -12.17 80.74
N ALA SA 146 -22.79 -12.33 81.78
CA ALA SA 146 -22.20 -12.23 83.11
C ALA SA 146 -21.60 -13.56 83.54
N GLN SA 147 -22.02 -14.63 82.91
CA GLN SA 147 -21.50 -15.96 83.21
C GLN SA 147 -20.00 -16.16 82.95
N PRO SA 148 -19.37 -15.59 81.90
CA PRO SA 148 -17.90 -15.74 81.82
C PRO SA 148 -17.12 -15.03 82.92
N LEU SA 149 -17.68 -14.00 83.56
CA LEU SA 149 -16.98 -13.41 84.69
C LEU SA 149 -17.07 -14.31 85.91
N LEU SA 150 -18.23 -14.92 86.12
CA LEU SA 150 -18.45 -15.84 87.22
C LEU SA 150 -17.56 -17.07 87.07
N ARG SA 151 -17.60 -17.70 85.90
CA ARG SA 151 -16.77 -18.86 85.63
C ARG SA 151 -15.30 -18.46 85.48
N GLU SA 152 -15.04 -17.19 85.24
CA GLU SA 152 -13.67 -16.70 85.15
C GLU SA 152 -13.02 -16.61 86.52
N VAL SA 153 -13.72 -15.99 87.48
CA VAL SA 153 -13.12 -15.79 88.79
C VAL SA 153 -13.22 -17.04 89.64
N LEU SA 154 -14.31 -17.81 89.48
CA LEU SA 154 -14.56 -18.93 90.39
C LEU SA 154 -13.66 -20.13 90.09
N GLU SA 155 -12.86 -20.07 89.02
CA GLU SA 155 -11.89 -21.15 88.82
C GLU SA 155 -10.57 -20.85 89.53
N LYS SA 156 -10.15 -19.58 89.56
CA LYS SA 156 -8.93 -19.23 90.27
C LYS SA 156 -9.18 -19.23 91.78
N GLN SA 157 -10.20 -18.50 92.22
CA GLN SA 157 -10.54 -18.38 93.64
C GLN SA 157 -11.88 -19.07 93.86
N PRO SA 158 -11.88 -20.33 94.32
CA PRO SA 158 -13.15 -21.08 94.40
C PRO SA 158 -14.12 -20.56 95.44
N VAL SA 159 -13.68 -20.38 96.68
CA VAL SA 159 -14.54 -19.77 97.69
C VAL SA 159 -14.49 -18.26 97.52
N LEU SA 160 -15.42 -17.57 98.18
CA LEU SA 160 -15.46 -16.12 98.13
C LEU SA 160 -15.83 -15.56 99.50
N SER SA 161 -15.59 -14.26 99.67
CA SER SA 161 -16.16 -13.56 100.80
C SER SA 161 -17.41 -12.81 100.35
N GLN SA 162 -17.98 -12.03 101.27
CA GLN SA 162 -19.21 -11.32 100.96
C GLN SA 162 -18.94 -10.11 100.09
N THR SA 163 -17.85 -9.38 100.36
CA THR SA 163 -17.53 -8.19 99.58
C THR SA 163 -17.06 -8.56 98.19
N GLU SA 164 -16.34 -9.67 98.08
CA GLU SA 164 -15.90 -10.20 96.78
C GLU SA 164 -17.11 -10.55 95.91
N ALA SA 165 -18.08 -11.24 96.50
CA ALA SA 165 -19.26 -11.66 95.77
C ALA SA 165 -20.12 -10.48 95.35
N ARG SA 166 -20.43 -9.59 96.30
CA ARG SA 166 -21.27 -8.44 96.00
C ARG SA 166 -20.60 -7.50 95.02
N ASP SA 167 -19.27 -7.38 95.12
CA ASP SA 167 -18.52 -6.56 94.18
C ASP SA 167 -18.57 -7.14 92.77
N LEU SA 168 -18.44 -8.46 92.65
CA LEU SA 168 -18.47 -9.09 91.33
C LEU SA 168 -19.87 -9.00 90.75
N VAL SA 169 -20.89 -9.04 91.60
CA VAL SA 169 -22.27 -8.80 91.17
C VAL SA 169 -22.42 -7.39 90.62
N GLU SA 170 -21.79 -6.40 91.28
CA GLU SA 170 -21.85 -5.02 90.80
C GLU SA 170 -21.19 -4.87 89.43
N ARG SA 171 -20.07 -5.55 89.22
CA ARG SA 171 -19.39 -5.47 87.92
C ARG SA 171 -20.20 -6.16 86.83
N CYS SA 172 -20.82 -7.30 87.16
CA CYS SA 172 -21.63 -8.00 86.16
C CYS SA 172 -22.87 -7.20 85.79
N MET SA 173 -23.50 -6.54 86.76
CA MET SA 173 -24.66 -5.72 86.44
C MET SA 173 -24.26 -4.47 85.68
N ARG SA 174 -23.01 -4.02 85.84
CA ARG SA 174 -22.49 -2.98 84.97
C ARG SA 174 -22.41 -3.45 83.52
N VAL SA 175 -21.88 -4.66 83.30
CA VAL SA 175 -21.74 -5.17 81.94
C VAL SA 175 -23.10 -5.42 81.30
N LEU SA 176 -24.04 -5.97 82.07
CA LEU SA 176 -25.38 -6.17 81.54
C LEU SA 176 -26.13 -4.86 81.35
N TYR SA 177 -25.71 -3.79 82.03
CA TYR SA 177 -26.28 -2.50 81.65
C TYR SA 177 -25.69 -2.01 80.34
N TYR SA 178 -24.42 -2.31 80.08
CA TYR SA 178 -23.82 -1.88 78.83
C TYR SA 178 -24.39 -2.63 77.64
N ARG SA 179 -24.18 -3.94 77.57
CA ARG SA 179 -24.34 -4.64 76.30
C ARG SA 179 -25.70 -5.26 76.09
N ASP SA 180 -26.46 -5.52 77.14
CA ASP SA 180 -27.79 -6.08 76.96
C ASP SA 180 -28.73 -4.99 76.50
N ALA SA 181 -29.73 -5.38 75.72
CA ALA SA 181 -30.66 -4.40 75.18
C ALA SA 181 -31.64 -3.93 76.23
N ARG SA 182 -32.28 -4.88 76.92
CA ARG SA 182 -33.52 -4.55 77.61
C ARG SA 182 -33.30 -4.39 79.11
N SER SA 183 -32.07 -4.11 79.53
CA SER SA 183 -31.79 -3.90 80.95
C SER SA 183 -32.08 -2.46 81.36
N TYR SA 184 -31.76 -2.12 82.60
CA TYR SA 184 -32.06 -0.81 83.16
C TYR SA 184 -31.16 -0.57 84.36
N ASN SA 185 -30.65 0.66 84.48
CA ASN SA 185 -29.62 0.99 85.48
C ASN SA 185 -30.27 1.20 86.84
N ARG SA 186 -30.87 0.13 87.36
CA ARG SA 186 -31.52 0.10 88.67
C ARG SA 186 -31.79 -1.35 89.01
N PHE SA 187 -31.34 -1.79 90.18
CA PHE SA 187 -31.43 -3.21 90.49
C PHE SA 187 -31.38 -3.37 91.99
N GLN SA 188 -31.86 -4.51 92.45
CA GLN SA 188 -31.89 -4.81 93.88
C GLN SA 188 -31.13 -6.10 94.15
N ILE SA 189 -30.37 -6.08 95.22
CA ILE SA 189 -29.57 -7.21 95.65
C ILE SA 189 -30.21 -7.79 96.89
N ALA SA 190 -30.33 -9.10 96.94
CA ALA SA 190 -30.88 -9.75 98.12
C ALA SA 190 -29.99 -10.93 98.49
N THR SA 191 -29.83 -11.16 99.79
CA THR SA 191 -28.84 -12.09 100.28
C THR SA 191 -29.43 -12.87 101.45
N VAL SA 192 -29.22 -14.18 101.44
CA VAL SA 192 -29.56 -15.02 102.59
C VAL SA 192 -28.36 -15.07 103.51
N THR SA 193 -28.62 -15.05 104.80
CA THR SA 193 -27.59 -15.24 105.83
C THR SA 193 -28.13 -16.30 106.78
N GLU SA 194 -27.42 -16.53 107.88
CA GLU SA 194 -28.06 -17.24 108.98
C GLU SA 194 -28.91 -16.28 109.80
N LYS SA 195 -28.74 -14.98 109.57
CA LYS SA 195 -29.56 -13.98 110.27
C LYS SA 195 -30.86 -13.72 109.52
N GLY SA 196 -31.13 -14.49 108.48
CA GLY SA 196 -32.38 -14.39 107.77
C GLY SA 196 -32.16 -13.81 106.38
N VAL SA 197 -33.23 -13.79 105.62
CA VAL SA 197 -33.20 -13.25 104.27
C VAL SA 197 -33.20 -11.74 104.36
N GLU SA 198 -32.22 -11.10 103.72
CA GLU SA 198 -32.16 -9.65 103.73
C GLU SA 198 -32.10 -9.12 102.31
N ILE SA 199 -32.98 -8.17 102.01
CA ILE SA 199 -33.10 -7.57 100.69
C ILE SA 199 -32.59 -6.14 100.75
N GLU SA 200 -31.69 -5.76 99.85
CA GLU SA 200 -31.17 -4.40 99.84
C GLU SA 200 -32.07 -3.54 98.97
N GLY SA 201 -31.70 -2.28 98.83
CA GLY SA 201 -32.55 -1.32 98.17
C GLY SA 201 -32.25 -1.18 96.69
N PRO SA 202 -33.03 -0.31 96.03
CA PRO SA 202 -32.87 -0.07 94.58
C PRO SA 202 -31.60 0.71 94.23
N LEU SA 203 -30.51 -0.01 94.05
CA LEU SA 203 -29.22 0.58 93.77
C LEU SA 203 -29.13 1.04 92.32
N SER SA 204 -27.93 1.46 91.92
CA SER SA 204 -27.65 1.91 90.57
C SER SA 204 -26.16 1.82 90.27
N THR SA 205 -25.82 1.41 89.05
CA THR SA 205 -24.42 1.32 88.64
C THR SA 205 -23.94 2.65 88.09
N GLU SA 206 -22.68 2.65 87.65
CA GLU SA 206 -22.01 3.81 87.08
C GLU SA 206 -21.32 3.39 85.79
N THR SA 207 -21.37 4.27 84.79
CA THR SA 207 -20.90 3.95 83.46
C THR SA 207 -19.62 4.73 83.17
N ASN SA 208 -18.95 4.32 82.10
CA ASN SA 208 -17.66 4.87 81.72
C ASN SA 208 -17.68 5.09 80.22
N TRP SA 209 -18.07 6.29 79.79
CA TRP SA 209 -18.29 6.57 78.38
C TRP SA 209 -17.07 7.18 77.71
N ASP SA 210 -15.85 6.78 78.11
CA ASP SA 210 -14.66 7.39 77.55
C ASP SA 210 -14.43 7.01 76.09
N ILE SA 211 -14.99 5.88 75.65
CA ILE SA 211 -14.82 5.48 74.26
C ILE SA 211 -15.75 6.23 73.32
N ALA SA 212 -16.66 7.05 73.85
CA ALA SA 212 -17.59 7.76 72.99
C ALA SA 212 -16.90 8.87 72.22
N HIS SA 213 -15.88 9.50 72.80
CA HIS SA 213 -15.17 10.55 72.11
C HIS SA 213 -14.28 10.02 71.00
N MET SA 214 -13.94 8.74 71.03
CA MET SA 214 -13.11 8.16 69.98
C MET SA 214 -13.92 8.00 68.70
N ILE SA 215 -13.60 8.84 67.71
CA ILE SA 215 -14.21 8.75 66.40
C ILE SA 215 -13.80 7.46 65.74
N ARG TA 6 42.05 -43.73 -35.29
CA ARG TA 6 43.37 -43.64 -34.67
C ARG TA 6 44.33 -42.79 -35.50
N ASP TA 7 45.58 -42.72 -35.06
CA ASP TA 7 46.60 -42.03 -35.82
C ASP TA 7 46.98 -42.86 -37.04
N LYS TA 8 47.53 -42.18 -38.05
CA LYS TA 8 47.99 -42.86 -39.24
C LYS TA 8 49.41 -43.40 -39.12
N ALA TA 9 50.01 -43.30 -37.94
CA ALA TA 9 51.34 -43.86 -37.74
C ALA TA 9 51.42 -45.39 -37.87
N PRO TA 10 50.48 -46.24 -37.33
CA PRO TA 10 50.64 -47.68 -37.58
C PRO TA 10 50.22 -48.11 -38.98
N VAL TA 11 49.21 -47.44 -39.54
CA VAL TA 11 48.58 -47.95 -40.75
C VAL TA 11 49.14 -47.29 -42.01
N GLN TA 12 49.86 -46.18 -41.85
CA GLN TA 12 50.29 -45.40 -43.02
C GLN TA 12 51.50 -45.98 -43.75
N PRO TA 13 52.57 -46.47 -43.11
CA PRO TA 13 53.67 -47.07 -43.92
C PRO TA 13 53.38 -48.45 -44.47
N GLN TA 14 52.14 -48.94 -44.43
CA GLN TA 14 51.83 -50.23 -45.02
C GLN TA 14 51.82 -50.19 -46.54
N GLN TA 15 51.66 -48.99 -47.13
CA GLN TA 15 51.74 -48.84 -48.57
C GLN TA 15 53.17 -48.89 -49.07
N SER TA 16 54.15 -48.72 -48.18
CA SER TA 16 55.55 -48.73 -48.59
C SER TA 16 56.07 -50.10 -49.04
N PRO TA 17 55.79 -51.26 -48.36
CA PRO TA 17 56.28 -52.54 -48.93
C PRO TA 17 55.54 -52.96 -50.18
N ALA TA 18 56.20 -53.77 -51.00
CA ALA TA 18 55.59 -54.36 -52.18
C ALA TA 18 55.33 -55.85 -52.03
N ALA TA 19 55.49 -56.42 -50.84
CA ALA TA 19 55.18 -57.83 -50.62
C ALA TA 19 53.69 -58.08 -50.76
N ALA TA 20 53.36 -59.18 -51.43
CA ALA TA 20 51.97 -59.58 -51.64
C ALA TA 20 51.13 -59.81 -50.37
N PRO TA 21 51.61 -60.47 -49.29
CA PRO TA 21 50.71 -60.68 -48.14
C PRO TA 21 50.30 -59.40 -47.41
N GLY TA 22 51.18 -58.40 -47.35
CA GLY TA 22 50.82 -57.13 -46.74
C GLY TA 22 49.72 -56.40 -47.51
N GLY TA 23 49.72 -56.56 -48.83
CA GLY TA 23 48.61 -56.03 -49.61
C GLY TA 23 47.35 -56.84 -49.44
N THR TA 24 47.48 -58.18 -49.44
CA THR TA 24 46.29 -59.02 -49.44
C THR TA 24 45.67 -59.15 -48.05
N ASP TA 25 46.31 -58.60 -47.01
CA ASP TA 25 45.58 -58.44 -45.76
C ASP TA 25 45.30 -56.98 -45.45
N GLU TA 26 46.12 -56.07 -45.99
CA GLU TA 26 45.89 -54.65 -45.76
C GLU TA 26 44.65 -54.17 -46.49
N LYS TA 27 44.40 -54.70 -47.69
CA LYS TA 27 43.21 -54.30 -48.44
C LYS TA 27 41.90 -54.82 -47.83
N PRO TA 28 41.82 -56.03 -47.25
CA PRO TA 28 40.65 -56.31 -46.39
C PRO TA 28 40.63 -55.49 -45.11
N SER TA 29 41.79 -55.11 -44.58
CA SER TA 29 41.82 -54.20 -43.44
C SER TA 29 41.36 -52.81 -43.85
N GLY TA 30 41.71 -52.37 -45.06
CA GLY TA 30 41.20 -51.12 -45.56
C GLY TA 30 39.75 -51.20 -46.00
N LYS TA 31 39.24 -52.41 -46.23
CA LYS TA 31 37.84 -52.58 -46.56
C LYS TA 31 36.95 -52.35 -45.34
N GLU TA 32 37.44 -52.73 -44.16
CA GLU TA 32 36.68 -52.48 -42.93
C GLU TA 32 36.63 -51.00 -42.61
N ARG TA 33 37.73 -50.28 -42.86
CA ARG TA 33 37.73 -48.83 -42.68
C ARG TA 33 37.20 -48.10 -43.91
N ARG TA 34 36.79 -48.84 -44.94
CA ARG TA 34 36.26 -48.22 -46.14
C ARG TA 34 34.78 -47.84 -45.98
N ASP TA 35 34.19 -48.16 -44.83
CA ASP TA 35 32.86 -47.67 -44.48
C ASP TA 35 32.84 -46.15 -44.33
N ALA TA 36 33.96 -45.55 -43.93
CA ALA TA 36 34.11 -44.10 -43.97
C ALA TA 36 35.26 -43.72 -44.89
N GLY TA 37 35.67 -44.66 -45.73
CA GLY TA 37 36.80 -44.48 -46.63
C GLY TA 37 38.11 -44.61 -45.90
N ASP TA 38 38.42 -43.61 -45.09
CA ASP TA 38 39.53 -43.66 -44.13
C ASP TA 38 39.12 -42.78 -42.97
N LYS TA 39 40.09 -42.38 -42.16
CA LYS TA 39 39.89 -41.35 -41.15
C LYS TA 39 39.45 -40.02 -41.74
N ASP TA 40 39.78 -39.73 -43.00
CA ASP TA 40 39.76 -38.38 -43.56
C ASP TA 40 39.66 -38.46 -45.08
N LYS TA 41 40.06 -37.37 -45.73
CA LYS TA 41 39.88 -37.13 -47.16
C LYS TA 41 40.92 -37.84 -48.03
N GLU TA 42 41.56 -38.91 -47.53
CA GLU TA 42 42.46 -39.79 -48.28
C GLU TA 42 43.70 -39.05 -48.78
N GLN TA 43 44.54 -38.65 -47.83
CA GLN TA 43 45.84 -38.09 -48.19
C GLN TA 43 46.92 -39.18 -48.24
N GLU TA 44 46.52 -40.42 -48.54
CA GLU TA 44 47.47 -41.44 -48.96
C GLU TA 44 47.81 -41.32 -50.43
N LEU TA 45 47.05 -40.50 -51.17
CA LEU TA 45 47.06 -40.45 -52.63
C LEU TA 45 48.42 -40.19 -53.24
N SER TA 46 49.12 -39.17 -52.71
CA SER TA 46 50.38 -38.74 -53.31
C SER TA 46 51.49 -39.76 -53.07
N GLU TA 47 51.29 -40.68 -52.12
CA GLU TA 47 52.29 -41.70 -51.86
C GLU TA 47 51.91 -43.03 -52.53
N GLU TA 48 50.61 -43.27 -52.72
CA GLU TA 48 50.18 -44.55 -53.26
C GLU TA 48 49.86 -44.49 -54.76
N ASP TA 49 49.96 -43.31 -55.38
CA ASP TA 49 49.84 -43.24 -56.83
C ASP TA 49 51.08 -43.80 -57.52
N LYS TA 50 52.19 -43.89 -56.79
CA LYS TA 50 53.39 -44.56 -57.29
C LYS TA 50 53.16 -46.06 -57.47
N GLN TA 51 52.23 -46.64 -56.70
CA GLN TA 51 51.92 -48.06 -56.72
C GLN TA 51 51.11 -48.49 -57.96
N LEU TA 52 50.96 -47.60 -58.95
CA LEU TA 52 50.18 -47.89 -60.16
C LEU TA 52 50.81 -49.00 -60.98
N GLN TA 53 52.13 -48.99 -61.12
CA GLN TA 53 52.79 -49.90 -62.05
C GLN TA 53 52.89 -51.32 -61.50
N ASP TA 54 52.65 -51.50 -60.20
CA ASP TA 54 52.68 -52.83 -59.60
C ASP TA 54 51.48 -53.65 -60.06
N GLU TA 55 51.73 -54.95 -60.25
CA GLU TA 55 50.71 -55.86 -60.76
C GLU TA 55 50.31 -56.88 -59.70
N LEU TA 70 48.26 -61.48 -57.59
CA LEU TA 70 47.20 -62.40 -57.18
C LEU TA 70 45.90 -61.67 -56.92
N TYR TA 71 45.83 -60.97 -55.78
CA TYR TA 71 44.67 -60.14 -55.46
C TYR TA 71 44.91 -58.71 -55.93
N ARG TA 72 45.39 -58.61 -57.16
CA ARG TA 72 45.42 -57.35 -57.88
C ARG TA 72 44.06 -56.78 -58.29
N PRO TA 73 42.96 -57.54 -58.47
CA PRO TA 73 41.66 -56.83 -58.56
C PRO TA 73 41.22 -56.18 -57.26
N ALA TA 74 41.69 -56.68 -56.11
CA ALA TA 74 41.50 -55.95 -54.86
C ALA TA 74 42.32 -54.68 -54.86
N LEU TA 75 43.48 -54.71 -55.51
CA LEU TA 75 44.26 -53.49 -55.72
C LEU TA 75 43.55 -52.55 -56.69
N GLU TA 76 42.76 -53.12 -57.62
CA GLU TA 76 41.91 -52.30 -58.45
C GLU TA 76 40.78 -51.68 -57.64
N GLU TA 77 40.32 -52.39 -56.59
CA GLU TA 77 39.29 -51.83 -55.72
C GLU TA 77 39.83 -50.69 -54.88
N LEU TA 78 41.06 -50.85 -54.38
CA LEU TA 78 41.72 -49.75 -53.69
C LEU TA 78 41.97 -48.58 -54.64
N ARG TA 79 42.33 -48.88 -55.88
CA ARG TA 79 42.73 -47.82 -56.81
C ARG TA 79 41.53 -47.03 -57.30
N ARG TA 80 40.44 -47.72 -57.66
CA ARG TA 80 39.20 -47.03 -57.97
C ARG TA 80 38.60 -46.38 -56.74
N GLN TA 81 38.94 -46.90 -55.54
CA GLN TA 81 38.43 -46.31 -54.32
C GLN TA 81 39.07 -44.97 -54.05
N ILE TA 82 40.38 -44.86 -54.29
CA ILE TA 82 41.05 -43.62 -53.95
C ILE TA 82 40.98 -42.62 -55.10
N ARG TA 83 41.05 -43.09 -56.34
CA ARG TA 83 40.88 -42.20 -57.48
C ARG TA 83 39.44 -41.73 -57.59
N SER TA 84 38.49 -42.64 -57.29
CA SER TA 84 37.09 -42.23 -57.16
C SER TA 84 36.89 -41.35 -55.95
N SER TA 85 37.75 -41.52 -54.93
CA SER TA 85 37.64 -40.72 -53.73
C SER TA 85 38.05 -39.27 -53.95
N THR TA 86 39.09 -38.99 -54.74
CA THR TA 86 39.43 -37.58 -54.96
C THR TA 86 38.80 -37.00 -56.23
N THR TA 87 39.30 -37.35 -57.41
CA THR TA 87 38.74 -36.82 -58.66
C THR TA 87 39.41 -37.27 -59.97
N SER TA 88 38.57 -37.72 -60.91
CA SER TA 88 38.98 -38.19 -62.24
C SER TA 88 37.72 -38.37 -63.10
N MET TA 89 37.85 -38.30 -64.44
CA MET TA 89 36.63 -38.49 -65.23
C MET TA 89 36.64 -39.75 -66.07
N THR TA 90 37.80 -40.29 -66.41
CA THR TA 90 37.91 -41.47 -67.25
C THR TA 90 38.73 -42.58 -66.61
N SER TA 91 39.78 -42.23 -65.87
CA SER TA 91 40.63 -43.24 -65.25
C SER TA 91 39.98 -43.83 -64.01
N VAL TA 92 38.90 -43.20 -63.52
CA VAL TA 92 38.23 -43.71 -62.32
C VAL TA 92 37.46 -45.01 -62.58
N PRO TA 93 36.58 -45.12 -63.59
CA PRO TA 93 35.88 -46.41 -63.75
C PRO TA 93 36.70 -47.46 -64.46
N LYS TA 94 37.94 -47.16 -64.84
CA LYS TA 94 38.80 -48.16 -65.47
C LYS TA 94 39.18 -49.31 -64.54
N PRO TA 95 39.48 -49.12 -63.24
CA PRO TA 95 39.61 -50.31 -62.37
C PRO TA 95 38.31 -51.05 -62.12
N LEU TA 96 37.15 -50.45 -62.37
CA LEU TA 96 35.90 -51.20 -62.17
C LEU TA 96 35.55 -52.00 -63.41
N LYS TA 97 35.81 -51.44 -64.60
CA LYS TA 97 35.63 -52.23 -65.81
C LYS TA 97 36.74 -53.26 -65.96
N PHE TA 98 37.88 -53.04 -65.32
CA PHE TA 98 38.89 -54.08 -65.22
C PHE TA 98 38.60 -55.02 -64.06
N LEU TA 99 37.75 -54.61 -63.13
CA LEU TA 99 37.63 -55.33 -61.86
C LEU TA 99 36.62 -56.45 -61.95
N ARG TA 100 35.51 -56.23 -62.70
CA ARG TA 100 34.33 -57.10 -62.77
C ARG TA 100 33.79 -57.34 -61.36
N PRO TA 101 33.01 -56.39 -60.81
CA PRO TA 101 32.80 -56.28 -59.36
C PRO TA 101 32.33 -57.54 -58.66
N HIS TA 102 33.08 -57.91 -57.63
CA HIS TA 102 33.14 -59.27 -57.12
C HIS TA 102 33.31 -59.15 -55.61
N TYR TA 103 33.63 -60.27 -54.95
CA TYR TA 103 33.96 -60.38 -53.52
C TYR TA 103 32.82 -59.90 -52.61
N ASN TA 118 21.49 -53.72 -48.41
CA ASN TA 118 21.28 -52.41 -47.78
C ASN TA 118 22.31 -52.22 -46.67
N LYS TA 119 23.42 -51.56 -47.00
CA LYS TA 119 24.48 -51.29 -46.04
C LYS TA 119 24.99 -49.87 -46.24
N ARG TA 120 25.65 -49.34 -45.20
CA ARG TA 120 26.30 -48.03 -45.32
C ARG TA 120 27.47 -48.08 -46.29
N PHE TA 121 28.31 -49.12 -46.19
CA PHE TA 121 29.39 -49.33 -47.15
C PHE TA 121 28.84 -49.58 -48.55
N ALA TA 122 27.72 -50.30 -48.65
CA ALA TA 122 27.10 -50.55 -49.95
C ALA TA 122 26.48 -49.28 -50.51
N ALA TA 123 25.98 -48.40 -49.64
CA ALA TA 123 25.52 -47.10 -50.11
C ALA TA 123 26.69 -46.24 -50.56
N ASP TA 124 27.86 -46.44 -49.96
CA ASP TA 124 29.03 -45.67 -50.36
C ASP TA 124 29.57 -46.14 -51.71
N ILE TA 125 30.07 -47.37 -51.78
CA ILE TA 125 30.74 -47.81 -53.00
C ILE TA 125 29.72 -48.12 -54.09
N ILE TA 126 28.48 -48.41 -53.71
CA ILE TA 126 27.45 -48.62 -54.73
C ILE TA 126 26.76 -47.32 -55.08
N SER TA 127 26.13 -46.67 -54.09
CA SER TA 127 25.24 -45.54 -54.36
C SER TA 127 25.95 -44.32 -54.93
N VAL TA 128 26.80 -43.67 -54.15
CA VAL TA 128 27.40 -42.44 -54.65
C VAL TA 128 28.57 -42.73 -55.58
N LEU TA 129 29.35 -43.77 -55.29
CA LEU TA 129 30.52 -44.04 -56.10
C LEU TA 129 30.15 -44.76 -57.39
N ALA TA 130 29.22 -45.72 -57.32
CA ALA TA 130 28.83 -46.39 -58.55
C ALA TA 130 27.85 -45.53 -59.35
N MET TA 131 27.07 -44.69 -58.66
CA MET TA 131 26.15 -43.81 -59.38
C MET TA 131 26.90 -42.73 -60.14
N THR TA 132 27.81 -42.03 -59.46
CA THR TA 132 28.54 -40.95 -60.11
C THR TA 132 29.62 -41.49 -61.03
N MET TA 133 30.32 -42.54 -60.59
CA MET TA 133 31.39 -43.14 -61.36
C MET TA 133 30.86 -43.88 -62.59
N SER TA 134 29.81 -44.67 -62.39
CA SER TA 134 29.18 -45.32 -63.53
C SER TA 134 28.43 -44.30 -64.39
N GLY TA 135 28.01 -43.19 -63.80
CA GLY TA 135 27.38 -42.14 -64.57
C GLY TA 135 28.35 -41.45 -65.51
N GLU TA 136 29.56 -41.15 -65.03
CA GLU TA 136 30.56 -40.55 -65.91
C GLU TA 136 31.13 -41.57 -66.88
N ARG TA 137 31.08 -42.87 -66.54
CA ARG TA 137 31.48 -43.86 -67.53
C ARG TA 137 30.43 -43.98 -68.63
N GLU TA 138 29.15 -43.93 -68.28
CA GLU TA 138 28.09 -43.99 -69.28
C GLU TA 138 28.06 -42.73 -70.13
N CYS TA 139 28.38 -41.57 -69.54
CA CYS TA 139 28.42 -40.35 -70.32
C CYS TA 139 29.64 -40.31 -71.22
N LEU TA 140 30.80 -40.72 -70.69
CA LEU TA 140 32.05 -40.61 -71.44
C LEU TA 140 32.12 -41.66 -72.56
N LYS TA 141 31.60 -42.86 -72.32
CA LYS TA 141 31.56 -43.85 -73.40
C LYS TA 141 30.32 -43.68 -74.26
N TYR TA 142 29.28 -43.03 -73.74
CA TYR TA 142 28.11 -42.75 -74.56
C TYR TA 142 28.42 -41.66 -75.58
N ARG TA 143 29.28 -40.72 -75.21
CA ARG TA 143 29.70 -39.70 -76.16
C ARG TA 143 30.96 -40.12 -76.91
N LEU TA 144 31.73 -41.06 -76.34
CA LEU TA 144 33.02 -41.40 -76.92
C LEU TA 144 32.90 -42.44 -78.02
N VAL TA 145 32.45 -43.65 -77.69
CA VAL TA 145 32.47 -44.78 -78.60
C VAL TA 145 31.07 -44.97 -79.16
N GLY TA 146 30.99 -45.42 -80.41
CA GLY TA 146 29.72 -45.67 -81.07
C GLY TA 146 29.85 -45.75 -82.59
N ALA TA 163 30.65 -50.41 -75.23
CA ALA TA 163 30.82 -51.85 -75.35
C ALA TA 163 29.73 -52.60 -74.59
N GLY TA 164 29.88 -53.92 -74.47
CA GLY TA 164 28.96 -54.68 -73.66
C GLY TA 164 29.27 -54.58 -72.18
N GLU TA 165 30.49 -54.15 -71.85
CA GLU TA 165 30.90 -54.01 -70.45
C GLU TA 165 30.07 -52.95 -69.73
N VAL TA 166 29.85 -51.81 -70.40
CA VAL TA 166 29.03 -50.76 -69.80
C VAL TA 166 27.55 -51.16 -69.79
N ALA TA 167 27.16 -52.09 -70.67
CA ALA TA 167 25.80 -52.61 -70.60
C ALA TA 167 25.62 -53.52 -69.38
N LYS TA 168 26.64 -54.34 -69.08
CA LYS TA 168 26.57 -55.21 -67.91
C LYS TA 168 26.64 -54.40 -66.62
N GLU TA 169 27.54 -53.42 -66.57
CA GLU TA 169 27.61 -52.50 -65.43
C GLU TA 169 26.34 -51.69 -65.29
N TRP TA 170 25.72 -51.35 -66.42
CA TRP TA 170 24.52 -50.53 -66.39
C TRP TA 170 23.33 -51.31 -65.88
N GLN TA 171 23.24 -52.59 -66.26
CA GLN TA 171 22.19 -53.46 -65.73
C GLN TA 171 22.45 -53.80 -64.26
N GLU TA 172 23.73 -53.88 -63.88
CA GLU TA 172 24.06 -54.15 -62.48
C GLU TA 172 23.70 -52.96 -61.59
N LEU TA 173 24.00 -51.74 -62.06
CA LEU TA 173 23.63 -50.55 -61.31
C LEU TA 173 22.12 -50.36 -61.33
N ASP TA 174 21.46 -50.78 -62.41
CA ASP TA 174 20.00 -50.77 -62.47
C ASP TA 174 19.42 -51.70 -61.41
N ASP TA 175 20.01 -52.88 -61.25
CA ASP TA 175 19.55 -53.82 -60.24
C ASP TA 175 19.82 -53.28 -58.84
N ALA TA 176 20.98 -52.65 -58.65
CA ALA TA 176 21.34 -52.11 -57.34
C ALA TA 176 20.46 -50.94 -56.95
N GLU TA 177 19.99 -50.18 -57.93
CA GLU TA 177 19.08 -49.09 -57.59
C GLU TA 177 17.64 -49.56 -57.55
N LYS TA 178 17.37 -50.76 -58.09
CA LYS TA 178 16.13 -51.44 -57.75
C LYS TA 178 16.18 -51.96 -56.31
N VAL TA 179 17.38 -52.22 -55.79
CA VAL TA 179 17.53 -52.53 -54.38
C VAL TA 179 17.35 -51.27 -53.54
N GLN TA 180 17.96 -50.16 -53.97
CA GLN TA 180 17.88 -48.92 -53.20
C GLN TA 180 16.48 -48.32 -53.20
N ARG TA 181 15.73 -48.51 -54.30
CA ARG TA 181 14.30 -48.20 -54.45
C ARG TA 181 13.96 -46.72 -54.43
N GLU TA 182 14.95 -45.83 -54.40
CA GLU TA 182 14.62 -44.43 -54.67
C GLU TA 182 14.86 -44.17 -56.15
N PRO TA 183 13.80 -44.12 -56.94
CA PRO TA 183 13.96 -43.85 -58.38
C PRO TA 183 14.32 -42.39 -58.62
N LEU TA 184 13.57 -41.73 -59.50
CA LEU TA 184 13.74 -40.31 -59.82
C LEU TA 184 15.12 -39.85 -60.31
N LEU TA 185 16.19 -40.11 -59.56
CA LEU TA 185 17.50 -39.63 -59.98
C LEU TA 185 18.26 -40.72 -60.72
N THR TA 186 18.10 -41.97 -60.28
CA THR TA 186 18.70 -43.10 -60.98
C THR TA 186 18.07 -43.25 -62.36
N LEU TA 187 16.76 -43.01 -62.45
CA LEU TA 187 16.03 -43.04 -63.71
C LEU TA 187 16.55 -42.00 -64.69
N VAL TA 188 16.59 -40.73 -64.27
CA VAL TA 188 16.99 -39.65 -65.16
C VAL TA 188 18.47 -39.75 -65.49
N LYS TA 189 19.26 -40.41 -64.64
CA LYS TA 189 20.63 -40.73 -65.02
C LYS TA 189 20.67 -41.83 -66.06
N GLU TA 190 19.80 -42.84 -65.92
CA GLU TA 190 19.87 -43.98 -66.83
C GLU TA 190 19.02 -43.78 -68.08
N ILE TA 191 18.47 -42.57 -68.28
CA ILE TA 191 17.87 -42.25 -69.56
C ILE TA 191 18.92 -42.16 -70.65
N VAL TA 192 19.96 -41.36 -70.41
CA VAL TA 192 20.95 -40.99 -71.43
C VAL TA 192 21.76 -42.20 -71.91
N PRO TA 193 21.84 -43.34 -71.17
CA PRO TA 193 22.15 -44.48 -72.05
C PRO TA 193 20.92 -44.93 -72.83
N LEU TA 207 15.99 -51.04 -76.86
CA LEU TA 207 16.62 -49.86 -76.28
C LEU TA 207 17.00 -50.11 -74.82
N LEU TA 208 18.05 -49.43 -74.36
CA LEU TA 208 18.51 -49.57 -72.98
C LEU TA 208 17.40 -49.24 -71.99
N MET TA 209 16.75 -48.10 -72.20
CA MET TA 209 15.68 -47.66 -71.33
C MET TA 209 14.48 -48.60 -71.41
N GLU TA 210 14.32 -49.28 -72.55
CA GLU TA 210 13.25 -50.27 -72.71
C GLU TA 210 13.41 -51.45 -71.75
N ILE TA 211 14.55 -52.14 -71.83
CA ILE TA 211 14.81 -53.27 -70.94
C ILE TA 211 15.03 -52.79 -69.52
N GLU TA 212 15.36 -51.50 -69.35
CA GLU TA 212 15.36 -50.89 -68.03
C GLU TA 212 13.94 -50.85 -67.45
N GLN TA 213 12.95 -50.47 -68.25
CA GLN TA 213 11.59 -50.37 -67.72
C GLN TA 213 10.98 -51.74 -67.49
N VAL TA 214 11.07 -52.63 -68.48
CA VAL TA 214 10.45 -53.95 -68.30
C VAL TA 214 11.28 -54.79 -67.33
N ASP TA 215 12.54 -54.43 -67.14
CA ASP TA 215 13.33 -55.05 -66.07
C ASP TA 215 12.93 -54.50 -64.71
N MET TA 216 12.57 -53.22 -64.66
CA MET TA 216 12.30 -52.59 -63.37
C MET TA 216 10.85 -52.78 -62.94
N LEU TA 217 9.91 -52.76 -63.89
CA LEU TA 217 8.50 -52.72 -63.52
C LEU TA 217 7.96 -54.09 -63.12
N GLU TA 218 7.97 -54.39 -61.82
CA GLU TA 218 7.22 -55.52 -61.29
C GLU TA 218 6.15 -55.08 -60.32
N LYS TA 219 6.48 -54.31 -59.28
CA LYS TA 219 5.57 -54.03 -58.18
C LYS TA 219 5.13 -52.57 -58.15
N ASP TA 220 6.06 -51.63 -58.10
CA ASP TA 220 5.70 -50.22 -57.94
C ASP TA 220 5.18 -49.66 -59.25
N ILE TA 221 3.97 -49.09 -59.20
CA ILE TA 221 3.23 -48.72 -60.39
C ILE TA 221 3.18 -47.21 -60.54
N ASP TA 222 2.85 -46.52 -59.45
CA ASP TA 222 2.52 -45.11 -59.54
C ASP TA 222 3.75 -44.23 -59.35
N GLU TA 223 4.81 -44.79 -58.77
CA GLU TA 223 6.06 -44.04 -58.68
C GLU TA 223 6.75 -43.99 -60.03
N ASN TA 224 6.85 -45.14 -60.70
CA ASN TA 224 7.43 -45.18 -62.03
C ASN TA 224 6.50 -44.51 -63.04
N ALA TA 225 5.22 -44.85 -62.98
CA ALA TA 225 4.22 -44.30 -63.89
C ALA TA 225 4.04 -42.80 -63.67
N TYR TA 226 3.58 -42.43 -62.49
CA TYR TA 226 3.31 -41.02 -62.19
C TYR TA 226 4.60 -40.21 -62.11
N ALA TA 227 5.55 -40.66 -61.29
CA ALA TA 227 6.78 -39.90 -61.11
C ALA TA 227 7.64 -39.94 -62.37
N LYS TA 228 8.00 -41.14 -62.83
CA LYS TA 228 8.90 -41.28 -63.97
C LYS TA 228 8.27 -40.78 -65.26
N VAL TA 229 7.02 -41.16 -65.49
CA VAL TA 229 6.39 -40.81 -66.76
C VAL TA 229 5.95 -39.35 -66.72
N CYS TA 230 5.70 -38.79 -65.54
CA CYS TA 230 5.41 -37.37 -65.44
C CYS TA 230 6.66 -36.53 -65.71
N LEU TA 231 7.74 -36.78 -64.95
CA LEU TA 231 8.93 -35.94 -65.08
C LEU TA 231 9.65 -36.20 -66.38
N TYR TA 232 9.59 -37.42 -66.87
CA TYR TA 232 10.31 -37.75 -68.09
C TYR TA 232 9.45 -37.56 -69.33
N LEU TA 233 8.12 -37.58 -69.19
CA LEU TA 233 7.29 -37.11 -70.28
C LEU TA 233 7.41 -35.60 -70.45
N THR TA 234 7.30 -34.86 -69.33
CA THR TA 234 7.36 -33.40 -69.38
C THR TA 234 8.75 -32.91 -69.76
N SER TA 235 9.78 -33.50 -69.16
CA SER TA 235 11.14 -33.13 -69.50
C SER TA 235 11.56 -33.72 -70.84
N CYS TA 236 10.84 -34.74 -71.33
CA CYS TA 236 11.20 -35.32 -72.62
C CYS TA 236 10.64 -34.48 -73.76
N VAL TA 237 9.44 -33.94 -73.58
CA VAL TA 237 8.95 -32.99 -74.57
C VAL TA 237 9.60 -31.63 -74.35
N ASN TA 238 10.08 -31.36 -73.13
CA ASN TA 238 10.62 -30.06 -72.76
C ASN TA 238 12.05 -29.90 -73.24
N TYR TA 239 12.96 -30.72 -72.72
CA TYR TA 239 14.38 -30.62 -73.01
C TYR TA 239 14.88 -31.63 -74.04
N VAL TA 240 14.43 -32.88 -73.96
CA VAL TA 240 14.97 -33.99 -74.75
C VAL TA 240 14.50 -33.87 -76.19
N PRO TA 241 15.32 -34.21 -77.18
CA PRO TA 241 14.81 -34.31 -78.55
C PRO TA 241 13.88 -35.50 -78.73
N GLU TA 242 13.18 -35.47 -79.84
CA GLU TA 242 12.11 -36.40 -80.21
C GLU TA 242 12.40 -37.90 -80.26
N PRO TA 243 13.54 -38.42 -80.79
CA PRO TA 243 13.57 -39.87 -81.08
C PRO TA 243 13.57 -40.79 -79.87
N GLU TA 244 13.95 -40.30 -78.69
CA GLU TA 244 13.87 -41.16 -77.51
C GLU TA 244 12.46 -41.14 -76.91
N ASN TA 245 11.67 -40.14 -77.27
CA ASN TA 245 10.29 -40.06 -76.81
C ASN TA 245 9.46 -41.20 -77.40
N SER TA 246 9.84 -41.69 -78.58
CA SER TA 246 9.20 -42.88 -79.12
C SER TA 246 9.48 -44.10 -78.26
N ALA TA 247 10.67 -44.18 -77.67
CA ALA TA 247 10.99 -45.29 -76.77
C ALA TA 247 10.23 -45.15 -75.45
N LEU TA 248 10.06 -43.89 -74.98
CA LEU TA 248 9.15 -43.61 -73.87
C LEU TA 248 7.76 -44.14 -74.16
N LEU TA 249 7.26 -43.85 -75.37
CA LEU TA 249 5.88 -44.14 -75.71
C LEU TA 249 5.65 -45.62 -75.96
N ARG TA 250 6.66 -46.32 -76.49
CA ARG TA 250 6.48 -47.73 -76.79
C ARG TA 250 6.71 -48.59 -75.57
N CYS TA 251 7.72 -48.28 -74.76
CA CYS TA 251 7.91 -49.12 -73.58
C CYS TA 251 6.94 -48.71 -72.49
N ALA TA 252 6.51 -47.45 -72.49
CA ALA TA 252 5.38 -47.05 -71.68
C ALA TA 252 4.09 -47.68 -72.17
N LEU TA 253 3.99 -47.96 -73.47
CA LEU TA 253 2.88 -48.78 -73.96
C LEU TA 253 3.01 -50.21 -73.45
N GLY TA 254 4.24 -50.68 -73.22
CA GLY TA 254 4.41 -52.02 -72.65
C GLY TA 254 3.98 -52.09 -71.19
N VAL TA 255 4.54 -51.22 -70.35
CA VAL TA 255 4.28 -51.31 -68.92
C VAL TA 255 2.87 -50.79 -68.61
N PHE TA 256 2.37 -49.86 -69.43
CA PHE TA 256 1.00 -49.39 -69.23
C PHE TA 256 0.02 -50.34 -69.89
N ARG TA 257 0.50 -51.14 -70.83
CA ARG TA 257 -0.28 -52.27 -71.32
C ARG TA 257 -0.41 -53.33 -70.25
N LYS TA 258 0.61 -53.45 -69.38
CA LYS TA 258 0.45 -54.30 -68.20
C LYS TA 258 -0.53 -53.69 -67.21
N PHE TA 259 -0.63 -52.37 -67.17
CA PHE TA 259 -1.28 -51.72 -66.05
C PHE TA 259 -2.68 -51.24 -66.38
N SER TA 260 -3.43 -50.89 -65.35
CA SER TA 260 -4.78 -50.35 -65.48
C SER TA 260 -4.71 -48.82 -65.52
N ARG TA 261 -5.87 -48.19 -65.37
CA ARG TA 261 -6.09 -46.74 -65.53
C ARG TA 261 -5.58 -46.28 -66.90
N PHE TA 262 -6.30 -46.73 -67.90
CA PHE TA 262 -6.03 -46.58 -69.33
C PHE TA 262 -5.85 -45.18 -69.94
N PRO TA 263 -6.34 -44.05 -69.36
CA PRO TA 263 -5.95 -42.74 -69.93
C PRO TA 263 -4.46 -42.41 -69.92
N GLU TA 264 -3.63 -43.14 -69.17
CA GLU TA 264 -2.19 -43.04 -69.41
C GLU TA 264 -1.84 -43.57 -70.80
N ALA TA 265 -2.47 -44.67 -71.21
CA ALA TA 265 -2.25 -45.19 -72.55
C ALA TA 265 -2.99 -44.36 -73.58
N LEU TA 266 -4.02 -43.63 -73.17
CA LEU TA 266 -4.72 -42.76 -74.11
C LEU TA 266 -3.94 -41.48 -74.35
N ARG TA 267 -3.16 -41.03 -73.37
CA ARG TA 267 -2.23 -39.95 -73.62
C ARG TA 267 -1.01 -40.46 -74.38
N LEU TA 268 -0.70 -41.75 -74.23
CA LEU TA 268 0.21 -42.39 -75.16
C LEU TA 268 -0.36 -42.45 -76.57
N ALA TA 269 -1.69 -42.51 -76.69
CA ALA TA 269 -2.30 -42.40 -78.00
C ALA TA 269 -2.31 -40.95 -78.47
N LEU TA 270 -2.25 -40.01 -77.53
CA LEU TA 270 -2.15 -38.60 -77.89
C LEU TA 270 -0.80 -38.30 -78.50
N MET TA 271 0.28 -38.83 -77.92
CA MET TA 271 1.59 -38.50 -78.47
C MET TA 271 2.00 -39.47 -79.57
N LEU TA 272 1.58 -40.73 -79.48
CA LEU TA 272 1.85 -41.71 -80.54
C LEU TA 272 1.01 -41.51 -81.80
N ASN TA 273 -0.31 -41.34 -81.64
CA ASN TA 273 -1.29 -41.47 -82.71
C ASN TA 273 -1.17 -42.83 -83.41
N ASP TA 274 -1.45 -43.88 -82.65
CA ASP TA 274 -1.37 -45.25 -83.14
C ASP TA 274 -2.77 -45.87 -83.21
N MET TA 275 -2.94 -46.77 -84.17
CA MET TA 275 -4.24 -47.38 -84.47
C MET TA 275 -4.42 -48.73 -83.79
N GLU TA 276 -3.31 -49.40 -83.45
CA GLU TA 276 -3.38 -50.66 -82.73
C GLU TA 276 -3.77 -50.40 -81.29
N LEU TA 277 -3.39 -49.22 -80.81
CA LEU TA 277 -3.60 -48.85 -79.42
C LEU TA 277 -5.09 -48.72 -79.11
N VAL TA 278 -5.87 -48.18 -80.05
CA VAL TA 278 -7.27 -47.96 -79.76
C VAL TA 278 -8.05 -49.28 -79.83
N GLU TA 279 -7.56 -50.24 -80.62
CA GLU TA 279 -8.16 -51.57 -80.62
C GLU TA 279 -7.83 -52.30 -79.33
N ASP TA 280 -6.58 -52.17 -78.86
CA ASP TA 280 -6.18 -52.79 -77.60
C ASP TA 280 -6.90 -52.15 -76.41
N ILE TA 281 -7.12 -50.85 -76.47
CA ILE TA 281 -7.73 -50.14 -75.35
C ILE TA 281 -9.25 -50.20 -75.47
N PHE TA 282 -9.76 -50.74 -76.57
CA PHE TA 282 -11.20 -50.96 -76.64
C PHE TA 282 -11.58 -52.41 -76.36
N THR TA 283 -10.68 -53.35 -76.63
CA THR TA 283 -10.91 -54.67 -76.08
C THR TA 283 -10.59 -54.68 -74.58
N SER TA 284 -9.70 -53.79 -74.15
CA SER TA 284 -9.33 -53.72 -72.74
C SER TA 284 -10.25 -52.77 -71.98
N CYS TA 285 -10.74 -51.74 -72.66
CA CYS TA 285 -11.65 -50.80 -72.00
C CYS TA 285 -13.10 -51.19 -72.25
N LYS TA 286 -13.34 -52.20 -73.10
CA LYS TA 286 -14.58 -52.95 -73.01
C LYS TA 286 -14.45 -54.06 -71.98
N ASP TA 287 -13.23 -54.59 -71.80
CA ASP TA 287 -12.97 -55.55 -70.73
C ASP TA 287 -13.20 -54.91 -69.36
N VAL TA 288 -12.99 -53.59 -69.26
CA VAL TA 288 -13.31 -52.84 -68.06
C VAL TA 288 -14.54 -51.99 -68.38
N VAL TA 289 -15.72 -52.52 -68.06
CA VAL TA 289 -16.98 -51.82 -68.34
C VAL TA 289 -17.17 -50.65 -67.37
N MET TA 297 -16.62 -42.55 -66.65
CA MET TA 297 -17.38 -43.77 -66.93
C MET TA 297 -17.10 -44.29 -68.32
N LEU TA 298 -18.09 -44.96 -68.92
CA LEU TA 298 -17.93 -45.61 -70.22
C LEU TA 298 -18.18 -44.63 -71.36
N GLY TA 299 -19.36 -44.01 -71.37
CA GLY TA 299 -19.62 -42.95 -72.32
C GLY TA 299 -18.75 -41.73 -72.10
N ARG TA 300 -18.25 -41.56 -70.86
CA ARG TA 300 -17.35 -40.45 -70.57
C ARG TA 300 -15.98 -40.68 -71.21
N HIS TA 301 -15.47 -41.93 -71.22
CA HIS TA 301 -14.24 -42.14 -71.97
C HIS TA 301 -14.54 -42.19 -73.46
N GLY TA 302 -15.80 -42.37 -73.84
CA GLY TA 302 -16.19 -42.00 -75.19
C GLY TA 302 -16.04 -40.52 -75.46
N VAL TA 303 -16.34 -39.69 -74.45
CA VAL TA 303 -16.30 -38.24 -74.61
C VAL TA 303 -14.86 -37.75 -74.74
N PHE TA 304 -14.00 -38.04 -73.75
CA PHE TA 304 -12.63 -37.58 -73.93
C PHE TA 304 -11.83 -38.49 -74.85
N LEU TA 305 -12.39 -39.64 -75.25
CA LEU TA 305 -11.87 -40.34 -76.40
C LEU TA 305 -12.05 -39.52 -77.66
N GLU TA 306 -13.27 -39.02 -77.91
CA GLU TA 306 -13.51 -38.28 -79.14
C GLU TA 306 -12.85 -36.91 -79.10
N LEU TA 307 -12.77 -36.29 -77.91
CA LEU TA 307 -12.02 -35.05 -77.75
C LEU TA 307 -10.54 -35.29 -77.96
N SER TA 308 -10.01 -36.41 -77.44
CA SER TA 308 -8.58 -36.66 -77.49
C SER TA 308 -8.13 -37.06 -78.89
N GLU TA 309 -8.97 -37.76 -79.63
CA GLU TA 309 -8.56 -38.33 -80.90
C GLU TA 309 -8.48 -37.27 -81.98
N ASP TA 310 -7.60 -37.51 -82.97
CA ASP TA 310 -7.52 -36.67 -84.14
C ASP TA 310 -8.45 -37.15 -85.26
N VAL TA 311 -8.23 -36.62 -86.46
CA VAL TA 311 -9.12 -36.84 -87.60
C VAL TA 311 -9.00 -38.26 -88.16
N GLU TA 312 -7.82 -38.89 -88.05
CA GLU TA 312 -7.57 -40.16 -88.70
C GLU TA 312 -8.18 -41.35 -87.96
N GLU TA 313 -7.96 -41.43 -86.65
CA GLU TA 313 -8.17 -42.68 -85.96
C GLU TA 313 -9.62 -42.94 -85.56
N TYR TA 314 -10.54 -41.97 -85.75
CA TYR TA 314 -11.94 -42.32 -85.57
C TYR TA 314 -12.53 -42.86 -86.84
N GLU TA 315 -11.90 -42.59 -87.99
CA GLU TA 315 -12.36 -43.17 -89.24
C GLU TA 315 -11.71 -44.53 -89.47
N ASP TA 316 -10.43 -44.67 -89.13
CA ASP TA 316 -9.84 -46.00 -89.06
C ASP TA 316 -10.48 -46.82 -87.95
N LEU TA 317 -10.82 -46.17 -86.84
CA LEU TA 317 -11.52 -46.83 -85.75
C LEU TA 317 -12.92 -47.25 -86.17
N THR TA 318 -13.61 -46.41 -86.95
CA THR TA 318 -14.97 -46.79 -87.33
C THR TA 318 -14.96 -47.74 -88.51
N GLU TA 319 -13.81 -47.93 -89.17
CA GLU TA 319 -13.81 -48.95 -90.23
C GLU TA 319 -13.41 -50.32 -89.69
N ILE TA 320 -12.38 -50.40 -88.81
CA ILE TA 320 -12.05 -51.71 -88.26
C ILE TA 320 -13.08 -52.11 -87.20
N MET TA 321 -13.65 -51.12 -86.51
CA MET TA 321 -14.77 -51.41 -85.64
C MET TA 321 -16.07 -51.47 -86.44
N SER TA 322 -16.08 -50.98 -87.68
CA SER TA 322 -17.21 -51.30 -88.54
C SER TA 322 -17.17 -52.77 -88.92
N ASN TA 323 -15.96 -53.35 -88.95
CA ASN TA 323 -15.85 -54.79 -89.16
C ASN TA 323 -16.26 -55.57 -87.91
N VAL TA 324 -15.66 -55.26 -86.75
CA VAL TA 324 -15.73 -56.15 -85.58
C VAL TA 324 -16.81 -55.70 -84.59
N GLN TA 325 -16.63 -54.53 -83.97
CA GLN TA 325 -17.47 -53.73 -83.05
C GLN TA 325 -17.82 -54.38 -81.72
N LEU TA 326 -17.86 -55.70 -81.66
CA LEU TA 326 -17.96 -56.55 -80.47
C LEU TA 326 -19.19 -56.32 -79.56
N ASN TA 327 -19.84 -55.15 -79.63
CA ASN TA 327 -21.13 -54.92 -79.00
C ASN TA 327 -21.94 -53.88 -79.78
N SER TA 328 -21.29 -53.26 -80.79
CA SER TA 328 -21.72 -52.11 -81.61
C SER TA 328 -21.84 -50.80 -80.83
N ASN TA 329 -21.59 -50.82 -79.52
CA ASN TA 329 -21.70 -49.61 -78.74
C ASN TA 329 -20.45 -48.74 -78.88
N PHE TA 330 -19.36 -49.32 -79.38
CA PHE TA 330 -18.21 -48.50 -79.73
C PHE TA 330 -18.37 -47.87 -81.11
N LEU TA 331 -19.20 -48.47 -81.96
CA LEU TA 331 -19.64 -47.76 -83.16
C LEU TA 331 -20.65 -46.69 -82.80
N ALA TA 332 -21.40 -46.90 -81.72
CA ALA TA 332 -22.25 -45.84 -81.21
C ALA TA 332 -21.43 -44.69 -80.66
N LEU TA 333 -20.56 -44.97 -79.70
CA LEU TA 333 -19.79 -43.92 -79.02
C LEU TA 333 -18.72 -43.33 -79.92
N ALA TA 334 -17.78 -44.18 -80.34
CA ALA TA 334 -16.51 -43.71 -80.89
C ALA TA 334 -16.55 -43.50 -82.40
N ARG TA 335 -17.61 -42.83 -82.87
CA ARG TA 335 -17.47 -42.04 -84.08
C ARG TA 335 -17.96 -40.61 -83.92
N GLU TA 336 -19.09 -40.39 -83.24
CA GLU TA 336 -19.85 -39.14 -83.24
C GLU TA 336 -21.08 -39.43 -82.37
N LEU TA 337 -21.98 -38.44 -82.31
CA LEU TA 337 -23.28 -38.50 -81.63
C LEU TA 337 -23.46 -39.00 -80.20
N ASP TA 338 -22.39 -39.42 -79.53
CA ASP TA 338 -22.53 -39.91 -78.16
C ASP TA 338 -21.53 -39.25 -77.24
N ILE TA 339 -20.60 -38.49 -77.81
CA ILE TA 339 -19.99 -37.40 -77.07
C ILE TA 339 -21.02 -36.29 -76.85
N MET TA 340 -22.00 -36.19 -77.74
CA MET TA 340 -22.89 -35.05 -77.81
C MET TA 340 -24.31 -35.32 -77.32
N GLU TA 341 -24.74 -36.59 -77.26
CA GLU TA 341 -26.07 -36.82 -76.70
C GLU TA 341 -26.23 -36.59 -75.18
N PRO TA 342 -25.24 -36.85 -74.28
CA PRO TA 342 -25.53 -36.53 -72.88
C PRO TA 342 -25.43 -35.06 -72.57
N LYS TA 343 -24.60 -34.32 -73.29
CA LYS TA 343 -24.20 -32.98 -72.88
C LYS TA 343 -25.35 -31.98 -72.96
N VAL TA 344 -25.94 -31.83 -74.15
CA VAL TA 344 -26.85 -30.70 -74.41
C VAL TA 344 -28.11 -30.71 -73.55
N PRO TA 345 -28.80 -31.85 -73.32
CA PRO TA 345 -29.82 -31.84 -72.26
C PRO TA 345 -29.27 -31.54 -70.88
N ASP TA 346 -28.13 -32.13 -70.50
CA ASP TA 346 -27.52 -31.83 -69.20
C ASP TA 346 -26.98 -30.40 -69.17
N ASP TA 347 -26.62 -29.86 -70.34
CA ASP TA 347 -26.32 -28.44 -70.42
C ASP TA 347 -27.53 -27.59 -70.08
N ILE TA 348 -28.71 -28.00 -70.54
CA ILE TA 348 -29.92 -27.27 -70.18
C ILE TA 348 -30.27 -27.48 -68.72
N TYR TA 349 -29.90 -28.63 -68.16
CA TYR TA 349 -30.46 -29.02 -66.86
C TYR TA 349 -29.70 -28.35 -65.72
N LYS TA 350 -28.40 -28.62 -65.59
CA LYS TA 350 -27.65 -28.12 -64.45
C LYS TA 350 -27.32 -26.64 -64.55
N THR TA 351 -27.41 -26.05 -65.74
CA THR TA 351 -27.15 -24.63 -65.91
C THR TA 351 -28.47 -23.92 -66.16
N HIS TA 352 -28.53 -22.66 -65.71
CA HIS TA 352 -29.75 -21.87 -65.86
C HIS TA 352 -29.32 -20.45 -66.22
N LEU TA 353 -29.28 -20.16 -67.52
CA LEU TA 353 -28.77 -18.88 -67.99
C LEU TA 353 -29.93 -17.94 -68.31
N GLU TA 354 -29.81 -16.70 -67.85
CA GLU TA 354 -30.93 -15.76 -67.79
C GLU TA 354 -31.06 -15.08 -69.16
N ASN TA 355 -31.89 -14.02 -69.23
CA ASN TA 355 -32.30 -13.40 -70.49
C ASN TA 355 -31.77 -11.98 -70.68
N ASN TA 356 -31.16 -11.38 -69.66
CA ASN TA 356 -30.81 -9.96 -69.73
C ASN TA 356 -29.48 -9.73 -70.42
N ARG TA 357 -28.86 -10.79 -70.95
CA ARG TA 357 -27.70 -10.61 -71.82
C ARG TA 357 -28.10 -10.80 -73.28
N PHE TA 358 -29.11 -11.65 -73.52
CA PHE TA 358 -29.87 -11.58 -74.77
C PHE TA 358 -30.42 -10.18 -74.98
N GLY TA 359 -31.08 -9.64 -73.96
CA GLY TA 359 -31.72 -8.34 -74.10
C GLY TA 359 -30.78 -7.18 -73.87
N GLY TA 360 -29.88 -7.32 -72.88
CA GLY TA 360 -28.94 -6.24 -72.62
C GLY TA 360 -27.73 -6.31 -73.53
N SER TA 361 -27.01 -7.42 -73.47
CA SER TA 361 -25.92 -7.67 -74.40
C SER TA 361 -26.46 -7.82 -75.82
N GLY TA 362 -27.71 -8.25 -75.95
CA GLY TA 362 -28.41 -8.14 -77.20
C GLY TA 362 -29.12 -6.81 -77.39
N SER TA 363 -28.82 -5.83 -76.53
CA SER TA 363 -29.40 -4.49 -76.73
C SER TA 363 -28.35 -3.49 -77.19
N GLN TA 364 -27.08 -3.77 -76.90
CA GLN TA 364 -25.97 -2.93 -77.36
C GLN TA 364 -26.20 -2.23 -78.73
N VAL TA 365 -27.26 -1.44 -78.85
CA VAL TA 365 -27.63 -0.63 -80.05
C VAL TA 365 -27.84 -1.29 -81.44
N ASP TA 366 -27.50 -0.57 -82.51
CA ASP TA 366 -27.69 -1.05 -83.90
C ASP TA 366 -26.79 -0.36 -84.94
N SER TA 367 -26.70 -0.93 -86.14
CA SER TA 367 -25.86 -0.38 -87.21
C SER TA 367 -25.48 -1.41 -88.28
N ALA TA 368 -26.23 -2.53 -88.31
CA ALA TA 368 -26.10 -3.63 -89.26
C ALA TA 368 -24.74 -4.35 -89.22
N ARG TA 369 -23.87 -3.96 -88.30
CA ARG TA 369 -22.55 -4.54 -88.11
C ARG TA 369 -22.40 -5.10 -86.70
N MET TA 370 -22.53 -4.14 -85.79
CA MET TA 370 -22.53 -4.34 -84.37
C MET TA 370 -23.79 -5.11 -84.09
N ASN TA 371 -24.88 -4.74 -84.77
CA ASN TA 371 -26.15 -5.44 -84.68
C ASN TA 371 -25.99 -6.82 -85.31
N LEU TA 372 -25.30 -6.85 -86.46
CA LEU TA 372 -25.04 -8.08 -87.18
C LEU TA 372 -24.18 -9.00 -86.34
N ALA TA 373 -23.18 -8.40 -85.69
CA ALA TA 373 -22.28 -9.12 -84.78
C ALA TA 373 -23.07 -9.63 -83.59
N SER TA 374 -23.99 -8.79 -83.10
CA SER TA 374 -24.84 -9.11 -81.99
C SER TA 374 -25.65 -10.30 -82.41
N SER TA 375 -26.15 -10.33 -83.65
CA SER TA 375 -26.86 -11.56 -83.94
C SER TA 375 -25.93 -12.73 -83.71
N PHE TA 376 -24.68 -12.61 -84.13
CA PHE TA 376 -23.74 -13.71 -83.94
C PHE TA 376 -23.53 -13.97 -82.44
N VAL TA 377 -23.42 -12.89 -81.66
CA VAL TA 377 -23.22 -13.02 -80.23
C VAL TA 377 -24.43 -13.70 -79.58
N ASN TA 378 -25.63 -13.32 -80.00
CA ASN TA 378 -26.85 -13.92 -79.46
C ASN TA 378 -26.92 -15.38 -79.86
N GLY TA 379 -26.54 -15.63 -81.10
CA GLY TA 379 -26.51 -16.93 -81.71
C GLY TA 379 -25.53 -17.82 -81.01
N PHE TA 380 -24.37 -17.30 -80.63
CA PHE TA 380 -23.51 -18.26 -79.92
C PHE TA 380 -23.83 -18.31 -78.44
N VAL TA 381 -25.10 -18.05 -78.11
CA VAL TA 381 -25.53 -18.07 -76.70
C VAL TA 381 -25.37 -19.45 -76.09
N ASN TA 382 -25.68 -20.49 -76.85
CA ASN TA 382 -25.58 -21.86 -76.37
C ASN TA 382 -24.29 -22.51 -76.85
N GLN TA 387 -33.48 -21.02 -71.33
CA GLN TA 387 -32.30 -21.61 -71.95
C GLN TA 387 -32.68 -22.64 -73.00
N ASP TA 388 -32.94 -22.16 -74.21
CA ASP TA 388 -33.36 -23.01 -75.31
C ASP TA 388 -32.90 -22.37 -76.61
N LYS TA 389 -33.14 -23.05 -77.73
CA LYS TA 389 -32.70 -22.48 -78.99
C LYS TA 389 -33.75 -21.43 -79.30
N LEU TA 390 -33.78 -20.42 -78.43
CA LEU TA 390 -34.69 -19.28 -78.52
C LEU TA 390 -34.20 -18.25 -79.54
N LEU TA 391 -32.91 -17.90 -79.49
CA LEU TA 391 -32.38 -16.88 -80.40
C LEU TA 391 -32.36 -17.39 -81.84
N THR TA 392 -32.37 -18.72 -82.00
CA THR TA 392 -32.64 -19.34 -83.29
C THR TA 392 -34.02 -18.95 -83.81
N ASP TA 393 -35.05 -19.17 -83.00
CA ASP TA 393 -36.42 -19.02 -83.48
C ASP TA 393 -37.01 -17.66 -83.12
N ASP TA 394 -36.18 -16.68 -82.80
CA ASP TA 394 -36.70 -15.34 -82.57
C ASP TA 394 -37.11 -14.68 -83.88
N GLY TA 395 -38.36 -14.96 -84.29
CA GLY TA 395 -39.07 -14.30 -85.37
C GLY TA 395 -38.36 -14.11 -86.69
N ASN TA 396 -38.66 -12.95 -87.29
CA ASN TA 396 -38.16 -12.53 -88.59
C ASN TA 396 -37.88 -11.02 -88.54
N LYS TA 397 -37.30 -10.51 -89.63
CA LYS TA 397 -36.91 -9.11 -89.90
C LYS TA 397 -35.55 -8.70 -89.31
N TRP TA 398 -34.88 -9.66 -88.69
CA TRP TA 398 -33.54 -9.43 -88.18
C TRP TA 398 -32.50 -9.86 -89.21
N LEU TA 399 -32.79 -10.96 -89.91
CA LEU TA 399 -31.94 -11.40 -91.00
C LEU TA 399 -32.29 -10.67 -92.29
N TYR TA 400 -33.45 -10.03 -92.36
CA TYR TA 400 -33.78 -9.25 -93.54
C TYR TA 400 -33.10 -7.89 -93.49
N LYS TA 401 -32.82 -7.38 -92.29
CA LYS TA 401 -31.94 -6.22 -92.17
C LYS TA 401 -30.52 -6.55 -92.59
N ASN TA 402 -30.14 -7.81 -92.51
CA ASN TA 402 -28.79 -8.27 -92.71
C ASN TA 402 -28.42 -8.28 -94.20
N LYS TA 403 -27.11 -8.24 -94.47
CA LYS TA 403 -26.54 -8.15 -95.79
C LYS TA 403 -25.62 -9.33 -96.02
N ASP TA 404 -25.06 -9.43 -97.24
CA ASP TA 404 -24.58 -10.64 -97.90
C ASP TA 404 -23.72 -11.59 -97.07
N HIS TA 405 -22.54 -11.14 -96.65
CA HIS TA 405 -21.65 -12.04 -95.93
C HIS TA 405 -22.05 -12.13 -94.46
N GLY TA 406 -22.72 -11.11 -93.94
CA GLY TA 406 -23.39 -11.26 -92.68
C GLY TA 406 -24.62 -12.14 -92.78
N MET TA 407 -25.22 -12.23 -93.97
CA MET TA 407 -26.30 -13.18 -94.19
C MET TA 407 -25.75 -14.60 -94.25
N LEU TA 408 -24.51 -14.76 -94.69
CA LEU TA 408 -23.80 -16.01 -94.48
C LEU TA 408 -23.61 -16.28 -93.00
N SER TA 409 -23.24 -15.25 -92.24
CA SER TA 409 -22.97 -15.42 -90.81
C SER TA 409 -24.23 -15.74 -90.03
N ALA TA 410 -25.36 -15.19 -90.45
CA ALA TA 410 -26.62 -15.42 -89.74
C ALA TA 410 -27.28 -16.70 -90.20
N ALA TA 411 -27.10 -17.06 -91.47
CA ALA TA 411 -27.60 -18.35 -91.94
C ALA TA 411 -26.80 -19.49 -91.33
N ALA TA 412 -25.52 -19.24 -91.03
CA ALA TA 412 -24.73 -20.22 -90.29
C ALA TA 412 -24.95 -20.11 -88.79
N SER TA 413 -25.52 -18.99 -88.32
CA SER TA 413 -25.68 -18.78 -86.89
C SER TA 413 -26.69 -19.74 -86.27
N LEU TA 414 -27.70 -20.15 -87.03
CA LEU TA 414 -28.58 -21.22 -86.58
C LEU TA 414 -27.83 -22.55 -86.54
N GLY TA 415 -26.76 -22.68 -87.32
CA GLY TA 415 -25.83 -23.75 -87.06
C GLY TA 415 -25.10 -23.58 -85.74
N MET TA 416 -24.77 -22.33 -85.39
CA MET TA 416 -23.93 -22.11 -84.22
C MET TA 416 -24.69 -22.26 -82.92
N ILE TA 417 -26.01 -22.04 -82.93
CA ILE TA 417 -26.79 -22.17 -81.70
C ILE TA 417 -26.96 -23.64 -81.32
N LEU TA 418 -26.83 -24.53 -82.29
CA LEU TA 418 -27.30 -25.90 -82.19
C LEU TA 418 -26.33 -26.92 -82.73
N LEU TA 419 -25.10 -27.02 -82.21
CA LEU TA 419 -24.21 -28.08 -82.68
C LEU TA 419 -24.56 -29.45 -82.09
N TRP TA 420 -25.83 -29.82 -82.20
CA TRP TA 420 -26.48 -31.07 -81.83
C TRP TA 420 -27.87 -30.96 -82.46
N ASP TA 421 -28.83 -31.82 -82.09
CA ASP TA 421 -30.19 -31.90 -82.61
C ASP TA 421 -30.14 -32.19 -84.11
N VAL TA 422 -29.65 -33.38 -84.44
CA VAL TA 422 -29.50 -33.87 -85.80
C VAL TA 422 -30.82 -33.83 -86.56
N ASP TA 423 -31.88 -34.36 -85.96
CA ASP TA 423 -33.19 -34.33 -86.59
C ASP TA 423 -33.75 -32.92 -86.61
N GLY TA 424 -33.47 -32.15 -85.56
CA GLY TA 424 -33.91 -30.76 -85.53
C GLY TA 424 -33.12 -29.84 -86.43
N GLY TA 425 -31.90 -30.24 -86.79
CA GLY TA 425 -31.09 -29.41 -87.67
C GLY TA 425 -31.68 -29.31 -89.07
N LEU TA 426 -32.16 -30.43 -89.60
CA LEU TA 426 -32.79 -30.43 -90.92
C LEU TA 426 -34.10 -29.65 -90.90
N THR TA 427 -34.89 -29.80 -89.83
CA THR TA 427 -36.20 -29.16 -89.81
C THR TA 427 -36.14 -27.72 -89.33
N GLN TA 428 -34.98 -27.25 -88.89
CA GLN TA 428 -34.83 -25.82 -88.65
C GLN TA 428 -34.17 -25.12 -89.83
N ILE TA 429 -33.15 -25.75 -90.42
CA ILE TA 429 -32.45 -25.14 -91.54
C ILE TA 429 -33.27 -25.27 -92.83
N ASP TA 430 -34.25 -26.18 -92.87
CA ASP TA 430 -34.99 -26.50 -94.09
C ASP TA 430 -35.79 -25.32 -94.64
N LYS TA 431 -36.25 -24.43 -93.75
CA LYS TA 431 -36.88 -23.20 -94.20
C LYS TA 431 -35.86 -22.32 -94.90
N TYR TA 432 -34.65 -22.26 -94.37
CA TYR TA 432 -33.60 -21.45 -94.97
C TYR TA 432 -32.85 -22.21 -96.05
N LEU TA 433 -33.11 -23.51 -96.19
CA LEU TA 433 -32.57 -24.23 -97.35
C LEU TA 433 -33.31 -23.80 -98.60
N TYR TA 434 -32.57 -23.78 -99.72
CA TYR TA 434 -33.05 -23.51 -101.09
C TYR TA 434 -33.95 -22.27 -101.20
N SER TA 435 -33.60 -21.26 -100.40
CA SER TA 435 -34.44 -20.08 -100.28
C SER TA 435 -34.26 -19.14 -101.47
N SER TA 436 -34.81 -17.94 -101.36
CA SER TA 436 -34.68 -16.97 -102.45
C SER TA 436 -33.27 -16.42 -102.52
N GLU TA 437 -32.54 -16.44 -101.42
CA GLU TA 437 -31.23 -15.83 -101.35
C GLU TA 437 -30.12 -16.86 -101.42
N ASP TA 438 -29.12 -16.53 -102.25
CA ASP TA 438 -27.89 -17.29 -102.35
C ASP TA 438 -27.17 -17.41 -101.01
N TYR TA 439 -27.12 -16.33 -100.23
CA TYR TA 439 -26.39 -16.37 -98.97
C TYR TA 439 -27.16 -17.13 -97.90
N ILE TA 440 -28.49 -17.14 -97.99
CA ILE TA 440 -29.30 -17.91 -97.05
C ILE TA 440 -29.14 -19.40 -97.30
N LYS TA 441 -29.12 -19.81 -98.58
CA LYS TA 441 -28.98 -21.23 -98.88
C LYS TA 441 -27.54 -21.70 -98.67
N SER TA 442 -26.55 -20.86 -99.01
CA SER TA 442 -25.16 -21.29 -98.90
C SER TA 442 -24.69 -21.27 -97.45
N GLY TA 443 -25.07 -20.23 -96.70
CA GLY TA 443 -24.87 -20.25 -95.26
C GLY TA 443 -25.73 -21.26 -94.54
N ALA TA 444 -26.82 -21.69 -95.18
CA ALA TA 444 -27.68 -22.72 -94.59
C ALA TA 444 -27.01 -24.09 -94.68
N LEU TA 445 -26.45 -24.43 -95.84
CA LEU TA 445 -25.65 -25.65 -95.94
C LEU TA 445 -24.38 -25.55 -95.12
N LEU TA 446 -23.85 -24.33 -94.96
CA LEU TA 446 -22.77 -24.09 -94.01
C LEU TA 446 -23.19 -24.45 -92.59
N ALA TA 447 -24.41 -24.06 -92.20
CA ALA TA 447 -24.95 -24.41 -90.89
C ALA TA 447 -25.13 -25.92 -90.74
N CYS TA 448 -25.53 -26.59 -91.83
CA CYS TA 448 -25.62 -28.05 -91.82
C CYS TA 448 -24.25 -28.69 -91.63
N GLY TA 449 -23.20 -28.07 -92.17
CA GLY TA 449 -21.86 -28.54 -91.87
C GLY TA 449 -21.41 -28.21 -90.46
N ILE TA 450 -21.99 -27.17 -89.86
CA ILE TA 450 -21.62 -26.79 -88.50
C ILE TA 450 -22.17 -27.76 -87.48
N VAL TA 451 -23.46 -28.12 -87.60
CA VAL TA 451 -24.21 -28.71 -86.50
C VAL TA 451 -23.68 -30.09 -86.10
N ASN TA 452 -23.08 -30.82 -87.05
CA ASN TA 452 -22.73 -32.20 -86.80
C ASN TA 452 -21.45 -32.56 -87.55
N SER TA 453 -21.01 -33.80 -87.34
CA SER TA 453 -19.89 -34.35 -88.10
C SER TA 453 -20.09 -35.82 -88.47
N GLY TA 454 -21.26 -36.40 -88.21
CA GLY TA 454 -21.49 -37.80 -88.51
C GLY TA 454 -22.71 -38.07 -89.36
N VAL TA 455 -23.39 -37.00 -89.80
CA VAL TA 455 -24.63 -37.16 -90.58
C VAL TA 455 -24.32 -37.65 -91.98
N ARG TA 456 -23.50 -36.89 -92.72
CA ARG TA 456 -23.03 -37.05 -94.10
C ARG TA 456 -24.15 -37.19 -95.13
N ASN TA 457 -25.41 -36.93 -94.76
CA ASN TA 457 -26.49 -36.94 -95.72
C ASN TA 457 -26.85 -35.51 -96.14
N GLU TA 458 -26.18 -34.52 -95.56
CA GLU TA 458 -26.32 -33.16 -96.02
C GLU TA 458 -25.37 -32.85 -97.16
N CYS TA 459 -24.48 -33.80 -97.50
CA CYS TA 459 -23.49 -33.58 -98.55
C CYS TA 459 -24.15 -33.36 -99.89
N ASP TA 460 -24.78 -34.41 -100.41
CA ASP TA 460 -25.48 -34.50 -101.69
C ASP TA 460 -26.39 -33.35 -102.13
N PRO TA 461 -27.22 -32.70 -101.28
CA PRO TA 461 -27.91 -31.50 -101.78
C PRO TA 461 -26.98 -30.34 -102.07
N ALA TA 462 -25.90 -30.24 -101.30
CA ALA TA 462 -24.86 -29.27 -101.60
C ALA TA 462 -23.85 -29.82 -102.59
N LEU TA 463 -23.38 -31.03 -102.35
CA LEU TA 463 -22.38 -31.69 -103.18
C LEU TA 463 -22.78 -31.73 -104.64
N ALA TA 464 -24.06 -32.00 -104.91
CA ALA TA 464 -24.53 -32.08 -106.28
C ALA TA 464 -24.44 -30.73 -106.98
N LEU TA 465 -24.69 -29.64 -106.26
CA LEU TA 465 -24.82 -28.34 -106.89
C LEU TA 465 -23.47 -27.70 -107.24
N LEU TA 466 -22.42 -28.05 -106.50
CA LEU TA 466 -21.18 -27.26 -106.33
C LEU TA 466 -20.59 -26.63 -107.58
N SER TA 467 -20.64 -27.35 -108.70
CA SER TA 467 -19.98 -26.90 -109.92
C SER TA 467 -20.67 -25.69 -110.52
N ASP TA 468 -19.87 -24.67 -110.80
CA ASP TA 468 -20.35 -23.43 -111.42
C ASP TA 468 -19.47 -23.01 -112.59
N TYR TA 469 -18.22 -23.46 -112.59
CA TYR TA 469 -17.16 -23.32 -113.60
C TYR TA 469 -16.57 -21.91 -113.68
N VAL TA 470 -17.23 -20.88 -113.16
CA VAL TA 470 -16.50 -19.68 -112.78
C VAL TA 470 -16.95 -19.02 -111.47
N LEU TA 471 -18.14 -18.42 -111.43
CA LEU TA 471 -18.50 -17.73 -110.21
C LEU TA 471 -19.99 -17.60 -109.96
N HIS TA 472 -20.68 -18.71 -110.07
CA HIS TA 472 -22.12 -18.75 -109.81
C HIS TA 472 -22.35 -19.08 -108.32
N ASN TA 473 -23.62 -19.19 -107.91
CA ASN TA 473 -24.17 -19.42 -106.57
C ASN TA 473 -23.48 -20.57 -105.84
N SER TA 474 -23.43 -21.76 -106.44
CA SER TA 474 -23.03 -22.98 -105.75
C SER TA 474 -21.55 -23.00 -105.37
N ASN TA 475 -20.77 -22.02 -105.84
CA ASN TA 475 -19.43 -21.83 -105.31
C ASN TA 475 -19.46 -21.23 -103.91
N THR TA 476 -20.49 -20.47 -103.57
CA THR TA 476 -20.62 -20.00 -102.19
C THR TA 476 -21.16 -21.11 -101.29
N MET TA 477 -22.01 -21.98 -101.85
CA MET TA 477 -22.34 -23.24 -101.20
C MET TA 477 -21.14 -24.17 -101.16
N ARG TA 478 -20.16 -23.91 -102.03
CA ARG TA 478 -18.92 -24.67 -102.05
C ARG TA 478 -18.09 -24.21 -100.85
N LEU TA 479 -18.16 -22.91 -100.56
CA LEU TA 479 -17.45 -22.32 -99.43
C LEU TA 479 -18.03 -22.82 -98.12
N GLY TA 480 -19.36 -22.78 -97.99
CA GLY TA 480 -19.97 -23.26 -96.76
C GLY TA 480 -20.04 -24.77 -96.66
N SER TA 481 -19.98 -25.45 -97.80
CA SER TA 481 -20.23 -26.89 -97.82
C SER TA 481 -18.94 -27.67 -97.97
N ILE TA 482 -17.98 -27.12 -98.70
CA ILE TA 482 -16.63 -27.68 -98.62
C ILE TA 482 -16.05 -27.41 -97.23
N PHE TA 483 -16.30 -26.23 -96.67
CA PHE TA 483 -15.83 -25.96 -95.32
C PHE TA 483 -16.60 -26.79 -94.29
N GLY TA 484 -17.92 -26.84 -94.43
CA GLY TA 484 -18.73 -27.55 -93.44
C GLY TA 484 -18.59 -29.06 -93.57
N LEU TA 485 -18.22 -29.54 -94.75
CA LEU TA 485 -17.90 -30.95 -94.90
C LEU TA 485 -16.48 -31.23 -94.39
N GLY TA 486 -15.61 -30.23 -94.45
CA GLY TA 486 -14.37 -30.30 -93.70
C GLY TA 486 -14.61 -30.37 -92.21
N LEU TA 487 -15.67 -29.70 -91.74
CA LEU TA 487 -16.10 -29.86 -90.36
C LEU TA 487 -16.65 -31.27 -90.13
N ALA TA 488 -17.34 -31.79 -91.13
CA ALA TA 488 -17.97 -33.12 -91.05
C ALA TA 488 -17.16 -34.43 -90.97
N TYR TA 489 -16.10 -34.60 -91.75
CA TYR TA 489 -15.36 -35.87 -91.74
C TYR TA 489 -13.83 -35.83 -91.87
N ALA TA 490 -13.21 -36.79 -91.18
CA ALA TA 490 -11.76 -36.98 -91.13
C ALA TA 490 -11.43 -38.46 -91.30
N GLY TA 491 -11.40 -38.92 -92.55
CA GLY TA 491 -11.12 -40.32 -92.87
C GLY TA 491 -9.64 -40.64 -92.92
N SER TA 492 -9.31 -41.88 -93.30
CA SER TA 492 -7.92 -42.32 -93.40
C SER TA 492 -7.30 -41.37 -94.41
N ASN TA 493 -8.06 -41.10 -95.47
CA ASN TA 493 -7.67 -40.12 -96.41
C ASN TA 493 -9.03 -40.04 -97.12
N ARG TA 494 -10.05 -39.20 -96.73
CA ARG TA 494 -11.20 -39.26 -97.69
C ARG TA 494 -10.72 -38.85 -99.15
N GLU TA 495 -10.97 -39.65 -100.24
CA GLU TA 495 -10.48 -39.20 -101.54
C GLU TA 495 -11.61 -38.72 -102.44
N ASP TA 496 -12.85 -39.11 -102.17
CA ASP TA 496 -13.96 -38.73 -103.06
C ASP TA 496 -14.27 -37.25 -102.97
N VAL TA 497 -14.22 -36.69 -101.76
CA VAL TA 497 -14.45 -35.26 -101.57
C VAL TA 497 -13.29 -34.46 -102.15
N LEU TA 498 -12.10 -35.07 -102.26
CA LEU TA 498 -10.98 -34.35 -102.83
C LEU TA 498 -11.00 -34.44 -104.36
N THR TA 499 -11.54 -35.53 -104.90
CA THR TA 499 -11.84 -35.55 -106.33
C THR TA 499 -12.94 -34.56 -106.66
N LEU TA 500 -13.81 -34.27 -105.70
CA LEU TA 500 -14.64 -33.09 -105.83
C LEU TA 500 -13.83 -31.80 -105.71
N LEU TA 501 -12.74 -31.82 -104.93
CA LEU TA 501 -11.93 -30.62 -104.73
C LEU TA 501 -11.03 -30.31 -105.93
N LEU TA 502 -10.87 -31.24 -106.87
CA LEU TA 502 -10.07 -30.94 -108.04
C LEU TA 502 -10.75 -29.94 -109.00
N PRO TA 503 -12.07 -30.00 -109.28
CA PRO TA 503 -12.69 -28.88 -109.98
C PRO TA 503 -12.93 -27.66 -109.10
N VAL TA 504 -12.62 -27.72 -107.81
CA VAL TA 504 -12.73 -26.53 -106.97
C VAL TA 504 -11.50 -25.64 -107.15
N MET TA 505 -10.31 -26.22 -106.98
CA MET TA 505 -9.10 -25.46 -107.24
C MET TA 505 -8.91 -25.27 -108.74
N GLY TA 506 -9.35 -26.24 -109.54
CA GLY TA 506 -9.42 -26.03 -110.98
C GLY TA 506 -10.48 -25.02 -111.37
N ASP TA 507 -11.48 -24.81 -110.52
CA ASP TA 507 -12.46 -23.76 -110.76
C ASP TA 507 -11.84 -22.40 -110.51
N SER TA 508 -11.31 -22.19 -109.30
CA SER TA 508 -10.55 -20.99 -108.89
C SER TA 508 -11.35 -19.71 -109.09
N LYS TA 509 -12.40 -19.56 -108.30
CA LYS TA 509 -13.21 -18.34 -108.31
C LYS TA 509 -12.40 -17.18 -107.75
N SER TA 510 -12.73 -15.96 -108.18
CA SER TA 510 -12.08 -14.77 -107.67
C SER TA 510 -12.43 -14.52 -106.21
N SER TA 511 -13.55 -15.08 -105.75
CA SER TA 511 -13.83 -15.19 -104.32
C SER TA 511 -12.71 -15.95 -103.63
N MET TA 512 -12.11 -15.31 -102.63
CA MET TA 512 -10.96 -15.87 -101.93
C MET TA 512 -11.29 -17.20 -101.27
N GLU TA 513 -12.41 -17.26 -100.56
CA GLU TA 513 -12.66 -18.38 -99.66
C GLU TA 513 -13.05 -19.67 -100.39
N VAL TA 514 -13.11 -19.66 -101.74
CA VAL TA 514 -13.17 -20.92 -102.48
C VAL TA 514 -11.89 -21.71 -102.27
N ALA TA 515 -10.76 -21.15 -102.70
CA ALA TA 515 -9.47 -21.78 -102.44
C ALA TA 515 -9.12 -21.73 -100.96
N GLY TA 516 -9.69 -20.75 -100.23
CA GLY TA 516 -9.52 -20.71 -98.79
C GLY TA 516 -10.05 -21.94 -98.09
N VAL TA 517 -11.35 -22.24 -98.26
CA VAL TA 517 -11.89 -23.43 -97.62
C VAL TA 517 -11.50 -24.69 -98.38
N THR TA 518 -10.94 -24.56 -99.58
CA THR TA 518 -10.32 -25.71 -100.22
C THR TA 518 -9.10 -26.16 -99.43
N ALA TA 519 -8.14 -25.24 -99.25
CA ALA TA 519 -6.93 -25.56 -98.50
C ALA TA 519 -7.24 -25.89 -97.04
N LEU TA 520 -8.08 -25.08 -96.40
CA LEU TA 520 -8.40 -25.30 -95.00
C LEU TA 520 -9.21 -26.58 -94.79
N ALA TA 521 -10.14 -26.86 -95.71
CA ALA TA 521 -11.00 -28.03 -95.55
C ALA TA 521 -10.24 -29.32 -95.84
N CYS TA 522 -9.44 -29.33 -96.92
CA CYS TA 522 -8.63 -30.52 -97.20
C CYS TA 522 -7.52 -30.66 -96.17
N GLY TA 523 -7.14 -29.57 -95.52
CA GLY TA 523 -6.23 -29.66 -94.41
C GLY TA 523 -6.87 -30.27 -93.18
N MET TA 524 -8.13 -29.90 -92.90
CA MET TA 524 -8.87 -30.54 -91.81
C MET TA 524 -9.10 -32.02 -92.09
N ILE TA 525 -9.23 -32.38 -93.36
CA ILE TA 525 -9.17 -33.79 -93.75
C ILE TA 525 -7.77 -34.33 -93.55
N ALA TA 526 -6.76 -33.48 -93.70
CA ALA TA 526 -5.37 -33.93 -93.83
C ALA TA 526 -4.50 -33.64 -92.62
N VAL TA 527 -5.01 -32.96 -91.59
CA VAL TA 527 -4.26 -32.84 -90.34
C VAL TA 527 -4.19 -34.20 -89.68
N GLY TA 528 -3.01 -34.57 -89.19
CA GLY TA 528 -2.79 -35.90 -88.67
C GLY TA 528 -2.43 -36.92 -89.72
N SER TA 529 -1.96 -36.49 -90.89
CA SER TA 529 -1.51 -37.43 -91.90
C SER TA 529 -0.24 -38.12 -91.44
N CYS TA 530 0.03 -39.29 -92.03
CA CYS TA 530 1.13 -40.14 -91.57
C CYS TA 530 2.47 -39.52 -91.94
N ASN TA 531 3.04 -38.74 -91.01
CA ASN TA 531 4.18 -37.84 -91.23
C ASN TA 531 3.93 -36.90 -92.41
N GLY TA 532 2.69 -36.44 -92.55
CA GLY TA 532 2.25 -35.67 -93.69
C GLY TA 532 2.32 -36.48 -94.97
N ASP TA 533 2.22 -35.76 -96.09
CA ASP TA 533 2.40 -36.29 -97.43
C ASP TA 533 2.62 -35.10 -98.36
N VAL TA 534 3.28 -35.36 -99.48
CA VAL TA 534 3.62 -34.33 -100.45
C VAL TA 534 2.82 -34.72 -101.69
N THR TA 535 1.66 -35.32 -101.47
CA THR TA 535 0.85 -35.93 -102.51
C THR TA 535 0.32 -34.90 -103.50
N SER TA 536 -0.29 -35.41 -104.57
CA SER TA 536 -0.67 -34.58 -105.72
C SER TA 536 -1.82 -33.64 -105.41
N THR TA 537 -2.48 -33.83 -104.26
CA THR TA 537 -3.50 -32.90 -103.80
C THR TA 537 -2.87 -31.53 -103.51
N ILE TA 538 -2.00 -31.49 -102.51
CA ILE TA 538 -1.39 -30.23 -102.12
C ILE TA 538 -0.25 -29.87 -103.04
N LEU TA 539 0.34 -30.86 -103.72
CA LEU TA 539 1.29 -30.58 -104.79
C LEU TA 539 0.57 -29.87 -105.93
N GLN TA 540 -0.64 -30.32 -106.23
CA GLN TA 540 -1.48 -29.67 -107.23
C GLN TA 540 -1.84 -28.25 -106.80
N THR TA 541 -2.10 -28.03 -105.50
CA THR TA 541 -2.42 -26.66 -105.13
C THR TA 541 -1.16 -25.81 -104.98
N ILE TA 542 0.02 -26.43 -104.91
CA ILE TA 542 1.26 -25.66 -105.02
C ILE TA 542 1.45 -25.18 -106.45
N MET TA 543 1.29 -26.09 -107.41
CA MET TA 543 1.53 -25.73 -108.81
C MET TA 543 0.44 -24.80 -109.33
N GLU TA 544 -0.81 -25.05 -108.95
CA GLU TA 544 -1.90 -24.16 -109.33
C GLU TA 544 -1.92 -22.92 -108.46
N LYS TA 545 -1.25 -22.95 -107.30
CA LYS TA 545 -1.01 -21.73 -106.55
C LYS TA 545 -0.03 -20.82 -107.27
N SER TA 546 1.13 -21.34 -107.63
CA SER TA 546 2.14 -20.58 -108.36
C SER TA 546 1.74 -20.31 -109.80
N GLU TA 547 0.66 -20.93 -110.26
CA GLU TA 547 0.04 -20.56 -111.53
C GLU TA 547 -0.38 -19.09 -111.54
N THR TA 548 -1.20 -18.69 -110.57
CA THR TA 548 -1.76 -17.34 -110.53
C THR TA 548 -1.26 -16.55 -109.32
N GLU TA 549 -0.44 -15.55 -109.60
CA GLU TA 549 0.01 -14.61 -108.58
C GLU TA 549 -0.93 -13.42 -108.48
N LEU TA 550 -2.09 -13.60 -107.85
CA LEU TA 550 -3.09 -12.55 -107.73
C LEU TA 550 -3.80 -12.72 -106.40
N LYS TA 551 -4.13 -11.60 -105.75
CA LYS TA 551 -4.91 -11.53 -104.51
C LYS TA 551 -4.24 -12.35 -103.40
N ASP TA 552 -3.15 -11.76 -102.88
CA ASP TA 552 -2.20 -12.38 -101.94
C ASP TA 552 -2.79 -13.09 -100.73
N THR TA 553 -4.06 -12.83 -100.40
CA THR TA 553 -4.80 -13.68 -99.47
C THR TA 553 -4.83 -15.13 -99.92
N TYR TA 554 -4.85 -15.38 -101.25
CA TYR TA 554 -4.60 -16.72 -101.77
C TYR TA 554 -3.22 -17.22 -101.38
N ALA TA 555 -2.21 -16.36 -101.53
CA ALA TA 555 -0.84 -16.73 -101.17
C ALA TA 555 -0.63 -16.82 -99.67
N ARG TA 556 -1.63 -16.49 -98.86
CA ARG TA 556 -1.56 -16.67 -97.43
C ARG TA 556 -2.36 -17.89 -96.98
N TRP TA 557 -3.57 -18.07 -97.52
CA TRP TA 557 -4.46 -19.12 -97.02
C TRP TA 557 -4.29 -20.44 -97.76
N LEU TA 558 -3.62 -20.45 -98.90
CA LEU TA 558 -3.19 -21.73 -99.44
C LEU TA 558 -2.03 -22.35 -98.65
N PRO TA 559 -0.98 -21.61 -98.21
CA PRO TA 559 -0.01 -22.23 -97.30
C PRO TA 559 -0.55 -22.58 -95.92
N LEU TA 560 -1.71 -22.02 -95.54
CA LEU TA 560 -2.49 -22.55 -94.43
C LEU TA 560 -2.75 -24.04 -94.60
N GLY TA 561 -3.49 -24.41 -95.65
CA GLY TA 561 -3.85 -25.80 -95.84
C GLY TA 561 -2.68 -26.67 -96.24
N LEU TA 562 -1.66 -26.07 -96.88
CA LEU TA 562 -0.39 -26.75 -97.06
C LEU TA 562 0.20 -27.18 -95.73
N GLY TA 563 0.37 -26.22 -94.81
CA GLY TA 563 0.92 -26.56 -93.51
C GLY TA 563 0.01 -27.43 -92.66
N LEU TA 564 -1.29 -27.40 -92.96
CA LEU TA 564 -2.21 -28.34 -92.31
C LEU TA 564 -1.96 -29.76 -92.80
N ASN TA 565 -1.70 -29.94 -94.09
CA ASN TA 565 -1.31 -31.26 -94.55
C ASN TA 565 0.08 -31.64 -94.04
N HIS TA 566 0.93 -30.65 -93.77
CA HIS TA 566 2.20 -30.94 -93.12
C HIS TA 566 2.02 -31.34 -91.66
N LEU TA 567 0.91 -30.99 -91.04
CA LEU TA 567 0.65 -31.44 -89.69
C LEU TA 567 0.33 -32.93 -89.69
N GLY TA 568 0.71 -33.59 -88.60
CA GLY TA 568 0.82 -35.04 -88.57
C GLY TA 568 2.25 -35.52 -88.68
N LYS TA 569 3.18 -34.59 -88.90
CA LYS TA 569 4.60 -34.89 -89.01
C LYS TA 569 5.17 -35.41 -87.69
N GLY TA 570 6.20 -36.23 -87.80
CA GLY TA 570 7.12 -36.42 -86.71
C GLY TA 570 8.53 -36.06 -87.15
N GLU TA 571 8.83 -36.33 -88.42
CA GLU TA 571 10.20 -36.17 -88.91
C GLU TA 571 10.26 -35.61 -90.32
N ALA TA 572 9.21 -34.91 -90.78
CA ALA TA 572 8.99 -34.67 -92.20
C ALA TA 572 10.07 -33.76 -92.80
N ILE TA 573 10.55 -34.18 -93.97
CA ILE TA 573 11.48 -33.41 -94.76
C ILE TA 573 10.73 -32.55 -95.79
N GLU TA 574 9.43 -32.38 -95.56
CA GLU TA 574 8.55 -31.69 -96.51
C GLU TA 574 8.83 -30.20 -96.54
N ALA TA 575 9.46 -29.67 -95.50
CA ALA TA 575 9.94 -28.29 -95.55
C ALA TA 575 11.09 -28.16 -96.54
N ILE TA 576 11.88 -29.21 -96.68
CA ILE TA 576 12.96 -29.20 -97.65
C ILE TA 576 12.41 -29.48 -99.04
N LEU TA 577 11.35 -30.29 -99.12
CA LEU TA 577 10.76 -30.62 -100.42
C LEU TA 577 10.02 -29.42 -100.99
N ALA TA 578 9.16 -28.79 -100.18
CA ALA TA 578 8.52 -27.55 -100.59
C ALA TA 578 9.53 -26.40 -100.63
N ALA TA 579 10.66 -26.54 -99.93
CA ALA TA 579 11.72 -25.56 -100.08
C ALA TA 579 12.35 -25.64 -101.46
N LEU TA 580 12.48 -26.85 -102.00
CA LEU TA 580 13.01 -26.97 -103.36
C LEU TA 580 11.97 -26.56 -104.40
N GLU TA 581 10.71 -26.95 -104.19
CA GLU TA 581 9.70 -26.69 -105.21
C GLU TA 581 9.25 -25.24 -105.22
N VAL TA 582 9.15 -24.62 -104.05
CA VAL TA 582 8.24 -23.51 -103.82
C VAL TA 582 8.96 -22.15 -103.87
N VAL TA 583 10.13 -22.05 -103.23
CA VAL TA 583 10.62 -20.76 -102.74
C VAL TA 583 11.00 -19.82 -103.88
N SER TA 584 10.72 -18.55 -103.66
CA SER TA 584 10.82 -17.48 -104.66
C SER TA 584 10.73 -16.16 -103.93
N GLU TA 585 10.35 -15.11 -104.66
CA GLU TA 585 9.82 -13.84 -104.16
C GLU TA 585 8.88 -14.04 -102.97
N PRO TA 586 8.88 -13.14 -101.95
CA PRO TA 586 8.44 -13.51 -100.59
C PRO TA 586 6.98 -13.93 -100.39
N PHE TA 587 6.20 -14.02 -101.46
CA PHE TA 587 4.92 -14.73 -101.39
C PHE TA 587 5.16 -16.20 -101.09
N ARG TA 588 6.04 -16.84 -101.87
CA ARG TA 588 6.31 -18.25 -101.70
C ARG TA 588 7.45 -18.51 -100.71
N SER TA 589 8.20 -17.46 -100.37
CA SER TA 589 9.05 -17.56 -99.19
C SER TA 589 8.22 -17.39 -97.92
N PHE TA 590 7.08 -16.72 -98.04
CA PHE TA 590 6.10 -16.70 -96.97
C PHE TA 590 5.38 -18.05 -96.90
N ALA TA 591 5.23 -18.73 -98.04
CA ALA TA 591 4.82 -20.12 -98.00
C ALA TA 591 5.88 -20.99 -97.33
N ASN TA 592 7.16 -20.66 -97.56
CA ASN TA 592 8.27 -21.37 -96.92
C ASN TA 592 8.23 -21.16 -95.41
N THR TA 593 7.90 -19.95 -94.96
CA THR TA 593 7.84 -19.75 -93.52
C THR TA 593 6.55 -20.33 -92.94
N LEU TA 594 5.53 -20.54 -93.76
CA LEU TA 594 4.33 -21.22 -93.26
C LEU TA 594 4.58 -22.70 -93.05
N VAL TA 595 5.26 -23.35 -94.00
CA VAL TA 595 5.65 -24.74 -93.80
C VAL TA 595 6.67 -24.86 -92.69
N ASP TA 596 7.53 -23.84 -92.54
CA ASP TA 596 8.50 -23.78 -91.45
C ASP TA 596 7.79 -23.68 -90.11
N VAL TA 597 6.65 -22.97 -90.07
CA VAL TA 597 5.85 -22.91 -88.85
C VAL TA 597 5.20 -24.25 -88.56
N CYS TA 598 4.50 -24.79 -89.55
CA CYS TA 598 3.58 -25.90 -89.27
C CYS TA 598 4.31 -27.23 -89.15
N ALA TA 599 5.53 -27.32 -89.68
CA ALA TA 599 6.25 -28.59 -89.65
C ALA TA 599 6.97 -28.79 -88.32
N TYR TA 600 6.94 -27.80 -87.43
CA TYR TA 600 7.79 -27.73 -86.25
C TYR TA 600 7.01 -27.51 -84.97
N ALA TA 601 6.03 -28.39 -84.69
CA ALA TA 601 5.07 -28.27 -83.59
C ALA TA 601 5.68 -27.94 -82.22
N GLY TA 602 6.83 -28.52 -81.89
CA GLY TA 602 7.50 -28.14 -80.66
C GLY TA 602 8.11 -29.27 -79.86
N SER TA 603 9.38 -29.12 -79.50
CA SER TA 603 10.14 -30.10 -78.71
C SER TA 603 11.29 -29.36 -78.05
N GLY TA 604 12.27 -30.10 -77.54
CA GLY TA 604 13.50 -29.43 -77.16
C GLY TA 604 14.38 -29.34 -78.39
N ASN TA 605 14.22 -28.25 -79.12
CA ASN TA 605 14.82 -28.08 -80.43
C ASN TA 605 15.19 -26.62 -80.67
N VAL TA 606 15.91 -26.02 -79.71
CA VAL TA 606 16.14 -24.58 -79.56
C VAL TA 606 16.90 -23.97 -80.75
N LEU TA 607 17.47 -24.82 -81.61
CA LEU TA 607 18.19 -24.34 -82.79
C LEU TA 607 17.26 -23.58 -83.74
N LYS TA 608 16.00 -24.00 -83.85
CA LYS TA 608 15.06 -23.19 -84.62
C LYS TA 608 14.54 -22.01 -83.81
N VAL TA 609 14.85 -21.96 -82.52
CA VAL TA 609 14.46 -20.80 -81.72
C VAL TA 609 15.54 -19.71 -81.83
N GLN TA 610 16.79 -20.10 -82.06
CA GLN TA 610 17.77 -19.08 -82.41
C GLN TA 610 17.73 -18.76 -83.90
N GLN TA 611 17.28 -19.71 -84.72
CA GLN TA 611 16.84 -19.37 -86.07
C GLN TA 611 15.70 -18.37 -86.02
N LEU TA 612 14.75 -18.58 -85.10
CA LEU TA 612 13.70 -17.60 -84.80
C LEU TA 612 14.28 -16.26 -84.38
N LEU TA 613 15.39 -16.28 -83.63
CA LEU TA 613 16.03 -15.02 -83.21
C LEU TA 613 16.61 -14.27 -84.40
N HIS TA 614 17.26 -14.98 -85.33
CA HIS TA 614 17.91 -14.25 -86.43
C HIS TA 614 16.91 -13.87 -87.51
N ILE TA 615 16.12 -14.83 -88.00
CA ILE TA 615 15.20 -14.54 -89.09
C ILE TA 615 13.96 -13.82 -88.58
N CYS TA 616 13.83 -13.69 -87.25
CA CYS TA 616 12.88 -12.72 -86.69
C CYS TA 616 13.21 -11.29 -87.11
N SER TA 617 14.49 -11.00 -87.37
CA SER TA 617 14.89 -9.67 -87.80
C SER TA 617 14.82 -9.47 -89.31
N GLU TA 618 14.03 -10.26 -90.02
CA GLU TA 618 13.94 -10.14 -91.47
C GLU TA 618 13.11 -8.92 -91.87
N HIS TA 619 13.55 -8.24 -92.92
CA HIS TA 619 12.94 -6.98 -93.36
C HIS TA 619 11.54 -7.17 -93.92
N PHE TA 620 11.22 -8.35 -94.47
CA PHE TA 620 9.83 -8.64 -94.84
C PHE TA 620 9.03 -8.96 -93.58
N ASP TA 621 8.00 -8.18 -93.32
CA ASP TA 621 7.38 -8.13 -91.98
C ASP TA 621 6.08 -8.90 -91.90
N SER TA 622 5.89 -9.92 -92.74
CA SER TA 622 4.80 -10.87 -92.56
C SER TA 622 5.27 -12.30 -92.32
N LYS TA 623 6.41 -12.69 -92.88
CA LYS TA 623 7.11 -13.88 -92.38
C LYS TA 623 7.58 -13.66 -90.95
N GLU TA 624 7.83 -12.41 -90.55
CA GLU TA 624 7.91 -12.08 -89.13
C GLU TA 624 6.61 -12.44 -88.42
N LYS TA 625 5.46 -12.15 -89.04
CA LYS TA 625 4.18 -12.32 -88.35
C LYS TA 625 3.89 -13.78 -88.07
N GLU TA 626 3.99 -14.63 -89.08
CA GLU TA 626 3.67 -16.03 -88.81
C GLU TA 626 4.84 -16.77 -88.17
N GLU TA 627 6.07 -16.43 -88.57
CA GLU TA 627 7.26 -17.10 -88.07
C GLU TA 627 7.47 -16.83 -86.58
N ASP TA 628 7.21 -15.58 -86.15
CA ASP TA 628 7.22 -15.34 -84.72
C ASP TA 628 5.92 -15.83 -84.09
N LYS TA 629 4.86 -15.99 -84.89
CA LYS TA 629 3.57 -16.45 -84.36
C LYS TA 629 3.60 -17.94 -84.01
N ASP TA 630 4.63 -18.67 -84.46
CA ASP TA 630 4.75 -20.10 -84.17
C ASP TA 630 4.96 -20.40 -82.68
N LYS TA 631 5.29 -19.39 -81.87
CA LYS TA 631 5.78 -19.59 -80.51
C LYS TA 631 4.74 -20.25 -79.60
N LYS TA 632 3.46 -19.89 -79.76
CA LYS TA 632 2.45 -20.48 -78.90
C LYS TA 632 2.14 -21.92 -79.29
N GLU TA 633 2.51 -22.31 -80.51
CA GLU TA 633 2.52 -23.73 -80.83
C GLU TA 633 3.71 -24.42 -80.19
N LYS TA 634 4.88 -23.77 -80.22
CA LYS TA 634 6.11 -24.48 -79.88
C LYS TA 634 6.24 -24.69 -78.36
N LYS TA 635 6.28 -23.61 -77.59
CA LYS TA 635 6.61 -23.68 -76.17
C LYS TA 635 5.36 -23.63 -75.29
N ASP TA 636 4.28 -24.27 -75.77
CA ASP TA 636 2.98 -24.19 -75.10
C ASP TA 636 2.97 -24.87 -73.74
N LYS TA 637 3.91 -25.80 -73.50
CA LYS TA 637 3.91 -26.51 -72.21
C LYS TA 637 4.82 -25.81 -71.20
N ASP TA 638 6.05 -25.50 -71.59
CA ASP TA 638 6.94 -24.68 -70.76
C ASP TA 638 6.60 -23.21 -71.00
N LYS TA 639 5.46 -22.81 -70.44
CA LYS TA 639 4.88 -21.50 -70.73
C LYS TA 639 5.44 -20.39 -69.85
N LYS TA 640 6.43 -20.68 -68.99
CA LYS TA 640 6.98 -19.61 -68.16
C LYS TA 640 7.98 -18.78 -68.96
N GLU TA 641 8.51 -19.38 -70.02
CA GLU TA 641 9.44 -18.69 -70.91
C GLU TA 641 8.63 -17.95 -71.96
N ALA TA 642 7.38 -18.37 -72.15
CA ALA TA 642 6.50 -17.73 -73.14
C ALA TA 642 6.29 -16.23 -72.94
N PRO TA 643 6.31 -15.64 -71.73
CA PRO TA 643 6.50 -14.19 -71.65
C PRO TA 643 7.83 -13.77 -72.26
N ALA TA 644 7.74 -12.92 -73.28
CA ALA TA 644 8.91 -12.41 -73.97
C ALA TA 644 8.74 -10.92 -74.12
N ASP TA 645 9.74 -10.29 -74.73
CA ASP TA 645 9.74 -8.84 -74.86
C ASP TA 645 9.19 -8.38 -76.19
N MET TA 646 8.18 -9.08 -76.71
CA MET TA 646 7.57 -8.70 -77.98
C MET TA 646 6.84 -7.37 -77.87
N GLY TA 647 6.28 -7.07 -76.69
CA GLY TA 647 5.75 -5.75 -76.45
C GLY TA 647 6.83 -4.70 -76.35
N ALA TA 648 8.03 -5.10 -75.91
CA ALA TA 648 9.16 -4.17 -75.87
C ALA TA 648 9.76 -3.92 -77.25
N HIS TA 649 9.32 -4.67 -78.27
CA HIS TA 649 9.70 -4.39 -79.64
C HIS TA 649 8.74 -3.36 -80.23
N GLN TA 650 8.95 -2.99 -81.50
CA GLN TA 650 8.23 -1.89 -82.10
C GLN TA 650 7.52 -2.22 -83.41
N GLY TA 651 7.74 -3.41 -83.96
CA GLY TA 651 7.10 -3.79 -85.21
C GLY TA 651 5.68 -4.26 -84.99
N VAL TA 652 4.74 -3.32 -84.83
CA VAL TA 652 3.45 -3.42 -84.14
C VAL TA 652 2.68 -4.73 -84.33
N ALA TA 653 2.84 -5.35 -85.50
CA ALA TA 653 2.35 -6.71 -85.71
C ALA TA 653 2.99 -7.72 -84.76
N VAL TA 654 4.21 -7.43 -84.26
CA VAL TA 654 4.85 -8.27 -83.24
C VAL TA 654 4.09 -8.20 -81.92
N LEU TA 655 3.63 -7.00 -81.55
CA LEU TA 655 2.75 -6.88 -80.40
C LEU TA 655 1.43 -7.60 -80.66
N GLY TA 656 1.00 -7.61 -81.93
CA GLY TA 656 -0.06 -8.51 -82.33
C GLY TA 656 0.26 -9.99 -82.11
N ILE TA 657 1.53 -10.37 -82.32
CA ILE TA 657 1.92 -11.78 -82.23
C ILE TA 657 1.87 -12.27 -80.79
N ALA TA 658 2.43 -11.49 -79.87
CA ALA TA 658 2.32 -11.84 -78.46
C ALA TA 658 0.87 -11.80 -78.01
N LEU TA 659 0.11 -10.85 -78.57
CA LEU TA 659 -1.32 -10.71 -78.30
C LEU TA 659 -2.09 -11.96 -78.73
N ILE TA 660 -1.65 -12.61 -79.81
CA ILE TA 660 -2.13 -13.95 -80.13
C ILE TA 660 -1.62 -14.94 -79.09
N ALA TA 661 -0.35 -14.80 -78.70
CA ALA TA 661 0.38 -15.88 -78.05
C ALA TA 661 -0.11 -16.13 -76.63
N MET TA 662 -0.79 -15.16 -76.03
CA MET TA 662 -1.49 -15.46 -74.78
C MET TA 662 -2.66 -16.43 -75.03
N GLY TA 663 -3.57 -16.01 -75.89
CA GLY TA 663 -4.65 -16.88 -76.31
C GLY TA 663 -5.87 -17.09 -75.45
N GLU TA 664 -6.18 -18.36 -75.20
CA GLU TA 664 -7.38 -18.68 -74.44
C GLU TA 664 -7.26 -19.52 -73.16
N GLU TA 665 -6.16 -20.23 -72.89
CA GLU TA 665 -6.27 -20.99 -71.65
C GLU TA 665 -6.63 -20.11 -70.45
N ILE TA 666 -6.38 -20.62 -69.24
CA ILE TA 666 -7.02 -20.09 -68.02
C ILE TA 666 -6.53 -18.68 -67.69
N GLY TA 667 -5.35 -18.30 -68.21
CA GLY TA 667 -4.98 -16.89 -68.23
C GLY TA 667 -4.66 -16.20 -66.93
N ALA TA 668 -3.47 -16.46 -66.36
CA ALA TA 668 -3.07 -15.93 -65.07
C ALA TA 668 -2.91 -14.41 -65.05
N GLU TA 669 -2.58 -13.87 -63.87
CA GLU TA 669 -2.52 -12.42 -63.63
C GLU TA 669 -1.43 -11.74 -64.44
N MET TA 670 -0.40 -12.50 -64.84
CA MET TA 670 0.64 -11.94 -65.68
C MET TA 670 0.13 -11.72 -67.10
N ALA TA 671 -0.75 -12.61 -67.57
CA ALA TA 671 -1.33 -12.45 -68.90
C ALA TA 671 -2.24 -11.24 -68.95
N LEU TA 672 -3.15 -11.10 -67.99
CA LEU TA 672 -4.01 -9.93 -67.91
C LEU TA 672 -3.18 -8.66 -67.63
N ARG TA 673 -2.04 -8.82 -66.97
CA ARG TA 673 -1.12 -7.71 -66.79
C ARG TA 673 -0.53 -7.27 -68.12
N THR TA 674 -0.27 -8.22 -69.02
CA THR TA 674 0.12 -7.85 -70.37
C THR TA 674 -1.04 -7.24 -71.13
N PHE TA 675 -2.27 -7.63 -70.77
CA PHE TA 675 -3.43 -6.95 -71.36
C PHE TA 675 -3.65 -5.58 -70.73
N GLY TA 676 -2.91 -5.23 -69.69
CA GLY TA 676 -2.89 -3.86 -69.23
C GLY TA 676 -2.35 -2.91 -70.28
N HIS TA 677 -1.22 -3.25 -70.89
CA HIS TA 677 -0.68 -2.42 -71.95
C HIS TA 677 -1.33 -2.73 -73.29
N LEU TA 678 -1.56 -4.01 -73.57
CA LEU TA 678 -2.12 -4.40 -74.86
C LEU TA 678 -3.57 -3.96 -75.00
N LEU TA 679 -4.25 -3.80 -73.86
CA LEU TA 679 -5.58 -3.19 -73.86
C LEU TA 679 -5.53 -1.76 -74.38
N ARG TA 680 -4.47 -1.03 -74.06
CA ARG TA 680 -4.36 0.38 -74.46
C ARG TA 680 -3.43 0.49 -75.66
N TYR TA 681 -4.02 0.49 -76.84
CA TYR TA 681 -3.31 0.86 -78.07
C TYR TA 681 -4.31 1.50 -79.02
N GLY TA 682 -3.79 2.23 -80.02
CA GLY TA 682 -4.61 3.11 -80.82
C GLY TA 682 -4.95 2.66 -82.22
N GLU TA 683 -4.17 1.76 -82.79
CA GLU TA 683 -4.47 1.28 -84.14
C GLU TA 683 -5.67 0.34 -84.11
N PRO TA 684 -6.64 0.51 -85.02
CA PRO TA 684 -7.92 -0.21 -84.86
C PRO TA 684 -7.83 -1.69 -85.16
N THR TA 685 -6.78 -2.12 -85.85
CA THR TA 685 -6.58 -3.56 -86.03
C THR TA 685 -5.92 -4.19 -84.82
N LEU TA 686 -5.18 -3.41 -84.04
CA LEU TA 686 -4.52 -3.95 -82.85
C LEU TA 686 -5.40 -3.76 -81.63
N ARG TA 687 -6.03 -2.59 -81.52
CA ARG TA 687 -7.12 -2.40 -80.56
C ARG TA 687 -8.29 -3.32 -80.88
N ARG TA 688 -8.49 -3.63 -82.16
CA ARG TA 688 -9.38 -4.73 -82.54
C ARG TA 688 -8.79 -6.07 -82.14
N ALA TA 689 -7.46 -6.20 -82.14
CA ALA TA 689 -6.88 -7.52 -81.96
C ALA TA 689 -6.85 -7.93 -80.50
N VAL TA 690 -6.93 -6.97 -79.58
CA VAL TA 690 -6.80 -7.29 -78.15
C VAL TA 690 -8.03 -7.97 -77.51
N PRO TA 691 -9.31 -7.56 -77.79
CA PRO TA 691 -10.40 -8.20 -77.02
C PRO TA 691 -10.67 -9.64 -77.44
N LEU TA 692 -10.19 -10.06 -78.60
CA LEU TA 692 -10.48 -11.40 -79.10
C LEU TA 692 -9.78 -12.46 -78.27
N ALA TA 693 -8.45 -12.41 -78.22
CA ALA TA 693 -7.72 -13.31 -77.36
C ALA TA 693 -7.88 -12.93 -75.89
N LEU TA 694 -8.18 -11.65 -75.62
CA LEU TA 694 -8.43 -11.20 -74.25
C LEU TA 694 -9.65 -11.90 -73.64
N ALA TA 695 -10.70 -12.11 -74.42
CA ALA TA 695 -11.87 -12.77 -73.86
C ALA TA 695 -11.92 -14.25 -74.27
N LEU TA 696 -11.03 -14.67 -75.16
CA LEU TA 696 -10.75 -16.09 -75.28
C LEU TA 696 -10.00 -16.62 -74.06
N ILE TA 697 -9.16 -15.78 -73.44
CA ILE TA 697 -8.35 -16.26 -72.34
C ILE TA 697 -9.17 -16.24 -71.04
N SER TA 698 -10.39 -15.70 -71.08
CA SER TA 698 -11.35 -15.78 -69.99
C SER TA 698 -12.70 -16.17 -70.56
N VAL TA 699 -12.98 -17.46 -70.58
CA VAL TA 699 -14.25 -17.96 -71.11
C VAL TA 699 -15.17 -18.41 -69.98
N SER TA 714 -15.79 -5.13 -61.81
CA SER TA 714 -15.96 -6.57 -61.89
C SER TA 714 -14.69 -7.25 -62.39
N HIS TA 715 -14.78 -8.54 -62.65
CA HIS TA 715 -13.62 -9.30 -63.13
C HIS TA 715 -13.67 -9.46 -64.65
N ASP TA 716 -14.34 -10.50 -65.12
CA ASP TA 716 -14.46 -10.76 -66.56
C ASP TA 716 -14.91 -9.53 -67.34
N ALA TA 717 -15.98 -8.86 -66.89
CA ALA TA 717 -16.54 -7.77 -67.67
C ALA TA 717 -15.87 -6.44 -67.36
N ASP TA 718 -14.93 -6.46 -66.41
CA ASP TA 718 -14.17 -5.25 -66.09
C ASP TA 718 -13.31 -4.74 -67.26
N PRO TA 719 -12.51 -5.56 -67.98
CA PRO TA 719 -11.84 -5.01 -69.16
C PRO TA 719 -12.79 -4.66 -70.28
N GLU TA 720 -13.98 -5.26 -70.32
CA GLU TA 720 -14.97 -4.95 -71.33
C GLU TA 720 -15.48 -3.52 -71.19
N VAL TA 721 -15.93 -3.16 -69.99
CA VAL TA 721 -16.35 -1.79 -69.71
C VAL TA 721 -15.15 -0.85 -69.79
N SER TA 722 -13.95 -1.38 -69.55
CA SER TA 722 -12.75 -0.61 -69.84
C SER TA 722 -12.59 -0.34 -71.34
N TYR TA 723 -13.05 -1.26 -72.20
CA TYR TA 723 -13.01 -0.98 -73.64
C TYR TA 723 -14.08 0.04 -74.02
N ASN TA 724 -15.20 0.03 -73.30
CA ASN TA 724 -16.18 1.10 -73.45
C ASN TA 724 -15.57 2.44 -73.05
N SER TA 725 -14.67 2.42 -72.07
CA SER TA 725 -13.91 3.63 -71.73
C SER TA 725 -12.85 3.93 -72.78
N ILE TA 726 -12.40 2.93 -73.54
CA ILE TA 726 -11.41 3.19 -74.58
C ILE TA 726 -12.04 3.91 -75.75
N PHE TA 727 -13.07 3.32 -76.37
CA PHE TA 727 -13.69 4.01 -77.50
C PHE TA 727 -14.63 5.11 -77.01
N ALA TA 728 -15.65 4.74 -76.25
CA ALA TA 728 -16.58 5.73 -75.72
C ALA TA 728 -16.18 6.11 -74.30
N ALA TA 739 -13.34 2.99 -83.18
CA ALA TA 739 -14.19 3.25 -84.32
C ALA TA 739 -15.29 2.20 -84.42
N ARG TA 740 -15.82 2.04 -85.64
CA ARG TA 740 -16.78 0.97 -85.91
C ARG TA 740 -16.11 -0.39 -85.79
N LEU TA 741 -14.84 -0.46 -86.19
CA LEU TA 741 -14.04 -1.66 -86.03
C LEU TA 741 -13.90 -2.03 -84.56
N ALA TA 742 -13.61 -1.00 -83.77
CA ALA TA 742 -13.44 -1.10 -82.33
C ALA TA 742 -14.73 -1.58 -81.70
N ALA TA 743 -15.87 -1.09 -82.20
CA ALA TA 743 -17.16 -1.52 -81.69
C ALA TA 743 -17.34 -3.00 -82.00
N MET TA 744 -16.96 -3.39 -83.21
CA MET TA 744 -17.03 -4.78 -83.66
C MET TA 744 -16.10 -5.64 -82.82
N LEU TA 745 -14.92 -5.11 -82.52
CA LEU TA 745 -13.94 -5.80 -81.70
C LEU TA 745 -14.50 -6.01 -80.29
N ARG TA 746 -15.19 -5.01 -79.78
CA ARG TA 746 -15.81 -5.06 -78.46
C ARG TA 746 -16.89 -6.14 -78.46
N GLN TA 747 -17.65 -6.22 -79.54
CA GLN TA 747 -18.69 -7.23 -79.68
C GLN TA 747 -18.06 -8.62 -79.68
N LEU TA 748 -16.93 -8.75 -80.37
CA LEU TA 748 -16.20 -10.02 -80.43
C LEU TA 748 -15.71 -10.40 -79.03
N ALA TA 749 -15.24 -9.40 -78.28
CA ALA TA 749 -14.76 -9.61 -76.92
C ALA TA 749 -15.91 -10.09 -76.04
N GLN TA 750 -17.10 -9.50 -76.24
CA GLN TA 750 -18.29 -9.89 -75.50
C GLN TA 750 -18.65 -11.33 -75.81
N TYR TA 751 -18.52 -11.70 -77.08
CA TYR TA 751 -18.79 -13.06 -77.53
C TYR TA 751 -17.83 -14.03 -76.85
N HIS TA 752 -16.55 -13.62 -76.75
CA HIS TA 752 -15.52 -14.41 -76.08
C HIS TA 752 -15.85 -14.58 -74.61
N ALA TA 753 -16.35 -13.50 -74.01
CA ALA TA 753 -16.71 -13.51 -72.60
C ALA TA 753 -17.80 -14.54 -72.39
N LYS TA 754 -18.75 -14.61 -73.31
CA LYS TA 754 -19.79 -15.62 -73.17
C LYS TA 754 -20.29 -16.06 -74.53
N LYS TA 773 -2.22 -30.87 -77.48
CA LYS TA 773 -2.28 -30.27 -78.82
C LYS TA 773 -3.39 -30.87 -79.68
N GLY TA 774 -4.64 -30.61 -79.34
CA GLY TA 774 -5.73 -30.97 -80.20
C GLY TA 774 -5.80 -30.03 -81.39
N THR TA 775 -5.71 -30.57 -82.61
CA THR TA 775 -5.54 -29.75 -83.80
C THR TA 775 -6.80 -28.93 -84.11
N LEU TA 776 -7.95 -29.42 -83.65
CA LEU TA 776 -9.23 -28.78 -83.93
C LEU TA 776 -9.32 -27.41 -83.29
N THR TA 777 -8.60 -27.18 -82.19
CA THR TA 777 -8.49 -25.83 -81.66
C THR TA 777 -7.23 -25.12 -82.15
N LEU TA 778 -6.42 -25.79 -82.97
CA LEU TA 778 -5.18 -25.17 -83.44
C LEU TA 778 -5.38 -24.50 -84.80
N CYS TA 779 -6.27 -25.04 -85.62
CA CYS TA 779 -6.47 -24.49 -86.96
C CYS TA 779 -7.17 -23.12 -87.02
N PRO TA 780 -8.38 -22.92 -86.45
CA PRO TA 780 -9.21 -21.79 -86.94
C PRO TA 780 -8.73 -20.40 -86.55
N TYR TA 781 -7.84 -20.28 -85.55
CA TYR TA 781 -7.37 -18.95 -85.22
C TYR TA 781 -6.18 -18.56 -86.09
N HIS TA 782 -5.40 -19.55 -86.54
CA HIS TA 782 -4.44 -19.25 -87.59
C HIS TA 782 -5.17 -19.02 -88.91
N SER TA 783 -6.38 -19.57 -89.03
CA SER TA 783 -7.26 -19.11 -90.10
C SER TA 783 -7.72 -17.67 -89.85
N ASP TA 784 -7.79 -17.25 -88.59
CA ASP TA 784 -8.24 -15.90 -88.28
C ASP TA 784 -7.13 -14.87 -88.48
N ARG TA 785 -5.88 -15.31 -88.68
CA ARG TA 785 -4.75 -14.36 -88.59
C ARG TA 785 -4.63 -13.36 -89.73
N GLN TA 786 -5.58 -13.30 -90.68
CA GLN TA 786 -5.56 -12.25 -91.68
C GLN TA 786 -6.74 -11.30 -91.56
N LEU TA 787 -7.05 -10.87 -90.34
CA LEU TA 787 -8.33 -10.23 -90.03
C LEU TA 787 -8.45 -8.81 -90.57
N MET TA 788 -7.35 -8.16 -90.92
CA MET TA 788 -7.37 -6.73 -91.28
C MET TA 788 -7.96 -6.46 -92.65
N SER TA 789 -9.21 -6.87 -92.85
CA SER TA 789 -9.77 -7.00 -94.18
C SER TA 789 -11.27 -6.82 -94.21
N GLN TA 790 -11.89 -7.29 -95.28
CA GLN TA 790 -13.30 -7.09 -95.58
C GLN TA 790 -14.14 -7.95 -94.63
N VAL TA 791 -15.43 -7.61 -94.52
CA VAL TA 791 -16.40 -8.45 -93.83
C VAL TA 791 -16.73 -9.71 -94.62
N ALA TA 792 -16.36 -9.74 -95.90
CA ALA TA 792 -16.42 -10.96 -96.68
C ALA TA 792 -15.47 -12.01 -96.11
N VAL TA 793 -14.30 -11.57 -95.66
CA VAL TA 793 -13.41 -12.42 -94.89
C VAL TA 793 -14.06 -12.76 -93.55
N ALA TA 794 -14.78 -11.80 -92.97
CA ALA TA 794 -15.44 -12.04 -91.70
C ALA TA 794 -16.71 -12.87 -91.85
N GLY TA 795 -17.14 -13.13 -93.09
CA GLY TA 795 -18.17 -14.13 -93.31
C GLY TA 795 -17.69 -15.52 -93.00
N LEU TA 796 -16.38 -15.76 -93.03
CA LEU TA 796 -15.80 -17.02 -92.61
C LEU TA 796 -15.23 -16.93 -91.19
N LEU TA 797 -15.26 -15.74 -90.60
CA LEU TA 797 -14.75 -15.55 -89.25
C LEU TA 797 -15.47 -16.45 -88.25
N THR TA 798 -16.67 -16.89 -88.60
CA THR TA 798 -17.46 -17.75 -87.74
C THR TA 798 -17.31 -19.22 -88.13
N VAL TA 799 -16.06 -19.63 -88.35
CA VAL TA 799 -15.78 -21.01 -88.73
C VAL TA 799 -14.59 -21.56 -87.94
N LEU TA 800 -14.25 -20.83 -86.89
CA LEU TA 800 -13.21 -21.21 -85.96
C LEU TA 800 -13.95 -21.95 -84.87
N VAL TA 801 -14.49 -23.09 -85.23
CA VAL TA 801 -15.29 -23.90 -84.31
C VAL TA 801 -14.39 -24.76 -83.40
N SER TA 802 -13.89 -24.16 -82.33
CA SER TA 802 -13.02 -24.86 -81.40
C SER TA 802 -13.57 -25.11 -79.99
N PHE TA 803 -14.87 -24.94 -79.77
CA PHE TA 803 -15.40 -25.12 -78.43
C PHE TA 803 -16.64 -26.01 -78.43
N LEU TA 804 -16.76 -26.84 -77.41
CA LEU TA 804 -17.91 -27.75 -77.28
C LEU TA 804 -19.23 -27.01 -77.40
#